data_6GJC
#
_entry.id   6GJC
#
_cell.length_a   1.0
_cell.length_b   1.0
_cell.length_c   1.0
_cell.angle_alpha   90.000
_cell.angle_beta   90.000
_cell.angle_gamma   90.000
#
_symmetry.space_group_name_H-M   'P 1'
#
loop_
_entity.id
_entity.type
_entity.pdbx_description
1 polymer 'Fatty acid synthase'
2 non-polymer 'FLAVIN MONONUCLEOTIDE'
#
_entity_poly.entity_id   1
_entity_poly.type   'polypeptide(L)'
_entity_poly.pdbx_seq_one_letter_code
;MKKWSHPQFEKGGSDYKDDDDKPICTIHEHDRVSADRGGDSPHTTHALVDRLMAGEPYAVAFGGQGSAWLETLEELVSAT
GIETELATLVGEAELLLDPVTDELIVVRPIGFEPLQWVRALAAEDPVPSDKHLTSAAVSVPGVLLTQIAATRALARQGMD
LVATPPVAMAGHSQGVLAVEALKAGGARDVELFALAQLIGAAGTLVARRRGISVLGDRPPMVSVTNADPERIGRLLDEFA
QDVRTVLPPVLSIRNGRRAVVITGTPEQLSRFELYCRQISEKEEADRKNKVRGGDVFSPVFEPVQVEVGFHTPRLSDGID
IVAGWAEKAGLDVALARELADAILIRKVDWVDEITRVHAAGARWILDLGPGDILTRLTAPVIRGLGIGIVPAATRGGQRN
LFTVGATPEVARAWSSYAPTVVRLPDGRVKLSTKFTRLTGRSPILLAGMTPTTVDAKIVAAAANAGHWAELAGGGQVTEE
IFGNRIEQMAGLLEPGRTYQFNALFLDPYLWKLQVGGKRLVQKARQSGAAIDGVVISAGIPDLDEAVELIDELGDIGISH
VVFKPGTIEQIRSVIRIATEVPTKPVIMHVEGGRAGGHHSWEDLDDLLLATYSELRSRANITVCVGGGIGTPRRAAEYLS
GRWAQAYGFPLMPIDGILVGTAAMATKESTTSPSVKRMLVDTQGTDQWISAGKAQGGMASSRSQLGADIHEIDNSASRCG
RLLDEVAGDAEAVAERRDEIIAAMAKTAKPYFGDVADMTYLQWLRRYVELAIGEGNSTADTASVGSPWLADTWRDRFEQM
LQRAEARLHPQDFGPIQTLFTDAGLLDNPQQAIAALLARYPDAETVQLHPADVPFFVTLCKTLGKPVNFVPVIDQDVRRW
WRSDSLWQAHDARYDADAVCIIPGTASVAGITRMDEPVGELLDRFEQAAIDEVLGAGVEPKDVASRRLGRADVAGPLAVV
LDAPDVRWAGRTVTNPVHRIADPAEWQVHDGPENPRATHSSTGARLQTHGDDVALSVPVSGTWVDIRFTLPANTVDGGTP
VIATEDATSAMRTVLAIAAGVDSPEFLPAVANGTATLTVDWHPERVADHTGVTATFGEPLAPSLTNVPDALVGPCWPAVF
AAIGSAVTDTGEPVVEGLLSLVHLDHAARVVGQLPTVPAQLTVTATAANATDTDMGRVVPVSVVVTGADGAVIATLEERF
AILGRTGSAELADPARAGGAVSANATDTPRRRRRDVTITAPVDMRPFAVVSGDHNPIHTDRAAALLAGLESPIVHGMWLS
AAAQHAVTATDGQARPPARLVGWTARFLGMVRPGDEVDFRVERVGIDQGAEIVDVAARVGSDLVMSASARLAAPKTVYAF
PGQGIQHKGMGMEVRARSKAARKVWDTADKFTRDTLGFSVLHVVRDNPTSIIASGVHYHHPDGVLYLTQFTQVAMATVAA
AQVAEMREQGAFVEGAIACGHSVGEYTALACVTGIYQLEALLEMVFHRGSKMHDIVPRDELGRSNYRLAAIRPSQIDLDD
ADVPAFVAGIAESTGEFLEIVNFNLRGSQYAIAGTVRGLEALEAEVERRRELTGGRRSFILVPGIDVPFHSRVLRVGVAE
FRRSLDRVMPRDADPDLIIGRYIPNLVPRLFTLDRDFIQEIRDLVPAEPLDEILADYDTWLRERPREMARTVFIELLAWQ
FASPVRWIETQDLLFIEEAAGGLGVERFVEIGVKSSPTVAGLATNTLKLPEYAHSTVEVLNAERDAAVLFATDTDPEPEP
EEDEPVAESPAPDVVSEAAPVAPAASSAGPRPDDLVFDAADATLALIALSAKMRIDQIEELDSIESITDGASSRRNQLLV
DLGSELNLGAIDGAAESDLAGLRSQVTKLARTYKPYGPVLSDAINDQLRTVLGPSGKRPGAIAERVKKTWELGEGWAKHV
TVEVALGTREGSSVRGGAMGHLHEGALADAASVDKVIDAAVASVAARQGVSVALPSAGSGGGATIDAAALSEFTDQITGR
EGVLASAARLVLGQLGLDDPVNALPAAPDSELIDLVTAELGADWPRLVAPVFDPKKAVVFDDRWASAREDLVKLWLTDEG
DIDADWPRLAERFEGAGHVVATQATWWQGKSLAAGRQIHASLYGRIAAGAENPEPGRYGGEVAVVTGASKGSIAASVVAR
LLDGGATVIATTSKLDEERLAFYRTLYRDHARYGAALWLVAANMASYSDVDALVEWIGTEQTESLGPQSIHIKDAQTPTL
LFPFAAPRVVGDLSEAGSRAEMEMKVLLWAVQRLIGGLSTIGAERDIASRLHVVLPGSPNRGMFGGDGAYGEAKSALDAV
VSRWHAESSWAARVSLAHALIGWTRGTGLMGHNDAIVAAVEEAGVTTYSTDEMAALLLDLCDAESKVAAARSPIKADLTG
GLAEANLDMAELAAKAREQMSAAAAVDEDAEAPGAIAALPSPPRGFTPAPPPQWDDLDVDPADLVVIVGGAEIGPYGSSR
TRFEMEVENELSAAGVLELAWTTGLIRWEDDPQPGWYDTESGEMVDESELVQRYHDAVVQRVGIREFVDDGAIDPDHASP
LLVSVFLEKDFAFVVSSEADARAFVEFDPEHTVIRPVPDSTDWQVIRKAGTEIRVPRKTKLSRVVGGQIPTGFDPTVWGI
SADMAGSIDRLAVWNMVATVDAFLSSGFSPAEVMRYVHPSLVANTQGTGMGGGTSMQTMYHGNLLGRNKPNDIFQEVLPN
IIAAHVVQSYVGSYGAMIHPVAACATAAVSVEEGVDKIRLGKAQLVVAGGLDDLTLEGIIGFGDMAATADTSMMCGRGIH
DSKFSRPNDRRRLGFVEAQGGGTILLARGDLALRMGLPVLAVVAFAQSFGDGVHTSIPAPGLGALGAGRGGKDSPLARAL
AKLGVAADDVAVISKHDTSTLANDPNETELHERLADALGRSEGAPLFVVSQKSLTGHAKGGAAVFQMMGLCQILRDGVIP
PNRSLDCVDDELAGSAHFVWVRDTLRLGGKFPLKAGMLTSLGFGHVSGLVALVHPQAFIASLDPAQRADYQRRADARLLA
GQRRLASAIAGGAPMYQRPGDRRFDHHAPERPQEASMLLNPAARLGDGEAYI
;
_entity_poly.pdbx_strand_id   A,B,C,D,E,F
#
loop_
_chem_comp.id
_chem_comp.type
_chem_comp.name
_chem_comp.formula
FMN non-polymer 'FLAVIN MONONUCLEOTIDE' 'C17 H21 N4 O9 P'
#
# COMPACT_ATOMS: atom_id res chain seq x y z
N HIS A 46 110.50 19.51 -59.70
CA HIS A 46 109.89 18.19 -59.81
C HIS A 46 110.92 17.12 -59.53
N ALA A 47 111.17 16.86 -58.24
CA ALA A 47 112.36 16.12 -57.81
C ALA A 47 112.37 14.67 -58.30
N LEU A 48 111.19 14.07 -58.50
CA LEU A 48 111.13 12.69 -58.94
C LEU A 48 111.63 12.56 -60.38
N VAL A 49 111.10 13.38 -61.29
CA VAL A 49 111.62 13.32 -62.65
C VAL A 49 112.98 13.97 -62.74
N ASP A 50 113.37 14.80 -61.77
CA ASP A 50 114.76 15.25 -61.69
C ASP A 50 115.69 14.06 -61.50
N ARG A 51 115.37 13.18 -60.55
CA ARG A 51 116.17 11.99 -60.33
C ARG A 51 116.11 11.03 -61.51
N LEU A 52 114.93 10.88 -62.12
CA LEU A 52 114.80 9.93 -63.22
C LEU A 52 115.43 10.44 -64.51
N MET A 53 115.42 11.75 -64.76
CA MET A 53 116.09 12.29 -65.93
C MET A 53 117.58 12.48 -65.70
N ALA A 54 118.02 12.61 -64.44
CA ALA A 54 119.44 12.50 -64.16
C ALA A 54 119.91 11.06 -64.27
N GLY A 55 118.99 10.11 -64.11
CA GLY A 55 119.28 8.72 -64.35
C GLY A 55 119.21 7.87 -63.10
N GLU A 56 118.07 7.22 -62.90
CA GLU A 56 117.88 6.16 -61.95
C GLU A 56 117.13 5.05 -62.67
N PRO A 57 117.40 3.78 -62.33
CA PRO A 57 116.74 2.68 -63.04
C PRO A 57 115.25 2.63 -62.72
N TYR A 58 114.43 2.87 -63.75
CA TYR A 58 112.99 2.78 -63.64
C TYR A 58 112.49 1.87 -64.75
N ALA A 59 111.45 1.12 -64.43
CA ALA A 59 110.76 0.28 -65.39
C ALA A 59 109.40 0.90 -65.65
N VAL A 60 108.80 0.52 -66.77
CA VAL A 60 107.46 0.98 -67.12
C VAL A 60 106.56 -0.23 -67.34
N ALA A 61 105.40 -0.22 -66.69
CA ALA A 61 104.46 -1.30 -66.75
C ALA A 61 103.19 -0.82 -67.43
N PHE A 62 102.56 -1.72 -68.17
CA PHE A 62 101.34 -1.42 -68.91
C PHE A 62 100.18 -2.21 -68.37
N GLY A 63 99.04 -1.55 -68.24
CA GLY A 63 97.89 -2.09 -67.53
C GLY A 63 97.17 -3.19 -68.28
N GLY A 64 96.09 -3.65 -67.67
CA GLY A 64 95.35 -4.77 -68.20
C GLY A 64 93.90 -4.46 -68.52
N GLN A 65 93.03 -5.44 -68.34
CA GLN A 65 91.65 -5.35 -68.77
C GLN A 65 90.73 -5.19 -67.57
N GLY A 66 89.50 -4.74 -67.86
CA GLY A 66 88.51 -4.52 -66.84
C GLY A 66 88.87 -3.35 -65.94
N SER A 67 88.91 -2.13 -66.50
CA SER A 67 89.42 -1.01 -65.74
C SER A 67 88.67 0.30 -65.91
N ALA A 68 87.60 0.34 -66.70
CA ALA A 68 86.78 1.54 -66.95
C ALA A 68 87.62 2.69 -67.51
N TRP A 69 88.13 2.46 -68.71
CA TRP A 69 89.12 3.32 -69.35
C TRP A 69 88.57 4.68 -69.75
N LEU A 70 87.25 4.82 -69.88
CA LEU A 70 86.67 5.99 -70.52
C LEU A 70 86.84 7.24 -69.67
N GLU A 71 86.57 7.15 -68.37
CA GLU A 71 86.61 8.34 -67.55
C GLU A 71 88.04 8.80 -67.29
N THR A 72 89.00 7.88 -67.19
CA THR A 72 90.38 8.32 -67.03
C THR A 72 90.95 8.87 -68.33
N LEU A 73 90.51 8.35 -69.49
CA LEU A 73 90.94 8.97 -70.73
C LEU A 73 90.31 10.35 -70.91
N GLU A 74 89.06 10.51 -70.46
CA GLU A 74 88.41 11.81 -70.51
C GLU A 74 89.12 12.82 -69.63
N GLU A 75 89.50 12.42 -68.42
CA GLU A 75 90.22 13.31 -67.52
C GLU A 75 91.59 13.66 -68.08
N LEU A 76 92.26 12.70 -68.71
CA LEU A 76 93.59 12.98 -69.25
C LEU A 76 93.52 13.91 -70.46
N VAL A 77 92.53 13.73 -71.34
CA VAL A 77 92.36 14.63 -72.48
C VAL A 77 91.97 16.03 -72.00
N SER A 78 91.08 16.12 -71.01
CA SER A 78 90.67 17.41 -70.48
C SER A 78 91.80 18.12 -69.74
N ALA A 79 92.77 17.35 -69.21
CA ALA A 79 93.92 17.98 -68.57
C ALA A 79 94.94 18.46 -69.59
N THR A 80 95.21 17.67 -70.63
CA THR A 80 96.29 18.00 -71.55
C THR A 80 95.83 18.81 -72.77
N GLY A 81 94.88 18.30 -73.53
CA GLY A 81 94.50 18.94 -74.77
C GLY A 81 95.24 18.38 -75.98
N ILE A 82 95.18 17.07 -76.14
CA ILE A 82 95.84 16.37 -77.23
C ILE A 82 94.79 15.78 -78.18
N GLU A 83 93.59 16.37 -78.14
CA GLU A 83 92.43 15.84 -78.86
C GLU A 83 92.61 15.89 -80.36
N THR A 84 93.37 16.86 -80.86
CA THR A 84 93.61 16.95 -82.30
C THR A 84 94.51 15.81 -82.78
N GLU A 85 95.55 15.49 -82.01
CA GLU A 85 96.43 14.39 -82.38
C GLU A 85 95.71 13.05 -82.26
N LEU A 86 94.87 12.91 -81.22
CA LEU A 86 94.08 11.68 -81.11
C LEU A 86 93.05 11.57 -82.23
N ALA A 87 92.50 12.70 -82.67
CA ALA A 87 91.50 12.68 -83.74
C ALA A 87 92.12 12.30 -85.07
N THR A 88 93.31 12.84 -85.38
CA THR A 88 93.94 12.43 -86.63
C THR A 88 94.48 11.01 -86.55
N LEU A 89 94.82 10.54 -85.35
CA LEU A 89 95.18 9.14 -85.14
C LEU A 89 94.03 8.21 -85.49
N VAL A 90 92.87 8.44 -84.86
CA VAL A 90 91.67 7.64 -85.12
C VAL A 90 91.22 7.79 -86.57
N GLY A 91 91.41 8.97 -87.16
CA GLY A 91 90.98 9.19 -88.53
C GLY A 91 91.78 8.38 -89.53
N GLU A 92 93.11 8.39 -89.42
CA GLU A 92 93.87 7.58 -90.36
C GLU A 92 93.81 6.10 -90.01
N ALA A 93 93.50 5.75 -88.76
CA ALA A 93 93.24 4.35 -88.42
C ALA A 93 92.00 3.82 -89.11
N GLU A 94 90.89 4.55 -89.02
CA GLU A 94 89.67 4.10 -89.70
C GLU A 94 89.77 4.27 -91.20
N LEU A 95 90.65 5.16 -91.69
CA LEU A 95 90.94 5.19 -93.11
C LEU A 95 91.66 3.92 -93.55
N LEU A 96 92.55 3.40 -92.70
CA LEU A 96 93.21 2.13 -93.00
C LEU A 96 92.24 0.97 -92.89
N LEU A 97 91.21 1.10 -92.04
CA LEU A 97 90.22 0.03 -91.85
C LEU A 97 89.04 0.15 -92.78
N ASP A 98 89.23 0.69 -93.99
CA ASP A 98 88.11 0.88 -94.91
C ASP A 98 87.45 -0.40 -95.45
N PRO A 99 88.16 -1.44 -95.93
CA PRO A 99 87.44 -2.55 -96.58
C PRO A 99 86.64 -3.46 -95.65
N VAL A 100 86.98 -3.54 -94.37
CA VAL A 100 86.44 -4.63 -93.56
C VAL A 100 85.46 -4.03 -92.55
N THR A 101 84.83 -2.92 -92.93
CA THR A 101 83.89 -2.26 -92.02
C THR A 101 82.64 -3.09 -91.78
N ASP A 102 82.23 -3.90 -92.76
CA ASP A 102 81.04 -4.72 -92.59
C ASP A 102 81.27 -5.84 -91.59
N GLU A 103 82.36 -6.59 -91.78
CA GLU A 103 82.69 -7.68 -90.85
C GLU A 103 83.08 -7.13 -89.49
N LEU A 104 83.59 -5.90 -89.43
CA LEU A 104 83.85 -5.27 -88.15
C LEU A 104 82.54 -4.86 -87.46
N ILE A 105 81.55 -4.40 -88.21
CA ILE A 105 80.33 -3.85 -87.62
C ILE A 105 79.29 -4.94 -87.38
N VAL A 106 79.59 -6.19 -87.75
CA VAL A 106 78.79 -7.32 -87.27
C VAL A 106 78.73 -7.32 -85.74
N VAL A 107 79.86 -7.06 -85.10
CA VAL A 107 79.95 -7.23 -83.65
C VAL A 107 79.49 -5.98 -82.91
N ARG A 108 80.10 -4.84 -83.22
CA ARG A 108 79.95 -3.65 -82.38
C ARG A 108 78.55 -3.04 -82.48
N PRO A 109 77.87 -2.86 -81.36
CA PRO A 109 76.49 -2.35 -81.43
C PRO A 109 76.43 -0.86 -81.67
N ILE A 110 77.34 -0.10 -81.08
CA ILE A 110 77.30 1.35 -81.24
C ILE A 110 78.20 1.78 -82.40
N GLY A 111 79.46 1.42 -82.37
CA GLY A 111 80.29 1.70 -83.52
C GLY A 111 81.66 2.27 -83.25
N PHE A 112 81.99 2.45 -81.96
CA PHE A 112 83.31 2.86 -81.49
C PHE A 112 83.73 4.21 -82.06
N GLU A 113 83.06 5.25 -81.59
CA GLU A 113 83.60 6.61 -81.71
C GLU A 113 83.97 7.12 -80.32
N PRO A 114 85.22 6.96 -79.91
CA PRO A 114 85.58 7.22 -78.51
C PRO A 114 85.73 8.69 -78.17
N LEU A 115 86.24 9.49 -79.10
CA LEU A 115 86.55 10.88 -78.76
C LEU A 115 85.30 11.74 -78.65
N GLN A 116 84.25 11.40 -79.39
CA GLN A 116 82.99 12.09 -79.20
C GLN A 116 82.32 11.67 -77.90
N TRP A 117 82.57 10.43 -77.45
CA TRP A 117 82.14 10.02 -76.12
C TRP A 117 82.87 10.82 -75.04
N VAL A 118 84.16 11.10 -75.28
CA VAL A 118 84.94 11.93 -74.36
C VAL A 118 84.38 13.33 -74.32
N ARG A 119 84.04 13.89 -75.48
CA ARG A 119 83.40 15.20 -75.54
C ARG A 119 82.06 15.20 -74.81
N ALA A 120 81.31 14.11 -74.93
CA ALA A 120 80.03 13.99 -74.27
C ALA A 120 80.17 13.95 -72.75
N LEU A 121 81.15 13.18 -72.27
CA LEU A 121 81.38 13.10 -70.83
C LEU A 121 81.95 14.41 -70.29
N ALA A 122 82.72 15.13 -71.10
CA ALA A 122 83.22 16.43 -70.68
C ALA A 122 82.10 17.45 -70.60
N ALA A 123 81.21 17.46 -71.57
CA ALA A 123 80.11 18.41 -71.61
C ALA A 123 78.89 17.93 -70.83
N GLU A 124 79.00 16.80 -70.13
CA GLU A 124 77.94 16.19 -69.33
C GLU A 124 76.72 15.88 -70.21
N ASP A 125 76.95 14.95 -71.11
CA ASP A 125 75.93 14.42 -72.01
C ASP A 125 75.70 12.97 -71.58
N PRO A 126 74.64 12.29 -72.03
CA PRO A 126 74.53 10.86 -71.71
C PRO A 126 75.63 10.03 -72.34
N VAL A 127 76.03 9.00 -71.60
CA VAL A 127 77.22 8.20 -71.88
C VAL A 127 76.73 6.85 -72.38
N PRO A 128 77.48 6.16 -73.25
CA PRO A 128 77.14 4.76 -73.55
C PRO A 128 77.23 3.88 -72.32
N SER A 129 76.39 2.85 -72.30
CA SER A 129 76.19 2.07 -71.09
C SER A 129 77.37 1.13 -70.84
N ASP A 130 77.32 0.45 -69.70
CA ASP A 130 78.47 -0.28 -69.20
C ASP A 130 78.75 -1.53 -70.01
N LYS A 131 77.70 -2.22 -70.47
CA LYS A 131 77.91 -3.39 -71.33
C LYS A 131 78.53 -3.01 -72.65
N HIS A 132 77.99 -1.98 -73.28
CA HIS A 132 78.51 -1.48 -74.55
C HIS A 132 79.86 -0.80 -74.40
N LEU A 133 80.31 -0.50 -73.18
CA LEU A 133 81.69 -0.09 -73.00
C LEU A 133 82.62 -1.27 -72.70
N THR A 134 82.14 -2.27 -71.96
CA THR A 134 83.03 -3.33 -71.51
C THR A 134 83.14 -4.48 -72.50
N SER A 135 82.37 -4.46 -73.59
CA SER A 135 82.59 -5.44 -74.65
C SER A 135 83.97 -5.25 -75.26
N ALA A 136 84.52 -6.35 -75.80
CA ALA A 136 85.94 -6.40 -76.10
C ALA A 136 86.31 -5.52 -77.28
N ALA A 137 85.46 -5.48 -78.31
CA ALA A 137 85.74 -4.75 -79.54
C ALA A 137 85.83 -3.25 -79.33
N VAL A 138 85.28 -2.73 -78.24
CA VAL A 138 85.46 -1.33 -77.88
C VAL A 138 86.35 -1.16 -76.66
N SER A 139 86.58 -2.22 -75.87
CA SER A 139 87.44 -2.04 -74.71
C SER A 139 88.91 -2.12 -75.10
N VAL A 140 89.30 -3.21 -75.76
CA VAL A 140 90.71 -3.43 -76.10
C VAL A 140 91.28 -2.39 -77.06
N PRO A 141 90.52 -1.62 -77.88
CA PRO A 141 91.14 -0.42 -78.45
C PRO A 141 91.08 0.76 -77.51
N GLY A 142 90.09 0.82 -76.62
CA GLY A 142 89.97 1.96 -75.73
C GLY A 142 91.09 2.05 -74.72
N VAL A 143 91.50 0.90 -74.16
CA VAL A 143 92.63 0.91 -73.24
C VAL A 143 93.94 1.20 -73.97
N LEU A 144 94.06 0.77 -75.22
CA LEU A 144 95.27 1.09 -75.99
C LEU A 144 95.35 2.58 -76.29
N LEU A 145 94.23 3.18 -76.67
CA LEU A 145 94.20 4.62 -76.89
C LEU A 145 94.45 5.37 -75.60
N THR A 146 93.98 4.83 -74.47
CA THR A 146 94.24 5.44 -73.17
C THR A 146 95.72 5.41 -72.83
N GLN A 147 96.39 4.29 -73.10
CA GLN A 147 97.80 4.17 -72.76
C GLN A 147 98.68 5.00 -73.68
N ILE A 148 98.35 5.04 -74.97
CA ILE A 148 99.12 5.87 -75.91
C ILE A 148 98.93 7.35 -75.58
N ALA A 149 97.70 7.75 -75.24
CA ALA A 149 97.46 9.12 -74.83
C ALA A 149 98.13 9.46 -73.52
N ALA A 150 98.26 8.47 -72.62
CA ALA A 150 98.95 8.73 -71.36
C ALA A 150 100.45 8.91 -71.57
N THR A 151 101.05 8.10 -72.46
CA THR A 151 102.46 8.26 -72.77
C THR A 151 102.74 9.59 -73.44
N ARG A 152 101.90 9.97 -74.41
CA ARG A 152 102.09 11.27 -75.05
C ARG A 152 101.78 12.43 -74.12
N ALA A 153 100.87 12.21 -73.15
CA ALA A 153 100.57 13.22 -72.17
C ALA A 153 101.76 13.49 -71.27
N LEU A 154 102.39 12.43 -70.76
CA LEU A 154 103.57 12.63 -69.92
C LEU A 154 104.77 13.13 -70.73
N ALA A 155 104.84 12.78 -72.01
CA ALA A 155 105.88 13.35 -72.86
C ALA A 155 105.67 14.83 -73.08
N ARG A 156 104.43 15.29 -73.16
CA ARG A 156 104.17 16.73 -73.20
C ARG A 156 104.46 17.36 -71.84
N GLN A 157 104.17 16.65 -70.76
CA GLN A 157 104.43 17.15 -69.40
C GLN A 157 105.91 17.28 -69.10
N GLY A 158 106.76 16.53 -69.79
CA GLY A 158 108.18 16.78 -69.67
C GLY A 158 109.06 15.61 -69.28
N MET A 159 108.56 14.39 -69.47
CA MET A 159 109.36 13.18 -69.25
C MET A 159 109.45 12.44 -70.58
N ASP A 160 110.65 12.41 -71.14
CA ASP A 160 110.85 11.88 -72.48
C ASP A 160 111.49 10.50 -72.38
N LEU A 161 110.75 9.49 -72.84
CA LEU A 161 111.24 8.12 -72.75
C LEU A 161 112.32 7.82 -73.77
N VAL A 162 112.40 8.57 -74.87
CA VAL A 162 113.50 8.39 -75.80
C VAL A 162 114.75 9.15 -75.33
N ALA A 163 114.57 10.19 -74.50
CA ALA A 163 115.73 10.84 -73.91
C ALA A 163 116.32 10.02 -72.77
N THR A 164 115.46 9.50 -71.89
CA THR A 164 115.88 8.55 -70.85
C THR A 164 115.10 7.27 -71.02
N PRO A 165 115.71 6.21 -71.53
CA PRO A 165 115.00 4.94 -71.71
C PRO A 165 114.74 4.27 -70.38
N PRO A 166 113.59 3.64 -70.21
CA PRO A 166 113.37 2.79 -69.05
C PRO A 166 114.21 1.54 -69.15
N VAL A 167 114.44 0.91 -68.00
CA VAL A 167 115.27 -0.28 -67.96
C VAL A 167 114.47 -1.49 -68.39
N ALA A 168 113.28 -1.67 -67.82
CA ALA A 168 112.47 -2.85 -68.08
C ALA A 168 111.08 -2.48 -68.57
N MET A 169 110.51 -3.39 -69.35
CA MET A 169 109.28 -3.18 -70.11
C MET A 169 108.30 -4.26 -69.66
N ALA A 170 107.37 -3.92 -68.77
CA ALA A 170 106.46 -4.90 -68.21
C ALA A 170 105.13 -4.88 -68.96
N GLY A 171 104.80 -6.01 -69.57
CA GLY A 171 103.54 -6.14 -70.27
C GLY A 171 102.62 -7.17 -69.66
N HIS A 172 101.44 -6.74 -69.27
CA HIS A 172 100.42 -7.61 -68.70
C HIS A 172 99.66 -8.28 -69.85
N SER A 173 98.50 -8.85 -69.55
CA SER A 173 97.54 -9.42 -70.50
C SER A 173 97.31 -8.58 -71.74
N GLN A 174 96.79 -7.37 -71.55
CA GLN A 174 96.45 -6.56 -72.70
C GLN A 174 97.65 -5.82 -73.26
N GLY A 175 98.56 -5.40 -72.40
CA GLY A 175 99.60 -4.47 -72.78
C GLY A 175 100.74 -4.99 -73.62
N VAL A 176 100.60 -6.15 -74.25
CA VAL A 176 101.66 -6.65 -75.10
C VAL A 176 101.76 -5.81 -76.37
N LEU A 177 100.62 -5.47 -76.97
CA LEU A 177 100.63 -4.59 -78.12
C LEU A 177 101.08 -3.18 -77.76
N ALA A 178 100.76 -2.70 -76.56
CA ALA A 178 101.23 -1.37 -76.17
C ALA A 178 102.72 -1.37 -75.89
N VAL A 179 103.25 -2.46 -75.33
CA VAL A 179 104.67 -2.49 -75.09
C VAL A 179 105.45 -2.74 -76.38
N GLU A 180 104.82 -3.35 -77.39
CA GLU A 180 105.42 -3.35 -78.72
C GLU A 180 105.43 -1.95 -79.30
N ALA A 181 104.36 -1.19 -79.08
CA ALA A 181 104.26 0.18 -79.59
C ALA A 181 105.29 1.10 -78.97
N LEU A 182 105.64 0.89 -77.70
CA LEU A 182 106.69 1.71 -77.11
C LEU A 182 108.08 1.11 -77.22
N LYS A 183 108.19 -0.19 -77.52
CA LYS A 183 109.50 -0.75 -77.85
C LYS A 183 109.96 -0.25 -79.20
N ALA A 184 109.06 -0.18 -80.16
CA ALA A 184 109.32 0.62 -81.34
C ALA A 184 109.09 2.10 -81.02
N GLY A 185 109.40 2.95 -81.98
CA GLY A 185 109.17 4.38 -81.80
C GLY A 185 107.70 4.74 -81.85
N GLY A 186 107.44 6.04 -81.89
CA GLY A 186 106.08 6.52 -82.08
C GLY A 186 105.68 6.57 -83.54
N ALA A 187 105.84 5.45 -84.25
CA ALA A 187 105.62 5.42 -85.68
C ALA A 187 104.88 4.19 -86.17
N ARG A 188 104.51 3.26 -85.29
CA ARG A 188 103.70 2.11 -85.67
C ARG A 188 102.39 2.08 -84.90
N ASP A 189 102.05 3.21 -84.28
CA ASP A 189 100.83 3.32 -83.47
C ASP A 189 99.58 3.14 -84.29
N VAL A 190 99.57 3.59 -85.55
CA VAL A 190 98.39 3.44 -86.38
C VAL A 190 98.15 1.98 -86.73
N GLU A 191 99.21 1.26 -87.07
CA GLU A 191 99.07 -0.14 -87.44
C GLU A 191 98.70 -0.98 -86.23
N LEU A 192 99.25 -0.65 -85.06
CA LEU A 192 98.90 -1.40 -83.87
C LEU A 192 97.51 -1.04 -83.36
N PHE A 193 97.05 0.20 -83.59
CA PHE A 193 95.70 0.57 -83.21
C PHE A 193 94.67 -0.16 -84.06
N ALA A 194 94.91 -0.21 -85.39
CA ALA A 194 94.03 -0.97 -86.26
C ALA A 194 94.10 -2.47 -85.95
N LEU A 195 95.27 -2.95 -85.52
CA LEU A 195 95.40 -4.35 -85.18
C LEU A 195 94.62 -4.71 -83.93
N ALA A 196 94.69 -3.87 -82.90
CA ALA A 196 93.91 -4.11 -81.69
C ALA A 196 92.42 -3.99 -81.94
N GLN A 197 92.04 -3.07 -82.84
CA GLN A 197 90.63 -2.93 -83.18
C GLN A 197 90.13 -4.12 -83.98
N LEU A 198 91.02 -4.83 -84.68
CA LEU A 198 90.65 -6.12 -85.24
C LEU A 198 90.55 -7.20 -84.16
N ILE A 199 91.50 -7.18 -83.21
CA ILE A 199 91.61 -8.21 -82.18
C ILE A 199 90.36 -8.27 -81.33
N GLY A 200 89.81 -7.12 -80.97
CA GLY A 200 88.62 -7.11 -80.11
C GLY A 200 87.39 -7.66 -80.77
N ALA A 201 87.17 -7.31 -82.04
CA ALA A 201 86.03 -7.83 -82.79
C ALA A 201 86.15 -9.33 -83.00
N ALA A 202 87.35 -9.80 -83.35
CA ALA A 202 87.55 -11.23 -83.52
C ALA A 202 87.39 -11.98 -82.20
N GLY A 203 87.80 -11.37 -81.09
CA GLY A 203 87.65 -12.01 -79.80
C GLY A 203 86.19 -12.16 -79.40
N THR A 204 85.41 -11.09 -79.57
CA THR A 204 83.99 -11.16 -79.23
C THR A 204 83.26 -12.12 -80.14
N LEU A 205 83.62 -12.14 -81.42
CA LEU A 205 82.97 -13.02 -82.38
C LEU A 205 83.23 -14.49 -82.08
N VAL A 206 84.49 -14.86 -81.87
CA VAL A 206 84.83 -16.26 -81.61
C VAL A 206 84.33 -16.68 -80.22
N ALA A 207 84.32 -15.77 -79.25
CA ALA A 207 83.83 -16.12 -77.94
C ALA A 207 82.32 -16.25 -77.90
N ARG A 208 81.59 -15.54 -78.76
CA ARG A 208 80.17 -15.80 -78.84
C ARG A 208 79.88 -17.06 -79.62
N ARG A 209 80.72 -17.42 -80.59
CA ARG A 209 80.57 -18.69 -81.27
C ARG A 209 80.81 -19.86 -80.33
N ARG A 210 81.76 -19.71 -79.42
CA ARG A 210 81.95 -20.67 -78.34
C ARG A 210 81.11 -20.21 -77.15
N GLY A 211 81.35 -20.76 -75.97
CA GLY A 211 80.56 -20.39 -74.82
C GLY A 211 81.31 -19.59 -73.77
N ILE A 212 82.28 -18.79 -74.19
CA ILE A 212 83.23 -18.20 -73.25
C ILE A 212 82.89 -16.71 -73.08
N SER A 213 81.62 -16.36 -73.27
CA SER A 213 81.18 -15.00 -73.04
C SER A 213 80.25 -14.95 -71.84
N VAL A 214 79.97 -13.73 -71.39
CA VAL A 214 79.09 -13.54 -70.24
C VAL A 214 77.65 -13.86 -70.64
N LEU A 215 76.98 -14.64 -69.81
CA LEU A 215 75.58 -14.99 -70.09
C LEU A 215 74.62 -14.00 -69.46
N GLY A 216 74.63 -13.92 -68.14
CA GLY A 216 73.82 -12.94 -67.45
C GLY A 216 74.69 -11.92 -66.75
N ASP A 217 74.85 -12.09 -65.43
CA ASP A 217 75.82 -11.32 -64.68
C ASP A 217 77.11 -12.09 -64.44
N ARG A 218 77.05 -13.42 -64.50
CA ARG A 218 78.22 -14.25 -64.25
C ARG A 218 79.25 -14.13 -65.37
N PRO A 219 80.48 -13.72 -65.07
CA PRO A 219 81.44 -13.40 -66.11
C PRO A 219 82.30 -14.61 -66.44
N PRO A 220 83.06 -14.59 -67.53
CA PRO A 220 83.91 -15.73 -67.87
C PRO A 220 85.21 -15.81 -67.09
N MET A 221 85.53 -14.87 -66.22
CA MET A 221 86.77 -14.93 -65.44
C MET A 221 86.48 -14.80 -63.96
N VAL A 222 86.99 -15.73 -63.16
CA VAL A 222 86.85 -15.68 -61.72
C VAL A 222 88.24 -15.70 -61.11
N SER A 223 88.53 -14.71 -60.27
CA SER A 223 89.82 -14.59 -59.61
C SER A 223 89.81 -15.35 -58.30
N VAL A 224 90.81 -16.21 -58.12
CA VAL A 224 91.01 -16.98 -56.90
C VAL A 224 92.15 -16.33 -56.14
N THR A 225 91.85 -15.83 -54.96
CA THR A 225 92.86 -15.31 -54.05
C THR A 225 92.93 -16.19 -52.82
N ASN A 226 94.06 -16.06 -52.10
CA ASN A 226 94.34 -16.77 -50.85
C ASN A 226 94.32 -18.30 -51.07
N ALA A 227 95.14 -18.75 -52.02
CA ALA A 227 95.24 -20.17 -52.32
C ALA A 227 96.57 -20.44 -52.99
N ASP A 228 97.02 -21.67 -52.89
CA ASP A 228 98.27 -22.09 -53.46
C ASP A 228 98.06 -22.43 -54.93
N PRO A 229 98.76 -21.78 -55.87
CA PRO A 229 98.50 -22.02 -57.29
C PRO A 229 98.78 -23.44 -57.78
N GLU A 230 99.76 -24.12 -57.20
CA GLU A 230 100.00 -25.52 -57.56
C GLU A 230 98.85 -26.41 -57.09
N ARG A 231 98.31 -26.14 -55.90
CA ARG A 231 97.16 -26.88 -55.42
C ARG A 231 95.93 -26.59 -56.27
N ILE A 232 95.78 -25.34 -56.73
CA ILE A 232 94.68 -24.97 -57.60
C ILE A 232 94.78 -25.70 -58.93
N GLY A 233 96.01 -25.84 -59.46
CA GLY A 233 96.20 -26.63 -60.66
C GLY A 233 95.89 -28.11 -60.46
N ARG A 234 96.27 -28.64 -59.30
CA ARG A 234 95.96 -30.04 -58.96
C ARG A 234 94.46 -30.28 -58.92
N LEU A 235 93.71 -29.46 -58.20
CA LEU A 235 92.31 -29.81 -58.11
C LEU A 235 91.50 -29.30 -59.30
N LEU A 236 92.05 -28.41 -60.13
CA LEU A 236 91.47 -28.20 -61.45
C LEU A 236 91.61 -29.43 -62.33
N ASP A 237 92.75 -30.10 -62.27
CA ASP A 237 92.89 -31.34 -63.02
C ASP A 237 91.98 -32.43 -62.47
N GLU A 238 91.82 -32.46 -61.14
CA GLU A 238 90.93 -33.44 -60.52
C GLU A 238 89.47 -33.16 -60.86
N PHE A 239 89.07 -31.89 -60.90
CA PHE A 239 87.74 -31.50 -61.35
C PHE A 239 87.56 -31.73 -62.84
N ALA A 240 88.65 -31.79 -63.60
CA ALA A 240 88.54 -32.14 -65.00
C ALA A 240 88.35 -33.63 -65.22
N GLN A 241 88.95 -34.47 -64.36
CA GLN A 241 89.02 -35.90 -64.65
C GLN A 241 87.69 -36.64 -64.59
N ASP A 242 86.67 -36.10 -63.94
CA ASP A 242 85.40 -36.82 -63.89
C ASP A 242 84.62 -36.63 -65.18
N VAL A 243 83.67 -37.54 -65.41
CA VAL A 243 82.96 -37.59 -66.68
C VAL A 243 81.94 -36.46 -66.80
N ARG A 244 81.33 -36.05 -65.69
CA ARG A 244 80.10 -35.26 -65.73
C ARG A 244 80.35 -33.82 -66.19
N THR A 245 81.59 -33.35 -66.18
CA THR A 245 81.93 -32.10 -66.83
C THR A 245 82.34 -32.35 -68.27
N VAL A 246 82.00 -31.42 -69.14
CA VAL A 246 82.31 -31.57 -70.56
C VAL A 246 83.47 -30.68 -70.96
N LEU A 247 83.45 -29.43 -70.49
CA LEU A 247 84.52 -28.48 -70.78
C LEU A 247 85.25 -28.13 -69.50
N PRO A 248 86.48 -28.58 -69.31
CA PRO A 248 87.21 -28.23 -68.09
C PRO A 248 87.66 -26.77 -68.11
N PRO A 249 87.37 -26.02 -67.04
CA PRO A 249 87.91 -24.67 -66.94
C PRO A 249 89.40 -24.72 -66.67
N VAL A 250 90.12 -23.77 -67.24
CA VAL A 250 91.58 -23.79 -67.21
C VAL A 250 92.09 -22.59 -66.44
N LEU A 251 93.27 -22.76 -65.86
CA LEU A 251 93.99 -21.65 -65.24
C LEU A 251 94.69 -20.87 -66.32
N SER A 252 94.58 -19.55 -66.26
CA SER A 252 95.13 -18.70 -67.30
C SER A 252 96.29 -17.85 -66.83
N ILE A 253 96.09 -16.99 -65.83
CA ILE A 253 97.13 -16.04 -65.49
C ILE A 253 97.60 -16.31 -64.07
N ARG A 254 98.58 -15.54 -63.60
CA ARG A 254 99.13 -15.76 -62.26
C ARG A 254 99.59 -14.39 -61.76
N ASN A 255 98.75 -13.73 -60.97
CA ASN A 255 99.06 -12.38 -60.52
C ASN A 255 100.16 -12.40 -59.46
N GLY A 256 99.88 -13.00 -58.31
CA GLY A 256 100.81 -13.06 -57.23
C GLY A 256 101.24 -14.48 -56.91
N ARG A 257 101.70 -14.67 -55.69
CA ARG A 257 102.00 -16.01 -55.21
C ARG A 257 100.80 -16.65 -54.55
N ARG A 258 99.70 -15.93 -54.41
CA ARG A 258 98.47 -16.44 -53.80
C ARG A 258 97.23 -16.06 -54.60
N ALA A 259 97.37 -15.79 -55.90
CA ALA A 259 96.22 -15.34 -56.69
C ALA A 259 96.40 -15.71 -58.14
N VAL A 260 95.38 -16.36 -58.71
CA VAL A 260 95.27 -16.61 -60.14
C VAL A 260 93.86 -16.23 -60.57
N VAL A 261 93.56 -16.37 -61.87
CA VAL A 261 92.16 -16.34 -62.30
C VAL A 261 91.93 -17.56 -63.18
N ILE A 262 90.66 -17.93 -63.30
CA ILE A 262 90.22 -19.08 -64.07
C ILE A 262 89.25 -18.59 -65.13
N THR A 263 89.47 -19.03 -66.37
CA THR A 263 88.69 -18.62 -67.53
C THR A 263 87.96 -19.81 -68.11
N GLY A 264 86.65 -19.70 -68.27
CA GLY A 264 85.89 -20.78 -68.85
C GLY A 264 84.41 -20.46 -68.88
N THR A 265 83.64 -21.51 -69.14
CA THR A 265 82.19 -21.42 -69.21
C THR A 265 81.62 -21.08 -67.83
N PRO A 266 80.65 -20.15 -67.75
CA PRO A 266 80.21 -19.66 -66.42
C PRO A 266 79.57 -20.70 -65.51
N GLU A 267 78.78 -21.64 -66.04
CA GLU A 267 78.24 -22.66 -65.14
C GLU A 267 79.32 -23.65 -64.73
N GLN A 268 80.35 -23.83 -65.56
CA GLN A 268 81.50 -24.62 -65.16
C GLN A 268 82.24 -23.94 -64.01
N LEU A 269 82.34 -22.61 -64.06
CA LEU A 269 82.98 -21.87 -62.98
C LEU A 269 82.18 -21.98 -61.69
N SER A 270 80.86 -21.90 -61.78
CA SER A 270 80.03 -22.02 -60.58
C SER A 270 80.09 -23.43 -60.00
N ARG A 271 80.16 -24.45 -60.86
CA ARG A 271 80.30 -25.82 -60.39
C ARG A 271 81.64 -26.04 -59.70
N PHE A 272 82.72 -25.48 -60.25
CA PHE A 272 84.02 -25.56 -59.61
C PHE A 272 84.06 -24.82 -58.29
N GLU A 273 83.34 -23.71 -58.19
CA GLU A 273 83.22 -23.01 -56.91
C GLU A 273 82.49 -23.85 -55.87
N LEU A 274 81.45 -24.58 -56.29
CA LEU A 274 80.78 -25.50 -55.37
C LEU A 274 81.71 -26.62 -54.90
N TYR A 275 82.55 -27.12 -55.81
CA TYR A 275 83.51 -28.17 -55.49
C TYR A 275 84.53 -27.72 -54.45
N CYS A 276 85.10 -26.52 -54.67
CA CYS A 276 86.05 -25.97 -53.71
C CYS A 276 85.38 -25.62 -52.38
N ARG A 277 84.12 -25.20 -52.40
CA ARG A 277 83.41 -24.93 -51.15
C ARG A 277 83.18 -26.21 -50.36
N GLN A 278 82.94 -27.32 -51.05
CA GLN A 278 82.77 -28.59 -50.35
C GLN A 278 84.07 -29.05 -49.70
N ILE A 279 85.19 -28.90 -50.40
CA ILE A 279 86.48 -29.27 -49.80
C ILE A 279 86.83 -28.34 -48.63
N SER A 280 86.45 -27.06 -48.74
CA SER A 280 86.68 -26.12 -47.65
C SER A 280 85.87 -26.48 -46.41
N GLU A 281 84.61 -26.89 -46.60
CA GLU A 281 83.81 -27.29 -45.45
C GLU A 281 84.32 -28.59 -44.84
N LYS A 282 84.89 -29.48 -45.65
CA LYS A 282 85.52 -30.68 -45.14
C LYS A 282 86.68 -30.36 -44.20
N GLU A 283 87.60 -29.51 -44.66
CA GLU A 283 88.74 -29.19 -43.80
C GLU A 283 88.34 -28.32 -42.60
N GLU A 284 87.28 -27.51 -42.73
CA GLU A 284 86.83 -26.73 -41.60
C GLU A 284 86.21 -27.61 -40.52
N ALA A 285 85.46 -28.64 -40.92
CA ALA A 285 84.97 -29.59 -39.93
C ALA A 285 86.10 -30.40 -39.33
N ASP A 286 87.14 -30.70 -40.11
CA ASP A 286 88.30 -31.40 -39.57
C ASP A 286 89.06 -30.54 -38.55
N ARG A 287 89.05 -29.22 -38.72
CA ARG A 287 89.61 -28.37 -37.66
C ARG A 287 88.68 -28.32 -36.45
N LYS A 288 87.38 -28.13 -36.66
CA LYS A 288 86.45 -27.88 -35.56
C LYS A 288 86.30 -29.11 -34.67
N ASN A 289 86.47 -30.31 -35.21
CA ASN A 289 86.46 -31.51 -34.37
C ASN A 289 87.81 -31.82 -33.75
N LYS A 290 88.70 -30.82 -33.65
CA LYS A 290 89.96 -30.86 -32.90
C LYS A 290 90.90 -31.95 -33.42
N VAL A 291 91.25 -31.80 -34.70
CA VAL A 291 92.26 -32.59 -35.38
C VAL A 291 93.15 -31.47 -35.90
N ARG A 292 94.08 -31.77 -36.84
CA ARG A 292 95.35 -31.09 -37.13
C ARG A 292 95.41 -29.58 -36.89
N GLY A 293 94.48 -28.84 -37.47
CA GLY A 293 94.38 -27.43 -37.17
C GLY A 293 95.52 -26.57 -37.67
N GLY A 294 96.29 -27.03 -38.65
CA GLY A 294 97.36 -26.23 -39.20
C GLY A 294 96.87 -25.04 -39.98
N ASP A 295 96.23 -25.29 -41.13
CA ASP A 295 95.62 -24.25 -41.93
C ASP A 295 94.29 -24.76 -42.48
N VAL A 296 93.59 -23.90 -43.21
CA VAL A 296 92.32 -24.26 -43.83
C VAL A 296 92.34 -23.81 -45.28
N PHE A 297 91.98 -24.71 -46.19
CA PHE A 297 91.86 -24.35 -47.59
C PHE A 297 90.59 -23.54 -47.76
N SER A 298 90.70 -22.22 -47.72
CA SER A 298 89.56 -21.34 -47.91
C SER A 298 89.92 -20.25 -48.90
N PRO A 299 89.88 -20.54 -50.20
CA PRO A 299 90.14 -19.51 -51.19
C PRO A 299 88.96 -18.55 -51.28
N VAL A 300 89.23 -17.39 -51.87
CA VAL A 300 88.22 -16.35 -52.04
C VAL A 300 88.04 -16.12 -53.53
N PHE A 301 86.80 -16.22 -53.99
CA PHE A 301 86.44 -16.03 -55.39
C PHE A 301 85.88 -14.63 -55.60
N GLU A 302 86.34 -13.95 -56.65
CA GLU A 302 85.78 -12.67 -57.03
C GLU A 302 85.56 -12.65 -58.53
N PRO A 303 84.47 -12.06 -59.01
CA PRO A 303 84.25 -11.98 -60.46
C PRO A 303 85.16 -10.92 -61.08
N VAL A 304 85.55 -11.15 -62.31
CA VAL A 304 86.30 -10.14 -63.04
C VAL A 304 85.32 -9.41 -63.95
N GLN A 305 85.53 -8.11 -64.16
CA GLN A 305 84.59 -7.28 -64.92
C GLN A 305 84.86 -7.30 -66.41
N VAL A 306 85.41 -8.37 -66.94
CA VAL A 306 85.59 -8.49 -68.38
C VAL A 306 84.33 -9.13 -68.97
N GLU A 307 84.11 -8.90 -70.25
CA GLU A 307 82.97 -9.46 -70.96
C GLU A 307 83.28 -10.82 -71.54
N VAL A 308 84.55 -11.14 -71.75
CA VAL A 308 84.98 -12.25 -72.60
C VAL A 308 86.18 -12.93 -71.95
N GLY A 309 86.15 -14.26 -71.92
CA GLY A 309 87.31 -15.00 -71.45
C GLY A 309 88.47 -14.87 -72.42
N PHE A 310 89.67 -14.69 -71.87
CA PHE A 310 90.90 -14.62 -72.62
C PHE A 310 91.83 -15.75 -72.20
N HIS A 311 92.92 -15.90 -72.96
CA HIS A 311 94.05 -16.76 -72.64
C HIS A 311 93.67 -18.23 -72.51
N THR A 312 92.69 -18.66 -73.27
CA THR A 312 92.41 -20.07 -73.30
C THR A 312 92.82 -20.67 -74.64
N PRO A 313 93.11 -21.97 -74.72
CA PRO A 313 93.33 -22.58 -76.03
C PRO A 313 92.07 -22.77 -76.85
N ARG A 314 90.89 -22.53 -76.27
CA ARG A 314 89.63 -22.69 -77.00
C ARG A 314 89.36 -21.57 -77.98
N LEU A 315 90.18 -20.52 -78.00
CA LEU A 315 90.05 -19.43 -78.97
C LEU A 315 91.02 -19.61 -80.12
N SER A 316 91.25 -20.85 -80.55
CA SER A 316 92.26 -21.15 -81.55
C SER A 316 91.87 -20.72 -82.95
N ASP A 317 90.60 -20.39 -83.20
CA ASP A 317 90.19 -19.94 -84.53
C ASP A 317 90.37 -18.45 -84.70
N GLY A 318 90.45 -17.71 -83.59
CA GLY A 318 90.54 -16.26 -83.67
C GLY A 318 91.81 -15.77 -84.31
N ILE A 319 92.89 -16.54 -84.21
CA ILE A 319 94.14 -16.14 -84.84
C ILE A 319 94.04 -16.27 -86.36
N ASP A 320 93.30 -17.26 -86.86
CA ASP A 320 93.09 -17.35 -88.30
C ASP A 320 92.11 -16.29 -88.79
N ILE A 321 91.13 -15.92 -87.96
CA ILE A 321 90.23 -14.82 -88.33
C ILE A 321 91.00 -13.51 -88.43
N VAL A 322 91.91 -13.26 -87.47
CA VAL A 322 92.74 -12.06 -87.51
C VAL A 322 93.71 -12.11 -88.68
N ALA A 323 94.21 -13.29 -89.04
CA ALA A 323 95.09 -13.41 -90.20
C ALA A 323 94.34 -13.10 -91.50
N GLY A 324 93.11 -13.58 -91.62
CA GLY A 324 92.31 -13.28 -92.80
C GLY A 324 91.95 -11.81 -92.90
N TRP A 325 91.59 -11.20 -91.78
CA TRP A 325 91.27 -9.77 -91.81
C TRP A 325 92.51 -8.92 -92.02
N ALA A 326 93.68 -9.39 -91.57
CA ALA A 326 94.91 -8.66 -91.79
C ALA A 326 95.33 -8.71 -93.25
N GLU A 327 95.18 -9.87 -93.90
CA GLU A 327 95.51 -9.92 -95.32
C GLU A 327 94.45 -9.29 -96.20
N LYS A 328 93.21 -9.14 -95.70
CA LYS A 328 92.24 -8.33 -96.42
C LYS A 328 92.50 -6.84 -96.23
N ALA A 329 93.07 -6.45 -95.10
CA ALA A 329 93.45 -5.07 -94.88
C ALA A 329 94.86 -4.86 -95.43
N GLY A 330 95.41 -3.66 -95.23
CA GLY A 330 96.69 -3.29 -95.79
C GLY A 330 97.90 -3.56 -94.92
N LEU A 331 97.73 -4.19 -93.77
CA LEU A 331 98.84 -4.42 -92.86
C LEU A 331 99.32 -5.86 -92.94
N ASP A 332 100.42 -6.15 -92.23
CA ASP A 332 101.11 -7.42 -92.35
C ASP A 332 100.34 -8.54 -91.65
N VAL A 333 100.90 -9.75 -91.72
CA VAL A 333 100.25 -10.92 -91.17
C VAL A 333 101.05 -11.55 -90.03
N ALA A 334 102.38 -11.40 -90.00
CA ALA A 334 103.20 -12.15 -89.06
C ALA A 334 103.07 -11.60 -87.64
N LEU A 335 103.28 -10.29 -87.48
CA LEU A 335 103.14 -9.67 -86.17
C LEU A 335 101.69 -9.65 -85.72
N ALA A 336 100.76 -9.63 -86.67
CA ALA A 336 99.33 -9.74 -86.36
C ALA A 336 99.02 -11.08 -85.72
N ARG A 337 99.47 -12.17 -86.37
CA ARG A 337 99.24 -13.52 -85.85
C ARG A 337 99.97 -13.72 -84.53
N GLU A 338 101.15 -13.10 -84.38
CA GLU A 338 101.93 -13.22 -83.16
C GLU A 338 101.23 -12.54 -81.98
N LEU A 339 100.74 -11.31 -82.18
CA LEU A 339 100.05 -10.62 -81.10
C LEU A 339 98.70 -11.26 -80.80
N ALA A 340 98.05 -11.84 -81.81
CA ALA A 340 96.82 -12.58 -81.56
C ALA A 340 97.07 -13.81 -80.72
N ASP A 341 98.18 -14.51 -80.98
CA ASP A 341 98.61 -15.61 -80.11
C ASP A 341 98.88 -15.13 -78.70
N ALA A 342 99.55 -13.97 -78.59
CA ALA A 342 99.99 -13.49 -77.29
C ALA A 342 98.85 -12.98 -76.43
N ILE A 343 97.75 -12.53 -77.03
CA ILE A 343 96.66 -11.96 -76.25
C ILE A 343 95.43 -12.85 -76.22
N LEU A 344 95.35 -13.88 -77.07
CA LEU A 344 94.18 -14.73 -77.07
C LEU A 344 94.40 -16.12 -76.50
N ILE A 345 95.59 -16.70 -76.67
CA ILE A 345 95.84 -18.09 -76.34
C ILE A 345 96.95 -18.23 -75.31
N ARG A 346 98.13 -17.66 -75.60
CA ARG A 346 99.31 -17.87 -74.78
C ARG A 346 99.17 -17.15 -73.44
N LYS A 347 99.34 -17.89 -72.36
CA LYS A 347 99.12 -17.38 -71.02
C LYS A 347 100.24 -16.43 -70.61
N VAL A 348 100.06 -15.81 -69.43
CA VAL A 348 101.01 -14.82 -68.94
C VAL A 348 101.37 -15.21 -67.51
N ASP A 349 102.50 -14.68 -67.04
CA ASP A 349 103.04 -15.02 -65.71
C ASP A 349 103.61 -13.74 -65.11
N TRP A 350 102.80 -13.08 -64.29
CA TRP A 350 103.16 -11.75 -63.82
C TRP A 350 104.27 -11.78 -62.78
N VAL A 351 104.37 -12.88 -62.04
CA VAL A 351 105.37 -12.99 -60.99
C VAL A 351 106.77 -13.05 -61.58
N ASP A 352 107.00 -13.97 -62.53
CA ASP A 352 108.36 -13.98 -63.08
C ASP A 352 108.59 -12.85 -64.06
N GLU A 353 107.52 -12.21 -64.56
CA GLU A 353 107.71 -10.96 -65.28
C GLU A 353 108.29 -9.87 -64.38
N ILE A 354 107.73 -9.68 -63.18
CA ILE A 354 108.24 -8.61 -62.34
C ILE A 354 109.58 -9.01 -61.70
N THR A 355 109.85 -10.31 -61.54
CA THR A 355 111.19 -10.64 -61.07
C THR A 355 112.22 -10.50 -62.18
N ARG A 356 111.81 -10.63 -63.44
CA ARG A 356 112.70 -10.25 -64.53
C ARG A 356 112.97 -8.75 -64.52
N VAL A 357 111.95 -7.96 -64.17
CA VAL A 357 112.13 -6.52 -63.98
C VAL A 357 113.15 -6.23 -62.88
N HIS A 358 113.01 -6.92 -61.75
CA HIS A 358 113.90 -6.66 -60.62
C HIS A 358 115.30 -7.21 -60.87
N ALA A 359 115.42 -8.27 -61.69
CA ALA A 359 116.74 -8.75 -62.08
C ALA A 359 117.39 -7.80 -63.06
N ALA A 360 116.60 -7.10 -63.87
CA ALA A 360 117.14 -5.98 -64.63
C ALA A 360 117.56 -4.85 -63.70
N GLY A 361 116.88 -4.69 -62.59
CA GLY A 361 117.34 -3.82 -61.53
C GLY A 361 116.71 -2.45 -61.45
N ALA A 362 115.44 -2.32 -61.81
CA ALA A 362 114.78 -1.03 -61.77
C ALA A 362 114.42 -0.68 -60.33
N ARG A 363 114.97 0.43 -59.83
CA ARG A 363 114.67 0.87 -58.49
C ARG A 363 113.40 1.71 -58.40
N TRP A 364 112.78 2.01 -59.53
CA TRP A 364 111.45 2.62 -59.54
C TRP A 364 110.62 1.95 -60.63
N ILE A 365 109.30 2.01 -60.49
CA ILE A 365 108.42 1.42 -61.49
C ILE A 365 107.22 2.31 -61.73
N LEU A 366 107.17 2.92 -62.91
CA LEU A 366 105.98 3.58 -63.40
C LEU A 366 104.98 2.54 -63.86
N ASP A 367 103.70 2.83 -63.73
CA ASP A 367 102.76 2.16 -64.60
C ASP A 367 101.89 3.19 -65.29
N LEU A 368 101.48 2.85 -66.50
CA LEU A 368 100.78 3.77 -67.38
C LEU A 368 99.34 3.36 -67.64
N GLY A 369 98.93 2.18 -67.18
CA GLY A 369 97.65 1.61 -67.53
C GLY A 369 96.47 2.37 -66.97
N PRO A 370 95.27 2.00 -67.40
CA PRO A 370 94.07 2.71 -66.94
C PRO A 370 93.78 2.41 -65.49
N GLY A 371 93.48 3.46 -64.74
CA GLY A 371 93.18 3.31 -63.33
C GLY A 371 94.40 2.95 -62.51
N ASP A 372 94.14 2.35 -61.35
CA ASP A 372 95.17 1.92 -60.42
C ASP A 372 95.10 0.43 -60.12
N ILE A 373 94.47 -0.35 -61.01
CA ILE A 373 94.39 -1.79 -60.80
C ILE A 373 95.77 -2.42 -60.90
N LEU A 374 96.67 -1.86 -61.69
CA LEU A 374 97.98 -2.47 -61.81
C LEU A 374 98.83 -2.14 -60.59
N THR A 375 98.63 -0.98 -59.98
CA THR A 375 99.29 -0.69 -58.70
C THR A 375 98.76 -1.62 -57.61
N ARG A 376 97.44 -1.76 -57.53
CA ARG A 376 96.85 -2.61 -56.51
C ARG A 376 97.07 -4.10 -56.77
N LEU A 377 97.53 -4.47 -57.95
CA LEU A 377 97.92 -5.83 -58.23
C LEU A 377 99.42 -6.05 -58.08
N THR A 378 100.25 -5.03 -58.28
CA THR A 378 101.69 -5.20 -58.15
C THR A 378 102.18 -4.97 -56.73
N ALA A 379 101.41 -4.31 -55.88
CA ALA A 379 101.89 -4.06 -54.52
C ALA A 379 102.17 -5.34 -53.70
N PRO A 380 101.32 -6.38 -53.67
CA PRO A 380 101.72 -7.57 -52.90
C PRO A 380 102.82 -8.41 -53.54
N VAL A 381 103.25 -8.12 -54.75
CA VAL A 381 104.26 -8.95 -55.39
C VAL A 381 105.65 -8.31 -55.37
N ILE A 382 105.75 -6.98 -55.29
CA ILE A 382 107.01 -6.33 -54.94
C ILE A 382 106.93 -5.74 -53.54
N ARG A 383 106.06 -6.31 -52.72
CA ARG A 383 105.87 -5.91 -51.33
C ARG A 383 107.17 -5.94 -50.53
N GLY A 384 107.99 -6.98 -50.71
CA GLY A 384 109.18 -7.09 -49.92
C GLY A 384 110.49 -6.93 -50.68
N LEU A 385 110.54 -5.98 -51.61
CA LEU A 385 111.72 -5.82 -52.43
C LEU A 385 112.30 -4.42 -52.40
N GLY A 386 111.57 -3.43 -51.90
CA GLY A 386 112.10 -2.08 -51.86
C GLY A 386 112.05 -1.34 -53.18
N ILE A 387 110.98 -1.52 -53.95
CA ILE A 387 110.80 -0.84 -55.22
C ILE A 387 109.53 0.00 -55.11
N GLY A 388 109.57 1.22 -55.63
CA GLY A 388 108.47 2.15 -55.51
C GLY A 388 107.64 2.24 -56.77
N ILE A 389 106.35 1.98 -56.63
CA ILE A 389 105.42 2.13 -57.75
C ILE A 389 104.96 3.58 -57.83
N VAL A 390 104.68 4.03 -59.05
CA VAL A 390 104.06 5.33 -59.27
C VAL A 390 102.97 5.22 -60.34
N PRO A 391 101.74 5.63 -60.04
CA PRO A 391 100.68 5.61 -61.05
C PRO A 391 100.81 6.78 -62.02
N ALA A 392 100.44 6.52 -63.26
CA ALA A 392 100.15 7.59 -64.19
C ALA A 392 98.64 7.66 -64.37
N ALA A 393 98.20 8.56 -65.24
CA ALA A 393 96.79 8.72 -65.65
C ALA A 393 95.85 8.97 -64.47
N THR A 394 96.37 9.59 -63.42
CA THR A 394 95.61 9.82 -62.19
C THR A 394 96.08 11.17 -61.67
N ARG A 395 95.16 11.94 -61.08
CA ARG A 395 95.56 13.22 -60.49
C ARG A 395 96.48 13.01 -59.30
N GLY A 396 96.20 11.99 -58.49
CA GLY A 396 97.10 11.64 -57.41
C GLY A 396 98.45 11.14 -57.92
N GLY A 397 98.43 10.39 -59.02
CA GLY A 397 99.68 9.94 -59.61
C GLY A 397 100.50 11.07 -60.19
N GLN A 398 99.83 12.06 -60.78
CA GLN A 398 100.54 13.19 -61.35
C GLN A 398 101.10 14.10 -60.26
N ARG A 399 100.37 14.28 -59.16
CA ARG A 399 100.91 15.12 -58.09
C ARG A 399 102.02 14.39 -57.34
N ASN A 400 101.96 13.06 -57.21
CA ASN A 400 103.06 12.31 -56.65
C ASN A 400 104.25 12.23 -57.60
N LEU A 401 103.99 12.38 -58.89
CA LEU A 401 105.04 12.30 -59.89
C LEU A 401 105.70 13.65 -60.14
N PHE A 402 105.02 14.74 -59.78
CA PHE A 402 105.47 16.08 -60.10
C PHE A 402 105.81 16.95 -58.89
N THR A 403 105.09 16.83 -57.78
CA THR A 403 105.36 17.71 -56.65
C THR A 403 106.64 17.26 -55.94
N VAL A 404 107.49 18.24 -55.61
CA VAL A 404 108.76 17.93 -54.95
C VAL A 404 108.52 17.39 -53.53
N GLY A 405 107.62 18.04 -52.79
CA GLY A 405 107.31 17.61 -51.44
C GLY A 405 106.45 16.37 -51.34
N ALA A 406 105.90 15.89 -52.46
CA ALA A 406 105.02 14.72 -52.47
C ALA A 406 105.64 13.66 -53.37
N THR A 407 106.47 12.81 -52.78
CA THR A 407 107.04 11.63 -53.40
C THR A 407 106.66 10.41 -52.57
N PRO A 408 106.48 9.24 -53.21
CA PRO A 408 106.05 8.07 -52.45
C PRO A 408 107.15 7.53 -51.55
N GLU A 409 106.75 6.93 -50.44
CA GLU A 409 107.68 6.45 -49.44
C GLU A 409 107.94 4.96 -49.66
N VAL A 410 109.12 4.64 -50.17
CA VAL A 410 109.49 3.26 -50.44
C VAL A 410 109.86 2.59 -49.13
N ALA A 411 109.20 1.48 -48.83
CA ALA A 411 109.51 0.73 -47.62
C ALA A 411 110.86 0.04 -47.75
N ARG A 412 111.41 -0.35 -46.61
CA ARG A 412 112.76 -0.90 -46.58
C ARG A 412 112.77 -2.35 -47.03
N ALA A 413 113.91 -2.78 -47.57
CA ALA A 413 114.09 -4.16 -47.98
C ALA A 413 114.33 -5.04 -46.76
N TRP A 414 114.44 -6.34 -46.99
CA TRP A 414 114.53 -7.30 -45.89
C TRP A 414 115.94 -7.85 -45.70
N SER A 415 116.75 -7.79 -46.75
CA SER A 415 118.19 -8.00 -46.60
C SER A 415 118.84 -6.94 -45.72
N SER A 416 118.20 -5.78 -45.55
CA SER A 416 118.65 -4.84 -44.54
C SER A 416 118.36 -5.35 -43.14
N TYR A 417 117.23 -6.02 -42.96
CA TYR A 417 116.90 -6.56 -41.64
C TYR A 417 117.69 -7.82 -41.30
N ALA A 418 118.37 -8.41 -42.27
CA ALA A 418 119.29 -9.51 -41.99
C ALA A 418 120.35 -9.10 -40.95
N PRO A 419 120.71 -9.98 -40.01
CA PRO A 419 121.49 -9.56 -38.83
C PRO A 419 122.97 -9.35 -39.14
N THR A 420 123.71 -8.89 -38.13
CA THR A 420 125.09 -8.48 -38.33
C THR A 420 125.93 -9.01 -37.16
N VAL A 421 127.26 -8.89 -37.28
CA VAL A 421 128.21 -9.42 -36.31
C VAL A 421 128.99 -8.26 -35.72
N VAL A 422 129.18 -8.24 -34.40
CA VAL A 422 129.99 -7.22 -33.75
C VAL A 422 131.03 -7.90 -32.87
N ARG A 423 132.06 -7.12 -32.50
CA ARG A 423 133.11 -7.58 -31.60
C ARG A 423 133.14 -6.69 -30.38
N LEU A 424 132.92 -7.27 -29.21
CA LEU A 424 133.00 -6.56 -27.94
C LEU A 424 134.45 -6.27 -27.59
N PRO A 425 134.70 -5.23 -26.75
CA PRO A 425 136.09 -4.82 -26.51
C PRO A 425 136.91 -5.74 -25.62
N ASP A 426 136.41 -6.93 -25.29
CA ASP A 426 137.23 -7.95 -24.66
C ASP A 426 137.64 -9.04 -25.64
N GLY A 427 137.31 -8.90 -26.91
CA GLY A 427 137.63 -9.89 -27.91
C GLY A 427 136.52 -10.88 -28.20
N ARG A 428 135.42 -10.82 -27.47
CA ARG A 428 134.29 -11.71 -27.76
C ARG A 428 133.57 -11.23 -29.02
N VAL A 429 132.99 -12.19 -29.73
CA VAL A 429 132.32 -11.94 -31.00
C VAL A 429 130.86 -12.32 -30.84
N LYS A 430 129.98 -11.33 -30.98
CA LYS A 430 128.57 -11.53 -30.66
C LYS A 430 127.68 -11.09 -31.81
N LEU A 431 126.43 -11.50 -31.72
CA LEU A 431 125.44 -11.24 -32.76
C LEU A 431 124.71 -9.94 -32.46
N SER A 432 124.37 -9.19 -33.51
CA SER A 432 123.66 -7.94 -33.36
C SER A 432 122.43 -7.99 -34.25
N THR A 433 121.26 -8.03 -33.63
CA THR A 433 119.97 -7.79 -34.23
C THR A 433 119.39 -6.54 -33.59
N LYS A 434 118.23 -6.10 -34.09
CA LYS A 434 117.67 -4.88 -33.52
C LYS A 434 117.03 -5.11 -32.16
N PHE A 435 116.75 -6.36 -31.78
CA PHE A 435 116.41 -6.63 -30.39
C PHE A 435 117.59 -6.36 -29.47
N THR A 436 118.77 -6.81 -29.86
CA THR A 436 119.98 -6.53 -29.08
C THR A 436 120.27 -5.05 -29.08
N ARG A 437 120.00 -4.37 -30.20
CA ARG A 437 120.16 -2.93 -30.25
C ARG A 437 119.18 -2.22 -29.33
N LEU A 438 117.97 -2.73 -29.20
CA LEU A 438 116.99 -2.10 -28.33
C LEU A 438 117.34 -2.34 -26.87
N THR A 439 117.40 -3.61 -26.44
CA THR A 439 117.63 -3.90 -25.04
C THR A 439 119.09 -3.77 -24.66
N GLY A 440 119.94 -4.60 -25.26
CA GLY A 440 121.33 -4.65 -24.86
C GLY A 440 121.70 -6.05 -24.43
N ARG A 441 120.84 -7.01 -24.74
CA ARG A 441 120.99 -8.38 -24.31
C ARG A 441 120.93 -9.31 -25.51
N SER A 442 121.27 -10.57 -25.28
CA SER A 442 121.46 -11.54 -26.34
C SER A 442 120.11 -11.92 -26.95
N PRO A 443 120.07 -12.22 -28.26
CA PRO A 443 118.78 -12.46 -28.91
C PRO A 443 118.13 -13.78 -28.57
N ILE A 444 118.78 -14.63 -27.80
CA ILE A 444 118.14 -15.83 -27.27
C ILE A 444 117.51 -15.45 -25.95
N LEU A 445 116.24 -15.77 -25.78
CA LEU A 445 115.50 -15.30 -24.61
C LEU A 445 115.30 -16.47 -23.65
N LEU A 446 114.55 -16.20 -22.58
CA LEU A 446 114.19 -17.23 -21.63
C LEU A 446 112.80 -16.89 -21.14
N ALA A 447 111.81 -17.65 -21.59
CA ALA A 447 110.42 -17.26 -21.43
C ALA A 447 109.94 -17.45 -20.00
N GLY A 448 108.82 -16.80 -19.69
CA GLY A 448 108.18 -16.99 -18.42
C GLY A 448 107.39 -18.28 -18.40
N MET A 449 107.70 -19.16 -17.46
CA MET A 449 107.14 -20.49 -17.40
C MET A 449 106.68 -20.76 -15.98
N THR A 450 105.40 -21.08 -15.80
CA THR A 450 104.86 -21.13 -14.44
C THR A 450 105.38 -22.24 -13.53
N PRO A 451 105.70 -23.47 -13.99
CA PRO A 451 106.42 -24.35 -13.07
C PRO A 451 107.91 -24.05 -13.05
N THR A 452 108.50 -23.73 -14.19
CA THR A 452 109.95 -23.78 -14.31
C THR A 452 110.62 -22.48 -13.87
N THR A 453 110.25 -21.36 -14.48
CA THR A 453 110.88 -20.08 -14.17
C THR A 453 110.14 -19.33 -13.09
N VAL A 454 109.52 -20.05 -12.16
CA VAL A 454 108.98 -19.42 -10.95
C VAL A 454 110.04 -19.31 -9.88
N ASP A 455 111.28 -19.67 -10.17
CA ASP A 455 112.30 -19.77 -9.16
C ASP A 455 113.48 -18.83 -9.42
N ALA A 456 113.95 -18.26 -8.31
CA ALA A 456 114.96 -17.22 -8.34
C ALA A 456 116.29 -17.73 -8.85
N LYS A 457 116.59 -19.01 -8.65
CA LYS A 457 117.89 -19.56 -9.05
C LYS A 457 118.06 -19.53 -10.56
N ILE A 458 117.08 -20.08 -11.29
CA ILE A 458 117.20 -20.13 -12.74
C ILE A 458 117.04 -18.74 -13.34
N VAL A 459 116.14 -17.91 -12.79
CA VAL A 459 115.97 -16.62 -13.45
C VAL A 459 117.16 -15.69 -13.15
N ALA A 460 117.78 -15.82 -11.99
CA ALA A 460 118.96 -15.03 -11.70
C ALA A 460 120.19 -15.53 -12.44
N ALA A 461 120.33 -16.85 -12.63
CA ALA A 461 121.47 -17.35 -13.41
C ALA A 461 121.35 -16.95 -14.87
N ALA A 462 120.14 -17.00 -15.43
CA ALA A 462 119.96 -16.58 -16.81
C ALA A 462 120.14 -15.09 -16.97
N ALA A 463 119.82 -14.30 -15.95
CA ALA A 463 120.08 -12.87 -16.04
C ALA A 463 121.55 -12.53 -15.85
N ASN A 464 122.27 -13.31 -15.02
CA ASN A 464 123.69 -13.04 -14.84
C ASN A 464 124.49 -13.49 -16.05
N ALA A 465 123.96 -14.43 -16.82
CA ALA A 465 124.64 -14.82 -18.05
C ALA A 465 124.56 -13.78 -19.14
N GLY A 466 123.70 -12.77 -18.99
CA GLY A 466 123.55 -11.74 -19.99
C GLY A 466 122.45 -12.06 -20.97
N HIS A 467 121.28 -12.41 -20.48
CA HIS A 467 120.19 -12.83 -21.35
C HIS A 467 118.88 -12.30 -20.80
N TRP A 468 117.87 -12.30 -21.66
CA TRP A 468 116.52 -11.91 -21.27
C TRP A 468 115.92 -12.99 -20.39
N ALA A 469 116.09 -12.86 -19.09
CA ALA A 469 115.49 -13.77 -18.13
C ALA A 469 114.16 -13.20 -17.68
N GLU A 470 113.24 -14.08 -17.30
CA GLU A 470 111.86 -13.66 -17.08
C GLU A 470 111.24 -14.47 -15.95
N LEU A 471 111.12 -13.82 -14.79
CA LEU A 471 110.48 -14.45 -13.65
C LEU A 471 109.00 -14.66 -13.91
N ALA A 472 108.52 -15.86 -13.64
CA ALA A 472 107.13 -16.17 -13.91
C ALA A 472 106.21 -15.46 -12.94
N GLY A 473 104.96 -15.34 -13.32
CA GLY A 473 104.02 -14.60 -12.51
C GLY A 473 102.92 -15.48 -11.98
N GLY A 474 102.78 -16.67 -12.54
CA GLY A 474 101.71 -17.56 -12.13
C GLY A 474 101.97 -18.37 -10.89
N GLY A 475 103.00 -18.06 -10.12
CA GLY A 475 103.26 -18.78 -8.89
C GLY A 475 103.33 -17.88 -7.68
N GLN A 476 103.59 -16.59 -7.91
CA GLN A 476 103.63 -15.61 -6.83
C GLN A 476 102.18 -15.25 -6.53
N VAL A 477 101.54 -16.05 -5.68
CA VAL A 477 100.11 -15.90 -5.45
C VAL A 477 99.77 -15.02 -4.25
N THR A 478 100.72 -14.79 -3.35
CA THR A 478 100.48 -13.95 -2.18
C THR A 478 101.60 -12.94 -2.00
N GLU A 479 101.31 -11.94 -1.16
CA GLU A 479 102.23 -10.83 -0.94
C GLU A 479 103.51 -11.28 -0.26
N GLU A 480 103.40 -12.25 0.65
CA GLU A 480 104.59 -12.72 1.36
C GLU A 480 105.53 -13.46 0.42
N ILE A 481 104.97 -14.32 -0.45
CA ILE A 481 105.78 -15.03 -1.42
C ILE A 481 106.40 -14.07 -2.42
N PHE A 482 105.64 -13.03 -2.80
CA PHE A 482 106.14 -12.05 -3.76
C PHE A 482 107.32 -11.27 -3.18
N GLY A 483 107.16 -10.75 -1.96
CA GLY A 483 108.25 -10.04 -1.31
C GLY A 483 109.46 -10.90 -1.03
N ASN A 484 109.24 -12.18 -0.69
CA ASN A 484 110.34 -13.09 -0.48
C ASN A 484 111.12 -13.36 -1.76
N ARG A 485 110.41 -13.46 -2.90
CA ARG A 485 111.15 -13.71 -4.13
C ARG A 485 111.88 -12.48 -4.62
N ILE A 486 111.33 -11.29 -4.38
CA ILE A 486 112.06 -10.06 -4.69
C ILE A 486 113.33 -9.98 -3.84
N GLU A 487 113.23 -10.38 -2.57
CA GLU A 487 114.39 -10.40 -1.70
C GLU A 487 115.44 -11.42 -2.16
N GLN A 488 114.99 -12.60 -2.62
CA GLN A 488 115.91 -13.61 -3.12
C GLN A 488 116.63 -13.13 -4.37
N MET A 489 115.92 -12.47 -5.27
CA MET A 489 116.55 -11.99 -6.51
C MET A 489 117.55 -10.89 -6.23
N ALA A 490 117.23 -10.00 -5.29
CA ALA A 490 118.19 -8.97 -4.90
C ALA A 490 119.40 -9.58 -4.23
N GLY A 491 119.23 -10.72 -3.54
CA GLY A 491 120.38 -11.42 -3.00
C GLY A 491 121.23 -12.08 -4.07
N LEU A 492 120.59 -12.64 -5.08
CA LEU A 492 121.30 -13.50 -6.03
C LEU A 492 121.99 -12.74 -7.16
N LEU A 493 121.47 -11.61 -7.60
CA LEU A 493 122.11 -10.93 -8.72
C LEU A 493 123.41 -10.25 -8.29
N GLU A 494 124.35 -10.13 -9.22
CA GLU A 494 125.49 -9.26 -9.01
C GLU A 494 125.09 -7.82 -9.29
N PRO A 495 125.88 -6.84 -8.84
CA PRO A 495 125.59 -5.44 -9.19
C PRO A 495 125.59 -5.18 -10.68
N GLY A 496 124.53 -4.55 -11.15
CA GLY A 496 124.38 -4.13 -12.52
C GLY A 496 123.32 -4.87 -13.29
N ARG A 497 123.17 -6.17 -13.04
CA ARG A 497 122.27 -6.98 -13.84
C ARG A 497 120.83 -6.74 -13.43
N THR A 498 119.93 -6.91 -14.41
CA THR A 498 118.51 -6.70 -14.23
C THR A 498 117.77 -7.96 -14.67
N TYR A 499 116.49 -8.04 -14.33
CA TYR A 499 115.64 -9.15 -14.76
C TYR A 499 114.27 -8.59 -15.10
N GLN A 500 113.41 -9.46 -15.62
CA GLN A 500 112.12 -9.04 -16.14
C GLN A 500 111.03 -9.75 -15.36
N PHE A 501 109.79 -9.57 -15.81
CA PHE A 501 108.65 -10.12 -15.10
C PHE A 501 107.55 -10.47 -16.07
N ASN A 502 106.86 -11.57 -15.80
CA ASN A 502 105.75 -12.03 -16.62
C ASN A 502 104.47 -11.85 -15.85
N ALA A 503 103.42 -11.39 -16.51
CA ALA A 503 102.15 -11.16 -15.83
C ALA A 503 101.03 -11.77 -16.65
N LEU A 504 100.31 -12.72 -16.07
CA LEU A 504 99.15 -13.28 -16.73
C LEU A 504 98.02 -12.28 -16.69
N PHE A 505 97.37 -12.07 -17.84
CA PHE A 505 96.37 -11.00 -17.93
C PHE A 505 94.96 -11.48 -17.61
N LEU A 506 94.53 -12.60 -18.18
CA LEU A 506 93.16 -13.06 -18.00
C LEU A 506 92.97 -13.90 -16.76
N ASP A 507 93.98 -14.01 -15.91
CA ASP A 507 93.80 -14.55 -14.58
C ASP A 507 93.43 -13.38 -13.68
N PRO A 508 92.17 -13.27 -13.25
CA PRO A 508 91.70 -12.00 -12.66
C PRO A 508 92.28 -11.67 -11.29
N TYR A 509 92.27 -12.63 -10.35
CA TYR A 509 92.81 -12.38 -9.02
C TYR A 509 94.31 -12.14 -9.07
N LEU A 510 95.01 -12.91 -9.88
CA LEU A 510 96.44 -12.77 -10.01
C LEU A 510 96.80 -11.46 -10.68
N TRP A 511 95.99 -11.01 -11.66
CA TRP A 511 96.26 -9.75 -12.32
C TRP A 511 96.01 -8.56 -11.40
N LYS A 512 94.95 -8.64 -10.60
CA LYS A 512 94.69 -7.56 -9.64
C LYS A 512 95.76 -7.53 -8.55
N LEU A 513 96.33 -8.67 -8.21
CA LEU A 513 97.38 -8.65 -7.20
C LEU A 513 98.70 -8.17 -7.79
N GLN A 514 99.04 -8.59 -9.01
CA GLN A 514 100.34 -8.20 -9.57
C GLN A 514 100.34 -6.76 -10.04
N VAL A 515 99.41 -6.40 -10.93
CA VAL A 515 99.48 -5.15 -11.67
C VAL A 515 98.30 -4.24 -11.37
N GLY A 516 97.08 -4.75 -11.53
CA GLY A 516 95.90 -3.90 -11.50
C GLY A 516 95.49 -3.31 -10.17
N GLY A 517 95.00 -4.14 -9.25
CA GLY A 517 94.42 -3.60 -8.03
C GLY A 517 95.45 -3.12 -7.03
N LYS A 518 96.18 -4.03 -6.42
CA LYS A 518 97.43 -3.63 -5.82
C LYS A 518 98.47 -3.51 -6.92
N ARG A 519 99.49 -2.73 -6.68
CA ARG A 519 100.50 -2.51 -7.70
C ARG A 519 101.80 -3.03 -7.12
N LEU A 520 101.99 -4.34 -7.15
CA LEU A 520 103.14 -4.89 -6.45
C LEU A 520 104.40 -4.78 -7.28
N VAL A 521 104.28 -4.94 -8.59
CA VAL A 521 105.42 -4.76 -9.48
C VAL A 521 105.85 -3.30 -9.49
N GLN A 522 104.89 -2.39 -9.50
CA GLN A 522 105.17 -0.96 -9.45
C GLN A 522 105.81 -0.56 -8.13
N LYS A 523 105.32 -1.10 -7.02
CA LYS A 523 105.90 -0.77 -5.72
C LYS A 523 107.31 -1.34 -5.58
N ALA A 524 107.55 -2.53 -6.14
CA ALA A 524 108.89 -3.08 -6.11
C ALA A 524 109.85 -2.27 -6.96
N ARG A 525 109.37 -1.76 -8.09
CA ARG A 525 110.22 -0.93 -8.94
C ARG A 525 110.50 0.41 -8.30
N GLN A 526 109.49 1.00 -7.65
CA GLN A 526 109.72 2.26 -6.96
C GLN A 526 110.60 2.09 -5.73
N SER A 527 110.57 0.90 -5.11
CA SER A 527 111.50 0.65 -4.02
C SER A 527 112.91 0.43 -4.56
N GLY A 528 113.04 -0.07 -5.77
CA GLY A 528 114.36 -0.12 -6.37
C GLY A 528 114.79 -1.50 -6.80
N ALA A 529 113.84 -2.38 -7.06
CA ALA A 529 114.17 -3.67 -7.63
C ALA A 529 114.58 -3.50 -9.09
N ALA A 530 115.21 -4.54 -9.63
CA ALA A 530 115.84 -4.44 -10.94
C ALA A 530 114.92 -4.86 -12.07
N ILE A 531 113.62 -4.64 -11.94
CA ILE A 531 112.69 -5.01 -12.99
C ILE A 531 112.70 -3.94 -14.07
N ASP A 532 113.11 -4.31 -15.28
CA ASP A 532 113.05 -3.40 -16.41
C ASP A 532 112.20 -3.95 -17.55
N GLY A 533 111.19 -4.74 -17.23
CA GLY A 533 110.37 -5.29 -18.28
C GLY A 533 109.19 -6.08 -17.77
N VAL A 534 108.01 -5.82 -18.34
CA VAL A 534 106.80 -6.56 -18.01
C VAL A 534 106.26 -7.16 -19.29
N VAL A 535 106.01 -8.47 -19.24
CA VAL A 535 105.52 -9.23 -20.37
C VAL A 535 104.04 -9.51 -20.15
N ILE A 536 103.18 -9.03 -21.03
CA ILE A 536 101.76 -9.31 -20.92
C ILE A 536 101.43 -10.54 -21.74
N SER A 537 100.97 -11.58 -21.04
CA SER A 537 100.70 -12.88 -21.61
C SER A 537 99.22 -13.21 -21.51
N ALA A 538 98.77 -14.08 -22.42
CA ALA A 538 97.43 -14.65 -22.47
C ALA A 538 96.36 -13.55 -22.60
N GLY A 539 96.41 -12.87 -23.73
CA GLY A 539 95.41 -11.85 -24.04
C GLY A 539 96.01 -10.50 -24.32
N ILE A 540 95.32 -9.68 -25.10
CA ILE A 540 95.76 -8.33 -25.42
C ILE A 540 94.67 -7.38 -24.97
N PRO A 541 94.99 -6.33 -24.22
CA PRO A 541 93.98 -5.34 -23.82
C PRO A 541 93.55 -4.49 -25.01
N ASP A 542 92.48 -3.74 -24.81
CA ASP A 542 91.99 -2.83 -25.83
C ASP A 542 92.87 -1.58 -25.88
N LEU A 543 92.48 -0.64 -26.75
CA LEU A 543 93.33 0.47 -27.16
C LEU A 543 93.64 1.41 -26.00
N ASP A 544 92.59 1.96 -25.39
CA ASP A 544 92.80 3.02 -24.41
C ASP A 544 93.47 2.49 -23.14
N GLU A 545 93.03 1.34 -22.62
CA GLU A 545 93.69 0.85 -21.41
C GLU A 545 95.06 0.29 -21.70
N ALA A 546 95.33 -0.15 -22.94
CA ALA A 546 96.68 -0.57 -23.29
C ALA A 546 97.63 0.62 -23.32
N VAL A 547 97.19 1.73 -23.93
CA VAL A 547 98.03 2.92 -23.98
C VAL A 547 98.22 3.50 -22.58
N GLU A 548 97.18 3.44 -21.75
CA GLU A 548 97.31 3.82 -20.35
C GLU A 548 98.29 2.93 -19.61
N LEU A 549 98.37 1.65 -19.97
CA LEU A 549 99.28 0.76 -19.28
C LEU A 549 100.72 1.03 -19.69
N ILE A 550 100.96 1.27 -20.98
CA ILE A 550 102.30 1.66 -21.45
C ILE A 550 102.73 2.97 -20.80
N ASP A 551 101.83 3.93 -20.67
CA ASP A 551 102.23 5.20 -20.07
C ASP A 551 102.40 5.09 -18.56
N GLU A 552 101.60 4.24 -17.91
CA GLU A 552 101.75 4.02 -16.47
C GLU A 552 103.09 3.37 -16.14
N LEU A 553 103.49 2.37 -16.93
CA LEU A 553 104.77 1.74 -16.65
C LEU A 553 105.94 2.59 -17.09
N GLY A 554 105.81 3.35 -18.18
CA GLY A 554 106.86 4.26 -18.57
C GLY A 554 107.02 5.44 -17.63
N ASP A 555 105.98 5.74 -16.84
CA ASP A 555 106.12 6.74 -15.78
C ASP A 555 107.17 6.31 -14.76
N ILE A 556 106.98 5.15 -14.15
CA ILE A 556 107.93 4.70 -13.13
C ILE A 556 109.22 4.19 -13.74
N GLY A 557 109.24 3.88 -15.03
CA GLY A 557 110.50 3.56 -15.68
C GLY A 557 110.71 2.08 -15.93
N ILE A 558 109.66 1.38 -16.34
CA ILE A 558 109.80 -0.02 -16.71
C ILE A 558 110.46 -0.14 -18.08
N SER A 559 109.96 0.62 -19.05
CA SER A 559 110.55 0.87 -20.37
C SER A 559 110.61 -0.34 -21.29
N HIS A 560 110.06 -1.48 -20.90
CA HIS A 560 109.89 -2.61 -21.82
C HIS A 560 108.56 -3.28 -21.48
N VAL A 561 107.50 -2.82 -22.12
CA VAL A 561 106.18 -3.43 -21.93
C VAL A 561 105.92 -4.23 -23.19
N VAL A 562 106.03 -5.54 -23.11
CA VAL A 562 105.96 -6.35 -24.32
C VAL A 562 104.64 -7.12 -24.29
N PHE A 563 104.21 -7.54 -25.47
CA PHE A 563 102.97 -8.30 -25.61
C PHE A 563 103.29 -9.65 -26.22
N LYS A 564 102.49 -10.66 -25.90
CA LYS A 564 102.53 -11.87 -26.73
C LYS A 564 101.14 -12.21 -27.23
N PRO A 565 100.93 -12.21 -28.55
CA PRO A 565 99.61 -12.51 -29.11
C PRO A 565 99.46 -13.97 -29.50
N GLY A 566 98.21 -14.42 -29.64
CA GLY A 566 97.97 -15.79 -30.04
C GLY A 566 97.68 -16.00 -31.51
N THR A 567 96.72 -15.24 -32.04
CA THR A 567 96.23 -15.43 -33.39
C THR A 567 96.53 -14.20 -34.24
N ILE A 568 96.05 -14.22 -35.48
CA ILE A 568 96.36 -13.18 -36.45
C ILE A 568 95.67 -11.87 -36.08
N GLU A 569 94.43 -11.95 -35.61
CA GLU A 569 93.74 -10.73 -35.18
C GLU A 569 94.35 -10.19 -33.90
N GLN A 570 94.83 -11.09 -33.03
CA GLN A 570 95.61 -10.69 -31.87
C GLN A 570 96.88 -9.96 -32.28
N ILE A 571 97.49 -10.36 -33.40
CA ILE A 571 98.67 -9.65 -33.89
C ILE A 571 98.29 -8.27 -34.42
N ARG A 572 97.24 -8.20 -35.24
CA ARG A 572 96.87 -6.92 -35.86
C ARG A 572 96.39 -5.91 -34.83
N SER A 573 95.86 -6.37 -33.70
CA SER A 573 95.52 -5.46 -32.62
C SER A 573 96.78 -4.79 -32.05
N VAL A 574 97.88 -5.51 -31.96
CA VAL A 574 99.08 -4.88 -31.43
C VAL A 574 99.72 -4.00 -32.49
N ILE A 575 99.53 -4.32 -33.78
CA ILE A 575 99.90 -3.38 -34.83
C ILE A 575 99.13 -2.07 -34.69
N ARG A 576 97.84 -2.16 -34.34
CA ARG A 576 97.08 -0.94 -34.08
C ARG A 576 97.58 -0.19 -32.85
N ILE A 577 98.03 -0.92 -31.83
CA ILE A 577 98.63 -0.29 -30.65
C ILE A 577 99.90 0.46 -31.02
N ALA A 578 100.79 -0.18 -31.78
CA ALA A 578 102.05 0.46 -32.13
C ALA A 578 101.87 1.54 -33.18
N THR A 579 100.75 1.55 -33.89
CA THR A 579 100.45 2.70 -34.75
C THR A 579 99.93 3.86 -33.94
N GLU A 580 99.02 3.62 -33.01
CA GLU A 580 98.48 4.71 -32.21
C GLU A 580 99.45 5.20 -31.13
N VAL A 581 100.56 4.51 -30.92
CA VAL A 581 101.66 5.03 -30.12
C VAL A 581 102.90 5.08 -31.00
N PRO A 582 103.19 6.24 -31.60
CA PRO A 582 104.22 6.26 -32.65
C PRO A 582 105.65 6.17 -32.14
N THR A 583 105.99 6.86 -31.06
CA THR A 583 107.39 7.01 -30.70
C THR A 583 107.90 5.89 -29.81
N LYS A 584 107.05 5.28 -29.01
CA LYS A 584 107.53 4.28 -28.09
C LYS A 584 107.76 2.96 -28.82
N PRO A 585 108.78 2.19 -28.44
CA PRO A 585 109.01 0.89 -29.08
C PRO A 585 108.25 -0.24 -28.40
N VAL A 586 107.66 -1.11 -29.23
CA VAL A 586 106.79 -2.18 -28.78
C VAL A 586 107.38 -3.51 -29.22
N ILE A 587 107.34 -4.51 -28.34
CA ILE A 587 107.95 -5.80 -28.60
C ILE A 587 106.86 -6.87 -28.64
N MET A 588 106.92 -7.70 -29.67
CA MET A 588 106.03 -8.82 -29.92
C MET A 588 106.73 -10.12 -29.52
N HIS A 589 105.96 -11.05 -28.97
CA HIS A 589 106.41 -12.43 -28.86
C HIS A 589 105.36 -13.28 -29.58
N VAL A 590 105.59 -13.54 -30.86
CA VAL A 590 104.68 -14.38 -31.61
C VAL A 590 104.92 -15.82 -31.19
N GLU A 591 104.01 -16.41 -30.43
CA GLU A 591 104.16 -17.78 -29.98
C GLU A 591 103.19 -18.66 -30.75
N GLY A 592 103.69 -19.80 -31.22
CA GLY A 592 102.95 -20.67 -32.10
C GLY A 592 102.04 -21.62 -31.35
N GLY A 593 101.78 -22.76 -31.98
CA GLY A 593 100.93 -23.75 -31.37
C GLY A 593 101.65 -24.96 -30.85
N ARG A 594 102.92 -25.11 -31.17
CA ARG A 594 103.71 -26.24 -30.71
C ARG A 594 104.35 -25.99 -29.36
N ALA A 595 103.98 -24.91 -28.68
CA ALA A 595 104.53 -24.61 -27.37
C ALA A 595 103.92 -25.50 -26.32
N GLY A 596 104.63 -25.64 -25.21
CA GLY A 596 104.11 -26.35 -24.07
C GLY A 596 103.11 -25.52 -23.30
N GLY A 597 102.61 -26.10 -22.22
CA GLY A 597 101.60 -25.39 -21.45
C GLY A 597 100.30 -25.37 -22.20
N HIS A 598 99.63 -24.22 -22.18
CA HIS A 598 98.40 -24.09 -22.95
C HIS A 598 98.70 -24.06 -24.45
N HIS A 599 97.73 -24.50 -25.22
CA HIS A 599 97.93 -25.05 -26.54
C HIS A 599 97.08 -24.25 -27.53
N SER A 600 97.66 -23.25 -28.15
CA SER A 600 96.99 -22.60 -29.26
C SER A 600 96.95 -23.53 -30.47
N TRP A 601 95.94 -23.39 -31.30
CA TRP A 601 95.83 -24.26 -32.45
C TRP A 601 96.47 -23.69 -33.71
N GLU A 602 96.79 -22.39 -33.72
CA GLU A 602 97.37 -21.78 -34.90
C GLU A 602 98.81 -22.25 -35.08
N ASP A 603 99.31 -22.08 -36.30
CA ASP A 603 100.66 -22.49 -36.61
C ASP A 603 101.51 -21.26 -36.90
N LEU A 604 102.80 -21.37 -36.57
CA LEU A 604 103.67 -20.20 -36.46
C LEU A 604 103.94 -19.57 -37.81
N ASP A 605 104.23 -20.41 -38.81
CA ASP A 605 104.53 -19.91 -40.14
C ASP A 605 103.31 -19.28 -40.77
N ASP A 606 102.13 -19.84 -40.50
CA ASP A 606 100.89 -19.26 -41.01
C ASP A 606 100.64 -17.90 -40.39
N LEU A 607 100.86 -17.77 -39.07
CA LEU A 607 100.71 -16.49 -38.37
C LEU A 607 101.61 -15.42 -38.97
N LEU A 608 102.89 -15.70 -39.05
CA LEU A 608 103.72 -14.56 -39.43
C LEU A 608 103.86 -14.40 -40.94
N LEU A 609 103.49 -15.41 -41.74
CA LEU A 609 103.23 -15.13 -43.15
C LEU A 609 102.02 -14.26 -43.34
N ALA A 610 101.03 -14.35 -42.46
CA ALA A 610 99.92 -13.42 -42.57
C ALA A 610 100.34 -12.01 -42.18
N THR A 611 101.24 -11.87 -41.21
CA THR A 611 101.44 -10.56 -40.62
C THR A 611 102.84 -9.95 -40.75
N TYR A 612 103.75 -10.52 -41.55
CA TYR A 612 105.13 -10.05 -41.53
C TYR A 612 105.28 -8.68 -42.17
N SER A 613 104.53 -8.42 -43.24
CA SER A 613 104.64 -7.13 -43.91
C SER A 613 104.05 -6.02 -43.05
N GLU A 614 102.97 -6.31 -42.35
CA GLU A 614 102.41 -5.33 -41.43
C GLU A 614 103.33 -5.10 -40.23
N LEU A 615 104.08 -6.12 -39.83
CA LEU A 615 105.09 -5.90 -38.80
C LEU A 615 106.23 -5.02 -39.29
N ARG A 616 106.68 -5.22 -40.52
CA ARG A 616 107.80 -4.41 -41.00
C ARG A 616 107.36 -3.04 -41.53
N SER A 617 106.06 -2.81 -41.70
CA SER A 617 105.60 -1.49 -42.12
C SER A 617 105.75 -0.46 -41.02
N ARG A 618 105.64 -0.86 -39.76
CA ARG A 618 105.94 0.03 -38.66
C ARG A 618 107.44 0.04 -38.42
N ALA A 619 107.90 1.03 -37.66
CA ALA A 619 109.32 1.20 -37.46
C ALA A 619 109.75 1.01 -36.01
N ASN A 620 108.82 0.72 -35.11
CA ASN A 620 109.12 0.60 -33.70
C ASN A 620 108.76 -0.76 -33.12
N ILE A 621 108.53 -1.76 -33.97
CA ILE A 621 108.11 -3.08 -33.51
C ILE A 621 109.29 -4.02 -33.63
N THR A 622 109.64 -4.66 -32.51
CA THR A 622 110.61 -5.75 -32.48
C THR A 622 109.83 -7.05 -32.36
N VAL A 623 110.19 -8.07 -33.14
CA VAL A 623 109.34 -9.25 -33.30
C VAL A 623 110.12 -10.48 -32.90
N CYS A 624 110.00 -10.91 -31.65
CA CYS A 624 110.57 -12.19 -31.25
C CYS A 624 109.56 -13.30 -31.49
N VAL A 625 110.06 -14.51 -31.72
CA VAL A 625 109.19 -15.60 -32.12
C VAL A 625 109.50 -16.81 -31.25
N GLY A 626 108.51 -17.68 -31.09
CA GLY A 626 108.70 -18.83 -30.24
C GLY A 626 107.64 -19.89 -30.45
N GLY A 627 107.99 -21.11 -30.06
CA GLY A 627 107.11 -22.24 -30.23
C GLY A 627 107.73 -23.28 -31.13
N GLY A 628 108.17 -24.40 -30.55
CA GLY A 628 108.78 -25.45 -31.32
C GLY A 628 110.17 -25.13 -31.84
N ILE A 629 110.99 -24.50 -31.01
CA ILE A 629 112.37 -24.17 -31.37
C ILE A 629 113.29 -25.11 -30.61
N GLY A 630 113.92 -26.03 -31.34
CA GLY A 630 114.71 -27.08 -30.74
C GLY A 630 116.20 -26.87 -30.87
N THR A 631 116.78 -27.52 -31.87
CA THR A 631 118.22 -27.45 -32.12
C THR A 631 118.63 -26.02 -32.47
N PRO A 632 119.86 -25.63 -32.12
CA PRO A 632 120.34 -24.30 -32.51
C PRO A 632 120.46 -24.10 -34.01
N ARG A 633 120.55 -25.17 -34.79
CA ARG A 633 120.42 -25.06 -36.24
C ARG A 633 119.03 -24.56 -36.62
N ARG A 634 117.99 -25.06 -35.96
CA ARG A 634 116.64 -24.59 -36.22
C ARG A 634 116.46 -23.16 -35.74
N ALA A 635 117.11 -22.82 -34.63
CA ALA A 635 117.09 -21.43 -34.18
C ALA A 635 117.75 -20.50 -35.19
N ALA A 636 118.85 -20.95 -35.80
CA ALA A 636 119.52 -20.13 -36.79
C ALA A 636 118.72 -20.04 -38.09
N GLU A 637 118.02 -21.10 -38.47
CA GLU A 637 117.25 -21.01 -39.71
C GLU A 637 115.94 -20.25 -39.51
N TYR A 638 115.44 -20.11 -38.28
CA TYR A 638 114.38 -19.13 -38.07
C TYR A 638 114.92 -17.72 -37.95
N LEU A 639 116.14 -17.54 -37.45
CA LEU A 639 116.64 -16.19 -37.25
C LEU A 639 117.15 -15.57 -38.54
N SER A 640 117.73 -16.37 -39.44
CA SER A 640 118.32 -15.84 -40.66
C SER A 640 117.31 -15.56 -41.74
N GLY A 641 116.07 -16.01 -41.59
CA GLY A 641 115.10 -15.89 -42.65
C GLY A 641 115.19 -16.96 -43.70
N ARG A 642 116.07 -17.96 -43.54
CA ARG A 642 116.20 -19.03 -44.51
C ARG A 642 115.03 -20.01 -44.47
N TRP A 643 114.14 -19.87 -43.49
CA TRP A 643 113.00 -20.77 -43.35
C TRP A 643 111.92 -20.50 -44.38
N ALA A 644 111.93 -19.35 -45.05
CA ALA A 644 110.86 -18.99 -45.97
C ALA A 644 111.01 -19.63 -47.34
N GLN A 645 112.20 -20.08 -47.72
CA GLN A 645 112.38 -20.74 -49.01
C GLN A 645 111.66 -22.07 -49.11
N ALA A 646 111.27 -22.67 -47.99
CA ALA A 646 110.37 -23.83 -48.06
C ALA A 646 108.98 -23.45 -48.53
N TYR A 647 108.62 -22.17 -48.45
CA TYR A 647 107.34 -21.69 -48.98
C TYR A 647 107.51 -20.86 -50.23
N GLY A 648 108.73 -20.49 -50.60
CA GLY A 648 108.95 -19.78 -51.84
C GLY A 648 108.83 -18.28 -51.73
N PHE A 649 109.31 -17.71 -50.63
CA PHE A 649 109.31 -16.28 -50.37
C PHE A 649 110.75 -15.78 -50.31
N PRO A 650 110.95 -14.45 -50.23
CA PRO A 650 112.31 -13.95 -49.92
C PRO A 650 112.75 -14.27 -48.50
N LEU A 651 113.96 -13.86 -48.15
CA LEU A 651 114.39 -13.96 -46.76
C LEU A 651 113.57 -13.02 -45.90
N MET A 652 112.93 -13.57 -44.86
CA MET A 652 112.18 -12.77 -43.89
C MET A 652 112.86 -12.92 -42.55
N PRO A 653 113.89 -12.13 -42.26
CA PRO A 653 114.61 -12.30 -41.00
C PRO A 653 113.80 -11.75 -39.84
N ILE A 654 114.17 -12.22 -38.67
CA ILE A 654 113.65 -11.73 -37.40
C ILE A 654 114.84 -11.39 -36.52
N ASP A 655 114.57 -11.03 -35.28
CA ASP A 655 115.57 -10.40 -34.43
C ASP A 655 115.69 -10.98 -33.04
N GLY A 656 114.88 -11.97 -32.69
CA GLY A 656 115.05 -12.68 -31.43
C GLY A 656 114.18 -13.92 -31.42
N ILE A 657 114.60 -14.97 -30.72
CA ILE A 657 113.79 -16.18 -30.56
C ILE A 657 113.77 -16.53 -29.09
N LEU A 658 112.63 -16.94 -28.57
CA LEU A 658 112.50 -17.23 -27.15
C LEU A 658 112.40 -18.74 -26.93
N VAL A 659 113.06 -19.20 -25.88
CA VAL A 659 113.30 -20.62 -25.64
C VAL A 659 112.72 -20.94 -24.28
N GLY A 660 111.60 -21.64 -24.26
CA GLY A 660 111.08 -22.06 -22.97
C GLY A 660 111.41 -23.49 -22.61
N THR A 661 111.06 -24.43 -23.49
CA THR A 661 111.02 -25.83 -23.09
C THR A 661 112.40 -26.45 -23.09
N ALA A 662 113.31 -25.96 -23.92
CA ALA A 662 114.67 -26.52 -23.94
C ALA A 662 115.48 -26.14 -22.72
N ALA A 663 114.96 -25.30 -21.83
CA ALA A 663 115.62 -24.97 -20.59
C ALA A 663 115.02 -25.67 -19.39
N MET A 664 114.18 -26.68 -19.60
CA MET A 664 113.55 -27.35 -18.47
C MET A 664 114.46 -28.32 -17.76
N ALA A 665 115.49 -28.82 -18.44
CA ALA A 665 116.34 -29.87 -17.90
C ALA A 665 117.72 -29.32 -17.56
N THR A 666 117.78 -28.07 -17.14
CA THR A 666 119.05 -27.44 -16.87
C THR A 666 119.48 -27.71 -15.44
N LYS A 667 120.63 -27.14 -15.08
CA LYS A 667 121.18 -27.38 -13.74
C LYS A 667 120.42 -26.57 -12.70
N GLU A 668 120.22 -25.28 -12.95
CA GLU A 668 119.60 -24.41 -11.95
C GLU A 668 118.11 -24.64 -11.85
N SER A 669 117.50 -25.30 -12.83
CA SER A 669 116.08 -25.61 -12.76
C SER A 669 115.82 -26.63 -11.66
N THR A 670 114.68 -26.49 -11.02
CA THR A 670 114.36 -27.27 -9.83
C THR A 670 113.20 -28.22 -10.09
N THR A 671 113.21 -28.89 -11.23
CA THR A 671 112.38 -30.06 -11.37
C THR A 671 113.03 -31.24 -10.65
N SER A 672 112.28 -32.31 -10.49
CA SER A 672 112.84 -33.50 -9.86
C SER A 672 113.84 -34.15 -10.81
N PRO A 673 114.88 -34.79 -10.28
CA PRO A 673 115.83 -35.49 -11.16
C PRO A 673 115.22 -36.65 -11.91
N SER A 674 114.23 -37.32 -11.34
CA SER A 674 113.51 -38.34 -12.09
C SER A 674 112.68 -37.72 -13.22
N VAL A 675 112.13 -36.53 -12.98
CA VAL A 675 111.41 -35.82 -14.04
C VAL A 675 112.37 -35.39 -15.13
N LYS A 676 113.57 -34.96 -14.76
CA LYS A 676 114.60 -34.64 -15.76
C LYS A 676 114.99 -35.87 -16.57
N ARG A 677 115.04 -37.02 -15.91
CA ARG A 677 115.39 -38.25 -16.61
C ARG A 677 114.32 -38.67 -17.59
N MET A 678 113.05 -38.61 -17.17
CA MET A 678 111.94 -38.90 -18.08
C MET A 678 111.88 -37.89 -19.22
N LEU A 679 112.20 -36.64 -18.93
CA LEU A 679 112.13 -35.61 -19.95
C LEU A 679 113.26 -35.74 -20.96
N VAL A 680 114.42 -36.26 -20.54
CA VAL A 680 115.45 -36.64 -21.50
C VAL A 680 115.00 -37.83 -22.33
N ASP A 681 114.49 -38.87 -21.66
CA ASP A 681 114.22 -40.14 -22.31
C ASP A 681 113.04 -40.08 -23.27
N THR A 682 112.13 -39.14 -23.09
CA THR A 682 111.04 -39.03 -24.05
C THR A 682 111.52 -38.31 -25.31
N GLN A 683 110.80 -38.55 -26.40
CA GLN A 683 111.04 -37.86 -27.66
C GLN A 683 109.69 -37.63 -28.32
N GLY A 684 109.52 -36.43 -28.88
CA GLY A 684 108.22 -35.96 -29.34
C GLY A 684 108.16 -35.84 -30.84
N THR A 685 106.94 -35.90 -31.37
CA THR A 685 106.74 -35.88 -32.80
C THR A 685 106.84 -34.45 -33.33
N ASP A 686 106.84 -34.34 -34.66
CA ASP A 686 106.81 -33.06 -35.32
C ASP A 686 105.44 -32.70 -35.86
N GLN A 687 104.52 -33.65 -35.90
CA GLN A 687 103.20 -33.40 -36.44
C GLN A 687 102.25 -32.99 -35.34
N TRP A 688 101.01 -32.72 -35.72
CA TRP A 688 100.00 -32.33 -34.75
C TRP A 688 99.49 -33.54 -34.01
N ILE A 689 99.01 -33.30 -32.79
CA ILE A 689 98.40 -34.33 -31.95
C ILE A 689 96.95 -33.92 -31.72
N SER A 690 96.03 -34.73 -32.20
CA SER A 690 94.61 -34.44 -32.03
C SER A 690 94.22 -34.54 -30.57
N ALA A 691 93.13 -33.86 -30.21
CA ALA A 691 92.78 -33.68 -28.81
C ALA A 691 92.30 -34.99 -28.21
N GLY A 692 92.79 -35.29 -27.01
CA GLY A 692 92.45 -36.52 -26.35
C GLY A 692 93.21 -37.74 -26.84
N LYS A 693 94.28 -37.57 -27.59
CA LYS A 693 95.08 -38.69 -28.06
C LYS A 693 96.55 -38.44 -27.77
N ALA A 694 97.39 -39.40 -28.15
CA ALA A 694 98.81 -39.35 -27.83
C ALA A 694 99.58 -40.04 -28.92
N GLN A 695 100.60 -39.37 -29.45
CA GLN A 695 101.40 -39.89 -30.56
C GLN A 695 102.87 -39.72 -30.22
N GLY A 696 103.52 -40.80 -29.84
CA GLY A 696 104.96 -40.79 -29.67
C GLY A 696 105.45 -40.00 -28.47
N GLY A 697 105.20 -40.51 -27.28
CA GLY A 697 105.76 -39.91 -26.08
C GLY A 697 104.95 -38.79 -25.48
N MET A 698 104.47 -37.87 -26.31
CA MET A 698 103.70 -36.74 -25.85
C MET A 698 102.21 -37.03 -25.97
N ALA A 699 101.40 -36.02 -25.66
CA ALA A 699 99.95 -36.12 -25.62
C ALA A 699 99.40 -34.72 -25.51
N SER A 700 98.15 -34.57 -25.92
CA SER A 700 97.43 -33.31 -25.74
C SER A 700 96.07 -33.62 -25.13
N SER A 701 95.76 -32.97 -24.02
CA SER A 701 94.52 -33.25 -23.31
C SER A 701 93.91 -31.94 -22.87
N ARG A 702 92.87 -32.03 -22.06
CA ARG A 702 92.08 -30.89 -21.66
C ARG A 702 92.48 -30.44 -20.27
N SER A 703 92.03 -29.26 -19.88
CA SER A 703 92.44 -28.66 -18.64
C SER A 703 91.24 -28.50 -17.71
N GLN A 704 91.46 -27.77 -16.62
CA GLN A 704 90.43 -27.55 -15.61
C GLN A 704 89.24 -26.81 -16.18
N LEU A 705 89.48 -25.81 -17.02
CA LEU A 705 88.42 -25.00 -17.58
C LEU A 705 87.98 -25.48 -18.95
N GLY A 706 88.66 -26.47 -19.52
CA GLY A 706 88.36 -26.93 -20.85
C GLY A 706 89.37 -26.56 -21.90
N ALA A 707 90.39 -25.78 -21.53
CA ALA A 707 91.42 -25.40 -22.48
C ALA A 707 92.34 -26.59 -22.76
N ASP A 708 93.17 -26.45 -23.78
CA ASP A 708 94.02 -27.54 -24.25
C ASP A 708 95.42 -27.37 -23.71
N ILE A 709 96.04 -28.48 -23.31
CA ILE A 709 97.42 -28.49 -22.84
C ILE A 709 98.15 -29.71 -23.38
N HIS A 710 99.48 -29.63 -23.35
CA HIS A 710 100.34 -30.72 -23.74
C HIS A 710 100.91 -31.40 -22.51
N GLU A 711 101.02 -32.72 -22.57
CA GLU A 711 101.54 -33.50 -21.45
C GLU A 711 102.41 -34.62 -21.96
N ILE A 712 103.30 -35.10 -21.11
CA ILE A 712 104.01 -36.33 -21.38
C ILE A 712 103.07 -37.49 -21.11
N ASP A 713 103.05 -38.46 -22.02
CA ASP A 713 102.13 -39.58 -21.94
C ASP A 713 102.56 -40.48 -20.79
N ASN A 714 101.96 -40.28 -19.62
CA ASN A 714 102.21 -41.16 -18.50
C ASN A 714 100.95 -41.24 -17.65
N SER A 715 101.10 -41.73 -16.42
CA SER A 715 99.99 -42.03 -15.54
C SER A 715 99.18 -40.80 -15.15
N ALA A 716 99.76 -39.60 -15.30
CA ALA A 716 98.95 -38.40 -15.18
C ALA A 716 98.05 -38.23 -16.40
N SER A 717 98.59 -38.48 -17.60
CA SER A 717 97.86 -38.17 -18.81
C SER A 717 96.75 -39.18 -19.07
N ARG A 718 96.98 -40.45 -18.72
CA ARG A 718 95.94 -41.47 -18.85
C ARG A 718 94.73 -41.13 -17.99
N CYS A 719 94.97 -40.77 -16.74
CA CYS A 719 93.90 -40.34 -15.85
C CYS A 719 93.27 -39.04 -16.31
N GLY A 720 94.07 -38.16 -16.92
CA GLY A 720 93.54 -36.90 -17.41
C GLY A 720 92.54 -37.08 -18.54
N ARG A 721 92.90 -37.90 -19.53
CA ARG A 721 91.96 -38.11 -20.62
C ARG A 721 90.79 -39.02 -20.21
N LEU A 722 90.98 -39.86 -19.18
CA LEU A 722 89.85 -40.63 -18.66
C LEU A 722 88.83 -39.71 -18.00
N LEU A 723 89.30 -38.77 -17.19
CA LEU A 723 88.38 -37.79 -16.61
C LEU A 723 87.83 -36.83 -17.66
N ASP A 724 88.55 -36.63 -18.77
CA ASP A 724 87.99 -35.87 -19.88
C ASP A 724 86.83 -36.60 -20.52
N GLU A 725 86.91 -37.93 -20.61
CA GLU A 725 85.79 -38.68 -21.14
C GLU A 725 84.61 -38.68 -20.18
N VAL A 726 84.88 -38.78 -18.88
CA VAL A 726 83.80 -38.98 -17.92
C VAL A 726 83.13 -37.66 -17.55
N ALA A 727 83.91 -36.60 -17.37
CA ALA A 727 83.53 -35.43 -16.59
C ALA A 727 82.35 -34.67 -17.19
N GLY A 728 81.52 -34.13 -16.30
CA GLY A 728 80.30 -33.48 -16.69
C GLY A 728 79.11 -34.39 -16.88
N ASP A 729 79.27 -35.69 -16.61
CA ASP A 729 78.21 -36.67 -16.82
C ASP A 729 78.01 -37.45 -15.53
N ALA A 730 76.92 -37.10 -14.82
CA ALA A 730 76.66 -37.61 -13.47
C ALA A 730 76.47 -39.12 -13.45
N GLU A 731 75.72 -39.65 -14.42
CA GLU A 731 75.51 -41.10 -14.43
C GLU A 731 76.75 -41.83 -14.91
N ALA A 732 77.54 -41.23 -15.79
CA ALA A 732 78.76 -41.88 -16.25
C ALA A 732 79.83 -41.94 -15.17
N VAL A 733 79.78 -40.99 -14.21
CA VAL A 733 80.66 -41.07 -13.05
C VAL A 733 80.39 -42.34 -12.25
N ALA A 734 79.14 -42.56 -11.87
CA ALA A 734 78.77 -43.75 -11.11
C ALA A 734 78.86 -45.01 -11.96
N GLU A 735 78.86 -44.88 -13.28
CA GLU A 735 79.08 -46.04 -14.14
C GLU A 735 80.52 -46.54 -14.02
N ARG A 736 81.48 -45.68 -14.34
CA ARG A 736 82.88 -46.06 -14.32
C ARG A 736 83.60 -45.56 -13.09
N ARG A 737 82.94 -45.62 -11.92
CA ARG A 737 83.50 -45.11 -10.68
C ARG A 737 84.81 -45.81 -10.30
N ASP A 738 84.86 -47.14 -10.36
CA ASP A 738 86.02 -47.86 -9.83
C ASP A 738 87.24 -47.71 -10.72
N GLU A 739 87.04 -47.52 -12.03
CA GLU A 739 88.15 -47.27 -12.93
C GLU A 739 88.81 -45.93 -12.60
N ILE A 740 87.99 -44.93 -12.23
CA ILE A 740 88.50 -43.64 -11.83
C ILE A 740 89.31 -43.75 -10.55
N ILE A 741 88.85 -44.59 -9.62
CA ILE A 741 89.57 -44.78 -8.36
C ILE A 741 90.91 -45.46 -8.59
N ALA A 742 90.95 -46.42 -9.52
CA ALA A 742 92.20 -47.09 -9.84
C ALA A 742 93.19 -46.13 -10.50
N ALA A 743 92.70 -45.29 -11.42
CA ALA A 743 93.59 -44.35 -12.08
C ALA A 743 94.10 -43.27 -11.13
N MET A 744 93.25 -42.83 -10.20
CA MET A 744 93.70 -41.83 -9.25
C MET A 744 94.65 -42.42 -8.21
N ALA A 745 94.47 -43.69 -7.83
CA ALA A 745 95.46 -44.32 -6.97
C ALA A 745 96.76 -44.53 -7.70
N LYS A 746 96.71 -44.66 -9.03
CA LYS A 746 97.94 -44.68 -9.80
C LYS A 746 98.65 -43.33 -9.78
N THR A 747 97.90 -42.24 -9.97
CA THR A 747 98.54 -40.93 -10.08
C THR A 747 98.89 -40.38 -8.70
N ALA A 748 99.54 -39.22 -8.69
CA ALA A 748 100.04 -38.62 -7.45
C ALA A 748 99.12 -37.55 -6.89
N LYS A 749 97.82 -37.71 -7.07
CA LYS A 749 96.83 -36.92 -6.34
C LYS A 749 95.62 -37.81 -6.12
N PRO A 750 95.71 -38.75 -5.20
CA PRO A 750 94.76 -39.86 -5.15
C PRO A 750 93.47 -39.48 -4.42
N TYR A 751 92.57 -40.44 -4.38
CA TYR A 751 91.33 -40.37 -3.65
C TYR A 751 91.53 -40.96 -2.26
N PHE A 752 90.57 -40.74 -1.37
CA PHE A 752 90.48 -41.37 -0.07
C PHE A 752 90.01 -42.82 -0.17
N GLY A 753 89.54 -43.36 0.93
CA GLY A 753 88.57 -44.44 0.90
C GLY A 753 87.18 -43.85 0.83
N ASP A 754 86.19 -44.66 1.15
CA ASP A 754 84.87 -44.09 1.39
C ASP A 754 84.90 -43.41 2.75
N VAL A 755 84.71 -42.09 2.75
CA VAL A 755 84.96 -41.33 3.96
C VAL A 755 83.85 -41.52 4.99
N ALA A 756 82.66 -41.93 4.57
CA ALA A 756 81.60 -42.21 5.52
C ALA A 756 81.79 -43.52 6.26
N ASP A 757 82.78 -44.33 5.89
CA ASP A 757 83.08 -45.57 6.56
C ASP A 757 84.33 -45.49 7.40
N MET A 758 84.99 -44.34 7.44
CA MET A 758 86.26 -44.25 8.12
C MET A 758 86.08 -44.07 9.62
N THR A 759 87.07 -44.54 10.35
CA THR A 759 87.21 -44.28 11.76
C THR A 759 87.97 -42.97 11.93
N TYR A 760 87.76 -42.30 13.06
CA TYR A 760 88.40 -41.01 13.31
C TYR A 760 89.91 -41.09 13.28
N LEU A 761 90.46 -42.11 13.93
CA LEU A 761 91.89 -42.38 13.88
C LEU A 761 92.35 -42.66 12.44
N GLN A 762 91.56 -43.43 11.71
CA GLN A 762 91.87 -43.75 10.32
C GLN A 762 91.76 -42.51 9.45
N TRP A 763 90.83 -41.62 9.78
CA TRP A 763 90.61 -40.38 9.06
C TRP A 763 91.81 -39.45 9.20
N LEU A 764 92.25 -39.23 10.44
CA LEU A 764 93.36 -38.34 10.68
C LEU A 764 94.67 -38.91 10.15
N ARG A 765 94.86 -40.23 10.26
CA ARG A 765 96.08 -40.83 9.75
C ARG A 765 96.13 -40.80 8.23
N ARG A 766 94.98 -40.92 7.57
CA ARG A 766 94.96 -40.81 6.12
C ARG A 766 95.25 -39.38 5.66
N TYR A 767 94.72 -38.39 6.39
CA TYR A 767 95.02 -37.00 6.05
C TYR A 767 96.50 -36.69 6.21
N VAL A 768 97.11 -37.15 7.31
CA VAL A 768 98.53 -36.88 7.52
C VAL A 768 99.38 -37.64 6.51
N GLU A 769 98.95 -38.85 6.12
CA GLU A 769 99.66 -39.60 5.09
C GLU A 769 99.61 -38.88 3.75
N LEU A 770 98.49 -38.24 3.43
CA LEU A 770 98.42 -37.52 2.16
C LEU A 770 99.20 -36.22 2.21
N ALA A 771 99.05 -35.43 3.27
CA ALA A 771 99.70 -34.13 3.30
C ALA A 771 101.19 -34.25 3.60
N ILE A 772 101.54 -34.75 4.78
CA ILE A 772 102.94 -34.82 5.17
C ILE A 772 103.62 -36.01 4.50
N GLY A 773 103.11 -37.20 4.76
CA GLY A 773 103.71 -38.38 4.18
C GLY A 773 104.97 -38.79 4.90
N GLU A 774 106.12 -38.52 4.28
CA GLU A 774 107.40 -38.89 4.86
C GLU A 774 108.18 -37.70 5.40
N GLY A 775 107.69 -36.48 5.22
CA GLY A 775 108.50 -35.31 5.48
C GLY A 775 109.61 -35.27 4.45
N ASN A 776 109.24 -35.43 3.19
CA ASN A 776 110.19 -35.70 2.12
C ASN A 776 110.16 -34.62 1.05
N SER A 777 109.28 -33.64 1.17
CA SER A 777 109.09 -32.67 0.09
C SER A 777 110.25 -31.69 0.01
N THR A 778 110.55 -31.28 -1.23
CA THR A 778 111.58 -30.28 -1.50
C THR A 778 111.04 -29.13 -2.34
N ALA A 779 109.84 -28.64 -2.02
CA ALA A 779 109.22 -27.56 -2.78
C ALA A 779 108.49 -26.61 -1.84
N ASP A 780 108.80 -25.31 -1.96
CA ASP A 780 108.10 -24.12 -1.46
C ASP A 780 107.37 -24.26 -0.12
N THR A 781 108.09 -24.75 0.89
CA THR A 781 107.54 -24.86 2.23
C THR A 781 107.28 -23.48 2.82
N ALA A 782 106.42 -23.44 3.85
CA ALA A 782 106.12 -22.18 4.50
C ALA A 782 107.30 -21.67 5.29
N SER A 783 108.06 -22.58 5.91
CA SER A 783 109.29 -22.25 6.61
C SER A 783 110.15 -23.49 6.67
N VAL A 784 111.24 -23.40 7.42
CA VAL A 784 112.07 -24.55 7.75
C VAL A 784 111.67 -25.01 9.15
N GLY A 785 111.38 -26.30 9.29
CA GLY A 785 110.93 -26.85 10.55
C GLY A 785 109.43 -27.01 10.66
N SER A 786 108.67 -26.37 9.78
CA SER A 786 107.22 -26.57 9.72
C SER A 786 106.92 -27.45 8.53
N PRO A 787 106.49 -28.71 8.72
CA PRO A 787 106.28 -29.61 7.59
C PRO A 787 105.05 -29.28 6.77
N TRP A 788 104.16 -28.44 7.27
CA TRP A 788 102.97 -28.07 6.52
C TRP A 788 103.36 -27.12 5.39
N LEU A 789 102.85 -27.38 4.20
CA LEU A 789 103.10 -26.48 3.09
C LEU A 789 102.21 -25.25 3.12
N ALA A 790 101.22 -25.20 4.00
CA ALA A 790 100.32 -24.05 4.01
C ALA A 790 99.64 -23.92 5.37
N ASP A 791 99.44 -22.66 5.77
CA ASP A 791 98.71 -22.35 6.99
C ASP A 791 97.26 -22.84 6.91
N THR A 792 96.69 -22.84 5.70
CA THR A 792 95.37 -23.44 5.54
C THR A 792 95.41 -24.95 5.76
N TRP A 793 96.54 -25.61 5.49
CA TRP A 793 96.62 -27.03 5.79
C TRP A 793 96.78 -27.28 7.28
N ARG A 794 97.53 -26.43 7.98
CA ARG A 794 97.67 -26.71 9.41
C ARG A 794 96.40 -26.37 10.19
N ASP A 795 95.65 -25.34 9.80
CA ASP A 795 94.43 -25.12 10.58
C ASP A 795 93.28 -26.00 10.09
N ARG A 796 93.37 -26.51 8.86
CA ARG A 796 92.59 -27.66 8.42
C ARG A 796 92.73 -28.82 9.41
N PHE A 797 93.99 -29.16 9.71
CA PHE A 797 94.27 -30.27 10.61
C PHE A 797 93.83 -29.98 12.03
N GLU A 798 93.94 -28.73 12.48
CA GLU A 798 93.51 -28.46 13.85
C GLU A 798 91.99 -28.45 13.96
N GLN A 799 91.27 -28.06 12.90
CA GLN A 799 89.82 -28.11 12.99
C GLN A 799 89.31 -29.55 12.93
N MET A 800 89.99 -30.42 12.20
CA MET A 800 89.62 -31.84 12.27
C MET A 800 89.89 -32.42 13.64
N LEU A 801 91.01 -32.04 14.27
CA LEU A 801 91.29 -32.52 15.63
C LEU A 801 90.26 -32.03 16.62
N GLN A 802 89.85 -30.77 16.50
CA GLN A 802 88.89 -30.24 17.45
C GLN A 802 87.50 -30.82 17.25
N ARG A 803 87.11 -31.13 16.01
CA ARG A 803 85.83 -31.81 15.87
C ARG A 803 85.90 -33.25 16.34
N ALA A 804 87.07 -33.89 16.23
CA ALA A 804 87.22 -35.23 16.81
C ALA A 804 87.07 -35.19 18.33
N GLU A 805 87.66 -34.17 18.97
CA GLU A 805 87.48 -33.94 20.40
C GLU A 805 86.01 -33.76 20.76
N ALA A 806 85.39 -32.74 20.18
CA ALA A 806 84.02 -32.34 20.52
C ALA A 806 82.99 -33.40 20.14
N ARG A 807 83.33 -34.28 19.22
CA ARG A 807 82.40 -35.33 18.82
C ARG A 807 82.55 -36.56 19.68
N LEU A 808 83.78 -36.98 19.98
CA LEU A 808 83.97 -38.18 20.80
C LEU A 808 83.79 -37.95 22.28
N HIS A 809 83.71 -36.70 22.74
CA HIS A 809 83.56 -36.62 24.19
C HIS A 809 82.11 -36.90 24.59
N PRO A 810 81.89 -37.65 25.68
CA PRO A 810 80.51 -37.95 26.14
C PRO A 810 79.83 -36.77 26.83
N GLN A 811 79.50 -35.76 26.04
CA GLN A 811 78.73 -34.60 26.49
C GLN A 811 78.19 -33.93 25.24
N ASP A 812 77.04 -33.28 25.38
CA ASP A 812 76.41 -32.63 24.24
C ASP A 812 76.13 -31.15 24.45
N PHE A 813 76.45 -30.59 25.61
CA PHE A 813 76.04 -29.23 25.92
C PHE A 813 77.21 -28.26 26.05
N GLY A 814 78.14 -28.53 26.96
CA GLY A 814 78.93 -27.48 27.55
C GLY A 814 80.27 -27.25 26.89
N PRO A 815 80.82 -26.06 27.09
CA PRO A 815 82.22 -25.83 26.71
C PRO A 815 83.13 -26.71 27.55
N ILE A 816 84.01 -27.43 26.88
CA ILE A 816 84.93 -28.36 27.51
C ILE A 816 86.36 -27.92 27.22
N GLN A 817 87.23 -28.05 28.23
CA GLN A 817 88.66 -27.87 28.07
C GLN A 817 89.22 -28.85 27.03
N THR A 818 89.77 -28.30 25.95
CA THR A 818 90.35 -29.12 24.90
C THR A 818 91.87 -29.19 25.04
N LEU A 819 92.48 -30.00 24.20
CA LEU A 819 93.93 -30.03 24.05
C LEU A 819 94.32 -29.08 22.93
N PHE A 820 95.57 -29.20 22.47
CA PHE A 820 96.08 -28.58 21.23
C PHE A 820 96.03 -27.05 21.30
N THR A 821 96.79 -26.50 22.25
CA THR A 821 96.84 -25.06 22.42
C THR A 821 97.94 -24.42 21.55
N ASP A 822 97.92 -24.78 20.26
CA ASP A 822 98.67 -24.14 19.17
C ASP A 822 100.18 -24.16 19.44
N ALA A 823 100.72 -25.38 19.47
CA ALA A 823 102.12 -25.54 19.84
C ALA A 823 102.87 -26.45 18.88
N GLY A 824 104.09 -26.81 19.28
CA GLY A 824 104.84 -27.84 18.59
C GLY A 824 104.18 -29.20 18.67
N LEU A 825 103.31 -29.41 19.65
CA LEU A 825 102.47 -30.60 19.67
C LEU A 825 101.50 -30.62 18.49
N LEU A 826 101.09 -29.46 18.00
CA LEU A 826 100.34 -29.40 16.76
C LEU A 826 101.24 -29.37 15.54
N ASP A 827 102.46 -28.87 15.69
CA ASP A 827 103.38 -28.86 14.55
C ASP A 827 103.90 -30.25 14.23
N ASN A 828 103.96 -31.14 15.23
CA ASN A 828 104.28 -32.53 15.01
C ASN A 828 102.98 -33.31 14.89
N PRO A 829 102.62 -33.81 13.72
CA PRO A 829 101.32 -34.46 13.58
C PRO A 829 101.23 -35.84 14.21
N GLN A 830 102.37 -36.54 14.30
CA GLN A 830 102.35 -37.89 14.85
C GLN A 830 102.09 -37.86 16.36
N GLN A 831 102.74 -36.95 17.07
CA GLN A 831 102.46 -36.80 18.49
C GLN A 831 101.12 -36.16 18.76
N ALA A 832 100.58 -35.43 17.77
CA ALA A 832 99.24 -34.87 17.92
C ALA A 832 98.19 -35.96 17.91
N ILE A 833 98.34 -36.95 17.02
CA ILE A 833 97.38 -38.03 16.93
C ILE A 833 97.49 -38.95 18.14
N ALA A 834 98.72 -39.27 18.55
CA ALA A 834 98.92 -40.16 19.70
C ALA A 834 98.47 -39.52 21.01
N ALA A 835 98.42 -38.19 21.07
CA ALA A 835 97.85 -37.55 22.26
C ALA A 835 96.33 -37.61 22.25
N LEU A 836 95.72 -37.77 21.06
CA LEU A 836 94.28 -37.95 21.01
C LEU A 836 93.89 -39.34 21.44
N LEU A 837 94.58 -40.35 20.92
CA LEU A 837 94.24 -41.74 21.21
C LEU A 837 94.54 -42.11 22.66
N ALA A 838 95.46 -41.39 23.31
CA ALA A 838 95.74 -41.65 24.72
C ALA A 838 94.56 -41.26 25.60
N ARG A 839 93.84 -40.21 25.24
CA ARG A 839 92.68 -39.82 26.03
C ARG A 839 91.44 -40.59 25.60
N TYR A 840 91.18 -40.68 24.30
CA TYR A 840 89.99 -41.32 23.79
C TYR A 840 90.36 -42.64 23.15
N PRO A 841 90.17 -43.77 23.82
CA PRO A 841 90.54 -45.05 23.21
C PRO A 841 89.57 -45.52 22.15
N ASP A 842 88.34 -45.02 22.15
CA ASP A 842 87.32 -45.41 21.19
C ASP A 842 87.44 -44.67 19.86
N ALA A 843 88.46 -43.83 19.70
CA ALA A 843 88.75 -43.25 18.40
C ALA A 843 89.26 -44.29 17.41
N GLU A 844 89.70 -45.44 17.88
CA GLU A 844 90.14 -46.52 17.00
C GLU A 844 88.98 -47.33 16.46
N THR A 845 87.82 -47.28 17.12
CA THR A 845 86.69 -48.15 16.77
C THR A 845 85.48 -47.39 16.25
N VAL A 846 85.16 -46.23 16.79
CA VAL A 846 83.91 -45.55 16.48
C VAL A 846 84.01 -44.88 15.13
N GLN A 847 83.11 -45.24 14.22
CA GLN A 847 83.16 -44.69 12.87
C GLN A 847 82.62 -43.27 12.83
N LEU A 848 82.74 -42.66 11.66
CA LEU A 848 82.50 -41.24 11.50
C LEU A 848 81.01 -40.93 11.49
N HIS A 849 80.65 -39.80 12.10
CA HIS A 849 79.26 -39.37 12.14
C HIS A 849 78.81 -38.97 10.73
N PRO A 850 77.55 -39.25 10.37
CA PRO A 850 77.11 -38.96 9.00
C PRO A 850 77.01 -37.48 8.66
N ALA A 851 77.09 -36.59 9.63
CA ALA A 851 77.08 -35.16 9.35
C ALA A 851 78.47 -34.55 9.33
N ASP A 852 79.51 -35.36 9.46
CA ASP A 852 80.87 -34.83 9.36
C ASP A 852 81.44 -35.00 7.96
N VAL A 853 80.81 -35.79 7.11
CA VAL A 853 81.22 -35.90 5.70
C VAL A 853 80.96 -34.61 4.94
N PRO A 854 79.78 -33.95 5.01
CA PRO A 854 79.69 -32.65 4.34
C PRO A 854 80.52 -31.57 4.99
N PHE A 855 80.76 -31.71 6.31
CA PHE A 855 81.75 -30.88 6.99
C PHE A 855 83.11 -31.02 6.34
N PHE A 856 83.53 -32.25 6.05
CA PHE A 856 84.86 -32.45 5.50
C PHE A 856 84.95 -31.97 4.07
N VAL A 857 83.88 -32.13 3.29
CA VAL A 857 83.89 -31.65 1.92
C VAL A 857 83.94 -30.13 1.86
N THR A 858 83.03 -29.46 2.57
CA THR A 858 83.08 -28.00 2.58
C THR A 858 84.23 -27.45 3.40
N LEU A 859 84.93 -28.30 4.15
CA LEU A 859 86.17 -27.88 4.76
C LEU A 859 87.30 -27.88 3.75
N CYS A 860 87.35 -28.91 2.89
CA CYS A 860 88.37 -28.95 1.86
C CYS A 860 88.10 -27.98 0.72
N LYS A 861 86.88 -27.49 0.60
CA LYS A 861 86.51 -26.66 -0.54
C LYS A 861 87.09 -25.25 -0.49
N THR A 862 87.43 -24.73 0.68
CA THR A 862 87.57 -23.28 0.86
C THR A 862 88.99 -22.74 0.66
N LEU A 863 89.14 -21.91 -0.37
CA LEU A 863 89.86 -20.63 -0.38
C LEU A 863 91.23 -20.69 0.32
N GLY A 864 92.15 -21.37 -0.35
CA GLY A 864 93.53 -21.34 0.10
C GLY A 864 94.44 -21.92 -0.95
N LYS A 865 95.44 -22.65 -0.53
CA LYS A 865 96.12 -23.51 -1.47
C LYS A 865 95.28 -24.77 -1.67
N PRO A 866 95.05 -25.19 -2.91
CA PRO A 866 94.22 -26.37 -3.14
C PRO A 866 94.87 -27.63 -2.59
N VAL A 867 94.03 -28.57 -2.22
CA VAL A 867 94.43 -29.62 -1.33
C VAL A 867 95.15 -30.70 -2.14
N ASN A 868 95.85 -31.60 -1.47
CA ASN A 868 96.68 -32.59 -2.12
C ASN A 868 95.93 -33.89 -2.43
N PHE A 869 94.60 -33.87 -2.46
CA PHE A 869 93.85 -35.09 -2.78
C PHE A 869 92.58 -34.72 -3.53
N VAL A 870 91.70 -35.71 -3.70
CA VAL A 870 90.37 -35.53 -4.27
C VAL A 870 89.38 -36.02 -3.22
N PRO A 871 88.53 -35.18 -2.68
CA PRO A 871 87.66 -35.60 -1.58
C PRO A 871 86.52 -36.50 -2.00
N VAL A 872 85.82 -36.19 -3.10
CA VAL A 872 84.67 -36.97 -3.53
C VAL A 872 84.77 -37.27 -5.02
N ILE A 873 84.00 -38.26 -5.44
CA ILE A 873 83.88 -38.62 -6.85
C ILE A 873 82.51 -38.15 -7.30
N ASP A 874 82.47 -37.18 -8.20
CA ASP A 874 81.25 -36.43 -8.43
C ASP A 874 81.31 -35.88 -9.87
N GLN A 875 80.43 -34.94 -10.20
CA GLN A 875 80.45 -34.35 -11.53
C GLN A 875 81.64 -33.42 -11.71
N ASP A 876 82.12 -32.82 -10.63
CA ASP A 876 83.22 -31.86 -10.68
C ASP A 876 84.57 -32.52 -10.50
N VAL A 877 84.68 -33.81 -10.87
CA VAL A 877 85.86 -34.58 -10.52
C VAL A 877 87.07 -34.13 -11.33
N ARG A 878 86.86 -33.61 -12.54
CA ARG A 878 87.99 -33.06 -13.28
C ARG A 878 88.47 -31.76 -12.67
N ARG A 879 87.55 -30.97 -12.12
CA ARG A 879 87.94 -29.74 -11.43
C ARG A 879 88.74 -30.05 -10.17
N TRP A 880 88.28 -31.04 -9.38
CA TRP A 880 89.01 -31.42 -8.18
C TRP A 880 90.38 -32.00 -8.51
N TRP A 881 90.48 -32.77 -9.59
CA TRP A 881 91.76 -33.40 -9.84
C TRP A 881 92.73 -32.47 -10.54
N ARG A 882 92.26 -31.59 -11.42
CA ARG A 882 93.14 -30.70 -12.14
C ARG A 882 93.36 -29.38 -11.43
N SER A 883 92.75 -29.17 -10.26
CA SER A 883 92.96 -27.94 -9.51
C SER A 883 94.39 -27.88 -8.99
N ASP A 884 95.19 -27.01 -9.62
CA ASP A 884 96.56 -26.66 -9.21
C ASP A 884 97.46 -27.89 -9.17
N SER A 885 97.68 -28.44 -10.37
CA SER A 885 98.32 -29.74 -10.52
C SER A 885 99.70 -29.65 -11.14
N LEU A 886 100.41 -28.54 -10.93
CA LEU A 886 101.66 -28.33 -11.63
C LEU A 886 102.89 -28.24 -10.73
N TRP A 887 102.73 -27.91 -9.46
CA TRP A 887 103.88 -27.78 -8.58
C TRP A 887 104.48 -29.12 -8.20
N GLN A 888 103.72 -30.22 -8.29
CA GLN A 888 104.18 -31.53 -7.88
C GLN A 888 105.35 -32.06 -8.69
N ALA A 889 105.68 -31.43 -9.81
CA ALA A 889 106.86 -31.83 -10.57
C ALA A 889 108.13 -31.24 -10.02
N HIS A 890 108.09 -30.52 -8.91
CA HIS A 890 109.28 -29.87 -8.40
C HIS A 890 109.74 -30.39 -7.05
N ASP A 891 109.13 -31.43 -6.51
CA ASP A 891 109.61 -32.02 -5.27
C ASP A 891 109.94 -33.50 -5.49
N ALA A 892 110.92 -33.98 -4.74
CA ALA A 892 111.46 -35.32 -4.96
C ALA A 892 110.61 -36.41 -4.34
N ARG A 893 109.52 -36.07 -3.64
CA ARG A 893 108.75 -37.12 -3.01
C ARG A 893 107.79 -37.81 -3.96
N TYR A 894 107.74 -37.42 -5.23
CA TYR A 894 106.86 -38.06 -6.19
C TYR A 894 107.68 -38.65 -7.32
N ASP A 895 107.21 -39.79 -7.83
CA ASP A 895 107.85 -40.40 -8.99
C ASP A 895 107.50 -39.59 -10.24
N ALA A 896 108.35 -39.71 -11.26
CA ALA A 896 108.13 -38.99 -12.50
C ALA A 896 106.95 -39.54 -13.29
N ASP A 897 106.50 -40.76 -12.99
CA ASP A 897 105.38 -41.32 -13.72
C ASP A 897 104.07 -40.64 -13.33
N ALA A 898 103.85 -40.42 -12.05
CA ALA A 898 102.51 -40.08 -11.55
C ALA A 898 102.24 -38.59 -11.51
N VAL A 899 103.04 -37.77 -12.18
CA VAL A 899 103.00 -36.32 -12.01
C VAL A 899 102.82 -35.65 -13.37
N CYS A 900 102.02 -34.57 -13.39
CA CYS A 900 101.77 -33.82 -14.62
C CYS A 900 103.01 -33.04 -15.01
N ILE A 901 103.52 -33.29 -16.22
CA ILE A 901 104.62 -32.55 -16.80
C ILE A 901 104.12 -31.95 -18.11
N ILE A 902 104.39 -30.67 -18.35
CA ILE A 902 103.81 -30.00 -19.50
C ILE A 902 104.83 -29.41 -20.48
N PRO A 903 105.56 -30.21 -21.26
CA PRO A 903 106.52 -29.62 -22.19
C PRO A 903 105.93 -29.36 -23.57
N GLY A 904 106.75 -28.90 -24.50
CA GLY A 904 106.35 -28.76 -25.89
C GLY A 904 106.45 -30.07 -26.64
N THR A 905 106.35 -30.00 -27.96
CA THR A 905 106.31 -31.22 -28.76
C THR A 905 107.53 -31.44 -29.64
N ALA A 906 108.21 -30.39 -30.08
CA ALA A 906 109.43 -30.57 -30.86
C ALA A 906 110.68 -30.35 -30.03
N SER A 907 110.61 -29.47 -29.05
CA SER A 907 111.74 -29.22 -28.18
C SER A 907 112.06 -30.39 -27.25
N VAL A 908 111.11 -31.29 -27.00
CA VAL A 908 111.42 -32.49 -26.25
C VAL A 908 112.37 -33.39 -27.03
N ALA A 909 112.16 -33.51 -28.34
CA ALA A 909 113.14 -34.16 -29.18
C ALA A 909 114.40 -33.32 -29.31
N GLY A 910 114.28 -32.01 -29.13
CA GLY A 910 115.45 -31.16 -29.17
C GLY A 910 116.42 -31.40 -28.03
N ILE A 911 115.91 -31.58 -26.81
CA ILE A 911 116.81 -31.70 -25.66
C ILE A 911 117.47 -33.07 -25.65
N THR A 912 118.65 -33.13 -25.07
CA THR A 912 119.44 -34.36 -25.20
C THR A 912 119.98 -34.89 -23.89
N ARG A 913 120.43 -34.03 -22.98
CA ARG A 913 121.14 -34.53 -21.81
C ARG A 913 120.71 -33.76 -20.58
N MET A 914 121.43 -33.98 -19.48
CA MET A 914 121.05 -33.61 -18.14
C MET A 914 121.81 -32.38 -17.65
N ASP A 915 121.21 -31.72 -16.65
CA ASP A 915 121.79 -30.78 -15.66
C ASP A 915 122.90 -29.86 -16.22
N GLU A 916 122.63 -29.32 -17.29
CA GLU A 916 123.47 -28.47 -18.11
C GLU A 916 123.28 -27.01 -17.69
N PRO A 917 124.29 -26.14 -17.74
CA PRO A 917 124.09 -24.75 -17.30
C PRO A 917 123.45 -23.85 -18.36
N VAL A 918 122.61 -22.93 -17.85
CA VAL A 918 121.76 -22.11 -18.71
C VAL A 918 122.56 -21.13 -19.54
N GLY A 919 123.67 -20.61 -19.00
CA GLY A 919 124.51 -19.70 -19.77
C GLY A 919 125.15 -20.40 -20.96
N GLU A 920 125.60 -21.64 -20.76
CA GLU A 920 126.18 -22.38 -21.85
C GLU A 920 125.14 -22.78 -22.88
N LEU A 921 123.91 -23.06 -22.44
CA LEU A 921 122.83 -23.41 -23.36
C LEU A 921 122.47 -22.23 -24.25
N LEU A 922 122.27 -21.06 -23.66
CA LEU A 922 121.86 -19.91 -24.45
C LEU A 922 123.01 -19.39 -25.30
N ASP A 923 124.24 -19.50 -24.82
CA ASP A 923 125.39 -19.13 -25.65
C ASP A 923 125.57 -20.09 -26.81
N ARG A 924 125.20 -21.36 -26.65
CA ARG A 924 125.27 -22.29 -27.76
C ARG A 924 124.22 -21.95 -28.82
N PHE A 925 123.00 -21.60 -28.37
CA PHE A 925 121.96 -21.16 -29.31
C PHE A 925 122.35 -19.89 -30.04
N GLU A 926 123.11 -19.00 -29.41
CA GLU A 926 123.58 -17.83 -30.14
C GLU A 926 124.74 -18.17 -31.06
N GLN A 927 125.62 -19.07 -30.61
CA GLN A 927 126.86 -19.35 -31.31
C GLN A 927 126.62 -20.06 -32.62
N ALA A 928 125.54 -20.84 -32.72
CA ALA A 928 125.22 -21.45 -34.01
C ALA A 928 124.85 -20.41 -35.07
N ALA A 929 124.06 -19.41 -34.69
CA ALA A 929 123.71 -18.37 -35.66
C ALA A 929 124.90 -17.48 -35.97
N ILE A 930 125.77 -17.25 -34.98
CA ILE A 930 127.01 -16.52 -35.22
C ILE A 930 127.88 -17.25 -36.23
N ASP A 931 127.95 -18.57 -36.11
CA ASP A 931 128.69 -19.38 -37.08
C ASP A 931 128.06 -19.28 -38.46
N GLU A 932 126.73 -19.36 -38.54
CA GLU A 932 126.05 -19.35 -39.83
C GLU A 932 126.19 -18.02 -40.55
N VAL A 933 126.28 -16.92 -39.82
CA VAL A 933 126.48 -15.63 -40.48
C VAL A 933 127.96 -15.32 -40.68
N LEU A 934 128.85 -15.87 -39.86
CA LEU A 934 130.28 -15.68 -40.04
C LEU A 934 130.80 -16.51 -41.20
N GLY A 935 130.06 -17.54 -41.61
CA GLY A 935 130.42 -18.30 -42.80
C GLY A 935 130.38 -17.48 -44.08
N ALA A 936 129.67 -16.36 -44.09
CA ALA A 936 129.66 -15.47 -45.25
C ALA A 936 130.92 -14.62 -45.34
N GLY A 937 131.74 -14.58 -44.29
CA GLY A 937 132.98 -13.86 -44.34
C GLY A 937 132.84 -12.37 -44.07
N VAL A 938 132.10 -12.02 -43.02
CA VAL A 938 131.89 -10.63 -42.65
C VAL A 938 132.82 -10.28 -41.50
N GLU A 939 133.62 -9.24 -41.69
CA GLU A 939 134.51 -8.77 -40.64
C GLU A 939 133.70 -8.04 -39.58
N PRO A 940 133.72 -8.47 -38.32
CA PRO A 940 132.94 -7.77 -37.30
C PRO A 940 133.58 -6.45 -36.91
N LYS A 941 132.75 -5.44 -36.74
CA LYS A 941 133.21 -4.11 -36.36
C LYS A 941 133.14 -3.94 -34.85
N ASP A 942 134.14 -3.26 -34.30
CA ASP A 942 134.25 -3.12 -32.86
C ASP A 942 133.19 -2.13 -32.35
N VAL A 943 132.38 -2.57 -31.39
CA VAL A 943 131.36 -1.75 -30.77
C VAL A 943 131.64 -1.73 -29.28
N ALA A 944 131.53 -0.55 -28.67
CA ALA A 944 131.92 -0.39 -27.27
C ALA A 944 130.93 -1.04 -26.31
N SER A 945 129.73 -1.37 -26.77
CA SER A 945 128.73 -2.01 -25.93
C SER A 945 127.90 -2.93 -26.82
N ARG A 946 126.73 -3.29 -26.32
CA ARG A 946 125.80 -4.01 -27.17
C ARG A 946 124.60 -3.16 -27.57
N ARG A 947 124.25 -2.15 -26.76
CA ARG A 947 123.05 -1.33 -27.01
C ARG A 947 123.10 -0.54 -28.32
N LEU A 948 123.97 0.45 -28.42
CA LEU A 948 124.17 1.28 -29.63
C LEU A 948 122.84 1.89 -30.09
N GLY A 949 122.34 2.79 -29.24
CA GLY A 949 121.06 3.40 -29.47
C GLY A 949 121.07 4.55 -30.45
N ARG A 950 121.82 5.61 -30.13
CA ARG A 950 121.76 6.84 -30.91
C ARG A 950 122.48 6.72 -32.24
N ALA A 951 123.59 5.97 -32.28
CA ALA A 951 124.29 5.54 -33.49
C ALA A 951 124.87 6.71 -34.29
N ASP A 952 125.41 7.70 -33.60
CA ASP A 952 126.32 8.64 -34.23
C ASP A 952 127.54 8.97 -33.39
N VAL A 953 127.56 8.60 -32.12
CA VAL A 953 128.70 8.79 -31.24
C VAL A 953 129.05 7.43 -30.65
N ALA A 954 130.32 7.23 -30.33
CA ALA A 954 130.77 5.98 -29.75
C ALA A 954 131.71 6.28 -28.60
N GLY A 955 131.76 5.36 -27.63
CA GLY A 955 132.60 5.53 -26.48
C GLY A 955 131.82 5.32 -25.19
N PRO A 956 132.34 5.86 -24.09
CA PRO A 956 131.62 5.73 -22.82
C PRO A 956 130.34 6.53 -22.75
N LEU A 957 130.31 7.73 -23.33
CA LEU A 957 129.06 8.48 -23.25
C LEU A 957 127.99 7.91 -24.17
N ALA A 958 128.36 7.09 -25.14
CA ALA A 958 127.34 6.34 -25.88
C ALA A 958 126.57 5.43 -24.95
N VAL A 959 127.29 4.71 -24.08
CA VAL A 959 126.69 3.83 -23.08
C VAL A 959 125.86 4.63 -22.09
N VAL A 960 126.40 5.77 -21.66
CA VAL A 960 125.71 6.61 -20.69
C VAL A 960 124.43 7.21 -21.27
N LEU A 961 124.46 7.61 -22.54
CA LEU A 961 123.26 8.14 -23.18
C LEU A 961 122.19 7.07 -23.36
N ASP A 962 122.56 5.92 -23.90
CA ASP A 962 121.49 4.98 -24.22
C ASP A 962 121.09 4.07 -23.07
N ALA A 963 121.76 4.15 -21.93
CA ALA A 963 121.35 3.34 -20.78
C ALA A 963 120.09 3.93 -20.15
N PRO A 964 119.04 3.15 -19.97
CA PRO A 964 117.82 3.69 -19.36
C PRO A 964 117.81 3.65 -17.84
N ASP A 965 118.53 2.72 -17.22
CA ASP A 965 118.56 2.60 -15.78
C ASP A 965 119.99 2.61 -15.28
N VAL A 966 120.19 3.22 -14.12
CA VAL A 966 121.50 3.19 -13.46
C VAL A 966 121.31 2.64 -12.05
N ARG A 967 122.41 2.22 -11.45
CA ARG A 967 122.41 1.80 -10.05
C ARG A 967 123.00 2.93 -9.22
N TRP A 968 122.15 3.59 -8.46
CA TRP A 968 122.50 4.82 -7.76
C TRP A 968 122.47 4.56 -6.26
N ALA A 969 123.62 4.17 -5.72
CA ALA A 969 123.81 3.81 -4.31
C ALA A 969 122.87 2.68 -3.89
N GLY A 970 123.05 1.52 -4.52
CA GLY A 970 122.34 0.32 -4.14
C GLY A 970 120.98 0.13 -4.78
N ARG A 971 120.42 1.17 -5.39
CA ARG A 971 119.06 1.14 -5.88
C ARG A 971 119.05 1.44 -7.37
N THR A 972 118.05 0.92 -8.07
CA THR A 972 117.94 1.12 -9.52
C THR A 972 117.00 2.28 -9.77
N VAL A 973 117.56 3.46 -9.91
CA VAL A 973 116.85 4.67 -10.29
C VAL A 973 117.07 4.83 -11.79
N THR A 974 116.08 5.38 -12.48
CA THR A 974 116.23 5.66 -13.90
C THR A 974 117.31 6.71 -14.12
N ASN A 975 117.93 6.64 -15.29
CA ASN A 975 119.13 7.39 -15.61
C ASN A 975 118.82 8.87 -15.64
N PRO A 976 119.51 9.70 -14.84
CA PRO A 976 119.15 11.13 -14.81
C PRO A 976 119.44 11.86 -16.11
N VAL A 977 120.50 11.49 -16.83
CA VAL A 977 120.77 12.09 -18.12
C VAL A 977 119.70 11.70 -19.12
N HIS A 978 119.11 10.52 -18.95
CA HIS A 978 117.96 10.14 -19.73
C HIS A 978 116.73 10.93 -19.29
N ARG A 979 116.63 11.20 -17.99
CA ARG A 979 115.46 11.79 -17.37
C ARG A 979 115.29 13.27 -17.71
N ILE A 980 116.39 14.00 -17.87
CA ILE A 980 116.32 15.42 -18.21
C ILE A 980 115.68 15.61 -19.59
N ALA A 981 116.09 14.80 -20.56
CA ALA A 981 115.46 14.79 -21.88
C ALA A 981 115.56 13.37 -22.41
N ASP A 982 114.44 12.62 -22.31
CA ASP A 982 114.39 11.16 -22.38
C ASP A 982 115.01 10.62 -23.68
N PRO A 983 114.50 10.84 -24.94
CA PRO A 983 115.36 10.41 -26.05
C PRO A 983 116.18 11.55 -26.64
N ALA A 984 117.42 11.26 -27.03
CA ALA A 984 118.02 11.79 -28.25
C ALA A 984 117.98 13.29 -28.51
N GLU A 985 117.65 14.12 -27.52
CA GLU A 985 117.59 15.55 -27.72
C GLU A 985 118.86 16.24 -27.24
N TRP A 986 119.89 15.48 -26.96
CA TRP A 986 121.18 16.02 -26.58
C TRP A 986 122.00 16.26 -27.84
N GLN A 987 122.71 17.37 -27.89
CA GLN A 987 123.54 17.69 -29.04
C GLN A 987 124.97 17.27 -28.78
N VAL A 988 125.59 16.66 -29.77
CA VAL A 988 126.90 16.06 -29.63
C VAL A 988 127.95 16.99 -30.25
N HIS A 989 129.18 16.88 -29.74
CA HIS A 989 130.30 17.66 -30.23
C HIS A 989 131.54 16.79 -30.14
N ASP A 990 132.21 16.60 -31.28
CA ASP A 990 133.42 15.78 -31.39
C ASP A 990 134.45 16.51 -32.24
N GLY A 991 134.72 17.77 -31.89
CA GLY A 991 135.63 18.59 -32.65
C GLY A 991 137.08 18.15 -32.56
N PRO A 992 137.70 18.33 -31.40
CA PRO A 992 139.09 17.88 -31.22
C PRO A 992 139.22 16.42 -30.78
N GLU A 993 138.17 15.64 -31.04
CA GLU A 993 138.01 14.25 -30.63
C GLU A 993 138.02 14.11 -29.10
N ASN A 994 137.15 14.87 -28.46
CA ASN A 994 136.58 14.49 -27.18
C ASN A 994 135.07 14.63 -27.28
N PRO A 995 134.32 13.54 -27.20
CA PRO A 995 132.87 13.67 -27.33
C PRO A 995 132.29 14.33 -26.10
N ARG A 996 131.39 15.29 -26.34
CA ARG A 996 130.66 15.92 -25.26
C ARG A 996 129.25 16.21 -25.73
N ALA A 997 128.32 16.17 -24.80
CA ALA A 997 126.92 16.36 -25.15
C ALA A 997 126.35 17.45 -24.28
N THR A 998 125.57 18.34 -24.88
CA THR A 998 124.95 19.44 -24.18
C THR A 998 123.45 19.42 -24.40
N HIS A 999 122.73 19.96 -23.44
CA HIS A 999 121.30 20.19 -23.56
C HIS A 999 121.06 21.69 -23.58
N SER A 1000 120.37 22.17 -24.61
CA SER A 1000 120.31 23.61 -24.82
C SER A 1000 119.35 24.30 -23.86
N SER A 1001 118.19 23.69 -23.60
CA SER A 1001 117.15 24.37 -22.86
C SER A 1001 117.40 24.42 -21.36
N THR A 1002 118.34 23.64 -20.84
CA THR A 1002 118.68 23.68 -19.42
C THR A 1002 120.13 24.03 -19.16
N GLY A 1003 121.05 23.58 -20.00
CA GLY A 1003 122.45 23.85 -19.85
C GLY A 1003 123.28 22.70 -19.33
N ALA A 1004 122.74 21.48 -19.31
CA ALA A 1004 123.47 20.35 -18.78
C ALA A 1004 124.53 19.86 -19.76
N ARG A 1005 125.61 19.32 -19.20
CA ARG A 1005 126.76 18.86 -19.97
C ARG A 1005 127.13 17.44 -19.58
N LEU A 1006 127.79 16.75 -20.51
CA LEU A 1006 128.23 15.37 -20.34
C LEU A 1006 129.72 15.22 -20.62
N GLN A 1007 130.53 15.94 -19.84
CA GLN A 1007 131.97 15.94 -20.09
C GLN A 1007 132.57 14.57 -19.81
N THR A 1008 133.71 14.30 -20.44
CA THR A 1008 134.40 13.02 -20.32
C THR A 1008 135.77 13.26 -19.70
N HIS A 1009 135.88 12.96 -18.40
CA HIS A 1009 137.15 13.06 -17.71
C HIS A 1009 137.93 11.78 -17.97
N GLY A 1010 138.67 11.76 -19.08
CA GLY A 1010 139.41 10.58 -19.48
C GLY A 1010 138.50 9.49 -19.97
N ASP A 1011 138.45 8.37 -19.26
CA ASP A 1011 137.46 7.33 -19.50
C ASP A 1011 136.57 7.27 -18.28
N ASP A 1012 135.62 8.22 -18.23
CA ASP A 1012 134.73 8.47 -17.11
C ASP A 1012 133.76 9.53 -17.56
N VAL A 1013 132.53 9.52 -17.07
CA VAL A 1013 131.49 10.43 -17.55
C VAL A 1013 131.01 11.30 -16.40
N ALA A 1014 130.96 12.61 -16.64
CA ALA A 1014 130.52 13.57 -15.65
C ALA A 1014 129.33 14.35 -16.20
N LEU A 1015 128.18 14.20 -15.56
CA LEU A 1015 127.00 14.99 -15.85
C LEU A 1015 127.00 16.22 -14.97
N SER A 1016 127.04 17.39 -15.56
CA SER A 1016 127.05 18.64 -14.82
C SER A 1016 125.80 19.43 -15.15
N VAL A 1017 125.06 19.80 -14.10
CA VAL A 1017 123.78 20.48 -14.23
C VAL A 1017 123.89 21.83 -13.56
N PRO A 1018 123.57 22.92 -14.24
CA PRO A 1018 123.45 24.21 -13.55
C PRO A 1018 122.08 24.33 -12.89
N VAL A 1019 122.07 24.28 -11.56
CA VAL A 1019 120.80 24.24 -10.84
C VAL A 1019 120.29 25.66 -10.64
N SER A 1020 121.00 26.45 -9.84
CA SER A 1020 120.63 27.85 -9.68
C SER A 1020 121.92 28.61 -9.40
N GLY A 1021 122.55 29.10 -10.45
CA GLY A 1021 123.79 29.82 -10.32
C GLY A 1021 125.02 28.93 -10.23
N THR A 1022 124.92 27.80 -9.55
CA THR A 1022 126.04 26.91 -9.32
C THR A 1022 125.79 25.56 -9.98
N TRP A 1023 126.83 24.74 -9.97
CA TRP A 1023 126.87 23.50 -10.72
C TRP A 1023 126.77 22.30 -9.78
N VAL A 1024 126.16 21.23 -10.28
CA VAL A 1024 126.10 19.96 -9.58
C VAL A 1024 126.70 18.90 -10.50
N ASP A 1025 127.71 18.19 -9.99
CA ASP A 1025 128.44 17.18 -10.75
C ASP A 1025 128.04 15.79 -10.25
N ILE A 1026 127.64 14.94 -11.19
CA ILE A 1026 127.32 13.55 -10.91
C ILE A 1026 128.26 12.70 -11.75
N ARG A 1027 128.99 11.80 -11.10
CA ARG A 1027 130.04 11.04 -11.73
C ARG A 1027 129.60 9.59 -11.93
N PHE A 1028 129.73 9.10 -13.16
CA PHE A 1028 129.31 7.76 -13.52
C PHE A 1028 130.54 6.87 -13.63
N THR A 1029 130.44 5.65 -13.12
CA THR A 1029 131.48 4.66 -13.28
C THR A 1029 130.94 3.46 -14.05
N LEU A 1030 131.77 2.93 -14.95
CA LEU A 1030 131.36 1.86 -15.85
C LEU A 1030 132.23 0.64 -15.64
N PRO A 1031 131.72 -0.39 -14.97
CA PRO A 1031 132.48 -1.65 -14.86
C PRO A 1031 132.42 -2.44 -16.16
N ALA A 1032 133.00 -3.64 -16.12
CA ALA A 1032 132.94 -4.53 -17.28
C ALA A 1032 131.58 -5.19 -17.42
N ASN A 1033 130.72 -5.03 -16.42
CA ASN A 1033 129.36 -5.55 -16.49
C ASN A 1033 128.54 -4.84 -17.56
N THR A 1034 128.86 -3.59 -17.84
CA THR A 1034 128.11 -2.74 -18.77
C THR A 1034 128.42 -3.01 -20.23
N VAL A 1035 129.17 -4.07 -20.55
CA VAL A 1035 129.38 -4.41 -21.95
C VAL A 1035 128.11 -5.02 -22.53
N ASP A 1036 127.49 -5.95 -21.81
CA ASP A 1036 126.30 -6.64 -22.26
C ASP A 1036 125.14 -6.39 -21.29
N GLY A 1037 124.44 -5.27 -21.50
CA GLY A 1037 123.22 -5.02 -20.77
C GLY A 1037 123.37 -4.65 -19.32
N GLY A 1038 124.58 -4.29 -18.88
CA GLY A 1038 124.78 -3.91 -17.50
C GLY A 1038 124.51 -2.44 -17.29
N THR A 1039 123.85 -2.13 -16.19
CA THR A 1039 123.55 -0.75 -15.87
C THR A 1039 124.79 -0.04 -15.34
N PRO A 1040 124.94 1.25 -15.62
CA PRO A 1040 126.01 2.01 -14.99
C PRO A 1040 125.75 2.15 -13.50
N VAL A 1041 126.83 2.24 -12.73
CA VAL A 1041 126.74 2.39 -11.28
C VAL A 1041 127.24 3.77 -10.90
N ILE A 1042 126.56 4.37 -9.93
CA ILE A 1042 126.96 5.65 -9.39
C ILE A 1042 127.43 5.40 -7.96
N ALA A 1043 128.69 5.70 -7.71
CA ALA A 1043 129.29 5.41 -6.42
C ALA A 1043 128.67 6.26 -5.32
N THR A 1044 128.58 5.68 -4.13
CA THR A 1044 127.87 6.31 -3.04
C THR A 1044 128.56 7.58 -2.57
N GLU A 1045 129.89 7.67 -2.68
CA GLU A 1045 130.57 8.89 -2.26
C GLU A 1045 130.42 10.01 -3.29
N ASP A 1046 130.35 9.67 -4.58
CA ASP A 1046 129.99 10.67 -5.58
C ASP A 1046 128.60 11.20 -5.35
N ALA A 1047 127.68 10.32 -4.95
CA ALA A 1047 126.34 10.80 -4.63
C ALA A 1047 126.30 11.59 -3.32
N THR A 1048 127.20 11.31 -2.37
CA THR A 1048 127.34 12.17 -1.19
C THR A 1048 127.75 13.58 -1.60
N SER A 1049 128.74 13.68 -2.49
CA SER A 1049 129.22 15.00 -2.89
C SER A 1049 128.15 15.79 -3.63
N ALA A 1050 127.42 15.12 -4.53
CA ALA A 1050 126.34 15.78 -5.26
C ALA A 1050 125.22 16.23 -4.33
N MET A 1051 124.85 15.39 -3.37
CA MET A 1051 123.76 15.81 -2.51
C MET A 1051 124.19 16.81 -1.44
N ARG A 1052 125.47 16.83 -1.06
CA ARG A 1052 125.87 17.88 -0.13
C ARG A 1052 125.99 19.23 -0.83
N THR A 1053 126.36 19.25 -2.12
CA THR A 1053 126.34 20.56 -2.77
C THR A 1053 124.92 21.02 -3.08
N VAL A 1054 123.97 20.10 -3.32
CA VAL A 1054 122.60 20.59 -3.45
C VAL A 1054 121.99 20.92 -2.08
N LEU A 1055 122.53 20.35 -1.00
CA LEU A 1055 122.12 20.77 0.35
C LEU A 1055 122.59 22.18 0.63
N ALA A 1056 123.78 22.52 0.13
CA ALA A 1056 124.26 23.90 0.21
C ALA A 1056 123.36 24.84 -0.57
N ILE A 1057 122.98 24.45 -1.80
CA ILE A 1057 122.08 25.26 -2.60
C ILE A 1057 120.72 25.44 -1.92
N ALA A 1058 120.29 24.43 -1.16
CA ALA A 1058 119.04 24.55 -0.42
C ALA A 1058 119.17 25.51 0.76
N ALA A 1059 120.25 25.41 1.54
CA ALA A 1059 120.31 26.16 2.79
C ALA A 1059 121.16 27.42 2.71
N GLY A 1060 122.45 27.29 2.41
CA GLY A 1060 123.36 28.41 2.58
C GLY A 1060 124.64 28.19 1.81
N VAL A 1061 125.40 29.29 1.67
CA VAL A 1061 126.20 29.63 0.49
C VAL A 1061 126.99 28.49 -0.14
N ASP A 1062 127.85 27.82 0.63
CA ASP A 1062 128.69 26.77 0.09
C ASP A 1062 128.71 25.59 1.05
N SER A 1063 128.89 24.41 0.48
CA SER A 1063 128.89 23.20 1.31
C SER A 1063 130.12 23.02 2.20
N PRO A 1064 131.40 23.38 1.80
CA PRO A 1064 132.45 23.24 2.82
C PRO A 1064 132.38 24.31 3.89
N GLU A 1065 131.83 23.90 5.04
CA GLU A 1065 131.85 24.66 6.29
C GLU A 1065 131.23 26.06 6.15
N PHE A 1066 129.99 26.10 5.69
CA PHE A 1066 129.20 27.32 5.83
C PHE A 1066 127.82 26.98 6.36
N LEU A 1067 127.37 25.76 6.10
CA LEU A 1067 126.28 25.20 6.87
C LEU A 1067 126.75 25.01 8.30
N PRO A 1068 125.85 25.18 9.29
CA PRO A 1068 126.31 25.18 10.69
C PRO A 1068 126.75 23.80 11.14
N ALA A 1069 127.69 23.79 12.09
CA ALA A 1069 128.32 22.56 12.51
C ALA A 1069 127.37 21.71 13.33
N VAL A 1070 127.56 20.40 13.21
CA VAL A 1070 126.76 19.42 13.93
C VAL A 1070 127.52 19.08 15.20
N ALA A 1071 126.84 19.17 16.33
CA ALA A 1071 127.40 18.76 17.61
C ALA A 1071 127.33 17.24 17.77
N ASN A 1072 127.44 16.79 19.01
CA ASN A 1072 127.28 15.39 19.38
C ASN A 1072 125.95 14.83 18.88
N GLY A 1073 124.87 15.58 19.07
CA GLY A 1073 123.62 15.22 18.44
C GLY A 1073 122.94 16.37 17.72
N THR A 1074 123.30 17.60 18.08
CA THR A 1074 122.49 18.76 17.77
C THR A 1074 123.14 19.61 16.69
N ALA A 1075 122.39 20.64 16.27
CA ALA A 1075 122.93 21.71 15.44
C ALA A 1075 122.31 23.01 15.93
N THR A 1076 123.15 24.00 16.23
CA THR A 1076 122.71 25.20 16.91
C THR A 1076 122.96 26.43 16.04
N LEU A 1077 122.09 27.43 16.20
CA LEU A 1077 122.25 28.71 15.55
C LEU A 1077 121.80 29.82 16.48
N THR A 1078 122.35 31.01 16.27
CA THR A 1078 121.93 32.23 16.94
C THR A 1078 121.59 33.25 15.87
N VAL A 1079 120.33 33.68 15.83
CA VAL A 1079 119.85 34.56 14.77
C VAL A 1079 119.24 35.83 15.36
N ASP A 1080 119.28 36.89 14.58
CA ASP A 1080 118.71 38.17 14.95
C ASP A 1080 117.27 38.24 14.48
N TRP A 1081 116.35 38.52 15.40
CA TRP A 1081 114.94 38.52 15.10
C TRP A 1081 114.40 39.95 15.17
N HIS A 1082 113.64 40.33 14.14
CA HIS A 1082 112.97 41.61 14.05
C HIS A 1082 111.48 41.41 13.80
N PRO A 1083 110.61 42.18 14.45
CA PRO A 1083 109.17 41.95 14.31
C PRO A 1083 108.58 42.37 12.98
N GLU A 1084 109.22 43.29 12.25
CA GLU A 1084 108.68 43.75 10.97
C GLU A 1084 108.88 42.73 9.85
N ARG A 1085 109.79 41.79 10.05
CA ARG A 1085 109.93 40.69 9.11
C ARG A 1085 108.71 39.78 9.14
N VAL A 1086 108.02 39.73 10.28
CA VAL A 1086 106.75 39.01 10.33
C VAL A 1086 105.71 39.71 9.48
N ALA A 1087 105.76 41.05 9.45
CA ALA A 1087 104.81 41.81 8.66
C ALA A 1087 105.02 41.58 7.17
N ASP A 1088 106.26 41.66 6.70
CA ASP A 1088 106.41 41.41 5.27
C ASP A 1088 106.43 39.92 4.93
N HIS A 1089 106.45 39.04 5.93
CA HIS A 1089 106.09 37.64 5.72
C HIS A 1089 104.61 37.48 5.43
N THR A 1090 103.76 38.08 6.27
CA THR A 1090 102.32 37.97 6.10
C THR A 1090 101.86 38.67 4.82
N GLY A 1091 102.58 39.71 4.41
CA GLY A 1091 102.26 40.37 3.15
C GLY A 1091 102.49 39.49 1.94
N VAL A 1092 103.41 38.53 2.04
CA VAL A 1092 103.63 37.61 0.93
C VAL A 1092 102.66 36.44 1.03
N THR A 1093 102.44 35.93 2.25
CA THR A 1093 101.61 34.75 2.40
C THR A 1093 100.13 35.05 2.19
N ALA A 1094 99.56 35.94 3.00
CA ALA A 1094 98.12 36.17 3.02
C ALA A 1094 97.71 36.98 1.80
N THR A 1095 97.17 36.30 0.80
CA THR A 1095 96.67 36.91 -0.43
C THR A 1095 95.21 36.55 -0.61
N PHE A 1096 94.43 36.73 0.44
CA PHE A 1096 93.07 36.22 0.54
C PHE A 1096 92.10 37.06 -0.28
N GLY A 1097 90.80 36.85 -0.08
CA GLY A 1097 89.77 37.54 -0.82
C GLY A 1097 89.51 38.94 -0.30
N GLU A 1098 88.27 39.40 -0.49
CA GLU A 1098 87.89 40.73 -0.01
C GLU A 1098 87.58 40.82 1.49
N PRO A 1099 86.60 40.09 2.06
CA PRO A 1099 86.03 40.55 3.34
C PRO A 1099 86.93 40.35 4.54
N LEU A 1100 87.96 39.53 4.45
CA LEU A 1100 88.76 39.18 5.62
C LEU A 1100 89.81 40.26 5.87
N ALA A 1101 90.63 40.02 6.89
CA ALA A 1101 91.73 40.90 7.24
C ALA A 1101 92.71 40.09 8.06
N PRO A 1102 94.02 40.30 7.91
CA PRO A 1102 94.98 39.55 8.71
C PRO A 1102 94.93 39.95 10.17
N SER A 1103 95.44 39.06 11.02
CA SER A 1103 95.41 39.28 12.45
C SER A 1103 96.44 40.34 12.86
N LEU A 1104 96.34 40.74 14.12
CA LEU A 1104 97.28 41.71 14.68
C LEU A 1104 98.41 41.03 15.43
N THR A 1105 98.13 39.91 16.10
CA THR A 1105 99.18 39.17 16.75
C THR A 1105 99.97 38.38 15.72
N ASN A 1106 101.15 37.92 16.13
CA ASN A 1106 102.02 37.21 15.21
C ASN A 1106 101.57 35.75 15.10
N VAL A 1107 101.88 35.16 13.95
CA VAL A 1107 101.39 33.82 13.62
C VAL A 1107 102.52 32.88 13.98
N PRO A 1108 102.26 31.62 14.39
CA PRO A 1108 103.37 30.74 14.78
C PRO A 1108 104.23 30.26 13.63
N ASP A 1109 103.80 30.42 12.38
CA ASP A 1109 104.69 30.13 11.25
C ASP A 1109 105.48 31.37 10.84
N ALA A 1110 106.15 31.96 11.81
CA ALA A 1110 107.15 32.97 11.54
C ALA A 1110 108.48 32.66 12.18
N LEU A 1111 108.51 31.83 13.22
CA LEU A 1111 109.76 31.35 13.79
C LEU A 1111 110.43 30.30 12.92
N VAL A 1112 109.69 29.67 12.01
CA VAL A 1112 110.26 28.69 11.10
C VAL A 1112 111.16 29.31 10.05
N GLY A 1113 111.12 30.62 9.90
CA GLY A 1113 111.95 31.33 8.96
C GLY A 1113 113.43 31.21 9.23
N PRO A 1114 113.92 31.81 10.32
CA PRO A 1114 115.37 31.85 10.55
C PRO A 1114 115.99 30.54 11.00
N CYS A 1115 115.25 29.45 11.09
CA CYS A 1115 115.81 28.19 11.58
C CYS A 1115 116.00 27.16 10.49
N TRP A 1116 116.05 27.58 9.22
CA TRP A 1116 116.30 26.60 8.18
C TRP A 1116 117.71 26.02 8.12
N PRO A 1117 118.82 26.77 8.28
CA PRO A 1117 120.13 26.09 8.22
C PRO A 1117 120.38 25.09 9.33
N ALA A 1118 119.69 25.22 10.47
CA ALA A 1118 119.81 24.22 11.53
C ALA A 1118 119.20 22.89 11.10
N VAL A 1119 118.01 22.93 10.50
CA VAL A 1119 117.35 21.67 10.18
C VAL A 1119 117.98 21.04 8.92
N PHE A 1120 118.53 21.84 8.00
CA PHE A 1120 119.23 21.21 6.89
C PHE A 1120 120.58 20.66 7.31
N ALA A 1121 121.24 21.30 8.28
CA ALA A 1121 122.44 20.70 8.82
C ALA A 1121 122.14 19.45 9.63
N ALA A 1122 120.95 19.36 10.22
CA ALA A 1122 120.56 18.13 10.89
C ALA A 1122 120.27 17.01 9.90
N ILE A 1123 119.66 17.34 8.76
CA ILE A 1123 119.47 16.35 7.70
C ILE A 1123 120.81 15.88 7.16
N GLY A 1124 121.76 16.81 7.01
CA GLY A 1124 123.07 16.51 6.46
C GLY A 1124 123.91 15.56 7.29
N SER A 1125 123.50 15.26 8.52
CA SER A 1125 124.19 14.26 9.33
C SER A 1125 123.25 13.24 9.95
N ALA A 1126 121.95 13.30 9.64
CA ALA A 1126 121.02 12.33 10.17
C ALA A 1126 121.29 10.96 9.56
N VAL A 1127 121.26 9.93 10.39
CA VAL A 1127 121.50 8.56 9.94
C VAL A 1127 120.33 7.69 10.34
N THR A 1128 120.14 6.60 9.59
CA THR A 1128 119.22 5.55 9.99
C THR A 1128 119.91 4.61 10.96
N ASP A 1129 119.31 3.46 11.18
CA ASP A 1129 120.01 2.38 11.87
C ASP A 1129 121.03 1.81 10.90
N THR A 1130 122.28 2.27 11.02
CA THR A 1130 123.43 1.89 10.19
C THR A 1130 123.19 2.22 8.70
N GLY A 1131 123.12 3.53 8.43
CA GLY A 1131 122.97 4.04 7.08
C GLY A 1131 122.52 5.48 7.11
N GLU A 1132 122.85 6.29 6.11
CA GLU A 1132 122.59 7.73 6.20
C GLU A 1132 121.67 8.26 5.10
N PRO A 1133 120.53 8.86 5.45
CA PRO A 1133 119.75 9.60 4.45
C PRO A 1133 120.21 11.03 4.29
N VAL A 1134 121.34 11.20 3.62
CA VAL A 1134 121.77 12.50 3.12
C VAL A 1134 121.84 12.49 1.61
N VAL A 1135 121.84 11.29 1.03
CA VAL A 1135 122.51 10.95 -0.20
C VAL A 1135 121.47 10.39 -1.15
N GLU A 1136 120.84 9.33 -0.71
CA GLU A 1136 119.91 8.60 -1.56
C GLU A 1136 118.60 9.34 -1.75
N GLY A 1137 118.31 10.37 -0.97
CA GLY A 1137 117.02 10.98 -1.15
C GLY A 1137 116.88 12.46 -0.95
N LEU A 1138 117.95 13.25 -1.13
CA LEU A 1138 117.78 14.67 -0.92
C LEU A 1138 117.01 15.31 -2.06
N LEU A 1139 117.18 14.82 -3.28
CA LEU A 1139 116.27 15.22 -4.35
C LEU A 1139 114.92 14.53 -4.24
N SER A 1140 114.77 13.51 -3.40
CA SER A 1140 113.47 12.91 -3.16
C SER A 1140 112.92 13.28 -1.78
N LEU A 1141 113.25 14.47 -1.30
CA LEU A 1141 112.87 14.91 0.03
C LEU A 1141 111.53 15.63 -0.02
N VAL A 1142 110.60 15.24 0.86
CA VAL A 1142 109.30 15.87 0.98
C VAL A 1142 109.08 16.23 2.44
N HIS A 1143 108.63 17.45 2.70
CA HIS A 1143 108.22 17.81 4.06
C HIS A 1143 106.89 17.12 4.35
N LEU A 1144 106.92 16.10 5.22
CA LEU A 1144 105.75 15.27 5.41
C LEU A 1144 104.69 15.94 6.27
N ASP A 1145 105.05 16.35 7.49
CA ASP A 1145 104.12 17.04 8.36
C ASP A 1145 104.88 17.88 9.38
N HIS A 1146 104.16 18.85 9.93
CA HIS A 1146 104.74 19.90 10.75
C HIS A 1146 103.90 20.06 12.02
N ALA A 1147 104.56 20.40 13.12
CA ALA A 1147 103.84 20.57 14.37
C ALA A 1147 104.54 21.64 15.22
N ALA A 1148 103.74 22.52 15.80
CA ALA A 1148 104.21 23.68 16.54
C ALA A 1148 103.56 23.74 17.91
N ARG A 1149 104.36 24.12 18.91
CA ARG A 1149 103.89 24.28 20.27
C ARG A 1149 104.55 25.52 20.83
N VAL A 1150 103.77 26.54 21.18
CA VAL A 1150 104.34 27.79 21.68
C VAL A 1150 104.14 27.86 23.18
N VAL A 1151 105.13 28.41 23.85
CA VAL A 1151 104.99 28.89 25.22
C VAL A 1151 104.43 30.30 25.12
N GLY A 1152 103.83 30.80 26.20
CA GLY A 1152 103.07 32.05 26.19
C GLY A 1152 103.88 33.29 25.80
N GLN A 1153 105.20 33.24 25.91
CA GLN A 1153 106.02 34.34 25.44
C GLN A 1153 106.14 34.31 23.92
N LEU A 1154 106.32 35.49 23.33
CA LEU A 1154 106.56 35.64 21.93
C LEU A 1154 107.15 37.04 21.90
N PRO A 1155 108.34 37.23 21.32
CA PRO A 1155 108.99 38.53 21.39
C PRO A 1155 108.31 39.56 20.52
N THR A 1156 108.53 40.83 20.86
CA THR A 1156 108.01 41.95 20.09
C THR A 1156 109.01 43.08 19.98
N VAL A 1157 110.23 42.86 20.47
CA VAL A 1157 111.31 43.84 20.41
C VAL A 1157 112.37 43.23 19.50
N PRO A 1158 113.24 44.03 18.88
CA PRO A 1158 114.34 43.44 18.11
C PRO A 1158 115.34 42.78 19.04
N ALA A 1159 115.53 41.47 18.85
CA ALA A 1159 116.28 40.67 19.80
C ALA A 1159 117.23 39.75 19.06
N GLN A 1160 117.96 38.94 19.83
CA GLN A 1160 118.87 37.94 19.30
C GLN A 1160 118.58 36.63 20.03
N LEU A 1161 117.95 35.69 19.34
CA LEU A 1161 117.54 34.43 19.94
C LEU A 1161 118.35 33.29 19.32
N THR A 1162 118.05 32.07 19.77
CA THR A 1162 118.84 30.92 19.32
C THR A 1162 117.93 29.71 19.13
N VAL A 1163 118.35 28.82 18.24
CA VAL A 1163 117.62 27.61 17.89
C VAL A 1163 118.55 26.42 17.97
N THR A 1164 117.97 25.26 18.28
CA THR A 1164 118.74 24.03 18.39
C THR A 1164 117.90 22.89 17.83
N ALA A 1165 118.42 22.21 16.81
CA ALA A 1165 117.70 21.16 16.10
C ALA A 1165 118.41 19.83 16.26
N THR A 1166 117.63 18.79 16.59
CA THR A 1166 118.14 17.44 16.75
C THR A 1166 117.41 16.55 15.75
N ALA A 1167 118.16 15.71 15.04
CA ALA A 1167 117.60 14.77 14.09
C ALA A 1167 117.61 13.38 14.71
N ALA A 1168 116.44 12.77 14.81
CA ALA A 1168 116.40 11.45 15.42
C ALA A 1168 116.86 10.39 14.43
N ASN A 1169 116.97 9.16 14.91
CA ASN A 1169 117.38 8.05 14.05
C ASN A 1169 116.25 7.71 13.09
N ALA A 1170 116.53 7.84 11.80
CA ALA A 1170 115.50 7.72 10.79
C ALA A 1170 115.10 6.27 10.57
N THR A 1171 113.81 6.06 10.38
CA THR A 1171 113.30 4.75 10.05
C THR A 1171 112.82 4.76 8.62
N ASP A 1172 112.28 3.63 8.16
CA ASP A 1172 111.75 3.57 6.79
C ASP A 1172 110.46 2.76 6.78
N THR A 1173 109.34 3.47 6.71
CA THR A 1173 108.03 2.87 6.76
C THR A 1173 107.51 2.64 5.35
N ASP A 1174 106.27 2.16 5.27
CA ASP A 1174 105.66 1.66 4.04
C ASP A 1174 105.36 2.75 3.01
N MET A 1175 105.64 4.02 3.31
CA MET A 1175 105.57 5.07 2.31
C MET A 1175 106.92 5.70 2.00
N GLY A 1176 107.94 5.43 2.79
CA GLY A 1176 109.24 6.02 2.56
C GLY A 1176 110.04 6.09 3.84
N ARG A 1177 111.25 6.61 3.71
CA ARG A 1177 112.17 6.72 4.83
C ARG A 1177 111.87 8.00 5.61
N VAL A 1178 111.35 7.85 6.81
CA VAL A 1178 110.93 8.97 7.64
C VAL A 1178 112.11 9.40 8.51
N VAL A 1179 112.48 10.67 8.39
CA VAL A 1179 113.49 11.35 9.18
C VAL A 1179 112.75 12.35 10.08
N PRO A 1180 112.59 12.08 11.38
CA PRO A 1180 112.02 13.09 12.26
C PRO A 1180 113.08 14.02 12.80
N VAL A 1181 112.71 15.28 12.96
CA VAL A 1181 113.64 16.30 13.45
C VAL A 1181 112.88 17.28 14.33
N SER A 1182 113.44 17.57 15.50
CA SER A 1182 112.80 18.40 16.50
C SER A 1182 113.74 19.57 16.84
N VAL A 1183 113.22 20.78 16.71
CA VAL A 1183 113.99 21.99 16.98
C VAL A 1183 113.29 22.76 18.08
N VAL A 1184 114.08 23.38 18.95
CA VAL A 1184 113.53 24.22 20.02
C VAL A 1184 114.18 25.59 19.91
N VAL A 1185 113.39 26.63 20.18
CA VAL A 1185 113.86 28.00 20.04
C VAL A 1185 113.78 28.70 21.40
N THR A 1186 114.90 29.25 21.85
CA THR A 1186 114.96 29.93 23.13
C THR A 1186 115.52 31.33 22.95
N GLY A 1187 115.03 32.25 23.77
CA GLY A 1187 115.46 33.63 23.72
C GLY A 1187 116.82 33.85 24.37
N ALA A 1188 117.06 35.10 24.76
CA ALA A 1188 118.34 35.45 25.36
C ALA A 1188 118.40 35.07 26.83
N ASP A 1189 117.26 35.09 27.52
CA ASP A 1189 117.21 34.79 28.94
C ASP A 1189 117.13 33.30 29.24
N GLY A 1190 117.32 32.44 28.23
CA GLY A 1190 117.19 31.02 28.46
C GLY A 1190 115.77 30.50 28.52
N ALA A 1191 114.78 31.35 28.30
CA ALA A 1191 113.39 30.93 28.32
C ALA A 1191 113.03 30.27 27.00
N VAL A 1192 112.34 29.14 27.08
CA VAL A 1192 111.91 28.43 25.88
C VAL A 1192 110.76 29.20 25.24
N ILE A 1193 110.95 29.62 24.00
CA ILE A 1193 109.89 30.33 23.29
C ILE A 1193 108.92 29.34 22.65
N ALA A 1194 109.42 28.46 21.80
CA ALA A 1194 108.55 27.51 21.11
C ALA A 1194 109.32 26.24 20.80
N THR A 1195 108.56 25.23 20.35
CA THR A 1195 109.08 23.90 20.06
C THR A 1195 108.41 23.40 18.80
N LEU A 1196 109.22 23.06 17.80
CA LEU A 1196 108.72 22.60 16.52
C LEU A 1196 109.19 21.17 16.33
N GLU A 1197 108.32 20.32 15.78
CA GLU A 1197 108.67 18.96 15.43
C GLU A 1197 108.13 18.66 14.04
N GLU A 1198 108.98 18.19 13.15
CA GLU A 1198 108.51 17.93 11.80
C GLU A 1198 109.19 16.68 11.26
N ARG A 1199 108.47 16.02 10.36
CA ARG A 1199 108.98 14.81 9.77
C ARG A 1199 109.22 15.02 8.28
N PHE A 1200 110.18 14.30 7.76
CA PHE A 1200 110.59 14.39 6.37
C PHE A 1200 110.51 13.00 5.75
N ALA A 1201 109.84 12.91 4.61
CA ALA A 1201 109.70 11.66 3.90
C ALA A 1201 110.69 11.63 2.75
N ILE A 1202 111.58 10.64 2.78
CA ILE A 1202 112.39 10.28 1.64
C ILE A 1202 111.57 9.30 0.82
N LEU A 1203 111.20 9.70 -0.40
CA LEU A 1203 110.04 9.06 -1.01
C LEU A 1203 110.39 7.74 -1.68
N GLY A 1204 111.62 7.57 -2.15
CA GLY A 1204 111.96 6.41 -2.95
C GLY A 1204 111.98 5.09 -2.21
N ARG A 1205 112.90 4.95 -1.28
CA ARG A 1205 113.16 3.68 -0.63
C ARG A 1205 112.32 3.54 0.64
N THR A 1206 111.92 2.30 0.91
CA THR A 1206 110.95 2.00 1.96
C THR A 1206 111.37 0.75 2.70
N GLY A 1207 110.61 0.44 3.73
CA GLY A 1207 110.80 -0.77 4.50
C GLY A 1207 109.49 -1.20 5.12
N SER A 1208 109.54 -2.11 6.09
CA SER A 1208 108.34 -2.58 6.78
C SER A 1208 108.44 -2.19 8.24
N ALA A 1209 108.03 -0.96 8.54
CA ALA A 1209 107.93 -0.48 9.91
C ALA A 1209 106.66 0.35 10.01
N GLU A 1210 106.08 0.36 11.21
CA GLU A 1210 104.80 1.04 11.39
C GLU A 1210 105.03 2.54 11.50
N LEU A 1211 104.23 3.32 10.79
CA LEU A 1211 104.32 4.76 10.80
C LEU A 1211 103.49 5.29 11.96
N ALA A 1212 104.16 5.80 12.98
CA ALA A 1212 103.46 6.37 14.13
C ALA A 1212 102.80 7.68 13.76
N ASP A 1213 101.56 7.87 14.21
CA ASP A 1213 100.83 9.08 13.92
C ASP A 1213 101.32 10.22 14.82
N PRO A 1214 101.45 11.44 14.29
CA PRO A 1214 101.96 12.55 15.10
C PRO A 1214 100.93 13.04 16.11
N ALA A 1215 101.40 13.92 16.98
CA ALA A 1215 100.57 14.42 18.07
C ALA A 1215 99.55 15.42 17.53
N ARG A 1216 98.31 15.29 18.00
CA ARG A 1216 97.24 16.14 17.53
C ARG A 1216 97.33 17.51 18.18
N ALA A 1217 97.19 18.55 17.37
CA ALA A 1217 97.21 19.96 17.79
C ALA A 1217 98.51 20.33 18.48
N GLY A 1218 99.62 19.78 18.00
CA GLY A 1218 100.93 20.16 18.50
C GLY A 1218 101.26 19.72 19.90
N GLY A 1219 100.44 18.87 20.52
CA GLY A 1219 100.68 18.45 21.88
C GLY A 1219 100.12 19.36 22.94
N ALA A 1220 99.19 20.24 22.60
CA ALA A 1220 98.63 21.19 23.55
C ALA A 1220 97.23 20.81 24.00
N VAL A 1221 96.75 19.62 23.64
CA VAL A 1221 95.47 19.15 24.18
C VAL A 1221 95.68 18.75 25.63
N SER A 1222 94.85 19.31 26.52
CA SER A 1222 95.02 19.16 27.95
C SER A 1222 94.32 17.92 28.50
N ALA A 1223 94.04 16.94 27.66
CA ALA A 1223 93.42 15.65 28.01
C ALA A 1223 92.04 15.81 28.66
N ASN A 1224 91.38 16.94 28.40
CA ASN A 1224 90.00 17.17 28.84
C ASN A 1224 89.28 17.76 27.64
N ALA A 1225 88.81 16.89 26.76
CA ALA A 1225 88.26 17.34 25.49
C ALA A 1225 87.01 16.54 25.19
N THR A 1226 85.95 17.25 24.84
CA THR A 1226 84.68 16.61 24.51
C THR A 1226 84.38 16.83 23.04
N ASP A 1227 83.83 15.80 22.39
CA ASP A 1227 83.49 15.88 20.98
C ASP A 1227 82.16 16.61 20.84
N THR A 1228 82.22 17.92 20.92
CA THR A 1228 81.07 18.73 20.58
C THR A 1228 80.82 18.66 19.07
N PRO A 1229 79.56 18.73 18.63
CA PRO A 1229 79.28 18.61 17.19
C PRO A 1229 79.88 19.75 16.38
N ARG A 1230 80.07 19.44 15.09
CA ARG A 1230 80.81 20.33 14.21
C ARG A 1230 80.01 21.57 13.86
N ARG A 1231 80.68 22.71 13.87
CA ARG A 1231 80.10 23.96 13.41
C ARG A 1231 81.09 24.64 12.48
N ARG A 1232 80.58 25.14 11.36
CA ARG A 1232 81.40 25.81 10.36
C ARG A 1232 81.86 27.16 10.88
N ARG A 1233 83.09 27.55 10.55
CA ARG A 1233 83.54 28.90 10.85
C ARG A 1233 83.73 29.74 9.60
N ARG A 1234 84.45 29.23 8.60
CA ARG A 1234 84.80 30.06 7.47
C ARG A 1234 85.19 29.18 6.29
N ASP A 1235 84.99 29.71 5.08
CA ASP A 1235 85.36 29.06 3.83
C ASP A 1235 86.12 30.07 2.98
N VAL A 1236 87.40 29.82 2.76
CA VAL A 1236 88.29 30.80 2.12
C VAL A 1236 89.01 30.15 0.95
N THR A 1237 88.91 30.75 -0.22
CA THR A 1237 89.61 30.28 -1.42
C THR A 1237 90.86 31.13 -1.65
N ILE A 1238 92.02 30.47 -1.69
CA ILE A 1238 93.30 31.12 -1.90
C ILE A 1238 93.96 30.45 -3.09
N THR A 1239 94.43 31.26 -4.05
CA THR A 1239 95.15 30.73 -5.19
C THR A 1239 96.63 30.69 -4.89
N ALA A 1240 97.27 29.59 -5.27
CA ALA A 1240 98.71 29.47 -5.11
C ALA A 1240 99.42 30.39 -6.09
N PRO A 1241 100.50 31.03 -5.67
CA PRO A 1241 101.16 31.99 -6.56
C PRO A 1241 101.92 31.31 -7.67
N VAL A 1242 102.37 32.09 -8.65
CA VAL A 1242 102.99 31.54 -9.84
C VAL A 1242 104.45 31.17 -9.59
N ASP A 1243 105.20 32.02 -8.91
CA ASP A 1243 106.62 31.79 -8.70
C ASP A 1243 106.91 31.71 -7.21
N MET A 1244 107.87 30.85 -6.85
CA MET A 1244 108.15 30.56 -5.45
C MET A 1244 109.35 31.32 -4.90
N ARG A 1245 110.06 32.08 -5.72
CA ARG A 1245 111.18 32.85 -5.21
C ARG A 1245 110.83 33.93 -4.19
N PRO A 1246 109.69 34.66 -4.25
CA PRO A 1246 109.37 35.55 -3.12
C PRO A 1246 109.21 34.84 -1.79
N PHE A 1247 108.43 33.76 -1.75
CA PHE A 1247 108.30 33.02 -0.49
C PHE A 1247 109.60 32.34 -0.10
N ALA A 1248 110.44 32.01 -1.07
CA ALA A 1248 111.74 31.42 -0.77
C ALA A 1248 112.65 32.41 -0.06
N VAL A 1249 112.72 33.64 -0.58
CA VAL A 1249 113.57 34.65 0.03
C VAL A 1249 113.01 35.10 1.38
N VAL A 1250 111.69 35.12 1.51
CA VAL A 1250 111.08 35.49 2.79
C VAL A 1250 111.31 34.42 3.84
N SER A 1251 110.97 33.16 3.52
CA SER A 1251 111.07 32.10 4.51
C SER A 1251 112.53 31.70 4.76
N GLY A 1252 113.25 31.27 3.73
CA GLY A 1252 114.67 30.97 3.84
C GLY A 1252 115.10 29.74 3.08
N ASP A 1253 114.20 28.76 2.91
CA ASP A 1253 114.57 27.53 2.23
C ASP A 1253 114.70 27.77 0.74
N HIS A 1254 115.91 27.66 0.23
CA HIS A 1254 116.19 27.77 -1.20
C HIS A 1254 116.28 26.40 -1.83
N ASN A 1255 115.45 25.48 -1.36
CA ASN A 1255 115.34 24.12 -1.86
C ASN A 1255 114.98 24.18 -3.34
N PRO A 1256 115.84 23.70 -4.24
CA PRO A 1256 115.65 23.97 -5.68
C PRO A 1256 114.48 23.27 -6.30
N ILE A 1257 113.88 22.30 -5.58
CA ILE A 1257 112.72 21.59 -6.07
C ILE A 1257 111.50 22.49 -6.22
N HIS A 1258 111.48 23.64 -5.54
CA HIS A 1258 110.35 24.54 -5.63
C HIS A 1258 110.52 25.62 -6.68
N THR A 1259 111.75 25.95 -7.08
CA THR A 1259 111.98 27.04 -8.01
C THR A 1259 112.53 26.57 -9.34
N ASP A 1260 113.56 25.73 -9.34
CA ASP A 1260 114.28 25.38 -10.55
C ASP A 1260 113.47 24.40 -11.40
N ARG A 1261 113.63 24.52 -12.72
CA ARG A 1261 113.04 23.56 -13.62
C ARG A 1261 113.96 22.36 -13.80
N ALA A 1262 115.27 22.60 -13.84
CA ALA A 1262 116.22 21.50 -14.02
C ALA A 1262 116.26 20.59 -12.81
N ALA A 1263 116.13 21.15 -11.61
CA ALA A 1263 116.12 20.32 -10.41
C ALA A 1263 114.82 19.54 -10.29
N ALA A 1264 113.70 20.10 -10.73
CA ALA A 1264 112.45 19.36 -10.70
C ALA A 1264 112.48 18.21 -11.70
N LEU A 1265 113.02 18.45 -12.90
CA LEU A 1265 113.20 17.36 -13.85
C LEU A 1265 114.21 16.35 -13.36
N LEU A 1266 115.21 16.78 -12.59
CA LEU A 1266 116.20 15.86 -12.07
C LEU A 1266 115.64 15.00 -10.95
N ALA A 1267 114.70 15.55 -10.18
CA ALA A 1267 114.00 14.78 -9.16
C ALA A 1267 112.83 14.00 -9.72
N GLY A 1268 112.51 14.18 -10.99
CA GLY A 1268 111.48 13.36 -11.59
C GLY A 1268 110.11 13.92 -11.33
N LEU A 1269 109.97 15.22 -11.56
CA LEU A 1269 108.69 15.90 -11.50
C LEU A 1269 108.50 16.67 -12.80
N GLU A 1270 107.24 16.84 -13.20
CA GLU A 1270 106.94 17.56 -14.42
C GLU A 1270 107.26 19.05 -14.29
N SER A 1271 107.02 19.60 -13.10
CA SER A 1271 107.12 21.02 -12.83
C SER A 1271 107.25 21.18 -11.33
N PRO A 1272 107.83 22.29 -10.85
CA PRO A 1272 108.09 22.44 -9.41
C PRO A 1272 106.81 22.48 -8.58
N ILE A 1273 107.01 22.37 -7.26
CA ILE A 1273 105.92 22.27 -6.30
C ILE A 1273 106.03 23.42 -5.31
N VAL A 1274 104.89 23.78 -4.72
CA VAL A 1274 104.84 24.89 -3.78
C VAL A 1274 105.28 24.40 -2.41
N HIS A 1275 105.53 25.34 -1.50
CA HIS A 1275 106.08 25.01 -0.21
C HIS A 1275 105.00 24.51 0.74
N GLY A 1276 105.32 23.42 1.42
CA GLY A 1276 104.48 22.95 2.51
C GLY A 1276 104.30 24.02 3.58
N MET A 1277 105.36 24.76 3.89
CA MET A 1277 105.22 25.85 4.83
C MET A 1277 104.42 27.01 4.26
N TRP A 1278 104.36 27.15 2.93
CA TRP A 1278 103.48 28.17 2.35
C TRP A 1278 102.03 27.84 2.64
N LEU A 1279 101.59 26.62 2.30
CA LEU A 1279 100.18 26.38 2.57
C LEU A 1279 99.88 26.16 4.05
N SER A 1280 100.92 25.83 4.84
CA SER A 1280 100.84 25.90 6.29
C SER A 1280 100.48 27.30 6.78
N ALA A 1281 101.24 28.31 6.33
CA ALA A 1281 100.98 29.67 6.79
C ALA A 1281 99.68 30.22 6.22
N ALA A 1282 99.29 29.77 5.03
CA ALA A 1282 97.99 30.15 4.49
C ALA A 1282 96.85 29.58 5.32
N ALA A 1283 97.00 28.34 5.79
CA ALA A 1283 95.97 27.76 6.67
C ALA A 1283 95.91 28.47 8.01
N GLN A 1284 97.07 28.85 8.55
CA GLN A 1284 97.05 29.58 9.83
C GLN A 1284 96.40 30.95 9.69
N HIS A 1285 96.64 31.64 8.57
CA HIS A 1285 95.97 32.92 8.39
C HIS A 1285 94.48 32.76 8.09
N ALA A 1286 94.10 31.67 7.44
CA ALA A 1286 92.67 31.41 7.24
C ALA A 1286 91.99 31.09 8.56
N VAL A 1287 92.72 30.54 9.52
CA VAL A 1287 92.19 30.40 10.88
C VAL A 1287 92.07 31.75 11.54
N THR A 1288 93.16 32.50 11.61
CA THR A 1288 93.25 33.67 12.47
C THR A 1288 92.83 34.97 11.79
N ALA A 1289 92.20 34.91 10.63
CA ALA A 1289 91.78 36.16 10.01
C ALA A 1289 90.49 36.67 10.66
N THR A 1290 90.24 37.96 10.50
CA THR A 1290 89.07 38.62 11.08
C THR A 1290 88.24 39.27 9.99
N ASP A 1291 86.94 39.41 10.26
CA ASP A 1291 86.05 40.14 9.36
C ASP A 1291 85.06 41.00 10.12
N GLY A 1292 85.41 41.41 11.34
CA GLY A 1292 84.68 42.43 12.05
C GLY A 1292 83.45 41.98 12.81
N GLN A 1293 82.83 40.86 12.43
CA GLN A 1293 81.59 40.48 13.08
C GLN A 1293 81.87 39.83 14.43
N ALA A 1294 80.78 39.48 15.14
CA ALA A 1294 80.82 39.21 16.57
C ALA A 1294 81.43 37.83 16.87
N ARG A 1295 82.75 37.76 16.74
CA ARG A 1295 83.55 36.63 17.19
C ARG A 1295 84.85 37.16 17.76
N PRO A 1296 85.43 36.48 18.73
CA PRO A 1296 86.77 36.86 19.20
C PRO A 1296 87.82 36.56 18.15
N PRO A 1297 88.97 37.21 18.21
CA PRO A 1297 90.08 36.83 17.34
C PRO A 1297 90.65 35.47 17.75
N ALA A 1298 91.53 34.96 16.90
CA ALA A 1298 92.15 33.66 17.11
C ALA A 1298 93.63 33.85 17.41
N ARG A 1299 94.10 33.22 18.48
CA ARG A 1299 95.52 33.19 18.82
C ARG A 1299 95.89 31.75 19.10
N LEU A 1300 96.79 31.21 18.28
CA LEU A 1300 97.08 29.78 18.31
C LEU A 1300 98.03 29.45 19.45
N VAL A 1301 97.85 28.27 20.02
CA VAL A 1301 98.71 27.75 21.07
C VAL A 1301 99.41 26.50 20.59
N GLY A 1302 98.63 25.50 20.19
CA GLY A 1302 99.18 24.27 19.65
C GLY A 1302 98.65 24.04 18.25
N TRP A 1303 99.48 23.44 17.41
CA TRP A 1303 99.10 23.36 16.02
C TRP A 1303 99.83 22.20 15.37
N THR A 1304 99.16 21.52 14.43
CA THR A 1304 99.84 20.55 13.59
C THR A 1304 99.18 20.51 12.24
N ALA A 1305 99.93 20.06 11.24
CA ALA A 1305 99.44 20.01 9.87
C ALA A 1305 100.09 18.86 9.14
N ARG A 1306 99.28 18.02 8.53
CA ARG A 1306 99.70 16.86 7.77
C ARG A 1306 99.55 17.15 6.30
N PHE A 1307 100.63 17.00 5.54
CA PHE A 1307 100.61 17.22 4.10
C PHE A 1307 100.35 15.89 3.40
N LEU A 1308 99.53 15.92 2.36
CA LEU A 1308 99.10 14.69 1.71
C LEU A 1308 99.47 14.62 0.24
N GLY A 1309 99.20 15.68 -0.54
CA GLY A 1309 99.46 15.64 -1.95
C GLY A 1309 100.28 16.84 -2.40
N MET A 1310 100.73 16.78 -3.64
CA MET A 1310 101.50 17.87 -4.24
C MET A 1310 100.57 18.93 -4.80
N VAL A 1311 100.99 20.18 -4.68
CA VAL A 1311 100.25 21.32 -5.21
C VAL A 1311 101.15 22.08 -6.16
N ARG A 1312 100.77 22.09 -7.43
CA ARG A 1312 101.51 22.84 -8.43
C ARG A 1312 101.22 24.33 -8.26
N PRO A 1313 102.13 25.21 -8.69
CA PRO A 1313 101.86 26.65 -8.58
C PRO A 1313 100.74 27.08 -9.52
N GLY A 1314 99.72 27.69 -8.94
CA GLY A 1314 98.59 28.16 -9.71
C GLY A 1314 97.37 27.29 -9.55
N ASP A 1315 97.15 26.77 -8.34
CA ASP A 1315 96.01 25.94 -8.04
C ASP A 1315 95.15 26.64 -7.00
N GLU A 1316 93.83 26.44 -7.08
CA GLU A 1316 92.90 27.19 -6.23
C GLU A 1316 92.56 26.35 -5.01
N VAL A 1317 93.35 26.53 -3.95
CA VAL A 1317 93.10 25.85 -2.68
C VAL A 1317 91.88 26.48 -2.03
N ASP A 1318 91.08 25.69 -1.32
CA ASP A 1318 90.05 26.26 -0.47
C ASP A 1318 90.05 25.60 0.90
N PHE A 1319 90.01 26.42 1.94
CA PHE A 1319 90.00 25.98 3.32
C PHE A 1319 88.58 26.05 3.85
N ARG A 1320 88.18 25.02 4.59
CA ARG A 1320 86.85 24.92 5.18
C ARG A 1320 87.01 24.62 6.65
N VAL A 1321 87.11 25.67 7.48
CA VAL A 1321 87.52 25.53 8.86
C VAL A 1321 86.31 25.27 9.74
N GLU A 1322 86.42 24.30 10.65
CA GLU A 1322 85.31 23.88 11.49
C GLU A 1322 85.74 23.84 12.94
N ARG A 1323 84.77 23.56 13.81
CA ARG A 1323 85.02 23.44 15.24
C ARG A 1323 84.88 21.96 15.64
N VAL A 1324 85.75 21.50 16.53
CA VAL A 1324 85.81 20.08 16.87
C VAL A 1324 85.50 19.83 18.34
N GLY A 1325 86.25 20.47 19.23
CA GLY A 1325 86.17 20.17 20.64
C GLY A 1325 86.25 21.42 21.49
N ILE A 1326 86.30 21.19 22.81
CA ILE A 1326 86.43 22.27 23.78
C ILE A 1326 87.36 21.77 24.88
N ASP A 1327 88.14 22.70 25.44
CA ASP A 1327 89.16 22.34 26.43
C ASP A 1327 89.37 23.53 27.35
N GLN A 1328 88.67 23.53 28.49
CA GLN A 1328 88.75 24.57 29.52
C GLN A 1328 88.48 25.96 28.95
N GLY A 1329 87.39 26.08 28.20
CA GLY A 1329 87.04 27.33 27.56
C GLY A 1329 87.65 27.54 26.20
N ALA A 1330 88.82 26.98 25.93
CA ALA A 1330 89.45 27.05 24.62
C ALA A 1330 88.93 25.92 23.75
N GLU A 1331 88.83 26.17 22.45
CA GLU A 1331 88.22 25.23 21.54
C GLU A 1331 89.25 24.62 20.58
N ILE A 1332 88.93 23.43 20.11
CA ILE A 1332 89.79 22.68 19.19
C ILE A 1332 89.22 22.85 17.78
N VAL A 1333 90.07 23.26 16.84
CA VAL A 1333 89.65 23.74 15.53
C VAL A 1333 90.53 23.11 14.47
N ASP A 1334 89.92 22.50 13.45
CA ASP A 1334 90.68 21.87 12.37
C ASP A 1334 90.39 22.53 11.03
N VAL A 1335 91.31 22.38 10.09
CA VAL A 1335 91.07 22.79 8.71
C VAL A 1335 91.38 21.62 7.78
N ALA A 1336 90.84 21.71 6.58
CA ALA A 1336 91.09 20.74 5.53
C ALA A 1336 91.13 21.50 4.21
N ALA A 1337 92.22 21.35 3.48
CA ALA A 1337 92.44 22.11 2.25
C ALA A 1337 92.23 21.20 1.05
N ARG A 1338 91.53 21.71 0.05
CA ARG A 1338 91.17 20.93 -1.13
C ARG A 1338 91.59 21.64 -2.40
N VAL A 1339 91.93 20.87 -3.43
CA VAL A 1339 92.21 21.38 -4.76
C VAL A 1339 91.32 20.57 -5.69
N GLY A 1340 90.12 21.08 -5.96
CA GLY A 1340 89.20 20.28 -6.75
C GLY A 1340 88.38 19.35 -5.87
N SER A 1341 88.80 18.10 -5.76
CA SER A 1341 88.01 17.13 -4.99
C SER A 1341 88.85 16.19 -4.14
N ASP A 1342 90.12 16.48 -3.89
CA ASP A 1342 90.95 15.68 -3.00
C ASP A 1342 91.46 16.56 -1.87
N LEU A 1343 92.22 15.96 -0.96
CA LEU A 1343 92.84 16.70 0.13
C LEU A 1343 94.31 16.92 -0.15
N VAL A 1344 94.82 18.05 0.31
CA VAL A 1344 96.24 18.35 0.19
C VAL A 1344 96.84 18.56 1.58
N MET A 1345 96.03 18.97 2.54
CA MET A 1345 96.46 18.87 3.92
C MET A 1345 95.28 18.52 4.81
N SER A 1346 95.60 18.18 6.05
CA SER A 1346 94.63 18.14 7.13
C SER A 1346 95.34 18.67 8.36
N ALA A 1347 94.79 19.71 8.98
CA ALA A 1347 95.50 20.36 10.06
C ALA A 1347 94.59 20.53 11.25
N SER A 1348 95.18 20.52 12.43
CA SER A 1348 94.45 20.66 13.68
C SER A 1348 95.11 21.73 14.53
N ALA A 1349 94.33 22.33 15.43
CA ALA A 1349 94.83 23.44 16.21
C ALA A 1349 94.05 23.54 17.52
N ARG A 1350 94.75 23.97 18.56
CA ARG A 1350 94.14 24.42 19.80
C ARG A 1350 94.57 25.87 19.97
N LEU A 1351 93.62 26.78 19.87
CA LEU A 1351 93.85 28.20 20.03
C LEU A 1351 93.51 28.62 21.46
N ALA A 1352 94.01 29.80 21.83
CA ALA A 1352 93.90 30.25 23.21
C ALA A 1352 92.49 30.67 23.56
N ALA A 1353 92.19 30.62 24.84
CA ALA A 1353 90.90 31.09 25.31
C ALA A 1353 90.89 32.62 25.36
N PRO A 1354 89.79 33.26 24.99
CA PRO A 1354 89.76 34.73 24.98
C PRO A 1354 89.62 35.30 26.37
N LYS A 1355 90.03 36.56 26.50
CA LYS A 1355 89.90 37.28 27.76
C LYS A 1355 88.45 37.69 27.93
N THR A 1356 87.77 37.10 28.92
CA THR A 1356 86.34 37.31 29.07
C THR A 1356 86.04 38.03 30.38
N VAL A 1357 84.78 38.45 30.50
CA VAL A 1357 84.26 39.14 31.67
C VAL A 1357 83.01 38.42 32.13
N TYR A 1358 82.95 38.10 33.42
CA TYR A 1358 81.76 37.54 34.03
C TYR A 1358 81.13 38.62 34.88
N ALA A 1359 79.99 39.15 34.44
CA ALA A 1359 79.30 40.22 35.14
C ALA A 1359 78.00 39.70 35.73
N PHE A 1360 77.71 40.11 36.96
CA PHE A 1360 76.59 39.52 37.67
C PHE A 1360 75.51 40.55 37.96
N PRO A 1361 74.24 40.19 37.81
CA PRO A 1361 73.17 41.19 37.77
C PRO A 1361 72.74 41.72 39.13
N GLY A 1362 71.68 42.54 39.12
CA GLY A 1362 71.15 43.14 40.33
C GLY A 1362 69.73 42.74 40.64
N GLN A 1363 68.98 43.61 41.33
CA GLN A 1363 67.59 43.32 41.67
C GLN A 1363 66.71 43.32 40.43
N GLY A 1364 65.46 42.92 40.62
CA GLY A 1364 64.50 42.84 39.54
C GLY A 1364 64.64 41.62 38.66
N ILE A 1365 65.66 40.79 38.89
CA ILE A 1365 65.83 39.57 38.11
C ILE A 1365 65.04 38.42 38.70
N GLN A 1366 64.59 38.54 39.94
CA GLN A 1366 64.01 37.42 40.67
C GLN A 1366 62.60 37.12 40.21
N HIS A 1367 62.25 35.84 40.25
CA HIS A 1367 60.90 35.34 40.04
C HIS A 1367 60.83 33.94 40.63
N LYS A 1368 59.65 33.35 40.59
CA LYS A 1368 59.48 32.01 41.13
C LYS A 1368 60.03 30.97 40.16
N GLY A 1369 60.94 30.14 40.65
CA GLY A 1369 61.51 29.09 39.83
C GLY A 1369 62.70 29.51 39.01
N MET A 1370 63.75 29.99 39.66
CA MET A 1370 64.98 30.40 38.97
C MET A 1370 65.97 29.24 38.97
N GLY A 1371 66.35 28.79 37.78
CA GLY A 1371 67.39 27.78 37.68
C GLY A 1371 66.97 26.40 38.10
N MET A 1372 65.67 26.14 38.19
CA MET A 1372 65.22 24.80 38.52
C MET A 1372 65.49 23.82 37.39
N GLU A 1373 65.50 24.31 36.15
CA GLU A 1373 65.93 23.45 35.04
C GLU A 1373 67.42 23.16 35.10
N VAL A 1374 68.22 24.07 35.65
CA VAL A 1374 69.65 23.80 35.83
C VAL A 1374 69.84 22.76 36.92
N ARG A 1375 69.06 22.86 38.00
CA ARG A 1375 69.07 21.86 39.05
C ARG A 1375 68.60 20.51 38.53
N ALA A 1376 67.67 20.50 37.58
CA ALA A 1376 67.24 19.24 36.98
C ALA A 1376 68.28 18.66 36.04
N ARG A 1377 69.03 19.51 35.32
CA ARG A 1377 70.01 19.01 34.37
C ARG A 1377 71.24 18.46 35.08
N SER A 1378 71.92 19.30 35.84
CA SER A 1378 73.27 18.94 36.30
C SER A 1378 73.22 18.01 37.51
N LYS A 1379 74.41 17.70 38.02
CA LYS A 1379 74.58 17.00 39.28
C LYS A 1379 75.45 17.77 40.27
N ALA A 1380 76.47 18.47 39.77
CA ALA A 1380 77.24 19.36 40.63
C ALA A 1380 76.39 20.55 41.07
N ALA A 1381 75.51 21.02 40.20
CA ALA A 1381 74.56 22.06 40.60
C ALA A 1381 73.59 21.53 41.63
N ARG A 1382 73.18 20.26 41.49
CA ARG A 1382 72.33 19.65 42.51
C ARG A 1382 73.06 19.54 43.84
N LYS A 1383 74.36 19.25 43.79
CA LYS A 1383 75.17 19.20 45.00
C LYS A 1383 75.28 20.58 45.66
N VAL A 1384 75.42 21.63 44.86
CA VAL A 1384 75.59 22.94 45.49
C VAL A 1384 74.24 23.49 45.96
N TRP A 1385 73.12 23.12 45.32
CA TRP A 1385 71.81 23.41 45.91
C TRP A 1385 71.63 22.68 47.24
N ASP A 1386 72.11 21.44 47.33
CA ASP A 1386 71.97 20.68 48.58
C ASP A 1386 72.81 21.28 49.70
N THR A 1387 74.05 21.67 49.40
CA THR A 1387 74.86 22.32 50.41
C THR A 1387 74.30 23.69 50.80
N ALA A 1388 73.70 24.41 49.84
CA ALA A 1388 73.14 25.72 50.14
C ALA A 1388 71.93 25.62 51.06
N ASP A 1389 70.95 24.79 50.71
CA ASP A 1389 69.77 24.76 51.57
C ASP A 1389 70.03 24.01 52.87
N LYS A 1390 70.99 23.08 52.90
CA LYS A 1390 71.43 22.49 54.17
C LYS A 1390 72.04 23.55 55.08
N PHE A 1391 72.92 24.39 54.55
CA PHE A 1391 73.54 25.45 55.34
C PHE A 1391 72.52 26.44 55.85
N THR A 1392 71.57 26.85 54.99
CA THR A 1392 70.65 27.86 55.47
C THR A 1392 69.56 27.30 56.40
N ARG A 1393 69.20 26.01 56.29
CA ARG A 1393 68.30 25.48 57.29
C ARG A 1393 69.01 25.11 58.57
N ASP A 1394 70.34 24.94 58.54
CA ASP A 1394 71.07 24.69 59.77
C ASP A 1394 71.49 25.98 60.48
N THR A 1395 71.61 27.09 59.75
CA THR A 1395 72.04 28.34 60.36
C THR A 1395 70.94 29.38 60.43
N LEU A 1396 70.33 29.73 59.29
CA LEU A 1396 69.40 30.85 59.29
C LEU A 1396 68.02 30.43 59.80
N GLY A 1397 67.50 29.33 59.28
CA GLY A 1397 66.24 28.83 59.80
C GLY A 1397 65.13 28.77 58.76
N PHE A 1398 65.50 28.67 57.49
CA PHE A 1398 64.53 28.49 56.43
C PHE A 1398 65.15 27.67 55.32
N SER A 1399 64.32 27.27 54.36
CA SER A 1399 64.73 26.44 53.24
C SER A 1399 64.74 27.30 51.99
N VAL A 1400 65.95 27.65 51.53
CA VAL A 1400 66.07 28.52 50.35
C VAL A 1400 65.60 27.79 49.10
N LEU A 1401 65.66 26.45 49.10
CA LEU A 1401 65.07 25.67 48.03
C LEU A 1401 63.57 25.85 47.99
N HIS A 1402 62.93 25.88 49.15
CA HIS A 1402 61.49 26.12 49.15
C HIS A 1402 61.16 27.56 48.80
N VAL A 1403 61.97 28.52 49.25
CA VAL A 1403 61.74 29.93 48.96
C VAL A 1403 61.87 30.21 47.46
N VAL A 1404 62.72 29.48 46.76
CA VAL A 1404 62.81 29.67 45.31
C VAL A 1404 61.78 28.82 44.57
N ARG A 1405 61.60 27.56 44.98
CA ARG A 1405 60.78 26.62 44.23
C ARG A 1405 59.30 26.95 44.34
N ASP A 1406 58.86 27.41 45.51
CA ASP A 1406 57.53 27.94 45.67
C ASP A 1406 57.67 29.35 46.20
N ASN A 1407 56.62 30.15 46.11
CA ASN A 1407 56.63 31.50 46.63
C ASN A 1407 55.54 31.59 47.69
N PRO A 1408 55.83 31.20 48.93
CA PRO A 1408 54.81 31.25 49.97
C PRO A 1408 54.54 32.68 50.40
N THR A 1409 53.46 32.85 51.16
CA THR A 1409 53.06 34.18 51.56
C THR A 1409 53.91 34.70 52.70
N SER A 1410 54.09 33.90 53.75
CA SER A 1410 54.86 34.35 54.91
C SER A 1410 55.48 33.14 55.59
N ILE A 1411 56.79 33.19 55.82
CA ILE A 1411 57.51 32.14 56.51
C ILE A 1411 58.00 32.68 57.85
N ILE A 1412 58.38 31.77 58.73
CA ILE A 1412 58.97 32.12 60.02
C ILE A 1412 60.46 31.80 59.96
N ALA A 1413 61.28 32.78 60.32
CA ALA A 1413 62.72 32.62 60.47
C ALA A 1413 63.04 31.96 61.81
N SER A 1414 64.30 32.10 62.25
CA SER A 1414 64.69 31.64 63.58
C SER A 1414 63.84 32.28 64.67
N GLY A 1415 63.89 33.60 64.79
CA GLY A 1415 63.07 34.28 65.76
C GLY A 1415 61.70 34.72 65.27
N VAL A 1416 61.69 35.54 64.22
CA VAL A 1416 60.51 36.29 63.83
C VAL A 1416 59.96 35.73 62.53
N HIS A 1417 58.80 36.24 62.12
CA HIS A 1417 58.23 35.88 60.84
C HIS A 1417 58.22 37.08 59.91
N TYR A 1418 58.52 36.82 58.64
CA TYR A 1418 58.57 37.85 57.61
C TYR A 1418 57.35 37.71 56.70
N HIS A 1419 56.81 38.84 56.28
CA HIS A 1419 55.59 38.85 55.50
C HIS A 1419 55.71 39.85 54.37
N HIS A 1420 55.22 39.45 53.20
CA HIS A 1420 55.20 40.29 52.01
C HIS A 1420 54.09 39.76 51.11
N PRO A 1421 53.01 40.53 50.90
CA PRO A 1421 51.78 39.93 50.38
C PRO A 1421 51.83 39.54 48.90
N ASP A 1422 52.71 40.14 48.11
CA ASP A 1422 52.89 39.67 46.74
C ASP A 1422 53.66 38.37 46.68
N GLY A 1423 54.45 38.08 47.71
CA GLY A 1423 55.26 36.89 47.75
C GLY A 1423 56.50 37.11 48.59
N VAL A 1424 56.90 36.11 49.37
CA VAL A 1424 58.06 36.26 50.24
C VAL A 1424 59.36 36.13 49.47
N LEU A 1425 59.29 35.74 48.20
CA LEU A 1425 60.49 35.72 47.37
C LEU A 1425 60.97 37.13 47.06
N TYR A 1426 60.09 38.12 47.09
CA TYR A 1426 60.37 39.43 46.52
C TYR A 1426 60.99 40.42 47.48
N LEU A 1427 61.06 40.12 48.77
CA LEU A 1427 61.70 41.10 49.64
C LEU A 1427 63.18 40.82 49.78
N THR A 1428 63.84 41.68 50.56
CA THR A 1428 65.25 42.03 50.38
C THR A 1428 66.19 40.84 50.57
N GLN A 1429 66.15 40.24 51.77
CA GLN A 1429 67.12 39.21 52.13
C GLN A 1429 66.94 37.98 51.26
N PHE A 1430 65.70 37.67 50.94
CA PHE A 1430 65.39 36.45 50.22
C PHE A 1430 65.70 36.61 48.74
N THR A 1431 65.49 37.81 48.17
CA THR A 1431 65.98 38.11 46.83
C THR A 1431 67.48 37.93 46.73
N GLN A 1432 68.22 38.46 47.71
CA GLN A 1432 69.66 38.38 47.61
C GLN A 1432 70.20 36.96 47.80
N VAL A 1433 69.64 36.19 48.74
CA VAL A 1433 70.16 34.82 48.88
C VAL A 1433 69.72 33.95 47.71
N ALA A 1434 68.57 34.25 47.09
CA ALA A 1434 68.16 33.49 45.90
C ALA A 1434 69.06 33.80 44.72
N MET A 1435 69.42 35.07 44.52
CA MET A 1435 70.36 35.42 43.48
C MET A 1435 71.74 34.82 43.72
N ALA A 1436 72.15 34.74 45.00
CA ALA A 1436 73.43 34.15 45.35
C ALA A 1436 73.48 32.68 45.01
N THR A 1437 72.46 31.92 45.41
CA THR A 1437 72.49 30.48 45.14
C THR A 1437 72.28 30.18 43.66
N VAL A 1438 71.54 31.02 42.93
CA VAL A 1438 71.37 30.78 41.50
C VAL A 1438 72.66 31.05 40.74
N ALA A 1439 73.36 32.14 41.08
CA ALA A 1439 74.63 32.44 40.42
C ALA A 1439 75.69 31.40 40.74
N ALA A 1440 75.72 30.91 41.99
CA ALA A 1440 76.70 29.89 42.36
C ALA A 1440 76.41 28.56 41.66
N ALA A 1441 75.13 28.18 41.57
CA ALA A 1441 74.78 26.93 40.91
C ALA A 1441 75.08 26.99 39.42
N GLN A 1442 74.79 28.12 38.78
CA GLN A 1442 75.05 28.24 37.35
C GLN A 1442 76.54 28.23 37.05
N VAL A 1443 77.35 28.91 37.87
CA VAL A 1443 78.77 28.93 37.57
C VAL A 1443 79.41 27.59 37.90
N ALA A 1444 78.88 26.83 38.87
CA ALA A 1444 79.43 25.51 39.14
C ALA A 1444 79.10 24.53 38.02
N GLU A 1445 77.90 24.65 37.44
CA GLU A 1445 77.55 23.82 36.30
C GLU A 1445 78.38 24.17 35.07
N MET A 1446 78.54 25.45 34.77
CA MET A 1446 79.32 25.79 33.58
C MET A 1446 80.82 25.75 33.82
N ARG A 1447 81.29 25.45 35.04
CA ARG A 1447 82.69 25.10 35.18
C ARG A 1447 82.94 23.60 35.25
N GLU A 1448 81.94 22.81 35.63
CA GLU A 1448 82.13 21.37 35.47
C GLU A 1448 81.87 20.91 34.05
N GLN A 1449 81.21 21.73 33.22
CA GLN A 1449 81.11 21.40 31.81
C GLN A 1449 82.30 21.88 30.98
N GLY A 1450 83.33 22.45 31.62
CA GLY A 1450 84.54 22.80 30.92
C GLY A 1450 84.47 24.06 30.07
N ALA A 1451 83.36 24.80 30.12
CA ALA A 1451 83.22 26.02 29.35
C ALA A 1451 83.46 27.26 30.20
N PHE A 1452 84.33 27.18 31.19
CA PHE A 1452 84.64 28.29 32.09
C PHE A 1452 86.13 28.53 32.05
N VAL A 1453 86.54 29.70 31.54
CA VAL A 1453 87.94 30.07 31.48
C VAL A 1453 88.41 30.42 32.88
N GLU A 1454 89.72 30.49 33.08
CA GLU A 1454 90.29 30.56 34.42
C GLU A 1454 90.63 31.98 34.86
N GLY A 1455 91.48 32.67 34.11
CA GLY A 1455 91.97 33.95 34.55
C GLY A 1455 91.11 35.13 34.14
N ALA A 1456 89.81 34.89 33.94
CA ALA A 1456 88.90 35.96 33.57
C ALA A 1456 88.67 36.89 34.75
N ILE A 1457 88.44 38.16 34.43
CA ILE A 1457 88.32 39.16 35.47
C ILE A 1457 86.90 39.16 36.03
N ALA A 1458 86.70 39.82 37.16
CA ALA A 1458 85.46 39.74 37.93
C ALA A 1458 84.78 41.10 37.98
N CYS A 1459 83.66 41.23 37.31
CA CYS A 1459 82.80 42.41 37.40
C CYS A 1459 81.44 41.99 37.92
N GLY A 1460 80.57 42.97 38.05
CA GLY A 1460 79.20 42.70 38.44
C GLY A 1460 78.53 43.95 38.96
N HIS A 1461 77.21 43.85 39.07
CA HIS A 1461 76.49 44.93 39.71
C HIS A 1461 76.75 44.88 41.22
N SER A 1462 76.46 45.99 41.90
CA SER A 1462 76.94 46.19 43.26
C SER A 1462 76.30 45.27 44.29
N VAL A 1463 75.34 44.44 43.91
CA VAL A 1463 74.75 43.52 44.86
C VAL A 1463 75.11 42.10 44.45
N GLY A 1464 75.42 41.90 43.17
CA GLY A 1464 75.98 40.66 42.70
C GLY A 1464 77.48 40.62 42.77
N GLU A 1465 78.06 41.74 43.24
CA GLU A 1465 79.50 41.86 43.42
C GLU A 1465 80.03 40.84 44.42
N TYR A 1466 79.24 40.53 45.44
CA TYR A 1466 79.63 39.53 46.42
C TYR A 1466 79.76 38.15 45.77
N THR A 1467 78.82 37.81 44.89
CA THR A 1467 78.92 36.58 44.13
C THR A 1467 80.06 36.65 43.12
N ALA A 1468 80.42 37.84 42.66
CA ALA A 1468 81.59 37.97 41.78
C ALA A 1468 82.87 37.71 42.53
N LEU A 1469 82.93 38.06 43.82
CA LEU A 1469 84.08 37.65 44.61
C LEU A 1469 84.08 36.14 44.83
N ALA A 1470 82.93 35.58 45.20
CA ALA A 1470 82.92 34.21 45.67
C ALA A 1470 83.05 33.20 44.54
N CYS A 1471 82.47 33.47 43.38
CA CYS A 1471 82.36 32.43 42.37
C CYS A 1471 83.65 32.30 41.54
N VAL A 1472 84.02 33.36 40.82
CA VAL A 1472 85.05 33.24 39.81
C VAL A 1472 86.45 33.46 40.36
N THR A 1473 86.59 33.83 41.63
CA THR A 1473 87.90 33.95 42.24
C THR A 1473 88.13 32.99 43.40
N GLY A 1474 87.09 32.68 44.16
CA GLY A 1474 87.26 31.77 45.28
C GLY A 1474 88.03 32.35 46.44
N ILE A 1475 87.97 33.67 46.64
CA ILE A 1475 88.63 34.29 47.77
C ILE A 1475 87.92 33.92 49.08
N TYR A 1476 86.63 33.59 49.01
CA TYR A 1476 85.94 32.93 50.12
C TYR A 1476 84.94 31.96 49.53
N GLN A 1477 84.08 31.40 50.37
CA GLN A 1477 83.21 30.32 49.95
C GLN A 1477 81.75 30.70 50.15
N LEU A 1478 80.87 29.82 49.69
CA LEU A 1478 79.47 30.20 49.57
C LEU A 1478 78.73 30.20 50.90
N GLU A 1479 79.22 29.49 51.91
CA GLU A 1479 78.57 29.55 53.22
C GLU A 1479 78.74 30.93 53.84
N ALA A 1480 79.97 31.43 53.87
CA ALA A 1480 80.23 32.79 54.34
C ALA A 1480 79.61 33.82 53.40
N LEU A 1481 79.50 33.50 52.11
CA LEU A 1481 78.82 34.38 51.17
C LEU A 1481 77.35 34.56 51.51
N LEU A 1482 76.63 33.45 51.69
CA LEU A 1482 75.21 33.51 52.02
C LEU A 1482 74.98 34.15 53.40
N GLU A 1483 75.88 33.90 54.34
CA GLU A 1483 75.77 34.52 55.66
C GLU A 1483 75.93 36.04 55.57
N MET A 1484 76.96 36.48 54.84
CA MET A 1484 77.23 37.91 54.65
C MET A 1484 76.09 38.59 53.92
N VAL A 1485 75.53 37.91 52.92
CA VAL A 1485 74.41 38.42 52.14
C VAL A 1485 73.16 38.59 53.01
N PHE A 1486 72.85 37.60 53.85
CA PHE A 1486 71.67 37.73 54.70
C PHE A 1486 71.85 38.80 55.76
N HIS A 1487 73.08 38.94 56.30
CA HIS A 1487 73.30 40.00 57.28
C HIS A 1487 73.23 41.39 56.66
N ARG A 1488 73.72 41.56 55.42
CA ARG A 1488 73.63 42.89 54.83
C ARG A 1488 72.20 43.21 54.40
N GLY A 1489 71.39 42.19 54.07
CA GLY A 1489 69.98 42.46 53.80
C GLY A 1489 69.24 42.87 55.06
N SER A 1490 69.42 42.10 56.14
CA SER A 1490 68.73 42.41 57.39
C SER A 1490 69.25 43.69 58.04
N LYS A 1491 70.47 44.11 57.73
CA LYS A 1491 71.00 45.36 58.25
C LYS A 1491 70.66 46.55 57.36
N MET A 1492 70.45 46.33 56.06
CA MET A 1492 69.91 47.37 55.21
C MET A 1492 68.47 47.68 55.58
N HIS A 1493 67.71 46.66 55.97
CA HIS A 1493 66.28 46.84 56.20
C HIS A 1493 65.95 47.74 57.40
N ASP A 1494 66.88 47.95 58.34
CA ASP A 1494 66.55 48.62 59.59
C ASP A 1494 67.50 49.81 59.84
N ILE A 1495 67.70 50.67 58.84
CA ILE A 1495 68.52 51.86 59.05
C ILE A 1495 67.82 53.11 58.54
N VAL A 1496 66.53 53.00 58.22
CA VAL A 1496 65.75 54.14 57.74
C VAL A 1496 64.52 54.28 58.63
N PRO A 1497 64.30 55.44 59.25
CA PRO A 1497 63.02 55.66 59.95
C PRO A 1497 61.87 55.82 58.97
N ARG A 1498 61.04 54.80 58.89
CA ARG A 1498 59.95 54.74 57.92
C ARG A 1498 58.61 54.86 58.65
N ASP A 1499 57.54 54.90 57.86
CA ASP A 1499 56.21 54.87 58.42
C ASP A 1499 55.91 53.48 58.97
N GLU A 1500 55.05 53.42 59.98
CA GLU A 1500 54.66 52.16 60.60
C GLU A 1500 53.72 51.34 59.73
N LEU A 1501 53.19 51.92 58.66
CA LEU A 1501 52.42 51.18 57.67
C LEU A 1501 53.26 50.79 56.47
N GLY A 1502 54.58 50.77 56.62
CA GLY A 1502 55.49 50.33 55.59
C GLY A 1502 56.00 51.40 54.65
N ARG A 1503 55.32 52.54 54.58
CA ARG A 1503 55.70 53.58 53.63
C ARG A 1503 56.94 54.32 54.11
N SER A 1504 57.46 55.19 53.23
CA SER A 1504 58.60 56.02 53.55
C SER A 1504 58.48 57.32 52.78
N ASN A 1505 59.49 58.17 52.90
CA ASN A 1505 59.61 59.39 52.13
C ASN A 1505 60.77 59.29 51.15
N TYR A 1506 60.93 58.13 50.52
CA TYR A 1506 62.07 57.87 49.64
C TYR A 1506 61.64 56.90 48.54
N ARG A 1507 61.65 57.38 47.29
CA ARG A 1507 61.51 56.53 46.12
C ARG A 1507 62.65 56.87 45.16
N LEU A 1508 62.80 56.05 44.13
CA LEU A 1508 63.77 56.32 43.07
C LEU A 1508 63.12 56.13 41.71
N ALA A 1509 63.84 56.52 40.66
CA ALA A 1509 63.24 56.51 39.35
C ALA A 1509 64.33 56.42 38.29
N ALA A 1510 64.01 55.70 37.22
CA ALA A 1510 64.81 55.67 36.02
C ALA A 1510 64.48 56.88 35.17
N ILE A 1511 65.46 57.74 34.97
CA ILE A 1511 65.33 58.91 34.13
C ILE A 1511 66.06 58.63 32.82
N ARG A 1512 65.55 59.22 31.74
CA ARG A 1512 66.06 58.94 30.40
C ARG A 1512 66.40 60.27 29.74
N PRO A 1513 67.65 60.71 29.80
CA PRO A 1513 68.05 61.90 29.04
C PRO A 1513 68.10 61.65 27.55
N SER A 1514 66.95 61.49 26.92
CA SER A 1514 66.84 61.24 25.49
C SER A 1514 66.08 62.40 24.86
N GLN A 1515 66.73 63.08 23.91
CA GLN A 1515 66.27 64.25 23.18
C GLN A 1515 66.01 65.47 24.06
N ILE A 1516 66.36 65.41 25.35
CA ILE A 1516 66.17 66.53 26.25
C ILE A 1516 67.49 67.24 26.54
N ASP A 1517 68.56 66.87 25.82
CA ASP A 1517 69.85 67.56 25.79
C ASP A 1517 70.54 67.55 27.17
N LEU A 1518 70.83 66.34 27.64
CA LEU A 1518 71.64 66.13 28.82
C LEU A 1518 72.76 65.15 28.49
N ASP A 1519 73.89 65.30 29.18
CA ASP A 1519 75.00 64.37 29.02
C ASP A 1519 75.76 64.29 30.35
N ASP A 1520 76.98 63.77 30.29
CA ASP A 1520 77.78 63.55 31.50
C ASP A 1520 78.18 64.87 32.14
N ALA A 1521 78.39 65.92 31.35
CA ALA A 1521 78.76 67.21 31.90
C ALA A 1521 77.55 68.01 32.37
N ASP A 1522 76.33 67.54 32.11
CA ASP A 1522 75.15 68.32 32.41
C ASP A 1522 74.23 67.69 33.45
N VAL A 1523 74.18 66.37 33.53
CA VAL A 1523 73.27 65.67 34.46
C VAL A 1523 73.55 65.92 35.95
N PRO A 1524 74.79 65.84 36.49
CA PRO A 1524 74.94 66.12 37.94
C PRO A 1524 74.68 67.57 38.31
N ALA A 1525 75.00 68.51 37.43
CA ALA A 1525 74.63 69.91 37.65
C ALA A 1525 73.13 70.09 37.60
N PHE A 1526 72.45 69.33 36.72
CA PHE A 1526 70.99 69.36 36.64
C PHE A 1526 70.34 68.85 37.91
N VAL A 1527 70.87 67.75 38.45
CA VAL A 1527 70.34 67.16 39.67
C VAL A 1527 70.60 68.08 40.86
N ALA A 1528 71.79 68.69 40.93
CA ALA A 1528 72.09 69.62 42.00
C ALA A 1528 71.23 70.88 41.90
N GLY A 1529 70.94 71.34 40.69
CA GLY A 1529 70.10 72.52 40.52
C GLY A 1529 68.66 72.28 40.92
N ILE A 1530 68.10 71.13 40.52
CA ILE A 1530 66.74 70.84 40.95
C ILE A 1530 66.70 70.48 42.44
N ALA A 1531 67.80 69.99 43.01
CA ALA A 1531 67.87 69.76 44.44
C ALA A 1531 67.87 71.07 45.22
N GLU A 1532 68.58 72.08 44.71
CA GLU A 1532 68.54 73.39 45.34
C GLU A 1532 67.20 74.09 45.11
N SER A 1533 66.55 73.81 43.99
CA SER A 1533 65.24 74.41 43.73
C SER A 1533 64.15 73.82 44.61
N THR A 1534 64.22 72.51 44.86
CA THR A 1534 63.18 71.87 45.67
C THR A 1534 63.49 72.01 47.16
N GLY A 1535 64.76 71.93 47.54
CA GLY A 1535 65.14 71.91 48.93
C GLY A 1535 65.26 70.53 49.52
N GLU A 1536 65.56 69.52 48.69
CA GLU A 1536 65.55 68.12 49.11
C GLU A 1536 66.88 67.47 48.74
N PHE A 1537 67.01 66.20 49.10
CA PHE A 1537 68.17 65.40 48.73
C PHE A 1537 67.83 64.60 47.49
N LEU A 1538 68.54 64.88 46.38
CA LEU A 1538 68.38 64.14 45.14
C LEU A 1538 69.76 63.67 44.71
N GLU A 1539 69.90 62.38 44.40
CA GLU A 1539 71.20 61.82 44.10
C GLU A 1539 71.13 60.91 42.88
N ILE A 1540 72.23 60.86 42.15
CA ILE A 1540 72.47 59.75 41.24
C ILE A 1540 72.80 58.51 42.06
N VAL A 1541 72.33 57.35 41.61
CA VAL A 1541 72.70 56.12 42.30
C VAL A 1541 73.34 55.13 41.33
N ASN A 1542 72.76 54.96 40.15
CA ASN A 1542 73.22 53.96 39.21
C ASN A 1542 73.52 54.61 37.87
N PHE A 1543 74.80 54.74 37.54
CA PHE A 1543 75.23 55.11 36.20
C PHE A 1543 75.09 53.90 35.30
N ASN A 1544 73.88 53.68 34.81
CA ASN A 1544 73.60 52.43 34.08
C ASN A 1544 74.12 52.50 32.64
N LEU A 1545 73.56 53.40 31.84
CA LEU A 1545 73.91 53.51 30.44
C LEU A 1545 74.34 54.94 30.14
N ARG A 1546 75.30 55.07 29.21
CA ARG A 1546 75.84 56.39 28.84
C ARG A 1546 74.77 57.31 28.27
N GLY A 1547 73.89 56.76 27.44
CA GLY A 1547 72.96 57.63 26.74
C GLY A 1547 71.62 57.86 27.43
N SER A 1548 70.90 56.79 27.76
CA SER A 1548 69.48 56.96 28.00
C SER A 1548 68.97 56.13 29.18
N GLN A 1549 69.79 55.95 30.22
CA GLN A 1549 69.34 55.18 31.38
C GLN A 1549 70.15 55.63 32.59
N TYR A 1550 69.58 56.51 33.42
CA TYR A 1550 70.16 56.89 34.68
C TYR A 1550 69.16 56.58 35.79
N ALA A 1551 69.66 56.54 37.03
CA ALA A 1551 68.81 56.25 38.17
C ALA A 1551 68.99 57.31 39.23
N ILE A 1552 67.88 57.93 39.62
CA ILE A 1552 67.86 59.04 40.56
C ILE A 1552 67.07 58.63 41.79
N ALA A 1553 67.70 58.73 42.96
CA ALA A 1553 67.07 58.41 44.23
C ALA A 1553 66.93 59.67 45.07
N GLY A 1554 65.76 59.86 45.66
CA GLY A 1554 65.54 61.01 46.50
C GLY A 1554 64.23 60.94 47.24
N THR A 1555 63.81 62.09 47.78
CA THR A 1555 62.54 62.20 48.46
C THR A 1555 61.43 62.47 47.46
N VAL A 1556 60.19 62.29 47.92
CA VAL A 1556 59.03 62.24 47.02
C VAL A 1556 58.76 63.61 46.40
N ARG A 1557 59.02 64.69 47.15
CA ARG A 1557 58.81 66.03 46.62
C ARG A 1557 59.78 66.35 45.50
N GLY A 1558 61.05 66.01 45.68
CA GLY A 1558 62.01 66.11 44.60
C GLY A 1558 61.68 65.20 43.43
N LEU A 1559 61.04 64.05 43.72
CA LEU A 1559 60.61 63.18 42.62
C LEU A 1559 59.52 63.82 41.78
N GLU A 1560 58.55 64.50 42.40
CA GLU A 1560 57.54 65.13 41.55
C GLU A 1560 58.11 66.37 40.86
N ALA A 1561 59.11 67.03 41.45
CA ALA A 1561 59.78 68.12 40.73
C ALA A 1561 60.55 67.60 39.51
N LEU A 1562 61.22 66.46 39.67
CA LEU A 1562 61.91 65.82 38.55
C LEU A 1562 60.94 65.46 37.43
N GLU A 1563 59.82 64.81 37.78
CA GLU A 1563 58.89 64.44 36.71
C GLU A 1563 58.18 65.65 36.11
N ALA A 1564 58.05 66.75 36.86
CA ALA A 1564 57.50 67.97 36.29
C ALA A 1564 58.41 68.53 35.20
N GLU A 1565 59.70 68.67 35.51
CA GLU A 1565 60.63 69.20 34.50
C GLU A 1565 60.83 68.23 33.34
N VAL A 1566 60.82 66.93 33.62
CA VAL A 1566 60.99 65.93 32.56
C VAL A 1566 59.78 65.90 31.64
N GLU A 1567 58.57 65.98 32.20
CA GLU A 1567 57.38 65.96 31.35
C GLU A 1567 57.22 67.26 30.56
N ARG A 1568 57.64 68.41 31.11
CA ARG A 1568 57.54 69.62 30.30
C ARG A 1568 58.61 69.64 29.19
N ARG A 1569 59.81 69.13 29.44
CA ARG A 1569 60.77 69.01 28.35
C ARG A 1569 60.35 67.92 27.36
N ARG A 1570 59.60 66.92 27.83
CA ARG A 1570 59.05 65.88 26.95
C ARG A 1570 58.03 66.47 25.99
N GLU A 1571 57.10 67.27 26.51
CA GLU A 1571 56.12 67.89 25.62
C GLU A 1571 56.75 69.01 24.78
N LEU A 1572 57.92 69.52 25.17
CA LEU A 1572 58.69 70.35 24.24
C LEU A 1572 59.21 69.52 23.07
N THR A 1573 60.04 68.51 23.34
CA THR A 1573 60.86 67.92 22.29
C THR A 1573 60.23 66.70 21.62
N GLY A 1574 59.12 66.18 22.14
CA GLY A 1574 58.55 64.97 21.57
C GLY A 1574 58.40 63.85 22.58
N GLY A 1575 57.46 62.95 22.35
CA GLY A 1575 57.17 61.89 23.28
C GLY A 1575 58.24 60.82 23.38
N ARG A 1576 58.73 60.58 24.59
CA ARG A 1576 59.81 59.62 24.81
C ARG A 1576 59.57 58.72 26.01
N ARG A 1577 58.65 59.08 26.91
CA ARG A 1577 58.46 58.45 28.22
C ARG A 1577 59.77 58.41 29.00
N SER A 1578 60.29 59.61 29.26
CA SER A 1578 61.63 59.78 29.81
C SER A 1578 61.67 59.63 31.33
N PHE A 1579 60.58 59.28 31.98
CA PHE A 1579 60.55 59.16 33.43
C PHE A 1579 59.74 57.94 33.81
N ILE A 1580 60.36 56.98 34.50
CA ILE A 1580 59.66 55.81 35.03
C ILE A 1580 60.05 55.65 36.49
N LEU A 1581 59.08 55.77 37.39
CA LEU A 1581 59.36 55.55 38.80
C LEU A 1581 59.60 54.06 39.03
N VAL A 1582 60.38 53.75 40.07
CA VAL A 1582 60.89 52.40 40.34
C VAL A 1582 59.72 51.48 40.69
N PRO A 1583 59.80 50.19 40.35
CA PRO A 1583 58.77 49.25 40.83
C PRO A 1583 59.01 48.84 42.27
N GLY A 1584 58.18 49.36 43.17
CA GLY A 1584 58.06 48.79 44.50
C GLY A 1584 59.04 49.24 45.56
N ILE A 1585 60.32 49.26 45.25
CA ILE A 1585 61.33 49.37 46.30
C ILE A 1585 61.44 50.82 46.76
N ASP A 1586 61.82 51.00 48.03
CA ASP A 1586 61.62 52.29 48.68
C ASP A 1586 62.75 52.72 49.60
N VAL A 1587 64.01 52.37 49.31
CA VAL A 1587 65.14 52.73 50.14
C VAL A 1587 66.14 53.47 49.27
N PRO A 1588 66.66 54.62 49.68
CA PRO A 1588 67.62 55.34 48.82
C PRO A 1588 69.02 54.71 48.86
N PHE A 1589 69.23 53.71 48.00
CA PHE A 1589 70.48 52.95 48.00
C PHE A 1589 71.67 53.81 47.60
N HIS A 1590 72.83 53.43 48.15
CA HIS A 1590 74.15 53.92 47.75
C HIS A 1590 74.28 55.43 47.94
N SER A 1591 73.56 55.99 48.89
CA SER A 1591 73.54 57.41 49.15
C SER A 1591 74.22 57.72 50.47
N ARG A 1592 74.20 59.01 50.85
CA ARG A 1592 74.92 59.45 52.03
C ARG A 1592 74.19 59.06 53.32
N VAL A 1593 72.91 58.72 53.24
CA VAL A 1593 72.11 58.52 54.44
C VAL A 1593 72.23 57.10 54.99
N LEU A 1594 73.19 56.33 54.46
CA LEU A 1594 73.41 54.95 54.89
C LEU A 1594 74.76 54.77 55.59
N ARG A 1595 75.21 55.75 56.36
CA ARG A 1595 76.59 55.75 56.83
C ARG A 1595 76.73 55.45 58.32
N VAL A 1596 75.89 54.56 58.85
CA VAL A 1596 76.10 53.92 60.14
C VAL A 1596 76.13 52.40 60.00
N GLY A 1597 75.21 51.86 59.19
CA GLY A 1597 75.22 50.47 58.82
C GLY A 1597 76.48 50.04 58.10
N VAL A 1598 77.23 50.98 57.49
CA VAL A 1598 78.51 50.61 56.90
C VAL A 1598 79.53 50.27 57.99
N ALA A 1599 79.49 50.95 59.13
CA ALA A 1599 80.42 50.60 60.20
C ALA A 1599 80.01 49.32 60.89
N GLU A 1600 78.70 49.15 61.11
CA GLU A 1600 78.23 47.91 61.69
C GLU A 1600 78.44 46.72 60.74
N PHE A 1601 78.33 46.97 59.44
CA PHE A 1601 78.59 45.97 58.43
C PHE A 1601 80.08 45.68 58.31
N ARG A 1602 80.93 46.66 58.59
CA ARG A 1602 82.37 46.40 58.69
C ARG A 1602 82.67 45.46 59.84
N ARG A 1603 81.98 45.65 60.97
CA ARG A 1603 82.17 44.75 62.10
C ARG A 1603 81.70 43.33 61.77
N SER A 1604 80.53 43.21 61.11
CA SER A 1604 80.06 41.89 60.71
C SER A 1604 80.94 41.27 59.63
N LEU A 1605 81.53 42.10 58.77
CA LEU A 1605 82.42 41.62 57.72
C LEU A 1605 83.71 41.08 58.31
N ASP A 1606 84.27 41.77 59.32
CA ASP A 1606 85.44 41.25 60.02
C ASP A 1606 85.09 40.00 60.81
N ARG A 1607 83.84 39.86 61.25
CA ARG A 1607 83.40 38.62 61.86
C ARG A 1607 83.39 37.48 60.84
N VAL A 1608 82.85 37.73 59.65
CA VAL A 1608 82.56 36.64 58.72
C VAL A 1608 83.80 36.23 57.93
N MET A 1609 84.50 37.18 57.32
CA MET A 1609 85.49 36.85 56.30
C MET A 1609 86.73 36.24 56.94
N PRO A 1610 87.33 35.20 56.34
CA PRO A 1610 88.46 34.52 56.97
C PRO A 1610 89.72 35.38 57.03
N ARG A 1611 90.69 34.87 57.80
CA ARG A 1611 91.89 35.63 58.16
C ARG A 1611 92.83 35.78 56.97
N ASP A 1612 93.38 34.68 56.50
CA ASP A 1612 94.43 34.71 55.49
C ASP A 1612 93.83 34.91 54.11
N ALA A 1613 94.26 35.97 53.43
CA ALA A 1613 93.79 36.29 52.10
C ALA A 1613 94.93 36.11 51.11
N ASP A 1614 94.57 35.68 49.90
CA ASP A 1614 95.53 35.59 48.82
C ASP A 1614 95.28 36.78 47.90
N PRO A 1615 96.14 37.80 47.93
CA PRO A 1615 95.86 39.01 47.13
C PRO A 1615 95.97 38.77 45.64
N ASP A 1616 96.80 37.83 45.20
CA ASP A 1616 96.94 37.53 43.78
C ASP A 1616 95.71 36.86 43.19
N LEU A 1617 94.78 36.41 44.01
CA LEU A 1617 93.51 35.90 43.50
C LEU A 1617 92.55 37.01 43.09
N ILE A 1618 92.87 38.28 43.38
CA ILE A 1618 92.00 39.38 42.98
C ILE A 1618 92.77 40.52 42.31
N ILE A 1619 94.10 40.53 42.46
CA ILE A 1619 94.90 41.56 41.81
C ILE A 1619 94.89 41.32 40.30
N GLY A 1620 94.49 42.35 39.55
CA GLY A 1620 94.37 42.22 38.11
C GLY A 1620 93.17 41.42 37.68
N ARG A 1621 92.23 41.17 38.58
CA ARG A 1621 91.08 40.34 38.27
C ARG A 1621 89.78 40.93 38.80
N TYR A 1622 89.83 41.97 39.63
CA TYR A 1622 88.64 42.46 40.30
C TYR A 1622 88.36 43.91 39.93
N ILE A 1623 87.10 44.20 39.62
CA ILE A 1623 86.60 45.54 39.35
C ILE A 1623 85.52 45.86 40.38
N PRO A 1624 85.78 46.74 41.33
CA PRO A 1624 84.70 47.18 42.23
C PRO A 1624 83.79 48.20 41.58
N ASN A 1625 82.85 48.73 42.35
CA ASN A 1625 81.85 49.64 41.81
C ASN A 1625 81.98 51.07 42.29
N LEU A 1626 82.55 51.30 43.46
CA LEU A 1626 82.76 52.67 43.90
C LEU A 1626 83.94 53.31 43.15
N VAL A 1627 84.97 52.53 42.85
CA VAL A 1627 86.04 52.93 41.95
C VAL A 1627 86.06 51.95 40.79
N PRO A 1628 85.98 52.40 39.55
CA PRO A 1628 85.84 51.47 38.43
C PRO A 1628 87.14 50.94 37.88
N ARG A 1629 88.23 51.09 38.62
CA ARG A 1629 89.55 50.66 38.15
C ARG A 1629 89.88 49.30 38.75
N LEU A 1630 90.87 48.62 38.15
CA LEU A 1630 91.34 47.33 38.63
C LEU A 1630 91.87 47.42 40.06
N PHE A 1631 91.60 46.37 40.83
CA PHE A 1631 92.12 46.28 42.18
C PHE A 1631 93.62 46.06 42.12
N THR A 1632 94.37 47.11 42.45
CA THR A 1632 95.82 47.06 42.37
C THR A 1632 96.39 47.70 43.63
N LEU A 1633 97.43 47.10 44.18
CA LEU A 1633 98.07 47.62 45.38
C LEU A 1633 98.84 48.88 45.02
N ASP A 1634 98.18 50.02 45.08
CA ASP A 1634 98.76 51.29 44.66
C ASP A 1634 98.49 52.37 45.69
N ARG A 1635 99.48 53.24 45.86
CA ARG A 1635 99.30 54.45 46.65
C ARG A 1635 98.23 55.34 46.04
N ASP A 1636 98.17 55.41 44.71
CA ASP A 1636 97.12 56.16 44.04
C ASP A 1636 95.76 55.53 44.25
N PHE A 1637 95.69 54.20 44.32
CA PHE A 1637 94.42 53.52 44.51
C PHE A 1637 93.88 53.74 45.92
N ILE A 1638 94.75 53.58 46.93
CA ILE A 1638 94.29 53.80 48.30
C ILE A 1638 94.02 55.28 48.55
N GLN A 1639 94.76 56.18 47.91
CA GLN A 1639 94.48 57.61 48.04
C GLN A 1639 93.18 57.97 47.35
N GLU A 1640 92.85 57.30 46.25
CA GLU A 1640 91.63 57.61 45.52
C GLU A 1640 90.41 57.15 46.29
N ILE A 1641 90.46 55.95 46.90
CA ILE A 1641 89.33 55.57 47.73
C ILE A 1641 89.29 56.41 49.01
N ARG A 1642 90.45 56.87 49.49
CA ARG A 1642 90.50 57.65 50.72
C ARG A 1642 89.90 59.04 50.54
N ASP A 1643 90.19 59.71 49.43
CA ASP A 1643 89.59 61.02 49.23
C ASP A 1643 88.25 60.95 48.51
N LEU A 1644 87.84 59.77 48.03
CA LEU A 1644 86.46 59.63 47.59
C LEU A 1644 85.54 59.45 48.78
N VAL A 1645 85.89 58.54 49.68
CA VAL A 1645 85.12 58.34 50.91
C VAL A 1645 86.10 58.32 52.08
N PRO A 1646 85.88 59.09 53.15
CA PRO A 1646 86.79 59.05 54.30
C PRO A 1646 86.76 57.70 55.00
N ALA A 1647 87.95 57.10 55.10
CA ALA A 1647 88.11 55.73 55.59
C ALA A 1647 89.06 55.76 56.78
N GLU A 1648 88.50 55.75 57.97
CA GLU A 1648 89.26 55.92 59.21
C GLU A 1648 90.31 54.85 59.58
N PRO A 1649 90.26 53.58 59.16
CA PRO A 1649 91.44 52.74 59.41
C PRO A 1649 92.44 52.71 58.27
N LEU A 1650 92.16 53.42 57.18
CA LEU A 1650 93.02 53.40 56.00
C LEU A 1650 94.09 54.49 56.05
N ASP A 1651 93.95 55.46 56.95
CA ASP A 1651 94.89 56.58 57.05
C ASP A 1651 96.28 56.13 57.47
N GLU A 1652 96.38 55.06 58.27
CA GLU A 1652 97.70 54.54 58.62
C GLU A 1652 98.40 53.92 57.43
N ILE A 1653 97.65 53.36 56.48
CA ILE A 1653 98.23 52.83 55.26
C ILE A 1653 98.54 53.96 54.30
N LEU A 1654 97.71 54.99 54.31
CA LEU A 1654 97.94 56.21 53.54
C LEU A 1654 99.21 56.92 54.01
N ALA A 1655 99.53 56.80 55.30
CA ALA A 1655 100.78 57.32 55.81
C ALA A 1655 101.99 56.60 55.21
N ASP A 1656 102.11 55.30 55.47
CA ASP A 1656 103.26 54.55 54.98
C ASP A 1656 102.83 53.20 54.45
N TYR A 1657 103.48 52.78 53.35
CA TYR A 1657 103.24 51.47 52.77
C TYR A 1657 104.51 50.78 52.30
N ASP A 1658 105.63 51.49 52.19
CA ASP A 1658 106.86 50.90 51.65
C ASP A 1658 107.44 49.88 52.62
N THR A 1659 107.50 50.23 53.90
CA THR A 1659 107.84 49.24 54.91
C THR A 1659 106.70 48.24 55.10
N TRP A 1660 105.47 48.63 54.78
CA TRP A 1660 104.32 47.75 54.97
C TRP A 1660 104.10 46.82 53.80
N LEU A 1661 104.53 47.20 52.59
CA LEU A 1661 104.66 46.21 51.52
C LEU A 1661 105.70 45.16 51.89
N ARG A 1662 106.76 45.58 52.58
CA ARG A 1662 107.75 44.65 53.08
C ARG A 1662 107.18 43.81 54.22
N GLU A 1663 106.29 44.39 55.03
CA GLU A 1663 105.83 43.73 56.25
C GLU A 1663 104.47 43.04 56.10
N ARG A 1664 103.44 43.75 55.65
CA ARG A 1664 102.06 43.26 55.73
C ARG A 1664 101.36 43.27 54.37
N PRO A 1665 101.79 42.40 53.42
CA PRO A 1665 101.10 42.39 52.11
C PRO A 1665 99.68 41.83 52.19
N ARG A 1666 99.53 40.64 52.78
CA ARG A 1666 98.21 40.02 52.91
C ARG A 1666 97.32 40.82 53.85
N GLU A 1667 97.88 41.31 54.95
CA GLU A 1667 97.13 42.10 55.92
C GLU A 1667 96.64 43.42 55.31
N MET A 1668 97.53 44.11 54.59
CA MET A 1668 97.18 45.40 54.00
C MET A 1668 96.17 45.24 52.87
N ALA A 1669 96.35 44.21 52.04
CA ALA A 1669 95.38 43.92 50.99
C ALA A 1669 94.03 43.52 51.59
N ARG A 1670 94.06 42.80 52.73
CA ARG A 1670 92.83 42.42 53.42
C ARG A 1670 92.09 43.63 53.94
N THR A 1671 92.82 44.58 54.54
CA THR A 1671 92.19 45.77 55.10
C THR A 1671 91.61 46.66 54.01
N VAL A 1672 92.35 46.85 52.91
CA VAL A 1672 91.80 47.70 51.85
C VAL A 1672 90.67 46.98 51.13
N PHE A 1673 90.68 45.64 51.14
CA PHE A 1673 89.60 44.87 50.54
C PHE A 1673 88.32 44.97 51.36
N ILE A 1674 88.42 44.84 52.68
CA ILE A 1674 87.22 44.92 53.49
C ILE A 1674 86.71 46.36 53.55
N GLU A 1675 87.61 47.34 53.44
CA GLU A 1675 87.18 48.73 53.43
C GLU A 1675 86.42 49.06 52.15
N LEU A 1676 87.02 48.74 51.00
CA LEU A 1676 86.38 48.96 49.71
C LEU A 1676 85.15 48.08 49.50
N LEU A 1677 85.06 46.95 50.18
CA LEU A 1677 83.86 46.13 50.10
C LEU A 1677 82.77 46.62 51.02
N ALA A 1678 83.12 47.31 52.11
CA ALA A 1678 82.11 47.85 53.00
C ALA A 1678 81.53 49.16 52.48
N TRP A 1679 82.35 50.01 51.85
CA TRP A 1679 81.84 51.33 51.49
C TRP A 1679 80.91 51.34 50.28
N GLN A 1680 80.85 50.27 49.49
CA GLN A 1680 79.96 50.26 48.34
C GLN A 1680 78.50 50.08 48.72
N PHE A 1681 78.24 49.78 49.99
CA PHE A 1681 76.88 49.77 50.50
C PHE A 1681 76.26 51.16 50.50
N ALA A 1682 77.09 52.20 50.60
CA ALA A 1682 76.61 53.57 50.60
C ALA A 1682 77.26 54.44 49.52
N SER A 1683 78.12 53.88 48.70
CA SER A 1683 78.64 54.72 47.62
C SER A 1683 77.98 54.37 46.29
N PRO A 1684 77.74 55.35 45.42
CA PRO A 1684 77.12 55.06 44.12
C PRO A 1684 78.08 54.31 43.20
N VAL A 1685 77.50 53.67 42.19
CA VAL A 1685 78.27 52.87 41.26
C VAL A 1685 78.73 53.74 40.10
N ARG A 1686 79.72 53.25 39.38
CA ARG A 1686 80.28 53.93 38.22
C ARG A 1686 80.30 52.97 37.03
N TRP A 1687 79.13 52.35 36.80
CA TRP A 1687 79.04 51.21 35.89
C TRP A 1687 79.25 51.61 34.43
N ILE A 1688 78.97 52.86 34.09
CA ILE A 1688 79.33 53.37 32.76
C ILE A 1688 80.84 53.35 32.58
N GLU A 1689 81.58 53.79 33.59
CA GLU A 1689 83.03 53.79 33.45
C GLU A 1689 83.60 52.37 33.57
N THR A 1690 82.90 51.46 34.25
CA THR A 1690 83.33 50.06 34.21
C THR A 1690 83.18 49.49 32.81
N GLN A 1691 82.06 49.77 32.14
CA GLN A 1691 81.87 49.31 30.77
C GLN A 1691 82.86 49.94 29.80
N ASP A 1692 83.21 51.22 30.02
CA ASP A 1692 84.24 51.82 29.18
C ASP A 1692 85.61 51.21 29.42
N LEU A 1693 85.92 50.91 30.69
CA LEU A 1693 87.19 50.26 31.03
C LEU A 1693 87.25 48.85 30.48
N LEU A 1694 86.10 48.20 30.30
CA LEU A 1694 86.05 46.88 29.69
C LEU A 1694 86.02 46.91 28.17
N PHE A 1695 85.59 48.00 27.55
CA PHE A 1695 85.41 47.97 26.12
C PHE A 1695 86.46 48.73 25.34
N ILE A 1696 87.15 49.70 25.97
CA ILE A 1696 88.24 50.38 25.29
C ILE A 1696 89.46 49.47 25.26
N GLU A 1697 90.10 49.37 24.09
CA GLU A 1697 91.08 48.33 23.80
C GLU A 1697 92.37 48.54 24.59
N GLU A 1698 93.32 47.61 24.37
CA GLU A 1698 94.55 47.58 25.16
C GLU A 1698 95.46 48.74 24.81
N ALA A 1699 95.71 48.95 23.52
CA ALA A 1699 96.22 50.24 23.08
C ALA A 1699 95.17 51.30 23.35
N ALA A 1700 95.64 52.52 23.64
CA ALA A 1700 94.86 53.58 24.26
C ALA A 1700 94.21 53.07 25.55
N GLY A 1701 95.08 52.88 26.55
CA GLY A 1701 94.94 51.99 27.69
C GLY A 1701 93.60 51.78 28.35
N GLY A 1702 93.21 50.50 28.44
CA GLY A 1702 91.96 50.04 28.98
C GLY A 1702 91.91 48.55 28.74
N LEU A 1703 91.15 47.81 29.53
CA LEU A 1703 91.16 46.35 29.39
C LEU A 1703 90.38 45.95 28.15
N GLY A 1704 91.07 45.44 27.15
CA GLY A 1704 90.40 45.00 25.94
C GLY A 1704 89.99 43.55 26.03
N VAL A 1705 88.69 43.29 26.09
CA VAL A 1705 88.18 41.94 26.27
C VAL A 1705 87.45 41.52 24.99
N GLU A 1706 87.16 40.22 24.91
CA GLU A 1706 86.52 39.66 23.73
C GLU A 1706 85.09 39.23 23.98
N ARG A 1707 84.85 38.36 24.95
CA ARG A 1707 83.48 37.99 25.30
C ARG A 1707 83.05 38.66 26.59
N PHE A 1708 81.80 39.07 26.61
CA PHE A 1708 81.17 39.67 27.78
C PHE A 1708 79.95 38.79 28.08
N VAL A 1709 80.10 37.84 28.98
CA VAL A 1709 79.03 36.93 29.33
C VAL A 1709 78.52 37.29 30.72
N GLU A 1710 77.21 37.50 30.82
CA GLU A 1710 76.58 37.77 32.10
C GLU A 1710 75.74 36.58 32.52
N ILE A 1711 75.77 36.28 33.81
CA ILE A 1711 75.21 35.05 34.35
C ILE A 1711 73.93 35.45 35.09
N GLY A 1712 72.82 35.39 34.37
CA GLY A 1712 71.51 35.68 34.91
C GLY A 1712 70.47 34.97 34.08
N VAL A 1713 69.21 35.04 34.53
CA VAL A 1713 68.16 34.27 33.89
C VAL A 1713 67.75 34.92 32.59
N LYS A 1714 67.01 34.20 31.76
CA LYS A 1714 66.62 34.69 30.45
C LYS A 1714 65.29 35.45 30.46
N SER A 1715 64.59 35.48 31.59
CA SER A 1715 63.36 36.25 31.64
C SER A 1715 63.61 37.75 31.71
N SER A 1716 64.79 38.17 32.15
CA SER A 1716 65.15 39.59 32.18
C SER A 1716 66.66 39.76 32.12
N PRO A 1717 67.23 39.71 30.91
CA PRO A 1717 68.69 39.90 30.78
C PRO A 1717 69.09 41.37 30.77
N THR A 1718 69.10 41.97 31.96
CA THR A 1718 69.26 43.41 32.08
C THR A 1718 70.69 43.86 31.77
N VAL A 1719 71.69 43.17 32.32
CA VAL A 1719 73.07 43.56 32.09
C VAL A 1719 73.47 43.29 30.64
N ALA A 1720 72.92 42.24 30.04
CA ALA A 1720 73.16 41.99 28.63
C ALA A 1720 72.49 43.05 27.75
N GLY A 1721 71.32 43.54 28.18
CA GLY A 1721 70.70 44.65 27.46
C GLY A 1721 71.51 45.92 27.52
N LEU A 1722 72.06 46.23 28.71
CA LEU A 1722 72.94 47.39 28.85
C LEU A 1722 74.22 47.23 28.04
N ALA A 1723 74.73 45.99 27.94
CA ALA A 1723 75.93 45.73 27.16
C ALA A 1723 75.68 45.95 25.67
N THR A 1724 74.57 45.41 25.15
CA THR A 1724 74.25 45.61 23.74
C THR A 1724 73.93 47.07 23.43
N ASN A 1725 73.34 47.81 24.38
CA ASN A 1725 73.07 49.21 24.14
C ASN A 1725 74.37 50.02 24.11
N THR A 1726 75.32 49.70 25.00
CA THR A 1726 76.60 50.39 24.97
C THR A 1726 77.39 50.03 23.72
N LEU A 1727 77.23 48.82 23.20
CA LEU A 1727 77.89 48.46 21.94
C LEU A 1727 77.28 49.21 20.76
N LYS A 1728 75.96 49.30 20.70
CA LYS A 1728 75.32 50.00 19.59
C LYS A 1728 75.32 51.51 19.75
N LEU A 1729 75.85 52.01 20.86
CA LEU A 1729 76.07 53.44 20.99
C LEU A 1729 77.13 53.88 19.97
N PRO A 1730 76.94 55.02 19.31
CA PRO A 1730 77.77 55.38 18.15
C PRO A 1730 79.17 55.88 18.47
N GLU A 1731 79.68 55.72 19.68
CA GLU A 1731 81.09 56.02 19.91
C GLU A 1731 81.97 54.98 19.22
N TYR A 1732 81.46 53.79 19.02
CA TYR A 1732 82.17 52.72 18.34
C TYR A 1732 81.16 51.78 17.71
N ALA A 1733 81.39 51.42 16.47
CA ALA A 1733 80.52 50.50 15.75
C ALA A 1733 81.29 49.34 15.15
N HIS A 1734 82.59 49.28 15.36
CA HIS A 1734 83.44 48.24 14.81
C HIS A 1734 83.95 47.26 15.85
N SER A 1735 83.74 47.53 17.14
CA SER A 1735 84.26 46.68 18.18
C SER A 1735 83.47 45.37 18.23
N THR A 1736 84.15 44.26 17.98
CA THR A 1736 83.54 42.94 18.01
C THR A 1736 83.67 42.35 19.40
N VAL A 1737 82.75 42.70 20.28
CA VAL A 1737 82.70 42.17 21.64
C VAL A 1737 81.44 41.32 21.73
N GLU A 1738 81.62 40.01 21.76
CA GLU A 1738 80.49 39.10 21.73
C GLU A 1738 79.84 39.05 23.12
N VAL A 1739 78.59 39.49 23.20
CA VAL A 1739 77.87 39.57 24.47
C VAL A 1739 76.95 38.37 24.59
N LEU A 1740 77.10 37.62 25.67
CA LEU A 1740 76.28 36.42 25.90
C LEU A 1740 75.51 36.56 27.20
N ASN A 1741 74.31 36.00 27.20
CA ASN A 1741 73.60 35.65 28.42
C ASN A 1741 73.87 34.19 28.72
N ALA A 1742 73.93 33.86 30.00
CA ALA A 1742 74.12 32.46 30.37
C ALA A 1742 72.84 31.64 30.30
N GLU A 1743 71.73 32.22 29.88
CA GLU A 1743 70.51 31.45 29.69
C GLU A 1743 69.91 31.61 28.30
N ARG A 1744 70.00 32.81 27.70
CA ARG A 1744 69.58 32.94 26.31
C ARG A 1744 70.53 32.23 25.37
N ASP A 1745 71.83 32.35 25.65
CA ASP A 1745 72.88 31.89 24.75
C ASP A 1745 73.58 30.66 25.31
N ALA A 1746 72.80 29.75 25.90
CA ALA A 1746 73.37 28.57 26.55
C ALA A 1746 74.02 27.63 25.55
N ALA A 1747 73.43 27.50 24.35
CA ALA A 1747 73.97 26.59 23.36
C ALA A 1747 75.32 27.07 22.83
N VAL A 1748 75.44 28.37 22.55
CA VAL A 1748 76.71 28.87 22.05
C VAL A 1748 77.70 29.08 23.20
N LEU A 1749 77.23 29.14 24.44
CA LEU A 1749 78.16 29.22 25.56
C LEU A 1749 78.80 27.88 25.82
N PHE A 1750 78.00 26.82 25.94
CA PHE A 1750 78.55 25.48 26.11
C PHE A 1750 79.03 24.86 24.82
N ALA A 1751 78.90 25.59 23.69
CA ALA A 1751 79.45 25.21 22.38
C ALA A 1751 78.84 23.90 21.89
N THR A 1752 77.52 23.78 22.02
CA THR A 1752 76.81 22.57 21.60
C THR A 1752 75.73 22.91 20.59
N ASP A 1753 76.08 23.68 19.56
CA ASP A 1753 75.14 24.13 18.55
C ASP A 1753 75.61 23.71 17.16
N THR A 1754 74.65 23.37 16.30
CA THR A 1754 74.91 23.01 14.92
C THR A 1754 74.30 24.06 13.99
N ASP A 1755 74.39 23.79 12.70
CA ASP A 1755 73.85 24.70 11.68
C ASP A 1755 72.92 23.98 10.73
N ALA A 1987 23.22 16.91 -13.36
CA ALA A 1987 22.39 15.74 -13.12
C ALA A 1987 22.38 15.34 -11.65
N ALA A 1988 22.07 16.31 -10.79
CA ALA A 1988 22.00 16.08 -9.35
C ALA A 1988 20.71 15.31 -9.03
N ALA A 1989 20.87 14.05 -8.64
CA ALA A 1989 19.73 13.17 -8.41
C ALA A 1989 19.31 13.10 -6.94
N LEU A 1990 19.99 13.86 -6.08
CA LEU A 1990 19.78 13.77 -4.63
C LEU A 1990 18.38 14.22 -4.23
N SER A 1991 17.77 15.11 -5.02
CA SER A 1991 16.41 15.55 -4.75
C SER A 1991 15.41 14.39 -4.86
N GLU A 1992 15.48 13.61 -5.95
CA GLU A 1992 14.55 12.50 -6.05
C GLU A 1992 14.97 11.32 -5.18
N PHE A 1993 16.26 11.21 -4.82
CA PHE A 1993 16.66 10.26 -3.77
C PHE A 1993 15.92 10.56 -2.47
N THR A 1994 15.97 11.82 -2.03
CA THR A 1994 15.23 12.22 -0.84
C THR A 1994 13.72 12.11 -1.02
N ASP A 1995 13.23 12.24 -2.25
CA ASP A 1995 11.81 12.03 -2.51
C ASP A 1995 11.39 10.59 -2.25
N GLN A 1996 12.17 9.62 -2.76
CA GLN A 1996 11.76 8.24 -2.52
C GLN A 1996 11.99 7.83 -1.06
N ILE A 1997 13.00 8.42 -0.40
CA ILE A 1997 13.21 8.16 1.03
C ILE A 1997 12.07 8.76 1.85
N THR A 1998 11.59 9.93 1.46
CA THR A 1998 10.50 10.57 2.20
C THR A 1998 9.18 9.84 1.98
N GLY A 1999 8.94 9.34 0.77
CA GLY A 1999 7.75 8.53 0.53
C GLY A 1999 7.79 7.20 1.27
N ARG A 2000 8.97 6.59 1.32
CA ARG A 2000 9.18 5.36 2.07
C ARG A 2000 8.94 5.55 3.56
N GLU A 2001 9.51 6.61 4.13
CA GLU A 2001 9.29 6.92 5.54
C GLU A 2001 7.86 7.35 5.80
N GLY A 2002 7.18 7.91 4.80
CA GLY A 2002 5.77 8.20 4.94
C GLY A 2002 4.92 6.95 4.99
N VAL A 2003 5.29 5.92 4.22
CA VAL A 2003 4.63 4.62 4.33
C VAL A 2003 4.86 4.03 5.72
N LEU A 2004 6.08 4.18 6.24
CA LEU A 2004 6.40 3.76 7.61
C LEU A 2004 5.51 4.45 8.64
N ALA A 2005 5.43 5.77 8.58
CA ALA A 2005 4.63 6.53 9.53
C ALA A 2005 3.13 6.30 9.32
N SER A 2006 2.73 5.89 8.11
CA SER A 2006 1.35 5.53 7.88
C SER A 2006 0.99 4.26 8.61
N ALA A 2007 1.85 3.25 8.51
CA ALA A 2007 1.58 1.99 9.19
C ALA A 2007 1.67 2.13 10.70
N ALA A 2008 2.74 2.79 11.18
CA ALA A 2008 3.32 2.54 12.49
C ALA A 2008 2.38 2.83 13.65
N ARG A 2009 1.44 3.76 13.49
CA ARG A 2009 0.59 4.15 14.60
C ARG A 2009 -0.71 3.35 14.69
N LEU A 2010 -1.21 2.82 13.58
CA LEU A 2010 -2.40 1.98 13.67
C LEU A 2010 -2.08 0.50 13.68
N VAL A 2011 -0.86 0.12 13.29
CA VAL A 2011 -0.48 -1.29 13.42
C VAL A 2011 -0.20 -1.70 14.86
N LEU A 2012 -0.20 -0.74 15.79
CA LEU A 2012 0.12 -0.92 17.22
C LEU A 2012 1.40 -1.71 17.45
N GLY A 2013 2.38 -1.49 16.58
CA GLY A 2013 3.71 -1.99 16.82
C GLY A 2013 4.49 -0.98 17.62
N GLN A 2014 4.54 -1.16 18.94
CA GLN A 2014 5.09 -0.16 19.83
C GLN A 2014 6.61 -0.16 19.77
N LEU A 2015 7.19 1.00 19.50
CA LEU A 2015 8.62 1.15 19.41
C LEU A 2015 9.08 2.19 20.42
N GLY A 2016 10.37 2.17 20.73
CA GLY A 2016 10.89 3.03 21.77
C GLY A 2016 10.55 2.58 23.17
N LEU A 2017 10.30 1.29 23.37
CA LEU A 2017 9.99 0.75 24.68
C LEU A 2017 11.23 0.48 25.51
N ASP A 2018 12.42 0.70 24.95
CA ASP A 2018 13.68 0.55 25.66
C ASP A 2018 14.09 1.88 26.30
N ASP A 2019 15.00 1.79 27.27
CA ASP A 2019 15.50 2.95 27.98
C ASP A 2019 16.97 2.71 28.27
N PRO A 2020 17.84 3.72 28.11
CA PRO A 2020 19.23 3.57 28.55
C PRO A 2020 19.33 3.58 30.06
N VAL A 2021 19.55 2.40 30.63
CA VAL A 2021 19.55 2.25 32.08
C VAL A 2021 20.97 2.21 32.65
N ASN A 2022 21.93 1.69 31.87
CA ASN A 2022 23.25 1.25 32.34
C ASN A 2022 24.07 2.34 33.00
N ALA A 2023 23.83 3.61 32.66
CA ALA A 2023 24.58 4.69 33.30
C ALA A 2023 24.13 4.92 34.73
N LEU A 2024 22.91 4.51 35.08
CA LEU A 2024 22.38 4.77 36.41
C LEU A 2024 22.99 3.88 37.52
N PRO A 2025 23.13 2.54 37.38
CA PRO A 2025 23.82 1.82 38.47
C PRO A 2025 25.33 1.91 38.39
N ALA A 2026 25.89 2.42 37.29
CA ALA A 2026 27.34 2.48 37.14
C ALA A 2026 27.98 3.51 38.05
N ALA A 2027 27.22 4.52 38.49
CA ALA A 2027 27.75 5.53 39.40
C ALA A 2027 27.87 5.07 40.86
N PRO A 2028 26.88 4.37 41.48
CA PRO A 2028 27.16 3.84 42.83
C PRO A 2028 28.17 2.71 42.84
N ASP A 2029 28.36 2.00 41.73
CA ASP A 2029 29.42 1.00 41.64
C ASP A 2029 30.78 1.68 41.74
N SER A 2030 30.98 2.73 40.95
CA SER A 2030 32.21 3.53 41.01
C SER A 2030 32.37 4.16 42.38
N GLU A 2031 31.26 4.59 42.98
CA GLU A 2031 31.27 5.17 44.32
C GLU A 2031 31.74 4.17 45.36
N LEU A 2032 31.25 2.93 45.30
CA LEU A 2032 31.65 1.97 46.31
C LEU A 2032 33.08 1.51 46.08
N ILE A 2033 33.49 1.36 44.82
CA ILE A 2033 34.85 0.84 44.62
C ILE A 2033 35.89 1.92 44.92
N ASP A 2034 35.61 3.21 44.64
CA ASP A 2034 36.62 4.17 45.04
C ASP A 2034 36.47 4.56 46.51
N LEU A 2035 35.33 4.26 47.13
CA LEU A 2035 35.25 4.28 48.59
C LEU A 2035 36.22 3.28 49.20
N VAL A 2036 36.19 2.04 48.70
CA VAL A 2036 37.09 1.00 49.20
C VAL A 2036 38.53 1.33 48.81
N THR A 2037 38.73 1.98 47.66
CA THR A 2037 40.07 2.39 47.25
C THR A 2037 40.63 3.45 48.18
N ALA A 2038 39.80 4.40 48.59
CA ALA A 2038 40.28 5.45 49.49
C ALA A 2038 40.46 4.92 50.90
N GLU A 2039 39.59 4.02 51.35
CA GLU A 2039 39.67 3.56 52.73
C GLU A 2039 40.73 2.47 52.90
N LEU A 2040 40.54 1.34 52.23
CA LEU A 2040 41.39 0.18 52.48
C LEU A 2040 42.60 0.15 51.55
N GLY A 2041 42.38 0.11 50.25
CA GLY A 2041 43.48 0.05 49.32
C GLY A 2041 42.95 -0.22 47.92
N ALA A 2042 43.87 -0.09 46.96
CA ALA A 2042 43.47 -0.33 45.57
C ALA A 2042 43.34 -1.82 45.28
N ASP A 2043 44.23 -2.62 45.85
CA ASP A 2043 44.31 -4.04 45.58
C ASP A 2043 43.61 -4.88 46.64
N TRP A 2044 42.62 -4.29 47.32
CA TRP A 2044 41.91 -5.00 48.38
C TRP A 2044 41.18 -6.27 47.95
N PRO A 2045 40.40 -6.32 46.85
CA PRO A 2045 39.73 -7.59 46.54
C PRO A 2045 40.67 -8.71 46.15
N ARG A 2046 41.79 -8.42 45.51
CA ARG A 2046 42.71 -9.49 45.22
C ARG A 2046 43.57 -9.86 46.43
N LEU A 2047 43.79 -8.94 47.38
CA LEU A 2047 44.40 -9.37 48.63
C LEU A 2047 43.46 -10.16 49.52
N VAL A 2048 42.15 -10.00 49.38
CA VAL A 2048 41.22 -10.63 50.31
C VAL A 2048 40.42 -11.76 49.68
N ALA A 2049 40.63 -12.04 48.39
CA ALA A 2049 39.76 -12.93 47.64
C ALA A 2049 39.84 -14.36 48.15
N PRO A 2050 38.72 -15.08 48.20
CA PRO A 2050 38.74 -16.44 48.76
C PRO A 2050 39.37 -17.43 47.79
N VAL A 2051 40.14 -18.36 48.37
CA VAL A 2051 40.86 -19.35 47.60
C VAL A 2051 40.32 -20.76 47.84
N PHE A 2052 39.77 -21.03 49.02
CA PHE A 2052 39.49 -22.38 49.49
C PHE A 2052 38.41 -23.06 48.68
N ASP A 2053 38.63 -24.34 48.38
CA ASP A 2053 37.68 -25.17 47.68
C ASP A 2053 37.92 -26.60 48.13
N PRO A 2054 36.88 -27.31 48.60
CA PRO A 2054 37.10 -28.63 49.21
C PRO A 2054 37.37 -29.74 48.22
N LYS A 2055 37.26 -29.48 46.92
CA LYS A 2055 37.59 -30.51 45.94
C LYS A 2055 39.09 -30.65 45.74
N LYS A 2056 39.88 -29.70 46.20
CA LYS A 2056 41.32 -29.68 45.94
C LYS A 2056 42.15 -30.09 47.15
N ALA A 2057 41.55 -30.81 48.09
CA ALA A 2057 42.28 -31.29 49.25
C ALA A 2057 43.10 -32.51 48.86
N VAL A 2058 44.34 -32.59 49.37
CA VAL A 2058 45.25 -33.66 49.00
C VAL A 2058 45.62 -34.46 50.23
N VAL A 2059 45.49 -35.78 50.13
CA VAL A 2059 45.75 -36.72 51.22
C VAL A 2059 47.04 -37.46 50.93
N PHE A 2060 47.90 -37.62 51.94
CA PHE A 2060 49.20 -38.26 51.76
C PHE A 2060 49.42 -39.38 52.78
N ASP A 2061 48.51 -40.34 52.86
CA ASP A 2061 48.62 -41.37 53.89
C ASP A 2061 49.12 -42.74 53.39
N ASP A 2062 50.06 -42.75 52.45
CA ASP A 2062 50.66 -44.01 51.98
C ASP A 2062 52.06 -44.17 52.55
N ARG A 2063 52.23 -45.08 53.49
CA ARG A 2063 53.56 -45.31 54.01
C ARG A 2063 54.09 -46.70 53.70
N TRP A 2064 53.21 -47.70 53.58
CA TRP A 2064 53.67 -49.05 53.28
C TRP A 2064 54.35 -49.14 51.92
N ALA A 2065 53.84 -48.40 50.93
CA ALA A 2065 54.40 -48.48 49.59
C ALA A 2065 55.79 -47.84 49.54
N SER A 2066 55.93 -46.66 50.13
CA SER A 2066 57.22 -46.01 50.17
C SER A 2066 58.19 -46.78 51.05
N ALA A 2067 57.68 -47.54 52.03
CA ALA A 2067 58.55 -48.39 52.84
C ALA A 2067 59.15 -49.51 52.00
N ARG A 2068 58.33 -50.13 51.15
CA ARG A 2068 58.83 -51.20 50.29
C ARG A 2068 59.86 -50.68 49.30
N GLU A 2069 59.60 -49.51 48.72
CA GLU A 2069 60.56 -48.94 47.78
C GLU A 2069 61.85 -48.52 48.48
N ASP A 2070 61.78 -48.07 49.74
CA ASP A 2070 62.99 -47.75 50.46
C ASP A 2070 63.78 -48.99 50.83
N LEU A 2071 63.08 -50.11 51.10
CA LEU A 2071 63.77 -51.39 51.26
C LEU A 2071 64.56 -51.77 50.01
N VAL A 2072 64.01 -51.46 48.84
CA VAL A 2072 64.75 -51.75 47.61
C VAL A 2072 65.98 -50.86 47.48
N LYS A 2073 65.82 -49.56 47.68
CA LYS A 2073 66.98 -48.70 47.45
C LYS A 2073 68.02 -48.79 48.56
N LEU A 2074 67.68 -49.36 49.72
CA LEU A 2074 68.75 -49.75 50.66
C LEU A 2074 69.60 -50.89 50.11
N TRP A 2075 69.02 -51.79 49.33
CA TRP A 2075 69.86 -52.79 48.67
C TRP A 2075 70.67 -52.16 47.57
N LEU A 2076 70.12 -51.17 46.88
CA LEU A 2076 70.89 -50.55 45.80
C LEU A 2076 72.04 -49.70 46.31
N THR A 2077 71.90 -49.04 47.46
CA THR A 2077 73.03 -48.29 47.97
C THR A 2077 74.08 -49.25 48.53
N ASP A 2078 75.34 -48.84 48.44
CA ASP A 2078 76.42 -49.75 48.79
C ASP A 2078 76.55 -49.86 50.32
N GLU A 2079 77.38 -50.80 50.75
CA GLU A 2079 77.53 -51.07 52.17
C GLU A 2079 78.40 -50.03 52.87
N GLY A 2080 79.14 -49.22 52.13
CA GLY A 2080 80.01 -48.25 52.76
C GLY A 2080 79.28 -47.09 53.41
N ASP A 2081 78.08 -46.79 52.92
CA ASP A 2081 77.33 -45.63 53.39
C ASP A 2081 76.17 -46.02 54.30
N ILE A 2082 76.22 -47.22 54.88
CA ILE A 2082 75.16 -47.65 55.78
C ILE A 2082 75.48 -47.23 57.21
N ASP A 2083 76.75 -47.27 57.59
CA ASP A 2083 77.16 -46.89 58.93
C ASP A 2083 77.02 -45.39 59.17
N ALA A 2084 76.98 -44.58 58.11
CA ALA A 2084 76.74 -43.15 58.28
C ALA A 2084 75.34 -42.85 58.76
N ASP A 2085 74.38 -43.74 58.51
CA ASP A 2085 72.99 -43.52 58.88
C ASP A 2085 72.41 -44.74 59.61
N TRP A 2086 73.28 -45.54 60.25
CA TRP A 2086 72.86 -46.78 60.89
C TRP A 2086 71.76 -46.66 61.96
N PRO A 2087 71.70 -45.65 62.83
CA PRO A 2087 70.51 -45.57 63.70
C PRO A 2087 69.28 -45.06 62.97
N ARG A 2088 69.48 -44.09 62.08
CA ARG A 2088 68.37 -43.45 61.39
C ARG A 2088 67.67 -44.42 60.45
N LEU A 2089 68.45 -45.20 59.69
CA LEU A 2089 67.86 -46.19 58.81
C LEU A 2089 67.25 -47.34 59.60
N ALA A 2090 67.73 -47.57 60.83
CA ALA A 2090 67.10 -48.57 61.66
C ALA A 2090 65.78 -48.08 62.23
N GLU A 2091 65.62 -46.77 62.38
CA GLU A 2091 64.44 -46.25 63.04
C GLU A 2091 63.40 -45.66 62.09
N ARG A 2092 63.71 -45.54 60.80
CA ARG A 2092 62.68 -45.09 59.86
C ARG A 2092 61.56 -46.12 59.74
N PHE A 2093 61.90 -47.40 59.72
CA PHE A 2093 60.89 -48.43 59.49
C PHE A 2093 60.30 -48.94 60.80
N GLU A 2094 59.89 -48.05 61.69
CA GLU A 2094 59.39 -48.57 62.96
C GLU A 2094 57.90 -48.88 62.85
N GLY A 2095 57.12 -47.89 62.47
CA GLY A 2095 55.74 -48.18 62.19
C GLY A 2095 55.55 -48.56 60.73
N ALA A 2096 55.49 -49.85 60.47
CA ALA A 2096 55.18 -50.35 59.15
C ALA A 2096 54.39 -51.64 59.35
N GLY A 2097 54.20 -52.40 58.28
CA GLY A 2097 53.28 -53.50 58.30
C GLY A 2097 53.93 -54.87 58.40
N HIS A 2098 53.06 -55.87 58.53
CA HIS A 2098 53.46 -57.26 58.47
C HIS A 2098 54.11 -57.59 57.14
N VAL A 2099 53.62 -56.97 56.07
CA VAL A 2099 54.17 -57.18 54.74
C VAL A 2099 55.59 -56.65 54.65
N VAL A 2100 55.83 -55.47 55.21
CA VAL A 2100 57.17 -54.90 55.22
C VAL A 2100 58.10 -55.72 56.09
N ALA A 2101 57.57 -56.33 57.16
CA ALA A 2101 58.36 -57.25 57.97
C ALA A 2101 58.79 -58.48 57.17
N THR A 2102 57.86 -59.08 56.44
CA THR A 2102 58.19 -60.30 55.70
C THR A 2102 59.13 -60.00 54.55
N GLN A 2103 58.96 -58.86 53.89
CA GLN A 2103 59.88 -58.52 52.81
C GLN A 2103 61.25 -58.15 53.36
N ALA A 2104 61.31 -57.61 54.57
CA ALA A 2104 62.59 -57.36 55.20
C ALA A 2104 63.30 -58.66 55.53
N THR A 2105 62.56 -59.68 55.93
CA THR A 2105 63.18 -60.98 56.14
C THR A 2105 63.64 -61.62 54.84
N TRP A 2106 62.92 -61.37 53.73
CA TRP A 2106 63.38 -61.88 52.43
C TRP A 2106 64.68 -61.22 52.01
N TRP A 2107 64.77 -59.90 52.17
CA TRP A 2107 66.01 -59.20 51.85
C TRP A 2107 67.13 -59.60 52.80
N GLN A 2108 66.80 -59.94 54.05
CA GLN A 2108 67.82 -60.45 54.96
C GLN A 2108 68.38 -61.78 54.50
N GLY A 2109 67.49 -62.69 54.07
CA GLY A 2109 67.95 -63.97 53.55
C GLY A 2109 68.80 -63.83 52.30
N LYS A 2110 68.41 -62.93 51.40
CA LYS A 2110 69.22 -62.74 50.20
C LYS A 2110 70.55 -62.04 50.53
N SER A 2111 70.57 -61.18 51.54
CA SER A 2111 71.82 -60.56 51.95
C SER A 2111 72.75 -61.56 52.62
N LEU A 2112 72.20 -62.51 53.35
CA LEU A 2112 73.02 -63.58 53.91
C LEU A 2112 73.59 -64.47 52.81
N ALA A 2113 72.78 -64.75 51.79
CA ALA A 2113 73.26 -65.57 50.68
C ALA A 2113 74.35 -64.85 49.88
N ALA A 2114 74.20 -63.54 49.69
CA ALA A 2114 75.19 -62.81 48.92
C ALA A 2114 76.44 -62.50 49.73
N GLY A 2115 76.31 -62.37 51.04
CA GLY A 2115 77.47 -62.07 51.87
C GLY A 2115 77.63 -60.58 52.16
N ARG A 2116 76.52 -59.92 52.48
CA ARG A 2116 76.55 -58.52 52.91
C ARG A 2116 76.15 -58.50 54.38
N GLN A 2117 77.17 -58.54 55.25
CA GLN A 2117 76.93 -58.75 56.67
C GLN A 2117 76.31 -57.53 57.33
N ILE A 2118 76.60 -56.34 56.83
CA ILE A 2118 75.99 -55.14 57.37
C ILE A 2118 74.52 -55.08 56.99
N HIS A 2119 74.23 -55.37 55.71
CA HIS A 2119 72.85 -55.33 55.22
C HIS A 2119 72.00 -56.39 55.88
N ALA A 2120 72.56 -57.55 56.20
CA ALA A 2120 71.78 -58.62 56.81
C ALA A 2120 71.27 -58.23 58.19
N SER A 2121 72.17 -57.68 59.02
CA SER A 2121 71.77 -57.18 60.32
C SER A 2121 70.85 -55.99 60.21
N LEU A 2122 71.03 -55.16 59.18
CA LEU A 2122 70.16 -54.01 58.99
C LEU A 2122 68.73 -54.45 58.68
N TYR A 2123 68.56 -55.42 57.78
CA TYR A 2123 67.21 -55.87 57.46
C TYR A 2123 66.59 -56.65 58.61
N GLY A 2124 67.40 -57.36 59.39
CA GLY A 2124 66.85 -57.97 60.60
C GLY A 2124 66.35 -56.96 61.61
N ARG A 2125 67.10 -55.87 61.78
CA ARG A 2125 66.68 -54.77 62.64
C ARG A 2125 65.41 -54.12 62.12
N ILE A 2126 65.31 -53.95 60.80
CA ILE A 2126 64.14 -53.32 60.18
C ILE A 2126 62.89 -54.18 60.39
N ALA A 2127 63.02 -55.50 60.23
CA ALA A 2127 61.88 -56.38 60.45
C ALA A 2127 61.43 -56.37 61.91
N ALA A 2128 62.41 -56.45 62.83
CA ALA A 2128 62.09 -56.43 64.25
C ALA A 2128 61.43 -55.12 64.67
N GLY A 2129 61.86 -54.00 64.07
CA GLY A 2129 61.25 -52.74 64.39
C GLY A 2129 59.86 -52.59 63.78
N ALA A 2130 59.69 -53.06 62.55
CA ALA A 2130 58.42 -52.89 61.84
C ALA A 2130 57.32 -53.79 62.39
N GLU A 2131 57.69 -54.83 63.13
CA GLU A 2131 56.66 -55.64 63.78
C GLU A 2131 55.88 -54.87 64.85
N ASN A 2132 56.49 -53.85 65.47
CA ASN A 2132 55.98 -53.30 66.73
C ASN A 2132 54.69 -52.50 66.54
N PRO A 2133 53.64 -52.77 67.32
CA PRO A 2133 52.32 -52.21 67.04
C PRO A 2133 51.97 -50.91 67.76
N GLU A 2134 52.80 -50.44 68.68
CA GLU A 2134 52.36 -49.41 69.61
C GLU A 2134 52.31 -48.03 68.95
N PRO A 2135 51.31 -47.22 69.29
CA PRO A 2135 51.22 -45.87 68.71
C PRO A 2135 52.21 -44.93 69.35
N GLY A 2136 52.60 -43.92 68.59
CA GLY A 2136 53.77 -43.11 68.92
C GLY A 2136 53.58 -42.07 69.99
N ARG A 2137 54.48 -41.10 69.96
CA ARG A 2137 54.37 -39.93 70.82
C ARG A 2137 53.07 -39.19 70.54
N TYR A 2138 52.86 -38.80 69.30
CA TYR A 2138 51.77 -37.92 68.91
C TYR A 2138 50.70 -38.81 68.29
N GLY A 2139 50.03 -39.58 69.14
CA GLY A 2139 48.98 -40.48 68.69
C GLY A 2139 47.65 -39.78 68.77
N GLY A 2140 47.01 -39.63 67.61
CA GLY A 2140 45.70 -39.02 67.57
C GLY A 2140 45.66 -37.53 67.76
N GLU A 2141 46.82 -36.88 67.81
CA GLU A 2141 46.86 -35.43 67.96
C GLU A 2141 46.64 -34.81 66.60
N VAL A 2142 45.38 -34.52 66.29
CA VAL A 2142 45.04 -33.89 65.03
C VAL A 2142 45.51 -32.44 65.10
N ALA A 2143 46.60 -32.15 64.42
CA ALA A 2143 47.19 -30.83 64.47
C ALA A 2143 46.83 -30.04 63.23
N VAL A 2144 46.79 -28.72 63.36
CA VAL A 2144 46.53 -27.82 62.24
C VAL A 2144 47.67 -26.82 62.19
N VAL A 2145 48.45 -26.86 61.12
CA VAL A 2145 49.61 -25.99 60.98
C VAL A 2145 49.40 -25.08 59.79
N THR A 2146 49.54 -23.77 60.01
CA THR A 2146 49.32 -22.81 58.94
C THR A 2146 50.63 -22.14 58.56
N GLY A 2147 50.87 -22.03 57.27
CA GLY A 2147 52.05 -21.34 56.78
C GLY A 2147 53.32 -22.15 56.92
N ALA A 2148 53.37 -23.29 56.26
CA ALA A 2148 54.55 -24.15 56.24
C ALA A 2148 55.12 -24.14 54.84
N SER A 2149 56.15 -23.34 54.61
CA SER A 2149 56.80 -23.26 53.32
C SER A 2149 58.14 -23.98 53.37
N LYS A 2150 58.87 -23.91 52.27
CA LYS A 2150 60.13 -24.64 52.16
C LYS A 2150 61.19 -23.97 53.01
N GLY A 2151 61.82 -24.75 53.88
CA GLY A 2151 62.84 -24.23 54.77
C GLY A 2151 62.26 -23.29 55.80
N SER A 2152 61.43 -23.81 56.69
CA SER A 2152 60.77 -22.95 57.66
C SER A 2152 60.51 -23.74 58.94
N ILE A 2153 60.29 -22.97 60.01
CA ILE A 2153 60.09 -23.55 61.32
C ILE A 2153 58.78 -24.34 61.36
N ALA A 2154 57.76 -23.87 60.65
CA ALA A 2154 56.51 -24.61 60.59
C ALA A 2154 56.67 -25.91 59.83
N ALA A 2155 57.53 -25.90 58.80
CA ALA A 2155 57.82 -27.14 58.09
C ALA A 2155 58.54 -28.13 58.98
N SER A 2156 59.45 -27.65 59.83
CA SER A 2156 60.12 -28.56 60.74
C SER A 2156 59.18 -29.09 61.81
N VAL A 2157 58.20 -28.29 62.23
CA VAL A 2157 57.20 -28.75 63.17
C VAL A 2157 56.31 -29.83 62.52
N VAL A 2158 55.94 -29.64 61.26
CA VAL A 2158 55.18 -30.64 60.52
C VAL A 2158 55.98 -31.93 60.38
N ALA A 2159 57.28 -31.80 60.15
CA ALA A 2159 58.14 -32.96 60.01
C ALA A 2159 58.23 -33.74 61.32
N ARG A 2160 58.37 -33.04 62.45
CA ARG A 2160 58.46 -33.76 63.71
C ARG A 2160 57.12 -34.35 64.14
N LEU A 2161 56.02 -33.70 63.78
CA LEU A 2161 54.70 -34.28 64.08
C LEU A 2161 54.44 -35.54 63.28
N LEU A 2162 54.81 -35.53 62.00
CA LEU A 2162 54.70 -36.74 61.19
C LEU A 2162 55.66 -37.82 61.66
N ASP A 2163 56.80 -37.41 62.20
CA ASP A 2163 57.75 -38.37 62.75
C ASP A 2163 57.19 -39.02 64.00
N GLY A 2164 56.44 -38.27 64.78
CA GLY A 2164 55.76 -38.86 65.92
C GLY A 2164 54.59 -39.73 65.50
N GLY A 2165 53.95 -39.41 64.38
CA GLY A 2165 52.85 -40.22 63.93
C GLY A 2165 51.50 -39.56 64.08
N ALA A 2166 51.44 -38.27 63.79
CA ALA A 2166 50.24 -37.49 64.00
C ALA A 2166 49.42 -37.37 62.73
N THR A 2167 48.33 -36.64 62.83
CA THR A 2167 47.48 -36.33 61.69
C THR A 2167 47.57 -34.82 61.51
N VAL A 2168 48.37 -34.40 60.58
CA VAL A 2168 48.66 -32.98 60.36
C VAL A 2168 47.76 -32.47 59.27
N ILE A 2169 47.21 -31.29 59.44
CA ILE A 2169 46.46 -30.59 58.40
C ILE A 2169 47.19 -29.30 58.13
N ALA A 2170 47.84 -29.22 56.98
CA ALA A 2170 48.65 -28.06 56.64
C ALA A 2170 47.92 -27.21 55.63
N THR A 2171 47.90 -25.90 55.88
CA THR A 2171 47.32 -24.99 54.92
C THR A 2171 48.42 -24.29 54.15
N THR A 2172 48.11 -23.93 52.90
CA THR A 2172 49.09 -23.23 52.08
C THR A 2172 48.35 -22.32 51.10
N SER A 2173 49.12 -21.44 50.46
CA SER A 2173 48.52 -20.38 49.65
C SER A 2173 48.06 -20.90 48.30
N LYS A 2174 48.98 -21.35 47.47
CA LYS A 2174 48.66 -21.88 46.16
C LYS A 2174 49.23 -23.28 46.04
N LEU A 2175 48.47 -24.19 45.46
CA LEU A 2175 48.84 -25.60 45.40
C LEU A 2175 49.16 -25.96 43.95
N ASP A 2176 50.45 -26.09 43.64
CA ASP A 2176 50.89 -26.43 42.30
C ASP A 2176 51.88 -27.59 42.30
N GLU A 2177 52.56 -27.80 41.17
CA GLU A 2177 53.42 -28.96 41.00
C GLU A 2177 54.64 -28.92 41.91
N GLU A 2178 55.26 -27.75 42.06
CA GLU A 2178 56.46 -27.63 42.89
C GLU A 2178 56.15 -27.92 44.35
N ARG A 2179 55.11 -27.27 44.88
CA ARG A 2179 54.75 -27.49 46.27
C ARG A 2179 54.19 -28.88 46.50
N LEU A 2180 53.51 -29.45 45.51
CA LEU A 2180 53.00 -30.80 45.64
C LEU A 2180 54.14 -31.81 45.73
N ALA A 2181 55.17 -31.62 44.92
CA ALA A 2181 56.36 -32.46 45.02
C ALA A 2181 57.08 -32.26 46.34
N PHE A 2182 57.10 -31.01 46.84
CA PHE A 2182 57.75 -30.71 48.11
C PHE A 2182 57.08 -31.41 49.27
N TYR A 2183 55.76 -31.29 49.38
CA TYR A 2183 55.06 -31.92 50.49
C TYR A 2183 55.06 -33.44 50.37
N ARG A 2184 55.06 -33.97 49.15
CA ARG A 2184 55.11 -35.41 48.99
C ARG A 2184 56.45 -35.99 49.44
N THR A 2185 57.55 -35.32 49.07
CA THR A 2185 58.86 -35.77 49.54
C THR A 2185 59.03 -35.53 51.03
N LEU A 2186 58.40 -34.49 51.58
CA LEU A 2186 58.42 -34.27 53.02
C LEU A 2186 57.75 -35.42 53.76
N TYR A 2187 56.60 -35.87 53.28
CA TYR A 2187 55.92 -37.00 53.90
C TYR A 2187 56.74 -38.27 53.79
N ARG A 2188 57.27 -38.57 52.59
CA ARG A 2188 57.95 -39.85 52.43
C ARG A 2188 59.30 -39.85 53.10
N ASP A 2189 59.85 -38.69 53.44
CA ASP A 2189 61.05 -38.68 54.26
C ASP A 2189 60.71 -38.87 55.73
N HIS A 2190 59.83 -38.05 56.28
CA HIS A 2190 59.70 -37.96 57.73
C HIS A 2190 58.52 -38.72 58.29
N ALA A 2191 57.83 -39.54 57.50
CA ALA A 2191 56.66 -40.20 58.03
C ALA A 2191 57.03 -41.38 58.91
N ARG A 2192 56.15 -41.68 59.85
CA ARG A 2192 56.18 -42.88 60.67
C ARG A 2192 54.76 -43.28 61.01
N TYR A 2193 54.60 -43.95 62.15
CA TYR A 2193 53.76 -45.10 62.43
C TYR A 2193 52.41 -45.14 61.72
N GLY A 2194 51.57 -44.14 61.98
CA GLY A 2194 50.27 -44.09 61.35
C GLY A 2194 49.97 -42.68 60.88
N ALA A 2195 51.03 -41.99 60.49
CA ALA A 2195 50.95 -40.56 60.27
C ALA A 2195 50.22 -40.24 58.98
N ALA A 2196 49.46 -39.15 58.98
CA ALA A 2196 48.76 -38.71 57.79
C ALA A 2196 48.91 -37.22 57.64
N LEU A 2197 49.04 -36.77 56.40
CA LEU A 2197 49.22 -35.36 56.08
C LEU A 2197 48.15 -34.94 55.10
N TRP A 2198 47.32 -33.99 55.49
CA TRP A 2198 46.33 -33.43 54.59
C TRP A 2198 46.73 -32.01 54.25
N LEU A 2199 46.45 -31.62 53.02
CA LEU A 2199 47.04 -30.42 52.47
C LEU A 2199 45.95 -29.64 51.75
N VAL A 2200 45.69 -28.42 52.20
CA VAL A 2200 44.63 -27.61 51.61
C VAL A 2200 45.17 -26.25 51.21
N ALA A 2201 44.50 -25.65 50.25
CA ALA A 2201 44.83 -24.30 49.78
C ALA A 2201 43.83 -23.33 50.36
N ALA A 2202 44.27 -22.53 51.34
CA ALA A 2202 43.36 -21.64 52.03
C ALA A 2202 44.04 -20.32 52.28
N ASN A 2203 43.37 -19.22 51.92
CA ASN A 2203 43.90 -17.91 52.23
C ASN A 2203 43.69 -17.62 53.71
N MET A 2204 44.76 -17.21 54.38
CA MET A 2204 44.69 -16.86 55.79
C MET A 2204 44.44 -15.37 56.00
N ALA A 2205 43.72 -14.74 55.09
CA ALA A 2205 43.28 -13.36 55.26
C ALA A 2205 41.83 -13.22 54.80
N SER A 2206 41.05 -14.28 54.96
CA SER A 2206 39.64 -14.25 54.55
C SER A 2206 38.81 -15.02 55.57
N TYR A 2207 37.82 -14.34 56.14
CA TYR A 2207 36.97 -14.97 57.14
C TYR A 2207 36.09 -16.04 56.50
N SER A 2208 35.75 -15.86 55.23
CA SER A 2208 35.03 -16.89 54.50
C SER A 2208 35.86 -18.17 54.41
N ASP A 2209 37.16 -18.02 54.16
CA ASP A 2209 38.02 -19.20 54.07
C ASP A 2209 38.25 -19.83 55.42
N VAL A 2210 38.32 -19.03 56.48
CA VAL A 2210 38.49 -19.60 57.81
C VAL A 2210 37.24 -20.35 58.24
N ASP A 2211 36.06 -19.81 57.94
CA ASP A 2211 34.82 -20.51 58.26
C ASP A 2211 34.64 -21.77 57.41
N ALA A 2212 35.01 -21.71 56.14
CA ALA A 2212 34.90 -22.90 55.30
C ALA A 2212 35.91 -23.96 55.72
N LEU A 2213 37.07 -23.53 56.20
CA LEU A 2213 38.10 -24.46 56.63
C LEU A 2213 37.70 -25.13 57.93
N VAL A 2214 37.04 -24.41 58.84
CA VAL A 2214 36.64 -25.09 60.07
C VAL A 2214 35.41 -25.96 59.83
N GLU A 2215 34.55 -25.62 58.87
CA GLU A 2215 33.48 -26.54 58.50
C GLU A 2215 34.01 -27.80 57.85
N TRP A 2216 35.06 -27.67 57.05
CA TRP A 2216 35.64 -28.83 56.39
C TRP A 2216 36.32 -29.75 57.39
N ILE A 2217 37.10 -29.19 58.33
CA ILE A 2217 37.69 -30.01 59.39
C ILE A 2217 36.61 -30.57 60.31
N GLY A 2218 35.44 -29.94 60.35
CA GLY A 2218 34.38 -30.41 61.20
C GLY A 2218 33.64 -31.51 60.50
N THR A 2219 32.54 -31.18 59.80
CA THR A 2219 31.74 -32.20 59.14
C THR A 2219 32.53 -32.89 58.04
N GLU A 2220 32.09 -34.10 57.68
CA GLU A 2220 32.83 -34.93 56.75
C GLU A 2220 32.75 -34.39 55.33
N GLN A 2221 33.49 -35.03 54.45
CA GLN A 2221 33.40 -34.78 53.02
C GLN A 2221 33.22 -36.11 52.32
N THR A 2222 32.03 -36.33 51.78
CA THR A 2222 31.72 -37.51 50.99
C THR A 2222 31.44 -37.07 49.56
N GLU A 2223 32.31 -37.42 48.63
CA GLU A 2223 32.09 -37.13 47.23
C GLU A 2223 31.27 -38.25 46.63
N SER A 2224 30.33 -37.89 45.77
CA SER A 2224 29.50 -38.85 45.07
C SER A 2224 29.62 -38.59 43.58
N LEU A 2225 29.94 -39.65 42.84
CA LEU A 2225 29.82 -39.63 41.38
C LEU A 2225 28.39 -40.07 41.04
N GLY A 2226 28.17 -40.41 39.77
CA GLY A 2226 26.87 -40.84 39.28
C GLY A 2226 26.24 -42.02 39.98
N PRO A 2227 26.81 -43.23 39.81
CA PRO A 2227 26.16 -44.42 40.38
C PRO A 2227 26.34 -44.58 41.88
N GLN A 2228 27.43 -44.12 42.47
CA GLN A 2228 27.72 -44.44 43.86
C GLN A 2228 28.43 -43.27 44.52
N SER A 2229 28.88 -43.48 45.75
CA SER A 2229 29.52 -42.46 46.57
C SER A 2229 30.91 -42.91 46.96
N ILE A 2230 31.73 -41.96 47.39
CA ILE A 2230 33.10 -42.23 47.82
C ILE A 2230 33.30 -41.59 49.19
N HIS A 2231 33.74 -42.39 50.15
CA HIS A 2231 34.05 -41.88 51.49
C HIS A 2231 35.49 -41.39 51.53
N ILE A 2232 35.67 -40.13 51.93
CA ILE A 2232 36.97 -39.47 51.89
C ILE A 2232 37.47 -39.13 53.28
N LYS A 2233 36.74 -38.29 54.00
CA LYS A 2233 37.19 -37.74 55.27
C LYS A 2233 36.20 -38.17 56.33
N ASP A 2234 36.70 -38.79 57.40
CA ASP A 2234 35.80 -39.38 58.39
C ASP A 2234 35.00 -38.34 59.17
N ALA A 2235 35.68 -37.68 60.12
CA ALA A 2235 35.29 -36.49 60.87
C ALA A 2235 36.47 -36.23 61.79
N GLN A 2236 36.82 -34.97 62.06
CA GLN A 2236 38.01 -34.74 62.86
C GLN A 2236 37.80 -33.64 63.87
N THR A 2237 38.32 -33.86 65.08
CA THR A 2237 38.33 -32.86 66.14
C THR A 2237 39.78 -32.62 66.53
N PRO A 2238 40.29 -31.40 66.43
CA PRO A 2238 41.72 -31.18 66.62
C PRO A 2238 42.12 -31.14 68.09
N THR A 2239 43.41 -31.15 68.29
CA THR A 2239 44.02 -31.03 69.61
C THR A 2239 45.10 -29.97 69.65
N LEU A 2240 45.90 -29.83 68.61
CA LEU A 2240 46.94 -28.83 68.53
C LEU A 2240 46.50 -27.71 67.59
N LEU A 2241 47.33 -26.67 67.51
CA LEU A 2241 47.12 -25.55 66.60
C LEU A 2241 48.41 -24.78 66.50
N PHE A 2242 48.87 -24.47 65.29
CA PHE A 2242 50.16 -23.82 65.09
C PHE A 2242 50.00 -22.72 64.05
N PRO A 2243 49.73 -21.49 64.49
CA PRO A 2243 49.53 -20.36 63.58
C PRO A 2243 50.81 -19.61 63.25
N PHE A 2244 51.59 -20.17 62.33
CA PHE A 2244 52.82 -19.56 61.87
C PHE A 2244 52.65 -18.82 60.55
N ALA A 2245 51.49 -18.20 60.34
CA ALA A 2245 51.11 -17.69 59.03
C ALA A 2245 51.95 -16.46 58.67
N ALA A 2246 52.83 -16.62 57.69
CA ALA A 2246 53.55 -15.49 57.14
C ALA A 2246 52.57 -14.61 56.38
N PRO A 2247 52.54 -13.29 56.63
CA PRO A 2247 51.48 -12.44 56.06
C PRO A 2247 51.52 -12.31 54.55
N ARG A 2248 52.62 -11.79 54.01
CA ARG A 2248 52.76 -11.49 52.59
C ARG A 2248 54.20 -11.13 52.30
N VAL A 2249 54.72 -11.58 51.17
CA VAL A 2249 56.01 -11.13 50.67
C VAL A 2249 55.76 -10.41 49.35
N VAL A 2250 55.45 -9.11 49.45
CA VAL A 2250 55.29 -8.18 48.32
C VAL A 2250 55.90 -6.86 48.77
N GLY A 2251 56.78 -6.29 47.96
CA GLY A 2251 57.38 -5.02 48.31
C GLY A 2251 57.50 -4.04 47.17
N ASP A 2252 56.89 -4.34 46.03
CA ASP A 2252 57.02 -3.53 44.81
C ASP A 2252 55.77 -2.71 44.53
N LEU A 2253 55.15 -2.15 45.58
CA LEU A 2253 53.91 -1.40 45.40
C LEU A 2253 53.86 -0.07 46.14
N SER A 2254 54.78 0.18 47.09
CA SER A 2254 54.73 1.28 48.06
C SER A 2254 53.39 1.26 48.80
N GLU A 2255 53.24 0.19 49.57
CA GLU A 2255 51.97 -0.28 50.09
C GLU A 2255 51.85 -0.16 51.61
N ALA A 2256 52.81 0.51 52.26
CA ALA A 2256 53.07 0.31 53.68
C ALA A 2256 51.93 0.80 54.58
N GLY A 2257 51.17 1.80 54.13
CA GLY A 2257 50.10 2.32 54.95
C GLY A 2257 48.95 1.33 55.12
N SER A 2258 48.51 0.73 54.01
CA SER A 2258 47.50 -0.32 54.10
C SER A 2258 48.09 -1.63 54.60
N ARG A 2259 49.37 -1.88 54.31
CA ARG A 2259 50.00 -3.12 54.72
C ARG A 2259 50.14 -3.19 56.24
N ALA A 2260 50.41 -2.05 56.89
CA ALA A 2260 50.63 -2.03 58.32
C ALA A 2260 49.36 -2.33 59.13
N GLU A 2261 48.19 -2.29 58.50
CA GLU A 2261 47.00 -2.79 59.16
C GLU A 2261 46.55 -4.13 58.62
N MET A 2262 46.85 -4.43 57.35
CA MET A 2262 46.42 -5.69 56.76
C MET A 2262 47.20 -6.85 57.38
N GLU A 2263 48.49 -6.67 57.64
CA GLU A 2263 49.23 -7.74 58.29
C GLU A 2263 48.81 -7.90 59.74
N MET A 2264 48.36 -6.81 60.37
CA MET A 2264 47.92 -6.92 61.75
C MET A 2264 46.59 -7.64 61.83
N LYS A 2265 45.75 -7.48 60.78
CA LYS A 2265 44.60 -8.35 60.61
C LYS A 2265 45.02 -9.81 60.50
N VAL A 2266 45.94 -10.09 59.56
CA VAL A 2266 46.42 -11.44 59.23
C VAL A 2266 46.95 -12.16 60.46
N LEU A 2267 47.60 -11.42 61.35
CA LEU A 2267 47.92 -12.05 62.63
C LEU A 2267 46.68 -12.16 63.51
N LEU A 2268 46.16 -11.03 63.99
CA LEU A 2268 45.31 -11.04 65.18
C LEU A 2268 43.94 -11.65 64.91
N TRP A 2269 43.20 -11.08 63.97
CA TRP A 2269 41.80 -11.47 63.94
C TRP A 2269 41.62 -12.75 63.16
N ALA A 2270 42.54 -13.04 62.25
CA ALA A 2270 42.58 -14.35 61.62
C ALA A 2270 42.85 -15.44 62.64
N VAL A 2271 43.83 -15.26 63.54
CA VAL A 2271 44.10 -16.39 64.43
C VAL A 2271 43.04 -16.49 65.53
N GLN A 2272 42.40 -15.40 65.95
CA GLN A 2272 41.43 -15.62 67.01
C GLN A 2272 40.09 -16.07 66.46
N ARG A 2273 39.75 -15.70 65.22
CA ARG A 2273 38.65 -16.32 64.52
C ARG A 2273 38.90 -17.81 64.30
N LEU A 2274 40.16 -18.17 64.01
CA LEU A 2274 40.53 -19.55 63.80
C LEU A 2274 40.39 -20.37 65.07
N ILE A 2275 40.88 -19.84 66.20
CA ILE A 2275 40.80 -20.57 67.46
C ILE A 2275 39.36 -20.67 67.92
N GLY A 2276 38.55 -19.66 67.64
CA GLY A 2276 37.12 -19.76 67.93
C GLY A 2276 36.45 -20.86 67.15
N GLY A 2277 36.72 -20.94 65.85
CA GLY A 2277 36.10 -21.99 65.03
C GLY A 2277 36.57 -23.39 65.39
N LEU A 2278 37.88 -23.57 65.58
CA LEU A 2278 38.40 -24.89 65.92
C LEU A 2278 37.99 -25.33 67.33
N SER A 2279 37.79 -24.37 68.23
CA SER A 2279 37.24 -24.74 69.53
C SER A 2279 35.76 -25.05 69.43
N THR A 2280 35.08 -24.45 68.46
CA THR A 2280 33.64 -24.65 68.32
C THR A 2280 33.30 -26.02 67.74
N ILE A 2281 34.10 -26.51 66.78
CA ILE A 2281 33.68 -27.67 65.99
C ILE A 2281 33.63 -28.97 66.78
N GLY A 2282 34.32 -29.08 67.90
CA GLY A 2282 34.24 -30.30 68.69
C GLY A 2282 33.66 -30.04 70.05
N ALA A 2283 32.65 -29.18 70.13
CA ALA A 2283 32.21 -28.70 71.43
C ALA A 2283 31.24 -29.67 72.09
N GLU A 2284 30.08 -29.86 71.49
CA GLU A 2284 29.02 -30.61 72.14
C GLU A 2284 29.19 -32.12 72.01
N ARG A 2285 30.02 -32.56 71.07
CA ARG A 2285 30.26 -33.99 70.94
C ARG A 2285 31.18 -34.49 72.05
N ASP A 2286 32.30 -33.80 72.25
CA ASP A 2286 33.36 -34.25 73.14
C ASP A 2286 33.61 -33.16 74.17
N ILE A 2287 32.86 -33.18 75.27
CA ILE A 2287 33.18 -32.27 76.35
C ILE A 2287 34.39 -32.81 77.10
N ALA A 2288 35.04 -31.92 77.86
CA ALA A 2288 36.34 -32.14 78.51
C ALA A 2288 37.40 -32.57 77.50
N SER A 2289 37.34 -31.98 76.31
CA SER A 2289 38.31 -32.19 75.24
C SER A 2289 38.77 -30.80 74.80
N ARG A 2290 39.95 -30.41 75.22
CA ARG A 2290 40.37 -29.02 75.16
C ARG A 2290 41.44 -28.82 74.11
N LEU A 2291 41.20 -27.87 73.22
CA LEU A 2291 42.15 -27.46 72.21
C LEU A 2291 43.35 -26.79 72.86
N HIS A 2292 44.48 -26.83 72.18
CA HIS A 2292 45.74 -26.33 72.74
C HIS A 2292 46.47 -25.52 71.68
N VAL A 2293 46.88 -24.30 72.01
CA VAL A 2293 47.44 -23.39 71.03
C VAL A 2293 48.88 -23.07 71.46
N VAL A 2294 49.77 -22.96 70.49
CA VAL A 2294 51.14 -22.51 70.72
C VAL A 2294 51.37 -21.27 69.87
N LEU A 2295 51.63 -20.15 70.53
CA LEU A 2295 51.82 -18.87 69.86
C LEU A 2295 53.30 -18.59 69.65
N PRO A 2296 53.67 -18.14 68.48
CA PRO A 2296 55.06 -17.70 68.28
C PRO A 2296 55.23 -16.21 68.53
N GLY A 2297 56.34 -15.82 69.16
CA GLY A 2297 56.66 -14.42 69.24
C GLY A 2297 58.03 -14.12 68.65
N SER A 2298 58.06 -13.45 67.50
CA SER A 2298 59.30 -13.23 66.77
C SER A 2298 59.79 -11.80 66.85
N ASP A 2307 64.21 -6.56 69.06
CA ASP A 2307 63.57 -5.89 70.19
C ASP A 2307 62.21 -5.35 69.77
N GLY A 2308 62.19 -4.57 68.69
CA GLY A 2308 60.95 -4.00 68.22
C GLY A 2308 60.00 -5.05 67.65
N ALA A 2309 60.55 -6.08 67.02
CA ALA A 2309 59.74 -7.19 66.55
C ALA A 2309 59.18 -7.98 67.73
N TYR A 2310 59.95 -8.08 68.83
CA TYR A 2310 59.43 -8.73 70.03
C TYR A 2310 58.37 -7.88 70.71
N GLY A 2311 58.48 -6.55 70.60
CA GLY A 2311 57.43 -5.69 71.13
C GLY A 2311 56.15 -5.79 70.31
N GLU A 2312 56.27 -5.86 68.99
CA GLU A 2312 55.12 -6.12 68.12
C GLU A 2312 54.49 -7.48 68.42
N ALA A 2313 55.34 -8.47 68.71
CA ALA A 2313 54.85 -9.80 69.06
C ALA A 2313 54.11 -9.80 70.39
N LYS A 2314 54.62 -9.06 71.38
CA LYS A 2314 53.95 -9.01 72.68
C LYS A 2314 52.65 -8.21 72.60
N SER A 2315 52.62 -7.20 71.73
CA SER A 2315 51.36 -6.49 71.47
C SER A 2315 50.36 -7.39 70.78
N ALA A 2316 50.84 -8.28 69.90
CA ALA A 2316 49.96 -9.28 69.31
C ALA A 2316 49.50 -10.30 70.34
N LEU A 2317 50.34 -10.56 71.34
CA LEU A 2317 49.98 -11.48 72.41
C LEU A 2317 48.87 -10.95 73.28
N ASP A 2318 49.07 -9.76 73.84
CA ASP A 2318 48.17 -9.31 74.90
C ASP A 2318 46.91 -8.66 74.33
N ALA A 2319 46.32 -9.32 73.38
CA ALA A 2319 44.92 -9.22 72.97
C ALA A 2319 44.25 -10.58 73.06
N VAL A 2320 44.94 -11.64 72.64
CA VAL A 2320 44.44 -13.00 72.79
C VAL A 2320 44.43 -13.40 74.26
N VAL A 2321 45.48 -13.03 74.99
CA VAL A 2321 45.55 -13.37 76.41
C VAL A 2321 44.54 -12.54 77.20
N SER A 2322 44.32 -11.29 76.78
CA SER A 2322 43.33 -10.46 77.45
C SER A 2322 41.93 -10.97 77.19
N ARG A 2323 41.64 -11.37 75.96
CA ARG A 2323 40.35 -12.00 75.64
C ARG A 2323 40.20 -13.35 76.32
N TRP A 2324 41.30 -14.08 76.53
CA TRP A 2324 41.30 -15.30 77.31
C TRP A 2324 40.87 -15.07 78.74
N HIS A 2325 41.47 -14.09 79.40
CA HIS A 2325 41.05 -13.78 80.77
C HIS A 2325 39.69 -13.12 80.83
N ALA A 2326 39.24 -12.49 79.74
CA ALA A 2326 37.95 -11.80 79.76
C ALA A 2326 36.79 -12.77 79.53
N GLU A 2327 36.73 -13.39 78.35
CA GLU A 2327 35.60 -14.22 77.98
C GLU A 2327 35.76 -15.62 78.54
N SER A 2328 34.68 -16.15 79.12
CA SER A 2328 34.70 -17.45 79.77
C SER A 2328 34.28 -18.60 78.86
N SER A 2329 33.80 -18.31 77.65
CA SER A 2329 33.50 -19.40 76.73
C SER A 2329 34.77 -20.03 76.17
N TRP A 2330 35.85 -19.25 76.13
CA TRP A 2330 37.14 -19.77 75.72
C TRP A 2330 37.73 -20.70 76.78
N ALA A 2331 37.39 -20.47 78.05
CA ALA A 2331 38.11 -21.10 79.15
C ALA A 2331 37.88 -22.60 79.23
N ALA A 2332 36.74 -23.07 78.75
CA ALA A 2332 36.44 -24.49 78.81
C ALA A 2332 36.94 -25.24 77.57
N ARG A 2333 37.40 -24.53 76.55
CA ARG A 2333 37.75 -25.17 75.28
C ARG A 2333 39.22 -24.98 74.89
N VAL A 2334 39.84 -23.88 75.26
CA VAL A 2334 41.14 -23.52 74.75
C VAL A 2334 42.16 -23.70 75.86
N SER A 2335 43.43 -23.91 75.48
CA SER A 2335 44.54 -23.87 76.42
C SER A 2335 45.69 -23.17 75.73
N LEU A 2336 45.95 -21.93 76.13
CA LEU A 2336 46.98 -21.11 75.50
C LEU A 2336 48.35 -21.53 75.98
N ALA A 2337 49.33 -21.34 75.11
CA ALA A 2337 50.73 -21.33 75.50
C ALA A 2337 51.46 -20.45 74.52
N HIS A 2338 52.41 -19.66 74.99
CA HIS A 2338 53.19 -18.79 74.13
C HIS A 2338 54.67 -19.06 74.31
N ALA A 2339 55.40 -19.04 73.19
CA ALA A 2339 56.85 -19.10 73.21
C ALA A 2339 57.42 -17.89 72.48
N LEU A 2340 58.27 -17.14 73.15
CA LEU A 2340 59.10 -16.14 72.48
C LEU A 2340 60.23 -16.88 71.76
N ILE A 2341 60.23 -16.85 70.44
CA ILE A 2341 61.23 -17.60 69.69
C ILE A 2341 62.52 -16.80 69.60
N GLY A 2342 63.62 -17.50 69.39
CA GLY A 2342 64.92 -16.86 69.34
C GLY A 2342 65.33 -16.42 67.96
N TRP A 2343 66.51 -16.85 67.53
CA TRP A 2343 67.05 -16.49 66.22
C TRP A 2343 67.42 -17.77 65.50
N THR A 2344 66.75 -18.04 64.38
CA THR A 2344 67.00 -19.23 63.58
C THR A 2344 67.74 -18.84 62.31
N ARG A 2345 68.74 -19.65 61.95
CA ARG A 2345 69.64 -19.32 60.84
C ARG A 2345 69.07 -19.70 59.48
N GLY A 2346 67.82 -20.13 59.41
CA GLY A 2346 67.19 -20.38 58.13
C GLY A 2346 66.05 -19.42 57.85
N THR A 2347 66.24 -18.55 56.86
CA THR A 2347 65.34 -17.46 56.48
C THR A 2347 64.95 -16.55 57.66
N ASN A 2353 73.08 -13.47 55.17
CA ASN A 2353 72.51 -14.40 56.13
C ASN A 2353 73.63 -15.01 56.96
N ASP A 2354 74.67 -15.51 56.28
CA ASP A 2354 75.83 -16.06 56.97
C ASP A 2354 76.60 -14.97 57.70
N ALA A 2355 76.65 -13.77 57.13
CA ALA A 2355 77.23 -12.63 57.81
C ALA A 2355 76.40 -12.22 59.03
N ILE A 2356 75.09 -12.38 58.95
CA ILE A 2356 74.21 -12.12 60.09
C ILE A 2356 74.51 -13.12 61.20
N VAL A 2357 74.65 -14.40 60.85
CA VAL A 2357 74.95 -15.44 61.83
C VAL A 2357 76.32 -15.22 62.46
N ALA A 2358 77.30 -14.81 61.65
CA ALA A 2358 78.64 -14.50 62.17
C ALA A 2358 78.60 -13.30 63.11
N ALA A 2359 77.80 -12.29 62.77
CA ALA A 2359 77.70 -11.10 63.62
C ALA A 2359 77.02 -11.43 64.95
N VAL A 2360 75.96 -12.23 64.92
CA VAL A 2360 75.27 -12.51 66.18
C VAL A 2360 76.04 -13.52 67.03
N GLU A 2361 76.85 -14.39 66.42
CA GLU A 2361 77.68 -15.27 67.25
C GLU A 2361 78.90 -14.54 67.77
N GLU A 2362 79.34 -13.46 67.10
CA GLU A 2362 80.31 -12.57 67.73
C GLU A 2362 79.67 -11.75 68.83
N ALA A 2363 78.38 -11.45 68.69
CA ALA A 2363 77.67 -10.76 69.76
C ALA A 2363 77.50 -11.65 70.99
N GLY A 2364 77.28 -12.94 70.78
CA GLY A 2364 77.22 -13.91 71.85
C GLY A 2364 75.89 -14.60 72.02
N VAL A 2365 74.84 -14.18 71.32
CA VAL A 2365 73.55 -14.83 71.40
C VAL A 2365 73.61 -16.18 70.68
N THR A 2366 73.10 -17.22 71.35
CA THR A 2366 73.09 -18.57 70.79
C THR A 2366 71.96 -18.69 69.78
N THR A 2367 72.31 -19.04 68.55
CA THR A 2367 71.32 -19.23 67.49
C THR A 2367 70.79 -20.66 67.53
N TYR A 2368 69.93 -20.98 66.57
CA TYR A 2368 69.37 -22.31 66.46
C TYR A 2368 69.17 -22.66 65.00
N SER A 2369 69.09 -23.95 64.73
CA SER A 2369 68.58 -24.41 63.46
C SER A 2369 67.07 -24.61 63.57
N THR A 2370 66.44 -24.87 62.44
CA THR A 2370 64.99 -25.01 62.42
C THR A 2370 64.54 -26.26 63.15
N ASP A 2371 65.31 -27.35 63.05
CA ASP A 2371 64.94 -28.57 63.75
C ASP A 2371 65.14 -28.43 65.25
N GLU A 2372 66.24 -27.79 65.66
CA GLU A 2372 66.47 -27.52 67.08
C GLU A 2372 65.37 -26.64 67.65
N MET A 2373 64.98 -25.61 66.90
CA MET A 2373 63.92 -24.72 67.35
C MET A 2373 62.58 -25.43 67.39
N ALA A 2374 62.34 -26.35 66.45
CA ALA A 2374 61.08 -27.08 66.42
C ALA A 2374 61.00 -28.05 67.58
N ALA A 2375 62.11 -28.68 67.96
CA ALA A 2375 62.08 -29.57 69.11
C ALA A 2375 61.91 -28.79 70.40
N LEU A 2376 62.69 -27.71 70.58
CA LEU A 2376 62.58 -26.86 71.75
C LEU A 2376 61.31 -26.02 71.76
N LEU A 2377 60.50 -26.06 70.71
CA LEU A 2377 59.17 -25.50 70.68
C LEU A 2377 58.08 -26.53 70.95
N LEU A 2378 58.17 -27.69 70.32
CA LEU A 2378 57.15 -28.73 70.42
C LEU A 2378 57.24 -29.49 71.73
N ASP A 2379 58.32 -29.31 72.50
CA ASP A 2379 58.37 -29.84 73.86
C ASP A 2379 57.34 -29.22 74.79
N LEU A 2380 56.77 -28.06 74.44
CA LEU A 2380 55.68 -27.42 75.18
C LEU A 2380 54.34 -28.09 74.98
N CYS A 2381 54.27 -29.23 74.30
CA CYS A 2381 53.00 -29.84 73.95
C CYS A 2381 52.79 -31.18 74.62
N ASP A 2382 53.67 -31.57 75.55
CA ASP A 2382 53.50 -32.80 76.27
C ASP A 2382 52.41 -32.66 77.33
N ALA A 2383 52.22 -33.72 78.12
CA ALA A 2383 51.08 -33.78 79.03
C ALA A 2383 51.25 -32.80 80.20
N GLU A 2384 52.48 -32.64 80.69
CA GLU A 2384 52.72 -31.76 81.82
C GLU A 2384 52.46 -30.30 81.46
N SER A 2385 52.92 -29.87 80.27
CA SER A 2385 52.72 -28.50 79.87
C SER A 2385 51.27 -28.20 79.53
N LYS A 2386 50.51 -29.20 79.05
CA LYS A 2386 49.11 -28.88 78.76
C LYS A 2386 48.24 -28.92 80.02
N VAL A 2387 48.58 -29.77 81.00
CA VAL A 2387 47.89 -29.69 82.29
C VAL A 2387 48.23 -28.38 82.99
N ALA A 2388 49.48 -27.92 82.86
CA ALA A 2388 49.86 -26.64 83.45
C ALA A 2388 49.21 -25.47 82.74
N ALA A 2389 49.10 -25.54 81.41
CA ALA A 2389 48.48 -24.49 80.63
C ALA A 2389 46.96 -24.52 80.69
N ALA A 2390 46.38 -25.59 81.22
CA ALA A 2390 44.94 -25.61 81.46
C ALA A 2390 44.53 -24.55 82.46
N ARG A 2391 45.39 -24.24 83.43
CA ARG A 2391 45.07 -23.22 84.43
C ARG A 2391 45.35 -21.82 83.89
N SER A 2392 46.60 -21.55 83.54
CA SER A 2392 47.06 -20.22 83.17
C SER A 2392 47.88 -20.30 81.89
N PRO A 2393 47.90 -19.23 81.10
CA PRO A 2393 48.74 -19.23 79.89
C PRO A 2393 50.23 -19.25 80.22
N ILE A 2394 50.90 -20.32 79.80
CA ILE A 2394 52.34 -20.41 79.96
C ILE A 2394 52.99 -19.41 79.02
N LYS A 2395 53.97 -18.68 79.53
CA LYS A 2395 54.66 -17.62 78.79
C LYS A 2395 56.14 -17.96 78.82
N ALA A 2396 56.59 -18.79 77.89
CA ALA A 2396 57.94 -19.32 77.91
C ALA A 2396 58.84 -18.54 76.97
N ASP A 2397 60.10 -18.45 77.34
CA ASP A 2397 61.13 -17.82 76.53
C ASP A 2397 62.04 -18.90 75.98
N LEU A 2398 62.33 -18.82 74.68
CA LEU A 2398 63.27 -19.72 74.05
C LEU A 2398 64.42 -18.95 73.40
N THR A 2399 64.46 -17.64 73.61
CA THR A 2399 65.47 -16.81 72.99
C THR A 2399 66.80 -16.96 73.72
N GLY A 2400 67.84 -17.31 72.98
CA GLY A 2400 69.13 -17.61 73.58
C GLY A 2400 70.06 -16.42 73.73
N GLY A 2401 69.53 -15.27 74.11
CA GLY A 2401 70.35 -14.10 74.38
C GLY A 2401 69.95 -12.84 73.64
N LEU A 2402 68.99 -12.88 72.73
CA LEU A 2402 68.51 -11.67 72.07
C LEU A 2402 67.37 -11.02 72.84
N ALA A 2403 67.00 -11.60 73.99
CA ALA A 2403 66.04 -10.95 74.88
C ALA A 2403 66.59 -9.65 75.44
N GLU A 2404 67.89 -9.59 75.67
CA GLU A 2404 68.55 -8.32 75.96
C GLU A 2404 68.88 -7.64 74.64
N ALA A 2405 68.51 -6.36 74.52
CA ALA A 2405 68.65 -5.63 73.26
C ALA A 2405 70.03 -4.96 73.21
N ASN A 2406 71.05 -5.79 72.99
CA ASN A 2406 72.39 -5.26 72.85
C ASN A 2406 72.58 -4.64 71.48
N LEU A 2407 72.16 -5.33 70.44
CA LEU A 2407 72.29 -4.86 69.06
C LEU A 2407 70.92 -4.84 68.42
N ASP A 2408 70.71 -3.93 67.47
CA ASP A 2408 69.41 -3.75 66.85
C ASP A 2408 69.41 -4.21 65.39
N MET A 2409 68.20 -4.35 64.85
CA MET A 2409 68.01 -5.01 63.56
C MET A 2409 68.54 -4.14 62.42
N ALA A 2410 68.24 -2.85 62.44
CA ALA A 2410 68.79 -1.95 61.41
C ALA A 2410 70.29 -1.73 61.60
N GLU A 2411 70.75 -1.80 62.86
CA GLU A 2411 72.18 -1.74 63.15
C GLU A 2411 72.92 -2.90 62.52
N LEU A 2412 72.31 -4.08 62.50
CA LEU A 2412 72.89 -5.19 61.75
C LEU A 2412 72.59 -5.09 60.25
N ALA A 2413 71.50 -4.44 59.87
CA ALA A 2413 71.09 -4.43 58.47
C ALA A 2413 71.99 -3.54 57.63
N ALA A 2414 72.43 -2.42 58.19
CA ALA A 2414 73.39 -1.58 57.48
C ALA A 2414 74.73 -2.29 57.31
N LYS A 2415 75.14 -3.04 58.34
CA LYS A 2415 76.36 -3.84 58.25
C LYS A 2415 76.23 -4.93 57.20
N ALA A 2416 75.09 -5.65 57.20
CA ALA A 2416 74.87 -6.70 56.22
C ALA A 2416 74.80 -6.14 54.81
N ARG A 2417 74.30 -4.91 54.67
CA ARG A 2417 74.30 -4.23 53.38
C ARG A 2417 75.73 -3.97 52.91
N GLU A 2418 76.58 -3.44 53.80
CA GLU A 2418 77.92 -3.06 53.36
C GLU A 2418 78.88 -4.24 53.25
N GLN A 2419 78.63 -5.38 53.89
CA GLN A 2419 79.41 -6.58 53.55
C GLN A 2419 78.66 -7.54 52.65
N MET A 2420 77.48 -7.17 52.15
CA MET A 2420 76.84 -7.91 51.07
C MET A 2420 77.11 -7.29 49.71
N SER A 2421 77.32 -5.97 49.67
CA SER A 2421 77.61 -5.29 48.41
C SER A 2421 78.98 -5.69 47.86
N ALA A 2422 79.90 -6.08 48.73
CA ALA A 2422 81.29 -6.26 48.32
C ALA A 2422 81.52 -7.62 47.64
N ALA A 2423 81.01 -8.70 48.22
CA ALA A 2423 81.36 -10.03 47.72
C ALA A 2423 80.57 -10.38 46.46
N ALA A 2424 79.32 -9.94 46.38
CA ALA A 2424 78.45 -10.35 45.27
C ALA A 2424 78.77 -9.61 43.98
N ALA A 2425 79.19 -8.34 44.07
CA ALA A 2425 79.38 -7.54 42.87
C ALA A 2425 80.72 -7.80 42.22
N VAL A 2426 81.76 -8.02 43.02
CA VAL A 2426 83.12 -8.19 42.51
C VAL A 2426 83.49 -9.67 42.45
N ASP A 2427 82.49 -10.55 42.32
CA ASP A 2427 82.75 -11.96 42.04
C ASP A 2427 83.36 -12.11 40.66
N GLU A 2428 84.63 -12.50 40.62
CA GLU A 2428 85.41 -12.52 39.39
C GLU A 2428 84.92 -13.63 38.47
N ASP A 2429 85.26 -13.49 37.19
CA ASP A 2429 84.86 -14.42 36.15
C ASP A 2429 86.10 -15.15 35.66
N ALA A 2430 86.01 -16.47 35.55
CA ALA A 2430 87.14 -17.30 35.13
C ALA A 2430 86.68 -18.22 34.01
N GLU A 2431 87.14 -17.95 32.79
CA GLU A 2431 86.80 -18.76 31.63
C GLU A 2431 88.04 -19.49 31.14
N ALA A 2432 87.84 -20.73 30.71
CA ALA A 2432 88.95 -21.58 30.30
C ALA A 2432 89.50 -21.15 28.95
N PRO A 2433 90.82 -21.20 28.76
CA PRO A 2433 91.39 -20.78 27.47
C PRO A 2433 91.13 -21.75 26.33
N GLY A 2434 90.95 -23.05 26.60
CA GLY A 2434 90.63 -23.97 25.53
C GLY A 2434 89.22 -23.77 25.02
N ALA A 2435 88.23 -24.20 25.81
CA ALA A 2435 86.81 -23.85 25.67
C ALA A 2435 86.25 -24.19 24.28
N ILE A 2436 86.25 -25.48 23.97
CA ILE A 2436 85.70 -25.93 22.70
C ILE A 2436 84.28 -26.41 22.95
N ALA A 2437 83.46 -26.41 21.91
CA ALA A 2437 82.05 -26.72 22.06
C ALA A 2437 81.84 -28.22 22.28
N ALA A 2438 80.58 -28.60 22.47
CA ALA A 2438 80.19 -29.99 22.62
C ALA A 2438 79.23 -30.36 21.51
N LEU A 2439 79.47 -31.52 20.89
CA LEU A 2439 78.68 -31.93 19.76
C LEU A 2439 77.97 -33.25 20.05
N PRO A 2440 76.82 -33.50 19.42
CA PRO A 2440 76.11 -34.76 19.65
C PRO A 2440 76.91 -35.95 19.16
N SER A 2441 76.98 -36.97 20.02
CA SER A 2441 77.92 -38.06 19.85
C SER A 2441 77.56 -38.92 18.64
N PRO A 2442 78.53 -39.54 17.99
CA PRO A 2442 78.25 -40.38 16.84
C PRO A 2442 77.59 -41.66 17.31
N PRO A 2443 76.87 -42.38 16.43
CA PRO A 2443 76.14 -43.56 16.87
C PRO A 2443 77.04 -44.72 17.26
N ARG A 2444 77.15 -44.92 18.57
CA ARG A 2444 77.83 -46.04 19.16
C ARG A 2444 76.82 -47.09 19.58
N GLY A 2445 77.29 -48.29 19.84
CA GLY A 2445 76.41 -49.40 20.12
C GLY A 2445 75.70 -49.27 21.46
N PHE A 2446 74.74 -50.16 21.67
CA PHE A 2446 73.99 -50.15 22.92
C PHE A 2446 74.86 -50.63 24.06
N THR A 2447 74.62 -50.09 25.26
CA THR A 2447 75.28 -50.59 26.45
C THR A 2447 74.23 -51.24 27.34
N PRO A 2448 74.08 -52.54 27.31
CA PRO A 2448 73.10 -53.20 28.17
C PRO A 2448 73.66 -53.36 29.57
N ALA A 2449 72.82 -53.90 30.45
CA ALA A 2449 73.25 -54.27 31.79
C ALA A 2449 74.17 -55.47 31.71
N PRO A 2450 75.03 -55.67 32.71
CA PRO A 2450 75.75 -56.94 32.81
C PRO A 2450 74.78 -58.09 33.01
N PRO A 2451 74.76 -59.04 32.08
CA PRO A 2451 73.67 -60.01 32.01
C PRO A 2451 73.75 -60.99 33.16
N PRO A 2452 72.64 -61.65 33.51
CA PRO A 2452 72.67 -62.59 34.64
C PRO A 2452 73.43 -63.87 34.35
N GLN A 2453 73.33 -64.83 35.25
CA GLN A 2453 74.09 -66.06 35.11
C GLN A 2453 73.17 -67.23 35.37
N TRP A 2454 72.93 -68.04 34.36
CA TRP A 2454 72.40 -69.37 34.59
C TRP A 2454 73.02 -70.35 33.61
N ASP A 2455 72.72 -71.62 33.83
CA ASP A 2455 73.45 -72.71 33.23
C ASP A 2455 73.05 -72.92 31.78
N ASP A 2456 73.69 -73.88 31.13
CA ASP A 2456 73.33 -74.26 29.78
C ASP A 2456 71.98 -74.94 29.78
N LEU A 2457 71.18 -74.67 28.77
CA LEU A 2457 69.84 -75.24 28.67
C LEU A 2457 69.87 -76.42 27.71
N ASP A 2458 69.10 -77.45 28.06
CA ASP A 2458 68.97 -78.61 27.20
C ASP A 2458 67.97 -78.40 26.08
N VAL A 2459 67.32 -77.24 26.04
CA VAL A 2459 66.37 -76.94 24.98
C VAL A 2459 67.12 -76.63 23.70
N ASP A 2460 66.75 -77.27 22.64
CA ASP A 2460 67.30 -77.00 21.33
C ASP A 2460 66.70 -75.68 20.82
N PRO A 2461 67.45 -74.87 20.06
CA PRO A 2461 66.90 -73.61 19.57
C PRO A 2461 65.91 -73.74 18.42
N ALA A 2462 65.46 -74.95 18.11
CA ALA A 2462 64.30 -75.13 17.25
C ALA A 2462 63.01 -74.94 18.00
N ASP A 2463 63.03 -75.01 19.32
CA ASP A 2463 61.83 -74.95 20.14
C ASP A 2463 61.77 -73.64 20.92
N LEU A 2464 62.22 -72.55 20.31
CA LEU A 2464 62.18 -71.24 20.95
C LEU A 2464 61.57 -70.24 19.99
N VAL A 2465 60.67 -69.41 20.50
CA VAL A 2465 60.11 -68.30 19.76
C VAL A 2465 60.68 -67.03 20.37
N VAL A 2466 61.39 -66.26 19.57
CA VAL A 2466 62.08 -65.08 20.06
C VAL A 2466 61.46 -63.85 19.43
N ILE A 2467 61.64 -62.71 20.08
CA ILE A 2467 61.25 -61.42 19.53
C ILE A 2467 62.49 -60.77 18.97
N VAL A 2468 62.52 -60.60 17.65
CA VAL A 2468 63.71 -60.14 16.97
C VAL A 2468 63.65 -58.64 16.70
N GLY A 2469 62.56 -58.17 16.15
CA GLY A 2469 62.39 -56.77 15.87
C GLY A 2469 61.39 -56.11 16.79
N GLY A 2470 60.87 -54.98 16.35
CA GLY A 2470 59.87 -54.27 17.10
C GLY A 2470 60.01 -52.77 16.95
N ALA A 2471 58.90 -52.10 16.72
CA ALA A 2471 58.86 -50.65 16.70
C ALA A 2471 57.44 -50.22 16.98
N GLU A 2472 57.30 -48.97 17.41
CA GLU A 2472 56.01 -48.46 17.81
C GLU A 2472 55.89 -47.02 17.34
N ILE A 2473 54.66 -46.53 17.41
CA ILE A 2473 54.39 -45.12 17.16
C ILE A 2473 53.23 -44.72 18.06
N GLY A 2474 53.45 -43.69 18.86
CA GLY A 2474 52.49 -43.30 19.86
C GLY A 2474 52.66 -41.86 20.24
N PRO A 2475 52.27 -41.52 21.47
CA PRO A 2475 52.30 -40.12 21.90
C PRO A 2475 53.68 -39.52 22.01
N TYR A 2476 54.74 -40.32 22.04
CA TYR A 2476 56.10 -39.80 22.06
C TYR A 2476 56.85 -40.11 20.79
N GLY A 2477 56.20 -40.68 19.80
CA GLY A 2477 56.88 -41.04 18.57
C GLY A 2477 57.43 -42.43 18.65
N SER A 2478 58.71 -42.58 18.34
CA SER A 2478 59.31 -43.89 18.28
C SER A 2478 59.59 -44.42 19.68
N SER A 2479 59.92 -45.71 19.74
CA SER A 2479 60.14 -46.36 21.02
C SER A 2479 61.40 -45.86 21.70
N ARG A 2480 62.36 -45.38 20.93
CA ARG A 2480 63.58 -44.81 21.48
C ARG A 2480 63.28 -43.57 22.32
N THR A 2481 62.58 -42.60 21.72
CA THR A 2481 62.27 -41.37 22.46
C THR A 2481 61.25 -41.62 23.54
N ARG A 2482 60.34 -42.58 23.34
CA ARG A 2482 59.37 -42.88 24.38
C ARG A 2482 60.04 -43.48 25.59
N PHE A 2483 61.01 -44.36 25.39
CA PHE A 2483 61.70 -44.94 26.54
C PHE A 2483 62.63 -43.94 27.20
N GLU A 2484 63.21 -43.03 26.42
CA GLU A 2484 64.10 -42.04 27.02
C GLU A 2484 63.32 -41.06 27.88
N MET A 2485 62.19 -40.58 27.40
CA MET A 2485 61.33 -39.72 28.22
C MET A 2485 60.69 -40.51 29.36
N GLU A 2486 60.55 -41.83 29.19
CA GLU A 2486 60.01 -42.65 30.27
C GLU A 2486 60.98 -42.77 31.41
N VAL A 2487 62.25 -42.99 31.12
CA VAL A 2487 63.22 -43.18 32.19
C VAL A 2487 63.70 -41.84 32.73
N GLU A 2488 64.38 -41.06 31.90
CA GLU A 2488 65.16 -39.96 32.46
C GLU A 2488 64.46 -38.62 32.38
N ASN A 2489 63.17 -38.61 32.02
CA ASN A 2489 62.28 -37.44 32.04
C ASN A 2489 62.76 -36.32 31.10
N GLU A 2490 63.68 -36.61 30.19
CA GLU A 2490 64.22 -35.60 29.29
C GLU A 2490 64.86 -36.32 28.12
N LEU A 2491 65.01 -35.59 27.02
CA LEU A 2491 65.52 -36.18 25.79
C LEU A 2491 67.02 -36.02 25.69
N SER A 2492 67.63 -36.96 24.99
CA SER A 2492 69.01 -36.82 24.59
C SER A 2492 69.07 -35.98 23.32
N ALA A 2493 70.29 -35.67 22.87
CA ALA A 2493 70.45 -34.86 21.68
C ALA A 2493 69.96 -35.60 20.44
N ALA A 2494 70.15 -36.92 20.41
CA ALA A 2494 69.65 -37.71 19.30
C ALA A 2494 68.14 -37.76 19.28
N GLY A 2495 67.51 -37.80 20.46
CA GLY A 2495 66.06 -37.79 20.51
C GLY A 2495 65.48 -36.45 20.12
N VAL A 2496 66.14 -35.36 20.49
CA VAL A 2496 65.72 -34.04 20.06
C VAL A 2496 65.84 -33.90 18.56
N LEU A 2497 66.95 -34.41 17.99
CA LEU A 2497 67.14 -34.36 16.55
C LEU A 2497 66.10 -35.19 15.82
N GLU A 2498 65.76 -36.36 16.35
CA GLU A 2498 64.76 -37.21 15.73
C GLU A 2498 63.37 -36.59 15.77
N LEU A 2499 62.97 -36.03 16.91
CA LEU A 2499 61.64 -35.44 16.97
C LEU A 2499 61.55 -34.14 16.19
N ALA A 2500 62.63 -33.36 16.14
CA ALA A 2500 62.59 -32.14 15.35
C ALA A 2500 62.62 -32.43 13.86
N TRP A 2501 63.28 -33.52 13.46
CA TRP A 2501 63.20 -33.99 12.08
C TRP A 2501 61.81 -34.48 11.75
N THR A 2502 61.19 -35.18 12.69
CA THR A 2502 59.93 -35.85 12.39
C THR A 2502 58.77 -34.87 12.37
N THR A 2503 58.75 -33.91 13.28
CA THR A 2503 57.66 -32.95 13.37
C THR A 2503 57.86 -31.74 12.46
N GLY A 2504 58.81 -31.81 11.53
CA GLY A 2504 58.92 -30.78 10.53
C GLY A 2504 59.56 -29.49 10.98
N LEU A 2505 60.18 -29.46 12.16
CA LEU A 2505 60.86 -28.25 12.58
C LEU A 2505 62.21 -28.05 11.89
N ILE A 2506 62.76 -29.10 11.29
CA ILE A 2506 64.11 -29.06 10.74
C ILE A 2506 64.13 -29.83 9.44
N ARG A 2507 64.69 -29.23 8.39
CA ARG A 2507 64.99 -29.92 7.15
C ARG A 2507 66.48 -29.95 6.90
N TRP A 2508 66.89 -30.89 6.04
CA TRP A 2508 68.25 -30.93 5.53
C TRP A 2508 68.25 -30.39 4.12
N GLU A 2509 68.97 -29.30 3.90
CA GLU A 2509 69.19 -28.77 2.57
C GLU A 2509 70.68 -28.55 2.39
N ASP A 2510 71.10 -28.45 1.15
CA ASP A 2510 72.51 -28.28 0.86
C ASP A 2510 72.79 -27.26 -0.24
N ASP A 2511 71.81 -26.44 -0.61
CA ASP A 2511 72.05 -25.51 -1.70
C ASP A 2511 72.87 -24.29 -1.26
N PRO A 2512 72.61 -23.61 -0.14
CA PRO A 2512 73.61 -22.62 0.29
C PRO A 2512 74.84 -23.27 0.88
N GLN A 2513 74.62 -24.30 1.69
CA GLN A 2513 75.63 -25.00 2.46
C GLN A 2513 74.96 -26.25 3.02
N PRO A 2514 75.63 -27.39 3.02
CA PRO A 2514 75.00 -28.60 3.58
C PRO A 2514 74.92 -28.51 5.09
N GLY A 2515 73.72 -28.71 5.62
CA GLY A 2515 73.45 -28.56 7.03
C GLY A 2515 71.96 -28.58 7.26
N TRP A 2516 71.59 -28.68 8.53
CA TRP A 2516 70.19 -28.64 8.87
C TRP A 2516 69.71 -27.20 8.87
N TYR A 2517 68.56 -26.95 8.28
CA TYR A 2517 67.97 -25.62 8.27
C TYR A 2517 66.68 -25.60 9.06
N ASP A 2518 66.36 -24.43 9.60
CA ASP A 2518 65.07 -24.23 10.23
C ASP A 2518 63.98 -24.21 9.17
N THR A 2519 62.77 -24.58 9.58
CA THR A 2519 61.66 -24.63 8.63
C THR A 2519 61.12 -23.24 8.34
N GLU A 2520 60.70 -22.53 9.38
CA GLU A 2520 60.01 -21.26 9.17
C GLU A 2520 60.97 -20.13 8.83
N SER A 2521 62.20 -20.16 9.34
CA SER A 2521 63.11 -19.04 9.17
C SER A 2521 64.32 -19.36 8.31
N GLY A 2522 64.75 -20.62 8.25
CA GLY A 2522 65.78 -21.03 7.30
C GLY A 2522 67.18 -20.54 7.59
N GLU A 2523 67.81 -21.07 8.64
CA GLU A 2523 69.18 -20.72 8.97
C GLU A 2523 69.97 -21.97 9.28
N MET A 2524 71.28 -21.87 9.11
CA MET A 2524 72.21 -22.92 9.51
C MET A 2524 72.20 -23.04 11.02
N VAL A 2525 71.56 -24.08 11.53
CA VAL A 2525 71.59 -24.32 12.97
C VAL A 2525 72.92 -24.97 13.32
N ASP A 2526 73.37 -24.74 14.55
CA ASP A 2526 74.55 -25.39 15.06
C ASP A 2526 74.15 -26.65 15.81
N GLU A 2527 74.98 -27.69 15.69
CA GLU A 2527 74.73 -28.92 16.43
C GLU A 2527 74.89 -28.72 17.93
N SER A 2528 75.68 -27.75 18.35
CA SER A 2528 75.83 -27.47 19.77
C SER A 2528 74.60 -26.81 20.36
N GLU A 2529 73.74 -26.23 19.52
CA GLU A 2529 72.61 -25.45 19.99
C GLU A 2529 71.28 -26.20 19.87
N LEU A 2530 71.32 -27.48 19.48
CA LEU A 2530 70.09 -28.21 19.14
C LEU A 2530 69.17 -28.39 20.33
N VAL A 2531 69.70 -28.91 21.44
CA VAL A 2531 68.86 -29.14 22.60
C VAL A 2531 68.41 -27.83 23.22
N GLN A 2532 69.34 -26.89 23.37
CA GLN A 2532 69.04 -25.64 24.03
C GLN A 2532 68.16 -24.72 23.20
N ARG A 2533 67.97 -25.00 21.91
CA ARG A 2533 67.03 -24.22 21.12
C ARG A 2533 65.79 -24.99 20.70
N TYR A 2534 65.75 -26.32 20.87
CA TYR A 2534 64.62 -27.08 20.37
C TYR A 2534 64.04 -28.05 21.38
N HIS A 2535 64.48 -28.02 22.63
CA HIS A 2535 63.95 -28.95 23.61
C HIS A 2535 62.53 -28.58 24.02
N ASP A 2536 62.30 -27.30 24.30
CA ASP A 2536 61.01 -26.86 24.80
C ASP A 2536 59.92 -26.96 23.75
N ALA A 2537 60.28 -26.77 22.48
CA ALA A 2537 59.30 -26.86 21.39
C ALA A 2537 58.79 -28.29 21.23
N VAL A 2538 59.69 -29.28 21.27
CA VAL A 2538 59.23 -30.65 21.09
C VAL A 2538 58.57 -31.15 22.35
N VAL A 2539 58.94 -30.63 23.52
CA VAL A 2539 58.22 -31.02 24.74
C VAL A 2539 56.81 -30.45 24.72
N GLN A 2540 56.62 -29.26 24.13
CA GLN A 2540 55.26 -28.77 23.94
C GLN A 2540 54.49 -29.60 22.93
N ARG A 2541 55.13 -30.01 21.84
CA ARG A 2541 54.41 -30.71 20.79
C ARG A 2541 54.17 -32.18 21.09
N VAL A 2542 54.84 -32.75 22.09
CA VAL A 2542 54.86 -34.19 22.30
C VAL A 2542 54.39 -34.49 23.72
N GLY A 2543 53.37 -35.32 23.85
CA GLY A 2543 52.92 -35.76 25.15
C GLY A 2543 51.41 -35.83 25.26
N ILE A 2544 50.95 -36.24 26.44
CA ILE A 2544 49.54 -36.14 26.79
C ILE A 2544 49.17 -34.67 26.94
N ARG A 2545 48.19 -34.23 26.16
CA ARG A 2545 47.92 -32.81 26.02
C ARG A 2545 46.51 -32.62 25.51
N GLU A 2546 46.13 -31.37 25.32
CA GLU A 2546 44.80 -31.02 24.85
C GLU A 2546 44.66 -31.39 23.39
N PHE A 2547 43.44 -31.79 22.99
CA PHE A 2547 43.12 -32.16 21.62
C PHE A 2547 43.39 -31.02 20.67
N VAL A 2548 44.31 -31.21 19.72
CA VAL A 2548 44.62 -30.24 18.70
C VAL A 2548 44.23 -30.83 17.36
N ASP A 2549 43.46 -30.08 16.58
CA ASP A 2549 42.94 -30.60 15.33
C ASP A 2549 44.04 -30.64 14.27
N ASP A 2550 44.13 -31.76 13.57
CA ASP A 2550 45.11 -31.95 12.51
C ASP A 2550 44.42 -32.57 11.29
N GLY A 2551 43.28 -32.00 10.92
CA GLY A 2551 42.55 -32.47 9.75
C GLY A 2551 42.33 -31.38 8.73
N ALA A 2552 42.65 -30.14 9.11
CA ALA A 2552 42.55 -28.94 8.28
C ALA A 2552 41.13 -28.70 7.75
N ILE A 2553 40.13 -29.08 8.55
CA ILE A 2553 38.72 -28.94 8.19
C ILE A 2553 38.02 -28.15 9.28
N ASP A 2554 36.71 -27.98 9.11
CA ASP A 2554 35.92 -27.29 10.13
C ASP A 2554 35.50 -28.26 11.21
N PRO A 2555 35.56 -27.86 12.49
CA PRO A 2555 35.11 -28.73 13.57
C PRO A 2555 33.61 -28.74 13.80
N ASP A 2556 32.82 -28.07 12.96
CA ASP A 2556 31.39 -27.93 13.12
C ASP A 2556 30.60 -28.84 12.17
N HIS A 2557 31.05 -30.07 11.99
CA HIS A 2557 30.37 -31.03 11.13
C HIS A 2557 29.90 -32.29 11.85
N ALA A 2558 30.58 -32.73 12.89
CA ALA A 2558 30.30 -34.02 13.52
C ALA A 2558 30.02 -33.83 15.01
N SER A 2559 28.74 -33.62 15.35
CA SER A 2559 28.29 -33.57 16.74
C SER A 2559 26.79 -33.81 16.76
N PRO A 2560 26.28 -34.62 17.69
CA PRO A 2560 24.83 -34.84 17.77
C PRO A 2560 24.11 -33.64 18.36
N LEU A 2561 23.04 -33.22 17.71
CA LEU A 2561 22.26 -32.08 18.17
C LEU A 2561 20.85 -32.18 17.61
N LEU A 2562 19.89 -31.68 18.38
CA LEU A 2562 18.47 -31.81 18.08
C LEU A 2562 17.93 -30.50 17.50
N VAL A 2563 17.41 -30.55 16.28
CA VAL A 2563 16.66 -29.44 15.71
C VAL A 2563 15.38 -29.99 15.10
N SER A 2564 14.28 -29.27 15.33
CA SER A 2564 12.98 -29.60 14.73
C SER A 2564 12.21 -28.31 14.61
N VAL A 2565 12.27 -27.69 13.43
CA VAL A 2565 11.51 -26.49 13.13
C VAL A 2565 10.59 -26.82 11.95
N PHE A 2566 9.42 -26.19 11.90
CA PHE A 2566 8.46 -26.42 10.83
C PHE A 2566 8.27 -25.15 10.04
N LEU A 2567 8.29 -25.28 8.72
CA LEU A 2567 8.42 -24.14 7.83
C LEU A 2567 7.22 -24.09 6.88
N GLU A 2568 6.67 -22.90 6.69
CA GLU A 2568 5.43 -22.70 5.95
C GLU A 2568 5.59 -21.68 4.83
N LYS A 2569 6.81 -21.39 4.42
CA LYS A 2569 7.12 -20.16 3.71
C LYS A 2569 7.79 -20.38 2.36
N ASP A 2570 8.29 -19.29 1.78
CA ASP A 2570 8.81 -19.26 0.42
C ASP A 2570 10.12 -20.03 0.31
N PHE A 2571 10.31 -20.66 -0.85
CA PHE A 2571 11.51 -21.44 -1.15
C PHE A 2571 12.22 -20.80 -2.33
N ALA A 2572 13.30 -20.07 -2.05
CA ALA A 2572 14.12 -19.50 -3.10
C ALA A 2572 15.12 -20.52 -3.60
N PHE A 2573 15.28 -20.59 -4.93
CA PHE A 2573 15.99 -21.73 -5.52
C PHE A 2573 17.15 -21.38 -6.45
N VAL A 2574 17.66 -22.41 -7.10
CA VAL A 2574 18.84 -22.35 -7.94
C VAL A 2574 18.45 -22.85 -9.33
N VAL A 2575 19.29 -22.57 -10.31
CA VAL A 2575 19.04 -22.99 -11.69
C VAL A 2575 19.30 -24.50 -11.78
N SER A 2576 18.21 -25.26 -11.85
CA SER A 2576 18.28 -26.70 -12.09
C SER A 2576 17.53 -27.00 -13.40
N SER A 2577 17.67 -28.21 -13.89
CA SER A 2577 16.93 -28.62 -15.07
C SER A 2577 15.50 -28.97 -14.68
N GLU A 2578 14.66 -29.13 -15.70
CA GLU A 2578 13.29 -29.59 -15.47
C GLU A 2578 13.27 -31.02 -14.93
N ALA A 2579 14.17 -31.87 -15.42
CA ALA A 2579 14.23 -33.24 -14.92
C ALA A 2579 14.76 -33.29 -13.50
N ASP A 2580 15.74 -32.45 -13.17
CA ASP A 2580 16.26 -32.40 -11.80
C ASP A 2580 15.22 -31.84 -10.84
N ALA A 2581 14.46 -30.83 -11.29
CA ALA A 2581 13.36 -30.31 -10.49
C ALA A 2581 12.28 -31.35 -10.28
N ARG A 2582 11.96 -32.12 -11.32
CA ARG A 2582 10.96 -33.18 -11.18
C ARG A 2582 11.45 -34.28 -10.25
N ALA A 2583 12.73 -34.65 -10.34
CA ALA A 2583 13.28 -35.65 -9.43
C ALA A 2583 13.37 -35.14 -8.00
N PHE A 2584 13.50 -33.82 -7.80
CA PHE A 2584 13.42 -33.26 -6.47
C PHE A 2584 11.99 -33.34 -5.93
N VAL A 2585 11.00 -33.03 -6.77
CA VAL A 2585 9.61 -32.96 -6.31
C VAL A 2585 8.91 -34.33 -6.47
N GLU A 2586 9.66 -35.39 -6.79
CA GLU A 2586 9.09 -36.75 -6.77
C GLU A 2586 8.54 -37.14 -5.40
N PHE A 2587 9.26 -36.86 -4.33
CA PHE A 2587 8.72 -37.13 -3.00
C PHE A 2587 7.73 -36.07 -2.54
N ASP A 2588 7.80 -34.89 -3.12
CA ASP A 2588 7.03 -33.75 -2.64
C ASP A 2588 5.52 -33.67 -2.91
N PRO A 2589 4.97 -34.14 -4.06
CA PRO A 2589 3.83 -33.42 -4.67
C PRO A 2589 2.52 -33.48 -3.90
N GLU A 2590 2.43 -34.24 -2.81
CA GLU A 2590 1.24 -34.24 -1.98
C GLU A 2590 1.31 -33.24 -0.84
N HIS A 2591 2.47 -32.64 -0.59
CA HIS A 2591 2.64 -31.67 0.49
C HIS A 2591 3.03 -30.30 -0.02
N THR A 2592 2.77 -29.97 -1.28
CA THR A 2592 3.36 -28.78 -1.85
C THR A 2592 2.55 -28.24 -3.02
N VAL A 2593 3.04 -27.11 -3.55
CA VAL A 2593 2.57 -26.50 -4.79
C VAL A 2593 3.79 -26.34 -5.70
N ILE A 2594 3.61 -26.65 -6.99
CA ILE A 2594 4.67 -26.56 -7.99
C ILE A 2594 4.41 -25.34 -8.86
N ARG A 2595 5.44 -24.52 -9.06
CA ARG A 2595 5.31 -23.42 -10.01
C ARG A 2595 6.51 -23.36 -10.96
N PRO A 2596 6.30 -23.43 -12.27
CA PRO A 2596 7.43 -23.37 -13.20
C PRO A 2596 7.97 -21.97 -13.38
N VAL A 2597 9.29 -21.89 -13.48
CA VAL A 2597 9.99 -20.64 -13.78
C VAL A 2597 10.78 -20.84 -15.07
N PRO A 2598 10.33 -20.26 -16.18
CA PRO A 2598 11.09 -20.36 -17.43
C PRO A 2598 12.35 -19.50 -17.45
N ASP A 2599 12.41 -18.44 -16.64
CA ASP A 2599 13.59 -17.60 -16.60
C ASP A 2599 14.78 -18.32 -15.99
N SER A 2600 14.53 -19.26 -15.09
CA SER A 2600 15.56 -20.13 -14.55
C SER A 2600 15.50 -21.53 -15.13
N THR A 2601 14.52 -21.80 -16.01
CA THR A 2601 14.30 -23.08 -16.69
C THR A 2601 14.15 -24.23 -15.69
N ASP A 2602 13.33 -24.01 -14.66
CA ASP A 2602 13.17 -25.01 -13.61
C ASP A 2602 11.74 -24.95 -13.09
N TRP A 2603 11.51 -25.65 -11.99
CA TRP A 2603 10.31 -25.50 -11.19
C TRP A 2603 10.68 -24.95 -9.82
N GLN A 2604 9.65 -24.64 -9.05
CA GLN A 2604 9.81 -24.22 -7.66
C GLN A 2604 8.78 -24.98 -6.84
N VAL A 2605 9.27 -25.73 -5.86
CA VAL A 2605 8.43 -26.40 -4.89
C VAL A 2605 8.17 -25.40 -3.77
N ILE A 2606 6.95 -25.39 -3.23
CA ILE A 2606 6.61 -24.56 -2.07
C ILE A 2606 5.77 -25.43 -1.15
N ARG A 2607 6.30 -25.76 0.02
CA ARG A 2607 5.68 -26.76 0.87
C ARG A 2607 4.89 -26.11 1.99
N LYS A 2608 3.79 -26.77 2.37
CA LYS A 2608 2.83 -26.24 3.33
C LYS A 2608 3.28 -26.44 4.77
N ALA A 2609 2.35 -26.27 5.71
CA ALA A 2609 2.61 -26.50 7.11
C ALA A 2609 2.87 -27.98 7.38
N GLY A 2610 3.54 -28.24 8.51
CA GLY A 2610 4.01 -29.57 8.82
C GLY A 2610 5.32 -29.94 8.18
N THR A 2611 5.80 -29.14 7.23
CA THR A 2611 7.08 -29.39 6.56
C THR A 2611 8.21 -28.97 7.48
N GLU A 2612 9.03 -29.94 7.87
CA GLU A 2612 10.22 -29.68 8.65
C GLU A 2612 11.44 -29.66 7.74
N ILE A 2613 12.40 -28.80 8.06
CA ILE A 2613 13.68 -28.77 7.38
C ILE A 2613 14.78 -29.01 8.40
N ARG A 2614 15.79 -29.78 8.01
CA ARG A 2614 16.94 -29.99 8.86
C ARG A 2614 17.76 -28.72 8.91
N VAL A 2615 17.95 -28.19 10.11
CA VAL A 2615 18.75 -26.98 10.29
C VAL A 2615 19.93 -27.30 11.21
N PRO A 2616 21.01 -27.91 10.67
CA PRO A 2616 22.03 -28.52 11.52
C PRO A 2616 22.88 -27.51 12.27
N ARG A 2617 22.62 -27.37 13.57
CA ARG A 2617 23.52 -26.68 14.46
C ARG A 2617 24.48 -27.71 15.04
N LYS A 2618 25.76 -27.38 15.06
CA LYS A 2618 26.79 -28.32 15.52
C LYS A 2618 27.43 -27.73 16.77
N THR A 2619 27.22 -28.40 17.89
CA THR A 2619 27.75 -27.94 19.18
C THR A 2619 29.25 -28.17 19.27
N LYS A 2620 29.82 -27.76 20.40
CA LYS A 2620 31.25 -27.87 20.63
C LYS A 2620 31.50 -28.13 22.11
N LEU A 2621 31.86 -29.37 22.43
CA LEU A 2621 32.42 -29.68 23.74
C LEU A 2621 33.93 -29.51 23.62
N SER A 2622 34.46 -28.52 24.32
CA SER A 2622 35.87 -28.15 24.18
C SER A 2622 36.73 -28.83 25.23
N ARG A 2623 38.04 -28.79 24.97
CA ARG A 2623 39.09 -29.25 25.87
C ARG A 2623 38.91 -30.74 26.22
N VAL A 2624 39.10 -31.55 25.18
CA VAL A 2624 39.33 -32.97 25.38
C VAL A 2624 40.83 -33.17 25.51
N VAL A 2625 41.25 -33.89 26.53
CA VAL A 2625 42.67 -34.19 26.70
C VAL A 2625 42.91 -35.60 26.20
N GLY A 2626 44.04 -35.79 25.52
CA GLY A 2626 44.30 -37.07 24.92
C GLY A 2626 45.77 -37.35 24.68
N GLY A 2627 46.05 -38.43 23.97
CA GLY A 2627 47.39 -38.91 23.77
C GLY A 2627 47.79 -38.93 22.31
N GLN A 2628 47.57 -37.84 21.59
CA GLN A 2628 47.77 -37.79 20.15
C GLN A 2628 49.21 -38.08 19.74
N ILE A 2629 49.37 -38.41 18.46
CA ILE A 2629 50.62 -38.44 17.71
C ILE A 2629 51.23 -37.04 17.78
N PRO A 2630 52.56 -36.90 17.76
CA PRO A 2630 53.17 -35.55 17.75
C PRO A 2630 52.65 -34.62 16.67
N THR A 2631 52.35 -33.39 17.09
CA THR A 2631 51.70 -32.42 16.23
C THR A 2631 52.64 -32.00 15.11
N GLY A 2632 52.18 -32.18 13.88
CA GLY A 2632 53.05 -31.99 12.74
C GLY A 2632 53.80 -33.23 12.33
N PHE A 2633 53.29 -34.41 12.68
CA PHE A 2633 53.89 -35.66 12.22
C PHE A 2633 53.72 -35.77 10.72
N ASP A 2634 54.83 -35.69 10.00
CA ASP A 2634 54.84 -35.78 8.55
C ASP A 2634 55.44 -37.13 8.17
N PRO A 2635 54.62 -38.11 7.81
CA PRO A 2635 55.18 -39.42 7.43
C PRO A 2635 55.85 -39.43 6.08
N THR A 2636 55.79 -38.34 5.32
CA THR A 2636 56.50 -38.30 4.05
C THR A 2636 58.00 -38.17 4.23
N VAL A 2637 58.44 -37.74 5.41
CA VAL A 2637 59.86 -37.53 5.63
C VAL A 2637 60.57 -38.87 5.79
N TRP A 2638 59.83 -39.91 6.15
CA TRP A 2638 60.36 -41.26 6.10
C TRP A 2638 60.66 -41.69 4.67
N GLY A 2639 59.75 -41.41 3.75
CA GLY A 2639 59.92 -41.82 2.37
C GLY A 2639 58.62 -42.18 1.68
N ILE A 2640 57.54 -42.22 2.44
CA ILE A 2640 56.22 -42.49 1.88
C ILE A 2640 55.78 -41.31 1.02
N SER A 2641 55.36 -41.59 -0.20
CA SER A 2641 55.05 -40.54 -1.16
C SER A 2641 53.74 -39.83 -0.80
N ALA A 2642 53.56 -38.66 -1.40
CA ALA A 2642 52.45 -37.78 -1.03
C ALA A 2642 51.12 -38.33 -1.53
N ASP A 2643 51.10 -38.94 -2.71
CA ASP A 2643 49.87 -39.56 -3.20
C ASP A 2643 49.50 -40.78 -2.38
N MET A 2644 50.51 -41.52 -1.90
CA MET A 2644 50.28 -42.62 -0.97
C MET A 2644 49.63 -42.12 0.31
N ALA A 2645 50.18 -41.03 0.86
CA ALA A 2645 49.63 -40.44 2.08
C ALA A 2645 48.23 -39.86 1.86
N GLY A 2646 47.94 -39.37 0.65
CA GLY A 2646 46.64 -38.79 0.40
C GLY A 2646 45.57 -39.84 0.19
N SER A 2647 45.85 -40.84 -0.64
CA SER A 2647 44.83 -41.84 -0.97
C SER A 2647 44.64 -42.85 0.16
N ILE A 2648 45.74 -43.37 0.70
CA ILE A 2648 45.65 -44.48 1.65
C ILE A 2648 45.27 -43.93 3.03
N ASP A 2649 44.56 -44.76 3.80
CA ASP A 2649 44.16 -44.40 5.15
C ASP A 2649 45.38 -44.22 6.05
N ARG A 2650 45.25 -43.32 7.02
CA ARG A 2650 46.40 -42.96 7.83
C ARG A 2650 46.77 -44.05 8.82
N LEU A 2651 45.86 -44.96 9.16
CA LEU A 2651 46.26 -46.14 9.92
C LEU A 2651 47.21 -47.00 9.11
N ALA A 2652 46.95 -47.17 7.82
CA ALA A 2652 47.87 -47.92 6.99
C ALA A 2652 49.17 -47.16 6.77
N VAL A 2653 49.11 -45.83 6.74
CA VAL A 2653 50.32 -45.02 6.66
C VAL A 2653 51.20 -45.25 7.89
N TRP A 2654 50.59 -45.19 9.07
CA TRP A 2654 51.29 -45.44 10.32
C TRP A 2654 51.82 -46.86 10.38
N ASN A 2655 51.10 -47.82 9.82
CA ASN A 2655 51.56 -49.19 9.82
C ASN A 2655 52.79 -49.36 8.95
N MET A 2656 52.82 -48.67 7.79
CA MET A 2656 54.01 -48.70 6.95
C MET A 2656 55.20 -48.09 7.66
N VAL A 2657 54.96 -46.99 8.39
CA VAL A 2657 56.03 -46.32 9.13
C VAL A 2657 56.59 -47.23 10.21
N ALA A 2658 55.70 -47.87 10.98
CA ALA A 2658 56.13 -48.74 12.08
C ALA A 2658 56.85 -49.97 11.56
N THR A 2659 56.40 -50.53 10.44
CA THR A 2659 57.01 -51.74 9.94
C THR A 2659 58.40 -51.47 9.37
N VAL A 2660 58.57 -50.37 8.63
CA VAL A 2660 59.90 -50.07 8.11
C VAL A 2660 60.82 -49.64 9.24
N ASP A 2661 60.26 -49.07 10.32
CA ASP A 2661 61.05 -48.76 11.50
C ASP A 2661 61.55 -50.02 12.18
N ALA A 2662 60.71 -51.05 12.30
CA ALA A 2662 61.12 -52.28 12.97
C ALA A 2662 62.20 -53.02 12.18
N PHE A 2663 62.01 -53.12 10.87
CA PHE A 2663 63.00 -53.82 10.05
C PHE A 2663 64.31 -53.06 10.00
N LEU A 2664 64.28 -51.75 9.86
CA LEU A 2664 65.53 -51.02 9.78
C LEU A 2664 66.08 -50.64 11.14
N SER A 2665 65.41 -51.00 12.23
CA SER A 2665 66.01 -50.89 13.54
C SER A 2665 66.68 -52.17 13.97
N SER A 2666 66.16 -53.31 13.54
CA SER A 2666 66.90 -54.55 13.79
C SER A 2666 67.81 -54.93 12.64
N GLY A 2667 67.88 -54.12 11.59
CA GLY A 2667 68.85 -54.35 10.55
C GLY A 2667 68.48 -55.45 9.58
N PHE A 2668 67.28 -55.42 9.03
CA PHE A 2668 66.93 -56.37 8.00
C PHE A 2668 66.72 -55.64 6.69
N SER A 2669 66.33 -56.43 5.69
CA SER A 2669 65.31 -56.14 4.71
C SER A 2669 64.53 -57.43 4.67
N PRO A 2670 63.28 -57.43 4.19
CA PRO A 2670 62.61 -58.71 3.93
C PRO A 2670 63.26 -59.50 2.80
N ALA A 2671 64.10 -58.87 1.99
CA ALA A 2671 64.83 -59.57 0.95
C ALA A 2671 65.78 -60.62 1.51
N GLU A 2672 66.43 -60.33 2.64
CA GLU A 2672 67.31 -61.34 3.23
C GLU A 2672 66.52 -62.50 3.79
N VAL A 2673 65.34 -62.23 4.32
CA VAL A 2673 64.46 -63.30 4.78
C VAL A 2673 64.02 -64.16 3.60
N MET A 2674 63.76 -63.54 2.46
CA MET A 2674 63.42 -64.30 1.27
C MET A 2674 64.60 -65.07 0.74
N ARG A 2675 65.83 -64.59 0.99
CA ARG A 2675 67.00 -65.38 0.63
C ARG A 2675 67.11 -66.63 1.48
N TYR A 2676 66.78 -66.54 2.76
CA TYR A 2676 67.07 -67.66 3.64
C TYR A 2676 65.90 -68.63 3.83
N VAL A 2677 64.65 -68.18 3.66
CA VAL A 2677 63.50 -69.09 3.70
C VAL A 2677 62.58 -68.79 2.51
N HIS A 2678 61.67 -69.72 2.27
CA HIS A 2678 60.67 -69.67 1.21
C HIS A 2678 59.56 -68.69 1.59
N PRO A 2679 58.98 -67.97 0.62
CA PRO A 2679 57.99 -66.94 0.94
C PRO A 2679 56.67 -67.44 1.50
N SER A 2680 56.42 -68.74 1.58
CA SER A 2680 55.19 -69.20 2.22
C SER A 2680 55.39 -69.49 3.69
N LEU A 2681 56.59 -69.27 4.22
CA LEU A 2681 56.87 -69.45 5.63
C LEU A 2681 56.96 -68.13 6.37
N VAL A 2682 56.61 -67.03 5.73
CA VAL A 2682 56.55 -65.72 6.34
C VAL A 2682 55.10 -65.29 6.35
N ALA A 2683 54.61 -64.87 7.51
CA ALA A 2683 53.21 -64.49 7.64
C ALA A 2683 53.10 -63.01 7.98
N ASN A 2684 51.87 -62.58 8.22
CA ASN A 2684 51.59 -61.21 8.66
C ASN A 2684 50.24 -61.24 9.36
N THR A 2685 50.24 -61.09 10.67
CA THR A 2685 49.01 -61.19 11.44
C THR A 2685 48.65 -59.89 12.11
N GLN A 2686 48.92 -58.77 11.46
CA GLN A 2686 48.62 -57.48 12.05
C GLN A 2686 47.13 -57.23 12.00
N GLY A 2687 46.44 -57.56 13.09
CA GLY A 2687 45.03 -57.27 13.20
C GLY A 2687 44.78 -55.88 13.73
N THR A 2688 44.48 -54.94 12.84
CA THR A 2688 44.20 -53.57 13.26
C THR A 2688 42.87 -53.53 14.01
N GLY A 2689 42.82 -52.67 15.03
CA GLY A 2689 41.84 -52.73 16.10
C GLY A 2689 40.39 -52.59 15.69
N MET A 2690 40.00 -51.41 15.23
CA MET A 2690 38.65 -51.21 14.71
C MET A 2690 38.65 -51.16 13.19
N GLY A 2691 39.53 -50.35 12.62
CA GLY A 2691 39.70 -50.27 11.19
C GLY A 2691 39.02 -49.06 10.60
N GLY A 2692 39.78 -47.99 10.44
CA GLY A 2692 39.34 -46.73 9.86
C GLY A 2692 38.06 -46.12 10.39
N GLY A 2693 38.02 -45.74 11.66
CA GLY A 2693 36.90 -44.94 12.13
C GLY A 2693 36.88 -43.56 11.50
N THR A 2694 38.06 -42.91 11.46
CA THR A 2694 38.22 -41.65 10.74
C THR A 2694 37.94 -41.84 9.25
N SER A 2695 38.35 -42.98 8.69
CA SER A 2695 38.12 -43.24 7.27
C SER A 2695 36.63 -43.42 6.97
N MET A 2696 35.89 -44.09 7.86
CA MET A 2696 34.47 -44.31 7.63
C MET A 2696 33.67 -43.02 7.81
N GLN A 2697 34.00 -42.21 8.82
CA GLN A 2697 33.29 -40.94 8.96
C GLN A 2697 33.71 -39.97 7.85
N THR A 2698 34.92 -40.14 7.31
CA THR A 2698 35.34 -39.34 6.15
C THR A 2698 34.55 -39.74 4.91
N MET A 2699 34.31 -41.05 4.73
CA MET A 2699 33.46 -41.53 3.64
C MET A 2699 32.05 -40.95 3.75
N TYR A 2700 31.46 -40.99 4.95
CA TYR A 2700 30.07 -40.55 5.06
C TYR A 2700 29.96 -39.03 4.98
N HIS A 2701 30.95 -38.29 5.49
CA HIS A 2701 30.91 -36.83 5.35
C HIS A 2701 31.17 -36.39 3.92
N GLY A 2702 32.02 -37.11 3.17
CA GLY A 2702 32.15 -36.84 1.75
C GLY A 2702 30.90 -37.19 0.98
N ASN A 2703 30.19 -38.25 1.42
CA ASN A 2703 28.93 -38.62 0.78
C ASN A 2703 27.85 -37.56 1.02
N LEU A 2704 27.79 -36.99 2.22
CA LEU A 2704 26.81 -35.92 2.45
C LEU A 2704 27.20 -34.64 1.75
N LEU A 2705 28.41 -34.14 1.97
CA LEU A 2705 28.82 -32.84 1.45
C LEU A 2705 29.14 -32.86 -0.03
N GLY A 2706 29.17 -34.03 -0.67
CA GLY A 2706 29.46 -34.08 -2.08
C GLY A 2706 30.93 -33.99 -2.45
N ARG A 2707 31.82 -34.23 -1.48
CA ARG A 2707 33.24 -34.29 -1.78
C ARG A 2707 33.54 -35.50 -2.65
N ASN A 2708 34.40 -35.31 -3.64
CA ASN A 2708 34.71 -36.36 -4.62
C ASN A 2708 35.61 -37.41 -3.97
N LYS A 2709 35.00 -38.24 -3.13
CA LYS A 2709 35.70 -39.37 -2.55
C LYS A 2709 35.93 -40.43 -3.61
N PRO A 2710 37.00 -41.23 -3.49
CA PRO A 2710 37.23 -42.29 -4.46
C PRO A 2710 36.14 -43.37 -4.37
N ASN A 2711 35.86 -43.99 -5.52
CA ASN A 2711 34.77 -44.94 -5.62
C ASN A 2711 35.19 -46.36 -5.29
N ASP A 2712 36.35 -46.53 -4.66
CA ASP A 2712 36.82 -47.83 -4.20
C ASP A 2712 37.19 -47.80 -2.72
N ILE A 2713 36.93 -46.69 -2.02
CA ILE A 2713 37.29 -46.62 -0.61
C ILE A 2713 36.33 -47.47 0.23
N PHE A 2714 35.13 -47.75 -0.27
CA PHE A 2714 34.24 -48.70 0.39
C PHE A 2714 34.78 -50.12 0.28
N GLN A 2715 35.49 -50.42 -0.82
CA GLN A 2715 36.20 -51.68 -0.93
C GLN A 2715 37.39 -51.72 0.03
N GLU A 2716 38.35 -50.80 -0.16
CA GLU A 2716 39.61 -50.82 0.58
C GLU A 2716 39.58 -50.02 1.88
N VAL A 2717 38.41 -49.94 2.54
CA VAL A 2717 38.33 -49.38 3.89
C VAL A 2717 38.46 -50.46 4.97
N LEU A 2718 38.50 -51.73 4.57
CA LEU A 2718 38.38 -52.84 5.51
C LEU A 2718 39.65 -52.98 6.36
N PRO A 2719 39.53 -53.53 7.58
CA PRO A 2719 40.70 -53.59 8.47
C PRO A 2719 41.78 -54.57 8.04
N ASN A 2720 41.41 -55.68 7.36
CA ASN A 2720 42.43 -56.56 6.82
C ASN A 2720 43.23 -55.89 5.71
N ILE A 2721 42.62 -54.96 4.98
CA ILE A 2721 43.23 -54.34 3.82
C ILE A 2721 44.39 -53.42 4.20
N ILE A 2722 44.49 -53.01 5.47
CA ILE A 2722 45.66 -52.27 5.96
C ILE A 2722 46.93 -53.12 5.83
N ALA A 2723 46.95 -54.28 6.48
CA ALA A 2723 48.11 -55.14 6.33
C ALA A 2723 48.13 -55.86 4.99
N ALA A 2724 47.01 -55.86 4.25
CA ALA A 2724 47.08 -56.32 2.87
C ALA A 2724 47.80 -55.31 1.98
N HIS A 2725 47.67 -54.00 2.26
CA HIS A 2725 48.53 -53.01 1.64
C HIS A 2725 49.98 -53.25 2.01
N VAL A 2726 50.22 -53.60 3.28
CA VAL A 2726 51.58 -53.88 3.74
C VAL A 2726 52.17 -55.10 3.02
N VAL A 2727 51.35 -56.12 2.77
CA VAL A 2727 51.82 -57.30 2.07
C VAL A 2727 52.00 -57.02 0.58
N GLN A 2728 51.01 -56.37 -0.06
CA GLN A 2728 51.10 -56.13 -1.50
C GLN A 2728 52.13 -55.08 -1.86
N SER A 2729 52.60 -54.28 -0.89
CA SER A 2729 53.67 -53.34 -1.16
C SER A 2729 55.01 -53.84 -0.68
N TYR A 2730 55.14 -54.12 0.62
CA TYR A 2730 56.43 -54.17 1.27
C TYR A 2730 56.97 -55.59 1.42
N VAL A 2731 56.25 -56.47 2.12
CA VAL A 2731 56.87 -57.74 2.50
C VAL A 2731 56.71 -58.80 1.41
N GLY A 2732 55.59 -58.81 0.68
CA GLY A 2732 55.41 -59.76 -0.39
C GLY A 2732 55.26 -61.21 0.03
N SER A 2733 54.87 -61.45 1.28
CA SER A 2733 54.76 -62.80 1.81
C SER A 2733 53.46 -63.46 1.37
N TYR A 2734 53.55 -64.75 1.04
CA TYR A 2734 52.38 -65.49 0.60
C TYR A 2734 51.67 -66.17 1.77
N GLY A 2735 52.14 -65.95 2.99
CA GLY A 2735 51.77 -66.78 4.12
C GLY A 2735 50.50 -66.36 4.81
N ALA A 2736 50.25 -67.01 5.94
CA ALA A 2736 48.93 -67.05 6.57
C ALA A 2736 48.60 -65.71 7.25
N MET A 2737 47.73 -64.94 6.63
CA MET A 2737 47.32 -63.62 7.10
C MET A 2737 46.02 -63.74 7.90
N ILE A 2738 46.12 -63.51 9.20
CA ILE A 2738 45.00 -63.61 10.14
C ILE A 2738 44.92 -62.29 10.87
N HIS A 2739 43.78 -61.59 10.77
CA HIS A 2739 43.69 -60.26 11.37
C HIS A 2739 42.62 -60.23 12.45
N PRO A 2740 42.99 -60.29 13.74
CA PRO A 2740 41.99 -60.35 14.81
C PRO A 2740 41.53 -59.00 15.35
N VAL A 2741 40.31 -59.01 15.87
CA VAL A 2741 39.69 -57.84 16.48
C VAL A 2741 39.14 -58.23 17.85
N ALA A 2742 39.75 -57.69 18.90
CA ALA A 2742 39.18 -57.70 20.24
C ALA A 2742 39.10 -56.31 20.83
N ALA A 2743 39.66 -55.32 20.12
CA ALA A 2743 39.49 -53.87 20.28
C ALA A 2743 40.11 -53.29 21.54
N CYS A 2744 40.60 -54.13 22.45
CA CYS A 2744 41.61 -53.70 23.41
C CYS A 2744 42.66 -54.77 23.69
N ALA A 2745 42.65 -55.88 22.95
CA ALA A 2745 43.74 -56.83 23.04
C ALA A 2745 44.12 -57.38 21.68
N THR A 2746 43.94 -56.60 20.60
CA THR A 2746 44.25 -57.08 19.25
C THR A 2746 45.72 -57.43 19.09
N ALA A 2747 46.59 -56.59 19.65
CA ALA A 2747 48.02 -56.89 19.58
C ALA A 2747 48.35 -58.14 20.37
N ALA A 2748 47.70 -58.34 21.52
CA ALA A 2748 47.98 -59.52 22.33
C ALA A 2748 47.51 -60.80 21.65
N VAL A 2749 46.33 -60.77 21.04
CA VAL A 2749 45.87 -61.99 20.40
C VAL A 2749 46.59 -62.22 19.08
N SER A 2750 47.06 -61.16 18.41
CA SER A 2750 47.88 -61.36 17.23
C SER A 2750 49.23 -61.95 17.59
N VAL A 2751 49.79 -61.56 18.73
CA VAL A 2751 51.05 -62.13 19.16
C VAL A 2751 50.88 -63.60 19.54
N GLU A 2752 49.80 -63.94 20.21
CA GLU A 2752 49.69 -65.35 20.58
C GLU A 2752 49.33 -66.23 19.38
N GLU A 2753 48.63 -65.68 18.39
CA GLU A 2753 48.42 -66.50 17.21
C GLU A 2753 49.67 -66.60 16.35
N GLY A 2754 50.53 -65.57 16.35
CA GLY A 2754 51.80 -65.70 15.67
C GLY A 2754 52.71 -66.72 16.33
N VAL A 2755 52.69 -66.77 17.66
CA VAL A 2755 53.58 -67.71 18.31
C VAL A 2755 53.06 -69.12 18.21
N ASP A 2756 51.73 -69.37 18.20
CA ASP A 2756 51.38 -70.77 18.04
C ASP A 2756 51.39 -71.21 16.58
N LYS A 2757 51.36 -70.28 15.62
CA LYS A 2757 51.72 -70.65 14.25
C LYS A 2757 53.17 -71.08 14.15
N ILE A 2758 54.07 -70.39 14.84
CA ILE A 2758 55.47 -70.83 14.85
C ILE A 2758 55.62 -72.14 15.62
N ARG A 2759 54.80 -72.37 16.65
CA ARG A 2759 54.84 -73.66 17.34
C ARG A 2759 54.33 -74.80 16.48
N LEU A 2760 53.39 -74.51 15.56
CA LEU A 2760 53.03 -75.52 14.55
C LEU A 2760 54.18 -75.78 13.60
N GLY A 2761 54.60 -74.75 12.89
CA GLY A 2761 55.55 -74.96 11.82
C GLY A 2761 54.98 -74.37 10.56
N LYS A 2762 53.84 -73.70 10.70
CA LYS A 2762 53.21 -73.04 9.57
C LYS A 2762 53.99 -71.83 9.09
N ALA A 2763 54.87 -71.29 9.92
CA ALA A 2763 55.65 -70.11 9.55
C ALA A 2763 56.94 -70.11 10.33
N GLN A 2764 57.85 -69.23 9.91
CA GLN A 2764 59.10 -69.02 10.63
C GLN A 2764 59.44 -67.57 10.86
N LEU A 2765 58.64 -66.64 10.36
CA LEU A 2765 58.81 -65.23 10.72
C LEU A 2765 57.44 -64.59 10.59
N VAL A 2766 56.91 -64.10 11.70
CA VAL A 2766 55.56 -63.54 11.73
C VAL A 2766 55.64 -62.07 12.11
N VAL A 2767 54.94 -61.24 11.37
CA VAL A 2767 54.88 -59.82 11.66
C VAL A 2767 53.57 -59.54 12.37
N ALA A 2768 53.62 -59.32 13.68
CA ALA A 2768 52.40 -59.11 14.45
C ALA A 2768 52.34 -57.67 14.95
N GLY A 2769 51.19 -57.29 15.47
CA GLY A 2769 51.06 -55.93 15.99
C GLY A 2769 49.62 -55.47 15.93
N GLY A 2770 49.46 -54.16 15.81
CA GLY A 2770 48.13 -53.58 15.74
C GLY A 2770 48.20 -52.09 15.94
N LEU A 2771 47.12 -51.41 15.53
CA LEU A 2771 47.04 -49.96 15.61
C LEU A 2771 45.65 -49.52 16.02
N ASP A 2772 45.56 -48.24 16.42
CA ASP A 2772 44.32 -47.65 16.90
C ASP A 2772 44.22 -46.21 16.44
N ASP A 2773 43.06 -45.62 16.71
CA ASP A 2773 42.81 -44.22 16.46
C ASP A 2773 41.62 -43.78 17.30
N LEU A 2774 41.69 -42.57 17.82
CA LEU A 2774 40.54 -41.91 18.41
C LEU A 2774 39.93 -40.97 17.39
N THR A 2775 38.61 -40.98 17.28
CA THR A 2775 37.90 -40.09 16.40
C THR A 2775 37.10 -39.10 17.23
N LEU A 2776 36.49 -38.13 16.56
CA LEU A 2776 35.45 -37.32 17.19
C LEU A 2776 34.28 -38.19 17.60
N GLU A 2777 33.91 -39.16 16.75
CA GLU A 2777 32.92 -40.15 17.12
C GLU A 2777 33.40 -41.01 18.28
N GLY A 2778 34.69 -41.31 18.31
CA GLY A 2778 35.24 -42.10 19.41
C GLY A 2778 35.16 -41.38 20.75
N ILE A 2779 35.54 -40.10 20.78
CA ILE A 2779 35.51 -39.37 22.05
C ILE A 2779 34.08 -39.04 22.45
N ILE A 2780 33.18 -38.80 21.50
CA ILE A 2780 31.78 -38.54 21.83
C ILE A 2780 31.11 -39.80 22.37
N GLY A 2781 31.39 -40.95 21.75
CA GLY A 2781 30.81 -42.20 22.24
C GLY A 2781 31.37 -42.62 23.59
N PHE A 2782 32.67 -42.39 23.80
CA PHE A 2782 33.25 -42.72 25.10
C PHE A 2782 32.83 -41.73 26.18
N GLY A 2783 32.52 -40.49 25.81
CA GLY A 2783 31.95 -39.56 26.77
C GLY A 2783 30.52 -39.90 27.14
N ASP A 2784 29.75 -40.41 26.17
CA ASP A 2784 28.42 -40.91 26.49
C ASP A 2784 28.49 -42.19 27.31
N MET A 2785 29.54 -42.99 27.12
CA MET A 2785 29.71 -44.22 27.88
C MET A 2785 30.16 -43.94 29.32
N ALA A 2786 30.99 -42.89 29.50
CA ALA A 2786 31.42 -42.37 30.81
C ALA A 2786 32.19 -43.40 31.63
N ALA A 2787 33.30 -43.86 31.06
CA ALA A 2787 34.39 -44.46 31.81
C ALA A 2787 35.72 -43.78 31.53
N THR A 2788 35.72 -42.67 30.82
CA THR A 2788 36.92 -41.90 30.55
C THR A 2788 37.01 -40.72 31.50
N ALA A 2789 38.16 -40.05 31.47
CA ALA A 2789 38.42 -38.96 32.38
C ALA A 2789 37.68 -37.70 31.95
N ASP A 2790 36.74 -37.25 32.77
CA ASP A 2790 36.06 -36.00 32.50
C ASP A 2790 36.98 -34.83 32.81
N THR A 2791 37.18 -33.97 31.81
CA THR A 2791 38.08 -32.84 31.96
C THR A 2791 37.57 -31.83 32.98
N SER A 2792 36.26 -31.63 33.03
CA SER A 2792 35.68 -30.73 34.02
C SER A 2792 35.84 -31.27 35.43
N MET A 2793 35.65 -32.58 35.62
CA MET A 2793 35.80 -33.18 36.94
C MET A 2793 37.25 -33.14 37.40
N MET A 2794 38.19 -33.43 36.51
CA MET A 2794 39.58 -33.42 36.91
C MET A 2794 40.11 -32.00 37.13
N CYS A 2795 39.66 -31.02 36.36
CA CYS A 2795 40.06 -29.66 36.67
C CYS A 2795 39.33 -29.12 37.89
N GLY A 2796 38.18 -29.68 38.24
CA GLY A 2796 37.60 -29.37 39.53
C GLY A 2796 38.43 -29.93 40.67
N ARG A 2797 39.02 -31.10 40.47
CA ARG A 2797 39.94 -31.62 41.46
C ARG A 2797 41.32 -31.00 41.39
N GLY A 2798 41.61 -30.21 40.36
CA GLY A 2798 42.86 -29.48 40.34
C GLY A 2798 44.04 -30.34 39.95
N ILE A 2799 43.96 -31.00 38.80
CA ILE A 2799 45.03 -31.83 38.27
C ILE A 2799 45.44 -31.24 36.92
N HIS A 2800 46.75 -31.12 36.70
CA HIS A 2800 47.27 -30.45 35.52
C HIS A 2800 47.04 -31.30 34.25
N ASP A 2801 47.53 -30.78 33.13
CA ASP A 2801 47.20 -31.36 31.84
C ASP A 2801 47.93 -32.67 31.60
N SER A 2802 49.13 -32.82 32.13
CA SER A 2802 49.93 -33.99 31.78
C SER A 2802 49.80 -35.13 32.76
N LYS A 2803 48.86 -35.06 33.71
CA LYS A 2803 48.79 -36.08 34.75
C LYS A 2803 47.35 -36.53 34.98
N PHE A 2804 46.55 -36.61 33.92
CA PHE A 2804 45.22 -37.19 34.08
C PHE A 2804 45.28 -38.69 34.30
N SER A 2805 46.14 -39.37 33.55
CA SER A 2805 46.27 -40.82 33.66
C SER A 2805 47.08 -41.13 34.91
N ARG A 2806 46.42 -41.67 35.93
CA ARG A 2806 47.06 -41.93 37.22
C ARG A 2806 46.66 -43.28 37.77
N PRO A 2807 47.25 -44.36 37.25
CA PRO A 2807 46.90 -45.69 37.75
C PRO A 2807 47.49 -45.92 39.13
N ASN A 2808 46.72 -46.66 39.94
CA ASN A 2808 47.01 -46.93 41.35
C ASN A 2808 47.16 -45.62 42.14
N ASP A 2809 46.11 -44.81 42.08
CA ASP A 2809 46.09 -43.53 42.75
C ASP A 2809 44.71 -43.34 43.33
N ARG A 2810 44.61 -42.51 44.36
CA ARG A 2810 43.33 -42.37 45.03
C ARG A 2810 42.38 -41.46 44.25
N ARG A 2811 42.92 -40.56 43.43
CA ARG A 2811 42.10 -39.60 42.70
C ARG A 2811 41.93 -39.99 41.23
N ARG A 2812 41.78 -41.28 40.94
CA ARG A 2812 41.60 -41.74 39.56
C ARG A 2812 40.12 -41.78 39.22
N LEU A 2813 39.78 -41.32 38.02
CA LEU A 2813 38.37 -41.31 37.63
C LEU A 2813 38.23 -41.61 36.14
N GLY A 2814 38.96 -42.58 35.62
CA GLY A 2814 38.80 -43.02 34.26
C GLY A 2814 40.07 -42.86 33.44
N PHE A 2815 40.05 -43.47 32.25
CA PHE A 2815 41.24 -43.59 31.44
C PHE A 2815 41.35 -42.47 30.42
N VAL A 2816 42.57 -42.24 29.96
CA VAL A 2816 42.86 -41.26 28.92
C VAL A 2816 43.13 -42.02 27.64
N GLU A 2817 42.48 -41.60 26.57
CA GLU A 2817 42.56 -42.28 25.29
C GLU A 2817 43.73 -41.75 24.49
N ALA A 2818 44.44 -42.64 23.81
CA ALA A 2818 45.56 -42.26 22.99
C ALA A 2818 45.47 -43.01 21.66
N GLN A 2819 46.28 -42.57 20.71
CA GLN A 2819 46.25 -43.15 19.38
C GLN A 2819 47.65 -43.62 18.98
N GLY A 2820 47.72 -44.78 18.34
CA GLY A 2820 48.99 -45.35 17.97
C GLY A 2820 49.00 -46.86 18.05
N GLY A 2821 50.16 -47.44 18.34
CA GLY A 2821 50.33 -48.87 18.34
C GLY A 2821 51.67 -49.22 17.73
N GLY A 2822 51.76 -50.33 16.99
CA GLY A 2822 53.00 -50.62 16.31
C GLY A 2822 53.04 -52.07 15.85
N THR A 2823 54.26 -52.57 15.71
CA THR A 2823 54.49 -53.93 15.24
C THR A 2823 55.68 -54.55 15.96
N ILE A 2824 55.61 -55.86 16.15
CA ILE A 2824 56.73 -56.65 16.63
C ILE A 2824 56.95 -57.79 15.65
N LEU A 2825 58.15 -58.34 15.68
CA LEU A 2825 58.57 -59.33 14.70
C LEU A 2825 58.98 -60.59 15.42
N LEU A 2826 58.16 -61.62 15.32
CA LEU A 2826 58.44 -62.91 15.93
C LEU A 2826 59.20 -63.77 14.93
N ALA A 2827 60.11 -64.59 15.42
CA ALA A 2827 60.85 -65.47 14.53
C ALA A 2827 61.25 -66.70 15.30
N ARG A 2828 61.53 -67.77 14.59
CA ARG A 2828 61.95 -68.99 15.26
C ARG A 2828 63.44 -68.91 15.53
N GLY A 2829 63.87 -69.59 16.61
CA GLY A 2829 65.26 -69.56 17.03
C GLY A 2829 66.22 -70.11 16.01
N ASP A 2830 65.76 -70.97 15.10
CA ASP A 2830 66.61 -71.48 14.04
C ASP A 2830 66.97 -70.38 13.05
N LEU A 2831 65.99 -69.58 12.63
CA LEU A 2831 66.31 -68.40 11.83
C LEU A 2831 67.15 -67.41 12.58
N ALA A 2832 66.89 -67.23 13.88
CA ALA A 2832 67.69 -66.29 14.66
C ALA A 2832 69.16 -66.71 14.71
N LEU A 2833 69.41 -68.01 14.85
CA LEU A 2833 70.79 -68.49 14.87
C LEU A 2833 71.40 -68.48 13.48
N ARG A 2834 70.63 -68.83 12.46
CA ARG A 2834 71.21 -68.98 11.14
C ARG A 2834 71.48 -67.65 10.47
N MET A 2835 70.67 -66.64 10.76
CA MET A 2835 70.90 -65.32 10.22
C MET A 2835 71.68 -64.43 11.17
N GLY A 2836 71.79 -64.80 12.44
CA GLY A 2836 72.38 -63.90 13.41
C GLY A 2836 71.48 -62.73 13.70
N LEU A 2837 70.39 -62.96 14.38
CA LEU A 2837 69.50 -61.83 14.52
C LEU A 2837 69.49 -61.33 15.95
N PRO A 2838 69.24 -60.04 16.16
CA PRO A 2838 69.22 -59.51 17.52
C PRO A 2838 67.98 -59.98 18.26
N VAL A 2839 68.15 -60.94 19.15
CA VAL A 2839 67.05 -61.40 19.97
C VAL A 2839 66.82 -60.38 21.08
N LEU A 2840 65.61 -59.84 21.16
CA LEU A 2840 65.28 -58.88 22.20
C LEU A 2840 64.66 -59.52 23.43
N ALA A 2841 63.96 -60.63 23.26
CA ALA A 2841 63.38 -61.38 24.36
C ALA A 2841 63.10 -62.78 23.88
N VAL A 2842 62.74 -63.66 24.80
CA VAL A 2842 62.34 -65.02 24.48
C VAL A 2842 60.92 -65.21 24.99
N VAL A 2843 60.00 -65.49 24.10
CA VAL A 2843 58.60 -65.64 24.50
C VAL A 2843 58.40 -67.03 25.06
N ALA A 2844 58.02 -67.11 26.33
CA ALA A 2844 57.84 -68.37 26.99
C ALA A 2844 56.39 -68.82 27.04
N PHE A 2845 55.45 -67.90 26.98
CA PHE A 2845 54.06 -68.23 27.16
C PHE A 2845 53.22 -67.08 26.64
N ALA A 2846 52.26 -67.39 25.77
CA ALA A 2846 51.33 -66.40 25.27
C ALA A 2846 49.97 -67.06 25.13
N GLN A 2847 48.94 -66.40 25.64
CA GLN A 2847 47.67 -67.07 25.84
C GLN A 2847 46.58 -66.04 26.02
N SER A 2848 45.40 -66.33 25.49
CA SER A 2848 44.23 -65.50 25.72
C SER A 2848 43.15 -66.28 26.45
N PHE A 2849 42.17 -65.57 26.98
CA PHE A 2849 41.14 -66.16 27.82
C PHE A 2849 39.84 -65.38 27.66
N GLY A 2850 38.75 -66.07 27.99
CA GLY A 2850 37.47 -65.43 28.22
C GLY A 2850 37.21 -65.25 29.70
N ASP A 2851 35.98 -64.88 30.02
CA ASP A 2851 35.64 -64.59 31.41
C ASP A 2851 34.45 -65.39 31.93
N GLY A 2852 33.55 -65.84 31.08
CA GLY A 2852 32.41 -66.63 31.51
C GLY A 2852 31.16 -65.80 31.70
N VAL A 2853 30.18 -66.41 32.37
CA VAL A 2853 28.85 -65.81 32.54
C VAL A 2853 28.95 -64.64 33.53
N HIS A 2854 28.69 -63.43 33.04
CA HIS A 2854 28.47 -62.24 33.84
C HIS A 2854 27.46 -61.39 33.07
N THR A 2855 26.18 -61.56 33.40
CA THR A 2855 25.12 -60.81 32.73
C THR A 2855 25.19 -59.34 33.10
N SER A 2856 25.50 -59.05 34.35
CA SER A 2856 25.73 -57.67 34.80
C SER A 2856 27.10 -57.23 34.29
N ILE A 2857 27.09 -56.35 33.30
CA ILE A 2857 28.32 -55.81 32.70
C ILE A 2857 29.24 -54.96 33.60
N PRO A 2858 28.85 -54.33 34.71
CA PRO A 2858 29.88 -53.78 35.60
C PRO A 2858 30.62 -54.81 36.44
N ALA A 2859 30.28 -56.10 36.34
CA ALA A 2859 31.07 -57.14 36.99
C ALA A 2859 32.26 -57.46 36.11
N PRO A 2860 33.49 -57.26 36.58
CA PRO A 2860 34.67 -57.41 35.73
C PRO A 2860 35.16 -58.86 35.68
N GLY A 2861 36.13 -59.09 34.80
CA GLY A 2861 36.64 -60.42 34.58
C GLY A 2861 37.85 -60.76 35.44
N LEU A 2862 37.98 -62.05 35.73
CA LEU A 2862 39.09 -62.55 36.55
C LEU A 2862 39.70 -63.83 36.01
N GLY A 2863 39.08 -64.48 35.02
CA GLY A 2863 39.47 -65.81 34.62
C GLY A 2863 40.73 -65.96 33.78
N ALA A 2864 41.67 -65.04 33.89
CA ALA A 2864 42.97 -65.21 33.26
C ALA A 2864 43.95 -66.00 34.12
N LEU A 2865 43.50 -66.53 35.26
CA LEU A 2865 44.33 -67.35 36.12
C LEU A 2865 44.27 -68.81 35.74
N GLY A 2866 43.62 -69.15 34.63
CA GLY A 2866 43.61 -70.52 34.15
C GLY A 2866 44.96 -70.97 33.63
N ALA A 2867 45.89 -70.04 33.41
CA ALA A 2867 47.26 -70.39 33.10
C ALA A 2867 47.99 -70.99 34.28
N GLY A 2868 47.48 -70.81 35.49
CA GLY A 2868 48.14 -71.33 36.66
C GLY A 2868 47.34 -72.35 37.42
N ARG A 2869 46.70 -73.29 36.73
CA ARG A 2869 46.01 -74.38 37.41
C ARG A 2869 46.97 -75.56 37.58
N GLY A 2870 47.11 -76.05 38.80
CA GLY A 2870 47.95 -77.19 39.08
C GLY A 2870 49.24 -76.85 39.79
N GLY A 2871 49.52 -75.58 40.03
CA GLY A 2871 50.75 -75.18 40.68
C GLY A 2871 51.95 -75.36 39.78
N LYS A 2872 52.84 -76.28 40.16
CA LYS A 2872 53.99 -76.57 39.33
C LYS A 2872 53.63 -77.37 38.09
N ASP A 2873 52.45 -77.97 38.04
CA ASP A 2873 52.03 -78.69 36.85
C ASP A 2873 51.34 -77.79 35.84
N SER A 2874 51.20 -76.51 36.14
CA SER A 2874 50.57 -75.58 35.22
C SER A 2874 51.46 -75.36 34.00
N PRO A 2875 50.87 -75.05 32.84
CA PRO A 2875 51.69 -74.85 31.64
C PRO A 2875 52.59 -73.63 31.70
N LEU A 2876 52.17 -72.57 32.41
CA LEU A 2876 53.03 -71.40 32.60
C LEU A 2876 54.29 -71.76 33.37
N ALA A 2877 54.13 -72.41 34.51
CA ALA A 2877 55.27 -72.83 35.31
C ALA A 2877 56.13 -73.84 34.57
N ARG A 2878 55.49 -74.69 33.76
CA ARG A 2878 56.25 -75.71 33.03
C ARG A 2878 57.09 -75.08 31.93
N ALA A 2879 56.56 -74.05 31.25
CA ALA A 2879 57.34 -73.37 30.22
C ALA A 2879 58.48 -72.58 30.82
N LEU A 2880 58.24 -71.90 31.95
CA LEU A 2880 59.32 -71.18 32.62
C LEU A 2880 60.38 -72.14 33.14
N ALA A 2881 59.97 -73.32 33.61
CA ALA A 2881 60.96 -74.29 34.06
C ALA A 2881 61.74 -74.90 32.90
N LYS A 2882 61.11 -75.01 31.72
CA LYS A 2882 61.87 -75.42 30.53
C LYS A 2882 62.93 -74.40 30.19
N LEU A 2883 62.61 -73.12 30.30
CA LEU A 2883 63.65 -72.11 30.07
C LEU A 2883 64.56 -71.92 31.27
N GLY A 2884 64.30 -72.55 32.40
CA GLY A 2884 65.19 -72.44 33.53
C GLY A 2884 64.93 -71.18 34.32
N VAL A 2885 63.65 -70.88 34.51
CA VAL A 2885 63.21 -69.71 35.26
C VAL A 2885 62.32 -70.23 36.38
N ALA A 2886 62.77 -70.09 37.61
CA ALA A 2886 61.99 -70.57 38.75
C ALA A 2886 60.85 -69.60 39.03
N ALA A 2887 60.07 -69.90 40.08
CA ALA A 2887 58.90 -69.09 40.39
C ALA A 2887 59.28 -67.74 40.96
N ASP A 2888 60.36 -67.68 41.74
CA ASP A 2888 60.79 -66.42 42.33
C ASP A 2888 61.55 -65.54 41.34
N ASP A 2889 61.90 -66.05 40.16
CA ASP A 2889 62.70 -65.29 39.23
C ASP A 2889 61.89 -64.30 38.42
N VAL A 2890 60.57 -64.45 38.40
CA VAL A 2890 59.69 -63.46 37.79
C VAL A 2890 59.77 -62.19 38.62
N ALA A 2891 60.26 -61.11 38.02
CA ALA A 2891 60.60 -59.92 38.79
C ALA A 2891 59.69 -58.74 38.53
N VAL A 2892 59.27 -58.53 37.29
CA VAL A 2892 58.60 -57.30 36.90
C VAL A 2892 57.26 -57.62 36.26
N ILE A 2893 56.22 -56.93 36.72
CA ILE A 2893 54.88 -57.08 36.19
C ILE A 2893 54.52 -55.78 35.49
N SER A 2894 54.34 -55.83 34.19
CA SER A 2894 53.92 -54.66 33.44
C SER A 2894 52.40 -54.72 33.36
N LYS A 2895 51.74 -54.13 34.36
CA LYS A 2895 50.31 -54.32 34.53
C LYS A 2895 49.51 -53.57 33.47
N HIS A 2896 48.23 -53.92 33.39
CA HIS A 2896 47.35 -53.27 32.43
C HIS A 2896 47.04 -51.85 32.87
N ASP A 2897 46.34 -51.70 34.01
CA ASP A 2897 46.25 -50.47 34.81
C ASP A 2897 45.81 -49.25 34.00
N THR A 2898 44.57 -49.27 33.56
CA THR A 2898 44.08 -48.16 32.75
C THR A 2898 43.71 -46.93 33.57
N SER A 2899 43.91 -46.93 34.89
CA SER A 2899 43.54 -45.82 35.78
C SER A 2899 42.03 -45.57 35.80
N THR A 2900 41.27 -46.64 35.95
CA THR A 2900 39.86 -46.53 36.27
C THR A 2900 39.64 -47.00 37.70
N LEU A 2901 38.43 -46.77 38.21
CA LEU A 2901 38.11 -47.20 39.56
C LEU A 2901 37.96 -48.70 39.67
N ALA A 2902 37.74 -49.40 38.57
CA ALA A 2902 37.41 -50.82 38.63
C ALA A 2902 38.64 -51.69 38.44
N ASN A 2903 39.40 -51.47 37.37
CA ASN A 2903 40.32 -52.51 36.95
C ASN A 2903 41.66 -52.50 37.66
N ASP A 2904 41.88 -51.61 38.62
CA ASP A 2904 43.14 -51.71 39.35
C ASP A 2904 43.15 -52.74 40.49
N PRO A 2905 42.22 -52.73 41.46
CA PRO A 2905 42.38 -53.69 42.58
C PRO A 2905 42.08 -55.13 42.20
N ASN A 2906 41.22 -55.37 41.22
CA ASN A 2906 40.97 -56.76 40.83
C ASN A 2906 42.14 -57.32 40.02
N GLU A 2907 42.83 -56.49 39.25
CA GLU A 2907 44.02 -56.97 38.58
C GLU A 2907 45.17 -57.20 39.55
N THR A 2908 45.23 -56.38 40.60
CA THR A 2908 46.13 -56.67 41.72
C THR A 2908 45.80 -58.01 42.35
N GLU A 2909 44.51 -58.30 42.51
CA GLU A 2909 44.08 -59.60 43.02
C GLU A 2909 44.46 -60.73 42.07
N LEU A 2910 44.39 -60.47 40.77
CA LEU A 2910 44.68 -61.50 39.78
C LEU A 2910 46.15 -61.87 39.80
N HIS A 2911 47.03 -60.88 39.85
CA HIS A 2911 48.45 -61.21 39.93
C HIS A 2911 48.83 -61.79 41.27
N GLU A 2912 48.11 -61.43 42.34
CA GLU A 2912 48.33 -62.10 43.61
C GLU A 2912 47.95 -63.57 43.54
N ARG A 2913 46.84 -63.87 42.88
CA ARG A 2913 46.41 -65.26 42.74
C ARG A 2913 47.36 -66.06 41.85
N LEU A 2914 47.87 -65.46 40.78
CA LEU A 2914 48.87 -66.14 39.97
C LEU A 2914 50.17 -66.36 40.72
N ALA A 2915 50.55 -65.42 41.58
CA ALA A 2915 51.80 -65.58 42.33
C ALA A 2915 51.69 -66.72 43.34
N ASP A 2916 50.63 -66.75 44.14
CA ASP A 2916 50.57 -67.85 45.08
C ASP A 2916 49.99 -69.13 44.47
N ALA A 2917 49.60 -69.10 43.19
CA ALA A 2917 49.34 -70.34 42.48
C ALA A 2917 50.62 -70.93 41.92
N LEU A 2918 51.52 -70.09 41.40
CA LEU A 2918 52.83 -70.58 40.98
C LEU A 2918 53.71 -70.91 42.16
N GLY A 2919 53.35 -70.50 43.36
CA GLY A 2919 54.13 -70.90 44.51
C GLY A 2919 55.29 -69.96 44.72
N ARG A 2920 54.96 -68.69 44.73
CA ARG A 2920 55.94 -67.66 45.01
C ARG A 2920 56.33 -67.74 46.48
N SER A 2921 57.63 -67.58 46.76
CA SER A 2921 58.07 -67.53 48.14
C SER A 2921 57.54 -66.27 48.81
N GLU A 2922 57.30 -66.37 50.10
CA GLU A 2922 56.54 -65.34 50.80
C GLU A 2922 57.38 -64.08 50.94
N GLY A 2923 56.88 -62.98 50.37
CA GLY A 2923 57.61 -61.74 50.48
C GLY A 2923 58.67 -61.52 49.43
N ALA A 2924 58.56 -62.16 48.31
CA ALA A 2924 59.46 -61.74 47.25
C ALA A 2924 58.81 -60.61 46.46
N PRO A 2925 59.55 -59.55 46.17
CA PRO A 2925 58.93 -58.37 45.55
C PRO A 2925 58.68 -58.51 44.06
N LEU A 2926 57.65 -57.82 43.61
CA LEU A 2926 57.32 -57.67 42.20
C LEU A 2926 57.31 -56.20 41.86
N PHE A 2927 58.15 -55.79 40.93
CA PHE A 2927 58.21 -54.40 40.52
C PHE A 2927 57.00 -54.11 39.64
N VAL A 2928 56.13 -53.20 40.07
CA VAL A 2928 54.96 -52.88 39.26
C VAL A 2928 55.34 -51.78 38.28
N VAL A 2929 55.26 -52.07 36.99
CA VAL A 2929 55.49 -51.08 35.95
C VAL A 2929 54.17 -50.85 35.24
N SER A 2930 53.83 -49.59 35.05
CA SER A 2930 52.54 -49.21 34.46
C SER A 2930 52.77 -47.92 33.67
N GLN A 2931 53.00 -48.05 32.37
CA GLN A 2931 53.32 -46.88 31.57
C GLN A 2931 52.11 -46.29 30.87
N LYS A 2932 50.91 -46.70 31.26
CA LYS A 2932 49.71 -46.04 30.75
C LYS A 2932 49.60 -44.64 31.30
N SER A 2933 50.18 -44.39 32.47
CA SER A 2933 50.35 -43.03 32.98
C SER A 2933 51.17 -42.18 32.04
N LEU A 2934 52.10 -42.79 31.34
CA LEU A 2934 52.96 -42.06 30.43
C LEU A 2934 52.32 -41.88 29.07
N THR A 2935 51.85 -42.95 28.45
CA THR A 2935 51.29 -42.86 27.11
C THR A 2935 49.81 -42.56 27.14
N GLY A 2936 49.03 -43.44 27.75
CA GLY A 2936 47.59 -43.41 27.62
C GLY A 2936 47.06 -44.73 27.07
N HIS A 2937 45.75 -44.85 27.11
CA HIS A 2937 45.11 -46.11 26.76
C HIS A 2937 44.79 -46.11 25.27
N ALA A 2938 45.83 -46.32 24.46
CA ALA A 2938 45.60 -46.76 23.10
C ALA A 2938 44.95 -48.14 23.16
N LYS A 2939 43.86 -48.32 22.42
CA LYS A 2939 42.91 -49.36 22.83
C LYS A 2939 43.41 -50.75 22.48
N GLY A 2940 43.47 -51.09 21.21
CA GLY A 2940 43.98 -52.37 20.77
C GLY A 2940 45.45 -52.39 20.44
N GLY A 2941 46.11 -51.25 20.54
CA GLY A 2941 47.54 -51.22 20.32
C GLY A 2941 48.32 -50.93 21.58
N ALA A 2942 47.91 -51.51 22.70
CA ALA A 2942 48.60 -51.25 23.95
C ALA A 2942 49.63 -52.33 24.26
N ALA A 2943 49.39 -53.55 23.78
CA ALA A 2943 50.30 -54.64 24.08
C ALA A 2943 51.63 -54.47 23.37
N VAL A 2944 51.66 -53.76 22.25
CA VAL A 2944 52.92 -53.45 21.60
C VAL A 2944 53.72 -52.42 22.40
N PHE A 2945 53.03 -51.45 23.02
CA PHE A 2945 53.68 -50.54 23.95
C PHE A 2945 54.25 -51.30 25.14
N GLN A 2946 53.49 -52.24 25.68
CA GLN A 2946 53.95 -52.98 26.85
C GLN A 2946 55.13 -53.90 26.51
N MET A 2947 55.11 -54.51 25.33
CA MET A 2947 56.21 -55.40 24.98
C MET A 2947 57.48 -54.64 24.66
N MET A 2948 57.38 -53.49 24.01
CA MET A 2948 58.59 -52.71 23.77
C MET A 2948 59.14 -52.15 25.08
N GLY A 2949 58.25 -51.77 26.00
CA GLY A 2949 58.69 -51.33 27.30
C GLY A 2949 59.36 -52.43 28.11
N LEU A 2950 58.79 -53.64 28.10
CA LEU A 2950 59.36 -54.70 28.90
C LEU A 2950 60.64 -55.24 28.29
N CYS A 2951 60.75 -55.28 26.97
CA CYS A 2951 62.02 -55.64 26.34
C CYS A 2951 63.10 -54.64 26.68
N GLN A 2952 62.78 -53.35 26.69
CA GLN A 2952 63.79 -52.36 27.02
C GLN A 2952 64.15 -52.37 28.50
N ILE A 2953 63.20 -52.71 29.37
CA ILE A 2953 63.52 -52.87 30.79
C ILE A 2953 64.45 -54.05 31.00
N LEU A 2954 64.18 -55.18 30.35
CA LEU A 2954 65.07 -56.33 30.49
C LEU A 2954 66.43 -56.09 29.86
N ARG A 2955 66.51 -55.20 28.87
CA ARG A 2955 67.83 -54.82 28.36
C ARG A 2955 68.60 -54.00 29.37
N ASP A 2956 68.05 -52.86 29.80
CA ASP A 2956 68.84 -51.87 30.50
C ASP A 2956 68.90 -52.07 32.00
N GLY A 2957 67.96 -52.78 32.59
CA GLY A 2957 67.96 -52.96 34.02
C GLY A 2957 67.23 -51.91 34.80
N VAL A 2958 66.93 -50.75 34.20
CA VAL A 2958 66.26 -49.70 34.93
C VAL A 2958 64.80 -50.05 35.15
N ILE A 2959 64.18 -49.39 36.10
CA ILE A 2959 62.75 -49.49 36.37
C ILE A 2959 62.17 -48.09 36.29
N PRO A 2960 61.19 -47.83 35.42
CA PRO A 2960 60.69 -46.49 35.25
C PRO A 2960 59.78 -46.11 36.41
N PRO A 2961 59.58 -44.83 36.65
CA PRO A 2961 58.68 -44.40 37.72
C PRO A 2961 57.27 -44.15 37.21
N ASN A 2962 56.34 -44.12 38.15
CA ASN A 2962 54.96 -43.72 37.88
C ASN A 2962 54.88 -42.27 38.35
N ARG A 2963 55.14 -41.35 37.43
CA ARG A 2963 55.30 -39.95 37.80
C ARG A 2963 53.98 -39.26 38.10
N SER A 2964 52.85 -39.86 37.77
CA SER A 2964 51.55 -39.26 38.06
C SER A 2964 50.87 -39.91 39.25
N LEU A 2965 51.65 -40.50 40.14
CA LEU A 2965 51.12 -41.11 41.34
C LEU A 2965 51.48 -40.21 42.53
N ASP A 2966 50.51 -39.98 43.39
CA ASP A 2966 50.73 -39.24 44.63
C ASP A 2966 50.48 -40.12 45.85
N CYS A 2967 49.29 -40.69 45.97
CA CYS A 2967 48.93 -41.52 47.11
C CYS A 2967 48.40 -42.84 46.57
N VAL A 2968 49.00 -43.95 46.99
CA VAL A 2968 48.51 -45.26 46.59
C VAL A 2968 47.16 -45.49 47.25
N ASP A 2969 46.23 -46.05 46.49
CA ASP A 2969 44.89 -46.31 47.00
C ASP A 2969 44.94 -47.34 48.12
N ASP A 2970 43.94 -47.29 48.99
CA ASP A 2970 44.02 -47.99 50.26
C ASP A 2970 43.85 -49.48 50.10
N GLU A 2971 42.85 -49.91 49.33
CA GLU A 2971 42.51 -51.32 49.26
C GLU A 2971 43.49 -52.15 48.45
N LEU A 2972 44.51 -51.54 47.86
CA LEU A 2972 45.63 -52.28 47.31
C LEU A 2972 46.55 -52.82 48.40
N ALA A 2973 46.45 -52.30 49.62
CA ALA A 2973 47.37 -52.60 50.70
C ALA A 2973 47.36 -54.06 51.16
N GLY A 2974 46.37 -54.84 50.75
CA GLY A 2974 46.40 -56.25 51.05
C GLY A 2974 47.38 -57.05 50.23
N SER A 2975 47.89 -56.48 49.14
CA SER A 2975 48.80 -57.21 48.26
C SER A 2975 50.14 -57.42 48.95
N ALA A 2976 50.52 -58.66 49.14
CA ALA A 2976 51.69 -58.98 49.93
C ALA A 2976 52.99 -58.99 49.13
N HIS A 2977 52.95 -58.62 47.85
CA HIS A 2977 54.09 -58.82 46.98
C HIS A 2977 54.52 -57.61 46.17
N PHE A 2978 53.65 -56.63 45.94
CA PHE A 2978 53.96 -55.58 44.99
C PHE A 2978 54.89 -54.53 45.56
N VAL A 2979 55.61 -53.86 44.65
CA VAL A 2979 56.44 -52.71 44.96
C VAL A 2979 56.08 -51.64 43.93
N TRP A 2980 55.44 -50.57 44.39
CA TRP A 2980 55.07 -49.46 43.53
C TRP A 2980 56.20 -48.46 43.54
N VAL A 2981 56.77 -48.21 42.37
CA VAL A 2981 58.03 -47.49 42.25
C VAL A 2981 57.73 -46.05 41.86
N ARG A 2982 58.48 -45.11 42.44
CA ARG A 2982 58.29 -43.70 42.17
C ARG A 2982 59.53 -43.00 41.64
N ASP A 2983 60.68 -43.69 41.58
CA ASP A 2983 61.93 -43.11 41.13
C ASP A 2983 62.71 -44.16 40.34
N THR A 2984 63.55 -43.69 39.43
CA THR A 2984 64.21 -44.58 38.48
C THR A 2984 65.25 -45.44 39.19
N LEU A 2985 64.88 -46.67 39.51
CA LEU A 2985 65.79 -47.61 40.16
C LEU A 2985 66.75 -48.09 39.08
N ARG A 2986 68.04 -47.81 39.26
CA ARG A 2986 69.03 -48.22 38.28
C ARG A 2986 69.71 -49.49 38.77
N LEU A 2987 69.23 -50.62 38.28
CA LEU A 2987 69.71 -51.94 38.67
C LEU A 2987 70.82 -52.34 37.70
N GLY A 2988 72.06 -52.19 38.12
CA GLY A 2988 73.15 -52.55 37.24
C GLY A 2988 73.46 -54.02 37.41
N GLY A 2989 74.63 -54.33 37.95
CA GLY A 2989 74.93 -55.68 38.35
C GLY A 2989 74.55 -55.94 39.78
N LYS A 2990 73.58 -55.18 40.29
CA LYS A 2990 73.19 -55.27 41.69
C LYS A 2990 71.98 -56.17 41.90
N PHE A 2991 71.11 -56.27 40.92
CA PHE A 2991 69.90 -57.07 41.03
C PHE A 2991 69.46 -57.47 39.64
N PRO A 2992 69.76 -58.68 39.20
CA PRO A 2992 69.49 -59.04 37.81
C PRO A 2992 68.02 -59.38 37.59
N LEU A 2993 67.50 -58.94 36.45
CA LEU A 2993 66.12 -59.20 36.06
C LEU A 2993 66.11 -60.34 35.05
N LYS A 2994 65.26 -61.33 35.28
CA LYS A 2994 65.27 -62.51 34.43
C LYS A 2994 63.96 -62.81 33.73
N ALA A 2995 62.84 -62.22 34.13
CA ALA A 2995 61.58 -62.51 33.48
C ALA A 2995 60.65 -61.33 33.66
N GLY A 2996 59.51 -61.40 32.98
CA GLY A 2996 58.53 -60.34 33.08
C GLY A 2996 57.18 -60.84 32.59
N MET A 2997 56.13 -60.23 33.12
CA MET A 2997 54.78 -60.69 32.83
C MET A 2997 53.93 -59.53 32.36
N LEU A 2998 53.24 -59.69 31.23
CA LEU A 2998 52.25 -58.71 30.84
C LEU A 2998 50.87 -59.20 31.21
N THR A 2999 49.91 -58.30 31.21
CA THR A 2999 48.51 -58.65 31.04
C THR A 2999 47.86 -57.64 30.13
N SER A 3000 46.76 -58.06 29.54
CA SER A 3000 45.89 -57.14 28.82
C SER A 3000 44.46 -57.62 29.05
N LEU A 3001 43.69 -56.84 29.79
CA LEU A 3001 42.29 -57.17 30.04
C LEU A 3001 41.47 -56.35 29.06
N GLY A 3002 41.21 -56.94 27.89
CA GLY A 3002 40.64 -56.20 26.78
C GLY A 3002 39.15 -55.88 26.95
N PHE A 3003 38.62 -55.22 25.92
CA PHE A 3003 37.20 -54.88 25.90
C PHE A 3003 36.34 -56.12 25.68
N GLY A 3004 35.34 -56.28 26.56
CA GLY A 3004 34.31 -57.27 26.36
C GLY A 3004 34.77 -58.70 26.50
N HIS A 3005 35.14 -59.07 27.74
CA HIS A 3005 35.37 -60.45 28.15
C HIS A 3005 36.50 -61.12 27.37
N VAL A 3006 37.68 -60.51 27.44
CA VAL A 3006 38.87 -61.11 26.85
C VAL A 3006 40.08 -60.69 27.70
N SER A 3007 40.99 -61.63 27.91
CA SER A 3007 42.17 -61.42 28.72
C SER A 3007 43.36 -62.01 27.99
N GLY A 3008 44.56 -61.53 28.30
CA GLY A 3008 45.74 -62.08 27.68
C GLY A 3008 46.99 -61.99 28.51
N LEU A 3009 47.65 -63.13 28.70
CA LEU A 3009 48.96 -63.22 29.34
C LEU A 3009 50.05 -63.46 28.33
N VAL A 3010 51.21 -62.88 28.58
CA VAL A 3010 52.43 -63.21 27.86
C VAL A 3010 53.63 -62.96 28.75
N ALA A 3011 54.45 -63.98 28.93
CA ALA A 3011 55.70 -63.87 29.66
C ALA A 3011 56.83 -63.56 28.70
N LEU A 3012 57.91 -63.01 29.26
CA LEU A 3012 59.10 -62.72 28.49
C LEU A 3012 60.31 -63.02 29.33
N VAL A 3013 61.35 -63.57 28.70
CA VAL A 3013 62.57 -63.98 29.38
C VAL A 3013 63.73 -63.25 28.71
N HIS A 3014 64.75 -62.88 29.50
CA HIS A 3014 65.94 -62.18 29.05
C HIS A 3014 66.64 -62.97 27.93
N PRO A 3015 67.27 -62.29 26.96
CA PRO A 3015 67.86 -63.00 25.81
C PRO A 3015 69.03 -63.91 26.12
N GLN A 3016 69.52 -63.91 27.36
CA GLN A 3016 70.57 -64.85 27.65
C GLN A 3016 70.05 -66.28 27.77
N ALA A 3017 68.73 -66.48 27.83
CA ALA A 3017 68.19 -67.82 27.64
C ALA A 3017 68.47 -68.33 26.24
N PHE A 3018 68.30 -67.46 25.23
CA PHE A 3018 68.66 -67.85 23.88
C PHE A 3018 70.15 -68.03 23.74
N ILE A 3019 70.95 -67.20 24.42
CA ILE A 3019 72.40 -67.37 24.32
C ILE A 3019 72.87 -68.60 25.10
N ALA A 3020 72.10 -69.04 26.09
CA ALA A 3020 72.47 -70.22 26.85
C ALA A 3020 71.96 -71.51 26.24
N SER A 3021 71.03 -71.43 25.28
CA SER A 3021 70.56 -72.64 24.63
C SER A 3021 71.60 -73.26 23.72
N LEU A 3022 72.42 -72.46 23.05
CA LEU A 3022 73.25 -72.96 21.97
C LEU A 3022 74.66 -73.28 22.46
N ASP A 3023 75.48 -73.73 21.51
CA ASP A 3023 76.80 -74.29 21.79
C ASP A 3023 77.88 -73.20 21.80
N PRO A 3024 78.93 -73.38 22.62
CA PRO A 3024 79.80 -72.25 22.97
C PRO A 3024 80.77 -71.77 21.90
N ALA A 3025 80.67 -72.17 20.65
CA ALA A 3025 81.41 -71.46 19.61
C ALA A 3025 80.46 -70.61 18.76
N GLN A 3026 79.30 -71.20 18.46
CA GLN A 3026 78.27 -70.49 17.75
C GLN A 3026 77.74 -69.32 18.56
N ARG A 3027 77.83 -69.39 19.90
CA ARG A 3027 77.38 -68.23 20.67
C ARG A 3027 78.30 -67.02 20.50
N ALA A 3028 79.60 -67.24 20.35
CA ALA A 3028 80.52 -66.13 20.13
C ALA A 3028 80.33 -65.52 18.76
N ASP A 3029 80.21 -66.38 17.73
CA ASP A 3029 79.98 -65.85 16.38
C ASP A 3029 78.62 -65.17 16.26
N TYR A 3030 77.62 -65.68 16.97
CA TYR A 3030 76.30 -65.08 16.98
C TYR A 3030 76.32 -63.69 17.61
N GLN A 3031 77.05 -63.54 18.72
CA GLN A 3031 77.10 -62.23 19.36
C GLN A 3031 77.80 -61.21 18.48
N ARG A 3032 78.85 -61.64 17.75
CA ARG A 3032 79.49 -60.76 16.77
C ARG A 3032 78.50 -60.25 15.73
N ARG A 3033 77.79 -61.18 15.09
CA ARG A 3033 76.92 -60.79 13.98
C ARG A 3033 75.73 -59.96 14.44
N ALA A 3034 75.19 -60.28 15.63
CA ALA A 3034 74.02 -59.54 16.11
C ALA A 3034 74.39 -58.12 16.52
N ASP A 3035 75.54 -57.95 17.19
CA ASP A 3035 75.96 -56.60 17.54
C ASP A 3035 76.26 -55.77 16.31
N ALA A 3036 76.82 -56.42 15.26
CA ALA A 3036 77.07 -55.72 14.01
C ALA A 3036 75.79 -55.25 13.35
N ARG A 3037 74.74 -56.07 13.41
CA ARG A 3037 73.48 -55.68 12.77
C ARG A 3037 72.77 -54.57 13.52
N LEU A 3038 72.82 -54.59 14.86
CA LEU A 3038 72.22 -53.50 15.63
C LEU A 3038 72.93 -52.17 15.37
N LEU A 3039 74.27 -52.18 15.39
CA LEU A 3039 75.03 -50.97 15.12
C LEU A 3039 74.78 -50.44 13.72
N ALA A 3040 74.72 -51.34 12.73
CA ALA A 3040 74.45 -50.92 11.36
C ALA A 3040 73.07 -50.34 11.21
N GLY A 3041 72.09 -50.87 11.95
CA GLY A 3041 70.75 -50.31 11.89
C GLY A 3041 70.68 -48.89 12.42
N GLN A 3042 71.30 -48.65 13.58
CA GLN A 3042 71.16 -47.28 14.09
C GLN A 3042 72.05 -46.29 13.36
N ARG A 3043 73.17 -46.71 12.78
CA ARG A 3043 73.89 -45.72 11.99
C ARG A 3043 73.28 -45.56 10.61
N ARG A 3044 72.46 -46.50 10.16
CA ARG A 3044 71.67 -46.23 8.96
C ARG A 3044 70.58 -45.22 9.25
N LEU A 3045 70.00 -45.29 10.44
CA LEU A 3045 69.06 -44.23 10.85
C LEU A 3045 69.76 -42.89 10.95
N ALA A 3046 71.02 -42.87 11.40
CA ALA A 3046 71.75 -41.61 11.45
C ALA A 3046 72.07 -41.07 10.06
N SER A 3047 72.35 -41.96 9.11
CA SER A 3047 72.56 -41.50 7.73
C SER A 3047 71.27 -40.96 7.14
N ALA A 3048 70.14 -41.58 7.45
CA ALA A 3048 68.87 -41.06 6.97
C ALA A 3048 68.49 -39.76 7.67
N ILE A 3049 68.92 -39.59 8.92
CA ILE A 3049 68.56 -38.38 9.64
C ILE A 3049 69.40 -37.22 9.14
N ALA A 3050 70.63 -37.50 8.67
CA ALA A 3050 71.44 -36.38 8.23
C ALA A 3050 71.39 -36.20 6.73
N GLY A 3051 71.95 -37.14 5.97
CA GLY A 3051 72.21 -36.85 4.59
C GLY A 3051 71.04 -37.04 3.66
N GLY A 3052 70.59 -38.28 3.57
CA GLY A 3052 69.62 -38.66 2.57
C GLY A 3052 69.62 -40.16 2.46
N ALA A 3053 69.44 -40.68 1.23
CA ALA A 3053 69.20 -42.09 0.92
C ALA A 3053 68.08 -42.58 1.82
N PRO A 3054 66.86 -42.14 1.59
CA PRO A 3054 65.82 -42.29 2.60
C PRO A 3054 65.33 -43.72 2.72
N MET A 3055 64.69 -43.99 3.85
CA MET A 3055 64.09 -45.29 4.08
C MET A 3055 62.86 -45.43 3.22
N TYR A 3056 62.41 -46.68 3.06
CA TYR A 3056 61.26 -47.06 2.23
C TYR A 3056 61.44 -46.60 0.79
N GLN A 3057 62.40 -47.23 0.12
CA GLN A 3057 62.57 -47.04 -1.31
C GLN A 3057 61.72 -48.06 -2.05
N ARG A 3058 60.88 -47.59 -2.97
CA ARG A 3058 59.95 -48.44 -3.70
C ARG A 3058 60.42 -48.64 -5.14
N PRO A 3059 60.77 -49.87 -5.54
CA PRO A 3059 61.13 -50.16 -6.93
C PRO A 3059 59.91 -50.26 -7.83
N HIS B 46 97.86 71.17 -38.85
CA HIS B 46 97.71 70.93 -37.42
C HIS B 46 97.84 72.25 -36.66
N ALA B 47 96.75 73.02 -36.61
CA ALA B 47 96.81 74.43 -36.24
C ALA B 47 97.23 74.63 -34.79
N LEU B 48 96.95 73.67 -33.90
CA LEU B 48 97.33 73.83 -32.50
C LEU B 48 98.85 73.78 -32.34
N VAL B 49 99.49 72.75 -32.90
CA VAL B 49 100.94 72.71 -32.81
C VAL B 49 101.57 73.72 -33.76
N ASP B 50 100.83 74.21 -34.76
CA ASP B 50 101.29 75.36 -35.53
C ASP B 50 101.46 76.57 -34.64
N ARG B 51 100.45 76.87 -33.82
CA ARG B 51 100.55 77.99 -32.89
C ARG B 51 101.61 77.75 -31.81
N LEU B 52 101.70 76.51 -31.32
CA LEU B 52 102.66 76.25 -30.25
C LEU B 52 104.11 76.18 -30.74
N MET B 53 104.35 75.74 -31.98
CA MET B 53 105.69 75.77 -32.53
C MET B 53 106.06 77.13 -33.10
N ALA B 54 105.07 77.94 -33.48
CA ALA B 54 105.35 79.34 -33.74
C ALA B 54 105.62 80.09 -32.45
N GLY B 55 105.11 79.59 -31.34
CA GLY B 55 105.42 80.12 -30.03
C GLY B 55 104.25 80.76 -29.34
N GLU B 56 103.61 79.99 -28.48
CA GLU B 56 102.64 80.45 -27.50
C GLU B 56 103.01 79.82 -26.17
N PRO B 57 102.79 80.51 -25.05
CA PRO B 57 103.17 79.96 -23.75
C PRO B 57 102.31 78.77 -23.37
N TYR B 58 102.94 77.60 -23.30
CA TYR B 58 102.29 76.38 -22.87
C TYR B 58 103.10 75.76 -21.75
N ALA B 59 102.39 75.15 -20.81
CA ALA B 59 103.00 74.40 -19.73
C ALA B 59 102.73 72.93 -19.97
N VAL B 60 103.52 72.08 -19.32
CA VAL B 60 103.33 70.64 -19.41
C VAL B 60 103.17 70.08 -18.00
N ALA B 61 102.13 69.29 -17.82
CA ALA B 61 101.80 68.71 -16.53
C ALA B 61 101.94 67.20 -16.61
N PHE B 62 102.37 66.61 -15.51
CA PHE B 62 102.59 65.17 -15.42
C PHE B 62 101.63 64.55 -14.43
N GLY B 63 101.08 63.40 -14.83
CA GLY B 63 99.98 62.79 -14.10
C GLY B 63 100.39 62.16 -12.79
N GLY B 64 99.40 61.54 -12.14
CA GLY B 64 99.58 60.99 -10.83
C GLY B 64 99.32 59.50 -10.75
N GLN B 65 98.82 59.05 -9.61
CA GLN B 65 98.67 57.64 -9.31
C GLN B 65 97.21 57.21 -9.38
N GLY B 66 97.01 55.90 -9.48
CA GLY B 66 95.68 55.33 -9.58
C GLY B 66 95.01 55.67 -10.89
N SER B 67 95.55 55.19 -12.01
CA SER B 67 95.06 55.63 -13.30
C SER B 67 94.95 54.55 -14.37
N ALA B 68 95.25 53.29 -14.06
CA ALA B 68 95.18 52.14 -14.98
C ALA B 68 96.04 52.39 -16.24
N TRP B 69 97.34 52.45 -15.99
CA TRP B 69 98.32 52.86 -17.00
C TRP B 69 98.49 51.87 -18.14
N LEU B 70 98.11 50.61 -17.94
CA LEU B 70 98.49 49.55 -18.85
C LEU B 70 97.78 49.68 -20.19
N GLU B 71 96.47 49.94 -20.18
CA GLU B 71 95.74 49.97 -21.44
C GLU B 71 96.06 51.22 -22.26
N THR B 72 96.33 52.35 -21.61
CA THR B 72 96.73 53.52 -22.38
C THR B 72 98.15 53.40 -22.90
N LEU B 73 99.04 52.71 -22.17
CA LEU B 73 100.37 52.47 -22.73
C LEU B 73 100.30 51.49 -23.88
N GLU B 74 99.40 50.50 -23.79
CA GLU B 74 99.21 49.54 -24.89
C GLU B 74 98.68 50.24 -26.13
N GLU B 75 97.71 51.14 -25.96
CA GLU B 75 97.16 51.87 -27.10
C GLU B 75 98.22 52.78 -27.71
N LEU B 76 99.05 53.40 -26.88
CA LEU B 76 100.07 54.32 -27.39
C LEU B 76 101.17 53.57 -28.15
N VAL B 77 101.58 52.40 -27.64
CA VAL B 77 102.58 51.59 -28.34
C VAL B 77 102.00 51.04 -29.64
N SER B 78 100.74 50.60 -29.62
CA SER B 78 100.12 50.08 -30.83
C SER B 78 99.88 51.18 -31.87
N ALA B 79 99.75 52.44 -31.42
CA ALA B 79 99.62 53.54 -32.37
C ALA B 79 100.96 53.93 -32.97
N THR B 80 102.01 54.00 -32.16
CA THR B 80 103.28 54.53 -32.64
C THR B 80 104.23 53.46 -33.17
N GLY B 81 104.57 52.47 -32.35
CA GLY B 81 105.58 51.50 -32.74
C GLY B 81 106.95 51.87 -32.25
N ILE B 82 107.07 52.11 -30.94
CA ILE B 82 108.33 52.47 -30.32
C ILE B 82 108.80 51.33 -29.38
N GLU B 83 108.30 50.13 -29.67
CA GLU B 83 108.50 48.97 -28.81
C GLU B 83 109.96 48.56 -28.72
N THR B 84 110.73 48.79 -29.79
CA THR B 84 112.15 48.46 -29.77
C THR B 84 112.92 49.38 -28.82
N GLU B 85 112.61 50.67 -28.86
CA GLU B 85 113.28 51.61 -27.96
C GLU B 85 112.88 51.38 -26.52
N LEU B 86 111.60 51.05 -26.30
CA LEU B 86 111.17 50.70 -24.94
C LEU B 86 111.81 49.41 -24.46
N ALA B 87 112.01 48.45 -25.36
CA ALA B 87 112.61 47.17 -24.99
C ALA B 87 114.08 47.34 -24.62
N THR B 88 114.82 48.14 -25.39
CA THR B 88 116.23 48.34 -25.01
C THR B 88 116.34 49.23 -23.77
N LEU B 89 115.35 50.11 -23.53
CA LEU B 89 115.29 50.88 -22.30
C LEU B 89 115.16 49.97 -21.08
N VAL B 90 114.14 49.10 -21.10
CA VAL B 90 113.90 48.16 -20.01
C VAL B 90 115.06 47.18 -19.88
N GLY B 91 115.69 46.82 -21.00
CA GLY B 91 116.79 45.87 -20.96
C GLY B 91 118.02 46.42 -20.25
N GLU B 92 118.43 47.64 -20.61
CA GLU B 92 119.58 48.20 -19.90
C GLU B 92 119.22 48.66 -18.49
N ALA B 93 117.93 48.94 -18.22
CA ALA B 93 117.51 49.21 -16.85
C ALA B 93 117.66 47.98 -15.96
N GLU B 94 117.16 46.83 -16.41
CA GLU B 94 117.31 45.62 -15.61
C GLU B 94 118.73 45.10 -15.63
N LEU B 95 119.53 45.48 -16.63
CA LEU B 95 120.96 45.20 -16.58
C LEU B 95 121.62 46.02 -15.48
N LEU B 96 121.17 47.26 -15.29
CA LEU B 96 121.70 48.07 -14.19
C LEU B 96 121.21 47.55 -12.84
N LEU B 97 120.04 46.92 -12.81
CA LEU B 97 119.47 46.40 -11.58
C LEU B 97 119.87 44.96 -11.30
N ASP B 98 121.05 44.55 -11.72
CA ASP B 98 121.49 43.15 -11.53
C ASP B 98 121.70 42.71 -10.09
N PRO B 99 122.41 43.45 -9.20
CA PRO B 99 122.71 42.85 -7.88
C PRO B 99 121.55 42.73 -6.92
N VAL B 100 120.49 43.53 -7.06
CA VAL B 100 119.52 43.63 -5.97
C VAL B 100 118.22 42.98 -6.43
N THR B 101 118.34 41.97 -7.31
CA THR B 101 117.15 41.30 -7.82
C THR B 101 116.43 40.51 -6.73
N ASP B 102 117.17 39.99 -5.75
CA ASP B 102 116.55 39.20 -4.69
C ASP B 102 115.70 40.09 -3.78
N GLU B 103 116.29 41.18 -3.29
CA GLU B 103 115.55 42.11 -2.43
C GLU B 103 114.45 42.82 -3.21
N LEU B 104 114.60 42.96 -4.52
CA LEU B 104 113.53 43.49 -5.34
C LEU B 104 112.40 42.49 -5.50
N ILE B 105 112.71 41.20 -5.62
CA ILE B 105 111.70 40.19 -5.91
C ILE B 105 111.06 39.64 -4.65
N VAL B 106 111.51 40.09 -3.47
CA VAL B 106 110.75 39.88 -2.24
C VAL B 106 109.31 40.38 -2.40
N VAL B 107 109.15 41.55 -3.00
CA VAL B 107 107.85 42.22 -3.02
C VAL B 107 107.01 41.74 -4.19
N ARG B 108 107.54 41.87 -5.40
CA ARG B 108 106.72 41.74 -6.61
C ARG B 108 106.27 40.30 -6.84
N PRO B 109 104.98 40.05 -6.98
CA PRO B 109 104.52 38.67 -7.13
C PRO B 109 104.74 38.12 -8.52
N ILE B 110 104.54 38.94 -9.54
CA ILE B 110 104.71 38.47 -10.92
C ILE B 110 106.11 38.72 -11.42
N GLY B 111 106.59 39.96 -11.38
CA GLY B 111 107.97 40.19 -11.72
C GLY B 111 108.24 41.37 -12.63
N PHE B 112 107.19 42.09 -13.02
CA PHE B 112 107.26 43.33 -13.79
C PHE B 112 107.98 43.12 -15.14
N GLU B 113 107.28 42.43 -16.03
CA GLU B 113 107.62 42.50 -17.45
C GLU B 113 106.49 43.21 -18.19
N PRO B 114 106.59 44.52 -18.39
CA PRO B 114 105.44 45.29 -18.88
C PRO B 114 105.21 45.16 -20.37
N LEU B 115 106.28 45.05 -21.17
CA LEU B 115 106.09 45.09 -22.62
C LEU B 115 105.51 43.79 -23.15
N GLN B 116 105.79 42.67 -22.48
CA GLN B 116 105.12 41.44 -22.87
C GLN B 116 103.67 41.45 -22.45
N TRP B 117 103.34 42.15 -21.38
CA TRP B 117 101.94 42.37 -21.02
C TRP B 117 101.24 43.21 -22.08
N VAL B 118 101.96 44.20 -22.63
CA VAL B 118 101.43 45.01 -23.72
C VAL B 118 101.18 44.15 -24.96
N ARG B 119 102.13 43.26 -25.28
CA ARG B 119 101.95 42.32 -26.38
C ARG B 119 100.76 41.41 -26.14
N ALA B 120 100.57 40.98 -24.89
CA ALA B 120 99.46 40.12 -24.54
C ALA B 120 98.12 40.82 -24.71
N LEU B 121 98.04 42.07 -24.26
CA LEU B 121 96.80 42.83 -24.40
C LEU B 121 96.53 43.19 -25.86
N ALA B 122 97.59 43.39 -26.64
CA ALA B 122 97.41 43.65 -28.07
C ALA B 122 96.91 42.40 -28.79
N ALA B 123 97.47 41.24 -28.47
CA ALA B 123 97.08 40.00 -29.12
C ALA B 123 95.89 39.33 -28.46
N GLU B 124 95.28 39.99 -27.47
CA GLU B 124 94.12 39.50 -26.71
C GLU B 124 94.45 38.18 -26.02
N ASP B 125 95.37 38.30 -25.08
CA ASP B 125 95.79 37.20 -24.22
C ASP B 125 95.30 37.54 -22.82
N PRO B 126 95.30 36.61 -21.85
CA PRO B 126 94.94 37.00 -20.49
C PRO B 126 95.94 37.98 -19.89
N VAL B 127 95.41 38.87 -19.07
CA VAL B 127 96.11 40.04 -18.56
C VAL B 127 96.36 39.79 -17.07
N PRO B 128 97.45 40.30 -16.49
CA PRO B 128 97.59 40.27 -15.03
C PRO B 128 96.46 41.04 -14.34
N SER B 129 96.11 40.57 -13.14
CA SER B 129 94.91 41.05 -12.47
C SER B 129 95.13 42.45 -11.89
N ASP B 130 94.04 43.00 -11.35
CA ASP B 130 94.03 44.40 -10.98
C ASP B 130 94.88 44.69 -9.75
N LYS B 131 94.89 43.76 -8.78
CA LYS B 131 95.74 43.94 -7.60
C LYS B 131 97.20 43.90 -7.98
N HIS B 132 97.59 42.91 -8.77
CA HIS B 132 98.96 42.77 -9.23
C HIS B 132 99.36 43.85 -10.23
N LEU B 133 98.41 44.62 -10.76
CA LEU B 133 98.78 45.81 -11.51
C LEU B 133 98.85 47.06 -10.64
N THR B 134 97.98 47.18 -9.64
CA THR B 134 97.88 48.41 -8.88
C THR B 134 98.83 48.45 -7.69
N SER B 135 99.53 47.36 -7.39
CA SER B 135 100.59 47.42 -6.39
C SER B 135 101.69 48.38 -6.82
N ALA B 136 102.38 48.95 -5.84
CA ALA B 136 103.22 50.13 -6.10
C ALA B 136 104.46 49.78 -6.91
N ALA B 137 105.07 48.62 -6.63
CA ALA B 137 106.32 48.24 -7.26
C ALA B 137 106.18 48.00 -8.75
N VAL B 138 104.97 47.77 -9.25
CA VAL B 138 104.73 47.69 -10.68
C VAL B 138 103.95 48.89 -11.18
N SER B 139 103.30 49.67 -10.32
CA SER B 139 102.56 50.81 -10.83
C SER B 139 103.49 51.98 -11.06
N VAL B 140 104.23 52.39 -10.03
CA VAL B 140 105.08 53.57 -10.12
C VAL B 140 106.21 53.45 -11.15
N PRO B 141 106.68 52.27 -11.62
CA PRO B 141 107.45 52.30 -12.87
C PRO B 141 106.58 52.27 -14.09
N GLY B 142 105.37 51.70 -14.01
CA GLY B 142 104.51 51.62 -15.17
C GLY B 142 104.02 52.98 -15.64
N VAL B 143 103.66 53.85 -14.71
CA VAL B 143 103.24 55.20 -15.09
C VAL B 143 104.42 56.01 -15.60
N LEU B 144 105.62 55.78 -15.07
CA LEU B 144 106.80 56.48 -15.58
C LEU B 144 107.11 56.04 -17.00
N LEU B 145 107.04 54.74 -17.27
CA LEU B 145 107.25 54.26 -18.63
C LEU B 145 106.17 54.76 -19.57
N THR B 146 104.94 54.90 -19.05
CA THR B 146 103.85 55.44 -19.84
C THR B 146 104.11 56.90 -20.21
N GLN B 147 104.60 57.69 -19.26
CA GLN B 147 104.83 59.10 -19.53
C GLN B 147 106.03 59.33 -20.44
N ILE B 148 107.10 58.54 -20.25
CA ILE B 148 108.26 58.66 -21.13
C ILE B 148 107.91 58.22 -22.55
N ALA B 149 107.12 57.15 -22.68
CA ALA B 149 106.67 56.71 -23.99
C ALA B 149 105.72 57.71 -24.62
N ALA B 150 104.92 58.42 -23.81
CA ALA B 150 104.04 59.44 -24.36
C ALA B 150 104.82 60.64 -24.87
N THR B 151 105.85 61.06 -24.13
CA THR B 151 106.69 62.17 -24.59
C THR B 151 107.43 61.82 -25.87
N ARG B 152 108.01 60.61 -25.93
CA ARG B 152 108.69 60.19 -27.15
C ARG B 152 107.71 59.95 -28.29
N ALA B 153 106.48 59.57 -27.97
CA ALA B 153 105.45 59.38 -29.00
C ALA B 153 105.08 60.71 -29.64
N LEU B 154 104.84 61.74 -28.83
CA LEU B 154 104.53 63.05 -29.39
C LEU B 154 105.74 63.68 -30.07
N ALA B 155 106.95 63.37 -29.61
CA ALA B 155 108.15 63.82 -30.31
C ALA B 155 108.28 63.17 -31.67
N ARG B 156 107.87 61.90 -31.80
CA ARG B 156 107.82 61.28 -33.12
C ARG B 156 106.69 61.87 -33.96
N GLN B 157 105.58 62.21 -33.31
CA GLN B 157 104.44 62.80 -34.02
C GLN B 157 104.73 64.21 -34.53
N GLY B 158 105.69 64.90 -33.94
CA GLY B 158 106.13 66.14 -34.53
C GLY B 158 106.09 67.37 -33.66
N MET B 159 106.07 67.19 -32.34
CA MET B 159 106.16 68.30 -31.40
C MET B 159 107.42 68.09 -30.56
N ASP B 160 108.40 68.96 -30.75
CA ASP B 160 109.71 68.78 -30.13
C ASP B 160 109.84 69.76 -28.98
N LEU B 161 109.96 69.20 -27.76
CA LEU B 161 110.06 70.03 -26.57
C LEU B 161 111.42 70.70 -26.44
N VAL B 162 112.46 70.15 -27.06
CA VAL B 162 113.75 70.85 -27.04
C VAL B 162 113.80 71.92 -28.12
N ALA B 163 112.98 71.80 -29.17
CA ALA B 163 112.89 72.87 -30.16
C ALA B 163 112.06 74.03 -29.63
N THR B 164 110.91 73.74 -29.03
CA THR B 164 110.11 74.75 -28.33
C THR B 164 109.94 74.33 -26.87
N PRO B 165 110.65 74.96 -25.95
CA PRO B 165 110.52 74.61 -24.54
C PRO B 165 109.18 75.05 -23.98
N PRO B 166 108.58 74.24 -23.11
CA PRO B 166 107.41 74.70 -22.37
C PRO B 166 107.81 75.75 -21.35
N VAL B 167 106.84 76.55 -20.94
CA VAL B 167 107.12 77.61 -19.99
C VAL B 167 107.17 77.07 -18.57
N ALA B 168 106.20 76.27 -18.19
CA ALA B 168 106.12 75.76 -16.83
C ALA B 168 106.03 74.24 -16.79
N MET B 169 106.52 73.69 -15.69
CA MET B 169 106.74 72.26 -15.50
C MET B 169 105.94 71.84 -14.28
N ALA B 170 104.77 71.24 -14.48
CA ALA B 170 103.88 70.91 -13.39
C ALA B 170 104.06 69.44 -13.00
N GLY B 171 104.47 69.22 -11.76
CA GLY B 171 104.65 67.88 -11.26
C GLY B 171 103.72 67.57 -10.11
N HIS B 172 102.90 66.53 -10.27
CA HIS B 172 101.97 66.07 -9.26
C HIS B 172 102.73 65.15 -8.31
N SER B 173 102.00 64.38 -7.51
CA SER B 173 102.50 63.32 -6.62
C SER B 173 103.56 62.43 -7.24
N GLN B 174 103.20 61.73 -8.30
CA GLN B 174 104.14 60.76 -8.87
C GLN B 174 105.13 61.45 -9.80
N GLY B 175 104.69 62.46 -10.53
CA GLY B 175 105.44 63.00 -11.64
C GLY B 175 106.66 63.84 -11.31
N VAL B 176 107.17 63.78 -10.08
CA VAL B 176 108.37 64.55 -9.76
C VAL B 176 109.59 63.96 -10.46
N LEU B 177 109.70 62.62 -10.44
CA LEU B 177 110.78 61.96 -11.17
C LEU B 177 110.64 62.13 -12.68
N ALA B 178 109.41 62.16 -13.20
CA ALA B 178 109.24 62.37 -14.63
C ALA B 178 109.56 63.81 -15.02
N VAL B 179 109.24 64.76 -14.16
CA VAL B 179 109.56 66.14 -14.51
C VAL B 179 111.05 66.42 -14.30
N GLU B 180 111.74 65.65 -13.45
CA GLU B 180 113.20 65.68 -13.44
C GLU B 180 113.75 65.11 -14.74
N ALA B 181 113.13 64.03 -15.24
CA ALA B 181 113.58 63.39 -16.48
C ALA B 181 113.41 64.30 -17.68
N LEU B 182 112.38 65.12 -17.70
CA LEU B 182 112.26 66.06 -18.81
C LEU B 182 112.88 67.42 -18.55
N LYS B 183 113.19 67.75 -17.30
CA LYS B 183 113.99 68.94 -17.04
C LYS B 183 115.42 68.73 -17.48
N ALA B 184 115.96 67.54 -17.22
CA ALA B 184 117.16 67.13 -17.93
C ALA B 184 116.79 66.66 -19.33
N GLY B 185 117.81 66.34 -20.12
CA GLY B 185 117.57 65.83 -21.45
C GLY B 185 117.05 64.40 -21.43
N GLY B 186 117.00 63.82 -22.63
CA GLY B 186 116.65 62.41 -22.75
C GLY B 186 117.84 61.50 -22.53
N ALA B 187 118.55 61.68 -21.41
CA ALA B 187 119.79 60.97 -21.16
C ALA B 187 119.93 60.44 -19.74
N ARG B 188 118.97 60.69 -18.86
CA ARG B 188 119.00 60.13 -17.51
C ARG B 188 117.77 59.26 -17.26
N ASP B 189 117.09 58.87 -18.34
CA ASP B 189 115.87 58.08 -18.24
C ASP B 189 116.13 56.69 -17.67
N VAL B 190 117.30 56.11 -17.96
CA VAL B 190 117.62 54.78 -17.44
C VAL B 190 117.83 54.83 -15.93
N GLU B 191 118.54 55.84 -15.45
CA GLU B 191 118.82 55.95 -14.03
C GLU B 191 117.54 56.29 -13.27
N LEU B 192 116.69 57.13 -13.85
CA LEU B 192 115.44 57.44 -13.17
C LEU B 192 114.44 56.31 -13.25
N PHE B 193 114.49 55.49 -14.30
CA PHE B 193 113.62 54.33 -14.37
C PHE B 193 114.01 53.29 -13.33
N ALA B 194 115.30 53.02 -13.20
CA ALA B 194 115.76 52.13 -12.14
C ALA B 194 115.49 52.69 -10.76
N LEU B 195 115.55 54.02 -10.63
CA LEU B 195 115.27 54.64 -9.34
C LEU B 195 113.81 54.50 -8.95
N ALA B 196 112.89 54.73 -9.89
CA ALA B 196 111.47 54.54 -9.60
C ALA B 196 111.14 53.09 -9.34
N GLN B 197 111.82 52.17 -10.02
CA GLN B 197 111.59 50.76 -9.79
C GLN B 197 112.12 50.32 -8.43
N LEU B 198 113.11 51.05 -7.89
CA LEU B 198 113.47 50.86 -6.48
C LEU B 198 112.42 51.46 -5.55
N ILE B 199 111.91 52.64 -5.90
CA ILE B 199 110.99 53.40 -5.05
C ILE B 199 109.72 52.61 -4.78
N GLY B 200 109.19 51.95 -5.80
CA GLY B 200 107.94 51.22 -5.61
C GLY B 200 108.08 50.01 -4.71
N ALA B 201 109.16 49.26 -4.86
CA ALA B 201 109.40 48.11 -4.00
C ALA B 201 109.63 48.53 -2.56
N ALA B 202 110.41 49.60 -2.36
CA ALA B 202 110.62 50.09 -1.00
C ALA B 202 109.34 50.63 -0.38
N GLY B 203 108.49 51.25 -1.19
CA GLY B 203 107.23 51.76 -0.68
C GLY B 203 106.29 50.66 -0.24
N THR B 204 106.17 49.61 -1.06
CA THR B 204 105.29 48.50 -0.71
C THR B 204 105.84 47.75 0.50
N LEU B 205 107.16 47.62 0.59
CA LEU B 205 107.79 46.91 1.70
C LEU B 205 107.59 47.65 3.01
N VAL B 206 107.90 48.95 3.05
CA VAL B 206 107.76 49.71 4.28
C VAL B 206 106.29 49.89 4.65
N ALA B 207 105.40 50.00 3.67
CA ALA B 207 103.98 50.15 3.98
C ALA B 207 103.36 48.85 4.46
N ARG B 208 103.89 47.70 4.05
CA ARG B 208 103.41 46.46 4.65
C ARG B 208 104.00 46.26 6.03
N ARG B 209 105.22 46.74 6.28
CA ARG B 209 105.78 46.68 7.61
C ARG B 209 104.99 47.57 8.58
N ARG B 210 104.51 48.70 8.11
CA ARG B 210 103.59 49.52 8.86
C ARG B 210 102.17 49.09 8.49
N GLY B 211 101.17 49.90 8.83
CA GLY B 211 99.80 49.52 8.52
C GLY B 211 99.13 50.37 7.46
N ILE B 212 99.90 50.86 6.50
CA ILE B 212 99.41 51.89 5.60
C ILE B 212 99.14 51.26 4.24
N SER B 213 98.83 49.97 4.23
CA SER B 213 98.46 49.30 3.00
C SER B 213 97.00 48.90 3.04
N VAL B 214 96.49 48.50 1.87
CA VAL B 214 95.09 48.08 1.76
C VAL B 214 94.90 46.74 2.46
N LEU B 215 93.86 46.65 3.29
CA LEU B 215 93.59 45.40 4.00
C LEU B 215 92.64 44.53 3.20
N GLY B 216 91.42 44.99 2.96
CA GLY B 216 90.48 44.27 2.15
C GLY B 216 90.18 45.03 0.87
N ASP B 217 89.03 45.70 0.86
CA ASP B 217 88.72 46.65 -0.21
C ASP B 217 88.98 48.09 0.21
N ARG B 218 89.01 48.36 1.50
CA ARG B 218 89.21 49.72 1.99
C ARG B 218 90.65 50.19 1.75
N PRO B 219 90.85 51.28 1.03
CA PRO B 219 92.19 51.66 0.61
C PRO B 219 92.81 52.64 1.61
N PRO B 220 94.12 52.89 1.52
CA PRO B 220 94.74 53.84 2.45
C PRO B 220 94.52 55.31 2.13
N MET B 221 93.85 55.66 1.05
CA MET B 221 93.61 57.07 0.73
C MET B 221 92.14 57.32 0.50
N VAL B 222 91.59 58.32 1.19
CA VAL B 222 90.20 58.72 1.00
C VAL B 222 90.18 60.19 0.62
N SER B 223 89.53 60.49 -0.49
CA SER B 223 89.43 61.85 -0.99
C SER B 223 88.20 62.53 -0.41
N VAL B 224 88.41 63.71 0.17
CA VAL B 224 87.36 64.55 0.72
C VAL B 224 87.10 65.67 -0.27
N THR B 225 85.90 65.71 -0.81
CA THR B 225 85.46 66.81 -1.66
C THR B 225 84.34 67.56 -0.96
N ASN B 226 84.11 68.80 -1.44
CA ASN B 226 83.05 69.69 -0.96
C ASN B 226 83.24 70.01 0.54
N ALA B 227 84.43 70.50 0.88
CA ALA B 227 84.73 70.85 2.26
C ALA B 227 85.87 71.86 2.27
N ASP B 228 85.92 72.64 3.35
CA ASP B 228 86.94 73.65 3.51
C ASP B 228 88.20 72.99 4.05
N PRO B 229 89.35 73.10 3.36
CA PRO B 229 90.56 72.41 3.82
C PRO B 229 91.10 72.85 5.17
N GLU B 230 90.93 74.12 5.53
CA GLU B 230 91.35 74.57 6.86
C GLU B 230 90.47 73.96 7.94
N ARG B 231 89.16 73.85 7.67
CA ARG B 231 88.27 73.20 8.61
C ARG B 231 88.57 71.71 8.72
N ILE B 232 88.94 71.08 7.60
CA ILE B 232 89.33 69.67 7.63
C ILE B 232 90.60 69.48 8.44
N GLY B 233 91.55 70.41 8.34
CA GLY B 233 92.73 70.34 9.20
C GLY B 233 92.42 70.53 10.67
N ARG B 234 91.48 71.44 10.97
CA ARG B 234 91.03 71.66 12.34
C ARG B 234 90.42 70.40 12.95
N LEU B 235 89.46 69.79 12.24
CA LEU B 235 88.83 68.66 12.91
C LEU B 235 89.62 67.37 12.74
N LEU B 236 90.62 67.32 11.84
CA LEU B 236 91.61 66.25 11.93
C LEU B 236 92.45 66.38 13.18
N ASP B 237 92.85 67.60 13.54
CA ASP B 237 93.58 67.78 14.79
C ASP B 237 92.69 67.45 15.99
N GLU B 238 91.42 67.82 15.92
CA GLU B 238 90.48 67.51 17.01
C GLU B 238 90.23 66.01 17.13
N PHE B 239 90.13 65.31 16.00
CA PHE B 239 90.04 63.86 16.00
C PHE B 239 91.34 63.20 16.43
N ALA B 240 92.46 63.91 16.32
CA ALA B 240 93.71 63.37 16.84
C ALA B 240 93.83 63.52 18.35
N GLN B 241 93.26 64.61 18.92
CA GLN B 241 93.52 64.94 20.31
C GLN B 241 92.95 63.97 21.33
N ASP B 242 91.97 63.15 20.99
CA ASP B 242 91.42 62.25 21.97
C ASP B 242 92.30 61.01 22.12
N VAL B 243 92.15 60.33 23.26
CA VAL B 243 93.04 59.24 23.62
C VAL B 243 92.76 57.98 22.80
N ARG B 244 91.51 57.74 22.42
CA ARG B 244 91.09 56.43 21.95
C ARG B 244 91.62 56.09 20.57
N THR B 245 92.10 57.08 19.82
CA THR B 245 92.84 56.81 18.59
C THR B 245 94.32 56.70 18.90
N VAL B 246 95.01 55.83 18.18
CA VAL B 246 96.43 55.63 18.41
C VAL B 246 97.27 56.27 17.31
N LEU B 247 96.84 56.10 16.07
CA LEU B 247 97.53 56.68 14.93
C LEU B 247 96.62 57.72 14.27
N PRO B 248 96.93 59.01 14.37
CA PRO B 248 96.09 60.02 13.73
C PRO B 248 96.29 60.02 12.22
N PRO B 249 95.21 59.95 11.46
CA PRO B 249 95.34 60.11 10.00
C PRO B 249 95.66 61.56 9.67
N VAL B 250 96.47 61.73 8.63
CA VAL B 250 97.00 63.04 8.31
C VAL B 250 96.51 63.47 6.93
N LEU B 251 96.43 64.78 6.75
CA LEU B 251 96.14 65.36 5.45
C LEU B 251 97.42 65.38 4.64
N SER B 252 97.33 64.94 3.38
CA SER B 252 98.52 64.82 2.56
C SER B 252 98.54 65.80 1.40
N ILE B 253 97.55 65.76 0.50
CA ILE B 253 97.65 66.58 -0.70
C ILE B 253 96.53 67.58 -0.70
N ARG B 254 96.46 68.42 -1.74
CA ARG B 254 95.45 69.46 -1.82
C ARG B 254 95.18 69.70 -3.30
N ASN B 255 94.13 69.07 -3.82
CA ASN B 255 93.85 69.16 -5.24
C ASN B 255 93.30 70.53 -5.61
N GLY B 256 92.13 70.87 -5.10
CA GLY B 256 91.49 72.11 -5.38
C GLY B 256 91.35 72.99 -4.16
N ARG B 257 90.39 73.91 -4.23
CA ARG B 257 90.05 74.70 -3.07
C ARG B 257 88.97 74.05 -2.22
N ARG B 258 88.42 72.93 -2.68
CA ARG B 258 87.39 72.20 -1.95
C ARG B 258 87.65 70.70 -1.92
N ALA B 259 88.90 70.26 -2.07
CA ALA B 259 89.19 68.84 -2.15
C ALA B 259 90.60 68.55 -1.67
N VAL B 260 90.71 67.61 -0.73
CA VAL B 260 92.00 67.04 -0.30
C VAL B 260 91.85 65.53 -0.28
N VAL B 261 92.93 64.82 0.08
CA VAL B 261 92.79 63.41 0.43
C VAL B 261 93.49 63.19 1.76
N ILE B 262 93.11 62.12 2.43
CA ILE B 262 93.64 61.75 3.74
C ILE B 262 94.24 60.37 3.63
N THR B 263 95.47 60.23 4.12
CA THR B 263 96.24 58.98 4.05
C THR B 263 96.48 58.44 5.45
N GLY B 264 96.12 57.18 5.67
CA GLY B 264 96.36 56.57 6.96
C GLY B 264 95.82 55.16 7.01
N THR B 265 95.74 54.66 8.24
CA THR B 265 95.26 53.32 8.50
C THR B 265 93.76 53.23 8.15
N PRO B 266 93.32 52.16 7.49
CA PRO B 266 91.94 52.13 6.97
C PRO B 266 90.84 52.17 8.03
N GLU B 267 91.00 51.51 9.18
CA GLU B 267 89.96 51.64 10.19
C GLU B 267 89.99 53.02 10.85
N GLN B 268 91.15 53.67 10.87
CA GLN B 268 91.21 55.06 11.30
C GLN B 268 90.45 55.96 10.34
N LEU B 269 90.55 55.68 9.05
CA LEU B 269 89.80 56.45 8.05
C LEU B 269 88.31 56.24 8.19
N SER B 270 87.88 55.01 8.45
CA SER B 270 86.45 54.75 8.64
C SER B 270 85.92 55.39 9.92
N ARG B 271 86.73 55.41 10.98
CA ARG B 271 86.34 56.07 12.21
C ARG B 271 86.22 57.58 12.02
N PHE B 272 87.15 58.18 11.28
CA PHE B 272 87.07 59.60 10.98
C PHE B 272 85.86 59.93 10.11
N GLU B 273 85.50 59.02 9.19
CA GLU B 273 84.29 59.21 8.40
C GLU B 273 83.04 59.18 9.28
N LEU B 274 83.01 58.29 10.28
CA LEU B 274 81.90 58.28 11.23
C LEU B 274 81.82 59.57 12.03
N TYR B 275 82.97 60.11 12.41
CA TYR B 275 83.05 61.37 13.16
C TYR B 275 82.48 62.53 12.35
N CYS B 276 82.91 62.65 11.09
CA CYS B 276 82.40 63.70 10.22
C CYS B 276 80.92 63.51 9.89
N ARG B 277 80.46 62.27 9.80
CA ARG B 277 79.04 62.02 9.57
C ARG B 277 78.20 62.45 10.76
N GLN B 278 78.73 62.27 11.98
CA GLN B 278 78.01 62.71 13.16
C GLN B 278 77.89 64.23 13.22
N ILE B 279 78.98 64.94 12.89
CA ILE B 279 78.92 66.41 12.86
C ILE B 279 77.99 66.90 11.75
N SER B 280 77.96 66.19 10.62
CA SER B 280 77.06 66.54 9.53
C SER B 280 75.60 66.38 9.93
N GLU B 281 75.28 65.31 10.65
CA GLU B 281 73.90 65.11 11.10
C GLU B 281 73.52 66.14 12.16
N LYS B 282 74.48 66.58 12.98
CA LYS B 282 74.24 67.65 13.93
C LYS B 282 73.83 68.95 13.23
N GLU B 283 74.61 69.38 12.24
CA GLU B 283 74.26 70.62 11.56
C GLU B 283 73.01 70.48 10.69
N GLU B 284 72.74 69.27 10.18
CA GLU B 284 71.52 69.08 9.41
C GLU B 284 70.28 69.17 10.28
N ALA B 285 70.35 68.62 11.51
CA ALA B 285 69.24 68.80 12.43
C ALA B 285 69.10 70.25 12.87
N ASP B 286 70.23 70.96 13.00
CA ASP B 286 70.17 72.39 13.33
C ASP B 286 69.53 73.20 12.21
N ARG B 287 69.70 72.79 10.95
CA ARG B 287 68.94 73.43 9.88
C ARG B 287 67.48 73.07 9.92
N LYS B 288 67.17 71.76 10.07
CA LYS B 288 65.79 71.28 9.94
C LYS B 288 64.89 71.81 11.05
N ASN B 289 65.44 72.08 12.23
CA ASN B 289 64.66 72.69 13.30
C ASN B 289 64.61 74.21 13.20
N LYS B 290 64.88 74.78 12.01
CA LYS B 290 64.67 76.18 11.66
C LYS B 290 65.50 77.11 12.54
N VAL B 291 66.81 76.91 12.45
CA VAL B 291 67.83 77.77 13.05
C VAL B 291 68.67 78.08 11.82
N ARG B 292 69.87 78.64 11.99
CA ARG B 292 70.65 79.47 11.05
C ARG B 292 70.47 79.22 9.57
N GLY B 293 70.66 77.97 9.13
CA GLY B 293 70.35 77.62 7.76
C GLY B 293 71.26 78.23 6.71
N GLY B 294 72.45 78.67 7.09
CA GLY B 294 73.38 79.21 6.12
C GLY B 294 73.93 78.17 5.18
N ASP B 295 74.74 77.24 5.71
CA ASP B 295 75.25 76.12 4.93
C ASP B 295 75.24 74.87 5.81
N VAL B 296 75.65 73.75 5.24
CA VAL B 296 75.72 72.48 5.95
C VAL B 296 77.08 71.85 5.67
N PHE B 297 77.77 71.43 6.73
CA PHE B 297 79.01 70.71 6.57
C PHE B 297 78.69 69.30 6.12
N SER B 298 78.71 69.06 4.82
CA SER B 298 78.45 67.74 4.27
C SER B 298 79.53 67.41 3.23
N PRO B 299 80.70 66.97 3.68
CA PRO B 299 81.72 66.56 2.72
C PRO B 299 81.36 65.23 2.09
N VAL B 300 82.03 64.93 0.98
CA VAL B 300 81.80 63.70 0.23
C VAL B 300 83.11 62.93 0.22
N PHE B 301 83.05 61.67 0.66
CA PHE B 301 84.21 60.79 0.73
C PHE B 301 84.20 59.83 -0.45
N GLU B 302 85.35 59.69 -1.10
CA GLU B 302 85.50 58.71 -2.16
C GLU B 302 86.80 57.94 -1.96
N PRO B 303 86.83 56.64 -2.22
CA PRO B 303 88.08 55.89 -2.07
C PRO B 303 89.01 56.18 -3.24
N VAL B 304 90.30 56.14 -2.98
CA VAL B 304 91.27 56.27 -4.05
C VAL B 304 91.73 54.86 -4.42
N GLN B 305 92.03 54.62 -5.70
CA GLN B 305 92.37 53.29 -6.18
C GLN B 305 93.85 52.98 -6.07
N VAL B 306 94.54 53.56 -5.11
CA VAL B 306 95.93 53.22 -4.87
C VAL B 306 95.98 52.06 -3.89
N GLU B 307 97.08 51.31 -3.92
CA GLU B 307 97.29 50.19 -3.02
C GLU B 307 97.94 50.62 -1.70
N VAL B 308 98.62 51.76 -1.69
CA VAL B 308 99.55 52.12 -0.63
C VAL B 308 99.41 53.60 -0.34
N GLY B 309 99.35 53.95 0.95
CA GLY B 309 99.37 55.35 1.33
C GLY B 309 100.71 55.98 1.05
N PHE B 310 100.66 57.21 0.52
CA PHE B 310 101.84 58.01 0.23
C PHE B 310 101.80 59.29 1.05
N HIS B 311 102.91 60.01 1.01
CA HIS B 311 103.05 61.37 1.54
C HIS B 311 102.76 61.47 3.03
N THR B 312 103.08 60.44 3.77
CA THR B 312 102.98 60.55 5.20
C THR B 312 104.37 60.58 5.82
N PRO B 313 104.54 61.14 7.02
CA PRO B 313 105.83 61.03 7.71
C PRO B 313 106.10 59.64 8.29
N ARG B 314 105.12 58.74 8.27
CA ARG B 314 105.30 57.40 8.81
C ARG B 314 106.12 56.50 7.91
N LEU B 315 106.46 56.94 6.70
CA LEU B 315 107.31 56.18 5.79
C LEU B 315 108.76 56.67 5.86
N SER B 316 109.21 57.04 7.05
CA SER B 316 110.53 57.65 7.21
C SER B 316 111.68 56.67 7.04
N ASP B 317 111.42 55.36 7.05
CA ASP B 317 112.48 54.40 6.87
C ASP B 317 112.74 54.08 5.41
N GLY B 318 111.75 54.36 4.55
CA GLY B 318 111.87 54.04 3.14
C GLY B 318 112.96 54.80 2.44
N ILE B 319 113.27 56.01 2.90
CA ILE B 319 114.34 56.78 2.29
C ILE B 319 115.70 56.15 2.61
N ASP B 320 115.87 55.57 3.79
CA ASP B 320 117.11 54.88 4.10
C ASP B 320 117.20 53.55 3.36
N ILE B 321 116.06 52.88 3.16
CA ILE B 321 116.06 51.66 2.35
C ILE B 321 116.47 51.96 0.91
N VAL B 322 115.94 53.05 0.34
CA VAL B 322 116.31 53.45 -1.01
C VAL B 322 117.76 53.90 -1.06
N ALA B 323 118.27 54.53 0.00
CA ALA B 323 119.68 54.91 0.03
C ALA B 323 120.59 53.69 0.05
N GLY B 324 120.23 52.67 0.84
CA GLY B 324 121.01 51.44 0.87
C GLY B 324 120.98 50.69 -0.45
N TRP B 325 119.80 50.62 -1.08
CA TRP B 325 119.73 49.96 -2.38
C TRP B 325 120.41 50.75 -3.47
N ALA B 326 120.44 52.07 -3.34
CA ALA B 326 121.13 52.90 -4.33
C ALA B 326 122.64 52.74 -4.21
N GLU B 327 123.16 52.67 -3.00
CA GLU B 327 124.60 52.47 -2.86
C GLU B 327 125.00 51.03 -3.12
N LYS B 328 124.07 50.07 -3.01
CA LYS B 328 124.37 48.72 -3.49
C LYS B 328 124.32 48.63 -5.00
N ALA B 329 123.49 49.45 -5.64
CA ALA B 329 123.46 49.51 -7.09
C ALA B 329 124.51 50.50 -7.58
N GLY B 330 124.54 50.74 -8.88
CA GLY B 330 125.56 51.58 -9.48
C GLY B 330 125.22 53.04 -9.61
N LEU B 331 124.09 53.49 -9.08
CA LEU B 331 123.68 54.88 -9.25
C LEU B 331 123.92 55.66 -7.96
N ASP B 332 123.68 56.97 -8.03
CA ASP B 332 124.05 57.89 -6.96
C ASP B 332 123.10 57.77 -5.77
N VAL B 333 123.37 58.55 -4.73
CA VAL B 333 122.60 58.49 -3.50
C VAL B 333 121.84 59.79 -3.22
N ALA B 334 122.34 60.93 -3.68
CA ALA B 334 121.78 62.22 -3.27
C ALA B 334 120.43 62.47 -3.93
N LEU B 335 120.37 62.38 -5.26
CA LEU B 335 119.11 62.58 -5.96
C LEU B 335 118.14 61.45 -5.69
N ALA B 336 118.65 60.25 -5.38
CA ALA B 336 117.82 59.13 -4.97
C ALA B 336 117.10 59.44 -3.66
N ARG B 337 117.85 59.90 -2.65
CA ARG B 337 117.26 60.24 -1.36
C ARG B 337 116.33 61.44 -1.49
N GLU B 338 116.67 62.38 -2.38
CA GLU B 338 115.83 63.55 -2.60
C GLU B 338 114.48 63.19 -3.21
N LEU B 339 114.49 62.36 -4.25
CA LEU B 339 113.24 61.95 -4.88
C LEU B 339 112.43 61.03 -3.97
N ALA B 340 113.11 60.23 -3.14
CA ALA B 340 112.39 59.43 -2.16
C ALA B 340 111.69 60.30 -1.12
N ASP B 341 112.36 61.37 -0.69
CA ASP B 341 111.71 62.36 0.17
C ASP B 341 110.52 63.00 -0.53
N ALA B 342 110.69 63.33 -1.81
CA ALA B 342 109.66 64.08 -2.52
C ALA B 342 108.44 63.25 -2.83
N ILE B 343 108.57 61.93 -2.94
CA ILE B 343 107.44 61.09 -3.32
C ILE B 343 106.92 60.23 -2.16
N LEU B 344 107.66 60.13 -1.06
CA LEU B 344 107.20 59.30 0.05
C LEU B 344 106.75 60.08 1.27
N ILE B 345 107.37 61.24 1.56
CA ILE B 345 107.14 61.95 2.81
C ILE B 345 106.61 63.36 2.56
N ARG B 346 107.34 64.14 1.76
CA ARG B 346 107.04 65.56 1.57
C ARG B 346 105.76 65.73 0.77
N LYS B 347 104.82 66.49 1.32
CA LYS B 347 103.51 66.65 0.73
C LYS B 347 103.57 67.55 -0.50
N VAL B 348 102.43 67.65 -1.19
CA VAL B 348 102.34 68.42 -2.41
C VAL B 348 101.16 69.38 -2.29
N ASP B 349 101.18 70.41 -3.13
CA ASP B 349 100.15 71.46 -3.09
C ASP B 349 99.83 71.87 -4.53
N TRP B 350 98.77 71.28 -5.05
CA TRP B 350 98.49 71.41 -6.48
C TRP B 350 97.96 72.78 -6.83
N VAL B 351 97.31 73.45 -5.87
CA VAL B 351 96.72 74.77 -6.13
C VAL B 351 97.81 75.80 -6.34
N ASP B 352 98.76 75.91 -5.40
CA ASP B 352 99.79 76.91 -5.65
C ASP B 352 100.79 76.45 -6.70
N GLU B 353 100.84 75.15 -7.00
CA GLU B 353 101.60 74.71 -8.17
C GLU B 353 101.00 75.27 -9.47
N ILE B 354 99.68 75.16 -9.64
CA ILE B 354 99.12 75.66 -10.89
C ILE B 354 99.04 77.19 -10.90
N THR B 355 98.99 77.83 -9.73
CA THR B 355 99.07 79.29 -9.79
C THR B 355 100.49 79.76 -10.05
N ARG B 356 101.49 78.96 -9.69
CA ARG B 356 102.85 79.24 -10.14
C ARG B 356 102.95 79.10 -11.65
N VAL B 357 102.25 78.11 -12.20
CA VAL B 357 102.17 77.95 -13.66
C VAL B 357 101.54 79.20 -14.30
N HIS B 358 100.43 79.67 -13.74
CA HIS B 358 99.75 80.81 -14.33
C HIS B 358 100.51 82.12 -14.10
N ALA B 359 101.29 82.19 -13.03
CA ALA B 359 102.16 83.36 -12.84
C ALA B 359 103.33 83.33 -13.80
N ALA B 360 103.78 82.12 -14.19
CA ALA B 360 104.70 82.03 -15.31
C ALA B 360 104.03 82.45 -16.61
N GLY B 361 102.73 82.21 -16.73
CA GLY B 361 101.94 82.79 -17.79
C GLY B 361 101.65 81.89 -18.97
N ALA B 362 101.48 80.60 -18.76
CA ALA B 362 101.20 79.67 -19.85
C ALA B 362 99.74 79.79 -20.26
N ARG B 363 99.50 80.17 -21.50
CA ARG B 363 98.14 80.28 -22.01
C ARG B 363 97.60 78.97 -22.53
N TRP B 364 98.40 77.90 -22.53
CA TRP B 364 97.90 76.56 -22.80
C TRP B 364 98.58 75.60 -21.84
N ILE B 365 97.94 74.46 -21.60
CA ILE B 365 98.51 73.47 -20.69
C ILE B 365 98.27 72.07 -21.24
N LEU B 366 99.35 71.42 -21.69
CA LEU B 366 99.36 70.01 -21.98
C LEU B 366 99.39 69.23 -20.69
N ASP B 367 98.77 68.06 -20.67
CA ASP B 367 99.20 67.07 -19.70
C ASP B 367 99.51 65.77 -20.40
N LEU B 368 100.46 65.04 -19.84
CA LEU B 368 101.01 63.86 -20.46
C LEU B 368 100.70 62.59 -19.69
N GLY B 369 100.11 62.71 -18.51
CA GLY B 369 99.92 61.60 -17.62
C GLY B 369 98.96 60.55 -18.13
N PRO B 370 98.88 59.42 -17.43
CA PRO B 370 98.01 58.33 -17.87
C PRO B 370 96.55 58.69 -17.67
N GLY B 371 95.76 58.42 -18.71
CA GLY B 371 94.34 58.72 -18.65
C GLY B 371 94.05 60.20 -18.68
N ASP B 372 92.87 60.55 -18.17
CA ASP B 372 92.41 61.92 -18.12
C ASP B 372 92.09 62.37 -16.69
N ILE B 373 92.67 61.70 -15.69
CA ILE B 373 92.42 62.08 -14.31
C ILE B 373 93.03 63.45 -14.02
N LEU B 374 94.13 63.79 -14.68
CA LEU B 374 94.73 65.09 -14.40
C LEU B 374 93.95 66.20 -15.06
N THR B 375 93.32 65.95 -16.21
CA THR B 375 92.39 66.93 -16.77
C THR B 375 91.17 67.11 -15.89
N ARG B 376 90.58 65.99 -15.43
CA ARG B 376 89.40 66.08 -14.59
C ARG B 376 89.71 66.56 -13.18
N LEU B 377 90.99 66.64 -12.80
CA LEU B 377 91.37 67.26 -11.55
C LEU B 377 91.82 68.70 -11.71
N THR B 378 92.32 69.09 -12.87
CA THR B 378 92.75 70.47 -13.06
C THR B 378 91.65 71.38 -13.57
N ALA B 379 90.56 70.82 -14.11
CA ALA B 379 89.50 71.68 -14.61
C ALA B 379 88.84 72.57 -13.56
N PRO B 380 88.47 72.11 -12.35
CA PRO B 380 87.90 73.06 -11.38
C PRO B 380 88.90 74.03 -10.77
N VAL B 381 90.20 73.89 -11.02
CA VAL B 381 91.17 74.78 -10.38
C VAL B 381 91.70 75.85 -11.35
N ILE B 382 91.67 75.61 -12.66
CA ILE B 382 91.85 76.68 -13.63
C ILE B 382 90.53 76.98 -14.33
N ARG B 383 89.43 76.66 -13.66
CA ARG B 383 88.08 76.90 -14.16
C ARG B 383 87.85 78.36 -14.53
N GLY B 384 88.32 79.29 -13.71
CA GLY B 384 88.05 80.68 -13.98
C GLY B 384 89.25 81.52 -14.37
N LEU B 385 90.14 80.97 -15.18
CA LEU B 385 91.35 81.68 -15.53
C LEU B 385 91.57 81.83 -17.03
N GLY B 386 90.84 81.10 -17.86
CA GLY B 386 91.01 81.23 -19.30
C GLY B 386 92.22 80.50 -19.85
N ILE B 387 92.52 79.32 -19.33
CA ILE B 387 93.63 78.49 -19.81
C ILE B 387 93.04 77.20 -20.32
N GLY B 388 93.55 76.71 -21.44
CA GLY B 388 93.02 75.52 -22.08
C GLY B 388 93.87 74.29 -21.83
N ILE B 389 93.24 73.26 -21.28
CA ILE B 389 93.91 71.98 -21.08
C ILE B 389 93.82 71.16 -22.36
N VAL B 390 94.84 70.35 -22.60
CA VAL B 390 94.82 69.36 -23.67
C VAL B 390 95.38 68.03 -23.18
N PRO B 391 94.64 66.94 -23.31
CA PRO B 391 95.15 65.62 -22.93
C PRO B 391 96.11 65.07 -23.98
N ALA B 392 97.12 64.35 -23.50
CA ALA B 392 97.87 63.46 -24.35
C ALA B 392 97.45 62.03 -24.03
N ALA B 393 98.09 61.07 -24.71
CA ALA B 393 97.93 59.63 -24.47
C ALA B 393 96.49 59.17 -24.61
N THR B 394 95.72 59.85 -25.46
CA THR B 394 94.30 59.57 -25.63
C THR B 394 94.01 59.81 -27.11
N ARG B 395 93.13 59.01 -27.70
CA ARG B 395 92.75 59.25 -29.08
C ARG B 395 92.01 60.56 -29.23
N GLY B 396 91.13 60.89 -28.28
CA GLY B 396 90.48 62.18 -28.28
C GLY B 396 91.46 63.32 -28.06
N GLY B 397 92.47 63.09 -27.22
CA GLY B 397 93.48 64.11 -27.01
C GLY B 397 94.35 64.33 -28.24
N GLN B 398 94.66 63.25 -28.96
CA GLN B 398 95.47 63.38 -30.17
C GLN B 398 94.69 64.03 -31.29
N ARG B 399 93.38 63.73 -31.42
CA ARG B 399 92.62 64.40 -32.47
C ARG B 399 92.34 65.86 -32.13
N ASN B 400 92.19 66.20 -30.85
CA ASN B 400 92.09 67.59 -30.46
C ASN B 400 93.43 68.31 -30.55
N LEU B 401 94.53 67.57 -30.50
CA LEU B 401 95.85 68.15 -30.55
C LEU B 401 96.34 68.30 -31.99
N PHE B 402 95.77 67.54 -32.92
CA PHE B 402 96.25 67.46 -34.28
C PHE B 402 95.28 67.98 -35.33
N THR B 403 93.98 67.78 -35.17
CA THR B 403 93.04 68.20 -36.20
C THR B 403 92.88 69.72 -36.17
N VAL B 404 92.91 70.35 -37.35
CA VAL B 404 92.78 71.80 -37.43
C VAL B 404 91.38 72.24 -37.02
N GLY B 405 90.36 71.56 -37.51
CA GLY B 405 88.99 71.90 -37.16
C GLY B 405 88.55 71.49 -35.77
N ALA B 406 89.36 70.73 -35.06
CA ALA B 406 89.03 70.24 -33.72
C ALA B 406 90.08 70.75 -32.74
N THR B 407 89.84 71.93 -32.18
CA THR B 407 90.63 72.52 -31.12
C THR B 407 89.71 72.81 -29.94
N PRO B 408 90.21 72.72 -28.70
CA PRO B 408 89.33 72.93 -27.55
C PRO B 408 88.93 74.39 -27.40
N GLU B 409 87.74 74.60 -26.85
CA GLU B 409 87.16 75.93 -26.72
C GLU B 409 87.45 76.47 -25.33
N VAL B 410 88.38 77.42 -25.25
CA VAL B 410 88.76 78.02 -23.97
C VAL B 410 87.68 79.01 -23.56
N ALA B 411 87.13 78.83 -22.37
CA ALA B 411 86.14 79.75 -21.86
C ALA B 411 86.77 81.09 -21.50
N ARG B 412 85.92 82.10 -21.38
CA ARG B 412 86.41 83.46 -21.18
C ARG B 412 86.83 83.68 -19.74
N ALA B 413 87.75 84.63 -19.54
CA ALA B 413 88.18 85.00 -18.21
C ALA B 413 87.14 85.89 -17.56
N TRP B 414 87.38 86.25 -16.30
CA TRP B 414 86.39 86.99 -15.51
C TRP B 414 86.76 88.46 -15.35
N SER B 415 88.05 88.78 -15.48
CA SER B 415 88.45 90.17 -15.64
C SER B 415 87.91 90.79 -16.92
N SER B 416 87.52 89.97 -17.90
CA SER B 416 86.78 90.51 -19.04
C SER B 416 85.36 90.90 -18.63
N TYR B 417 84.75 90.14 -17.72
CA TYR B 417 83.40 90.49 -17.28
C TYR B 417 83.37 91.64 -16.30
N ALA B 418 84.53 92.05 -15.78
CA ALA B 418 84.62 93.27 -14.98
C ALA B 418 84.08 94.48 -15.74
N PRO B 419 83.33 95.38 -15.09
CA PRO B 419 82.56 96.40 -15.81
C PRO B 419 83.41 97.54 -16.33
N THR B 420 82.76 98.45 -17.07
CA THR B 420 83.49 99.50 -17.77
C THR B 420 82.73 100.82 -17.59
N VAL B 421 83.36 101.93 -18.02
CA VAL B 421 82.82 103.28 -17.84
C VAL B 421 82.60 103.88 -19.23
N VAL B 422 81.45 104.53 -19.42
CA VAL B 422 81.17 105.23 -20.68
C VAL B 422 80.77 106.66 -20.37
N ARG B 423 80.82 107.50 -21.41
CA ARG B 423 80.39 108.89 -21.33
C ARG B 423 79.28 109.13 -22.34
N LEU B 424 78.12 109.53 -21.85
CA LEU B 424 76.99 109.87 -22.69
C LEU B 424 77.23 111.22 -23.38
N PRO B 425 76.57 111.48 -24.52
CA PRO B 425 76.88 112.71 -25.27
C PRO B 425 76.37 114.01 -24.69
N ASP B 426 75.85 113.99 -23.46
CA ASP B 426 75.59 115.23 -22.75
C ASP B 426 76.64 115.53 -21.68
N GLY B 427 77.68 114.72 -21.59
CA GLY B 427 78.72 114.89 -20.60
C GLY B 427 78.55 114.07 -19.35
N ARG B 428 77.44 113.34 -19.22
CA ARG B 428 77.27 112.46 -18.07
C ARG B 428 78.15 111.23 -18.21
N VAL B 429 78.56 110.70 -17.06
CA VAL B 429 79.49 109.57 -17.00
C VAL B 429 78.79 108.42 -16.31
N LYS B 430 78.57 107.33 -17.03
CA LYS B 430 77.73 106.25 -16.53
C LYS B 430 78.46 104.92 -16.60
N LEU B 431 77.89 103.93 -15.93
CA LEU B 431 78.47 102.61 -15.82
C LEU B 431 77.91 101.72 -16.93
N SER B 432 78.76 100.84 -17.46
CA SER B 432 78.36 99.92 -18.51
C SER B 432 78.71 98.51 -18.07
N THR B 433 77.68 97.72 -17.81
CA THR B 433 77.74 96.27 -17.67
C THR B 433 76.93 95.67 -18.80
N LYS B 434 76.95 94.34 -18.89
CA LYS B 434 76.22 93.73 -20.00
C LYS B 434 74.72 93.71 -19.77
N PHE B 435 74.25 93.95 -18.55
CA PHE B 435 72.83 94.22 -18.36
C PHE B 435 72.45 95.54 -19.00
N THR B 436 73.26 96.57 -18.81
CA THR B 436 73.00 97.86 -19.46
C THR B 436 73.14 97.73 -20.96
N ARG B 437 74.07 96.89 -21.42
CA ARG B 437 74.20 96.64 -22.84
C ARG B 437 72.97 95.91 -23.40
N LEU B 438 72.38 95.02 -22.62
CA LEU B 438 71.20 94.30 -23.09
C LEU B 438 69.98 95.21 -23.11
N THR B 439 69.61 95.76 -21.96
CA THR B 439 68.39 96.56 -21.88
C THR B 439 68.61 97.97 -22.40
N GLY B 440 69.48 98.72 -21.74
CA GLY B 440 69.64 100.12 -22.07
C GLY B 440 69.39 100.98 -20.86
N ARG B 441 69.34 100.35 -19.70
CA ARG B 441 68.98 101.03 -18.46
C ARG B 441 70.05 100.76 -17.41
N SER B 442 69.95 101.49 -16.30
CA SER B 442 70.99 101.51 -15.29
C SER B 442 71.04 100.19 -14.53
N PRO B 443 72.23 99.75 -14.08
CA PRO B 443 72.32 98.42 -13.47
C PRO B 443 71.74 98.32 -12.08
N ILE B 444 71.28 99.41 -11.50
CA ILE B 444 70.53 99.36 -10.26
C ILE B 444 69.07 99.19 -10.62
N LEU B 445 68.42 98.21 -10.02
CA LEU B 445 67.06 97.87 -10.41
C LEU B 445 66.08 98.34 -9.36
N LEU B 446 64.81 98.00 -9.55
CA LEU B 446 63.78 98.30 -8.58
C LEU B 446 62.79 97.15 -8.63
N ALA B 447 62.82 96.30 -7.62
CA ALA B 447 62.14 95.03 -7.67
C ALA B 447 60.64 95.18 -7.53
N GLY B 448 59.93 94.12 -7.92
CA GLY B 448 58.49 94.08 -7.73
C GLY B 448 58.16 93.73 -6.30
N MET B 449 57.40 94.59 -5.63
CA MET B 449 57.13 94.46 -4.21
C MET B 449 55.63 94.65 -4.00
N THR B 450 54.96 93.67 -3.41
CA THR B 450 53.50 93.70 -3.38
C THR B 450 52.86 94.79 -2.53
N PRO B 451 53.39 95.23 -1.39
CA PRO B 451 52.81 96.45 -0.81
C PRO B 451 53.36 97.70 -1.45
N THR B 452 54.65 97.71 -1.78
CA THR B 452 55.32 98.98 -2.07
C THR B 452 55.18 99.39 -3.53
N THR B 453 55.62 98.55 -4.46
CA THR B 453 55.60 98.87 -5.87
C THR B 453 54.33 98.41 -6.54
N VAL B 454 53.21 98.40 -5.80
CA VAL B 454 51.90 98.20 -6.41
C VAL B 454 51.32 99.51 -6.90
N ASP B 455 52.07 100.60 -6.82
CA ASP B 455 51.53 101.92 -7.08
C ASP B 455 52.23 102.62 -8.24
N ALA B 456 51.40 103.29 -9.03
CA ALA B 456 51.82 103.91 -10.28
C ALA B 456 52.81 105.04 -10.04
N LYS B 457 52.73 105.72 -8.91
CA LYS B 457 53.59 106.86 -8.64
C LYS B 457 55.05 106.46 -8.53
N ILE B 458 55.33 105.46 -7.69
CA ILE B 458 56.72 105.04 -7.51
C ILE B 458 57.23 104.30 -8.74
N VAL B 459 56.38 103.49 -9.39
CA VAL B 459 56.94 102.76 -10.52
C VAL B 459 57.13 103.67 -11.73
N ALA B 460 56.30 104.70 -11.89
CA ALA B 460 56.49 105.65 -12.97
C ALA B 460 57.65 106.59 -12.70
N ALA B 461 57.86 107.00 -11.45
CA ALA B 461 59.01 107.86 -11.15
C ALA B 461 60.32 107.10 -11.34
N ALA B 462 60.36 105.84 -10.93
CA ALA B 462 61.58 105.06 -11.14
C ALA B 462 61.81 104.75 -12.61
N ALA B 463 60.74 104.64 -13.40
CA ALA B 463 60.96 104.46 -14.83
C ALA B 463 61.34 105.75 -15.53
N ASN B 464 60.85 106.89 -15.05
CA ASN B 464 61.24 108.16 -15.67
C ASN B 464 62.66 108.54 -15.30
N ALA B 465 63.16 108.04 -14.17
CA ALA B 465 64.54 108.30 -13.82
C ALA B 465 65.53 107.54 -14.70
N GLY B 466 65.07 106.57 -15.47
CA GLY B 466 65.94 105.78 -16.32
C GLY B 466 66.43 104.53 -15.63
N HIS B 467 65.51 103.76 -15.07
CA HIS B 467 65.89 102.58 -14.30
C HIS B 467 64.89 101.47 -14.56
N TRP B 468 65.29 100.26 -14.22
CA TRP B 468 64.41 99.10 -14.32
C TRP B 468 63.36 99.17 -13.23
N ALA B 469 62.22 99.77 -13.54
CA ALA B 469 61.10 99.84 -12.62
C ALA B 469 60.17 98.68 -12.90
N GLU B 470 59.46 98.22 -11.88
CA GLU B 470 58.74 96.96 -11.97
C GLU B 470 57.44 97.05 -11.18
N LEU B 471 56.33 97.19 -11.89
CA LEU B 471 55.02 97.21 -11.27
C LEU B 471 54.69 95.85 -10.68
N ALA B 472 54.23 95.84 -9.44
CA ALA B 472 53.95 94.59 -8.76
C ALA B 472 52.71 93.94 -9.33
N GLY B 473 52.57 92.65 -9.11
CA GLY B 473 51.47 91.92 -9.68
C GLY B 473 50.54 91.36 -8.63
N GLY B 474 50.99 91.35 -7.39
CA GLY B 474 50.21 90.80 -6.32
C GLY B 474 49.14 91.70 -5.74
N GLY B 475 48.84 92.82 -6.39
CA GLY B 475 47.80 93.69 -5.88
C GLY B 475 46.72 93.97 -6.91
N GLN B 476 47.03 93.76 -8.18
CA GLN B 476 46.06 93.94 -9.27
C GLN B 476 45.24 92.67 -9.29
N VAL B 477 44.20 92.62 -8.46
CA VAL B 477 43.44 91.41 -8.28
C VAL B 477 42.20 91.32 -9.19
N THR B 478 41.74 92.43 -9.75
CA THR B 478 40.58 92.42 -10.63
C THR B 478 40.87 93.22 -11.89
N GLU B 479 39.98 93.01 -12.87
CA GLU B 479 40.15 93.61 -14.19
C GLU B 479 40.00 95.12 -14.15
N GLU B 480 39.12 95.62 -13.29
CA GLU B 480 38.92 97.06 -13.19
C GLU B 480 40.14 97.75 -12.60
N ILE B 481 40.71 97.16 -11.55
CA ILE B 481 41.92 97.71 -10.94
C ILE B 481 43.09 97.63 -11.91
N PHE B 482 43.16 96.54 -12.68
CA PHE B 482 44.25 96.38 -13.65
C PHE B 482 44.17 97.42 -14.74
N GLY B 483 43.00 97.60 -15.34
CA GLY B 483 42.82 98.62 -16.37
C GLY B 483 43.02 100.03 -15.85
N ASN B 484 42.62 100.29 -14.60
CA ASN B 484 42.83 101.61 -14.03
C ASN B 484 44.31 101.88 -13.80
N ARG B 485 45.09 100.87 -13.41
CA ARG B 485 46.51 101.13 -13.20
C ARG B 485 47.26 101.27 -14.52
N ILE B 486 46.83 100.56 -15.57
CA ILE B 486 47.42 100.77 -16.88
C ILE B 486 47.12 102.19 -17.36
N GLU B 487 45.90 102.67 -17.09
CA GLU B 487 45.55 104.04 -17.45
C GLU B 487 46.37 105.07 -16.67
N GLN B 488 46.60 104.82 -15.37
CA GLN B 488 47.42 105.72 -14.57
C GLN B 488 48.86 105.78 -15.06
N MET B 489 49.42 104.63 -15.42
CA MET B 489 50.80 104.60 -15.90
C MET B 489 50.95 105.31 -17.23
N ALA B 490 49.97 105.13 -18.13
CA ALA B 490 49.99 105.86 -19.38
C ALA B 490 49.83 107.36 -19.16
N GLY B 491 49.12 107.75 -18.10
CA GLY B 491 49.06 109.16 -17.78
C GLY B 491 50.37 109.70 -17.21
N LEU B 492 51.06 108.90 -16.40
CA LEU B 492 52.19 109.41 -15.65
C LEU B 492 53.50 109.41 -16.41
N LEU B 493 53.72 108.48 -17.33
CA LEU B 493 55.00 108.46 -18.01
C LEU B 493 55.12 109.59 -19.02
N GLU B 494 56.34 110.04 -19.27
CA GLU B 494 56.59 110.92 -20.40
C GLU B 494 56.71 110.08 -21.67
N PRO B 495 56.62 110.69 -22.86
CA PRO B 495 56.84 109.92 -24.09
C PRO B 495 58.23 109.31 -24.17
N GLY B 496 58.24 108.01 -24.48
CA GLY B 496 59.46 107.26 -24.70
C GLY B 496 59.75 106.23 -23.63
N ARG B 497 59.45 106.54 -22.37
CA ARG B 497 59.84 105.66 -21.29
C ARG B 497 58.90 104.46 -21.21
N THR B 498 59.45 103.35 -20.73
CA THR B 498 58.74 102.09 -20.60
C THR B 498 58.85 101.61 -19.16
N TYR B 499 58.04 100.61 -18.81
CA TYR B 499 58.09 99.99 -17.50
C TYR B 499 57.89 98.49 -17.67
N GLN B 500 58.02 97.76 -16.56
CA GLN B 500 58.01 96.31 -16.59
C GLN B 500 56.86 95.82 -15.74
N PHE B 501 56.80 94.50 -15.55
CA PHE B 501 55.69 93.91 -14.85
C PHE B 501 56.16 92.66 -14.12
N ASN B 502 55.64 92.42 -12.94
CA ASN B 502 55.96 91.26 -12.13
C ASN B 502 54.75 90.36 -12.08
N ALA B 503 54.96 89.06 -12.18
CA ALA B 503 53.85 88.11 -12.19
C ALA B 503 54.16 86.97 -11.23
N LEU B 504 53.34 86.82 -10.21
CA LEU B 504 53.50 85.68 -9.32
C LEU B 504 53.04 84.41 -10.02
N PHE B 505 53.84 83.36 -9.93
CA PHE B 505 53.54 82.15 -10.70
C PHE B 505 52.71 81.15 -9.94
N LEU B 506 53.06 80.85 -8.69
CA LEU B 506 52.36 79.81 -7.95
C LEU B 506 51.12 80.33 -7.22
N ASP B 507 50.73 81.57 -7.46
CA ASP B 507 49.42 82.05 -7.04
C ASP B 507 48.47 81.74 -8.17
N PRO B 508 47.59 80.75 -8.04
CA PRO B 508 46.87 80.22 -9.20
C PRO B 508 45.84 81.15 -9.82
N TYR B 509 44.96 81.74 -9.01
CA TYR B 509 43.95 82.65 -9.53
C TYR B 509 44.57 83.90 -10.11
N LEU B 510 45.58 84.42 -9.43
CA LEU B 510 46.26 85.62 -9.91
C LEU B 510 47.03 85.34 -11.18
N TRP B 511 47.62 84.14 -11.30
CA TRP B 511 48.35 83.81 -12.52
C TRP B 511 47.41 83.60 -13.70
N LYS B 512 46.27 82.96 -13.47
CA LYS B 512 45.30 82.81 -14.55
C LYS B 512 44.70 84.15 -14.96
N LEU B 513 44.59 85.09 -14.03
CA LEU B 513 44.08 86.40 -14.43
C LEU B 513 45.12 87.23 -15.14
N GLN B 514 46.39 87.18 -14.69
CA GLN B 514 47.40 88.03 -15.30
C GLN B 514 47.86 87.49 -16.64
N VAL B 515 48.32 86.23 -16.67
CA VAL B 515 49.04 85.68 -17.81
C VAL B 515 48.31 84.50 -18.43
N GLY B 516 47.99 83.49 -17.63
CA GLY B 516 47.51 82.23 -18.16
C GLY B 516 46.14 82.20 -18.78
N GLY B 517 45.08 82.31 -17.97
CA GLY B 517 43.74 82.11 -18.48
C GLY B 517 43.23 83.26 -19.31
N LYS B 518 42.94 84.39 -18.67
CA LYS B 518 42.88 85.62 -19.43
C LYS B 518 44.29 86.10 -19.67
N ARG B 519 44.47 86.90 -20.71
CA ARG B 519 45.80 87.36 -21.03
C ARG B 519 45.77 88.87 -20.92
N LEU B 520 45.85 89.38 -19.69
CA LEU B 520 45.64 90.80 -19.52
C LEU B 520 46.90 91.59 -19.84
N VAL B 521 48.06 91.03 -19.50
CA VAL B 521 49.33 91.67 -19.85
C VAL B 521 49.51 91.67 -21.37
N GLN B 522 49.15 90.57 -22.02
CA GLN B 522 49.25 90.46 -23.46
C GLN B 522 48.27 91.41 -24.16
N LYS B 523 47.05 91.53 -23.63
CA LYS B 523 46.09 92.44 -24.24
C LYS B 523 46.49 93.89 -24.04
N ALA B 524 47.08 94.21 -22.90
CA ALA B 524 47.57 95.57 -22.68
C ALA B 524 48.74 95.89 -23.60
N ARG B 525 49.60 94.90 -23.86
CA ARG B 525 50.72 95.13 -24.76
C ARG B 525 50.25 95.27 -26.20
N GLN B 526 49.27 94.46 -26.60
CA GLN B 526 48.74 94.58 -27.95
C GLN B 526 47.94 95.86 -28.12
N SER B 527 47.34 96.37 -27.05
CA SER B 527 46.71 97.68 -27.14
C SER B 527 47.73 98.79 -27.21
N GLY B 528 48.91 98.58 -26.64
CA GLY B 528 49.97 99.55 -26.83
C GLY B 528 50.50 100.15 -25.56
N ALA B 529 50.37 99.44 -24.45
CA ALA B 529 51.01 99.86 -23.22
C ALA B 529 52.52 99.65 -23.32
N ALA B 530 53.25 100.28 -22.41
CA ALA B 530 54.71 100.33 -22.51
C ALA B 530 55.38 99.20 -21.76
N ILE B 531 54.76 98.03 -21.67
CA ILE B 531 55.37 96.91 -20.97
C ILE B 531 56.38 96.24 -21.88
N ASP B 532 57.66 96.26 -21.49
CA ASP B 532 58.69 95.55 -22.23
C ASP B 532 59.40 94.51 -21.37
N GLY B 533 58.70 93.94 -20.40
CA GLY B 533 59.35 92.96 -19.55
C GLY B 533 58.42 92.31 -18.57
N VAL B 534 58.48 91.00 -18.46
CA VAL B 534 57.70 90.23 -17.50
C VAL B 534 58.66 89.44 -16.63
N VAL B 535 58.51 89.57 -15.33
CA VAL B 535 59.36 88.92 -14.35
C VAL B 535 58.57 87.77 -13.75
N ILE B 536 59.07 86.55 -13.91
CA ILE B 536 58.41 85.39 -13.30
C ILE B 536 59.02 85.13 -11.94
N SER B 537 58.20 85.25 -10.91
CA SER B 537 58.60 85.15 -9.53
C SER B 537 57.93 83.95 -8.87
N ALA B 538 58.59 83.45 -7.82
CA ALA B 538 58.11 82.38 -6.94
C ALA B 538 57.82 81.10 -7.72
N GLY B 539 58.89 80.53 -8.26
CA GLY B 539 58.80 79.27 -8.97
C GLY B 539 59.30 79.34 -10.38
N ILE B 540 59.77 78.22 -10.92
CA ILE B 540 60.26 78.12 -12.30
C ILE B 540 59.42 77.06 -13.01
N PRO B 541 58.87 77.36 -14.18
CA PRO B 541 58.13 76.35 -14.92
C PRO B 541 59.06 75.30 -15.51
N ASP B 542 58.46 74.21 -16.00
CA ASP B 542 59.23 73.16 -16.64
C ASP B 542 59.63 73.59 -18.05
N LEU B 543 60.28 72.67 -18.76
CA LEU B 543 61.00 72.98 -20.00
C LEU B 543 60.07 73.44 -21.10
N ASP B 544 59.11 72.59 -21.46
CA ASP B 544 58.30 72.86 -22.64
C ASP B 544 57.38 74.06 -22.44
N GLU B 545 56.72 74.17 -21.27
CA GLU B 545 55.85 75.34 -21.10
C GLU B 545 56.65 76.61 -20.85
N ALA B 546 57.89 76.49 -20.36
CA ALA B 546 58.73 77.67 -20.24
C ALA B 546 59.14 78.18 -21.61
N VAL B 547 59.54 77.28 -22.50
CA VAL B 547 59.93 77.71 -23.86
C VAL B 547 58.72 78.23 -24.62
N GLU B 548 57.54 77.63 -24.40
CA GLU B 548 56.30 78.16 -24.96
C GLU B 548 55.98 79.55 -24.41
N LEU B 549 56.34 79.82 -23.16
CA LEU B 549 56.05 81.13 -22.60
C LEU B 549 56.98 82.18 -23.17
N ILE B 550 58.27 81.85 -23.30
CA ILE B 550 59.22 82.75 -23.95
C ILE B 550 58.80 83.05 -25.38
N ASP B 551 58.34 82.03 -26.12
CA ASP B 551 57.96 82.28 -27.51
C ASP B 551 56.63 83.02 -27.60
N GLU B 552 55.71 82.77 -26.67
CA GLU B 552 54.44 83.49 -26.66
C GLU B 552 54.66 84.98 -26.39
N LEU B 553 55.52 85.31 -25.43
CA LEU B 553 55.75 86.72 -25.16
C LEU B 553 56.63 87.38 -26.21
N GLY B 554 57.58 86.64 -26.79
CA GLY B 554 58.35 87.20 -27.89
C GLY B 554 57.57 87.38 -29.16
N ASP B 555 56.43 86.67 -29.29
CA ASP B 555 55.52 86.91 -30.40
C ASP B 555 54.99 88.34 -30.36
N ILE B 556 54.34 88.71 -29.26
CA ILE B 556 53.75 90.05 -29.16
C ILE B 556 54.82 91.11 -28.92
N GLY B 557 56.02 90.73 -28.48
CA GLY B 557 57.09 91.69 -28.40
C GLY B 557 57.40 92.19 -27.00
N ILE B 558 57.35 91.28 -26.02
CA ILE B 558 57.74 91.64 -24.66
C ILE B 558 59.25 91.76 -24.56
N SER B 559 59.96 90.75 -25.07
CA SER B 559 61.41 90.72 -25.30
C SER B 559 62.26 90.76 -24.05
N HIS B 560 61.68 90.71 -22.86
CA HIS B 560 62.45 90.52 -21.63
C HIS B 560 61.62 89.64 -20.69
N VAL B 561 61.79 88.34 -20.80
CA VAL B 561 61.12 87.40 -19.93
C VAL B 561 62.16 86.90 -18.95
N VAL B 562 62.12 87.38 -17.72
CA VAL B 562 63.19 87.08 -16.79
C VAL B 562 62.65 86.13 -15.73
N PHE B 563 63.58 85.42 -15.09
CA PHE B 563 63.22 84.47 -14.05
C PHE B 563 63.88 84.89 -12.75
N LYS B 564 63.27 84.56 -11.61
CA LYS B 564 64.03 84.62 -10.37
C LYS B 564 63.96 83.28 -9.64
N PRO B 565 65.10 82.60 -9.45
CA PRO B 565 65.09 81.31 -8.78
C PRO B 565 65.38 81.41 -7.30
N GLY B 566 65.03 80.38 -6.54
CA GLY B 566 65.29 80.37 -5.11
C GLY B 566 66.53 79.62 -4.69
N THR B 567 66.65 78.37 -5.12
CA THR B 567 67.71 77.48 -4.67
C THR B 567 68.62 77.11 -5.84
N ILE B 568 69.58 76.23 -5.55
CA ILE B 568 70.61 75.87 -6.53
C ILE B 568 70.02 75.04 -7.67
N GLU B 569 69.09 74.14 -7.35
CA GLU B 569 68.44 73.37 -8.39
C GLU B 569 67.50 74.23 -9.21
N GLN B 570 66.88 75.21 -8.56
CA GLN B 570 66.11 76.23 -9.27
C GLN B 570 66.98 77.03 -10.22
N ILE B 571 68.26 77.25 -9.86
CA ILE B 571 69.17 77.94 -10.77
C ILE B 571 69.53 77.04 -11.95
N ARG B 572 69.89 75.77 -11.68
CA ARG B 572 70.32 74.88 -12.74
C ARG B 572 69.20 74.55 -13.73
N SER B 573 67.95 74.63 -13.27
CA SER B 573 66.83 74.49 -14.20
C SER B 573 66.80 75.63 -15.22
N VAL B 574 67.13 76.85 -14.79
CA VAL B 574 67.11 77.94 -15.75
C VAL B 574 68.35 77.89 -16.63
N ILE B 575 69.46 77.33 -16.13
CA ILE B 575 70.58 77.02 -17.01
C ILE B 575 70.17 76.03 -18.10
N ARG B 576 69.35 75.04 -17.75
CA ARG B 576 68.83 74.13 -18.77
C ARG B 576 67.90 74.84 -19.75
N ILE B 577 67.12 75.82 -19.27
CA ILE B 577 66.26 76.62 -20.15
C ILE B 577 67.11 77.40 -21.14
N ALA B 578 68.14 78.08 -20.65
CA ALA B 578 68.96 78.90 -21.54
C ALA B 578 69.88 78.08 -22.42
N THR B 579 70.09 76.81 -22.08
CA THR B 579 70.79 75.93 -23.00
C THR B 579 69.86 75.45 -24.10
N GLU B 580 68.64 75.05 -23.75
CA GLU B 580 67.71 74.58 -24.76
C GLU B 580 67.09 75.70 -25.58
N VAL B 581 67.32 76.96 -25.21
CA VAL B 581 67.01 78.09 -26.06
C VAL B 581 68.30 78.85 -26.32
N PRO B 582 68.97 78.59 -27.44
CA PRO B 582 70.34 79.11 -27.59
C PRO B 582 70.42 80.60 -27.90
N THR B 583 69.56 81.10 -28.77
CA THR B 583 69.78 82.45 -29.29
C THR B 583 69.14 83.54 -28.44
N LYS B 584 68.08 83.23 -27.74
CA LYS B 584 67.40 84.28 -26.99
C LYS B 584 68.15 84.56 -25.69
N PRO B 585 68.19 85.82 -25.24
CA PRO B 585 68.84 86.12 -23.96
C PRO B 585 67.91 85.99 -22.77
N VAL B 586 68.43 85.40 -21.71
CA VAL B 586 67.67 85.06 -20.51
C VAL B 586 68.31 85.78 -19.32
N ILE B 587 67.47 86.34 -18.44
CA ILE B 587 67.92 87.14 -17.32
C ILE B 587 67.53 86.43 -16.02
N MET B 588 68.48 86.33 -15.12
CA MET B 588 68.37 85.75 -13.79
C MET B 588 68.25 86.85 -12.76
N HIS B 589 67.43 86.62 -11.74
CA HIS B 589 67.50 87.42 -10.52
C HIS B 589 67.75 86.46 -9.37
N VAL B 590 69.00 86.25 -9.04
CA VAL B 590 69.34 85.37 -7.92
C VAL B 590 69.03 86.14 -6.63
N GLU B 591 67.97 85.76 -5.94
CA GLU B 591 67.60 86.42 -4.70
C GLU B 591 67.94 85.51 -3.53
N GLY B 592 68.54 86.09 -2.50
CA GLY B 592 69.06 85.34 -1.38
C GLY B 592 68.00 85.05 -0.34
N GLY B 593 68.47 84.89 0.89
CA GLY B 593 67.57 84.63 1.99
C GLY B 593 67.35 85.77 2.92
N ARG B 594 68.14 86.83 2.79
CA ARG B 594 68.01 88.01 3.65
C ARG B 594 67.01 89.01 3.10
N ALA B 595 66.26 88.65 2.07
CA ALA B 595 65.27 89.54 1.49
C ALA B 595 64.05 89.62 2.39
N GLY B 596 63.30 90.70 2.23
CA GLY B 596 62.04 90.85 2.91
C GLY B 596 60.96 90.03 2.26
N GLY B 597 59.76 90.12 2.82
CA GLY B 597 58.66 89.34 2.29
C GLY B 597 58.85 87.89 2.67
N HIS B 598 58.59 86.99 1.73
CA HIS B 598 58.83 85.58 1.98
C HIS B 598 60.32 85.29 2.05
N HIS B 599 60.65 84.25 2.79
CA HIS B 599 61.95 84.08 3.42
C HIS B 599 62.53 82.75 2.97
N SER B 600 63.35 82.77 1.94
CA SER B 600 64.11 81.58 1.60
C SER B 600 65.20 81.37 2.64
N TRP B 601 65.58 80.11 2.84
CA TRP B 601 66.60 79.82 3.84
C TRP B 601 68.00 79.77 3.26
N GLU B 602 68.16 79.71 1.95
CA GLU B 602 69.47 79.63 1.35
C GLU B 602 70.20 80.96 1.47
N ASP B 603 71.51 80.91 1.33
CA ASP B 603 72.32 82.12 1.43
C ASP B 603 72.93 82.43 0.07
N LEU B 604 73.11 83.73 -0.17
CA LEU B 604 73.37 84.24 -1.51
C LEU B 604 74.73 83.81 -2.04
N ASP B 605 75.74 83.93 -1.19
CA ASP B 605 77.09 83.57 -1.59
C ASP B 605 77.21 82.07 -1.84
N ASP B 606 76.50 81.28 -1.04
CA ASP B 606 76.49 79.83 -1.24
C ASP B 606 75.83 79.46 -2.58
N LEU B 607 74.71 80.12 -2.89
CA LEU B 607 74.02 79.91 -4.17
C LEU B 607 74.93 80.21 -5.35
N LEU B 608 75.50 81.39 -5.38
CA LEU B 608 76.17 81.69 -6.64
C LEU B 608 77.63 81.22 -6.65
N LEU B 609 78.21 80.85 -5.51
CA LEU B 609 79.42 80.03 -5.55
C LEU B 609 79.14 78.64 -6.07
N ALA B 610 77.94 78.11 -5.85
CA ALA B 610 77.63 76.84 -6.47
C ALA B 610 77.44 76.99 -7.98
N THR B 611 76.89 78.10 -8.43
CA THR B 611 76.44 78.16 -9.82
C THR B 611 77.10 79.19 -10.72
N TYR B 612 78.19 79.84 -10.30
CA TYR B 612 78.71 80.96 -11.10
C TYR B 612 79.38 80.50 -12.37
N SER B 613 80.07 79.37 -12.32
CA SER B 613 80.74 78.87 -13.52
C SER B 613 79.75 78.37 -14.54
N GLU B 614 78.67 77.75 -14.09
CA GLU B 614 77.61 77.33 -15.00
C GLU B 614 76.87 78.52 -15.57
N LEU B 615 76.78 79.62 -14.82
CA LEU B 615 76.22 80.84 -15.39
C LEU B 615 77.12 81.44 -16.45
N ARG B 616 78.43 81.44 -16.24
CA ARG B 616 79.31 82.03 -17.24
C ARG B 616 79.64 81.09 -18.38
N SER B 617 79.31 79.81 -18.27
CA SER B 617 79.53 78.89 -19.39
C SER B 617 78.58 79.15 -20.54
N ARG B 618 77.38 79.64 -20.27
CA ARG B 618 76.48 80.08 -21.32
C ARG B 618 76.84 81.49 -21.72
N ALA B 619 76.34 81.92 -22.87
CA ALA B 619 76.69 83.22 -23.41
C ALA B 619 75.53 84.18 -23.49
N ASN B 620 74.33 83.75 -23.08
CA ASN B 620 73.14 84.59 -23.20
C ASN B 620 72.47 84.84 -21.87
N ILE B 621 73.14 84.59 -20.75
CA ILE B 621 72.54 84.73 -19.43
C ILE B 621 73.09 85.99 -18.79
N THR B 622 72.20 86.89 -18.38
CA THR B 622 72.53 88.05 -17.57
C THR B 622 72.10 87.75 -16.15
N VAL B 623 72.95 88.05 -15.16
CA VAL B 623 72.76 87.53 -13.80
C VAL B 623 72.68 88.72 -12.84
N CYS B 624 71.47 89.19 -12.55
CA CYS B 624 71.30 90.19 -11.49
C CYS B 624 71.13 89.49 -10.16
N VAL B 625 71.52 90.17 -9.07
CA VAL B 625 71.55 89.53 -7.77
C VAL B 625 70.84 90.46 -6.77
N GLY B 626 70.31 89.86 -5.71
CA GLY B 626 69.59 90.66 -4.75
C GLY B 626 69.37 89.92 -3.45
N GLY B 627 69.12 90.69 -2.40
CA GLY B 627 68.93 90.15 -1.08
C GLY B 627 69.99 90.64 -0.12
N GLY B 628 69.60 91.55 0.77
CA GLY B 628 70.55 92.09 1.73
C GLY B 628 71.56 93.04 1.14
N ILE B 629 71.13 93.93 0.25
CA ILE B 629 71.99 94.91 -0.36
C ILE B 629 71.64 96.27 0.24
N GLY B 630 72.53 96.80 1.05
CA GLY B 630 72.27 98.01 1.81
C GLY B 630 72.97 99.24 1.26
N THR B 631 74.12 99.56 1.86
CA THR B 631 74.90 100.72 1.47
C THR B 631 75.40 100.58 0.04
N PRO B 632 75.57 101.70 -0.68
CA PRO B 632 76.12 101.62 -2.03
C PRO B 632 77.55 101.12 -2.09
N ARG B 633 78.30 101.20 -0.98
CA ARG B 633 79.58 100.52 -0.89
C ARG B 633 79.41 99.02 -1.01
N ARG B 634 78.39 98.47 -0.34
CA ARG B 634 78.11 97.04 -0.44
C ARG B 634 77.62 96.68 -1.83
N ALA B 635 76.84 97.57 -2.44
CA ALA B 635 76.43 97.35 -3.83
C ALA B 635 77.63 97.32 -4.77
N ALA B 636 78.61 98.19 -4.53
CA ALA B 636 79.80 98.21 -5.37
C ALA B 636 80.68 96.99 -5.12
N GLU B 637 80.75 96.51 -3.88
CA GLU B 637 81.59 95.34 -3.64
C GLU B 637 80.92 94.05 -4.09
N TYR B 638 79.60 94.02 -4.24
CA TYR B 638 79.00 92.90 -4.96
C TYR B 638 79.11 93.05 -6.46
N LEU B 639 79.12 94.27 -6.98
CA LEU B 639 79.15 94.43 -8.43
C LEU B 639 80.54 94.24 -9.00
N SER B 640 81.58 94.64 -8.27
CA SER B 640 82.94 94.58 -8.78
C SER B 640 83.55 93.19 -8.69
N GLY B 641 82.93 92.27 -7.97
CA GLY B 641 83.54 90.98 -7.74
C GLY B 641 84.53 90.95 -6.60
N ARG B 642 84.71 92.06 -5.88
CA ARG B 642 85.64 92.10 -4.76
C ARG B 642 85.13 91.34 -3.55
N TRP B 643 83.90 90.87 -3.57
CA TRP B 643 83.33 90.15 -2.45
C TRP B 643 83.85 88.73 -2.33
N ALA B 644 84.49 88.20 -3.37
CA ALA B 644 84.92 86.80 -3.35
C ALA B 644 86.24 86.59 -2.62
N GLN B 645 87.04 87.65 -2.42
CA GLN B 645 88.30 87.50 -1.69
C GLN B 645 88.10 87.16 -0.22
N ALA B 646 86.91 87.39 0.32
CA ALA B 646 86.62 86.88 1.66
C ALA B 646 86.52 85.36 1.69
N TYR B 647 86.31 84.73 0.53
CA TYR B 647 86.31 83.27 0.43
C TYR B 647 87.54 82.73 -0.27
N GLY B 648 88.35 83.59 -0.87
CA GLY B 648 89.59 83.14 -1.47
C GLY B 648 89.47 82.68 -2.91
N PHE B 649 88.64 83.35 -3.69
CA PHE B 649 88.41 83.07 -5.09
C PHE B 649 88.92 84.23 -5.93
N PRO B 650 88.94 84.10 -7.28
CA PRO B 650 89.18 85.29 -8.11
C PRO B 650 88.04 86.30 -8.07
N LEU B 651 88.18 87.39 -8.80
CA LEU B 651 87.08 88.32 -8.97
C LEU B 651 85.97 87.64 -9.76
N MET B 652 84.76 87.61 -9.21
CA MET B 652 83.59 87.09 -9.90
C MET B 652 82.61 88.24 -10.07
N PRO B 653 82.74 89.04 -11.11
CA PRO B 653 81.86 90.19 -11.26
C PRO B 653 80.49 89.76 -11.74
N ILE B 654 79.54 90.65 -11.50
CA ILE B 654 78.18 90.52 -11.99
C ILE B 654 77.82 91.82 -12.70
N ASP B 655 76.58 91.95 -13.12
CA ASP B 655 76.21 92.98 -14.06
C ASP B 655 74.95 93.76 -13.70
N GLY B 656 74.30 93.43 -12.58
CA GLY B 656 73.20 94.22 -12.08
C GLY B 656 72.84 93.79 -10.67
N ILE B 657 72.35 94.71 -9.83
CA ILE B 657 71.88 94.36 -8.50
C ILE B 657 70.51 94.99 -8.32
N LEU B 658 69.58 94.27 -7.71
CA LEU B 658 68.22 94.76 -7.56
C LEU B 658 67.97 95.14 -6.11
N VAL B 659 67.24 96.25 -5.94
CA VAL B 659 67.10 96.93 -4.65
C VAL B 659 65.62 97.01 -4.35
N GLY B 660 65.16 96.20 -3.41
CA GLY B 660 63.77 96.32 -3.02
C GLY B 660 63.55 97.13 -1.77
N THR B 661 64.21 96.73 -0.68
CA THR B 661 63.81 97.22 0.63
C THR B 661 64.34 98.63 0.90
N ALA B 662 65.47 98.99 0.30
CA ALA B 662 66.00 100.33 0.51
C ALA B 662 65.19 101.41 -0.18
N ALA B 663 64.18 101.05 -0.96
CA ALA B 663 63.30 102.02 -1.59
C ALA B 663 61.94 102.12 -0.90
N MET B 664 61.80 101.55 0.30
CA MET B 664 60.51 101.58 0.96
C MET B 664 60.20 102.92 1.61
N ALA B 665 61.21 103.72 1.92
CA ALA B 665 61.04 104.95 2.66
C ALA B 665 61.27 106.16 1.77
N THR B 666 60.92 106.03 0.51
CA THR B 666 61.16 107.10 -0.44
C THR B 666 60.00 108.08 -0.46
N LYS B 667 60.12 109.09 -1.32
CA LYS B 667 59.10 110.13 -1.38
C LYS B 667 57.86 109.63 -2.08
N GLU B 668 58.02 109.03 -3.25
CA GLU B 668 56.88 108.61 -4.04
C GLU B 668 56.20 107.38 -3.48
N SER B 669 56.86 106.64 -2.59
CA SER B 669 56.24 105.50 -1.96
C SER B 669 55.12 105.94 -1.04
N THR B 670 54.08 105.12 -0.95
CA THR B 670 52.86 105.48 -0.27
C THR B 670 52.63 104.61 0.95
N THR B 671 53.69 104.38 1.72
CA THR B 671 53.48 103.89 3.07
C THR B 671 53.06 105.06 3.96
N SER B 672 52.60 104.73 5.16
CA SER B 672 52.23 105.77 6.10
C SER B 672 53.49 106.49 6.60
N PRO B 673 53.40 107.78 6.91
CA PRO B 673 54.56 108.49 7.45
C PRO B 673 55.02 107.97 8.80
N SER B 674 54.09 107.48 9.62
CA SER B 674 54.50 106.83 10.86
C SER B 674 55.22 105.51 10.59
N VAL B 675 54.81 104.79 9.55
CA VAL B 675 55.51 103.58 9.15
C VAL B 675 56.90 103.90 8.64
N LYS B 676 57.02 104.99 7.89
CA LYS B 676 58.34 105.46 7.44
C LYS B 676 59.22 105.83 8.62
N ARG B 677 58.62 106.44 9.65
CA ARG B 677 59.39 106.82 10.83
C ARG B 677 59.88 105.60 11.61
N MET B 678 59.00 104.61 11.80
CA MET B 678 59.41 103.37 12.46
C MET B 678 60.45 102.63 11.62
N LEU B 679 60.32 102.69 10.30
CA LEU B 679 61.24 101.97 9.44
C LEU B 679 62.61 102.64 9.41
N VAL B 680 62.67 103.96 9.58
CA VAL B 680 63.94 104.63 9.80
C VAL B 680 64.51 104.24 11.16
N ASP B 681 63.69 104.31 12.21
CA ASP B 681 64.19 104.16 13.57
C ASP B 681 64.61 102.74 13.90
N THR B 682 64.10 101.74 13.20
CA THR B 682 64.57 100.39 13.46
C THR B 682 65.92 100.16 12.79
N GLN B 683 66.64 99.19 13.33
CA GLN B 683 67.90 98.74 12.74
C GLN B 683 68.00 97.24 12.91
N GLY B 684 68.45 96.56 11.87
CA GLY B 684 68.38 95.12 11.78
C GLY B 684 69.74 94.47 11.84
N THR B 685 69.76 93.21 12.25
CA THR B 685 71.00 92.49 12.44
C THR B 685 71.55 92.00 11.10
N ASP B 686 72.77 91.48 11.15
CA ASP B 686 73.40 90.87 9.99
C ASP B 686 73.35 89.36 10.03
N GLN B 687 73.03 88.77 11.18
CA GLN B 687 73.03 87.33 11.31
C GLN B 687 71.64 86.78 11.02
N TRP B 688 71.51 85.47 11.10
CA TRP B 688 70.24 84.82 10.87
C TRP B 688 69.33 84.96 12.07
N ILE B 689 68.03 84.93 11.81
CA ILE B 689 67.02 84.97 12.86
C ILE B 689 66.25 83.66 12.79
N SER B 690 66.32 82.87 13.85
CA SER B 690 65.63 81.60 13.89
C SER B 690 64.12 81.82 13.92
N ALA B 691 63.39 80.80 13.48
CA ALA B 691 61.97 80.95 13.24
C ALA B 691 61.20 81.10 14.55
N GLY B 692 60.29 82.06 14.59
CA GLY B 692 59.53 82.32 15.79
C GLY B 692 60.26 83.14 16.83
N LYS B 693 61.37 83.78 16.49
CA LYS B 693 62.10 84.61 17.44
C LYS B 693 62.40 85.96 16.80
N ALA B 694 63.07 86.81 17.56
CA ALA B 694 63.31 88.19 17.15
C ALA B 694 64.62 88.66 17.75
N GLN B 695 65.50 89.19 16.91
CA GLN B 695 66.83 89.63 17.35
C GLN B 695 67.09 91.02 16.79
N GLY B 696 66.99 92.03 17.63
CA GLY B 696 67.38 93.37 17.25
C GLY B 696 66.47 94.03 16.24
N GLY B 697 65.26 94.38 16.65
CA GLY B 697 64.39 95.18 15.82
C GLY B 697 63.53 94.38 14.86
N MET B 698 64.12 93.40 14.18
CA MET B 698 63.41 92.59 13.23
C MET B 698 62.94 91.29 13.89
N ALA B 699 62.35 90.43 13.07
CA ALA B 699 61.76 89.17 13.51
C ALA B 699 61.46 88.34 12.28
N SER B 700 61.35 87.04 12.48
CA SER B 700 60.92 86.13 11.42
C SER B 700 59.84 85.23 11.98
N SER B 701 58.69 85.20 11.31
CA SER B 701 57.57 84.42 11.79
C SER B 701 56.93 83.70 10.62
N ARG B 702 55.78 83.10 10.87
CA ARG B 702 55.12 82.22 9.91
C ARG B 702 54.00 82.99 9.23
N SER B 703 53.48 82.41 8.17
CA SER B 703 52.49 83.08 7.33
C SER B 703 51.18 82.32 7.37
N GLN B 704 50.27 82.72 6.49
CA GLN B 704 48.93 82.12 6.42
C GLN B 704 49.00 80.65 6.05
N LEU B 705 49.89 80.29 5.12
CA LEU B 705 50.01 78.92 4.65
C LEU B 705 51.09 78.15 5.38
N GLY B 706 51.87 78.81 6.24
CA GLY B 706 52.97 78.17 6.92
C GLY B 706 54.34 78.60 6.41
N ALA B 707 54.40 79.43 5.38
CA ALA B 707 55.68 79.89 4.88
C ALA B 707 56.28 80.92 5.83
N ASP B 708 57.54 81.24 5.62
CA ASP B 708 58.30 82.11 6.51
C ASP B 708 58.34 83.51 5.94
N ILE B 709 58.19 84.51 6.83
CA ILE B 709 58.30 85.92 6.44
C ILE B 709 59.07 86.69 7.50
N HIS B 710 59.54 87.86 7.11
CA HIS B 710 60.23 88.78 8.00
C HIS B 710 59.31 89.92 8.38
N GLU B 711 59.39 90.35 9.63
CA GLU B 711 58.55 91.43 10.13
C GLU B 711 59.35 92.31 11.06
N ILE B 712 58.90 93.55 11.21
CA ILE B 712 59.42 94.41 12.25
C ILE B 712 58.79 93.98 13.57
N ASP B 713 59.61 93.88 14.60
CA ASP B 713 59.17 93.38 15.90
C ASP B 713 58.27 94.43 16.54
N ASN B 714 56.96 94.28 16.36
CA ASN B 714 56.01 95.16 17.01
C ASN B 714 54.75 94.36 17.32
N SER B 715 53.66 95.09 17.60
CA SER B 715 52.41 94.51 18.06
C SER B 715 51.76 93.60 17.02
N ALA B 716 52.13 93.74 15.76
CA ALA B 716 51.73 92.74 14.77
C ALA B 716 52.50 91.45 14.96
N SER B 717 53.80 91.56 15.20
CA SER B 717 54.65 90.37 15.22
C SER B 717 54.45 89.56 16.49
N ARG B 718 54.20 90.23 17.62
CA ARG B 718 53.91 89.52 18.87
C ARG B 718 52.65 88.67 18.73
N CYS B 719 51.60 89.26 18.18
CA CYS B 719 50.37 88.52 17.94
C CYS B 719 50.56 87.44 16.88
N GLY B 720 51.44 87.69 15.91
CA GLY B 720 51.70 86.70 14.88
C GLY B 720 52.35 85.44 15.42
N ARG B 721 53.40 85.61 16.25
CA ARG B 721 54.04 84.43 16.81
C ARG B 721 53.19 83.79 17.89
N LEU B 722 52.31 84.54 18.54
CA LEU B 722 51.38 83.95 19.50
C LEU B 722 50.38 83.04 18.80
N LEU B 723 49.83 83.51 17.68
CA LEU B 723 48.96 82.64 16.89
C LEU B 723 49.73 81.51 16.21
N ASP B 724 51.04 81.69 15.98
CA ASP B 724 51.85 80.58 15.50
C ASP B 724 51.98 79.49 16.56
N GLU B 725 52.08 79.89 17.83
CA GLU B 725 52.13 78.90 18.89
C GLU B 725 50.78 78.20 19.06
N VAL B 726 49.69 78.96 18.95
CA VAL B 726 48.39 78.39 19.30
C VAL B 726 47.80 77.58 18.15
N ALA B 727 47.95 78.07 16.91
CA ALA B 727 47.10 77.71 15.79
C ALA B 727 47.19 76.24 15.40
N GLY B 728 46.06 75.68 14.98
CA GLY B 728 45.96 74.27 14.69
C GLY B 728 45.65 73.39 15.88
N ASP B 729 45.46 73.97 17.06
CA ASP B 729 45.24 73.21 18.29
C ASP B 729 43.95 73.72 18.95
N ALA B 730 42.88 72.93 18.79
CA ALA B 730 41.54 73.32 19.19
C ALA B 730 41.43 73.56 20.69
N GLU B 731 42.02 72.68 21.50
CA GLU B 731 41.94 72.87 22.94
C GLU B 731 42.85 73.99 23.41
N ALA B 732 43.98 74.21 22.73
CA ALA B 732 44.87 75.30 23.11
C ALA B 732 44.28 76.67 22.79
N VAL B 733 43.39 76.73 21.79
CA VAL B 733 42.65 77.96 21.51
C VAL B 733 41.80 78.35 22.72
N ALA B 734 40.95 77.43 23.18
CA ALA B 734 40.12 77.71 24.34
C ALA B 734 40.92 77.81 25.62
N GLU B 735 42.14 77.28 25.65
CA GLU B 735 42.99 77.47 26.81
C GLU B 735 43.44 78.92 26.93
N ARG B 736 44.12 79.43 25.90
CA ARG B 736 44.64 80.80 25.94
C ARG B 736 43.78 81.76 25.15
N ARG B 737 42.45 81.61 25.23
CA ARG B 737 41.53 82.44 24.46
C ARG B 737 41.67 83.94 24.77
N ASP B 738 41.73 84.30 26.05
CA ASP B 738 41.69 85.72 26.41
C ASP B 738 42.99 86.45 26.07
N GLU B 739 44.11 85.74 26.09
CA GLU B 739 45.37 86.32 25.66
C GLU B 739 45.34 86.68 24.19
N ILE B 740 44.70 85.82 23.38
CA ILE B 740 44.54 86.08 21.96
C ILE B 740 43.66 87.30 21.74
N ILE B 741 42.61 87.47 22.55
CA ILE B 741 41.73 88.61 22.42
C ILE B 741 42.46 89.90 22.77
N ALA B 742 43.32 89.84 23.80
CA ALA B 742 44.09 91.02 24.17
C ALA B 742 45.10 91.40 23.09
N ALA B 743 45.76 90.41 22.51
CA ALA B 743 46.73 90.69 21.45
C ALA B 743 46.05 91.21 20.19
N MET B 744 44.88 90.69 19.86
CA MET B 744 44.17 91.18 18.68
C MET B 744 43.60 92.57 18.91
N ALA B 745 43.16 92.88 20.12
CA ALA B 745 42.74 94.24 20.40
C ALA B 745 43.91 95.19 20.37
N LYS B 746 45.11 94.69 20.65
CA LYS B 746 46.30 95.51 20.46
C LYS B 746 46.56 95.77 18.99
N THR B 747 46.47 94.75 18.15
CA THR B 747 46.83 94.93 16.74
C THR B 747 45.71 95.61 15.98
N ALA B 748 45.95 95.89 14.69
CA ALA B 748 45.01 96.64 13.86
C ALA B 748 44.15 95.74 12.98
N LYS B 749 43.81 94.55 13.46
CA LYS B 749 42.76 93.73 12.86
C LYS B 749 42.08 92.97 13.99
N PRO B 750 41.25 93.64 14.78
CA PRO B 750 40.84 93.11 16.06
C PRO B 750 39.67 92.14 15.93
N TYR B 751 39.28 91.61 17.07
CA TYR B 751 38.12 90.75 17.21
C TYR B 751 36.91 91.61 17.59
N PHE B 752 35.72 91.01 17.48
CA PHE B 752 34.48 91.59 17.99
C PHE B 752 34.38 91.51 19.51
N GLY B 753 33.17 91.64 20.02
CA GLY B 753 32.81 91.06 21.30
C GLY B 753 32.35 89.64 21.06
N ASP B 754 31.66 89.09 22.05
CA ASP B 754 30.93 87.86 21.79
C ASP B 754 29.70 88.21 20.97
N VAL B 755 29.64 87.68 19.76
CA VAL B 755 28.63 88.16 18.82
C VAL B 755 27.25 87.60 19.16
N ALA B 756 27.18 86.49 19.89
CA ALA B 756 25.88 85.97 20.30
C ALA B 756 25.26 86.75 21.44
N ASP B 757 25.97 87.71 22.01
CA ASP B 757 25.46 88.56 23.08
C ASP B 757 25.18 89.98 22.60
N MET B 758 25.40 90.27 21.32
CA MET B 758 25.25 91.63 20.86
C MET B 758 23.81 91.97 20.56
N THR B 759 23.52 93.25 20.69
CA THR B 759 22.27 93.83 20.25
C THR B 759 22.43 94.22 18.79
N TYR B 760 21.31 94.27 18.06
CA TYR B 760 21.33 94.58 16.64
C TYR B 760 21.95 95.94 16.36
N LEU B 761 21.55 96.94 17.14
CA LEU B 761 22.16 98.27 17.05
C LEU B 761 23.65 98.22 17.37
N GLN B 762 24.01 97.45 18.39
CA GLN B 762 25.40 97.29 18.77
C GLN B 762 26.18 96.55 17.70
N TRP B 763 25.52 95.60 17.04
CA TRP B 763 26.12 94.82 15.97
C TRP B 763 26.46 95.68 14.77
N LEU B 764 25.49 96.48 14.32
CA LEU B 764 25.71 97.33 13.16
C LEU B 764 26.70 98.44 13.46
N ARG B 765 26.65 99.00 14.67
CA ARG B 765 27.60 100.05 15.01
C ARG B 765 29.01 99.53 15.14
N ARG B 766 29.17 98.29 15.61
CA ARG B 766 30.51 97.71 15.67
C ARG B 766 31.06 97.42 14.28
N TYR B 767 30.19 96.96 13.36
CA TYR B 767 30.63 96.74 11.98
C TYR B 767 31.06 98.02 11.32
N VAL B 768 30.28 99.10 11.48
CA VAL B 768 30.63 100.37 10.86
C VAL B 768 31.89 100.95 11.50
N GLU B 769 32.06 100.75 12.81
CA GLU B 769 33.28 101.19 13.48
C GLU B 769 34.51 100.46 12.96
N LEU B 770 34.38 99.17 12.65
CA LEU B 770 35.52 98.45 12.11
C LEU B 770 35.81 98.82 10.66
N ALA B 771 34.77 98.87 9.82
CA ALA B 771 35.01 99.11 8.41
C ALA B 771 35.31 100.57 8.12
N ILE B 772 34.35 101.46 8.39
CA ILE B 772 34.54 102.88 8.07
C ILE B 772 35.40 103.55 9.13
N GLY B 773 34.95 103.51 10.37
CA GLY B 773 35.71 104.14 11.43
C GLY B 773 35.52 105.64 11.44
N GLU B 774 36.54 106.36 10.98
CA GLU B 774 36.50 107.81 10.96
C GLU B 774 36.31 108.39 9.56
N GLY B 775 36.31 107.56 8.53
CA GLY B 775 36.39 108.07 7.17
C GLY B 775 37.76 108.68 6.98
N ASN B 776 38.79 107.92 7.37
CA ASN B 776 40.13 108.43 7.53
C ASN B 776 41.12 107.73 6.61
N SER B 777 40.68 106.72 5.85
CA SER B 777 41.62 105.90 5.10
C SER B 777 42.16 106.64 3.88
N THR B 778 43.41 106.34 3.55
CA THR B 778 44.08 106.90 2.37
C THR B 778 44.64 105.80 1.48
N ALA B 779 43.89 104.71 1.26
CA ALA B 779 44.37 103.60 0.45
C ALA B 779 43.23 103.05 -0.38
N ASP B 780 43.47 102.92 -1.69
CA ASP B 780 42.76 102.17 -2.74
C ASP B 780 41.24 102.06 -2.58
N THR B 781 40.58 103.20 -2.39
CA THR B 781 39.13 103.24 -2.30
C THR B 781 38.49 102.86 -3.63
N ALA B 782 37.21 102.47 -3.58
CA ALA B 782 36.52 102.10 -4.80
C ALA B 782 36.24 103.31 -5.67
N SER B 783 35.97 104.45 -5.04
CA SER B 783 35.80 105.72 -5.74
C SER B 783 36.06 106.85 -4.74
N VAL B 784 35.79 108.06 -5.19
CA VAL B 784 35.78 109.23 -4.31
C VAL B 784 34.33 109.51 -3.93
N GLY B 785 34.09 109.65 -2.63
CA GLY B 785 32.75 109.86 -2.14
C GLY B 785 32.06 108.61 -1.64
N SER B 786 32.58 107.43 -1.96
CA SER B 786 32.07 106.18 -1.41
C SER B 786 33.05 105.70 -0.36
N PRO B 787 32.69 105.73 0.93
CA PRO B 787 33.65 105.36 1.97
C PRO B 787 33.93 103.88 2.05
N TRP B 788 33.13 103.04 1.40
CA TRP B 788 33.37 101.60 1.40
C TRP B 788 34.58 101.28 0.53
N LEU B 789 35.47 100.46 1.04
CA LEU B 789 36.60 100.03 0.23
C LEU B 789 36.25 98.93 -0.74
N ALA B 790 35.05 98.35 -0.65
CA ALA B 790 34.70 97.26 -1.54
C ALA B 790 33.19 97.12 -1.66
N ASP B 791 32.76 96.74 -2.86
CA ASP B 791 31.36 96.46 -3.13
C ASP B 791 30.87 95.28 -2.29
N THR B 792 31.75 94.33 -2.02
CA THR B 792 31.39 93.25 -1.11
C THR B 792 31.17 93.77 0.31
N TRP B 793 31.86 94.85 0.70
CA TRP B 793 31.60 95.41 2.02
C TRP B 793 30.29 96.17 2.05
N ARG B 794 29.93 96.87 0.97
CA ARG B 794 28.67 97.61 1.05
C ARG B 794 27.46 96.67 0.94
N ASP B 795 27.54 95.57 0.17
CA ASP B 795 26.36 94.73 0.18
C ASP B 795 26.36 93.75 1.35
N ARG B 796 27.53 93.51 1.96
CA ARG B 796 27.61 92.96 3.31
C ARG B 796 26.74 93.77 4.27
N PHE B 797 26.95 95.09 4.27
CA PHE B 797 26.22 95.95 5.18
C PHE B 797 24.73 96.00 4.83
N GLU B 798 24.38 95.95 3.55
CA GLU B 798 22.95 96.01 3.25
C GLU B 798 22.26 94.68 3.59
N GLN B 799 22.96 93.55 3.51
CA GLN B 799 22.32 92.30 3.90
C GLN B 799 22.16 92.21 5.40
N MET B 800 23.09 92.78 6.17
CA MET B 800 22.87 92.85 7.62
C MET B 800 21.70 93.76 7.96
N LEU B 801 21.56 94.88 7.26
CA LEU B 801 20.41 95.76 7.50
C LEU B 801 19.10 95.08 7.16
N GLN B 802 19.06 94.34 6.05
CA GLN B 802 17.82 93.69 5.67
C GLN B 802 17.47 92.54 6.59
N ARG B 803 18.46 91.82 7.13
CA ARG B 803 18.10 90.80 8.10
C ARG B 803 17.66 91.42 9.42
N ALA B 804 18.21 92.59 9.77
CA ALA B 804 17.72 93.29 10.95
C ALA B 804 16.26 93.71 10.78
N GLU B 805 15.91 94.20 9.59
CA GLU B 805 14.51 94.51 9.25
C GLU B 805 13.62 93.29 9.39
N ALA B 806 13.93 92.24 8.61
CA ALA B 806 13.09 91.05 8.53
C ALA B 806 13.03 90.27 9.83
N ARG B 807 13.99 90.47 10.71
CA ARG B 807 14.00 89.78 11.98
C ARG B 807 13.25 90.56 13.04
N LEU B 808 13.44 91.88 13.11
CA LEU B 808 12.75 92.65 14.13
C LEU B 808 11.32 92.99 13.78
N HIS B 809 10.88 92.76 12.55
CA HIS B 809 9.48 93.13 12.34
C HIS B 809 8.55 92.07 12.92
N PRO B 810 7.46 92.47 13.58
CA PRO B 810 6.49 91.50 14.14
C PRO B 810 5.61 90.84 13.10
N GLN B 811 6.20 89.98 12.29
CA GLN B 811 5.52 89.16 11.31
C GLN B 811 6.46 88.03 10.94
N ASP B 812 5.90 86.89 10.56
CA ASP B 812 6.71 85.73 10.23
C ASP B 812 6.43 85.16 8.84
N PHE B 813 5.49 85.74 8.09
CA PHE B 813 5.06 85.12 6.83
C PHE B 813 5.41 85.95 5.62
N GLY B 814 4.92 87.19 5.55
CA GLY B 814 4.69 87.83 4.29
C GLY B 814 5.82 88.72 3.82
N PRO B 815 5.87 88.97 2.51
CA PRO B 815 6.75 90.01 1.99
C PRO B 815 6.32 91.38 2.52
N ILE B 816 7.28 92.10 3.08
CA ILE B 816 7.04 93.39 3.68
C ILE B 816 7.87 94.44 2.95
N GLN B 817 7.28 95.62 2.75
CA GLN B 817 7.98 96.79 2.26
C GLN B 817 9.13 97.16 3.17
N THR B 818 10.35 97.12 2.64
CA THR B 818 11.53 97.46 3.41
C THR B 818 11.99 98.87 3.09
N LEU B 819 12.99 99.32 3.82
CA LEU B 819 13.68 100.57 3.51
C LEU B 819 14.89 100.25 2.63
N PHE B 820 15.79 101.22 2.50
CA PHE B 820 17.14 101.05 1.92
C PHE B 820 17.07 100.63 0.44
N THR B 821 16.50 101.51 -0.37
CA THR B 821 16.38 101.24 -1.80
C THR B 821 17.60 101.73 -2.58
N ASP B 822 18.78 101.33 -2.09
CA ASP B 822 20.08 101.42 -2.77
C ASP B 822 20.42 102.87 -3.13
N ALA B 823 20.60 103.67 -2.09
CA ALA B 823 20.79 105.10 -2.32
C ALA B 823 21.95 105.67 -1.52
N GLY B 824 22.05 107.00 -1.51
CA GLY B 824 22.97 107.67 -0.62
C GLY B 824 22.63 107.48 0.85
N LEU B 825 21.38 107.12 1.15
CA LEU B 825 21.02 106.70 2.50
C LEU B 825 21.73 105.41 2.88
N LEU B 826 22.05 104.56 1.90
CA LEU B 826 22.89 103.40 2.18
C LEU B 826 24.37 103.75 2.07
N ASP B 827 24.71 104.76 1.28
CA ASP B 827 26.11 105.16 1.16
C ASP B 827 26.59 105.87 2.43
N ASN B 828 25.69 106.52 3.15
CA ASN B 828 26.01 107.09 4.44
C ASN B 828 25.60 106.11 5.52
N PRO B 829 26.53 105.49 6.23
CA PRO B 829 26.16 104.45 7.19
C PRO B 829 25.52 104.98 8.45
N GLN B 830 25.88 106.20 8.85
CA GLN B 830 25.34 106.75 10.10
C GLN B 830 23.85 107.07 9.96
N GLN B 831 23.46 107.66 8.83
CA GLN B 831 22.04 107.91 8.61
C GLN B 831 21.29 106.63 8.28
N ALA B 832 21.99 105.59 7.83
CA ALA B 832 21.34 104.30 7.59
C ALA B 832 20.93 103.66 8.89
N ILE B 833 21.80 103.73 9.90
CA ILE B 833 21.50 103.12 11.20
C ILE B 833 20.41 103.92 11.91
N ALA B 834 20.51 105.25 11.89
CA ALA B 834 19.52 106.08 12.56
C ALA B 834 18.15 106.01 11.91
N ALA B 835 18.08 105.64 10.63
CA ALA B 835 16.78 105.39 10.02
C ALA B 835 16.20 104.05 10.45
N LEU B 836 17.05 103.12 10.86
CA LEU B 836 16.55 101.86 11.39
C LEU B 836 15.98 102.04 12.80
N LEU B 837 16.72 102.73 13.65
CA LEU B 837 16.31 102.91 15.04
C LEU B 837 15.08 103.81 15.16
N ALA B 838 14.84 104.67 14.18
CA ALA B 838 13.65 105.51 14.21
C ALA B 838 12.39 104.69 14.01
N ARG B 839 12.46 103.63 13.21
CA ARG B 839 11.28 102.79 13.04
C ARG B 839 11.18 101.73 14.12
N TYR B 840 12.28 101.05 14.41
CA TYR B 840 12.28 99.95 15.38
C TYR B 840 13.01 100.40 16.64
N PRO B 841 12.29 100.79 17.69
CA PRO B 841 12.99 101.23 18.91
C PRO B 841 13.59 100.10 19.70
N ASP B 842 13.12 98.86 19.52
CA ASP B 842 13.62 97.72 20.25
C ASP B 842 14.88 97.13 19.66
N ALA B 843 15.44 97.76 18.62
CA ALA B 843 16.76 97.39 18.14
C ALA B 843 17.86 97.74 19.13
N GLU B 844 17.58 98.62 20.08
CA GLU B 844 18.55 98.97 21.10
C GLU B 844 18.58 97.95 22.23
N THR B 845 17.53 97.15 22.40
CA THR B 845 17.42 96.24 23.53
C THR B 845 17.43 94.77 23.17
N VAL B 846 16.82 94.38 22.06
CA VAL B 846 16.62 92.97 21.75
C VAL B 846 17.93 92.37 21.22
N GLN B 847 18.41 91.33 21.89
CA GLN B 847 19.68 90.74 21.49
C GLN B 847 19.53 89.86 20.26
N LEU B 848 20.66 89.37 19.77
CA LEU B 848 20.73 88.73 18.48
C LEU B 848 20.16 87.32 18.54
N HIS B 849 19.48 86.92 17.47
CA HIS B 849 18.91 85.58 17.39
C HIS B 849 20.04 84.56 17.28
N PRO B 850 19.88 83.38 17.88
CA PRO B 850 20.98 82.39 17.86
C PRO B 850 21.26 81.78 16.50
N ALA B 851 20.40 81.98 15.51
CA ALA B 851 20.68 81.49 14.17
C ALA B 851 21.23 82.55 13.25
N ASP B 852 21.51 83.75 13.76
CA ASP B 852 22.14 84.77 12.95
C ASP B 852 23.65 84.82 13.12
N VAL B 853 24.19 84.16 14.13
CA VAL B 853 25.63 84.02 14.30
C VAL B 853 26.26 83.17 13.20
N PRO B 854 25.74 81.97 12.83
CA PRO B 854 26.34 81.29 11.69
C PRO B 854 26.06 82.00 10.38
N PHE B 855 24.94 82.72 10.29
CA PHE B 855 24.70 83.64 9.18
C PHE B 855 25.83 84.65 9.06
N PHE B 856 26.24 85.24 10.18
CA PHE B 856 27.26 86.27 10.12
C PHE B 856 28.63 85.70 9.79
N VAL B 857 28.93 84.50 10.28
CA VAL B 857 30.21 83.87 9.98
C VAL B 857 30.29 83.50 8.50
N THR B 858 29.29 82.77 7.99
CA THR B 858 29.32 82.42 6.58
C THR B 858 29.01 83.61 5.68
N LEU B 859 28.59 84.73 6.25
CA LEU B 859 28.50 85.95 5.48
C LEU B 859 29.87 86.59 5.32
N CYS B 860 30.67 86.58 6.39
CA CYS B 860 32.01 87.13 6.30
C CYS B 860 32.97 86.21 5.56
N LYS B 861 32.61 84.94 5.40
CA LYS B 861 33.53 83.97 4.81
C LYS B 861 33.74 84.12 3.31
N THR B 862 32.79 84.73 2.58
CA THR B 862 32.69 84.53 1.15
C THR B 862 33.42 85.57 0.31
N LEU B 863 34.45 85.11 -0.42
CA LEU B 863 34.74 85.41 -1.83
C LEU B 863 34.63 86.90 -2.18
N GLY B 864 35.60 87.66 -1.67
CA GLY B 864 35.71 89.03 -2.08
C GLY B 864 37.02 89.62 -1.62
N LYS B 865 37.01 90.86 -1.20
CA LYS B 865 38.15 91.35 -0.44
C LYS B 865 38.00 90.85 1.00
N PRO B 866 39.04 90.31 1.61
CA PRO B 866 38.91 89.79 2.97
C PRO B 866 38.65 90.90 3.96
N VAL B 867 37.97 90.54 5.03
CA VAL B 867 37.29 91.53 5.84
C VAL B 867 38.32 92.14 6.80
N ASN B 868 37.95 93.25 7.42
CA ASN B 868 38.87 94.01 8.26
C ASN B 868 38.84 93.57 9.72
N PHE B 869 38.35 92.37 10.04
CA PHE B 869 38.34 91.91 11.42
C PHE B 869 38.56 90.40 11.46
N VAL B 870 38.37 89.83 12.64
CA VAL B 870 38.37 88.39 12.85
C VAL B 870 37.02 88.02 13.45
N PRO B 871 36.20 87.23 12.78
CA PRO B 871 34.84 86.98 13.26
C PRO B 871 34.78 86.04 14.46
N VAL B 872 35.53 84.94 14.45
CA VAL B 872 35.47 83.97 15.54
C VAL B 872 36.88 83.59 15.95
N ILE B 873 36.96 83.00 17.15
CA ILE B 873 38.20 82.46 17.68
C ILE B 873 38.10 80.95 17.62
N ASP B 874 38.92 80.33 16.78
CA ASP B 874 38.68 78.96 16.38
C ASP B 874 40.03 78.35 16.01
N GLN B 875 40.00 77.19 15.35
CA GLN B 875 41.25 76.55 14.92
C GLN B 875 41.88 77.30 13.76
N ASP B 876 41.07 77.97 12.94
CA ASP B 876 41.57 78.67 11.76
C ASP B 876 41.91 80.12 12.04
N VAL B 877 42.28 80.42 13.29
CA VAL B 877 42.40 81.80 13.72
C VAL B 877 43.62 82.46 13.10
N ARG B 878 44.66 81.69 12.77
CA ARG B 878 45.79 82.26 12.06
C ARG B 878 45.41 82.58 10.62
N ARG B 879 44.57 81.76 10.01
CA ARG B 879 44.10 82.04 8.66
C ARG B 879 43.24 83.30 8.62
N TRP B 880 42.33 83.44 9.59
CA TRP B 880 41.50 84.63 9.65
C TRP B 880 42.32 85.88 9.91
N TRP B 881 43.35 85.78 10.77
CA TRP B 881 44.08 86.99 11.09
C TRP B 881 45.10 87.35 10.04
N ARG B 882 45.74 86.37 9.40
CA ARG B 882 46.75 86.64 8.40
C ARG B 882 46.19 86.76 6.99
N SER B 883 44.88 86.60 6.82
CA SER B 883 44.29 86.72 5.50
C SER B 883 44.36 88.17 5.04
N ASP B 884 45.26 88.43 4.07
CA ASP B 884 45.41 89.71 3.36
C ASP B 884 45.72 90.85 4.34
N SER B 885 46.90 90.75 4.94
CA SER B 885 47.26 91.60 6.05
C SER B 885 48.38 92.58 5.69
N LEU B 886 48.47 93.00 4.44
CA LEU B 886 49.60 93.80 4.02
C LEU B 886 49.25 95.19 3.53
N TRP B 887 48.01 95.44 3.11
CA TRP B 887 47.65 96.76 2.61
C TRP B 887 47.51 97.79 3.71
N GLN B 888 47.31 97.36 4.97
CA GLN B 888 47.08 98.28 6.08
C GLN B 888 48.28 99.16 6.38
N ALA B 889 49.44 98.88 5.84
CA ALA B 889 50.60 99.73 6.02
C ALA B 889 50.59 100.93 5.09
N HIS B 890 49.55 101.10 4.26
CA HIS B 890 49.55 102.18 3.30
C HIS B 890 48.47 103.23 3.53
N ASP B 891 47.72 103.16 4.62
CA ASP B 891 46.77 104.21 4.95
C ASP B 891 47.09 104.82 6.31
N ALA B 892 46.77 106.09 6.45
CA ALA B 892 47.15 106.83 7.64
C ALA B 892 46.25 106.60 8.83
N ARG B 893 45.19 105.81 8.69
CA ARG B 893 44.30 105.63 9.82
C ARG B 893 44.79 104.61 10.82
N TYR B 894 45.94 103.99 10.59
CA TYR B 894 46.49 103.03 11.53
C TYR B 894 47.85 103.49 12.03
N ASP B 895 48.12 103.19 13.29
CA ASP B 895 49.43 103.48 13.86
C ASP B 895 50.45 102.49 13.31
N ALA B 896 51.72 102.91 13.33
CA ALA B 896 52.79 102.06 12.83
C ALA B 896 53.07 100.87 13.73
N ASP B 897 52.59 100.90 14.97
CA ASP B 897 52.83 99.78 15.87
C ASP B 897 51.98 98.58 15.49
N ALA B 898 50.69 98.79 15.20
CA ALA B 898 49.74 97.70 15.14
C ALA B 898 49.60 97.08 13.76
N VAL B 899 50.54 97.33 12.84
CA VAL B 899 50.38 96.96 11.45
C VAL B 899 51.56 96.13 10.98
N CYS B 900 51.29 95.13 10.15
CA CYS B 900 52.34 94.26 9.61
C CYS B 900 53.20 95.00 8.60
N ILE B 901 54.49 95.07 8.87
CA ILE B 901 55.47 95.64 7.94
C ILE B 901 56.49 94.55 7.64
N ILE B 902 56.83 94.37 6.37
CA ILE B 902 57.67 93.24 5.99
C ILE B 902 58.98 93.62 5.29
N PRO B 903 59.97 94.21 5.97
CA PRO B 903 61.21 94.56 5.27
C PRO B 903 62.25 93.45 5.33
N GLY B 904 63.44 93.71 4.78
CA GLY B 904 64.56 92.81 4.89
C GLY B 904 65.27 92.97 6.23
N THR B 905 66.45 92.37 6.32
CA THR B 905 67.17 92.36 7.60
C THR B 905 68.45 93.17 7.62
N ALA B 906 69.12 93.35 6.49
CA ALA B 906 70.32 94.19 6.46
C ALA B 906 70.04 95.56 5.84
N SER B 907 69.12 95.62 4.90
CA SER B 907 68.75 96.88 4.30
C SER B 907 68.00 97.82 5.24
N VAL B 908 67.39 97.31 6.31
CA VAL B 908 66.81 98.18 7.32
C VAL B 908 67.89 98.97 8.05
N ALA B 909 69.01 98.33 8.35
CA ALA B 909 70.16 99.07 8.84
C ALA B 909 70.77 99.92 7.75
N GLY B 910 70.57 99.53 6.49
CA GLY B 910 71.07 100.33 5.39
C GLY B 910 70.39 101.68 5.24
N ILE B 911 69.07 101.73 5.42
CA ILE B 911 68.36 102.99 5.18
C ILE B 911 68.59 103.94 6.34
N THR B 912 68.52 105.23 6.06
CA THR B 912 68.93 106.20 7.06
C THR B 912 67.91 107.30 7.29
N ARG B 913 67.26 107.82 6.26
CA ARG B 913 66.45 109.01 6.43
C ARG B 913 65.15 108.88 5.66
N MET B 914 64.43 109.99 5.58
CA MET B 914 63.03 110.05 5.16
C MET B 914 62.90 110.57 3.74
N ASP B 915 61.75 110.24 3.14
CA ASP B 915 61.07 110.88 1.98
C ASP B 915 62.02 111.42 0.89
N GLU B 916 62.92 110.64 0.55
CA GLU B 916 64.00 110.85 -0.38
C GLU B 916 63.56 110.44 -1.79
N PRO B 917 64.01 111.10 -2.86
CA PRO B 917 63.55 110.71 -4.20
C PRO B 917 64.27 109.51 -4.80
N VAL B 918 63.50 108.71 -5.54
CA VAL B 918 63.95 107.42 -6.04
C VAL B 918 65.05 107.56 -7.08
N GLY B 919 64.99 108.61 -7.90
CA GLY B 919 66.03 108.83 -8.89
C GLY B 919 67.36 109.14 -8.25
N GLU B 920 67.34 109.95 -7.19
CA GLU B 920 68.57 110.27 -6.49
C GLU B 920 69.11 109.06 -5.74
N LEU B 921 68.21 108.20 -5.22
CA LEU B 921 68.65 106.99 -4.52
C LEU B 921 69.36 106.03 -5.47
N LEU B 922 68.74 105.76 -6.61
CA LEU B 922 69.33 104.80 -7.53
C LEU B 922 70.56 105.37 -8.22
N ASP B 923 70.59 106.68 -8.46
CA ASP B 923 71.80 107.28 -9.01
C ASP B 923 72.93 107.28 -7.99
N ARG B 924 72.62 107.34 -6.70
CA ARG B 924 73.67 107.23 -5.69
C ARG B 924 74.24 105.82 -5.64
N PHE B 925 73.37 104.81 -5.73
CA PHE B 925 73.82 103.43 -5.80
C PHE B 925 74.67 103.16 -7.04
N GLU B 926 74.38 103.83 -8.15
CA GLU B 926 75.25 103.67 -9.31
C GLU B 926 76.55 104.46 -9.16
N GLN B 927 76.46 105.65 -8.57
CA GLN B 927 77.58 106.57 -8.51
C GLN B 927 78.70 106.05 -7.62
N ALA B 928 78.36 105.25 -6.59
CA ALA B 928 79.41 104.66 -5.78
C ALA B 928 80.26 103.67 -6.58
N ALA B 929 79.62 102.83 -7.39
CA ALA B 929 80.39 101.88 -8.21
C ALA B 929 81.14 102.60 -9.32
N ILE B 930 80.57 103.68 -9.86
CA ILE B 930 81.28 104.50 -10.84
C ILE B 930 82.54 105.09 -10.22
N ASP B 931 82.45 105.55 -8.98
CA ASP B 931 83.61 106.06 -8.26
C ASP B 931 84.65 104.97 -8.05
N GLU B 932 84.20 103.77 -7.67
CA GLU B 932 85.12 102.69 -7.35
C GLU B 932 85.86 102.19 -8.58
N VAL B 933 85.23 102.24 -9.76
CA VAL B 933 85.94 101.84 -10.98
C VAL B 933 86.70 103.01 -11.62
N LEU B 934 86.27 104.25 -11.38
CA LEU B 934 87.00 105.40 -11.89
C LEU B 934 88.26 105.66 -11.08
N GLY B 935 88.34 105.12 -9.86
CA GLY B 935 89.57 105.19 -9.09
C GLY B 935 90.74 104.47 -9.73
N ALA B 936 90.49 103.54 -10.63
CA ALA B 936 91.57 102.87 -11.36
C ALA B 936 92.15 103.74 -12.47
N GLY B 937 91.50 104.84 -12.82
CA GLY B 937 92.03 105.74 -13.82
C GLY B 937 91.73 105.32 -15.25
N VAL B 938 90.49 104.95 -15.52
CA VAL B 938 90.08 104.53 -16.85
C VAL B 938 89.39 105.68 -17.54
N GLU B 939 89.88 106.06 -18.72
CA GLU B 939 89.25 107.11 -19.50
C GLU B 939 87.98 106.58 -20.13
N PRO B 940 86.82 107.19 -19.87
CA PRO B 940 85.58 106.69 -20.47
C PRO B 940 85.48 107.05 -21.93
N LYS B 941 85.02 106.10 -22.73
CA LYS B 941 84.87 106.30 -24.16
C LYS B 941 83.45 106.75 -24.48
N ASP B 942 83.33 107.67 -25.44
CA ASP B 942 82.04 108.25 -25.76
C ASP B 942 81.19 107.24 -26.51
N VAL B 943 79.98 106.99 -26.00
CA VAL B 943 79.02 106.10 -26.63
C VAL B 943 77.75 106.89 -26.87
N ALA B 944 77.16 106.70 -28.05
CA ALA B 944 76.02 107.53 -28.46
C ALA B 944 74.75 107.17 -27.70
N SER B 945 74.70 106.02 -27.04
CA SER B 945 73.54 105.61 -26.27
C SER B 945 74.01 104.80 -25.09
N ARG B 946 73.11 104.02 -24.52
CA ARG B 946 73.52 103.07 -23.50
C ARG B 946 73.43 101.64 -23.99
N ARG B 947 72.57 101.34 -24.98
CA ARG B 947 72.35 99.98 -25.44
C ARG B 947 73.57 99.33 -26.07
N LEU B 948 74.02 99.80 -27.23
CA LEU B 948 75.21 99.30 -27.93
C LEU B 948 75.13 97.80 -28.15
N GLY B 949 74.17 97.43 -28.99
CA GLY B 949 73.90 96.03 -29.24
C GLY B 949 74.82 95.37 -30.26
N ARG B 950 74.82 95.89 -31.49
CA ARG B 950 75.52 95.21 -32.57
C ARG B 950 77.03 95.39 -32.47
N ALA B 951 77.48 96.57 -32.02
CA ALA B 951 78.87 96.86 -31.64
C ALA B 951 79.85 96.78 -32.82
N ASP B 952 79.42 97.25 -33.97
CA ASP B 952 80.38 97.57 -35.03
C ASP B 952 80.07 98.88 -35.74
N VAL B 953 78.90 99.46 -35.53
CA VAL B 953 78.53 100.75 -36.09
C VAL B 953 78.10 101.64 -34.92
N ALA B 954 78.30 102.95 -35.08
CA ALA B 954 77.92 103.89 -34.04
C ALA B 954 77.24 105.08 -34.68
N GLY B 955 76.35 105.72 -33.92
CA GLY B 955 75.61 106.85 -34.41
C GLY B 955 74.13 106.69 -34.17
N PRO B 956 73.32 107.43 -34.95
CA PRO B 956 71.86 107.29 -34.79
C PRO B 956 71.31 105.96 -35.25
N LEU B 957 71.85 105.39 -36.34
CA LEU B 957 71.31 104.11 -36.77
C LEU B 957 71.73 102.98 -35.87
N ALA B 958 72.76 103.15 -35.04
CA ALA B 958 73.04 102.17 -34.00
C ALA B 958 71.87 102.08 -33.04
N VAL B 959 71.34 103.24 -32.62
CA VAL B 959 70.18 103.29 -31.73
C VAL B 959 68.96 102.72 -32.42
N VAL B 960 68.77 103.05 -33.69
CA VAL B 960 67.62 102.57 -34.45
C VAL B 960 67.68 101.06 -34.65
N LEU B 961 68.86 100.51 -34.90
CA LEU B 961 68.98 99.06 -35.06
C LEU B 961 68.74 98.32 -33.75
N ASP B 962 69.35 98.76 -32.66
CA ASP B 962 69.23 97.93 -31.47
C ASP B 962 68.00 98.25 -30.62
N ALA B 963 67.22 99.25 -30.99
CA ALA B 963 65.99 99.53 -30.25
C ALA B 963 64.93 98.48 -30.57
N PRO B 964 64.35 97.82 -29.58
CA PRO B 964 63.31 96.82 -29.87
C PRO B 964 61.91 97.38 -30.01
N ASP B 965 61.61 98.49 -29.35
CA ASP B 965 60.28 99.09 -29.40
C ASP B 965 60.39 100.54 -29.83
N VAL B 966 59.40 101.00 -30.59
CA VAL B 966 59.29 102.41 -30.94
C VAL B 966 57.92 102.90 -30.53
N ARG B 967 57.78 104.22 -30.46
CA ARG B 967 56.49 104.85 -30.21
C ARG B 967 55.96 105.38 -31.53
N TRP B 968 54.93 104.73 -32.05
CA TRP B 968 54.44 104.97 -33.40
C TRP B 968 53.04 105.56 -33.30
N ALA B 969 52.99 106.90 -33.27
CA ALA B 969 51.76 107.68 -33.12
C ALA B 969 50.99 107.30 -31.87
N GLY B 970 51.62 107.54 -30.71
CA GLY B 970 50.98 107.36 -29.43
C GLY B 970 51.06 105.98 -28.86
N ARG B 971 51.42 104.98 -29.64
CA ARG B 971 51.34 103.59 -29.24
C ARG B 971 52.72 102.95 -29.34
N THR B 972 52.97 101.93 -28.52
CA THR B 972 54.25 101.25 -28.54
C THR B 972 54.14 100.00 -29.40
N VAL B 973 54.50 100.15 -30.65
CA VAL B 973 54.60 99.05 -31.60
C VAL B 973 56.06 98.64 -31.66
N THR B 974 56.32 97.36 -31.87
CA THR B 974 57.69 96.90 -32.02
C THR B 974 58.32 97.50 -33.26
N ASN B 975 59.63 97.64 -33.20
CA ASN B 975 60.41 98.40 -34.18
C ASN B 975 60.32 97.71 -35.53
N PRO B 976 59.87 98.39 -36.59
CA PRO B 976 59.72 97.71 -37.88
C PRO B 976 61.04 97.30 -38.52
N VAL B 977 62.11 98.08 -38.32
CA VAL B 977 63.40 97.67 -38.83
C VAL B 977 63.90 96.45 -38.08
N HIS B 978 63.51 96.31 -36.82
CA HIS B 978 63.78 95.08 -36.09
C HIS B 978 62.92 93.95 -36.61
N ARG B 979 61.68 94.27 -36.99
CA ARG B 979 60.65 93.30 -37.35
C ARG B 979 60.92 92.62 -38.69
N ILE B 980 61.50 93.36 -39.64
CA ILE B 980 61.81 92.78 -40.95
C ILE B 980 62.83 91.66 -40.83
N ALA B 981 63.88 91.88 -40.04
CA ALA B 981 64.85 90.83 -39.74
C ALA B 981 65.36 91.11 -38.32
N ASP B 982 64.83 90.34 -37.34
CA ASP B 982 64.85 90.66 -35.92
C ASP B 982 66.29 90.87 -35.40
N PRO B 983 67.25 89.90 -35.35
CA PRO B 983 68.61 90.36 -35.02
C PRO B 983 69.48 90.57 -36.25
N ALA B 984 70.31 91.61 -36.23
CA ALA B 984 71.68 91.55 -36.74
C ALA B 984 71.92 91.02 -38.16
N GLU B 985 70.89 90.88 -38.97
CA GLU B 985 71.07 90.37 -40.33
C GLU B 985 71.13 91.49 -41.35
N TRP B 986 71.25 92.72 -40.89
CA TRP B 986 71.42 93.87 -41.77
C TRP B 986 72.90 94.06 -42.05
N GLN B 987 73.22 94.39 -43.30
CA GLN B 987 74.60 94.61 -43.67
C GLN B 987 74.91 96.09 -43.64
N VAL B 988 76.06 96.43 -43.09
CA VAL B 988 76.44 97.81 -42.85
C VAL B 988 77.41 98.28 -43.92
N HIS B 989 77.41 99.58 -44.16
CA HIS B 989 78.31 100.20 -45.14
C HIS B 989 78.71 101.56 -44.60
N ASP B 990 80.01 101.79 -44.45
CA ASP B 990 80.57 103.04 -43.95
C ASP B 990 81.76 103.45 -44.81
N GLY B 991 81.56 103.49 -46.13
CA GLY B 991 82.61 103.80 -47.05
C GLY B 991 83.10 105.23 -46.98
N PRO B 992 82.26 106.18 -47.44
CA PRO B 992 82.64 107.60 -47.36
C PRO B 992 82.26 108.25 -46.04
N GLU B 993 82.08 107.43 -45.00
CA GLU B 993 81.62 107.82 -43.65
C GLU B 993 80.23 108.42 -43.70
N ASN B 994 79.29 107.69 -44.30
CA ASN B 994 77.89 107.76 -43.94
C ASN B 994 77.41 106.34 -43.70
N PRO B 995 77.03 105.99 -42.48
CA PRO B 995 76.59 104.62 -42.23
C PRO B 995 75.24 104.37 -42.87
N ARG B 996 75.13 103.23 -43.54
CA ARG B 996 73.84 102.82 -44.11
C ARG B 996 73.74 101.31 -43.99
N ALA B 997 72.52 100.83 -43.83
CA ALA B 997 72.31 99.41 -43.65
C ALA B 997 71.30 98.94 -44.66
N THR B 998 71.56 97.79 -45.25
CA THR B 998 70.69 97.19 -46.25
C THR B 998 70.31 95.79 -45.83
N HIS B 999 69.15 95.36 -46.29
CA HIS B 999 68.72 93.98 -46.16
C HIS B 999 68.65 93.36 -47.54
N SER B 1000 69.35 92.24 -47.73
CA SER B 1000 69.52 91.72 -49.07
C SER B 1000 68.28 91.05 -49.61
N SER B 1001 67.58 90.27 -48.77
CA SER B 1001 66.50 89.43 -49.27
C SER B 1001 65.21 90.19 -49.54
N THR B 1002 65.09 91.44 -49.07
CA THR B 1002 63.91 92.25 -49.36
C THR B 1002 64.24 93.54 -50.07
N GLY B 1003 65.37 94.16 -49.76
CA GLY B 1003 65.77 95.40 -50.38
C GLY B 1003 65.61 96.65 -49.52
N ALA B 1004 65.37 96.49 -48.22
CA ALA B 1004 65.14 97.64 -47.37
C ALA B 1004 66.45 98.35 -47.04
N ARG B 1005 66.35 99.67 -46.85
CA ARG B 1005 67.50 100.51 -46.60
C ARG B 1005 67.26 101.37 -45.36
N LEU B 1006 68.37 101.81 -44.75
CA LEU B 1006 68.38 102.62 -43.52
C LEU B 1006 69.20 103.89 -43.72
N GLN B 1007 68.81 104.69 -44.70
CA GLN B 1007 69.59 105.89 -45.02
C GLN B 1007 69.55 106.90 -43.87
N THR B 1008 70.57 107.75 -43.82
CA THR B 1008 70.71 108.75 -42.77
C THR B 1008 70.66 110.14 -43.38
N HIS B 1009 69.51 110.79 -43.28
CA HIS B 1009 69.36 112.15 -43.75
C HIS B 1009 69.89 113.08 -42.68
N GLY B 1010 71.20 113.34 -42.73
CA GLY B 1010 71.85 114.17 -41.72
C GLY B 1010 71.93 113.46 -40.39
N ASP B 1011 71.25 113.98 -39.38
CA ASP B 1011 71.08 113.28 -38.10
C ASP B 1011 69.60 112.95 -37.98
N ASP B 1012 69.21 111.89 -38.67
CA ASP B 1012 67.83 111.44 -38.81
C ASP B 1012 67.88 110.12 -39.56
N VAL B 1013 66.95 109.21 -39.30
CA VAL B 1013 67.01 107.86 -39.87
C VAL B 1013 65.77 107.64 -40.73
N ALA B 1014 65.98 107.15 -41.94
CA ALA B 1014 64.90 106.87 -42.88
C ALA B 1014 64.96 105.40 -43.29
N LEU B 1015 63.93 104.66 -42.93
CA LEU B 1015 63.74 103.29 -43.37
C LEU B 1015 62.94 103.30 -44.67
N SER B 1016 63.53 102.78 -45.74
CA SER B 1016 62.86 102.75 -47.03
C SER B 1016 62.67 101.30 -47.45
N VAL B 1017 61.44 100.93 -47.75
CA VAL B 1017 61.07 99.55 -48.07
C VAL B 1017 60.51 99.54 -49.49
N PRO B 1018 61.02 98.72 -50.39
CA PRO B 1018 60.36 98.51 -51.67
C PRO B 1018 59.21 97.52 -51.53
N VAL B 1019 57.98 98.02 -51.62
CA VAL B 1019 56.83 97.16 -51.36
C VAL B 1019 56.46 96.41 -52.63
N SER B 1020 56.00 97.13 -53.65
CA SER B 1020 55.73 96.48 -54.94
C SER B 1020 55.98 97.53 -56.02
N GLY B 1021 57.21 97.57 -56.51
CA GLY B 1021 57.57 98.54 -57.52
C GLY B 1021 57.96 99.91 -56.98
N THR B 1022 57.26 100.37 -55.94
CA THR B 1022 57.48 101.68 -55.38
C THR B 1022 57.99 101.58 -53.94
N TRP B 1023 58.37 102.73 -53.40
CA TRP B 1023 59.05 102.81 -52.12
C TRP B 1023 58.14 103.38 -51.06
N VAL B 1024 58.35 102.93 -49.82
CA VAL B 1024 57.68 103.48 -48.66
C VAL B 1024 58.74 103.97 -47.68
N ASP B 1025 58.66 105.24 -47.30
CA ASP B 1025 59.62 105.87 -46.41
C ASP B 1025 59.00 106.07 -45.04
N ILE B 1026 59.69 105.60 -44.01
CA ILE B 1026 59.30 105.78 -42.62
C ILE B 1026 60.43 106.54 -41.93
N ARG B 1027 60.09 107.66 -41.32
CA ARG B 1027 61.08 108.58 -40.77
C ARG B 1027 61.09 108.49 -39.24
N PHE B 1028 62.26 108.28 -38.66
CA PHE B 1028 62.42 108.13 -37.23
C PHE B 1028 62.98 109.42 -36.65
N THR B 1029 62.46 109.83 -35.51
CA THR B 1029 63.00 110.98 -34.78
C THR B 1029 63.50 110.52 -33.42
N LEU B 1030 64.63 111.06 -33.00
CA LEU B 1030 65.30 110.65 -31.78
C LEU B 1030 65.41 111.83 -30.83
N PRO B 1031 64.60 111.91 -29.78
CA PRO B 1031 64.77 112.95 -28.78
C PRO B 1031 65.94 112.62 -27.85
N ALA B 1032 66.12 113.48 -26.84
CA ALA B 1032 67.15 113.24 -25.84
C ALA B 1032 66.76 112.14 -24.87
N ASN B 1033 65.51 111.70 -24.92
CA ASN B 1033 65.03 110.61 -24.07
C ASN B 1033 65.71 109.30 -24.43
N THR B 1034 66.12 109.14 -25.70
CA THR B 1034 66.68 107.91 -26.22
C THR B 1034 68.14 107.71 -25.87
N VAL B 1035 68.72 108.54 -25.00
CA VAL B 1035 70.08 108.30 -24.57
C VAL B 1035 70.13 107.11 -23.61
N ASP B 1036 69.21 107.09 -22.65
CA ASP B 1036 69.16 106.03 -21.64
C ASP B 1036 67.82 105.30 -21.71
N GLY B 1037 67.75 104.31 -22.60
CA GLY B 1037 66.61 103.41 -22.63
C GLY B 1037 65.33 103.99 -23.18
N GLY B 1038 65.40 105.13 -23.87
CA GLY B 1038 64.21 105.73 -24.44
C GLY B 1038 63.93 105.17 -25.82
N THR B 1039 62.66 104.91 -26.08
CA THR B 1039 62.27 104.39 -27.37
C THR B 1039 62.27 105.50 -28.41
N PRO B 1040 62.60 105.19 -29.66
CA PRO B 1040 62.42 106.17 -30.73
C PRO B 1040 60.96 106.45 -30.97
N VAL B 1041 60.67 107.68 -31.39
CA VAL B 1041 59.31 108.09 -31.68
C VAL B 1041 59.16 108.31 -33.17
N ILE B 1042 58.01 107.91 -33.70
CA ILE B 1042 57.67 108.12 -35.10
C ILE B 1042 56.54 109.13 -35.12
N ALA B 1043 56.79 110.27 -35.75
CA ALA B 1043 55.84 111.36 -35.75
C ALA B 1043 54.59 110.98 -36.55
N THR B 1044 53.46 111.51 -36.10
CA THR B 1044 52.17 111.10 -36.67
C THR B 1044 52.03 111.56 -38.11
N GLU B 1045 52.64 112.67 -38.50
CA GLU B 1045 52.53 113.11 -39.89
C GLU B 1045 53.44 112.31 -40.82
N ASP B 1046 54.59 111.86 -40.33
CA ASP B 1046 55.40 110.90 -41.09
C ASP B 1046 54.64 109.60 -41.29
N ALA B 1047 53.91 109.17 -40.27
CA ALA B 1047 53.10 107.96 -40.43
C ALA B 1047 51.89 108.20 -41.35
N THR B 1048 51.35 109.43 -41.39
CA THR B 1048 50.33 109.76 -42.40
C THR B 1048 50.88 109.60 -43.80
N SER B 1049 52.08 110.13 -44.04
CA SER B 1049 52.66 110.06 -45.38
C SER B 1049 52.94 108.61 -45.79
N ALA B 1050 53.48 107.81 -44.87
CA ALA B 1050 53.73 106.41 -45.17
C ALA B 1050 52.45 105.63 -45.44
N MET B 1051 51.41 105.89 -44.66
CA MET B 1051 50.20 105.13 -44.89
C MET B 1051 49.40 105.64 -46.08
N ARG B 1052 49.53 106.90 -46.45
CA ARG B 1052 48.85 107.33 -47.66
C ARG B 1052 49.56 106.82 -48.91
N THR B 1053 50.88 106.66 -48.87
CA THR B 1053 51.48 106.06 -50.05
C THR B 1053 51.24 104.55 -50.12
N VAL B 1054 51.08 103.86 -48.98
CA VAL B 1054 50.68 102.46 -49.11
C VAL B 1054 49.18 102.35 -49.43
N LEU B 1055 48.38 103.38 -49.14
CA LEU B 1055 46.99 103.40 -49.60
C LEU B 1055 46.93 103.54 -51.10
N ALA B 1056 47.84 104.34 -51.67
CA ALA B 1056 47.98 104.42 -53.12
C ALA B 1056 48.36 103.08 -53.72
N ILE B 1057 49.33 102.40 -53.10
CA ILE B 1057 49.74 101.08 -53.59
C ILE B 1057 48.59 100.08 -53.51
N ALA B 1058 47.70 100.24 -52.51
CA ALA B 1058 46.54 99.37 -52.41
C ALA B 1058 45.52 99.67 -53.50
N ALA B 1059 45.21 100.94 -53.75
CA ALA B 1059 44.10 101.26 -54.63
C ALA B 1059 44.51 101.65 -56.04
N GLY B 1060 45.28 102.73 -56.20
CA GLY B 1060 45.50 103.30 -57.52
C GLY B 1060 46.69 104.21 -57.52
N VAL B 1061 47.13 104.54 -58.74
CA VAL B 1061 48.53 104.75 -59.14
C VAL B 1061 49.41 105.50 -58.16
N ASP B 1062 49.02 106.73 -57.81
CA ASP B 1062 49.83 107.56 -56.93
C ASP B 1062 48.94 108.24 -55.91
N SER B 1063 49.52 108.51 -54.75
CA SER B 1063 48.75 109.13 -53.68
C SER B 1063 48.40 110.61 -53.91
N PRO B 1064 49.25 111.50 -54.50
CA PRO B 1064 48.73 112.85 -54.74
C PRO B 1064 47.73 112.90 -55.88
N GLU B 1065 46.45 112.95 -55.47
CA GLU B 1065 45.31 113.22 -56.36
C GLU B 1065 45.21 112.25 -57.53
N PHE B 1066 45.17 110.96 -57.22
CA PHE B 1066 44.74 109.99 -58.23
C PHE B 1066 43.71 109.05 -57.63
N LEU B 1067 43.77 108.88 -56.32
CA LEU B 1067 42.63 108.34 -55.60
C LEU B 1067 41.48 109.34 -55.69
N PRO B 1068 40.23 108.86 -55.75
CA PRO B 1068 39.11 109.78 -56.01
C PRO B 1068 38.85 110.71 -54.84
N ALA B 1069 38.34 111.89 -55.17
CA ALA B 1069 38.18 112.96 -54.19
C ALA B 1069 37.06 112.63 -53.22
N VAL B 1070 37.21 113.11 -51.98
CA VAL B 1070 36.24 112.91 -50.93
C VAL B 1070 35.37 114.16 -50.93
N ALA B 1071 34.05 113.94 -50.98
CA ALA B 1071 33.09 115.02 -50.87
C ALA B 1071 32.90 115.42 -49.40
N ASN B 1072 31.80 116.10 -49.14
CA ASN B 1072 31.37 116.47 -47.79
C ASN B 1072 31.31 115.25 -46.87
N GLY B 1073 30.73 114.15 -47.35
CA GLY B 1073 30.83 112.90 -46.64
C GLY B 1073 31.24 111.72 -47.51
N THR B 1074 31.06 111.85 -48.81
CA THR B 1074 31.04 110.70 -49.70
C THR B 1074 32.30 110.66 -50.55
N ALA B 1075 32.41 109.57 -51.32
CA ALA B 1075 33.40 109.46 -52.39
C ALA B 1075 32.72 108.75 -53.54
N THR B 1076 32.77 109.34 -54.72
CA THR B 1076 31.99 108.88 -55.87
C THR B 1076 32.90 108.45 -57.02
N LEU B 1077 32.42 107.47 -57.78
CA LEU B 1077 33.10 107.03 -58.99
C LEU B 1077 32.08 106.69 -60.05
N THR B 1078 32.50 106.78 -61.31
CA THR B 1078 31.73 106.32 -62.46
C THR B 1078 32.60 105.35 -63.24
N VAL B 1079 32.15 104.10 -63.35
CA VAL B 1079 32.96 103.05 -63.95
C VAL B 1079 32.19 102.39 -65.09
N ASP B 1080 32.94 101.86 -66.04
CA ASP B 1080 32.39 101.16 -67.19
C ASP B 1080 32.27 99.68 -66.84
N TRP B 1081 31.07 99.13 -67.01
CA TRP B 1081 30.80 97.75 -66.63
C TRP B 1081 30.54 96.92 -67.88
N HIS B 1082 31.19 95.76 -67.96
CA HIS B 1082 31.04 94.79 -69.02
C HIS B 1082 30.69 93.43 -68.43
N PRO B 1083 29.76 92.68 -69.04
CA PRO B 1083 29.33 91.41 -68.46
C PRO B 1083 30.33 90.27 -68.57
N GLU B 1084 31.26 90.34 -69.53
CA GLU B 1084 32.24 89.27 -69.71
C GLU B 1084 33.33 89.30 -68.64
N ARG B 1085 33.50 90.44 -67.98
CA ARG B 1085 34.42 90.50 -66.84
C ARG B 1085 33.89 89.67 -65.67
N VAL B 1086 32.57 89.49 -65.59
CA VAL B 1086 32.03 88.57 -64.60
C VAL B 1086 32.42 87.14 -64.93
N ALA B 1087 32.49 86.82 -66.22
CA ALA B 1087 32.86 85.47 -66.63
C ALA B 1087 34.31 85.17 -66.30
N ASP B 1088 35.23 86.09 -66.63
CA ASP B 1088 36.60 85.76 -66.26
C ASP B 1088 36.90 86.04 -64.78
N HIS B 1089 35.97 86.66 -64.05
CA HIS B 1089 36.02 86.64 -62.60
C HIS B 1089 35.71 85.25 -62.05
N THR B 1090 34.61 84.66 -62.51
CA THR B 1090 34.22 83.33 -62.04
C THR B 1090 35.22 82.27 -62.47
N GLY B 1091 35.89 82.48 -63.60
CA GLY B 1091 36.94 81.55 -64.01
C GLY B 1091 38.14 81.55 -63.09
N VAL B 1092 38.39 82.65 -62.40
CA VAL B 1092 39.47 82.68 -61.43
C VAL B 1092 39.00 82.17 -60.08
N THR B 1093 37.79 82.56 -59.68
CA THR B 1093 37.32 82.19 -58.35
C THR B 1093 36.94 80.71 -58.27
N ALA B 1094 35.99 80.28 -59.09
CA ALA B 1094 35.41 78.94 -58.95
C ALA B 1094 36.39 77.91 -59.50
N THR B 1095 37.09 77.22 -58.60
CA THR B 1095 38.04 76.17 -58.93
C THR B 1095 37.65 74.89 -58.21
N PHE B 1096 36.37 74.54 -58.32
CA PHE B 1096 35.74 73.51 -57.51
C PHE B 1096 36.14 72.11 -58.00
N GLY B 1097 35.45 71.10 -57.49
CA GLY B 1097 35.74 69.71 -57.84
C GLY B 1097 35.17 69.30 -59.17
N GLU B 1098 34.87 68.01 -59.30
CA GLU B 1098 34.30 67.50 -60.54
C GLU B 1098 32.81 67.74 -60.73
N PRO B 1099 31.88 67.29 -59.85
CA PRO B 1099 30.48 67.12 -60.29
C PRO B 1099 29.72 68.42 -60.46
N LEU B 1100 30.20 69.52 -59.90
CA LEU B 1100 29.43 70.75 -59.89
C LEU B 1100 29.61 71.50 -61.21
N ALA B 1101 28.99 72.68 -61.30
CA ALA B 1101 29.09 73.55 -62.46
C ALA B 1101 28.71 74.94 -61.99
N PRO B 1102 29.36 75.99 -62.50
CA PRO B 1102 28.99 77.35 -62.09
C PRO B 1102 27.62 77.74 -62.64
N SER B 1103 27.04 78.74 -62.00
CA SER B 1103 25.70 79.19 -62.37
C SER B 1103 25.73 79.97 -63.67
N LEU B 1104 24.53 80.24 -64.19
CA LEU B 1104 24.39 81.03 -65.40
C LEU B 1104 24.13 82.49 -65.10
N THR B 1105 23.39 82.79 -64.03
CA THR B 1105 23.19 84.16 -63.63
C THR B 1105 24.44 84.69 -62.95
N ASN B 1106 24.51 86.02 -62.85
CA ASN B 1106 25.69 86.64 -62.26
C ASN B 1106 25.60 86.59 -60.74
N VAL B 1107 26.76 86.59 -60.11
CA VAL B 1107 26.88 86.38 -58.67
C VAL B 1107 26.96 87.79 -58.07
N PRO B 1108 26.47 88.03 -56.85
CA PRO B 1108 26.54 89.40 -56.30
C PRO B 1108 27.92 89.86 -55.92
N ASP B 1109 28.91 88.98 -55.83
CA ASP B 1109 30.30 89.43 -55.64
C ASP B 1109 30.99 89.66 -56.98
N ALA B 1110 30.37 90.45 -57.82
CA ALA B 1110 31.01 90.98 -59.00
C ALA B 1110 30.92 92.48 -59.10
N LEU B 1111 29.98 93.11 -58.42
CA LEU B 1111 29.93 94.56 -58.32
C LEU B 1111 30.97 95.11 -57.38
N VAL B 1112 31.53 94.29 -56.48
CA VAL B 1112 32.57 94.71 -55.58
C VAL B 1112 33.89 94.96 -56.27
N GLY B 1113 34.03 94.52 -57.51
CA GLY B 1113 35.22 94.72 -58.29
C GLY B 1113 35.55 96.17 -58.57
N PRO B 1114 34.74 96.86 -59.38
CA PRO B 1114 35.08 98.21 -59.80
C PRO B 1114 34.91 99.29 -58.73
N CYS B 1115 34.52 98.96 -57.51
CA CYS B 1115 34.26 99.97 -56.49
C CYS B 1115 35.35 100.01 -55.42
N TRP B 1116 36.53 99.46 -55.69
CA TRP B 1116 37.58 99.56 -54.69
C TRP B 1116 38.18 100.96 -54.47
N PRO B 1117 38.45 101.81 -55.47
CA PRO B 1117 39.02 103.13 -55.13
C PRO B 1117 38.07 104.02 -54.34
N ALA B 1118 36.76 103.81 -54.44
CA ALA B 1118 35.82 104.57 -53.61
C ALA B 1118 35.97 104.21 -52.14
N VAL B 1119 36.05 102.92 -51.82
CA VAL B 1119 36.10 102.55 -50.42
C VAL B 1119 37.48 102.82 -49.82
N PHE B 1120 38.55 102.75 -50.62
CA PHE B 1120 39.85 103.13 -50.05
C PHE B 1120 39.97 104.63 -49.90
N ALA B 1121 39.34 105.41 -50.78
CA ALA B 1121 39.30 106.84 -50.56
C ALA B 1121 38.43 107.20 -49.36
N ALA B 1122 37.42 106.39 -49.06
CA ALA B 1122 36.63 106.61 -47.85
C ALA B 1122 37.42 106.28 -46.59
N ILE B 1123 38.24 105.23 -46.64
CA ILE B 1123 39.13 104.94 -45.52
C ILE B 1123 40.15 106.05 -45.33
N GLY B 1124 40.66 106.60 -46.44
CA GLY B 1124 41.67 107.64 -46.39
C GLY B 1124 41.22 108.95 -45.78
N SER B 1125 39.92 109.12 -45.52
CA SER B 1125 39.44 110.30 -44.83
C SER B 1125 38.49 109.96 -43.69
N ALA B 1126 38.27 108.67 -43.40
CA ALA B 1126 37.41 108.29 -42.29
C ALA B 1126 38.07 108.67 -40.97
N VAL B 1127 37.28 109.23 -40.06
CA VAL B 1127 37.77 109.64 -38.75
C VAL B 1127 36.94 108.97 -37.67
N THR B 1128 37.54 108.82 -36.49
CA THR B 1128 36.82 108.42 -35.30
C THR B 1128 36.18 109.65 -34.68
N ASP B 1129 35.73 109.51 -33.44
CA ASP B 1129 35.35 110.67 -32.65
C ASP B 1129 36.63 111.37 -32.23
N THR B 1130 37.01 112.40 -32.99
CA THR B 1130 38.22 113.23 -32.81
C THR B 1130 39.50 112.38 -32.91
N GLY B 1131 39.73 111.87 -34.12
CA GLY B 1131 40.93 111.10 -34.42
C GLY B 1131 40.74 110.32 -35.71
N GLU B 1132 41.81 110.02 -36.45
CA GLU B 1132 41.63 109.45 -37.79
C GLU B 1132 42.30 108.08 -37.96
N PRO B 1133 41.53 107.03 -38.30
CA PRO B 1133 42.16 105.77 -38.71
C PRO B 1133 42.50 105.75 -40.19
N VAL B 1134 43.56 106.46 -40.54
CA VAL B 1134 44.21 106.31 -41.84
C VAL B 1134 45.63 105.82 -41.68
N VAL B 1135 46.14 105.92 -40.47
CA VAL B 1135 47.54 106.14 -40.16
C VAL B 1135 48.00 105.02 -39.27
N GLU B 1136 47.34 104.90 -38.13
CA GLU B 1136 47.77 103.96 -37.12
C GLU B 1136 47.44 102.52 -37.49
N GLY B 1137 46.62 102.28 -38.50
CA GLY B 1137 46.28 100.90 -38.76
C GLY B 1137 46.07 100.46 -40.18
N LEU B 1138 46.66 101.13 -41.16
CA LEU B 1138 46.41 100.69 -42.53
C LEU B 1138 47.17 99.41 -42.82
N LEU B 1139 48.36 99.25 -42.26
CA LEU B 1139 49.00 97.93 -42.30
C LEU B 1139 48.37 96.94 -41.33
N SER B 1140 47.52 97.39 -40.40
CA SER B 1140 46.79 96.48 -39.53
C SER B 1140 45.31 96.42 -39.91
N LEU B 1141 45.01 96.56 -41.19
CA LEU B 1141 43.64 96.60 -41.68
C LEU B 1141 43.18 95.21 -42.04
N VAL B 1142 42.00 94.81 -41.55
CA VAL B 1142 41.40 93.52 -41.86
C VAL B 1142 39.97 93.77 -42.30
N HIS B 1143 39.57 93.15 -43.41
CA HIS B 1143 38.16 93.18 -43.80
C HIS B 1143 37.37 92.29 -42.86
N LEU B 1144 36.57 92.90 -41.98
CA LEU B 1144 35.93 92.16 -40.91
C LEU B 1144 34.73 91.36 -41.41
N ASP B 1145 33.76 92.02 -42.02
CA ASP B 1145 32.60 91.33 -42.56
C ASP B 1145 31.97 92.16 -43.66
N HIS B 1146 31.18 91.47 -44.48
CA HIS B 1146 30.66 92.01 -45.73
C HIS B 1146 29.18 91.69 -45.84
N ALA B 1147 28.42 92.59 -46.45
CA ALA B 1147 26.99 92.37 -46.58
C ALA B 1147 26.48 93.02 -47.86
N ALA B 1148 25.65 92.29 -48.59
CA ALA B 1148 25.16 92.68 -49.90
C ALA B 1148 23.65 92.59 -49.94
N ARG B 1149 23.05 93.57 -50.62
CA ARG B 1149 21.61 93.60 -50.82
C ARG B 1149 21.36 94.08 -52.24
N VAL B 1150 20.75 93.23 -53.07
CA VAL B 1150 20.52 93.60 -54.46
C VAL B 1150 19.05 93.96 -54.65
N VAL B 1151 18.83 94.94 -55.50
CA VAL B 1151 17.51 95.20 -56.09
C VAL B 1151 17.40 94.28 -57.29
N GLY B 1152 16.18 94.02 -57.76
CA GLY B 1152 15.91 93.01 -58.78
C GLY B 1152 16.59 93.24 -60.12
N GLN B 1153 17.01 94.48 -60.40
CA GLN B 1153 17.77 94.75 -61.61
C GLN B 1153 19.21 94.29 -61.44
N LEU B 1154 19.83 93.93 -62.55
CA LEU B 1154 21.23 93.58 -62.61
C LEU B 1154 21.50 93.73 -64.09
N PRO B 1155 22.50 94.52 -64.48
CA PRO B 1155 22.70 94.79 -65.91
C PRO B 1155 23.25 93.58 -66.64
N THR B 1156 23.03 93.56 -67.95
CA THR B 1156 23.56 92.51 -68.82
C THR B 1156 24.06 93.08 -70.14
N VAL B 1157 24.06 94.40 -70.28
CA VAL B 1157 24.55 95.07 -71.48
C VAL B 1157 25.80 95.84 -71.05
N PRO B 1158 26.71 96.17 -71.96
CA PRO B 1158 27.84 97.02 -71.57
C PRO B 1158 27.36 98.44 -71.27
N ALA B 1159 27.60 98.89 -70.04
CA ALA B 1159 27.00 100.11 -69.56
C ALA B 1159 28.04 100.93 -68.81
N GLN B 1160 27.61 102.08 -68.30
CA GLN B 1160 28.44 102.95 -67.48
C GLN B 1160 27.64 103.32 -66.24
N LEU B 1161 28.02 102.75 -65.10
CA LEU B 1161 27.30 102.94 -63.85
C LEU B 1161 28.16 103.73 -62.88
N THR B 1162 27.63 103.97 -61.67
CA THR B 1162 28.33 104.80 -60.71
C THR B 1162 28.14 104.24 -59.31
N VAL B 1163 29.12 104.53 -58.46
CA VAL B 1163 29.14 104.07 -57.08
C VAL B 1163 29.42 105.25 -56.16
N THR B 1164 28.90 105.15 -54.93
CA THR B 1164 29.08 106.20 -53.95
C THR B 1164 29.26 105.56 -52.58
N ALA B 1165 30.39 105.82 -51.93
CA ALA B 1165 30.75 105.19 -50.68
C ALA B 1165 30.87 106.24 -49.58
N THR B 1166 30.25 105.94 -48.43
CA THR B 1166 30.29 106.81 -47.27
C THR B 1166 30.92 106.03 -46.11
N ALA B 1167 31.85 106.66 -45.42
CA ALA B 1167 32.49 106.05 -44.27
C ALA B 1167 31.93 106.66 -43.00
N ALA B 1168 31.37 105.83 -42.12
CA ALA B 1168 30.77 106.36 -40.92
C ALA B 1168 31.86 106.68 -39.90
N ASN B 1169 31.44 107.30 -38.79
CA ASN B 1169 32.38 107.63 -37.73
C ASN B 1169 32.83 106.37 -37.02
N ALA B 1170 34.13 106.10 -37.07
CA ALA B 1170 34.66 104.83 -36.60
C ALA B 1170 34.69 104.79 -35.08
N THR B 1171 34.37 103.62 -34.54
CA THR B 1171 34.46 103.40 -33.11
C THR B 1171 35.60 102.44 -32.84
N ASP B 1172 35.79 102.08 -31.58
CA ASP B 1172 36.85 101.12 -31.23
C ASP B 1172 36.35 100.19 -30.14
N THR B 1173 36.00 98.98 -30.55
CA THR B 1173 35.45 97.98 -29.66
C THR B 1173 36.54 97.07 -29.14
N ASP B 1174 36.13 96.05 -28.38
CA ASP B 1174 37.02 95.19 -27.63
C ASP B 1174 37.86 94.25 -28.48
N MET B 1175 37.71 94.28 -29.80
CA MET B 1175 38.62 93.56 -30.69
C MET B 1175 39.41 94.49 -31.59
N GLY B 1176 39.08 95.76 -31.66
CA GLY B 1176 39.81 96.67 -32.51
C GLY B 1176 38.94 97.83 -32.93
N ARG B 1177 39.54 98.72 -33.70
CA ARG B 1177 38.85 99.93 -34.15
C ARG B 1177 38.04 99.61 -35.40
N VAL B 1178 36.73 99.64 -35.27
CA VAL B 1178 35.81 99.28 -36.35
C VAL B 1178 35.47 100.54 -37.14
N VAL B 1179 35.74 100.47 -38.43
CA VAL B 1179 35.40 101.49 -39.43
C VAL B 1179 34.30 100.90 -40.31
N PRO B 1180 33.04 101.31 -40.15
CA PRO B 1180 32.02 100.85 -41.09
C PRO B 1180 31.93 101.76 -42.31
N VAL B 1181 31.66 101.15 -43.46
CA VAL B 1181 31.57 101.89 -44.71
C VAL B 1181 30.48 101.27 -45.57
N SER B 1182 29.63 102.13 -46.11
CA SER B 1182 28.46 101.71 -46.88
C SER B 1182 28.53 102.35 -48.26
N VAL B 1183 28.46 101.53 -49.29
CA VAL B 1183 28.52 101.99 -50.67
C VAL B 1183 27.24 101.57 -51.37
N VAL B 1184 26.74 102.42 -52.26
CA VAL B 1184 25.57 102.12 -53.05
C VAL B 1184 25.93 102.29 -54.52
N VAL B 1185 25.39 101.42 -55.37
CA VAL B 1185 25.72 101.41 -56.79
C VAL B 1185 24.44 101.65 -57.58
N THR B 1186 24.46 102.67 -58.44
CA THR B 1186 23.30 103.02 -59.25
C THR B 1186 23.71 103.09 -60.72
N GLY B 1187 22.77 102.71 -61.58
CA GLY B 1187 22.99 102.71 -63.01
C GLY B 1187 22.92 104.09 -63.62
N ALA B 1188 22.67 104.12 -64.93
CA ALA B 1188 22.62 105.40 -65.64
C ALA B 1188 21.28 106.08 -65.46
N ASP B 1189 20.20 105.33 -65.28
CA ASP B 1189 18.87 105.88 -65.13
C ASP B 1189 18.55 106.31 -63.70
N GLY B 1190 19.54 106.35 -62.81
CA GLY B 1190 19.27 106.70 -61.44
C GLY B 1190 18.65 105.58 -60.60
N ALA B 1191 18.49 104.39 -61.17
CA ALA B 1191 17.92 103.28 -60.43
C ALA B 1191 18.99 102.64 -59.56
N VAL B 1192 18.65 102.36 -58.31
CA VAL B 1192 19.58 101.73 -57.39
C VAL B 1192 19.73 100.26 -57.77
N ILE B 1193 20.96 99.86 -58.09
CA ILE B 1193 21.20 98.46 -58.43
C ILE B 1193 21.40 97.63 -57.17
N ALA B 1194 22.37 97.99 -56.35
CA ALA B 1194 22.66 97.22 -55.15
C ALA B 1194 23.24 98.12 -54.07
N THR B 1195 23.35 97.55 -52.87
CA THR B 1195 23.80 98.26 -51.68
C THR B 1195 24.70 97.33 -50.90
N LEU B 1196 25.92 97.77 -50.65
CA LEU B 1196 26.91 96.97 -49.94
C LEU B 1196 27.25 97.70 -48.65
N GLU B 1197 27.41 96.95 -47.57
CA GLU B 1197 27.86 97.50 -46.29
C GLU B 1197 28.92 96.57 -45.73
N GLU B 1198 30.07 97.12 -45.37
CA GLU B 1198 31.13 96.28 -44.87
C GLU B 1198 31.88 97.01 -43.76
N ARG B 1199 32.42 96.22 -42.84
CA ARG B 1199 33.17 96.77 -41.73
C ARG B 1199 34.63 96.38 -41.84
N PHE B 1200 35.47 97.24 -41.31
CA PHE B 1200 36.91 97.05 -41.33
C PHE B 1200 37.43 97.13 -39.91
N ALA B 1201 38.23 96.13 -39.54
CA ALA B 1201 38.82 96.07 -38.22
C ALA B 1201 40.26 96.55 -38.30
N ILE B 1202 40.56 97.61 -37.57
CA ILE B 1202 41.93 98.00 -37.29
C ILE B 1202 42.36 97.23 -36.05
N LEU B 1203 43.34 96.35 -36.20
CA LEU B 1203 43.45 95.25 -35.24
C LEU B 1203 44.20 95.66 -33.98
N GLY B 1204 45.09 96.63 -34.06
CA GLY B 1204 45.95 96.95 -32.93
C GLY B 1204 45.26 97.59 -31.75
N ARG B 1205 44.75 98.78 -31.94
CA ARG B 1205 44.23 99.59 -30.86
C ARG B 1205 42.75 99.36 -30.65
N THR B 1206 42.32 99.44 -29.39
CA THR B 1206 40.99 99.03 -29.00
C THR B 1206 40.45 100.02 -27.97
N GLY B 1207 39.19 99.81 -27.60
CA GLY B 1207 38.55 100.58 -26.55
C GLY B 1207 37.47 99.75 -25.90
N SER B 1208 36.58 100.40 -25.15
CA SER B 1208 35.48 99.71 -24.48
C SER B 1208 34.17 100.24 -25.05
N ALA B 1209 33.75 99.65 -26.17
CA ALA B 1209 32.46 99.95 -26.77
C ALA B 1209 31.88 98.64 -27.26
N GLU B 1210 30.56 98.56 -27.28
CA GLU B 1210 29.91 97.32 -27.64
C GLU B 1210 29.90 97.16 -29.16
N LEU B 1211 30.25 95.97 -29.63
CA LEU B 1211 30.30 95.67 -31.05
C LEU B 1211 28.91 95.23 -31.48
N ALA B 1212 28.23 96.07 -32.25
CA ALA B 1212 26.90 95.71 -32.76
C ALA B 1212 27.01 94.64 -33.82
N ASP B 1213 26.12 93.66 -33.75
CA ASP B 1213 26.11 92.57 -34.72
C ASP B 1213 25.49 93.04 -36.03
N PRO B 1214 26.04 92.65 -37.18
CA PRO B 1214 25.50 93.09 -38.47
C PRO B 1214 24.18 92.43 -38.80
N ALA B 1215 23.57 92.92 -39.87
CA ALA B 1215 22.25 92.46 -40.26
C ALA B 1215 22.36 91.09 -40.92
N ARG B 1216 21.44 90.20 -40.56
CA ARG B 1216 21.48 88.84 -41.06
C ARG B 1216 20.92 88.80 -42.47
N ALA B 1217 21.63 88.09 -43.35
CA ALA B 1217 21.27 87.89 -44.76
C ALA B 1217 21.13 89.20 -45.51
N GLY B 1218 22.00 90.16 -45.20
CA GLY B 1218 22.05 91.42 -45.93
C GLY B 1218 20.87 92.35 -45.75
N GLY B 1219 19.98 92.06 -44.81
CA GLY B 1219 18.82 92.89 -44.60
C GLY B 1219 17.63 92.54 -45.46
N ALA B 1220 17.60 91.36 -46.05
CA ALA B 1220 16.51 90.97 -46.94
C ALA B 1220 15.56 89.98 -46.29
N VAL B 1221 15.69 89.74 -44.98
CA VAL B 1221 14.70 88.93 -44.28
C VAL B 1221 13.42 89.75 -44.12
N SER B 1222 12.30 89.19 -44.55
CA SER B 1222 11.03 89.92 -44.61
C SER B 1222 10.24 89.83 -43.31
N ALA B 1223 10.91 89.53 -42.19
CA ALA B 1223 10.33 89.45 -40.85
C ALA B 1223 9.20 88.42 -40.74
N ASN B 1224 9.19 87.43 -41.64
CA ASN B 1224 8.26 86.31 -41.59
C ASN B 1224 9.09 85.06 -41.84
N ALA B 1225 9.72 84.55 -40.79
CA ALA B 1225 10.67 83.47 -40.95
C ALA B 1225 10.46 82.45 -39.85
N THR B 1226 10.38 81.20 -40.22
CA THR B 1226 10.20 80.11 -39.27
C THR B 1226 11.43 79.24 -39.25
N ASP B 1227 11.80 78.79 -38.05
CA ASP B 1227 12.99 77.95 -37.88
C ASP B 1227 12.60 76.51 -38.25
N THR B 1228 12.57 76.26 -39.54
CA THR B 1228 12.45 74.88 -40.01
C THR B 1228 13.74 74.12 -39.70
N PRO B 1229 13.65 72.82 -39.43
CA PRO B 1229 14.87 72.07 -39.08
C PRO B 1229 15.87 72.00 -40.22
N ARG B 1230 17.13 71.77 -39.83
CA ARG B 1230 18.23 71.88 -40.76
C ARG B 1230 18.26 70.70 -41.73
N ARG B 1231 18.52 70.99 -43.00
CA ARG B 1231 18.73 69.97 -44.01
C ARG B 1231 19.98 70.33 -44.80
N ARG B 1232 20.83 69.33 -45.02
CA ARG B 1232 22.07 69.52 -45.76
C ARG B 1232 21.78 69.76 -47.23
N ARG B 1233 22.56 70.63 -47.87
CA ARG B 1233 22.47 70.79 -49.31
C ARG B 1233 23.71 70.26 -50.03
N ARG B 1234 24.90 70.67 -49.60
CA ARG B 1234 26.10 70.35 -50.36
C ARG B 1234 27.33 70.48 -49.46
N ASP B 1235 28.36 69.72 -49.80
CA ASP B 1235 29.65 69.76 -49.12
C ASP B 1235 30.74 69.85 -50.17
N VAL B 1236 31.44 70.99 -50.22
CA VAL B 1236 32.38 71.28 -51.31
C VAL B 1236 33.73 71.66 -50.72
N THR B 1237 34.79 70.97 -51.15
CA THR B 1237 36.15 71.28 -50.73
C THR B 1237 36.86 72.08 -51.82
N ILE B 1238 37.33 73.27 -51.46
CA ILE B 1238 38.03 74.16 -52.37
C ILE B 1238 39.39 74.50 -51.76
N THR B 1239 40.45 74.34 -52.54
CA THR B 1239 41.78 74.70 -52.07
C THR B 1239 42.07 76.14 -52.42
N ALA B 1240 42.66 76.86 -51.48
CA ALA B 1240 43.06 78.23 -51.72
C ALA B 1240 44.25 78.25 -52.67
N PRO B 1241 44.29 79.20 -53.60
CA PRO B 1241 45.37 79.20 -54.59
C PRO B 1241 46.69 79.65 -53.99
N VAL B 1242 47.77 79.48 -54.74
CA VAL B 1242 49.10 79.75 -54.22
C VAL B 1242 49.43 81.22 -54.25
N ASP B 1243 49.11 81.92 -55.32
CA ASP B 1243 49.45 83.33 -55.46
C ASP B 1243 48.19 84.16 -55.62
N MET B 1244 48.22 85.37 -55.06
CA MET B 1244 47.04 86.22 -55.01
C MET B 1244 47.00 87.29 -56.10
N ARG B 1245 48.04 87.42 -56.91
CA ARG B 1245 48.02 88.40 -57.98
C ARG B 1245 46.95 88.18 -59.06
N PRO B 1246 46.58 86.95 -59.47
CA PRO B 1246 45.42 86.83 -60.38
C PRO B 1246 44.12 87.38 -59.80
N PHE B 1247 43.76 86.99 -58.58
CA PHE B 1247 42.55 87.53 -57.97
C PHE B 1247 42.68 89.01 -57.69
N ALA B 1248 43.91 89.49 -57.46
CA ALA B 1248 44.12 90.91 -57.23
C ALA B 1248 43.84 91.72 -58.49
N VAL B 1249 44.34 91.26 -59.64
CA VAL B 1249 44.13 91.99 -60.88
C VAL B 1249 42.67 91.87 -61.32
N VAL B 1250 42.03 90.73 -61.04
CA VAL B 1250 40.62 90.56 -61.40
C VAL B 1250 39.73 91.45 -60.54
N SER B 1251 39.88 91.36 -59.21
CA SER B 1251 39.00 92.10 -58.31
C SER B 1251 39.32 93.59 -58.31
N GLY B 1252 40.55 93.96 -57.96
CA GLY B 1252 40.98 95.35 -58.02
C GLY B 1252 41.85 95.78 -56.85
N ASP B 1253 41.66 95.17 -55.68
CA ASP B 1253 42.40 95.58 -54.49
C ASP B 1253 43.83 95.08 -54.60
N HIS B 1254 44.77 96.00 -54.73
CA HIS B 1254 46.19 95.69 -54.74
C HIS B 1254 46.80 95.91 -53.37
N ASN B 1255 46.03 95.57 -52.33
CA ASN B 1255 46.45 95.65 -50.95
C ASN B 1255 47.66 94.77 -50.74
N PRO B 1256 48.83 95.33 -50.40
CA PRO B 1256 50.08 94.56 -50.44
C PRO B 1256 50.18 93.48 -49.41
N ILE B 1257 49.29 93.46 -48.43
CA ILE B 1257 49.28 92.45 -47.39
C ILE B 1257 48.96 91.06 -47.95
N HIS B 1258 48.33 90.99 -49.13
CA HIS B 1258 47.98 89.70 -49.72
C HIS B 1258 49.03 89.19 -50.69
N THR B 1259 49.87 90.05 -51.25
CA THR B 1259 50.84 89.62 -52.25
C THR B 1259 52.28 89.74 -51.79
N ASP B 1260 52.66 90.88 -51.23
CA ASP B 1260 54.06 91.16 -50.93
C ASP B 1260 54.51 90.39 -49.69
N ARG B 1261 55.79 90.01 -49.70
CA ARG B 1261 56.39 89.41 -48.52
C ARG B 1261 56.89 90.48 -47.56
N ALA B 1262 57.45 91.57 -48.11
CA ALA B 1262 57.97 92.64 -47.26
C ALA B 1262 56.85 93.37 -46.53
N ALA B 1263 55.70 93.55 -47.18
CA ALA B 1263 54.59 94.20 -46.50
C ALA B 1263 53.95 93.31 -45.46
N ALA B 1264 53.95 91.99 -45.68
CA ALA B 1264 53.43 91.08 -44.67
C ALA B 1264 54.35 91.03 -43.45
N LEU B 1265 55.66 91.02 -43.68
CA LEU B 1265 56.60 91.11 -42.57
C LEU B 1265 56.53 92.46 -41.88
N LEU B 1266 56.20 93.52 -42.63
CA LEU B 1266 56.10 94.84 -42.04
C LEU B 1266 54.84 94.98 -41.21
N ALA B 1267 53.77 94.28 -41.59
CA ALA B 1267 52.56 94.24 -40.79
C ALA B 1267 52.61 93.21 -39.70
N GLY B 1268 53.66 92.39 -39.66
CA GLY B 1268 53.80 91.48 -38.55
C GLY B 1268 53.04 90.20 -38.79
N LEU B 1269 53.21 89.65 -39.99
CA LEU B 1269 52.67 88.35 -40.34
C LEU B 1269 53.80 87.50 -40.88
N GLU B 1270 53.68 86.18 -40.70
CA GLU B 1270 54.71 85.27 -41.18
C GLU B 1270 54.72 85.21 -42.71
N SER B 1271 53.54 85.29 -43.31
CA SER B 1271 53.36 85.10 -44.74
C SER B 1271 52.01 85.73 -45.10
N PRO B 1272 51.81 86.13 -46.36
CA PRO B 1272 50.58 86.85 -46.72
C PRO B 1272 49.32 86.02 -46.56
N ILE B 1273 48.18 86.70 -46.64
CA ILE B 1273 46.87 86.12 -46.39
C ILE B 1273 46.01 86.28 -47.63
N VAL B 1274 45.03 85.39 -47.77
CA VAL B 1274 44.16 85.39 -48.94
C VAL B 1274 43.06 86.43 -48.73
N HIS B 1275 42.33 86.72 -49.80
CA HIS B 1275 41.35 87.79 -49.75
C HIS B 1275 40.05 87.31 -49.11
N GLY B 1276 39.52 88.14 -48.21
CA GLY B 1276 38.19 87.92 -47.69
C GLY B 1276 37.16 87.86 -48.79
N MET B 1277 37.29 88.74 -49.80
CA MET B 1277 36.38 88.67 -50.92
C MET B 1277 36.61 87.43 -51.79
N TRP B 1278 37.81 86.86 -51.75
CA TRP B 1278 38.01 85.59 -52.46
C TRP B 1278 37.19 84.48 -51.82
N LEU B 1279 37.32 84.29 -50.50
CA LEU B 1279 36.52 83.19 -49.96
C LEU B 1279 35.04 83.54 -49.85
N SER B 1280 34.70 84.84 -49.86
CA SER B 1280 33.34 85.29 -50.08
C SER B 1280 32.76 84.79 -51.40
N ALA B 1281 33.48 85.02 -52.50
CA ALA B 1281 32.97 84.60 -53.80
C ALA B 1281 33.00 83.09 -53.95
N ALA B 1282 33.94 82.42 -53.30
CA ALA B 1282 33.94 80.96 -53.29
C ALA B 1282 32.72 80.41 -52.56
N ALA B 1283 32.33 81.05 -51.45
CA ALA B 1283 31.13 80.61 -50.74
C ALA B 1283 29.87 80.86 -51.56
N GLN B 1284 29.82 81.99 -52.27
CA GLN B 1284 28.65 82.25 -53.10
C GLN B 1284 28.54 81.26 -54.26
N HIS B 1285 29.67 80.87 -54.85
CA HIS B 1285 29.59 79.87 -55.90
C HIS B 1285 29.29 78.48 -55.35
N ALA B 1286 29.73 78.18 -54.14
CA ALA B 1286 29.36 76.92 -53.53
C ALA B 1286 27.87 76.88 -53.21
N VAL B 1287 27.26 78.03 -52.95
CA VAL B 1287 25.81 78.09 -52.84
C VAL B 1287 25.16 77.87 -54.20
N THR B 1288 25.54 78.67 -55.19
CA THR B 1288 24.79 78.75 -56.43
C THR B 1288 25.26 77.78 -57.51
N ALA B 1289 26.10 76.82 -57.18
CA ALA B 1289 26.50 75.87 -58.21
C ALA B 1289 25.43 74.84 -58.45
N THR B 1290 25.48 74.21 -59.62
CA THR B 1290 24.51 73.20 -60.04
C THR B 1290 25.20 71.89 -60.35
N ASP B 1291 24.45 70.80 -60.19
CA ASP B 1291 24.94 69.48 -60.59
C ASP B 1291 23.87 68.65 -61.26
N GLY B 1292 22.89 69.30 -61.89
CA GLY B 1292 21.95 68.64 -62.77
C GLY B 1292 20.78 67.94 -62.12
N GLN B 1293 20.88 67.55 -60.86
CA GLN B 1293 19.79 66.79 -60.25
C GLN B 1293 18.65 67.71 -59.85
N ALA B 1294 17.57 67.10 -59.33
CA ALA B 1294 16.26 67.75 -59.25
C ALA B 1294 16.21 68.76 -58.09
N ARG B 1295 16.84 69.91 -58.32
CA ARG B 1295 16.72 71.08 -57.48
C ARG B 1295 16.71 72.31 -58.37
N PRO B 1296 16.03 73.38 -57.96
CA PRO B 1296 16.11 74.63 -58.71
C PRO B 1296 17.48 75.26 -58.55
N PRO B 1297 17.87 76.13 -59.46
CA PRO B 1297 19.10 76.90 -59.26
C PRO B 1297 18.93 77.92 -58.14
N ALA B 1298 20.05 78.52 -57.76
CA ALA B 1298 20.08 79.50 -56.68
C ALA B 1298 20.38 80.87 -57.25
N ARG B 1299 19.57 81.86 -56.89
CA ARG B 1299 19.80 83.25 -57.23
C ARG B 1299 19.68 84.07 -55.96
N LEU B 1300 20.77 84.70 -55.57
CA LEU B 1300 20.84 85.37 -54.27
C LEU B 1300 20.15 86.73 -54.31
N VAL B 1301 19.54 87.09 -53.17
CA VAL B 1301 18.90 88.38 -53.01
C VAL B 1301 19.60 89.16 -51.91
N GLY B 1302 19.66 88.57 -50.72
CA GLY B 1302 20.36 89.19 -49.60
C GLY B 1302 21.44 88.27 -49.10
N TRP B 1303 22.53 88.86 -48.62
CA TRP B 1303 23.67 88.01 -48.29
C TRP B 1303 24.54 88.74 -47.28
N THR B 1304 25.13 87.97 -46.37
CA THR B 1304 26.15 88.52 -45.50
C THR B 1304 27.15 87.44 -45.14
N ALA B 1305 28.36 87.86 -44.79
CA ALA B 1305 29.43 86.93 -44.46
C ALA B 1305 30.34 87.55 -43.43
N ARG B 1306 30.59 86.82 -42.35
CA ARG B 1306 31.42 87.23 -41.25
C ARG B 1306 32.73 86.47 -41.34
N PHE B 1307 33.86 87.20 -41.36
CA PHE B 1307 35.17 86.58 -41.41
C PHE B 1307 35.70 86.44 -39.99
N LEU B 1308 36.35 85.32 -39.70
CA LEU B 1308 36.77 85.02 -38.34
C LEU B 1308 38.27 84.83 -38.20
N GLY B 1309 38.90 84.03 -39.06
CA GLY B 1309 40.30 83.73 -38.94
C GLY B 1309 41.03 83.99 -40.24
N MET B 1310 42.36 83.94 -40.15
CA MET B 1310 43.21 84.12 -41.31
C MET B 1310 43.38 82.80 -42.05
N VAL B 1311 43.45 82.89 -43.37
CA VAL B 1311 43.66 81.73 -44.23
C VAL B 1311 44.90 81.97 -45.07
N ARG B 1312 45.93 81.16 -44.85
CA ARG B 1312 47.14 81.26 -45.65
C ARG B 1312 46.88 80.66 -47.03
N PRO B 1313 47.65 81.08 -48.04
CA PRO B 1313 47.45 80.50 -49.38
C PRO B 1313 47.90 79.05 -49.42
N GLY B 1314 46.97 78.18 -49.82
CA GLY B 1314 47.25 76.77 -49.92
C GLY B 1314 46.61 75.97 -48.81
N ASP B 1315 45.41 76.37 -48.39
CA ASP B 1315 44.68 75.67 -47.34
C ASP B 1315 43.40 75.10 -47.93
N GLU B 1316 42.96 73.97 -47.41
CA GLU B 1316 41.83 73.25 -48.00
C GLU B 1316 40.56 73.63 -47.25
N VAL B 1317 39.89 74.67 -47.73
CA VAL B 1317 38.62 75.10 -47.15
C VAL B 1317 37.55 74.09 -47.54
N ASP B 1318 36.58 73.85 -46.67
CA ASP B 1318 35.40 73.09 -47.07
C ASP B 1318 34.14 73.77 -46.58
N PHE B 1319 33.18 73.90 -47.48
CA PHE B 1319 31.90 74.53 -47.21
C PHE B 1319 30.85 73.44 -46.99
N ARG B 1320 30.00 73.63 -45.98
CA ARG B 1320 28.94 72.69 -45.63
C ARG B 1320 27.64 73.46 -45.55
N VAL B 1321 26.93 73.57 -46.67
CA VAL B 1321 25.81 74.49 -46.80
C VAL B 1321 24.53 73.80 -46.36
N GLU B 1322 23.72 74.50 -45.55
CA GLU B 1322 22.52 73.93 -44.97
C GLU B 1322 21.35 74.86 -45.19
N ARG B 1323 20.17 74.40 -44.79
CA ARG B 1323 18.94 75.17 -44.89
C ARG B 1323 18.51 75.59 -43.48
N VAL B 1324 18.02 76.82 -43.35
CA VAL B 1324 17.71 77.37 -42.03
C VAL B 1324 16.23 77.70 -41.88
N GLY B 1325 15.71 78.53 -42.77
CA GLY B 1325 14.37 79.07 -42.63
C GLY B 1325 13.63 79.12 -43.95
N ILE B 1326 12.44 79.70 -43.89
CA ILE B 1326 11.60 79.90 -45.06
C ILE B 1326 10.93 81.27 -44.94
N ASP B 1327 10.73 81.92 -46.08
CA ASP B 1327 10.21 83.29 -46.09
C ASP B 1327 9.45 83.50 -47.39
N GLN B 1328 8.13 83.30 -47.36
CA GLN B 1328 7.22 83.47 -48.49
C GLN B 1328 7.66 82.65 -49.69
N GLY B 1329 7.93 81.38 -49.46
CA GLY B 1329 8.40 80.50 -50.50
C GLY B 1329 9.89 80.48 -50.71
N ALA B 1330 10.58 81.57 -50.43
CA ALA B 1330 12.04 81.63 -50.50
C ALA B 1330 12.63 81.15 -49.18
N GLU B 1331 13.80 80.50 -49.26
CA GLU B 1331 14.40 79.88 -48.09
C GLU B 1331 15.66 80.59 -47.66
N ILE B 1332 15.98 80.46 -46.38
CA ILE B 1332 17.15 81.08 -45.76
C ILE B 1332 18.21 80.01 -45.62
N VAL B 1333 19.42 80.31 -46.12
CA VAL B 1333 20.46 79.32 -46.33
C VAL B 1333 21.78 79.88 -45.82
N ASP B 1334 22.47 79.13 -44.97
CA ASP B 1334 23.75 79.56 -44.42
C ASP B 1334 24.89 78.64 -44.84
N VAL B 1335 26.12 79.15 -44.81
CA VAL B 1335 27.30 78.32 -45.00
C VAL B 1335 28.25 78.56 -43.84
N ALA B 1336 29.16 77.61 -43.66
CA ALA B 1336 30.21 77.69 -42.67
C ALA B 1336 31.46 77.04 -43.26
N ALA B 1337 32.55 77.78 -43.31
CA ALA B 1337 33.78 77.33 -43.94
C ALA B 1337 34.79 76.93 -42.89
N ARG B 1338 35.45 75.80 -43.10
CA ARG B 1338 36.39 75.26 -42.12
C ARG B 1338 37.73 74.97 -42.77
N VAL B 1339 38.80 75.10 -41.99
CA VAL B 1339 40.14 74.72 -42.40
C VAL B 1339 40.64 73.79 -41.30
N GLY B 1340 40.45 72.50 -41.48
CA GLY B 1340 40.80 71.60 -40.40
C GLY B 1340 39.66 71.44 -39.40
N SER B 1341 39.71 72.18 -38.30
CA SER B 1341 38.69 72.03 -37.27
C SER B 1341 38.21 73.34 -36.65
N ASP B 1342 38.48 74.48 -37.27
CA ASP B 1342 37.97 75.75 -36.79
C ASP B 1342 37.14 76.41 -37.90
N LEU B 1343 36.58 77.58 -37.60
CA LEU B 1343 35.82 78.33 -38.59
C LEU B 1343 36.66 79.47 -39.12
N VAL B 1344 36.44 79.80 -40.39
CA VAL B 1344 37.11 80.95 -41.00
C VAL B 1344 36.06 81.94 -41.51
N MET B 1345 34.86 81.47 -41.83
CA MET B 1345 33.75 82.39 -41.99
C MET B 1345 32.48 81.76 -41.45
N SER B 1346 31.45 82.60 -41.35
CA SER B 1346 30.08 82.14 -41.19
C SER B 1346 29.23 83.08 -42.02
N ALA B 1347 28.46 82.55 -42.96
CA ALA B 1347 27.74 83.40 -43.87
C ALA B 1347 26.29 82.99 -43.95
N SER B 1348 25.42 83.96 -44.21
CA SER B 1348 23.99 83.73 -44.31
C SER B 1348 23.48 84.35 -45.60
N ALA B 1349 22.36 83.83 -46.08
CA ALA B 1349 21.83 84.27 -47.37
C ALA B 1349 20.33 84.03 -47.42
N ARG B 1350 19.65 84.93 -48.13
CA ARG B 1350 18.27 84.72 -48.56
C ARG B 1350 18.29 84.78 -50.07
N LEU B 1351 18.04 83.64 -50.71
CA LEU B 1351 17.99 83.54 -52.15
C LEU B 1351 16.55 83.67 -52.64
N ALA B 1352 16.41 83.92 -53.94
CA ALA B 1352 15.10 84.23 -54.50
C ALA B 1352 14.24 82.98 -54.59
N ALA B 1353 12.93 83.20 -54.63
CA ALA B 1353 12.00 82.10 -54.82
C ALA B 1353 11.97 81.70 -56.29
N PRO B 1354 11.90 80.42 -56.61
CA PRO B 1354 11.92 80.00 -58.01
C PRO B 1354 10.59 80.25 -58.69
N LYS B 1355 10.64 80.31 -60.02
CA LYS B 1355 9.43 80.48 -60.83
C LYS B 1355 8.71 79.14 -60.88
N THR B 1356 7.54 79.05 -60.26
CA THR B 1356 6.84 77.79 -60.14
C THR B 1356 5.53 77.81 -60.91
N VAL B 1357 4.94 76.62 -61.01
CA VAL B 1357 3.67 76.40 -61.70
C VAL B 1357 2.75 75.66 -60.75
N TYR B 1358 1.54 76.16 -60.57
CA TYR B 1358 0.50 75.48 -59.80
C TYR B 1358 -0.52 74.94 -60.79
N ALA B 1359 -0.55 73.63 -60.98
CA ALA B 1359 -1.44 72.99 -61.92
C ALA B 1359 -2.49 72.17 -61.18
N PHE B 1360 -3.74 72.27 -61.63
CA PHE B 1360 -4.84 71.70 -60.88
C PHE B 1360 -5.51 70.57 -61.65
N PRO B 1361 -5.85 69.48 -60.97
CA PRO B 1361 -6.22 68.24 -61.69
C PRO B 1361 -7.64 68.22 -62.25
N GLY B 1362 -8.03 67.07 -62.77
CA GLY B 1362 -9.34 66.88 -63.36
C GLY B 1362 -10.19 65.83 -62.67
N GLN B 1363 -11.10 65.20 -63.40
CA GLN B 1363 -11.95 64.16 -62.83
C GLN B 1363 -11.15 62.91 -62.48
N GLY B 1364 -11.82 61.98 -61.81
CA GLY B 1364 -11.19 60.75 -61.38
C GLY B 1364 -10.34 60.87 -60.14
N ILE B 1365 -10.16 62.08 -59.61
CA ILE B 1365 -9.39 62.26 -58.39
C ILE B 1365 -10.26 62.08 -57.15
N GLN B 1366 -11.58 62.11 -57.30
CA GLN B 1366 -12.48 62.17 -56.16
C GLN B 1366 -12.61 60.81 -55.48
N HIS B 1367 -12.80 60.87 -54.17
CA HIS B 1367 -13.12 59.71 -53.34
C HIS B 1367 -13.71 60.25 -52.04
N LYS B 1368 -14.14 59.33 -51.18
CA LYS B 1368 -14.72 59.74 -49.90
C LYS B 1368 -13.62 60.15 -48.94
N GLY B 1369 -13.73 61.36 -48.41
CA GLY B 1369 -12.76 61.84 -47.44
C GLY B 1369 -11.53 62.49 -48.03
N MET B 1370 -11.72 63.53 -48.83
CA MET B 1370 -10.62 64.26 -49.44
C MET B 1370 -10.25 65.45 -48.57
N GLY B 1371 -9.00 65.47 -48.09
CA GLY B 1371 -8.52 66.63 -47.35
C GLY B 1371 -9.08 66.78 -45.96
N MET B 1372 -9.67 65.72 -45.41
CA MET B 1372 -10.17 65.79 -44.04
C MET B 1372 -9.04 65.89 -43.05
N GLU B 1373 -7.88 65.31 -43.37
CA GLU B 1373 -6.71 65.50 -42.53
C GLU B 1373 -6.18 66.93 -42.61
N VAL B 1374 -6.37 67.59 -43.74
CA VAL B 1374 -5.99 69.00 -43.85
C VAL B 1374 -6.92 69.87 -43.02
N ARG B 1375 -8.22 69.54 -43.05
CA ARG B 1375 -9.20 70.20 -42.19
C ARG B 1375 -8.92 69.95 -40.72
N ALA B 1376 -8.39 68.77 -40.39
CA ALA B 1376 -8.02 68.50 -39.01
C ALA B 1376 -6.75 69.23 -38.60
N ARG B 1377 -5.80 69.40 -39.50
CA ARG B 1377 -4.55 70.07 -39.15
C ARG B 1377 -4.74 71.57 -39.00
N SER B 1378 -5.17 72.24 -40.06
CA SER B 1378 -5.07 73.70 -40.09
C SER B 1378 -6.22 74.35 -39.32
N LYS B 1379 -6.23 75.67 -39.36
CA LYS B 1379 -7.34 76.49 -38.87
C LYS B 1379 -7.89 77.42 -39.93
N ALA B 1380 -7.04 77.97 -40.80
CA ALA B 1380 -7.53 78.72 -41.94
C ALA B 1380 -8.24 77.82 -42.94
N ALA B 1381 -7.77 76.58 -43.08
CA ALA B 1381 -8.50 75.62 -43.90
C ALA B 1381 -9.84 75.27 -43.26
N ARG B 1382 -9.89 75.19 -41.93
CA ARG B 1382 -11.15 74.98 -41.24
C ARG B 1382 -12.10 76.14 -41.46
N LYS B 1383 -11.55 77.36 -41.49
CA LYS B 1383 -12.35 78.54 -41.78
C LYS B 1383 -12.90 78.52 -43.20
N VAL B 1384 -12.09 78.06 -44.16
CA VAL B 1384 -12.60 78.10 -45.53
C VAL B 1384 -13.56 76.93 -45.80
N TRP B 1385 -13.41 75.80 -45.09
CA TRP B 1385 -14.46 74.77 -45.12
C TRP B 1385 -15.76 75.29 -44.53
N ASP B 1386 -15.67 76.09 -43.47
CA ASP B 1386 -16.88 76.62 -42.84
C ASP B 1386 -17.57 77.63 -43.73
N THR B 1387 -16.82 78.52 -44.39
CA THR B 1387 -17.43 79.45 -45.32
C THR B 1387 -18.00 78.73 -46.54
N ALA B 1388 -17.33 77.65 -46.98
CA ALA B 1388 -17.81 76.90 -48.14
C ALA B 1388 -19.13 76.20 -47.86
N ASP B 1389 -19.20 75.41 -46.78
CA ASP B 1389 -20.45 74.70 -46.57
C ASP B 1389 -21.55 75.61 -46.06
N LYS B 1390 -21.22 76.72 -45.40
CA LYS B 1390 -22.22 77.73 -45.08
C LYS B 1390 -22.82 78.32 -46.34
N PHE B 1391 -21.97 78.69 -47.30
CA PHE B 1391 -22.45 79.26 -48.56
C PHE B 1391 -23.30 78.27 -49.34
N THR B 1392 -22.89 77.00 -49.40
CA THR B 1392 -23.68 76.10 -50.21
C THR B 1392 -24.94 75.62 -49.52
N ARG B 1393 -25.00 75.60 -48.18
CA ARG B 1393 -26.28 75.30 -47.54
C ARG B 1393 -27.19 76.52 -47.51
N ASP B 1394 -26.65 77.73 -47.66
CA ASP B 1394 -27.50 78.90 -47.75
C ASP B 1394 -27.98 79.18 -49.15
N THR B 1395 -27.25 78.74 -50.18
CA THR B 1395 -27.63 79.02 -51.56
C THR B 1395 -28.11 77.78 -52.30
N LEU B 1396 -27.29 76.72 -52.37
CA LEU B 1396 -27.65 75.60 -53.22
C LEU B 1396 -28.65 74.67 -52.54
N GLY B 1397 -28.39 74.31 -51.29
CA GLY B 1397 -29.35 73.50 -50.56
C GLY B 1397 -28.82 72.16 -50.13
N PHE B 1398 -27.51 72.04 -49.98
CA PHE B 1398 -26.91 70.83 -49.44
C PHE B 1398 -25.65 71.19 -48.68
N SER B 1399 -25.10 70.20 -47.99
CA SER B 1399 -23.91 70.37 -47.16
C SER B 1399 -22.74 69.70 -47.86
N VAL B 1400 -21.84 70.50 -48.44
CA VAL B 1400 -20.71 69.95 -49.16
C VAL B 1400 -19.75 69.26 -48.21
N LEU B 1401 -19.73 69.67 -46.94
CA LEU B 1401 -18.98 68.95 -45.92
C LEU B 1401 -19.53 67.55 -45.72
N HIS B 1402 -20.85 67.40 -45.73
CA HIS B 1402 -21.40 66.07 -45.62
C HIS B 1402 -21.19 65.25 -46.89
N VAL B 1403 -21.27 65.89 -48.06
CA VAL B 1403 -21.08 65.20 -49.33
C VAL B 1403 -19.64 64.69 -49.46
N VAL B 1404 -18.68 65.38 -48.88
CA VAL B 1404 -17.31 64.87 -48.92
C VAL B 1404 -17.03 63.91 -47.77
N ARG B 1405 -17.49 64.24 -46.56
CA ARG B 1405 -17.14 63.48 -45.37
C ARG B 1405 -17.80 62.12 -45.35
N ASP B 1406 -19.04 62.03 -45.82
CA ASP B 1406 -19.70 60.77 -46.02
C ASP B 1406 -20.12 60.71 -47.49
N ASN B 1407 -20.42 59.52 -47.99
CA ASN B 1407 -20.90 59.37 -49.35
C ASN B 1407 -22.29 58.77 -49.30
N PRO B 1408 -23.32 59.59 -49.12
CA PRO B 1408 -24.68 59.06 -49.04
C PRO B 1408 -25.17 58.60 -50.41
N THR B 1409 -26.28 57.88 -50.39
CA THR B 1409 -26.79 57.31 -51.62
C THR B 1409 -27.51 58.35 -52.45
N SER B 1410 -28.43 59.11 -51.85
CA SER B 1410 -29.18 60.11 -52.59
C SER B 1410 -29.59 61.23 -51.65
N ILE B 1411 -29.29 62.47 -52.05
CA ILE B 1411 -29.66 63.64 -51.29
C ILE B 1411 -30.69 64.43 -52.07
N ILE B 1412 -31.37 65.34 -51.39
CA ILE B 1412 -32.32 66.24 -52.01
C ILE B 1412 -31.69 67.63 -52.05
N ALA B 1413 -31.71 68.24 -53.25
CA ALA B 1413 -31.30 69.62 -53.45
C ALA B 1413 -32.40 70.58 -53.04
N SER B 1414 -32.33 71.82 -53.53
CA SER B 1414 -33.41 72.79 -53.33
C SER B 1414 -34.73 72.26 -53.87
N GLY B 1415 -34.81 72.00 -55.17
CA GLY B 1415 -36.02 71.44 -55.72
C GLY B 1415 -36.08 69.93 -55.76
N VAL B 1416 -35.12 69.31 -56.44
CA VAL B 1416 -35.20 67.92 -56.84
C VAL B 1416 -34.22 67.10 -56.01
N HIS B 1417 -34.29 65.78 -56.17
CA HIS B 1417 -33.33 64.89 -55.55
C HIS B 1417 -32.46 64.22 -56.60
N TYR B 1418 -31.18 64.08 -56.28
CA TYR B 1418 -30.20 63.47 -57.16
C TYR B 1418 -29.84 62.09 -56.64
N HIS B 1419 -29.64 61.16 -57.56
CA HIS B 1419 -29.40 59.77 -57.18
C HIS B 1419 -28.29 59.20 -58.04
N HIS B 1420 -27.41 58.44 -57.41
CA HIS B 1420 -26.32 57.75 -58.09
C HIS B 1420 -25.92 56.57 -57.20
N PRO B 1421 -26.13 55.34 -57.65
CA PRO B 1421 -26.13 54.20 -56.72
C PRO B 1421 -24.76 53.81 -56.20
N ASP B 1422 -23.68 54.14 -56.89
CA ASP B 1422 -22.35 53.91 -56.34
C ASP B 1422 -22.02 54.93 -55.26
N GLY B 1423 -22.66 56.09 -55.29
CA GLY B 1423 -22.39 57.15 -54.34
C GLY B 1423 -22.69 58.50 -54.95
N VAL B 1424 -23.26 59.40 -54.16
CA VAL B 1424 -23.62 60.72 -54.68
C VAL B 1424 -22.40 61.63 -54.79
N LEU B 1425 -21.26 61.20 -54.25
CA LEU B 1425 -20.04 61.95 -54.43
C LEU B 1425 -19.55 61.90 -55.86
N TYR B 1426 -19.91 60.86 -56.62
CA TYR B 1426 -19.26 60.56 -57.88
C TYR B 1426 -19.89 61.20 -59.09
N LEU B 1427 -21.06 61.82 -58.97
CA LEU B 1427 -21.61 62.44 -60.17
C LEU B 1427 -21.17 63.90 -60.26
N THR B 1428 -21.62 64.55 -61.34
CA THR B 1428 -20.91 65.64 -62.00
C THR B 1428 -20.74 66.85 -61.09
N GLN B 1429 -21.86 67.43 -60.65
CA GLN B 1429 -21.83 68.71 -59.92
C GLN B 1429 -21.12 68.55 -58.60
N PHE B 1430 -21.30 67.40 -57.97
CA PHE B 1430 -20.77 67.18 -56.63
C PHE B 1430 -19.28 66.87 -56.68
N THR B 1431 -18.83 66.16 -57.73
CA THR B 1431 -17.40 66.01 -57.99
C THR B 1431 -16.73 67.36 -58.18
N GLN B 1432 -17.34 68.25 -58.96
CA GLN B 1432 -16.69 69.52 -59.23
C GLN B 1432 -16.67 70.44 -58.01
N VAL B 1433 -17.75 70.50 -57.24
CA VAL B 1433 -17.70 71.37 -56.06
C VAL B 1433 -16.81 70.78 -54.98
N ALA B 1434 -16.67 69.44 -54.93
CA ALA B 1434 -15.75 68.84 -53.97
C ALA B 1434 -14.30 69.13 -54.34
N MET B 1435 -13.96 69.03 -55.63
CA MET B 1435 -12.63 69.40 -56.08
C MET B 1435 -12.34 70.87 -55.85
N ALA B 1436 -13.36 71.72 -56.04
CA ALA B 1436 -13.20 73.15 -55.82
C ALA B 1436 -12.87 73.47 -54.36
N THR B 1437 -13.65 72.91 -53.43
CA THR B 1437 -13.40 73.21 -52.02
C THR B 1437 -12.11 72.56 -51.52
N VAL B 1438 -11.72 71.40 -52.07
CA VAL B 1438 -10.47 70.78 -51.63
C VAL B 1438 -9.27 71.58 -52.12
N ALA B 1439 -9.31 72.04 -53.37
CA ALA B 1439 -8.20 72.85 -53.90
C ALA B 1439 -8.10 74.19 -53.17
N ALA B 1440 -9.24 74.81 -52.86
CA ALA B 1440 -9.22 76.08 -52.15
C ALA B 1440 -8.70 75.92 -50.73
N ALA B 1441 -9.11 74.85 -50.03
CA ALA B 1441 -8.65 74.63 -48.68
C ALA B 1441 -7.15 74.34 -48.63
N GLN B 1442 -6.67 73.54 -49.59
CA GLN B 1442 -5.26 73.20 -49.60
C GLN B 1442 -4.40 74.42 -49.92
N VAL B 1443 -4.84 75.26 -50.86
CA VAL B 1443 -4.00 76.41 -51.19
C VAL B 1443 -4.08 77.47 -50.09
N ALA B 1444 -5.19 77.55 -49.34
CA ALA B 1444 -5.24 78.49 -48.23
C ALA B 1444 -4.34 78.04 -47.09
N GLU B 1445 -4.27 76.73 -46.85
CA GLU B 1445 -3.36 76.21 -45.82
C GLU B 1445 -1.91 76.42 -46.22
N MET B 1446 -1.55 76.10 -47.47
CA MET B 1446 -0.15 76.26 -47.83
C MET B 1446 0.21 77.70 -48.20
N ARG B 1447 -0.74 78.64 -48.15
CA ARG B 1447 -0.32 80.04 -48.17
C ARG B 1447 -0.32 80.68 -46.80
N GLU B 1448 -1.06 80.14 -45.83
CA GLU B 1448 -0.87 80.63 -44.48
C GLU B 1448 0.35 79.99 -43.81
N GLN B 1449 0.87 78.90 -44.36
CA GLN B 1449 2.13 78.37 -43.85
C GLN B 1449 3.35 79.00 -44.51
N GLY B 1450 3.17 79.99 -45.37
CA GLY B 1450 4.29 80.71 -45.92
C GLY B 1450 5.06 80.00 -47.02
N ALA B 1451 4.59 78.84 -47.47
CA ALA B 1451 5.26 78.10 -48.53
C ALA B 1451 4.58 78.30 -49.88
N PHE B 1452 4.01 79.46 -50.12
CA PHE B 1452 3.32 79.77 -51.37
C PHE B 1452 3.93 81.03 -51.97
N VAL B 1453 4.56 80.89 -53.12
CA VAL B 1453 5.17 82.02 -53.81
C VAL B 1453 4.06 82.86 -54.42
N GLU B 1454 4.39 84.09 -54.83
CA GLU B 1454 3.36 85.06 -55.18
C GLU B 1454 3.10 85.15 -56.68
N GLY B 1455 4.14 85.46 -57.46
CA GLY B 1455 3.93 85.71 -58.88
C GLY B 1455 4.00 84.48 -59.75
N ALA B 1456 3.67 83.32 -59.19
CA ALA B 1456 3.67 82.08 -59.96
C ALA B 1456 2.52 82.08 -60.94
N ILE B 1457 2.72 81.42 -62.06
CA ILE B 1457 1.73 81.42 -63.12
C ILE B 1457 0.66 80.36 -62.84
N ALA B 1458 -0.46 80.44 -63.55
CA ALA B 1458 -1.64 79.63 -63.26
C ALA B 1458 -1.93 78.69 -64.42
N CYS B 1459 -1.74 77.39 -64.20
CA CYS B 1459 -2.14 76.35 -65.13
C CYS B 1459 -3.16 75.45 -64.46
N GLY B 1460 -3.60 74.45 -65.22
CA GLY B 1460 -4.50 73.46 -64.66
C GLY B 1460 -5.22 72.73 -65.76
N HIS B 1461 -5.84 71.62 -65.37
CA HIS B 1461 -6.69 70.92 -66.31
C HIS B 1461 -7.97 71.73 -66.50
N SER B 1462 -8.70 71.43 -67.56
CA SER B 1462 -9.78 72.31 -68.03
C SER B 1462 -10.99 72.36 -67.11
N VAL B 1463 -11.02 71.59 -66.03
CA VAL B 1463 -12.14 71.66 -65.10
C VAL B 1463 -11.63 72.21 -63.78
N GLY B 1464 -10.34 72.05 -63.51
CA GLY B 1464 -9.69 72.72 -62.40
C GLY B 1464 -9.18 74.08 -62.74
N GLU B 1465 -9.37 74.48 -64.00
CA GLU B 1465 -8.98 75.80 -64.48
C GLU B 1465 -9.71 76.91 -63.74
N TYR B 1466 -10.96 76.67 -63.37
CA TYR B 1466 -11.72 77.64 -62.60
C TYR B 1466 -11.09 77.88 -61.23
N THR B 1467 -10.65 76.80 -60.59
CA THR B 1467 -9.91 76.94 -59.34
C THR B 1467 -8.54 77.56 -59.56
N ALA B 1468 -7.96 77.39 -60.75
CA ALA B 1468 -6.71 78.08 -61.05
C ALA B 1468 -6.91 79.58 -61.19
N LEU B 1469 -8.06 80.00 -61.70
CA LEU B 1469 -8.35 81.43 -61.66
C LEU B 1469 -8.57 81.91 -60.24
N ALA B 1470 -9.36 81.18 -59.47
CA ALA B 1470 -9.82 81.70 -58.19
C ALA B 1470 -8.73 81.68 -57.11
N CYS B 1471 -7.89 80.65 -57.11
CA CYS B 1471 -7.00 80.46 -55.97
C CYS B 1471 -5.76 81.33 -56.06
N VAL B 1472 -4.94 81.12 -57.09
CA VAL B 1472 -3.60 81.69 -57.12
C VAL B 1472 -3.57 83.08 -57.72
N THR B 1473 -4.68 83.58 -58.25
CA THR B 1473 -4.73 84.94 -58.75
C THR B 1473 -5.72 85.83 -58.02
N GLY B 1474 -6.83 85.27 -57.55
CA GLY B 1474 -7.80 86.07 -56.84
C GLY B 1474 -8.56 87.04 -57.71
N ILE B 1475 -8.76 86.69 -58.99
CA ILE B 1475 -9.56 87.54 -59.87
C ILE B 1475 -11.03 87.49 -59.50
N TYR B 1476 -11.48 86.42 -58.86
CA TYR B 1476 -12.76 86.38 -58.18
C TYR B 1476 -12.62 85.52 -56.93
N GLN B 1477 -13.73 85.22 -56.28
CA GLN B 1477 -13.69 84.57 -54.98
C GLN B 1477 -14.44 83.25 -55.03
N LEU B 1478 -14.36 82.53 -53.91
CA LEU B 1478 -14.79 81.14 -53.92
C LEU B 1478 -16.31 80.97 -53.90
N GLU B 1479 -17.06 81.98 -53.44
CA GLU B 1479 -18.51 81.86 -53.49
C GLU B 1479 -19.01 81.87 -54.93
N ALA B 1480 -18.54 82.86 -55.72
CA ALA B 1480 -18.86 82.89 -57.14
C ALA B 1480 -18.23 81.72 -57.88
N LEU B 1481 -17.08 81.23 -57.40
CA LEU B 1481 -16.46 80.04 -57.99
C LEU B 1481 -17.35 78.82 -57.84
N LEU B 1482 -17.80 78.53 -56.61
CA LEU B 1482 -18.67 77.37 -56.37
C LEU B 1482 -20.01 77.51 -57.08
N GLU B 1483 -20.54 78.73 -57.16
CA GLU B 1483 -21.79 78.94 -57.89
C GLU B 1483 -21.62 78.65 -59.38
N MET B 1484 -20.56 79.19 -59.97
CA MET B 1484 -20.25 78.98 -61.39
C MET B 1484 -20.01 77.51 -61.69
N VAL B 1485 -19.32 76.82 -60.79
CA VAL B 1485 -19.04 75.41 -60.93
C VAL B 1485 -20.31 74.57 -60.88
N PHE B 1486 -21.22 74.86 -59.95
CA PHE B 1486 -22.45 74.09 -59.88
C PHE B 1486 -23.35 74.37 -61.08
N HIS B 1487 -23.37 75.61 -61.57
CA HIS B 1487 -24.18 75.89 -62.75
C HIS B 1487 -23.62 75.23 -64.00
N ARG B 1488 -22.29 75.17 -64.14
CA ARG B 1488 -21.76 74.50 -65.34
C ARG B 1488 -21.92 73.00 -65.25
N GLY B 1489 -21.93 72.43 -64.05
CA GLY B 1489 -22.23 71.00 -63.94
C GLY B 1489 -23.67 70.70 -64.30
N SER B 1490 -24.61 71.45 -63.72
CA SER B 1490 -26.02 71.23 -63.99
C SER B 1490 -26.41 71.59 -65.42
N LYS B 1491 -25.64 72.44 -66.08
CA LYS B 1491 -25.90 72.79 -67.48
C LYS B 1491 -25.21 71.84 -68.44
N MET B 1492 -24.09 71.22 -68.03
CA MET B 1492 -23.50 70.16 -68.81
C MET B 1492 -24.40 68.92 -68.80
N HIS B 1493 -25.06 68.66 -67.68
CA HIS B 1493 -25.83 67.43 -67.53
C HIS B 1493 -27.05 67.34 -68.46
N ASP B 1494 -27.56 68.46 -68.99
CA ASP B 1494 -28.82 68.45 -69.70
C ASP B 1494 -28.68 69.08 -71.10
N ILE B 1495 -27.68 68.65 -71.86
CA ILE B 1495 -27.54 69.14 -73.23
C ILE B 1495 -27.32 68.00 -74.22
N VAL B 1496 -27.51 66.76 -73.77
CA VAL B 1496 -27.37 65.59 -74.62
C VAL B 1496 -28.66 64.78 -74.56
N PRO B 1497 -29.31 64.51 -75.69
CA PRO B 1497 -30.45 63.57 -75.67
C PRO B 1497 -29.99 62.14 -75.44
N ARG B 1498 -30.24 61.64 -74.23
CA ARG B 1498 -29.78 60.34 -73.82
C ARG B 1498 -30.95 59.38 -73.69
N ASP B 1499 -30.64 58.12 -73.39
CA ASP B 1499 -31.69 57.16 -73.10
C ASP B 1499 -32.31 57.47 -71.75
N GLU B 1500 -33.58 57.09 -71.60
CA GLU B 1500 -34.32 57.30 -70.36
C GLU B 1500 -33.89 56.36 -69.24
N LEU B 1501 -33.09 55.34 -69.55
CA LEU B 1501 -32.50 54.48 -68.55
C LEU B 1501 -31.05 54.89 -68.23
N GLY B 1502 -30.69 56.13 -68.56
CA GLY B 1502 -29.39 56.68 -68.22
C GLY B 1502 -28.33 56.50 -69.28
N ARG B 1503 -28.50 55.56 -70.21
CA ARG B 1503 -27.48 55.27 -71.19
C ARG B 1503 -27.43 56.36 -72.27
N SER B 1504 -26.41 56.26 -73.12
CA SER B 1504 -26.24 57.18 -74.23
C SER B 1504 -25.57 56.43 -75.38
N ASN B 1505 -25.29 57.16 -76.45
CA ASN B 1505 -24.51 56.66 -77.58
C ASN B 1505 -23.16 57.34 -77.64
N TYR B 1506 -22.53 57.57 -76.48
CA TYR B 1506 -21.28 58.32 -76.42
C TYR B 1506 -20.45 57.80 -75.26
N ARG B 1507 -19.29 57.22 -75.58
CA ARG B 1507 -18.26 56.89 -74.60
C ARG B 1507 -16.94 57.45 -75.09
N LEU B 1508 -15.94 57.42 -74.22
CA LEU B 1508 -14.60 57.82 -74.60
C LEU B 1508 -13.59 56.79 -74.10
N ALA B 1509 -12.34 56.94 -74.53
CA ALA B 1509 -11.35 55.93 -74.24
C ALA B 1509 -9.96 56.52 -74.29
N ALA B 1510 -9.10 56.03 -73.40
CA ALA B 1510 -7.69 56.31 -73.43
C ALA B 1510 -7.03 55.37 -74.42
N ILE B 1511 -6.44 55.96 -75.47
CA ILE B 1511 -5.71 55.22 -76.47
C ILE B 1511 -4.22 55.46 -76.23
N ARG B 1512 -3.42 54.44 -76.54
CA ARG B 1512 -1.99 54.47 -76.25
C ARG B 1512 -1.23 54.18 -77.54
N PRO B 1513 -0.80 55.20 -78.27
CA PRO B 1513 0.06 54.96 -79.43
C PRO B 1513 1.46 54.52 -79.04
N SER B 1514 1.59 53.29 -78.53
CA SER B 1514 2.87 52.74 -78.10
C SER B 1514 3.16 51.52 -78.97
N GLN B 1515 4.30 51.57 -79.66
CA GLN B 1515 4.82 50.58 -80.62
C GLN B 1515 3.90 50.35 -81.81
N ILE B 1516 2.86 51.15 -82.00
CA ILE B 1516 1.97 51.02 -83.14
C ILE B 1516 2.21 52.11 -84.17
N ASP B 1517 3.29 52.89 -83.99
CA ASP B 1517 3.82 53.85 -84.96
C ASP B 1517 2.82 54.98 -85.27
N LEU B 1518 2.49 55.73 -84.23
CA LEU B 1518 1.71 56.94 -84.34
C LEU B 1518 2.44 58.08 -83.64
N ASP B 1519 2.23 59.30 -84.13
CA ASP B 1519 2.80 60.48 -83.48
C ASP B 1519 1.87 61.66 -83.74
N ASP B 1520 2.39 62.88 -83.53
CA ASP B 1520 1.58 64.08 -83.64
C ASP B 1520 1.15 64.32 -85.08
N ALA B 1521 1.98 63.94 -86.05
CA ALA B 1521 1.62 64.14 -87.45
C ALA B 1521 0.74 63.02 -87.99
N ASP B 1522 0.50 61.97 -87.20
CA ASP B 1522 -0.22 60.81 -87.71
C ASP B 1522 -1.55 60.55 -87.00
N VAL B 1523 -1.66 60.89 -85.72
CA VAL B 1523 -2.88 60.61 -84.94
C VAL B 1523 -4.13 61.34 -85.42
N PRO B 1524 -4.15 62.67 -85.68
CA PRO B 1524 -5.43 63.26 -86.15
C PRO B 1524 -5.86 62.79 -87.53
N ALA B 1525 -4.91 62.50 -88.42
CA ALA B 1525 -5.24 61.88 -89.70
C ALA B 1525 -5.78 60.46 -89.50
N PHE B 1526 -5.23 59.74 -88.52
CA PHE B 1526 -5.72 58.40 -88.19
C PHE B 1526 -7.15 58.44 -87.69
N VAL B 1527 -7.45 59.40 -86.81
CA VAL B 1527 -8.80 59.53 -86.25
C VAL B 1527 -9.79 59.96 -87.33
N ALA B 1528 -9.38 60.89 -88.20
CA ALA B 1528 -10.25 61.30 -89.30
C ALA B 1528 -10.47 60.16 -90.30
N GLY B 1529 -9.45 59.33 -90.53
CA GLY B 1529 -9.62 58.21 -91.45
C GLY B 1529 -10.54 57.14 -90.91
N ILE B 1530 -10.40 56.80 -89.63
CA ILE B 1530 -11.33 55.83 -89.07
C ILE B 1530 -12.73 56.43 -88.88
N ALA B 1531 -12.82 57.75 -88.74
CA ALA B 1531 -14.13 58.41 -88.69
C ALA B 1531 -14.82 58.35 -90.04
N GLU B 1532 -14.07 58.53 -91.13
CA GLU B 1532 -14.66 58.38 -92.45
C GLU B 1532 -14.96 56.91 -92.78
N SER B 1533 -14.18 55.98 -92.22
CA SER B 1533 -14.43 54.56 -92.46
C SER B 1533 -15.67 54.09 -91.73
N THR B 1534 -15.89 54.58 -90.51
CA THR B 1534 -17.05 54.13 -89.74
C THR B 1534 -18.30 54.92 -90.12
N GLY B 1535 -18.15 56.21 -90.39
CA GLY B 1535 -19.29 57.07 -90.62
C GLY B 1535 -19.80 57.77 -89.37
N GLU B 1536 -18.94 57.98 -88.38
CA GLU B 1536 -19.34 58.50 -87.08
C GLU B 1536 -18.50 59.72 -86.73
N PHE B 1537 -18.79 60.31 -85.57
CA PHE B 1537 -18.02 61.42 -85.04
C PHE B 1537 -16.99 60.87 -84.06
N LEU B 1538 -15.71 61.02 -84.37
CA LEU B 1538 -14.63 60.63 -83.48
C LEU B 1538 -13.70 61.81 -83.32
N GLU B 1539 -13.38 62.16 -82.07
CA GLU B 1539 -12.60 63.36 -81.81
C GLU B 1539 -11.52 63.08 -80.78
N ILE B 1540 -10.42 63.81 -80.91
CA ILE B 1540 -9.49 63.98 -79.79
C ILE B 1540 -10.14 64.90 -78.77
N VAL B 1541 -9.91 64.62 -77.48
CA VAL B 1541 -10.43 65.53 -76.47
C VAL B 1541 -9.30 66.01 -75.56
N ASN B 1542 -8.43 65.10 -75.13
CA ASN B 1542 -7.39 65.44 -74.16
C ASN B 1542 -6.03 65.03 -74.71
N PHE B 1543 -5.23 66.02 -75.11
CA PHE B 1543 -3.84 65.80 -75.43
C PHE B 1543 -3.07 65.67 -74.12
N ASN B 1544 -3.09 64.47 -73.56
CA ASN B 1544 -2.53 64.28 -72.21
C ASN B 1544 -1.01 64.19 -72.23
N LEU B 1545 -0.48 63.16 -72.88
CA LEU B 1545 0.96 62.92 -72.92
C LEU B 1545 1.41 62.81 -74.37
N ARG B 1546 2.64 63.29 -74.62
CA ARG B 1546 3.20 63.28 -75.97
C ARG B 1546 3.33 61.87 -76.53
N GLY B 1547 3.75 60.92 -75.71
CA GLY B 1547 4.03 59.61 -76.24
C GLY B 1547 2.88 58.61 -76.22
N SER B 1548 2.30 58.38 -75.06
CA SER B 1548 1.53 57.15 -74.89
C SER B 1548 0.23 57.36 -74.11
N GLN B 1549 -0.42 58.52 -74.25
CA GLN B 1549 -1.67 58.75 -73.53
C GLN B 1549 -2.46 59.81 -74.29
N TYR B 1550 -3.43 59.37 -75.09
CA TYR B 1550 -4.37 60.26 -75.74
C TYR B 1550 -5.78 59.86 -75.34
N ALA B 1551 -6.73 60.77 -75.56
CA ALA B 1551 -8.11 60.51 -75.19
C ALA B 1551 -9.01 60.78 -76.38
N ILE B 1552 -9.81 59.77 -76.75
CA ILE B 1552 -10.66 59.82 -77.93
C ILE B 1552 -12.10 59.68 -77.48
N ALA B 1553 -12.94 60.64 -77.85
CA ALA B 1553 -14.35 60.63 -77.53
C ALA B 1553 -15.17 60.48 -78.81
N GLY B 1554 -16.16 59.61 -78.77
CA GLY B 1554 -17.02 59.42 -79.94
C GLY B 1554 -18.20 58.55 -79.63
N THR B 1555 -18.85 58.07 -80.70
CA THR B 1555 -19.97 57.16 -80.57
C THR B 1555 -19.47 55.72 -80.46
N VAL B 1556 -20.38 54.84 -80.03
CA VAL B 1556 -19.99 53.49 -79.60
C VAL B 1556 -19.51 52.66 -80.79
N ARG B 1557 -20.09 52.88 -81.97
CA ARG B 1557 -19.67 52.13 -83.16
C ARG B 1557 -18.26 52.49 -83.58
N GLY B 1558 -17.94 53.79 -83.56
CA GLY B 1558 -16.57 54.20 -83.78
C GLY B 1558 -15.64 53.74 -82.69
N LEU B 1559 -16.15 53.57 -81.47
CA LEU B 1559 -15.32 53.02 -80.39
C LEU B 1559 -14.95 51.56 -80.65
N GLU B 1560 -15.90 50.75 -81.14
CA GLU B 1560 -15.50 49.37 -81.43
C GLU B 1560 -14.62 49.28 -82.67
N ALA B 1561 -14.77 50.22 -83.62
CA ALA B 1561 -13.84 50.27 -84.75
C ALA B 1561 -12.43 50.63 -84.30
N LEU B 1562 -12.32 51.60 -83.38
CA LEU B 1562 -11.03 51.97 -82.79
C LEU B 1562 -10.39 50.78 -82.09
N GLU B 1563 -11.13 50.08 -81.24
CA GLU B 1563 -10.52 48.97 -80.54
C GLU B 1563 -10.23 47.79 -81.46
N ALA B 1564 -10.96 47.65 -82.57
CA ALA B 1564 -10.64 46.63 -83.55
C ALA B 1564 -9.27 46.89 -84.19
N GLU B 1565 -9.05 48.12 -84.67
CA GLU B 1565 -7.76 48.43 -85.30
C GLU B 1565 -6.62 48.43 -84.27
N VAL B 1566 -6.90 48.88 -83.05
CA VAL B 1566 -5.87 48.91 -82.02
C VAL B 1566 -5.49 47.50 -81.59
N GLU B 1567 -6.47 46.60 -81.43
CA GLU B 1567 -6.14 45.23 -81.04
C GLU B 1567 -5.47 44.45 -82.16
N ARG B 1568 -5.79 44.74 -83.43
CA ARG B 1568 -5.07 44.02 -84.48
C ARG B 1568 -3.64 44.55 -84.64
N ARG B 1569 -3.41 45.85 -84.46
CA ARG B 1569 -2.02 46.33 -84.45
C ARG B 1569 -1.29 45.88 -83.19
N ARG B 1570 -2.02 45.65 -82.10
CA ARG B 1570 -1.44 45.12 -80.87
C ARG B 1570 -0.94 43.70 -81.08
N GLU B 1571 -1.77 42.84 -81.69
CA GLU B 1571 -1.32 41.48 -81.95
C GLU B 1571 -0.29 41.43 -83.09
N LEU B 1572 -0.19 42.48 -83.90
CA LEU B 1572 0.97 42.61 -84.78
C LEU B 1572 2.24 42.85 -83.98
N THR B 1573 2.30 43.97 -83.24
CA THR B 1573 3.58 44.46 -82.74
C THR B 1573 3.94 43.97 -81.34
N GLY B 1574 3.04 43.32 -80.63
CA GLY B 1574 3.31 42.92 -79.26
C GLY B 1574 2.32 43.47 -78.27
N GLY B 1575 2.16 42.77 -77.15
CA GLY B 1575 1.16 43.14 -76.15
C GLY B 1575 1.49 44.42 -75.39
N ARG B 1576 0.55 45.36 -75.42
CA ARG B 1576 0.75 46.65 -74.78
C ARG B 1576 -0.46 47.13 -73.98
N ARG B 1577 -1.64 46.55 -74.21
CA ARG B 1577 -2.93 47.03 -73.70
C ARG B 1577 -3.13 48.50 -74.07
N SER B 1578 -3.16 48.74 -75.37
CA SER B 1578 -3.15 50.09 -75.93
C SER B 1578 -4.53 50.73 -75.97
N PHE B 1579 -5.56 50.09 -75.43
CA PHE B 1579 -6.92 50.63 -75.48
C PHE B 1579 -7.58 50.37 -74.14
N ILE B 1580 -8.00 51.44 -73.46
CA ILE B 1580 -8.76 51.33 -72.21
C ILE B 1580 -9.95 52.25 -72.31
N LEU B 1581 -11.16 51.69 -72.30
CA LEU B 1581 -12.36 52.52 -72.31
C LEU B 1581 -12.50 53.22 -70.96
N VAL B 1582 -13.16 54.37 -70.96
CA VAL B 1582 -13.23 55.29 -69.82
C VAL B 1582 -14.01 54.62 -68.68
N PRO B 1583 -13.68 54.89 -67.42
CA PRO B 1583 -14.53 54.42 -66.32
C PRO B 1583 -15.77 55.28 -66.14
N GLY B 1584 -16.91 54.73 -66.54
CA GLY B 1584 -18.19 55.26 -66.13
C GLY B 1584 -18.79 56.40 -66.91
N ILE B 1585 -18.01 57.43 -67.20
CA ILE B 1585 -18.57 58.69 -67.68
C ILE B 1585 -18.94 58.58 -69.15
N ASP B 1586 -19.97 59.34 -69.56
CA ASP B 1586 -20.63 59.05 -70.82
C ASP B 1586 -21.05 60.29 -71.62
N VAL B 1587 -20.30 61.39 -71.55
CA VAL B 1587 -20.62 62.61 -72.26
C VAL B 1587 -19.41 62.98 -73.11
N PRO B 1588 -19.57 63.29 -74.39
CA PRO B 1588 -18.41 63.64 -75.22
C PRO B 1588 -17.91 65.06 -74.95
N PHE B 1589 -17.05 65.20 -73.95
CA PHE B 1589 -16.57 66.51 -73.51
C PHE B 1589 -15.74 67.19 -74.59
N HIS B 1590 -15.80 68.54 -74.56
CA HIS B 1590 -14.91 69.42 -75.31
C HIS B 1590 -15.02 69.22 -76.82
N SER B 1591 -16.18 68.78 -77.28
CA SER B 1591 -16.40 68.47 -78.69
C SER B 1591 -17.36 69.49 -79.30
N ARG B 1592 -17.69 69.27 -80.57
CA ARG B 1592 -18.51 70.23 -81.31
C ARG B 1592 -19.98 70.16 -80.90
N VAL B 1593 -20.41 69.08 -80.25
CA VAL B 1593 -21.83 68.87 -80.01
C VAL B 1593 -22.29 69.56 -78.73
N LEU B 1594 -21.46 70.42 -78.16
CA LEU B 1594 -21.78 71.14 -76.93
C LEU B 1594 -21.90 72.64 -77.15
N ARG B 1595 -22.42 73.08 -78.29
CA ARG B 1595 -22.32 74.48 -78.68
C ARG B 1595 -23.65 75.24 -78.59
N VAL B 1596 -24.47 74.92 -77.59
CA VAL B 1596 -25.59 75.75 -77.16
C VAL B 1596 -25.46 76.12 -75.69
N GLY B 1597 -25.08 75.15 -74.87
CA GLY B 1597 -24.74 75.39 -73.48
C GLY B 1597 -23.60 76.36 -73.29
N VAL B 1598 -22.75 76.56 -74.31
CA VAL B 1598 -21.70 77.57 -74.19
C VAL B 1598 -22.31 78.97 -74.22
N ALA B 1599 -23.37 79.19 -75.01
CA ALA B 1599 -24.00 80.50 -75.02
C ALA B 1599 -24.82 80.73 -73.76
N GLU B 1600 -25.53 79.68 -73.32
CA GLU B 1600 -26.26 79.82 -72.05
C GLU B 1600 -25.31 79.97 -70.87
N PHE B 1601 -24.15 79.31 -70.93
CA PHE B 1601 -23.13 79.45 -69.91
C PHE B 1601 -22.45 80.80 -69.98
N ARG B 1602 -22.37 81.41 -71.16
CA ARG B 1602 -21.91 82.78 -71.27
C ARG B 1602 -22.86 83.74 -70.57
N ARG B 1603 -24.17 83.49 -70.71
CA ARG B 1603 -25.15 84.31 -70.00
C ARG B 1603 -25.05 84.15 -68.49
N SER B 1604 -24.88 82.91 -68.02
CA SER B 1604 -24.71 82.69 -66.59
C SER B 1604 -23.38 83.23 -66.09
N LEU B 1605 -22.35 83.22 -66.93
CA LEU B 1605 -21.05 83.75 -66.56
C LEU B 1605 -21.09 85.27 -66.41
N ASP B 1606 -21.80 85.94 -67.32
CA ASP B 1606 -22.01 87.38 -67.19
C ASP B 1606 -22.88 87.70 -65.98
N ARG B 1607 -23.77 86.79 -65.60
CA ARG B 1607 -24.53 86.95 -64.36
C ARG B 1607 -23.60 86.87 -63.15
N VAL B 1608 -22.69 85.88 -63.14
CA VAL B 1608 -21.97 85.56 -61.91
C VAL B 1608 -20.76 86.49 -61.71
N MET B 1609 -19.92 86.63 -62.74
CA MET B 1609 -18.60 87.22 -62.55
C MET B 1609 -18.72 88.73 -62.32
N PRO B 1610 -17.94 89.31 -61.40
CA PRO B 1610 -18.09 90.74 -61.09
C PRO B 1610 -17.66 91.65 -62.23
N ARG B 1611 -18.00 92.93 -62.06
CA ARG B 1611 -17.85 93.93 -63.12
C ARG B 1611 -16.40 94.29 -63.37
N ASP B 1612 -15.76 94.90 -62.37
CA ASP B 1612 -14.42 95.46 -62.54
C ASP B 1612 -13.38 94.35 -62.44
N ALA B 1613 -12.57 94.20 -63.49
CA ALA B 1613 -11.52 93.21 -63.53
C ALA B 1613 -10.16 93.90 -63.53
N ASP B 1614 -9.20 93.25 -62.88
CA ASP B 1614 -7.83 93.73 -62.91
C ASP B 1614 -7.07 92.86 -63.89
N PRO B 1615 -6.75 93.35 -65.10
CA PRO B 1615 -6.10 92.49 -66.09
C PRO B 1615 -4.69 92.09 -65.73
N ASP B 1616 -3.98 92.93 -64.97
CA ASP B 1616 -2.62 92.61 -64.55
C ASP B 1616 -2.56 91.46 -63.55
N LEU B 1617 -3.68 91.06 -62.97
CA LEU B 1617 -3.70 89.88 -62.12
C LEU B 1617 -3.68 88.58 -62.92
N ILE B 1618 -3.82 88.63 -64.25
CA ILE B 1618 -3.77 87.41 -65.06
C ILE B 1618 -2.85 87.55 -66.26
N ILE B 1619 -2.46 88.79 -66.61
CA ILE B 1619 -1.54 88.99 -67.73
C ILE B 1619 -0.16 88.49 -67.33
N GLY B 1620 0.39 87.58 -68.14
CA GLY B 1620 1.66 86.97 -67.82
C GLY B 1620 1.59 85.95 -66.71
N ARG B 1621 0.40 85.52 -66.34
CA ARG B 1621 0.22 84.60 -65.23
C ARG B 1621 -0.76 83.48 -65.55
N TYR B 1622 -1.50 83.56 -66.64
CA TYR B 1622 -2.57 82.61 -66.92
C TYR B 1622 -2.31 81.84 -68.20
N ILE B 1623 -2.52 80.53 -68.13
CA ILE B 1623 -2.44 79.63 -69.28
C ILE B 1623 -3.81 78.97 -69.44
N PRO B 1624 -4.57 79.31 -70.47
CA PRO B 1624 -5.81 78.57 -70.72
C PRO B 1624 -5.56 77.25 -71.43
N ASN B 1625 -6.64 76.56 -71.80
CA ASN B 1625 -6.50 75.23 -72.37
C ASN B 1625 -6.88 75.14 -73.83
N LEU B 1626 -7.75 76.02 -74.32
CA LEU B 1626 -8.05 76.01 -75.75
C LEU B 1626 -6.90 76.60 -76.56
N VAL B 1627 -6.23 77.62 -76.02
CA VAL B 1627 -4.98 78.13 -76.57
C VAL B 1627 -3.92 77.98 -75.49
N PRO B 1628 -2.80 77.33 -75.78
CA PRO B 1628 -1.82 77.03 -74.72
C PRO B 1628 -0.82 78.14 -74.46
N ARG B 1629 -1.08 79.35 -74.95
CA ARG B 1629 -0.14 80.45 -74.81
C ARG B 1629 -0.59 81.33 -73.64
N LEU B 1630 0.35 82.17 -73.15
CA LEU B 1630 0.07 83.12 -72.07
C LEU B 1630 -1.05 84.08 -72.44
N PHE B 1631 -1.88 84.41 -71.45
CA PHE B 1631 -2.92 85.40 -71.65
C PHE B 1631 -2.28 86.76 -71.81
N THR B 1632 -2.28 87.28 -73.03
CA THR B 1632 -1.65 88.56 -73.31
C THR B 1632 -2.59 89.35 -74.21
N LEU B 1633 -2.70 90.65 -73.94
CA LEU B 1633 -3.55 91.53 -74.73
C LEU B 1633 -2.90 91.74 -76.08
N ASP B 1634 -3.21 90.87 -77.04
CA ASP B 1634 -2.57 90.89 -78.36
C ASP B 1634 -3.63 90.74 -79.45
N ARG B 1635 -3.39 91.46 -80.55
CA ARG B 1635 -4.19 91.27 -81.76
C ARG B 1635 -4.02 89.85 -82.28
N ASP B 1636 -2.81 89.30 -82.20
CA ASP B 1636 -2.58 87.91 -82.59
C ASP B 1636 -3.31 86.94 -81.67
N PHE B 1637 -3.41 87.27 -80.39
CA PHE B 1637 -4.09 86.38 -79.44
C PHE B 1637 -5.60 86.37 -79.68
N ILE B 1638 -6.20 87.55 -79.86
CA ILE B 1638 -7.63 87.59 -80.11
C ILE B 1638 -7.96 87.05 -81.49
N GLN B 1639 -7.07 87.24 -82.48
CA GLN B 1639 -7.28 86.66 -83.79
C GLN B 1639 -7.15 85.15 -83.75
N GLU B 1640 -6.26 84.62 -82.90
CA GLU B 1640 -6.07 83.19 -82.83
C GLU B 1640 -7.26 82.51 -82.18
N ILE B 1641 -7.80 83.09 -81.11
CA ILE B 1641 -9.02 82.50 -80.56
C ILE B 1641 -10.20 82.71 -81.50
N ARG B 1642 -10.19 83.80 -82.27
CA ARG B 1642 -11.29 84.10 -83.19
C ARG B 1642 -11.35 83.13 -84.35
N ASP B 1643 -10.20 82.80 -84.94
CA ASP B 1643 -10.23 81.83 -86.04
C ASP B 1643 -10.09 80.39 -85.56
N LEU B 1644 -9.82 80.16 -84.28
CA LEU B 1644 -9.94 78.81 -83.76
C LEU B 1644 -11.40 78.48 -83.51
N VAL B 1645 -12.11 79.37 -82.80
CA VAL B 1645 -13.54 79.19 -82.56
C VAL B 1645 -14.24 80.50 -82.91
N PRO B 1646 -15.30 80.49 -83.72
CA PRO B 1646 -16.02 81.74 -84.04
C PRO B 1646 -16.68 82.33 -82.80
N ALA B 1647 -16.33 83.59 -82.52
CA ALA B 1647 -16.73 84.28 -81.29
C ALA B 1647 -17.46 85.56 -81.69
N GLU B 1648 -18.78 85.50 -81.69
CA GLU B 1648 -19.62 86.59 -82.16
C GLU B 1648 -19.57 87.93 -81.43
N PRO B 1649 -19.23 88.08 -80.14
CA PRO B 1649 -19.00 89.45 -79.64
C PRO B 1649 -17.56 89.92 -79.73
N LEU B 1650 -16.65 89.08 -80.22
CA LEU B 1650 -15.24 89.42 -80.29
C LEU B 1650 -14.86 90.10 -81.59
N ASP B 1651 -15.73 90.05 -82.60
CA ASP B 1651 -15.44 90.62 -83.91
C ASP B 1651 -15.31 92.14 -83.86
N GLU B 1652 -16.00 92.81 -82.94
CA GLU B 1652 -15.83 94.25 -82.80
C GLU B 1652 -14.46 94.60 -82.23
N ILE B 1653 -13.90 93.73 -81.41
CA ILE B 1653 -12.54 93.94 -80.89
C ILE B 1653 -11.52 93.57 -81.97
N LEU B 1654 -11.84 92.54 -82.75
CA LEU B 1654 -11.04 92.14 -83.90
C LEU B 1654 -10.97 93.25 -84.94
N ALA B 1655 -12.03 94.05 -85.04
CA ALA B 1655 -12.02 95.22 -85.92
C ALA B 1655 -11.00 96.26 -85.44
N ASP B 1656 -11.21 96.81 -84.24
CA ASP B 1656 -10.33 97.85 -83.74
C ASP B 1656 -10.01 97.64 -82.27
N TYR B 1657 -8.76 97.91 -81.90
CA TYR B 1657 -8.33 97.83 -80.51
C TYR B 1657 -7.41 98.97 -80.11
N ASP B 1658 -6.86 99.74 -81.05
CA ASP B 1658 -5.90 100.80 -80.71
C ASP B 1658 -6.58 101.94 -79.98
N THR B 1659 -7.74 102.37 -80.47
CA THR B 1659 -8.55 103.31 -79.71
C THR B 1659 -9.17 102.63 -78.49
N TRP B 1660 -9.35 101.32 -78.55
CA TRP B 1660 -9.97 100.60 -77.44
C TRP B 1660 -8.99 100.21 -76.36
N LEU B 1661 -7.71 100.06 -76.69
CA LEU B 1661 -6.68 100.03 -75.65
C LEU B 1661 -6.62 101.37 -74.93
N ARG B 1662 -6.85 102.46 -75.68
CA ARG B 1662 -6.95 103.77 -75.06
C ARG B 1662 -8.23 103.91 -74.25
N GLU B 1663 -9.31 103.27 -74.68
CA GLU B 1663 -10.62 103.48 -74.08
C GLU B 1663 -11.00 102.41 -73.06
N ARG B 1664 -10.99 101.13 -73.45
CA ARG B 1664 -11.61 100.06 -72.66
C ARG B 1664 -10.62 98.93 -72.34
N PRO B 1665 -9.58 99.18 -71.50
CA PRO B 1665 -8.65 98.10 -71.17
C PRO B 1665 -9.27 97.02 -70.31
N ARG B 1666 -9.89 97.41 -69.18
CA ARG B 1666 -10.53 96.45 -68.29
C ARG B 1666 -11.73 95.79 -68.94
N GLU B 1667 -12.51 96.57 -69.68
CA GLU B 1667 -13.69 96.05 -70.37
C GLU B 1667 -13.30 95.04 -71.44
N MET B 1668 -12.30 95.38 -72.25
CA MET B 1668 -11.87 94.51 -73.34
C MET B 1668 -11.22 93.23 -72.82
N ALA B 1669 -10.39 93.36 -71.78
CA ALA B 1669 -9.81 92.18 -71.14
C ALA B 1669 -10.88 91.32 -70.50
N ARG B 1670 -11.92 91.95 -69.95
CA ARG B 1670 -13.03 91.21 -69.36
C ARG B 1670 -13.80 90.42 -70.41
N THR B 1671 -14.06 91.05 -71.57
CA THR B 1671 -14.81 90.38 -72.63
C THR B 1671 -14.01 89.21 -73.22
N VAL B 1672 -12.72 89.42 -73.46
CA VAL B 1672 -11.94 88.32 -74.03
C VAL B 1672 -11.73 87.23 -72.97
N PHE B 1673 -11.74 87.60 -71.69
CA PHE B 1673 -11.62 86.62 -70.62
C PHE B 1673 -12.86 85.76 -70.51
N ILE B 1674 -14.05 86.37 -70.54
CA ILE B 1674 -15.26 85.58 -70.43
C ILE B 1674 -15.49 84.76 -71.70
N GLU B 1675 -15.03 85.26 -72.85
CA GLU B 1675 -15.17 84.51 -74.08
C GLU B 1675 -14.28 83.27 -74.07
N LEU B 1676 -12.99 83.46 -73.77
CA LEU B 1676 -12.05 82.35 -73.70
C LEU B 1676 -12.35 81.41 -72.52
N LEU B 1677 -13.01 81.89 -71.49
CA LEU B 1677 -13.41 81.01 -70.40
C LEU B 1677 -14.69 80.25 -70.72
N ALA B 1678 -15.54 80.78 -71.58
CA ALA B 1678 -16.74 80.08 -71.96
C ALA B 1678 -16.48 79.02 -73.03
N TRP B 1679 -15.56 79.29 -73.97
CA TRP B 1679 -15.42 78.34 -75.08
C TRP B 1679 -14.66 77.07 -74.73
N GLN B 1680 -13.97 77.01 -73.60
CA GLN B 1680 -13.24 75.79 -73.25
C GLN B 1680 -14.17 74.68 -72.77
N PHE B 1681 -15.45 75.00 -72.55
CA PHE B 1681 -16.45 73.98 -72.27
C PHE B 1681 -16.67 73.06 -73.46
N ALA B 1682 -16.43 73.55 -74.68
CA ALA B 1682 -16.59 72.77 -75.88
C ALA B 1682 -15.34 72.71 -76.75
N SER B 1683 -14.24 73.32 -76.33
CA SER B 1683 -13.05 73.16 -77.15
C SER B 1683 -12.08 72.18 -76.50
N PRO B 1684 -11.36 71.39 -77.29
CA PRO B 1684 -10.40 70.44 -76.71
C PRO B 1684 -9.19 71.14 -76.12
N VAL B 1685 -8.50 70.42 -75.25
CA VAL B 1685 -7.35 70.98 -74.56
C VAL B 1685 -6.10 70.71 -75.38
N ARG B 1686 -5.05 71.47 -75.07
CA ARG B 1686 -3.75 71.36 -75.72
C ARG B 1686 -2.66 71.18 -74.67
N TRP B 1687 -2.90 70.24 -73.77
CA TRP B 1687 -2.12 70.11 -72.54
C TRP B 1687 -0.69 69.66 -72.81
N ILE B 1688 -0.46 68.95 -73.92
CA ILE B 1688 0.90 68.64 -74.34
C ILE B 1688 1.66 69.92 -74.67
N GLU B 1689 1.02 70.84 -75.38
CA GLU B 1689 1.70 72.08 -75.71
C GLU B 1689 1.80 73.00 -74.51
N THR B 1690 0.88 72.88 -73.53
CA THR B 1690 1.08 73.62 -72.28
C THR B 1690 2.32 73.12 -71.53
N GLN B 1691 2.48 71.79 -71.46
CA GLN B 1691 3.68 71.24 -70.81
C GLN B 1691 4.95 71.60 -71.56
N ASP B 1692 4.91 71.67 -72.90
CA ASP B 1692 6.09 72.10 -73.63
C ASP B 1692 6.38 73.57 -73.39
N LEU B 1693 5.34 74.40 -73.33
CA LEU B 1693 5.51 75.82 -73.05
C LEU B 1693 6.02 76.05 -71.63
N LEU B 1694 5.74 75.13 -70.71
CA LEU B 1694 6.27 75.21 -69.36
C LEU B 1694 7.65 74.61 -69.21
N PHE B 1695 8.06 73.71 -70.09
CA PHE B 1695 9.33 73.03 -69.85
C PHE B 1695 10.45 73.47 -70.76
N ILE B 1696 10.15 74.07 -71.92
CA ILE B 1696 11.20 74.60 -72.77
C ILE B 1696 11.69 75.92 -72.18
N GLU B 1697 13.02 76.08 -72.10
CA GLU B 1697 13.65 77.12 -71.30
C GLU B 1697 13.44 78.51 -71.91
N GLU B 1698 13.99 79.52 -71.22
CA GLU B 1698 13.74 80.91 -71.57
C GLU B 1698 14.43 81.29 -72.88
N ALA B 1699 15.71 80.97 -72.99
CA ALA B 1699 16.33 80.94 -74.31
C ALA B 1699 15.68 79.82 -75.11
N ALA B 1700 15.61 80.02 -76.43
CA ALA B 1700 14.75 79.26 -77.34
C ALA B 1700 13.30 79.30 -76.83
N GLY B 1701 12.72 80.49 -76.97
CA GLY B 1701 11.60 81.02 -76.21
C GLY B 1701 10.47 80.13 -75.75
N GLY B 1702 10.22 80.17 -74.44
CA GLY B 1702 9.24 79.36 -73.75
C GLY B 1702 9.42 79.63 -72.28
N LEU B 1703 8.40 79.45 -71.46
CA LEU B 1703 8.51 79.79 -70.05
C LEU B 1703 9.35 78.74 -69.33
N GLY B 1704 10.54 79.12 -68.89
CA GLY B 1704 11.39 78.19 -68.18
C GLY B 1704 11.13 78.24 -66.70
N VAL B 1705 10.57 77.18 -66.13
CA VAL B 1705 10.20 77.15 -64.73
C VAL B 1705 11.09 76.16 -64.00
N GLU B 1706 11.04 76.20 -62.68
CA GLU B 1706 11.87 75.34 -61.85
C GLU B 1706 11.07 74.27 -61.11
N ARG B 1707 10.07 74.65 -60.34
CA ARG B 1707 9.23 73.67 -59.68
C ARG B 1707 7.88 73.58 -60.37
N PHE B 1708 7.38 72.36 -60.47
CA PHE B 1708 6.06 72.08 -61.02
C PHE B 1708 5.30 71.34 -59.92
N VAL B 1709 4.52 72.07 -59.14
CA VAL B 1709 3.78 71.46 -58.03
C VAL B 1709 2.30 71.43 -58.41
N GLU B 1710 1.71 70.25 -58.32
CA GLU B 1710 0.29 70.09 -58.57
C GLU B 1710 -0.44 69.82 -57.26
N ILE B 1711 -1.62 70.41 -57.13
CA ILE B 1711 -2.34 70.42 -55.87
C ILE B 1711 -3.52 69.45 -56.03
N GLY B 1712 -3.28 68.21 -55.62
CA GLY B 1712 -4.29 67.17 -55.65
C GLY B 1712 -3.93 66.13 -54.62
N VAL B 1713 -4.83 65.16 -54.44
CA VAL B 1713 -4.66 64.19 -53.37
C VAL B 1713 -3.61 63.17 -53.75
N LYS B 1714 -3.14 62.39 -52.77
CA LYS B 1714 -2.07 61.43 -53.01
C LYS B 1714 -2.59 60.06 -53.43
N SER B 1715 -3.90 59.84 -53.41
CA SER B 1715 -4.42 58.55 -53.86
C SER B 1715 -4.37 58.40 -55.38
N SER B 1716 -4.31 59.51 -56.12
CA SER B 1716 -4.19 59.46 -57.58
C SER B 1716 -3.54 60.74 -58.09
N PRO B 1717 -2.21 60.81 -58.05
CA PRO B 1717 -1.53 62.02 -58.56
C PRO B 1717 -1.34 61.97 -60.09
N THR B 1718 -2.43 62.27 -60.80
CA THR B 1718 -2.46 62.07 -62.24
C THR B 1718 -1.62 63.11 -62.99
N VAL B 1719 -1.75 64.38 -62.61
CA VAL B 1719 -1.00 65.43 -63.30
C VAL B 1719 0.48 65.32 -62.98
N ALA B 1720 0.82 64.89 -61.77
CA ALA B 1720 2.22 64.64 -61.42
C ALA B 1720 2.76 63.44 -62.19
N GLY B 1721 1.94 62.43 -62.44
CA GLY B 1721 2.37 61.31 -63.26
C GLY B 1721 2.64 61.71 -64.69
N LEU B 1722 1.76 62.56 -65.25
CA LEU B 1722 1.99 63.09 -66.59
C LEU B 1722 3.23 63.98 -66.66
N ALA B 1723 3.49 64.72 -65.59
CA ALA B 1723 4.68 65.57 -65.53
C ALA B 1723 5.95 64.74 -65.51
N THR B 1724 6.00 63.70 -64.68
CA THR B 1724 7.18 62.84 -64.64
C THR B 1724 7.36 62.05 -65.93
N ASN B 1725 6.26 61.69 -66.59
CA ASN B 1725 6.40 60.99 -67.87
C ASN B 1725 6.93 61.91 -68.95
N THR B 1726 6.48 63.17 -68.97
CA THR B 1726 7.00 64.12 -69.94
C THR B 1726 8.46 64.46 -69.65
N LEU B 1727 8.87 64.45 -68.37
CA LEU B 1727 10.27 64.66 -68.06
C LEU B 1727 11.13 63.48 -68.49
N LYS B 1728 10.68 62.26 -68.26
CA LYS B 1728 11.46 61.10 -68.64
C LYS B 1728 11.33 60.75 -70.12
N LEU B 1729 10.52 61.50 -70.86
CA LEU B 1729 10.50 61.37 -72.31
C LEU B 1729 11.86 61.81 -72.87
N PRO B 1730 12.40 61.10 -73.86
CA PRO B 1730 13.79 61.30 -74.26
C PRO B 1730 14.05 62.54 -75.12
N GLU B 1731 13.13 63.50 -75.23
CA GLU B 1731 13.47 64.75 -75.88
C GLU B 1731 14.43 65.56 -75.02
N TYR B 1732 14.41 65.34 -73.71
CA TYR B 1732 15.30 66.01 -72.78
C TYR B 1732 15.47 65.12 -71.57
N ALA B 1733 16.71 64.97 -71.13
CA ALA B 1733 17.01 64.17 -69.95
C ALA B 1733 17.85 64.94 -68.95
N HIS B 1734 18.17 66.20 -69.24
CA HIS B 1734 18.99 67.02 -68.38
C HIS B 1734 18.22 68.13 -67.68
N SER B 1735 16.96 68.33 -68.03
CA SER B 1735 16.18 69.41 -67.44
C SER B 1735 15.81 69.07 -66.00
N THR B 1736 16.30 69.88 -65.07
CA THR B 1736 16.03 69.70 -63.65
C THR B 1736 14.78 70.50 -63.27
N VAL B 1737 13.62 69.90 -63.49
CA VAL B 1737 12.35 70.50 -63.11
C VAL B 1737 11.76 69.64 -62.01
N GLU B 1738 11.79 70.15 -60.78
CA GLU B 1738 11.37 69.38 -59.62
C GLU B 1738 9.85 69.32 -59.58
N VAL B 1739 9.29 68.13 -59.71
CA VAL B 1739 7.84 67.95 -59.76
C VAL B 1739 7.36 67.47 -58.40
N LEU B 1740 6.42 68.21 -57.82
CA LEU B 1740 5.87 67.89 -56.51
C LEU B 1740 4.37 67.66 -56.60
N ASN B 1741 3.90 66.73 -55.77
CA ASN B 1741 2.51 66.64 -55.40
C ASN B 1741 2.31 67.38 -54.09
N ALA B 1742 1.16 68.00 -53.92
CA ALA B 1742 0.87 68.67 -52.67
C ALA B 1742 0.43 67.72 -51.56
N GLU B 1743 0.40 66.42 -51.80
CA GLU B 1743 0.10 65.48 -50.74
C GLU B 1743 1.14 64.38 -50.61
N ARG B 1744 1.74 63.93 -51.70
CA ARG B 1744 2.86 63.00 -51.58
C ARG B 1744 4.09 63.69 -51.02
N ASP B 1745 4.34 64.92 -51.47
CA ASP B 1745 5.57 65.64 -51.18
C ASP B 1745 5.32 66.80 -50.23
N ALA B 1746 4.46 66.56 -49.23
CA ALA B 1746 4.07 67.62 -48.31
C ALA B 1746 5.24 68.08 -47.45
N ALA B 1747 6.10 67.16 -47.04
CA ALA B 1747 7.21 67.51 -46.18
C ALA B 1747 8.22 68.38 -46.92
N VAL B 1748 8.55 68.04 -48.16
CA VAL B 1748 9.50 68.86 -48.89
C VAL B 1748 8.84 70.10 -49.47
N LEU B 1749 7.51 70.12 -49.54
CA LEU B 1749 6.83 71.34 -49.98
C LEU B 1749 6.83 72.38 -48.86
N PHE B 1750 6.40 71.99 -47.67
CA PHE B 1750 6.43 72.89 -46.53
C PHE B 1750 7.82 73.01 -45.90
N ALA B 1751 8.80 72.29 -46.44
CA ALA B 1751 10.22 72.39 -46.06
C ALA B 1751 10.42 72.02 -44.59
N THR B 1752 9.79 70.92 -44.17
CA THR B 1752 9.90 70.45 -42.80
C THR B 1752 10.42 69.03 -42.74
N ASP B 1753 11.50 68.76 -43.46
CA ASP B 1753 12.08 67.42 -43.55
C ASP B 1753 13.54 67.43 -43.11
N THR B 1754 13.95 66.35 -42.45
CA THR B 1754 15.33 66.17 -42.01
C THR B 1754 15.95 65.01 -42.77
N ASP B 1755 17.18 64.68 -42.39
CA ASP B 1755 17.92 63.58 -43.02
C ASP B 1755 18.43 62.58 -42.00
N ALA B 1987 21.36 11.32 -20.49
CA ALA B 1987 20.80 10.97 -19.19
C ALA B 1987 19.44 11.61 -18.98
N ALA B 1988 18.54 11.39 -19.94
CA ALA B 1988 17.19 11.92 -19.85
C ALA B 1988 16.39 11.10 -18.84
N ALA B 1989 16.07 11.72 -17.70
CA ALA B 1989 15.40 11.03 -16.61
C ALA B 1989 13.89 11.22 -16.61
N LEU B 1990 13.37 11.94 -17.60
CA LEU B 1990 11.95 12.31 -17.62
C LEU B 1990 11.04 11.10 -17.76
N SER B 1991 11.54 10.02 -18.38
CA SER B 1991 10.77 8.78 -18.51
C SER B 1991 10.47 8.18 -17.14
N GLU B 1992 11.50 8.03 -16.29
CA GLU B 1992 11.23 7.47 -14.98
C GLU B 1992 10.57 8.47 -14.05
N PHE B 1993 10.74 9.78 -14.29
CA PHE B 1993 9.91 10.77 -13.58
C PHE B 1993 8.43 10.53 -13.84
N THR B 1994 8.05 10.40 -15.12
CA THR B 1994 6.67 10.08 -15.46
C THR B 1994 6.26 8.69 -14.96
N ASP B 1995 7.21 7.77 -14.84
CA ASP B 1995 6.89 6.46 -14.27
C ASP B 1995 6.47 6.57 -12.80
N GLN B 1996 7.23 7.33 -12.00
CA GLN B 1996 6.84 7.42 -10.59
C GLN B 1996 5.58 8.27 -10.43
N ILE B 1997 5.38 9.26 -11.31
CA ILE B 1997 4.14 10.05 -11.27
C ILE B 1997 2.94 9.18 -11.66
N THR B 1998 3.12 8.30 -12.63
CA THR B 1998 2.03 7.43 -13.08
C THR B 1998 1.71 6.37 -12.02
N GLY B 1999 2.73 5.83 -11.34
CA GLY B 1999 2.48 4.91 -10.25
C GLY B 1999 1.81 5.56 -9.07
N ARG B 2000 2.21 6.80 -8.76
CA ARG B 2000 1.58 7.58 -7.70
C ARG B 2000 0.11 7.87 -8.01
N GLU B 2001 -0.18 8.31 -9.23
CA GLU B 2001 -1.56 8.55 -9.63
C GLU B 2001 -2.35 7.25 -9.73
N GLY B 2002 -1.68 6.14 -9.99
CA GLY B 2002 -2.35 4.85 -9.95
C GLY B 2002 -2.75 4.45 -8.54
N VAL B 2003 -1.90 4.77 -7.56
CA VAL B 2003 -2.27 4.57 -6.16
C VAL B 2003 -3.47 5.44 -5.80
N LEU B 2004 -3.47 6.69 -6.30
CA LEU B 2004 -4.62 7.58 -6.11
C LEU B 2004 -5.90 7.00 -6.68
N ALA B 2005 -5.87 6.55 -7.94
CA ALA B 2005 -7.04 5.98 -8.58
C ALA B 2005 -7.43 4.64 -7.97
N SER B 2006 -6.48 3.94 -7.36
CA SER B 2006 -6.79 2.71 -6.64
C SER B 2006 -7.63 3.00 -5.41
N ALA B 2007 -7.22 4.01 -4.64
CA ALA B 2007 -7.95 4.35 -3.43
C ALA B 2007 -9.31 4.95 -3.76
N ALA B 2008 -9.33 5.91 -4.71
CA ALA B 2008 -10.32 6.97 -4.75
C ALA B 2008 -11.76 6.48 -4.93
N ARG B 2009 -11.95 5.34 -5.59
CA ARG B 2009 -13.32 4.90 -5.87
C ARG B 2009 -13.90 3.98 -4.80
N LEU B 2010 -13.07 3.27 -4.05
CA LEU B 2010 -13.63 2.46 -2.97
C LEU B 2010 -13.53 3.16 -1.62
N VAL B 2011 -12.70 4.19 -1.49
CA VAL B 2011 -12.69 4.96 -0.26
C VAL B 2011 -13.92 5.84 -0.08
N LEU B 2012 -14.77 5.93 -1.11
CA LEU B 2012 -15.96 6.79 -1.17
C LEU B 2012 -15.69 8.23 -0.75
N GLY B 2013 -14.50 8.73 -1.11
CA GLY B 2013 -14.21 10.13 -0.96
C GLY B 2013 -14.64 10.85 -2.22
N GLN B 2014 -15.84 11.43 -2.20
CA GLN B 2014 -16.45 11.97 -3.40
C GLN B 2014 -15.79 13.31 -3.75
N LEU B 2015 -15.31 13.41 -4.98
CA LEU B 2015 -14.66 14.62 -5.47
C LEU B 2015 -15.42 15.12 -6.69
N GLY B 2016 -15.20 16.40 -7.01
CA GLY B 2016 -15.95 17.02 -8.09
C GLY B 2016 -17.38 17.34 -7.73
N LEU B 2017 -17.68 17.55 -6.44
CA LEU B 2017 -19.01 17.90 -6.00
C LEU B 2017 -19.29 19.39 -6.13
N ASP B 2018 -18.31 20.18 -6.57
CA ASP B 2018 -18.49 21.60 -6.81
C ASP B 2018 -18.89 21.85 -8.26
N ASP B 2019 -19.45 23.04 -8.49
CA ASP B 2019 -19.89 23.45 -9.81
C ASP B 2019 -19.60 24.93 -9.97
N PRO B 2020 -19.11 25.37 -11.14
CA PRO B 2020 -18.97 26.81 -11.38
C PRO B 2020 -20.33 27.46 -11.58
N VAL B 2021 -20.79 28.18 -10.55
CA VAL B 2021 -22.13 28.75 -10.58
C VAL B 2021 -22.09 30.23 -10.95
N ASN B 2022 -21.01 30.94 -10.58
CA ASN B 2022 -20.95 32.40 -10.53
C ASN B 2022 -21.21 33.09 -11.87
N ALA B 2023 -20.99 32.41 -12.98
CA ALA B 2023 -21.28 33.03 -14.27
C ALA B 2023 -22.78 33.10 -14.56
N LEU B 2024 -23.57 32.25 -13.90
CA LEU B 2024 -25.00 32.21 -14.17
C LEU B 2024 -25.78 33.39 -13.59
N PRO B 2025 -25.63 33.82 -12.32
CA PRO B 2025 -26.36 35.03 -11.92
C PRO B 2025 -25.71 36.32 -12.35
N ALA B 2026 -24.47 36.28 -12.86
CA ALA B 2026 -23.78 37.50 -13.25
C ALA B 2026 -24.36 38.13 -14.50
N ALA B 2027 -25.04 37.35 -15.34
CA ALA B 2027 -25.66 37.89 -16.54
C ALA B 2027 -26.98 38.65 -16.29
N PRO B 2028 -27.93 38.20 -15.45
CA PRO B 2028 -29.08 39.08 -15.15
C PRO B 2028 -28.71 40.28 -14.31
N ASP B 2029 -27.62 40.22 -13.54
CA ASP B 2029 -27.14 41.41 -12.84
C ASP B 2029 -26.69 42.47 -13.82
N SER B 2030 -25.87 42.07 -14.80
CA SER B 2030 -25.45 42.98 -15.86
C SER B 2030 -26.65 43.46 -16.67
N GLU B 2031 -27.62 42.58 -16.88
CA GLU B 2031 -28.85 42.94 -17.59
C GLU B 2031 -29.63 44.01 -16.85
N LEU B 2032 -29.77 43.88 -15.54
CA LEU B 2032 -30.56 44.85 -14.81
C LEU B 2032 -29.82 46.17 -14.69
N ILE B 2033 -28.49 46.11 -14.51
CA ILE B 2033 -27.78 47.38 -14.33
C ILE B 2033 -27.66 48.13 -15.64
N ASP B 2034 -27.49 47.43 -16.78
CA ASP B 2034 -27.45 48.23 -18.00
C ASP B 2034 -28.86 48.54 -18.50
N LEU B 2035 -29.88 47.83 -18.01
CA LEU B 2035 -31.25 48.30 -18.18
C LEU B 2035 -31.45 49.66 -17.51
N VAL B 2036 -31.01 49.76 -16.24
CA VAL B 2036 -31.14 51.03 -15.53
C VAL B 2036 -30.22 52.09 -16.14
N THR B 2037 -29.08 51.67 -16.69
CA THR B 2037 -28.17 52.59 -17.36
C THR B 2037 -28.80 53.15 -18.63
N ALA B 2038 -29.50 52.31 -19.39
CA ALA B 2038 -30.13 52.79 -20.61
C ALA B 2038 -31.37 53.62 -20.31
N GLU B 2039 -32.13 53.25 -19.28
CA GLU B 2039 -33.38 53.95 -19.01
C GLU B 2039 -33.13 55.25 -18.23
N LEU B 2040 -32.60 55.14 -17.02
CA LEU B 2040 -32.50 56.28 -16.14
C LEU B 2040 -31.19 57.04 -16.30
N GLY B 2041 -30.07 56.36 -16.05
CA GLY B 2041 -28.78 57.02 -16.15
C GLY B 2041 -27.71 56.10 -15.62
N ALA B 2042 -26.47 56.52 -15.85
CA ALA B 2042 -25.34 55.72 -15.37
C ALA B 2042 -25.15 55.90 -13.88
N ASP B 2043 -25.33 57.11 -13.39
CA ASP B 2043 -25.07 57.46 -11.99
C ASP B 2043 -26.33 57.45 -11.14
N TRP B 2044 -27.32 56.66 -11.54
CA TRP B 2044 -28.59 56.62 -10.81
C TRP B 2044 -28.49 56.14 -9.36
N PRO B 2045 -27.78 55.05 -9.00
CA PRO B 2045 -27.76 54.67 -7.58
C PRO B 2045 -27.05 55.67 -6.68
N ARG B 2046 -26.02 56.35 -7.17
CA ARG B 2046 -25.41 57.37 -6.31
C ARG B 2046 -26.20 58.66 -6.30
N LEU B 2047 -26.98 58.96 -7.35
CA LEU B 2047 -27.90 60.08 -7.23
C LEU B 2047 -29.10 59.78 -6.33
N VAL B 2048 -29.47 58.52 -6.15
CA VAL B 2048 -30.70 58.21 -5.43
C VAL B 2048 -30.43 57.56 -4.09
N ALA B 2049 -29.16 57.35 -3.72
CA ALA B 2049 -28.81 56.52 -2.56
C ALA B 2049 -29.27 57.18 -1.26
N PRO B 2050 -29.76 56.39 -0.30
CA PRO B 2050 -30.28 56.97 0.94
C PRO B 2050 -29.16 57.43 1.86
N VAL B 2051 -29.40 58.58 2.49
CA VAL B 2051 -28.42 59.20 3.37
C VAL B 2051 -28.87 59.19 4.83
N PHE B 2052 -30.18 59.20 5.08
CA PHE B 2052 -30.72 59.49 6.40
C PHE B 2052 -30.41 58.40 7.41
N ASP B 2053 -30.06 58.82 8.63
CA ASP B 2053 -29.79 57.95 9.74
C ASP B 2053 -30.13 58.71 11.01
N PRO B 2054 -30.97 58.14 11.88
CA PRO B 2054 -31.46 58.92 13.03
C PRO B 2054 -30.46 59.08 14.15
N LYS B 2055 -29.29 58.44 14.08
CA LYS B 2055 -28.27 58.64 15.09
C LYS B 2055 -27.51 59.94 14.89
N LYS B 2056 -27.63 60.57 13.73
CA LYS B 2056 -26.83 61.74 13.40
C LYS B 2056 -27.63 63.03 13.47
N ALA B 2057 -28.73 63.04 14.20
CA ALA B 2057 -29.52 64.25 14.35
C ALA B 2057 -28.86 65.17 15.37
N VAL B 2058 -28.86 66.47 15.09
CA VAL B 2058 -28.17 67.43 15.95
C VAL B 2058 -29.18 68.43 16.49
N VAL B 2059 -29.16 68.63 17.80
CA VAL B 2059 -30.06 69.51 18.53
C VAL B 2059 -29.30 70.75 18.96
N PHE B 2060 -29.90 71.93 18.79
CA PHE B 2060 -29.24 73.19 19.11
C PHE B 2060 -30.10 74.05 20.03
N ASP B 2061 -30.54 73.54 21.17
CA ASP B 2061 -31.46 74.28 22.02
C ASP B 2061 -30.82 74.90 23.27
N ASP B 2062 -29.59 75.40 23.17
CA ASP B 2062 -28.95 76.09 24.28
C ASP B 2062 -28.92 77.60 24.03
N ARG B 2063 -29.74 78.33 24.76
CA ARG B 2063 -29.71 79.78 24.61
C ARG B 2063 -29.23 80.50 25.86
N TRP B 2064 -29.47 79.93 27.04
CA TRP B 2064 -29.03 80.59 28.28
C TRP B 2064 -27.51 80.72 28.35
N ALA B 2065 -26.79 79.71 27.86
CA ALA B 2065 -25.34 79.73 27.96
C ALA B 2065 -24.74 80.76 27.02
N SER B 2066 -25.23 80.79 25.78
CA SER B 2066 -24.77 81.80 24.84
C SER B 2066 -25.20 83.20 25.24
N ALA B 2067 -26.31 83.31 25.98
CA ALA B 2067 -26.73 84.60 26.51
C ALA B 2067 -25.74 85.12 27.53
N ARG B 2068 -25.28 84.24 28.43
CA ARG B 2068 -24.31 84.65 29.44
C ARG B 2068 -22.98 85.07 28.80
N GLU B 2069 -22.54 84.31 27.80
CA GLU B 2069 -21.30 84.66 27.12
C GLU B 2069 -21.43 85.97 26.33
N ASP B 2070 -22.62 86.24 25.78
CA ASP B 2070 -22.82 87.50 25.09
C ASP B 2070 -22.87 88.67 26.06
N LEU B 2071 -23.39 88.45 27.27
CA LEU B 2071 -23.29 89.47 28.32
C LEU B 2071 -21.84 89.80 28.63
N VAL B 2072 -20.97 88.81 28.60
CA VAL B 2072 -19.56 89.07 28.85
C VAL B 2072 -18.95 89.89 27.71
N LYS B 2073 -19.18 89.47 26.46
CA LYS B 2073 -18.51 90.19 25.38
C LYS B 2073 -19.14 91.55 25.09
N LEU B 2074 -20.34 91.85 25.60
CA LEU B 2074 -20.79 93.23 25.61
C LEU B 2074 -19.97 94.09 26.56
N TRP B 2075 -19.49 93.53 27.66
CA TRP B 2075 -18.57 94.29 28.49
C TRP B 2075 -17.23 94.45 27.82
N LEU B 2076 -16.79 93.44 27.07
CA LEU B 2076 -15.49 93.56 26.41
C LEU B 2076 -15.51 94.55 25.25
N THR B 2077 -16.61 94.67 24.52
CA THR B 2077 -16.65 95.66 23.47
C THR B 2077 -16.77 97.05 24.08
N ASP B 2078 -16.19 98.05 23.39
CA ASP B 2078 -16.12 99.38 23.96
C ASP B 2078 -17.46 100.08 23.87
N GLU B 2079 -17.55 101.23 24.53
CA GLU B 2079 -18.80 101.97 24.59
C GLU B 2079 -19.11 102.73 23.31
N GLY B 2080 -18.13 102.89 22.42
CA GLY B 2080 -18.37 103.64 21.21
C GLY B 2080 -19.23 102.92 20.20
N ASP B 2081 -19.24 101.60 20.24
CA ASP B 2081 -19.96 100.79 19.27
C ASP B 2081 -21.24 100.20 19.82
N ILE B 2082 -21.76 100.78 20.90
CA ILE B 2082 -23.02 100.28 21.46
C ILE B 2082 -24.21 100.97 20.82
N ASP B 2083 -24.07 102.26 20.52
CA ASP B 2083 -25.14 103.03 19.89
C ASP B 2083 -25.41 102.59 18.45
N ALA B 2084 -24.43 101.95 17.80
CA ALA B 2084 -24.65 101.42 16.46
C ALA B 2084 -25.64 100.26 16.46
N ASP B 2085 -25.79 99.55 17.58
CA ASP B 2085 -26.67 98.40 17.66
C ASP B 2085 -27.57 98.48 18.89
N TRP B 2086 -27.84 99.69 19.38
CA TRP B 2086 -28.61 99.89 20.61
C TRP B 2086 -30.01 99.27 20.64
N PRO B 2087 -30.84 99.28 19.58
CA PRO B 2087 -32.10 98.52 19.69
C PRO B 2087 -31.89 97.02 19.58
N ARG B 2088 -30.99 96.61 18.70
CA ARG B 2088 -30.77 95.19 18.43
C ARG B 2088 -30.19 94.48 19.63
N LEU B 2089 -29.19 95.10 20.28
CA LEU B 2089 -28.62 94.52 21.49
C LEU B 2089 -29.60 94.57 22.64
N ALA B 2090 -30.54 95.51 22.61
CA ALA B 2090 -31.58 95.53 23.63
C ALA B 2090 -32.59 94.43 23.41
N GLU B 2091 -32.78 93.99 22.17
CA GLU B 2091 -33.83 93.05 21.88
C GLU B 2091 -33.36 91.62 21.67
N ARG B 2092 -32.04 91.37 21.62
CA ARG B 2092 -31.58 90.00 21.55
C ARG B 2092 -31.91 89.23 22.82
N PHE B 2093 -31.78 89.86 23.97
CA PHE B 2093 -31.97 89.16 25.24
C PHE B 2093 -33.40 89.25 25.73
N GLU B 2094 -34.37 88.98 24.87
CA GLU B 2094 -35.75 89.14 25.33
C GLU B 2094 -36.23 87.86 26.01
N GLY B 2095 -36.16 86.76 25.30
CA GLY B 2095 -36.43 85.50 25.93
C GLY B 2095 -35.17 84.91 26.51
N ALA B 2096 -34.97 85.10 27.80
CA ALA B 2096 -33.88 84.44 28.51
C ALA B 2096 -34.38 84.18 29.91
N GLY B 2097 -33.47 83.80 30.80
CA GLY B 2097 -33.86 83.29 32.09
C GLY B 2097 -33.71 84.27 33.24
N HIS B 2098 -34.18 83.80 34.40
CA HIS B 2098 -34.00 84.51 35.66
C HIS B 2098 -32.52 84.68 35.97
N VAL B 2099 -31.70 83.69 35.60
CA VAL B 2099 -30.27 83.74 35.83
C VAL B 2099 -29.64 84.83 34.98
N VAL B 2100 -30.05 84.93 33.72
CA VAL B 2100 -29.54 85.98 32.85
C VAL B 2100 -29.99 87.35 33.33
N ALA B 2101 -31.18 87.43 33.92
CA ALA B 2101 -31.63 88.69 34.51
C ALA B 2101 -30.75 89.10 35.69
N THR B 2102 -30.44 88.16 36.57
CA THR B 2102 -29.64 88.51 37.76
C THR B 2102 -28.21 88.84 37.37
N GLN B 2103 -27.65 88.14 36.39
CA GLN B 2103 -26.30 88.47 35.96
C GLN B 2103 -26.27 89.79 35.21
N ALA B 2104 -27.36 90.14 34.53
CA ALA B 2104 -27.45 91.46 33.91
C ALA B 2104 -27.48 92.55 34.96
N THR B 2105 -28.15 92.31 36.08
CA THR B 2105 -28.12 93.28 37.16
C THR B 2105 -26.75 93.39 37.80
N TRP B 2106 -26.01 92.28 37.87
CA TRP B 2106 -24.64 92.32 38.40
C TRP B 2106 -23.73 93.17 37.50
N TRP B 2107 -23.84 92.94 36.18
CA TRP B 2107 -23.05 93.75 35.26
C TRP B 2107 -23.49 95.20 35.26
N GLN B 2108 -24.78 95.47 35.53
CA GLN B 2108 -25.24 96.84 35.66
C GLN B 2108 -24.61 97.52 36.87
N GLY B 2109 -24.55 96.81 38.00
CA GLY B 2109 -23.93 97.36 39.18
C GLY B 2109 -22.44 97.63 38.98
N LYS B 2110 -21.75 96.71 38.31
CA LYS B 2110 -20.34 96.93 38.06
C LYS B 2110 -20.11 98.05 37.04
N SER B 2111 -21.03 98.21 36.09
CA SER B 2111 -20.90 99.32 35.15
C SER B 2111 -21.18 100.65 35.81
N LEU B 2112 -22.08 100.69 36.78
CA LEU B 2112 -22.28 101.92 37.55
C LEU B 2112 -21.08 102.25 38.39
N ALA B 2113 -20.44 101.23 38.97
CA ALA B 2113 -19.24 101.47 39.76
C ALA B 2113 -18.08 101.95 38.90
N ALA B 2114 -17.94 101.40 37.70
CA ALA B 2114 -16.83 101.79 36.84
C ALA B 2114 -17.10 103.12 36.15
N GLY B 2115 -18.35 103.46 35.91
CA GLY B 2115 -18.66 104.71 35.24
C GLY B 2115 -18.87 104.57 33.74
N ARG B 2116 -19.57 103.52 33.33
CA ARG B 2116 -19.95 103.34 31.94
C ARG B 2116 -21.46 103.53 31.84
N GLN B 2117 -21.87 104.76 31.54
CA GLN B 2117 -23.28 105.13 31.63
C GLN B 2117 -24.11 104.49 30.54
N ILE B 2118 -23.52 104.26 29.37
CA ILE B 2118 -24.24 103.59 28.30
C ILE B 2118 -24.45 102.12 28.65
N HIS B 2119 -23.39 101.47 29.13
CA HIS B 2119 -23.47 100.07 29.49
C HIS B 2119 -24.43 99.81 30.64
N ALA B 2120 -24.51 100.75 31.59
CA ALA B 2120 -25.40 100.56 32.74
C ALA B 2120 -26.86 100.53 32.33
N SER B 2121 -27.26 101.47 31.48
CA SER B 2121 -28.62 101.49 30.96
C SER B 2121 -28.86 100.29 30.05
N LEU B 2122 -27.83 99.86 29.32
CA LEU B 2122 -27.98 98.69 28.44
C LEU B 2122 -28.25 97.43 29.24
N TYR B 2123 -27.50 97.21 30.32
CA TYR B 2123 -27.73 96.00 31.10
C TYR B 2123 -29.04 96.08 31.88
N GLY B 2124 -29.46 97.28 32.29
CA GLY B 2124 -30.79 97.41 32.89
C GLY B 2124 -31.89 97.06 31.90
N ARG B 2125 -31.75 97.51 30.65
CA ARG B 2125 -32.70 97.16 29.60
C ARG B 2125 -32.70 95.65 29.34
N ILE B 2126 -31.52 95.04 29.35
CA ILE B 2126 -31.40 93.61 29.09
C ILE B 2126 -32.08 92.80 30.20
N ALA B 2127 -31.90 93.21 31.46
CA ALA B 2127 -32.55 92.50 32.56
C ALA B 2127 -34.06 92.65 32.50
N ALA B 2128 -34.54 93.87 32.23
CA ALA B 2128 -35.98 94.11 32.13
C ALA B 2128 -36.59 93.33 30.98
N GLY B 2129 -35.87 93.20 29.87
CA GLY B 2129 -36.39 92.42 28.75
C GLY B 2129 -36.36 90.93 29.02
N ALA B 2130 -35.30 90.44 29.65
CA ALA B 2130 -35.14 89.02 29.87
C ALA B 2130 -36.07 88.48 30.93
N GLU B 2131 -36.62 89.35 31.77
CA GLU B 2131 -37.62 88.90 32.73
C GLU B 2131 -38.91 88.40 32.05
N ASN B 2132 -39.24 88.89 30.85
CA ASN B 2132 -40.59 88.76 30.30
C ASN B 2132 -40.90 87.33 29.86
N PRO B 2133 -42.03 86.75 30.29
CA PRO B 2133 -42.28 85.33 30.10
C PRO B 2133 -43.06 84.94 28.85
N GLU B 2134 -43.58 85.89 28.09
CA GLU B 2134 -44.61 85.57 27.10
C GLU B 2134 -44.00 84.91 25.86
N PRO B 2135 -44.70 83.93 25.28
CA PRO B 2135 -44.18 83.28 24.08
C PRO B 2135 -44.37 84.15 22.85
N GLY B 2136 -43.51 83.94 21.86
CA GLY B 2136 -43.35 84.88 20.77
C GLY B 2136 -44.40 84.85 19.69
N ARG B 2137 -44.02 85.38 18.54
CA ARG B 2137 -44.84 85.29 17.34
C ARG B 2137 -45.08 83.83 16.97
N TYR B 2138 -44.00 83.08 16.78
CA TYR B 2138 -44.06 81.74 16.26
C TYR B 2138 -43.92 80.79 17.43
N GLY B 2139 -44.97 80.71 18.25
CA GLY B 2139 -44.96 79.85 19.41
C GLY B 2139 -45.54 78.50 19.05
N GLY B 2140 -44.72 77.47 19.19
CA GLY B 2140 -45.18 76.12 18.93
C GLY B 2140 -45.36 75.77 17.48
N GLU B 2141 -44.95 76.64 16.56
CA GLU B 2141 -45.07 76.35 15.14
C GLU B 2141 -43.88 75.49 14.75
N VAL B 2142 -44.08 74.17 14.81
CA VAL B 2142 -43.04 73.23 14.41
C VAL B 2142 -42.90 73.30 12.91
N ALA B 2143 -41.85 73.94 12.44
CA ALA B 2143 -41.67 74.13 11.01
C ALA B 2143 -40.65 73.13 10.49
N VAL B 2144 -40.77 72.80 9.20
CA VAL B 2144 -39.82 71.92 8.53
C VAL B 2144 -39.33 72.64 7.29
N VAL B 2145 -38.04 72.95 7.26
CA VAL B 2145 -37.45 73.71 6.17
C VAL B 2145 -36.43 72.83 5.46
N THR B 2146 -36.56 72.70 4.15
CA THR B 2146 -35.65 71.85 3.39
C THR B 2146 -34.79 72.70 2.47
N GLY B 2147 -33.50 72.41 2.45
CA GLY B 2147 -32.58 73.09 1.56
C GLY B 2147 -32.23 74.48 2.01
N ALA B 2148 -31.62 74.59 3.18
CA ALA B 2148 -31.15 75.87 3.72
C ALA B 2148 -29.64 75.85 3.73
N SER B 2149 -29.02 76.47 2.74
CA SER B 2149 -27.58 76.54 2.65
C SER B 2149 -27.12 77.95 3.02
N LYS B 2150 -25.82 78.17 2.91
CA LYS B 2150 -25.24 79.44 3.31
C LYS B 2150 -25.61 80.53 2.31
N GLY B 2151 -26.18 81.62 2.82
CA GLY B 2151 -26.59 82.72 1.97
C GLY B 2151 -27.75 82.34 1.09
N SER B 2152 -28.91 82.07 1.69
CA SER B 2152 -30.05 81.61 0.92
C SER B 2152 -31.33 82.05 1.58
N ILE B 2153 -32.39 82.05 0.79
CA ILE B 2153 -33.69 82.51 1.25
C ILE B 2153 -34.25 81.57 2.31
N ALA B 2154 -33.98 80.27 2.19
CA ALA B 2154 -34.42 79.34 3.21
C ALA B 2154 -33.65 79.54 4.50
N ALA B 2155 -32.38 79.92 4.42
CA ALA B 2155 -31.62 80.24 5.61
C ALA B 2155 -32.19 81.48 6.29
N SER B 2156 -32.60 82.48 5.52
CA SER B 2156 -33.20 83.66 6.13
C SER B 2156 -34.56 83.36 6.75
N VAL B 2157 -35.30 82.42 6.16
CA VAL B 2157 -36.57 81.99 6.75
C VAL B 2157 -36.33 81.26 8.07
N VAL B 2158 -35.30 80.42 8.12
CA VAL B 2158 -34.93 79.73 9.36
C VAL B 2158 -34.51 80.73 10.42
N ALA B 2159 -33.78 81.77 10.00
CA ALA B 2159 -33.34 82.80 10.94
C ALA B 2159 -34.52 83.56 11.52
N ARG B 2160 -35.50 83.92 10.68
CA ARG B 2160 -36.63 84.66 11.20
C ARG B 2160 -37.55 83.78 12.04
N LEU B 2161 -37.64 82.48 11.74
CA LEU B 2161 -38.44 81.58 12.58
C LEU B 2161 -37.81 81.39 13.94
N LEU B 2162 -36.48 81.24 13.99
CA LEU B 2162 -35.80 81.16 15.28
C LEU B 2162 -35.87 82.48 16.03
N ASP B 2163 -35.93 83.59 15.30
CA ASP B 2163 -36.08 84.89 15.93
C ASP B 2163 -37.45 85.04 16.55
N GLY B 2164 -38.45 84.45 15.92
CA GLY B 2164 -39.77 84.42 16.53
C GLY B 2164 -39.85 83.46 17.69
N GLY B 2165 -39.06 82.40 17.67
CA GLY B 2165 -39.08 81.46 18.77
C GLY B 2165 -39.73 80.13 18.43
N ALA B 2166 -39.47 79.63 17.24
CA ALA B 2166 -40.13 78.43 16.75
C ALA B 2166 -39.27 77.20 16.98
N THR B 2167 -39.77 76.08 16.53
CA THR B 2167 -39.05 74.81 16.55
C THR B 2167 -38.84 74.43 15.10
N VAL B 2168 -37.65 74.69 14.60
CA VAL B 2168 -37.33 74.49 13.20
C VAL B 2168 -36.66 73.14 13.04
N ILE B 2169 -37.02 72.40 12.01
CA ILE B 2169 -36.35 71.17 11.64
C ILE B 2169 -35.80 71.37 10.25
N ALA B 2170 -34.48 71.51 10.14
CA ALA B 2170 -33.84 71.80 8.87
C ALA B 2170 -33.19 70.54 8.34
N THR B 2171 -33.41 70.28 7.06
CA THR B 2171 -32.74 69.15 6.42
C THR B 2171 -31.60 69.66 5.58
N THR B 2172 -30.56 68.83 5.43
CA THR B 2172 -29.42 69.21 4.61
C THR B 2172 -28.80 67.95 4.03
N SER B 2173 -27.89 68.16 3.07
CA SER B 2173 -27.37 67.05 2.28
C SER B 2173 -26.31 66.28 3.04
N LYS B 2174 -25.19 66.91 3.35
CA LYS B 2174 -24.11 66.28 4.09
C LYS B 2174 -23.80 67.12 5.31
N LEU B 2175 -23.56 66.47 6.44
CA LEU B 2175 -23.37 67.15 7.71
C LEU B 2175 -21.92 66.99 8.14
N ASP B 2176 -21.14 68.07 8.00
CA ASP B 2176 -19.74 68.05 8.38
C ASP B 2176 -19.36 69.24 9.24
N GLU B 2177 -18.06 69.48 9.41
CA GLU B 2177 -17.58 70.49 10.35
C GLU B 2177 -17.96 71.90 9.92
N GLU B 2178 -17.85 72.20 8.62
CA GLU B 2178 -18.15 73.54 8.12
C GLU B 2178 -19.61 73.88 8.30
N ARG B 2179 -20.50 72.99 7.88
CA ARG B 2179 -21.92 73.24 8.02
C ARG B 2179 -22.36 73.19 9.47
N LEU B 2180 -21.71 72.37 10.29
CA LEU B 2180 -22.06 72.33 11.70
C LEU B 2180 -21.71 73.65 12.37
N ALA B 2181 -20.55 74.21 12.04
CA ALA B 2181 -20.20 75.53 12.56
C ALA B 2181 -21.14 76.60 12.03
N PHE B 2182 -21.57 76.47 10.78
CA PHE B 2182 -22.48 77.45 10.19
C PHE B 2182 -23.82 77.46 10.90
N TYR B 2183 -24.44 76.29 11.09
CA TYR B 2183 -25.74 76.25 11.74
C TYR B 2183 -25.64 76.60 13.21
N ARG B 2184 -24.52 76.30 13.87
CA ARG B 2184 -24.38 76.66 15.27
C ARG B 2184 -24.28 78.17 15.43
N THR B 2185 -23.50 78.85 14.57
CA THR B 2185 -23.44 80.29 14.64
C THR B 2185 -24.74 80.94 14.21
N LEU B 2186 -25.48 80.31 13.28
CA LEU B 2186 -26.80 80.80 12.91
C LEU B 2186 -27.75 80.79 14.10
N TYR B 2187 -27.76 79.70 14.86
CA TYR B 2187 -28.61 79.63 16.04
C TYR B 2187 -28.20 80.66 17.09
N ARG B 2188 -26.90 80.76 17.37
CA ARG B 2188 -26.50 81.64 18.47
C ARG B 2188 -26.60 83.11 18.07
N ASP B 2189 -26.68 83.41 16.77
CA ASP B 2189 -26.98 84.78 16.39
C ASP B 2189 -28.46 85.07 16.49
N HIS B 2190 -29.30 84.26 15.85
CA HIS B 2190 -30.68 84.66 15.63
C HIS B 2190 -31.67 84.03 16.58
N ALA B 2191 -31.21 83.34 17.63
CA ALA B 2191 -32.16 82.66 18.49
C ALA B 2191 -32.84 83.63 19.44
N ARG B 2192 -34.05 83.28 19.83
CA ARG B 2192 -34.81 83.93 20.90
C ARG B 2192 -35.69 82.89 21.57
N TYR B 2193 -36.80 83.34 22.14
CA TYR B 2193 -37.39 83.00 23.42
C TYR B 2193 -37.26 81.55 23.85
N GLY B 2194 -37.82 80.63 23.07
CA GLY B 2194 -37.73 79.23 23.40
C GLY B 2194 -37.40 78.42 22.17
N ALA B 2195 -36.63 79.03 21.29
CA ALA B 2195 -36.43 78.49 19.95
C ALA B 2195 -35.52 77.29 19.98
N ALA B 2196 -35.80 76.34 19.10
CA ALA B 2196 -34.98 75.15 18.99
C ALA B 2196 -34.77 74.83 17.52
N LEU B 2197 -33.56 74.36 17.20
CA LEU B 2197 -33.18 74.03 15.83
C LEU B 2197 -32.69 72.60 15.81
N TRP B 2198 -33.36 71.76 15.04
CA TRP B 2198 -32.91 70.40 14.84
C TRP B 2198 -32.43 70.25 13.41
N LEU B 2199 -31.40 69.43 13.24
CA LEU B 2199 -30.65 69.44 12.00
C LEU B 2199 -30.39 68.01 11.60
N VAL B 2200 -30.91 67.61 10.43
CA VAL B 2200 -30.75 66.23 9.97
C VAL B 2200 -30.16 66.21 8.58
N ALA B 2201 -29.53 65.09 8.25
CA ALA B 2201 -28.96 64.86 6.95
C ALA B 2201 -29.87 63.92 6.18
N ALA B 2202 -30.59 64.46 5.20
CA ALA B 2202 -31.57 63.67 4.47
C ALA B 2202 -31.53 64.03 3.00
N ASN B 2203 -31.44 63.01 2.15
CA ASN B 2203 -31.50 63.23 0.72
C ASN B 2203 -32.94 63.52 0.33
N MET B 2204 -33.16 64.61 -0.40
CA MET B 2204 -34.47 64.98 -0.88
C MET B 2204 -34.76 64.44 -2.27
N ALA B 2205 -34.18 63.29 -2.61
CA ALA B 2205 -34.49 62.59 -3.85
C ALA B 2205 -34.63 61.11 -3.59
N SER B 2206 -35.08 60.74 -2.39
CA SER B 2206 -35.25 59.34 -2.04
C SER B 2206 -36.52 59.18 -1.21
N TYR B 2207 -37.42 58.32 -1.69
CA TYR B 2207 -38.68 58.11 -0.99
C TYR B 2207 -38.45 57.38 0.32
N SER B 2208 -37.40 56.55 0.38
CA SER B 2208 -37.02 55.91 1.63
C SER B 2208 -36.63 56.95 2.67
N ASP B 2209 -35.90 57.99 2.24
CA ASP B 2209 -35.49 59.02 3.18
C ASP B 2209 -36.65 59.90 3.59
N VAL B 2210 -37.60 60.14 2.67
CA VAL B 2210 -38.76 60.94 3.03
C VAL B 2210 -39.65 60.19 4.01
N ASP B 2211 -39.81 58.87 3.81
CA ASP B 2211 -40.61 58.08 4.74
C ASP B 2211 -39.91 57.93 6.09
N ALA B 2212 -38.59 57.77 6.09
CA ALA B 2212 -37.87 57.69 7.35
C ALA B 2212 -37.89 59.02 8.09
N LEU B 2213 -37.86 60.12 7.33
CA LEU B 2213 -37.88 61.44 7.95
C LEU B 2213 -39.23 61.74 8.55
N VAL B 2214 -40.32 61.31 7.90
CA VAL B 2214 -41.62 61.58 8.51
C VAL B 2214 -41.87 60.63 9.68
N GLU B 2215 -41.32 59.41 9.66
CA GLU B 2215 -41.42 58.56 10.85
C GLU B 2215 -40.62 59.14 12.01
N TRP B 2216 -39.47 59.74 11.73
CA TRP B 2216 -38.65 60.33 12.77
C TRP B 2216 -39.33 61.55 13.39
N ILE B 2217 -39.88 62.43 12.56
CA ILE B 2217 -40.64 63.56 13.09
C ILE B 2217 -41.92 63.10 13.78
N GLY B 2218 -42.40 61.90 13.45
CA GLY B 2218 -43.60 61.40 14.06
C GLY B 2218 -43.24 60.77 15.38
N THR B 2219 -43.02 59.46 15.41
CA THR B 2219 -42.73 58.76 16.65
C THR B 2219 -41.42 59.25 17.25
N GLU B 2220 -41.28 59.04 18.57
CA GLU B 2220 -40.14 59.57 19.30
C GLU B 2220 -38.86 58.83 18.95
N GLN B 2221 -37.75 59.34 19.50
CA GLN B 2221 -36.47 58.66 19.42
C GLN B 2221 -35.91 58.59 20.83
N THR B 2222 -35.87 57.39 21.39
CA THR B 2222 -35.28 57.14 22.69
C THR B 2222 -34.07 56.23 22.50
N GLU B 2223 -32.88 56.77 22.73
CA GLU B 2223 -31.66 55.99 22.66
C GLU B 2223 -31.43 55.32 24.00
N SER B 2224 -31.00 54.07 23.97
CA SER B 2224 -30.69 53.33 25.18
C SER B 2224 -29.26 52.81 25.08
N LEU B 2225 -28.47 53.11 26.10
CA LEU B 2225 -27.18 52.45 26.28
C LEU B 2225 -27.41 51.17 27.08
N GLY B 2226 -26.34 50.60 27.61
CA GLY B 2226 -26.39 49.37 28.38
C GLY B 2226 -27.30 49.39 29.60
N PRO B 2227 -26.93 50.15 30.64
CA PRO B 2227 -27.72 50.10 31.88
C PRO B 2227 -29.04 50.86 31.83
N GLN B 2228 -29.15 51.93 31.05
CA GLN B 2228 -30.32 52.78 31.15
C GLN B 2228 -30.64 53.35 29.76
N SER B 2229 -31.61 54.26 29.73
CA SER B 2229 -32.10 54.86 28.49
C SER B 2229 -31.93 56.37 28.55
N ILE B 2230 -32.00 57.01 27.39
CA ILE B 2230 -31.87 58.45 27.27
C ILE B 2230 -33.05 58.96 26.45
N HIS B 2231 -33.78 59.93 27.00
CA HIS B 2231 -34.89 60.56 26.29
C HIS B 2231 -34.36 61.72 25.46
N ILE B 2232 -34.65 61.70 24.16
CA ILE B 2232 -34.10 62.66 23.22
C ILE B 2232 -35.19 63.54 22.61
N LYS B 2233 -36.13 62.94 21.90
CA LYS B 2233 -37.12 63.65 21.12
C LYS B 2233 -38.49 63.28 21.65
N ASP B 2234 -39.29 64.28 22.01
CA ASP B 2234 -40.55 64.00 22.68
C ASP B 2234 -41.56 63.32 21.78
N ALA B 2235 -42.18 64.09 20.88
CA ALA B 2235 -42.99 63.70 19.74
C ALA B 2235 -43.38 65.02 19.10
N GLN B 2236 -43.49 65.10 17.78
CA GLN B 2236 -43.76 66.40 17.18
C GLN B 2236 -44.77 66.29 16.05
N THR B 2237 -45.68 67.26 16.00
CA THR B 2237 -46.65 67.40 14.92
C THR B 2237 -46.45 68.77 14.29
N PRO B 2238 -46.14 68.86 13.01
CA PRO B 2238 -45.76 70.15 12.42
C PRO B 2238 -46.97 71.03 12.13
N THR B 2239 -46.65 72.26 11.80
CA THR B 2239 -47.62 73.26 11.40
C THR B 2239 -47.24 73.96 10.10
N LEU B 2240 -45.97 74.25 9.90
CA LEU B 2240 -45.48 74.87 8.68
C LEU B 2240 -44.77 73.84 7.83
N LEU B 2241 -44.36 74.27 6.62
CA LEU B 2241 -43.60 73.44 5.70
C LEU B 2241 -42.99 74.36 4.65
N PHE B 2242 -41.70 74.24 4.38
CA PHE B 2242 -41.01 75.14 3.46
C PHE B 2242 -40.11 74.33 2.56
N PRO B 2243 -40.60 73.92 1.40
CA PRO B 2243 -39.82 73.10 0.45
C PRO B 2243 -39.01 73.92 -0.54
N PHE B 2244 -37.87 74.42 -0.08
CA PHE B 2244 -36.96 75.19 -0.91
C PHE B 2244 -35.81 74.35 -1.43
N ALA B 2245 -36.05 73.07 -1.73
CA ALA B 2245 -34.99 72.11 -2.00
C ALA B 2245 -34.33 72.40 -3.33
N ALA B 2246 -33.09 72.87 -3.27
CA ALA B 2246 -32.27 73.00 -4.49
C ALA B 2246 -31.95 71.61 -5.01
N PRO B 2247 -32.18 71.33 -6.31
CA PRO B 2247 -32.05 69.95 -6.81
C PRO B 2247 -30.63 69.39 -6.77
N ARG B 2248 -29.71 70.04 -7.47
CA ARG B 2248 -28.34 69.55 -7.63
C ARG B 2248 -27.52 70.63 -8.30
N VAL B 2249 -26.29 70.80 -7.87
CA VAL B 2249 -25.31 71.64 -8.57
C VAL B 2249 -24.19 70.74 -9.04
N VAL B 2250 -24.38 70.16 -10.24
CA VAL B 2250 -23.40 69.35 -10.96
C VAL B 2250 -23.56 69.71 -12.42
N GLY B 2251 -22.46 70.03 -13.11
CA GLY B 2251 -22.54 70.36 -14.51
C GLY B 2251 -21.43 69.79 -15.36
N ASP B 2252 -20.62 68.90 -14.79
CA ASP B 2252 -19.45 68.35 -15.46
C ASP B 2252 -19.66 66.91 -15.93
N LEU B 2253 -20.86 66.60 -16.44
CA LEU B 2253 -21.15 65.24 -16.84
C LEU B 2253 -21.85 65.12 -18.19
N SER B 2254 -22.37 66.22 -18.75
CA SER B 2254 -23.27 66.24 -19.92
C SER B 2254 -24.47 65.32 -19.66
N GLU B 2255 -25.26 65.75 -18.68
CA GLU B 2255 -26.23 64.94 -17.97
C GLU B 2255 -27.67 65.37 -18.23
N ALA B 2256 -27.88 66.29 -19.18
CA ALA B 2256 -29.10 67.10 -19.22
C ALA B 2256 -30.37 66.29 -19.51
N GLY B 2257 -30.24 65.18 -20.24
CA GLY B 2257 -31.41 64.38 -20.57
C GLY B 2257 -32.01 63.69 -19.37
N SER B 2258 -31.16 63.05 -18.55
CA SER B 2258 -31.64 62.46 -17.31
C SER B 2258 -31.90 63.53 -16.25
N ARG B 2259 -31.13 64.61 -16.28
CA ARG B 2259 -31.28 65.66 -15.28
C ARG B 2259 -32.63 66.36 -15.42
N ALA B 2260 -33.12 66.54 -16.65
CA ALA B 2260 -34.36 67.26 -16.88
C ALA B 2260 -35.59 66.52 -16.38
N GLU B 2261 -35.47 65.23 -16.08
CA GLU B 2261 -36.54 64.54 -15.37
C GLU B 2261 -36.22 64.30 -13.91
N MET B 2262 -34.94 64.17 -13.56
CA MET B 2262 -34.58 63.91 -12.17
C MET B 2262 -34.86 65.14 -11.31
N GLU B 2263 -34.59 66.34 -11.82
CA GLU B 2263 -34.92 67.52 -11.05
C GLU B 2263 -36.42 67.73 -10.95
N MET B 2264 -37.17 67.28 -11.95
CA MET B 2264 -38.61 67.43 -11.91
C MET B 2264 -39.21 66.45 -10.90
N LYS B 2265 -38.57 65.28 -10.74
CA LYS B 2265 -38.85 64.42 -9.60
C LYS B 2265 -38.61 65.14 -8.28
N VAL B 2266 -37.39 65.69 -8.14
CA VAL B 2266 -36.92 66.34 -6.90
C VAL B 2266 -37.86 67.46 -6.48
N LEU B 2267 -38.42 68.18 -7.44
CA LEU B 2267 -39.48 69.11 -7.06
C LEU B 2267 -40.77 68.36 -6.76
N LEU B 2268 -41.40 67.77 -7.78
CA LEU B 2268 -42.83 67.46 -7.69
C LEU B 2268 -43.11 66.31 -6.74
N TRP B 2269 -42.53 65.15 -7.01
CA TRP B 2269 -43.05 63.99 -6.29
C TRP B 2269 -42.42 63.88 -4.92
N ALA B 2270 -41.22 64.44 -4.77
CA ALA B 2270 -40.64 64.60 -3.44
C ALA B 2270 -41.50 65.50 -2.57
N VAL B 2271 -41.94 66.65 -3.08
CA VAL B 2271 -42.67 67.53 -2.16
C VAL B 2271 -44.09 67.02 -1.93
N GLN B 2272 -44.70 66.31 -2.88
CA GLN B 2272 -46.06 65.90 -2.55
C GLN B 2272 -46.08 64.62 -1.72
N ARG B 2273 -45.06 63.77 -1.86
CA ARG B 2273 -44.85 62.69 -0.92
C ARG B 2273 -44.57 63.23 0.48
N LEU B 2274 -43.82 64.33 0.55
CA LEU B 2274 -43.50 64.96 1.83
C LEU B 2274 -44.74 65.52 2.50
N ILE B 2275 -45.57 66.24 1.75
CA ILE B 2275 -46.77 66.82 2.33
C ILE B 2275 -47.76 65.74 2.72
N GLY B 2276 -47.81 64.64 1.97
CA GLY B 2276 -48.63 63.51 2.38
C GLY B 2276 -48.18 62.90 3.69
N GLY B 2277 -46.87 62.69 3.86
CA GLY B 2277 -46.37 62.12 5.10
C GLY B 2277 -46.54 63.04 6.29
N LEU B 2278 -46.21 64.32 6.13
CA LEU B 2278 -46.34 65.26 7.25
C LEU B 2278 -47.79 65.53 7.60
N SER B 2279 -48.69 65.43 6.63
CA SER B 2279 -50.11 65.52 6.97
C SER B 2279 -50.59 64.25 7.63
N THR B 2280 -49.95 63.12 7.34
CA THR B 2280 -50.38 61.85 7.89
C THR B 2280 -49.99 61.69 9.36
N ILE B 2281 -48.80 62.18 9.74
CA ILE B 2281 -48.25 61.83 11.06
C ILE B 2281 -49.01 62.41 12.24
N GLY B 2282 -49.78 63.47 12.04
CA GLY B 2282 -50.54 64.02 13.15
C GLY B 2282 -52.03 63.94 12.89
N ALA B 2283 -52.48 62.85 12.29
CA ALA B 2283 -53.85 62.79 11.79
C ALA B 2283 -54.85 62.43 12.88
N GLU B 2284 -54.74 61.23 13.42
CA GLU B 2284 -55.76 60.73 14.32
C GLU B 2284 -55.59 61.24 15.75
N ARG B 2285 -54.41 61.74 16.08
CA ARG B 2285 -54.21 62.29 17.41
C ARG B 2285 -54.88 63.65 17.54
N ASP B 2286 -54.62 64.54 16.60
CA ASP B 2286 -55.03 65.93 16.68
C ASP B 2286 -55.87 66.24 15.45
N ILE B 2287 -57.18 65.99 15.52
CA ILE B 2287 -58.05 66.44 14.44
C ILE B 2287 -58.27 67.94 14.59
N ALA B 2288 -58.72 68.56 13.49
CA ALA B 2288 -58.82 70.01 13.33
C ALA B 2288 -57.47 70.69 13.58
N SER B 2289 -56.40 70.04 13.16
CA SER B 2289 -55.05 70.57 13.26
C SER B 2289 -54.44 70.45 11.86
N ARG B 2290 -54.37 71.56 11.14
CA ARG B 2290 -54.14 71.54 9.71
C ARG B 2290 -52.76 72.04 9.38
N LEU B 2291 -52.01 71.24 8.62
CA LEU B 2291 -50.71 71.60 8.11
C LEU B 2291 -50.84 72.75 7.11
N HIS B 2292 -49.78 73.51 6.94
CA HIS B 2292 -49.80 74.70 6.10
C HIS B 2292 -48.53 74.74 5.26
N VAL B 2293 -48.67 74.91 3.95
CA VAL B 2293 -47.54 74.80 3.04
C VAL B 2293 -47.37 76.14 2.35
N VAL B 2294 -46.12 76.56 2.13
CA VAL B 2294 -45.81 77.74 1.34
C VAL B 2294 -44.92 77.32 0.18
N LEU B 2295 -45.42 77.49 -1.04
CA LEU B 2295 -44.72 77.07 -2.23
C LEU B 2295 -43.95 78.23 -2.83
N PRO B 2296 -42.71 78.01 -3.24
CA PRO B 2296 -42.00 79.05 -3.97
C PRO B 2296 -42.14 78.90 -5.48
N GLY B 2297 -42.29 80.01 -6.19
CA GLY B 2297 -42.21 79.97 -7.63
C GLY B 2297 -41.15 80.88 -8.17
N SER B 2298 -40.07 80.30 -8.70
CA SER B 2298 -38.91 81.08 -9.12
C SER B 2298 -38.78 81.17 -10.64
N ASP B 2307 -39.06 84.53 -17.00
CA ASP B 2307 -40.33 84.20 -17.61
C ASP B 2307 -40.47 82.69 -17.77
N GLY B 2308 -39.47 82.07 -18.39
CA GLY B 2308 -39.51 80.64 -18.59
C GLY B 2308 -39.37 79.86 -17.28
N ALA B 2309 -38.58 80.39 -16.35
CA ALA B 2309 -38.48 79.80 -15.03
C ALA B 2309 -39.79 79.94 -14.26
N TYR B 2310 -40.50 81.04 -14.48
CA TYR B 2310 -41.82 81.21 -13.86
C TYR B 2310 -42.85 80.29 -14.50
N GLY B 2311 -42.70 80.00 -15.80
CA GLY B 2311 -43.57 79.02 -16.43
C GLY B 2311 -43.32 77.61 -15.94
N GLU B 2312 -42.04 77.25 -15.75
CA GLU B 2312 -41.70 75.98 -15.12
C GLU B 2312 -42.23 75.90 -13.70
N ALA B 2313 -42.19 77.02 -12.97
CA ALA B 2313 -42.71 77.05 -11.62
C ALA B 2313 -44.22 76.89 -11.59
N LYS B 2314 -44.93 77.52 -12.54
CA LYS B 2314 -46.39 77.38 -12.58
C LYS B 2314 -46.80 75.99 -13.02
N SER B 2315 -46.01 75.36 -13.90
CA SER B 2315 -46.25 73.97 -14.24
C SER B 2315 -46.00 73.06 -13.05
N ALA B 2316 -45.02 73.40 -12.21
CA ALA B 2316 -44.81 72.67 -10.97
C ALA B 2316 -45.96 72.91 -9.99
N LEU B 2317 -46.56 74.09 -10.06
CA LEU B 2317 -47.69 74.41 -9.20
C LEU B 2317 -48.92 73.60 -9.55
N ASP B 2318 -49.36 73.67 -10.80
CA ASP B 2318 -50.68 73.14 -11.14
C ASP B 2318 -50.62 71.63 -11.40
N ALA B 2319 -49.98 70.93 -10.51
CA ALA B 2319 -50.15 69.51 -10.22
C ALA B 2319 -50.50 69.31 -8.76
N VAL B 2320 -49.86 70.05 -7.85
CA VAL B 2320 -50.21 70.01 -6.45
C VAL B 2320 -51.57 70.66 -6.22
N VAL B 2321 -51.84 71.77 -6.91
CA VAL B 2321 -53.12 72.44 -6.76
C VAL B 2321 -54.23 71.62 -7.41
N SER B 2322 -53.91 70.94 -8.51
CA SER B 2322 -54.90 70.08 -9.15
C SER B 2322 -55.22 68.87 -8.29
N ARG B 2323 -54.19 68.27 -7.70
CA ARG B 2323 -54.40 67.18 -6.75
C ARG B 2323 -55.11 67.64 -5.48
N TRP B 2324 -54.88 68.88 -5.06
CA TRP B 2324 -55.61 69.51 -3.97
C TRP B 2324 -57.10 69.58 -4.26
N HIS B 2325 -57.47 70.12 -5.43
CA HIS B 2325 -58.88 70.17 -5.77
C HIS B 2325 -59.45 68.80 -6.08
N ALA B 2326 -58.62 67.83 -6.46
CA ALA B 2326 -59.13 66.51 -6.81
C ALA B 2326 -59.37 65.64 -5.58
N GLU B 2327 -58.32 65.33 -4.84
CA GLU B 2327 -58.43 64.40 -3.72
C GLU B 2327 -58.89 65.11 -2.46
N SER B 2328 -59.85 64.51 -1.76
CA SER B 2328 -60.45 65.12 -0.59
C SER B 2328 -59.79 64.71 0.72
N SER B 2329 -58.86 63.77 0.70
CA SER B 2329 -58.14 63.43 1.92
C SER B 2329 -57.14 64.54 2.27
N TRP B 2330 -56.68 65.28 1.28
CA TRP B 2330 -55.80 66.41 1.52
C TRP B 2330 -56.55 67.57 2.14
N ALA B 2331 -57.86 67.68 1.87
CA ALA B 2331 -58.61 68.89 2.17
C ALA B 2331 -58.79 69.11 3.67
N ALA B 2332 -58.79 68.05 4.46
CA ALA B 2332 -58.96 68.18 5.89
C ALA B 2332 -57.64 68.37 6.63
N ARG B 2333 -56.51 68.21 5.95
CA ARG B 2333 -55.21 68.22 6.61
C ARG B 2333 -54.29 69.33 6.14
N VAL B 2334 -54.39 69.73 4.88
CA VAL B 2334 -53.40 70.60 4.27
C VAL B 2334 -54.03 71.97 4.08
N SER B 2335 -53.20 73.00 4.02
CA SER B 2335 -53.64 74.34 3.61
C SER B 2335 -52.54 74.91 2.72
N LEU B 2336 -52.81 74.98 1.43
CA LEU B 2336 -51.82 75.44 0.46
C LEU B 2336 -51.72 76.95 0.48
N ALA B 2337 -50.53 77.45 0.16
CA ALA B 2337 -50.37 78.83 -0.24
C ALA B 2337 -49.16 78.88 -1.16
N HIS B 2338 -49.23 79.71 -2.19
CA HIS B 2338 -48.13 79.85 -3.12
C HIS B 2338 -47.71 81.30 -3.24
N ALA B 2339 -46.40 81.53 -3.31
CA ALA B 2339 -45.86 82.85 -3.61
C ALA B 2339 -44.95 82.75 -4.83
N LEU B 2340 -45.23 83.56 -5.84
CA LEU B 2340 -44.28 83.80 -6.91
C LEU B 2340 -43.20 84.73 -6.39
N ILE B 2341 -41.97 84.22 -6.27
CA ILE B 2341 -40.91 85.04 -5.71
C ILE B 2341 -40.32 85.94 -6.78
N GLY B 2342 -39.71 87.03 -6.35
CA GLY B 2342 -39.15 87.99 -7.27
C GLY B 2342 -37.71 87.73 -7.64
N TRP B 2343 -36.86 88.74 -7.47
CA TRP B 2343 -35.45 88.65 -7.79
C TRP B 2343 -34.64 89.05 -6.57
N THR B 2344 -33.88 88.11 -6.02
CA THR B 2344 -33.05 88.35 -4.85
C THR B 2344 -31.59 88.44 -5.26
N ARG B 2345 -30.89 89.41 -4.68
CA ARG B 2345 -29.52 89.71 -5.08
C ARG B 2345 -28.48 88.81 -4.43
N GLY B 2346 -28.90 87.77 -3.71
CA GLY B 2346 -27.97 86.81 -3.17
C GLY B 2346 -28.15 85.44 -3.79
N THR B 2347 -27.15 85.01 -4.56
CA THR B 2347 -27.14 83.77 -5.35
C THR B 2347 -28.36 83.63 -6.26
N ASN B 2353 -22.89 89.12 -10.92
CA ASN B 2353 -24.01 89.22 -10.00
C ASN B 2353 -24.35 90.69 -9.77
N ASP B 2354 -23.32 91.48 -9.46
CA ASP B 2354 -23.53 92.92 -9.28
C ASP B 2354 -23.88 93.59 -10.60
N ALA B 2355 -23.32 93.10 -11.71
CA ALA B 2355 -23.72 93.57 -13.03
C ALA B 2355 -25.15 93.18 -13.35
N ILE B 2356 -25.59 92.01 -12.89
CA ILE B 2356 -26.97 91.59 -13.04
C ILE B 2356 -27.91 92.54 -12.28
N VAL B 2357 -27.52 92.87 -11.04
CA VAL B 2357 -28.33 93.77 -10.22
C VAL B 2357 -28.39 95.17 -10.84
N ALA B 2358 -27.25 95.64 -11.36
CA ALA B 2358 -27.22 96.94 -12.04
C ALA B 2358 -28.08 96.93 -13.31
N ALA B 2359 -28.06 95.82 -14.06
CA ALA B 2359 -28.87 95.73 -15.26
C ALA B 2359 -30.37 95.71 -14.94
N VAL B 2360 -30.76 94.97 -13.90
CA VAL B 2360 -32.19 94.90 -13.60
C VAL B 2360 -32.68 96.16 -12.91
N GLU B 2361 -31.82 96.88 -12.20
CA GLU B 2361 -32.27 98.16 -11.65
C GLU B 2361 -32.27 99.25 -12.70
N GLU B 2362 -31.47 99.11 -13.78
CA GLU B 2362 -31.66 99.98 -14.93
C GLU B 2362 -32.92 99.59 -15.71
N ALA B 2363 -33.30 98.31 -15.66
CA ALA B 2363 -34.55 97.89 -16.28
C ALA B 2363 -35.74 98.43 -15.51
N GLY B 2364 -35.65 98.50 -14.18
CA GLY B 2364 -36.68 99.10 -13.36
C GLY B 2364 -37.36 98.16 -12.39
N VAL B 2365 -37.11 96.86 -12.46
CA VAL B 2365 -37.68 95.91 -11.53
C VAL B 2365 -37.02 96.05 -10.17
N THR B 2366 -37.85 96.11 -9.12
CA THR B 2366 -37.35 96.27 -7.76
C THR B 2366 -36.85 94.92 -7.25
N THR B 2367 -35.58 94.86 -6.86
CA THR B 2367 -34.99 93.65 -6.32
C THR B 2367 -35.24 93.57 -4.83
N TYR B 2368 -34.70 92.53 -4.20
CA TYR B 2368 -34.84 92.35 -2.77
C TYR B 2368 -33.57 91.71 -2.22
N SER B 2369 -33.37 91.89 -0.93
CA SER B 2369 -32.39 91.08 -0.21
C SER B 2369 -33.08 89.84 0.33
N THR B 2370 -32.28 88.93 0.86
CA THR B 2370 -32.82 87.67 1.34
C THR B 2370 -33.68 87.87 2.58
N ASP B 2371 -33.30 88.81 3.45
CA ASP B 2371 -34.11 89.07 4.63
C ASP B 2371 -35.42 89.77 4.29
N GLU B 2372 -35.37 90.72 3.36
CA GLU B 2372 -36.59 91.38 2.88
C GLU B 2372 -37.53 90.37 2.24
N MET B 2373 -36.98 89.47 1.43
CA MET B 2373 -37.78 88.47 0.77
C MET B 2373 -38.34 87.47 1.77
N ALA B 2374 -37.58 87.16 2.82
CA ALA B 2374 -38.05 86.22 3.83
C ALA B 2374 -39.17 86.83 4.66
N ALA B 2375 -39.09 88.12 4.95
CA ALA B 2375 -40.17 88.77 5.69
C ALA B 2375 -41.42 88.88 4.83
N LEU B 2376 -41.27 89.36 3.59
CA LEU B 2376 -42.38 89.46 2.66
C LEU B 2376 -42.88 88.12 2.16
N LEU B 2377 -42.21 87.02 2.51
CA LEU B 2377 -42.71 85.67 2.29
C LEU B 2377 -43.38 85.08 3.52
N LEU B 2378 -42.77 85.23 4.69
CA LEU B 2378 -43.28 84.64 5.91
C LEU B 2378 -44.47 85.40 6.48
N ASP B 2379 -44.75 86.60 5.96
CA ASP B 2379 -45.99 87.29 6.32
C ASP B 2379 -47.25 86.56 5.85
N LEU B 2380 -47.12 85.61 4.92
CA LEU B 2380 -48.22 84.75 4.48
C LEU B 2380 -48.56 83.65 5.47
N CYS B 2381 -47.97 83.64 6.67
CA CYS B 2381 -48.14 82.54 7.60
C CYS B 2381 -48.87 82.97 8.87
N ASP B 2382 -49.37 84.19 8.93
CA ASP B 2382 -50.13 84.64 10.07
C ASP B 2382 -51.53 84.02 10.08
N ALA B 2383 -52.34 84.43 11.06
CA ALA B 2383 -53.62 83.77 11.27
C ALA B 2383 -54.61 84.08 10.17
N GLU B 2384 -54.59 85.32 9.67
CA GLU B 2384 -55.53 85.72 8.63
C GLU B 2384 -55.28 84.96 7.33
N SER B 2385 -54.02 84.82 6.95
CA SER B 2385 -53.70 84.12 5.71
C SER B 2385 -53.95 82.63 5.81
N LYS B 2386 -53.81 82.04 7.01
CA LYS B 2386 -54.08 80.60 7.07
C LYS B 2386 -55.57 80.32 7.18
N VAL B 2387 -56.36 81.20 7.80
CA VAL B 2387 -57.81 81.04 7.75
C VAL B 2387 -58.32 81.26 6.32
N ALA B 2388 -57.70 82.20 5.60
CA ALA B 2388 -58.09 82.42 4.20
C ALA B 2388 -57.66 81.26 3.31
N ALA B 2389 -56.49 80.69 3.56
CA ALA B 2389 -55.99 79.57 2.77
C ALA B 2389 -56.64 78.25 3.16
N ALA B 2390 -57.37 78.21 4.27
CA ALA B 2390 -58.14 77.02 4.62
C ALA B 2390 -59.22 76.75 3.59
N ARG B 2391 -59.77 77.79 2.97
CA ARG B 2391 -60.81 77.61 1.96
C ARG B 2391 -60.19 77.28 0.59
N SER B 2392 -59.38 78.19 0.07
CA SER B 2392 -58.85 78.12 -1.27
C SER B 2392 -57.35 78.39 -1.25
N PRO B 2393 -56.59 77.84 -2.20
CA PRO B 2393 -55.15 78.13 -2.28
C PRO B 2393 -54.89 79.59 -2.65
N ILE B 2394 -54.25 80.31 -1.74
CA ILE B 2394 -53.83 81.68 -2.01
C ILE B 2394 -52.71 81.64 -3.03
N LYS B 2395 -52.79 82.51 -4.03
CA LYS B 2395 -51.84 82.57 -5.12
C LYS B 2395 -51.30 83.99 -5.16
N ALA B 2396 -50.28 84.26 -4.36
CA ALA B 2396 -49.78 85.61 -4.18
C ALA B 2396 -48.55 85.85 -5.05
N ASP B 2397 -48.41 87.10 -5.47
CA ASP B 2397 -47.25 87.54 -6.25
C ASP B 2397 -46.41 88.44 -5.36
N LEU B 2398 -45.10 88.20 -5.36
CA LEU B 2398 -44.16 89.04 -4.65
C LEU B 2398 -43.12 89.60 -5.59
N THR B 2399 -43.28 89.38 -6.89
CA THR B 2399 -42.30 89.83 -7.87
C THR B 2399 -42.47 91.33 -8.12
N GLY B 2400 -41.39 92.08 -7.94
CA GLY B 2400 -41.44 93.52 -8.05
C GLY B 2400 -41.20 94.08 -9.43
N GLY B 2401 -41.76 93.45 -10.45
CA GLY B 2401 -41.67 93.97 -11.81
C GLY B 2401 -41.13 93.01 -12.84
N LEU B 2402 -40.66 91.82 -12.47
CA LEU B 2402 -40.22 90.84 -13.44
C LEU B 2402 -41.37 89.93 -13.87
N ALA B 2403 -42.58 90.18 -13.36
CA ALA B 2403 -43.77 89.47 -13.85
C ALA B 2403 -44.06 89.83 -15.31
N GLU B 2404 -43.77 91.06 -15.72
CA GLU B 2404 -43.76 91.42 -17.12
C GLU B 2404 -42.41 91.04 -17.72
N ALA B 2405 -42.43 90.32 -18.84
CA ALA B 2405 -41.20 89.79 -19.44
C ALA B 2405 -40.62 90.82 -20.41
N ASN B 2406 -40.04 91.87 -19.83
CA ASN B 2406 -39.37 92.88 -20.65
C ASN B 2406 -38.03 92.38 -21.14
N LEU B 2407 -37.24 91.79 -20.25
CA LEU B 2407 -35.91 91.28 -20.58
C LEU B 2407 -35.85 89.81 -20.20
N ASP B 2408 -35.05 89.03 -20.92
CA ASP B 2408 -34.98 87.59 -20.71
C ASP B 2408 -33.64 87.19 -20.11
N MET B 2409 -33.61 85.94 -19.61
CA MET B 2409 -32.50 85.47 -18.80
C MET B 2409 -31.23 85.29 -19.62
N ALA B 2410 -31.35 84.68 -20.82
CA ALA B 2410 -30.18 84.56 -21.68
C ALA B 2410 -29.78 85.89 -22.28
N GLU B 2411 -30.75 86.80 -22.47
CA GLU B 2411 -30.48 88.15 -22.91
C GLU B 2411 -29.61 88.90 -21.89
N LEU B 2412 -29.85 88.66 -20.61
CA LEU B 2412 -28.94 89.18 -19.60
C LEU B 2412 -27.69 88.35 -19.45
N ALA B 2413 -27.75 87.06 -19.77
CA ALA B 2413 -26.60 86.17 -19.52
C ALA B 2413 -25.47 86.42 -20.49
N ALA B 2414 -25.81 86.73 -21.75
CA ALA B 2414 -24.77 87.10 -22.72
C ALA B 2414 -24.11 88.41 -22.33
N LYS B 2415 -24.90 89.35 -21.83
CA LYS B 2415 -24.37 90.62 -21.34
C LYS B 2415 -23.46 90.42 -20.13
N ALA B 2416 -23.90 89.60 -19.17
CA ALA B 2416 -23.09 89.31 -17.99
C ALA B 2416 -21.82 88.57 -18.35
N ARG B 2417 -21.87 87.74 -19.40
CA ARG B 2417 -20.66 87.09 -19.91
C ARG B 2417 -19.68 88.11 -20.46
N GLU B 2418 -20.17 89.05 -21.27
CA GLU B 2418 -19.25 89.99 -21.91
C GLU B 2418 -18.78 91.13 -21.00
N GLN B 2419 -19.48 91.44 -19.91
CA GLN B 2419 -18.89 92.33 -18.91
C GLN B 2419 -18.34 91.58 -17.70
N MET B 2420 -18.33 90.25 -17.71
CA MET B 2420 -17.60 89.48 -16.73
C MET B 2420 -16.23 89.06 -17.24
N SER B 2421 -16.10 88.86 -18.55
CA SER B 2421 -14.82 88.48 -19.13
C SER B 2421 -13.79 89.61 -19.03
N ALA B 2422 -14.24 90.86 -18.97
CA ALA B 2422 -13.33 91.99 -19.07
C ALA B 2422 -12.63 92.30 -17.75
N ALA B 2423 -13.37 92.34 -16.65
CA ALA B 2423 -12.78 92.82 -15.39
C ALA B 2423 -11.94 91.75 -14.73
N ALA B 2424 -12.33 90.48 -14.85
CA ALA B 2424 -11.65 89.42 -14.11
C ALA B 2424 -10.34 89.02 -14.75
N ALA B 2425 -10.24 89.10 -16.09
CA ALA B 2425 -9.05 88.60 -16.77
C ALA B 2425 -7.93 89.63 -16.78
N VAL B 2426 -8.27 90.91 -16.90
CA VAL B 2426 -7.28 91.96 -17.01
C VAL B 2426 -7.09 92.67 -15.65
N ASP B 2427 -7.37 91.97 -14.56
CA ASP B 2427 -7.03 92.48 -13.23
C ASP B 2427 -5.52 92.54 -13.08
N GLU B 2428 -5.00 93.77 -13.01
CA GLU B 2428 -3.57 94.01 -13.03
C GLU B 2428 -2.91 93.53 -11.74
N ASP B 2429 -1.61 93.31 -11.82
CA ASP B 2429 -0.81 92.83 -10.70
C ASP B 2429 0.11 93.94 -10.25
N ALA B 2430 0.17 94.18 -8.93
CA ALA B 2430 0.98 95.24 -8.36
C ALA B 2430 1.82 94.66 -7.24
N GLU B 2431 3.13 94.55 -7.48
CA GLU B 2431 4.06 94.03 -6.49
C GLU B 2431 4.99 95.15 -6.02
N ALA B 2432 5.30 95.14 -4.73
CA ALA B 2432 6.08 96.20 -4.13
C ALA B 2432 7.55 96.08 -4.53
N PRO B 2433 8.23 97.20 -4.78
CA PRO B 2433 9.65 97.11 -5.16
C PRO B 2433 10.59 96.72 -4.05
N GLY B 2434 10.26 97.01 -2.78
CA GLY B 2434 11.11 96.57 -1.69
C GLY B 2434 11.04 95.07 -1.49
N ALA B 2435 9.92 94.60 -0.94
CA ALA B 2435 9.51 93.19 -0.91
C ALA B 2435 10.57 92.27 -0.29
N ILE B 2436 10.85 92.49 0.99
CA ILE B 2436 11.81 91.65 1.70
C ILE B 2436 11.01 90.61 2.48
N ALA B 2437 11.65 89.49 2.78
CA ALA B 2437 10.97 88.38 3.41
C ALA B 2437 10.66 88.66 4.88
N ALA B 2438 10.00 87.72 5.53
CA ALA B 2438 9.70 87.80 6.95
C ALA B 2438 10.35 86.63 7.67
N LEU B 2439 10.99 86.92 8.79
CA LEU B 2439 11.73 85.90 9.50
C LEU B 2439 11.17 85.73 10.91
N PRO B 2440 11.31 84.54 11.50
CA PRO B 2440 10.80 84.33 12.85
C PRO B 2440 11.55 85.18 13.87
N SER B 2441 10.78 85.84 14.74
CA SER B 2441 11.29 86.90 15.58
C SER B 2441 12.25 86.35 16.63
N PRO B 2442 13.23 87.15 17.07
CA PRO B 2442 14.16 86.68 18.08
C PRO B 2442 13.47 86.62 19.43
N PRO B 2443 14.01 85.84 20.38
CA PRO B 2443 13.29 85.67 21.65
C PRO B 2443 13.26 86.92 22.51
N ARG B 2444 12.09 87.55 22.52
CA ARG B 2444 11.80 88.68 23.38
C ARG B 2444 11.02 88.21 24.59
N GLY B 2445 10.95 89.05 25.61
CA GLY B 2445 10.33 88.66 26.86
C GLY B 2445 8.83 88.49 26.74
N PHE B 2446 8.24 87.96 27.81
CA PHE B 2446 6.81 87.74 27.84
C PHE B 2446 6.08 89.07 27.97
N THR B 2447 4.91 89.15 27.37
CA THR B 2447 4.05 90.31 27.56
C THR B 2447 2.81 89.89 28.33
N PRO B 2448 2.77 90.08 29.63
CA PRO B 2448 1.59 89.71 30.41
C PRO B 2448 0.51 90.76 30.28
N ALA B 2449 -0.64 90.48 30.89
CA ALA B 2449 -1.70 91.46 30.98
C ALA B 2449 -1.28 92.57 31.94
N PRO B 2450 -1.88 93.75 31.82
CA PRO B 2450 -1.70 94.77 32.85
C PRO B 2450 -2.26 94.29 34.17
N PRO B 2451 -1.43 94.17 35.20
CA PRO B 2451 -1.81 93.44 36.40
C PRO B 2451 -2.85 94.20 37.20
N PRO B 2452 -3.59 93.51 38.07
CA PRO B 2452 -4.64 94.21 38.84
C PRO B 2452 -4.09 95.11 39.92
N GLN B 2453 -4.98 95.62 40.77
CA GLN B 2453 -4.57 96.56 41.78
C GLN B 2453 -5.18 96.15 43.11
N TRP B 2454 -4.34 95.78 44.06
CA TRP B 2454 -4.78 95.76 45.45
C TRP B 2454 -3.64 96.19 46.34
N ASP B 2455 -3.97 96.35 47.62
CA ASP B 2455 -3.15 97.07 48.56
C ASP B 2455 -1.98 96.23 49.03
N ASP B 2456 -1.13 96.82 49.86
CA ASP B 2456 -0.03 96.09 50.46
C ASP B 2456 -0.57 95.08 51.45
N LEU B 2457 0.06 93.91 51.50
CA LEU B 2457 -0.36 92.85 52.38
C LEU B 2457 0.51 92.82 53.62
N ASP B 2458 -0.12 92.55 54.76
CA ASP B 2458 0.62 92.42 56.01
C ASP B 2458 1.26 91.05 56.17
N VAL B 2459 1.07 90.16 55.21
CA VAL B 2459 1.68 88.83 55.28
C VAL B 2459 3.15 88.95 54.92
N ASP B 2460 3.98 88.41 55.76
CA ASP B 2460 5.41 88.33 55.51
C ASP B 2460 5.66 87.26 54.45
N PRO B 2461 6.66 87.44 53.57
CA PRO B 2461 6.90 86.42 52.54
C PRO B 2461 7.59 85.15 53.04
N ALA B 2462 7.68 84.96 54.35
CA ALA B 2462 8.04 83.66 54.89
C ALA B 2462 6.84 82.73 54.95
N ASP B 2463 5.63 83.26 54.85
CA ASP B 2463 4.41 82.47 54.98
C ASP B 2463 3.68 82.37 53.66
N LEU B 2464 4.42 82.25 52.57
CA LEU B 2464 3.84 82.10 51.24
C LEU B 2464 4.49 80.94 50.52
N VAL B 2465 3.68 80.11 49.89
CA VAL B 2465 4.16 79.04 49.04
C VAL B 2465 3.84 79.43 47.61
N VAL B 2466 4.86 79.57 46.78
CA VAL B 2466 4.68 80.05 45.43
C VAL B 2466 5.04 78.94 44.46
N ILE B 2467 4.52 79.03 43.25
CA ILE B 2467 4.88 78.13 42.16
C ILE B 2467 5.90 78.86 41.30
N VAL B 2468 7.12 78.36 41.27
CA VAL B 2468 8.21 79.04 40.62
C VAL B 2468 8.46 78.50 39.22
N GLY B 2469 8.55 77.18 39.08
CA GLY B 2469 8.76 76.57 37.81
C GLY B 2469 7.52 75.84 37.31
N GLY B 2470 7.75 74.92 36.39
CA GLY B 2470 6.68 74.11 35.87
C GLY B 2470 6.89 73.79 34.41
N ALA B 2471 6.67 72.52 34.05
CA ALA B 2471 6.69 72.11 32.67
C ALA B 2471 5.89 70.83 32.56
N GLU B 2472 5.45 70.54 31.35
CA GLU B 2472 4.59 69.39 31.12
C GLU B 2472 5.00 68.73 29.82
N ILE B 2473 4.47 67.53 29.62
CA ILE B 2473 4.60 66.82 28.37
C ILE B 2473 3.33 66.02 28.15
N GLY B 2474 2.68 66.24 27.02
CA GLY B 2474 1.40 65.65 26.76
C GLY B 2474 1.13 65.56 25.29
N PRO B 2475 -0.16 65.58 24.91
CA PRO B 2475 -0.52 65.38 23.51
C PRO B 2475 -0.09 66.50 22.59
N TYR B 2476 0.29 67.67 23.11
CA TYR B 2476 0.80 68.74 22.27
C TYR B 2476 2.26 69.04 22.53
N GLY B 2477 2.91 68.23 23.35
CA GLY B 2477 4.31 68.48 23.66
C GLY B 2477 4.43 69.37 24.87
N SER B 2478 5.21 70.43 24.74
CA SER B 2478 5.49 71.30 25.86
C SER B 2478 4.30 72.20 26.14
N SER B 2479 4.35 72.86 27.30
CA SER B 2479 3.24 73.70 27.74
C SER B 2479 3.11 74.95 26.89
N ARG B 2480 4.20 75.38 26.26
CA ARG B 2480 4.17 76.53 25.36
C ARG B 2480 3.30 76.24 24.14
N THR B 2481 3.57 75.14 23.45
CA THR B 2481 2.80 74.80 22.26
C THR B 2481 1.40 74.36 22.63
N ARG B 2482 1.24 73.73 23.79
CA ARG B 2482 -0.10 73.33 24.19
C ARG B 2482 -0.98 74.54 24.47
N PHE B 2483 -0.43 75.57 25.12
CA PHE B 2483 -1.22 76.76 25.38
C PHE B 2483 -1.46 77.56 24.12
N GLU B 2484 -0.51 77.55 23.19
CA GLU B 2484 -0.72 78.31 21.95
C GLU B 2484 -1.79 77.67 21.09
N MET B 2485 -1.79 76.35 20.96
CA MET B 2485 -2.86 75.67 20.25
C MET B 2485 -4.17 75.73 21.03
N GLU B 2486 -4.08 75.89 22.36
CA GLU B 2486 -5.29 76.02 23.15
C GLU B 2486 -5.97 77.34 22.90
N VAL B 2487 -5.21 78.43 22.84
CA VAL B 2487 -5.83 79.73 22.68
C VAL B 2487 -6.12 80.00 21.21
N GLU B 2488 -5.09 80.10 20.39
CA GLU B 2488 -5.29 80.71 19.09
C GLU B 2488 -5.47 79.69 17.97
N ASN B 2489 -5.64 78.41 18.30
CA ASN B 2489 -5.99 77.32 17.38
C ASN B 2489 -4.93 77.10 16.30
N GLU B 2490 -3.74 77.66 16.46
CA GLU B 2490 -2.69 77.53 15.46
C GLU B 2490 -1.36 77.86 16.13
N LEU B 2491 -0.29 77.40 15.52
CA LEU B 2491 1.03 77.55 16.09
C LEU B 2491 1.71 78.81 15.59
N SER B 2492 2.58 79.34 16.42
CA SER B 2492 3.48 80.38 16.00
C SER B 2492 4.69 79.74 15.31
N ALA B 2493 5.58 80.58 14.79
CA ALA B 2493 6.75 80.07 14.10
C ALA B 2493 7.69 79.37 15.07
N ALA B 2494 7.77 79.88 16.29
CA ALA B 2494 8.61 79.24 17.30
C ALA B 2494 8.03 77.89 17.71
N GLY B 2495 6.70 77.79 17.77
CA GLY B 2495 6.09 76.52 18.11
C GLY B 2495 6.26 75.49 17.01
N VAL B 2496 6.18 75.93 15.75
CA VAL B 2496 6.42 75.04 14.63
C VAL B 2496 7.86 74.56 14.63
N LEU B 2497 8.80 75.47 14.92
CA LEU B 2497 10.21 75.09 14.98
C LEU B 2497 10.48 74.12 16.11
N GLU B 2498 9.83 74.32 17.27
CA GLU B 2498 10.01 73.43 18.40
C GLU B 2498 9.44 72.04 18.13
N LEU B 2499 8.24 71.96 17.57
CA LEU B 2499 7.68 70.64 17.31
C LEU B 2499 8.38 69.93 16.16
N ALA B 2500 8.85 70.66 15.16
CA ALA B 2500 9.58 70.01 14.07
C ALA B 2500 10.96 69.57 14.52
N TRP B 2501 11.57 70.29 15.46
CA TRP B 2501 12.80 69.84 16.08
C TRP B 2501 12.57 68.61 16.93
N THR B 2502 11.46 68.58 17.64
CA THR B 2502 11.24 67.53 18.63
C THR B 2502 10.82 66.23 17.97
N THR B 2503 9.98 66.30 16.94
CA THR B 2503 9.49 65.11 16.26
C THR B 2503 10.42 64.62 15.16
N GLY B 2504 11.64 65.14 15.09
CA GLY B 2504 12.62 64.60 14.19
C GLY B 2504 12.48 65.00 12.74
N LEU B 2505 11.63 65.98 12.43
CA LEU B 2505 11.50 66.42 11.05
C LEU B 2505 12.66 67.29 10.62
N ILE B 2506 13.42 67.85 11.55
CA ILE B 2506 14.45 68.84 11.25
C ILE B 2506 15.66 68.58 12.14
N ARG B 2507 16.84 68.54 11.54
CA ARG B 2507 18.09 68.52 12.28
C ARG B 2507 18.89 69.76 11.98
N TRP B 2508 19.83 70.06 12.87
CA TRP B 2508 20.83 71.09 12.64
C TRP B 2508 22.14 70.43 12.28
N GLU B 2509 22.63 70.70 11.08
CA GLU B 2509 23.95 70.26 10.68
C GLU B 2509 24.69 71.46 10.12
N ASP B 2510 26.01 71.35 10.07
CA ASP B 2510 26.82 72.46 9.60
C ASP B 2510 27.94 72.02 8.66
N ASP B 2511 27.92 70.81 8.14
CA ASP B 2511 29.03 70.36 7.32
C ASP B 2511 28.96 70.95 5.90
N PRO B 2512 27.82 70.94 5.18
CA PRO B 2512 27.82 71.72 3.93
C PRO B 2512 27.75 73.21 4.21
N GLN B 2513 26.91 73.58 5.15
CA GLN B 2513 26.58 74.96 5.49
C GLN B 2513 25.79 74.89 6.79
N PRO B 2514 26.04 75.79 7.74
CA PRO B 2514 25.26 75.76 8.99
C PRO B 2514 23.84 76.23 8.75
N GLY B 2515 22.88 75.40 9.18
CA GLY B 2515 21.48 75.65 8.93
C GLY B 2515 20.70 74.42 9.30
N TRP B 2516 19.38 74.58 9.34
CA TRP B 2516 18.52 73.44 9.60
C TRP B 2516 18.35 72.64 8.32
N TYR B 2517 18.46 71.32 8.43
CA TYR B 2517 18.25 70.45 7.29
C TYR B 2517 17.03 69.59 7.49
N ASP B 2518 16.43 69.19 6.38
CA ASP B 2518 15.34 68.22 6.42
C ASP B 2518 15.90 66.85 6.79
N THR B 2519 15.05 66.02 7.39
CA THR B 2519 15.50 64.70 7.81
C THR B 2519 15.56 63.75 6.64
N GLU B 2520 14.45 63.57 5.93
CA GLU B 2520 14.40 62.54 4.91
C GLU B 2520 15.10 62.97 3.62
N SER B 2521 15.10 64.26 3.30
CA SER B 2521 15.63 64.70 2.02
C SER B 2521 16.88 65.56 2.13
N GLY B 2522 17.09 66.24 3.25
CA GLY B 2522 18.35 66.91 3.49
C GLY B 2522 18.63 68.14 2.66
N GLU B 2523 17.90 69.23 2.89
CA GLU B 2523 18.13 70.47 2.20
C GLU B 2523 18.13 71.63 3.17
N MET B 2524 18.81 72.71 2.78
CA MET B 2524 18.78 73.95 3.53
C MET B 2524 17.39 74.54 3.47
N VAL B 2525 16.66 74.44 4.56
CA VAL B 2525 15.34 75.06 4.63
C VAL B 2525 15.50 76.55 4.90
N ASP B 2526 14.56 77.34 4.44
CA ASP B 2526 14.54 78.76 4.73
C ASP B 2526 13.68 79.01 5.94
N GLU B 2527 14.10 79.98 6.76
CA GLU B 2527 13.31 80.35 7.92
C GLU B 2527 11.99 81.00 7.53
N SER B 2528 11.92 81.61 6.34
CA SER B 2528 10.67 82.19 5.89
C SER B 2528 9.66 81.13 5.48
N GLU B 2529 10.10 79.91 5.23
CA GLU B 2529 9.24 78.87 4.70
C GLU B 2529 8.82 77.85 5.74
N LEU B 2530 9.18 78.07 7.02
CA LEU B 2530 9.02 77.05 8.05
C LEU B 2530 7.57 76.72 8.31
N VAL B 2531 6.74 77.73 8.56
CA VAL B 2531 5.35 77.47 8.87
C VAL B 2531 4.62 76.95 7.64
N GLN B 2532 4.85 77.58 6.49
CA GLN B 2532 4.13 77.24 5.28
C GLN B 2532 4.57 75.90 4.70
N ARG B 2533 5.68 75.34 5.16
CA ARG B 2533 6.05 73.99 4.73
C ARG B 2533 5.95 72.94 5.82
N TYR B 2534 5.77 73.32 7.08
CA TYR B 2534 5.78 72.33 8.15
C TYR B 2534 4.61 72.44 9.10
N HIS B 2535 3.63 73.29 8.82
CA HIS B 2535 2.51 73.42 9.75
C HIS B 2535 1.60 72.21 9.68
N ASP B 2536 1.27 71.77 8.48
CA ASP B 2536 0.31 70.69 8.31
C ASP B 2536 0.86 69.36 8.79
N ALA B 2537 2.17 69.16 8.65
CA ALA B 2537 2.78 67.92 9.10
C ALA B 2537 2.72 67.79 10.62
N VAL B 2538 3.03 68.86 11.35
CA VAL B 2538 3.00 68.74 12.80
C VAL B 2538 1.57 68.75 13.31
N VAL B 2539 0.65 69.39 12.59
CA VAL B 2539 -0.75 69.30 12.99
C VAL B 2539 -1.28 67.88 12.79
N GLN B 2540 -0.80 67.17 11.76
CA GLN B 2540 -1.15 65.77 11.63
C GLN B 2540 -0.52 64.93 12.74
N ARG B 2541 0.73 65.21 13.09
CA ARG B 2541 1.42 64.36 14.06
C ARG B 2541 1.03 64.64 15.50
N VAL B 2542 0.36 65.76 15.77
CA VAL B 2542 0.16 66.24 17.14
C VAL B 2542 -1.33 66.43 17.38
N GLY B 2543 -1.86 65.79 18.41
CA GLY B 2543 -3.24 65.98 18.79
C GLY B 2543 -3.93 64.70 19.21
N ILE B 2544 -5.20 64.84 19.58
CA ILE B 2544 -6.06 63.68 19.79
C ILE B 2544 -6.32 63.02 18.45
N ARG B 2545 -5.99 61.74 18.34
CA ARG B 2545 -5.93 61.08 17.06
C ARG B 2545 -6.01 59.58 17.28
N GLU B 2546 -5.97 58.84 16.17
CA GLU B 2546 -6.06 57.39 16.22
C GLU B 2546 -4.75 56.82 16.77
N PHE B 2547 -4.87 55.70 17.50
CA PHE B 2547 -3.73 55.00 18.09
C PHE B 2547 -2.73 54.58 17.02
N VAL B 2548 -1.52 55.11 17.10
CA VAL B 2548 -0.44 54.75 16.20
C VAL B 2548 0.64 54.06 17.02
N ASP B 2549 1.08 52.89 16.56
CA ASP B 2549 2.02 52.10 17.32
C ASP B 2549 3.42 52.69 17.22
N ASP B 2550 4.09 52.82 18.36
CA ASP B 2550 5.45 53.34 18.43
C ASP B 2550 6.29 52.45 19.33
N GLY B 2551 6.21 51.14 19.09
CA GLY B 2551 6.98 50.18 19.86
C GLY B 2551 7.86 49.32 18.97
N ALA B 2552 7.65 49.42 17.65
CA ALA B 2552 8.39 48.69 16.61
C ALA B 2552 8.31 47.18 16.79
N ILE B 2553 7.21 46.69 17.31
CA ILE B 2553 6.99 45.26 17.56
C ILE B 2553 5.71 44.83 16.83
N ASP B 2554 5.37 43.57 16.99
CA ASP B 2554 4.15 43.05 16.41
C ASP B 2554 2.96 43.33 17.33
N PRO B 2555 1.82 43.75 16.78
CA PRO B 2555 0.63 43.98 17.61
C PRO B 2555 -0.16 42.73 17.95
N ASP B 2556 0.33 41.55 17.60
CA ASP B 2556 -0.39 40.28 17.79
C ASP B 2556 0.18 39.48 18.96
N HIS B 2557 0.50 40.14 20.06
CA HIS B 2557 1.02 39.46 21.24
C HIS B 2557 0.17 39.64 22.49
N ALA B 2558 -0.54 40.76 22.64
CA ALA B 2558 -1.23 41.08 23.89
C ALA B 2558 -2.71 41.34 23.60
N SER B 2559 -3.52 40.27 23.66
CA SER B 2559 -4.98 40.36 23.56
C SER B 2559 -5.58 39.11 24.16
N PRO B 2560 -6.64 39.21 24.96
CA PRO B 2560 -7.28 38.01 25.51
C PRO B 2560 -8.09 37.27 24.46
N LEU B 2561 -7.90 35.95 24.38
CA LEU B 2561 -8.61 35.13 23.41
C LEU B 2561 -8.65 33.70 23.93
N LEU B 2562 -9.72 32.99 23.58
CA LEU B 2562 -9.98 31.65 24.08
C LEU B 2562 -9.65 30.63 23.01
N VAL B 2563 -8.72 29.72 23.33
CA VAL B 2563 -8.47 28.54 22.50
C VAL B 2563 -8.42 27.31 23.40
N SER B 2564 -9.05 26.23 22.95
CA SER B 2564 -9.00 24.95 23.65
C SER B 2564 -9.17 23.86 22.61
N VAL B 2565 -8.05 23.32 22.12
CA VAL B 2565 -8.06 22.21 21.19
C VAL B 2565 -7.33 21.05 21.87
N PHE B 2566 -7.73 19.82 21.54
CA PHE B 2566 -7.12 18.63 22.12
C PHE B 2566 -6.45 17.83 21.02
N LEU B 2567 -5.22 17.38 21.29
CA LEU B 2567 -4.34 16.87 20.26
C LEU B 2567 -3.93 15.46 20.61
N GLU B 2568 -3.95 14.57 19.60
CA GLU B 2568 -3.75 13.14 19.81
C GLU B 2568 -2.64 12.59 18.91
N LYS B 2569 -1.78 13.46 18.38
CA LYS B 2569 -1.00 13.13 17.20
C LYS B 2569 0.51 13.30 17.40
N ASP B 2570 1.24 13.24 16.30
CA ASP B 2570 2.69 13.19 16.30
C ASP B 2570 3.30 14.52 16.74
N PHE B 2571 4.42 14.42 17.43
CA PHE B 2571 5.16 15.59 17.93
C PHE B 2571 6.53 15.61 17.27
N ALA B 2572 6.70 16.48 16.28
CA ALA B 2572 7.99 16.67 15.64
C ALA B 2572 8.83 17.65 16.44
N PHE B 2573 10.12 17.33 16.62
CA PHE B 2573 10.92 18.03 17.61
C PHE B 2573 12.22 18.63 17.10
N VAL B 2574 13.03 19.12 18.05
CA VAL B 2574 14.26 19.85 17.80
C VAL B 2574 15.37 19.12 18.53
N VAL B 2575 16.61 19.43 18.17
CA VAL B 2575 17.78 18.81 18.78
C VAL B 2575 17.94 19.39 20.19
N SER B 2576 17.58 18.62 21.20
CA SER B 2576 17.82 18.96 22.59
C SER B 2576 18.72 17.89 23.20
N SER B 2577 19.22 18.16 24.40
CA SER B 2577 20.02 17.18 25.10
C SER B 2577 19.10 16.13 25.74
N GLU B 2578 19.72 15.05 26.22
CA GLU B 2578 18.97 14.04 26.96
C GLU B 2578 18.45 14.59 28.27
N ALA B 2579 19.23 15.44 28.94
CA ALA B 2579 18.79 16.05 30.19
C ALA B 2579 17.68 17.07 29.95
N ASP B 2580 17.77 17.83 28.86
CA ASP B 2580 16.70 18.78 28.55
C ASP B 2580 15.42 18.07 28.14
N ALA B 2581 15.55 16.96 27.41
CA ALA B 2581 14.41 16.14 27.07
C ALA B 2581 13.77 15.53 28.32
N ARG B 2582 14.61 15.06 29.25
CA ARG B 2582 14.08 14.50 30.50
C ARG B 2582 13.39 15.58 31.33
N ALA B 2583 13.97 16.78 31.39
CA ALA B 2583 13.33 17.87 32.12
C ALA B 2583 12.05 18.35 31.45
N PHE B 2584 11.94 18.19 30.12
CA PHE B 2584 10.68 18.46 29.45
C PHE B 2584 9.63 17.42 29.82
N VAL B 2585 10.02 16.14 29.85
CA VAL B 2585 9.08 15.04 30.07
C VAL B 2585 8.92 14.72 31.56
N GLU B 2586 9.50 15.55 32.45
CA GLU B 2586 9.25 15.42 33.89
C GLU B 2586 7.77 15.53 34.25
N PHE B 2587 7.06 16.50 33.69
CA PHE B 2587 5.63 16.59 33.94
C PHE B 2587 4.84 15.60 33.10
N ASP B 2588 5.40 15.13 32.00
CA ASP B 2588 4.67 14.31 31.03
C ASP B 2588 4.35 12.84 31.35
N PRO B 2589 5.17 12.06 32.07
CA PRO B 2589 5.32 10.63 31.73
C PRO B 2589 4.10 9.76 32.01
N GLU B 2590 3.06 10.29 32.64
CA GLU B 2590 1.82 9.54 32.84
C GLU B 2590 0.80 9.75 31.72
N HIS B 2591 1.04 10.73 30.84
CA HIS B 2591 0.11 11.02 29.74
C HIS B 2591 0.76 10.81 28.37
N THR B 2592 1.81 10.03 28.27
CA THR B 2592 2.59 10.02 27.03
C THR B 2592 3.36 8.73 26.84
N VAL B 2593 4.04 8.67 25.70
CA VAL B 2593 5.01 7.64 25.36
C VAL B 2593 6.33 8.34 25.01
N ILE B 2594 7.44 7.79 25.50
CA ILE B 2594 8.78 8.33 25.28
C ILE B 2594 9.49 7.44 24.26
N ARG B 2595 10.08 8.08 23.24
CA ARG B 2595 10.92 7.32 22.32
C ARG B 2595 12.26 8.01 22.08
N PRO B 2596 13.38 7.36 22.34
CA PRO B 2596 14.68 8.00 22.12
C PRO B 2596 15.06 8.05 20.66
N VAL B 2597 15.68 9.17 20.27
CA VAL B 2597 16.23 9.35 18.94
C VAL B 2597 17.72 9.62 19.08
N PRO B 2598 18.59 8.65 18.75
CA PRO B 2598 20.03 8.91 18.81
C PRO B 2598 20.55 9.79 17.68
N ASP B 2599 19.82 9.86 16.56
CA ASP B 2599 20.27 10.70 15.45
C ASP B 2599 20.16 12.18 15.80
N SER B 2600 19.21 12.54 16.66
CA SER B 2600 19.11 13.90 17.18
C SER B 2600 19.59 13.99 18.62
N THR B 2601 20.03 12.87 19.21
CA THR B 2601 20.55 12.75 20.58
C THR B 2601 19.57 13.31 21.61
N ASP B 2602 18.30 12.89 21.48
CA ASP B 2602 17.26 13.39 22.35
C ASP B 2602 16.23 12.30 22.59
N TRP B 2603 15.12 12.70 23.19
CA TRP B 2603 13.92 11.88 23.25
C TRP B 2603 12.81 12.58 22.48
N GLN B 2604 11.69 11.86 22.34
CA GLN B 2604 10.48 12.40 21.75
C GLN B 2604 9.32 12.00 22.64
N VAL B 2605 8.60 12.99 23.12
CA VAL B 2605 7.37 12.78 23.86
C VAL B 2605 6.25 12.70 22.83
N ILE B 2606 5.28 11.82 23.06
CA ILE B 2606 4.09 11.71 22.21
C ILE B 2606 2.91 11.54 23.15
N ARG B 2607 2.03 12.54 23.21
CA ARG B 2607 1.00 12.56 24.23
C ARG B 2607 -0.35 12.09 23.67
N LYS B 2608 -1.12 11.43 24.53
CA LYS B 2608 -2.37 10.80 24.14
C LYS B 2608 -3.53 11.78 24.06
N ALA B 2609 -4.75 11.25 24.01
CA ALA B 2609 -5.96 12.07 24.02
C ALA B 2609 -6.11 12.79 25.35
N GLY B 2610 -6.89 13.87 25.32
CA GLY B 2610 -7.01 14.76 26.46
C GLY B 2610 -5.92 15.79 26.55
N THR B 2611 -4.85 15.65 25.78
CA THR B 2611 -3.74 16.60 25.79
C THR B 2611 -4.14 17.84 25.01
N GLU B 2612 -4.20 18.98 25.70
CA GLU B 2612 -4.47 20.26 25.07
C GLU B 2612 -3.15 20.99 24.87
N ILE B 2613 -3.07 21.74 23.78
CA ILE B 2613 -1.94 22.62 23.51
C ILE B 2613 -2.46 24.04 23.36
N ARG B 2614 -1.72 25.00 23.90
CA ARG B 2614 -2.06 26.39 23.74
C ARG B 2614 -1.78 26.82 22.31
N VAL B 2615 -2.81 27.28 21.61
CA VAL B 2615 -2.65 27.74 20.24
C VAL B 2615 -3.05 29.21 20.16
N PRO B 2616 -2.13 30.13 20.55
CA PRO B 2616 -2.53 31.52 20.80
C PRO B 2616 -2.88 32.29 19.53
N ARG B 2617 -4.17 32.50 19.31
CA ARG B 2617 -4.65 33.45 18.33
C ARG B 2617 -4.82 34.79 19.02
N LYS B 2618 -4.34 35.85 18.40
CA LYS B 2618 -4.38 37.18 19.00
C LYS B 2618 -5.27 38.06 18.14
N THR B 2619 -6.40 38.47 18.71
CA THR B 2619 -7.37 39.28 18.00
C THR B 2619 -6.88 40.72 17.83
N LYS B 2620 -7.71 41.54 17.19
CA LYS B 2620 -7.36 42.93 16.92
C LYS B 2620 -8.62 43.77 16.95
N LEU B 2621 -8.81 44.54 18.02
CA LEU B 2621 -9.79 45.61 18.04
C LEU B 2621 -9.11 46.86 17.53
N SER B 2622 -9.53 47.33 16.36
CA SER B 2622 -8.86 48.42 15.68
C SER B 2622 -9.50 49.76 16.01
N ARG B 2623 -8.76 50.82 15.68
CA ARG B 2623 -9.18 52.21 15.77
C ARG B 2623 -9.57 52.57 17.20
N VAL B 2624 -8.57 52.57 18.07
CA VAL B 2624 -8.67 53.23 19.36
C VAL B 2624 -8.21 54.67 19.17
N VAL B 2625 -9.00 55.61 19.65
CA VAL B 2625 -8.61 57.01 19.58
C VAL B 2625 -8.07 57.42 20.94
N GLY B 2626 -7.01 58.23 20.93
CA GLY B 2626 -6.37 58.58 22.17
C GLY B 2626 -5.59 59.87 22.10
N GLY B 2627 -4.84 60.14 23.15
CA GLY B 2627 -4.14 61.39 23.33
C GLY B 2627 -2.64 61.22 23.41
N GLN B 2628 -2.05 60.47 22.48
CA GLN B 2628 -0.63 60.10 22.56
C GLN B 2628 0.29 61.31 22.53
N ILE B 2629 1.53 61.05 22.96
CA ILE B 2629 2.71 61.89 22.77
C ILE B 2629 2.90 62.10 21.27
N PRO B 2630 3.43 63.23 20.80
CA PRO B 2630 3.69 63.42 19.37
C PRO B 2630 4.49 62.31 18.71
N THR B 2631 4.01 61.87 17.55
CA THR B 2631 4.56 60.72 16.87
C THR B 2631 5.96 61.02 16.37
N GLY B 2632 6.91 60.21 16.78
CA GLY B 2632 8.30 60.51 16.52
C GLY B 2632 8.94 61.35 17.59
N PHE B 2633 8.42 61.34 18.81
CA PHE B 2633 9.06 62.04 19.91
C PHE B 2633 10.38 61.36 20.23
N ASP B 2634 11.47 62.06 19.97
CA ASP B 2634 12.82 61.56 20.21
C ASP B 2634 13.38 62.32 21.41
N PRO B 2635 13.39 61.72 22.60
CA PRO B 2635 13.93 62.42 23.77
C PRO B 2635 15.45 62.51 23.77
N THR B 2636 16.14 61.90 22.82
CA THR B 2636 17.59 62.04 22.75
C THR B 2636 18.00 63.41 22.24
N VAL B 2637 17.08 64.13 21.59
CA VAL B 2637 17.43 65.42 21.03
C VAL B 2637 17.55 66.46 22.12
N TRP B 2638 16.91 66.21 23.26
CA TRP B 2638 17.15 67.02 24.45
C TRP B 2638 18.58 66.87 24.94
N GLY B 2639 19.07 65.64 24.99
CA GLY B 2639 20.41 65.40 25.50
C GLY B 2639 20.54 64.10 26.25
N ILE B 2640 19.42 63.41 26.46
CA ILE B 2640 19.43 62.10 27.09
C ILE B 2640 20.06 61.08 26.16
N SER B 2641 21.03 60.33 26.67
CA SER B 2641 21.79 59.42 25.83
C SER B 2641 20.97 58.20 25.44
N ALA B 2642 21.47 57.50 24.41
CA ALA B 2642 20.71 56.42 23.80
C ALA B 2642 20.64 55.20 24.70
N ASP B 2643 21.71 54.90 25.42
CA ASP B 2643 21.69 53.79 26.37
C ASP B 2643 20.78 54.09 27.56
N MET B 2644 20.71 55.35 27.97
CA MET B 2644 19.76 55.79 28.98
C MET B 2644 18.34 55.56 28.50
N ALA B 2645 18.05 55.95 27.26
CA ALA B 2645 16.72 55.76 26.69
C ALA B 2645 16.38 54.29 26.49
N GLY B 2646 17.39 53.45 26.22
CA GLY B 2646 17.12 52.04 26.01
C GLY B 2646 16.89 51.28 27.30
N SER B 2647 17.76 51.50 28.30
CA SER B 2647 17.65 50.75 29.53
C SER B 2647 16.53 51.26 30.42
N ILE B 2648 16.45 52.57 30.60
CA ILE B 2648 15.54 53.13 31.59
C ILE B 2648 14.13 53.17 31.01
N ASP B 2649 13.13 53.04 31.88
CA ASP B 2649 11.73 53.08 31.48
C ASP B 2649 11.38 54.46 30.92
N ARG B 2650 10.45 54.46 29.97
CA ARG B 2650 10.14 55.69 29.26
C ARG B 2650 9.36 56.68 30.10
N LEU B 2651 8.69 56.22 31.17
CA LEU B 2651 8.13 57.18 32.12
C LEU B 2651 9.23 57.96 32.81
N ALA B 2652 10.32 57.28 33.18
CA ALA B 2652 11.43 58.01 33.77
C ALA B 2652 12.15 58.88 32.75
N VAL B 2653 12.16 58.46 31.49
CA VAL B 2653 12.71 59.30 30.43
C VAL B 2653 11.92 60.59 30.30
N TRP B 2654 10.58 60.46 30.25
CA TRP B 2654 9.71 61.62 30.19
C TRP B 2654 9.83 62.50 31.42
N ASN B 2655 10.07 61.89 32.58
CA ASN B 2655 10.23 62.66 33.79
C ASN B 2655 11.50 63.48 33.75
N MET B 2656 12.59 62.91 33.23
CA MET B 2656 13.83 63.65 33.06
C MET B 2656 13.64 64.82 32.10
N VAL B 2657 12.89 64.58 31.01
CA VAL B 2657 12.63 65.64 30.02
C VAL B 2657 11.83 66.78 30.65
N ALA B 2658 10.77 66.44 31.39
CA ALA B 2658 9.93 67.45 32.00
C ALA B 2658 10.65 68.23 33.08
N THR B 2659 11.51 67.56 33.85
CA THR B 2659 12.21 68.25 34.92
C THR B 2659 13.27 69.20 34.39
N VAL B 2660 14.03 68.78 33.37
CA VAL B 2660 15.02 69.69 32.82
C VAL B 2660 14.34 70.82 32.06
N ASP B 2661 13.14 70.57 31.52
CA ASP B 2661 12.35 71.63 30.90
C ASP B 2661 11.91 72.66 31.92
N ALA B 2662 11.46 72.23 33.10
CA ALA B 2662 10.99 73.17 34.11
C ALA B 2662 12.12 74.02 34.65
N PHE B 2663 13.26 73.41 34.95
CA PHE B 2663 14.39 74.17 35.47
C PHE B 2663 14.95 75.13 34.43
N LEU B 2664 15.09 74.69 33.19
CA LEU B 2664 15.65 75.59 32.20
C LEU B 2664 14.61 76.47 31.53
N SER B 2665 13.35 76.37 31.93
CA SER B 2665 12.36 77.37 31.52
C SER B 2665 12.22 78.45 32.55
N SER B 2666 12.40 78.15 33.83
CA SER B 2666 12.44 79.22 34.82
C SER B 2666 13.86 79.70 35.10
N GLY B 2667 14.85 79.16 34.41
CA GLY B 2667 16.18 79.70 34.51
C GLY B 2667 16.92 79.31 35.78
N PHE B 2668 16.97 78.03 36.10
CA PHE B 2668 17.77 77.58 37.22
C PHE B 2668 18.91 76.72 36.72
N SER B 2669 19.67 76.22 37.67
CA SER B 2669 20.18 74.87 37.76
C SER B 2669 19.90 74.50 39.20
N PRO B 2670 19.86 73.21 39.54
CA PRO B 2670 19.83 72.86 40.96
C PRO B 2670 21.11 73.23 41.70
N ALA B 2671 22.19 73.52 40.98
CA ALA B 2671 23.44 73.95 41.59
C ALA B 2671 23.27 75.30 42.31
N GLU B 2672 22.49 76.21 41.75
CA GLU B 2672 22.27 77.48 42.44
C GLU B 2672 21.43 77.30 43.70
N VAL B 2673 20.48 76.36 43.67
CA VAL B 2673 19.71 76.04 44.85
C VAL B 2673 20.62 75.45 45.92
N MET B 2674 21.58 74.63 45.50
CA MET B 2674 22.53 74.07 46.46
C MET B 2674 23.49 75.14 46.97
N ARG B 2675 23.72 76.19 46.19
CA ARG B 2675 24.50 77.32 46.70
C ARG B 2675 23.75 78.06 47.79
N TYR B 2676 22.44 78.22 47.64
CA TYR B 2676 21.73 79.10 48.56
C TYR B 2676 21.09 78.38 49.75
N VAL B 2677 20.76 77.09 49.64
CA VAL B 2677 20.28 76.32 50.78
C VAL B 2677 21.02 74.99 50.85
N HIS B 2678 20.88 74.33 51.99
CA HIS B 2678 21.47 73.03 52.31
C HIS B 2678 20.70 71.93 51.58
N PRO B 2679 21.39 70.87 51.14
CA PRO B 2679 20.72 69.83 50.35
C PRO B 2679 19.69 68.99 51.09
N SER B 2680 19.51 69.15 52.39
CA SER B 2680 18.44 68.42 53.06
C SER B 2680 17.15 69.21 53.11
N LEU B 2681 17.13 70.42 52.56
CA LEU B 2681 15.93 71.23 52.52
C LEU B 2681 15.30 71.23 51.14
N VAL B 2682 15.77 70.39 50.24
CA VAL B 2682 15.19 70.22 48.91
C VAL B 2682 14.63 68.82 48.84
N ALA B 2683 13.38 68.70 48.43
CA ALA B 2683 12.72 67.40 48.39
C ALA B 2683 12.37 67.03 46.95
N ASN B 2684 11.67 65.91 46.79
CA ASN B 2684 11.19 65.47 45.50
C ASN B 2684 10.02 64.53 45.77
N THR B 2685 8.81 64.98 45.48
CA THR B 2685 7.62 64.19 45.80
C THR B 2685 6.88 63.77 44.55
N GLN B 2686 7.60 63.48 43.48
CA GLN B 2686 6.95 63.09 42.24
C GLN B 2686 6.42 61.67 42.36
N GLY B 2687 5.15 61.56 42.72
CA GLY B 2687 4.51 60.26 42.77
C GLY B 2687 3.93 59.86 41.43
N THR B 2688 4.64 59.01 40.71
CA THR B 2688 4.17 58.56 39.41
C THR B 2688 2.96 57.64 39.60
N GLY B 2689 2.01 57.75 38.67
CA GLY B 2689 0.64 57.28 38.84
C GLY B 2689 0.47 55.80 39.11
N MET B 2690 0.74 54.97 38.11
CA MET B 2690 0.71 53.52 38.30
C MET B 2690 2.11 52.95 38.42
N GLY B 2691 2.99 53.30 37.49
CA GLY B 2691 4.38 52.91 37.54
C GLY B 2691 4.67 51.76 36.61
N GLY B 2692 5.12 52.10 35.40
CA GLY B 2692 5.50 51.15 34.36
C GLY B 2692 4.52 50.05 34.02
N GLY B 2693 3.33 50.37 33.51
CA GLY B 2693 2.47 49.34 32.97
C GLY B 2693 3.07 48.73 31.71
N THR B 2694 3.57 49.58 30.82
CA THR B 2694 4.30 49.12 29.64
C THR B 2694 5.57 48.38 30.05
N SER B 2695 6.23 48.84 31.11
CA SER B 2695 7.45 48.18 31.58
C SER B 2695 7.15 46.80 32.14
N MET B 2696 6.04 46.65 32.87
CA MET B 2696 5.69 45.35 33.44
C MET B 2696 5.25 44.36 32.38
N GLN B 2697 4.44 44.82 31.41
CA GLN B 2697 4.06 43.90 30.33
C GLN B 2697 5.25 43.61 29.43
N THR B 2698 6.22 44.53 29.34
CA THR B 2698 7.45 44.26 28.62
C THR B 2698 8.28 43.21 29.33
N MET B 2699 8.34 43.27 30.67
CA MET B 2699 9.02 42.23 31.46
C MET B 2699 8.38 40.87 31.23
N TYR B 2700 7.05 40.80 31.28
CA TYR B 2700 6.41 39.49 31.17
C TYR B 2700 6.46 38.95 29.74
N HIS B 2701 6.38 39.83 28.74
CA HIS B 2701 6.51 39.35 27.36
C HIS B 2701 7.94 38.93 27.03
N GLY B 2702 8.94 39.61 27.60
CA GLY B 2702 10.31 39.13 27.47
C GLY B 2702 10.52 37.82 28.20
N ASN B 2703 9.84 37.62 29.34
CA ASN B 2703 9.93 36.37 30.07
C ASN B 2703 9.31 35.22 29.29
N LEU B 2704 8.18 35.46 28.62
CA LEU B 2704 7.60 34.39 27.80
C LEU B 2704 8.41 34.13 26.54
N LEU B 2705 8.68 35.17 25.75
CA LEU B 2705 9.34 34.99 24.45
C LEU B 2705 10.83 34.73 24.56
N GLY B 2706 11.42 34.83 25.75
CA GLY B 2706 12.84 34.58 25.88
C GLY B 2706 13.72 35.73 25.49
N ARG B 2707 13.18 36.94 25.39
CA ARG B 2707 14.00 38.12 25.15
C ARG B 2707 14.91 38.38 26.34
N ASN B 2708 16.17 38.74 26.06
CA ASN B 2708 17.17 38.93 27.11
C ASN B 2708 16.91 40.25 27.83
N LYS B 2709 15.89 40.23 28.68
CA LYS B 2709 15.61 41.37 29.52
C LYS B 2709 16.68 41.46 30.62
N PRO B 2710 16.96 42.67 31.11
CA PRO B 2710 17.93 42.79 32.20
C PRO B 2710 17.43 42.15 33.49
N ASN B 2711 18.36 41.63 34.27
CA ASN B 2711 18.02 40.88 35.47
C ASN B 2711 17.87 41.76 36.70
N ASP B 2712 17.74 43.07 36.52
CA ASP B 2712 17.48 44.01 37.60
C ASP B 2712 16.26 44.88 37.32
N ILE B 2713 15.53 44.61 36.24
CA ILE B 2713 14.36 45.42 35.92
C ILE B 2713 13.21 45.11 36.88
N PHE B 2714 13.20 43.93 37.49
CA PHE B 2714 12.24 43.64 38.55
C PHE B 2714 12.53 44.45 39.80
N GLN B 2715 13.81 44.75 40.05
CA GLN B 2715 14.18 45.69 41.10
C GLN B 2715 13.76 47.10 40.75
N GLU B 2716 14.31 47.64 39.65
CA GLU B 2716 14.11 49.05 39.28
C GLU B 2716 12.92 49.28 38.37
N VAL B 2717 11.86 48.47 38.50
CA VAL B 2717 10.59 48.75 37.82
C VAL B 2717 9.62 49.55 38.72
N LEU B 2718 10.00 49.78 39.97
CA LEU B 2718 9.07 50.32 40.97
C LEU B 2718 8.78 51.79 40.70
N PRO B 2719 7.60 52.29 41.12
CA PRO B 2719 7.23 53.68 40.80
C PRO B 2719 8.04 54.73 41.54
N ASN B 2720 8.51 54.45 42.76
CA ASN B 2720 9.39 55.40 43.44
C ASN B 2720 10.74 55.52 42.72
N ILE B 2721 11.16 54.45 42.05
CA ILE B 2721 12.49 54.41 41.44
C ILE B 2721 12.59 55.33 40.22
N ILE B 2722 11.47 55.78 39.66
CA ILE B 2722 11.48 56.81 38.62
C ILE B 2722 12.08 58.12 39.14
N ALA B 2723 11.47 58.68 40.19
CA ALA B 2723 12.04 59.88 40.75
C ALA B 2723 13.29 59.59 41.59
N ALA B 2724 13.54 58.33 41.94
CA ALA B 2724 14.83 58.01 42.52
C ALA B 2724 15.94 58.05 41.47
N HIS B 2725 15.65 57.70 40.22
CA HIS B 2725 16.57 57.96 39.12
C HIS B 2725 16.78 59.46 38.97
N VAL B 2726 15.70 60.23 39.11
CA VAL B 2726 15.80 61.69 38.99
C VAL B 2726 16.68 62.27 40.11
N VAL B 2727 16.58 61.72 41.31
CA VAL B 2727 17.41 62.19 42.42
C VAL B 2727 18.85 61.72 42.27
N GLN B 2728 19.05 60.43 41.96
CA GLN B 2728 20.41 59.91 41.87
C GLN B 2728 21.15 60.42 40.64
N SER B 2729 20.46 60.98 39.65
CA SER B 2729 21.13 61.59 38.52
C SER B 2729 21.19 63.10 38.62
N TYR B 2730 20.05 63.76 38.72
CA TYR B 2730 19.94 65.17 38.37
C TYR B 2730 20.00 66.08 39.60
N VAL B 2731 19.07 65.94 40.55
CA VAL B 2731 18.94 66.97 41.57
C VAL B 2731 19.87 66.70 42.76
N GLY B 2732 20.11 65.44 43.12
CA GLY B 2732 21.02 65.13 44.20
C GLY B 2732 20.56 65.54 45.58
N SER B 2733 19.25 65.71 45.76
CA SER B 2733 18.71 66.18 47.03
C SER B 2733 18.61 65.04 48.03
N TYR B 2734 18.94 65.33 49.29
CA TYR B 2734 18.88 64.32 50.35
C TYR B 2734 17.52 64.30 51.03
N GLY B 2735 16.57 65.12 50.58
CA GLY B 2735 15.39 65.42 51.34
C GLY B 2735 14.26 64.43 51.15
N ALA B 2736 13.10 64.80 51.72
CA ALA B 2736 12.02 63.87 52.00
C ALA B 2736 11.29 63.48 50.73
N MET B 2737 11.53 62.26 50.25
CA MET B 2737 10.95 61.73 49.03
C MET B 2737 9.71 60.90 49.37
N ILE B 2738 8.54 61.40 48.99
CA ILE B 2738 7.24 60.78 49.25
C ILE B 2738 6.56 60.62 47.89
N HIS B 2739 6.22 59.40 47.52
CA HIS B 2739 5.64 59.18 46.19
C HIS B 2739 4.22 58.61 46.29
N PRO B 2740 3.18 59.44 46.11
CA PRO B 2740 1.81 58.96 46.29
C PRO B 2740 1.15 58.39 45.05
N VAL B 2741 0.20 57.50 45.29
CA VAL B 2741 -0.59 56.86 44.24
C VAL B 2741 -2.07 57.00 44.60
N ALA B 2742 -2.80 57.77 43.81
CA ALA B 2742 -4.25 57.76 43.81
C ALA B 2742 -4.81 57.55 42.42
N ALA B 2743 -3.93 57.51 41.41
CA ALA B 2743 -4.13 57.04 40.04
C ALA B 2743 -5.04 57.90 39.19
N CYS B 2744 -5.70 58.91 39.77
CA CYS B 2744 -6.19 60.04 39.01
C CYS B 2744 -6.06 61.36 39.76
N ALA B 2745 -5.40 61.38 40.91
CA ALA B 2745 -5.06 62.64 41.56
C ALA B 2745 -3.66 62.61 42.16
N THR B 2746 -2.74 61.86 41.56
CA THR B 2746 -1.38 61.74 42.10
C THR B 2746 -0.66 63.08 42.10
N ALA B 2747 -0.83 63.86 41.02
CA ALA B 2747 -0.22 65.17 40.98
C ALA B 2747 -0.84 66.10 42.01
N ALA B 2748 -2.14 66.00 42.24
CA ALA B 2748 -2.80 66.86 43.21
C ALA B 2748 -2.37 66.53 44.64
N VAL B 2749 -2.26 65.25 44.96
CA VAL B 2749 -1.86 64.92 46.32
C VAL B 2749 -0.37 65.14 46.52
N SER B 2750 0.44 65.04 45.46
CA SER B 2750 1.85 65.36 45.57
C SER B 2750 2.04 66.86 45.77
N VAL B 2751 1.19 67.67 45.14
CA VAL B 2751 1.28 69.11 45.34
C VAL B 2751 0.86 69.50 46.75
N GLU B 2752 -0.20 68.88 47.27
CA GLU B 2752 -0.59 69.28 48.61
C GLU B 2752 0.36 68.75 49.67
N GLU B 2753 1.02 67.61 49.43
CA GLU B 2753 2.02 67.20 50.41
C GLU B 2753 3.29 68.03 50.30
N GLY B 2754 3.63 68.52 49.10
CA GLY B 2754 4.76 69.44 49.00
C GLY B 2754 4.49 70.76 49.68
N VAL B 2755 3.25 71.25 49.58
CA VAL B 2755 2.99 72.54 50.20
C VAL B 2755 2.86 72.40 51.71
N ASP B 2756 2.35 71.28 52.26
CA ASP B 2756 2.35 71.29 53.72
C ASP B 2756 3.70 70.87 54.31
N LYS B 2757 4.59 70.25 53.51
CA LYS B 2757 5.98 70.15 53.95
C LYS B 2757 6.63 71.53 54.03
N ILE B 2758 6.33 72.40 53.05
CA ILE B 2758 6.88 73.75 53.15
C ILE B 2758 6.21 74.53 54.29
N ARG B 2759 4.94 74.24 54.59
CA ARG B 2759 4.30 74.88 55.74
C ARG B 2759 4.90 74.39 57.06
N LEU B 2760 5.38 73.15 57.12
CA LEU B 2760 6.15 72.72 58.29
C LEU B 2760 7.47 73.46 58.37
N GLY B 2761 8.30 73.32 57.36
CA GLY B 2761 9.66 73.82 57.45
C GLY B 2761 10.60 72.68 57.16
N LYS B 2762 10.04 71.54 56.77
CA LYS B 2762 10.86 70.38 56.42
C LYS B 2762 11.60 70.58 55.12
N ALA B 2763 11.18 71.53 54.29
CA ALA B 2763 11.84 71.76 53.01
C ALA B 2763 11.62 73.21 52.60
N GLN B 2764 12.37 73.63 51.58
CA GLN B 2764 12.18 74.95 51.01
C GLN B 2764 12.12 74.96 49.49
N LEU B 2765 12.28 73.81 48.84
CA LEU B 2765 12.03 73.71 47.41
C LEU B 2765 11.63 72.28 47.13
N VAL B 2766 10.41 72.08 46.66
CA VAL B 2766 9.86 70.76 46.45
C VAL B 2766 9.56 70.58 44.98
N VAL B 2767 9.98 69.45 44.42
CA VAL B 2767 9.70 69.14 43.03
C VAL B 2767 8.55 68.16 43.00
N ALA B 2768 7.35 68.63 42.63
CA ALA B 2768 6.18 67.77 42.63
C ALA B 2768 5.71 67.52 41.20
N GLY B 2769 4.78 66.59 41.05
CA GLY B 2769 4.28 66.29 39.72
C GLY B 2769 3.79 64.87 39.62
N GLY B 2770 3.85 64.33 38.41
CA GLY B 2770 3.40 62.97 38.18
C GLY B 2770 3.26 62.71 36.70
N LEU B 2771 3.23 61.43 36.36
CA LEU B 2771 3.14 61.00 34.97
C LEU B 2771 2.23 59.79 34.83
N ASP B 2772 1.84 59.52 33.58
CA ASP B 2772 0.92 58.45 33.25
C ASP B 2772 1.32 57.80 31.95
N ASP B 2773 0.62 56.71 31.63
CA ASP B 2773 0.78 56.02 30.37
C ASP B 2773 -0.44 55.15 30.13
N LEU B 2774 -0.89 55.08 28.89
CA LEU B 2774 -1.88 54.10 28.47
C LEU B 2774 -1.15 52.93 27.82
N THR B 2775 -1.56 51.73 28.17
CA THR B 2775 -1.02 50.52 27.56
C THR B 2775 -2.09 49.86 26.72
N LEU B 2776 -1.68 48.81 26.01
CA LEU B 2776 -2.66 47.91 25.40
C LEU B 2776 -3.51 47.25 26.49
N GLU B 2777 -2.88 46.86 27.59
CA GLU B 2777 -3.61 46.38 28.75
C GLU B 2777 -4.51 47.46 29.34
N GLY B 2778 -4.03 48.71 29.31
CA GLY B 2778 -4.85 49.81 29.82
C GLY B 2778 -6.11 50.04 29.00
N ILE B 2779 -5.98 50.06 27.67
CA ILE B 2779 -7.14 50.30 26.83
C ILE B 2779 -8.07 49.09 26.81
N ILE B 2780 -7.53 47.87 26.89
CA ILE B 2780 -8.38 46.68 26.94
C ILE B 2780 -9.14 46.62 28.26
N GLY B 2781 -8.48 46.94 29.37
CA GLY B 2781 -9.17 46.94 30.65
C GLY B 2781 -10.20 48.05 30.78
N PHE B 2782 -9.90 49.22 30.23
CA PHE B 2782 -10.87 50.31 30.25
C PHE B 2782 -12.02 50.06 29.29
N GLY B 2783 -11.78 49.33 28.19
CA GLY B 2783 -12.88 48.94 27.33
C GLY B 2783 -13.77 47.88 27.96
N ASP B 2784 -13.18 46.98 28.74
CA ASP B 2784 -14.00 46.04 29.52
C ASP B 2784 -14.74 46.75 30.65
N MET B 2785 -14.17 47.83 31.18
CA MET B 2785 -14.83 48.59 32.24
C MET B 2785 -15.96 49.45 31.70
N ALA B 2786 -15.80 49.97 30.48
CA ALA B 2786 -16.83 50.69 29.72
C ALA B 2786 -17.31 51.96 30.43
N ALA B 2787 -16.35 52.86 30.67
CA ALA B 2787 -16.64 54.27 30.90
C ALA B 2787 -15.86 55.16 29.96
N THR B 2788 -15.19 54.61 28.96
CA THR B 2788 -14.47 55.37 27.96
C THR B 2788 -15.30 55.49 26.70
N ALA B 2789 -14.81 56.32 25.79
CA ALA B 2789 -15.55 56.61 24.56
C ALA B 2789 -15.41 55.45 23.58
N ASP B 2790 -16.54 54.80 23.27
CA ASP B 2790 -16.54 53.76 22.26
C ASP B 2790 -16.46 54.39 20.88
N THR B 2791 -15.44 53.96 20.12
CA THR B 2791 -15.21 54.53 18.79
C THR B 2791 -16.35 54.17 17.84
N SER B 2792 -16.90 52.97 17.95
CA SER B 2792 -18.02 52.58 17.11
C SER B 2792 -19.27 53.39 17.43
N MET B 2793 -19.53 53.64 18.72
CA MET B 2793 -20.70 54.43 19.12
C MET B 2793 -20.56 55.87 18.67
N MET B 2794 -19.38 56.45 18.82
CA MET B 2794 -19.22 57.85 18.43
C MET B 2794 -19.20 58.02 16.92
N CYS B 2795 -18.64 57.07 16.17
CA CYS B 2795 -18.77 57.18 14.72
C CYS B 2795 -20.16 56.84 14.24
N GLY B 2796 -20.94 56.10 15.02
CA GLY B 2796 -22.35 55.97 14.72
C GLY B 2796 -23.09 57.28 14.93
N ARG B 2797 -22.69 58.04 15.93
CA ARG B 2797 -23.26 59.37 16.11
C ARG B 2797 -22.65 60.41 15.18
N GLY B 2798 -21.58 60.08 14.47
CA GLY B 2798 -21.06 60.99 13.48
C GLY B 2798 -20.26 62.13 14.05
N ILE B 2799 -19.24 61.80 14.83
CA ILE B 2799 -18.34 62.77 15.43
C ILE B 2799 -16.94 62.48 14.91
N HIS B 2800 -16.22 63.54 14.51
CA HIS B 2800 -14.92 63.39 13.88
C HIS B 2800 -13.87 62.93 14.88
N ASP B 2801 -12.63 62.82 14.40
CA ASP B 2801 -11.57 62.20 15.19
C ASP B 2801 -11.08 63.11 16.30
N SER B 2802 -11.11 64.42 16.11
CA SER B 2802 -10.48 65.31 17.07
C SER B 2802 -11.46 65.86 18.09
N LYS B 2803 -12.69 65.35 18.14
CA LYS B 2803 -13.69 65.94 19.03
C LYS B 2803 -14.46 64.88 19.78
N PHE B 2804 -13.81 63.79 20.17
CA PHE B 2804 -14.47 62.81 21.03
C PHE B 2804 -14.65 63.35 22.44
N SER B 2805 -13.65 64.02 22.98
CA SER B 2805 -13.71 64.56 24.32
C SER B 2805 -14.55 65.82 24.28
N ARG B 2806 -15.76 65.76 24.84
CA ARG B 2806 -16.71 66.87 24.80
C ARG B 2806 -17.38 67.09 26.14
N PRO B 2807 -16.68 67.70 27.10
CA PRO B 2807 -17.29 67.93 28.41
C PRO B 2807 -18.34 69.02 28.33
N ASN B 2808 -19.39 68.84 29.14
CA ASN B 2808 -20.58 69.69 29.17
C ASN B 2808 -21.23 69.76 27.79
N ASP B 2809 -21.58 68.60 27.27
CA ASP B 2809 -22.20 68.49 25.96
C ASP B 2809 -23.26 67.42 26.04
N ARG B 2810 -24.24 67.50 25.15
CA ARG B 2810 -25.35 66.56 25.25
C ARG B 2810 -24.99 65.20 24.68
N ARG B 2811 -24.02 65.12 23.78
CA ARG B 2811 -23.65 63.87 23.14
C ARG B 2811 -22.37 63.28 23.73
N ARG B 2812 -22.16 63.38 25.03
CA ARG B 2812 -20.97 62.83 25.67
C ARG B 2812 -21.22 61.40 26.11
N LEU B 2813 -20.25 60.52 25.88
CA LEU B 2813 -20.43 59.13 26.26
C LEU B 2813 -19.12 58.52 26.74
N GLY B 2814 -18.36 59.24 27.56
CA GLY B 2814 -17.16 58.71 28.17
C GLY B 2814 -15.93 59.50 27.82
N PHE B 2815 -14.84 59.21 28.54
CA PHE B 2815 -13.63 60.00 28.45
C PHE B 2815 -12.64 59.41 27.46
N VAL B 2816 -11.75 60.28 26.99
CA VAL B 2816 -10.67 59.89 26.10
C VAL B 2816 -9.38 59.85 26.91
N GLU B 2817 -8.65 58.77 26.78
CA GLU B 2817 -7.45 58.55 27.57
C GLU B 2817 -6.25 59.15 26.86
N ALA B 2818 -5.35 59.77 27.63
CA ALA B 2818 -4.15 60.36 27.08
C ALA B 2818 -2.98 60.00 27.97
N GLN B 2819 -1.77 60.24 27.47
CA GLN B 2819 -0.56 59.88 28.18
C GLN B 2819 0.34 61.10 28.33
N GLY B 2820 0.94 61.23 29.50
CA GLY B 2820 1.76 62.38 29.79
C GLY B 2820 1.68 62.81 31.23
N GLY B 2821 1.86 64.11 31.48
CA GLY B 2821 1.90 64.64 32.82
C GLY B 2821 2.97 65.70 32.91
N GLY B 2822 3.68 65.80 34.03
CA GLY B 2822 4.79 66.73 34.10
C GLY B 2822 5.21 66.99 35.53
N THR B 2823 5.81 68.16 35.73
CA THR B 2823 6.31 68.55 37.05
C THR B 2823 6.11 70.03 37.28
N ILE B 2824 5.88 70.39 38.54
CA ILE B 2824 5.87 71.78 38.97
C ILE B 2824 6.85 71.91 40.13
N LEU B 2825 7.28 73.14 40.37
CA LEU B 2825 8.33 73.41 41.33
C LEU B 2825 7.82 74.39 42.37
N LEU B 2826 7.57 73.89 43.57
CA LEU B 2826 7.12 74.70 44.67
C LEU B 2826 8.32 75.23 45.43
N ALA B 2827 8.21 76.45 45.96
CA ALA B 2827 9.30 77.01 46.71
C ALA B 2827 8.73 77.99 47.72
N ARG B 2828 9.50 78.25 48.77
CA ARG B 2828 9.02 79.19 49.76
C ARG B 2828 9.35 80.60 49.30
N GLY B 2829 8.50 81.56 49.73
CA GLY B 2829 8.66 82.94 49.33
C GLY B 2829 9.97 83.58 49.74
N ASP B 2830 10.62 83.05 50.77
CA ASP B 2830 11.92 83.55 51.18
C ASP B 2830 12.98 83.22 50.14
N LEU B 2831 13.00 81.97 49.66
CA LEU B 2831 13.87 81.64 48.53
C LEU B 2831 13.52 82.42 47.29
N ALA B 2832 12.23 82.62 47.04
CA ALA B 2832 11.83 83.37 45.85
C ALA B 2832 12.33 84.80 45.89
N LEU B 2833 12.29 85.42 47.06
CA LEU B 2833 12.79 86.78 47.20
C LEU B 2833 14.31 86.81 47.19
N ARG B 2834 14.96 85.84 47.83
CA ARG B 2834 16.40 85.91 48.00
C ARG B 2834 17.14 85.55 46.71
N MET B 2835 16.56 84.66 45.90
CA MET B 2835 17.16 84.32 44.62
C MET B 2835 16.60 85.13 43.48
N GLY B 2836 15.47 85.79 43.67
CA GLY B 2836 14.82 86.45 42.55
C GLY B 2836 14.21 85.44 41.61
N LEU B 2837 13.16 84.78 42.02
CA LEU B 2837 12.70 83.74 41.13
C LEU B 2837 11.38 84.12 40.48
N PRO B 2838 11.10 83.64 39.28
CA PRO B 2838 9.85 83.99 38.62
C PRO B 2838 8.68 83.28 39.28
N VAL B 2839 7.91 84.01 40.07
CA VAL B 2839 6.72 83.46 40.68
C VAL B 2839 5.63 83.40 39.63
N LEU B 2840 5.09 82.20 39.40
CA LEU B 2840 4.02 82.05 38.44
C LEU B 2840 2.64 82.11 39.07
N ALA B 2841 2.51 81.73 40.33
CA ALA B 2841 1.25 81.81 41.06
C ALA B 2841 1.58 81.76 42.53
N VAL B 2842 0.58 82.02 43.36
CA VAL B 2842 0.71 81.90 44.81
C VAL B 2842 -0.31 80.88 45.26
N VAL B 2843 0.15 79.79 45.87
CA VAL B 2843 -0.76 78.74 46.30
C VAL B 2843 -1.37 79.14 47.63
N ALA B 2844 -2.69 79.29 47.65
CA ALA B 2844 -3.38 79.71 48.85
C ALA B 2844 -3.99 78.57 49.62
N PHE B 2845 -4.29 77.46 48.96
CA PHE B 2845 -5.00 76.36 49.59
C PHE B 2845 -4.83 75.11 48.75
N ALA B 2846 -4.40 74.03 49.39
CA ALA B 2846 -4.29 72.75 48.70
C ALA B 2846 -4.69 71.68 49.68
N GLN B 2847 -5.56 70.76 49.24
CA GLN B 2847 -6.23 69.88 50.18
C GLN B 2847 -6.82 68.71 49.42
N SER B 2848 -6.79 67.53 50.04
CA SER B 2848 -7.44 66.35 49.49
C SER B 2848 -8.54 65.88 50.44
N PHE B 2849 -9.39 65.01 49.91
CA PHE B 2849 -10.57 64.56 50.64
C PHE B 2849 -10.93 63.15 50.23
N GLY B 2850 -11.67 62.47 51.11
CA GLY B 2850 -12.35 61.25 50.78
C GLY B 2850 -13.81 61.52 50.50
N ASP B 2851 -14.58 60.44 50.40
CA ASP B 2851 -15.99 60.58 50.06
C ASP B 2851 -16.95 59.93 51.05
N GLY B 2852 -16.51 58.92 51.79
CA GLY B 2852 -17.36 58.29 52.78
C GLY B 2852 -18.01 57.01 52.27
N VAL B 2853 -19.02 56.56 53.01
CA VAL B 2853 -19.67 55.28 52.73
C VAL B 2853 -20.54 55.42 51.49
N HIS B 2854 -20.17 54.69 50.43
CA HIS B 2854 -20.99 54.47 49.24
C HIS B 2854 -20.66 53.07 48.75
N THR B 2855 -21.45 52.08 49.20
CA THR B 2855 -21.23 50.70 48.80
C THR B 2855 -21.54 50.50 47.32
N SER B 2856 -22.58 51.16 46.82
CA SER B 2856 -22.88 51.18 45.39
C SER B 2856 -21.88 52.08 44.69
N ILE B 2857 -20.95 51.48 43.95
CA ILE B 2857 -19.93 52.21 43.20
C ILE B 2857 -20.39 53.14 42.07
N PRO B 2858 -21.56 53.02 41.42
CA PRO B 2858 -21.97 54.13 40.54
C PRO B 2858 -22.48 55.37 41.27
N ALA B 2859 -22.52 55.37 42.60
CA ALA B 2859 -22.82 56.59 43.35
C ALA B 2859 -21.56 57.42 43.46
N PRO B 2860 -21.52 58.64 42.92
CA PRO B 2860 -20.28 59.41 42.88
C PRO B 2860 -20.07 60.20 44.16
N GLY B 2861 -18.88 60.82 44.24
CA GLY B 2861 -18.49 61.54 45.44
C GLY B 2861 -18.82 63.02 45.38
N LEU B 2862 -19.05 63.59 46.56
CA LEU B 2862 -19.38 65.01 46.67
C LEU B 2862 -18.66 65.69 47.82
N GLY B 2863 -18.00 64.95 48.70
CA GLY B 2863 -17.49 65.51 49.95
C GLY B 2863 -16.23 66.36 49.89
N ALA B 2864 -15.96 66.99 48.75
CA ALA B 2864 -14.88 67.96 48.67
C ALA B 2864 -15.31 69.35 49.11
N LEU B 2865 -16.53 69.51 49.59
CA LEU B 2865 -17.01 70.79 50.09
C LEU B 2865 -16.70 70.99 51.56
N GLY B 2866 -15.93 70.08 52.16
CA GLY B 2866 -15.51 70.27 53.54
C GLY B 2866 -14.51 71.40 53.71
N ALA B 2867 -13.94 71.89 52.61
CA ALA B 2867 -13.13 73.08 52.65
C ALA B 2867 -13.93 74.34 52.92
N GLY B 2868 -15.24 74.28 52.74
CA GLY B 2868 -16.08 75.44 52.95
C GLY B 2868 -17.10 75.28 54.04
N ARG B 2869 -16.72 74.70 55.18
CA ARG B 2869 -17.63 74.64 56.32
C ARG B 2869 -17.42 75.86 57.20
N GLY B 2870 -18.50 76.57 57.50
CA GLY B 2870 -18.45 77.72 58.37
C GLY B 2870 -18.60 79.04 57.66
N GLY B 2871 -18.69 79.04 56.33
CA GLY B 2871 -18.82 80.27 55.59
C GLY B 2871 -17.54 81.06 55.57
N LYS B 2872 -17.55 82.23 56.19
CA LYS B 2872 -16.34 83.03 56.29
C LYS B 2872 -15.34 82.47 57.29
N ASP B 2873 -15.76 81.56 58.16
CA ASP B 2873 -14.84 80.93 59.08
C ASP B 2873 -14.16 79.70 58.50
N SER B 2874 -14.47 79.35 57.25
CA SER B 2874 -13.86 78.20 56.62
C SER B 2874 -12.39 78.47 56.33
N PRO B 2875 -11.54 77.44 56.31
CA PRO B 2875 -10.12 77.68 56.06
C PRO B 2875 -9.82 78.18 54.65
N LEU B 2876 -10.61 77.80 53.66
CA LEU B 2876 -10.44 78.30 52.30
C LEU B 2876 -10.67 79.81 52.24
N ALA B 2877 -11.80 80.27 52.80
CA ALA B 2877 -12.09 81.69 52.83
C ALA B 2877 -11.09 82.45 53.68
N ARG B 2878 -10.59 81.81 54.74
CA ARG B 2878 -9.65 82.48 55.61
C ARG B 2878 -8.30 82.65 54.93
N ALA B 2879 -7.87 81.66 54.15
CA ALA B 2879 -6.61 81.79 53.42
C ALA B 2879 -6.71 82.82 52.31
N LEU B 2880 -7.83 82.84 51.59
CA LEU B 2880 -8.03 83.86 50.57
C LEU B 2880 -8.12 85.25 51.18
N ALA B 2881 -8.71 85.37 52.36
CA ALA B 2881 -8.76 86.67 53.01
C ALA B 2881 -7.40 87.10 53.54
N LYS B 2882 -6.55 86.14 53.92
CA LYS B 2882 -5.17 86.47 54.26
C LYS B 2882 -4.43 87.03 53.07
N LEU B 2883 -4.64 86.44 51.90
CA LEU B 2883 -4.02 87.02 50.71
C LEU B 2883 -4.76 88.23 50.16
N GLY B 2884 -5.92 88.57 50.72
CA GLY B 2884 -6.61 89.76 50.26
C GLY B 2884 -7.44 89.48 49.02
N VAL B 2885 -8.10 88.33 49.01
CA VAL B 2885 -8.94 87.91 47.91
C VAL B 2885 -10.33 87.66 48.51
N ALA B 2886 -11.30 88.48 48.11
CA ALA B 2886 -12.65 88.33 48.64
C ALA B 2886 -13.34 87.17 47.95
N ALA B 2887 -14.60 86.95 48.31
CA ALA B 2887 -15.34 85.81 47.78
C ALA B 2887 -15.70 86.00 46.31
N ASP B 2888 -16.01 87.23 45.91
CA ASP B 2888 -16.36 87.50 44.52
C ASP B 2888 -15.16 87.58 43.61
N ASP B 2889 -13.94 87.58 44.15
CA ASP B 2889 -12.76 87.76 43.33
C ASP B 2889 -12.32 86.47 42.66
N VAL B 2890 -12.80 85.32 43.13
CA VAL B 2890 -12.57 84.05 42.45
C VAL B 2890 -13.30 84.09 41.12
N ALA B 2891 -12.55 84.02 40.02
CA ALA B 2891 -13.10 84.30 38.71
C ALA B 2891 -13.21 83.07 37.82
N VAL B 2892 -12.22 82.18 37.85
CA VAL B 2892 -12.11 81.11 36.87
C VAL B 2892 -12.04 79.77 37.58
N ILE B 2893 -12.85 78.83 37.11
CA ILE B 2893 -12.89 77.47 37.63
C ILE B 2893 -12.37 76.55 36.56
N SER B 2894 -11.24 75.93 36.80
CA SER B 2894 -10.70 74.96 35.85
C SER B 2894 -11.22 73.60 36.28
N LYS B 2895 -12.38 73.23 35.76
CA LYS B 2895 -13.10 72.06 36.27
C LYS B 2895 -12.42 70.77 35.86
N HIS B 2896 -12.85 69.68 36.51
CA HIS B 2896 -12.29 68.37 36.20
C HIS B 2896 -12.80 67.89 34.86
N ASP B 2897 -14.12 67.64 34.75
CA ASP B 2897 -14.89 67.53 33.50
C ASP B 2897 -14.29 66.51 32.52
N THR B 2898 -14.36 65.25 32.89
CA THR B 2898 -13.80 64.23 32.03
C THR B 2898 -14.67 63.88 30.84
N SER B 2899 -15.81 64.53 30.64
CA SER B 2899 -16.78 64.24 29.57
C SER B 2899 -17.37 62.85 29.69
N THR B 2900 -17.81 62.50 30.88
CA THR B 2900 -18.66 61.33 31.08
C THR B 2900 -20.06 61.80 31.42
N LEU B 2901 -21.00 60.84 31.44
CA LEU B 2901 -22.37 61.18 31.78
C LEU B 2901 -22.55 61.48 33.25
N ALA B 2902 -21.63 61.07 34.09
CA ALA B 2902 -21.83 61.18 35.53
C ALA B 2902 -21.18 62.42 36.11
N ASN B 2903 -19.90 62.65 35.83
CA ASN B 2903 -19.16 63.59 36.66
C ASN B 2903 -19.31 65.04 36.24
N ASP B 2904 -20.09 65.36 35.22
CA ASP B 2904 -20.28 66.77 34.94
C ASP B 2904 -21.34 67.48 35.80
N PRO B 2905 -22.60 67.01 35.90
CA PRO B 2905 -23.57 67.80 36.67
C PRO B 2905 -23.36 67.79 38.16
N ASN B 2906 -22.80 66.72 38.72
CA ASN B 2906 -22.54 66.72 40.16
C ASN B 2906 -21.35 67.62 40.51
N GLU B 2907 -20.37 67.73 39.62
CA GLU B 2907 -19.29 68.67 39.88
C GLU B 2907 -19.75 70.11 39.71
N THR B 2908 -20.68 70.34 38.79
CA THR B 2908 -21.37 71.63 38.73
C THR B 2908 -22.09 71.93 40.04
N GLU B 2909 -22.75 70.91 40.60
CA GLU B 2909 -23.40 71.06 41.90
C GLU B 2909 -22.39 71.35 43.00
N LEU B 2910 -21.20 70.74 42.92
CA LEU B 2910 -20.18 70.90 43.96
C LEU B 2910 -19.64 72.31 43.97
N HIS B 2911 -19.35 72.86 42.79
CA HIS B 2911 -18.86 74.23 42.74
C HIS B 2911 -19.97 75.23 43.06
N GLU B 2912 -21.22 74.88 42.78
CA GLU B 2912 -22.33 75.73 43.22
C GLU B 2912 -22.42 75.76 44.74
N ARG B 2913 -22.23 74.60 45.38
CA ARG B 2913 -22.29 74.53 46.84
C ARG B 2913 -21.11 75.27 47.48
N LEU B 2914 -19.92 75.16 46.89
CA LEU B 2914 -18.79 75.94 47.40
C LEU B 2914 -18.99 77.43 47.22
N ALA B 2915 -19.62 77.84 46.12
CA ALA B 2915 -19.85 79.27 45.89
C ALA B 2915 -20.82 79.85 46.90
N ASP B 2916 -21.97 79.21 47.09
CA ASP B 2916 -22.87 79.79 48.07
C ASP B 2916 -22.54 79.38 49.50
N ALA B 2917 -21.51 78.56 49.71
CA ALA B 2917 -20.98 78.40 51.06
C ALA B 2917 -19.96 79.48 51.38
N LEU B 2918 -19.13 79.87 50.41
CA LEU B 2918 -18.25 81.01 50.60
C LEU B 2918 -18.99 82.33 50.58
N GLY B 2919 -20.24 82.34 50.14
CA GLY B 2919 -21.00 83.56 50.21
C GLY B 2919 -20.74 84.42 49.01
N ARG B 2920 -20.85 83.80 47.85
CA ARG B 2920 -20.73 84.50 46.59
C ARG B 2920 -21.94 85.41 46.41
N SER B 2921 -21.68 86.63 45.92
CA SER B 2921 -22.78 87.52 45.61
C SER B 2921 -23.59 86.97 44.44
N GLU B 2922 -24.88 87.24 44.45
CA GLU B 2922 -25.80 86.56 43.56
C GLU B 2922 -25.60 87.02 42.13
N GLY B 2923 -25.26 86.08 41.26
CA GLY B 2923 -25.06 86.43 39.87
C GLY B 2923 -23.68 86.93 39.52
N ALA B 2924 -22.70 86.59 40.29
CA ALA B 2924 -21.37 86.89 39.78
C ALA B 2924 -20.87 85.72 38.95
N PRO B 2925 -20.31 85.98 37.78
CA PRO B 2925 -19.97 84.90 36.86
C PRO B 2925 -18.70 84.16 37.22
N LEU B 2926 -18.67 82.88 36.85
CA LEU B 2926 -17.51 82.04 36.94
C LEU B 2926 -17.17 81.50 35.57
N PHE B 2927 -15.98 81.80 35.08
CA PHE B 2927 -15.57 81.34 33.76
C PHE B 2927 -15.21 79.86 33.88
N VAL B 2928 -15.94 79.00 33.17
CA VAL B 2928 -15.65 77.58 33.22
C VAL B 2928 -14.58 77.26 32.18
N VAL B 2929 -13.43 76.79 32.63
CA VAL B 2929 -12.37 76.34 31.74
C VAL B 2929 -12.22 74.85 31.91
N SER B 2930 -12.17 74.12 30.80
CA SER B 2930 -12.11 72.67 30.80
C SER B 2930 -11.29 72.24 29.60
N GLN B 2931 -9.99 72.00 29.81
CA GLN B 2931 -9.12 71.67 28.70
C GLN B 2931 -8.94 70.18 28.50
N LYS B 2932 -9.76 69.36 29.15
CA LYS B 2932 -9.75 67.94 28.85
C LYS B 2932 -10.29 67.66 27.47
N SER B 2933 -11.14 68.55 26.95
CA SER B 2933 -11.53 68.53 25.54
C SER B 2933 -10.34 68.68 24.63
N LEU B 2934 -9.34 69.42 25.08
CA LEU B 2934 -8.16 69.66 24.26
C LEU B 2934 -7.14 68.53 24.39
N THR B 2935 -6.77 68.17 25.62
CA THR B 2935 -5.74 67.15 25.82
C THR B 2935 -6.35 65.76 25.89
N GLY B 2936 -7.22 65.53 26.85
CA GLY B 2936 -7.65 64.18 27.19
C GLY B 2936 -7.37 63.87 28.64
N HIS B 2937 -7.92 62.74 29.07
CA HIS B 2937 -7.85 62.39 30.48
C HIS B 2937 -6.60 61.55 30.71
N ALA B 2938 -5.46 62.23 30.78
CA ALA B 2938 -4.29 61.62 31.41
C ALA B 2938 -4.61 61.44 32.86
N LYS B 2939 -4.36 60.25 33.40
CA LYS B 2939 -5.11 59.82 34.58
C LYS B 2939 -4.61 60.53 35.84
N GLY B 2940 -3.41 60.18 36.29
CA GLY B 2940 -2.84 60.82 37.45
C GLY B 2940 -1.97 62.01 37.16
N GLY B 2941 -1.78 62.34 35.89
CA GLY B 2941 -1.02 63.52 35.54
C GLY B 2941 -1.88 64.60 34.92
N ALA B 2942 -3.08 64.81 35.46
CA ALA B 2942 -3.97 65.82 34.90
C ALA B 2942 -3.86 67.13 35.66
N ALA B 2943 -3.54 67.06 36.96
CA ALA B 2943 -3.47 68.28 37.75
C ALA B 2943 -2.30 69.15 37.35
N VAL B 2944 -1.24 68.57 36.78
CA VAL B 2944 -0.15 69.38 36.25
C VAL B 2944 -0.57 70.10 34.98
N PHE B 2945 -1.40 69.46 34.14
CA PHE B 2945 -2.00 70.15 33.00
C PHE B 2945 -2.88 71.30 33.45
N GLN B 2946 -3.68 71.07 34.49
CA GLN B 2946 -4.59 72.11 34.96
C GLN B 2946 -3.83 73.27 35.60
N MET B 2947 -2.75 72.99 36.33
CA MET B 2947 -2.01 74.07 36.96
C MET B 2947 -1.23 74.88 35.96
N MET B 2948 -0.64 74.24 34.94
CA MET B 2948 0.04 75.03 33.93
C MET B 2948 -0.95 75.85 33.11
N GLY B 2949 -2.14 75.30 32.85
CA GLY B 2949 -3.16 76.06 32.17
C GLY B 2949 -3.66 77.24 32.98
N LEU B 2950 -3.88 77.05 34.28
CA LEU B 2950 -4.40 78.14 35.08
C LEU B 2950 -3.36 79.20 35.38
N CYS B 2951 -2.09 78.82 35.52
CA CYS B 2951 -1.03 79.81 35.64
C CYS B 2951 -0.92 80.64 34.37
N GLN B 2952 -1.03 80.01 33.21
CA GLN B 2952 -0.94 80.77 31.97
C GLN B 2952 -2.16 81.63 31.72
N ILE B 2953 -3.34 81.21 32.18
CA ILE B 2953 -4.53 82.05 32.11
C ILE B 2953 -4.37 83.28 32.99
N LEU B 2954 -3.89 83.10 34.22
CA LEU B 2954 -3.69 84.24 35.10
C LEU B 2954 -2.57 85.15 34.61
N ARG B 2955 -1.62 84.63 33.85
CA ARG B 2955 -0.64 85.50 33.22
C ARG B 2955 -1.27 86.35 32.13
N ASP B 2956 -1.86 85.71 31.12
CA ASP B 2956 -2.19 86.42 29.89
C ASP B 2956 -3.55 87.09 29.90
N GLY B 2957 -4.47 86.65 30.74
CA GLY B 2957 -5.78 87.23 30.76
C GLY B 2957 -6.77 86.59 29.83
N VAL B 2958 -6.33 85.80 28.86
CA VAL B 2958 -7.25 85.19 27.92
C VAL B 2958 -8.01 84.05 28.59
N ILE B 2959 -9.14 83.68 27.99
CA ILE B 2959 -9.94 82.54 28.41
C ILE B 2959 -10.07 81.62 27.21
N PRO B 2960 -9.64 80.36 27.30
CA PRO B 2960 -9.66 79.50 26.13
C PRO B 2960 -11.08 79.02 25.87
N PRO B 2961 -11.36 78.58 24.65
CA PRO B 2961 -12.69 78.06 24.33
C PRO B 2961 -12.76 76.55 24.49
N ASN B 2962 -13.99 76.06 24.58
CA ASN B 2962 -14.28 74.64 24.54
C ASN B 2962 -14.72 74.33 23.12
N ARG B 2963 -13.76 73.99 22.27
CA ARG B 2963 -14.03 73.90 20.85
C ARG B 2963 -14.80 72.65 20.47
N SER B 2964 -14.95 71.68 21.35
CA SER B 2964 -15.70 70.48 21.05
C SER B 2964 -17.07 70.49 21.71
N LEU B 2965 -17.61 71.67 21.99
CA LEU B 2965 -18.93 71.80 22.58
C LEU B 2965 -19.86 72.31 21.49
N ASP B 2966 -21.05 71.71 21.40
CA ASP B 2966 -22.09 72.17 20.50
C ASP B 2966 -23.32 72.63 21.27
N CYS B 2967 -23.89 71.78 22.09
CA CYS B 2967 -25.08 72.09 22.85
C CYS B 2967 -24.81 71.76 24.31
N VAL B 2968 -24.98 72.75 25.19
CA VAL B 2968 -24.81 72.53 26.61
C VAL B 2968 -25.94 71.63 27.09
N ASP B 2969 -25.61 70.66 27.94
CA ASP B 2969 -26.60 69.73 28.46
C ASP B 2969 -27.62 70.46 29.32
N ASP B 2970 -28.81 69.88 29.41
CA ASP B 2970 -29.97 70.61 29.90
C ASP B 2970 -29.91 70.79 31.42
N GLU B 2971 -29.58 69.73 32.15
CA GLU B 2971 -29.67 69.78 33.60
C GLU B 2971 -28.55 70.58 34.26
N LEU B 2972 -27.60 71.10 33.48
CA LEU B 2972 -26.67 72.09 33.99
C LEU B 2972 -27.31 73.45 34.17
N ALA B 2973 -28.48 73.67 33.56
CA ALA B 2973 -29.14 74.98 33.51
C ALA B 2973 -29.56 75.52 34.86
N GLY B 2974 -29.58 74.70 35.90
CA GLY B 2974 -29.87 75.21 37.22
C GLY B 2974 -28.74 75.99 37.84
N SER B 2975 -27.53 75.89 37.29
CA SER B 2975 -26.38 76.57 37.88
C SER B 2975 -26.49 78.06 37.67
N ALA B 2976 -26.53 78.82 38.76
CA ALA B 2976 -26.80 80.24 38.70
C ALA B 2976 -25.57 81.09 38.49
N HIS B 2977 -24.41 80.48 38.28
CA HIS B 2977 -23.16 81.24 38.29
C HIS B 2977 -22.23 80.99 37.11
N PHE B 2978 -22.35 79.88 36.40
CA PHE B 2978 -21.34 79.51 35.43
C PHE B 2978 -21.49 80.28 34.13
N VAL B 2979 -20.38 80.41 33.41
CA VAL B 2979 -20.32 80.95 32.07
C VAL B 2979 -19.51 79.97 31.24
N TRP B 2980 -20.16 79.28 30.32
CA TRP B 2980 -19.50 78.34 29.43
C TRP B 2980 -19.06 79.09 28.19
N VAL B 2981 -17.76 79.09 27.94
CA VAL B 2981 -17.16 79.98 26.96
C VAL B 2981 -16.90 79.19 25.69
N ARG B 2982 -17.13 79.81 24.53
CA ARG B 2982 -16.95 79.17 23.25
C ARG B 2982 -15.97 79.90 22.34
N ASP B 2983 -15.48 81.07 22.72
CA ASP B 2983 -14.57 81.88 21.92
C ASP B 2983 -13.55 82.55 22.83
N THR B 2984 -12.38 82.85 22.27
CA THR B 2984 -11.27 83.32 23.08
C THR B 2984 -11.52 84.73 23.58
N LEU B 2985 -11.99 84.85 24.82
CA LEU B 2985 -12.22 86.14 25.44
C LEU B 2985 -10.88 86.74 25.79
N ARG B 2986 -10.53 87.86 25.19
CA ARG B 2986 -9.25 88.50 25.46
C ARG B 2986 -9.45 89.63 26.46
N LEU B 2987 -9.19 89.32 27.73
CA LEU B 2987 -9.39 90.23 28.83
C LEU B 2987 -8.08 90.97 29.06
N GLY B 2988 -7.99 92.19 28.57
CA GLY B 2988 -6.74 92.92 28.75
C GLY B 2988 -6.81 93.66 30.07
N GLY B 2989 -6.85 94.99 30.02
CA GLY B 2989 -7.12 95.76 31.22
C GLY B 2989 -8.59 96.03 31.40
N LYS B 2990 -9.43 95.15 30.84
CA LYS B 2990 -10.86 95.33 30.86
C LYS B 2990 -11.53 94.58 32.00
N PHE B 2991 -10.96 93.47 32.41
CA PHE B 2991 -11.54 92.64 33.46
C PHE B 2991 -10.44 91.84 34.11
N PRO B 2992 -9.93 92.27 35.25
CA PRO B 2992 -8.75 91.60 35.83
C PRO B 2992 -9.13 90.31 36.54
N LEU B 2993 -8.27 89.31 36.37
CA LEU B 2993 -8.45 88.00 36.98
C LEU B 2993 -7.54 87.91 38.20
N LYS B 2994 -8.08 87.51 39.34
CA LYS B 2994 -7.32 87.52 40.57
C LYS B 2994 -7.16 86.17 41.26
N ALA B 2995 -7.96 85.18 40.91
CA ALA B 2995 -7.86 83.89 41.57
C ALA B 2995 -8.36 82.81 40.63
N GLY B 2996 -8.19 81.57 41.05
CA GLY B 2996 -8.64 80.44 40.26
C GLY B 2996 -8.72 79.20 41.11
N MET B 2997 -9.61 78.30 40.72
CA MET B 2997 -9.87 77.11 41.52
C MET B 2997 -9.75 75.86 40.67
N LEU B 2998 -8.98 74.88 41.10
CA LEU B 2998 -8.99 73.60 40.44
C LEU B 2998 -9.87 72.63 41.21
N THR B 2999 -10.23 71.53 40.57
CA THR B 2999 -10.62 70.32 41.26
C THR B 2999 -10.02 69.13 40.55
N SER B 3000 -9.90 68.04 41.30
CA SER B 3000 -9.56 66.77 40.68
C SER B 3000 -10.33 65.71 41.48
N LEU B 3001 -11.31 65.10 40.82
CA LEU B 3001 -12.08 64.02 41.45
C LEU B 3001 -11.48 62.71 40.97
N GLY B 3002 -10.52 62.20 41.72
CA GLY B 3002 -9.71 61.09 41.28
C GLY B 3002 -10.43 59.75 41.30
N PHE B 3003 -9.68 58.71 40.92
CA PHE B 3003 -10.21 57.35 40.94
C PHE B 3003 -10.37 56.83 42.35
N GLY B 3004 -11.55 56.32 42.65
CA GLY B 3004 -11.78 55.58 43.88
C GLY B 3004 -11.75 56.44 45.12
N HIS B 3005 -12.75 57.31 45.26
CA HIS B 3005 -13.06 58.04 46.49
C HIS B 3005 -11.90 58.92 46.94
N VAL B 3006 -11.51 59.85 46.08
CA VAL B 3006 -10.50 60.85 46.42
C VAL B 3006 -10.81 62.11 45.64
N SER B 3007 -10.67 63.26 46.30
CA SER B 3007 -10.96 64.56 45.73
C SER B 3007 -9.83 65.51 46.09
N GLY B 3008 -9.65 66.55 45.30
CA GLY B 3008 -8.63 67.51 45.62
C GLY B 3008 -8.91 68.92 45.14
N LEU B 3009 -8.84 69.88 46.05
CA LEU B 3009 -8.93 71.31 45.75
C LEU B 3009 -7.57 71.97 45.83
N VAL B 3010 -7.35 72.94 44.97
CA VAL B 3010 -6.22 73.84 45.07
C VAL B 3010 -6.57 75.18 44.43
N ALA B 3011 -6.43 76.24 45.21
CA ALA B 3011 -6.63 77.60 44.73
C ALA B 3011 -5.30 78.17 44.26
N LEU B 3012 -5.38 79.18 43.40
CA LEU B 3012 -4.21 79.89 42.92
C LEU B 3012 -4.53 81.37 42.83
N VAL B 3013 -3.55 82.20 43.18
CA VAL B 3013 -3.71 83.65 43.20
C VAL B 3013 -2.64 84.23 42.29
N HIS B 3014 -2.97 85.34 41.61
CA HIS B 3014 -2.08 86.05 40.70
C HIS B 3014 -0.79 86.46 41.41
N PRO B 3015 0.35 86.48 40.72
CA PRO B 3015 1.63 86.76 41.39
C PRO B 3015 1.80 88.16 41.93
N GLN B 3016 0.84 89.05 41.70
CA GLN B 3016 0.97 90.36 42.31
C GLN B 3016 0.65 90.31 43.79
N ALA B 3017 0.07 89.22 44.30
CA ALA B 3017 0.03 89.01 45.74
C ALA B 3017 1.43 88.89 46.32
N PHE B 3018 2.29 88.14 45.64
CA PHE B 3018 3.67 88.06 46.07
C PHE B 3018 4.37 89.38 45.91
N ILE B 3019 4.08 90.11 44.84
CA ILE B 3019 4.72 91.42 44.67
C ILE B 3019 4.16 92.45 45.65
N ALA B 3020 2.95 92.26 46.15
CA ALA B 3020 2.38 93.18 47.11
C ALA B 3020 2.74 92.83 48.55
N SER B 3021 3.26 91.63 48.80
CA SER B 3021 3.66 91.30 50.16
C SER B 3021 4.91 92.06 50.60
N LEU B 3022 5.84 92.31 49.71
CA LEU B 3022 7.15 92.80 50.12
C LEU B 3022 7.25 94.31 50.03
N ASP B 3023 8.43 94.81 50.38
CA ASP B 3023 8.67 96.23 50.56
C ASP B 3023 9.10 96.92 49.26
N PRO B 3024 8.76 98.20 49.07
CA PRO B 3024 8.77 98.80 47.74
C PRO B 3024 10.14 99.15 47.15
N ALA B 3025 11.25 98.70 47.72
CA ALA B 3025 12.50 98.78 46.97
C ALA B 3025 12.93 97.41 46.47
N GLN B 3026 12.75 96.41 47.35
CA GLN B 3026 13.01 95.04 46.99
C GLN B 3026 12.07 94.55 45.91
N ARG B 3027 10.87 95.15 45.80
CA ARG B 3027 9.99 94.72 44.70
C ARG B 3027 10.53 95.17 43.34
N ALA B 3028 11.17 96.33 43.25
CA ALA B 3028 11.73 96.77 41.98
C ALA B 3028 12.94 95.93 41.59
N ASP B 3029 13.82 95.67 42.57
CA ASP B 3029 14.98 94.84 42.26
C ASP B 3029 14.59 93.39 41.94
N TYR B 3030 13.54 92.89 42.61
CA TYR B 3030 13.02 91.56 42.34
C TYR B 3030 12.46 91.45 40.93
N GLN B 3031 11.71 92.46 40.48
CA GLN B 3031 11.16 92.40 39.14
C GLN B 3031 12.25 92.43 38.08
N ARG B 3032 13.32 93.20 38.33
CA ARG B 3032 14.49 93.18 37.43
C ARG B 3032 15.08 91.78 37.30
N ARG B 3033 15.38 91.15 38.43
CA ARG B 3033 16.08 89.87 38.40
C ARG B 3033 15.19 88.77 37.84
N ALA B 3034 13.90 88.80 38.13
CA ALA B 3034 13.01 87.75 37.65
C ALA B 3034 12.77 87.85 36.15
N ASP B 3035 12.61 89.07 35.63
CA ASP B 3035 12.47 89.22 34.19
C ASP B 3035 13.74 88.81 33.46
N ALA B 3036 14.90 89.09 34.06
CA ALA B 3036 16.16 88.67 33.46
C ALA B 3036 16.27 87.15 33.40
N ARG B 3037 15.81 86.46 34.44
CA ARG B 3037 15.93 85.01 34.43
C ARG B 3037 14.96 84.36 33.45
N LEU B 3038 13.75 84.90 33.30
CA LEU B 3038 12.82 84.36 32.31
C LEU B 3038 13.34 84.54 30.89
N LEU B 3039 13.85 85.75 30.58
CA LEU B 3039 14.39 86.00 29.26
C LEU B 3039 15.60 85.11 28.97
N ALA B 3040 16.48 84.94 29.95
CA ALA B 3040 17.64 84.09 29.77
C ALA B 3040 17.25 82.64 29.56
N GLY B 3041 16.18 82.18 30.22
CA GLY B 3041 15.72 80.82 30.01
C GLY B 3041 15.22 80.57 28.60
N GLN B 3042 14.40 81.49 28.08
CA GLN B 3042 13.89 81.20 26.75
C GLN B 3042 14.92 81.44 25.66
N ARG B 3043 15.87 82.35 25.86
CA ARG B 3043 16.89 82.44 24.83
C ARG B 3043 17.93 81.34 24.97
N ARG B 3044 18.03 80.69 26.13
CA ARG B 3044 18.83 79.48 26.20
C ARG B 3044 18.15 78.34 25.45
N LEU B 3045 16.82 78.28 25.52
CA LEU B 3045 16.10 77.32 24.68
C LEU B 3045 16.29 77.62 23.20
N ALA B 3046 16.37 78.90 22.84
CA ALA B 3046 16.61 79.24 21.44
C ALA B 3046 18.03 78.86 21.00
N SER B 3047 19.00 78.99 21.89
CA SER B 3047 20.35 78.56 21.56
C SER B 3047 20.42 77.04 21.40
N ALA B 3048 19.69 76.32 22.24
CA ALA B 3048 19.64 74.86 22.09
C ALA B 3048 18.85 74.44 20.87
N ILE B 3049 17.88 75.25 20.45
CA ILE B 3049 17.08 74.87 19.29
C ILE B 3049 17.89 75.13 18.03
N ALA B 3050 18.79 76.12 18.04
CA ALA B 3050 19.52 76.37 16.82
C ALA B 3050 20.89 75.73 16.83
N GLY B 3051 21.78 76.20 17.69
CA GLY B 3051 23.17 75.84 17.50
C GLY B 3051 23.56 74.50 18.08
N GLY B 3052 23.47 74.40 19.39
CA GLY B 3052 24.01 73.26 20.10
C GLY B 3052 24.10 73.64 21.56
N ALA B 3053 25.15 73.16 22.24
CA ALA B 3053 25.33 73.20 23.69
C ALA B 3053 24.07 72.67 24.35
N PRO B 3054 23.80 71.37 24.24
CA PRO B 3054 22.47 70.86 24.51
C PRO B 3054 22.16 70.85 25.99
N MET B 3055 20.87 70.78 26.28
CA MET B 3055 20.41 70.67 27.65
C MET B 3055 20.72 69.29 28.19
N TYR B 3056 20.69 69.16 29.51
CA TYR B 3056 21.00 67.93 30.25
C TYR B 3056 22.41 67.44 29.92
N GLN B 3057 23.38 68.21 30.38
CA GLN B 3057 24.78 67.78 30.32
C GLN B 3057 25.12 67.03 31.59
N ARG B 3058 25.65 65.82 31.43
CA ARG B 3058 25.96 64.94 32.57
C ARG B 3058 27.46 64.87 32.80
N PRO B 3059 27.95 65.36 33.95
CA PRO B 3059 29.37 65.25 34.29
C PRO B 3059 29.72 63.86 34.79
N HIS C 46 74.17 53.98 -87.97
CA HIS C 46 72.79 54.43 -87.86
C HIS C 46 72.16 54.47 -89.25
N ALA C 47 71.70 53.31 -89.73
CA ALA C 47 71.39 53.12 -91.15
C ALA C 47 70.23 53.97 -91.62
N LEU C 48 69.29 54.31 -90.72
CA LEU C 48 68.15 55.12 -91.12
C LEU C 48 68.57 56.54 -91.47
N VAL C 49 69.32 57.18 -90.56
CA VAL C 49 69.79 58.52 -90.90
C VAL C 49 70.92 58.46 -91.92
N ASP C 50 71.57 57.30 -92.10
CA ASP C 50 72.48 57.13 -93.22
C ASP C 50 71.74 57.29 -94.54
N ARG C 51 70.59 56.60 -94.67
CA ARG C 51 69.78 56.73 -95.87
C ARG C 51 69.20 58.12 -96.02
N LEU C 52 68.76 58.72 -94.91
CA LEU C 52 68.13 60.04 -95.01
C LEU C 52 69.14 61.16 -95.25
N MET C 53 70.36 61.05 -94.74
CA MET C 53 71.39 62.04 -95.03
C MET C 53 72.07 61.79 -96.36
N ALA C 54 72.05 60.55 -96.87
CA ALA C 54 72.43 60.33 -98.26
C ALA C 54 71.35 60.84 -99.19
N GLY C 55 70.11 60.93 -98.70
CA GLY C 55 69.04 61.54 -99.44
C GLY C 55 67.95 60.57 -99.84
N GLU C 56 66.90 60.53 -99.04
CA GLU C 56 65.64 59.90 -99.37
C GLU C 56 64.54 60.88 -99.01
N PRO C 57 63.43 60.90 -99.74
CA PRO C 57 62.37 61.87 -99.45
C PRO C 57 61.68 61.55 -98.14
N TYR C 58 61.83 62.45 -97.18
CA TYR C 58 61.17 62.36 -95.88
C TYR C 58 60.44 63.66 -95.62
N ALA C 59 59.28 63.54 -94.97
CA ALA C 59 58.52 64.67 -94.51
C ALA C 59 58.61 64.74 -93.00
N VAL C 60 58.31 65.90 -92.46
CA VAL C 60 58.30 66.09 -91.01
C VAL C 60 56.93 66.60 -90.60
N ALA C 61 56.35 65.96 -89.60
CA ALA C 61 55.03 66.29 -89.10
C ALA C 61 55.14 66.80 -87.67
N PHE C 62 54.28 67.75 -87.34
CA PHE C 62 54.27 68.35 -86.02
C PHE C 62 52.97 68.02 -85.29
N GLY C 63 53.10 67.69 -84.01
CA GLY C 63 52.01 67.14 -83.24
C GLY C 63 50.94 68.16 -82.87
N GLY C 64 49.97 67.67 -82.12
CA GLY C 64 48.81 68.48 -81.79
C GLY C 64 48.62 68.67 -80.29
N GLN C 65 47.37 68.75 -79.87
CA GLN C 65 47.02 69.11 -78.51
C GLN C 65 46.52 67.90 -77.74
N GLY C 66 46.51 68.03 -76.41
CA GLY C 66 46.10 66.96 -75.53
C GLY C 66 47.05 65.79 -75.54
N SER C 67 48.28 65.99 -75.07
CA SER C 67 49.30 64.98 -75.24
C SER C 67 50.22 64.77 -74.05
N ALA C 68 50.05 65.50 -72.94
CA ALA C 68 50.85 65.40 -71.72
C ALA C 68 52.34 65.64 -72.01
N TRP C 69 52.62 66.88 -72.41
CA TRP C 69 53.92 67.28 -72.94
C TRP C 69 55.03 67.27 -71.90
N LEU C 70 54.67 67.35 -70.61
CA LEU C 70 55.65 67.63 -69.57
C LEU C 70 56.63 66.48 -69.38
N GLU C 71 56.12 65.25 -69.32
CA GLU C 71 57.00 64.14 -69.02
C GLU C 71 57.90 63.78 -70.21
N THR C 72 57.41 63.95 -71.44
CA THR C 72 58.29 63.70 -72.57
C THR C 72 59.32 64.82 -72.74
N LEU C 73 58.98 66.07 -72.38
CA LEU C 73 59.99 67.11 -72.41
C LEU C 73 61.02 66.90 -71.31
N GLU C 74 60.59 66.39 -70.15
CA GLU C 74 61.51 66.08 -69.06
C GLU C 74 62.46 64.97 -69.46
N GLU C 75 61.95 63.92 -70.11
CA GLU C 75 62.80 62.83 -70.55
C GLU C 75 63.78 63.30 -71.62
N LEU C 76 63.34 64.18 -72.52
CA LEU C 76 64.22 64.65 -73.58
C LEU C 76 65.32 65.56 -73.04
N VAL C 77 64.99 66.42 -72.08
CA VAL C 77 66.01 67.27 -71.45
C VAL C 77 66.98 66.43 -70.64
N SER C 78 66.48 65.43 -69.91
CA SER C 78 67.36 64.56 -69.12
C SER C 78 68.23 63.69 -70.01
N ALA C 79 67.79 63.40 -71.24
CA ALA C 79 68.64 62.64 -72.15
C ALA C 79 69.71 63.51 -72.80
N THR C 80 69.35 64.73 -73.21
CA THR C 80 70.29 65.55 -73.97
C THR C 80 71.13 66.48 -73.11
N GLY C 81 70.49 67.34 -72.33
CA GLY C 81 71.22 68.36 -71.60
C GLY C 81 71.30 69.68 -72.34
N ILE C 82 70.14 70.19 -72.75
CA ILE C 82 70.05 71.45 -73.48
C ILE C 82 69.35 72.49 -72.60
N GLU C 83 69.40 72.28 -71.29
CA GLU C 83 68.67 73.08 -70.32
C GLU C 83 69.15 74.53 -70.30
N THR C 84 70.43 74.77 -70.58
CA THR C 84 70.94 76.13 -70.60
C THR C 84 70.39 76.91 -71.78
N GLU C 85 70.31 76.29 -72.96
CA GLU C 85 69.75 76.95 -74.12
C GLU C 85 68.26 77.17 -73.96
N LEU C 86 67.56 76.21 -73.36
CA LEU C 86 66.14 76.42 -73.08
C LEU C 86 65.92 77.51 -72.04
N ALA C 87 66.83 77.61 -71.06
CA ALA C 87 66.70 78.62 -70.02
C ALA C 87 66.92 80.02 -70.58
N THR C 88 67.91 80.19 -71.44
CA THR C 88 68.10 81.52 -72.03
C THR C 88 67.01 81.84 -73.05
N LEU C 89 66.44 80.82 -73.68
CA LEU C 89 65.27 81.00 -74.55
C LEU C 89 64.09 81.57 -73.78
N VAL C 90 63.70 80.88 -72.70
CA VAL C 90 62.60 81.33 -71.86
C VAL C 90 62.91 82.68 -71.21
N GLY C 91 64.17 82.92 -70.88
CA GLY C 91 64.55 84.18 -70.24
C GLY C 91 64.37 85.38 -71.16
N GLU C 92 64.86 85.28 -72.39
CA GLU C 92 64.65 86.42 -73.28
C GLU C 92 63.23 86.49 -73.80
N ALA C 93 62.48 85.37 -73.78
CA ALA C 93 61.07 85.41 -74.10
C ALA C 93 60.29 86.22 -73.06
N GLU C 94 60.48 85.91 -71.78
CA GLU C 94 59.79 86.65 -70.75
C GLU C 94 60.36 88.06 -70.58
N LEU C 95 61.59 88.30 -71.02
CA LEU C 95 62.09 89.67 -71.11
C LEU C 95 61.33 90.44 -72.18
N LEU C 96 61.00 89.77 -73.30
CA LEU C 96 60.20 90.42 -74.33
C LEU C 96 58.76 90.62 -73.87
N LEU C 97 58.27 89.75 -72.97
CA LEU C 97 56.91 89.83 -72.47
C LEU C 97 56.78 90.68 -71.21
N ASP C 98 57.63 91.70 -71.06
CA ASP C 98 57.60 92.52 -69.85
C ASP C 98 56.34 93.36 -69.64
N PRO C 99 55.79 94.11 -70.62
CA PRO C 99 54.69 95.04 -70.26
C PRO C 99 53.35 94.38 -69.98
N VAL C 100 53.09 93.17 -70.47
CA VAL C 100 51.71 92.68 -70.47
C VAL C 100 51.63 91.53 -69.46
N THR C 101 52.48 91.58 -68.43
CA THR C 101 52.48 90.51 -67.43
C THR C 101 51.20 90.47 -66.62
N ASP C 102 50.57 91.63 -66.40
CA ASP C 102 49.34 91.68 -65.63
C ASP C 102 48.18 91.01 -66.37
N GLU C 103 47.96 91.42 -67.63
CA GLU C 103 46.91 90.83 -68.43
C GLU C 103 47.21 89.37 -68.76
N LEU C 104 48.49 89.00 -68.79
CA LEU C 104 48.83 87.60 -68.94
C LEU C 104 48.53 86.80 -67.69
N ILE C 105 48.75 87.38 -66.50
CA ILE C 105 48.62 86.63 -65.25
C ILE C 105 47.20 86.68 -64.71
N VAL C 106 46.29 87.39 -65.39
CA VAL C 106 44.87 87.22 -65.14
C VAL C 106 44.47 85.75 -65.25
N VAL C 107 44.98 85.08 -66.28
CA VAL C 107 44.51 83.73 -66.60
C VAL C 107 45.26 82.67 -65.81
N ARG C 108 46.58 82.66 -65.92
CA ARG C 108 47.39 81.53 -65.45
C ARG C 108 47.41 81.44 -63.93
N PRO C 109 47.05 80.30 -63.36
CA PRO C 109 46.98 80.20 -61.89
C PRO C 109 48.36 80.04 -61.27
N ILE C 110 49.23 79.27 -61.90
CA ILE C 110 50.55 79.04 -61.32
C ILE C 110 51.56 80.05 -61.85
N GLY C 111 51.72 80.14 -63.16
CA GLY C 111 52.57 81.20 -63.69
C GLY C 111 53.52 80.79 -64.78
N PHE C 112 53.50 79.52 -65.17
CA PHE C 112 54.26 78.97 -66.30
C PHE C 112 55.77 79.17 -66.12
N GLU C 113 56.31 78.41 -65.17
CA GLU C 113 57.75 78.17 -65.17
C GLU C 113 58.01 76.71 -65.49
N PRO C 114 58.25 76.38 -66.76
CA PRO C 114 58.29 74.97 -67.16
C PRO C 114 59.57 74.24 -66.81
N LEU C 115 60.71 74.93 -66.88
CA LEU C 115 61.98 74.23 -66.70
C LEU C 115 62.24 73.88 -65.25
N GLN C 116 61.71 74.66 -64.31
CA GLN C 116 61.81 74.26 -62.92
C GLN C 116 60.85 73.11 -62.62
N TRP C 117 59.73 73.02 -63.35
CA TRP C 117 58.88 71.84 -63.26
C TRP C 117 59.60 70.60 -63.78
N VAL C 118 60.41 70.78 -64.83
CA VAL C 118 61.22 69.70 -65.37
C VAL C 118 62.26 69.25 -64.34
N ARG C 119 62.91 70.22 -63.68
CA ARG C 119 63.84 69.91 -62.60
C ARG C 119 63.15 69.18 -61.46
N ALA C 120 61.92 69.58 -61.15
CA ALA C 120 61.15 68.95 -60.08
C ALA C 120 60.81 67.51 -60.41
N LEU C 121 60.38 67.27 -61.66
CA LEU C 121 60.05 65.91 -62.07
C LEU C 121 61.29 65.05 -62.18
N ALA C 122 62.44 65.64 -62.54
CA ALA C 122 63.68 64.89 -62.58
C ALA C 122 64.15 64.51 -61.18
N ALA C 123 64.05 65.44 -60.23
CA ALA C 123 64.48 65.19 -58.87
C ALA C 123 63.40 64.56 -58.01
N GLU C 124 62.26 64.19 -58.61
CA GLU C 124 61.11 63.57 -57.95
C GLU C 124 60.59 64.47 -56.83
N ASP C 125 60.06 65.60 -57.27
CA ASP C 125 59.43 66.58 -56.42
C ASP C 125 57.94 66.56 -56.78
N PRO C 126 57.04 67.17 -56.00
CA PRO C 126 55.64 67.24 -56.44
C PRO C 126 55.49 68.09 -57.70
N VAL C 127 54.53 67.67 -58.52
CA VAL C 127 54.35 68.17 -59.87
C VAL C 127 53.07 69.01 -59.87
N PRO C 128 52.96 70.05 -60.70
CA PRO C 128 51.65 70.71 -60.85
C PRO C 128 50.60 69.77 -61.40
N SER C 129 49.36 70.00 -61.01
CA SER C 129 48.29 69.05 -61.25
C SER C 129 47.85 69.09 -62.71
N ASP C 130 46.93 68.16 -63.05
CA ASP C 130 46.61 67.91 -64.43
C ASP C 130 45.80 69.04 -65.05
N LYS C 131 44.89 69.65 -64.29
CA LYS C 131 44.13 70.79 -64.79
C LYS C 131 45.05 71.97 -65.07
N HIS C 132 45.92 72.30 -64.12
CA HIS C 132 46.86 73.39 -64.27
C HIS C 132 47.94 73.08 -65.29
N LEU C 133 48.09 71.84 -65.74
CA LEU C 133 48.94 71.57 -66.89
C LEU C 133 48.17 71.62 -68.20
N THR C 134 46.91 71.17 -68.21
CA THR C 134 46.20 71.04 -69.48
C THR C 134 45.46 72.30 -69.87
N SER C 135 45.44 73.33 -69.04
CA SER C 135 44.91 74.62 -69.46
C SER C 135 45.75 75.19 -70.60
N ALA C 136 45.11 76.01 -71.44
CA ALA C 136 45.69 76.34 -72.74
C ALA C 136 46.91 77.25 -72.62
N ALA C 137 46.86 78.21 -71.69
CA ALA C 137 47.92 79.20 -71.55
C ALA C 137 49.25 78.60 -71.11
N VAL C 138 49.23 77.40 -70.53
CA VAL C 138 50.46 76.68 -70.25
C VAL C 138 50.65 75.48 -71.15
N SER C 139 49.61 75.00 -71.83
CA SER C 139 49.82 73.86 -72.70
C SER C 139 50.40 74.28 -74.04
N VAL C 140 49.73 75.21 -74.72
CA VAL C 140 50.16 75.62 -76.06
C VAL C 140 51.55 76.29 -76.09
N PRO C 141 52.14 76.85 -75.02
CA PRO C 141 53.58 77.08 -75.09
C PRO C 141 54.39 75.85 -74.71
N GLY C 142 53.84 74.97 -73.88
CA GLY C 142 54.58 73.79 -73.46
C GLY C 142 54.85 72.82 -74.59
N VAL C 143 53.86 72.61 -75.45
CA VAL C 143 54.07 71.73 -76.60
C VAL C 143 55.00 72.38 -77.62
N LEU C 144 54.97 73.71 -77.74
CA LEU C 144 55.91 74.38 -78.65
C LEU C 144 57.33 74.26 -78.14
N LEU C 145 57.54 74.45 -76.84
CA LEU C 145 58.86 74.27 -76.27
C LEU C 145 59.31 72.82 -76.38
N THR C 146 58.37 71.88 -76.28
CA THR C 146 58.70 70.47 -76.45
C THR C 146 59.16 70.18 -77.87
N GLN C 147 58.48 70.75 -78.85
CA GLN C 147 58.82 70.47 -80.24
C GLN C 147 60.12 71.15 -80.65
N ILE C 148 60.36 72.38 -80.18
CA ILE C 148 61.61 73.07 -80.47
C ILE C 148 62.78 72.35 -79.80
N ALA C 149 62.58 71.89 -78.56
CA ALA C 149 63.62 71.13 -77.88
C ALA C 149 63.84 69.78 -78.55
N ALA C 150 62.81 69.19 -79.13
CA ALA C 150 63.00 67.92 -79.83
C ALA C 150 63.78 68.11 -81.12
N THR C 151 63.50 69.19 -81.86
CA THR C 151 64.26 69.47 -83.07
C THR C 151 65.71 69.76 -82.76
N ARG C 152 65.97 70.57 -81.74
CA ARG C 152 67.36 70.84 -81.37
C ARG C 152 68.03 69.63 -80.76
N ALA C 153 67.26 68.74 -80.12
CA ALA C 153 67.82 67.50 -79.59
C ALA C 153 68.29 66.59 -80.71
N LEU C 154 67.46 66.39 -81.72
CA LEU C 154 67.88 65.56 -82.86
C LEU C 154 68.98 66.22 -83.68
N ALA C 155 69.01 67.55 -83.72
CA ALA C 155 70.12 68.24 -84.37
C ALA C 155 71.43 68.03 -83.62
N ARG C 156 71.37 67.96 -82.28
CA ARG C 156 72.56 67.61 -81.52
C ARG C 156 72.91 66.13 -81.71
N GLN C 157 71.89 65.29 -81.85
CA GLN C 157 72.12 63.86 -82.06
C GLN C 157 72.72 63.55 -83.43
N GLY C 158 72.55 64.44 -84.40
CA GLY C 158 73.28 64.28 -85.64
C GLY C 158 72.47 64.23 -86.92
N MET C 159 71.25 64.74 -86.88
CA MET C 159 70.42 64.87 -88.07
C MET C 159 70.12 66.35 -88.28
N ASP C 160 70.70 66.92 -89.33
CA ASP C 160 70.62 68.37 -89.54
C ASP C 160 69.61 68.65 -90.65
N LEU C 161 68.54 69.35 -90.28
CA LEU C 161 67.48 69.65 -91.24
C LEU C 161 67.88 70.72 -92.23
N VAL C 162 68.84 71.58 -91.88
CA VAL C 162 69.33 72.54 -92.87
C VAL C 162 70.37 71.91 -93.79
N ALA C 163 71.02 70.82 -93.36
CA ALA C 163 71.91 70.10 -94.26
C ALA C 163 71.12 69.24 -95.23
N THR C 164 70.12 68.51 -94.73
CA THR C 164 69.19 67.79 -95.60
C THR C 164 67.77 68.28 -95.32
N PRO C 165 67.19 69.07 -96.21
CA PRO C 165 65.84 69.57 -96.00
C PRO C 165 64.81 68.47 -96.16
N PRO C 166 63.77 68.46 -95.33
CA PRO C 166 62.64 67.57 -95.59
C PRO C 166 61.87 68.02 -96.80
N VAL C 167 61.13 67.08 -97.38
CA VAL C 167 60.37 67.38 -98.58
C VAL C 167 59.08 68.11 -98.23
N ALA C 168 58.33 67.58 -97.26
CA ALA C 168 57.04 68.14 -96.91
C ALA C 168 56.96 68.49 -95.44
N MET C 169 56.12 69.47 -95.14
CA MET C 169 56.02 70.13 -93.84
C MET C 169 54.57 69.97 -93.39
N ALA C 170 54.30 69.01 -92.51
CA ALA C 170 52.95 68.72 -92.08
C ALA C 170 52.64 69.41 -90.77
N GLY C 171 51.65 70.28 -90.80
CA GLY C 171 51.22 70.98 -89.60
C GLY C 171 49.81 70.66 -89.20
N HIS C 172 49.64 70.14 -87.99
CA HIS C 172 48.34 69.81 -87.44
C HIS C 172 47.73 71.09 -86.85
N SER C 173 46.71 70.93 -86.01
CA SER C 173 46.07 71.98 -85.22
C SER C 173 47.03 72.94 -84.55
N GLN C 174 47.87 72.43 -83.66
CA GLN C 174 48.74 73.30 -82.91
C GLN C 174 49.98 73.67 -83.69
N GLY C 175 50.50 72.74 -84.48
CA GLY C 175 51.82 72.87 -85.05
C GLY C 175 52.00 73.85 -86.18
N VAL C 176 51.06 74.77 -86.40
CA VAL C 176 51.23 75.75 -87.47
C VAL C 176 52.32 76.74 -87.11
N LEU C 177 52.34 77.19 -85.86
CA LEU C 177 53.41 78.06 -85.40
C LEU C 177 54.76 77.34 -85.36
N ALA C 178 54.77 76.05 -85.03
CA ALA C 178 56.03 75.32 -85.02
C ALA C 178 56.54 75.08 -86.44
N VAL C 179 55.63 74.85 -87.39
CA VAL C 179 56.09 74.65 -88.74
C VAL C 179 56.47 75.97 -89.39
N GLU C 180 55.93 77.10 -88.93
CA GLU C 180 56.49 78.39 -89.31
C GLU C 180 57.89 78.58 -88.74
N ALA C 181 58.09 78.13 -87.50
CA ALA C 181 59.40 78.25 -86.85
C ALA C 181 60.47 77.42 -87.54
N LEU C 182 60.10 76.27 -88.09
CA LEU C 182 61.09 75.49 -88.83
C LEU C 182 61.11 75.78 -90.33
N LYS C 183 60.07 76.43 -90.87
CA LYS C 183 60.15 76.92 -92.24
C LYS C 183 61.11 78.09 -92.33
N ALA C 184 61.06 78.98 -91.34
CA ALA C 184 62.16 79.91 -91.16
C ALA C 184 63.31 79.19 -90.45
N GLY C 185 64.42 79.89 -90.30
CA GLY C 185 65.56 79.33 -89.60
C GLY C 185 65.33 79.25 -88.11
N GLY C 186 66.40 78.93 -87.38
CA GLY C 186 66.37 78.95 -85.93
C GLY C 186 66.61 80.34 -85.37
N ALA C 187 65.84 81.33 -85.84
CA ALA C 187 66.08 82.72 -85.49
C ALA C 187 64.82 83.51 -85.19
N ARG C 188 63.63 82.90 -85.29
CA ARG C 188 62.40 83.58 -84.91
C ARG C 188 61.68 82.80 -83.80
N ASP C 189 62.41 81.91 -83.14
CA ASP C 189 61.84 81.07 -82.09
C ASP C 189 61.40 81.88 -80.89
N VAL C 190 62.10 82.97 -80.58
CA VAL C 190 61.72 83.80 -79.43
C VAL C 190 60.42 84.53 -79.69
N GLU C 191 60.26 85.07 -80.91
CA GLU C 191 59.05 85.81 -81.24
C GLU C 191 57.86 84.85 -81.34
N LEU C 192 58.09 83.65 -81.88
CA LEU C 192 56.98 82.70 -81.96
C LEU C 192 56.66 82.09 -80.60
N PHE C 193 57.65 81.98 -79.71
CA PHE C 193 57.36 81.47 -78.37
C PHE C 193 56.53 82.48 -77.58
N ALA C 194 56.90 83.76 -77.66
CA ALA C 194 56.09 84.79 -77.03
C ALA C 194 54.72 84.90 -77.67
N LEU C 195 54.63 84.64 -78.97
CA LEU C 195 53.34 84.71 -79.65
C LEU C 195 52.43 83.58 -79.20
N ALA C 196 52.95 82.35 -79.09
CA ALA C 196 52.14 81.25 -78.61
C ALA C 196 51.75 81.43 -77.14
N GLN C 197 52.63 82.04 -76.36
CA GLN C 197 52.31 82.30 -74.96
C GLN C 197 51.24 83.39 -74.84
N LEU C 198 51.12 84.27 -75.83
CA LEU C 198 49.96 85.15 -75.89
C LEU C 198 48.70 84.40 -76.32
N ILE C 199 48.85 83.50 -77.31
CA ILE C 199 47.73 82.78 -77.91
C ILE C 199 46.98 81.96 -76.87
N GLY C 200 47.72 81.29 -75.99
CA GLY C 200 47.06 80.44 -74.99
C GLY C 200 46.25 81.21 -73.97
N ALA C 201 46.80 82.33 -73.50
CA ALA C 201 46.09 83.17 -72.54
C ALA C 201 44.85 83.78 -73.17
N ALA C 202 44.96 84.27 -74.41
CA ALA C 202 43.80 84.82 -75.09
C ALA C 202 42.75 83.76 -75.37
N GLY C 203 43.18 82.53 -75.67
CA GLY C 203 42.24 81.46 -75.91
C GLY C 203 41.46 81.09 -74.67
N THR C 204 42.16 80.95 -73.53
CA THR C 204 41.47 80.60 -72.29
C THR C 204 40.56 81.74 -71.84
N LEU C 205 40.98 82.98 -72.05
CA LEU C 205 40.18 84.13 -71.64
C LEU C 205 38.90 84.24 -72.45
N VAL C 206 39.00 84.17 -73.79
CA VAL C 206 37.82 84.30 -74.63
C VAL C 206 36.92 83.07 -74.49
N ALA C 207 37.49 81.89 -74.27
CA ALA C 207 36.67 80.70 -74.09
C ALA C 207 35.96 80.68 -72.74
N ARG C 208 36.53 81.31 -71.73
CA ARG C 208 35.78 81.43 -70.49
C ARG C 208 34.71 82.51 -70.59
N ARG C 209 34.98 83.55 -71.38
CA ARG C 209 33.95 84.56 -71.62
C ARG C 209 32.77 83.98 -72.38
N ARG C 210 33.04 83.07 -73.30
CA ARG C 210 31.99 82.30 -73.95
C ARG C 210 31.79 81.02 -73.16
N GLY C 211 31.11 80.03 -73.73
CA GLY C 211 30.85 78.80 -73.00
C GLY C 211 31.60 77.60 -73.53
N ILE C 212 32.78 77.80 -74.09
CA ILE C 212 33.44 76.75 -74.85
C ILE C 212 34.59 76.18 -74.02
N SER C 213 34.46 76.24 -72.70
CA SER C 213 35.46 75.65 -71.83
C SER C 213 34.85 74.46 -71.09
N VAL C 214 35.72 73.69 -70.45
CA VAL C 214 35.29 72.52 -69.70
C VAL C 214 34.55 72.96 -68.44
N LEU C 215 33.39 72.36 -68.20
CA LEU C 215 32.62 72.71 -67.01
C LEU C 215 32.97 71.80 -65.83
N GLY C 216 32.74 70.51 -65.97
CA GLY C 216 33.12 69.58 -64.95
C GLY C 216 34.19 68.64 -65.46
N ASP C 217 33.79 67.43 -65.83
CA ASP C 217 34.65 66.50 -66.54
C ASP C 217 34.39 66.50 -68.04
N ARG C 218 33.22 66.92 -68.46
CA ARG C 218 32.85 66.92 -69.87
C ARG C 218 33.63 68.00 -70.64
N PRO C 219 34.39 67.62 -71.66
CA PRO C 219 35.29 68.55 -72.32
C PRO C 219 34.62 69.21 -73.51
N PRO C 220 35.21 70.27 -74.07
CA PRO C 220 34.59 70.92 -75.23
C PRO C 220 34.82 70.21 -76.55
N MET C 221 35.57 69.11 -76.62
CA MET C 221 35.80 68.41 -77.87
C MET C 221 35.45 66.94 -77.73
N VAL C 222 34.62 66.45 -78.64
CA VAL C 222 34.26 65.03 -78.66
C VAL C 222 34.62 64.48 -80.03
N SER C 223 35.41 63.41 -80.05
CA SER C 223 35.85 62.77 -81.28
C SER C 223 34.85 61.71 -81.70
N VAL C 224 34.41 61.79 -82.95
CA VAL C 224 33.51 60.83 -83.56
C VAL C 224 34.34 59.94 -84.47
N THR C 225 34.39 58.65 -84.15
CA THR C 225 35.02 57.66 -85.01
C THR C 225 33.96 56.71 -85.54
N ASN C 226 34.33 56.01 -86.61
CA ASN C 226 33.48 55.01 -87.28
C ASN C 226 32.19 55.63 -87.80
N ALA C 227 32.32 56.68 -88.60
CA ALA C 227 31.17 57.36 -89.17
C ALA C 227 31.61 58.11 -90.42
N ASP C 228 30.64 58.34 -91.29
CA ASP C 228 30.89 59.04 -92.54
C ASP C 228 30.87 60.53 -92.28
N PRO C 229 31.94 61.27 -92.59
CA PRO C 229 31.98 62.71 -92.26
C PRO C 229 30.94 63.56 -92.98
N GLU C 230 30.56 63.20 -94.21
CA GLU C 230 29.50 63.94 -94.88
C GLU C 230 28.15 63.71 -94.20
N ARG C 231 27.91 62.47 -93.76
CA ARG C 231 26.68 62.20 -93.01
C ARG C 231 26.67 62.91 -91.67
N ILE C 232 27.84 63.01 -91.03
CA ILE C 232 27.96 63.73 -89.76
C ILE C 232 27.67 65.21 -89.97
N GLY C 233 28.15 65.78 -91.08
CA GLY C 233 27.81 67.16 -91.41
C GLY C 233 26.33 67.36 -91.68
N ARG C 234 25.71 66.39 -92.37
CA ARG C 234 24.27 66.43 -92.63
C ARG C 234 23.47 66.44 -91.34
N LEU C 235 23.74 65.50 -90.44
CA LEU C 235 22.87 65.49 -89.28
C LEU C 235 23.30 66.48 -88.20
N LEU C 236 24.51 67.05 -88.29
CA LEU C 236 24.80 68.25 -87.51
C LEU C 236 23.96 69.43 -87.97
N ASP C 237 23.80 69.58 -89.30
CA ASP C 237 22.92 70.64 -89.79
C ASP C 237 21.48 70.38 -89.40
N GLU C 238 21.05 69.11 -89.42
CA GLU C 238 19.69 68.77 -89.03
C GLU C 238 19.46 69.00 -87.54
N PHE C 239 20.46 68.68 -86.71
CA PHE C 239 20.41 68.98 -85.29
C PHE C 239 20.49 70.47 -85.02
N ALA C 240 21.04 71.24 -85.96
CA ALA C 240 21.03 72.69 -85.81
C ALA C 240 19.68 73.29 -86.15
N GLN C 241 18.95 72.71 -87.11
CA GLN C 241 17.77 73.38 -87.67
C GLN C 241 16.60 73.49 -86.72
N ASP C 242 16.53 72.71 -85.65
CA ASP C 242 15.40 72.82 -84.75
C ASP C 242 15.58 74.00 -83.80
N VAL C 243 14.46 74.46 -83.23
CA VAL C 243 14.46 75.68 -82.44
C VAL C 243 15.10 75.47 -81.07
N ARG C 244 14.95 74.28 -80.49
CA ARG C 244 15.21 74.08 -79.06
C ARG C 244 16.70 74.13 -78.71
N THR C 245 17.58 74.02 -79.69
CA THR C 245 18.99 74.32 -79.47
C THR C 245 19.27 75.78 -79.77
N VAL C 246 20.19 76.37 -79.01
CA VAL C 246 20.52 77.77 -79.19
C VAL C 246 21.86 77.93 -79.87
N LEU C 247 22.85 77.14 -79.48
CA LEU C 247 24.17 77.19 -80.08
C LEU C 247 24.45 75.86 -80.78
N PRO C 248 24.48 75.82 -82.10
CA PRO C 248 24.77 74.57 -82.81
C PRO C 248 26.23 74.20 -82.68
N PRO C 249 26.54 72.98 -82.26
CA PRO C 249 27.92 72.52 -82.28
C PRO C 249 28.39 72.30 -83.72
N VAL C 250 29.65 72.60 -83.96
CA VAL C 250 30.17 72.60 -85.32
C VAL C 250 31.26 71.55 -85.46
N LEU C 251 31.41 71.05 -86.67
CA LEU C 251 32.51 70.17 -87.01
C LEU C 251 33.75 71.01 -87.25
N SER C 252 34.87 70.59 -86.67
CA SER C 252 36.08 71.38 -86.75
C SER C 252 37.18 70.71 -87.56
N ILE C 253 37.63 69.52 -87.18
CA ILE C 253 38.79 68.95 -87.85
C ILE C 253 38.37 67.66 -88.55
N ARG C 254 39.32 67.02 -89.22
CA ARG C 254 39.02 65.80 -89.97
C ARG C 254 40.29 64.95 -89.97
N ASN C 255 40.36 64.00 -89.04
CA ASN C 255 41.57 63.20 -88.90
C ASN C 255 41.72 62.21 -90.05
N GLY C 256 40.79 61.26 -90.14
CA GLY C 256 40.83 60.25 -91.16
C GLY C 256 39.66 60.34 -92.10
N ARG C 257 39.37 59.22 -92.75
CA ARG C 257 38.17 59.13 -93.57
C ARG C 257 36.97 58.65 -92.77
N ARG C 258 37.16 58.29 -91.50
CA ARG C 258 36.10 57.83 -90.63
C ARG C 258 36.15 58.48 -89.25
N ALA C 259 36.76 59.65 -89.13
CA ALA C 259 36.92 60.27 -87.81
C ALA C 259 37.01 61.77 -87.92
N VAL C 260 36.18 62.47 -87.16
CA VAL C 260 36.26 63.93 -86.97
C VAL C 260 36.17 64.21 -85.48
N VAL C 261 36.24 65.49 -85.10
CA VAL C 261 35.84 65.87 -83.75
C VAL C 261 34.88 67.05 -83.86
N ILE C 262 34.10 67.24 -82.81
CA ILE C 262 33.08 68.27 -82.74
C ILE C 262 33.41 69.15 -81.54
N THR C 263 33.41 70.47 -81.75
CA THR C 263 33.75 71.45 -80.74
C THR C 263 32.55 72.33 -80.43
N GLY C 264 32.20 72.42 -79.16
CA GLY C 264 31.09 73.27 -78.78
C GLY C 264 30.80 73.18 -77.29
N THR C 265 29.64 73.70 -76.93
CA THR C 265 29.19 73.72 -75.54
C THR C 265 28.95 72.28 -75.07
N PRO C 266 29.38 71.93 -73.84
CA PRO C 266 29.32 70.52 -73.41
C PRO C 266 27.92 69.92 -73.31
N GLU C 267 26.92 70.66 -72.85
CA GLU C 267 25.59 70.07 -72.84
C GLU C 267 25.02 69.96 -74.24
N GLN C 268 25.44 70.83 -75.17
CA GLN C 268 25.07 70.67 -76.57
C GLN C 268 25.69 69.39 -77.14
N LEU C 269 26.93 69.09 -76.74
CA LEU C 269 27.57 67.86 -77.19
C LEU C 269 26.86 66.63 -76.64
N SER C 270 26.43 66.67 -75.38
CA SER C 270 25.72 65.54 -74.81
C SER C 270 24.34 65.36 -75.44
N ARG C 271 23.68 66.47 -75.78
CA ARG C 271 22.40 66.38 -76.46
C ARG C 271 22.54 65.80 -77.86
N PHE C 272 23.59 66.20 -78.58
CA PHE C 272 23.86 65.64 -79.89
C PHE C 272 24.21 64.15 -79.82
N GLU C 273 24.90 63.75 -78.76
CA GLU C 273 25.17 62.33 -78.55
C GLU C 273 23.89 61.54 -78.31
N LEU C 274 22.94 62.12 -77.57
CA LEU C 274 21.64 61.48 -77.39
C LEU C 274 20.88 61.35 -78.71
N TYR C 275 20.98 62.38 -79.56
CA TYR C 275 20.33 62.37 -80.86
C TYR C 275 20.88 61.26 -81.76
N CYS C 276 22.20 61.15 -81.83
CA CYS C 276 22.82 60.10 -82.62
C CYS C 276 22.56 58.72 -82.04
N ARG C 277 22.45 58.60 -80.72
CA ARG C 277 22.12 57.32 -80.11
C ARG C 277 20.71 56.89 -80.46
N GLN C 278 19.78 57.85 -80.56
CA GLN C 278 18.42 57.53 -80.95
C GLN C 278 18.34 57.04 -82.38
N ILE C 279 19.07 57.70 -83.29
CA ILE C 279 19.10 57.24 -84.69
C ILE C 279 19.77 55.87 -84.81
N SER C 280 20.80 55.62 -83.98
CA SER C 280 21.47 54.33 -83.98
C SER C 280 20.53 53.22 -83.52
N GLU C 281 19.73 53.48 -82.49
CA GLU C 281 18.78 52.47 -82.02
C GLU C 281 17.67 52.23 -83.03
N LYS C 282 17.30 53.28 -83.78
CA LYS C 282 16.33 53.12 -84.87
C LYS C 282 16.84 52.16 -85.93
N GLU C 283 18.06 52.38 -86.42
CA GLU C 283 18.57 51.48 -87.46
C GLU C 283 18.90 50.09 -86.92
N GLU C 284 19.25 49.98 -85.63
CA GLU C 284 19.50 48.66 -85.07
C GLU C 284 18.21 47.86 -84.95
N ALA C 285 17.10 48.51 -84.58
CA ALA C 285 15.83 47.81 -84.59
C ALA C 285 15.39 47.46 -86.00
N ASP C 286 15.71 48.32 -86.97
CA ASP C 286 15.40 48.01 -88.36
C ASP C 286 16.20 46.81 -88.88
N ARG C 287 17.42 46.60 -88.37
CA ARG C 287 18.13 45.37 -88.70
C ARG C 287 17.53 44.18 -87.98
N LYS C 288 17.26 44.31 -86.68
CA LYS C 288 16.85 43.16 -85.86
C LYS C 288 15.48 42.62 -86.28
N ASN C 289 14.60 43.48 -86.80
CA ASN C 289 13.33 43.00 -87.32
C ASN C 289 13.42 42.51 -88.77
N LYS C 290 14.63 42.16 -89.23
CA LYS C 290 14.89 41.47 -90.50
C LYS C 290 14.41 42.29 -91.70
N VAL C 291 14.99 43.48 -91.81
CA VAL C 291 14.83 44.37 -92.96
C VAL C 291 16.30 44.58 -93.31
N ARG C 292 16.61 45.58 -94.16
CA ARG C 292 17.77 45.71 -95.06
C ARG C 292 19.07 45.06 -94.59
N GLY C 293 19.53 45.40 -93.39
CA GLY C 293 20.68 44.73 -92.83
C GLY C 293 22.00 44.99 -93.52
N GLY C 294 22.11 46.08 -94.26
CA GLY C 294 23.38 46.41 -94.90
C GLY C 294 24.44 46.83 -93.92
N ASP C 295 24.25 47.99 -93.29
CA ASP C 295 25.14 48.47 -92.25
C ASP C 295 24.31 49.12 -91.15
N VAL C 296 24.99 49.56 -90.09
CA VAL C 296 24.33 50.24 -88.98
C VAL C 296 25.11 51.51 -88.66
N PHE C 297 24.38 52.63 -88.55
CA PHE C 297 25.00 53.88 -88.14
C PHE C 297 25.28 53.80 -86.65
N SER C 298 26.48 53.41 -86.27
CA SER C 298 26.88 53.32 -84.87
C SER C 298 28.23 54.00 -84.71
N PRO C 299 28.27 55.32 -84.61
CA PRO C 299 29.54 56.00 -84.36
C PRO C 299 29.97 55.81 -82.92
N VAL C 300 31.24 56.07 -82.66
CA VAL C 300 31.82 55.93 -81.33
C VAL C 300 32.33 57.30 -80.91
N PHE C 301 31.88 57.74 -79.73
CA PHE C 301 32.25 59.03 -79.18
C PHE C 301 33.33 58.85 -78.12
N GLU C 302 34.37 59.68 -78.18
CA GLU C 302 35.40 59.69 -77.15
C GLU C 302 35.70 61.13 -76.75
N PRO C 303 35.92 61.41 -75.47
CA PRO C 303 36.26 62.78 -75.08
C PRO C 303 37.70 63.10 -75.45
N VAL C 304 37.95 64.36 -75.75
CA VAL C 304 39.31 64.79 -75.99
C VAL C 304 39.81 65.45 -74.71
N GLN C 305 41.10 65.31 -74.40
CA GLN C 305 41.66 65.80 -73.15
C GLN C 305 42.12 67.25 -73.22
N VAL C 306 41.50 68.06 -74.06
CA VAL C 306 41.81 69.47 -74.09
C VAL C 306 40.90 70.18 -73.10
N GLU C 307 41.33 71.36 -72.64
CA GLU C 307 40.57 72.18 -71.71
C GLU C 307 39.62 73.12 -72.43
N VAL C 308 39.88 73.42 -73.69
CA VAL C 308 39.26 74.54 -74.39
C VAL C 308 38.95 74.12 -75.82
N GLY C 309 37.75 74.45 -76.29
CA GLY C 309 37.42 74.22 -77.68
C GLY C 309 38.20 75.15 -78.59
N PHE C 310 38.69 74.59 -79.69
CA PHE C 310 39.41 75.32 -80.72
C PHE C 310 38.65 75.23 -82.04
N HIS C 311 39.13 76.02 -83.00
CA HIS C 311 38.71 75.97 -84.41
C HIS C 311 37.23 76.23 -84.60
N THR C 312 36.65 77.07 -83.77
CA THR C 312 35.28 77.47 -84.01
C THR C 312 35.25 78.93 -84.44
N PRO C 313 34.21 79.36 -85.17
CA PRO C 313 34.07 80.80 -85.45
C PRO C 313 33.62 81.62 -84.25
N ARG C 314 33.25 80.97 -83.14
CA ARG C 314 32.80 81.69 -81.96
C ARG C 314 33.94 82.33 -81.18
N LEU C 315 35.19 82.08 -81.55
CA LEU C 315 36.34 82.71 -80.93
C LEU C 315 36.84 83.89 -81.74
N SER C 316 35.92 84.64 -82.35
CA SER C 316 36.29 85.70 -83.29
C SER C 316 36.86 86.93 -82.59
N ASP C 317 36.73 87.05 -81.27
CA ASP C 317 37.30 88.21 -80.59
C ASP C 317 38.74 87.97 -80.18
N GLY C 318 39.16 86.71 -80.11
CA GLY C 318 40.50 86.38 -79.66
C GLY C 318 41.58 86.90 -80.58
N ILE C 319 41.28 87.01 -81.88
CA ILE C 319 42.27 87.54 -82.81
C ILE C 319 42.50 89.03 -82.57
N ASP C 320 41.44 89.77 -82.19
CA ASP C 320 41.63 91.18 -81.86
C ASP C 320 42.33 91.35 -80.52
N ILE C 321 42.08 90.44 -79.57
CA ILE C 321 42.80 90.47 -78.30
C ILE C 321 44.29 90.23 -78.52
N VAL C 322 44.63 89.27 -79.39
CA VAL C 322 46.02 88.98 -79.71
C VAL C 322 46.64 90.14 -80.48
N ALA C 323 45.86 90.82 -81.34
CA ALA C 323 46.38 91.98 -82.04
C ALA C 323 46.68 93.13 -81.09
N GLY C 324 45.81 93.36 -80.12
CA GLY C 324 46.06 94.39 -79.12
C GLY C 324 47.26 94.09 -78.24
N TRP C 325 47.39 92.83 -77.82
CA TRP C 325 48.55 92.48 -77.00
C TRP C 325 49.84 92.47 -77.82
N ALA C 326 49.75 92.18 -79.13
CA ALA C 326 50.93 92.22 -79.97
C ALA C 326 51.40 93.64 -80.19
N GLU C 327 50.47 94.58 -80.40
CA GLU C 327 50.89 95.97 -80.56
C GLU C 327 51.27 96.62 -79.24
N LYS C 328 50.80 96.08 -78.10
CA LYS C 328 51.34 96.54 -76.83
C LYS C 328 52.71 95.96 -76.54
N ALA C 329 53.00 94.78 -77.07
CA ALA C 329 54.33 94.20 -76.95
C ALA C 329 55.19 94.68 -78.10
N GLY C 330 56.41 94.18 -78.20
CA GLY C 330 57.36 94.64 -79.19
C GLY C 330 57.38 93.91 -80.50
N LEU C 331 56.47 92.97 -80.71
CA LEU C 331 56.47 92.17 -81.93
C LEU C 331 55.39 92.65 -82.89
N ASP C 332 55.38 92.06 -84.09
CA ASP C 332 54.54 92.53 -85.19
C ASP C 332 53.07 92.15 -84.96
N VAL C 333 52.23 92.55 -85.91
CA VAL C 333 50.80 92.33 -85.80
C VAL C 333 50.27 91.41 -86.90
N ALA C 334 50.90 91.39 -88.08
CA ALA C 334 50.33 90.69 -89.22
C ALA C 334 50.41 89.17 -89.07
N LEU C 335 51.62 88.67 -88.80
CA LEU C 335 51.80 87.23 -88.61
C LEU C 335 51.16 86.77 -87.32
N ALA C 336 51.05 87.66 -86.34
CA ALA C 336 50.34 87.36 -85.10
C ALA C 336 48.85 87.11 -85.37
N ARG C 337 48.22 88.03 -86.09
CA ARG C 337 46.81 87.89 -86.44
C ARG C 337 46.58 86.70 -87.35
N GLU C 338 47.54 86.41 -88.23
CA GLU C 338 47.44 85.27 -89.14
C GLU C 338 47.49 83.94 -88.39
N LEU C 339 48.44 83.80 -87.48
CA LEU C 339 48.54 82.56 -86.71
C LEU C 339 47.39 82.41 -85.73
N ALA C 340 46.86 83.53 -85.21
CA ALA C 340 45.67 83.47 -84.37
C ALA C 340 44.46 83.00 -85.17
N ASP C 341 44.33 83.45 -86.41
CA ASP C 341 43.30 82.93 -87.31
C ASP C 341 43.50 81.45 -87.55
N ALA C 342 44.75 81.03 -87.76
CA ALA C 342 45.03 79.67 -88.16
C ALA C 342 44.84 78.68 -87.01
N ILE C 343 44.97 79.11 -85.77
CA ILE C 343 44.87 78.19 -84.64
C ILE C 343 43.59 78.38 -83.83
N LEU C 344 42.86 79.47 -84.04
CA LEU C 344 41.64 79.69 -83.26
C LEU C 344 40.36 79.52 -84.03
N ILE C 345 40.33 79.86 -85.32
CA ILE C 345 39.11 79.93 -86.10
C ILE C 345 39.16 78.99 -87.30
N ARG C 346 40.19 79.13 -88.14
CA ARG C 346 40.26 78.42 -89.41
C ARG C 346 40.52 76.94 -89.18
N LYS C 347 39.65 76.10 -89.74
CA LYS C 347 39.69 74.67 -89.51
C LYS C 347 40.87 74.03 -90.25
N VAL C 348 41.07 72.74 -89.98
CA VAL C 348 42.19 72.00 -90.57
C VAL C 348 41.64 70.75 -91.22
N ASP C 349 42.43 70.17 -92.13
CA ASP C 349 42.01 68.99 -92.90
C ASP C 349 43.23 68.08 -93.04
N TRP C 350 43.30 67.09 -92.16
CA TRP C 350 44.51 66.29 -92.05
C TRP C 350 44.65 65.32 -93.20
N VAL C 351 43.52 64.91 -93.80
CA VAL C 351 43.55 63.95 -94.89
C VAL C 351 44.17 64.56 -96.13
N ASP C 352 43.68 65.72 -96.57
CA ASP C 352 44.31 66.27 -97.76
C ASP C 352 45.66 66.90 -97.44
N GLU C 353 45.94 67.20 -96.16
CA GLU C 353 47.30 67.56 -95.80
C GLU C 353 48.28 66.40 -96.04
N ILE C 354 47.93 65.19 -95.60
CA ILE C 354 48.88 64.10 -95.79
C ILE C 354 48.88 63.62 -97.24
N THR C 355 47.79 63.82 -97.99
CA THR C 355 47.89 63.48 -99.41
C THR C 355 48.68 64.53 -100.17
N ARG C 356 48.72 65.77 -99.69
CA ARG C 356 49.66 66.74 -100.24
C ARG C 356 51.09 66.32 -99.95
N VAL C 357 51.33 65.75 -98.76
CA VAL C 357 52.63 65.19 -98.43
C VAL C 357 53.00 64.07 -99.40
N HIS C 358 52.07 63.15 -99.65
CA HIS C 358 52.37 62.03 -100.52
C HIS C 358 52.47 62.44 -101.99
N ALA C 359 51.77 63.50 -102.38
CA ALA C 359 51.94 64.04 -103.72
C ALA C 359 53.28 64.74 -103.86
N ALA C 360 53.80 65.31 -102.78
CA ALA C 360 55.19 65.75 -102.78
C ALA C 360 56.13 64.56 -102.87
N GLY C 361 55.74 63.43 -102.32
CA GLY C 361 56.44 62.18 -102.56
C GLY C 361 57.39 61.73 -101.49
N ALA C 362 57.11 62.01 -100.22
CA ALA C 362 58.00 61.62 -99.15
C ALA C 362 57.83 60.14 -98.86
N ARG C 363 58.89 59.36 -99.02
CA ARG C 363 58.84 57.94 -98.74
C ARG C 363 59.10 57.61 -97.28
N TRP C 364 59.40 58.61 -96.45
CA TRP C 364 59.43 58.43 -95.01
C TRP C 364 58.79 59.64 -94.35
N ILE C 365 58.31 59.46 -93.13
CA ILE C 365 57.68 60.57 -92.42
C ILE C 365 58.08 60.53 -90.95
N LEU C 366 58.89 61.50 -90.54
CA LEU C 366 59.15 61.78 -89.14
C LEU C 366 57.95 62.49 -88.55
N ASP C 367 57.69 62.26 -87.28
CA ASP C 367 56.94 63.27 -86.54
C ASP C 367 57.70 63.63 -85.28
N LEU C 368 57.53 64.88 -84.88
CA LEU C 368 58.29 65.46 -83.79
C LEU C 368 57.45 65.81 -82.59
N GLY C 369 56.13 65.68 -82.69
CA GLY C 369 55.21 66.14 -81.68
C GLY C 369 55.30 65.37 -80.37
N PRO C 370 54.62 65.86 -79.35
CA PRO C 370 54.69 65.21 -78.03
C PRO C 370 53.95 63.89 -78.04
N GLY C 371 54.59 62.87 -77.48
CA GLY C 371 53.99 61.56 -77.42
C GLY C 371 53.94 60.88 -78.79
N ASP C 372 53.02 59.93 -78.89
CA ASP C 372 52.81 59.16 -80.12
C ASP C 372 51.38 59.28 -80.62
N ILE C 373 50.66 60.34 -80.23
CA ILE C 373 49.30 60.52 -80.70
C ILE C 373 49.28 60.81 -82.19
N LEU C 374 50.33 61.45 -82.72
CA LEU C 374 50.32 61.74 -84.14
C LEU C 374 50.63 60.50 -84.96
N THR C 375 51.45 59.59 -84.42
CA THR C 375 51.63 58.29 -85.07
C THR C 375 50.34 57.49 -85.05
N ARG C 376 49.69 57.43 -83.89
CA ARG C 376 48.45 56.66 -83.77
C ARG C 376 47.28 57.32 -84.48
N LEU C 377 47.41 58.57 -84.91
CA LEU C 377 46.42 59.21 -85.75
C LEU C 377 46.76 59.15 -87.23
N THR C 378 48.03 59.08 -87.59
CA THR C 378 48.39 59.02 -89.00
C THR C 378 48.45 57.62 -89.55
N ALA C 379 48.52 56.60 -88.68
CA ALA C 379 48.59 55.23 -89.20
C ALA C 379 47.38 54.79 -90.02
N PRO C 380 46.11 55.03 -89.63
CA PRO C 380 45.02 54.62 -90.51
C PRO C 380 44.85 55.47 -91.76
N VAL C 381 45.57 56.58 -91.91
CA VAL C 381 45.37 57.43 -93.07
C VAL C 381 46.48 57.27 -94.12
N ILE C 382 47.67 56.83 -93.74
CA ILE C 382 48.65 56.35 -94.70
C ILE C 382 48.80 54.83 -94.59
N ARG C 383 47.75 54.18 -94.08
CA ARG C 383 47.70 52.73 -93.93
C ARG C 383 47.98 51.99 -95.25
N GLY C 384 47.41 52.47 -96.34
CA GLY C 384 47.57 51.75 -97.59
C GLY C 384 48.40 52.46 -98.64
N LEU C 385 49.49 53.10 -98.24
CA LEU C 385 50.29 53.87 -99.17
C LEU C 385 51.75 53.47 -99.21
N GLY C 386 52.24 52.72 -98.23
CA GLY C 386 53.63 52.31 -98.23
C GLY C 386 54.58 53.38 -97.77
N ILE C 387 54.21 54.16 -96.75
CA ILE C 387 55.05 55.19 -96.18
C ILE C 387 55.29 54.83 -94.71
N GLY C 388 56.52 55.01 -94.25
CA GLY C 388 56.89 54.61 -92.91
C GLY C 388 56.97 55.80 -91.96
N ILE C 389 56.21 55.71 -90.87
CA ILE C 389 56.26 56.72 -89.82
C ILE C 389 57.39 56.39 -88.87
N VAL C 390 58.00 57.44 -88.30
CA VAL C 390 58.96 57.30 -87.22
C VAL C 390 58.71 58.33 -86.13
N PRO C 391 58.53 57.91 -84.88
CA PRO C 391 58.36 58.87 -83.79
C PRO C 391 59.67 59.48 -83.37
N ALA C 392 59.62 60.75 -82.98
CA ALA C 392 60.69 61.34 -82.20
C ALA C 392 60.20 61.47 -80.76
N ALA C 393 61.06 62.06 -79.92
CA ALA C 393 60.77 62.38 -78.51
C ALA C 393 60.34 61.16 -77.70
N THR C 394 60.83 59.99 -78.08
CA THR C 394 60.46 58.74 -77.44
C THR C 394 61.70 57.88 -77.44
N ARG C 395 61.90 57.09 -76.38
CA ARG C 395 63.05 56.18 -76.36
C ARG C 395 62.92 55.12 -77.44
N GLY C 396 61.71 54.60 -77.64
CA GLY C 396 61.47 53.67 -78.74
C GLY C 396 61.67 54.32 -80.09
N GLY C 397 61.27 55.58 -80.22
CA GLY C 397 61.48 56.29 -81.46
C GLY C 397 62.95 56.56 -81.74
N GLN C 398 63.72 56.86 -80.70
CA GLN C 398 65.14 57.10 -80.88
C GLN C 398 65.89 55.82 -81.19
N ARG C 399 65.51 54.69 -80.57
CA ARG C 399 66.20 53.45 -80.90
C ARG C 399 65.80 52.94 -82.28
N ASN C 400 64.55 53.18 -82.71
CA ASN C 400 64.17 52.86 -84.09
C ASN C 400 64.78 53.82 -85.09
N LEU C 401 65.13 55.02 -84.65
CA LEU C 401 65.70 56.02 -85.53
C LEU C 401 67.22 55.90 -85.62
N PHE C 402 67.84 55.25 -84.63
CA PHE C 402 69.29 55.21 -84.53
C PHE C 402 69.90 53.82 -84.67
N THR C 403 69.25 52.77 -84.19
CA THR C 403 69.85 51.44 -84.24
C THR C 403 69.78 50.91 -85.67
N VAL C 404 70.88 50.33 -86.15
CA VAL C 404 70.94 49.80 -87.51
C VAL C 404 70.02 48.58 -87.65
N GLY C 405 70.08 47.67 -86.68
CA GLY C 405 69.24 46.49 -86.71
C GLY C 405 67.79 46.71 -86.37
N ALA C 406 67.42 47.91 -85.91
CA ALA C 406 66.05 48.22 -85.52
C ALA C 406 65.54 49.39 -86.36
N THR C 407 64.96 49.06 -87.52
CA THR C 407 64.29 49.98 -88.39
C THR C 407 62.84 49.53 -88.59
N PRO C 408 61.90 50.45 -88.77
CA PRO C 408 60.50 50.03 -88.89
C PRO C 408 60.23 49.33 -90.21
N GLU C 409 59.27 48.41 -90.19
CA GLU C 409 58.95 47.59 -91.34
C GLU C 409 57.78 48.21 -92.09
N VAL C 410 58.06 48.81 -93.24
CA VAL C 410 57.05 49.46 -94.05
C VAL C 410 56.27 48.38 -94.80
N ALA C 411 54.95 48.38 -94.63
CA ALA C 411 54.12 47.43 -95.33
C ALA C 411 54.04 47.76 -96.81
N ARG C 412 53.62 46.78 -97.60
CA ARG C 412 53.64 46.92 -99.04
C ARG C 412 52.47 47.76 -99.53
N ALA C 413 52.66 48.41 -100.67
CA ALA C 413 51.59 49.18 -101.29
C ALA C 413 50.60 48.24 -101.99
N TRP C 414 49.53 48.83 -102.53
CA TRP C 414 48.44 48.03 -103.09
C TRP C 414 48.45 48.02 -104.62
N SER C 415 49.06 49.04 -105.22
CA SER C 415 49.39 48.97 -106.64
C SER C 415 50.36 47.85 -106.96
N SER C 416 51.12 47.35 -105.97
CA SER C 416 51.89 46.14 -106.17
C SER C 416 50.98 44.93 -106.25
N TYR C 417 49.89 44.91 -105.47
CA TYR C 417 48.98 43.78 -105.53
C TYR C 417 48.07 43.80 -106.75
N ALA C 418 48.04 44.91 -107.48
CA ALA C 418 47.35 44.96 -108.77
C ALA C 418 47.86 43.86 -109.71
N PRO C 419 46.99 43.21 -110.48
CA PRO C 419 47.37 41.98 -111.18
C PRO C 419 48.19 42.24 -112.44
N THR C 420 48.64 41.15 -113.07
CA THR C 420 49.58 41.26 -114.18
C THR C 420 49.14 40.30 -115.29
N VAL C 421 49.79 40.41 -116.45
CA VAL C 421 49.44 39.63 -117.65
C VAL C 421 50.64 38.76 -118.02
N VAL C 422 50.39 37.49 -118.34
CA VAL C 422 51.46 36.60 -118.80
C VAL C 422 51.04 35.97 -120.11
N ARG C 423 52.02 35.41 -120.82
CA ARG C 423 51.81 34.68 -122.06
C ARG C 423 52.32 33.26 -121.92
N LEU C 424 51.43 32.30 -122.08
CA LEU C 424 51.77 30.89 -122.03
C LEU C 424 52.51 30.50 -123.31
N PRO C 425 53.33 29.42 -123.27
CA PRO C 425 54.16 29.09 -124.43
C PRO C 425 53.43 28.50 -125.63
N ASP C 426 52.11 28.49 -125.63
CA ASP C 426 51.36 28.19 -126.85
C ASP C 426 50.78 29.43 -127.51
N GLY C 427 51.09 30.61 -126.98
CA GLY C 427 50.57 31.85 -127.52
C GLY C 427 49.34 32.37 -126.83
N ARG C 428 48.79 31.64 -125.87
CA ARG C 428 47.65 32.13 -125.12
C ARG C 428 48.09 33.20 -124.13
N VAL C 429 47.20 34.13 -123.85
CA VAL C 429 47.47 35.27 -123.00
C VAL C 429 46.55 35.21 -121.80
N LYS C 430 47.12 35.05 -120.61
CA LYS C 430 46.32 34.77 -119.42
C LYS C 430 46.65 35.75 -118.30
N LEU C 431 45.79 35.75 -117.30
CA LEU C 431 45.90 36.66 -116.18
C LEU C 431 46.70 36.00 -115.05
N SER C 432 47.50 36.80 -114.35
CA SER C 432 48.31 36.30 -113.25
C SER C 432 48.02 37.16 -112.03
N THR C 433 47.38 36.55 -111.05
CA THR C 433 47.25 37.04 -109.68
C THR C 433 47.98 36.08 -108.77
N LYS C 434 48.05 36.41 -107.49
CA LYS C 434 48.78 35.53 -106.60
C LYS C 434 48.01 34.27 -106.25
N PHE C 435 46.70 34.23 -106.50
CA PHE C 435 45.98 32.96 -106.43
C PHE C 435 46.45 32.03 -107.54
N THR C 436 46.59 32.55 -108.75
CA THR C 436 47.11 31.75 -109.85
C THR C 436 48.55 31.34 -109.58
N ARG C 437 49.31 32.23 -108.96
CA ARG C 437 50.68 31.90 -108.58
C ARG C 437 50.72 30.80 -107.52
N LEU C 438 49.76 30.79 -106.61
CA LEU C 438 49.73 29.76 -105.58
C LEU C 438 49.30 28.42 -106.16
N THR C 439 48.10 28.37 -106.72
CA THR C 439 47.57 27.09 -107.20
C THR C 439 48.15 26.72 -108.56
N GLY C 440 47.89 27.53 -109.57
CA GLY C 440 48.27 27.18 -110.93
C GLY C 440 47.07 27.16 -111.83
N ARG C 441 45.96 27.71 -111.34
CA ARG C 441 44.69 27.67 -112.04
C ARG C 441 44.13 29.07 -112.17
N SER C 442 43.08 29.20 -112.97
CA SER C 442 42.54 30.49 -113.36
C SER C 442 41.84 31.15 -112.18
N PRO C 443 41.87 32.49 -112.10
CA PRO C 443 41.32 33.16 -110.92
C PRO C 443 39.81 33.18 -110.84
N ILE C 444 39.12 32.69 -111.84
CA ILE C 444 37.68 32.49 -111.76
C ILE C 444 37.46 31.10 -111.19
N LEU C 445 36.64 31.00 -110.15
CA LEU C 445 36.48 29.74 -109.45
C LEU C 445 35.14 29.13 -109.79
N LEU C 446 34.83 28.01 -109.14
CA LEU C 446 33.54 27.36 -109.28
C LEU C 446 33.20 26.77 -107.93
N ALA C 447 32.26 27.39 -107.24
CA ALA C 447 32.03 27.11 -105.83
C ALA C 447 31.33 25.78 -105.63
N GLY C 448 31.40 25.29 -104.40
CA GLY C 448 30.68 24.09 -104.03
C GLY C 448 29.23 24.42 -103.77
N MET C 449 28.33 23.75 -104.49
CA MET C 449 26.91 24.06 -104.46
C MET C 449 26.15 22.75 -104.31
N THR C 450 25.33 22.63 -103.26
CA THR C 450 24.75 21.33 -102.94
C THR C 450 23.73 20.77 -103.94
N PRO C 451 22.88 21.55 -104.62
CA PRO C 451 22.15 20.92 -105.72
C PRO C 451 22.97 20.83 -106.98
N THR C 452 23.76 21.86 -107.28
CA THR C 452 24.30 22.02 -108.63
C THR C 452 25.61 21.25 -108.82
N THR C 453 26.61 21.54 -108.00
CA THR C 453 27.92 20.90 -108.15
C THR C 453 28.04 19.64 -107.33
N VAL C 454 26.94 18.93 -107.13
CA VAL C 454 26.99 17.59 -106.54
C VAL C 454 27.25 16.54 -107.61
N ASP C 455 27.46 16.95 -108.85
CA ASP C 455 27.52 16.02 -109.96
C ASP C 455 28.87 16.03 -110.67
N ALA C 456 29.29 14.82 -111.03
CA ALA C 456 30.61 14.58 -111.59
C ALA C 456 30.79 15.24 -112.94
N LYS C 457 29.72 15.40 -113.71
CA LYS C 457 29.81 15.96 -115.05
C LYS C 457 30.27 17.41 -115.02
N ILE C 458 29.58 18.25 -114.23
CA ILE C 458 29.95 19.66 -114.18
C ILE C 458 31.27 19.85 -113.45
N VAL C 459 31.53 19.08 -112.39
CA VAL C 459 32.78 19.36 -111.68
C VAL C 459 33.99 18.84 -112.49
N ALA C 460 33.82 17.77 -113.25
CA ALA C 460 34.91 17.30 -114.09
C ALA C 460 35.11 18.17 -115.31
N ALA C 461 34.04 18.72 -115.89
CA ALA C 461 34.22 19.61 -117.03
C ALA C 461 34.88 20.91 -116.61
N ALA C 462 34.51 21.44 -115.44
CA ALA C 462 35.15 22.66 -114.96
C ALA C 462 36.59 22.41 -114.55
N ALA C 463 36.92 21.20 -114.09
CA ALA C 463 38.32 20.91 -113.82
C ALA C 463 39.13 20.65 -115.07
N ASN C 464 38.52 20.08 -116.11
CA ASN C 464 39.26 19.87 -117.35
C ASN C 464 39.46 21.17 -118.11
N ALA C 465 38.60 22.15 -117.87
CA ALA C 465 38.80 23.46 -118.50
C ALA C 465 39.98 24.22 -117.91
N GLY C 466 40.51 23.79 -116.77
CA GLY C 466 41.62 24.47 -116.13
C GLY C 466 41.16 25.48 -115.12
N HIS C 467 40.27 25.08 -114.22
CA HIS C 467 39.69 26.00 -113.26
C HIS C 467 39.54 25.32 -111.91
N TRP C 468 39.36 26.12 -110.89
CA TRP C 468 39.10 25.61 -109.55
C TRP C 468 37.69 25.05 -109.49
N ALA C 469 37.54 23.77 -109.76
CA ALA C 469 36.27 23.09 -109.65
C ALA C 469 36.17 22.47 -108.27
N GLU C 470 34.94 22.33 -107.77
CA GLU C 470 34.73 21.99 -106.38
C GLU C 470 33.51 21.10 -106.24
N LEU C 471 33.74 19.81 -106.02
CA LEU C 471 32.66 18.87 -105.81
C LEU C 471 31.98 19.15 -104.48
N ALA C 472 30.65 19.19 -104.50
CA ALA C 472 29.91 19.53 -103.30
C ALA C 472 29.95 18.38 -102.31
N GLY C 473 29.67 18.69 -101.06
CA GLY C 473 29.77 17.69 -100.02
C GLY C 473 28.44 17.40 -99.37
N GLY C 474 27.47 18.25 -99.62
CA GLY C 474 26.17 18.10 -99.01
C GLY C 474 25.23 17.12 -99.69
N GLY C 475 25.73 16.32 -100.63
CA GLY C 475 24.88 15.33 -101.26
C GLY C 475 25.42 13.93 -101.15
N GLN C 476 26.71 13.78 -100.89
CA GLN C 476 27.34 12.49 -100.71
C GLN C 476 27.04 12.08 -99.27
N VAL C 477 25.88 11.47 -99.07
CA VAL C 477 25.41 11.19 -97.73
C VAL C 477 25.77 9.78 -97.24
N THR C 478 26.12 8.87 -98.14
CA THR C 478 26.49 7.52 -97.75
C THR C 478 27.78 7.09 -98.44
N GLU C 479 28.35 6.00 -97.91
CA GLU C 479 29.63 5.50 -98.38
C GLU C 479 29.56 4.99 -99.80
N GLU C 480 28.43 4.38 -100.18
CA GLU C 480 28.29 3.85 -101.52
C GLU C 480 28.22 4.97 -102.55
N ILE C 481 27.46 6.03 -102.24
CA ILE C 481 27.36 7.17 -103.13
C ILE C 481 28.70 7.88 -103.23
N PHE C 482 29.43 7.95 -102.12
CA PHE C 482 30.74 8.62 -102.10
C PHE C 482 31.73 7.87 -102.97
N GLY C 483 31.84 6.55 -102.78
CA GLY C 483 32.74 5.75 -103.61
C GLY C 483 32.35 5.74 -105.07
N ASN C 484 31.05 5.76 -105.37
CA ASN C 484 30.61 5.81 -106.76
C ASN C 484 30.97 7.14 -107.41
N ARG C 485 30.90 8.25 -106.67
CA ARG C 485 31.25 9.52 -107.29
C ARG C 485 32.75 9.66 -107.45
N ILE C 486 33.55 9.11 -106.54
CA ILE C 486 34.99 9.09 -106.75
C ILE C 486 35.34 8.26 -107.98
N GLU C 487 34.64 7.15 -108.19
CA GLU C 487 34.84 6.33 -109.38
C GLU C 487 34.45 7.08 -110.65
N GLN C 488 33.34 7.82 -110.61
CA GLN C 488 32.92 8.60 -111.77
C GLN C 488 33.93 9.69 -112.12
N MET C 489 34.46 10.37 -111.10
CA MET C 489 35.43 11.43 -111.36
C MET C 489 36.72 10.89 -111.93
N ALA C 490 37.18 9.74 -111.41
CA ALA C 490 38.35 9.10 -111.98
C ALA C 490 38.10 8.64 -113.41
N GLY C 491 36.86 8.28 -113.74
CA GLY C 491 36.55 7.98 -115.12
C GLY C 491 36.54 9.20 -116.02
N LEU C 492 36.04 10.32 -115.51
CA LEU C 492 35.79 11.47 -116.36
C LEU C 492 36.99 12.36 -116.59
N LEU C 493 37.92 12.47 -115.65
CA LEU C 493 39.03 13.38 -115.86
C LEU C 493 40.03 12.80 -116.86
N GLU C 494 40.73 13.69 -117.57
CA GLU C 494 41.88 13.26 -118.34
C GLU C 494 43.09 13.13 -117.42
N PRO C 495 44.15 12.45 -117.84
CA PRO C 495 45.38 12.40 -117.02
C PRO C 495 45.97 13.78 -116.75
N GLY C 496 46.25 14.02 -115.47
CA GLY C 496 46.90 15.23 -115.02
C GLY C 496 46.01 16.15 -114.22
N ARG C 497 44.74 16.26 -114.59
CA ARG C 497 43.88 17.24 -113.96
C ARG C 497 43.43 16.75 -112.58
N THR C 498 43.18 17.72 -111.71
CA THR C 498 42.76 17.47 -110.34
C THR C 498 41.48 18.22 -110.06
N TYR C 499 40.84 17.89 -108.94
CA TYR C 499 39.63 18.59 -108.51
C TYR C 499 39.69 18.74 -107.00
N GLN C 500 38.70 19.46 -106.46
CA GLN C 500 38.71 19.82 -105.06
C GLN C 500 37.48 19.25 -104.38
N PHE C 501 37.27 19.61 -103.13
CA PHE C 501 36.18 19.04 -102.36
C PHE C 501 35.68 20.06 -101.36
N ASN C 502 34.38 20.09 -101.15
CA ASN C 502 33.74 20.99 -100.20
C ASN C 502 33.22 20.16 -99.03
N ALA C 503 33.38 20.67 -97.82
CA ALA C 503 32.95 19.93 -96.64
C ALA C 503 32.17 20.86 -95.73
N LEU C 504 30.91 20.54 -95.50
CA LEU C 504 30.13 21.31 -94.54
C LEU C 504 30.58 20.98 -93.13
N PHE C 505 30.80 22.01 -92.32
CA PHE C 505 31.38 21.79 -91.00
C PHE C 505 30.34 21.59 -89.92
N LEU C 506 29.32 22.44 -89.86
CA LEU C 506 28.35 22.38 -88.78
C LEU C 506 27.21 21.40 -89.05
N ASP C 507 27.30 20.62 -90.13
CA ASP C 507 26.42 19.48 -90.31
C ASP C 507 27.10 18.30 -89.65
N PRO C 508 26.62 17.82 -88.50
CA PRO C 508 27.42 16.91 -87.68
C PRO C 508 27.61 15.51 -88.27
N TYR C 509 26.52 14.87 -88.71
CA TYR C 509 26.63 13.53 -89.28
C TYR C 509 27.42 13.53 -90.57
N LEU C 510 27.19 14.55 -91.39
CA LEU C 510 27.90 14.65 -92.66
C LEU C 510 29.37 14.96 -92.43
N TRP C 511 29.70 15.75 -91.40
CA TRP C 511 31.10 16.06 -91.11
C TRP C 511 31.83 14.84 -90.57
N LYS C 512 31.17 14.08 -89.69
CA LYS C 512 31.80 12.85 -89.19
C LYS C 512 31.96 11.81 -90.29
N LEU C 513 31.08 11.81 -91.28
CA LEU C 513 31.25 10.85 -92.36
C LEU C 513 32.33 11.31 -93.34
N GLN C 514 32.39 12.60 -93.65
CA GLN C 514 33.35 13.06 -94.65
C GLN C 514 34.76 13.13 -94.08
N VAL C 515 34.94 13.86 -92.98
CA VAL C 515 36.27 14.24 -92.50
C VAL C 515 36.55 13.68 -91.11
N GLY C 516 35.67 13.96 -90.15
CA GLY C 516 35.97 13.67 -88.76
C GLY C 516 36.02 12.22 -88.33
N GLY C 517 34.87 11.55 -88.26
CA GLY C 517 34.82 10.23 -87.69
C GLY C 517 35.40 9.16 -88.58
N LYS C 518 34.72 8.83 -89.67
CA LYS C 518 35.41 8.17 -90.75
C LYS C 518 36.18 9.21 -91.53
N ARG C 519 37.22 8.78 -92.22
CA ARG C 519 38.04 9.72 -92.95
C ARG C 519 37.94 9.33 -94.42
N LEU C 520 36.84 9.71 -95.06
CA LEU C 520 36.62 9.20 -96.41
C LEU C 520 37.41 10.00 -97.43
N VAL C 521 37.53 11.31 -97.22
CA VAL C 521 38.35 12.13 -98.10
C VAL C 521 39.82 11.76 -97.97
N GLN C 522 40.27 11.50 -96.74
CA GLN C 522 41.64 11.08 -96.50
C GLN C 522 41.91 9.71 -97.10
N LYS C 523 40.97 8.78 -96.98
CA LYS C 523 41.17 7.45 -97.55
C LYS C 523 41.16 7.49 -99.07
N ALA C 524 40.33 8.35 -99.65
CA ALA C 524 40.34 8.49 -101.11
C ALA C 524 41.64 9.12 -101.59
N ARG C 525 42.19 10.06 -100.82
CA ARG C 525 43.46 10.67 -101.21
C ARG C 525 44.61 9.68 -101.06
N GLN C 526 44.60 8.89 -100.00
CA GLN C 526 45.65 7.88 -99.83
C GLN C 526 45.52 6.77 -100.85
N SER C 527 44.30 6.49 -101.33
CA SER C 527 44.16 5.53 -102.42
C SER C 527 44.63 6.12 -103.73
N GLY C 528 44.55 7.44 -103.89
CA GLY C 528 45.15 8.05 -105.05
C GLY C 528 44.18 8.84 -105.90
N ALA C 529 43.09 9.31 -105.30
CA ALA C 529 42.21 10.22 -106.01
C ALA C 529 42.87 11.58 -106.16
N ALA C 530 42.32 12.39 -107.06
CA ALA C 530 42.98 13.64 -107.44
C ALA C 530 42.52 14.82 -106.60
N ILE C 531 42.19 14.62 -105.34
CA ILE C 531 41.76 15.72 -104.48
C ILE C 531 42.98 16.47 -103.98
N ASP C 532 43.10 17.74 -104.36
CA ASP C 532 44.17 18.58 -103.84
C ASP C 532 43.64 19.80 -103.11
N GLY C 533 42.47 19.70 -102.50
CA GLY C 533 41.92 20.84 -101.81
C GLY C 533 40.64 20.54 -101.08
N VAL C 534 40.55 21.00 -99.83
CA VAL C 534 39.35 20.85 -99.01
C VAL C 534 38.91 22.24 -98.58
N VAL C 535 37.65 22.54 -98.82
CA VAL C 535 37.06 23.83 -98.51
C VAL C 535 36.19 23.66 -97.29
N ILE C 536 36.50 24.36 -96.21
CA ILE C 536 35.69 24.31 -95.00
C ILE C 536 34.66 25.43 -95.05
N SER C 537 33.39 25.03 -95.09
CA SER C 537 32.26 25.93 -95.25
C SER C 537 31.39 25.89 -94.00
N ALA C 538 30.66 27.00 -93.80
CA ALA C 538 29.65 27.17 -92.76
C ALA C 538 30.24 26.98 -91.36
N GLY C 539 31.15 27.89 -91.02
CA GLY C 539 31.75 27.89 -89.69
C GLY C 539 33.26 27.80 -89.72
N ILE C 540 33.91 28.32 -88.69
CA ILE C 540 35.36 28.28 -88.57
C ILE C 540 35.69 27.56 -87.27
N PRO C 541 36.55 26.55 -87.27
CA PRO C 541 36.95 25.89 -86.03
C PRO C 541 37.83 26.80 -85.19
N ASP C 542 38.05 26.38 -83.95
CA ASP C 542 38.93 27.11 -83.04
C ASP C 542 40.38 26.84 -83.39
N LEU C 543 41.28 27.41 -82.58
CA LEU C 543 42.70 27.51 -82.92
C LEU C 543 43.37 26.16 -83.01
N ASP C 544 43.32 25.39 -81.91
CA ASP C 544 44.10 24.17 -81.84
C ASP C 544 43.58 23.09 -82.78
N GLU C 545 42.26 22.91 -82.88
CA GLU C 545 41.78 21.88 -83.80
C GLU C 545 41.87 22.34 -85.25
N ALA C 546 41.88 23.66 -85.50
CA ALA C 546 42.11 24.13 -86.86
C ALA C 546 43.54 23.86 -87.29
N VAL C 547 44.51 24.14 -86.42
CA VAL C 547 45.91 23.88 -86.76
C VAL C 547 46.16 22.38 -86.89
N GLU C 548 45.50 21.57 -86.04
CA GLU C 548 45.55 20.13 -86.20
C GLU C 548 44.95 19.66 -87.51
N LEU C 549 43.92 20.36 -88.01
CA LEU C 549 43.31 19.96 -89.26
C LEU C 549 44.21 20.30 -90.45
N ILE C 550 44.82 21.50 -90.42
CA ILE C 550 45.79 21.86 -91.45
C ILE C 550 46.97 20.89 -91.46
N ASP C 551 47.45 20.48 -90.29
CA ASP C 551 48.59 19.57 -90.27
C ASP C 551 48.19 18.15 -90.65
N GLU C 552 46.97 17.73 -90.29
CA GLU C 552 46.49 16.41 -90.68
C GLU C 552 46.34 16.31 -92.19
N LEU C 553 45.79 17.33 -92.84
CA LEU C 553 45.64 17.26 -94.28
C LEU C 553 46.96 17.48 -95.01
N GLY C 554 47.85 18.31 -94.47
CA GLY C 554 49.16 18.45 -95.07
C GLY C 554 50.04 17.24 -94.90
N ASP C 555 49.72 16.37 -93.93
CA ASP C 555 50.40 15.09 -93.82
C ASP C 555 50.17 14.25 -95.07
N ILE C 556 48.91 13.98 -95.39
CA ILE C 556 48.62 13.13 -96.54
C ILE C 556 48.82 13.87 -97.86
N GLY C 557 48.86 15.21 -97.84
CA GLY C 557 49.21 15.94 -99.04
C GLY C 557 48.05 16.59 -99.74
N ILE C 558 47.11 17.15 -98.96
CA ILE C 558 46.01 17.89 -99.57
C ILE C 558 46.49 19.25 -100.05
N SER C 559 47.22 19.97 -99.20
CA SER C 559 47.98 21.18 -99.49
C SER C 559 47.15 22.39 -99.88
N HIS C 560 45.83 22.32 -99.84
CA HIS C 560 44.98 23.51 -99.97
C HIS C 560 43.79 23.35 -99.04
N VAL C 561 43.94 23.80 -97.81
CA VAL C 561 42.87 23.77 -96.84
C VAL C 561 42.35 25.20 -96.73
N VAL C 562 41.21 25.47 -97.32
CA VAL C 562 40.75 26.85 -97.39
C VAL C 562 39.56 27.02 -96.47
N PHE C 563 39.31 28.26 -96.08
CA PHE C 563 38.19 28.57 -95.20
C PHE C 563 37.26 29.53 -95.91
N LYS C 564 35.97 29.49 -95.58
CA LYS C 564 35.11 30.61 -95.96
C LYS C 564 34.39 31.16 -94.73
N PRO C 565 34.64 32.43 -94.38
CA PRO C 565 34.00 33.02 -93.21
C PRO C 565 32.75 33.80 -93.54
N GLY C 566 31.90 34.02 -92.55
CA GLY C 566 30.68 34.78 -92.77
C GLY C 566 30.75 36.24 -92.40
N THR C 567 31.17 36.53 -91.18
CA THR C 567 31.15 37.89 -90.63
C THR C 567 32.58 38.37 -90.36
N ILE C 568 32.67 39.56 -89.77
CA ILE C 568 33.97 40.21 -89.57
C ILE C 568 34.77 39.49 -88.50
N GLU C 569 34.11 39.03 -87.44
CA GLU C 569 34.83 38.27 -86.42
C GLU C 569 35.23 36.90 -86.93
N GLN C 570 34.40 36.32 -87.80
CA GLN C 570 34.77 35.11 -88.52
C GLN C 570 36.01 35.33 -89.38
N ILE C 571 36.16 36.53 -89.95
CA ILE C 571 37.36 36.83 -90.73
C ILE C 571 38.58 36.96 -89.81
N ARG C 572 38.45 37.72 -88.71
CA ARG C 572 39.58 37.95 -87.83
C ARG C 572 40.05 36.69 -87.13
N SER C 573 39.16 35.71 -86.96
CA SER C 573 39.59 34.42 -86.45
C SER C 573 40.53 33.71 -87.42
N VAL C 574 40.28 33.84 -88.73
CA VAL C 574 41.17 33.18 -89.66
C VAL C 574 42.46 33.98 -89.82
N ILE C 575 42.41 35.29 -89.60
CA ILE C 575 43.65 36.05 -89.48
C ILE C 575 44.49 35.56 -88.30
N ARG C 576 43.84 35.22 -87.19
CA ARG C 576 44.57 34.63 -86.06
C ARG C 576 45.13 33.25 -86.41
N ILE C 577 44.40 32.47 -87.22
CA ILE C 577 44.89 31.17 -87.68
C ILE C 577 46.15 31.34 -88.53
N ALA C 578 46.10 32.26 -89.49
CA ALA C 578 47.23 32.46 -90.38
C ALA C 578 48.39 33.17 -89.70
N THR C 579 48.15 33.82 -88.57
CA THR C 579 49.26 34.35 -87.79
C THR C 579 49.91 33.24 -86.97
N GLU C 580 49.11 32.39 -86.34
CA GLU C 580 49.68 31.32 -85.53
C GLU C 580 50.22 30.17 -86.38
N VAL C 581 49.98 30.17 -87.68
CA VAL C 581 50.67 29.27 -88.61
C VAL C 581 51.41 30.14 -89.62
N PRO C 582 52.70 30.40 -89.40
CA PRO C 582 53.37 31.42 -90.22
C PRO C 582 53.70 30.98 -91.63
N THR C 583 54.18 29.77 -91.82
CA THR C 583 54.77 29.41 -93.11
C THR C 583 53.75 28.86 -94.09
N LYS C 584 52.69 28.24 -93.63
CA LYS C 584 51.75 27.63 -94.55
C LYS C 584 50.84 28.70 -95.16
N PRO C 585 50.46 28.56 -96.42
CA PRO C 585 49.53 29.53 -97.03
C PRO C 585 48.07 29.17 -96.81
N VAL C 586 47.27 30.18 -96.49
CA VAL C 586 45.87 30.03 -96.12
C VAL C 586 45.03 30.83 -97.10
N ILE C 587 43.91 30.26 -97.53
CA ILE C 587 43.05 30.86 -98.54
C ILE C 587 41.70 31.17 -97.91
N MET C 588 41.22 32.39 -98.15
CA MET C 588 39.95 32.92 -97.71
C MET C 588 38.96 32.89 -98.86
N HIS C 589 37.70 32.60 -98.56
CA HIS C 589 36.61 32.88 -99.48
C HIS C 589 35.63 33.78 -98.74
N VAL C 590 35.80 35.09 -98.89
CA VAL C 590 34.89 36.03 -98.26
C VAL C 590 33.59 36.02 -99.06
N GLU C 591 32.54 35.42 -98.52
CA GLU C 591 31.26 35.37 -99.21
C GLU C 591 30.29 36.34 -98.55
N GLY C 592 29.57 37.10 -99.37
CA GLY C 592 28.73 38.17 -98.90
C GLY C 592 27.36 37.69 -98.49
N GLY C 593 26.40 38.60 -98.59
CA GLY C 593 25.04 38.27 -98.24
C GLY C 593 24.11 38.10 -99.41
N ARG C 594 24.54 38.48 -100.60
CA ARG C 594 23.73 38.36 -101.78
C ARG C 594 23.86 37.00 -102.44
N ALA C 595 24.52 36.05 -101.80
CA ALA C 595 24.68 34.73 -102.35
C ALA C 595 23.39 33.94 -102.24
N GLY C 596 23.27 32.91 -103.08
CA GLY C 596 22.16 32.01 -103.00
C GLY C 596 22.34 31.03 -101.86
N GLY C 597 21.36 30.14 -101.73
CA GLY C 597 21.42 29.17 -100.65
C GLY C 597 21.12 29.87 -99.34
N HIS C 598 21.88 29.54 -98.30
CA HIS C 598 21.73 30.22 -97.03
C HIS C 598 22.22 31.65 -97.12
N HIS C 599 21.65 32.50 -96.29
CA HIS C 599 21.57 33.93 -96.51
C HIS C 599 22.18 34.64 -95.32
N SER C 600 23.46 34.98 -95.41
CA SER C 600 24.04 35.86 -94.43
C SER C 600 23.49 37.26 -94.60
N TRP C 601 23.44 38.01 -93.50
CA TRP C 601 22.91 39.36 -93.58
C TRP C 601 23.97 40.42 -93.80
N GLU C 602 25.25 40.09 -93.64
CA GLU C 602 26.30 41.07 -93.82
C GLU C 602 26.48 41.40 -95.29
N ASP C 603 27.11 42.53 -95.55
CA ASP C 603 27.34 42.96 -96.91
C ASP C 603 28.84 42.93 -97.20
N LEU C 604 29.14 42.66 -98.47
CA LEU C 604 30.49 42.26 -98.88
C LEU C 604 31.49 43.40 -98.73
N ASP C 605 31.10 44.58 -99.19
CA ASP C 605 31.97 45.74 -99.12
C ASP C 605 32.22 46.15 -97.69
N ASP C 606 31.21 46.03 -96.84
CA ASP C 606 31.38 46.32 -95.41
C ASP C 606 32.35 45.35 -94.75
N LEU C 607 32.22 44.06 -95.07
CA LEU C 607 33.13 43.03 -94.56
C LEU C 607 34.58 43.34 -94.93
N LEU C 608 34.84 43.52 -96.21
CA LEU C 608 36.26 43.58 -96.52
C LEU C 608 36.82 44.99 -96.41
N LEU C 609 35.99 46.03 -96.33
CA LEU C 609 36.47 47.31 -95.83
C LEU C 609 36.84 47.25 -94.36
N ALA C 610 36.16 46.40 -93.59
CA ALA C 610 36.60 46.24 -92.21
C ALA C 610 37.92 45.49 -92.14
N THR C 611 38.15 44.52 -93.03
CA THR C 611 39.26 43.60 -92.81
C THR C 611 40.36 43.58 -93.87
N TYR C 612 40.40 44.54 -94.81
CA TYR C 612 41.34 44.41 -95.92
C TYR C 612 42.77 44.66 -95.49
N SER C 613 42.98 45.60 -94.57
CA SER C 613 44.34 45.89 -94.13
C SER C 613 44.89 44.77 -93.29
N GLU C 614 44.05 44.13 -92.48
CA GLU C 614 44.49 42.98 -91.70
C GLU C 614 44.75 41.78 -92.61
N LEU C 615 44.03 41.69 -93.74
CA LEU C 615 44.36 40.65 -94.71
C LEU C 615 45.70 40.91 -95.38
N ARG C 616 45.99 42.15 -95.73
CA ARG C 616 47.27 42.42 -96.40
C ARG C 616 48.43 42.54 -95.44
N SER C 617 48.18 42.63 -94.14
CA SER C 617 49.29 42.67 -93.18
C SER C 617 50.00 41.33 -93.07
N ARG C 618 49.30 40.23 -93.27
CA ARG C 618 49.93 38.93 -93.36
C ARG C 618 50.45 38.72 -94.77
N ALA C 619 51.33 37.74 -94.92
CA ALA C 619 51.98 37.51 -96.20
C ALA C 619 51.62 36.19 -96.83
N ASN C 620 50.78 35.38 -96.18
CA ASN C 620 50.45 34.06 -96.68
C ASN C 620 48.95 33.86 -96.91
N ILE C 621 48.18 34.94 -96.95
CA ILE C 621 46.74 34.85 -97.10
C ILE C 621 46.36 35.25 -98.53
N THR C 622 45.66 34.35 -99.21
CA THR C 622 45.06 34.63 -100.51
C THR C 622 43.57 34.86 -100.27
N VAL C 623 42.99 35.89 -100.88
CA VAL C 623 41.65 36.35 -100.50
C VAL C 623 40.75 36.31 -101.73
N CYS C 624 40.03 35.22 -101.92
CA CYS C 624 39.00 35.19 -102.96
C CYS C 624 37.69 35.70 -102.39
N VAL C 625 36.85 36.27 -103.27
CA VAL C 625 35.64 36.94 -102.82
C VAL C 625 34.47 36.42 -103.65
N GLY C 626 33.28 36.49 -103.07
CA GLY C 626 32.12 35.99 -103.77
C GLY C 626 30.83 36.46 -103.15
N GLY C 627 29.77 36.42 -103.95
CA GLY C 627 28.47 36.88 -103.53
C GLY C 627 27.99 38.03 -104.39
N GLY C 628 27.03 37.78 -105.26
CA GLY C 628 26.52 38.83 -106.12
C GLY C 628 27.46 39.25 -107.22
N ILE C 629 28.13 38.31 -107.87
CA ILE C 629 29.04 38.59 -108.96
C ILE C 629 28.37 38.13 -110.24
N GLY C 630 27.96 39.09 -111.06
CA GLY C 630 27.18 38.80 -112.25
C GLY C 630 27.97 38.91 -113.54
N THR C 631 27.86 40.06 -114.19
CA THR C 631 28.53 40.30 -115.46
C THR C 631 30.05 40.26 -115.28
N PRO C 632 30.79 39.85 -116.32
CA PRO C 632 32.25 39.86 -116.23
C PRO C 632 32.84 41.26 -116.09
N ARG C 633 32.10 42.30 -116.47
CA ARG C 633 32.50 43.66 -116.13
C ARG C 633 32.53 43.87 -114.63
N ARG C 634 31.51 43.35 -113.93
CA ARG C 634 31.48 43.45 -112.48
C ARG C 634 32.57 42.60 -111.85
N ALA C 635 32.85 41.45 -112.45
CA ALA C 635 33.97 40.63 -111.98
C ALA C 635 35.29 41.37 -112.14
N ALA C 636 35.46 42.09 -113.25
CA ALA C 636 36.69 42.85 -113.45
C ALA C 636 36.79 44.05 -112.51
N GLU C 637 35.66 44.70 -112.22
CA GLU C 637 35.75 45.83 -111.32
C GLU C 637 35.88 45.43 -109.87
N TYR C 638 35.52 44.20 -109.50
CA TYR C 638 35.93 43.71 -108.19
C TYR C 638 37.38 43.22 -108.18
N LEU C 639 37.87 42.71 -109.31
CA LEU C 639 39.21 42.16 -109.30
C LEU C 639 40.27 43.25 -109.40
N SER C 640 40.01 44.33 -110.12
CA SER C 640 41.00 45.37 -110.32
C SER C 640 41.13 46.32 -109.15
N GLY C 641 40.22 46.28 -108.19
CA GLY C 641 40.22 47.25 -107.13
C GLY C 641 39.54 48.56 -107.47
N ARG C 642 38.96 48.68 -108.67
CA ARG C 642 38.28 49.91 -109.06
C ARG C 642 36.96 50.11 -108.34
N TRP C 643 36.50 49.12 -107.58
CA TRP C 643 35.24 49.21 -106.87
C TRP C 643 35.31 50.10 -105.65
N ALA C 644 36.51 50.43 -105.17
CA ALA C 644 36.64 51.20 -103.94
C ALA C 644 36.46 52.70 -104.14
N GLN C 645 36.61 53.21 -105.37
CA GLN C 645 36.40 54.63 -105.62
C GLN C 645 34.96 55.08 -105.42
N ALA C 646 34.00 54.16 -105.40
CA ALA C 646 32.65 54.52 -105.00
C ALA C 646 32.57 54.86 -103.51
N TYR C 647 33.55 54.42 -102.72
CA TYR C 647 33.62 54.77 -101.31
C TYR C 647 34.74 55.76 -101.01
N GLY C 648 35.61 56.03 -101.97
CA GLY C 648 36.64 57.04 -101.76
C GLY C 648 37.90 56.53 -101.12
N PHE C 649 38.33 55.33 -101.48
CA PHE C 649 39.53 54.68 -100.99
C PHE C 649 40.52 54.51 -102.14
N PRO C 650 41.76 54.08 -101.86
CA PRO C 650 42.64 53.67 -102.98
C PRO C 650 42.18 52.40 -103.67
N LEU C 651 42.93 51.96 -104.68
CA LEU C 651 42.67 50.67 -105.28
C LEU C 651 42.97 49.58 -104.28
N MET C 652 42.00 48.72 -104.01
CA MET C 652 42.18 47.55 -103.14
C MET C 652 41.98 46.31 -103.99
N PRO C 653 43.01 45.84 -104.68
CA PRO C 653 42.82 44.69 -105.56
C PRO C 653 42.73 43.39 -104.76
N ILE C 654 42.16 42.40 -105.41
CA ILE C 654 42.09 41.04 -104.89
C ILE C 654 42.63 40.12 -105.98
N ASP C 655 42.54 38.82 -105.75
CA ASP C 655 43.29 37.87 -106.55
C ASP C 655 42.48 36.68 -107.04
N GLY C 656 41.20 36.59 -106.69
CA GLY C 656 40.32 35.59 -107.25
C GLY C 656 38.88 35.88 -106.91
N ILE C 657 37.93 35.51 -107.76
CA ILE C 657 36.51 35.66 -107.46
C ILE C 657 35.83 34.34 -107.76
N LEU C 658 34.90 33.94 -106.90
CA LEU C 658 34.25 32.65 -107.07
C LEU C 658 32.82 32.84 -107.55
N VAL C 659 32.39 31.97 -108.45
CA VAL C 659 31.17 32.13 -109.21
C VAL C 659 30.32 30.90 -108.96
N GLY C 660 29.27 31.04 -108.18
CA GLY C 660 28.38 29.92 -108.01
C GLY C 660 27.14 29.96 -108.88
N THR C 661 26.39 31.05 -108.78
CA THR C 661 25.03 31.05 -109.30
C THR C 661 25.00 31.23 -110.82
N ALA C 662 25.99 31.92 -111.37
CA ALA C 662 26.01 32.12 -112.82
C ALA C 662 26.36 30.86 -113.58
N ALA C 663 26.69 29.76 -112.90
CA ALA C 663 26.95 28.49 -113.54
C ALA C 663 25.79 27.51 -113.39
N MET C 664 24.63 27.97 -112.94
CA MET C 664 23.51 27.06 -112.74
C MET C 664 22.82 26.65 -114.02
N ALA C 665 22.93 27.46 -115.07
CA ALA C 665 22.20 27.24 -116.31
C ALA C 665 23.12 26.79 -117.43
N THR C 666 24.15 26.05 -117.08
CA THR C 666 25.14 25.64 -118.05
C THR C 666 24.72 24.34 -118.71
N LYS C 667 25.57 23.86 -119.63
CA LYS C 667 25.25 22.65 -120.36
C LYS C 667 25.42 21.41 -119.51
N GLU C 668 26.56 21.30 -118.82
CA GLU C 668 26.85 20.10 -118.05
C GLU C 668 26.05 20.03 -116.77
N SER C 669 25.47 21.14 -116.32
CA SER C 669 24.64 21.13 -115.13
C SER C 669 23.36 20.35 -115.40
N THR C 670 22.88 19.67 -114.36
CA THR C 670 21.78 18.74 -114.49
C THR C 670 20.56 19.22 -113.75
N THR C 671 20.25 20.50 -113.86
CA THR C 671 18.91 20.93 -113.50
C THR C 671 17.95 20.58 -114.62
N SER C 672 16.65 20.69 -114.34
CA SER C 672 15.66 20.42 -115.35
C SER C 672 15.68 21.54 -116.40
N PRO C 673 15.38 21.22 -117.66
CA PRO C 673 15.35 22.26 -118.69
C PRO C 673 14.26 23.29 -118.46
N SER C 674 13.14 22.91 -117.85
CA SER C 674 12.14 23.90 -117.46
C SER C 674 12.65 24.79 -116.34
N VAL C 675 13.45 24.24 -115.43
CA VAL C 675 14.06 25.04 -114.38
C VAL C 675 15.07 26.01 -114.97
N LYS C 676 15.83 25.56 -115.97
CA LYS C 676 16.75 26.44 -116.68
C LYS C 676 16.01 27.56 -117.40
N ARG C 677 14.83 27.24 -117.94
CA ARG C 677 14.04 28.25 -118.64
C ARG C 677 13.49 29.29 -117.67
N MET C 678 12.96 28.85 -116.53
CA MET C 678 12.50 29.79 -115.50
C MET C 678 13.66 30.60 -114.94
N LEU C 679 14.83 30.00 -114.82
CA LEU C 679 15.98 30.70 -114.26
C LEU C 679 16.53 31.73 -115.23
N VAL C 680 16.41 31.48 -116.53
CA VAL C 680 16.70 32.52 -117.51
C VAL C 680 15.66 33.63 -117.43
N ASP C 681 14.37 33.26 -117.42
CA ASP C 681 13.30 34.24 -117.55
C ASP C 681 13.14 35.12 -116.33
N THR C 682 13.59 34.67 -115.16
CA THR C 682 13.51 35.55 -114.00
C THR C 682 14.63 36.57 -114.03
N GLN C 683 14.40 37.67 -113.33
CA GLN C 683 15.42 38.70 -113.14
C GLN C 683 15.28 39.25 -111.74
N GLY C 684 16.41 39.46 -111.08
CA GLY C 684 16.44 39.74 -109.66
C GLY C 684 16.90 41.16 -109.37
N THR C 685 16.51 41.66 -108.21
CA THR C 685 16.80 43.03 -107.84
C THR C 685 18.24 43.17 -107.35
N ASP C 686 18.65 44.41 -107.15
CA ASP C 686 19.96 44.70 -106.57
C ASP C 686 19.89 45.09 -105.12
N GLN C 687 18.70 45.38 -104.60
CA GLN C 687 18.55 45.81 -103.23
C GLN C 687 18.29 44.61 -102.33
N TRP C 688 18.14 44.88 -101.04
CA TRP C 688 17.86 43.83 -100.09
C TRP C 688 16.40 43.43 -100.14
N ILE C 689 16.14 42.18 -99.76
CA ILE C 689 14.79 41.65 -99.68
C ILE C 689 14.55 41.28 -98.23
N SER C 690 13.59 41.96 -97.59
CA SER C 690 13.26 41.69 -96.21
C SER C 690 12.67 40.29 -96.06
N ALA C 691 12.77 39.76 -94.85
CA ALA C 691 12.46 38.36 -94.62
C ALA C 691 10.96 38.12 -94.73
N GLY C 692 10.59 37.06 -95.43
CA GLY C 692 9.19 36.75 -95.64
C GLY C 692 8.51 37.57 -96.72
N LYS C 693 9.27 38.26 -97.57
CA LYS C 693 8.68 39.03 -98.65
C LYS C 693 9.40 38.70 -99.96
N ALA C 694 8.97 39.34 -101.03
CA ALA C 694 9.46 39.04 -102.36
C ALA C 694 9.41 40.31 -103.20
N GLN C 695 10.53 40.65 -103.85
CA GLN C 695 10.64 41.86 -104.63
C GLN C 695 11.27 41.52 -105.97
N GLY C 696 10.46 41.47 -107.01
CA GLY C 696 10.99 41.31 -108.35
C GLY C 696 11.58 39.96 -108.66
N GLY C 697 10.74 38.94 -108.76
CA GLY C 697 11.19 37.65 -109.21
C GLY C 697 11.73 36.75 -108.12
N MET C 698 12.57 37.29 -107.24
CA MET C 698 13.17 36.52 -106.18
C MET C 698 12.37 36.70 -104.89
N ALA C 699 12.89 36.10 -103.82
CA ALA C 699 12.24 36.07 -102.53
C ALA C 699 13.25 35.58 -101.50
N SER C 700 13.01 35.91 -100.24
CA SER C 700 13.81 35.38 -99.15
C SER C 700 12.87 34.86 -98.08
N SER C 701 13.05 33.60 -97.69
CA SER C 701 12.16 32.98 -96.74
C SER C 701 12.99 32.19 -95.74
N ARG C 702 12.31 31.40 -94.91
CA ARG C 702 12.93 30.70 -93.80
C ARG C 702 13.14 29.25 -94.20
N SER C 703 13.92 28.55 -93.39
CA SER C 703 14.32 27.19 -93.70
C SER C 703 13.77 26.23 -92.64
N GLN C 704 14.25 24.99 -92.72
CA GLN C 704 13.80 23.94 -91.80
C GLN C 704 14.15 24.27 -90.35
N LEU C 705 15.33 24.81 -90.13
CA LEU C 705 15.79 25.12 -88.78
C LEU C 705 15.53 26.55 -88.38
N GLY C 706 15.05 27.38 -89.30
CA GLY C 706 14.83 28.78 -89.04
C GLY C 706 15.82 29.70 -89.72
N ALA C 707 16.81 29.16 -90.42
CA ALA C 707 17.77 29.99 -91.12
C ALA C 707 17.13 30.60 -92.36
N ASP C 708 17.81 31.57 -92.95
CA ASP C 708 17.29 32.32 -94.07
C ASP C 708 17.85 31.78 -95.38
N ILE C 709 16.99 31.70 -96.40
CA ILE C 709 17.40 31.28 -97.74
C ILE C 709 16.73 32.15 -98.79
N HIS C 710 17.29 32.12 -99.98
CA HIS C 710 16.74 32.80 -101.15
C HIS C 710 16.05 31.82 -102.06
N GLU C 711 14.93 32.23 -102.63
CA GLU C 711 14.16 31.37 -103.53
C GLU C 711 13.62 32.19 -104.68
N ILE C 712 13.34 31.51 -105.77
CA ILE C 712 12.57 32.11 -106.85
C ILE C 712 11.11 32.15 -106.44
N ASP C 713 10.47 33.30 -106.65
CA ASP C 713 9.09 33.50 -106.22
C ASP C 713 8.17 32.65 -107.08
N ASN C 714 7.84 31.46 -106.60
CA ASN C 714 6.88 30.62 -107.29
C ASN C 714 6.11 29.81 -106.25
N SER C 715 5.44 28.76 -106.72
CA SER C 715 4.53 27.97 -105.90
C SER C 715 5.23 27.25 -104.76
N ALA C 716 6.55 27.08 -104.83
CA ALA C 716 7.29 26.63 -103.67
C ALA C 716 7.39 27.73 -102.63
N SER C 717 7.67 28.96 -103.07
CA SER C 717 7.96 30.04 -102.14
C SER C 717 6.69 30.54 -101.45
N ARG C 718 5.56 30.54 -102.17
CA ARG C 718 4.29 30.94 -101.57
C ARG C 718 3.93 30.00 -100.43
N CYS C 719 4.03 28.69 -100.67
CA CYS C 719 3.78 27.71 -99.63
C CYS C 719 4.82 27.78 -98.52
N GLY C 720 6.06 28.15 -98.86
CA GLY C 720 7.10 28.27 -97.85
C GLY C 720 6.83 29.38 -96.87
N ARG C 721 6.47 30.56 -97.37
CA ARG C 721 6.18 31.66 -96.45
C ARG C 721 4.85 31.48 -95.75
N LEU C 722 3.91 30.73 -96.34
CA LEU C 722 2.67 30.41 -95.65
C LEU C 722 2.92 29.50 -94.45
N LEU C 723 3.76 28.48 -94.64
CA LEU C 723 4.14 27.64 -93.50
C LEU C 723 5.04 28.39 -92.53
N ASP C 724 5.76 29.41 -92.99
CA ASP C 724 6.50 30.26 -92.06
C ASP C 724 5.56 31.05 -91.17
N GLU C 725 4.43 31.51 -91.72
CA GLU C 725 3.45 32.20 -90.90
C GLU C 725 2.77 31.25 -89.92
N VAL C 726 2.47 30.04 -90.37
CA VAL C 726 1.64 29.15 -89.55
C VAL C 726 2.47 28.42 -88.49
N ALA C 727 3.68 27.98 -88.85
CA ALA C 727 4.37 26.90 -88.17
C ALA C 727 4.75 27.24 -86.73
N GLY C 728 4.70 26.23 -85.88
CA GLY C 728 4.91 26.41 -84.46
C GLY C 728 3.69 26.80 -83.67
N ASP C 729 2.53 26.90 -84.32
CA ASP C 729 1.30 27.36 -83.68
C ASP C 729 0.21 26.32 -83.93
N ALA C 730 -0.07 25.52 -82.89
CA ALA C 730 -0.94 24.36 -82.99
C ALA C 730 -2.37 24.75 -83.36
N GLU C 731 -2.90 25.81 -82.75
CA GLU C 731 -4.26 26.21 -83.08
C GLU C 731 -4.33 26.90 -84.43
N ALA C 732 -3.27 27.60 -84.84
CA ALA C 732 -3.27 28.23 -86.15
C ALA C 732 -3.18 27.22 -87.28
N VAL C 733 -2.59 26.05 -87.02
CA VAL C 733 -2.61 24.96 -88.00
C VAL C 733 -4.03 24.53 -88.30
N ALA C 734 -4.81 24.19 -87.26
CA ALA C 734 -6.19 23.80 -87.45
C ALA C 734 -7.07 24.95 -87.89
N GLU C 735 -6.63 26.19 -87.68
CA GLU C 735 -7.38 27.33 -88.21
C GLU C 735 -7.30 27.38 -89.72
N ARG C 736 -6.09 27.47 -90.27
CA ARG C 736 -5.90 27.58 -91.71
C ARG C 736 -5.49 26.27 -92.34
N ARG C 737 -6.07 25.16 -91.88
CA ARG C 737 -5.70 23.83 -92.37
C ARG C 737 -5.91 23.67 -93.87
N ASP C 738 -7.07 24.09 -94.40
CA ASP C 738 -7.40 23.81 -95.79
C ASP C 738 -6.58 24.65 -96.76
N GLU C 739 -6.18 25.85 -96.36
CA GLU C 739 -5.29 26.66 -97.18
C GLU C 739 -3.93 25.99 -97.34
N ILE C 740 -3.45 25.36 -96.28
CA ILE C 740 -2.19 24.63 -96.32
C ILE C 740 -2.31 23.44 -97.25
N ILE C 741 -3.46 22.76 -97.25
CA ILE C 741 -3.66 21.61 -98.13
C ILE C 741 -3.68 22.06 -99.59
N ALA C 742 -4.31 23.20 -99.86
CA ALA C 742 -4.35 23.71 -101.23
C ALA C 742 -2.95 24.12 -101.71
N ALA C 743 -2.17 24.76 -100.85
CA ALA C 743 -0.82 25.17 -101.25
C ALA C 743 0.09 23.96 -101.43
N MET C 744 -0.06 22.93 -100.60
CA MET C 744 0.76 21.75 -100.77
C MET C 744 0.36 20.94 -101.99
N ALA C 745 -0.93 20.91 -102.33
CA ALA C 745 -1.33 20.26 -103.56
C ALA C 745 -0.84 21.04 -104.77
N LYS C 746 -0.65 22.35 -104.60
CA LYS C 746 -0.01 23.13 -105.66
C LYS C 746 1.45 22.75 -105.81
N THR C 747 2.19 22.64 -104.71
CA THR C 747 3.62 22.40 -104.82
C THR C 747 3.91 20.93 -105.10
N ALA C 748 5.20 20.60 -105.28
CA ALA C 748 5.61 19.27 -105.68
C ALA C 748 6.08 18.41 -104.51
N LYS C 749 5.49 18.61 -103.34
CA LYS C 749 5.64 17.67 -102.22
C LYS C 749 4.32 17.68 -101.45
N PRO C 750 3.29 17.04 -101.99
CA PRO C 750 1.94 17.29 -101.52
C PRO C 750 1.60 16.47 -100.29
N TYR C 751 0.39 16.67 -99.80
CA TYR C 751 -0.19 15.92 -98.71
C TYR C 751 -0.99 14.75 -99.29
N PHE C 752 -1.37 13.81 -98.43
CA PHE C 752 -2.30 12.74 -98.74
C PHE C 752 -3.74 13.21 -98.81
N GLY C 753 -4.67 12.29 -98.69
CA GLY C 753 -6.00 12.59 -98.20
C GLY C 753 -5.97 12.47 -96.69
N ASP C 754 -7.16 12.37 -96.10
CA ASP C 754 -7.22 11.97 -94.71
C ASP C 754 -6.92 10.48 -94.65
N VAL C 755 -5.82 10.11 -94.00
CA VAL C 755 -5.34 8.74 -94.09
C VAL C 755 -6.19 7.79 -93.27
N ALA C 756 -6.90 8.29 -92.26
CA ALA C 756 -7.79 7.42 -91.49
C ALA C 756 -9.07 7.06 -92.23
N ASP C 757 -9.32 7.66 -93.39
CA ASP C 757 -10.48 7.35 -94.20
C ASP C 757 -10.13 6.55 -95.44
N MET C 758 -8.86 6.21 -95.63
CA MET C 758 -8.46 5.55 -96.86
C MET C 758 -8.74 4.06 -96.80
N THR C 759 -8.96 3.50 -97.97
CA THR C 759 -9.02 2.07 -98.18
C THR C 759 -7.60 1.58 -98.43
N TYR C 760 -7.35 0.30 -98.12
CA TYR C 760 -6.02 -0.29 -98.26
C TYR C 760 -5.52 -0.20 -99.70
N LEU C 761 -6.37 -0.53 -100.65
CA LEU C 761 -6.05 -0.39 -102.07
C LEU C 761 -5.77 1.06 -102.42
N GLN C 762 -6.59 1.98 -101.88
CA GLN C 762 -6.41 3.40 -102.12
C GLN C 762 -5.13 3.90 -101.47
N TRP C 763 -4.79 3.32 -100.31
CA TRP C 763 -3.58 3.68 -99.58
C TRP C 763 -2.32 3.32 -100.36
N LEU C 764 -2.27 2.07 -100.84
CA LEU C 764 -1.10 1.61 -101.58
C LEU C 764 -0.99 2.31 -102.93
N ARG C 765 -2.12 2.55 -103.59
CA ARG C 765 -2.06 3.24 -104.88
C ARG C 765 -1.65 4.69 -104.73
N ARG C 766 -2.03 5.33 -103.62
CA ARG C 766 -1.58 6.70 -103.40
C ARG C 766 -0.09 6.76 -103.09
N TYR C 767 0.42 5.78 -102.33
CA TYR C 767 1.85 5.74 -102.07
C TYR C 767 2.66 5.53 -103.35
N VAL C 768 2.21 4.60 -104.20
CA VAL C 768 2.94 4.35 -105.44
C VAL C 768 2.83 5.55 -106.38
N GLU C 769 1.68 6.24 -106.37
CA GLU C 769 1.54 7.45 -107.17
C GLU C 769 2.49 8.55 -106.72
N LEU C 770 2.70 8.66 -105.41
CA LEU C 770 3.63 9.69 -104.93
C LEU C 770 5.08 9.31 -105.18
N ALA C 771 5.46 8.06 -104.88
CA ALA C 771 6.87 7.69 -105.02
C ALA C 771 7.26 7.47 -106.47
N ILE C 772 6.65 6.47 -107.12
CA ILE C 772 7.04 6.14 -108.49
C ILE C 772 6.40 7.12 -109.47
N GLY C 773 5.08 7.18 -109.46
CA GLY C 773 4.39 8.08 -110.38
C GLY C 773 4.34 7.52 -111.77
N GLU C 774 5.16 8.05 -112.66
CA GLU C 774 5.19 7.62 -114.04
C GLU C 774 6.41 6.79 -114.40
N GLY C 775 7.35 6.63 -113.48
CA GLY C 775 8.65 6.08 -113.84
C GLY C 775 9.35 7.07 -114.73
N ASN C 776 9.38 8.33 -114.30
CA ASN C 776 9.75 9.44 -115.14
C ASN C 776 10.97 10.18 -114.59
N SER C 777 11.49 9.79 -113.43
CA SER C 777 12.54 10.55 -112.78
C SER C 777 13.88 10.39 -113.48
N THR C 778 14.66 11.47 -113.47
CA THR C 778 16.01 11.49 -114.02
C THR C 778 17.03 11.97 -113.00
N ALA C 779 16.93 11.50 -111.75
CA ALA C 779 17.85 11.93 -110.70
C ALA C 779 18.18 10.75 -109.79
N ASP C 780 19.48 10.53 -109.59
CA ASP C 780 20.16 9.71 -108.57
C ASP C 780 19.43 8.45 -108.11
N THR C 781 19.02 7.62 -109.07
CA THR C 781 18.38 6.35 -108.76
C THR C 781 19.37 5.40 -108.10
N ALA C 782 18.82 4.39 -107.41
CA ALA C 782 19.68 3.42 -106.74
C ALA C 782 20.39 2.53 -107.76
N SER C 783 19.73 2.21 -108.85
CA SER C 783 20.32 1.46 -109.95
C SER C 783 19.51 1.76 -111.22
N VAL C 784 19.84 1.03 -112.28
CA VAL C 784 19.04 1.03 -113.49
C VAL C 784 18.14 -0.19 -113.46
N GLY C 785 16.85 0.01 -113.69
CA GLY C 785 15.88 -1.05 -113.61
C GLY C 785 15.14 -1.14 -112.30
N SER C 786 15.63 -0.48 -111.27
CA SER C 786 14.91 -0.40 -110.00
C SER C 786 14.30 0.98 -109.88
N PRO C 787 12.97 1.12 -109.97
CA PRO C 787 12.37 2.46 -109.97
C PRO C 787 12.38 3.13 -108.61
N TRP C 788 12.67 2.41 -107.54
CA TRP C 788 12.74 3.01 -106.22
C TRP C 788 14.01 3.84 -106.10
N LEU C 789 13.86 5.05 -105.58
CA LEU C 789 15.03 5.88 -105.35
C LEU C 789 15.79 5.50 -104.09
N ALA C 790 15.24 4.63 -103.25
CA ALA C 790 15.91 4.28 -102.01
C ALA C 790 15.44 2.93 -101.50
N ASP C 791 16.38 2.21 -100.90
CA ASP C 791 16.09 0.94 -100.25
C ASP C 791 15.11 1.12 -99.10
N THR C 792 15.19 2.27 -98.42
CA THR C 792 14.19 2.56 -97.41
C THR C 792 12.80 2.75 -98.02
N TRP C 793 12.72 3.21 -99.26
CA TRP C 793 11.41 3.31 -99.89
C TRP C 793 10.89 1.96 -100.31
N ARG C 794 11.76 1.05 -100.77
CA ARG C 794 11.22 -0.24 -101.18
C ARG C 794 10.84 -1.11 -99.97
N ASP C 795 11.58 -1.01 -98.85
CA ASP C 795 11.11 -1.85 -97.75
C ASP C 795 10.00 -1.16 -96.95
N ARG C 796 9.89 0.16 -97.07
CA ARG C 796 8.66 0.88 -96.71
C ARG C 796 7.45 0.25 -97.39
N PHE C 797 7.55 0.08 -98.71
CA PHE C 797 6.45 -0.48 -99.47
C PHE C 797 6.19 -1.94 -99.12
N GLU C 798 7.24 -2.71 -98.83
CA GLU C 798 6.98 -4.10 -98.50
C GLU C 798 6.39 -4.24 -97.10
N GLN C 799 6.71 -3.34 -96.17
CA GLN C 799 6.09 -3.44 -94.86
C GLN C 799 4.64 -3.01 -94.90
N MET C 800 4.30 -2.05 -95.76
CA MET C 800 2.87 -1.75 -95.94
C MET C 800 2.12 -2.90 -96.57
N LEU C 801 2.73 -3.59 -97.55
CA LEU C 801 2.08 -4.76 -98.13
C LEU C 801 1.88 -5.87 -97.12
N GLN C 802 2.88 -6.10 -96.27
CA GLN C 802 2.76 -7.17 -95.30
C GLN C 802 1.76 -6.85 -94.21
N ARG C 803 1.62 -5.58 -93.82
CA ARG C 803 0.58 -5.27 -92.86
C ARG C 803 -0.80 -5.34 -93.50
N ALA C 804 -0.91 -5.04 -94.80
CA ALA C 804 -2.17 -5.24 -95.50
C ALA C 804 -2.56 -6.71 -95.53
N GLU C 805 -1.60 -7.59 -95.79
CA GLU C 805 -1.80 -9.04 -95.70
C GLU C 805 -2.29 -9.45 -94.31
N ALA C 806 -1.48 -9.18 -93.30
CA ALA C 806 -1.74 -9.65 -91.94
C ALA C 806 -2.97 -9.02 -91.32
N ARG C 807 -3.41 -7.88 -91.85
CA ARG C 807 -4.59 -7.24 -91.33
C ARG C 807 -5.85 -7.73 -92.02
N LEU C 808 -5.83 -7.88 -93.34
CA LEU C 808 -7.02 -8.33 -94.04
C LEU C 808 -7.24 -9.84 -93.98
N HIS C 809 -6.27 -10.61 -93.51
CA HIS C 809 -6.61 -12.03 -93.50
C HIS C 809 -7.51 -12.36 -92.31
N PRO C 810 -8.53 -13.21 -92.52
CA PRO C 810 -9.43 -13.60 -91.41
C PRO C 810 -8.82 -14.60 -90.44
N GLN C 811 -7.86 -14.12 -89.66
CA GLN C 811 -7.22 -14.88 -88.59
C GLN C 811 -6.53 -13.86 -87.69
N ASP C 812 -6.41 -14.19 -86.41
CA ASP C 812 -5.81 -13.28 -85.46
C ASP C 812 -4.64 -13.89 -84.68
N PHE C 813 -4.30 -15.16 -84.92
CA PHE C 813 -3.31 -15.84 -84.08
C PHE C 813 -2.04 -16.20 -84.83
N GLY C 814 -2.15 -16.98 -85.89
CA GLY C 814 -1.05 -17.81 -86.32
C GLY C 814 -0.19 -17.22 -87.39
N PRO C 815 1.04 -17.72 -87.49
CA PRO C 815 1.87 -17.41 -88.66
C PRO C 815 1.24 -17.95 -89.92
N ILE C 816 1.09 -17.10 -90.91
CA ILE C 816 0.46 -17.44 -92.18
C ILE C 816 1.48 -17.25 -93.29
N GLN C 817 1.44 -18.16 -94.27
CA GLN C 817 2.19 -18.04 -95.51
C GLN C 817 1.79 -16.77 -96.25
N THR C 818 2.74 -15.86 -96.44
CA THR C 818 2.48 -14.62 -97.14
C THR C 818 2.97 -14.71 -98.58
N LEU C 819 2.70 -13.67 -99.34
CA LEU C 819 3.25 -13.50 -100.68
C LEU C 819 4.53 -12.66 -100.56
N PHE C 820 5.00 -12.16 -101.70
CA PHE C 820 6.06 -11.14 -101.80
C PHE C 820 7.38 -11.62 -101.21
N THR C 821 7.93 -12.66 -101.83
CA THR C 821 9.21 -13.22 -101.37
C THR C 821 10.39 -12.54 -102.04
N ASP C 822 10.38 -11.20 -102.01
CA ASP C 822 11.51 -10.31 -102.33
C ASP C 822 11.99 -10.53 -103.77
N ALA C 823 11.12 -10.21 -104.71
CA ALA C 823 11.42 -10.51 -106.10
C ALA C 823 11.13 -9.33 -107.02
N GLY C 824 11.17 -9.59 -108.33
CA GLY C 824 10.70 -8.63 -109.31
C GLY C 824 9.22 -8.34 -109.20
N LEU C 825 8.46 -9.26 -108.59
CA LEU C 825 7.08 -8.96 -108.25
C LEU C 825 6.97 -7.85 -107.23
N LEU C 826 7.98 -7.70 -106.37
CA LEU C 826 8.05 -6.53 -105.49
C LEU C 826 8.71 -5.35 -106.17
N ASP C 827 9.60 -5.61 -107.14
CA ASP C 827 10.23 -4.50 -107.85
C ASP C 827 9.26 -3.81 -108.80
N ASN C 828 8.25 -4.52 -109.29
CA ASN C 828 7.19 -3.92 -110.06
C ASN C 828 6.02 -3.63 -109.14
N PRO C 829 5.71 -2.37 -108.85
CA PRO C 829 4.68 -2.08 -107.85
C PRO C 829 3.27 -2.32 -108.36
N GLN C 830 3.05 -2.19 -109.67
CA GLN C 830 1.71 -2.36 -110.21
C GLN C 830 1.27 -3.82 -110.14
N GLN C 831 2.16 -4.75 -110.50
CA GLN C 831 1.84 -6.15 -110.36
C GLN C 831 1.83 -6.60 -108.90
N ALA C 832 2.51 -5.87 -108.03
CA ALA C 832 2.46 -6.18 -106.60
C ALA C 832 1.09 -5.90 -106.03
N ILE C 833 0.49 -4.78 -106.43
CA ILE C 833 -0.83 -4.42 -105.91
C ILE C 833 -1.89 -5.34 -106.50
N ALA C 834 -1.81 -5.62 -107.80
CA ALA C 834 -2.79 -6.47 -108.45
C ALA C 834 -2.72 -7.91 -107.96
N ALA C 835 -1.57 -8.34 -107.44
CA ALA C 835 -1.51 -9.65 -106.82
C ALA C 835 -2.15 -9.65 -105.44
N LEU C 836 -2.22 -8.49 -104.79
CA LEU C 836 -2.92 -8.41 -103.52
C LEU C 836 -4.42 -8.45 -103.71
N LEU C 837 -4.93 -7.67 -104.66
CA LEU C 837 -6.37 -7.58 -104.88
C LEU C 837 -6.94 -8.86 -105.46
N ALA C 838 -6.10 -9.67 -106.13
CA ALA C 838 -6.58 -10.94 -106.65
C ALA C 838 -6.90 -11.92 -105.53
N ARG C 839 -6.13 -11.88 -104.44
CA ARG C 839 -6.44 -12.76 -103.32
C ARG C 839 -7.49 -12.17 -102.39
N TYR C 840 -7.34 -10.90 -102.03
CA TYR C 840 -8.25 -10.26 -101.10
C TYR C 840 -9.13 -9.27 -101.86
N PRO C 841 -10.37 -9.62 -102.17
CA PRO C 841 -11.23 -8.68 -102.90
C PRO C 841 -11.75 -7.55 -102.04
N ASP C 842 -11.77 -7.71 -100.72
CA ASP C 842 -12.28 -6.69 -99.83
C ASP C 842 -11.25 -5.61 -99.50
N ALA C 843 -10.08 -5.66 -100.13
CA ALA C 843 -9.13 -4.56 -100.03
C ALA C 843 -9.61 -3.32 -100.74
N GLU C 844 -10.59 -3.45 -101.63
CA GLU C 844 -11.16 -2.31 -102.32
C GLU C 844 -12.21 -1.60 -101.48
N THR C 845 -12.77 -2.26 -100.48
CA THR C 845 -13.88 -1.71 -99.70
C THR C 845 -13.55 -1.43 -98.24
N VAL C 846 -12.77 -2.27 -97.60
CA VAL C 846 -12.57 -2.18 -96.15
C VAL C 846 -11.60 -1.05 -95.83
N GLN C 847 -12.04 -0.10 -95.02
CA GLN C 847 -11.20 1.05 -94.72
C GLN C 847 -10.13 0.69 -93.69
N LEU C 848 -9.26 1.66 -93.44
CA LEU C 848 -8.04 1.42 -92.69
C LEU C 848 -8.33 1.32 -91.20
N HIS C 849 -7.61 0.42 -90.52
CA HIS C 849 -7.77 0.25 -89.09
C HIS C 849 -7.25 1.48 -88.37
N PRO C 850 -7.87 1.88 -87.26
CA PRO C 850 -7.45 3.11 -86.57
C PRO C 850 -6.10 3.03 -85.91
N ALA C 851 -5.51 1.86 -85.78
CA ALA C 851 -4.17 1.74 -85.21
C ALA C 851 -3.09 1.62 -86.27
N ASP C 852 -3.44 1.73 -87.55
CA ASP C 852 -2.44 1.71 -88.59
C ASP C 852 -2.02 3.11 -89.02
N VAL C 853 -2.76 4.14 -88.63
CA VAL C 853 -2.37 5.52 -88.88
C VAL C 853 -1.11 5.91 -88.07
N PRO C 854 -0.99 5.64 -86.75
CA PRO C 854 0.29 5.94 -86.11
C PRO C 854 1.40 5.02 -86.57
N PHE C 855 1.06 3.80 -86.99
CA PHE C 855 2.00 2.94 -87.68
C PHE C 855 2.56 3.62 -88.93
N PHE C 856 1.69 4.24 -89.72
CA PHE C 856 2.15 4.85 -90.96
C PHE C 856 2.96 6.11 -90.70
N VAL C 857 2.61 6.88 -89.67
CA VAL C 857 3.38 8.07 -89.34
C VAL C 857 4.76 7.71 -88.83
N THR C 858 4.84 6.83 -87.83
CA THR C 858 6.16 6.42 -87.35
C THR C 858 6.89 5.50 -88.31
N LEU C 859 6.22 5.04 -89.35
CA LEU C 859 6.91 4.34 -90.41
C LEU C 859 7.59 5.34 -91.34
N CYS C 860 6.90 6.45 -91.66
CA CYS C 860 7.51 7.46 -92.49
C CYS C 860 8.55 8.30 -91.76
N LYS C 861 8.54 8.26 -90.43
CA LYS C 861 9.42 9.13 -89.66
C LYS C 861 10.90 8.71 -89.68
N THR C 862 11.20 7.45 -89.96
CA THR C 862 12.49 6.89 -89.57
C THR C 862 13.56 6.96 -90.67
N LEU C 863 14.61 7.73 -90.38
CA LEU C 863 16.04 7.40 -90.58
C LEU C 863 16.34 6.77 -91.95
N GLY C 864 16.25 7.61 -92.97
CA GLY C 864 16.69 7.19 -94.28
C GLY C 864 16.77 8.38 -95.21
N LYS C 865 16.40 8.19 -96.45
CA LYS C 865 16.13 9.34 -97.29
C LYS C 865 14.74 9.86 -96.94
N PRO C 866 14.57 11.17 -96.74
CA PRO C 866 13.26 11.69 -96.36
C PRO C 866 12.25 11.52 -97.48
N VAL C 867 11.00 11.40 -97.10
CA VAL C 867 10.01 10.83 -97.96
C VAL C 867 9.52 11.92 -98.91
N ASN C 868 8.82 11.52 -99.97
CA ASN C 868 8.41 12.44 -101.02
C ASN C 868 7.03 13.07 -100.75
N PHE C 869 6.55 13.07 -99.52
CA PHE C 869 5.26 13.70 -99.22
C PHE C 869 5.29 14.30 -97.83
N VAL C 870 4.11 14.72 -97.37
CA VAL C 870 3.90 15.19 -96.00
C VAL C 870 2.82 14.30 -95.39
N PRO C 871 3.13 13.54 -94.36
CA PRO C 871 2.15 12.57 -93.84
C PRO C 871 1.01 13.20 -93.06
N VAL C 872 1.29 14.16 -92.17
CA VAL C 872 0.25 14.76 -91.35
C VAL C 872 0.40 16.28 -91.37
N ILE C 873 -0.69 16.94 -90.97
CA ILE C 873 -0.70 18.39 -90.82
C ILE C 873 -0.70 18.68 -89.32
N ASP C 874 0.37 19.27 -88.83
CA ASP C 874 0.64 19.28 -87.40
C ASP C 874 1.49 20.51 -87.09
N GLN C 875 2.07 20.56 -85.89
CA GLN C 875 2.93 21.67 -85.54
C GLN C 875 4.26 21.62 -86.28
N ASP C 876 4.71 20.43 -86.63
CA ASP C 876 6.00 20.24 -87.29
C ASP C 876 5.89 20.27 -88.81
N VAL C 877 4.88 20.97 -89.33
CA VAL C 877 4.55 20.86 -90.75
C VAL C 877 5.60 21.54 -91.60
N ARG C 878 6.30 22.55 -91.07
CA ARG C 878 7.39 23.15 -91.82
C ARG C 878 8.58 22.21 -91.87
N ARG C 879 8.80 21.45 -90.80
CA ARG C 879 9.88 20.47 -90.80
C ARG C 879 9.60 19.36 -91.81
N TRP C 880 8.36 18.85 -91.83
CA TRP C 880 8.00 17.81 -92.79
C TRP C 880 8.09 18.31 -94.22
N TRP C 881 7.70 19.56 -94.46
CA TRP C 881 7.69 20.01 -95.85
C TRP C 881 9.06 20.43 -96.32
N ARG C 882 9.87 21.04 -95.46
CA ARG C 882 11.19 21.51 -95.86
C ARG C 882 12.28 20.47 -95.67
N SER C 883 11.94 19.28 -95.17
CA SER C 883 12.93 18.22 -95.01
C SER C 883 13.41 17.73 -96.36
N ASP C 884 14.64 18.11 -96.72
CA ASP C 884 15.37 17.65 -97.91
C ASP C 884 14.61 17.97 -99.19
N SER C 885 14.50 19.27 -99.45
CA SER C 885 13.62 19.78 -100.50
C SER C 885 14.39 20.37 -101.66
N LEU C 886 15.59 19.89 -101.93
CA LEU C 886 16.43 20.52 -102.94
C LEU C 886 16.76 19.66 -104.15
N TRP C 887 16.68 18.34 -104.03
CA TRP C 887 17.01 17.48 -105.16
C TRP C 887 15.96 17.49 -106.24
N GLN C 888 14.72 17.86 -105.92
CA GLN C 888 13.62 17.82 -106.88
C GLN C 888 13.80 18.77 -108.05
N ALA C 889 14.74 19.69 -108.00
CA ALA C 889 15.03 20.55 -109.13
C ALA C 889 15.91 19.88 -110.17
N HIS C 890 16.28 18.62 -109.98
CA HIS C 890 17.17 17.97 -110.92
C HIS C 890 16.56 16.82 -111.70
N ASP C 891 15.27 16.57 -111.58
CA ASP C 891 14.61 15.55 -112.39
C ASP C 891 13.49 16.17 -113.20
N ALA C 892 13.25 15.59 -114.36
CA ALA C 892 12.32 16.17 -115.32
C ALA C 892 10.87 15.86 -115.00
N ARG C 893 10.58 15.07 -113.97
CA ARG C 893 9.19 14.74 -113.70
C ARG C 893 8.45 15.82 -112.96
N TYR C 894 9.08 16.94 -112.62
CA TYR C 894 8.41 18.01 -111.93
C TYR C 894 8.47 19.29 -112.76
N ASP C 895 7.40 20.08 -112.68
CA ASP C 895 7.40 21.37 -113.35
C ASP C 895 8.28 22.34 -112.58
N ALA C 896 8.74 23.37 -113.29
CA ALA C 896 9.61 24.36 -112.68
C ALA C 896 8.86 25.26 -111.70
N ASP C 897 7.54 25.28 -111.76
CA ASP C 897 6.77 26.12 -110.84
C ASP C 897 6.79 25.54 -109.43
N ALA C 898 6.58 24.24 -109.30
CA ALA C 898 6.25 23.66 -108.01
C ALA C 898 7.48 23.20 -107.22
N VAL C 899 8.67 23.64 -107.58
CA VAL C 899 9.89 23.08 -107.03
C VAL C 899 10.77 24.19 -106.45
N CYS C 900 11.43 23.91 -105.33
CA CYS C 900 12.30 24.89 -104.68
C CYS C 900 13.57 25.08 -105.49
N ILE C 901 13.83 26.32 -105.91
CA ILE C 901 15.06 26.70 -106.58
C ILE C 901 15.72 27.79 -105.75
N ILE C 902 17.02 27.67 -105.51
CA ILE C 902 17.68 28.59 -104.58
C ILE C 902 18.84 29.40 -105.19
N PRO C 903 18.59 30.37 -106.07
CA PRO C 903 19.71 31.12 -106.64
C PRO C 903 20.04 32.38 -105.83
N GLY C 904 21.01 33.16 -106.31
CA GLY C 904 21.32 34.45 -105.73
C GLY C 904 20.36 35.52 -106.20
N THR C 905 20.71 36.78 -105.92
CA THR C 905 19.81 37.88 -106.23
C THR C 905 20.29 38.81 -107.33
N ALA C 906 21.59 38.95 -107.54
CA ALA C 906 22.09 39.77 -108.63
C ALA C 906 22.57 38.95 -109.81
N SER C 907 23.08 37.76 -109.54
CA SER C 907 23.52 36.87 -110.59
C SER C 907 22.37 36.30 -111.42
N VAL C 908 21.15 36.29 -110.90
CA VAL C 908 20.01 35.90 -111.72
C VAL C 908 19.75 36.92 -112.82
N ALA C 909 19.89 38.20 -112.52
CA ALA C 909 19.89 39.21 -113.56
C ALA C 909 21.15 39.12 -114.40
N GLY C 910 22.23 38.58 -113.84
CA GLY C 910 23.45 38.42 -114.60
C GLY C 910 23.33 37.40 -115.73
N ILE C 911 22.67 36.27 -115.47
CA ILE C 911 22.64 35.21 -116.48
C ILE C 911 21.66 35.59 -117.59
N THR C 912 21.92 35.07 -118.78
CA THR C 912 21.15 35.54 -119.93
C THR C 912 20.56 34.43 -120.78
N ARG C 913 21.29 33.33 -120.99
CA ARG C 913 20.82 32.36 -121.97
C ARG C 913 21.05 30.95 -121.43
N MET C 914 20.85 29.97 -122.32
CA MET C 914 20.71 28.57 -121.98
C MET C 914 21.98 27.79 -122.30
N ASP C 915 22.09 26.63 -121.63
CA ASP C 915 22.92 25.43 -121.96
C ASP C 915 24.29 25.75 -122.56
N GLU C 916 24.93 26.62 -122.00
CA GLU C 916 26.22 27.19 -122.36
C GLU C 916 27.34 26.39 -121.69
N PRO C 917 28.51 26.23 -122.32
CA PRO C 917 29.56 25.43 -121.68
C PRO C 917 30.39 26.18 -120.64
N VAL C 918 30.76 25.43 -119.59
CA VAL C 918 31.38 26.01 -118.40
C VAL C 918 32.76 26.56 -118.69
N GLY C 919 33.52 25.92 -119.58
CA GLY C 919 34.83 26.44 -119.93
C GLY C 919 34.75 27.78 -120.64
N GLU C 920 33.77 27.92 -121.53
CA GLU C 920 33.59 29.20 -122.21
C GLU C 920 33.10 30.27 -121.26
N LEU C 921 32.25 29.89 -120.28
CA LEU C 921 31.76 30.86 -119.30
C LEU C 921 32.90 31.40 -118.44
N LEU C 922 33.71 30.51 -117.90
CA LEU C 922 34.78 30.95 -117.01
C LEU C 922 35.89 31.65 -117.78
N ASP C 923 36.14 31.23 -119.03
CA ASP C 923 37.11 31.96 -119.84
C ASP C 923 36.61 33.33 -120.22
N ARG C 924 35.29 33.51 -120.36
CA ARG C 924 34.77 34.84 -120.63
C ARG C 924 34.92 35.75 -119.41
N PHE C 925 34.66 35.20 -118.21
CA PHE C 925 34.88 35.96 -116.98
C PHE C 925 36.34 36.33 -116.79
N GLU C 926 37.27 35.49 -117.24
CA GLU C 926 38.67 35.88 -117.15
C GLU C 926 39.04 36.89 -118.25
N GLN C 927 38.47 36.71 -119.44
CA GLN C 927 38.86 37.48 -120.61
C GLN C 927 38.45 38.94 -120.48
N ALA C 928 37.37 39.22 -119.75
CA ALA C 928 37.01 40.62 -119.52
C ALA C 928 38.06 41.35 -118.69
N ALA C 929 38.56 40.71 -117.63
CA ALA C 929 39.59 41.35 -116.82
C ALA C 929 40.91 41.43 -117.55
N ILE C 930 41.21 40.42 -118.39
CA ILE C 930 42.40 40.48 -119.25
C ILE C 930 42.32 41.67 -120.20
N ASP C 931 41.13 41.92 -120.76
CA ASP C 931 40.94 43.08 -121.61
C ASP C 931 41.12 44.38 -120.83
N GLU C 932 40.57 44.44 -119.62
CA GLU C 932 40.62 45.67 -118.83
C GLU C 932 42.04 46.01 -118.39
N VAL C 933 42.88 45.00 -118.16
CA VAL C 933 44.26 45.29 -117.81
C VAL C 933 45.16 45.43 -119.04
N LEU C 934 44.80 44.80 -120.16
CA LEU C 934 45.57 44.95 -121.38
C LEU C 934 45.30 46.31 -122.03
N GLY C 935 44.20 46.97 -121.68
CA GLY C 935 43.96 48.33 -122.13
C GLY C 935 44.99 49.33 -121.65
N ALA C 936 45.72 49.02 -120.58
CA ALA C 936 46.79 49.90 -120.12
C ALA C 936 48.05 49.78 -120.96
N GLY C 937 48.14 48.77 -121.83
CA GLY C 937 49.28 48.64 -122.71
C GLY C 937 50.48 47.97 -122.07
N VAL C 938 50.24 46.87 -121.39
CA VAL C 938 51.32 46.13 -120.73
C VAL C 938 51.70 44.94 -121.60
N GLU C 939 52.98 44.86 -121.94
CA GLU C 939 53.48 43.73 -122.72
C GLU C 939 53.58 42.50 -121.82
N PRO C 940 52.89 41.41 -122.15
CA PRO C 940 52.96 40.22 -121.30
C PRO C 940 54.29 39.50 -121.46
N LYS C 941 54.83 39.04 -120.34
CA LYS C 941 56.10 38.33 -120.33
C LYS C 941 55.85 36.84 -120.39
N ASP C 942 56.71 36.14 -121.13
CA ASP C 942 56.52 34.70 -121.34
C ASP C 942 56.88 33.94 -120.07
N VAL C 943 55.95 33.12 -119.60
CA VAL C 943 56.14 32.28 -118.43
C VAL C 943 55.89 30.84 -118.86
N ALA C 944 56.76 29.92 -118.40
CA ALA C 944 56.71 28.55 -118.88
C ALA C 944 55.51 27.79 -118.31
N SER C 945 54.88 28.29 -117.26
CA SER C 945 53.72 27.65 -116.67
C SER C 945 52.80 28.72 -116.14
N ARG C 946 51.91 28.33 -115.24
CA ARG C 946 51.11 29.32 -114.54
C ARG C 946 51.51 29.45 -113.08
N ARG C 947 52.09 28.40 -112.49
CA ARG C 947 52.42 28.40 -111.06
C ARG C 947 53.45 29.44 -110.65
N LEU C 948 54.70 29.28 -111.09
CA LEU C 948 55.80 30.23 -110.82
C LEU C 948 55.96 30.48 -109.32
N GLY C 949 56.36 29.42 -108.64
CA GLY C 949 56.48 29.45 -107.19
C GLY C 949 57.75 30.08 -106.67
N ARG C 950 58.89 29.50 -107.03
CA ARG C 950 60.15 29.91 -106.42
C ARG C 950 60.64 31.24 -106.98
N ALA C 951 60.42 31.49 -108.27
CA ALA C 951 60.60 32.79 -108.93
C ALA C 951 62.05 33.26 -108.95
N ASP C 952 62.97 32.32 -109.17
CA ASP C 952 64.32 32.71 -109.59
C ASP C 952 64.87 31.82 -110.70
N VAL C 953 64.23 30.70 -111.00
CA VAL C 953 64.63 29.82 -112.09
C VAL C 953 63.40 29.62 -112.97
N ALA C 954 63.64 29.40 -114.26
CA ALA C 954 62.55 29.18 -115.20
C ALA C 954 62.89 28.02 -116.10
N GLY C 955 61.86 27.34 -116.59
CA GLY C 955 62.04 26.20 -117.45
C GLY C 955 61.25 25.00 -116.96
N PRO C 956 61.67 23.80 -117.38
CA PRO C 956 60.96 22.60 -116.91
C PRO C 956 61.17 22.29 -115.44
N LEU C 957 62.37 22.53 -114.91
CA LEU C 957 62.55 22.23 -113.49
C LEU C 957 61.85 23.24 -112.60
N ALA C 958 61.49 24.42 -113.12
CA ALA C 958 60.62 25.30 -112.36
C ALA C 958 59.28 24.64 -112.10
N VAL C 959 58.71 24.01 -113.13
CA VAL C 959 57.45 23.29 -113.00
C VAL C 959 57.60 22.10 -112.08
N VAL C 960 58.72 21.38 -112.21
CA VAL C 960 58.97 20.21 -111.38
C VAL C 960 59.16 20.58 -109.92
N LEU C 961 59.83 21.70 -109.64
CA LEU C 961 60.00 22.14 -108.26
C LEU C 961 58.69 22.59 -107.64
N ASP C 962 57.93 23.42 -108.33
CA ASP C 962 56.77 23.97 -107.65
C ASP C 962 55.52 23.10 -107.75
N ALA C 963 55.57 21.99 -108.48
CA ALA C 963 54.41 21.10 -108.53
C ALA C 963 54.30 20.31 -107.23
N PRO C 964 53.16 20.34 -106.56
CA PRO C 964 53.02 19.58 -105.30
C PRO C 964 52.61 18.12 -105.49
N ASP C 965 51.90 17.80 -106.57
CA ASP C 965 51.46 16.44 -106.81
C ASP C 965 51.91 15.98 -108.19
N VAL C 966 52.24 14.70 -108.31
CA VAL C 966 52.55 14.10 -109.60
C VAL C 966 51.64 12.90 -109.79
N ARG C 967 51.55 12.45 -111.03
CA ARG C 967 50.83 11.22 -111.35
C ARG C 967 51.86 10.12 -111.59
N TRP C 968 51.93 9.18 -110.65
CA TRP C 968 52.99 8.19 -110.60
C TRP C 968 52.38 6.81 -110.84
N ALA C 969 52.35 6.43 -112.12
CA ALA C 969 51.75 5.17 -112.60
C ALA C 969 50.29 5.06 -112.19
N GLY C 970 49.47 5.97 -112.70
CA GLY C 970 48.03 5.92 -112.53
C GLY C 970 47.51 6.57 -111.28
N ARG C 971 48.37 6.86 -110.30
CA ARG C 971 47.95 7.31 -108.99
C ARG C 971 48.57 8.67 -108.70
N THR C 972 47.89 9.47 -107.88
CA THR C 972 48.38 10.81 -107.54
C THR C 972 49.12 10.71 -106.21
N VAL C 973 50.41 10.55 -106.29
CA VAL C 973 51.31 10.58 -105.14
C VAL C 973 51.92 11.97 -105.10
N THR C 974 52.19 12.47 -103.90
CA THR C 974 52.85 13.76 -103.78
C THR C 974 54.25 13.71 -104.37
N ASN C 975 54.70 14.86 -104.82
CA ASN C 975 55.90 15.00 -105.64
C ASN C 975 57.12 14.61 -104.79
N PRO C 976 57.93 13.63 -105.23
CA PRO C 976 59.06 13.21 -104.38
C PRO C 976 60.15 14.26 -104.23
N VAL C 977 60.38 15.07 -105.26
CA VAL C 977 61.34 16.16 -105.13
C VAL C 977 60.82 17.21 -104.16
N HIS C 978 59.51 17.36 -104.07
CA HIS C 978 58.92 18.19 -103.04
C HIS C 978 59.05 17.53 -101.69
N ARG C 979 58.94 16.20 -101.65
CA ARG C 979 58.86 15.42 -100.42
C ARG C 979 60.19 15.35 -99.68
N ILE C 980 61.31 15.33 -100.42
CA ILE C 980 62.63 15.27 -99.79
C ILE C 980 62.89 16.53 -98.97
N ALA C 981 62.57 17.69 -99.53
CA ALA C 981 62.64 18.95 -98.79
C ALA C 981 61.54 19.85 -99.33
N ASP C 982 60.42 19.94 -98.59
CA ASP C 982 59.11 20.40 -99.06
C ASP C 982 59.18 21.81 -99.68
N PRO C 983 59.49 22.95 -98.98
CA PRO C 983 59.71 24.15 -99.80
C PRO C 983 61.19 24.42 -100.06
N ALA C 984 61.49 24.89 -101.27
CA ALA C 984 62.49 25.94 -101.49
C ALA C 984 63.88 25.78 -100.87
N GLU C 985 64.24 24.60 -100.39
CA GLU C 985 65.56 24.40 -99.79
C GLU C 985 66.54 23.78 -100.77
N TRP C 986 66.18 23.74 -102.04
CA TRP C 986 67.07 23.26 -103.08
C TRP C 986 67.89 24.41 -103.60
N GLN C 987 69.17 24.16 -103.83
CA GLN C 987 70.04 25.20 -104.34
C GLN C 987 70.16 25.08 -105.86
N VAL C 988 70.10 26.22 -106.52
CA VAL C 988 70.04 26.28 -107.98
C VAL C 988 71.40 26.63 -108.53
N HIS C 989 71.65 26.19 -109.77
CA HIS C 989 72.90 26.48 -110.47
C HIS C 989 72.57 26.66 -111.94
N ASP C 990 72.94 27.81 -112.50
CA ASP C 990 72.70 28.16 -113.89
C ASP C 990 73.95 28.80 -114.48
N GLY C 991 75.09 28.13 -114.31
CA GLY C 991 76.35 28.65 -114.76
C GLY C 991 76.50 28.72 -116.27
N PRO C 992 76.61 27.55 -116.93
CA PRO C 992 76.70 27.53 -118.39
C PRO C 992 75.34 27.51 -119.09
N GLU C 993 74.31 27.95 -118.37
CA GLU C 993 72.89 27.93 -118.78
C GLU C 993 72.41 26.50 -119.02
N ASN C 994 72.60 25.65 -118.02
CA ASN C 994 71.72 24.52 -117.79
C ASN C 994 71.31 24.54 -116.33
N PRO C 995 70.03 24.75 -116.03
CA PRO C 995 69.62 24.81 -114.64
C PRO C 995 69.68 23.44 -114.00
N ARG C 996 70.25 23.39 -112.80
CA ARG C 996 70.27 22.17 -112.03
C ARG C 996 70.11 22.52 -110.56
N ALA C 997 69.48 21.62 -109.83
CA ALA C 997 69.22 21.88 -108.42
C ALA C 997 69.75 20.73 -107.60
N THR C 998 70.40 21.06 -106.49
CA THR C 998 70.97 20.08 -105.59
C THR C 998 70.43 20.27 -104.20
N HIS C 999 70.39 19.18 -103.44
CA HIS C 999 70.09 19.21 -102.02
C HIS C 999 71.34 18.82 -101.26
N SER C 1000 71.76 19.66 -100.33
CA SER C 1000 73.07 19.48 -99.71
C SER C 1000 73.07 18.35 -98.70
N SER C 1001 72.03 18.25 -97.88
CA SER C 1001 72.06 17.32 -96.76
C SER C 1001 71.83 15.87 -97.15
N THR C 1002 71.37 15.60 -98.37
CA THR C 1002 71.19 14.23 -98.84
C THR C 1002 72.00 13.92 -100.07
N GLY C 1003 72.14 14.87 -100.98
CA GLY C 1003 72.88 14.66 -102.20
C GLY C 1003 72.05 14.50 -103.46
N ALA C 1004 70.76 14.80 -103.40
CA ALA C 1004 69.89 14.60 -104.55
C ALA C 1004 70.10 15.70 -105.59
N ARG C 1005 69.90 15.33 -106.85
CA ARG C 1005 70.12 16.22 -107.98
C ARG C 1005 68.89 16.23 -108.89
N LEU C 1006 68.76 17.32 -109.65
CA LEU C 1006 67.65 17.55 -110.56
C LEU C 1006 68.16 17.87 -111.96
N GLN C 1007 68.93 16.95 -112.55
CA GLN C 1007 69.54 17.22 -113.84
C GLN C 1007 68.47 17.32 -114.94
N THR C 1008 68.82 18.03 -116.00
CA THR C 1008 67.92 18.28 -117.13
C THR C 1008 68.49 17.63 -118.38
N HIS C 1009 67.95 16.47 -118.74
CA HIS C 1009 68.36 15.79 -119.96
C HIS C 1009 67.58 16.41 -121.12
N GLY C 1010 68.13 17.49 -121.68
CA GLY C 1010 67.46 18.21 -122.74
C GLY C 1010 66.25 18.97 -122.23
N ASP C 1011 65.06 18.58 -122.69
CA ASP C 1011 63.81 19.09 -122.11
C ASP C 1011 63.12 17.90 -121.46
N ASP C 1012 63.59 17.59 -120.26
CA ASP C 1012 63.20 16.42 -119.47
C ASP C 1012 63.89 16.55 -118.13
N VAL C 1013 63.28 16.06 -117.06
CA VAL C 1013 63.81 16.26 -115.71
C VAL C 1013 64.13 14.91 -115.09
N ALA C 1014 65.33 14.78 -114.53
CA ALA C 1014 65.78 13.55 -113.89
C ALA C 1014 66.15 13.86 -112.45
N LEU C 1015 65.42 13.26 -111.52
CA LEU C 1015 65.74 13.30 -110.11
C LEU C 1015 66.63 12.11 -109.77
N SER C 1016 67.84 12.38 -109.30
CA SER C 1016 68.77 11.33 -108.95
C SER C 1016 69.07 11.40 -107.46
N VAL C 1017 68.87 10.28 -106.78
CA VAL C 1017 69.02 10.19 -105.33
C VAL C 1017 70.10 9.19 -105.02
N PRO C 1018 71.13 9.54 -104.24
CA PRO C 1018 72.05 8.53 -103.74
C PRO C 1018 71.47 7.83 -102.52
N VAL C 1019 71.09 6.57 -102.69
CA VAL C 1019 70.41 5.87 -101.61
C VAL C 1019 71.43 5.27 -100.65
N SER C 1020 72.20 4.30 -101.11
CA SER C 1020 73.28 3.76 -100.28
C SER C 1020 74.38 3.30 -101.23
N GLY C 1021 75.31 4.21 -101.52
CA GLY C 1021 76.40 3.90 -102.42
C GLY C 1021 76.05 4.09 -103.88
N THR C 1022 74.84 3.73 -104.28
CA THR C 1022 74.42 3.77 -105.67
C THR C 1022 73.29 4.77 -105.85
N TRP C 1023 72.95 5.00 -107.11
CA TRP C 1023 72.03 6.05 -107.51
C TRP C 1023 70.70 5.48 -107.95
N VAL C 1024 69.63 6.23 -107.73
CA VAL C 1024 68.31 5.91 -108.22
C VAL C 1024 67.82 7.09 -109.05
N ASP C 1025 67.45 6.81 -110.30
CA ASP C 1025 67.01 7.82 -111.25
C ASP C 1025 65.51 7.72 -111.45
N ILE C 1026 64.81 8.84 -111.28
CA ILE C 1026 63.38 8.95 -111.52
C ILE C 1026 63.19 10.00 -112.59
N ARG C 1027 62.50 9.62 -113.67
CA ARG C 1027 62.38 10.46 -114.85
C ARG C 1027 60.98 11.05 -114.95
N PHE C 1028 60.89 12.35 -115.09
CA PHE C 1028 59.62 13.06 -115.15
C PHE C 1028 59.32 13.43 -116.59
N THR C 1029 58.07 13.28 -117.00
CA THR C 1029 57.62 13.71 -118.31
C THR C 1029 56.54 14.77 -118.16
N LEU C 1030 56.60 15.78 -119.00
CA LEU C 1030 55.72 16.94 -118.90
C LEU C 1030 54.90 17.07 -120.17
N PRO C 1031 53.63 16.71 -120.17
CA PRO C 1031 52.78 16.96 -121.32
C PRO C 1031 52.36 18.42 -121.40
N ALA C 1032 51.51 18.71 -122.39
CA ALA C 1032 50.98 20.07 -122.52
C ALA C 1032 49.91 20.36 -121.49
N ASN C 1033 49.47 19.35 -120.75
CA ASN C 1033 48.50 19.53 -119.67
C ASN C 1033 49.08 20.35 -118.53
N THR C 1034 50.40 20.29 -118.34
CA THR C 1034 51.08 20.94 -117.22
C THR C 1034 51.31 22.42 -117.43
N VAL C 1035 50.74 23.03 -118.47
CA VAL C 1035 50.85 24.47 -118.62
C VAL C 1035 49.97 25.17 -117.60
N ASP C 1036 48.73 24.72 -117.46
CA ASP C 1036 47.76 25.32 -116.54
C ASP C 1036 47.30 24.30 -115.51
N GLY C 1037 48.09 24.18 -114.44
CA GLY C 1037 47.67 23.40 -113.29
C GLY C 1037 47.70 21.89 -113.48
N GLY C 1038 48.38 21.40 -114.51
CA GLY C 1038 48.45 19.98 -114.73
C GLY C 1038 49.62 19.36 -113.97
N THR C 1039 49.37 18.21 -113.38
CA THR C 1039 50.41 17.53 -112.63
C THR C 1039 51.38 16.84 -113.59
N PRO C 1040 52.66 16.77 -113.22
CA PRO C 1040 53.59 15.97 -114.01
C PRO C 1040 53.26 14.49 -113.89
N VAL C 1041 53.56 13.76 -114.96
CA VAL C 1041 53.30 12.32 -114.99
C VAL C 1041 54.63 11.59 -114.99
N ILE C 1042 54.67 10.48 -114.27
CA ILE C 1042 55.84 9.61 -114.23
C ILE C 1042 55.44 8.32 -114.93
N ALA C 1043 56.13 8.01 -116.02
CA ALA C 1043 55.78 6.87 -116.83
C ALA C 1043 56.04 5.57 -116.07
N THR C 1044 55.20 4.58 -116.36
CA THR C 1044 55.22 3.34 -115.59
C THR C 1044 56.51 2.56 -115.83
N GLU C 1045 57.12 2.67 -117.01
CA GLU C 1045 58.36 1.94 -117.24
C GLU C 1045 59.56 2.62 -116.58
N ASP C 1046 59.54 3.96 -116.48
CA ASP C 1046 60.54 4.65 -115.68
C ASP C 1046 60.42 4.25 -114.21
N ALA C 1047 59.19 4.09 -113.73
CA ALA C 1047 59.02 3.63 -112.36
C ALA C 1047 59.41 2.15 -112.19
N THR C 1048 59.25 1.32 -113.24
CA THR C 1048 59.80 -0.04 -113.19
C THR C 1048 61.30 -0.02 -113.01
N SER C 1049 61.99 0.83 -113.78
CA SER C 1049 63.46 0.87 -113.71
C SER C 1049 63.93 1.35 -112.34
N ALA C 1050 63.27 2.38 -111.80
CA ALA C 1050 63.62 2.88 -110.48
C ALA C 1050 63.36 1.84 -109.39
N MET C 1051 62.24 1.14 -109.47
CA MET C 1051 61.99 0.18 -108.41
C MET C 1051 62.79 -1.10 -108.58
N ARG C 1052 63.20 -1.46 -109.79
CA ARG C 1052 64.07 -2.63 -109.90
C ARG C 1052 65.48 -2.31 -109.43
N THR C 1053 65.96 -1.08 -109.60
CA THR C 1053 67.27 -0.81 -109.03
C THR C 1053 67.22 -0.66 -107.51
N VAL C 1054 66.09 -0.20 -106.95
CA VAL C 1054 66.04 -0.23 -105.48
C VAL C 1054 65.76 -1.65 -104.97
N LEU C 1055 65.20 -2.53 -105.80
CA LEU C 1055 65.09 -3.93 -105.43
C LEU C 1055 66.46 -4.59 -105.39
N ALA C 1056 67.34 -4.19 -106.31
CA ALA C 1056 68.74 -4.62 -106.26
C ALA C 1056 69.41 -4.14 -104.99
N ILE C 1057 69.21 -2.86 -104.64
CA ILE C 1057 69.80 -2.32 -103.41
C ILE C 1057 69.26 -3.05 -102.18
N ALA C 1058 68.01 -3.51 -102.23
CA ALA C 1058 67.47 -4.28 -101.12
C ALA C 1058 68.09 -5.67 -101.03
N ALA C 1059 68.22 -6.38 -102.15
CA ALA C 1059 68.61 -7.78 -102.09
C ALA C 1059 70.08 -8.03 -102.42
N GLY C 1060 70.53 -7.69 -103.62
CA GLY C 1060 71.83 -8.14 -104.06
C GLY C 1060 72.31 -7.31 -105.24
N VAL C 1061 73.61 -7.45 -105.52
CA VAL C 1061 74.52 -6.40 -106.01
C VAL C 1061 73.95 -5.47 -107.07
N ASP C 1062 73.49 -6.02 -108.19
CA ASP C 1062 73.01 -5.20 -109.29
C ASP C 1062 71.73 -5.80 -109.86
N SER C 1063 70.89 -4.94 -110.38
CA SER C 1063 69.61 -5.39 -110.93
C SER C 1063 69.71 -6.19 -112.23
N PRO C 1064 70.60 -5.89 -113.22
CA PRO C 1064 70.64 -6.80 -114.37
C PRO C 1064 71.31 -8.13 -114.05
N GLU C 1065 70.45 -9.13 -113.83
CA GLU C 1065 70.82 -10.54 -113.71
C GLU C 1065 71.86 -10.79 -112.62
N PHE C 1066 71.54 -10.38 -111.40
CA PHE C 1066 72.30 -10.87 -110.25
C PHE C 1066 71.34 -11.30 -109.16
N LEU C 1067 70.15 -10.73 -109.15
CA LEU C 1067 69.04 -11.34 -108.45
C LEU C 1067 68.70 -12.67 -109.12
N PRO C 1068 68.26 -13.68 -108.35
CA PRO C 1068 68.09 -15.01 -108.94
C PRO C 1068 66.93 -15.07 -109.90
N ALA C 1069 67.04 -15.97 -110.88
CA ALA C 1069 66.09 -16.02 -111.97
C ALA C 1069 64.76 -16.59 -111.51
N VAL C 1070 63.70 -16.12 -112.13
CA VAL C 1070 62.34 -16.56 -111.83
C VAL C 1070 62.02 -17.68 -112.82
N ALA C 1071 61.56 -18.81 -112.29
CA ALA C 1071 61.10 -19.91 -113.11
C ALA C 1071 59.69 -19.65 -113.61
N ASN C 1072 59.03 -20.73 -114.04
CA ASN C 1072 57.63 -20.71 -114.43
C ASN C 1072 56.74 -20.10 -113.34
N GLY C 1073 56.95 -20.50 -112.10
CA GLY C 1073 56.30 -19.81 -111.00
C GLY C 1073 57.25 -19.45 -109.86
N THR C 1074 58.39 -20.12 -109.80
CA THR C 1074 59.19 -20.16 -108.58
C THR C 1074 60.46 -19.34 -108.75
N ALA C 1075 61.20 -19.22 -107.64
CA ALA C 1075 62.55 -18.70 -107.65
C ALA C 1075 63.36 -19.54 -106.67
N THR C 1076 64.48 -20.08 -107.11
CA THR C 1076 65.23 -21.07 -106.35
C THR C 1076 66.62 -20.56 -106.03
N LEU C 1077 67.14 -21.00 -104.88
CA LEU C 1077 68.51 -20.72 -104.48
C LEU C 1077 69.10 -21.92 -103.77
N THR C 1078 70.43 -22.03 -103.83
CA THR C 1078 71.18 -23.02 -103.07
C THR C 1078 72.23 -22.28 -102.26
N VAL C 1079 72.14 -22.37 -100.93
CA VAL C 1079 72.99 -21.60 -100.04
C VAL C 1079 73.75 -22.53 -99.10
N ASP C 1080 74.90 -22.05 -98.66
CA ASP C 1080 75.74 -22.78 -97.72
C ASP C 1080 75.35 -22.36 -96.30
N TRP C 1081 75.04 -23.34 -95.46
CA TRP C 1081 74.57 -23.08 -94.11
C TRP C 1081 75.62 -23.54 -93.11
N HIS C 1082 75.92 -22.68 -92.14
CA HIS C 1082 76.83 -22.94 -91.04
C HIS C 1082 76.14 -22.67 -89.72
N PRO C 1083 76.34 -23.53 -88.71
CA PRO C 1083 75.61 -23.35 -87.45
C PRO C 1083 76.09 -22.20 -86.58
N GLU C 1084 77.33 -21.73 -86.75
CA GLU C 1084 77.86 -20.64 -85.94
C GLU C 1084 77.29 -19.28 -86.36
N ARG C 1085 76.75 -19.20 -87.57
CA ARG C 1085 76.06 -17.99 -87.98
C ARG C 1085 74.77 -17.80 -87.19
N VAL C 1086 74.18 -18.90 -86.70
CA VAL C 1086 73.04 -18.78 -85.80
C VAL C 1086 73.48 -18.16 -84.48
N ALA C 1087 74.70 -18.49 -84.04
CA ALA C 1087 75.20 -17.95 -82.78
C ALA C 1087 75.45 -16.45 -82.88
N ASP C 1088 76.11 -16.00 -83.96
CA ASP C 1088 76.28 -14.55 -84.02
C ASP C 1088 75.04 -13.82 -84.53
N HIS C 1089 74.02 -14.55 -84.99
CA HIS C 1089 72.70 -13.97 -85.14
C HIS C 1089 72.05 -13.67 -83.79
N THR C 1090 72.06 -14.66 -82.90
CA THR C 1090 71.46 -14.48 -81.57
C THR C 1090 72.21 -13.46 -80.75
N GLY C 1091 73.52 -13.34 -80.98
CA GLY C 1091 74.29 -12.30 -80.30
C GLY C 1091 73.90 -10.89 -80.69
N VAL C 1092 73.37 -10.72 -81.90
CA VAL C 1092 72.89 -9.40 -82.30
C VAL C 1092 71.45 -9.20 -81.84
N THR C 1093 70.62 -10.23 -81.97
CA THR C 1093 69.21 -10.08 -81.64
C THR C 1093 68.97 -9.98 -80.15
N ALA C 1094 69.35 -11.02 -79.40
CA ALA C 1094 68.99 -11.11 -77.98
C ALA C 1094 69.86 -10.17 -77.17
N THR C 1095 69.29 -9.03 -76.79
CA THR C 1095 69.94 -8.02 -75.96
C THR C 1095 69.10 -7.77 -74.73
N PHE C 1096 68.72 -8.85 -74.06
CA PHE C 1096 67.72 -8.84 -73.00
C PHE C 1096 68.30 -8.30 -71.70
N GLY C 1097 67.56 -8.45 -70.62
CA GLY C 1097 67.97 -7.95 -69.31
C GLY C 1097 68.98 -8.83 -68.62
N GLU C 1098 68.97 -8.80 -67.29
CA GLU C 1098 69.89 -9.62 -66.52
C GLU C 1098 69.49 -11.10 -66.37
N PRO C 1099 68.32 -11.47 -65.81
CA PRO C 1099 68.19 -12.83 -65.25
C PRO C 1099 68.08 -13.92 -66.30
N LEU C 1100 67.76 -13.58 -67.54
CA LEU C 1100 67.47 -14.60 -68.55
C LEU C 1100 68.77 -15.12 -69.16
N ALA C 1101 68.62 -16.02 -70.14
CA ALA C 1101 69.74 -16.58 -70.86
C ALA C 1101 69.19 -17.13 -72.17
N PRO C 1102 69.92 -17.02 -73.27
CA PRO C 1102 69.42 -17.57 -74.54
C PRO C 1102 69.40 -19.08 -74.52
N SER C 1103 68.61 -19.64 -75.42
CA SER C 1103 68.44 -21.08 -75.48
C SER C 1103 69.67 -21.75 -76.09
N LEU C 1104 69.69 -23.08 -76.00
CA LEU C 1104 70.77 -23.86 -76.59
C LEU C 1104 70.41 -24.38 -77.97
N THR C 1105 69.15 -24.72 -78.20
CA THR C 1105 68.71 -25.12 -79.52
C THR C 1105 68.57 -23.90 -80.41
N ASN C 1106 68.52 -24.15 -81.71
CA ASN C 1106 68.44 -23.06 -82.66
C ASN C 1106 67.00 -22.57 -82.77
N VAL C 1107 66.86 -21.30 -83.13
CA VAL C 1107 65.57 -20.62 -83.12
C VAL C 1107 65.07 -20.70 -84.56
N PRO C 1108 63.75 -20.76 -84.82
CA PRO C 1108 63.29 -20.87 -86.21
C PRO C 1108 63.47 -19.62 -87.04
N ASP C 1109 63.76 -18.47 -86.44
CA ASP C 1109 64.11 -17.29 -87.23
C ASP C 1109 65.61 -17.21 -87.46
N ALA C 1110 66.17 -18.29 -87.98
CA ALA C 1110 67.52 -18.29 -88.51
C ALA C 1110 67.59 -18.80 -89.93
N LEU C 1111 66.61 -19.57 -90.38
CA LEU C 1111 66.52 -19.96 -91.78
C LEU C 1111 66.05 -18.84 -92.67
N VAL C 1112 65.43 -17.80 -92.10
CA VAL C 1112 64.99 -16.64 -92.88
C VAL C 1112 66.14 -15.78 -93.36
N GLY C 1113 67.34 -16.00 -92.83
CA GLY C 1113 68.52 -15.28 -93.22
C GLY C 1113 68.91 -15.48 -94.67
N PRO C 1114 69.36 -16.68 -95.04
CA PRO C 1114 69.90 -16.88 -96.38
C PRO C 1114 68.87 -16.95 -97.50
N CYS C 1115 67.58 -16.75 -97.22
CA CYS C 1115 66.56 -16.88 -98.25
C CYS C 1115 65.98 -15.53 -98.67
N TRP C 1116 66.68 -14.44 -98.40
CA TRP C 1116 66.15 -13.15 -98.87
C TRP C 1116 66.19 -12.92 -100.39
N PRO C 1117 67.24 -13.26 -101.16
CA PRO C 1117 67.15 -12.99 -102.60
C PRO C 1117 66.07 -13.79 -103.33
N ALA C 1118 65.66 -14.93 -102.79
CA ALA C 1118 64.55 -15.67 -103.38
C ALA C 1118 63.25 -14.91 -103.25
N VAL C 1119 62.96 -14.37 -102.06
CA VAL C 1119 61.68 -13.72 -101.88
C VAL C 1119 61.66 -12.34 -102.54
N PHE C 1120 62.80 -11.66 -102.64
CA PHE C 1120 62.79 -10.41 -103.39
C PHE C 1120 62.71 -10.64 -104.88
N ALA C 1121 63.29 -11.74 -105.37
CA ALA C 1121 63.09 -12.08 -106.77
C ALA C 1121 61.65 -12.51 -107.05
N ALA C 1122 60.98 -13.07 -106.04
CA ALA C 1122 59.56 -13.41 -106.21
C ALA C 1122 58.70 -12.15 -106.23
N ILE C 1123 59.04 -11.16 -105.41
CA ILE C 1123 58.35 -9.87 -105.47
C ILE C 1123 58.57 -9.19 -106.81
N GLY C 1124 59.80 -9.29 -107.34
CA GLY C 1124 60.16 -8.66 -108.59
C GLY C 1124 59.44 -9.19 -109.82
N SER C 1125 58.70 -10.29 -109.69
CA SER C 1125 57.89 -10.79 -110.79
C SER C 1125 56.47 -11.12 -110.36
N ALA C 1126 56.10 -10.87 -109.10
CA ALA C 1126 54.74 -11.12 -108.66
C ALA C 1126 53.78 -10.15 -109.32
N VAL C 1127 52.64 -10.67 -109.79
CA VAL C 1127 51.64 -9.87 -110.44
C VAL C 1127 50.30 -10.05 -109.72
N THR C 1128 49.45 -9.03 -109.85
CA THR C 1128 48.06 -9.15 -109.44
C THR C 1128 47.26 -9.81 -110.54
N ASP C 1129 45.94 -9.73 -110.43
CA ASP C 1129 45.08 -10.08 -111.54
C ASP C 1129 45.20 -8.96 -112.58
N THR C 1130 46.05 -9.19 -113.57
CA THR C 1130 46.37 -8.27 -114.69
C THR C 1130 46.93 -6.94 -114.17
N GLY C 1131 48.13 -7.03 -113.59
CA GLY C 1131 48.85 -5.87 -113.11
C GLY C 1131 49.96 -6.30 -112.16
N GLU C 1132 51.05 -5.55 -112.06
CA GLU C 1132 52.21 -6.02 -111.31
C GLU C 1132 52.61 -5.13 -110.14
N PRO C 1133 52.61 -5.65 -108.90
CA PRO C 1133 53.22 -4.91 -107.78
C PRO C 1133 54.72 -5.13 -107.68
N VAL C 1134 55.46 -4.51 -108.58
CA VAL C 1134 56.90 -4.37 -108.45
C VAL C 1134 57.29 -2.92 -108.34
N VAL C 1135 56.37 -2.04 -108.70
CA VAL C 1135 56.62 -0.75 -109.28
C VAL C 1135 55.95 0.30 -108.43
N GLU C 1136 54.65 0.16 -108.28
CA GLU C 1136 53.87 1.16 -107.58
C GLU C 1136 54.07 1.12 -106.08
N GLY C 1137 54.69 0.08 -105.53
CA GLY C 1137 54.78 0.06 -104.10
C GLY C 1137 56.00 -0.53 -103.46
N LEU C 1138 57.14 -0.55 -104.14
CA LEU C 1138 58.30 -1.15 -103.49
C LEU C 1138 58.85 -0.23 -102.40
N LEU C 1139 58.78 1.07 -102.61
CA LEU C 1139 59.05 1.98 -101.50
C LEU C 1139 57.89 2.04 -100.49
N SER C 1140 56.72 1.50 -100.83
CA SER C 1140 55.63 1.41 -99.87
C SER C 1140 55.41 -0.03 -99.40
N LEU C 1141 56.48 -0.81 -99.33
CA LEU C 1141 56.41 -2.22 -98.97
C LEU C 1141 56.55 -2.38 -97.47
N VAL C 1142 55.63 -3.15 -96.87
CA VAL C 1142 55.67 -3.45 -95.44
C VAL C 1142 55.55 -4.96 -95.29
N HIS C 1143 56.40 -5.55 -94.46
CA HIS C 1143 56.23 -6.96 -94.10
C HIS C 1143 55.04 -7.08 -93.16
N LEU C 1144 53.94 -7.63 -93.66
CA LEU C 1144 52.69 -7.61 -92.91
C LEU C 1144 52.68 -8.65 -91.80
N ASP C 1145 52.89 -9.91 -92.13
CA ASP C 1145 52.93 -10.96 -91.12
C ASP C 1145 53.72 -12.16 -91.64
N HIS C 1146 54.17 -12.97 -90.68
CA HIS C 1146 55.14 -14.03 -90.93
C HIS C 1146 54.65 -15.31 -90.25
N ALA C 1147 54.94 -16.44 -90.87
CA ALA C 1147 54.52 -17.72 -90.29
C ALA C 1147 55.52 -18.80 -90.65
N ALA C 1148 55.86 -19.62 -89.65
CA ALA C 1148 56.89 -20.63 -89.77
C ALA C 1148 56.36 -21.98 -89.31
N ARG C 1149 56.75 -23.02 -90.02
CA ARG C 1149 56.40 -24.40 -89.69
C ARG C 1149 57.62 -25.26 -89.93
N VAL C 1150 58.14 -25.88 -88.88
CA VAL C 1150 59.34 -26.69 -89.00
C VAL C 1150 58.97 -28.17 -88.98
N VAL C 1151 59.67 -28.94 -89.78
CA VAL C 1151 59.71 -30.38 -89.64
C VAL C 1151 60.78 -30.68 -88.59
N GLY C 1152 60.73 -31.87 -87.98
CA GLY C 1152 61.57 -32.21 -86.83
C GLY C 1152 63.06 -32.16 -87.07
N GLN C 1153 63.51 -32.23 -88.33
CA GLN C 1153 64.92 -32.06 -88.63
C GLN C 1153 65.30 -30.59 -88.57
N LEU C 1154 66.56 -30.33 -88.23
CA LEU C 1154 67.14 -29.02 -88.23
C LEU C 1154 68.62 -29.36 -88.27
N PRO C 1155 69.37 -28.82 -89.22
CA PRO C 1155 70.77 -29.24 -89.38
C PRO C 1155 71.65 -28.70 -88.26
N THR C 1156 72.77 -29.36 -88.04
CA THR C 1156 73.76 -28.93 -87.07
C THR C 1156 75.18 -29.12 -87.57
N VAL C 1157 75.33 -29.52 -88.83
CA VAL C 1157 76.62 -29.70 -89.46
C VAL C 1157 76.72 -28.64 -90.56
N PRO C 1158 77.92 -28.24 -90.99
CA PRO C 1158 77.99 -27.32 -92.13
C PRO C 1158 77.56 -28.02 -93.41
N ALA C 1159 76.51 -27.48 -94.04
CA ALA C 1159 75.85 -28.17 -95.13
C ALA C 1159 75.57 -27.19 -96.26
N GLN C 1160 74.95 -27.70 -97.32
CA GLN C 1160 74.53 -26.89 -98.46
C GLN C 1160 73.07 -27.23 -98.75
N LEU C 1161 72.17 -26.34 -98.43
CA LEU C 1161 70.74 -26.58 -98.58
C LEU C 1161 70.18 -25.66 -99.66
N THR C 1162 68.87 -25.76 -99.89
CA THR C 1162 68.26 -25.01 -100.98
C THR C 1162 66.88 -24.52 -100.55
N VAL C 1163 66.46 -23.41 -101.17
CA VAL C 1163 65.19 -22.76 -100.89
C VAL C 1163 64.47 -22.49 -102.20
N THR C 1164 63.13 -22.48 -102.11
CA THR C 1164 62.30 -22.25 -103.29
C THR C 1164 61.10 -21.42 -102.86
N ALA C 1165 60.95 -20.24 -103.46
CA ALA C 1165 59.91 -19.29 -103.09
C ALA C 1165 58.96 -19.07 -104.24
N THR C 1166 57.65 -19.12 -103.95
CA THR C 1166 56.60 -18.88 -104.93
C THR C 1166 55.77 -17.71 -104.45
N ALA C 1167 55.49 -16.79 -105.37
CA ALA C 1167 54.66 -15.63 -105.07
C ALA C 1167 53.28 -15.84 -105.67
N ALA C 1168 52.26 -15.79 -104.82
CA ALA C 1168 50.91 -16.02 -105.33
C ALA C 1168 50.39 -14.76 -106.02
N ASN C 1169 49.22 -14.90 -106.65
CA ASN C 1169 48.60 -13.77 -107.32
C ASN C 1169 48.10 -12.77 -106.29
N ALA C 1170 48.64 -11.56 -106.34
CA ALA C 1170 48.38 -10.57 -105.31
C ALA C 1170 46.99 -9.97 -105.44
N THR C 1171 46.36 -9.76 -104.30
CA THR C 1171 45.07 -9.09 -104.27
C THR C 1171 45.24 -7.72 -103.65
N ASP C 1172 44.15 -7.00 -103.49
CA ASP C 1172 44.21 -5.67 -102.88
C ASP C 1172 43.01 -5.46 -101.97
N THR C 1173 43.24 -5.60 -100.67
CA THR C 1173 42.19 -5.50 -99.68
C THR C 1173 42.12 -4.09 -99.12
N ASP C 1174 41.24 -3.91 -98.14
CA ASP C 1174 40.88 -2.61 -97.61
C ASP C 1174 41.98 -1.92 -96.81
N MET C 1175 43.14 -2.55 -96.64
CA MET C 1175 44.29 -1.87 -96.08
C MET C 1175 45.44 -1.73 -97.06
N GLY C 1176 45.39 -2.40 -98.20
CA GLY C 1176 46.48 -2.30 -99.15
C GLY C 1176 46.54 -3.55 -100.02
N ARG C 1177 47.50 -3.53 -100.93
CA ARG C 1177 47.67 -4.63 -101.87
C ARG C 1177 48.51 -5.73 -101.22
N VAL C 1178 47.88 -6.85 -100.96
CA VAL C 1178 48.52 -7.97 -100.26
C VAL C 1178 49.15 -8.90 -101.29
N VAL C 1179 50.44 -9.11 -101.16
CA VAL C 1179 51.24 -10.05 -101.94
C VAL C 1179 51.63 -11.20 -101.01
N PRO C 1180 51.02 -12.37 -101.12
CA PRO C 1180 51.48 -13.50 -100.31
C PRO C 1180 52.59 -14.26 -101.02
N VAL C 1181 53.53 -14.76 -100.24
CA VAL C 1181 54.66 -15.49 -100.79
C VAL C 1181 55.04 -16.61 -99.83
N SER C 1182 55.22 -17.81 -100.39
CA SER C 1182 55.48 -19.01 -99.62
C SER C 1182 56.79 -19.64 -100.10
N VAL C 1183 57.71 -19.84 -99.16
CA VAL C 1183 59.01 -20.42 -99.47
C VAL C 1183 59.16 -21.70 -98.67
N VAL C 1184 59.81 -22.70 -99.26
CA VAL C 1184 60.08 -23.96 -98.60
C VAL C 1184 61.58 -24.21 -98.68
N VAL C 1185 62.15 -24.77 -97.61
CA VAL C 1185 63.58 -25.00 -97.53
C VAL C 1185 63.84 -26.49 -97.36
N THR C 1186 64.64 -27.06 -98.26
CA THR C 1186 64.96 -28.48 -98.21
C THR C 1186 66.47 -28.67 -98.20
N GLY C 1187 66.90 -29.72 -97.52
CA GLY C 1187 68.31 -30.04 -97.41
C GLY C 1187 68.87 -30.71 -98.66
N ALA C 1188 69.98 -31.41 -98.47
CA ALA C 1188 70.63 -32.06 -99.60
C ALA C 1188 69.95 -33.37 -99.97
N ASP C 1189 69.38 -34.05 -98.99
CA ASP C 1189 68.74 -35.34 -99.22
C ASP C 1189 67.30 -35.23 -99.72
N GLY C 1190 66.85 -34.03 -100.10
CA GLY C 1190 65.48 -33.86 -100.52
C GLY C 1190 64.47 -33.81 -99.40
N ALA C 1191 64.91 -33.85 -98.15
CA ALA C 1191 63.99 -33.78 -97.02
C ALA C 1191 63.59 -32.34 -96.77
N VAL C 1192 62.30 -32.11 -96.55
CA VAL C 1192 61.79 -30.77 -96.27
C VAL C 1192 62.18 -30.39 -94.85
N ILE C 1193 62.94 -29.31 -94.73
CA ILE C 1193 63.34 -28.83 -93.40
C ILE C 1193 62.24 -27.97 -92.79
N ALA C 1194 61.85 -26.90 -93.48
CA ALA C 1194 60.85 -26.00 -92.94
C ALA C 1194 60.08 -25.33 -94.07
N THR C 1195 59.01 -24.65 -93.68
CA THR C 1195 58.09 -24.00 -94.61
C THR C 1195 57.70 -22.66 -94.02
N LEU C 1196 57.94 -21.60 -94.77
CA LEU C 1196 57.65 -20.24 -94.33
C LEU C 1196 56.60 -19.66 -95.26
N GLU C 1197 55.66 -18.93 -94.69
CA GLU C 1197 54.66 -18.20 -95.47
C GLU C 1197 54.52 -16.81 -94.90
N GLU C 1198 54.64 -15.80 -95.75
CA GLU C 1198 54.57 -14.44 -95.26
C GLU C 1198 53.85 -13.57 -96.27
N ARG C 1199 53.20 -12.54 -95.75
CA ARG C 1199 52.46 -11.62 -96.59
C ARG C 1199 53.11 -10.25 -96.56
N PHE C 1200 52.95 -9.53 -97.65
CA PHE C 1200 53.52 -8.21 -97.82
C PHE C 1200 52.41 -7.24 -98.17
N ALA C 1201 52.35 -6.13 -97.46
CA ALA C 1201 51.36 -5.11 -97.69
C ALA C 1201 51.99 -3.99 -98.49
N ILE C 1202 51.44 -3.72 -99.67
CA ILE C 1202 51.71 -2.51 -100.41
C ILE C 1202 50.72 -1.47 -99.91
N LEU C 1203 51.23 -0.42 -99.28
CA LEU C 1203 50.37 0.33 -98.37
C LEU C 1203 49.49 1.34 -99.09
N GLY C 1204 49.92 1.85 -100.23
CA GLY C 1204 49.21 2.94 -100.87
C GLY C 1204 47.86 2.59 -101.45
N ARG C 1205 47.86 1.75 -102.46
CA ARG C 1205 46.67 1.46 -103.24
C ARG C 1205 45.91 0.27 -102.67
N THR C 1206 44.58 0.34 -102.79
CA THR C 1206 43.70 -0.60 -102.13
C THR C 1206 42.57 -0.98 -103.05
N GLY C 1207 41.74 -1.90 -102.59
CA GLY C 1207 40.54 -2.30 -103.29
C GLY C 1207 39.52 -2.80 -102.32
N SER C 1208 38.49 -3.49 -102.80
CA SER C 1208 37.44 -4.05 -101.95
C SER C 1208 37.48 -5.57 -102.08
N ALA C 1209 38.34 -6.19 -101.29
CA ALA C 1209 38.40 -7.64 -101.19
C ALA C 1209 38.62 -7.99 -99.73
N GLU C 1210 38.13 -9.15 -99.32
CA GLU C 1210 38.20 -9.53 -97.92
C GLU C 1210 39.60 -10.05 -97.60
N LEU C 1211 40.15 -9.58 -96.48
CA LEU C 1211 41.48 -9.99 -96.05
C LEU C 1211 41.34 -11.26 -95.23
N ALA C 1212 41.81 -12.38 -95.79
CA ALA C 1212 41.75 -13.64 -95.07
C ALA C 1212 42.77 -13.65 -93.94
N ASP C 1213 42.35 -14.15 -92.79
CA ASP C 1213 43.23 -14.22 -91.62
C ASP C 1213 44.21 -15.38 -91.79
N PRO C 1214 45.48 -15.20 -91.40
CA PRO C 1214 46.46 -16.27 -91.56
C PRO C 1214 46.25 -17.40 -90.56
N ALA C 1215 47.01 -18.47 -90.77
CA ALA C 1215 46.87 -19.66 -89.95
C ALA C 1215 47.50 -19.43 -88.58
N ARG C 1216 46.80 -19.88 -87.54
CA ARG C 1216 47.27 -19.67 -86.18
C ARG C 1216 48.36 -20.67 -85.85
N ALA C 1217 49.43 -20.17 -85.24
CA ALA C 1217 50.59 -20.95 -84.80
C ALA C 1217 51.24 -21.70 -85.95
N GLY C 1218 51.31 -21.07 -87.11
CA GLY C 1218 52.02 -21.62 -88.25
C GLY C 1218 51.41 -22.85 -88.88
N GLY C 1219 50.20 -23.23 -88.50
CA GLY C 1219 49.58 -24.42 -89.04
C GLY C 1219 49.92 -25.70 -88.31
N ALA C 1220 50.44 -25.62 -87.10
CA ALA C 1220 50.82 -26.81 -86.35
C ALA C 1220 49.85 -27.16 -85.25
N VAL C 1221 48.69 -26.50 -85.20
CA VAL C 1221 47.66 -26.92 -84.26
C VAL C 1221 47.02 -28.20 -84.76
N SER C 1222 46.99 -29.22 -83.89
CA SER C 1222 46.56 -30.56 -84.28
C SER C 1222 45.06 -30.78 -84.15
N ALA C 1223 44.29 -29.68 -84.14
CA ALA C 1223 42.82 -29.69 -84.09
C ALA C 1223 42.28 -30.39 -82.83
N ASN C 1224 43.09 -30.46 -81.78
CA ASN C 1224 42.67 -30.97 -80.47
C ASN C 1224 43.21 -29.98 -79.44
N ALA C 1225 42.47 -28.90 -79.23
CA ALA C 1225 42.96 -27.82 -78.39
C ALA C 1225 41.85 -27.34 -77.50
N THR C 1226 42.16 -27.20 -76.21
CA THR C 1226 41.18 -26.74 -75.24
C THR C 1226 41.62 -25.39 -74.70
N ASP C 1227 40.65 -24.50 -74.50
CA ASP C 1227 40.94 -23.17 -73.99
C ASP C 1227 41.11 -23.24 -72.48
N THR C 1228 42.29 -23.69 -72.06
CA THR C 1228 42.65 -23.60 -70.66
C THR C 1228 42.86 -22.14 -70.28
N PRO C 1229 42.56 -21.75 -69.03
CA PRO C 1229 42.69 -20.33 -68.65
C PRO C 1229 44.13 -19.84 -68.69
N ARG C 1230 44.25 -18.52 -68.82
CA ARG C 1230 45.53 -17.90 -69.09
C ARG C 1230 46.41 -17.92 -67.85
N ARG C 1231 47.69 -18.23 -68.05
CA ARG C 1231 48.70 -18.13 -67.00
C ARG C 1231 49.91 -17.40 -67.56
N ARG C 1232 50.43 -16.47 -66.79
CA ARG C 1232 51.58 -15.67 -67.19
C ARG C 1232 52.83 -16.53 -67.17
N ARG C 1233 53.74 -16.30 -68.12
CA ARG C 1233 55.04 -16.95 -68.09
C ARG C 1233 56.16 -15.97 -67.80
N ARG C 1234 56.23 -14.86 -68.54
CA ARG C 1234 57.38 -13.98 -68.43
C ARG C 1234 57.02 -12.61 -68.96
N ASP C 1235 57.72 -11.59 -68.44
CA ASP C 1235 57.58 -10.20 -68.87
C ASP C 1235 58.98 -9.64 -69.11
N VAL C 1236 59.31 -9.34 -70.37
CA VAL C 1236 60.67 -8.97 -70.75
C VAL C 1236 60.65 -7.65 -71.51
N THR C 1237 61.44 -6.69 -71.05
CA THR C 1237 61.58 -5.41 -71.73
C THR C 1237 62.85 -5.39 -72.55
N ILE C 1238 62.73 -5.15 -73.85
CA ILE C 1238 63.85 -5.10 -74.78
C ILE C 1238 63.80 -3.76 -75.49
N THR C 1239 64.93 -3.06 -75.51
CA THR C 1239 65.01 -1.79 -76.24
C THR C 1239 65.47 -2.04 -77.65
N ALA C 1240 64.83 -1.36 -78.60
CA ALA C 1240 65.23 -1.47 -79.98
C ALA C 1240 66.56 -0.76 -80.20
N PRO C 1241 67.44 -1.32 -81.01
CA PRO C 1241 68.76 -0.72 -81.17
C PRO C 1241 68.73 0.56 -81.98
N VAL C 1242 69.83 1.28 -82.00
CA VAL C 1242 69.86 2.60 -82.63
C VAL C 1242 70.03 2.49 -84.13
N ASP C 1243 70.92 1.61 -84.60
CA ASP C 1243 71.20 1.50 -86.02
C ASP C 1243 70.87 0.09 -86.50
N MET C 1244 70.38 0.00 -87.73
CA MET C 1244 69.90 -1.27 -88.28
C MET C 1244 70.89 -1.98 -89.17
N ARG C 1245 72.04 -1.38 -89.46
CA ARG C 1245 73.04 -2.07 -90.28
C ARG C 1245 73.62 -3.34 -89.68
N PRO C 1246 73.85 -3.50 -88.36
CA PRO C 1246 74.23 -4.84 -87.86
C PRO C 1246 73.21 -5.93 -88.14
N PHE C 1247 71.95 -5.70 -87.82
CA PHE C 1247 70.93 -6.70 -88.11
C PHE C 1247 70.73 -6.87 -89.61
N ALA C 1248 70.99 -5.82 -90.39
CA ALA C 1248 70.89 -5.94 -91.84
C ALA C 1248 71.95 -6.87 -92.40
N VAL C 1249 73.20 -6.71 -91.96
CA VAL C 1249 74.28 -7.56 -92.46
C VAL C 1249 74.13 -8.98 -91.95
N VAL C 1250 73.61 -9.14 -90.72
CA VAL C 1250 73.40 -10.49 -90.17
C VAL C 1250 72.27 -11.20 -90.90
N SER C 1251 71.10 -10.56 -91.02
CA SER C 1251 69.95 -11.22 -91.61
C SER C 1251 70.09 -11.33 -93.13
N GLY C 1252 70.24 -10.21 -93.82
CA GLY C 1252 70.48 -10.21 -95.25
C GLY C 1252 69.73 -9.13 -96.02
N ASP C 1253 68.58 -8.71 -95.52
CA ASP C 1253 67.77 -7.73 -96.23
C ASP C 1253 68.40 -6.35 -96.08
N HIS C 1254 68.89 -5.81 -97.18
CA HIS C 1254 69.44 -4.45 -97.22
C HIS C 1254 68.41 -3.47 -97.74
N ASN C 1255 67.15 -3.70 -97.35
CA ASN C 1255 66.03 -2.85 -97.69
C ASN C 1255 66.29 -1.44 -97.16
N PRO C 1256 66.43 -0.43 -98.02
CA PRO C 1256 66.94 0.87 -97.58
C PRO C 1256 66.01 1.64 -96.67
N ILE C 1257 64.76 1.20 -96.56
CA ILE C 1257 63.79 1.85 -95.69
C ILE C 1257 64.17 1.71 -94.21
N HIS C 1258 65.01 0.76 -93.86
CA HIS C 1258 65.41 0.58 -92.47
C HIS C 1258 66.70 1.30 -92.11
N THR C 1259 67.55 1.61 -93.08
CA THR C 1259 68.84 2.22 -92.80
C THR C 1259 68.96 3.64 -93.30
N ASP C 1260 68.61 3.88 -94.56
CA ASP C 1260 68.85 5.15 -95.21
C ASP C 1260 67.89 6.22 -94.71
N ARG C 1261 68.38 7.46 -94.66
CA ARG C 1261 67.51 8.58 -94.37
C ARG C 1261 66.83 9.09 -95.63
N ALA C 1262 67.56 9.10 -96.75
CA ALA C 1262 66.99 9.59 -98.00
C ALA C 1262 65.90 8.66 -98.51
N ALA C 1263 66.06 7.36 -98.34
CA ALA C 1263 65.02 6.43 -98.77
C ALA C 1263 63.80 6.49 -97.87
N ALA C 1264 63.98 6.75 -96.58
CA ALA C 1264 62.83 6.91 -95.69
C ALA C 1264 62.07 8.18 -96.01
N LEU C 1265 62.78 9.27 -96.28
CA LEU C 1265 62.11 10.49 -96.73
C LEU C 1265 61.47 10.31 -98.09
N LEU C 1266 62.04 9.47 -98.95
CA LEU C 1266 61.48 9.24 -100.27
C LEU C 1266 60.23 8.37 -100.18
N ALA C 1267 60.16 7.48 -99.21
CA ALA C 1267 58.97 6.69 -98.97
C ALA C 1267 57.96 7.42 -98.11
N GLY C 1268 58.31 8.58 -97.59
CA GLY C 1268 57.33 9.36 -96.86
C GLY C 1268 57.25 8.94 -95.43
N LEU C 1269 58.40 8.80 -94.80
CA LEU C 1269 58.50 8.55 -93.38
C LEU C 1269 59.43 9.58 -92.77
N GLU C 1270 59.21 9.89 -91.50
CA GLU C 1270 60.03 10.87 -90.80
C GLU C 1270 61.44 10.34 -90.58
N SER C 1271 61.55 9.05 -90.29
CA SER C 1271 62.79 8.41 -89.91
C SER C 1271 62.62 6.92 -90.15
N PRO C 1272 63.71 6.17 -90.34
CA PRO C 1272 63.60 4.75 -90.70
C PRO C 1272 62.95 3.91 -89.61
N ILE C 1273 62.60 2.68 -89.98
CA ILE C 1273 61.86 1.76 -89.13
C ILE C 1273 62.68 0.49 -88.93
N VAL C 1274 62.42 -0.19 -87.82
CA VAL C 1274 63.16 -1.40 -87.48
C VAL C 1274 62.57 -2.57 -88.22
N HIS C 1275 63.28 -3.70 -88.22
CA HIS C 1275 62.87 -4.84 -89.01
C HIS C 1275 61.79 -5.64 -88.31
N GLY C 1276 60.76 -5.99 -89.08
CA GLY C 1276 59.77 -6.94 -88.60
C GLY C 1276 60.39 -8.25 -88.18
N MET C 1277 61.38 -8.72 -88.93
CA MET C 1277 62.07 -9.93 -88.52
C MET C 1277 62.94 -9.71 -87.29
N TRP C 1278 63.37 -8.47 -87.02
CA TRP C 1278 64.07 -8.21 -85.77
C TRP C 1278 63.16 -8.42 -84.58
N LEU C 1279 61.98 -7.78 -84.58
CA LEU C 1279 61.17 -7.99 -83.38
C LEU C 1279 60.50 -9.36 -83.38
N SER C 1280 60.40 -10.01 -84.54
CA SER C 1280 60.08 -11.43 -84.62
C SER C 1280 61.07 -12.29 -83.84
N ALA C 1281 62.38 -12.13 -84.11
CA ALA C 1281 63.38 -12.93 -83.44
C ALA C 1281 63.50 -12.57 -81.97
N ALA C 1282 63.25 -11.29 -81.64
CA ALA C 1282 63.22 -10.91 -80.23
C ALA C 1282 62.08 -11.58 -79.49
N ALA C 1283 60.91 -11.69 -80.13
CA ALA C 1283 59.79 -12.38 -79.50
C ALA C 1283 60.06 -13.87 -79.34
N GLN C 1284 60.72 -14.48 -80.33
CA GLN C 1284 61.05 -15.90 -80.21
C GLN C 1284 62.06 -16.16 -79.09
N HIS C 1285 63.04 -15.26 -78.92
CA HIS C 1285 63.97 -15.45 -77.81
C HIS C 1285 63.33 -15.14 -76.48
N ALA C 1286 62.36 -14.23 -76.44
CA ALA C 1286 61.64 -13.99 -75.19
C ALA C 1286 60.78 -15.19 -74.82
N VAL C 1287 60.33 -15.95 -75.82
CA VAL C 1287 59.67 -17.22 -75.54
C VAL C 1287 60.67 -18.24 -75.01
N THR C 1288 61.74 -18.47 -75.76
CA THR C 1288 62.60 -19.62 -75.52
C THR C 1288 63.77 -19.33 -74.58
N ALA C 1289 63.76 -18.20 -73.88
CA ALA C 1289 64.85 -17.96 -72.96
C ALA C 1289 64.65 -18.75 -71.67
N THR C 1290 65.76 -18.94 -70.94
CA THR C 1290 65.75 -19.70 -69.70
C THR C 1290 66.29 -18.85 -68.56
N ASP C 1291 65.84 -19.17 -67.34
CA ASP C 1291 66.38 -18.51 -66.15
C ASP C 1291 66.59 -19.50 -65.01
N GLY C 1292 66.79 -20.78 -65.34
CA GLY C 1292 67.24 -21.75 -64.37
C GLY C 1292 66.18 -22.38 -63.49
N GLN C 1293 65.04 -21.72 -63.27
CA GLN C 1293 64.07 -22.26 -62.34
C GLN C 1293 63.26 -23.38 -62.99
N ALA C 1294 62.37 -23.99 -62.21
CA ALA C 1294 61.80 -25.30 -62.52
C ALA C 1294 60.72 -25.20 -63.61
N ARG C 1295 61.19 -25.03 -64.84
CA ARG C 1295 60.38 -25.14 -66.05
C ARG C 1295 61.22 -25.80 -67.13
N PRO C 1296 60.60 -26.54 -68.03
CA PRO C 1296 61.33 -27.08 -69.17
C PRO C 1296 61.72 -25.97 -70.13
N PRO C 1297 62.72 -26.18 -70.97
CA PRO C 1297 63.01 -25.22 -72.03
C PRO C 1297 61.92 -25.24 -73.10
N ALA C 1298 62.01 -24.26 -73.99
CA ALA C 1298 61.05 -24.11 -75.07
C ALA C 1298 61.71 -24.42 -76.39
N ARG C 1299 61.06 -25.27 -77.19
CA ARG C 1299 61.50 -25.57 -78.55
C ARG C 1299 60.29 -25.44 -79.45
N LEU C 1300 60.34 -24.48 -80.38
CA LEU C 1300 59.18 -24.13 -81.18
C LEU C 1300 58.97 -25.11 -82.31
N VAL C 1301 57.69 -25.34 -82.64
CA VAL C 1301 57.32 -26.20 -83.75
C VAL C 1301 56.58 -25.38 -84.80
N GLY C 1302 55.49 -24.74 -84.39
CA GLY C 1302 54.73 -23.88 -85.28
C GLY C 1302 54.67 -22.49 -84.71
N TRP C 1303 54.66 -21.49 -85.59
CA TRP C 1303 54.77 -20.13 -85.10
C TRP C 1303 54.18 -19.18 -86.12
N THR C 1304 53.55 -18.11 -85.63
CA THR C 1304 53.15 -17.03 -86.51
C THR C 1304 53.19 -15.72 -85.75
N ALA C 1305 53.33 -14.63 -86.49
CA ALA C 1305 53.42 -13.31 -85.88
C ALA C 1305 52.82 -12.28 -86.83
N ARG C 1306 51.91 -11.47 -86.30
CA ARG C 1306 51.22 -10.43 -87.03
C ARG C 1306 51.79 -9.09 -86.60
N PHE C 1307 52.26 -8.30 -87.57
CA PHE C 1307 52.79 -6.97 -87.29
C PHE C 1307 51.68 -5.95 -87.46
N LEU C 1308 51.65 -4.97 -86.56
CA LEU C 1308 50.55 -4.02 -86.53
C LEU C 1308 50.99 -2.58 -86.73
N GLY C 1309 52.01 -2.12 -86.01
CA GLY C 1309 52.43 -0.74 -86.08
C GLY C 1309 53.91 -0.62 -86.36
N MET C 1310 54.34 0.60 -86.64
CA MET C 1310 55.73 0.88 -86.89
C MET C 1310 56.47 1.12 -85.58
N VAL C 1311 57.72 0.68 -85.52
CA VAL C 1311 58.58 0.86 -84.36
C VAL C 1311 59.83 1.60 -84.80
N ARG C 1312 60.01 2.81 -84.29
CA ARG C 1312 61.20 3.56 -84.59
C ARG C 1312 62.38 3.00 -83.80
N PRO C 1313 63.62 3.20 -84.27
CA PRO C 1313 64.77 2.69 -83.51
C PRO C 1313 64.96 3.46 -82.21
N GLY C 1314 64.96 2.72 -81.11
CA GLY C 1314 65.15 3.31 -79.80
C GLY C 1314 63.86 3.36 -79.01
N ASP C 1315 63.03 2.35 -79.15
CA ASP C 1315 61.76 2.25 -78.43
C ASP C 1315 61.81 1.06 -77.49
N GLU C 1316 61.15 1.16 -76.35
CA GLU C 1316 61.24 0.12 -75.32
C GLU C 1316 60.08 -0.83 -75.46
N VAL C 1317 60.28 -1.89 -76.25
CA VAL C 1317 59.27 -2.92 -76.41
C VAL C 1317 59.20 -3.75 -75.14
N ASP C 1318 58.02 -4.23 -74.77
CA ASP C 1318 57.93 -5.22 -73.71
C ASP C 1318 57.01 -6.35 -74.11
N PHE C 1319 57.47 -7.57 -73.89
CA PHE C 1319 56.73 -8.79 -74.23
C PHE C 1319 56.13 -9.34 -72.95
N ARG C 1320 54.87 -9.78 -73.04
CA ARG C 1320 54.14 -10.35 -71.91
C ARG C 1320 53.56 -11.69 -72.35
N VAL C 1321 54.33 -12.76 -72.16
CA VAL C 1321 54.04 -14.05 -72.76
C VAL C 1321 53.13 -14.84 -71.83
N GLU C 1322 52.09 -15.46 -72.40
CA GLU C 1322 51.07 -16.17 -71.62
C GLU C 1322 50.84 -17.55 -72.22
N ARG C 1323 50.02 -18.33 -71.52
CA ARG C 1323 49.65 -19.67 -71.97
C ARG C 1323 48.20 -19.65 -72.42
N VAL C 1324 47.90 -20.37 -73.50
CA VAL C 1324 46.58 -20.31 -74.10
C VAL C 1324 45.87 -21.65 -74.09
N GLY C 1325 46.51 -22.68 -74.66
CA GLY C 1325 45.87 -23.96 -74.87
C GLY C 1325 46.81 -25.12 -74.59
N ILE C 1326 46.31 -26.31 -74.87
CA ILE C 1326 47.07 -27.53 -74.72
C ILE C 1326 46.72 -28.45 -75.88
N ASP C 1327 47.70 -29.23 -76.34
CA ASP C 1327 47.54 -30.06 -77.53
C ASP C 1327 48.46 -31.27 -77.39
N GLN C 1328 47.90 -32.38 -76.88
CA GLN C 1328 48.61 -33.66 -76.71
C GLN C 1328 49.88 -33.48 -75.88
N GLY C 1329 49.76 -32.82 -74.75
CA GLY C 1329 50.89 -32.54 -73.89
C GLY C 1329 51.65 -31.28 -74.21
N ALA C 1330 51.66 -30.85 -75.47
CA ALA C 1330 52.28 -29.59 -75.86
C ALA C 1330 51.29 -28.45 -75.70
N GLU C 1331 51.79 -27.28 -75.35
CA GLU C 1331 50.94 -26.15 -75.02
C GLU C 1331 51.03 -25.05 -76.08
N ILE C 1332 49.96 -24.26 -76.17
CA ILE C 1332 49.85 -23.17 -77.12
C ILE C 1332 50.12 -21.88 -76.37
N VAL C 1333 51.04 -21.06 -76.89
CA VAL C 1333 51.63 -19.95 -76.16
C VAL C 1333 51.66 -18.74 -77.09
N ASP C 1334 51.13 -17.60 -76.63
CA ASP C 1334 51.12 -16.38 -77.42
C ASP C 1334 51.94 -15.28 -76.75
N VAL C 1335 52.37 -14.31 -77.55
CA VAL C 1335 52.99 -13.10 -77.02
C VAL C 1335 52.29 -11.89 -77.62
N ALA C 1336 52.46 -10.76 -76.93
CA ALA C 1336 51.95 -9.48 -77.38
C ALA C 1336 52.96 -8.41 -77.00
N ALA C 1337 53.42 -7.64 -77.97
CA ALA C 1337 54.48 -6.66 -77.75
C ALA C 1337 53.88 -5.27 -77.74
N ARG C 1338 54.32 -4.45 -76.79
CA ARG C 1338 53.77 -3.12 -76.60
C ARG C 1338 54.87 -2.08 -76.57
N VAL C 1339 54.56 -0.88 -77.05
CA VAL C 1339 55.45 0.27 -76.97
C VAL C 1339 54.61 1.37 -76.32
N GLY C 1340 54.67 1.47 -75.00
CA GLY C 1340 53.80 2.42 -74.35
C GLY C 1340 52.46 1.82 -74.02
N SER C 1341 51.46 2.06 -74.89
CA SER C 1341 50.12 1.57 -74.60
C SER C 1341 49.39 1.01 -75.82
N ASP C 1342 50.07 0.73 -76.92
CA ASP C 1342 49.46 0.11 -78.07
C ASP C 1342 50.16 -1.21 -78.37
N LEU C 1343 49.70 -1.92 -79.40
CA LEU C 1343 50.32 -3.16 -79.83
C LEU C 1343 51.15 -2.91 -81.07
N VAL C 1344 52.25 -3.66 -81.19
CA VAL C 1344 53.08 -3.59 -82.38
C VAL C 1344 53.16 -4.98 -83.02
N MET C 1345 52.99 -6.03 -82.25
CA MET C 1345 52.72 -7.33 -82.85
C MET C 1345 51.74 -8.10 -81.99
N SER C 1346 51.26 -9.20 -82.56
CA SER C 1346 50.58 -10.25 -81.80
C SER C 1346 51.03 -11.57 -82.41
N ALA C 1347 51.60 -12.44 -81.60
CA ALA C 1347 52.19 -13.65 -82.15
C ALA C 1347 51.69 -14.86 -81.39
N SER C 1348 51.62 -15.99 -82.07
CA SER C 1348 51.17 -17.24 -81.50
C SER C 1348 52.17 -18.34 -81.82
N ALA C 1349 52.18 -19.37 -80.99
CA ALA C 1349 53.17 -20.43 -81.14
C ALA C 1349 52.65 -21.72 -80.55
N ARG C 1350 53.04 -22.83 -81.16
CA ARG C 1350 52.92 -24.16 -80.58
C ARG C 1350 54.32 -24.71 -80.47
N LEU C 1351 54.80 -24.87 -79.25
CA LEU C 1351 56.11 -25.41 -78.96
C LEU C 1351 56.02 -26.90 -78.68
N ALA C 1352 57.16 -27.57 -78.76
CA ALA C 1352 57.18 -29.02 -78.66
C ALA C 1352 56.92 -29.49 -77.23
N ALA C 1353 56.45 -30.73 -77.13
CA ALA C 1353 56.27 -31.33 -75.82
C ALA C 1353 57.62 -31.79 -75.27
N PRO C 1354 57.85 -31.63 -73.97
CA PRO C 1354 59.16 -32.00 -73.41
C PRO C 1354 59.28 -33.50 -73.25
N LYS C 1355 60.53 -33.97 -73.18
CA LYS C 1355 60.82 -35.38 -72.95
C LYS C 1355 60.58 -35.68 -71.47
N THR C 1356 59.56 -36.48 -71.18
CA THR C 1356 59.16 -36.71 -69.80
C THR C 1356 59.37 -38.17 -69.42
N VAL C 1357 59.23 -38.42 -68.12
CA VAL C 1357 59.37 -39.74 -67.52
C VAL C 1357 58.13 -40.02 -66.70
N TYR C 1358 57.51 -41.17 -66.91
CA TYR C 1358 56.40 -41.63 -66.08
C TYR C 1358 56.91 -42.76 -65.20
N ALA C 1359 57.05 -42.49 -63.91
CA ALA C 1359 57.58 -43.46 -62.96
C ALA C 1359 56.48 -43.91 -62.01
N PHE C 1360 56.42 -45.21 -61.75
CA PHE C 1360 55.30 -45.77 -61.02
C PHE C 1360 55.74 -46.35 -59.68
N PRO C 1361 54.97 -46.12 -58.62
CA PRO C 1361 55.46 -46.37 -57.25
C PRO C 1361 55.45 -47.83 -56.83
N GLY C 1362 55.77 -48.07 -55.57
CA GLY C 1362 55.81 -49.40 -55.00
C GLY C 1362 54.83 -49.62 -53.86
N GLN C 1363 55.14 -50.53 -52.94
CA GLN C 1363 54.28 -50.81 -51.80
C GLN C 1363 54.24 -49.62 -50.83
N GLY C 1364 53.36 -49.72 -49.85
CA GLY C 1364 53.19 -48.68 -48.87
C GLY C 1364 52.37 -47.50 -49.33
N ILE C 1365 51.96 -47.48 -50.60
CA ILE C 1365 51.13 -46.40 -51.11
C ILE C 1365 49.66 -46.66 -50.86
N GLN C 1366 49.29 -47.90 -50.56
CA GLN C 1366 47.90 -48.30 -50.52
C GLN C 1366 47.20 -47.81 -49.26
N HIS C 1367 45.91 -47.51 -49.41
CA HIS C 1367 45.01 -47.19 -48.32
C HIS C 1367 43.59 -47.38 -48.83
N LYS C 1368 42.61 -47.20 -47.95
CA LYS C 1368 41.22 -47.37 -48.35
C LYS C 1368 40.76 -46.14 -49.13
N GLY C 1369 40.24 -46.37 -50.32
CA GLY C 1369 39.71 -45.28 -51.13
C GLY C 1369 40.76 -44.58 -51.98
N MET C 1370 41.42 -45.33 -52.85
CA MET C 1370 42.42 -44.76 -53.76
C MET C 1370 41.77 -44.42 -55.09
N GLY C 1371 41.81 -43.14 -55.47
CA GLY C 1371 41.33 -42.75 -56.78
C GLY C 1371 39.83 -42.78 -56.95
N MET C 1372 39.07 -42.83 -55.85
CA MET C 1372 37.63 -42.80 -55.96
C MET C 1372 37.14 -41.44 -56.44
N GLU C 1373 37.88 -40.38 -56.13
CA GLU C 1373 37.55 -39.07 -56.68
C GLU C 1373 37.85 -39.02 -58.18
N VAL C 1374 38.83 -39.79 -58.65
CA VAL C 1374 39.09 -39.86 -60.09
C VAL C 1374 37.97 -40.61 -60.78
N ARG C 1375 37.50 -41.70 -60.15
CA ARG C 1375 36.35 -42.44 -60.65
C ARG C 1375 35.09 -41.58 -60.64
N ALA C 1376 34.96 -40.67 -59.68
CA ALA C 1376 33.82 -39.76 -59.65
C ALA C 1376 33.94 -38.68 -60.73
N ARG C 1377 35.16 -38.21 -61.01
CA ARG C 1377 35.31 -37.14 -62.00
C ARG C 1377 35.12 -37.65 -63.42
N SER C 1378 35.94 -38.61 -63.84
CA SER C 1378 36.03 -38.93 -65.26
C SER C 1378 34.89 -39.85 -65.70
N LYS C 1379 34.94 -40.23 -66.97
CA LYS C 1379 34.06 -41.25 -67.54
C LYS C 1379 34.85 -42.38 -68.18
N ALA C 1380 35.98 -42.08 -68.81
CA ALA C 1380 36.86 -43.14 -69.29
C ALA C 1380 37.50 -43.89 -68.14
N ALA C 1381 37.79 -43.20 -67.04
CA ALA C 1381 38.26 -43.88 -65.84
C ALA C 1381 37.15 -44.75 -65.25
N ARG C 1382 35.90 -44.29 -65.32
CA ARG C 1382 34.79 -45.11 -64.89
C ARG C 1382 34.64 -46.35 -65.75
N LYS C 1383 34.89 -46.20 -67.06
CA LYS C 1383 34.86 -47.33 -67.97
C LYS C 1383 35.97 -48.33 -67.65
N VAL C 1384 37.15 -47.85 -67.30
CA VAL C 1384 38.23 -48.81 -67.05
C VAL C 1384 38.10 -49.44 -65.66
N TRP C 1385 37.49 -48.74 -64.68
CA TRP C 1385 37.10 -49.41 -63.43
C TRP C 1385 36.07 -50.50 -63.69
N ASP C 1386 35.13 -50.24 -64.60
CA ASP C 1386 34.09 -51.24 -64.89
C ASP C 1386 34.67 -52.46 -65.60
N THR C 1387 35.56 -52.26 -66.55
CA THR C 1387 36.22 -53.40 -67.20
C THR C 1387 37.11 -54.15 -66.23
N ALA C 1388 37.76 -53.44 -65.30
CA ALA C 1388 38.64 -54.08 -64.34
C ALA C 1388 37.87 -54.96 -63.36
N ASP C 1389 36.83 -54.42 -62.72
CA ASP C 1389 36.15 -55.26 -61.75
C ASP C 1389 35.26 -56.30 -62.41
N LYS C 1390 34.80 -56.07 -63.64
CA LYS C 1390 34.14 -57.11 -64.41
C LYS C 1390 35.08 -58.27 -64.69
N PHE C 1391 36.30 -57.96 -65.14
CA PHE C 1391 37.29 -59.00 -65.42
C PHE C 1391 37.67 -59.78 -64.17
N THR C 1392 37.86 -59.10 -63.06
CA THR C 1392 38.30 -59.85 -61.89
C THR C 1392 37.17 -60.60 -61.21
N ARG C 1393 35.90 -60.16 -61.32
CA ARG C 1393 34.83 -60.98 -60.80
C ARG C 1393 34.47 -62.11 -61.75
N ASP C 1394 34.83 -62.00 -63.03
CA ASP C 1394 34.60 -63.11 -63.95
C ASP C 1394 35.73 -64.13 -63.94
N THR C 1395 36.94 -63.74 -63.57
CA THR C 1395 38.07 -64.65 -63.59
C THR C 1395 38.55 -65.02 -62.20
N LEU C 1396 38.92 -64.03 -61.37
CA LEU C 1396 39.56 -64.36 -60.11
C LEU C 1396 38.53 -64.75 -59.05
N GLY C 1397 37.47 -63.96 -58.90
CA GLY C 1397 36.42 -64.34 -57.98
C GLY C 1397 36.20 -63.36 -56.86
N PHE C 1398 36.57 -62.09 -57.08
CA PHE C 1398 36.29 -61.04 -56.12
C PHE C 1398 36.07 -59.74 -56.86
N SER C 1399 35.62 -58.73 -56.12
CA SER C 1399 35.31 -57.41 -56.67
C SER C 1399 36.40 -56.44 -56.23
N VAL C 1400 37.29 -56.07 -57.16
CA VAL C 1400 38.38 -55.17 -56.82
C VAL C 1400 37.86 -53.78 -56.49
N LEU C 1401 36.70 -53.42 -57.04
CA LEU C 1401 36.04 -52.18 -56.65
C LEU C 1401 35.63 -52.22 -55.19
N HIS C 1402 35.13 -53.37 -54.72
CA HIS C 1402 34.79 -53.46 -53.31
C HIS C 1402 36.04 -53.50 -52.43
N VAL C 1403 37.08 -54.19 -52.89
CA VAL C 1403 38.33 -54.29 -52.13
C VAL C 1403 39.01 -52.93 -51.97
N VAL C 1404 38.85 -52.03 -52.94
CA VAL C 1404 39.40 -50.69 -52.78
C VAL C 1404 38.43 -49.76 -52.05
N ARG C 1405 37.14 -49.82 -52.39
CA ARG C 1405 36.16 -48.87 -51.88
C ARG C 1405 35.87 -49.09 -50.41
N ASP C 1406 35.83 -50.34 -49.98
CA ASP C 1406 35.74 -50.67 -48.57
C ASP C 1406 36.93 -51.56 -48.25
N ASN C 1407 37.26 -51.69 -46.97
CA ASN C 1407 38.35 -52.57 -46.56
C ASN C 1407 37.75 -53.63 -45.64
N PRO C 1408 37.21 -54.71 -46.20
CA PRO C 1408 36.62 -55.75 -45.37
C PRO C 1408 37.68 -56.56 -44.65
N THR C 1409 37.23 -57.35 -43.69
CA THR C 1409 38.16 -58.11 -42.87
C THR C 1409 38.68 -59.33 -43.61
N SER C 1410 37.78 -60.13 -44.19
CA SER C 1410 38.19 -61.34 -44.89
C SER C 1410 37.18 -61.67 -45.97
N ILE C 1411 37.67 -61.87 -47.19
CA ILE C 1411 36.84 -62.24 -48.32
C ILE C 1411 37.19 -63.65 -48.74
N ILE C 1412 36.31 -64.26 -49.53
CA ILE C 1412 36.53 -65.57 -50.09
C ILE C 1412 36.83 -65.40 -51.58
N ALA C 1413 37.92 -66.01 -52.02
CA ALA C 1413 38.29 -66.09 -53.44
C ALA C 1413 37.52 -67.19 -54.13
N SER C 1414 38.01 -67.63 -55.29
CA SER C 1414 37.42 -68.77 -55.99
C SER C 1414 37.39 -70.02 -55.09
N GLY C 1415 38.56 -70.48 -54.68
CA GLY C 1415 38.62 -71.62 -53.78
C GLY C 1415 38.60 -71.29 -52.30
N VAL C 1416 39.59 -70.51 -51.87
CA VAL C 1416 39.92 -70.35 -50.46
C VAL C 1416 39.51 -68.95 -50.01
N HIS C 1417 39.62 -68.72 -48.70
CA HIS C 1417 39.40 -67.40 -48.14
C HIS C 1417 40.69 -66.83 -47.59
N TYR C 1418 40.88 -65.54 -47.81
CA TYR C 1418 42.07 -64.82 -47.35
C TYR C 1418 41.70 -63.93 -46.17
N HIS C 1419 42.61 -63.84 -45.21
CA HIS C 1419 42.33 -63.12 -43.99
C HIS C 1419 43.54 -62.30 -43.60
N HIS C 1420 43.29 -61.07 -43.15
CA HIS C 1420 44.33 -60.16 -42.69
C HIS C 1420 43.65 -59.17 -41.75
N PRO C 1421 43.97 -59.19 -40.45
CA PRO C 1421 43.09 -58.55 -39.46
C PRO C 1421 43.12 -57.03 -39.48
N ASP C 1422 44.18 -56.41 -39.98
CA ASP C 1422 44.17 -54.96 -40.15
C ASP C 1422 43.32 -54.53 -41.33
N GLY C 1423 43.12 -55.42 -42.29
CA GLY C 1423 42.35 -55.13 -43.48
C GLY C 1423 42.83 -55.98 -44.64
N VAL C 1424 41.88 -56.45 -45.46
CA VAL C 1424 42.25 -57.30 -46.59
C VAL C 1424 42.83 -56.51 -47.74
N LEU C 1425 42.76 -55.18 -47.67
CA LEU C 1425 43.40 -54.36 -48.68
C LEU C 1425 44.92 -54.44 -48.58
N TYR C 1426 45.45 -54.74 -47.40
CA TYR C 1426 46.87 -54.54 -47.13
C TYR C 1426 47.76 -55.73 -47.45
N LEU C 1427 47.21 -56.89 -47.77
CA LEU C 1427 48.11 -57.98 -48.11
C LEU C 1427 48.39 -58.00 -49.61
N THR C 1428 49.22 -58.98 -49.99
CA THR C 1428 50.11 -58.88 -51.15
C THR C 1428 49.36 -58.73 -52.46
N GLN C 1429 48.52 -59.71 -52.80
CA GLN C 1429 47.89 -59.76 -54.11
C GLN C 1429 46.93 -58.60 -54.28
N PHE C 1430 46.25 -58.23 -53.21
CA PHE C 1430 45.23 -57.21 -53.28
C PHE C 1430 45.84 -55.82 -53.34
N THR C 1431 46.98 -55.61 -52.64
CA THR C 1431 47.76 -54.39 -52.82
C THR C 1431 48.20 -54.22 -54.27
N GLN C 1432 48.70 -55.29 -54.87
CA GLN C 1432 49.22 -55.15 -56.22
C GLN C 1432 48.11 -54.93 -57.26
N VAL C 1433 46.98 -55.63 -57.13
CA VAL C 1433 45.93 -55.39 -58.12
C VAL C 1433 45.26 -54.04 -57.90
N ALA C 1434 45.25 -53.54 -56.65
CA ALA C 1434 44.71 -52.21 -56.39
C ALA C 1434 45.60 -51.14 -56.99
N MET C 1435 46.92 -51.28 -56.82
CA MET C 1435 47.86 -50.35 -57.44
C MET C 1435 47.78 -50.40 -58.97
N ALA C 1436 47.56 -51.60 -59.51
CA ALA C 1436 47.44 -51.76 -60.96
C ALA C 1436 46.22 -51.02 -61.51
N THR C 1437 45.06 -51.23 -60.89
CA THR C 1437 43.86 -50.58 -61.41
C THR C 1437 43.88 -49.07 -61.15
N VAL C 1438 44.52 -48.61 -60.07
CA VAL C 1438 44.59 -47.17 -59.82
C VAL C 1438 45.51 -46.49 -60.83
N ALA C 1439 46.66 -47.11 -61.12
CA ALA C 1439 47.57 -46.53 -62.11
C ALA C 1439 46.97 -46.53 -63.50
N ALA C 1440 46.25 -47.60 -63.86
CA ALA C 1440 45.62 -47.66 -65.18
C ALA C 1440 44.50 -46.64 -65.31
N ALA C 1441 43.69 -46.46 -64.25
CA ALA C 1441 42.60 -45.49 -64.30
C ALA C 1441 43.14 -44.07 -64.39
N GLN C 1442 44.19 -43.77 -63.63
CA GLN C 1442 44.74 -42.43 -63.65
C GLN C 1442 45.37 -42.11 -64.99
N VAL C 1443 46.09 -43.07 -65.59
CA VAL C 1443 46.73 -42.76 -66.87
C VAL C 1443 45.69 -42.69 -67.99
N ALA C 1444 44.58 -43.43 -67.88
CA ALA C 1444 43.55 -43.32 -68.91
C ALA C 1444 42.82 -41.99 -68.83
N GLU C 1445 42.62 -41.49 -67.61
CA GLU C 1445 42.01 -40.17 -67.44
C GLU C 1445 42.94 -39.07 -67.94
N MET C 1446 44.22 -39.12 -67.59
CA MET C 1446 45.10 -38.06 -68.04
C MET C 1446 45.59 -38.24 -69.47
N ARG C 1447 45.20 -39.33 -70.15
CA ARG C 1447 45.40 -39.34 -71.60
C ARG C 1447 44.14 -39.00 -72.37
N GLU C 1448 42.94 -39.17 -71.78
CA GLU C 1448 41.78 -38.63 -72.46
C GLU C 1448 41.61 -37.14 -72.22
N GLN C 1449 42.31 -36.57 -71.23
CA GLN C 1449 42.32 -35.13 -71.08
C GLN C 1449 43.40 -34.45 -71.91
N GLY C 1450 44.13 -35.19 -72.71
CA GLY C 1450 45.09 -34.59 -73.62
C GLY C 1450 46.38 -34.11 -73.00
N ALA C 1451 46.61 -34.38 -71.71
CA ALA C 1451 47.83 -33.98 -71.05
C ALA C 1451 48.82 -35.12 -70.91
N PHE C 1452 48.84 -36.04 -71.88
CA PHE C 1452 49.73 -37.20 -71.86
C PHE C 1452 50.53 -37.20 -73.16
N VAL C 1453 51.84 -37.01 -73.04
CA VAL C 1453 52.73 -37.04 -74.20
C VAL C 1453 52.88 -38.47 -74.67
N GLU C 1454 53.41 -38.66 -75.88
CA GLU C 1454 53.34 -39.96 -76.53
C GLU C 1454 54.63 -40.77 -76.39
N GLY C 1455 55.75 -40.21 -76.84
CA GLY C 1455 56.99 -40.97 -76.87
C GLY C 1455 57.80 -40.91 -75.61
N ALA C 1456 57.15 -40.68 -74.47
CA ALA C 1456 57.83 -40.62 -73.19
C ALA C 1456 58.29 -42.02 -72.79
N ILE C 1457 59.41 -42.06 -72.08
CA ILE C 1457 60.01 -43.34 -71.73
C ILE C 1457 59.33 -43.90 -70.47
N ALA C 1458 59.56 -45.18 -70.18
CA ALA C 1458 58.83 -45.91 -69.16
C ALA C 1458 59.77 -46.34 -68.05
N CYS C 1459 59.62 -45.74 -66.88
CA CYS C 1459 60.32 -46.17 -65.67
C CYS C 1459 59.30 -46.59 -64.63
N GLY C 1460 59.81 -46.99 -63.48
CA GLY C 1460 58.94 -47.31 -62.36
C GLY C 1460 59.68 -48.16 -61.36
N HIS C 1461 59.06 -48.27 -60.19
CA HIS C 1461 59.59 -49.19 -59.20
C HIS C 1461 59.29 -50.62 -59.65
N SER C 1462 59.99 -51.59 -59.05
CA SER C 1462 60.02 -52.95 -59.58
C SER C 1462 58.71 -53.70 -59.45
N VAL C 1463 57.69 -53.13 -58.82
CA VAL C 1463 56.41 -53.80 -58.72
C VAL C 1463 55.38 -53.01 -59.53
N GLY C 1464 55.63 -51.72 -59.72
CA GLY C 1464 54.87 -50.92 -60.64
C GLY C 1464 55.39 -50.96 -62.04
N GLU C 1465 56.49 -51.70 -62.24
CA GLU C 1465 57.10 -51.88 -63.55
C GLU C 1465 56.15 -52.55 -64.53
N TYR C 1466 55.32 -53.46 -64.03
CA TYR C 1466 54.34 -54.13 -64.88
C TYR C 1466 53.32 -53.13 -65.42
N THR C 1467 52.87 -52.21 -64.55
CA THR C 1467 52.01 -51.14 -65.01
C THR C 1467 52.74 -50.16 -65.92
N ALA C 1468 54.06 -50.04 -65.76
CA ALA C 1468 54.83 -49.21 -66.69
C ALA C 1468 54.90 -49.83 -68.06
N LEU C 1469 54.93 -51.16 -68.14
CA LEU C 1469 54.81 -51.80 -69.45
C LEU C 1469 53.42 -51.60 -70.02
N ALA C 1470 52.39 -51.82 -69.21
CA ALA C 1470 51.04 -51.90 -69.75
C ALA C 1470 50.47 -50.54 -70.12
N CYS C 1471 50.77 -49.51 -69.33
CA CYS C 1471 50.05 -48.26 -69.49
C CYS C 1471 50.62 -47.41 -70.62
N VAL C 1472 51.89 -46.99 -70.50
CA VAL C 1472 52.43 -45.97 -71.37
C VAL C 1472 53.02 -46.53 -72.65
N THR C 1473 53.09 -47.85 -72.80
CA THR C 1473 53.55 -48.45 -74.04
C THR C 1473 52.50 -49.29 -74.74
N GLY C 1474 51.64 -49.97 -73.99
CA GLY C 1474 50.62 -50.79 -74.60
C GLY C 1474 51.14 -52.05 -75.24
N ILE C 1475 52.25 -52.60 -74.72
CA ILE C 1475 52.77 -53.85 -75.25
C ILE C 1475 51.86 -55.02 -74.88
N TYR C 1476 51.09 -54.89 -73.81
CA TYR C 1476 49.98 -55.79 -73.54
C TYR C 1476 48.86 -54.97 -72.90
N GLN C 1477 47.84 -55.65 -72.41
CA GLN C 1477 46.63 -54.96 -71.94
C GLN C 1477 46.37 -55.29 -70.48
N LEU C 1478 45.36 -54.62 -69.93
CA LEU C 1478 45.20 -54.64 -68.48
C LEU C 1478 44.59 -55.93 -67.95
N GLU C 1479 43.89 -56.70 -68.80
CA GLU C 1479 43.38 -57.99 -68.33
C GLU C 1479 44.53 -58.96 -68.05
N ALA C 1480 45.44 -59.10 -69.02
CA ALA C 1480 46.63 -59.90 -68.81
C ALA C 1480 47.54 -59.30 -67.76
N LEU C 1481 47.52 -57.97 -67.62
CA LEU C 1481 48.30 -57.31 -66.56
C LEU C 1481 47.79 -57.73 -65.18
N LEU C 1482 46.49 -57.60 -64.94
CA LEU C 1482 45.93 -57.98 -63.63
C LEU C 1482 46.06 -59.46 -63.36
N GLU C 1483 45.96 -60.30 -64.40
CA GLU C 1483 46.15 -61.74 -64.22
C GLU C 1483 47.59 -62.05 -63.81
N MET C 1484 48.55 -61.46 -64.51
CA MET C 1484 49.98 -61.66 -64.23
C MET C 1484 50.33 -61.15 -62.84
N VAL C 1485 49.74 -60.03 -62.45
CA VAL C 1485 49.97 -59.45 -61.13
C VAL C 1485 49.43 -60.34 -60.02
N PHE C 1486 48.22 -60.88 -60.19
CA PHE C 1486 47.68 -61.75 -59.16
C PHE C 1486 48.44 -63.07 -59.06
N HIS C 1487 48.91 -63.59 -60.20
CA HIS C 1487 49.70 -64.82 -60.15
C HIS C 1487 51.05 -64.60 -59.50
N ARG C 1488 51.69 -63.45 -59.75
CA ARG C 1488 52.99 -63.23 -59.10
C ARG C 1488 52.83 -62.94 -57.62
N GLY C 1489 51.71 -62.36 -57.20
CA GLY C 1489 51.47 -62.20 -55.77
C GLY C 1489 51.24 -63.54 -55.09
N SER C 1490 50.36 -64.37 -55.66
CA SER C 1490 50.07 -65.66 -55.07
C SER C 1490 51.24 -66.63 -55.15
N LYS C 1491 52.17 -66.41 -56.09
CA LYS C 1491 53.36 -67.25 -56.19
C LYS C 1491 54.50 -66.73 -55.34
N MET C 1492 54.54 -65.41 -55.07
CA MET C 1492 55.48 -64.89 -54.10
C MET C 1492 55.11 -65.36 -52.69
N HIS C 1493 53.81 -65.46 -52.40
CA HIS C 1493 53.37 -65.77 -51.05
C HIS C 1493 53.76 -67.17 -50.57
N ASP C 1494 54.07 -68.11 -51.46
CA ASP C 1494 54.25 -69.50 -51.06
C ASP C 1494 55.59 -70.05 -51.53
N ILE C 1495 56.68 -69.32 -51.28
CA ILE C 1495 58.01 -69.84 -51.63
C ILE C 1495 58.99 -69.70 -50.47
N VAL C 1496 58.48 -69.37 -49.28
CA VAL C 1496 59.31 -69.23 -48.09
C VAL C 1496 58.74 -70.15 -47.01
N PRO C 1497 59.54 -71.06 -46.46
CA PRO C 1497 59.07 -71.82 -45.28
C PRO C 1497 59.02 -70.95 -44.04
N ARG C 1498 57.80 -70.60 -43.63
CA ARG C 1498 57.58 -69.67 -42.53
C ARG C 1498 57.00 -70.43 -41.34
N ASP C 1499 56.81 -69.70 -40.24
CA ASP C 1499 56.14 -70.26 -39.09
C ASP C 1499 54.65 -70.42 -39.39
N GLU C 1500 54.03 -71.38 -38.73
CA GLU C 1500 52.60 -71.65 -38.90
C GLU C 1500 51.72 -70.61 -38.23
N LEU C 1501 52.30 -69.74 -37.40
CA LEU C 1501 51.59 -68.60 -36.83
C LEU C 1501 51.85 -67.32 -37.62
N GLY C 1502 52.32 -67.44 -38.86
CA GLY C 1502 52.51 -66.31 -39.74
C GLY C 1502 53.89 -65.70 -39.71
N ARG C 1503 54.66 -65.95 -38.67
CA ARG C 1503 55.96 -65.31 -38.51
C ARG C 1503 56.99 -65.95 -39.45
N SER C 1504 58.17 -65.32 -39.51
CA SER C 1504 59.27 -65.84 -40.30
C SER C 1504 60.57 -65.45 -39.62
N ASN C 1505 61.69 -65.78 -40.26
CA ASN C 1505 63.01 -65.37 -39.84
C ASN C 1505 63.60 -64.37 -40.82
N TYR C 1506 62.77 -63.45 -41.33
CA TYR C 1506 63.19 -62.51 -42.37
C TYR C 1506 62.44 -61.20 -42.19
N ARG C 1507 63.17 -60.14 -41.88
CA ARG C 1507 62.65 -58.78 -41.92
C ARG C 1507 63.62 -57.92 -42.73
N LEU C 1508 63.19 -56.69 -43.04
CA LEU C 1508 64.06 -55.74 -43.71
C LEU C 1508 63.97 -54.39 -43.02
N ALA C 1509 64.86 -53.49 -43.42
CA ALA C 1509 64.94 -52.21 -42.72
C ALA C 1509 65.54 -51.15 -43.62
N ALA C 1510 65.03 -49.95 -43.45
CA ALA C 1510 65.60 -48.76 -44.07
C ALA C 1510 66.76 -48.28 -43.21
N ILE C 1511 67.95 -48.30 -43.79
CA ILE C 1511 69.16 -47.81 -43.15
C ILE C 1511 69.50 -46.46 -43.77
N ARG C 1512 70.09 -45.59 -42.96
CA ARG C 1512 70.37 -44.22 -43.36
C ARG C 1512 71.85 -43.93 -43.11
N PRO C 1513 72.69 -44.09 -44.11
CA PRO C 1513 74.09 -43.68 -43.96
C PRO C 1513 74.25 -42.17 -43.93
N SER C 1514 73.83 -41.54 -42.84
CA SER C 1514 73.91 -40.10 -42.66
C SER C 1514 74.81 -39.82 -41.46
N GLN C 1515 75.89 -39.08 -41.70
CA GLN C 1515 76.94 -38.70 -40.76
C GLN C 1515 77.70 -39.89 -40.18
N ILE C 1516 77.48 -41.10 -40.68
CA ILE C 1516 78.20 -42.28 -40.21
C ILE C 1516 79.25 -42.73 -41.21
N ASP C 1517 79.52 -41.91 -42.23
CA ASP C 1517 80.63 -42.05 -43.18
C ASP C 1517 80.55 -43.35 -43.98
N LEU C 1518 79.46 -43.48 -44.75
CA LEU C 1518 79.29 -44.54 -45.72
C LEU C 1518 78.93 -43.94 -47.08
N ASP C 1519 79.32 -44.63 -48.14
CA ASP C 1519 78.95 -44.20 -49.48
C ASP C 1519 78.85 -45.43 -50.37
N ASP C 1520 78.87 -45.23 -51.68
CA ASP C 1520 78.68 -46.31 -52.64
C ASP C 1520 79.86 -47.29 -52.61
N ALA C 1521 81.06 -46.79 -52.34
CA ALA C 1521 82.22 -47.67 -52.27
C ALA C 1521 82.36 -48.36 -50.92
N ASP C 1522 81.54 -48.01 -49.94
CA ASP C 1522 81.71 -48.53 -48.59
C ASP C 1522 80.55 -49.37 -48.09
N VAL C 1523 79.32 -49.11 -48.54
CA VAL C 1523 78.14 -49.82 -48.07
C VAL C 1523 78.11 -51.31 -48.42
N PRO C 1524 78.36 -51.80 -49.65
CA PRO C 1524 78.32 -53.25 -49.86
C PRO C 1524 79.42 -54.02 -49.14
N ALA C 1525 80.60 -53.41 -48.99
CA ALA C 1525 81.64 -54.02 -48.16
C ALA C 1525 81.24 -54.04 -46.70
N PHE C 1526 80.53 -53.00 -46.25
CA PHE C 1526 80.03 -52.95 -44.87
C PHE C 1526 79.00 -54.05 -44.62
N VAL C 1527 78.10 -54.26 -45.58
CA VAL C 1527 77.08 -55.30 -45.43
C VAL C 1527 77.70 -56.68 -45.49
N ALA C 1528 78.68 -56.88 -46.38
CA ALA C 1528 79.36 -58.17 -46.44
C ALA C 1528 80.19 -58.43 -45.18
N GLY C 1529 80.78 -57.39 -44.60
CA GLY C 1529 81.55 -57.57 -43.38
C GLY C 1529 80.68 -57.90 -42.18
N ILE C 1530 79.54 -57.23 -42.03
CA ILE C 1530 78.65 -57.59 -40.93
C ILE C 1530 77.96 -58.92 -41.20
N ALA C 1531 77.81 -59.31 -42.47
CA ALA C 1531 77.28 -60.63 -42.78
C ALA C 1531 78.26 -61.73 -42.40
N GLU C 1532 79.55 -61.51 -42.63
CA GLU C 1532 80.56 -62.47 -42.19
C GLU C 1532 80.72 -62.47 -40.68
N SER C 1533 80.49 -61.32 -40.03
CA SER C 1533 80.60 -61.25 -38.58
C SER C 1533 79.44 -61.96 -37.90
N THR C 1534 78.23 -61.85 -38.46
CA THR C 1534 77.08 -62.48 -37.83
C THR C 1534 76.94 -63.94 -38.24
N GLY C 1535 77.28 -64.26 -39.50
CA GLY C 1535 77.06 -65.59 -40.02
C GLY C 1535 75.73 -65.77 -40.71
N GLU C 1536 75.14 -64.71 -41.24
CA GLU C 1536 73.80 -64.72 -41.79
C GLU C 1536 73.81 -64.17 -43.21
N PHE C 1537 72.64 -64.16 -43.84
CA PHE C 1537 72.46 -63.57 -45.15
C PHE C 1537 71.92 -62.16 -44.99
N LEU C 1538 72.71 -61.17 -45.40
CA LEU C 1538 72.29 -59.77 -45.38
C LEU C 1538 72.51 -59.21 -46.78
N GLU C 1539 71.49 -58.55 -47.34
CA GLU C 1539 71.56 -58.09 -48.71
C GLU C 1539 71.02 -56.67 -48.82
N ILE C 1540 71.57 -55.93 -49.78
CA ILE C 1540 70.90 -54.75 -50.29
C ILE C 1540 69.71 -55.19 -51.14
N VAL C 1541 68.61 -54.45 -51.07
CA VAL C 1541 67.49 -54.79 -51.94
C VAL C 1541 67.08 -53.58 -52.78
N ASN C 1542 67.01 -52.40 -52.16
CA ASN C 1542 66.51 -51.21 -52.85
C ASN C 1542 67.53 -50.10 -52.73
N PHE C 1543 68.21 -49.79 -53.82
CA PHE C 1543 69.05 -48.60 -53.92
C PHE C 1543 68.13 -47.41 -54.14
N ASN C 1544 67.59 -46.89 -53.03
CA ASN C 1544 66.56 -45.86 -53.14
C ASN C 1544 67.16 -44.49 -53.41
N LEU C 1545 67.94 -43.98 -52.48
CA LEU C 1545 68.53 -42.64 -52.60
C LEU C 1545 70.03 -42.73 -52.44
N ARG C 1546 70.74 -41.86 -53.17
CA ARG C 1546 72.20 -41.85 -53.14
C ARG C 1546 72.75 -41.57 -51.74
N GLY C 1547 72.14 -40.64 -51.03
CA GLY C 1547 72.73 -40.22 -49.77
C GLY C 1547 72.26 -40.97 -48.54
N SER C 1548 70.94 -41.01 -48.30
CA SER C 1548 70.49 -41.31 -46.95
C SER C 1548 69.27 -42.22 -46.93
N GLN C 1549 69.17 -43.17 -47.87
CA GLN C 1549 68.03 -44.09 -47.88
C GLN C 1549 68.45 -45.36 -48.61
N TYR C 1550 68.81 -46.39 -47.86
CA TYR C 1550 69.07 -47.71 -48.41
C TYR C 1550 68.14 -48.71 -47.73
N ALA C 1551 67.99 -49.88 -48.36
CA ALA C 1551 67.12 -50.92 -47.81
C ALA C 1551 67.89 -52.22 -47.72
N ILE C 1552 67.91 -52.79 -46.51
CA ILE C 1552 68.67 -53.99 -46.21
C ILE C 1552 67.70 -55.07 -45.78
N ALA C 1553 67.75 -56.22 -46.46
CA ALA C 1553 66.91 -57.36 -46.14
C ALA C 1553 67.77 -58.52 -45.66
N GLY C 1554 67.34 -59.16 -44.58
CA GLY C 1554 68.09 -60.28 -44.05
C GLY C 1554 67.34 -61.00 -42.95
N THR C 1555 68.08 -61.83 -42.22
CA THR C 1555 67.51 -62.55 -41.09
C THR C 1555 67.59 -61.67 -39.84
N VAL C 1556 66.84 -62.08 -38.81
CA VAL C 1556 66.57 -61.24 -37.65
C VAL C 1556 67.84 -61.01 -36.84
N ARG C 1557 68.72 -62.02 -36.77
CA ARG C 1557 69.96 -61.88 -36.03
C ARG C 1557 70.89 -60.86 -36.66
N GLY C 1558 71.02 -60.92 -38.00
CA GLY C 1558 71.75 -59.90 -38.71
C GLY C 1558 71.09 -58.54 -38.60
N LEU C 1559 69.76 -58.50 -38.46
CA LEU C 1559 69.09 -57.23 -38.25
C LEU C 1559 69.45 -56.60 -36.91
N GLU C 1560 69.52 -57.40 -35.84
CA GLU C 1560 69.91 -56.79 -34.57
C GLU C 1560 71.40 -56.44 -34.56
N ALA C 1561 72.23 -57.16 -35.32
CA ALA C 1561 73.63 -56.76 -35.45
C ALA C 1561 73.76 -55.43 -36.21
N LEU C 1562 72.96 -55.26 -37.28
CA LEU C 1562 72.91 -54.00 -38.01
C LEU C 1562 72.50 -52.84 -37.10
N GLU C 1563 71.42 -53.02 -36.34
CA GLU C 1563 70.99 -51.91 -35.49
C GLU C 1563 71.94 -51.68 -34.33
N ALA C 1564 72.69 -52.69 -33.89
CA ALA C 1564 73.71 -52.49 -32.87
C ALA C 1564 74.82 -51.57 -33.38
N GLU C 1565 75.37 -51.88 -34.56
CA GLU C 1565 76.44 -51.04 -35.11
C GLU C 1565 75.93 -49.66 -35.50
N VAL C 1566 74.70 -49.58 -36.01
CA VAL C 1566 74.14 -48.29 -36.40
C VAL C 1566 73.86 -47.42 -35.18
N GLU C 1567 73.34 -47.99 -34.09
CA GLU C 1567 73.07 -47.19 -32.90
C GLU C 1567 74.37 -46.78 -32.19
N ARG C 1568 75.42 -47.62 -32.24
CA ARG C 1568 76.66 -47.16 -31.61
C ARG C 1568 77.35 -46.09 -32.44
N ARG C 1569 77.29 -46.17 -33.78
CA ARG C 1569 77.82 -45.06 -34.57
C ARG C 1569 76.93 -43.82 -34.46
N ARG C 1570 75.64 -44.01 -34.19
CA ARG C 1570 74.72 -42.91 -33.96
C ARG C 1570 75.09 -42.16 -32.68
N GLU C 1571 75.32 -42.89 -31.59
CA GLU C 1571 75.72 -42.21 -30.36
C GLU C 1571 77.16 -41.71 -30.42
N LEU C 1572 77.96 -42.20 -31.38
CA LEU C 1572 79.21 -41.51 -31.68
C LEU C 1572 78.97 -40.15 -32.31
N THR C 1573 78.32 -40.13 -33.49
CA THR C 1573 78.36 -38.94 -34.33
C THR C 1573 77.20 -37.98 -34.11
N GLY C 1574 76.18 -38.34 -33.33
CA GLY C 1574 75.03 -37.49 -33.17
C GLY C 1574 73.72 -38.16 -33.57
N GLY C 1575 72.61 -37.71 -33.00
CA GLY C 1575 71.33 -38.33 -33.23
C GLY C 1575 70.77 -38.11 -34.62
N ARG C 1576 70.45 -39.21 -35.30
CA ARG C 1576 69.95 -39.14 -36.67
C ARG C 1576 68.75 -40.05 -36.92
N ARG C 1577 68.50 -41.03 -36.05
CA ARG C 1577 67.55 -42.14 -36.26
C ARG C 1577 67.83 -42.84 -37.58
N SER C 1578 69.03 -43.40 -37.65
CA SER C 1578 69.56 -43.96 -38.89
C SER C 1578 69.09 -45.38 -39.18
N PHE C 1579 68.18 -45.92 -38.37
CA PHE C 1579 67.72 -47.30 -38.56
C PHE C 1579 66.23 -47.33 -38.29
N ILE C 1580 65.45 -47.75 -39.30
CA ILE C 1580 64.01 -47.93 -39.14
C ILE C 1580 63.65 -49.29 -39.74
N LEU C 1581 63.18 -50.21 -38.91
CA LEU C 1581 62.74 -51.50 -39.41
C LEU C 1581 61.44 -51.32 -40.20
N VAL C 1582 61.21 -52.22 -41.15
CA VAL C 1582 60.14 -52.12 -42.14
C VAL C 1582 58.78 -52.21 -41.45
N PRO C 1583 57.74 -51.53 -41.94
CA PRO C 1583 56.39 -51.76 -41.39
C PRO C 1583 55.77 -53.04 -41.94
N GLY C 1584 55.70 -54.05 -41.09
CA GLY C 1584 54.82 -55.18 -41.34
C GLY C 1584 55.35 -56.30 -42.20
N ILE C 1585 55.93 -55.99 -43.35
CA ILE C 1585 56.16 -57.01 -44.38
C ILE C 1585 57.38 -57.84 -44.01
N ASP C 1586 57.37 -59.10 -44.44
CA ASP C 1586 58.29 -60.08 -43.86
C ASP C 1586 58.88 -61.08 -44.86
N VAL C 1587 59.11 -60.68 -46.11
CA VAL C 1587 59.67 -61.56 -47.13
C VAL C 1587 60.92 -60.89 -47.68
N PRO C 1588 62.05 -61.59 -47.79
CA PRO C 1588 63.26 -60.94 -48.32
C PRO C 1588 63.22 -60.78 -49.83
N PHE C 1589 62.62 -59.68 -50.30
CA PHE C 1589 62.43 -59.45 -51.72
C PHE C 1589 63.74 -59.29 -52.46
N HIS C 1590 63.71 -59.69 -53.73
CA HIS C 1590 64.75 -59.41 -54.73
C HIS C 1590 66.10 -59.99 -54.33
N SER C 1591 66.09 -61.08 -53.58
CA SER C 1591 67.29 -61.71 -53.07
C SER C 1591 67.50 -63.06 -53.74
N ARG C 1592 68.54 -63.77 -53.31
CA ARG C 1592 68.93 -65.02 -53.95
C ARG C 1592 67.99 -66.16 -53.57
N VAL C 1593 67.22 -66.02 -52.51
CA VAL C 1593 66.45 -67.14 -51.98
C VAL C 1593 65.09 -67.27 -52.68
N LEU C 1594 64.90 -66.55 -53.78
CA LEU C 1594 63.65 -66.58 -54.53
C LEU C 1594 63.83 -67.17 -55.93
N ARG C 1595 64.69 -68.17 -56.08
CA ARG C 1595 65.11 -68.60 -57.41
C ARG C 1595 64.52 -69.95 -57.83
N VAL C 1596 63.29 -70.23 -57.44
CA VAL C 1596 62.47 -71.30 -58.02
C VAL C 1596 61.16 -70.75 -58.58
N GLY C 1597 60.54 -69.85 -57.83
CA GLY C 1597 59.39 -69.11 -58.30
C GLY C 1597 59.66 -68.27 -59.53
N VAL C 1598 60.93 -67.94 -59.81
CA VAL C 1598 61.24 -67.24 -61.05
C VAL C 1598 61.05 -68.17 -62.26
N ALA C 1599 61.36 -69.46 -62.11
CA ALA C 1599 61.16 -70.38 -63.22
C ALA C 1599 59.68 -70.70 -63.39
N GLU C 1600 58.98 -70.90 -62.27
CA GLU C 1600 57.54 -71.12 -62.36
C GLU C 1600 56.81 -69.89 -62.87
N PHE C 1601 57.30 -68.70 -62.50
CA PHE C 1601 56.75 -67.45 -63.00
C PHE C 1601 57.09 -67.23 -64.47
N ARG C 1602 58.23 -67.76 -64.94
CA ARG C 1602 58.52 -67.75 -66.36
C ARG C 1602 57.52 -68.60 -67.13
N ARG C 1603 57.15 -69.75 -66.57
CA ARG C 1603 56.13 -70.59 -67.19
C ARG C 1603 54.77 -69.90 -67.23
N SER C 1604 54.39 -69.25 -66.12
CA SER C 1604 53.12 -68.52 -66.12
C SER C 1604 53.17 -67.28 -67.03
N LEU C 1605 54.35 -66.68 -67.17
CA LEU C 1605 54.51 -65.53 -68.04
C LEU C 1605 54.38 -65.91 -69.50
N ASP C 1606 54.95 -67.06 -69.88
CA ASP C 1606 54.78 -67.58 -71.23
C ASP C 1606 53.33 -68.01 -71.47
N ARG C 1607 52.63 -68.42 -70.41
CA ARG C 1607 51.20 -68.68 -70.53
C ARG C 1607 50.43 -67.38 -70.81
N VAL C 1608 50.75 -66.32 -70.08
CA VAL C 1608 49.89 -65.14 -70.10
C VAL C 1608 50.18 -64.24 -71.29
N MET C 1609 51.45 -63.90 -71.53
CA MET C 1609 51.79 -62.81 -72.44
C MET C 1609 51.55 -63.24 -73.88
N PRO C 1610 51.01 -62.37 -74.74
CA PRO C 1610 50.68 -62.77 -76.11
C PRO C 1610 51.91 -63.04 -76.97
N ARG C 1611 51.64 -63.62 -78.14
CA ARG C 1611 52.69 -64.15 -79.01
C ARG C 1611 53.47 -63.03 -79.68
N ASP C 1612 52.81 -62.26 -80.54
CA ASP C 1612 53.49 -61.28 -81.38
C ASP C 1612 53.77 -60.02 -80.59
N ALA C 1613 55.05 -59.65 -80.51
CA ALA C 1613 55.48 -58.46 -79.81
C ALA C 1613 56.00 -57.44 -80.81
N ASP C 1614 55.77 -56.17 -80.50
CA ASP C 1614 56.32 -55.08 -81.28
C ASP C 1614 57.51 -54.53 -80.51
N PRO C 1615 58.75 -54.82 -80.94
CA PRO C 1615 59.91 -54.38 -80.14
C PRO C 1615 60.10 -52.88 -80.15
N ASP C 1616 59.68 -52.19 -81.22
CA ASP C 1616 59.82 -50.73 -81.27
C ASP C 1616 58.90 -50.01 -80.30
N LEU C 1617 57.93 -50.69 -79.71
CA LEU C 1617 57.12 -50.09 -78.66
C LEU C 1617 57.85 -50.01 -77.32
N ILE C 1618 59.02 -50.63 -77.18
CA ILE C 1618 59.78 -50.55 -75.94
C ILE C 1618 61.24 -50.22 -76.16
N ILE C 1619 61.72 -50.32 -77.41
CA ILE C 1619 63.11 -49.96 -77.70
C ILE C 1619 63.26 -48.45 -77.59
N GLY C 1620 64.21 -48.01 -76.76
CA GLY C 1620 64.40 -46.60 -76.51
C GLY C 1620 63.33 -45.98 -75.64
N ARG C 1621 62.52 -46.81 -74.97
CA ARG C 1621 61.42 -46.30 -74.17
C ARG C 1621 61.33 -46.99 -72.82
N TYR C 1622 62.06 -48.08 -72.60
CA TYR C 1622 61.89 -48.88 -71.40
C TYR C 1622 63.17 -48.92 -70.57
N ILE C 1623 63.00 -48.72 -69.26
CA ILE C 1623 64.08 -48.83 -68.29
C ILE C 1623 63.70 -49.92 -67.29
N PRO C 1624 64.36 -51.07 -67.32
CA PRO C 1624 64.12 -52.07 -66.27
C PRO C 1624 64.84 -51.75 -64.99
N ASN C 1625 64.76 -52.65 -64.02
CA ASN C 1625 65.33 -52.38 -62.70
C ASN C 1625 66.54 -53.24 -62.36
N LEU C 1626 66.67 -54.42 -62.94
CA LEU C 1626 67.88 -55.21 -62.69
C LEU C 1626 69.06 -54.64 -63.45
N VAL C 1627 68.84 -54.11 -64.64
CA VAL C 1627 69.83 -53.34 -65.39
C VAL C 1627 69.24 -51.96 -65.62
N PRO C 1628 69.91 -50.90 -65.23
CA PRO C 1628 69.31 -49.56 -65.31
C PRO C 1628 69.46 -48.87 -66.65
N ARG C 1629 69.84 -49.60 -67.69
CA ARG C 1629 70.07 -49.01 -69.00
C ARG C 1629 68.83 -49.21 -69.88
N LEU C 1630 68.76 -48.43 -70.96
CA LEU C 1630 67.67 -48.54 -71.93
C LEU C 1630 67.60 -49.93 -72.55
N PHE C 1631 66.37 -50.40 -72.77
CA PHE C 1631 66.16 -51.65 -73.45
C PHE C 1631 66.57 -51.51 -74.91
N THR C 1632 67.70 -52.10 -75.27
CA THR C 1632 68.23 -51.98 -76.61
C THR C 1632 68.71 -53.36 -77.05
N LEU C 1633 68.43 -53.71 -78.31
CA LEU C 1633 68.85 -54.99 -78.85
C LEU C 1633 70.36 -54.96 -79.05
N ASP C 1634 71.11 -55.35 -78.03
CA ASP C 1634 72.56 -55.27 -78.05
C ASP C 1634 73.18 -56.57 -77.53
N ARG C 1635 74.29 -56.96 -78.16
CA ARG C 1635 75.10 -58.05 -77.65
C ARG C 1635 75.63 -57.73 -76.26
N ASP C 1636 76.00 -56.46 -76.03
CA ASP C 1636 76.43 -56.03 -74.70
C ASP C 1636 75.30 -56.09 -73.70
N PHE C 1637 74.07 -55.80 -74.13
CA PHE C 1637 72.93 -55.81 -73.22
C PHE C 1637 72.58 -57.25 -72.81
N ILE C 1638 72.53 -58.16 -73.79
CA ILE C 1638 72.20 -59.54 -73.46
C ILE C 1638 73.36 -60.19 -72.70
N GLN C 1639 74.61 -59.80 -72.98
CA GLN C 1639 75.73 -60.32 -72.22
C GLN C 1639 75.73 -59.78 -70.80
N GLU C 1640 75.27 -58.54 -70.61
CA GLU C 1640 75.26 -57.94 -69.28
C GLU C 1640 74.20 -58.59 -68.41
N ILE C 1641 73.01 -58.84 -68.97
CA ILE C 1641 72.02 -59.57 -68.16
C ILE C 1641 72.45 -61.03 -67.97
N ARG C 1642 73.18 -61.59 -68.94
CA ARG C 1642 73.60 -62.98 -68.85
C ARG C 1642 74.65 -63.19 -67.76
N ASP C 1643 75.64 -62.30 -67.65
CA ASP C 1643 76.62 -62.48 -66.60
C ASP C 1643 76.22 -61.79 -65.30
N LEU C 1644 75.13 -61.01 -65.29
CA LEU C 1644 74.59 -60.57 -64.01
C LEU C 1644 73.78 -61.69 -63.38
N VAL C 1645 72.88 -62.30 -64.13
CA VAL C 1645 72.11 -63.45 -63.64
C VAL C 1645 72.18 -64.55 -64.70
N PRO C 1646 72.53 -65.79 -64.33
CA PRO C 1646 72.55 -66.87 -65.33
C PRO C 1646 71.17 -67.18 -65.89
N ALA C 1647 71.06 -67.10 -67.21
CA ALA C 1647 69.78 -67.19 -67.91
C ALA C 1647 69.89 -68.33 -68.92
N GLU C 1648 69.38 -69.48 -68.55
CA GLU C 1648 69.51 -70.71 -69.33
C GLU C 1648 68.87 -70.76 -70.74
N PRO C 1649 67.82 -70.02 -71.10
CA PRO C 1649 67.46 -70.00 -72.54
C PRO C 1649 68.09 -68.87 -73.33
N LEU C 1650 68.89 -68.02 -72.69
CA LEU C 1650 69.49 -66.86 -73.34
C LEU C 1650 70.85 -67.19 -73.95
N ASP C 1651 71.45 -68.32 -73.56
CA ASP C 1651 72.77 -68.70 -74.04
C ASP C 1651 72.81 -68.96 -75.54
N GLU C 1652 71.69 -69.43 -76.12
CA GLU C 1652 71.65 -69.61 -77.57
C GLU C 1652 71.65 -68.28 -78.31
N ILE C 1653 71.09 -67.24 -77.70
CA ILE C 1653 71.14 -65.90 -78.29
C ILE C 1653 72.51 -65.29 -78.05
N LEU C 1654 73.11 -65.58 -76.89
CA LEU C 1654 74.47 -65.17 -76.57
C LEU C 1654 75.47 -65.79 -77.54
N ALA C 1655 75.17 -66.99 -78.05
CA ALA C 1655 75.99 -67.61 -79.08
C ALA C 1655 75.96 -66.81 -80.37
N ASP C 1656 74.79 -66.71 -80.99
CA ASP C 1656 74.67 -66.02 -82.27
C ASP C 1656 73.43 -65.14 -82.30
N TYR C 1657 73.57 -63.97 -82.91
CA TYR C 1657 72.45 -63.05 -83.10
C TYR C 1657 72.44 -62.38 -84.47
N ASP C 1658 73.53 -62.44 -85.24
CA ASP C 1658 73.60 -61.75 -86.52
C ASP C 1658 72.68 -62.39 -87.54
N THR C 1659 72.69 -63.73 -87.62
CA THR C 1659 71.70 -64.42 -88.42
C THR C 1659 70.32 -64.35 -87.76
N TRP C 1660 70.29 -64.18 -86.43
CA TRP C 1660 69.03 -64.14 -85.71
C TRP C 1660 68.39 -62.76 -85.70
N LEU C 1661 69.18 -61.70 -85.84
CA LEU C 1661 68.62 -60.40 -86.17
C LEU C 1661 68.00 -60.45 -87.56
N ARG C 1662 68.60 -61.21 -88.47
CA ARG C 1662 68.02 -61.43 -89.79
C ARG C 1662 66.78 -62.29 -89.70
N GLU C 1663 66.76 -63.25 -88.77
CA GLU C 1663 65.70 -64.26 -88.73
C GLU C 1663 64.60 -63.94 -87.72
N ARG C 1664 64.95 -63.73 -86.43
CA ARG C 1664 63.97 -63.70 -85.35
C ARG C 1664 64.03 -62.40 -84.54
N PRO C 1665 63.66 -61.24 -85.13
CA PRO C 1665 63.70 -60.00 -84.35
C PRO C 1665 62.65 -59.94 -83.25
N ARG C 1666 61.38 -60.20 -83.61
CA ARG C 1666 60.29 -60.18 -82.64
C ARG C 1666 60.43 -61.31 -81.63
N GLU C 1667 60.83 -62.49 -82.11
CA GLU C 1667 61.01 -63.64 -81.23
C GLU C 1667 62.14 -63.43 -80.24
N MET C 1668 63.27 -62.91 -80.72
CA MET C 1668 64.43 -62.70 -79.86
C MET C 1668 64.18 -61.59 -78.85
N ALA C 1669 63.53 -60.50 -79.29
CA ALA C 1669 63.16 -59.44 -78.37
C ALA C 1669 62.14 -59.93 -77.35
N ARG C 1670 61.24 -60.83 -77.77
CA ARG C 1670 60.26 -61.40 -76.86
C ARG C 1670 60.93 -62.26 -75.79
N THR C 1671 61.91 -63.07 -76.19
CA THR C 1671 62.59 -63.95 -75.25
C THR C 1671 63.42 -63.15 -74.26
N VAL C 1672 64.15 -62.14 -74.73
CA VAL C 1672 64.95 -61.35 -73.79
C VAL C 1672 64.05 -60.49 -72.92
N PHE C 1673 62.85 -60.13 -73.43
CA PHE C 1673 61.91 -59.37 -72.63
C PHE C 1673 61.31 -60.21 -71.51
N ILE C 1674 60.90 -61.43 -71.81
CA ILE C 1674 60.32 -62.26 -70.77
C ILE C 1674 61.40 -62.72 -69.78
N GLU C 1675 62.64 -62.86 -70.24
CA GLU C 1675 63.72 -63.23 -69.34
C GLU C 1675 64.03 -62.10 -68.37
N LEU C 1676 64.25 -60.90 -68.90
CA LEU C 1676 64.52 -59.73 -68.06
C LEU C 1676 63.32 -59.31 -67.22
N LEU C 1677 62.11 -59.67 -67.63
CA LEU C 1677 60.94 -59.37 -66.82
C LEU C 1677 60.74 -60.42 -65.73
N ALA C 1678 61.22 -61.64 -65.95
CA ALA C 1678 61.10 -62.67 -64.93
C ALA C 1678 62.17 -62.54 -63.86
N TRP C 1679 63.39 -62.15 -64.22
CA TRP C 1679 64.46 -62.17 -63.23
C TRP C 1679 64.42 -61.02 -62.22
N GLN C 1680 63.64 -59.97 -62.46
CA GLN C 1680 63.56 -58.88 -61.51
C GLN C 1680 62.76 -59.23 -60.27
N PHE C 1681 62.07 -60.36 -60.28
CA PHE C 1681 61.42 -60.89 -59.10
C PHE C 1681 62.42 -61.27 -58.01
N ALA C 1682 63.64 -61.63 -58.42
CA ALA C 1682 64.69 -62.01 -57.47
C ALA C 1682 65.96 -61.19 -57.62
N SER C 1683 66.00 -60.23 -58.53
CA SER C 1683 67.21 -59.42 -58.58
C SER C 1683 66.97 -58.05 -57.94
N PRO C 1684 67.97 -57.49 -57.26
CA PRO C 1684 67.79 -56.16 -56.64
C PRO C 1684 67.71 -55.07 -57.68
N VAL C 1685 67.17 -53.94 -57.26
CA VAL C 1685 66.97 -52.81 -58.15
C VAL C 1685 68.20 -51.92 -58.11
N ARG C 1686 68.33 -51.07 -59.12
CA ARG C 1686 69.43 -50.12 -59.25
C ARG C 1686 68.87 -48.72 -59.47
N TRP C 1687 67.92 -48.35 -58.60
CA TRP C 1687 67.09 -47.18 -58.81
C TRP C 1687 67.88 -45.88 -58.70
N ILE C 1688 68.99 -45.89 -57.94
CA ILE C 1688 69.90 -44.74 -57.93
C ILE C 1688 70.49 -44.53 -59.30
N GLU C 1689 70.93 -45.61 -59.95
CA GLU C 1689 71.51 -45.45 -61.28
C GLU C 1689 70.44 -45.17 -62.32
N THR C 1690 69.19 -45.60 -62.10
CA THR C 1690 68.13 -45.16 -63.00
C THR C 1690 67.89 -43.66 -62.90
N GLN C 1691 67.87 -43.12 -61.68
CA GLN C 1691 67.72 -41.68 -61.52
C GLN C 1691 68.91 -40.90 -62.07
N ASP C 1692 70.12 -41.45 -61.98
CA ASP C 1692 71.27 -40.78 -62.60
C ASP C 1692 71.18 -40.84 -64.11
N LEU C 1693 70.73 -41.96 -64.67
CA LEU C 1693 70.55 -42.09 -66.10
C LEU C 1693 69.44 -41.18 -66.62
N LEU C 1694 68.47 -40.84 -65.77
CA LEU C 1694 67.43 -39.91 -66.13
C LEU C 1694 67.81 -38.45 -65.91
N PHE C 1695 68.77 -38.17 -65.05
CA PHE C 1695 69.02 -36.77 -64.71
C PHE C 1695 70.30 -36.22 -65.31
N ILE C 1696 71.26 -37.07 -65.69
CA ILE C 1696 72.46 -36.58 -66.36
C ILE C 1696 72.11 -36.28 -67.81
N GLU C 1697 72.55 -35.12 -68.30
CA GLU C 1697 72.07 -34.54 -69.55
C GLU C 1697 72.57 -35.32 -70.76
N GLU C 1698 72.15 -34.86 -71.94
CA GLU C 1698 72.39 -35.58 -73.19
C GLU C 1698 73.87 -35.54 -73.56
N ALA C 1699 74.47 -34.35 -73.56
CA ALA C 1699 75.91 -34.28 -73.52
C ALA C 1699 76.40 -34.84 -72.20
N ALA C 1700 77.59 -35.44 -72.22
CA ALA C 1700 78.09 -36.34 -71.18
C ALA C 1700 77.07 -37.45 -70.92
N GLY C 1701 76.99 -38.35 -71.92
CA GLY C 1701 75.87 -39.20 -72.25
C GLY C 1701 74.99 -39.81 -71.16
N GLY C 1702 73.70 -39.56 -71.28
CA GLY C 1702 72.68 -39.97 -70.36
C GLY C 1702 71.38 -39.33 -70.82
N LEU C 1703 70.23 -39.91 -70.49
CA LEU C 1703 68.98 -39.38 -71.00
C LEU C 1703 68.62 -38.10 -70.28
N GLY C 1704 68.67 -36.98 -70.99
CA GLY C 1704 68.33 -35.70 -70.38
C GLY C 1704 66.86 -35.41 -70.54
N VAL C 1705 66.11 -35.42 -69.44
CA VAL C 1705 64.68 -35.23 -69.48
C VAL C 1705 64.33 -33.91 -68.81
N GLU C 1706 63.09 -33.47 -69.01
CA GLU C 1706 62.63 -32.21 -68.47
C GLU C 1706 61.63 -32.35 -67.33
N ARG C 1707 60.53 -33.06 -67.55
CA ARG C 1707 59.59 -33.32 -66.47
C ARG C 1707 59.71 -34.75 -65.98
N PHE C 1708 59.60 -34.90 -64.67
CA PHE C 1708 59.59 -36.21 -64.01
C PHE C 1708 58.28 -36.28 -63.25
N VAL C 1709 57.27 -36.88 -63.85
CA VAL C 1709 55.96 -36.99 -63.21
C VAL C 1709 55.74 -38.42 -62.77
N GLU C 1710 55.41 -38.61 -61.51
CA GLU C 1710 55.10 -39.93 -60.98
C GLU C 1710 53.61 -40.02 -60.69
N ILE C 1711 53.05 -41.18 -60.99
CA ILE C 1711 51.61 -41.37 -60.96
C ILE C 1711 51.29 -42.22 -59.73
N GLY C 1712 50.99 -41.53 -58.63
CA GLY C 1712 50.62 -42.15 -57.38
C GLY C 1712 49.79 -41.18 -56.59
N VAL C 1713 49.26 -41.66 -55.46
CA VAL C 1713 48.33 -40.86 -54.68
C VAL C 1713 49.07 -39.79 -53.91
N LYS C 1714 48.34 -38.80 -53.39
CA LYS C 1714 48.94 -37.68 -52.69
C LYS C 1714 49.12 -37.92 -51.20
N SER C 1715 48.61 -39.03 -50.67
CA SER C 1715 48.80 -39.31 -49.26
C SER C 1715 50.22 -39.78 -48.95
N SER C 1716 50.94 -40.28 -49.94
CA SER C 1716 52.34 -40.70 -49.75
C SER C 1716 53.08 -40.65 -51.09
N PRO C 1717 53.55 -39.48 -51.49
CA PRO C 1717 54.31 -39.37 -52.75
C PRO C 1717 55.77 -39.75 -52.58
N THR C 1718 56.02 -41.06 -52.53
CA THR C 1718 57.34 -41.56 -52.17
C THR C 1718 58.36 -41.37 -53.28
N VAL C 1719 57.99 -41.69 -54.52
CA VAL C 1719 58.92 -41.56 -55.63
C VAL C 1719 59.20 -40.08 -55.92
N ALA C 1720 58.19 -39.22 -55.72
CA ALA C 1720 58.41 -37.79 -55.86
C ALA C 1720 59.31 -37.25 -54.76
N GLY C 1721 59.20 -37.81 -53.55
CA GLY C 1721 60.11 -37.42 -52.49
C GLY C 1721 61.55 -37.82 -52.78
N LEU C 1722 61.74 -39.03 -53.32
CA LEU C 1722 63.07 -39.46 -53.73
C LEU C 1722 63.61 -38.61 -54.87
N ALA C 1723 62.74 -38.18 -55.78
CA ALA C 1723 63.15 -37.34 -56.89
C ALA C 1723 63.62 -35.98 -56.40
N THR C 1724 62.84 -35.35 -55.51
CA THR C 1724 63.25 -34.05 -54.97
C THR C 1724 64.50 -34.15 -54.11
N ASN C 1725 64.69 -35.27 -53.41
CA ASN C 1725 65.90 -35.44 -52.63
C ASN C 1725 67.12 -35.60 -53.53
N THR C 1726 66.98 -36.35 -54.63
CA THR C 1726 68.09 -36.49 -55.56
C THR C 1726 68.39 -35.16 -56.27
N LEU C 1727 67.36 -34.34 -56.51
CA LEU C 1727 67.61 -33.03 -57.09
C LEU C 1727 68.33 -32.10 -56.12
N LYS C 1728 67.91 -32.09 -54.85
CA LYS C 1728 68.56 -31.22 -53.88
C LYS C 1728 69.87 -31.79 -53.34
N LEU C 1729 70.25 -32.99 -53.78
CA LEU C 1729 71.59 -33.49 -53.49
C LEU C 1729 72.62 -32.61 -54.18
N PRO C 1730 73.74 -32.28 -53.50
CA PRO C 1730 74.65 -31.26 -54.00
C PRO C 1730 75.55 -31.66 -55.16
N GLU C 1731 75.32 -32.78 -55.84
CA GLU C 1731 76.07 -33.05 -57.06
C GLU C 1731 75.65 -32.10 -58.18
N TYR C 1732 74.43 -31.59 -58.11
CA TYR C 1732 73.92 -30.63 -59.07
C TYR C 1732 72.85 -29.80 -58.40
N ALA C 1733 72.92 -28.49 -58.59
CA ALA C 1733 71.93 -27.57 -58.04
C ALA C 1733 71.34 -26.67 -59.10
N HIS C 1734 71.75 -26.83 -60.35
CA HIS C 1734 71.27 -26.00 -61.45
C HIS C 1734 70.34 -26.73 -62.40
N SER C 1735 70.19 -28.04 -62.26
CA SER C 1735 69.36 -28.81 -63.17
C SER C 1735 67.89 -28.51 -62.92
N THR C 1736 67.22 -27.96 -63.92
CA THR C 1736 65.80 -27.63 -63.84
C THR C 1736 64.98 -28.82 -64.35
N VAL C 1737 64.74 -29.78 -63.47
CA VAL C 1737 63.92 -30.94 -63.78
C VAL C 1737 62.65 -30.83 -62.94
N GLU C 1738 61.54 -30.50 -63.58
CA GLU C 1738 60.30 -30.24 -62.87
C GLU C 1738 59.68 -31.56 -62.45
N VAL C 1739 59.56 -31.80 -61.15
CA VAL C 1739 59.06 -33.05 -60.61
C VAL C 1739 57.61 -32.86 -60.19
N LEU C 1740 56.73 -33.68 -60.74
CA LEU C 1740 55.30 -33.61 -60.45
C LEU C 1740 54.81 -34.91 -59.85
N ASN C 1741 53.85 -34.77 -58.94
CA ASN C 1741 52.97 -35.86 -58.55
C ASN C 1741 51.69 -35.75 -59.37
N ALA C 1742 51.11 -36.89 -59.70
CA ALA C 1742 49.85 -36.87 -60.43
C ALA C 1742 48.65 -36.61 -59.53
N GLU C 1743 48.85 -36.37 -58.25
CA GLU C 1743 47.74 -36.00 -57.37
C GLU C 1743 47.99 -34.73 -56.59
N ARG C 1744 49.23 -34.47 -56.18
CA ARG C 1744 49.54 -33.17 -55.56
C ARG C 1744 49.50 -32.07 -56.60
N ASP C 1745 50.03 -32.33 -57.79
CA ASP C 1745 50.24 -31.33 -58.82
C ASP C 1745 49.27 -31.52 -59.98
N ALA C 1746 48.02 -31.85 -59.66
CA ALA C 1746 47.03 -32.15 -60.69
C ALA C 1746 46.69 -30.92 -61.52
N ALA C 1747 46.63 -29.75 -60.87
CA ALA C 1747 46.27 -28.53 -61.58
C ALA C 1747 47.35 -28.14 -62.59
N VAL C 1748 48.61 -28.20 -62.20
CA VAL C 1748 49.67 -27.85 -63.13
C VAL C 1748 49.96 -28.98 -64.10
N LEU C 1749 49.53 -30.20 -63.79
CA LEU C 1749 49.68 -31.28 -64.75
C LEU C 1749 48.66 -31.16 -65.88
N PHE C 1750 47.39 -31.00 -65.53
CA PHE C 1750 46.36 -30.80 -66.54
C PHE C 1750 46.31 -29.37 -67.06
N ALA C 1751 47.18 -28.49 -66.55
CA ALA C 1751 47.36 -27.12 -67.02
C ALA C 1751 46.09 -26.31 -66.89
N THR C 1752 45.45 -26.41 -65.72
CA THR C 1752 44.20 -25.71 -65.45
C THR C 1752 44.34 -24.84 -64.22
N ASP C 1753 45.41 -24.05 -64.14
CA ASP C 1753 45.69 -23.21 -62.99
C ASP C 1753 45.85 -21.76 -63.40
N THR C 1754 45.38 -20.86 -62.54
CA THR C 1754 45.50 -19.42 -62.74
C THR C 1754 46.43 -18.82 -61.69
N ASP C 1755 46.53 -17.51 -61.71
CA ASP C 1755 47.39 -16.79 -60.77
C ASP C 1755 46.61 -15.70 -60.05
N ALA C 1987 27.20 8.52 -13.83
CA ALA C 1987 25.78 8.60 -13.50
C ALA C 1987 25.07 7.28 -13.81
N ALA C 1988 25.60 6.19 -13.28
CA ALA C 1988 25.01 4.86 -13.47
C ALA C 1988 23.77 4.74 -12.60
N ALA C 1989 22.60 4.71 -13.25
CA ALA C 1989 21.33 4.71 -12.54
C ALA C 1989 20.75 3.30 -12.36
N LEU C 1990 21.48 2.27 -12.81
CA LEU C 1990 20.97 0.91 -12.82
C LEU C 1990 20.74 0.37 -11.41
N SER C 1991 21.48 0.89 -10.43
CA SER C 1991 21.29 0.48 -9.05
C SER C 1991 19.91 0.88 -8.54
N GLU C 1992 19.51 2.14 -8.75
CA GLU C 1992 18.18 2.53 -8.29
C GLU C 1992 17.08 2.01 -9.20
N PHE C 1993 17.39 1.72 -10.47
CA PHE C 1993 16.43 0.98 -11.31
C PHE C 1993 16.10 -0.37 -10.68
N THR C 1994 17.14 -1.14 -10.33
CA THR C 1994 16.92 -2.42 -9.63
C THR C 1994 16.29 -2.23 -8.27
N ASP C 1995 16.51 -1.08 -7.61
CA ASP C 1995 15.86 -0.80 -6.34
C ASP C 1995 14.35 -0.68 -6.52
N GLN C 1996 13.89 0.08 -7.52
CA GLN C 1996 12.45 0.23 -7.67
C GLN C 1996 11.83 -1.05 -8.22
N ILE C 1997 12.57 -1.83 -9.01
CA ILE C 1997 12.07 -3.13 -9.47
C ILE C 1997 11.97 -4.11 -8.30
N THR C 1998 12.92 -4.07 -7.38
CA THR C 1998 12.90 -4.96 -6.23
C THR C 1998 11.80 -4.58 -5.25
N GLY C 1999 11.56 -3.28 -5.07
CA GLY C 1999 10.44 -2.85 -4.23
C GLY C 1999 9.09 -3.21 -4.83
N ARG C 2000 8.98 -3.08 -6.16
CA ARG C 2000 7.78 -3.45 -6.88
C ARG C 2000 7.49 -4.94 -6.76
N GLU C 2001 8.53 -5.78 -6.98
CA GLU C 2001 8.37 -7.22 -6.83
C GLU C 2001 8.15 -7.61 -5.38
N GLY C 2002 8.63 -6.80 -4.44
CA GLY C 2002 8.31 -7.04 -3.04
C GLY C 2002 6.86 -6.78 -2.72
N VAL C 2003 6.28 -5.74 -3.34
CA VAL C 2003 4.83 -5.51 -3.22
C VAL C 2003 4.06 -6.68 -3.81
N LEU C 2004 4.53 -7.21 -4.95
CA LEU C 2004 3.94 -8.40 -5.56
C LEU C 2004 3.96 -9.59 -4.61
N ALA C 2005 5.14 -9.90 -4.05
CA ALA C 2005 5.26 -11.03 -3.15
C ALA C 2005 4.54 -10.79 -1.83
N SER C 2006 4.32 -9.53 -1.46
CA SER C 2006 3.52 -9.23 -0.28
C SER C 2006 2.07 -9.59 -0.50
N ALA C 2007 1.53 -9.21 -1.65
CA ALA C 2007 0.13 -9.52 -1.94
C ALA C 2007 -0.06 -11.02 -2.15
N ALA C 2008 0.81 -11.64 -2.96
CA ALA C 2008 0.49 -12.83 -3.75
C ALA C 2008 0.11 -14.04 -2.90
N ARG C 2009 0.62 -14.15 -1.68
CA ARG C 2009 0.36 -15.35 -0.89
C ARG C 2009 -0.86 -15.23 0.02
N LEU C 2010 -1.26 -14.02 0.42
CA LEU C 2010 -2.47 -13.91 1.21
C LEU C 2010 -3.68 -13.52 0.36
N VAL C 2011 -3.46 -13.01 -0.86
CA VAL C 2011 -4.60 -12.75 -1.74
C VAL C 2011 -5.21 -14.02 -2.31
N LEU C 2012 -4.59 -15.18 -2.08
CA LEU C 2012 -4.98 -16.50 -2.60
C LEU C 2012 -5.23 -16.49 -4.11
N GLY C 2013 -4.45 -15.69 -4.84
CA GLY C 2013 -4.46 -15.76 -6.28
C GLY C 2013 -3.45 -16.79 -6.72
N GLN C 2014 -3.92 -18.01 -6.98
CA GLN C 2014 -3.03 -19.13 -7.23
C GLN C 2014 -2.44 -19.05 -8.63
N LEU C 2015 -1.11 -19.08 -8.71
CA LEU C 2015 -0.41 -19.00 -9.97
C LEU C 2015 0.44 -20.26 -10.14
N GLY C 2016 0.84 -20.52 -11.38
CA GLY C 2016 1.55 -21.75 -11.68
C GLY C 2016 0.68 -22.99 -11.68
N LEU C 2017 -0.61 -22.83 -11.95
CA LEU C 2017 -1.53 -23.95 -12.01
C LEU C 2017 -1.50 -24.66 -13.36
N ASP C 2018 -0.71 -24.16 -14.31
CA ASP C 2018 -0.54 -24.78 -15.61
C ASP C 2018 0.65 -25.74 -15.58
N ASP C 2019 0.67 -26.63 -16.58
CA ASP C 2019 1.73 -27.61 -16.71
C ASP C 2019 2.01 -27.81 -18.19
N PRO C 2020 3.28 -27.91 -18.59
CA PRO C 2020 3.57 -28.27 -19.99
C PRO C 2020 3.24 -29.73 -20.26
N VAL C 2021 2.13 -29.95 -20.96
CA VAL C 2021 1.65 -31.31 -21.19
C VAL C 2021 2.03 -31.82 -22.59
N ASN C 2022 2.11 -30.90 -23.56
CA ASN C 2022 2.10 -31.22 -24.99
C ASN C 2022 3.25 -32.13 -25.44
N ALA C 2023 4.36 -32.16 -24.72
CA ALA C 2023 5.45 -33.05 -25.09
C ALA C 2023 5.14 -34.51 -24.76
N LEU C 2024 4.22 -34.75 -23.84
CA LEU C 2024 3.91 -36.11 -23.40
C LEU C 2024 3.10 -36.91 -24.42
N PRO C 2025 1.99 -36.43 -25.02
CA PRO C 2025 1.34 -37.25 -26.05
C PRO C 2025 2.02 -37.18 -27.40
N ALA C 2026 2.95 -36.25 -27.60
CA ALA C 2026 3.60 -36.10 -28.91
C ALA C 2026 4.55 -37.26 -29.23
N ALA C 2027 5.04 -37.96 -28.21
CA ALA C 2027 5.93 -39.10 -28.45
C ALA C 2027 5.20 -40.37 -28.89
N PRO C 2028 4.06 -40.80 -28.32
CA PRO C 2028 3.36 -41.95 -28.93
C PRO C 2028 2.73 -41.64 -30.26
N ASP C 2029 2.44 -40.36 -30.56
CA ASP C 2029 1.99 -40.00 -31.91
C ASP C 2029 3.09 -40.24 -32.92
N SER C 2030 4.29 -39.76 -32.63
CA SER C 2030 5.44 -40.02 -33.48
C SER C 2030 5.75 -41.51 -33.56
N GLU C 2031 5.55 -42.22 -32.46
CA GLU C 2031 5.74 -43.66 -32.42
C GLU C 2031 4.79 -44.39 -33.35
N LEU C 2032 3.51 -44.00 -33.33
CA LEU C 2032 2.56 -44.70 -34.16
C LEU C 2032 2.74 -44.34 -35.63
N ILE C 2033 3.08 -43.08 -35.92
CA ILE C 2033 3.19 -42.73 -37.33
C ILE C 2033 4.47 -43.28 -37.93
N ASP C 2034 5.57 -43.37 -37.18
CA ASP C 2034 6.73 -43.99 -37.81
C ASP C 2034 6.66 -45.51 -37.71
N LEU C 2035 5.81 -46.06 -36.84
CA LEU C 2035 5.45 -47.46 -36.94
C LEU C 2035 4.77 -47.75 -38.27
N VAL C 2036 3.77 -46.94 -38.62
CA VAL C 2036 3.07 -47.13 -39.90
C VAL C 2036 4.00 -46.81 -41.07
N THR C 2037 4.94 -45.89 -40.88
CA THR C 2037 5.91 -45.57 -41.91
C THR C 2037 6.86 -46.74 -42.15
N ALA C 2038 7.28 -47.42 -41.09
CA ALA C 2038 8.18 -48.56 -41.25
C ALA C 2038 7.44 -49.77 -41.79
N GLU C 2039 6.19 -49.97 -41.36
CA GLU C 2039 5.47 -51.18 -41.77
C GLU C 2039 4.87 -51.02 -43.16
N LEU C 2040 3.95 -50.08 -43.32
CA LEU C 2040 3.18 -49.98 -44.56
C LEU C 2040 3.84 -49.06 -45.57
N GLY C 2041 4.03 -47.80 -45.23
CA GLY C 2041 4.63 -46.86 -46.16
C GLY C 2041 4.54 -45.46 -45.60
N ALA C 2042 5.23 -44.55 -46.28
CA ALA C 2042 5.21 -43.16 -45.84
C ALA C 2042 3.90 -42.48 -46.22
N ASP C 2043 3.39 -42.79 -47.41
CA ASP C 2043 2.21 -42.15 -47.96
C ASP C 2043 0.94 -42.96 -47.75
N TRP C 2044 0.91 -43.78 -46.70
CA TRP C 2044 -0.24 -44.63 -46.43
C TRP C 2044 -1.55 -43.88 -46.16
N PRO C 2045 -1.62 -42.82 -45.33
CA PRO C 2045 -2.93 -42.19 -45.13
C PRO C 2045 -3.48 -41.50 -46.36
N ARG C 2046 -2.62 -40.93 -47.22
CA ARG C 2046 -3.17 -40.36 -48.44
C ARG C 2046 -3.46 -41.41 -49.50
N LEU C 2047 -2.79 -42.56 -49.47
CA LEU C 2047 -3.25 -43.64 -50.35
C LEU C 2047 -4.53 -44.30 -49.87
N VAL C 2048 -4.85 -44.23 -48.58
CA VAL C 2048 -5.99 -44.98 -48.07
C VAL C 2048 -7.14 -44.07 -47.66
N ALA C 2049 -7.00 -42.75 -47.80
CA ALA C 2049 -7.95 -41.80 -47.24
C ALA C 2049 -9.32 -41.90 -47.90
N PRO C 2050 -10.40 -41.78 -47.12
CA PRO C 2050 -11.74 -41.94 -47.70
C PRO C 2050 -12.15 -40.74 -48.53
N VAL C 2051 -12.82 -41.02 -49.64
CA VAL C 2051 -13.24 -40.00 -50.58
C VAL C 2051 -14.76 -39.87 -50.62
N PHE C 2052 -15.49 -40.94 -50.35
CA PHE C 2052 -16.92 -41.02 -50.65
C PHE C 2052 -17.75 -40.08 -49.78
N ASP C 2053 -18.73 -39.44 -50.42
CA ASP C 2053 -19.67 -38.56 -49.77
C ASP C 2053 -20.96 -38.61 -50.56
N PRO C 2054 -22.10 -38.89 -49.92
CA PRO C 2054 -23.33 -39.11 -50.67
C PRO C 2054 -23.99 -37.84 -51.19
N LYS C 2055 -23.48 -36.67 -50.85
CA LYS C 2055 -24.02 -35.44 -51.42
C LYS C 2055 -23.54 -35.18 -52.83
N LYS C 2056 -22.50 -35.88 -53.28
CA LYS C 2056 -21.87 -35.60 -54.56
C LYS C 2056 -22.23 -36.64 -55.62
N ALA C 2057 -23.32 -37.36 -55.44
CA ALA C 2057 -23.74 -38.32 -56.43
C ALA C 2057 -24.42 -37.62 -57.59
N VAL C 2058 -24.15 -38.05 -58.81
CA VAL C 2058 -24.66 -37.39 -60.00
C VAL C 2058 -25.54 -38.36 -60.78
N VAL C 2059 -26.74 -37.91 -61.13
CA VAL C 2059 -27.74 -38.70 -61.85
C VAL C 2059 -27.84 -38.19 -63.27
N PHE C 2060 -27.90 -39.10 -64.25
CA PHE C 2060 -27.92 -38.74 -65.66
C PHE C 2060 -29.08 -39.40 -66.38
N ASP C 2061 -30.32 -39.24 -65.90
CA ASP C 2061 -31.45 -39.95 -66.50
C ASP C 2061 -32.34 -39.09 -67.40
N ASP C 2062 -31.78 -38.17 -68.17
CA ASP C 2062 -32.55 -37.37 -69.11
C ASP C 2062 -32.28 -37.84 -70.53
N ARG C 2063 -33.27 -38.50 -71.13
CA ARG C 2063 -33.09 -38.92 -72.51
C ARG C 2063 -34.05 -38.23 -73.47
N TRP C 2064 -35.25 -37.86 -73.00
CA TRP C 2064 -36.21 -37.19 -73.88
C TRP C 2064 -35.69 -35.84 -74.38
N ALA C 2065 -34.99 -35.11 -73.53
CA ALA C 2065 -34.52 -33.79 -73.91
C ALA C 2065 -33.41 -33.87 -74.95
N SER C 2066 -32.44 -34.77 -74.72
CA SER C 2066 -31.38 -34.96 -75.69
C SER C 2066 -31.91 -35.59 -76.98
N ALA C 2067 -33.02 -36.33 -76.90
CA ALA C 2067 -33.65 -36.86 -78.10
C ALA C 2067 -34.21 -35.74 -78.96
N ARG C 2068 -34.87 -34.76 -78.33
CA ARG C 2068 -35.42 -33.64 -79.08
C ARG C 2068 -34.32 -32.80 -79.72
N GLU C 2069 -33.23 -32.57 -78.99
CA GLU C 2069 -32.13 -31.81 -79.55
C GLU C 2069 -31.44 -32.57 -80.68
N ASP C 2070 -31.38 -33.90 -80.59
CA ASP C 2070 -30.80 -34.67 -81.68
C ASP C 2070 -31.70 -34.67 -82.91
N LEU C 2071 -33.02 -34.64 -82.71
CA LEU C 2071 -33.94 -34.43 -83.83
C LEU C 2071 -33.67 -33.13 -84.54
N VAL C 2072 -33.32 -32.08 -83.78
CA VAL C 2072 -33.00 -30.80 -84.42
C VAL C 2072 -31.71 -30.90 -85.23
N LYS C 2073 -30.66 -31.44 -84.62
CA LYS C 2073 -29.39 -31.44 -85.35
C LYS C 2073 -29.34 -32.47 -86.49
N LEU C 2074 -30.27 -33.43 -86.52
CA LEU C 2074 -30.44 -34.20 -87.75
C LEU C 2074 -30.99 -33.36 -88.89
N TRP C 2075 -31.83 -32.37 -88.59
CA TRP C 2075 -32.24 -31.45 -89.64
C TRP C 2075 -31.09 -30.55 -90.05
N LEU C 2076 -30.25 -30.16 -89.09
CA LEU C 2076 -29.14 -29.28 -89.45
C LEU C 2076 -28.07 -29.98 -90.26
N THR C 2077 -27.82 -31.26 -90.02
CA THR C 2077 -26.84 -31.95 -90.86
C THR C 2077 -27.43 -32.20 -92.24
N ASP C 2078 -26.57 -32.19 -93.25
CA ASP C 2078 -27.04 -32.28 -94.63
C ASP C 2078 -27.47 -33.71 -94.96
N GLU C 2079 -28.09 -33.85 -96.13
CA GLU C 2079 -28.62 -35.15 -96.54
C GLU C 2079 -27.55 -36.09 -97.05
N GLY C 2080 -26.34 -35.58 -97.34
CA GLY C 2080 -25.31 -36.44 -97.87
C GLY C 2080 -24.71 -37.38 -96.86
N ASP C 2081 -24.78 -37.03 -95.57
CA ASP C 2081 -24.16 -37.80 -94.51
C ASP C 2081 -25.17 -38.59 -93.69
N ILE C 2082 -26.36 -38.82 -94.25
CA ILE C 2082 -27.36 -39.59 -93.52
C ILE C 2082 -27.21 -41.08 -93.84
N ASP C 2083 -26.86 -41.40 -95.08
CA ASP C 2083 -26.68 -42.80 -95.49
C ASP C 2083 -25.46 -43.44 -94.84
N ALA C 2084 -24.50 -42.63 -94.37
CA ALA C 2084 -23.35 -43.18 -93.66
C ALA C 2084 -23.74 -43.75 -92.30
N ASP C 2085 -24.84 -43.29 -91.72
CA ASP C 2085 -25.27 -43.73 -90.40
C ASP C 2085 -26.74 -44.10 -90.40
N TRP C 2086 -27.27 -44.50 -91.56
CA TRP C 2086 -28.70 -44.78 -91.70
C TRP C 2086 -29.28 -45.86 -90.76
N PRO C 2087 -28.62 -46.98 -90.45
CA PRO C 2087 -29.22 -47.86 -89.43
C PRO C 2087 -29.06 -47.31 -88.02
N ARG C 2088 -27.90 -46.72 -87.74
CA ARG C 2088 -27.58 -46.25 -86.40
C ARG C 2088 -28.49 -45.09 -86.00
N LEU C 2089 -28.69 -44.13 -86.91
CA LEU C 2089 -29.59 -43.04 -86.62
C LEU C 2089 -31.03 -43.50 -86.57
N ALA C 2090 -31.35 -44.60 -87.24
CA ALA C 2090 -32.69 -45.15 -87.12
C ALA C 2090 -32.90 -45.85 -85.79
N GLU C 2091 -31.82 -46.35 -85.19
CA GLU C 2091 -31.98 -47.14 -83.98
C GLU C 2091 -31.62 -46.41 -82.69
N ARG C 2092 -31.07 -45.20 -82.78
CA ARG C 2092 -30.84 -44.44 -81.55
C ARG C 2092 -32.15 -44.07 -80.88
N PHE C 2093 -33.16 -43.69 -81.66
CA PHE C 2093 -34.41 -43.21 -81.08
C PHE C 2093 -35.41 -44.34 -80.87
N GLU C 2094 -35.00 -45.45 -80.28
CA GLU C 2094 -35.96 -46.54 -80.15
C GLU C 2094 -36.77 -46.38 -78.88
N GLY C 2095 -36.10 -46.29 -77.75
CA GLY C 2095 -36.81 -45.96 -76.54
C GLY C 2095 -36.86 -44.47 -76.34
N ALA C 2096 -37.98 -43.86 -76.73
CA ALA C 2096 -38.22 -42.46 -76.45
C ALA C 2096 -39.72 -42.31 -76.22
N GLY C 2097 -40.20 -41.09 -76.19
CA GLY C 2097 -41.54 -40.83 -75.75
C GLY C 2097 -42.54 -40.54 -76.86
N HIS C 2098 -43.79 -40.41 -76.42
CA HIS C 2098 -44.88 -39.97 -77.30
C HIS C 2098 -44.59 -38.59 -77.85
N VAL C 2099 -43.96 -37.74 -77.05
CA VAL C 2099 -43.62 -36.38 -77.47
C VAL C 2099 -42.59 -36.42 -78.59
N VAL C 2100 -41.57 -37.27 -78.44
CA VAL C 2100 -40.55 -37.41 -79.47
C VAL C 2100 -41.15 -38.01 -80.74
N ALA C 2101 -42.15 -38.89 -80.59
CA ALA C 2101 -42.86 -39.40 -81.76
C ALA C 2101 -43.60 -38.29 -82.51
N THR C 2102 -44.32 -37.44 -81.78
CA THR C 2102 -45.10 -36.39 -82.44
C THR C 2102 -44.19 -35.34 -83.06
N GLN C 2103 -43.08 -35.03 -82.41
CA GLN C 2103 -42.16 -34.06 -83.02
C GLN C 2103 -41.44 -34.66 -84.20
N ALA C 2104 -41.22 -35.98 -84.20
CA ALA C 2104 -40.67 -36.63 -85.37
C ALA C 2104 -41.64 -36.58 -86.54
N THR C 2105 -42.94 -36.70 -86.27
CA THR C 2105 -43.91 -36.54 -87.34
C THR C 2105 -43.98 -35.10 -87.85
N TRP C 2106 -43.77 -34.12 -86.97
CA TRP C 2106 -43.73 -32.73 -87.40
C TRP C 2106 -42.54 -32.48 -88.33
N TRP C 2107 -41.37 -32.99 -87.94
CA TRP C 2107 -40.20 -32.84 -88.80
C TRP C 2107 -40.36 -33.62 -90.09
N GLN C 2108 -41.09 -34.74 -90.07
CA GLN C 2108 -41.37 -35.47 -91.30
C GLN C 2108 -42.23 -34.65 -92.24
N GLY C 2109 -43.27 -34.00 -91.70
CA GLY C 2109 -44.12 -33.15 -92.53
C GLY C 2109 -43.37 -31.98 -93.11
N LYS C 2110 -42.49 -31.36 -92.32
CA LYS C 2110 -41.71 -30.25 -92.86
C LYS C 2110 -40.67 -30.73 -93.87
N SER C 2111 -40.13 -31.93 -93.69
CA SER C 2111 -39.21 -32.46 -94.67
C SER C 2111 -39.90 -32.82 -95.98
N LEU C 2112 -41.15 -33.29 -95.90
CA LEU C 2112 -41.92 -33.52 -97.13
C LEU C 2112 -42.23 -32.21 -97.84
N ALA C 2113 -42.53 -31.16 -97.07
CA ALA C 2113 -42.81 -29.87 -97.69
C ALA C 2113 -41.56 -29.27 -98.33
N ALA C 2114 -40.40 -29.44 -97.69
CA ALA C 2114 -39.18 -28.88 -98.25
C ALA C 2114 -38.63 -29.73 -99.39
N GLY C 2115 -38.88 -31.02 -99.37
CA GLY C 2115 -38.37 -31.87 -100.42
C GLY C 2115 -37.06 -32.56 -100.08
N ARG C 2116 -36.97 -33.06 -98.85
CA ARG C 2116 -35.82 -33.86 -98.42
C ARG C 2116 -36.31 -35.29 -98.23
N GLN C 2117 -36.17 -36.09 -99.27
CA GLN C 2117 -36.79 -37.41 -99.30
C GLN C 2117 -36.11 -38.39 -98.36
N ILE C 2118 -34.81 -38.22 -98.15
CA ILE C 2118 -34.10 -39.08 -97.21
C ILE C 2118 -34.53 -38.75 -95.78
N HIS C 2119 -34.58 -37.45 -95.46
CA HIS C 2119 -34.95 -37.01 -94.13
C HIS C 2119 -36.38 -37.38 -93.79
N ALA C 2120 -37.29 -37.36 -94.78
CA ALA C 2120 -38.68 -37.67 -94.51
C ALA C 2120 -38.86 -39.12 -94.07
N SER C 2121 -38.23 -40.05 -94.80
CA SER C 2121 -38.26 -41.44 -94.41
C SER C 2121 -37.52 -41.68 -93.11
N LEU C 2122 -36.46 -40.91 -92.85
CA LEU C 2122 -35.72 -41.05 -91.60
C LEU C 2122 -36.57 -40.66 -90.40
N TYR C 2123 -37.29 -39.54 -90.50
CA TYR C 2123 -38.13 -39.13 -89.37
C TYR C 2123 -39.34 -40.03 -89.22
N GLY C 2124 -39.86 -40.59 -90.31
CA GLY C 2124 -40.91 -41.59 -90.18
C GLY C 2124 -40.44 -42.84 -89.46
N ARG C 2125 -39.22 -43.29 -89.78
CA ARG C 2125 -38.62 -44.42 -89.10
C ARG C 2125 -38.39 -44.12 -87.62
N ILE C 2126 -37.96 -42.89 -87.31
CA ILE C 2126 -37.70 -42.49 -85.93
C ILE C 2126 -38.99 -42.48 -85.12
N ALA C 2127 -40.08 -41.97 -85.70
CA ALA C 2127 -41.35 -41.96 -84.99
C ALA C 2127 -41.88 -43.38 -84.75
N ALA C 2128 -41.80 -44.22 -85.78
CA ALA C 2128 -42.24 -45.60 -85.65
C ALA C 2128 -41.43 -46.36 -84.62
N GLY C 2129 -40.12 -46.09 -84.54
CA GLY C 2129 -39.31 -46.75 -83.55
C GLY C 2129 -39.56 -46.23 -82.14
N ALA C 2130 -39.74 -44.91 -82.01
CA ALA C 2130 -39.90 -44.30 -80.69
C ALA C 2130 -41.25 -44.61 -80.07
N GLU C 2131 -42.23 -45.03 -80.87
CA GLU C 2131 -43.50 -45.45 -80.31
C GLU C 2131 -43.37 -46.72 -79.43
N ASN C 2132 -42.38 -47.57 -79.68
CA ASN C 2132 -42.40 -48.94 -79.17
C ASN C 2132 -42.13 -49.00 -77.67
N PRO C 2133 -42.96 -49.70 -76.89
CA PRO C 2133 -42.90 -49.60 -75.43
C PRO C 2133 -42.05 -50.65 -74.73
N GLU C 2134 -41.53 -51.65 -75.42
CA GLU C 2134 -41.01 -52.84 -74.76
C GLU C 2134 -39.64 -52.57 -74.13
N PRO C 2135 -39.38 -53.14 -72.95
CA PRO C 2135 -38.07 -52.95 -72.31
C PRO C 2135 -37.01 -53.81 -72.96
N GLY C 2136 -35.78 -53.34 -72.86
CA GLY C 2136 -34.69 -53.84 -73.68
C GLY C 2136 -34.10 -55.16 -73.26
N ARG C 2137 -32.87 -55.39 -73.74
CA ARG C 2137 -32.08 -56.53 -73.31
C ARG C 2137 -31.86 -56.49 -71.81
N TYR C 2138 -31.28 -55.40 -71.33
CA TYR C 2138 -30.83 -55.29 -69.96
C TYR C 2138 -31.87 -54.47 -69.21
N GLY C 2139 -33.02 -55.09 -68.98
CA GLY C 2139 -34.11 -54.43 -68.28
C GLY C 2139 -34.02 -54.72 -66.80
N GLY C 2140 -33.85 -53.66 -66.02
CA GLY C 2140 -33.80 -53.80 -64.59
C GLY C 2140 -32.53 -54.40 -64.03
N GLU C 2141 -31.52 -54.61 -64.86
CA GLU C 2141 -30.25 -55.14 -64.41
C GLU C 2141 -29.45 -53.99 -63.81
N VAL C 2142 -29.60 -53.79 -62.50
CA VAL C 2142 -28.85 -52.77 -61.80
C VAL C 2142 -27.41 -53.21 -61.73
N ALA C 2143 -26.56 -52.62 -62.55
CA ALA C 2143 -25.17 -53.02 -62.61
C ALA C 2143 -24.31 -52.05 -61.84
N VAL C 2144 -23.17 -52.53 -61.35
CA VAL C 2144 -22.20 -51.70 -60.65
C VAL C 2144 -20.86 -51.89 -61.32
N VAL C 2145 -20.33 -50.85 -61.93
CA VAL C 2145 -19.09 -50.93 -62.68
C VAL C 2145 -18.06 -50.02 -62.00
N THR C 2146 -16.90 -50.59 -61.69
CA THR C 2146 -15.86 -49.83 -61.01
C THR C 2146 -14.67 -49.63 -61.93
N GLY C 2147 -14.16 -48.41 -61.97
CA GLY C 2147 -12.98 -48.11 -62.75
C GLY C 2147 -13.24 -47.98 -64.22
N ALA C 2148 -14.09 -47.05 -64.62
CA ALA C 2148 -14.39 -46.78 -66.01
C ALA C 2148 -13.83 -45.41 -66.36
N SER C 2149 -12.66 -45.39 -66.99
CA SER C 2149 -12.03 -44.16 -67.40
C SER C 2149 -12.17 -43.99 -68.91
N LYS C 2150 -11.57 -42.93 -69.44
CA LYS C 2150 -11.71 -42.62 -70.85
C LYS C 2150 -10.91 -43.60 -71.69
N GLY C 2151 -11.59 -44.22 -72.66
CA GLY C 2151 -10.95 -45.18 -73.52
C GLY C 2151 -10.58 -46.44 -72.77
N SER C 2152 -11.58 -47.17 -72.29
CA SER C 2152 -11.31 -48.35 -71.49
C SER C 2152 -12.41 -49.37 -71.69
N ILE C 2153 -12.08 -50.61 -71.33
CA ILE C 2153 -12.99 -51.72 -71.51
C ILE C 2153 -14.20 -51.58 -70.59
N ALA C 2154 -14.00 -51.04 -69.40
CA ALA C 2154 -15.13 -50.81 -68.50
C ALA C 2154 -16.03 -49.71 -69.03
N ALA C 2155 -15.45 -48.71 -69.70
CA ALA C 2155 -16.27 -47.69 -70.33
C ALA C 2155 -17.09 -48.26 -71.46
N SER C 2156 -16.52 -49.19 -72.23
CA SER C 2156 -17.30 -49.81 -73.30
C SER C 2156 -18.39 -50.72 -72.74
N VAL C 2157 -18.15 -51.35 -71.60
CA VAL C 2157 -19.18 -52.15 -70.95
C VAL C 2157 -20.32 -51.25 -70.45
N VAL C 2158 -19.98 -50.09 -69.89
CA VAL C 2158 -21.00 -49.13 -69.46
C VAL C 2158 -21.80 -48.63 -70.65
N ALA C 2159 -21.13 -48.41 -71.77
CA ALA C 2159 -21.80 -47.96 -72.98
C ALA C 2159 -22.78 -49.00 -73.50
N ARG C 2160 -22.38 -50.27 -73.50
CA ARG C 2160 -23.29 -51.29 -74.00
C ARG C 2160 -24.43 -51.56 -73.03
N LEU C 2161 -24.20 -51.41 -71.72
CA LEU C 2161 -25.28 -51.58 -70.77
C LEU C 2161 -26.31 -50.45 -70.88
N LEU C 2162 -25.85 -49.22 -71.07
CA LEU C 2162 -26.78 -48.12 -71.30
C LEU C 2162 -27.48 -48.27 -72.64
N ASP C 2163 -26.81 -48.88 -73.61
CA ASP C 2163 -27.43 -49.13 -74.90
C ASP C 2163 -28.54 -50.16 -74.77
N GLY C 2164 -28.35 -51.14 -73.90
CA GLY C 2164 -29.41 -52.08 -73.61
C GLY C 2164 -30.52 -51.47 -72.80
N GLY C 2165 -30.21 -50.48 -71.98
CA GLY C 2165 -31.25 -49.85 -71.18
C GLY C 2165 -31.20 -50.21 -69.71
N ALA C 2166 -30.01 -50.27 -69.16
CA ALA C 2166 -29.83 -50.71 -67.80
C ALA C 2166 -29.73 -49.53 -66.85
N THR C 2167 -29.52 -49.84 -65.59
CA THR C 2167 -29.29 -48.85 -64.54
C THR C 2167 -27.87 -49.09 -64.06
N VAL C 2168 -26.94 -48.28 -64.54
CA VAL C 2168 -25.53 -48.45 -64.27
C VAL C 2168 -25.15 -47.55 -63.12
N ILE C 2169 -24.34 -48.05 -62.20
CA ILE C 2169 -23.75 -47.25 -61.13
C ILE C 2169 -22.26 -47.33 -61.31
N ALA C 2170 -21.65 -46.23 -61.73
CA ALA C 2170 -20.23 -46.20 -62.03
C ALA C 2170 -19.51 -45.49 -60.91
N THR C 2171 -18.41 -46.08 -60.46
CA THR C 2171 -17.59 -45.41 -59.47
C THR C 2171 -16.35 -44.82 -60.14
N THR C 2172 -15.84 -43.74 -59.58
CA THR C 2172 -14.65 -43.12 -60.13
C THR C 2172 -13.88 -42.45 -59.00
N SER C 2173 -12.65 -42.04 -59.31
CA SER C 2173 -11.73 -41.57 -58.28
C SER C 2173 -12.04 -40.14 -57.87
N LYS C 2174 -11.89 -39.20 -58.79
CA LYS C 2174 -12.16 -37.79 -58.53
C LYS C 2174 -13.17 -37.30 -59.56
N LEU C 2175 -14.13 -36.49 -59.11
CA LEU C 2175 -15.22 -36.04 -59.97
C LEU C 2175 -15.07 -34.55 -60.21
N ASP C 2176 -14.63 -34.20 -61.42
CA ASP C 2176 -14.43 -32.80 -61.78
C ASP C 2176 -15.08 -32.47 -63.13
N GLU C 2177 -14.74 -31.31 -63.69
CA GLU C 2177 -15.40 -30.82 -64.89
C GLU C 2177 -15.13 -31.69 -66.10
N GLU C 2178 -13.88 -32.14 -66.27
CA GLU C 2178 -13.51 -32.96 -67.43
C GLU C 2178 -14.24 -34.28 -67.43
N ARG C 2179 -14.20 -34.98 -66.29
CA ARG C 2179 -14.87 -36.27 -66.21
C ARG C 2179 -16.38 -36.12 -66.23
N LEU C 2180 -16.90 -35.02 -65.68
CA LEU C 2180 -18.33 -34.81 -65.72
C LEU C 2180 -18.81 -34.60 -67.16
N ALA C 2181 -18.06 -33.84 -67.94
CA ALA C 2181 -18.38 -33.69 -69.36
C ALA C 2181 -18.24 -35.01 -70.10
N PHE C 2182 -17.24 -35.82 -69.73
CA PHE C 2182 -17.04 -37.11 -70.38
C PHE C 2182 -18.20 -38.05 -70.15
N TYR C 2183 -18.62 -38.21 -68.89
CA TYR C 2183 -19.72 -39.13 -68.61
C TYR C 2183 -21.05 -38.60 -69.14
N ARG C 2184 -21.23 -37.28 -69.19
CA ARG C 2184 -22.46 -36.74 -69.74
C ARG C 2184 -22.55 -36.99 -71.25
N THR C 2185 -21.45 -36.79 -71.98
CA THR C 2185 -21.48 -37.10 -73.40
C THR C 2185 -21.57 -38.59 -73.66
N LEU C 2186 -21.01 -39.42 -72.77
CA LEU C 2186 -21.16 -40.86 -72.87
C LEU C 2186 -22.62 -41.28 -72.76
N TYR C 2187 -23.35 -40.70 -71.80
CA TYR C 2187 -24.76 -41.02 -71.66
C TYR C 2187 -25.55 -40.55 -72.87
N ARG C 2188 -25.31 -39.31 -73.31
CA ARG C 2188 -26.16 -38.80 -74.39
C ARG C 2188 -25.82 -39.42 -75.72
N ASP C 2189 -24.64 -40.05 -75.85
CA ASP C 2189 -24.39 -40.81 -77.05
C ASP C 2189 -25.04 -42.18 -76.99
N HIS C 2190 -24.77 -42.95 -75.94
CA HIS C 2190 -25.11 -44.37 -75.96
C HIS C 2190 -26.37 -44.72 -75.21
N ALA C 2191 -27.17 -43.76 -74.78
CA ALA C 2191 -28.34 -44.11 -74.00
C ALA C 2191 -29.46 -44.62 -74.87
N ARG C 2192 -30.29 -45.47 -74.29
CA ARG C 2192 -31.56 -45.94 -74.84
C ARG C 2192 -32.54 -46.18 -73.72
N TYR C 2193 -33.46 -47.09 -73.95
CA TYR C 2193 -34.89 -47.07 -73.62
C TYR C 2193 -35.26 -46.41 -72.31
N GLY C 2194 -34.75 -46.93 -71.20
CA GLY C 2194 -35.05 -46.36 -69.91
C GLY C 2194 -33.79 -46.30 -69.07
N ALA C 2195 -32.68 -46.10 -69.74
CA ALA C 2195 -31.38 -46.27 -69.12
C ALA C 2195 -31.07 -45.12 -68.17
N ALA C 2196 -30.38 -45.43 -67.09
CA ALA C 2196 -29.97 -44.42 -66.13
C ALA C 2196 -28.54 -44.68 -65.70
N LEU C 2197 -27.78 -43.60 -65.52
CA LEU C 2197 -26.38 -43.68 -65.14
C LEU C 2197 -26.18 -42.86 -63.88
N TRP C 2198 -25.75 -43.51 -62.81
CA TRP C 2198 -25.41 -42.82 -61.58
C TRP C 2198 -23.92 -42.86 -61.40
N LEU C 2199 -23.36 -41.80 -60.85
CA LEU C 2199 -21.93 -41.59 -60.89
C LEU C 2199 -21.48 -41.11 -59.52
N VAL C 2200 -20.61 -41.89 -58.89
CA VAL C 2200 -20.14 -41.56 -57.54
C VAL C 2200 -18.63 -41.53 -57.51
N ALA C 2201 -18.11 -40.78 -56.55
CA ALA C 2201 -16.67 -40.69 -56.32
C ALA C 2201 -16.33 -41.54 -55.10
N ALA C 2202 -15.69 -42.68 -55.33
CA ALA C 2202 -15.41 -43.60 -54.24
C ALA C 2202 -14.03 -44.20 -54.43
N ASN C 2203 -13.23 -44.15 -53.38
CA ASN C 2203 -11.92 -44.79 -53.42
C ASN C 2203 -12.11 -46.30 -53.29
N MET C 2204 -11.50 -47.05 -54.21
CA MET C 2204 -11.55 -48.50 -54.20
C MET C 2204 -10.39 -49.11 -53.44
N ALA C 2205 -9.87 -48.42 -52.44
CA ALA C 2205 -8.85 -48.96 -51.55
C ALA C 2205 -9.17 -48.57 -50.12
N SER C 2206 -10.44 -48.46 -49.79
CA SER C 2206 -10.85 -48.11 -48.44
C SER C 2206 -12.10 -48.88 -48.07
N TYR C 2207 -12.02 -49.63 -46.97
CA TYR C 2207 -13.15 -50.44 -46.54
C TYR C 2207 -14.28 -49.56 -46.04
N SER C 2208 -13.95 -48.39 -45.51
CA SER C 2208 -14.96 -47.42 -45.13
C SER C 2208 -15.76 -46.96 -46.34
N ASP C 2209 -15.08 -46.75 -47.47
CA ASP C 2209 -15.77 -46.33 -48.67
C ASP C 2209 -16.58 -47.45 -49.27
N VAL C 2210 -16.09 -48.68 -49.18
CA VAL C 2210 -16.86 -49.81 -49.70
C VAL C 2210 -18.11 -50.05 -48.87
N ASP C 2211 -18.01 -49.91 -47.55
CA ASP C 2211 -19.18 -50.06 -46.70
C ASP C 2211 -20.17 -48.91 -46.88
N ALA C 2212 -19.67 -47.69 -47.05
CA ALA C 2212 -20.55 -46.57 -47.28
C ALA C 2212 -21.22 -46.67 -48.64
N LEU C 2213 -20.51 -47.21 -49.63
CA LEU C 2213 -21.05 -47.37 -50.97
C LEU C 2213 -22.13 -48.44 -51.00
N VAL C 2214 -21.95 -49.52 -50.24
CA VAL C 2214 -23.01 -50.53 -50.25
C VAL C 2214 -24.20 -50.07 -49.41
N GLU C 2215 -23.99 -49.26 -48.37
CA GLU C 2215 -25.13 -48.68 -47.66
C GLU C 2215 -25.89 -47.70 -48.54
N TRP C 2216 -25.18 -46.95 -49.37
CA TRP C 2216 -25.83 -45.99 -50.26
C TRP C 2216 -26.64 -46.69 -51.33
N ILE C 2217 -26.07 -47.74 -51.96
CA ILE C 2217 -26.83 -48.52 -52.93
C ILE C 2217 -27.97 -49.28 -52.25
N GLY C 2218 -27.87 -49.50 -50.94
CA GLY C 2218 -28.90 -50.22 -50.24
C GLY C 2218 -29.99 -49.25 -49.86
N THR C 2219 -29.94 -48.70 -48.66
CA THR C 2219 -30.99 -47.80 -48.20
C THR C 2219 -31.04 -46.53 -49.06
N GLU C 2220 -32.20 -45.87 -49.03
CA GLU C 2220 -32.43 -44.74 -49.91
C GLU C 2220 -31.63 -43.52 -49.47
N GLN C 2221 -31.71 -42.47 -50.29
CA GLN C 2221 -31.16 -41.18 -49.93
C GLN C 2221 -32.25 -40.14 -50.17
N THR C 2222 -32.77 -39.59 -49.08
CA THR C 2222 -33.75 -38.51 -49.14
C THR C 2222 -33.11 -37.26 -48.53
N GLU C 2223 -32.88 -36.26 -49.37
CA GLU C 2223 -32.34 -34.99 -48.90
C GLU C 2223 -33.51 -34.12 -48.47
N SER C 2224 -33.34 -33.41 -47.36
CA SER C 2224 -34.34 -32.48 -46.86
C SER C 2224 -33.71 -31.12 -46.70
N LEU C 2225 -34.34 -30.12 -47.30
CA LEU C 2225 -34.03 -28.73 -47.00
C LEU C 2225 -34.87 -28.30 -45.80
N GLY C 2226 -34.96 -26.99 -45.56
CA GLY C 2226 -35.71 -26.42 -44.46
C GLY C 2226 -37.18 -26.80 -44.40
N PRO C 2227 -37.99 -26.29 -45.34
CA PRO C 2227 -39.44 -26.53 -45.24
C PRO C 2227 -39.89 -27.92 -45.64
N GLN C 2228 -39.20 -28.59 -46.55
CA GLN C 2228 -39.72 -29.84 -47.10
C GLN C 2228 -38.56 -30.78 -47.41
N SER C 2229 -38.88 -31.91 -48.05
CA SER C 2229 -37.92 -32.95 -48.37
C SER C 2229 -37.89 -33.18 -49.88
N ILE C 2230 -36.83 -33.84 -50.34
CA ILE C 2230 -36.65 -34.16 -51.75
C ILE C 2230 -36.34 -35.64 -51.86
N HIS C 2231 -37.12 -36.35 -52.67
CA HIS C 2231 -36.88 -37.77 -52.94
C HIS C 2231 -35.90 -37.91 -54.09
N ILE C 2232 -34.81 -38.63 -53.85
CA ILE C 2232 -33.71 -38.75 -54.80
C ILE C 2232 -33.55 -40.17 -55.32
N LYS C 2233 -33.26 -41.11 -54.42
CA LYS C 2233 -32.91 -42.48 -54.78
C LYS C 2233 -33.94 -43.39 -54.16
N ASP C 2234 -34.56 -44.25 -54.96
CA ASP C 2234 -35.66 -45.05 -54.47
C ASP C 2234 -35.23 -46.10 -53.45
N ALA C 2235 -34.61 -47.18 -53.95
CA ALA C 2235 -33.88 -48.23 -53.24
C ALA C 2235 -33.42 -49.16 -54.35
N GLN C 2236 -32.24 -49.77 -54.25
CA GLN C 2236 -31.77 -50.57 -55.36
C GLN C 2236 -31.12 -51.84 -54.88
N THR C 2237 -31.40 -52.93 -55.59
CA THR C 2237 -30.78 -54.23 -55.37
C THR C 2237 -30.10 -54.66 -56.67
N PRO C 2238 -28.79 -54.88 -56.68
CA PRO C 2238 -28.09 -55.09 -57.94
C PRO C 2238 -28.26 -56.51 -58.48
N THR C 2239 -27.83 -56.68 -59.70
CA THR C 2239 -27.81 -57.96 -60.38
C THR C 2239 -26.46 -58.28 -61.00
N LEU C 2240 -25.78 -57.29 -61.55
CA LEU C 2240 -24.47 -57.48 -62.15
C LEU C 2240 -23.42 -56.88 -61.22
N LEU C 2241 -22.15 -57.07 -61.60
CA LEU C 2241 -21.01 -56.50 -60.88
C LEU C 2241 -19.80 -56.58 -61.79
N PHE C 2242 -19.06 -55.50 -61.96
CA PHE C 2242 -17.93 -55.46 -62.88
C PHE C 2242 -16.76 -54.77 -62.22
N PRO C 2243 -15.88 -55.53 -61.58
CA PRO C 2243 -14.72 -54.95 -60.86
C PRO C 2243 -13.48 -54.81 -61.73
N PHE C 2244 -13.47 -53.76 -62.55
CA PHE C 2244 -12.33 -53.47 -63.41
C PHE C 2244 -11.43 -52.40 -62.83
N ALA C 2245 -11.26 -52.39 -61.51
CA ALA C 2245 -10.63 -51.28 -60.81
C ALA C 2245 -9.14 -51.25 -61.10
N ALA C 2246 -8.71 -50.25 -61.86
CA ALA C 2246 -7.27 -50.01 -62.04
C ALA C 2246 -6.69 -49.52 -60.73
N PRO C 2247 -5.58 -50.13 -60.25
CA PRO C 2247 -5.09 -49.83 -58.90
C PRO C 2247 -4.58 -48.40 -58.71
N ARG C 2248 -3.57 -48.01 -59.47
CA ARG C 2248 -2.91 -46.72 -59.31
C ARG C 2248 -1.96 -46.52 -60.48
N VAL C 2249 -1.89 -45.30 -60.98
CA VAL C 2249 -0.86 -44.92 -61.95
C VAL C 2249 0.00 -43.85 -61.30
N VAL C 2250 1.02 -44.30 -60.56
CA VAL C 2250 2.04 -43.47 -59.95
C VAL C 2250 3.35 -44.25 -60.08
N GLY C 2251 4.39 -43.60 -60.59
CA GLY C 2251 5.67 -44.27 -60.72
C GLY C 2251 6.88 -43.43 -60.34
N ASP C 2252 6.65 -42.27 -59.75
CA ASP C 2252 7.70 -41.32 -59.42
C ASP C 2252 8.04 -41.30 -57.94
N LEU C 2253 8.04 -42.47 -57.29
CA LEU C 2253 8.29 -42.52 -55.86
C LEU C 2253 9.26 -43.60 -55.42
N SER C 2254 9.60 -44.56 -56.29
CA SER C 2254 10.34 -45.79 -55.95
C SER C 2254 9.63 -46.53 -54.81
N GLU C 2255 8.43 -46.98 -55.15
CA GLU C 2255 7.39 -47.37 -54.21
C GLU C 2255 7.08 -48.87 -54.24
N ALA C 2256 7.89 -49.65 -54.96
CA ALA C 2256 7.47 -50.97 -55.44
C ALA C 2256 7.25 -51.98 -54.32
N GLY C 2257 7.95 -51.84 -53.21
CA GLY C 2257 7.80 -52.79 -52.11
C GLY C 2257 6.45 -52.70 -51.44
N SER C 2258 6.02 -51.48 -51.12
CA SER C 2258 4.68 -51.30 -50.58
C SER C 2258 3.61 -51.41 -51.67
N ARG C 2259 3.95 -51.04 -52.90
CA ARG C 2259 2.98 -51.10 -53.99
C ARG C 2259 2.60 -52.53 -54.32
N ALA C 2260 3.56 -53.46 -54.22
CA ALA C 2260 3.31 -54.85 -54.59
C ALA C 2260 2.37 -55.56 -53.63
N GLU C 2261 2.11 -55.00 -52.46
CA GLU C 2261 1.04 -55.51 -51.61
C GLU C 2261 -0.19 -54.63 -51.63
N MET C 2262 -0.03 -53.33 -51.85
CA MET C 2262 -1.18 -52.43 -51.85
C MET C 2262 -2.07 -52.69 -53.06
N GLU C 2263 -1.47 -52.97 -54.22
CA GLU C 2263 -2.30 -53.29 -55.38
C GLU C 2263 -2.96 -54.65 -55.21
N MET C 2264 -2.32 -55.56 -54.49
CA MET C 2264 -2.92 -56.87 -54.29
C MET C 2264 -4.08 -56.76 -53.31
N LYS C 2265 -4.00 -55.83 -52.37
CA LYS C 2265 -5.19 -55.43 -51.60
C LYS C 2265 -6.29 -54.94 -52.50
N VAL C 2266 -5.96 -53.93 -53.35
CA VAL C 2266 -6.91 -53.24 -54.22
C VAL C 2266 -7.64 -54.22 -55.13
N LEU C 2267 -6.96 -55.27 -55.57
CA LEU C 2267 -7.70 -56.32 -56.25
C LEU C 2267 -8.48 -57.16 -55.24
N LEU C 2268 -7.79 -57.94 -54.41
CA LEU C 2268 -8.42 -59.10 -53.78
C LEU C 2268 -9.42 -58.69 -52.70
N TRP C 2269 -8.96 -57.96 -51.70
CA TRP C 2269 -9.84 -57.85 -50.53
C TRP C 2269 -10.87 -56.77 -50.74
N ALA C 2270 -10.55 -55.78 -51.59
CA ALA C 2270 -11.55 -54.83 -52.03
C ALA C 2270 -12.67 -55.51 -52.79
N VAL C 2271 -12.35 -56.40 -53.75
CA VAL C 2271 -13.47 -56.95 -54.50
C VAL C 2271 -14.23 -58.00 -53.70
N GLN C 2272 -13.60 -58.71 -52.76
CA GLN C 2272 -14.43 -59.68 -52.08
C GLN C 2272 -15.22 -59.05 -50.93
N ARG C 2273 -14.70 -57.98 -50.34
CA ARG C 2273 -15.52 -57.14 -49.46
C ARG C 2273 -16.69 -56.53 -50.21
N LEU C 2274 -16.46 -56.14 -51.46
CA LEU C 2274 -17.50 -55.54 -52.29
C LEU C 2274 -18.59 -56.56 -52.59
N ILE C 2275 -18.20 -57.77 -53.01
CA ILE C 2275 -19.20 -58.79 -53.35
C ILE C 2275 -19.95 -59.23 -52.11
N GLY C 2276 -19.29 -59.25 -50.94
CA GLY C 2276 -20.00 -59.53 -49.70
C GLY C 2276 -21.04 -58.49 -49.38
N GLY C 2277 -20.69 -57.21 -49.51
CA GLY C 2277 -21.66 -56.15 -49.23
C GLY C 2277 -22.82 -56.12 -50.21
N LEU C 2278 -22.53 -56.23 -51.51
CA LEU C 2278 -23.59 -56.18 -52.51
C LEU C 2278 -24.47 -57.42 -52.45
N SER C 2279 -23.92 -58.55 -52.03
CA SER C 2279 -24.78 -59.72 -51.81
C SER C 2279 -25.59 -59.56 -50.54
N THR C 2280 -25.09 -58.80 -49.58
CA THR C 2280 -25.77 -58.64 -48.31
C THR C 2280 -26.99 -57.72 -48.42
N ILE C 2281 -26.88 -56.65 -49.23
CA ILE C 2281 -27.89 -55.58 -49.17
C ILE C 2281 -29.26 -55.98 -49.69
N GLY C 2282 -29.37 -57.03 -50.50
CA GLY C 2282 -30.67 -57.45 -50.96
C GLY C 2282 -31.00 -58.85 -50.50
N ALA C 2283 -30.63 -59.17 -49.26
CA ALA C 2283 -30.70 -60.56 -48.83
C ALA C 2283 -32.09 -60.96 -48.36
N GLU C 2284 -32.56 -60.35 -47.29
CA GLU C 2284 -33.79 -60.79 -46.66
C GLU C 2284 -35.03 -60.25 -47.35
N ARG C 2285 -34.89 -59.22 -48.17
CA ARG C 2285 -36.03 -58.69 -48.90
C ARG C 2285 -36.39 -59.61 -50.05
N ASP C 2286 -35.40 -59.97 -50.87
CA ASP C 2286 -35.62 -60.68 -52.12
C ASP C 2286 -34.80 -61.96 -52.07
N ILE C 2287 -35.38 -63.03 -51.52
CA ILE C 2287 -34.70 -64.32 -51.62
C ILE C 2287 -34.91 -64.87 -53.02
N ALA C 2288 -34.05 -65.83 -53.38
CA ALA C 2288 -33.92 -66.37 -54.75
C ALA C 2288 -33.63 -65.26 -55.76
N SER C 2289 -32.84 -64.28 -55.34
CA SER C 2289 -32.41 -63.18 -56.20
C SER C 2289 -30.89 -63.12 -56.07
N ARG C 2290 -30.18 -63.61 -57.07
CA ARG C 2290 -28.77 -63.93 -56.93
C ARG C 2290 -27.93 -62.94 -57.72
N LEU C 2291 -26.95 -62.35 -57.04
CA LEU C 2291 -25.98 -61.47 -57.66
C LEU C 2291 -25.08 -62.26 -58.61
N HIS C 2292 -24.52 -61.58 -59.59
CA HIS C 2292 -23.73 -62.22 -60.63
C HIS C 2292 -22.48 -61.40 -60.88
N VAL C 2293 -21.31 -62.05 -60.85
CA VAL C 2293 -20.04 -61.34 -60.93
C VAL C 2293 -19.32 -61.82 -62.18
N VAL C 2294 -18.64 -60.89 -62.86
CA VAL C 2294 -17.77 -61.22 -63.98
C VAL C 2294 -16.36 -60.73 -63.65
N LEU C 2295 -15.43 -61.67 -63.56
CA LEU C 2295 -14.05 -61.37 -63.20
C LEU C 2295 -13.19 -61.20 -64.43
N PRO C 2296 -12.35 -60.20 -64.48
CA PRO C 2296 -11.39 -60.10 -65.57
C PRO C 2296 -10.05 -60.73 -65.22
N GLY C 2297 -9.44 -61.43 -66.18
CA GLY C 2297 -8.08 -61.88 -65.98
C GLY C 2297 -7.16 -61.37 -67.06
N SER C 2298 -6.27 -60.44 -66.71
CA SER C 2298 -5.42 -59.78 -67.68
C SER C 2298 -3.97 -60.24 -67.63
N ASP C 2307 1.85 -63.70 -70.07
CA ASP C 2307 1.92 -64.99 -69.38
C ASP C 2307 1.98 -64.75 -67.88
N GLY C 2308 2.94 -63.92 -67.44
CA GLY C 2308 3.08 -63.64 -66.03
C GLY C 2308 1.93 -62.84 -65.47
N ALA C 2309 1.38 -61.94 -66.28
CA ALA C 2309 0.18 -61.20 -65.87
C ALA C 2309 -1.03 -62.13 -65.78
N TYR C 2310 -1.08 -63.14 -66.65
CA TYR C 2310 -2.15 -64.14 -66.56
C TYR C 2310 -1.97 -65.04 -65.34
N GLY C 2311 -0.72 -65.30 -64.96
CA GLY C 2311 -0.48 -66.05 -63.73
C GLY C 2311 -0.86 -65.26 -62.50
N GLU C 2312 -0.54 -63.97 -62.48
CA GLU C 2312 -1.00 -63.08 -61.40
C GLU C 2312 -2.52 -63.01 -61.36
N ALA C 2313 -3.17 -63.02 -62.53
CA ALA C 2313 -4.61 -63.00 -62.60
C ALA C 2313 -5.22 -64.29 -62.07
N LYS C 2314 -4.62 -65.43 -62.40
CA LYS C 2314 -5.13 -66.71 -61.91
C LYS C 2314 -4.90 -66.87 -60.41
N SER C 2315 -3.80 -66.31 -59.91
CA SER C 2315 -3.59 -66.28 -58.46
C SER C 2315 -4.60 -65.38 -57.78
N ALA C 2316 -5.00 -64.30 -58.44
CA ALA C 2316 -6.08 -63.46 -57.94
C ALA C 2316 -7.42 -64.18 -58.00
N LEU C 2317 -7.57 -65.06 -58.98
CA LEU C 2317 -8.80 -65.85 -59.12
C LEU C 2317 -8.95 -66.85 -58.00
N ASP C 2318 -7.96 -67.71 -57.81
CA ASP C 2318 -8.17 -68.88 -56.95
C ASP C 2318 -7.91 -68.52 -55.48
N ALA C 2319 -8.50 -67.43 -55.06
CA ALA C 2319 -8.85 -67.09 -53.69
C ALA C 2319 -10.34 -66.83 -53.57
N VAL C 2320 -10.91 -66.12 -54.54
CA VAL C 2320 -12.36 -65.91 -54.58
C VAL C 2320 -13.08 -67.21 -54.90
N VAL C 2321 -12.53 -68.00 -55.82
CA VAL C 2321 -13.14 -69.27 -56.18
C VAL C 2321 -12.99 -70.26 -55.04
N SER C 2322 -11.85 -70.20 -54.34
CA SER C 2322 -11.65 -71.09 -53.21
C SER C 2322 -12.58 -70.74 -52.06
N ARG C 2323 -12.75 -69.44 -51.79
CA ARG C 2323 -13.72 -68.99 -50.80
C ARG C 2323 -15.16 -69.29 -51.22
N TRP C 2324 -15.43 -69.27 -52.53
CA TRP C 2324 -16.71 -69.68 -53.07
C TRP C 2324 -17.02 -71.14 -52.75
N HIS C 2325 -16.08 -72.03 -53.04
CA HIS C 2325 -16.30 -73.43 -52.70
C HIS C 2325 -16.24 -73.69 -51.20
N ALA C 2326 -15.59 -72.83 -50.44
CA ALA C 2326 -15.48 -73.05 -49.00
C ALA C 2326 -16.72 -72.59 -48.25
N GLU C 2327 -17.01 -71.30 -48.28
CA GLU C 2327 -18.09 -70.73 -47.49
C GLU C 2327 -19.41 -70.88 -48.22
N SER C 2328 -20.43 -71.31 -47.47
CA SER C 2328 -21.75 -71.59 -48.04
C SER C 2328 -22.71 -70.41 -47.96
N SER C 2329 -22.34 -69.33 -47.27
CA SER C 2329 -23.21 -68.16 -47.27
C SER C 2329 -23.14 -67.44 -48.62
N TRP C 2330 -22.03 -67.58 -49.32
CA TRP C 2330 -21.90 -67.02 -50.66
C TRP C 2330 -22.75 -67.78 -51.66
N ALA C 2331 -23.00 -69.06 -51.42
CA ALA C 2331 -23.55 -69.94 -52.44
C ALA C 2331 -25.00 -69.62 -52.79
N ALA C 2332 -25.73 -69.05 -51.84
CA ALA C 2332 -27.13 -68.72 -52.10
C ALA C 2332 -27.30 -67.33 -52.68
N ARG C 2333 -26.25 -66.52 -52.73
CA ARG C 2333 -26.36 -65.13 -53.14
C ARG C 2333 -25.56 -64.78 -54.37
N VAL C 2334 -24.42 -65.42 -54.59
CA VAL C 2334 -23.48 -65.00 -55.60
C VAL C 2334 -23.52 -66.00 -56.74
N SER C 2335 -23.13 -65.56 -57.93
CA SER C 2335 -22.90 -66.46 -59.07
C SER C 2335 -21.66 -65.96 -59.78
N LEU C 2336 -20.56 -66.68 -59.63
CA LEU C 2336 -19.28 -66.27 -60.20
C LEU C 2336 -19.24 -66.58 -61.69
N ALA C 2337 -18.48 -65.78 -62.42
CA ALA C 2337 -18.04 -66.15 -63.76
C ALA C 2337 -16.73 -65.42 -63.98
N HIS C 2338 -15.79 -66.07 -64.64
CA HIS C 2338 -14.50 -65.47 -64.94
C HIS C 2338 -14.22 -65.53 -66.43
N ALA C 2339 -13.65 -64.46 -66.96
CA ALA C 2339 -13.15 -64.44 -68.33
C ALA C 2339 -11.68 -64.04 -68.31
N LEU C 2340 -10.84 -64.88 -68.92
CA LEU C 2340 -9.47 -64.49 -69.25
C LEU C 2340 -9.53 -63.58 -70.47
N ILE C 2341 -9.18 -62.31 -70.29
CA ILE C 2341 -9.29 -61.38 -71.40
C ILE C 2341 -8.06 -61.49 -72.29
N GLY C 2342 -8.21 -61.07 -73.54
CA GLY C 2342 -7.13 -61.18 -74.49
C GLY C 2342 -6.25 -59.95 -74.55
N TRP C 2343 -6.07 -59.40 -75.75
CA TRP C 2343 -5.23 -58.23 -75.96
C TRP C 2343 -6.05 -57.18 -76.69
N THR C 2344 -6.27 -56.04 -76.04
CA THR C 2344 -7.04 -54.95 -76.60
C THR C 2344 -6.11 -53.81 -76.99
N ARG C 2345 -6.36 -53.23 -78.16
CA ARG C 2345 -5.45 -52.25 -78.74
C ARG C 2345 -5.67 -50.84 -78.20
N GLY C 2346 -6.51 -50.67 -77.18
CA GLY C 2346 -6.67 -49.38 -76.54
C GLY C 2346 -6.18 -49.40 -75.11
N THR C 2347 -5.09 -48.68 -74.85
CA THR C 2347 -4.36 -48.63 -73.57
C THR C 2347 -4.00 -50.01 -73.03
N ASN C 2353 2.47 -48.31 -79.12
CA ASN C 2353 1.19 -48.98 -79.04
C ASN C 2353 0.87 -49.61 -80.40
N ASP C 2354 0.98 -48.79 -81.45
CA ASP C 2354 0.76 -49.30 -82.80
C ASP C 2354 1.85 -50.27 -83.21
N ALA C 2355 3.08 -50.04 -82.75
CA ALA C 2355 4.15 -51.01 -82.97
C ALA C 2355 3.91 -52.30 -82.20
N ILE C 2356 3.29 -52.20 -81.02
CA ILE C 2356 2.90 -53.39 -80.26
C ILE C 2356 1.84 -54.18 -81.03
N VAL C 2357 0.85 -53.49 -81.59
CA VAL C 2357 -0.20 -54.15 -82.36
C VAL C 2357 0.37 -54.79 -83.61
N ALA C 2358 1.30 -54.10 -84.29
CA ALA C 2358 1.95 -54.67 -85.47
C ALA C 2358 2.79 -55.90 -85.11
N ALA C 2359 3.48 -55.86 -83.96
CA ALA C 2359 4.28 -57.00 -83.53
C ALA C 2359 3.41 -58.20 -83.18
N VAL C 2360 2.28 -57.97 -82.50
CA VAL C 2360 1.47 -59.13 -82.11
C VAL C 2360 0.66 -59.65 -83.29
N GLU C 2361 0.34 -58.81 -84.29
CA GLU C 2361 -0.32 -59.36 -85.46
C GLU C 2361 0.67 -60.03 -86.40
N GLU C 2362 1.95 -59.68 -86.33
CA GLU C 2362 2.96 -60.50 -86.98
C GLU C 2362 3.19 -61.79 -86.21
N ALA C 2363 3.00 -61.77 -84.90
CA ALA C 2363 3.08 -63.01 -84.11
C ALA C 2363 1.92 -63.94 -84.44
N GLY C 2364 0.73 -63.39 -84.68
CA GLY C 2364 -0.42 -64.17 -85.10
C GLY C 2364 -1.58 -64.16 -84.13
N VAL C 2365 -1.43 -63.61 -82.94
CA VAL C 2365 -2.53 -63.55 -81.99
C VAL C 2365 -3.54 -62.49 -82.44
N THR C 2366 -4.82 -62.86 -82.43
CA THR C 2366 -5.88 -61.95 -82.84
C THR C 2366 -6.18 -60.96 -81.72
N THR C 2367 -6.07 -59.68 -82.03
CA THR C 2367 -6.35 -58.64 -81.06
C THR C 2367 -7.83 -58.29 -81.10
N TYR C 2368 -8.21 -57.30 -80.30
CA TYR C 2368 -9.59 -56.85 -80.25
C TYR C 2368 -9.62 -55.36 -80.01
N SER C 2369 -10.74 -54.74 -80.38
CA SER C 2369 -11.02 -53.40 -79.92
C SER C 2369 -11.81 -53.49 -78.63
N THR C 2370 -12.01 -52.32 -78.00
CA THR C 2370 -12.68 -52.30 -76.70
C THR C 2370 -14.15 -52.67 -76.83
N ASP C 2371 -14.79 -52.27 -77.93
CA ASP C 2371 -16.20 -52.62 -78.11
C ASP C 2371 -16.37 -54.10 -78.43
N GLU C 2372 -15.47 -54.65 -79.26
CA GLU C 2372 -15.49 -56.08 -79.53
C GLU C 2372 -15.26 -56.89 -78.27
N MET C 2373 -14.32 -56.44 -77.45
CA MET C 2373 -14.04 -57.14 -76.21
C MET C 2373 -15.19 -57.01 -75.22
N ALA C 2374 -15.86 -55.86 -75.22
CA ALA C 2374 -16.99 -55.66 -74.32
C ALA C 2374 -18.19 -56.51 -74.74
N ALA C 2375 -18.41 -56.68 -76.03
CA ALA C 2375 -19.49 -57.56 -76.48
C ALA C 2375 -19.18 -59.02 -76.19
N LEU C 2376 -17.96 -59.45 -76.54
CA LEU C 2376 -17.53 -60.82 -76.25
C LEU C 2376 -17.27 -61.09 -74.79
N LEU C 2377 -17.35 -60.07 -73.93
CA LEU C 2377 -17.35 -60.22 -72.49
C LEU C 2377 -18.75 -60.21 -71.89
N LEU C 2378 -19.61 -59.29 -72.31
CA LEU C 2378 -20.93 -59.14 -71.78
C LEU C 2378 -21.90 -60.19 -72.28
N ASP C 2379 -21.52 -60.96 -73.31
CA ASP C 2379 -22.31 -62.12 -73.70
C ASP C 2379 -22.37 -63.22 -72.64
N LEU C 2380 -21.47 -63.19 -71.65
CA LEU C 2380 -21.50 -64.09 -70.51
C LEU C 2380 -22.56 -63.74 -69.47
N CYS C 2381 -23.44 -62.78 -69.75
CA CYS C 2381 -24.38 -62.29 -68.76
C CYS C 2381 -25.82 -62.58 -69.14
N ASP C 2382 -26.04 -63.36 -70.19
CA ASP C 2382 -27.40 -63.72 -70.58
C ASP C 2382 -27.95 -64.81 -69.64
N ALA C 2383 -29.16 -65.28 -69.94
CA ALA C 2383 -29.86 -66.16 -69.03
C ALA C 2383 -29.22 -67.54 -68.97
N GLU C 2384 -28.72 -68.03 -70.10
CA GLU C 2384 -28.11 -69.36 -70.14
C GLU C 2384 -26.83 -69.41 -69.31
N SER C 2385 -25.99 -68.38 -69.45
CA SER C 2385 -24.74 -68.37 -68.72
C SER C 2385 -24.95 -68.15 -67.23
N LYS C 2386 -26.00 -67.44 -66.83
CA LYS C 2386 -26.19 -67.27 -65.39
C LYS C 2386 -26.86 -68.48 -64.76
N VAL C 2387 -27.73 -69.20 -65.49
CA VAL C 2387 -28.24 -70.46 -64.98
C VAL C 2387 -27.10 -71.49 -64.91
N ALA C 2388 -26.19 -71.46 -65.88
CA ALA C 2388 -25.04 -72.38 -65.83
C ALA C 2388 -24.07 -72.01 -64.72
N ALA C 2389 -23.86 -70.72 -64.48
CA ALA C 2389 -22.96 -70.27 -63.44
C ALA C 2389 -23.58 -70.34 -62.05
N ALA C 2390 -24.90 -70.57 -61.97
CA ALA C 2390 -25.52 -70.82 -60.68
C ALA C 2390 -24.98 -72.09 -60.03
N ARG C 2391 -24.61 -73.08 -60.82
CA ARG C 2391 -24.06 -74.32 -60.28
C ARG C 2391 -22.58 -74.18 -59.96
N SER C 2392 -21.78 -73.90 -60.98
CA SER C 2392 -20.32 -73.89 -60.89
C SER C 2392 -19.78 -72.62 -61.52
N PRO C 2393 -18.62 -72.15 -61.05
CA PRO C 2393 -17.99 -70.97 -61.68
C PRO C 2393 -17.53 -71.27 -63.10
N ILE C 2394 -18.12 -70.56 -64.06
CA ILE C 2394 -17.69 -70.64 -65.44
C ILE C 2394 -16.33 -70.00 -65.56
N LYS C 2395 -15.41 -70.68 -66.27
CA LYS C 2395 -14.04 -70.24 -66.43
C LYS C 2395 -13.77 -70.16 -67.94
N ALA C 2396 -14.12 -69.02 -68.53
CA ALA C 2396 -14.08 -68.88 -69.97
C ALA C 2396 -12.81 -68.17 -70.41
N ASP C 2397 -12.34 -68.53 -71.59
CA ASP C 2397 -11.18 -67.90 -72.21
C ASP C 2397 -11.67 -67.07 -73.37
N LEU C 2398 -11.17 -65.83 -73.46
CA LEU C 2398 -11.46 -64.97 -74.59
C LEU C 2398 -10.17 -64.53 -75.28
N THR C 2399 -9.05 -65.08 -74.87
CA THR C 2399 -7.76 -64.69 -75.43
C THR C 2399 -7.57 -65.33 -76.80
N GLY C 2400 -7.31 -64.50 -77.81
CA GLY C 2400 -7.22 -64.98 -79.17
C GLY C 2400 -5.84 -65.42 -79.62
N GLY C 2401 -5.12 -66.11 -78.76
CA GLY C 2401 -3.82 -66.68 -79.12
C GLY C 2401 -2.68 -66.31 -78.21
N LEU C 2402 -2.85 -65.43 -77.22
CA LEU C 2402 -1.80 -65.14 -76.26
C LEU C 2402 -1.85 -66.08 -75.06
N ALA C 2403 -2.79 -67.03 -75.07
CA ALA C 2403 -2.79 -68.08 -74.05
C ALA C 2403 -1.56 -68.96 -74.15
N GLU C 2404 -1.06 -69.19 -75.36
CA GLU C 2404 0.25 -69.80 -75.55
C GLU C 2404 1.31 -68.70 -75.44
N ALA C 2405 2.33 -68.94 -74.62
CA ALA C 2405 3.35 -67.92 -74.34
C ALA C 2405 4.48 -68.03 -75.36
N ASN C 2406 4.19 -67.58 -76.58
CA ASN C 2406 5.21 -67.56 -77.62
C ASN C 2406 6.18 -66.40 -77.40
N LEU C 2407 5.64 -65.21 -77.13
CA LEU C 2407 6.45 -64.02 -76.92
C LEU C 2407 6.09 -63.43 -75.57
N ASP C 2408 7.06 -62.77 -74.94
CA ASP C 2408 6.88 -62.24 -73.60
C ASP C 2408 6.82 -60.72 -73.59
N MET C 2409 6.35 -60.18 -72.45
CA MET C 2409 6.03 -58.76 -72.36
C MET C 2409 7.27 -57.89 -72.41
N ALA C 2410 8.31 -58.27 -71.66
CA ALA C 2410 9.56 -57.50 -71.72
C ALA C 2410 10.29 -57.72 -73.04
N GLU C 2411 10.10 -58.91 -73.65
CA GLU C 2411 10.63 -59.18 -74.98
C GLU C 2411 10.03 -58.24 -76.02
N LEU C 2412 8.75 -57.93 -75.88
CA LEU C 2412 8.17 -56.89 -76.72
C LEU C 2412 8.50 -55.48 -76.23
N ALA C 2413 8.76 -55.30 -74.94
CA ALA C 2413 8.95 -53.97 -74.40
C ALA C 2413 10.29 -53.39 -74.80
N ALA C 2414 11.33 -54.22 -74.86
CA ALA C 2414 12.62 -53.74 -75.36
C ALA C 2414 12.54 -53.37 -76.83
N LYS C 2415 11.78 -54.14 -77.61
CA LYS C 2415 11.55 -53.83 -79.01
C LYS C 2415 10.79 -52.52 -79.17
N ALA C 2416 9.71 -52.35 -78.39
CA ALA C 2416 8.92 -51.12 -78.44
C ALA C 2416 9.73 -49.91 -78.00
N ARG C 2417 10.68 -50.12 -77.07
CA ARG C 2417 11.60 -49.06 -76.68
C ARG C 2417 12.49 -48.65 -77.83
N GLU C 2418 13.08 -49.63 -78.54
CA GLU C 2418 14.03 -49.31 -79.59
C GLU C 2418 13.37 -48.85 -80.90
N GLN C 2419 12.11 -49.17 -81.15
CA GLN C 2419 11.42 -48.51 -82.27
C GLN C 2419 10.50 -47.38 -81.82
N MET C 2420 10.50 -47.03 -80.54
CA MET C 2420 9.85 -45.80 -80.09
C MET C 2420 10.84 -44.65 -79.95
N SER C 2421 12.11 -44.97 -79.65
CA SER C 2421 13.13 -43.92 -79.52
C SER C 2421 13.44 -43.28 -80.87
N ALA C 2422 13.22 -43.99 -81.97
CA ALA C 2422 13.69 -43.53 -83.27
C ALA C 2422 12.74 -42.50 -83.89
N ALA C 2423 11.43 -42.77 -83.88
CA ALA C 2423 10.51 -41.92 -84.62
C ALA C 2423 10.20 -40.63 -83.88
N ALA C 2424 10.15 -40.69 -82.54
CA ALA C 2424 9.71 -39.53 -81.77
C ALA C 2424 10.81 -38.48 -81.63
N ALA C 2425 12.07 -38.90 -81.58
CA ALA C 2425 13.16 -37.97 -81.31
C ALA C 2425 13.60 -37.24 -82.57
N VAL C 2426 13.60 -37.93 -83.71
CA VAL C 2426 14.09 -37.37 -84.95
C VAL C 2426 12.92 -36.89 -85.83
N ASP C 2427 11.79 -36.56 -85.21
CA ASP C 2427 10.71 -35.92 -85.94
C ASP C 2427 11.15 -34.52 -86.39
N GLU C 2428 11.29 -34.37 -87.70
CA GLU C 2428 11.87 -33.15 -88.28
C GLU C 2428 10.91 -31.97 -88.13
N ASP C 2429 11.48 -30.78 -88.22
CA ASP C 2429 10.74 -29.54 -88.08
C ASP C 2429 10.70 -28.84 -89.43
N ALA C 2430 9.51 -28.38 -89.82
CA ALA C 2430 9.30 -27.73 -91.10
C ALA C 2430 8.58 -26.41 -90.87
N GLU C 2431 9.30 -25.30 -91.06
CA GLU C 2431 8.74 -23.97 -90.90
C GLU C 2431 8.67 -23.27 -92.26
N ALA C 2432 7.59 -22.53 -92.47
CA ALA C 2432 7.35 -21.89 -93.75
C ALA C 2432 8.28 -20.70 -93.94
N PRO C 2433 8.78 -20.47 -95.15
CA PRO C 2433 9.69 -19.34 -95.37
C PRO C 2433 9.00 -17.98 -95.35
N GLY C 2434 7.72 -17.90 -95.69
CA GLY C 2434 7.03 -16.62 -95.60
C GLY C 2434 6.79 -16.20 -94.17
N ALA C 2435 5.85 -16.87 -93.51
CA ALA C 2435 5.65 -16.86 -92.05
C ALA C 2435 5.47 -15.44 -91.49
N ILE C 2436 4.40 -14.78 -91.91
CA ILE C 2436 4.10 -13.45 -91.42
C ILE C 2436 3.05 -13.59 -90.32
N ALA C 2437 3.00 -12.60 -89.43
CA ALA C 2437 2.15 -12.69 -88.26
C ALA C 2437 0.68 -12.50 -88.64
N ALA C 2438 -0.18 -12.61 -87.63
CA ALA C 2438 -1.61 -12.38 -87.80
C ALA C 2438 -2.04 -11.22 -86.92
N LEU C 2439 -2.83 -10.31 -87.48
CA LEU C 2439 -3.21 -9.12 -86.76
C LEU C 2439 -4.74 -9.07 -86.62
N PRO C 2440 -5.24 -8.41 -85.57
CA PRO C 2440 -6.69 -8.31 -85.40
C PRO C 2440 -7.33 -7.50 -86.52
N SER C 2441 -8.42 -8.04 -87.05
CA SER C 2441 -8.99 -7.56 -88.31
C SER C 2441 -9.60 -6.18 -88.13
N PRO C 2442 -9.62 -5.36 -89.18
CA PRO C 2442 -10.21 -4.03 -89.08
C PRO C 2442 -11.71 -4.14 -89.00
N PRO C 2443 -12.41 -3.11 -88.49
CA PRO C 2443 -13.85 -3.24 -88.30
C PRO C 2443 -14.64 -3.28 -89.59
N ARG C 2444 -15.09 -4.48 -89.92
CA ARG C 2444 -15.98 -4.73 -91.04
C ARG C 2444 -17.40 -4.87 -90.53
N GLY C 2445 -18.36 -4.79 -91.44
CA GLY C 2445 -19.75 -4.78 -91.06
C GLY C 2445 -20.22 -6.12 -90.52
N PHE C 2446 -21.44 -6.10 -89.98
CA PHE C 2446 -22.02 -7.31 -89.43
C PHE C 2446 -22.39 -8.26 -90.55
N THR C 2447 -22.30 -9.55 -90.27
CA THR C 2447 -22.78 -10.56 -91.21
C THR C 2447 -23.97 -11.27 -90.57
N PRO C 2448 -25.19 -10.89 -90.90
CA PRO C 2448 -26.36 -11.55 -90.35
C PRO C 2448 -26.64 -12.85 -91.09
N ALA C 2449 -27.65 -13.57 -90.60
CA ALA C 2449 -28.13 -14.74 -91.30
C ALA C 2449 -28.84 -14.32 -92.59
N PRO C 2450 -28.94 -15.22 -93.56
CA PRO C 2450 -29.81 -14.96 -94.70
C PRO C 2450 -31.26 -14.85 -94.25
N PRO C 2451 -31.88 -13.70 -94.46
CA PRO C 2451 -33.15 -13.39 -93.80
C PRO C 2451 -34.28 -14.24 -94.37
N PRO C 2452 -35.37 -14.40 -93.62
CA PRO C 2452 -36.47 -15.24 -94.12
C PRO C 2452 -37.25 -14.60 -95.26
N GLN C 2453 -38.37 -15.21 -95.62
CA GLN C 2453 -39.14 -14.73 -96.75
C GLN C 2453 -40.59 -14.68 -96.35
N TRP C 2454 -41.16 -13.48 -96.32
CA TRP C 2454 -42.61 -13.37 -96.34
C TRP C 2454 -43.00 -12.14 -97.15
N ASP C 2455 -44.30 -12.01 -97.36
CA ASP C 2455 -44.84 -11.12 -98.36
C ASP C 2455 -44.84 -9.68 -97.88
N ASP C 2456 -45.29 -8.79 -98.76
CA ASP C 2456 -45.43 -7.40 -98.39
C ASP C 2456 -46.56 -7.24 -97.40
N LEU C 2457 -46.38 -6.35 -96.43
CA LEU C 2457 -47.36 -6.12 -95.40
C LEU C 2457 -48.18 -4.88 -95.73
N ASP C 2458 -49.47 -4.95 -95.45
CA ASP C 2458 -50.35 -3.81 -95.64
C ASP C 2458 -50.28 -2.81 -94.50
N VAL C 2459 -49.47 -3.09 -93.48
CA VAL C 2459 -49.31 -2.17 -92.36
C VAL C 2459 -48.43 -1.02 -92.80
N ASP C 2460 -48.89 0.17 -92.57
CA ASP C 2460 -48.11 1.38 -92.80
C ASP C 2460 -47.05 1.51 -91.71
N PRO C 2461 -45.86 2.02 -92.04
CA PRO C 2461 -44.83 2.15 -91.00
C PRO C 2461 -45.04 3.27 -89.99
N ALA C 2462 -46.22 3.89 -89.98
CA ALA C 2462 -46.60 4.75 -88.88
C ALA C 2462 -47.12 3.95 -87.69
N ASP C 2463 -47.49 2.69 -87.91
CA ASP C 2463 -48.09 1.87 -86.87
C ASP C 2463 -47.14 0.75 -86.44
N LEU C 2464 -45.85 1.06 -86.38
CA LEU C 2464 -44.86 0.09 -85.94
C LEU C 2464 -43.96 0.73 -84.90
N VAL C 2465 -43.70 0.00 -83.83
CA VAL C 2465 -42.73 0.40 -82.83
C VAL C 2465 -41.54 -0.52 -82.95
N VAL C 2466 -40.37 0.05 -83.24
CA VAL C 2466 -39.18 -0.73 -83.51
C VAL C 2466 -38.17 -0.46 -82.41
N ILE C 2467 -37.25 -1.40 -82.24
CA ILE C 2467 -36.11 -1.23 -81.34
C ILE C 2467 -34.92 -0.83 -82.19
N VAL C 2468 -34.44 0.38 -81.99
CA VAL C 2468 -33.41 0.94 -82.84
C VAL C 2468 -32.03 0.78 -82.22
N GLY C 2469 -31.88 1.17 -80.96
CA GLY C 2469 -30.63 1.05 -80.27
C GLY C 2469 -30.66 -0.03 -79.22
N GLY C 2470 -29.73 0.08 -78.28
CA GLY C 2470 -29.67 -0.84 -77.18
C GLY C 2470 -28.24 -1.11 -76.75
N ALA C 2471 -28.01 -1.09 -75.45
CA ALA C 2471 -26.73 -1.47 -74.89
C ALA C 2471 -26.95 -1.88 -73.45
N GLU C 2472 -26.00 -2.64 -72.92
CA GLU C 2472 -26.13 -3.18 -71.59
C GLU C 2472 -24.79 -3.10 -70.89
N ILE C 2473 -24.83 -3.33 -69.60
CA ILE C 2473 -23.62 -3.48 -68.80
C ILE C 2473 -23.92 -4.48 -67.69
N GLY C 2474 -23.13 -5.53 -67.62
CA GLY C 2474 -23.38 -6.60 -66.71
C GLY C 2474 -22.12 -7.36 -66.38
N PRO C 2475 -22.26 -8.65 -66.05
CA PRO C 2475 -21.11 -9.44 -65.62
C PRO C 2475 -20.08 -9.68 -66.69
N TYR C 2476 -20.40 -9.47 -67.97
CA TYR C 2476 -19.42 -9.61 -69.03
C TYR C 2476 -19.10 -8.28 -69.70
N GLY C 2477 -19.61 -7.19 -69.18
CA GLY C 2477 -19.37 -5.90 -69.78
C GLY C 2477 -20.42 -5.59 -70.81
N SER C 2478 -19.99 -5.22 -72.01
CA SER C 2478 -20.91 -4.81 -73.04
C SER C 2478 -21.62 -6.00 -73.66
N SER C 2479 -22.66 -5.71 -74.43
CA SER C 2479 -23.48 -6.76 -75.02
C SER C 2479 -22.72 -7.53 -76.09
N ARG C 2480 -21.72 -6.90 -76.71
CA ARG C 2480 -20.88 -7.57 -77.70
C ARG C 2480 -20.09 -8.71 -77.07
N THR C 2481 -19.35 -8.41 -76.00
CA THR C 2481 -18.57 -9.45 -75.36
C THR C 2481 -19.44 -10.45 -74.63
N ARG C 2482 -20.58 -10.01 -74.12
CA ARG C 2482 -21.48 -10.94 -73.45
C ARG C 2482 -22.06 -11.95 -74.43
N PHE C 2483 -22.43 -11.50 -75.63
CA PHE C 2483 -22.95 -12.43 -76.61
C PHE C 2483 -21.87 -13.32 -77.18
N GLU C 2484 -20.65 -12.81 -77.31
CA GLU C 2484 -19.58 -13.64 -77.84
C GLU C 2484 -19.20 -14.75 -76.87
N MET C 2485 -19.09 -14.43 -75.58
CA MET C 2485 -18.86 -15.47 -74.59
C MET C 2485 -20.08 -16.36 -74.41
N GLU C 2486 -21.27 -15.84 -74.74
CA GLU C 2486 -22.46 -16.67 -74.66
C GLU C 2486 -22.48 -17.72 -75.74
N VAL C 2487 -22.12 -17.36 -76.97
CA VAL C 2487 -22.19 -18.32 -78.05
C VAL C 2487 -20.94 -19.19 -78.07
N GLU C 2488 -19.78 -18.60 -78.32
CA GLU C 2488 -18.64 -19.42 -78.71
C GLU C 2488 -17.70 -19.71 -77.56
N ASN C 2489 -18.08 -19.38 -76.33
CA ASN C 2489 -17.38 -19.74 -75.08
C ASN C 2489 -15.98 -19.13 -75.01
N GLU C 2490 -15.66 -18.16 -75.85
CA GLU C 2490 -14.34 -17.56 -75.87
C GLU C 2490 -14.45 -16.22 -76.59
N LEU C 2491 -13.48 -15.36 -76.33
CA LEU C 2491 -13.51 -14.01 -76.86
C LEU C 2491 -12.77 -13.93 -78.19
N SER C 2492 -13.19 -13.00 -79.01
CA SER C 2492 -12.44 -12.62 -80.19
C SER C 2492 -11.36 -11.63 -79.78
N ALA C 2493 -10.52 -11.25 -80.74
CA ALA C 2493 -9.44 -10.32 -80.46
C ALA C 2493 -9.99 -8.94 -80.12
N ALA C 2494 -11.09 -8.56 -80.77
CA ALA C 2494 -11.71 -7.27 -80.47
C ALA C 2494 -12.32 -7.28 -79.08
N GLY C 2495 -12.89 -8.41 -78.66
CA GLY C 2495 -13.45 -8.49 -77.33
C GLY C 2495 -12.38 -8.47 -76.25
N VAL C 2496 -11.25 -9.12 -76.52
CA VAL C 2496 -10.12 -9.07 -75.59
C VAL C 2496 -9.58 -7.66 -75.48
N LEU C 2497 -9.48 -6.96 -76.61
CA LEU C 2497 -9.01 -5.58 -76.60
C LEU C 2497 -9.97 -4.66 -75.86
N GLU C 2498 -11.27 -4.88 -76.03
CA GLU C 2498 -12.27 -4.07 -75.34
C GLU C 2498 -12.25 -4.29 -73.83
N LEU C 2499 -12.18 -5.55 -73.39
CA LEU C 2499 -12.18 -5.79 -71.96
C LEU C 2499 -10.86 -5.40 -71.31
N ALA C 2500 -9.75 -5.54 -72.02
CA ALA C 2500 -8.47 -5.12 -71.44
C ALA C 2500 -8.36 -3.60 -71.40
N TRP C 2501 -8.98 -2.91 -72.36
CA TRP C 2501 -9.10 -1.46 -72.30
C TRP C 2501 -9.98 -1.03 -71.15
N THR C 2502 -11.07 -1.75 -70.93
CA THR C 2502 -12.08 -1.31 -69.99
C THR C 2502 -11.65 -1.57 -68.55
N THR C 2503 -11.02 -2.71 -68.30
CA THR C 2503 -10.59 -3.07 -66.96
C THR C 2503 -9.22 -2.52 -66.59
N GLY C 2504 -8.70 -1.60 -67.38
CA GLY C 2504 -7.49 -0.90 -66.99
C GLY C 2504 -6.21 -1.68 -67.17
N LEU C 2505 -6.22 -2.80 -67.87
CA LEU C 2505 -4.99 -3.53 -68.11
C LEU C 2505 -4.14 -2.89 -69.18
N ILE C 2506 -4.70 -2.03 -70.02
CA ILE C 2506 -4.02 -1.49 -71.18
C ILE C 2506 -4.39 -0.01 -71.32
N ARG C 2507 -3.38 0.84 -71.51
CA ARG C 2507 -3.58 2.22 -71.87
C ARG C 2507 -2.99 2.50 -73.24
N TRP C 2508 -3.44 3.58 -73.86
CA TRP C 2508 -2.84 4.10 -75.06
C TRP C 2508 -2.01 5.32 -74.70
N GLU C 2509 -0.71 5.25 -74.94
CA GLU C 2509 0.16 6.39 -74.79
C GLU C 2509 0.97 6.53 -76.07
N ASP C 2510 1.53 7.71 -76.27
CA ASP C 2510 2.29 7.98 -77.48
C ASP C 2510 3.57 8.75 -77.23
N ASP C 2511 4.02 8.87 -75.99
CA ASP C 2511 5.21 9.67 -75.73
C ASP C 2511 6.49 8.94 -76.12
N PRO C 2512 6.73 7.66 -75.76
CA PRO C 2512 7.89 7.00 -76.37
C PRO C 2512 7.63 6.63 -77.81
N GLN C 2513 6.44 6.12 -78.08
CA GLN C 2513 6.01 5.60 -79.37
C GLN C 2513 4.51 5.38 -79.26
N PRO C 2514 3.74 5.71 -80.30
CA PRO C 2514 2.30 5.48 -80.21
C PRO C 2514 1.97 3.99 -80.30
N GLY C 2515 1.20 3.52 -79.32
CA GLY C 2515 0.90 2.12 -79.18
C GLY C 2515 0.24 1.88 -77.85
N TRP C 2516 -0.29 0.68 -77.69
CA TRP C 2516 -0.87 0.31 -76.41
C TRP C 2516 0.23 -0.09 -75.46
N TYR C 2517 0.15 0.39 -74.22
CA TYR C 2517 1.12 0.03 -73.21
C TYR C 2517 0.45 -0.76 -72.09
N ASP C 2518 1.24 -1.59 -71.44
CA ASP C 2518 0.77 -2.29 -70.26
C ASP C 2518 0.63 -1.29 -69.11
N THR C 2519 -0.26 -1.60 -68.17
CA THR C 2519 -0.49 -0.70 -67.06
C THR C 2519 0.60 -0.81 -66.02
N GLU C 2520 0.82 -2.01 -65.50
CA GLU C 2520 1.74 -2.16 -64.38
C GLU C 2520 3.20 -2.12 -64.80
N SER C 2521 3.52 -2.58 -66.01
CA SER C 2521 4.91 -2.70 -66.43
C SER C 2521 5.30 -1.77 -67.57
N GLY C 2522 4.35 -1.36 -68.40
CA GLY C 2522 4.61 -0.32 -69.39
C GLY C 2522 5.51 -0.71 -70.54
N GLU C 2523 5.03 -1.56 -71.44
CA GLU C 2523 5.78 -1.95 -72.63
C GLU C 2523 4.89 -1.90 -73.85
N MET C 2524 5.53 -1.73 -75.00
CA MET C 2524 4.84 -1.81 -76.28
C MET C 2524 4.37 -3.23 -76.50
N VAL C 2525 3.08 -3.46 -76.36
CA VAL C 2525 2.52 -4.77 -76.64
C VAL C 2525 2.35 -4.93 -78.14
N ASP C 2526 2.44 -6.16 -78.61
CA ASP C 2526 2.18 -6.44 -80.01
C ASP C 2526 0.72 -6.83 -80.18
N GLU C 2527 0.14 -6.42 -81.32
CA GLU C 2527 -1.23 -6.80 -81.62
C GLU C 2527 -1.35 -8.29 -81.88
N SER C 2528 -0.28 -8.95 -82.30
CA SER C 2528 -0.33 -10.39 -82.51
C SER C 2528 -0.35 -11.16 -81.21
N GLU C 2529 0.03 -10.54 -80.10
CA GLU C 2529 0.18 -11.21 -78.82
C GLU C 2529 -0.96 -10.92 -77.86
N LEU C 2530 -2.00 -10.20 -78.32
CA LEU C 2530 -3.03 -9.69 -77.41
C LEU C 2530 -3.83 -10.81 -76.76
N VAL C 2531 -4.36 -11.72 -77.57
CA VAL C 2531 -5.19 -12.79 -77.02
C VAL C 2531 -4.33 -13.75 -76.20
N GLN C 2532 -3.18 -14.13 -76.74
CA GLN C 2532 -2.33 -15.11 -76.08
C GLN C 2532 -1.64 -14.58 -74.83
N ARG C 2533 -1.65 -13.26 -74.61
CA ARG C 2533 -1.14 -12.73 -73.36
C ARG C 2533 -2.19 -12.14 -72.44
N TYR C 2534 -3.42 -11.95 -72.91
CA TYR C 2534 -4.42 -11.28 -72.08
C TYR C 2534 -5.75 -12.00 -72.02
N HIS C 2535 -5.85 -13.20 -72.57
CA HIS C 2535 -7.13 -13.90 -72.53
C HIS C 2535 -7.43 -14.42 -71.13
N ASP C 2536 -6.46 -15.04 -70.49
CA ASP C 2536 -6.68 -15.66 -69.20
C ASP C 2536 -6.93 -14.64 -68.10
N ALA C 2537 -6.30 -13.47 -68.21
CA ALA C 2537 -6.50 -12.42 -67.21
C ALA C 2537 -7.94 -11.89 -67.25
N VAL C 2538 -8.48 -11.63 -68.44
CA VAL C 2538 -9.82 -11.10 -68.49
C VAL C 2538 -10.85 -12.19 -68.21
N VAL C 2539 -10.53 -13.45 -68.51
CA VAL C 2539 -11.43 -14.54 -68.13
C VAL C 2539 -11.46 -14.69 -66.61
N GLN C 2540 -10.34 -14.46 -65.93
CA GLN C 2540 -10.37 -14.42 -64.47
C GLN C 2540 -11.16 -13.24 -63.95
N ARG C 2541 -11.01 -12.07 -64.56
CA ARG C 2541 -11.65 -10.88 -64.02
C ARG C 2541 -13.13 -10.78 -64.37
N VAL C 2542 -13.62 -11.57 -65.31
CA VAL C 2542 -14.95 -11.39 -65.87
C VAL C 2542 -15.74 -12.68 -65.73
N GLY C 2543 -16.91 -12.59 -65.10
CA GLY C 2543 -17.78 -13.74 -64.99
C GLY C 2543 -18.46 -13.85 -63.64
N ILE C 2544 -19.28 -14.89 -63.51
CA ILE C 2544 -19.82 -15.27 -62.21
C ILE C 2544 -18.69 -15.82 -61.36
N ARG C 2545 -18.48 -15.21 -60.19
CA ARG C 2545 -17.28 -15.46 -59.41
C ARG C 2545 -17.53 -15.04 -57.98
N GLU C 2546 -16.50 -15.22 -57.15
CA GLU C 2546 -16.60 -14.89 -55.74
C GLU C 2546 -16.61 -13.37 -55.57
N PHE C 2547 -17.34 -12.91 -54.54
CA PHE C 2547 -17.46 -11.49 -54.22
C PHE C 2547 -16.11 -10.87 -53.94
N VAL C 2548 -15.70 -9.90 -54.74
CA VAL C 2548 -14.46 -9.18 -54.55
C VAL C 2548 -14.82 -7.74 -54.25
N ASP C 2549 -14.25 -7.19 -53.18
CA ASP C 2549 -14.60 -5.86 -52.72
C ASP C 2549 -13.96 -4.82 -53.63
N ASP C 2550 -14.75 -3.83 -54.04
CA ASP C 2550 -14.30 -2.74 -54.89
C ASP C 2550 -14.81 -1.42 -54.33
N GLY C 2551 -14.65 -1.23 -53.02
CA GLY C 2551 -15.07 0.00 -52.38
C GLY C 2551 -13.93 0.69 -51.65
N ALA C 2552 -12.79 0.00 -51.56
CA ALA C 2552 -11.56 0.47 -50.92
C ALA C 2552 -11.77 0.88 -49.46
N ILE C 2553 -12.68 0.20 -48.77
CA ILE C 2553 -13.00 0.48 -47.38
C ILE C 2553 -12.83 -0.80 -46.57
N ASP C 2554 -13.13 -0.71 -45.28
CA ASP C 2554 -13.06 -1.88 -44.42
C ASP C 2554 -14.37 -2.67 -44.51
N PRO C 2555 -14.29 -4.00 -44.57
CA PRO C 2555 -15.50 -4.82 -44.61
C PRO C 2555 -16.14 -5.07 -43.24
N ASP C 2556 -15.63 -4.44 -42.18
CA ASP C 2556 -16.10 -4.66 -40.81
C ASP C 2556 -16.98 -3.52 -40.31
N HIS C 2557 -17.86 -3.01 -41.15
CA HIS C 2557 -18.77 -1.94 -40.77
C HIS C 2557 -20.24 -2.28 -40.87
N ALA C 2558 -20.64 -3.16 -41.80
CA ALA C 2558 -22.05 -3.42 -42.08
C ALA C 2558 -22.34 -4.91 -41.93
N SER C 2559 -22.73 -5.32 -40.71
CA SER C 2559 -23.19 -6.68 -40.44
C SER C 2559 -23.98 -6.67 -39.14
N PRO C 2560 -25.13 -7.35 -39.08
CA PRO C 2560 -25.90 -7.38 -37.82
C PRO C 2560 -25.25 -8.30 -36.80
N LEU C 2561 -25.12 -7.80 -35.57
CA LEU C 2561 -24.51 -8.57 -34.50
C LEU C 2561 -25.02 -8.02 -33.16
N LEU C 2562 -25.12 -8.92 -32.18
CA LEU C 2562 -25.71 -8.61 -30.88
C LEU C 2562 -24.60 -8.43 -29.85
N VAL C 2563 -24.54 -7.25 -29.25
CA VAL C 2563 -23.71 -7.01 -28.07
C VAL C 2563 -24.53 -6.30 -27.01
N SER C 2564 -24.36 -6.75 -25.76
CA SER C 2564 -25.01 -6.09 -24.63
C SER C 2564 -24.13 -6.34 -23.40
N VAL C 2565 -23.27 -5.38 -23.10
CA VAL C 2565 -22.42 -5.42 -21.93
C VAL C 2565 -22.78 -4.22 -21.07
N PHE C 2566 -22.64 -4.36 -19.75
CA PHE C 2566 -22.96 -3.29 -18.82
C PHE C 2566 -21.70 -2.87 -18.08
N LEU C 2567 -21.48 -1.56 -17.98
CA LEU C 2567 -20.20 -1.02 -17.60
C LEU C 2567 -20.39 -0.14 -16.36
N GLU C 2568 -19.48 -0.29 -15.39
CA GLU C 2568 -19.61 0.35 -14.08
C GLU C 2568 -18.36 1.15 -13.71
N LYS C 2569 -17.53 1.50 -14.70
CA LYS C 2569 -16.15 1.86 -14.45
C LYS C 2569 -15.76 3.21 -14.99
N ASP C 2570 -14.46 3.48 -14.99
CA ASP C 2570 -13.90 4.80 -15.29
C ASP C 2570 -14.06 5.13 -16.77
N PHE C 2571 -14.27 6.42 -17.03
CA PHE C 2571 -14.44 6.95 -18.38
C PHE C 2571 -13.31 7.92 -18.67
N ALA C 2572 -12.31 7.47 -19.44
CA ALA C 2572 -11.22 8.35 -19.86
C ALA C 2572 -11.63 9.12 -21.10
N PHE C 2573 -11.32 10.42 -21.12
CA PHE C 2573 -11.91 11.31 -22.11
C PHE C 2573 -10.93 12.13 -22.94
N VAL C 2574 -11.50 13.06 -23.71
CA VAL C 2574 -10.79 13.87 -24.69
C VAL C 2574 -11.05 15.33 -24.34
N VAL C 2575 -10.23 16.21 -24.90
CA VAL C 2575 -10.36 17.65 -24.66
C VAL C 2575 -11.59 18.14 -25.43
N SER C 2576 -12.67 18.40 -24.70
CA SER C 2576 -13.86 19.03 -25.24
C SER C 2576 -14.10 20.35 -24.51
N SER C 2577 -15.01 21.15 -25.02
CA SER C 2577 -15.37 22.38 -24.35
C SER C 2577 -16.32 22.08 -23.20
N GLU C 2578 -16.55 23.09 -22.36
CA GLU C 2578 -17.52 22.97 -21.29
C GLU C 2578 -18.93 22.83 -21.85
N ALA C 2579 -19.24 23.55 -22.93
CA ALA C 2579 -20.56 23.45 -23.55
C ALA C 2579 -20.74 22.10 -24.23
N ASP C 2580 -19.70 21.58 -24.86
CA ASP C 2580 -19.80 20.25 -25.49
C ASP C 2580 -19.91 19.17 -24.44
N ALA C 2581 -19.21 19.32 -23.31
CA ALA C 2581 -19.35 18.38 -22.21
C ALA C 2581 -20.74 18.43 -21.61
N ARG C 2582 -21.30 19.64 -21.47
CA ARG C 2582 -22.65 19.78 -20.95
C ARG C 2582 -23.67 19.19 -21.91
N ALA C 2583 -23.50 19.40 -23.21
CA ALA C 2583 -24.40 18.79 -24.19
C ALA C 2583 -24.26 17.28 -24.27
N PHE C 2584 -23.09 16.75 -23.93
CA PHE C 2584 -22.94 15.30 -23.81
C PHE C 2584 -23.69 14.78 -22.60
N VAL C 2585 -23.58 15.49 -21.46
CA VAL C 2585 -24.16 15.01 -20.20
C VAL C 2585 -25.62 15.51 -20.03
N GLU C 2586 -26.20 16.13 -21.06
CA GLU C 2586 -27.63 16.47 -21.04
C GLU C 2586 -28.52 15.25 -20.83
N PHE C 2587 -28.26 14.15 -21.53
CA PHE C 2587 -29.04 12.94 -21.30
C PHE C 2587 -28.59 12.19 -20.05
N ASP C 2588 -27.35 12.42 -19.61
CA ASP C 2588 -26.74 11.64 -18.54
C ASP C 2588 -27.18 11.85 -17.08
N PRO C 2589 -27.54 13.07 -16.61
CA PRO C 2589 -27.20 13.44 -15.22
C PRO C 2589 -27.94 12.69 -14.12
N GLU C 2590 -28.91 11.85 -14.45
CA GLU C 2590 -29.56 11.04 -13.45
C GLU C 2590 -28.92 9.66 -13.29
N HIS C 2591 -28.00 9.28 -14.18
CA HIS C 2591 -27.34 7.98 -14.11
C HIS C 2591 -25.84 8.11 -13.91
N THR C 2592 -25.34 9.23 -13.40
CA THR C 2592 -23.91 9.46 -13.45
C THR C 2592 -23.46 10.43 -12.36
N VAL C 2593 -22.14 10.65 -12.34
CA VAL C 2593 -21.46 11.67 -11.54
C VAL C 2593 -20.64 12.52 -12.49
N ILE C 2594 -20.67 13.84 -12.29
CA ILE C 2594 -19.95 14.80 -13.11
C ILE C 2594 -18.73 15.30 -12.32
N ARG C 2595 -17.56 15.30 -12.96
CA ARG C 2595 -16.40 15.91 -12.32
C ARG C 2595 -15.66 16.81 -13.29
N PRO C 2596 -15.48 18.10 -12.96
CA PRO C 2596 -14.78 19.00 -13.88
C PRO C 2596 -13.28 18.79 -13.85
N VAL C 2597 -12.67 18.90 -15.03
CA VAL C 2597 -11.22 18.86 -15.18
C VAL C 2597 -10.79 20.18 -15.83
N PRO C 2598 -10.16 21.08 -15.07
CA PRO C 2598 -9.66 22.33 -15.67
C PRO C 2598 -8.41 22.13 -16.50
N ASP C 2599 -7.64 21.06 -16.27
CA ASP C 2599 -6.44 20.82 -17.07
C ASP C 2599 -6.77 20.45 -18.50
N SER C 2600 -7.93 19.82 -18.73
CA SER C 2600 -8.44 19.57 -20.06
C SER C 2600 -9.58 20.50 -20.43
N THR C 2601 -9.97 21.40 -19.52
CA THR C 2601 -11.05 22.40 -19.71
C THR C 2601 -12.37 21.75 -20.11
N ASP C 2602 -12.73 20.69 -19.40
CA ASP C 2602 -13.94 19.94 -19.73
C ASP C 2602 -14.56 19.40 -18.45
N TRP C 2603 -15.54 18.52 -18.62
CA TRP C 2603 -16.06 17.69 -17.55
C TRP C 2603 -15.77 16.23 -17.87
N GLN C 2604 -16.06 15.39 -16.89
CA GLN C 2604 -15.97 13.94 -17.05
C GLN C 2604 -17.24 13.33 -16.48
N VAL C 2605 -17.96 12.61 -17.32
CA VAL C 2605 -19.12 11.84 -16.90
C VAL C 2605 -18.58 10.48 -16.43
N ILE C 2606 -19.18 9.94 -15.36
CA ILE C 2606 -18.86 8.59 -14.88
C ILE C 2606 -20.18 7.92 -14.54
N ARG C 2607 -20.56 6.90 -15.29
CA ARG C 2607 -21.90 6.35 -15.17
C ARG C 2607 -21.89 5.07 -14.34
N LYS C 2608 -22.99 4.87 -13.62
CA LYS C 2608 -23.12 3.79 -12.65
C LYS C 2608 -23.48 2.46 -13.31
N ALA C 2609 -23.90 1.49 -12.49
CA ALA C 2609 -24.36 0.20 -12.99
C ALA C 2609 -25.64 0.36 -13.80
N GLY C 2610 -25.89 -0.64 -14.65
CA GLY C 2610 -26.98 -0.57 -15.60
C GLY C 2610 -26.65 0.16 -16.88
N THR C 2611 -25.52 0.86 -16.91
CA THR C 2611 -25.08 1.60 -18.09
C THR C 2611 -24.50 0.63 -19.11
N GLU C 2612 -25.16 0.53 -20.26
CA GLU C 2612 -24.65 -0.28 -21.37
C GLU C 2612 -23.95 0.61 -22.37
N ILE C 2613 -22.91 0.09 -22.99
CA ILE C 2613 -22.21 0.77 -24.08
C ILE C 2613 -22.25 -0.14 -25.29
N ARG C 2614 -22.46 0.47 -26.46
CA ARG C 2614 -22.42 -0.27 -27.71
C ARG C 2614 -20.98 -0.65 -28.02
N VAL C 2615 -20.73 -1.95 -28.14
CA VAL C 2615 -19.39 -2.44 -28.46
C VAL C 2615 -19.46 -3.21 -29.78
N PRO C 2616 -19.46 -2.50 -30.92
CA PRO C 2616 -19.81 -3.15 -32.20
C PRO C 2616 -18.77 -4.12 -32.71
N ARG C 2617 -19.06 -5.40 -32.57
CA ARG C 2617 -18.32 -6.44 -33.26
C ARG C 2617 -19.01 -6.70 -34.59
N LYS C 2618 -18.23 -6.79 -35.65
CA LYS C 2618 -18.80 -6.95 -36.99
C LYS C 2618 -18.32 -8.30 -37.53
N THR C 2619 -19.28 -9.21 -37.71
CA THR C 2619 -18.98 -10.56 -38.19
C THR C 2619 -18.62 -10.56 -39.67
N LYS C 2620 -18.33 -11.75 -40.18
CA LYS C 2620 -17.93 -11.92 -41.57
C LYS C 2620 -18.43 -13.25 -42.08
N LEU C 2621 -19.48 -13.23 -42.89
CA LEU C 2621 -19.85 -14.40 -43.69
C LEU C 2621 -19.10 -14.31 -45.00
N SER C 2622 -18.19 -15.23 -45.22
CA SER C 2622 -17.28 -15.17 -46.35
C SER C 2622 -17.81 -15.99 -47.52
N ARG C 2623 -17.21 -15.73 -48.69
CA ARG C 2623 -17.45 -16.44 -49.94
C ARG C 2623 -18.92 -16.38 -50.36
N VAL C 2624 -19.33 -15.17 -50.70
CA VAL C 2624 -20.55 -14.96 -51.46
C VAL C 2624 -20.19 -15.00 -52.93
N VAL C 2625 -20.91 -15.78 -53.70
CA VAL C 2625 -20.68 -15.84 -55.14
C VAL C 2625 -21.72 -14.97 -55.82
N GLY C 2626 -21.30 -14.25 -56.85
CA GLY C 2626 -22.20 -13.31 -57.49
C GLY C 2626 -21.82 -12.99 -58.91
N GLY C 2627 -22.50 -12.01 -59.48
CA GLY C 2627 -22.37 -11.66 -60.86
C GLY C 2627 -21.89 -10.24 -61.08
N GLN C 2628 -20.81 -9.85 -60.39
CA GLN C 2628 -20.34 -8.47 -60.38
C GLN C 2628 -19.95 -7.97 -61.77
N ILE C 2629 -19.88 -6.65 -61.88
CA ILE C 2629 -19.24 -5.89 -62.95
C ILE C 2629 -17.77 -6.33 -63.02
N PRO C 2630 -17.13 -6.32 -64.20
CA PRO C 2630 -15.70 -6.67 -64.28
C PRO C 2630 -14.81 -5.89 -63.32
N THR C 2631 -13.92 -6.63 -62.65
CA THR C 2631 -13.10 -6.07 -61.59
C THR C 2631 -12.09 -5.09 -62.17
N GLY C 2632 -12.12 -3.87 -61.67
CA GLY C 2632 -11.35 -2.81 -62.26
C GLY C 2632 -12.07 -2.07 -63.35
N PHE C 2633 -13.40 -2.09 -63.35
CA PHE C 2633 -14.17 -1.31 -64.31
C PHE C 2633 -13.98 0.17 -64.02
N ASP C 2634 -13.30 0.86 -64.92
CA ASP C 2634 -13.02 2.28 -64.80
C ASP C 2634 -13.90 3.02 -65.79
N PRO C 2635 -15.00 3.62 -65.36
CA PRO C 2635 -15.87 4.35 -66.30
C PRO C 2635 -15.28 5.67 -66.76
N THR C 2636 -14.15 6.11 -66.22
CA THR C 2636 -13.54 7.32 -66.70
C THR C 2636 -12.89 7.15 -68.06
N VAL C 2637 -12.63 5.90 -68.46
CA VAL C 2637 -11.95 5.66 -69.72
C VAL C 2637 -12.91 5.89 -70.89
N TRP C 2638 -14.21 5.80 -70.62
CA TRP C 2638 -15.21 6.22 -71.60
C TRP C 2638 -15.12 7.72 -71.85
N GLY C 2639 -14.99 8.52 -70.80
CA GLY C 2639 -14.95 9.95 -70.94
C GLY C 2639 -15.61 10.69 -69.80
N ILE C 2640 -16.25 9.95 -68.89
CA ILE C 2640 -16.85 10.54 -67.71
C ILE C 2640 -15.75 11.04 -66.77
N SER C 2641 -15.87 12.29 -66.34
CA SER C 2641 -14.81 12.91 -65.56
C SER C 2641 -14.77 12.36 -64.13
N ALA C 2642 -13.64 12.61 -63.47
CA ALA C 2642 -13.38 12.00 -62.17
C ALA C 2642 -14.27 12.60 -61.07
N ASP C 2643 -14.52 13.91 -61.13
CA ASP C 2643 -15.42 14.53 -60.17
C ASP C 2643 -16.86 14.06 -60.37
N MET C 2644 -17.25 13.82 -61.62
CA MET C 2644 -18.54 13.22 -61.93
C MET C 2644 -18.65 11.84 -61.30
N ALA C 2645 -17.61 11.02 -61.47
CA ALA C 2645 -17.59 9.69 -60.90
C ALA C 2645 -17.55 9.71 -59.37
N GLY C 2646 -16.93 10.72 -58.78
CA GLY C 2646 -16.85 10.79 -57.33
C GLY C 2646 -18.15 11.25 -56.70
N SER C 2647 -18.73 12.33 -57.23
CA SER C 2647 -19.92 12.90 -56.62
C SER C 2647 -21.17 12.08 -56.93
N ILE C 2648 -21.35 11.73 -58.21
CA ILE C 2648 -22.61 11.12 -58.64
C ILE C 2648 -22.61 9.63 -58.25
N ASP C 2649 -23.80 9.10 -58.00
CA ASP C 2649 -23.96 7.70 -57.66
C ASP C 2649 -23.56 6.81 -58.82
N ARG C 2650 -23.03 5.62 -58.49
CA ARG C 2650 -22.47 4.77 -59.52
C ARG C 2650 -23.54 4.11 -60.38
N LEU C 2651 -24.79 4.03 -59.90
CA LEU C 2651 -25.87 3.62 -60.79
C LEU C 2651 -26.08 4.65 -61.89
N ALA C 2652 -26.00 5.93 -61.55
CA ALA C 2652 -26.13 6.94 -62.59
C ALA C 2652 -24.90 6.98 -63.49
N VAL C 2653 -23.73 6.63 -62.94
CA VAL C 2653 -22.52 6.52 -63.76
C VAL C 2653 -22.69 5.42 -64.79
N TRP C 2654 -23.17 4.25 -64.35
CA TRP C 2654 -23.42 3.13 -65.24
C TRP C 2654 -24.50 3.46 -66.26
N ASN C 2655 -25.49 4.26 -65.86
CA ASN C 2655 -26.55 4.64 -66.78
C ASN C 2655 -26.01 5.54 -67.88
N MET C 2656 -25.11 6.46 -67.52
CA MET C 2656 -24.47 7.31 -68.52
C MET C 2656 -23.64 6.48 -69.49
N VAL C 2657 -22.93 5.48 -68.96
CA VAL C 2657 -22.11 4.60 -69.80
C VAL C 2657 -22.98 3.81 -70.78
N ALA C 2658 -24.07 3.23 -70.27
CA ALA C 2658 -24.94 2.42 -71.12
C ALA C 2658 -25.65 3.27 -72.16
N THR C 2659 -26.04 4.49 -71.82
CA THR C 2659 -26.76 5.32 -72.77
C THR C 2659 -25.85 5.81 -73.88
N VAL C 2660 -24.63 6.23 -73.54
CA VAL C 2660 -23.72 6.66 -74.60
C VAL C 2660 -23.26 5.47 -75.44
N ASP C 2661 -23.23 4.28 -74.84
CA ASP C 2661 -22.94 3.07 -75.60
C ASP C 2661 -24.04 2.76 -76.61
N ALA C 2662 -25.30 2.92 -76.21
CA ALA C 2662 -26.41 2.62 -77.11
C ALA C 2662 -26.47 3.58 -78.28
N PHE C 2663 -26.31 4.88 -78.00
CA PHE C 2663 -26.36 5.87 -79.07
C PHE C 2663 -25.16 5.74 -80.01
N LEU C 2664 -23.97 5.52 -79.47
CA LEU C 2664 -22.83 5.42 -80.36
C LEU C 2664 -22.60 4.01 -80.90
N SER C 2665 -23.44 3.06 -80.53
CA SER C 2665 -23.44 1.77 -81.20
C SER C 2665 -24.44 1.72 -82.33
N SER C 2666 -25.55 2.43 -82.23
CA SER C 2666 -26.42 2.54 -83.38
C SER C 2666 -26.14 3.77 -84.22
N GLY C 2667 -25.13 4.56 -83.86
CA GLY C 2667 -24.71 5.64 -84.72
C GLY C 2667 -25.59 6.86 -84.67
N PHE C 2668 -25.90 7.36 -83.48
CA PHE C 2668 -26.63 8.62 -83.38
C PHE C 2668 -25.74 9.67 -82.76
N SER C 2669 -26.34 10.83 -82.57
CA SER C 2669 -26.24 11.69 -81.40
C SER C 2669 -27.69 12.06 -81.15
N PRO C 2670 -28.03 12.49 -79.94
CA PRO C 2670 -29.36 13.08 -79.76
C PRO C 2670 -29.55 14.39 -80.51
N ALA C 2671 -28.47 15.02 -80.96
CA ALA C 2671 -28.56 16.23 -81.76
C ALA C 2671 -29.26 15.99 -83.09
N GLU C 2672 -29.04 14.84 -83.72
CA GLU C 2672 -29.74 14.55 -84.96
C GLU C 2672 -31.22 14.31 -84.73
N VAL C 2673 -31.57 13.71 -83.60
CA VAL C 2673 -32.96 13.54 -83.23
C VAL C 2673 -33.61 14.89 -83.00
N MET C 2674 -32.87 15.82 -82.40
CA MET C 2674 -33.41 17.17 -82.21
C MET C 2674 -33.49 17.92 -83.53
N ARG C 2675 -32.67 17.56 -84.51
CA ARG C 2675 -32.83 18.14 -85.84
C ARG C 2675 -34.11 17.67 -86.50
N TYR C 2676 -34.46 16.40 -86.31
CA TYR C 2676 -35.58 15.87 -87.09
C TYR C 2676 -36.93 15.93 -86.38
N VAL C 2677 -36.97 15.95 -85.05
CA VAL C 2677 -38.22 16.14 -84.32
C VAL C 2677 -38.02 17.18 -83.23
N HIS C 2678 -39.14 17.64 -82.68
CA HIS C 2678 -39.23 18.63 -81.61
C HIS C 2678 -38.86 17.98 -80.28
N PRO C 2679 -38.20 18.71 -79.37
CA PRO C 2679 -37.74 18.11 -78.12
C PRO C 2679 -38.83 17.68 -77.15
N SER C 2680 -40.10 17.95 -77.40
CA SER C 2680 -41.13 17.44 -76.51
C SER C 2680 -41.67 16.10 -76.97
N LEU C 2681 -41.15 15.56 -78.07
CA LEU C 2681 -41.55 14.25 -78.55
C LEU C 2681 -40.52 13.18 -78.24
N VAL C 2682 -39.51 13.51 -77.44
CA VAL C 2682 -38.51 12.55 -76.99
C VAL C 2682 -38.68 12.39 -75.49
N ALA C 2683 -38.79 11.17 -75.03
CA ALA C 2683 -39.01 10.91 -73.61
C ALA C 2683 -37.82 10.17 -73.02
N ASN C 2684 -37.97 9.80 -71.75
CA ASN C 2684 -36.95 9.01 -71.05
C ASN C 2684 -37.67 8.32 -69.90
N THR C 2685 -37.86 7.02 -70.00
CA THR C 2685 -38.62 6.29 -68.99
C THR C 2685 -37.75 5.27 -68.26
N GLN C 2686 -36.48 5.60 -68.03
CA GLN C 2686 -35.59 4.67 -67.36
C GLN C 2686 -35.93 4.63 -65.88
N GLY C 2687 -36.75 3.66 -65.50
CA GLY C 2687 -37.06 3.45 -64.10
C GLY C 2687 -36.05 2.56 -63.42
N THR C 2688 -35.12 3.15 -62.69
CA THR C 2688 -34.10 2.38 -61.99
C THR C 2688 -34.74 1.61 -60.84
N GLY C 2689 -34.25 0.40 -60.61
CA GLY C 2689 -34.94 -0.62 -59.84
C GLY C 2689 -35.27 -0.30 -58.40
N MET C 2690 -34.26 -0.19 -57.56
CA MET C 2690 -34.47 0.25 -56.18
C MET C 2690 -34.05 1.69 -55.98
N GLY C 2691 -32.86 2.04 -56.43
CA GLY C 2691 -32.36 3.40 -56.39
C GLY C 2691 -31.41 3.62 -55.25
N GLY C 2692 -30.12 3.49 -55.54
CA GLY C 2692 -29.03 3.70 -54.61
C GLY C 2692 -29.10 3.00 -53.27
N GLY C 2693 -29.08 1.67 -53.24
CA GLY C 2693 -28.92 0.99 -51.96
C GLY C 2693 -27.54 1.22 -51.38
N THR C 2694 -26.51 1.11 -52.23
CA THR C 2694 -25.15 1.46 -51.83
C THR C 2694 -25.05 2.95 -51.47
N SER C 2695 -25.77 3.80 -52.19
CA SER C 2695 -25.75 5.23 -51.90
C SER C 2695 -26.40 5.54 -50.55
N MET C 2696 -27.51 4.86 -50.23
CA MET C 2696 -28.18 5.11 -48.96
C MET C 2696 -27.39 4.58 -47.77
N GLN C 2697 -26.78 3.39 -47.91
CA GLN C 2697 -25.95 2.90 -46.82
C GLN C 2697 -24.66 3.71 -46.71
N THR C 2698 -24.21 4.30 -47.82
CA THR C 2698 -23.06 5.21 -47.79
C THR C 2698 -23.42 6.49 -47.05
N MET C 2699 -24.64 7.01 -47.29
CA MET C 2699 -25.12 8.18 -46.54
C MET C 2699 -25.17 7.89 -45.04
N TYR C 2700 -25.73 6.74 -44.65
CA TYR C 2700 -25.88 6.48 -43.23
C TYR C 2700 -24.55 6.16 -42.56
N HIS C 2701 -23.64 5.48 -43.26
CA HIS C 2701 -22.33 5.22 -42.69
C HIS C 2701 -21.48 6.49 -42.59
N GLY C 2702 -21.61 7.40 -43.55
CA GLY C 2702 -20.98 8.71 -43.41
C GLY C 2702 -21.59 9.52 -42.27
N ASN C 2703 -22.90 9.37 -42.05
CA ASN C 2703 -23.56 10.06 -40.95
C ASN C 2703 -23.09 9.53 -39.61
N LEU C 2704 -22.90 8.22 -39.49
CA LEU C 2704 -22.37 7.68 -38.22
C LEU C 2704 -20.91 8.02 -38.03
N LEU C 2705 -20.06 7.68 -39.00
CA LEU C 2705 -18.61 7.84 -38.84
C LEU C 2705 -18.14 9.29 -38.96
N GLY C 2706 -19.02 10.22 -39.35
CA GLY C 2706 -18.61 11.60 -39.45
C GLY C 2706 -17.89 11.94 -40.74
N ARG C 2707 -17.99 11.10 -41.76
CA ARG C 2707 -17.43 11.42 -43.07
C ARG C 2707 -18.18 12.60 -43.67
N ASN C 2708 -17.44 13.52 -44.28
CA ASN C 2708 -18.03 14.75 -44.83
C ASN C 2708 -18.76 14.43 -46.13
N LYS C 2709 -19.95 13.83 -45.96
CA LYS C 2709 -20.83 13.58 -47.09
C LYS C 2709 -21.42 14.91 -47.56
N PRO C 2710 -21.76 15.03 -48.85
CA PRO C 2710 -22.39 16.25 -49.33
C PRO C 2710 -23.78 16.44 -48.74
N ASN C 2711 -24.16 17.70 -48.56
CA ASN C 2711 -25.40 18.04 -47.88
C ASN C 2711 -26.59 18.11 -48.83
N ASP C 2712 -26.45 17.58 -50.05
CA ASP C 2712 -27.54 17.49 -51.01
C ASP C 2712 -27.73 16.06 -51.51
N ILE C 2713 -27.01 15.09 -50.95
CA ILE C 2713 -27.16 13.72 -51.42
C ILE C 2713 -28.48 13.12 -50.95
N PHE C 2714 -29.07 13.66 -49.88
CA PHE C 2714 -30.42 13.27 -49.49
C PHE C 2714 -31.45 13.77 -50.49
N GLN C 2715 -31.19 14.91 -51.11
CA GLN C 2715 -32.01 15.38 -52.22
C GLN C 2715 -31.82 14.49 -53.44
N GLU C 2716 -30.59 14.43 -53.97
CA GLU C 2716 -30.31 13.76 -55.23
C GLU C 2716 -29.92 12.29 -55.06
N VAL C 2717 -30.46 11.61 -54.05
CA VAL C 2717 -30.31 10.16 -53.93
C VAL C 2717 -31.49 9.41 -54.55
N LEU C 2718 -32.52 10.13 -55.01
CA LEU C 2718 -33.78 9.54 -55.43
C LEU C 2718 -33.62 8.78 -56.75
N PRO C 2719 -34.45 7.75 -56.98
CA PRO C 2719 -34.28 6.93 -58.19
C PRO C 2719 -34.64 7.63 -59.49
N ASN C 2720 -35.59 8.57 -59.47
CA ASN C 2720 -35.87 9.36 -60.67
C ASN C 2720 -34.69 10.26 -61.04
N ILE C 2721 -33.92 10.68 -60.04
CA ILE C 2721 -32.85 11.66 -60.25
C ILE C 2721 -31.68 11.06 -61.03
N ILE C 2722 -31.58 9.72 -61.12
CA ILE C 2722 -30.60 9.08 -62.00
C ILE C 2722 -30.84 9.45 -63.47
N ALA C 2723 -32.03 9.14 -63.98
CA ALA C 2723 -32.31 9.54 -65.34
C ALA C 2723 -32.62 11.02 -65.46
N ALA C 2724 -32.86 11.71 -64.34
CA ALA C 2724 -32.91 13.17 -64.42
C ALA C 2724 -31.52 13.77 -64.60
N HIS C 2725 -30.48 13.14 -64.04
CA HIS C 2725 -29.11 13.50 -64.40
C HIS C 2725 -28.86 13.22 -65.88
N VAL C 2726 -29.39 12.10 -66.37
CA VAL C 2726 -29.23 11.76 -67.79
C VAL C 2726 -29.91 12.80 -68.68
N VAL C 2727 -31.08 13.29 -68.27
CA VAL C 2727 -31.78 14.30 -69.05
C VAL C 2727 -31.09 15.66 -68.94
N GLN C 2728 -30.75 16.08 -67.71
CA GLN C 2728 -30.15 17.40 -67.52
C GLN C 2728 -28.73 17.48 -68.05
N SER C 2729 -28.07 16.35 -68.31
CA SER C 2729 -26.75 16.36 -68.93
C SER C 2729 -26.81 16.06 -70.41
N TYR C 2730 -27.33 14.89 -70.78
CA TYR C 2730 -27.04 14.30 -72.08
C TYR C 2730 -28.13 14.54 -73.11
N VAL C 2731 -29.36 14.10 -72.85
CA VAL C 2731 -30.34 14.09 -73.93
C VAL C 2731 -31.09 15.42 -74.03
N GLY C 2732 -31.34 16.10 -72.91
CA GLY C 2732 -32.01 17.39 -72.96
C GLY C 2732 -33.45 17.38 -73.40
N SER C 2733 -34.11 16.23 -73.28
CA SER C 2733 -35.49 16.09 -73.73
C SER C 2733 -36.46 16.67 -72.72
N TYR C 2734 -37.50 17.34 -73.23
CA TYR C 2734 -38.51 17.94 -72.37
C TYR C 2734 -39.66 16.99 -72.09
N GLY C 2735 -39.59 15.76 -72.60
CA GLY C 2735 -40.75 14.89 -72.70
C GLY C 2735 -41.02 14.08 -71.45
N ALA C 2736 -41.98 13.16 -71.58
CA ALA C 2736 -42.67 12.55 -70.46
C ALA C 2736 -41.77 11.53 -69.75
N MET C 2737 -41.26 11.91 -68.59
CA MET C 2737 -40.36 11.09 -67.79
C MET C 2737 -41.16 10.33 -66.73
N ILE C 2738 -41.24 9.01 -66.89
CA ILE C 2738 -41.98 8.11 -66.00
C ILE C 2738 -41.00 7.05 -65.54
N HIS C 2739 -40.80 6.94 -64.23
CA HIS C 2739 -39.80 6.00 -63.72
C HIS C 2739 -40.44 4.93 -62.85
N PRO C 2740 -40.66 3.72 -63.36
CA PRO C 2740 -41.36 2.69 -62.59
C PRO C 2740 -40.46 1.79 -61.74
N VAL C 2741 -41.07 1.27 -60.67
CA VAL C 2741 -40.40 0.35 -59.75
C VAL C 2741 -41.30 -0.87 -59.56
N ALA C 2742 -40.85 -2.02 -60.05
CA ALA C 2742 -41.39 -3.30 -59.68
C ALA C 2742 -40.33 -4.25 -59.19
N ALA C 2743 -39.06 -3.84 -59.25
CA ALA C 2743 -37.88 -4.38 -58.59
C ALA C 2743 -37.43 -5.73 -59.10
N CYS C 2744 -38.20 -6.38 -59.97
CA CYS C 2744 -37.67 -7.40 -60.86
C CYS C 2744 -38.30 -7.36 -62.25
N ALA C 2745 -39.11 -6.35 -62.55
CA ALA C 2745 -39.57 -6.17 -63.93
C ALA C 2745 -39.58 -4.69 -64.31
N THR C 2746 -38.68 -3.88 -63.74
CA THR C 2746 -38.67 -2.44 -64.02
C THR C 2746 -38.37 -2.17 -65.48
N ALA C 2747 -37.43 -2.91 -66.06
CA ALA C 2747 -37.14 -2.74 -67.48
C ALA C 2747 -38.32 -3.16 -68.34
N ALA C 2748 -39.03 -4.22 -67.95
CA ALA C 2748 -40.17 -4.67 -68.73
C ALA C 2748 -41.32 -3.68 -68.68
N VAL C 2749 -41.60 -3.12 -67.50
CA VAL C 2749 -42.71 -2.18 -67.45
C VAL C 2749 -42.32 -0.84 -68.04
N SER C 2750 -41.02 -0.48 -68.01
CA SER C 2750 -40.60 0.73 -68.70
C SER C 2750 -40.69 0.58 -70.20
N VAL C 2751 -40.42 -0.63 -70.71
CA VAL C 2751 -40.55 -0.86 -72.14
C VAL C 2751 -42.00 -0.82 -72.56
N GLU C 2752 -42.90 -1.41 -71.76
CA GLU C 2752 -44.28 -1.38 -72.22
C GLU C 2752 -44.91 0.01 -72.05
N GLU C 2753 -44.45 0.81 -71.09
CA GLU C 2753 -44.97 2.16 -71.05
C GLU C 2753 -44.37 3.04 -72.15
N GLY C 2754 -43.12 2.78 -72.57
CA GLY C 2754 -42.59 3.49 -73.72
C GLY C 2754 -43.31 3.14 -75.00
N VAL C 2755 -43.69 1.87 -75.15
CA VAL C 2755 -44.34 1.52 -76.40
C VAL C 2755 -45.79 1.99 -76.42
N ASP C 2756 -46.50 2.04 -75.28
CA ASP C 2756 -47.86 2.57 -75.45
C ASP C 2756 -47.89 4.09 -75.44
N LYS C 2757 -46.82 4.76 -74.96
CA LYS C 2757 -46.69 6.19 -75.26
C LYS C 2757 -46.49 6.42 -76.75
N ILE C 2758 -45.69 5.59 -77.41
CA ILE C 2758 -45.57 5.73 -78.86
C ILE C 2758 -46.85 5.34 -79.57
N ARG C 2759 -47.63 4.40 -79.02
CA ARG C 2759 -48.93 4.08 -79.61
C ARG C 2759 -49.93 5.22 -79.44
N LEU C 2760 -49.82 6.01 -78.37
CA LEU C 2760 -50.60 7.24 -78.28
C LEU C 2760 -50.16 8.25 -79.32
N GLY C 2761 -48.91 8.66 -79.26
CA GLY C 2761 -48.47 9.77 -80.08
C GLY C 2761 -47.86 10.81 -79.18
N LYS C 2762 -47.73 10.47 -77.91
CA LYS C 2762 -47.11 11.38 -76.95
C LYS C 2762 -45.62 11.51 -77.18
N ALA C 2763 -44.99 10.59 -77.88
CA ALA C 2763 -43.57 10.64 -78.12
C ALA C 2763 -43.25 9.91 -79.42
N GLN C 2764 -42.02 10.09 -79.90
CA GLN C 2764 -41.54 9.36 -81.06
C GLN C 2764 -40.16 8.76 -80.87
N LEU C 2765 -39.52 8.96 -79.73
CA LEU C 2765 -38.29 8.24 -79.42
C LEU C 2765 -38.21 8.17 -77.91
N VAL C 2766 -38.24 6.96 -77.36
CA VAL C 2766 -38.27 6.75 -75.93
C VAL C 2766 -37.03 6.00 -75.52
N VAL C 2767 -36.37 6.47 -74.47
CA VAL C 2767 -35.20 5.80 -73.94
C VAL C 2767 -35.62 5.02 -72.72
N ALA C 2768 -35.73 3.70 -72.83
CA ALA C 2768 -36.19 2.88 -71.72
C ALA C 2768 -35.05 2.01 -71.21
N GLY C 2769 -35.27 1.37 -70.07
CA GLY C 2769 -34.25 0.51 -69.52
C GLY C 2769 -34.36 0.42 -68.01
N GLY C 2770 -33.23 0.18 -67.37
CA GLY C 2770 -33.20 0.06 -65.92
C GLY C 2770 -31.89 -0.53 -65.46
N LEU C 2771 -31.60 -0.34 -64.17
CA LEU C 2771 -30.36 -0.81 -63.59
C LEU C 2771 -30.59 -1.35 -62.18
N ASP C 2772 -29.59 -2.08 -61.69
CA ASP C 2772 -29.65 -2.73 -60.40
C ASP C 2772 -28.30 -2.68 -59.72
N ASP C 2773 -28.29 -3.12 -58.46
CA ASP C 2773 -27.07 -3.26 -57.69
C ASP C 2773 -27.34 -4.21 -56.53
N LEU C 2774 -26.36 -5.04 -56.21
CA LEU C 2774 -26.36 -5.81 -54.99
C LEU C 2774 -25.49 -5.09 -53.97
N THR C 2775 -25.99 -5.00 -52.74
CA THR C 2775 -25.24 -4.42 -51.64
C THR C 2775 -24.88 -5.50 -50.64
N LEU C 2776 -24.08 -5.11 -49.65
CA LEU C 2776 -23.91 -5.96 -48.48
C LEU C 2776 -25.24 -6.15 -47.76
N GLU C 2777 -26.03 -5.07 -47.66
CA GLU C 2777 -27.39 -5.17 -47.16
C GLU C 2777 -28.25 -6.06 -48.05
N GLY C 2778 -28.04 -5.98 -49.36
CA GLY C 2778 -28.80 -6.82 -50.28
C GLY C 2778 -28.52 -8.29 -50.10
N ILE C 2779 -27.24 -8.67 -50.00
CA ILE C 2779 -26.90 -10.08 -49.85
C ILE C 2779 -27.26 -10.59 -48.46
N ILE C 2780 -27.15 -9.75 -47.42
CA ILE C 2780 -27.53 -10.17 -46.08
C ILE C 2780 -29.04 -10.36 -45.99
N GLY C 2781 -29.81 -9.45 -46.59
CA GLY C 2781 -31.26 -9.59 -46.56
C GLY C 2781 -31.76 -10.75 -47.40
N PHE C 2782 -31.11 -11.01 -48.53
CA PHE C 2782 -31.49 -12.15 -49.35
C PHE C 2782 -31.04 -13.47 -48.72
N GLY C 2783 -29.96 -13.46 -47.95
CA GLY C 2783 -29.58 -14.64 -47.20
C GLY C 2783 -30.52 -14.93 -46.05
N ASP C 2784 -31.03 -13.88 -45.40
CA ASP C 2784 -32.07 -14.07 -44.40
C ASP C 2784 -33.38 -14.52 -45.03
N MET C 2785 -33.65 -14.10 -46.27
CA MET C 2785 -34.87 -14.49 -46.96
C MET C 2785 -34.79 -15.94 -47.45
N ALA C 2786 -33.60 -16.39 -47.85
CA ALA C 2786 -33.28 -17.77 -48.20
C ALA C 2786 -34.09 -18.28 -49.39
N ALA C 2787 -33.94 -17.57 -50.52
CA ALA C 2787 -34.25 -18.12 -51.83
C ALA C 2787 -33.07 -18.02 -52.78
N THR C 2788 -31.89 -17.63 -52.29
CA THR C 2788 -30.69 -17.56 -53.09
C THR C 2788 -29.84 -18.80 -52.86
N ALA C 2789 -28.80 -18.91 -53.67
CA ALA C 2789 -27.93 -20.09 -53.63
C ALA C 2789 -27.01 -20.02 -52.43
N ASP C 2790 -27.16 -20.96 -51.51
CA ASP C 2790 -26.23 -21.05 -50.38
C ASP C 2790 -24.92 -21.65 -50.84
N THR C 2791 -23.83 -20.92 -50.60
CA THR C 2791 -22.51 -21.34 -51.04
C THR C 2791 -22.07 -22.61 -50.33
N SER C 2792 -22.39 -22.74 -49.04
CA SER C 2792 -22.05 -23.95 -48.30
C SER C 2792 -22.82 -25.15 -48.81
N MET C 2793 -24.11 -24.97 -49.14
CA MET C 2793 -24.90 -26.09 -49.66
C MET C 2793 -24.42 -26.52 -51.04
N MET C 2794 -24.10 -25.56 -51.90
CA MET C 2794 -23.67 -25.93 -53.23
C MET C 2794 -22.26 -26.52 -53.24
N CYS C 2795 -21.36 -26.04 -52.37
CA CYS C 2795 -20.08 -26.70 -52.28
C CYS C 2795 -20.16 -28.04 -51.55
N GLY C 2796 -21.19 -28.24 -50.74
CA GLY C 2796 -21.46 -29.59 -50.24
C GLY C 2796 -21.91 -30.52 -51.34
N ARG C 2797 -22.68 -30.00 -52.29
CA ARG C 2797 -23.04 -30.80 -53.45
C ARG C 2797 -21.94 -30.87 -54.50
N GLY C 2798 -20.87 -30.09 -54.35
CA GLY C 2798 -19.74 -30.23 -55.24
C GLY C 2798 -19.96 -29.61 -56.60
N ILE C 2799 -20.29 -28.33 -56.62
CA ILE C 2799 -20.49 -27.56 -57.85
C ILE C 2799 -19.48 -26.43 -57.85
N HIS C 2800 -18.82 -26.22 -59.00
CA HIS C 2800 -17.74 -25.25 -59.09
C HIS C 2800 -18.28 -23.82 -59.03
N ASP C 2801 -17.35 -22.87 -59.16
CA ASP C 2801 -17.68 -21.47 -58.92
C ASP C 2801 -18.51 -20.87 -60.04
N SER C 2802 -18.33 -21.32 -61.27
CA SER C 2802 -18.96 -20.65 -62.38
C SER C 2802 -20.28 -21.29 -62.80
N LYS C 2803 -20.80 -22.23 -62.02
CA LYS C 2803 -21.99 -22.96 -62.44
C LYS C 2803 -23.00 -23.09 -61.31
N PHE C 2804 -23.13 -22.07 -60.47
CA PHE C 2804 -24.19 -22.09 -59.47
C PHE C 2804 -25.55 -21.88 -60.10
N SER C 2805 -25.65 -20.96 -61.04
CA SER C 2805 -26.92 -20.68 -61.71
C SER C 2805 -27.19 -21.78 -62.72
N ARG C 2806 -28.16 -22.63 -62.43
CA ARG C 2806 -28.47 -23.79 -63.27
C ARG C 2806 -29.96 -23.96 -63.46
N PRO C 2807 -30.57 -23.16 -64.32
CA PRO C 2807 -32.01 -23.28 -64.55
C PRO C 2807 -32.33 -24.53 -65.34
N ASN C 2808 -33.48 -25.13 -65.01
CA ASN C 2808 -33.95 -26.41 -65.54
C ASN C 2808 -32.93 -27.51 -65.29
N ASP C 2809 -32.59 -27.70 -64.02
CA ASP C 2809 -31.61 -28.69 -63.61
C ASP C 2809 -32.11 -29.33 -62.34
N ARG C 2810 -31.66 -30.55 -62.07
CA ARG C 2810 -32.20 -31.25 -60.91
C ARG C 2810 -31.54 -30.77 -59.62
N ARG C 2811 -30.34 -30.22 -59.69
CA ARG C 2811 -29.63 -29.77 -58.50
C ARG C 2811 -29.69 -28.27 -58.30
N ARG C 2812 -30.81 -27.63 -58.60
CA ARG C 2812 -30.96 -26.19 -58.44
C ARG C 2812 -31.48 -25.87 -57.05
N LEU C 2813 -30.90 -24.85 -56.41
CA LEU C 2813 -31.35 -24.51 -55.07
C LEU C 2813 -31.30 -22.99 -54.86
N GLY C 2814 -31.76 -22.21 -55.83
CA GLY C 2814 -31.87 -20.78 -55.67
C GLY C 2814 -31.06 -20.03 -56.70
N PHE C 2815 -31.31 -18.71 -56.76
CA PHE C 2815 -30.75 -17.87 -57.81
C PHE C 2815 -29.47 -17.20 -57.38
N VAL C 2816 -28.69 -16.80 -58.37
CA VAL C 2816 -27.45 -16.06 -58.16
C VAL C 2816 -27.71 -14.61 -58.53
N GLU C 2817 -27.33 -13.71 -57.64
CA GLU C 2817 -27.60 -12.30 -57.81
C GLU C 2817 -26.48 -11.65 -58.61
N ALA C 2818 -26.83 -10.74 -59.50
CA ALA C 2818 -25.86 -10.02 -60.30
C ALA C 2818 -26.24 -8.55 -60.34
N GLN C 2819 -25.32 -7.73 -60.81
CA GLN C 2819 -25.51 -6.29 -60.84
C GLN C 2819 -25.30 -5.77 -62.25
N GLY C 2820 -26.15 -4.83 -62.65
CA GLY C 2820 -26.09 -4.31 -63.99
C GLY C 2820 -27.44 -3.96 -64.55
N GLY C 2821 -27.59 -4.06 -65.87
CA GLY C 2821 -28.81 -3.68 -66.55
C GLY C 2821 -28.46 -2.97 -67.85
N GLY C 2822 -29.22 -1.96 -68.23
CA GLY C 2822 -28.86 -1.19 -69.41
C GLY C 2822 -30.01 -0.37 -69.93
N THR C 2823 -29.95 -0.07 -71.22
CA THR C 2823 -30.97 0.75 -71.87
C THR C 2823 -31.24 0.25 -73.28
N ILE C 2824 -32.49 0.41 -73.71
CA ILE C 2824 -32.87 0.19 -75.09
C ILE C 2824 -33.57 1.45 -75.59
N LEU C 2825 -33.61 1.59 -76.91
CA LEU C 2825 -34.09 2.81 -77.53
C LEU C 2825 -35.23 2.47 -78.47
N LEU C 2826 -36.45 2.83 -78.07
CA LEU C 2826 -37.62 2.60 -78.86
C LEU C 2826 -37.86 3.80 -79.75
N ALA C 2827 -38.37 3.58 -80.95
CA ALA C 2827 -38.65 4.67 -81.86
C ALA C 2827 -39.78 4.28 -82.76
N ARG C 2828 -40.45 5.26 -83.32
CA ARG C 2828 -41.55 4.95 -84.23
C ARG C 2828 -40.97 4.69 -85.62
N GLY C 2829 -41.68 3.85 -86.38
CA GLY C 2829 -41.23 3.47 -87.70
C GLY C 2829 -41.10 4.62 -88.68
N ASP C 2830 -41.82 5.71 -88.45
CA ASP C 2830 -41.68 6.88 -89.30
C ASP C 2830 -40.33 7.54 -89.12
N LEU C 2831 -39.88 7.71 -87.87
CA LEU C 2831 -38.51 8.18 -87.63
C LEU C 2831 -37.49 7.19 -88.15
N ALA C 2832 -37.76 5.89 -88.00
CA ALA C 2832 -36.80 4.90 -88.49
C ALA C 2832 -36.63 4.99 -89.99
N LEU C 2833 -37.72 5.21 -90.72
CA LEU C 2833 -37.63 5.35 -92.17
C LEU C 2833 -37.04 6.69 -92.57
N ARG C 2834 -37.40 7.76 -91.87
CA ARG C 2834 -36.99 9.09 -92.30
C ARG C 2834 -35.54 9.36 -91.98
N MET C 2835 -35.02 8.80 -90.89
CA MET C 2835 -33.62 8.96 -90.57
C MET C 2835 -32.76 7.82 -91.08
N GLY C 2836 -33.36 6.70 -91.46
CA GLY C 2836 -32.57 5.54 -91.81
C GLY C 2836 -31.95 4.93 -90.58
N LEU C 2837 -32.73 4.32 -89.74
CA LEU C 2837 -32.10 3.86 -88.52
C LEU C 2837 -32.01 2.34 -88.49
N PRO C 2838 -31.00 1.79 -87.83
CA PRO C 2838 -30.87 0.33 -87.78
C PRO C 2838 -31.94 -0.27 -86.89
N VAL C 2839 -32.95 -0.87 -87.51
CA VAL C 2839 -33.98 -1.56 -86.75
C VAL C 2839 -33.42 -2.90 -86.30
N LEU C 2840 -33.43 -3.14 -84.99
CA LEU C 2840 -32.95 -4.41 -84.47
C LEU C 2840 -34.06 -5.43 -84.28
N ALA C 2841 -35.28 -4.97 -84.01
CA ALA C 2841 -36.44 -5.85 -83.88
C ALA C 2841 -37.67 -5.01 -84.08
N VAL C 2842 -38.82 -5.66 -84.17
CA VAL C 2842 -40.10 -4.99 -84.25
C VAL C 2842 -40.94 -5.46 -83.08
N VAL C 2843 -41.33 -4.54 -82.21
CA VAL C 2843 -42.09 -4.91 -81.03
C VAL C 2843 -43.55 -5.08 -81.41
N ALA C 2844 -44.07 -6.29 -81.24
CA ALA C 2844 -45.43 -6.58 -81.62
C ALA C 2844 -46.39 -6.53 -80.45
N PHE C 2845 -45.91 -6.74 -79.23
CA PHE C 2845 -46.79 -6.85 -78.08
C PHE C 2845 -45.96 -6.67 -76.83
N ALA C 2846 -46.38 -5.77 -75.96
CA ALA C 2846 -45.74 -5.57 -74.67
C ALA C 2846 -46.81 -5.29 -73.65
N GLN C 2847 -46.75 -5.97 -72.51
CA GLN C 2847 -47.88 -6.01 -71.61
C GLN C 2847 -47.41 -6.48 -70.24
N SER C 2848 -48.00 -5.92 -69.19
CA SER C 2848 -47.75 -6.38 -67.84
C SER C 2848 -49.05 -6.88 -67.23
N PHE C 2849 -48.90 -7.61 -66.11
CA PHE C 2849 -50.03 -8.28 -65.48
C PHE C 2849 -49.80 -8.37 -63.98
N GLY C 2850 -50.92 -8.51 -63.25
CA GLY C 2850 -50.89 -8.92 -61.87
C GLY C 2850 -51.18 -10.41 -61.75
N ASP C 2851 -51.40 -10.83 -60.50
CA ASP C 2851 -51.62 -12.26 -60.25
C ASP C 2851 -52.90 -12.57 -59.50
N GLY C 2852 -53.44 -11.64 -58.73
CA GLY C 2852 -54.69 -11.86 -58.03
C GLY C 2852 -54.47 -12.29 -56.59
N VAL C 2853 -55.56 -12.80 -55.99
CA VAL C 2853 -55.56 -13.14 -54.57
C VAL C 2853 -54.74 -14.41 -54.35
N HIS C 2854 -53.64 -14.26 -53.60
CA HIS C 2854 -52.85 -15.38 -53.07
C HIS C 2854 -52.29 -14.88 -51.73
N THR C 2855 -53.02 -15.17 -50.65
CA THR C 2855 -52.58 -14.73 -49.32
C THR C 2855 -51.34 -15.50 -48.89
N SER C 2856 -51.27 -16.78 -49.22
CA SER C 2856 -50.06 -17.58 -48.99
C SER C 2856 -49.02 -17.18 -50.03
N ILE C 2857 -47.99 -16.46 -49.59
CA ILE C 2857 -46.90 -16.01 -50.46
C ILE C 2857 -46.01 -17.09 -51.11
N PRO C 2858 -45.87 -18.34 -50.64
CA PRO C 2858 -45.19 -19.32 -51.51
C PRO C 2858 -46.05 -19.84 -52.66
N ALA C 2859 -47.29 -19.39 -52.81
CA ALA C 2859 -48.08 -19.73 -53.99
C ALA C 2859 -47.69 -18.77 -55.11
N PRO C 2860 -47.16 -19.26 -56.23
CA PRO C 2860 -46.63 -18.38 -57.27
C PRO C 2860 -47.73 -17.93 -58.24
N GLY C 2861 -47.35 -17.01 -59.12
CA GLY C 2861 -48.29 -16.42 -60.05
C GLY C 2861 -48.34 -17.13 -61.39
N LEU C 2862 -49.51 -17.06 -62.02
CA LEU C 2862 -49.73 -17.69 -63.31
C LEU C 2862 -50.50 -16.82 -64.28
N GLY C 2863 -51.08 -15.71 -63.83
CA GLY C 2863 -52.02 -14.95 -64.63
C GLY C 2863 -51.47 -14.08 -65.75
N ALA C 2864 -50.32 -14.42 -66.30
CA ALA C 2864 -49.82 -13.75 -67.48
C ALA C 2864 -50.36 -14.34 -68.77
N LEU C 2865 -51.28 -15.30 -68.68
CA LEU C 2865 -51.90 -15.89 -69.85
C LEU C 2865 -53.14 -15.12 -70.28
N GLY C 2866 -53.42 -13.97 -69.66
CA GLY C 2866 -54.52 -13.15 -70.11
C GLY C 2866 -54.29 -12.50 -71.46
N ALA C 2867 -53.04 -12.52 -71.94
CA ALA C 2867 -52.75 -12.10 -73.30
C ALA C 2867 -53.29 -13.06 -74.33
N GLY C 2868 -53.63 -14.28 -73.94
CA GLY C 2868 -54.13 -15.27 -74.88
C GLY C 2868 -55.53 -15.73 -74.61
N ARG C 2869 -56.44 -14.82 -74.27
CA ARG C 2869 -57.84 -15.19 -74.12
C ARG C 2869 -58.57 -15.01 -75.45
N GLY C 2870 -59.24 -16.06 -75.90
CA GLY C 2870 -60.02 -16.01 -77.13
C GLY C 2870 -59.39 -16.75 -78.27
N GLY C 2871 -58.20 -17.32 -78.10
CA GLY C 2871 -57.55 -18.04 -79.16
C GLY C 2871 -57.04 -17.11 -80.24
N LYS C 2872 -57.60 -17.21 -81.44
CA LYS C 2872 -57.20 -16.31 -82.51
C LYS C 2872 -57.77 -14.91 -82.33
N ASP C 2873 -58.73 -14.71 -81.45
CA ASP C 2873 -59.25 -13.39 -81.18
C ASP C 2873 -58.46 -12.66 -80.08
N SER C 2874 -57.44 -13.30 -79.53
CA SER C 2874 -56.64 -12.68 -78.50
C SER C 2874 -55.80 -11.55 -79.10
N PRO C 2875 -55.47 -10.53 -78.30
CA PRO C 2875 -54.69 -9.41 -78.84
C PRO C 2875 -53.27 -9.79 -79.23
N LEU C 2876 -52.66 -10.76 -78.56
CA LEU C 2876 -51.34 -11.25 -78.94
C LEU C 2876 -51.35 -11.87 -80.33
N ALA C 2877 -52.29 -12.80 -80.55
CA ALA C 2877 -52.40 -13.42 -81.86
C ALA C 2877 -52.81 -12.42 -82.92
N ARG C 2878 -53.61 -11.43 -82.55
CA ARG C 2878 -54.04 -10.44 -83.53
C ARG C 2878 -52.89 -9.53 -83.95
N ALA C 2879 -52.03 -9.16 -83.00
CA ALA C 2879 -50.86 -8.35 -83.35
C ALA C 2879 -49.86 -9.12 -84.19
N LEU C 2880 -49.63 -10.39 -83.85
CA LEU C 2880 -48.74 -11.21 -84.67
C LEU C 2880 -49.31 -11.44 -86.06
N ALA C 2881 -50.64 -11.57 -86.18
CA ALA C 2881 -51.23 -11.72 -87.49
C ALA C 2881 -51.20 -10.43 -88.29
N LYS C 2882 -51.24 -9.27 -87.62
CA LYS C 2882 -51.03 -8.02 -88.31
C LYS C 2882 -49.63 -7.94 -88.90
N LEU C 2883 -48.64 -8.39 -88.14
CA LEU C 2883 -47.30 -8.42 -88.71
C LEU C 2883 -47.06 -9.62 -89.63
N GLY C 2884 -48.01 -10.54 -89.75
CA GLY C 2884 -47.83 -11.63 -90.66
C GLY C 2884 -47.01 -12.75 -90.06
N VAL C 2885 -47.27 -13.03 -88.80
CA VAL C 2885 -46.59 -14.08 -88.06
C VAL C 2885 -47.66 -15.03 -87.55
N ALA C 2886 -47.67 -16.25 -88.06
CA ALA C 2886 -48.66 -17.22 -87.65
C ALA C 2886 -48.31 -17.79 -86.28
N ALA C 2887 -49.13 -18.72 -85.79
CA ALA C 2887 -48.93 -19.26 -84.45
C ALA C 2887 -47.71 -20.16 -84.39
N ASP C 2888 -47.45 -20.92 -85.45
CA ASP C 2888 -46.30 -21.82 -85.47
C ASP C 2888 -44.99 -21.10 -85.73
N ASP C 2889 -45.02 -19.82 -86.09
CA ASP C 2889 -43.80 -19.11 -86.45
C ASP C 2889 -43.03 -18.62 -85.25
N VAL C 2890 -43.66 -18.57 -84.08
CA VAL C 2890 -42.97 -18.27 -82.83
C VAL C 2890 -42.02 -19.42 -82.55
N ALA C 2891 -40.72 -19.13 -82.52
CA ALA C 2891 -39.71 -20.18 -82.51
C ALA C 2891 -38.95 -20.26 -81.20
N VAL C 2892 -38.61 -19.14 -80.59
CA VAL C 2892 -37.69 -19.11 -79.48
C VAL C 2892 -38.32 -18.43 -78.28
N ILE C 2893 -38.22 -19.07 -77.12
CA ILE C 2893 -38.74 -18.55 -75.87
C ILE C 2893 -37.54 -18.24 -74.98
N SER C 2894 -37.35 -16.96 -74.68
CA SER C 2894 -36.28 -16.58 -73.78
C SER C 2894 -36.88 -16.52 -72.39
N LYS C 2895 -36.86 -17.64 -71.69
CA LYS C 2895 -37.62 -17.79 -70.45
C LYS C 2895 -37.00 -16.98 -69.32
N HIS C 2896 -37.77 -16.83 -68.24
CA HIS C 2896 -37.30 -16.10 -67.08
C HIS C 2896 -36.26 -16.91 -66.33
N ASP C 2897 -36.66 -18.06 -65.77
CA ASP C 2897 -35.80 -19.17 -65.32
C ASP C 2897 -34.68 -18.73 -64.38
N THR C 2898 -35.07 -18.31 -63.20
CA THR C 2898 -34.07 -17.85 -62.24
C THR C 2898 -33.31 -18.97 -61.56
N SER C 2899 -33.56 -20.24 -61.90
CA SER C 2899 -32.94 -21.41 -61.25
C SER C 2899 -33.29 -21.52 -59.78
N THR C 2900 -34.57 -21.38 -59.48
CA THR C 2900 -35.10 -21.75 -58.17
C THR C 2900 -35.94 -23.01 -58.31
N LEU C 2901 -36.33 -23.58 -57.17
CA LEU C 2901 -37.15 -24.77 -57.20
C LEU C 2901 -38.58 -24.48 -57.61
N ALA C 2902 -39.01 -23.23 -57.53
CA ALA C 2902 -40.42 -22.91 -57.76
C ALA C 2902 -40.69 -22.46 -59.18
N ASN C 2903 -39.93 -21.48 -59.68
CA ASN C 2903 -40.41 -20.77 -60.86
C ASN C 2903 -40.06 -21.45 -62.17
N ASP C 2904 -39.42 -22.60 -62.17
CA ASP C 2904 -39.20 -23.25 -63.46
C ASP C 2904 -40.39 -24.07 -63.98
N PRO C 2905 -40.98 -25.03 -63.23
CA PRO C 2905 -42.04 -25.83 -63.86
C PRO C 2905 -43.35 -25.09 -64.06
N ASN C 2906 -43.67 -24.10 -63.23
CA ASN C 2906 -44.89 -23.34 -63.46
C ASN C 2906 -44.75 -22.41 -64.64
N GLU C 2907 -43.56 -21.87 -64.89
CA GLU C 2907 -43.36 -21.06 -66.09
C GLU C 2907 -43.37 -21.93 -67.34
N THR C 2908 -42.86 -23.16 -67.24
CA THR C 2908 -43.06 -24.14 -68.30
C THR C 2908 -44.54 -24.38 -68.56
N GLU C 2909 -45.33 -24.50 -67.49
CA GLU C 2909 -46.78 -24.64 -67.62
C GLU C 2909 -47.41 -23.41 -68.27
N LEU C 2910 -46.88 -22.23 -67.96
CA LEU C 2910 -47.44 -20.99 -68.48
C LEU C 2910 -47.23 -20.88 -69.98
N HIS C 2911 -46.02 -21.19 -70.44
CA HIS C 2911 -45.78 -21.14 -71.88
C HIS C 2911 -46.48 -22.27 -72.60
N GLU C 2912 -46.70 -23.41 -71.94
CA GLU C 2912 -47.52 -24.46 -72.53
C GLU C 2912 -48.96 -24.00 -72.71
N ARG C 2913 -49.50 -23.29 -71.71
CA ARG C 2913 -50.86 -22.78 -71.81
C ARG C 2913 -51.00 -21.70 -72.87
N LEU C 2914 -50.00 -20.82 -72.98
CA LEU C 2914 -50.04 -19.83 -74.07
C LEU C 2914 -49.92 -20.48 -75.44
N ALA C 2915 -49.14 -21.56 -75.56
CA ALA C 2915 -48.99 -22.21 -76.85
C ALA C 2915 -50.29 -22.87 -77.28
N ASP C 2916 -50.92 -23.66 -76.41
CA ASP C 2916 -52.16 -24.26 -76.87
C ASP C 2916 -53.35 -23.34 -76.72
N ALA C 2917 -53.18 -22.12 -76.19
CA ALA C 2917 -54.22 -21.10 -76.33
C ALA C 2917 -54.11 -20.38 -77.65
N LEU C 2918 -52.89 -20.10 -78.12
CA LEU C 2918 -52.72 -19.53 -79.45
C LEU C 2918 -52.97 -20.57 -80.55
N GLY C 2919 -53.03 -21.84 -80.20
CA GLY C 2919 -53.38 -22.82 -81.20
C GLY C 2919 -52.15 -23.26 -81.95
N ARG C 2920 -51.13 -23.62 -81.20
CA ARG C 2920 -49.91 -24.16 -81.75
C ARG C 2920 -50.19 -25.54 -82.32
N SER C 2921 -49.62 -25.82 -83.49
CA SER C 2921 -49.74 -27.16 -84.06
C SER C 2921 -48.99 -28.15 -83.19
N GLU C 2922 -49.48 -29.38 -83.15
CA GLU C 2922 -49.02 -30.34 -82.16
C GLU C 2922 -47.62 -30.80 -82.48
N GLY C 2923 -46.69 -30.57 -81.57
CA GLY C 2923 -45.33 -30.99 -81.80
C GLY C 2923 -44.48 -30.02 -82.57
N ALA C 2924 -44.82 -28.77 -82.57
CA ALA C 2924 -43.83 -27.85 -83.12
C ALA C 2924 -42.89 -27.40 -82.02
N PRO C 2925 -41.59 -27.39 -82.27
CA PRO C 2925 -40.62 -27.14 -81.21
C PRO C 2925 -40.48 -25.67 -80.85
N LEU C 2926 -40.15 -25.44 -79.59
CA LEU C 2926 -39.80 -24.14 -79.06
C LEU C 2926 -38.41 -24.20 -78.47
N PHE C 2927 -37.50 -23.40 -79.00
CA PHE C 2927 -36.13 -23.39 -78.50
C PHE C 2927 -36.11 -22.63 -77.17
N VAL C 2928 -35.75 -23.31 -76.09
CA VAL C 2928 -35.71 -22.64 -74.80
C VAL C 2928 -34.34 -21.99 -74.63
N VAL C 2929 -34.33 -20.67 -74.51
CA VAL C 2929 -33.10 -19.94 -74.23
C VAL C 2929 -33.22 -19.34 -72.84
N SER C 2930 -32.18 -19.50 -72.03
CA SER C 2930 -32.18 -19.06 -70.65
C SER C 2930 -30.76 -18.64 -70.29
N GLN C 2931 -30.47 -17.36 -70.40
CA GLN C 2931 -29.11 -16.90 -70.17
C GLN C 2931 -28.88 -16.41 -68.77
N LYS C 2932 -29.80 -16.68 -67.84
CA LYS C 2932 -29.54 -16.40 -66.45
C LYS C 2932 -28.47 -17.31 -65.89
N SER C 2933 -28.31 -18.49 -66.48
CA SER C 2933 -27.16 -19.34 -66.20
C SER C 2933 -25.86 -18.66 -66.54
N LEU C 2934 -25.88 -17.81 -67.53
CA LEU C 2934 -24.67 -17.11 -67.96
C LEU C 2934 -24.42 -15.86 -67.13
N THR C 2935 -25.41 -14.98 -67.03
CA THR C 2935 -25.22 -13.72 -66.31
C THR C 2935 -25.53 -13.87 -64.82
N GLY C 2936 -26.75 -14.22 -64.51
CA GLY C 2936 -27.25 -14.13 -63.15
C GLY C 2936 -28.49 -13.27 -63.08
N HIS C 2937 -29.11 -13.29 -61.91
CA HIS C 2937 -30.39 -12.62 -61.74
C HIS C 2937 -30.14 -11.19 -61.27
N ALA C 2938 -29.75 -10.33 -62.20
CA ALA C 2938 -29.90 -8.90 -61.98
C ALA C 2938 -31.37 -8.61 -61.89
N LYS C 2939 -31.79 -7.87 -60.87
CA LYS C 2939 -33.17 -8.00 -60.41
C LYS C 2939 -34.13 -7.28 -61.35
N GLY C 2940 -34.09 -5.95 -61.36
CA GLY C 2940 -34.94 -5.18 -62.25
C GLY C 2940 -34.32 -4.84 -63.57
N GLY C 2941 -33.07 -5.22 -63.79
CA GLY C 2941 -32.45 -4.99 -65.07
C GLY C 2941 -32.19 -6.27 -65.83
N ALA C 2942 -33.14 -7.20 -65.80
CA ALA C 2942 -32.96 -8.46 -66.50
C ALA C 2942 -33.60 -8.44 -67.87
N ALA C 2943 -34.66 -7.67 -68.03
CA ALA C 2943 -35.36 -7.64 -69.32
C ALA C 2943 -34.52 -6.98 -70.39
N VAL C 2944 -33.61 -6.09 -70.02
CA VAL C 2944 -32.70 -5.53 -71.01
C VAL C 2944 -31.67 -6.56 -71.45
N PHE C 2945 -31.21 -7.43 -70.54
CA PHE C 2945 -30.38 -8.57 -70.93
C PHE C 2945 -31.13 -9.49 -71.88
N GLN C 2946 -32.39 -9.76 -71.58
CA GLN C 2946 -33.16 -10.68 -72.42
C GLN C 2946 -33.44 -10.09 -73.78
N MET C 2947 -33.71 -8.78 -73.86
CA MET C 2947 -34.00 -8.18 -75.16
C MET C 2947 -32.76 -8.07 -76.02
N MET C 2948 -31.61 -7.74 -75.42
CA MET C 2948 -30.40 -7.72 -76.23
C MET C 2948 -30.01 -9.12 -76.69
N GLY C 2949 -30.23 -10.12 -75.84
CA GLY C 2949 -29.99 -11.49 -76.25
C GLY C 2949 -30.91 -11.96 -77.35
N LEU C 2950 -32.20 -11.63 -77.27
CA LEU C 2950 -33.12 -12.10 -78.28
C LEU C 2950 -32.98 -11.34 -79.59
N CYS C 2951 -32.64 -10.05 -79.55
CA CYS C 2951 -32.32 -9.33 -80.77
C CYS C 2951 -31.10 -9.92 -81.46
N GLN C 2952 -30.07 -10.27 -80.68
CA GLN C 2952 -28.89 -10.84 -81.30
C GLN C 2952 -29.12 -12.25 -81.81
N ILE C 2953 -29.99 -13.02 -81.15
CA ILE C 2953 -30.36 -14.33 -81.68
C ILE C 2953 -31.10 -14.21 -83.00
N LEU C 2954 -32.07 -13.28 -83.08
CA LEU C 2954 -32.79 -13.09 -84.34
C LEU C 2954 -31.90 -12.52 -85.43
N ARG C 2955 -30.83 -11.81 -85.07
CA ARG C 2955 -29.86 -11.39 -86.08
C ARG C 2955 -29.09 -12.58 -86.61
N ASP C 2956 -28.39 -13.31 -85.75
CA ASP C 2956 -27.37 -14.24 -86.21
C ASP C 2956 -27.90 -15.62 -86.52
N GLY C 2957 -29.02 -16.02 -85.97
CA GLY C 2957 -29.53 -17.34 -86.21
C GLY C 2957 -29.06 -18.38 -85.23
N VAL C 2958 -28.01 -18.13 -84.47
CA VAL C 2958 -27.50 -19.14 -83.56
C VAL C 2958 -28.43 -19.27 -82.36
N ILE C 2959 -28.30 -20.39 -81.66
CA ILE C 2959 -29.02 -20.63 -80.41
C ILE C 2959 -27.96 -20.94 -79.35
N PRO C 2960 -27.90 -20.20 -78.26
CA PRO C 2960 -26.85 -20.41 -77.29
C PRO C 2960 -27.14 -21.64 -76.44
N PRO C 2961 -26.13 -22.23 -75.82
CA PRO C 2961 -26.36 -23.38 -74.97
C PRO C 2961 -26.55 -22.98 -73.51
N ASN C 2962 -27.11 -23.92 -72.75
CA ASN C 2962 -27.20 -23.80 -71.30
C ASN C 2962 -26.06 -24.63 -70.74
N ARG C 2963 -24.92 -24.00 -70.55
CA ARG C 2963 -23.70 -24.73 -70.23
C ARG C 2963 -23.66 -25.23 -68.80
N SER C 2964 -24.55 -24.78 -67.93
CA SER C 2964 -24.57 -25.23 -66.55
C SER C 2964 -25.71 -26.21 -66.31
N LEU C 2965 -26.16 -26.90 -67.34
CA LEU C 2965 -27.20 -27.91 -67.22
C LEU C 2965 -26.55 -29.27 -67.36
N ASP C 2966 -26.92 -30.20 -66.47
CA ASP C 2966 -26.48 -31.58 -66.57
C ASP C 2966 -27.65 -32.52 -66.80
N CYS C 2967 -28.64 -32.50 -65.93
CA CYS C 2967 -29.80 -33.37 -66.03
C CYS C 2967 -31.05 -32.51 -65.96
N VAL C 2968 -31.91 -32.60 -66.97
CA VAL C 2968 -33.16 -31.87 -66.94
C VAL C 2968 -34.05 -32.47 -65.86
N ASP C 2969 -34.72 -31.61 -65.11
CA ASP C 2969 -35.59 -32.04 -64.03
C ASP C 2969 -36.76 -32.84 -64.58
N ASP C 2970 -37.31 -33.71 -63.74
CA ASP C 2970 -38.21 -34.75 -64.23
C ASP C 2970 -39.57 -34.20 -64.58
N GLU C 2971 -40.14 -33.36 -63.72
CA GLU C 2971 -41.52 -32.91 -63.91
C GLU C 2971 -41.67 -31.89 -65.04
N LEU C 2972 -40.60 -31.47 -65.68
CA LEU C 2972 -40.70 -30.71 -66.92
C LEU C 2972 -41.10 -31.60 -68.10
N ALA C 2973 -40.98 -32.92 -67.95
CA ALA C 2973 -41.15 -33.87 -69.05
C ALA C 2973 -42.56 -33.91 -69.62
N GLY C 2974 -43.55 -33.32 -68.94
CA GLY C 2974 -44.87 -33.24 -69.51
C GLY C 2974 -45.01 -32.21 -70.61
N SER C 2975 -44.03 -31.31 -70.75
CA SER C 2975 -44.13 -30.25 -71.75
C SER C 2975 -43.95 -30.82 -73.13
N ALA C 2976 -44.97 -30.66 -73.97
CA ALA C 2976 -45.00 -31.31 -75.27
C ALA C 2976 -44.31 -30.52 -76.38
N HIS C 2977 -43.69 -29.39 -76.04
CA HIS C 2977 -43.21 -28.47 -77.07
C HIS C 2977 -41.77 -28.01 -76.92
N PHE C 2978 -41.18 -28.07 -75.74
CA PHE C 2978 -39.90 -27.43 -75.53
C PHE C 2978 -38.74 -28.25 -76.08
N VAL C 2979 -37.65 -27.55 -76.40
CA VAL C 2979 -36.38 -28.14 -76.78
C VAL C 2979 -35.33 -27.45 -75.93
N TRP C 2980 -34.72 -28.20 -75.01
CA TRP C 2980 -33.66 -27.68 -74.16
C TRP C 2980 -32.34 -27.92 -74.85
N VAL C 2981 -31.61 -26.87 -75.13
CA VAL C 2981 -30.47 -26.92 -76.02
C VAL C 2981 -29.20 -26.94 -75.18
N ARG C 2982 -28.22 -27.73 -75.60
CA ARG C 2982 -26.97 -27.87 -74.88
C ARG C 2982 -25.74 -27.53 -75.71
N ASP C 2983 -25.90 -27.26 -77.00
CA ASP C 2983 -24.80 -26.96 -77.90
C ASP C 2983 -25.24 -25.90 -78.90
N THR C 2984 -24.27 -25.14 -79.41
CA THR C 2984 -24.59 -23.97 -80.23
C THR C 2984 -25.13 -24.41 -81.59
N LEU C 2985 -26.44 -24.39 -81.73
CA LEU C 2985 -27.09 -24.73 -82.99
C LEU C 2985 -26.90 -23.55 -83.93
N ARG C 2986 -26.20 -23.78 -85.03
CA ARG C 2986 -25.94 -22.70 -85.98
C ARG C 2986 -26.93 -22.82 -87.13
N LEU C 2987 -28.01 -22.04 -87.04
CA LEU C 2987 -29.09 -22.06 -88.01
C LEU C 2987 -28.79 -21.00 -89.06
N GLY C 2988 -28.29 -21.42 -90.21
CA GLY C 2988 -27.97 -20.46 -91.23
C GLY C 2988 -29.20 -20.22 -92.08
N GLY C 2989 -29.16 -20.63 -93.34
CA GLY C 2989 -30.36 -20.64 -94.16
C GLY C 2989 -31.08 -21.97 -94.07
N LYS C 2990 -30.90 -22.67 -92.96
CA LYS C 2990 -31.46 -24.00 -92.79
C LYS C 2990 -32.79 -23.98 -92.03
N PHE C 2991 -32.97 -23.02 -91.14
CA PHE C 2991 -34.17 -22.94 -90.33
C PHE C 2991 -34.35 -21.50 -89.90
N PRO C 2992 -35.20 -20.74 -90.57
CA PRO C 2992 -35.30 -19.31 -90.27
C PRO C 2992 -36.11 -19.03 -89.02
N LEU C 2993 -35.64 -18.07 -88.24
CA LEU C 2993 -36.30 -17.65 -87.01
C LEU C 2993 -37.07 -16.37 -87.29
N LYS C 2994 -38.34 -16.33 -86.89
CA LYS C 2994 -39.19 -15.20 -87.24
C LYS C 2994 -39.78 -14.46 -86.06
N ALA C 2995 -39.78 -15.02 -84.86
CA ALA C 2995 -40.36 -14.35 -83.71
C ALA C 2995 -39.70 -14.84 -82.45
N GLY C 2996 -40.04 -14.20 -81.34
CA GLY C 2996 -39.49 -14.60 -80.05
C GLY C 2996 -40.33 -14.03 -78.94
N MET C 2997 -40.32 -14.72 -77.81
CA MET C 2997 -41.17 -14.33 -76.70
C MET C 2997 -40.36 -14.21 -75.43
N LEU C 2998 -40.47 -13.10 -74.72
CA LEU C 2998 -39.88 -13.01 -73.40
C LEU C 2998 -40.94 -13.25 -72.35
N THR C 2999 -40.51 -13.52 -71.13
CA THR C 2999 -41.31 -13.29 -69.94
C THR C 2999 -40.44 -12.68 -68.86
N SER C 3000 -41.10 -12.02 -67.93
CA SER C 3000 -40.42 -11.60 -66.71
C SER C 3000 -41.45 -11.71 -65.60
N LEU C 3001 -41.24 -12.66 -64.69
CA LEU C 3001 -42.12 -12.84 -63.54
C LEU C 3001 -41.47 -12.13 -62.37
N GLY C 3002 -41.81 -10.85 -62.20
CA GLY C 3002 -41.10 -10.00 -61.27
C GLY C 3002 -41.42 -10.26 -59.81
N PHE C 3003 -40.79 -9.46 -58.95
CA PHE C 3003 -41.02 -9.56 -57.51
C PHE C 3003 -42.40 -9.04 -57.14
N GLY C 3004 -43.13 -9.85 -56.39
CA GLY C 3004 -44.37 -9.41 -55.76
C GLY C 3004 -45.49 -9.15 -56.73
N HIS C 3005 -45.98 -10.23 -57.35
CA HIS C 3005 -47.24 -10.26 -58.11
C HIS C 3005 -47.20 -9.29 -59.31
N VAL C 3006 -46.24 -9.51 -60.18
CA VAL C 3006 -46.16 -8.75 -61.43
C VAL C 3006 -45.54 -9.66 -62.49
N SER C 3007 -46.08 -9.59 -63.70
CA SER C 3007 -45.64 -10.41 -64.83
C SER C 3007 -45.53 -9.53 -66.05
N GLY C 3008 -44.72 -9.94 -67.01
CA GLY C 3008 -44.61 -9.17 -68.23
C GLY C 3008 -44.26 -9.96 -69.46
N LEU C 3009 -45.06 -9.83 -70.50
CA LEU C 3009 -44.80 -10.41 -71.81
C LEU C 3009 -44.35 -9.33 -72.79
N VAL C 3010 -43.45 -9.72 -73.69
CA VAL C 3010 -43.11 -8.91 -74.84
C VAL C 3010 -42.63 -9.82 -75.97
N ALA C 3011 -43.28 -9.70 -77.12
CA ALA C 3011 -42.89 -10.41 -78.32
C ALA C 3011 -41.94 -9.55 -79.14
N LEU C 3012 -41.17 -10.21 -80.00
CA LEU C 3012 -40.27 -9.52 -80.90
C LEU C 3012 -40.29 -10.24 -82.24
N VAL C 3013 -40.23 -9.47 -83.32
CA VAL C 3013 -40.29 -9.99 -84.68
C VAL C 3013 -39.03 -9.52 -85.41
N HIS C 3014 -38.51 -10.37 -86.30
CA HIS C 3014 -37.32 -10.09 -87.10
C HIS C 3014 -37.48 -8.80 -87.89
N PRO C 3015 -36.40 -8.04 -88.11
CA PRO C 3015 -36.52 -6.71 -88.77
C PRO C 3015 -36.96 -6.75 -90.23
N GLN C 3016 -37.09 -7.93 -90.82
CA GLN C 3016 -37.59 -7.94 -92.18
C GLN C 3016 -39.09 -7.67 -92.23
N ALA C 3017 -39.78 -7.70 -91.09
CA ALA C 3017 -41.14 -7.16 -91.05
C ALA C 3017 -41.14 -5.67 -91.34
N PHE C 3018 -40.19 -4.95 -90.74
CA PHE C 3018 -40.06 -3.53 -91.05
C PHE C 3018 -39.63 -3.32 -92.48
N ILE C 3019 -38.74 -4.19 -92.99
CA ILE C 3019 -38.32 -4.03 -94.38
C ILE C 3019 -39.43 -4.42 -95.36
N ALA C 3020 -40.36 -5.28 -94.94
CA ALA C 3020 -41.45 -5.69 -95.79
C ALA C 3020 -42.65 -4.75 -95.71
N SER C 3021 -42.69 -3.87 -94.70
CA SER C 3021 -43.80 -2.92 -94.63
C SER C 3021 -43.72 -1.86 -95.72
N LEU C 3022 -42.53 -1.42 -96.10
CA LEU C 3022 -42.41 -0.23 -96.92
C LEU C 3022 -42.27 -0.59 -98.40
N ASP C 3023 -42.13 0.46 -99.20
CA ASP C 3023 -42.18 0.37 -100.65
C ASP C 3023 -40.81 0.09 -101.27
N PRO C 3024 -40.76 -0.64 -102.39
CA PRO C 3024 -39.51 -1.27 -102.82
C PRO C 3024 -38.45 -0.35 -103.43
N ALA C 3025 -38.55 0.97 -103.33
CA ALA C 3025 -37.38 1.79 -103.62
C ALA C 3025 -36.77 2.36 -102.35
N GLN C 3026 -37.66 2.78 -101.45
CA GLN C 3026 -37.25 3.25 -100.15
C GLN C 3026 -36.62 2.15 -99.33
N ARG C 3027 -36.96 0.87 -99.60
CA ARG C 3027 -36.29 -0.19 -98.86
C ARG C 3027 -34.82 -0.33 -99.25
N ALA C 3028 -34.49 -0.10 -100.52
CA ALA C 3028 -33.09 -0.18 -100.93
C ALA C 3028 -32.28 0.98 -100.37
N ASP C 3029 -32.84 2.19 -100.45
CA ASP C 3029 -32.13 3.34 -99.89
C ASP C 3029 -32.01 3.25 -98.37
N TYR C 3030 -33.03 2.69 -97.72
CA TYR C 3030 -33.00 2.49 -96.28
C TYR C 3030 -31.91 1.52 -95.87
N GLN C 3031 -31.77 0.41 -96.61
CA GLN C 3031 -30.73 -0.56 -96.26
C GLN C 3031 -29.34 0.03 -96.44
N ARG C 3032 -29.15 0.87 -97.47
CA ARG C 3032 -27.88 1.57 -97.63
C ARG C 3032 -27.55 2.43 -96.41
N ARG C 3033 -28.49 3.29 -96.00
CA ARG C 3033 -28.21 4.23 -94.94
C ARG C 3033 -28.04 3.53 -93.59
N ALA C 3034 -28.81 2.48 -93.34
CA ALA C 3034 -28.71 1.80 -92.05
C ALA C 3034 -27.42 1.01 -91.93
N ASP C 3035 -26.98 0.35 -93.01
CA ASP C 3035 -25.70 -0.35 -92.95
C ASP C 3035 -24.55 0.62 -92.78
N ALA C 3036 -24.65 1.80 -93.40
CA ALA C 3036 -23.63 2.83 -93.23
C ALA C 3036 -23.55 3.30 -91.79
N ARG C 3037 -24.69 3.46 -91.13
CA ARG C 3037 -24.66 3.96 -89.76
C ARG C 3037 -24.14 2.91 -88.79
N LEU C 3038 -24.46 1.63 -89.01
CA LEU C 3038 -23.90 0.58 -88.14
C LEU C 3038 -22.38 0.47 -88.28
N LEU C 3039 -21.89 0.50 -89.52
CA LEU C 3039 -20.45 0.43 -89.76
C LEU C 3039 -19.74 1.64 -89.16
N ALA C 3040 -20.32 2.83 -89.32
CA ALA C 3040 -19.72 4.04 -88.76
C ALA C 3040 -19.69 3.99 -87.24
N GLY C 3041 -20.72 3.41 -86.62
CA GLY C 3041 -20.71 3.29 -85.17
C GLY C 3041 -19.61 2.38 -84.66
N GLN C 3042 -19.43 1.22 -85.28
CA GLN C 3042 -18.39 0.36 -84.72
C GLN C 3042 -16.99 0.82 -85.09
N ARG C 3043 -16.80 1.50 -86.22
CA ARG C 3043 -15.46 2.00 -86.42
C ARG C 3043 -15.20 3.28 -85.64
N ARG C 3044 -16.24 3.96 -85.17
CA ARG C 3044 -16.01 5.03 -84.20
C ARG C 3044 -15.60 4.46 -82.85
N LEU C 3045 -16.18 3.31 -82.47
CA LEU C 3045 -15.69 2.62 -81.28
C LEU C 3045 -14.25 2.16 -81.45
N ALA C 3046 -13.86 1.76 -82.66
CA ALA C 3046 -12.47 1.37 -82.89
C ALA C 3046 -11.52 2.57 -82.82
N SER C 3047 -11.98 3.74 -83.28
CA SER C 3047 -11.16 4.94 -83.15
C SER C 3047 -11.01 5.34 -81.69
N ALA C 3048 -12.07 5.19 -80.90
CA ALA C 3048 -11.97 5.48 -79.48
C ALA C 3048 -11.15 4.44 -78.75
N ILE C 3049 -11.13 3.22 -79.24
CA ILE C 3049 -10.37 2.18 -78.55
C ILE C 3049 -8.89 2.37 -78.84
N ALA C 3050 -8.55 2.92 -80.02
CA ALA C 3050 -7.13 3.06 -80.31
C ALA C 3050 -6.62 4.45 -80.02
N GLY C 3051 -7.07 5.43 -80.78
CA GLY C 3051 -6.37 6.70 -80.76
C GLY C 3051 -6.77 7.62 -79.63
N GLY C 3052 -8.02 8.04 -79.65
CA GLY C 3052 -8.49 9.08 -78.78
C GLY C 3052 -9.79 9.60 -79.32
N ALA C 3053 -10.03 10.91 -79.20
CA ALA C 3053 -11.30 11.59 -79.44
C ALA C 3053 -12.39 10.84 -78.70
N PRO C 3054 -12.41 10.92 -77.37
CA PRO C 3054 -13.18 9.97 -76.59
C PRO C 3054 -14.66 10.23 -76.68
N MET C 3055 -15.43 9.20 -76.33
CA MET C 3055 -16.87 9.33 -76.26
C MET C 3055 -17.27 10.17 -75.07
N TYR C 3056 -18.50 10.66 -75.09
CA TYR C 3056 -19.08 11.53 -74.07
C TYR C 3056 -18.25 12.80 -73.89
N GLN C 3057 -18.28 13.63 -74.92
CA GLN C 3057 -17.70 14.96 -74.85
C GLN C 3057 -18.77 15.93 -74.34
N ARG C 3058 -18.43 16.68 -73.29
CA ARG C 3058 -19.37 17.60 -72.66
C ARG C 3058 -19.02 19.04 -72.99
N PRO C 3059 -19.88 19.77 -73.70
CA PRO C 3059 -19.65 21.18 -73.98
C PRO C 3059 -20.00 22.06 -72.78
N HIS D 46 -111.58 -50.80 33.99
CA HIS D 46 -111.02 -51.19 32.71
C HIS D 46 -112.10 -51.07 31.63
N ALA D 47 -112.32 -49.85 31.14
CA ALA D 47 -113.52 -49.51 30.38
C ALA D 47 -113.59 -50.26 29.05
N LEU D 48 -112.45 -50.61 28.46
CA LEU D 48 -112.48 -51.31 27.18
C LEU D 48 -113.03 -52.72 27.34
N VAL D 49 -112.49 -53.49 28.30
CA VAL D 49 -113.06 -54.81 28.52
C VAL D 49 -114.40 -54.73 29.22
N ASP D 50 -114.72 -53.60 29.86
CA ASP D 50 -116.09 -53.38 30.33
C ASP D 50 -117.06 -53.37 29.17
N ARG D 51 -116.74 -52.62 28.11
CA ARG D 51 -117.59 -52.61 26.93
C ARG D 51 -117.60 -53.94 26.21
N LEU D 52 -116.44 -54.61 26.14
CA LEU D 52 -116.40 -55.87 25.41
C LEU D 52 -117.05 -57.03 26.17
N MET D 53 -117.00 -57.03 27.51
CA MET D 53 -117.68 -58.05 28.28
C MET D 53 -119.16 -57.73 28.47
N ALA D 54 -119.54 -56.45 28.39
CA ALA D 54 -120.96 -56.13 28.27
C ALA D 54 -121.48 -56.50 26.89
N GLY D 55 -120.60 -56.55 25.90
CA GLY D 55 -120.94 -57.04 24.59
C GLY D 55 -120.88 -55.97 23.51
N GLU D 56 -119.76 -55.94 22.81
CA GLU D 56 -119.58 -55.22 21.57
C GLU D 56 -118.92 -56.16 20.60
N PRO D 57 -119.22 -56.06 19.30
CA PRO D 57 -118.63 -56.99 18.33
C PRO D 57 -117.13 -56.74 18.17
N TYR D 58 -116.34 -57.73 18.56
CA TYR D 58 -114.90 -57.71 18.40
C TYR D 58 -114.47 -58.99 17.70
N ALA D 59 -113.46 -58.85 16.87
CA ALA D 59 -112.82 -59.98 16.21
C ALA D 59 -111.46 -60.18 16.82
N VAL D 60 -110.90 -61.37 16.63
CA VAL D 60 -109.57 -61.69 17.10
C VAL D 60 -108.73 -62.16 15.93
N ALA D 61 -107.55 -61.57 15.79
CA ALA D 61 -106.65 -61.87 14.70
C ALA D 61 -105.38 -62.50 15.25
N PHE D 62 -104.82 -63.43 14.48
CA PHE D 62 -103.62 -64.14 14.88
C PHE D 62 -102.47 -63.80 13.96
N GLY D 63 -101.30 -63.60 14.55
CA GLY D 63 -100.16 -63.05 13.84
C GLY D 63 -99.51 -64.02 12.88
N GLY D 64 -98.43 -63.56 12.27
CA GLY D 64 -97.75 -64.32 11.25
C GLY D 64 -96.30 -64.62 11.57
N GLN D 65 -95.47 -64.67 10.54
CA GLN D 65 -94.10 -65.13 10.66
C GLN D 65 -93.13 -63.96 10.56
N GLY D 66 -91.90 -64.21 11.01
CA GLY D 66 -90.86 -63.21 11.01
C GLY D 66 -91.13 -62.10 11.99
N SER D 67 -91.15 -62.41 13.29
CA SER D 67 -91.60 -61.44 14.26
C SER D 67 -90.80 -61.39 15.56
N ALA D 68 -89.74 -62.19 15.72
CA ALA D 68 -88.88 -62.25 16.91
C ALA D 68 -89.69 -62.55 18.18
N TRP D 69 -90.25 -63.76 18.19
CA TRP D 69 -91.23 -64.18 19.19
C TRP D 69 -90.64 -64.34 20.59
N LEU D 70 -89.32 -64.49 20.70
CA LEU D 70 -88.72 -64.94 21.95
C LEU D 70 -88.81 -63.85 23.02
N GLU D 71 -88.49 -62.61 22.67
CA GLU D 71 -88.46 -61.57 23.70
C GLU D 71 -89.85 -61.17 24.15
N THR D 72 -90.84 -61.22 23.25
CA THR D 72 -92.20 -60.91 23.70
C THR D 72 -92.79 -62.07 24.51
N LEU D 73 -92.41 -63.32 24.21
CA LEU D 73 -92.86 -64.41 25.06
C LEU D 73 -92.17 -64.35 26.42
N GLU D 74 -90.91 -63.93 26.46
CA GLU D 74 -90.21 -63.76 27.72
C GLU D 74 -90.84 -62.67 28.57
N GLU D 75 -91.20 -61.55 27.96
CA GLU D 75 -91.85 -60.46 28.69
C GLU D 75 -93.22 -60.90 29.19
N LEU D 76 -93.96 -61.67 28.40
CA LEU D 76 -95.29 -62.10 28.81
C LEU D 76 -95.23 -63.12 29.95
N VAL D 77 -94.27 -64.04 29.90
CA VAL D 77 -94.09 -65.00 31.00
C VAL D 77 -93.63 -64.29 32.26
N SER D 78 -92.71 -63.33 32.12
CA SER D 78 -92.23 -62.58 33.30
C SER D 78 -93.31 -61.68 33.88
N ALA D 79 -94.29 -61.27 33.07
CA ALA D 79 -95.39 -60.47 33.60
C ALA D 79 -96.42 -61.34 34.30
N THR D 80 -96.76 -62.50 33.72
CA THR D 80 -97.85 -63.30 34.27
C THR D 80 -97.40 -64.35 35.27
N GLY D 81 -96.50 -65.24 34.87
CA GLY D 81 -96.14 -66.36 35.72
C GLY D 81 -96.94 -67.61 35.43
N ILE D 82 -96.94 -68.02 34.16
CA ILE D 82 -97.66 -69.20 33.71
C ILE D 82 -96.67 -70.28 33.28
N GLU D 83 -95.44 -70.18 33.81
CA GLU D 83 -94.34 -71.03 33.39
C GLU D 83 -94.56 -72.49 33.72
N THR D 84 -95.29 -72.77 34.81
CA THR D 84 -95.59 -74.16 35.16
C THR D 84 -96.54 -74.80 34.16
N GLU D 85 -97.56 -74.07 33.74
CA GLU D 85 -98.50 -74.60 32.76
C GLU D 85 -97.84 -74.75 31.40
N LEU D 86 -96.97 -73.80 31.04
CA LEU D 86 -96.22 -73.95 29.79
C LEU D 86 -95.24 -75.12 29.86
N ALA D 87 -94.65 -75.36 31.03
CA ALA D 87 -93.69 -76.45 31.18
C ALA D 87 -94.38 -77.80 31.08
N THR D 88 -95.55 -77.95 31.71
CA THR D 88 -96.25 -79.23 31.57
C THR D 88 -96.83 -79.40 30.17
N LEU D 89 -97.16 -78.30 29.49
CA LEU D 89 -97.57 -78.34 28.09
C LEU D 89 -96.47 -78.90 27.20
N VAL D 90 -95.28 -78.30 27.28
CA VAL D 90 -94.13 -78.75 26.50
C VAL D 90 -93.72 -80.15 26.89
N GLY D 91 -93.88 -80.50 28.17
CA GLY D 91 -93.49 -81.83 28.64
C GLY D 91 -94.35 -82.93 28.06
N GLU D 92 -95.67 -82.77 28.10
CA GLU D 92 -96.50 -83.80 27.50
C GLU D 92 -96.49 -83.74 25.98
N ALA D 93 -96.15 -82.60 25.39
CA ALA D 93 -95.95 -82.53 23.94
C ALA D 93 -94.74 -83.37 23.51
N GLU D 94 -93.60 -83.19 24.17
CA GLU D 94 -92.43 -83.98 23.82
C GLU D 94 -92.56 -85.42 24.28
N LEU D 95 -93.43 -85.70 25.26
CA LEU D 95 -93.78 -87.07 25.58
C LEU D 95 -94.55 -87.71 24.43
N LEU D 96 -95.43 -86.93 23.80
CA LEU D 96 -96.15 -87.44 22.63
C LEU D 96 -95.22 -87.60 21.44
N LEU D 97 -94.17 -86.78 21.37
CA LEU D 97 -93.22 -86.83 20.26
C LEU D 97 -92.06 -87.77 20.50
N ASP D 98 -92.27 -88.84 21.27
CA ASP D 98 -91.18 -89.77 21.59
C ASP D 98 -90.60 -90.55 20.41
N PRO D 99 -91.36 -91.18 19.50
CA PRO D 99 -90.70 -92.07 18.52
C PRO D 99 -89.92 -91.37 17.41
N VAL D 100 -90.21 -90.11 17.10
CA VAL D 100 -89.69 -89.53 15.87
C VAL D 100 -88.65 -88.47 16.23
N THR D 101 -88.00 -88.66 17.37
CA THR D 101 -87.00 -87.69 17.82
C THR D 101 -85.78 -87.66 16.91
N ASP D 102 -85.43 -88.78 16.29
CA ASP D 102 -84.27 -88.83 15.41
C ASP D 102 -84.53 -88.04 14.13
N GLU D 103 -85.64 -88.33 13.46
CA GLU D 103 -85.99 -87.61 12.24
C GLU D 103 -86.31 -86.15 12.53
N LEU D 104 -86.76 -85.84 13.74
CA LEU D 104 -86.94 -84.45 14.13
C LEU D 104 -85.61 -83.75 14.36
N ILE D 105 -84.62 -84.45 14.92
CA ILE D 105 -83.36 -83.81 15.29
C ILE D 105 -82.36 -83.82 14.15
N VAL D 106 -82.72 -84.42 13.01
CA VAL D 106 -81.96 -84.18 11.77
C VAL D 106 -81.85 -82.69 11.49
N VAL D 107 -82.95 -81.95 11.66
CA VAL D 107 -83.00 -80.56 11.22
C VAL D 107 -82.46 -79.63 12.29
N ARG D 108 -83.03 -79.69 13.49
CA ARG D 108 -82.80 -78.65 14.50
C ARG D 108 -81.38 -78.69 15.06
N PRO D 109 -80.65 -77.59 15.01
CA PRO D 109 -79.27 -77.60 15.47
C PRO D 109 -79.14 -77.58 16.98
N ILE D 110 -79.99 -76.81 17.64
CA ILE D 110 -79.91 -76.71 19.09
C ILE D 110 -80.82 -77.72 19.78
N GLY D 111 -82.11 -77.71 19.45
CA GLY D 111 -82.96 -78.76 19.98
C GLY D 111 -84.30 -78.32 20.52
N PHE D 112 -84.57 -77.01 20.47
CA PHE D 112 -85.86 -76.41 20.83
C PHE D 112 -86.24 -76.71 22.28
N GLU D 113 -85.50 -76.07 23.19
CA GLU D 113 -85.99 -75.92 24.55
C GLU D 113 -86.30 -74.44 24.82
N PRO D 114 -87.53 -74.01 24.62
CA PRO D 114 -87.83 -72.58 24.63
C PRO D 114 -87.92 -71.97 26.02
N LEU D 115 -88.43 -72.71 27.00
CA LEU D 115 -88.66 -72.10 28.30
C LEU D 115 -87.37 -71.88 29.08
N GLN D 116 -86.37 -72.72 28.84
CA GLN D 116 -85.07 -72.45 29.44
C GLN D 116 -84.38 -71.28 28.76
N TRP D 117 -84.67 -71.06 27.47
CA TRP D 117 -84.21 -69.84 26.80
C TRP D 117 -84.88 -68.61 27.40
N VAL D 118 -86.16 -68.74 27.77
CA VAL D 118 -86.87 -67.66 28.43
C VAL D 118 -86.25 -67.37 29.80
N ARG D 119 -85.92 -68.42 30.55
CA ARG D 119 -85.23 -68.27 31.83
C ARG D 119 -83.87 -67.60 31.64
N ALA D 120 -83.17 -67.96 30.57
CA ALA D 120 -81.87 -67.37 30.27
C ALA D 120 -81.97 -65.89 29.96
N LEU D 121 -82.96 -65.52 29.14
CA LEU D 121 -83.15 -64.12 28.81
C LEU D 121 -83.64 -63.31 30.00
N ALA D 122 -84.42 -63.94 30.89
CA ALA D 122 -84.85 -63.26 32.10
C ALA D 122 -83.68 -63.03 33.05
N ALA D 123 -82.82 -64.03 33.22
CA ALA D 123 -81.68 -63.93 34.12
C ALA D 123 -80.46 -63.31 33.46
N GLU D 124 -80.59 -62.83 32.22
CA GLU D 124 -79.53 -62.21 31.43
C GLU D 124 -78.36 -63.17 31.25
N ASP D 125 -78.65 -64.22 30.51
CA ASP D 125 -77.69 -65.23 30.12
C ASP D 125 -77.50 -65.10 28.62
N PRO D 126 -76.50 -65.72 27.99
CA PRO D 126 -76.42 -65.68 26.53
C PRO D 126 -77.59 -66.40 25.88
N VAL D 127 -78.00 -65.86 24.74
CA VAL D 127 -79.23 -66.23 24.05
C VAL D 127 -78.82 -66.99 22.79
N PRO D 128 -79.62 -67.95 22.30
CA PRO D 128 -79.35 -68.52 20.98
C PRO D 128 -79.43 -67.48 19.88
N SER D 129 -78.64 -67.67 18.84
CA SER D 129 -78.43 -66.65 17.83
C SER D 129 -79.65 -66.53 16.92
N ASP D 130 -79.57 -65.53 16.03
CA ASP D 130 -80.75 -65.14 15.26
C ASP D 130 -81.10 -66.16 14.19
N LYS D 131 -80.10 -66.78 13.56
CA LYS D 131 -80.38 -67.83 12.58
C LYS D 131 -81.03 -69.04 13.25
N HIS D 132 -80.46 -69.49 14.36
CA HIS D 132 -81.01 -70.62 15.10
C HIS D 132 -82.33 -70.29 15.78
N LEU D 133 -82.72 -69.02 15.86
CA LEU D 133 -84.08 -68.70 16.27
C LEU D 133 -85.03 -68.59 15.10
N THR D 134 -84.58 -68.07 13.95
CA THR D 134 -85.50 -67.79 12.87
C THR D 134 -85.69 -68.97 11.93
N SER D 135 -84.95 -70.07 12.12
CA SER D 135 -85.25 -71.28 11.37
C SER D 135 -86.64 -71.80 11.72
N ALA D 136 -87.26 -72.50 10.76
CA ALA D 136 -88.69 -72.75 10.81
C ALA D 136 -89.07 -73.73 11.91
N ALA D 137 -88.23 -74.76 12.12
CA ALA D 137 -88.54 -75.83 13.08
C ALA D 137 -88.56 -75.34 14.51
N VAL D 138 -87.94 -74.20 14.80
CA VAL D 138 -88.06 -73.57 16.11
C VAL D 138 -88.90 -72.31 16.07
N SER D 139 -89.14 -71.72 14.90
CA SER D 139 -89.95 -70.51 14.89
C SER D 139 -91.43 -70.86 14.94
N VAL D 140 -91.89 -71.68 14.00
CA VAL D 140 -93.32 -72.00 13.90
C VAL D 140 -93.88 -72.74 15.12
N PRO D 141 -93.12 -73.42 16.00
CA PRO D 141 -93.71 -73.72 17.31
C PRO D 141 -93.57 -72.59 18.30
N GLY D 142 -92.55 -71.74 18.14
CA GLY D 142 -92.34 -70.66 19.09
C GLY D 142 -93.43 -69.61 19.02
N VAL D 143 -93.88 -69.26 17.81
CA VAL D 143 -94.96 -68.31 17.69
C VAL D 143 -96.28 -68.92 18.15
N LEU D 144 -96.47 -70.22 17.97
CA LEU D 144 -97.68 -70.87 18.47
C LEU D 144 -97.71 -70.87 19.99
N LEU D 145 -96.58 -71.18 20.61
CA LEU D 145 -96.50 -71.13 22.07
C LEU D 145 -96.68 -69.70 22.57
N THR D 146 -96.19 -68.73 21.80
CA THR D 146 -96.38 -67.32 22.17
C THR D 146 -97.86 -66.94 22.12
N GLN D 147 -98.57 -67.38 21.10
CA GLN D 147 -99.97 -67.01 20.97
C GLN D 147 -100.85 -67.72 21.98
N ILE D 148 -100.57 -69.01 22.26
CA ILE D 148 -101.32 -69.73 23.27
C ILE D 148 -101.06 -69.14 24.66
N ALA D 149 -99.80 -68.79 24.94
CA ALA D 149 -99.50 -68.13 26.21
C ALA D 149 -100.11 -66.75 26.31
N ALA D 150 -100.25 -66.05 25.19
CA ALA D 150 -100.89 -64.74 25.22
C ALA D 150 -102.38 -64.86 25.49
N THR D 151 -103.05 -65.85 24.88
CA THR D 151 -104.47 -66.07 25.14
C THR D 151 -104.71 -66.47 26.59
N ARG D 152 -103.89 -67.38 27.11
CA ARG D 152 -104.05 -67.76 28.51
C ARG D 152 -103.65 -66.64 29.46
N ALA D 153 -102.73 -65.77 29.03
CA ALA D 153 -102.34 -64.62 29.84
C ALA D 153 -103.50 -63.64 29.97
N LEU D 154 -104.15 -63.31 28.86
CA LEU D 154 -105.29 -62.40 28.93
C LEU D 154 -106.49 -63.05 29.62
N ALA D 155 -106.63 -64.38 29.53
CA ALA D 155 -107.67 -65.07 30.27
C ALA D 155 -107.41 -65.01 31.77
N ARG D 156 -106.14 -65.04 32.18
CA ARG D 156 -105.83 -64.83 33.60
C ARG D 156 -106.04 -63.36 33.98
N GLN D 157 -105.75 -62.45 33.05
CA GLN D 157 -105.95 -61.03 33.31
C GLN D 157 -107.41 -60.63 33.42
N GLY D 158 -108.31 -61.41 32.84
CA GLY D 158 -109.72 -61.20 33.12
C GLY D 158 -110.62 -61.00 31.92
N MET D 159 -110.19 -61.44 30.75
CA MET D 159 -111.02 -61.41 29.55
C MET D 159 -111.20 -62.85 29.08
N ASP D 160 -112.42 -63.37 29.20
CA ASP D 160 -112.68 -64.77 28.93
C ASP D 160 -113.38 -64.90 27.58
N LEU D 161 -112.70 -65.57 26.65
CA LEU D 161 -113.23 -65.72 25.31
C LEU D 161 -114.37 -66.73 25.24
N VAL D 162 -114.44 -67.66 26.19
CA VAL D 162 -115.58 -68.57 26.23
C VAL D 162 -116.77 -67.91 26.92
N ALA D 163 -116.53 -66.91 27.78
CA ALA D 163 -117.64 -66.17 28.36
C ALA D 163 -118.21 -65.17 27.36
N THR D 164 -117.36 -64.44 26.65
CA THR D 164 -117.78 -63.59 25.54
C THR D 164 -117.06 -64.02 24.28
N PRO D 165 -117.74 -64.70 23.35
CA PRO D 165 -117.09 -65.14 22.12
C PRO D 165 -116.81 -63.97 21.21
N PRO D 166 -115.68 -63.98 20.52
CA PRO D 166 -115.46 -63.00 19.45
C PRO D 166 -116.36 -63.31 18.27
N VAL D 167 -116.57 -62.27 17.46
CA VAL D 167 -117.45 -62.44 16.30
C VAL D 167 -116.70 -63.11 15.16
N ALA D 168 -115.51 -62.63 14.84
CA ALA D 168 -114.76 -63.15 13.70
C ALA D 168 -113.37 -63.62 14.11
N MET D 169 -112.87 -64.58 13.34
CA MET D 169 -111.65 -65.32 13.65
C MET D 169 -110.70 -65.13 12.47
N ALA D 170 -109.74 -64.23 12.61
CA ALA D 170 -108.85 -63.90 11.51
C ALA D 170 -107.55 -64.68 11.63
N GLY D 171 -107.28 -65.50 10.61
CA GLY D 171 -106.06 -66.27 10.58
C GLY D 171 -105.16 -65.90 9.42
N HIS D 172 -103.94 -65.49 9.73
CA HIS D 172 -102.95 -65.13 8.73
C HIS D 172 -102.26 -66.42 8.27
N SER D 173 -101.11 -66.28 7.61
CA SER D 173 -100.22 -67.36 7.20
C SER D 173 -99.98 -68.43 8.25
N GLN D 174 -99.42 -68.03 9.38
CA GLN D 174 -99.07 -69.02 10.38
C GLN D 174 -100.26 -69.38 11.25
N GLY D 175 -101.12 -68.43 11.54
CA GLY D 175 -102.13 -68.58 12.56
C GLY D 175 -103.31 -69.46 12.25
N VAL D 176 -103.25 -70.30 11.22
CA VAL D 176 -104.36 -71.19 10.93
C VAL D 176 -104.47 -72.28 11.99
N LEU D 177 -103.34 -72.83 12.41
CA LEU D 177 -103.34 -73.80 13.48
C LEU D 177 -103.73 -73.17 14.83
N ALA D 178 -103.35 -71.91 15.05
CA ALA D 178 -103.74 -71.26 16.29
C ALA D 178 -105.22 -70.93 16.30
N VAL D 179 -105.78 -70.57 15.13
CA VAL D 179 -107.20 -70.27 15.11
C VAL D 179 -108.02 -71.55 15.13
N GLU D 180 -107.46 -72.69 14.69
CA GLU D 180 -108.10 -73.97 14.98
C GLU D 180 -108.07 -74.27 16.47
N ALA D 181 -106.96 -73.95 17.13
CA ALA D 181 -106.82 -74.20 18.57
C ALA D 181 -107.79 -73.38 19.39
N LEU D 182 -108.10 -72.16 18.96
CA LEU D 182 -109.10 -71.38 19.68
C LEU D 182 -110.51 -71.55 19.15
N LYS D 183 -110.69 -72.08 17.94
CA LYS D 183 -112.03 -72.44 17.51
C LYS D 183 -112.53 -73.66 18.28
N ALA D 184 -111.64 -74.63 18.49
CA ALA D 184 -111.92 -75.63 19.50
C ALA D 184 -111.62 -75.05 20.88
N GLY D 185 -111.91 -75.82 21.93
CA GLY D 185 -111.62 -75.39 23.27
C GLY D 185 -110.13 -75.43 23.58
N GLY D 186 -109.83 -75.23 24.87
CA GLY D 186 -108.47 -75.38 25.33
C GLY D 186 -108.11 -76.82 25.64
N ALA D 187 -108.34 -77.73 24.67
CA ALA D 187 -108.17 -79.15 24.91
C ALA D 187 -107.49 -79.88 23.76
N ARG D 188 -107.13 -79.20 22.67
CA ARG D 188 -106.39 -79.84 21.59
C ARG D 188 -105.05 -79.13 21.36
N ASP D 189 -104.64 -78.32 22.35
CA ASP D 189 -103.40 -77.56 22.26
C ASP D 189 -102.18 -78.45 22.19
N VAL D 190 -102.20 -79.60 22.87
CA VAL D 190 -101.05 -80.50 22.85
C VAL D 190 -100.88 -81.12 21.47
N GLU D 191 -101.99 -81.55 20.86
CA GLU D 191 -101.92 -82.18 19.55
C GLU D 191 -101.53 -81.17 18.49
N LEU D 192 -102.04 -79.93 18.61
CA LEU D 192 -101.67 -78.92 17.64
C LEU D 192 -100.25 -78.41 17.85
N PHE D 193 -99.75 -78.43 19.09
CA PHE D 193 -98.38 -78.03 19.33
C PHE D 193 -97.41 -79.05 18.75
N ALA D 194 -97.68 -80.34 18.96
CA ALA D 194 -96.88 -81.39 18.34
C ALA D 194 -97.00 -81.35 16.82
N LEU D 195 -98.17 -80.97 16.31
CA LEU D 195 -98.35 -80.91 14.87
C LEU D 195 -97.54 -79.77 14.26
N ALA D 196 -97.54 -78.59 14.89
CA ALA D 196 -96.74 -77.49 14.40
C ALA D 196 -95.25 -77.78 14.51
N GLN D 197 -94.86 -78.50 15.57
CA GLN D 197 -93.46 -78.87 15.72
C GLN D 197 -93.03 -79.89 14.68
N LEU D 198 -93.98 -80.67 14.16
CA LEU D 198 -93.68 -81.48 12.98
C LEU D 198 -93.59 -80.62 11.71
N ILE D 199 -94.51 -79.66 11.59
CA ILE D 199 -94.63 -78.83 10.38
C ILE D 199 -93.35 -78.05 10.12
N GLY D 200 -92.74 -77.50 11.16
CA GLY D 200 -91.53 -76.71 10.97
C GLY D 200 -90.33 -77.52 10.51
N ALA D 201 -90.15 -78.71 11.09
CA ALA D 201 -89.06 -79.58 10.69
C ALA D 201 -89.25 -80.06 9.25
N ALA D 202 -90.49 -80.45 8.90
CA ALA D 202 -90.75 -80.87 7.53
C ALA D 202 -90.56 -79.73 6.54
N GLY D 203 -90.92 -78.51 6.95
CA GLY D 203 -90.75 -77.37 6.06
C GLY D 203 -89.29 -77.07 5.80
N THR D 204 -88.47 -77.07 6.86
CA THR D 204 -87.04 -76.79 6.67
C THR D 204 -86.37 -77.90 5.88
N LEU D 205 -86.80 -79.14 6.10
CA LEU D 205 -86.20 -80.27 5.40
C LEU D 205 -86.51 -80.25 3.90
N VAL D 206 -87.79 -80.07 3.55
CA VAL D 206 -88.17 -80.05 2.14
C VAL D 206 -87.64 -78.79 1.45
N ALA D 207 -87.56 -77.67 2.16
CA ALA D 207 -87.05 -76.46 1.55
C ALA D 207 -85.53 -76.50 1.37
N ARG D 208 -84.82 -77.26 2.20
CA ARG D 208 -83.40 -77.45 1.92
C ARG D 208 -83.19 -78.45 0.80
N ARG D 209 -84.08 -79.43 0.68
CA ARG D 209 -84.01 -80.36 -0.46
C ARG D 209 -84.26 -79.64 -1.77
N ARG D 210 -85.17 -78.68 -1.76
CA ARG D 210 -85.36 -77.80 -2.91
C ARG D 210 -84.46 -76.57 -2.70
N GLY D 211 -84.70 -75.51 -3.46
CA GLY D 211 -83.85 -74.34 -3.34
C GLY D 211 -84.53 -73.13 -2.73
N ILE D 212 -85.48 -73.35 -1.83
CA ILE D 212 -86.37 -72.28 -1.39
C ILE D 212 -85.96 -71.85 0.01
N SER D 213 -84.69 -72.02 0.34
CA SER D 213 -84.19 -71.57 1.63
C SER D 213 -83.21 -70.41 1.42
N VAL D 214 -82.87 -69.75 2.53
CA VAL D 214 -81.95 -68.63 2.47
C VAL D 214 -80.54 -69.14 2.19
N LEU D 215 -79.86 -68.49 1.23
CA LEU D 215 -78.50 -68.89 0.90
C LEU D 215 -77.47 -68.12 1.72
N GLY D 216 -77.44 -66.80 1.55
CA GLY D 216 -76.56 -65.98 2.35
C GLY D 216 -77.37 -65.07 3.24
N ASP D 217 -77.48 -63.81 2.83
CA ASP D 217 -78.41 -62.89 3.48
C ASP D 217 -79.72 -62.74 2.71
N ARG D 218 -79.72 -63.05 1.43
CA ARG D 218 -80.91 -62.91 0.60
C ARG D 218 -81.97 -63.94 0.97
N PRO D 219 -83.17 -63.53 1.36
CA PRO D 219 -84.15 -64.45 1.90
C PRO D 219 -85.07 -64.96 0.81
N PRO D 220 -85.86 -66.00 1.07
CA PRO D 220 -86.77 -66.51 0.04
C PRO D 220 -88.04 -65.70 -0.15
N MET D 221 -88.30 -64.66 0.63
CA MET D 221 -89.50 -63.86 0.46
C MET D 221 -89.16 -62.39 0.30
N VAL D 222 -89.69 -61.77 -0.74
CA VAL D 222 -89.50 -60.34 -0.97
C VAL D 222 -90.87 -59.70 -1.06
N SER D 223 -91.10 -58.68 -0.24
CA SER D 223 -92.35 -57.96 -0.20
C SER D 223 -92.33 -56.80 -1.19
N VAL D 224 -93.35 -56.75 -2.04
CA VAL D 224 -93.55 -55.69 -3.01
C VAL D 224 -94.64 -54.77 -2.49
N THR D 225 -94.28 -53.53 -2.22
CA THR D 225 -95.24 -52.50 -1.85
C THR D 225 -95.30 -51.45 -2.95
N ASN D 226 -96.39 -50.68 -2.92
CA ASN D 226 -96.66 -49.58 -3.85
C ASN D 226 -96.71 -50.08 -5.29
N ALA D 227 -97.57 -51.06 -5.53
CA ALA D 227 -97.75 -51.62 -6.86
C ALA D 227 -99.11 -52.28 -6.95
N ASP D 228 -99.60 -52.38 -8.18
CA ASP D 228 -100.90 -52.97 -8.43
C ASP D 228 -100.75 -54.50 -8.50
N PRO D 229 -101.45 -55.26 -7.65
CA PRO D 229 -101.25 -56.73 -7.63
C PRO D 229 -101.60 -57.44 -8.92
N GLU D 230 -102.59 -56.96 -9.67
CA GLU D 230 -102.89 -57.58 -10.96
C GLU D 230 -101.78 -57.32 -11.97
N ARG D 231 -101.19 -56.13 -11.94
CA ARG D 231 -100.04 -55.85 -12.80
C ARG D 231 -98.83 -56.68 -12.40
N ILE D 232 -98.65 -56.89 -11.09
CA ILE D 232 -97.56 -57.73 -10.61
C ILE D 232 -97.75 -59.16 -11.07
N GLY D 233 -98.99 -59.66 -11.06
CA GLY D 233 -99.26 -60.99 -11.60
C GLY D 233 -99.01 -61.08 -13.10
N ARG D 234 -99.36 -60.01 -13.84
CA ARG D 234 -99.10 -59.96 -15.27
C ARG D 234 -97.61 -60.03 -15.57
N LEU D 235 -96.80 -59.19 -14.92
CA LEU D 235 -95.41 -59.23 -15.34
C LEU D 235 -94.63 -60.33 -14.63
N LEU D 236 -95.17 -60.96 -13.59
CA LEU D 236 -94.62 -62.24 -13.15
C LEU D 236 -94.84 -63.32 -14.19
N ASP D 237 -96.02 -63.35 -14.81
CA ASP D 237 -96.23 -64.32 -15.89
C ASP D 237 -95.34 -64.00 -17.08
N GLU D 238 -95.14 -62.72 -17.38
CA GLU D 238 -94.28 -62.33 -18.49
C GLU D 238 -92.81 -62.68 -18.21
N PHE D 239 -92.37 -62.48 -16.96
CA PHE D 239 -91.04 -62.92 -16.54
C PHE D 239 -90.92 -64.42 -16.49
N ALA D 240 -92.03 -65.13 -16.38
CA ALA D 240 -91.97 -66.59 -16.45
C ALA D 240 -91.86 -67.08 -17.89
N GLN D 241 -92.46 -66.37 -18.84
CA GLN D 241 -92.61 -66.92 -20.20
C GLN D 241 -91.31 -67.06 -20.97
N ASP D 242 -90.24 -66.36 -20.60
CA ASP D 242 -89.01 -66.49 -21.36
C ASP D 242 -88.25 -67.76 -20.96
N VAL D 243 -87.36 -68.19 -21.85
CA VAL D 243 -86.69 -69.48 -21.67
C VAL D 243 -85.62 -69.43 -20.59
N ARG D 244 -84.96 -68.28 -20.41
CA ARG D 244 -83.71 -68.23 -19.66
C ARG D 244 -83.91 -68.39 -18.16
N THR D 245 -85.13 -68.26 -17.66
CA THR D 245 -85.43 -68.63 -16.29
C THR D 245 -85.90 -70.08 -16.26
N VAL D 246 -85.56 -70.78 -15.19
CA VAL D 246 -85.92 -72.18 -15.05
C VAL D 246 -87.05 -72.36 -14.06
N LEU D 247 -86.97 -71.67 -12.92
CA LEU D 247 -88.01 -71.74 -11.91
C LEU D 247 -88.67 -70.38 -11.78
N PRO D 248 -89.92 -70.22 -12.21
CA PRO D 248 -90.60 -68.93 -12.07
C PRO D 248 -90.98 -68.66 -10.63
N PRO D 249 -90.62 -67.49 -10.10
CA PRO D 249 -91.10 -67.11 -8.78
C PRO D 249 -92.58 -66.79 -8.82
N VAL D 250 -93.29 -67.14 -7.76
CA VAL D 250 -94.74 -67.06 -7.74
C VAL D 250 -95.18 -66.07 -6.68
N LEU D 251 -96.35 -65.47 -6.92
CA LEU D 251 -96.99 -64.62 -5.94
C LEU D 251 -97.70 -65.51 -4.92
N SER D 252 -97.52 -65.21 -3.64
CA SER D 252 -98.08 -66.06 -2.60
C SER D 252 -99.18 -65.38 -1.81
N ILE D 253 -98.91 -64.25 -1.16
CA ILE D 253 -99.91 -63.70 -0.26
C ILE D 253 -100.34 -62.34 -0.78
N ARG D 254 -101.26 -61.68 -0.08
CA ARG D 254 -101.78 -60.40 -0.52
C ARG D 254 -102.17 -59.62 0.73
N ASN D 255 -101.27 -58.75 1.21
CA ASN D 255 -101.52 -58.04 2.45
C ASN D 255 -102.57 -56.98 2.28
N GLY D 256 -102.28 -55.97 1.47
CA GLY D 256 -103.18 -54.87 1.23
C GLY D 256 -103.66 -54.82 -0.20
N ARG D 257 -104.08 -53.63 -0.61
CA ARG D 257 -104.43 -53.40 -2.00
C ARG D 257 -103.23 -52.91 -2.81
N ARG D 258 -102.09 -52.69 -2.15
CA ARG D 258 -100.87 -52.24 -2.82
C ARG D 258 -99.65 -53.02 -2.34
N ALA D 259 -99.81 -54.23 -1.82
CA ALA D 259 -98.68 -54.95 -1.27
C ALA D 259 -98.91 -56.46 -1.35
N VAL D 260 -97.95 -57.17 -1.91
CA VAL D 260 -97.90 -58.63 -1.90
C VAL D 260 -96.48 -59.04 -1.49
N VAL D 261 -96.23 -60.34 -1.39
CA VAL D 261 -94.85 -60.83 -1.34
C VAL D 261 -94.69 -61.93 -2.36
N ILE D 262 -93.45 -62.17 -2.75
CA ILE D 262 -93.08 -63.15 -3.76
C ILE D 262 -92.14 -64.13 -3.11
N THR D 263 -92.42 -65.43 -3.29
CA THR D 263 -91.65 -66.52 -2.70
C THR D 263 -90.99 -67.35 -3.79
N GLY D 264 -89.68 -67.53 -3.69
CA GLY D 264 -88.99 -68.34 -4.67
C GLY D 264 -87.50 -68.37 -4.40
N THR D 265 -86.78 -68.85 -5.41
CA THR D 265 -85.34 -68.96 -5.34
C THR D 265 -84.71 -67.57 -5.29
N PRO D 266 -83.70 -67.34 -4.43
CA PRO D 266 -83.20 -65.98 -4.23
C PRO D 266 -82.57 -65.30 -5.44
N GLU D 267 -81.83 -66.03 -6.28
CA GLU D 267 -81.30 -65.36 -7.47
C GLU D 267 -82.41 -65.10 -8.49
N GLN D 268 -83.47 -65.91 -8.48
CA GLN D 268 -84.65 -65.61 -9.29
C GLN D 268 -85.31 -64.33 -8.81
N LEU D 269 -85.37 -64.13 -7.50
CA LEU D 269 -85.93 -62.90 -6.95
C LEU D 269 -85.10 -61.68 -7.32
N SER D 270 -83.77 -61.82 -7.28
CA SER D 270 -82.91 -60.70 -7.65
C SER D 270 -83.01 -60.38 -9.14
N ARG D 271 -83.16 -61.43 -9.97
CA ARG D 271 -83.34 -61.21 -11.41
C ARG D 271 -84.66 -60.51 -11.70
N PHE D 272 -85.73 -60.91 -11.01
CA PHE D 272 -87.02 -60.25 -11.17
C PHE D 272 -86.98 -58.80 -10.69
N GLU D 273 -86.20 -58.52 -9.64
CA GLU D 273 -86.03 -57.14 -9.19
C GLU D 273 -85.30 -56.31 -10.25
N LEU D 274 -84.30 -56.91 -10.93
CA LEU D 274 -83.64 -56.20 -12.02
C LEU D 274 -84.60 -55.92 -13.18
N TYR D 275 -85.48 -56.87 -13.46
CA TYR D 275 -86.48 -56.72 -14.53
C TYR D 275 -87.44 -55.57 -14.24
N CYS D 276 -87.97 -55.53 -13.01
CA CYS D 276 -88.86 -54.44 -12.62
C CYS D 276 -88.14 -53.10 -12.54
N ARG D 277 -86.86 -53.10 -12.18
CA ARG D 277 -86.09 -51.85 -12.17
C ARG D 277 -85.89 -51.32 -13.58
N GLN D 278 -85.72 -52.22 -14.55
CA GLN D 278 -85.57 -51.78 -15.94
C GLN D 278 -86.86 -51.17 -16.47
N ILE D 279 -88.02 -51.78 -16.15
CA ILE D 279 -89.30 -51.21 -16.57
C ILE D 279 -89.56 -49.87 -15.87
N SER D 280 -89.15 -49.76 -14.61
CA SER D 280 -89.29 -48.51 -13.88
C SER D 280 -88.46 -47.39 -14.49
N GLU D 281 -87.23 -47.70 -14.91
CA GLU D 281 -86.40 -46.68 -15.55
C GLU D 281 -86.94 -46.29 -16.92
N LYS D 282 -87.57 -47.25 -17.62
CA LYS D 282 -88.24 -46.94 -18.88
C LYS D 282 -89.35 -45.91 -18.70
N GLU D 283 -90.26 -46.16 -17.74
CA GLU D 283 -91.35 -45.20 -17.55
C GLU D 283 -90.88 -43.89 -16.94
N GLU D 284 -89.79 -43.91 -16.16
CA GLU D 284 -89.27 -42.67 -15.61
C GLU D 284 -88.65 -41.80 -16.71
N ALA D 285 -87.96 -42.42 -17.67
CA ALA D 285 -87.47 -41.65 -18.80
C ALA D 285 -88.62 -41.15 -19.68
N ASP D 286 -89.69 -41.95 -19.79
CA ASP D 286 -90.86 -41.49 -20.54
C ASP D 286 -91.55 -40.31 -19.86
N ARG D 287 -91.49 -40.22 -18.53
CA ARG D 287 -91.97 -39.00 -17.88
C ARG D 287 -91.02 -37.84 -18.10
N LYS D 288 -89.71 -38.07 -17.91
CA LYS D 288 -88.74 -36.98 -17.91
C LYS D 288 -88.61 -36.32 -19.29
N ASN D 289 -88.84 -37.08 -20.36
CA ASN D 289 -88.86 -36.50 -21.69
C ASN D 289 -90.20 -35.88 -22.06
N LYS D 290 -91.04 -35.56 -21.08
CA LYS D 290 -92.27 -34.78 -21.21
C LYS D 290 -93.27 -35.46 -22.14
N VAL D 291 -93.65 -36.67 -21.74
CA VAL D 291 -94.72 -37.44 -22.36
C VAL D 291 -95.60 -37.71 -21.13
N ARG D 292 -96.56 -38.64 -21.22
CA ARG D 292 -97.80 -38.76 -20.45
C ARG D 292 -97.79 -38.23 -19.02
N GLY D 293 -96.85 -38.71 -18.20
CA GLY D 293 -96.69 -38.15 -16.88
C GLY D 293 -97.81 -38.42 -15.90
N GLY D 294 -98.62 -39.45 -16.15
CA GLY D 294 -99.68 -39.79 -15.22
C GLY D 294 -99.16 -40.36 -13.91
N ASP D 295 -98.58 -41.55 -13.97
CA ASP D 295 -97.95 -42.18 -12.82
C ASP D 295 -96.67 -42.87 -13.27
N VAL D 296 -95.95 -43.44 -12.31
CA VAL D 296 -94.73 -44.17 -12.58
C VAL D 296 -94.77 -45.51 -11.86
N PHE D 297 -94.49 -46.58 -12.60
CA PHE D 297 -94.39 -47.89 -11.98
C PHE D 297 -93.10 -47.97 -11.20
N SER D 298 -93.15 -47.68 -9.90
CA SER D 298 -91.97 -47.75 -9.04
C SER D 298 -92.34 -48.50 -7.77
N PRO D 299 -92.34 -49.82 -7.82
CA PRO D 299 -92.59 -50.59 -6.60
C PRO D 299 -91.38 -50.55 -5.69
N VAL D 300 -91.62 -50.91 -4.43
CA VAL D 300 -90.57 -50.92 -3.41
C VAL D 300 -90.44 -52.34 -2.91
N PHE D 301 -89.21 -52.86 -2.95
CA PHE D 301 -88.90 -54.22 -2.53
C PHE D 301 -88.28 -54.18 -1.14
N GLU D 302 -88.76 -55.07 -0.26
CA GLU D 302 -88.16 -55.23 1.06
C GLU D 302 -87.98 -56.71 1.35
N PRO D 303 -86.88 -57.11 1.98
CA PRO D 303 -86.71 -58.52 2.32
C PRO D 303 -87.59 -58.90 3.52
N VAL D 304 -88.04 -60.13 3.54
CA VAL D 304 -88.77 -60.62 4.70
C VAL D 304 -87.78 -61.42 5.54
N GLN D 305 -87.95 -61.37 6.87
CA GLN D 305 -87.00 -62.00 7.79
C GLN D 305 -87.32 -63.46 8.07
N VAL D 306 -87.93 -64.16 7.13
CA VAL D 306 -88.16 -65.58 7.29
C VAL D 306 -86.95 -66.33 6.74
N GLU D 307 -86.77 -67.55 7.19
CA GLU D 307 -85.67 -68.41 6.74
C GLU D 307 -86.06 -69.23 5.52
N VAL D 308 -87.35 -69.43 5.30
CA VAL D 308 -87.85 -70.45 4.39
C VAL D 308 -89.05 -69.89 3.63
N GLY D 309 -89.09 -70.12 2.32
CA GLY D 309 -90.26 -69.75 1.55
C GLY D 309 -91.44 -70.63 1.89
N PHE D 310 -92.60 -70.01 2.00
CA PHE D 310 -93.87 -70.68 2.27
C PHE D 310 -94.83 -70.44 1.11
N HIS D 311 -95.93 -71.17 1.15
CA HIS D 311 -97.10 -70.97 0.28
C HIS D 311 -96.77 -71.13 -1.21
N THR D 312 -95.85 -72.01 -1.52
CA THR D 312 -95.62 -72.30 -2.91
C THR D 312 -96.10 -73.72 -3.22
N PRO D 313 -96.43 -74.03 -4.47
CA PRO D 313 -96.73 -75.42 -4.82
C PRO D 313 -95.51 -76.31 -4.89
N ARG D 314 -94.31 -75.75 -4.80
CA ARG D 314 -93.08 -76.54 -4.87
C ARG D 314 -92.79 -77.31 -3.59
N LEU D 315 -93.57 -77.09 -2.53
CA LEU D 315 -93.43 -77.84 -1.30
C LEU D 315 -94.45 -78.97 -1.21
N SER D 316 -94.73 -79.62 -2.34
CA SER D 316 -95.79 -80.62 -2.41
C SER D 316 -95.43 -81.93 -1.74
N ASP D 317 -94.16 -82.16 -1.41
CA ASP D 317 -93.78 -83.39 -0.74
C ASP D 317 -93.90 -83.28 0.78
N GLY D 318 -93.90 -82.04 1.29
CA GLY D 318 -93.94 -81.85 2.73
C GLY D 318 -95.22 -82.34 3.37
N ILE D 319 -96.32 -82.33 2.63
CA ILE D 319 -97.57 -82.83 3.18
C ILE D 319 -97.53 -84.34 3.36
N ASP D 320 -96.84 -85.05 2.45
CA ASP D 320 -96.68 -86.48 2.62
C ASP D 320 -95.69 -86.81 3.73
N ILE D 321 -94.66 -85.97 3.89
CA ILE D 321 -93.73 -86.16 5.01
C ILE D 321 -94.45 -85.98 6.34
N VAL D 322 -95.31 -84.97 6.44
CA VAL D 322 -96.09 -84.74 7.65
C VAL D 322 -97.09 -85.86 7.86
N ALA D 323 -97.66 -86.41 6.78
CA ALA D 323 -98.58 -87.55 6.91
C ALA D 323 -97.87 -88.78 7.44
N GLY D 324 -96.67 -89.05 6.95
CA GLY D 324 -95.89 -90.18 7.44
C GLY D 324 -95.47 -90.02 8.89
N TRP D 325 -95.05 -88.81 9.26
CA TRP D 325 -94.67 -88.59 10.66
C TRP D 325 -95.89 -88.58 11.58
N ALA D 326 -97.05 -88.18 11.06
CA ALA D 326 -98.26 -88.22 11.86
C ALA D 326 -98.72 -89.64 12.11
N GLU D 327 -98.64 -90.50 11.09
CA GLU D 327 -99.04 -91.89 11.32
C GLU D 327 -97.96 -92.67 12.08
N LYS D 328 -96.71 -92.21 12.08
CA LYS D 328 -95.74 -92.81 12.98
C LYS D 328 -95.93 -92.33 14.41
N ALA D 329 -96.44 -91.12 14.59
CA ALA D 329 -96.76 -90.64 15.93
C ALA D 329 -98.18 -91.07 16.29
N GLY D 330 -98.67 -90.63 17.44
CA GLY D 330 -99.95 -91.06 17.95
C GLY D 330 -101.13 -90.21 17.57
N LEU D 331 -100.95 -89.21 16.72
CA LEU D 331 -102.04 -88.31 16.37
C LEU D 331 -102.59 -88.64 14.98
N ASP D 332 -103.67 -87.94 14.61
CA ASP D 332 -104.42 -88.28 13.41
C ASP D 332 -103.68 -87.84 12.14
N VAL D 333 -104.29 -88.11 10.99
CA VAL D 333 -103.67 -87.81 9.72
C VAL D 333 -104.45 -86.77 8.91
N ALA D 334 -105.77 -86.68 9.10
CA ALA D 334 -106.60 -85.85 8.23
C ALA D 334 -106.39 -84.37 8.49
N LEU D 335 -106.54 -83.96 9.75
CA LEU D 335 -106.33 -82.55 10.10
C LEU D 335 -104.87 -82.16 9.99
N ALA D 336 -103.96 -83.14 10.16
CA ALA D 336 -102.54 -82.91 9.94
C ALA D 336 -102.26 -82.55 8.49
N ARG D 337 -102.78 -83.36 7.56
CA ARG D 337 -102.58 -83.11 6.13
C ARG D 337 -103.28 -81.83 5.71
N GLU D 338 -104.43 -81.52 6.33
CA GLU D 338 -105.17 -80.31 6.01
C GLU D 338 -104.40 -79.06 6.43
N LEU D 339 -103.88 -79.04 7.65
CA LEU D 339 -103.12 -77.89 8.11
C LEU D 339 -101.79 -77.76 7.38
N ALA D 340 -101.20 -78.88 6.97
CA ALA D 340 -99.98 -78.84 6.16
C ALA D 340 -100.26 -78.22 4.80
N ASP D 341 -101.41 -78.57 4.19
CA ASP D 341 -101.85 -77.90 2.97
C ASP D 341 -102.07 -76.41 3.19
N ALA D 342 -102.67 -76.06 4.33
CA ALA D 342 -103.05 -74.68 4.56
C ALA D 342 -101.86 -73.79 4.87
N ILE D 343 -100.77 -74.34 5.38
CA ILE D 343 -99.63 -73.51 5.76
C ILE D 343 -98.44 -73.70 4.84
N LEU D 344 -98.42 -74.72 3.98
CA LEU D 344 -97.29 -74.94 3.10
C LEU D 344 -97.55 -74.63 1.65
N ILE D 345 -98.77 -74.86 1.15
CA ILE D 345 -99.07 -74.78 -0.27
C ILE D 345 -100.16 -73.75 -0.56
N ARG D 346 -101.30 -73.88 0.09
CA ARG D 346 -102.47 -73.06 -0.22
C ARG D 346 -102.26 -71.63 0.23
N LYS D 347 -102.42 -70.69 -0.71
CA LYS D 347 -102.13 -69.29 -0.47
C LYS D 347 -103.19 -68.65 0.43
N VAL D 348 -102.95 -67.41 0.82
CA VAL D 348 -103.84 -66.69 1.71
C VAL D 348 -104.18 -65.35 1.08
N ASP D 349 -105.27 -64.74 1.55
CA ASP D 349 -105.77 -63.49 0.99
C ASP D 349 -106.28 -62.63 2.15
N TRP D 350 -105.41 -61.73 2.62
CA TRP D 350 -105.68 -61.01 3.85
C TRP D 350 -106.76 -59.95 3.66
N VAL D 351 -106.88 -59.43 2.43
CA VAL D 351 -107.86 -58.38 2.16
C VAL D 351 -109.28 -58.91 2.27
N ASP D 352 -109.59 -60.00 1.56
CA ASP D 352 -110.94 -60.49 1.69
C ASP D 352 -111.17 -61.23 3.00
N GLU D 353 -110.09 -61.64 3.68
CA GLU D 353 -110.25 -62.10 5.05
C GLU D 353 -110.76 -60.99 5.97
N ILE D 354 -110.14 -59.80 5.91
CA ILE D 354 -110.59 -58.76 6.82
C ILE D 354 -111.92 -58.15 6.36
N THR D 355 -112.24 -58.22 5.05
CA THR D 355 -113.58 -57.77 4.68
C THR D 355 -114.63 -58.79 5.07
N ARG D 356 -114.27 -60.07 5.17
CA ARG D 356 -115.18 -61.04 5.78
C ARG D 356 -115.39 -60.73 7.25
N VAL D 357 -114.33 -60.28 7.92
CA VAL D 357 -114.44 -59.82 9.31
C VAL D 357 -115.40 -58.64 9.42
N HIS D 358 -115.25 -57.67 8.54
CA HIS D 358 -116.11 -56.48 8.61
C HIS D 358 -117.53 -56.77 8.15
N ALA D 359 -117.72 -57.75 7.28
CA ALA D 359 -119.07 -58.18 6.92
C ALA D 359 -119.72 -58.94 8.07
N ALA D 360 -118.92 -59.63 8.88
CA ALA D 360 -119.44 -60.15 10.13
C ALA D 360 -119.78 -59.01 11.09
N GLY D 361 -119.05 -57.92 11.02
CA GLY D 361 -119.45 -56.70 11.68
C GLY D 361 -118.76 -56.39 12.99
N ALA D 362 -117.50 -56.77 13.14
CA ALA D 362 -116.78 -56.52 14.39
C ALA D 362 -116.36 -55.05 14.44
N ARG D 363 -116.84 -54.33 15.45
CA ARG D 363 -116.47 -52.94 15.62
C ARG D 363 -115.18 -52.75 16.39
N TRP D 364 -114.58 -53.83 16.87
CA TRP D 364 -113.23 -53.78 17.41
C TRP D 364 -112.47 -55.00 16.94
N ILE D 365 -111.15 -54.91 16.94
CA ILE D 365 -110.33 -56.03 16.50
C ILE D 365 -109.09 -56.15 17.39
N LEU D 366 -109.06 -57.19 18.21
CA LEU D 366 -107.86 -57.61 18.91
C LEU D 366 -106.93 -58.30 17.93
N ASP D 367 -105.63 -58.16 18.15
CA ASP D 367 -104.74 -59.19 17.62
C ASP D 367 -103.85 -59.70 18.74
N LEU D 368 -103.49 -60.97 18.62
CA LEU D 368 -102.78 -61.69 19.66
C LEU D 368 -101.38 -62.09 19.26
N GLY D 369 -101.00 -61.87 18.00
CA GLY D 369 -99.77 -62.36 17.46
C GLY D 369 -98.54 -61.72 18.06
N PRO D 370 -97.37 -62.26 17.74
CA PRO D 370 -96.12 -61.73 18.31
C PRO D 370 -95.79 -60.37 17.73
N GLY D 371 -95.42 -59.44 18.61
CA GLY D 371 -95.08 -58.10 18.19
C GLY D 371 -96.29 -57.32 17.72
N ASP D 372 -96.01 -56.31 16.90
CA ASP D 372 -97.03 -55.44 16.34
C ASP D 372 -97.01 -55.42 14.82
N ILE D 373 -96.45 -56.47 14.20
CA ILE D 373 -96.42 -56.54 12.74
C ILE D 373 -97.82 -56.69 12.18
N LEU D 374 -98.72 -57.33 12.92
CA LEU D 374 -100.07 -57.50 12.40
C LEU D 374 -100.86 -56.21 12.51
N THR D 375 -100.60 -55.40 13.54
CA THR D 375 -101.19 -54.07 13.60
C THR D 375 -100.67 -53.19 12.46
N ARG D 376 -99.35 -53.20 12.26
CA ARG D 376 -98.76 -52.37 11.21
C ARG D 376 -99.05 -52.91 9.81
N LEU D 377 -99.57 -54.12 9.69
CA LEU D 377 -100.03 -54.63 8.41
C LEU D 377 -101.54 -54.46 8.22
N THR D 378 -102.32 -54.42 9.29
CA THR D 378 -103.76 -54.27 9.14
C THR D 378 -104.20 -52.83 9.12
N ALA D 379 -103.37 -51.89 9.57
CA ALA D 379 -103.79 -50.49 9.58
C ALA D 379 -104.10 -49.92 8.20
N PRO D 380 -103.30 -50.11 7.13
CA PRO D 380 -103.71 -49.56 5.83
C PRO D 380 -104.87 -50.30 5.17
N VAL D 381 -105.33 -51.43 5.70
CA VAL D 381 -106.40 -52.16 5.04
C VAL D 381 -107.75 -51.97 5.72
N ILE D 382 -107.80 -51.64 7.00
CA ILE D 382 -109.02 -51.12 7.62
C ILE D 382 -108.87 -49.64 7.93
N ARG D 383 -107.99 -48.97 7.18
CA ARG D 383 -107.74 -47.54 7.31
C ARG D 383 -109.02 -46.71 7.17
N GLY D 384 -109.87 -47.06 6.22
CA GLY D 384 -111.05 -46.25 6.00
C GLY D 384 -112.36 -46.90 6.35
N LEU D 385 -112.41 -47.65 7.45
CA LEU D 385 -113.62 -48.37 7.81
C LEU D 385 -114.14 -48.05 9.20
N GLY D 386 -113.35 -47.42 10.05
CA GLY D 386 -113.81 -47.09 11.38
C GLY D 386 -113.78 -48.25 12.35
N ILE D 387 -112.75 -49.09 12.28
CA ILE D 387 -112.58 -50.21 13.19
C ILE D 387 -111.28 -49.99 13.95
N GLY D 388 -111.29 -50.28 15.25
CA GLY D 388 -110.14 -50.03 16.09
C GLY D 388 -109.35 -51.28 16.40
N ILE D 389 -108.07 -51.25 16.07
CA ILE D 389 -107.17 -52.36 16.39
C ILE D 389 -106.64 -52.18 17.82
N VAL D 390 -106.40 -53.30 18.48
CA VAL D 390 -105.72 -53.31 19.78
C VAL D 390 -104.68 -54.41 19.83
N PRO D 391 -103.43 -54.09 20.13
CA PRO D 391 -102.40 -55.13 20.27
C PRO D 391 -102.52 -55.86 21.60
N ALA D 392 -102.20 -57.14 21.57
CA ALA D 392 -101.89 -57.87 22.79
C ALA D 392 -100.39 -58.10 22.83
N ALA D 393 -99.94 -58.79 23.88
CA ALA D 393 -98.54 -59.22 24.06
C ALA D 393 -97.56 -58.06 24.04
N THR D 394 -98.01 -56.89 24.47
CA THR D 394 -97.21 -55.67 24.44
C THR D 394 -97.59 -54.88 25.69
N ARG D 395 -96.63 -54.21 26.30
CA ARG D 395 -96.95 -53.37 27.45
C ARG D 395 -97.84 -52.21 27.04
N GLY D 396 -97.57 -51.60 25.88
CA GLY D 396 -98.45 -50.58 25.37
C GLY D 396 -99.83 -51.11 25.03
N GLY D 397 -99.89 -52.33 24.51
CA GLY D 397 -101.17 -52.95 24.21
C GLY D 397 -101.96 -53.27 25.46
N GLN D 398 -101.27 -53.70 26.52
CA GLN D 398 -101.96 -54.01 27.76
C GLN D 398 -102.44 -52.75 28.46
N ARG D 399 -101.66 -51.67 28.41
CA ARG D 399 -102.14 -50.44 29.05
C ARG D 399 -103.25 -49.78 28.24
N ASN D 400 -103.23 -49.92 26.90
CA ASN D 400 -104.36 -49.46 26.10
C ASN D 400 -105.56 -50.37 26.24
N LEU D 401 -105.36 -51.61 26.63
CA LEU D 401 -106.45 -52.57 26.77
C LEU D 401 -107.05 -52.53 28.16
N PHE D 402 -106.32 -52.00 29.13
CA PHE D 402 -106.73 -52.04 30.54
C PHE D 402 -106.99 -50.69 31.17
N THR D 403 -106.24 -49.65 30.82
CA THR D 403 -106.42 -48.35 31.47
C THR D 403 -107.70 -47.71 30.95
N VAL D 404 -108.50 -47.15 31.87
CA VAL D 404 -109.75 -46.51 31.48
C VAL D 404 -109.48 -45.23 30.69
N GLY D 405 -108.54 -44.41 31.15
CA GLY D 405 -108.21 -43.19 30.45
C GLY D 405 -107.39 -43.35 29.20
N ALA D 406 -106.90 -44.56 28.91
CA ALA D 406 -106.07 -44.84 27.75
C ALA D 406 -106.76 -45.88 26.88
N THR D 407 -107.61 -45.42 25.97
CA THR D 407 -108.25 -46.23 24.95
C THR D 407 -107.89 -45.67 23.58
N PRO D 408 -107.79 -46.52 22.55
CA PRO D 408 -107.37 -46.02 21.24
C PRO D 408 -108.47 -45.19 20.58
N GLU D 409 -108.05 -44.23 19.77
CA GLU D 409 -108.97 -43.29 19.14
C GLU D 409 -109.30 -43.77 17.73
N VAL D 410 -110.51 -44.29 17.56
CA VAL D 410 -110.94 -44.81 16.27
C VAL D 410 -111.30 -43.63 15.38
N ALA D 411 -110.68 -43.56 14.20
CA ALA D 411 -110.97 -42.51 13.25
C ALA D 411 -112.36 -42.71 12.64
N ARG D 412 -112.88 -41.65 12.06
CA ARG D 412 -114.25 -41.66 11.57
C ARG D 412 -114.34 -42.39 10.23
N ALA D 413 -115.51 -42.94 9.96
CA ALA D 413 -115.76 -43.59 8.68
C ALA D 413 -116.00 -42.55 7.59
N TRP D 414 -116.18 -43.01 6.36
CA TRP D 414 -116.26 -42.12 5.21
C TRP D 414 -117.68 -41.97 4.69
N SER D 415 -118.53 -42.96 4.97
CA SER D 415 -119.96 -42.79 4.78
C SER D 415 -120.54 -41.70 5.68
N SER D 416 -119.85 -41.35 6.77
CA SER D 416 -120.23 -40.16 7.52
C SER D 416 -119.91 -38.89 6.75
N TYR D 417 -118.81 -38.89 6.00
CA TYR D 417 -118.46 -37.70 5.22
C TYR D 417 -119.28 -37.57 3.95
N ALA D 418 -120.02 -38.61 3.58
CA ALA D 418 -120.99 -38.50 2.48
C ALA D 418 -121.99 -37.36 2.71
N PRO D 419 -122.35 -36.59 1.70
CA PRO D 419 -123.07 -35.33 1.90
C PRO D 419 -124.55 -35.53 2.22
N THR D 420 -125.23 -34.42 2.50
CA THR D 420 -126.60 -34.48 3.00
C THR D 420 -127.42 -33.41 2.28
N VAL D 421 -128.75 -33.45 2.47
CA VAL D 421 -129.69 -32.55 1.80
C VAL D 421 -130.41 -31.72 2.86
N VAL D 422 -130.55 -30.41 2.62
CA VAL D 422 -131.29 -29.55 3.53
C VAL D 422 -132.33 -28.78 2.74
N ARG D 423 -133.30 -28.23 3.46
CA ARG D 423 -134.34 -27.38 2.88
C ARG D 423 -134.31 -26.01 3.54
N LEU D 424 -134.07 -24.99 2.73
CA LEU D 424 -134.07 -23.62 3.19
C LEU D 424 -135.50 -23.15 3.46
N PRO D 425 -135.68 -22.12 4.33
CA PRO D 425 -137.04 -21.75 4.73
C PRO D 425 -137.88 -21.02 3.69
N ASP D 426 -137.41 -20.93 2.44
CA ASP D 426 -138.25 -20.48 1.35
C ASP D 426 -138.74 -21.63 0.47
N GLY D 427 -138.44 -22.87 0.85
CA GLY D 427 -138.83 -24.02 0.08
C GLY D 427 -137.79 -24.53 -0.88
N ARG D 428 -136.65 -23.85 -1.00
CA ARG D 428 -135.58 -24.34 -1.84
C ARG D 428 -134.88 -25.51 -1.18
N VAL D 429 -134.35 -26.42 -2.00
CA VAL D 429 -133.72 -27.64 -1.53
C VAL D 429 -132.28 -27.63 -1.98
N LYS D 430 -131.35 -27.61 -1.03
CA LYS D 430 -129.95 -27.39 -1.33
C LYS D 430 -129.08 -28.48 -0.71
N LEU D 431 -127.84 -28.51 -1.17
CA LEU D 431 -126.88 -29.53 -0.75
C LEU D 431 -126.09 -29.02 0.44
N SER D 432 -125.76 -29.91 1.36
CA SER D 432 -124.98 -29.56 2.54
C SER D 432 -123.79 -30.51 2.62
N THR D 433 -122.61 -29.95 2.42
CA THR D 433 -121.33 -30.54 2.73
C THR D 433 -120.67 -29.70 3.81
N LYS D 434 -119.52 -30.15 4.29
CA LYS D 434 -118.89 -29.39 5.36
C LYS D 434 -118.21 -28.12 4.86
N PHE D 435 -117.98 -27.99 3.55
CA PHE D 435 -117.60 -26.69 3.01
C PHE D 435 -118.73 -25.69 3.14
N THR D 436 -119.95 -26.12 2.81
CA THR D 436 -121.11 -25.25 2.98
C THR D 436 -121.34 -24.96 4.45
N ARG D 437 -121.08 -25.95 5.31
CA ARG D 437 -121.19 -25.71 6.75
C ARG D 437 -120.14 -24.72 7.24
N LEU D 438 -118.95 -24.74 6.66
CA LEU D 438 -117.92 -23.80 7.08
C LEU D 438 -118.23 -22.40 6.59
N THR D 439 -118.32 -22.22 5.27
CA THR D 439 -118.51 -20.88 4.72
C THR D 439 -119.96 -20.43 4.83
N GLY D 440 -120.87 -21.14 4.16
CA GLY D 440 -122.24 -20.69 4.08
C GLY D 440 -122.65 -20.53 2.64
N ARG D 441 -121.84 -21.05 1.73
CA ARG D 441 -122.04 -20.87 0.30
C ARG D 441 -122.06 -22.23 -0.38
N SER D 442 -122.43 -22.22 -1.65
CA SER D 442 -122.71 -23.44 -2.40
C SER D 442 -121.40 -24.17 -2.71
N PRO D 443 -121.41 -25.51 -2.75
CA PRO D 443 -120.14 -26.25 -2.91
C PRO D 443 -119.55 -26.18 -4.30
N ILE D 444 -120.21 -25.56 -5.26
CA ILE D 444 -119.61 -25.29 -6.54
C ILE D 444 -118.90 -23.95 -6.45
N LEU D 445 -117.65 -23.90 -6.84
CA LEU D 445 -116.87 -22.69 -6.63
C LEU D 445 -116.66 -21.97 -7.96
N LEU D 446 -115.88 -20.91 -7.92
CA LEU D 446 -115.52 -20.17 -9.13
C LEU D 446 -114.10 -19.69 -8.92
N ALA D 447 -113.17 -20.31 -9.62
CA ALA D 447 -111.75 -20.14 -9.32
C ALA D 447 -111.23 -18.79 -9.80
N GLY D 448 -110.09 -18.41 -9.25
CA GLY D 448 -109.40 -17.22 -9.70
C GLY D 448 -108.67 -17.48 -11.00
N MET D 449 -108.99 -16.71 -12.03
CA MET D 449 -108.47 -16.93 -13.37
C MET D 449 -107.99 -15.60 -13.92
N THR D 450 -106.72 -15.53 -14.31
CA THR D 450 -106.13 -14.23 -14.63
C THR D 450 -106.67 -13.53 -15.88
N PRO D 451 -107.06 -14.20 -16.98
CA PRO D 451 -107.78 -13.44 -17.99
C PRO D 451 -109.25 -13.29 -17.66
N THR D 452 -109.86 -14.33 -17.10
CA THR D 452 -111.32 -14.39 -17.09
C THR D 452 -111.92 -13.69 -15.87
N THR D 453 -111.53 -14.10 -14.67
CA THR D 453 -112.09 -13.54 -13.45
C THR D 453 -111.29 -12.35 -12.94
N VAL D 454 -110.67 -11.60 -13.84
CA VAL D 454 -110.06 -10.33 -13.47
C VAL D 454 -111.07 -9.21 -13.53
N ASP D 455 -112.34 -9.51 -13.78
CA ASP D 455 -113.33 -8.49 -14.04
C ASP D 455 -114.47 -8.53 -13.03
N ALA D 456 -114.89 -7.31 -12.66
CA ALA D 456 -115.86 -7.11 -11.60
C ALA D 456 -117.22 -7.65 -11.95
N LYS D 457 -117.57 -7.67 -13.24
CA LYS D 457 -118.89 -8.12 -13.65
C LYS D 457 -119.11 -9.60 -13.34
N ILE D 458 -118.18 -10.44 -13.78
CA ILE D 458 -118.35 -11.87 -13.54
C ILE D 458 -118.16 -12.22 -12.08
N VAL D 459 -117.20 -11.55 -11.40
CA VAL D 459 -117.00 -11.96 -10.00
C VAL D 459 -118.14 -11.45 -9.11
N ALA D 460 -118.74 -10.30 -9.44
CA ALA D 460 -119.87 -9.83 -8.68
C ALA D 460 -121.14 -10.60 -8.98
N ALA D 461 -121.34 -11.03 -10.23
CA ALA D 461 -122.52 -11.84 -10.53
C ALA D 461 -122.44 -13.21 -9.88
N ALA D 462 -121.25 -13.81 -9.86
CA ALA D 462 -121.10 -15.09 -9.20
C ALA D 462 -121.22 -14.97 -7.70
N ALA D 463 -120.83 -13.81 -7.13
CA ALA D 463 -121.03 -13.63 -5.69
C ALA D 463 -122.48 -13.32 -5.35
N ASN D 464 -123.21 -12.63 -6.23
CA ASN D 464 -124.61 -12.34 -5.97
C ASN D 464 -125.47 -13.58 -6.15
N ALA D 465 -125.01 -14.55 -6.95
CA ALA D 465 -125.75 -15.79 -7.08
C ALA D 465 -125.65 -16.67 -5.84
N GLY D 466 -124.75 -16.37 -4.92
CA GLY D 466 -124.59 -17.16 -3.72
C GLY D 466 -123.54 -18.23 -3.88
N HIS D 467 -122.36 -17.86 -4.37
CA HIS D 467 -121.32 -18.83 -4.65
C HIS D 467 -119.96 -18.25 -4.27
N TRP D 468 -118.99 -19.14 -4.16
CA TRP D 468 -117.62 -18.74 -3.89
C TRP D 468 -117.04 -18.10 -5.13
N ALA D 469 -117.15 -16.79 -5.25
CA ALA D 469 -116.56 -16.05 -6.35
C ALA D 469 -115.20 -15.54 -5.92
N GLU D 470 -114.30 -15.38 -6.89
CA GLU D 470 -112.90 -15.15 -6.56
C GLU D 470 -112.28 -14.21 -7.58
N LEU D 471 -112.08 -12.96 -7.18
CA LEU D 471 -111.44 -11.98 -8.03
C LEU D 471 -109.98 -12.34 -8.23
N ALA D 472 -109.53 -12.31 -9.48
CA ALA D 472 -108.17 -12.70 -9.79
C ALA D 472 -107.19 -11.64 -9.31
N GLY D 473 -105.94 -12.05 -9.16
CA GLY D 473 -104.95 -11.15 -8.62
C GLY D 473 -103.87 -10.84 -9.61
N GLY D 474 -103.80 -11.62 -10.68
CA GLY D 474 -102.76 -11.43 -11.68
C GLY D 474 -103.01 -10.35 -12.70
N GLY D 475 -104.01 -9.49 -12.49
CA GLY D 475 -104.25 -8.41 -13.43
C GLY D 475 -104.24 -7.05 -12.77
N GLN D 476 -104.45 -7.02 -11.46
CA GLN D 476 -104.42 -5.77 -10.70
C GLN D 476 -102.94 -5.47 -10.44
N VAL D 477 -102.30 -4.82 -11.42
CA VAL D 477 -100.87 -4.62 -11.37
C VAL D 477 -100.46 -3.30 -10.74
N THR D 478 -101.37 -2.32 -10.64
CA THR D 478 -101.05 -1.04 -10.05
C THR D 478 -102.12 -0.62 -9.05
N GLU D 479 -101.76 0.38 -8.25
CA GLU D 479 -102.62 0.85 -7.16
C GLU D 479 -103.89 1.48 -7.69
N GLU D 480 -103.81 2.18 -8.82
CA GLU D 480 -104.98 2.83 -9.37
C GLU D 480 -105.99 1.81 -9.89
N ILE D 481 -105.50 0.78 -10.58
CA ILE D 481 -106.36 -0.28 -11.08
C ILE D 481 -106.97 -1.05 -9.91
N PHE D 482 -106.19 -1.26 -8.85
CA PHE D 482 -106.68 -1.99 -7.69
C PHE D 482 -107.80 -1.23 -6.99
N GLY D 483 -107.58 0.06 -6.72
CA GLY D 483 -108.61 0.88 -6.11
C GLY D 483 -109.85 1.03 -6.97
N ASN D 484 -109.66 1.11 -8.29
CA ASN D 484 -110.82 1.20 -9.19
C ASN D 484 -111.63 -0.08 -9.18
N ARG D 485 -110.97 -1.24 -9.09
CA ARG D 485 -111.75 -2.47 -9.08
C ARG D 485 -112.45 -2.69 -7.76
N ILE D 486 -111.85 -2.26 -6.65
CA ILE D 486 -112.54 -2.30 -5.36
C ILE D 486 -113.77 -1.39 -5.39
N GLU D 487 -113.64 -0.23 -6.04
CA GLU D 487 -114.78 0.67 -6.19
C GLU D 487 -115.88 0.06 -7.06
N GLN D 488 -115.49 -0.62 -8.15
CA GLN D 488 -116.47 -1.26 -9.00
C GLN D 488 -117.22 -2.37 -8.27
N MET D 489 -116.51 -3.17 -7.48
CA MET D 489 -117.15 -4.26 -6.76
C MET D 489 -118.11 -3.74 -5.69
N ALA D 490 -117.71 -2.67 -5.00
CA ALA D 490 -118.61 -2.05 -4.04
C ALA D 490 -119.83 -1.45 -4.73
N GLY D 491 -119.68 -1.01 -5.97
CA GLY D 491 -120.85 -0.55 -6.72
C GLY D 491 -121.75 -1.69 -7.14
N LEU D 492 -121.18 -2.82 -7.53
CA LEU D 492 -121.95 -3.89 -8.16
C LEU D 492 -122.65 -4.81 -7.19
N LEU D 493 -122.09 -5.06 -6.01
CA LEU D 493 -122.75 -6.00 -5.11
C LEU D 493 -123.99 -5.40 -4.47
N GLU D 494 -124.95 -6.26 -4.15
CA GLU D 494 -126.05 -5.84 -3.30
C GLU D 494 -125.61 -5.85 -1.85
N PRO D 495 -126.34 -5.19 -0.95
CA PRO D 495 -126.01 -5.30 0.48
C PRO D 495 -126.04 -6.71 1.02
N GLY D 496 -124.97 -7.09 1.70
CA GLY D 496 -124.85 -8.37 2.37
C GLY D 496 -123.84 -9.31 1.74
N ARG D 497 -123.74 -9.30 0.42
CA ARG D 497 -122.91 -10.28 -0.25
C ARG D 497 -121.44 -9.90 -0.15
N THR D 498 -120.59 -10.92 -0.16
CA THR D 498 -119.14 -10.77 -0.05
C THR D 498 -118.48 -11.47 -1.22
N TYR D 499 -117.19 -11.20 -1.40
CA TYR D 499 -116.41 -11.86 -2.44
C TYR D 499 -115.03 -12.15 -1.88
N GLN D 500 -114.23 -12.85 -2.66
CA GLN D 500 -112.94 -13.34 -2.20
C GLN D 500 -111.85 -12.76 -3.07
N PHE D 501 -110.62 -13.21 -2.87
CA PHE D 501 -109.49 -12.66 -3.57
C PHE D 501 -108.43 -13.73 -3.77
N ASN D 502 -107.77 -13.70 -4.91
CA ASN D 502 -106.72 -14.63 -5.26
C ASN D 502 -105.40 -13.88 -5.26
N ALA D 503 -104.35 -14.50 -4.74
CA ALA D 503 -103.05 -13.84 -4.68
C ALA D 503 -101.99 -14.80 -5.16
N LEU D 504 -101.30 -14.43 -6.23
CA LEU D 504 -100.18 -15.25 -6.69
C LEU D 504 -99.01 -15.07 -5.75
N PHE D 505 -98.39 -16.17 -5.36
CA PHE D 505 -97.35 -16.10 -4.33
C PHE D 505 -95.95 -15.94 -4.91
N LEU D 506 -95.59 -16.73 -5.91
CA LEU D 506 -94.23 -16.70 -6.43
C LEU D 506 -94.03 -15.64 -7.51
N ASP D 507 -95.02 -14.79 -7.74
CA ASP D 507 -94.82 -13.58 -8.53
C ASP D 507 -94.36 -12.50 -7.57
N PRO D 508 -93.09 -12.10 -7.59
CA PRO D 508 -92.55 -11.31 -6.47
C PRO D 508 -93.08 -9.88 -6.38
N TYR D 509 -93.07 -9.13 -7.50
CA TYR D 509 -93.56 -7.77 -7.48
C TYR D 509 -95.04 -7.71 -7.19
N LEU D 510 -95.79 -8.62 -7.77
CA LEU D 510 -97.23 -8.66 -7.56
C LEU D 510 -97.56 -9.07 -6.13
N TRP D 511 -96.76 -9.96 -5.54
CA TRP D 511 -97.00 -10.37 -4.16
C TRP D 511 -96.67 -9.25 -3.19
N LYS D 512 -95.58 -8.52 -3.43
CA LYS D 512 -95.25 -7.39 -2.57
C LYS D 512 -96.28 -6.28 -2.71
N LEU D 513 -96.88 -6.12 -3.88
CA LEU D 513 -97.90 -5.10 -4.01
C LEU D 513 -99.22 -5.53 -3.38
N GLN D 514 -99.61 -6.79 -3.54
CA GLN D 514 -100.92 -7.20 -3.03
C GLN D 514 -100.87 -7.41 -1.52
N VAL D 515 -99.96 -8.25 -1.02
CA VAL D 515 -100.00 -8.74 0.34
C VAL D 515 -98.77 -8.31 1.13
N GLY D 516 -97.59 -8.62 0.63
CA GLY D 516 -96.37 -8.48 1.41
C GLY D 516 -95.89 -7.09 1.72
N GLY D 517 -95.39 -6.36 0.72
CA GLY D 517 -94.76 -5.07 1.00
C GLY D 517 -95.73 -3.97 1.32
N LYS D 518 -96.49 -3.51 0.33
CA LYS D 518 -97.70 -2.80 0.66
C LYS D 518 -98.76 -3.81 1.02
N ARG D 519 -99.75 -3.38 1.79
CA ARG D 519 -100.78 -4.30 2.21
C ARG D 519 -102.08 -3.78 1.65
N LEU D 520 -102.31 -4.05 0.37
CA LEU D 520 -103.47 -3.42 -0.27
C LEU D 520 -104.75 -4.15 0.05
N VAL D 521 -104.68 -5.48 0.13
CA VAL D 521 -105.84 -6.27 0.52
C VAL D 521 -106.22 -5.99 1.97
N GLN D 522 -105.21 -5.87 2.84
CA GLN D 522 -105.44 -5.55 4.23
C GLN D 522 -106.01 -4.15 4.40
N LYS D 523 -105.50 -3.17 3.64
CA LYS D 523 -106.03 -1.82 3.75
C LYS D 523 -107.45 -1.73 3.19
N ALA D 524 -107.76 -2.49 2.15
CA ALA D 524 -109.13 -2.51 1.65
C ALA D 524 -110.07 -3.15 2.64
N ARG D 525 -109.62 -4.19 3.33
CA ARG D 525 -110.47 -4.83 4.33
C ARG D 525 -110.67 -3.94 5.55
N GLN D 526 -109.61 -3.23 5.97
CA GLN D 526 -109.76 -2.31 7.09
C GLN D 526 -110.61 -1.10 6.71
N SER D 527 -110.61 -0.71 5.43
CA SER D 527 -111.51 0.34 5.00
C SER D 527 -112.94 -0.16 4.93
N GLY D 528 -113.14 -1.45 4.69
CA GLY D 528 -114.47 -1.99 4.79
C GLY D 528 -114.98 -2.66 3.53
N ALA D 529 -114.06 -3.11 2.69
CA ALA D 529 -114.47 -3.90 1.54
C ALA D 529 -114.93 -5.27 1.99
N ALA D 530 -115.62 -5.99 1.11
CA ALA D 530 -116.28 -7.22 1.47
C ALA D 530 -115.42 -8.45 1.23
N ILE D 531 -114.11 -8.33 1.39
CA ILE D 531 -113.22 -9.47 1.18
C ILE D 531 -113.23 -10.34 2.43
N ASP D 532 -113.70 -11.58 2.31
CA ASP D 532 -113.65 -12.52 3.42
C ASP D 532 -112.85 -13.76 3.08
N GLY D 533 -111.87 -13.65 2.20
CA GLY D 533 -111.09 -14.81 1.84
C GLY D 533 -109.94 -14.50 0.92
N VAL D 534 -108.77 -15.06 1.24
CA VAL D 534 -107.58 -14.92 0.41
C VAL D 534 -107.11 -16.31 0.03
N VAL D 535 -106.90 -16.52 -1.26
CA VAL D 535 -106.48 -17.80 -1.81
C VAL D 535 -105.02 -17.69 -2.18
N ILE D 536 -104.17 -18.50 -1.56
CA ILE D 536 -102.76 -18.50 -1.91
C ILE D 536 -102.51 -19.55 -2.98
N SER D 537 -102.07 -19.09 -4.15
CA SER D 537 -101.88 -19.90 -5.33
C SER D 537 -100.40 -19.92 -5.72
N ALA D 538 -100.03 -20.99 -6.42
CA ALA D 538 -98.71 -21.20 -7.01
C ALA D 538 -97.60 -21.16 -5.95
N GLY D 539 -97.65 -22.14 -5.06
CA GLY D 539 -96.63 -22.30 -4.05
C GLY D 539 -97.17 -22.29 -2.64
N ILE D 540 -96.48 -22.93 -1.71
CA ILE D 540 -96.87 -22.99 -0.31
C ILE D 540 -95.73 -22.40 0.51
N PRO D 541 -95.98 -21.45 1.39
CA PRO D 541 -94.92 -20.92 2.25
C PRO D 541 -94.50 -21.95 3.30
N ASP D 542 -93.40 -21.65 3.97
CA ASP D 542 -92.89 -22.51 5.03
C ASP D 542 -93.72 -22.28 6.30
N LEU D 543 -93.32 -22.97 7.38
CA LEU D 543 -94.15 -23.13 8.56
C LEU D 543 -94.37 -21.81 9.28
N ASP D 544 -93.29 -21.14 9.67
CA ASP D 544 -93.42 -19.98 10.53
C ASP D 544 -94.06 -18.80 9.81
N GLU D 545 -93.66 -18.53 8.56
CA GLU D 545 -94.29 -17.41 7.87
C GLU D 545 -95.71 -17.75 7.42
N ALA D 546 -96.02 -19.03 7.23
CA ALA D 546 -97.40 -19.39 6.93
C ALA D 546 -98.30 -19.18 8.14
N VAL D 547 -97.85 -19.58 9.33
CA VAL D 547 -98.64 -19.37 10.54
C VAL D 547 -98.76 -17.87 10.86
N GLU D 548 -97.68 -17.12 10.60
CA GLU D 548 -97.76 -15.66 10.71
C GLU D 548 -98.75 -15.06 9.73
N LEU D 549 -98.88 -15.65 8.54
CA LEU D 549 -99.82 -15.11 7.57
C LEU D 549 -101.26 -15.40 7.97
N ILE D 550 -101.52 -16.62 8.45
CA ILE D 550 -102.85 -16.95 8.97
C ILE D 550 -103.22 -16.04 10.14
N ASP D 551 -102.27 -15.77 11.04
CA ASP D 551 -102.60 -14.93 12.18
C ASP D 551 -102.72 -13.46 11.79
N GLU D 552 -101.93 -13.01 10.81
CA GLU D 552 -102.05 -11.64 10.33
C GLU D 552 -103.39 -11.39 9.68
N LEU D 553 -103.87 -12.33 8.87
CA LEU D 553 -105.16 -12.12 8.22
C LEU D 553 -106.32 -12.35 9.18
N GLY D 554 -106.18 -13.27 10.13
CA GLY D 554 -107.21 -13.44 11.14
C GLY D 554 -107.29 -12.29 12.12
N ASP D 555 -106.21 -11.50 12.23
CA ASP D 555 -106.27 -10.27 13.02
C ASP D 555 -107.31 -9.31 12.44
N ILE D 556 -107.15 -8.94 11.17
CA ILE D 556 -108.07 -7.98 10.57
C ILE D 556 -109.41 -8.62 10.23
N GLY D 557 -109.49 -9.95 10.17
CA GLY D 557 -110.77 -10.60 10.02
C GLY D 557 -111.06 -11.11 8.63
N ILE D 558 -110.05 -11.69 7.98
CA ILE D 558 -110.26 -12.31 6.68
C ILE D 558 -110.97 -13.65 6.85
N SER D 559 -110.48 -14.47 7.76
CA SER D 559 -111.09 -15.70 8.28
C SER D 559 -111.25 -16.82 7.26
N HIS D 560 -110.72 -16.67 6.06
CA HIS D 560 -110.63 -17.80 5.11
C HIS D 560 -109.32 -17.65 4.35
N VAL D 561 -108.26 -18.23 4.87
CA VAL D 561 -106.97 -18.21 4.20
C VAL D 561 -106.77 -19.61 3.65
N VAL D 562 -106.94 -19.77 2.34
CA VAL D 562 -106.93 -21.11 1.78
C VAL D 562 -105.66 -21.28 0.97
N PHE D 563 -105.28 -22.54 0.76
CA PHE D 563 -104.09 -22.86 0.01
C PHE D 563 -104.48 -23.71 -1.19
N LYS D 564 -103.70 -23.61 -2.28
CA LYS D 564 -103.82 -24.64 -3.31
C LYS D 564 -102.47 -25.27 -3.60
N PRO D 565 -102.31 -26.57 -3.35
CA PRO D 565 -101.02 -27.22 -3.58
C PRO D 565 -100.94 -27.89 -4.94
N GLY D 566 -99.73 -28.16 -5.41
CA GLY D 566 -99.56 -28.82 -6.69
C GLY D 566 -99.32 -30.31 -6.61
N THR D 567 -98.35 -30.74 -5.81
CA THR D 567 -97.90 -32.12 -5.76
C THR D 567 -98.19 -32.71 -4.38
N ILE D 568 -97.75 -33.96 -4.19
CA ILE D 568 -98.05 -34.69 -2.96
C ILE D 568 -97.30 -34.11 -1.77
N GLU D 569 -96.04 -33.70 -1.98
CA GLU D 569 -95.29 -33.09 -0.91
C GLU D 569 -95.83 -31.70 -0.58
N GLN D 570 -96.32 -31.00 -1.61
CA GLN D 570 -97.05 -29.75 -1.40
C GLN D 570 -98.29 -29.96 -0.58
N ILE D 571 -98.96 -31.11 -0.74
CA ILE D 571 -100.12 -31.42 0.09
C ILE D 571 -99.70 -31.70 1.53
N ARG D 572 -98.67 -32.54 1.72
CA ARG D 572 -98.27 -32.92 3.08
C ARG D 572 -97.71 -31.75 3.87
N SER D 573 -97.17 -30.74 3.18
CA SER D 573 -96.76 -29.52 3.86
C SER D 573 -97.97 -28.78 4.45
N VAL D 574 -99.09 -28.79 3.76
CA VAL D 574 -100.25 -28.09 4.32
C VAL D 574 -100.89 -28.95 5.41
N ILE D 575 -100.76 -30.28 5.33
CA ILE D 575 -101.13 -31.11 6.47
C ILE D 575 -100.30 -30.77 7.70
N ARG D 576 -99.00 -30.50 7.51
CA ARG D 576 -98.18 -30.05 8.62
C ARG D 576 -98.61 -28.68 9.14
N ILE D 577 -99.06 -27.80 8.25
CA ILE D 577 -99.59 -26.48 8.66
C ILE D 577 -100.84 -26.66 9.52
N ALA D 578 -101.77 -27.48 9.07
CA ALA D 578 -103.01 -27.66 9.81
C ALA D 578 -102.84 -28.50 11.06
N THR D 579 -101.73 -29.23 11.17
CA THR D 579 -101.43 -29.89 12.43
C THR D 579 -100.82 -28.89 13.42
N GLU D 580 -99.89 -28.06 12.96
CA GLU D 580 -99.28 -27.09 13.86
C GLU D 580 -100.19 -25.91 14.17
N VAL D 581 -101.32 -25.77 13.49
CA VAL D 581 -102.37 -24.84 13.88
C VAL D 581 -103.63 -25.66 14.15
N PRO D 582 -103.90 -26.01 15.40
CA PRO D 582 -104.96 -27.00 15.67
C PRO D 582 -106.37 -26.46 15.52
N THR D 583 -106.64 -25.26 16.02
CA THR D 583 -108.03 -24.82 16.14
C THR D 583 -108.56 -24.12 14.89
N LYS D 584 -107.71 -23.50 14.12
CA LYS D 584 -108.20 -22.76 12.98
C LYS D 584 -108.51 -23.72 11.83
N PRO D 585 -109.55 -23.45 11.04
CA PRO D 585 -109.85 -24.30 9.88
C PRO D 585 -109.11 -23.88 8.63
N VAL D 586 -108.59 -24.87 7.91
CA VAL D 586 -107.75 -24.68 6.74
C VAL D 586 -108.42 -25.34 5.54
N ILE D 587 -108.39 -24.67 4.39
CA ILE D 587 -109.06 -25.13 3.20
C ILE D 587 -108.01 -25.41 2.12
N MET D 588 -108.14 -26.57 1.49
CA MET D 588 -107.32 -27.07 0.40
C MET D 588 -108.04 -26.89 -0.91
N HIS D 589 -107.29 -26.56 -1.96
CA HIS D 589 -107.80 -26.69 -3.32
C HIS D 589 -106.81 -27.59 -4.05
N VAL D 590 -107.09 -28.89 -4.05
CA VAL D 590 -106.23 -29.83 -4.77
C VAL D 590 -106.53 -29.67 -6.26
N GLU D 591 -105.61 -29.07 -7.00
CA GLU D 591 -105.80 -28.89 -8.43
C GLU D 591 -104.91 -29.85 -9.18
N GLY D 592 -105.47 -30.50 -10.21
CA GLY D 592 -104.80 -31.56 -10.92
C GLY D 592 -103.90 -31.04 -12.02
N GLY D 593 -103.70 -31.88 -13.02
CA GLY D 593 -102.88 -31.50 -14.14
C GLY D 593 -103.63 -31.19 -15.41
N ARG D 594 -104.92 -31.47 -15.44
CA ARG D 594 -105.74 -31.20 -16.61
C ARG D 594 -106.32 -29.80 -16.60
N ALA D 595 -105.88 -28.95 -15.68
CA ALA D 595 -106.38 -27.59 -15.61
C ALA D 595 -105.77 -26.75 -16.72
N GLY D 596 -106.45 -25.65 -17.03
CA GLY D 596 -105.92 -24.69 -17.96
C GLY D 596 -104.87 -23.82 -17.33
N GLY D 597 -104.35 -22.90 -18.11
CA GLY D 597 -103.29 -22.03 -17.60
C GLY D 597 -102.01 -22.83 -17.49
N HIS D 598 -101.30 -22.63 -16.39
CA HIS D 598 -100.09 -23.40 -16.15
C HIS D 598 -100.44 -24.86 -15.83
N HIS D 599 -99.50 -25.73 -16.15
CA HIS D 599 -99.78 -27.13 -16.43
C HIS D 599 -98.92 -27.98 -15.50
N SER D 600 -99.49 -28.38 -14.37
CA SER D 600 -98.82 -29.38 -13.55
C SER D 600 -98.87 -30.73 -14.24
N TRP D 601 -97.87 -31.56 -13.97
CA TRP D 601 -97.85 -32.87 -14.61
C TRP D 601 -98.50 -33.97 -13.79
N GLU D 602 -98.77 -33.72 -12.50
CA GLU D 602 -99.36 -34.74 -11.67
C GLU D 602 -100.83 -34.96 -12.04
N ASP D 603 -101.36 -36.09 -11.63
CA ASP D 603 -102.74 -36.41 -11.92
C ASP D 603 -103.54 -36.44 -10.63
N LEU D 604 -104.81 -36.08 -10.76
CA LEU D 604 -105.64 -35.72 -9.61
C LEU D 604 -105.93 -36.92 -8.72
N ASP D 605 -106.29 -38.04 -9.34
CA ASP D 605 -106.61 -39.24 -8.60
C ASP D 605 -105.38 -39.79 -7.90
N ASP D 606 -104.21 -39.68 -8.54
CA ASP D 606 -102.97 -40.11 -7.92
C ASP D 606 -102.63 -39.26 -6.70
N LEU D 607 -102.81 -37.93 -6.83
CA LEU D 607 -102.59 -37.02 -5.70
C LEU D 607 -103.46 -37.37 -4.50
N LEU D 608 -104.77 -37.46 -4.72
CA LEU D 608 -105.55 -37.57 -3.51
C LEU D 608 -105.75 -39.02 -3.07
N LEU D 609 -105.44 -40.01 -3.90
CA LEU D 609 -105.22 -41.35 -3.39
C LEU D 609 -103.97 -41.44 -2.53
N ALA D 610 -102.96 -40.61 -2.82
CA ALA D 610 -101.82 -40.60 -1.93
C ALA D 610 -102.17 -39.94 -0.60
N THR D 611 -103.02 -38.92 -0.61
CA THR D 611 -103.15 -38.08 0.57
C THR D 611 -104.53 -38.04 1.24
N TYR D 612 -105.48 -38.91 0.87
CA TYR D 612 -106.84 -38.73 1.37
C TYR D 612 -106.96 -39.10 2.84
N SER D 613 -106.24 -40.13 3.27
CA SER D 613 -106.31 -40.54 4.66
C SER D 613 -105.65 -39.52 5.58
N GLU D 614 -104.56 -38.91 5.12
CA GLU D 614 -103.93 -37.85 5.89
C GLU D 614 -104.79 -36.60 5.92
N LEU D 615 -105.57 -36.37 4.87
CA LEU D 615 -106.54 -35.27 4.92
C LEU D 615 -107.66 -35.55 5.92
N ARG D 616 -108.17 -36.77 5.97
CA ARG D 616 -109.25 -37.04 6.90
C ARG D 616 -108.78 -37.33 8.32
N SER D 617 -107.47 -37.51 8.54
CA SER D 617 -106.98 -37.69 9.89
C SER D 617 -107.05 -36.41 10.71
N ARG D 618 -106.92 -35.25 10.06
CA ARG D 618 -107.14 -33.99 10.74
C ARG D 618 -108.63 -33.69 10.76
N ALA D 619 -109.02 -32.75 11.61
CA ALA D 619 -110.43 -32.45 11.80
C ALA D 619 -110.81 -31.05 11.34
N ASN D 620 -109.86 -30.27 10.85
CA ASN D 620 -110.12 -28.89 10.48
C ASN D 620 -109.81 -28.59 9.03
N ILE D 621 -109.63 -29.62 8.20
CA ILE D 621 -109.26 -29.43 6.80
C ILE D 621 -110.47 -29.68 5.93
N THR D 622 -110.82 -28.69 5.11
CA THR D 622 -111.83 -28.82 4.07
C THR D 622 -111.10 -28.98 2.74
N VAL D 623 -111.53 -29.91 1.90
CA VAL D 623 -110.73 -30.34 0.75
C VAL D 623 -111.56 -30.14 -0.52
N CYS D 624 -111.42 -28.99 -1.17
CA CYS D 624 -112.02 -28.82 -2.48
C CYS D 624 -111.07 -29.30 -3.56
N VAL D 625 -111.62 -29.74 -4.69
CA VAL D 625 -110.81 -30.37 -5.72
C VAL D 625 -111.15 -29.73 -7.06
N GLY D 626 -110.19 -29.79 -7.98
CA GLY D 626 -110.40 -29.15 -9.26
C GLY D 626 -109.40 -29.60 -10.30
N GLY D 627 -109.77 -29.43 -11.55
CA GLY D 627 -108.95 -29.85 -12.66
C GLY D 627 -109.65 -30.90 -13.50
N GLY D 628 -110.11 -30.52 -14.68
CA GLY D 628 -110.79 -31.46 -15.54
C GLY D 628 -112.18 -31.84 -15.09
N ILE D 629 -112.96 -30.88 -14.61
CA ILE D 629 -114.32 -31.12 -14.15
C ILE D 629 -115.26 -30.51 -15.20
N GLY D 630 -115.94 -31.37 -15.93
CA GLY D 630 -116.76 -30.94 -17.04
C GLY D 630 -118.24 -30.97 -16.77
N THR D 631 -118.88 -32.05 -17.20
CA THR D 631 -120.32 -32.22 -17.03
C THR D 631 -120.69 -32.29 -15.55
N PRO D 632 -121.89 -31.82 -15.19
CA PRO D 632 -122.32 -31.93 -13.79
C PRO D 632 -122.48 -33.36 -13.30
N ARG D 633 -122.64 -34.33 -14.21
CA ARG D 633 -122.56 -35.73 -13.84
C ARG D 633 -121.17 -36.07 -13.31
N ARG D 634 -120.13 -35.56 -13.97
CA ARG D 634 -118.77 -35.78 -13.51
C ARG D 634 -118.52 -35.05 -12.20
N ALA D 635 -119.11 -33.87 -12.05
CA ALA D 635 -119.01 -33.16 -10.77
C ALA D 635 -119.67 -33.96 -9.65
N ALA D 636 -120.80 -34.59 -9.94
CA ALA D 636 -121.47 -35.40 -8.92
C ALA D 636 -120.71 -36.67 -8.61
N GLU D 637 -120.08 -37.28 -9.61
CA GLU D 637 -119.34 -38.50 -9.32
C GLU D 637 -118.00 -38.23 -8.66
N TYR D 638 -117.46 -37.01 -8.76
CA TYR D 638 -116.34 -36.66 -7.88
C TYR D 638 -116.82 -36.26 -6.49
N LEU D 639 -118.02 -35.68 -6.38
CA LEU D 639 -118.45 -35.21 -5.07
C LEU D 639 -118.98 -36.35 -4.20
N SER D 640 -119.62 -37.35 -4.79
CA SER D 640 -120.23 -38.43 -4.03
C SER D 640 -119.24 -39.48 -3.58
N GLY D 641 -118.02 -39.47 -4.10
CA GLY D 641 -117.09 -40.52 -3.81
C GLY D 641 -117.25 -41.76 -4.66
N ARG D 642 -118.17 -41.75 -5.63
CA ARG D 642 -118.37 -42.89 -6.51
C ARG D 642 -117.24 -43.08 -7.51
N TRP D 643 -116.32 -42.14 -7.59
CA TRP D 643 -115.22 -42.21 -8.53
C TRP D 643 -114.14 -43.21 -8.11
N ALA D 644 -114.14 -43.65 -6.86
CA ALA D 644 -113.09 -44.53 -6.38
C ALA D 644 -113.30 -46.00 -6.73
N GLN D 645 -114.53 -46.40 -7.07
CA GLN D 645 -114.77 -47.78 -7.46
C GLN D 645 -114.12 -48.16 -8.78
N ALA D 646 -113.71 -47.19 -9.59
CA ALA D 646 -112.87 -47.51 -10.75
C ALA D 646 -111.47 -47.96 -10.33
N TYR D 647 -111.06 -47.65 -9.10
CA TYR D 647 -109.79 -48.14 -8.57
C TYR D 647 -109.96 -49.20 -7.51
N GLY D 648 -111.18 -49.44 -7.04
CA GLY D 648 -111.41 -50.52 -6.10
C GLY D 648 -111.23 -50.14 -4.66
N PHE D 649 -111.63 -48.94 -4.28
CA PHE D 649 -111.57 -48.40 -2.95
C PHE D 649 -112.98 -48.20 -2.41
N PRO D 650 -113.13 -47.86 -1.10
CA PRO D 650 -114.45 -47.41 -0.64
C PRO D 650 -114.86 -46.06 -1.20
N LEU D 651 -116.04 -45.58 -0.82
CA LEU D 651 -116.43 -44.22 -1.16
C LEU D 651 -115.53 -43.24 -0.43
N MET D 652 -114.89 -42.35 -1.18
CA MET D 652 -114.07 -41.28 -0.61
C MET D 652 -114.71 -39.95 -0.99
N PRO D 653 -115.69 -39.48 -0.23
CA PRO D 653 -116.38 -38.25 -0.61
C PRO D 653 -115.53 -37.04 -0.31
N ILE D 654 -115.86 -35.96 -0.99
CA ILE D 654 -115.28 -34.64 -0.77
C ILE D 654 -116.42 -33.67 -0.55
N ASP D 655 -116.10 -32.39 -0.46
CA ASP D 655 -117.05 -31.42 0.05
C ASP D 655 -117.14 -30.15 -0.78
N GLY D 656 -116.36 -30.01 -1.85
CA GLY D 656 -116.51 -28.91 -2.78
C GLY D 656 -115.71 -29.16 -4.03
N ILE D 657 -116.15 -28.66 -5.18
CA ILE D 657 -115.38 -28.76 -6.41
C ILE D 657 -115.33 -27.38 -7.04
N LEU D 658 -114.18 -27.00 -7.59
CA LEU D 658 -114.03 -25.67 -8.15
C LEU D 658 -113.98 -25.74 -9.66
N VAL D 659 -114.62 -24.76 -10.29
CA VAL D 659 -114.91 -24.78 -11.72
C VAL D 659 -114.30 -23.53 -12.31
N GLY D 660 -113.20 -23.68 -13.05
CA GLY D 660 -112.66 -22.53 -13.72
C GLY D 660 -113.04 -22.43 -15.18
N THR D 661 -112.76 -23.48 -15.94
CA THR D 661 -112.77 -23.36 -17.40
C THR D 661 -114.18 -23.41 -17.96
N ALA D 662 -115.09 -24.10 -17.28
CA ALA D 662 -116.46 -24.17 -17.79
C ALA D 662 -117.22 -22.87 -17.62
N ALA D 663 -116.64 -21.86 -16.98
CA ALA D 663 -117.25 -20.55 -16.87
C ALA D 663 -116.63 -19.52 -17.80
N MET D 664 -115.84 -19.96 -18.78
CA MET D 664 -115.19 -18.99 -19.67
C MET D 664 -116.13 -18.45 -20.73
N ALA D 665 -117.20 -19.16 -21.06
CA ALA D 665 -118.07 -18.80 -22.16
C ALA D 665 -119.41 -18.31 -21.64
N THR D 666 -119.41 -17.66 -20.48
CA THR D 666 -120.64 -17.22 -19.87
C THR D 666 -121.03 -15.85 -20.39
N LYS D 667 -122.15 -15.34 -19.86
CA LYS D 667 -122.66 -14.06 -20.32
C LYS D 667 -121.84 -12.92 -19.76
N GLU D 668 -121.59 -12.92 -18.45
CA GLU D 668 -120.90 -11.81 -17.82
C GLU D 668 -119.41 -11.81 -18.11
N SER D 669 -118.87 -12.93 -18.59
CA SER D 669 -117.46 -12.96 -18.96
C SER D 669 -117.21 -12.09 -20.18
N THR D 670 -116.04 -11.48 -20.21
CA THR D 670 -115.72 -10.48 -21.20
C THR D 670 -114.61 -10.95 -22.13
N THR D 671 -114.69 -12.19 -22.56
CA THR D 671 -113.91 -12.58 -23.72
C THR D 671 -114.59 -12.07 -24.99
N SER D 672 -113.88 -12.15 -26.09
CA SER D 672 -114.47 -11.73 -27.35
C SER D 672 -115.52 -12.75 -27.79
N PRO D 673 -116.56 -12.30 -28.48
CA PRO D 673 -117.57 -13.26 -28.96
C PRO D 673 -117.04 -14.25 -29.98
N SER D 674 -116.05 -13.85 -30.79
CA SER D 674 -115.40 -14.81 -31.66
C SER D 674 -114.59 -15.82 -30.88
N VAL D 675 -113.99 -15.40 -29.76
CA VAL D 675 -113.27 -16.32 -28.90
C VAL D 675 -114.24 -17.29 -28.24
N LYS D 676 -115.41 -16.79 -27.84
CA LYS D 676 -116.45 -17.66 -27.30
C LYS D 676 -116.93 -18.66 -28.35
N ARG D 677 -117.00 -18.24 -29.61
CA ARG D 677 -117.44 -19.14 -30.67
C ARG D 677 -116.41 -20.23 -30.92
N MET D 678 -115.12 -19.86 -31.00
CA MET D 678 -114.06 -20.85 -31.14
C MET D 678 -114.00 -21.79 -29.94
N LEU D 679 -114.26 -21.25 -28.75
CA LEU D 679 -114.18 -22.06 -27.54
C LEU D 679 -115.35 -23.03 -27.45
N VAL D 680 -116.51 -22.67 -28.00
CA VAL D 680 -117.59 -23.64 -28.15
C VAL D 680 -117.22 -24.69 -29.19
N ASP D 681 -116.73 -24.25 -30.34
CA ASP D 681 -116.53 -25.15 -31.48
C ASP D 681 -115.38 -26.13 -31.28
N THR D 682 -114.43 -25.81 -30.42
CA THR D 682 -113.36 -26.77 -30.16
C THR D 682 -113.85 -27.85 -29.21
N GLN D 683 -113.18 -29.00 -29.28
CA GLN D 683 -113.43 -30.08 -28.34
C GLN D 683 -112.11 -30.76 -28.03
N GLY D 684 -111.90 -31.08 -26.76
CA GLY D 684 -110.60 -31.49 -26.27
C GLY D 684 -110.58 -32.95 -25.86
N THR D 685 -109.39 -33.53 -25.86
CA THR D 685 -109.24 -34.94 -25.57
C THR D 685 -109.29 -35.19 -24.07
N ASP D 686 -109.33 -36.47 -23.71
CA ASP D 686 -109.27 -36.88 -22.32
C ASP D 686 -107.90 -37.39 -21.91
N GLN D 687 -107.02 -37.66 -22.88
CA GLN D 687 -105.71 -38.20 -22.57
C GLN D 687 -104.71 -37.07 -22.41
N TRP D 688 -103.48 -37.44 -22.12
CA TRP D 688 -102.42 -36.46 -21.95
C TRP D 688 -101.93 -35.97 -23.31
N ILE D 689 -101.41 -34.75 -23.31
CA ILE D 689 -100.81 -34.16 -24.49
C ILE D 689 -99.35 -33.90 -24.19
N SER D 690 -98.47 -34.57 -24.93
CA SER D 690 -97.04 -34.41 -24.72
C SER D 690 -96.60 -33.01 -25.12
N ALA D 691 -95.48 -32.58 -24.55
CA ALA D 691 -95.07 -31.18 -24.65
C ALA D 691 -94.62 -30.85 -26.06
N GLY D 692 -95.09 -29.72 -26.57
CA GLY D 692 -94.78 -29.31 -27.92
C GLY D 692 -95.59 -29.99 -28.99
N LYS D 693 -96.69 -30.65 -28.65
CA LYS D 693 -97.54 -31.29 -29.63
C LYS D 693 -98.99 -30.89 -29.38
N ALA D 694 -99.88 -31.41 -30.22
CA ALA D 694 -101.29 -31.03 -30.20
C ALA D 694 -102.14 -32.21 -30.64
N GLN D 695 -103.14 -32.56 -29.85
CA GLN D 695 -103.99 -33.71 -30.12
C GLN D 695 -105.44 -33.28 -29.96
N GLY D 696 -106.13 -33.09 -31.07
CA GLY D 696 -107.56 -32.86 -31.04
C GLY D 696 -107.97 -31.52 -30.47
N GLY D 697 -107.70 -30.45 -31.21
CA GLY D 697 -108.20 -29.14 -30.84
C GLY D 697 -107.32 -28.37 -29.88
N MET D 698 -106.83 -29.04 -28.84
CA MET D 698 -106.01 -28.39 -27.84
C MET D 698 -104.53 -28.63 -28.15
N ALA D 699 -103.68 -28.17 -27.26
CA ALA D 699 -102.23 -28.22 -27.41
C ALA D 699 -101.61 -27.87 -26.07
N SER D 700 -100.37 -28.30 -25.88
CA SER D 700 -99.60 -27.91 -24.71
C SER D 700 -98.23 -27.43 -25.17
N SER D 701 -97.86 -26.22 -24.76
CA SER D 701 -96.61 -25.63 -25.21
C SER D 701 -95.92 -24.97 -24.02
N ARG D 702 -94.86 -24.24 -24.31
CA ARG D 702 -94.01 -23.67 -23.28
C ARG D 702 -94.36 -22.20 -23.10
N SER D 703 -93.83 -21.63 -22.03
CA SER D 703 -94.18 -20.27 -21.65
C SER D 703 -92.94 -19.38 -21.72
N GLN D 704 -93.10 -18.16 -21.20
CA GLN D 704 -92.03 -17.18 -21.21
C GLN D 704 -90.82 -17.64 -20.42
N LEU D 705 -91.06 -18.26 -19.27
CA LEU D 705 -89.98 -18.71 -18.40
C LEU D 705 -89.61 -20.16 -18.63
N GLY D 706 -90.35 -20.87 -19.47
CA GLY D 706 -90.11 -22.29 -19.69
C GLY D 706 -91.15 -23.20 -19.09
N ALA D 707 -92.12 -22.66 -18.36
CA ALA D 707 -93.16 -23.47 -17.77
C ALA D 707 -94.14 -23.93 -18.85
N ASP D 708 -94.99 -24.88 -18.50
CA ASP D 708 -95.90 -25.51 -19.44
C ASP D 708 -97.28 -24.88 -19.33
N ILE D 709 -97.92 -24.67 -20.48
CA ILE D 709 -99.29 -24.16 -20.53
C ILE D 709 -100.09 -24.90 -21.58
N HIS D 710 -101.41 -24.79 -21.48
CA HIS D 710 -102.34 -25.35 -22.45
C HIS D 710 -102.89 -24.24 -23.33
N GLU D 711 -103.06 -24.54 -24.61
CA GLU D 711 -103.56 -23.56 -25.57
C GLU D 711 -104.50 -24.24 -26.54
N ILE D 712 -105.37 -23.46 -27.13
CA ILE D 712 -106.15 -23.93 -28.26
C ILE D 712 -105.25 -23.92 -29.49
N ASP D 713 -105.30 -25.00 -30.27
CA ASP D 713 -104.41 -25.16 -31.42
C ASP D 713 -104.85 -24.19 -32.50
N ASN D 714 -104.21 -23.03 -32.55
CA ASN D 714 -104.46 -22.07 -33.61
C ASN D 714 -103.17 -21.32 -33.90
N SER D 715 -103.30 -20.19 -34.60
CA SER D 715 -102.17 -19.42 -35.10
C SER D 715 -101.31 -18.85 -33.99
N ALA D 716 -101.83 -18.74 -32.77
CA ALA D 716 -100.98 -18.45 -31.64
C ALA D 716 -100.11 -19.64 -31.28
N SER D 717 -100.70 -20.84 -31.27
CA SER D 717 -99.99 -22.00 -30.77
C SER D 717 -98.95 -22.49 -31.75
N ARG D 718 -99.22 -22.38 -33.06
CA ARG D 718 -98.22 -22.73 -34.07
C ARG D 718 -96.97 -21.89 -33.93
N CYS D 719 -97.16 -20.58 -33.81
CA CYS D 719 -96.03 -19.67 -33.60
C CYS D 719 -95.37 -19.89 -32.26
N GLY D 720 -96.15 -20.30 -31.24
CA GLY D 720 -95.58 -20.57 -29.94
C GLY D 720 -94.63 -21.75 -29.93
N ARG D 721 -95.05 -22.86 -30.54
CA ARG D 721 -94.16 -24.00 -30.59
C ARG D 721 -93.02 -23.81 -31.57
N LEU D 722 -93.20 -22.96 -32.59
CA LEU D 722 -92.09 -22.64 -33.49
C LEU D 722 -91.01 -21.86 -32.75
N LEU D 723 -91.41 -20.87 -31.96
CA LEU D 723 -90.44 -20.16 -31.13
C LEU D 723 -89.89 -21.04 -30.02
N ASP D 724 -90.63 -22.05 -29.59
CA ASP D 724 -90.08 -23.01 -28.65
C ASP D 724 -88.97 -23.83 -29.28
N GLU D 725 -89.11 -24.17 -30.56
CA GLU D 725 -88.05 -24.88 -31.25
C GLU D 725 -86.83 -23.98 -31.47
N VAL D 726 -87.06 -22.71 -31.81
CA VAL D 726 -85.96 -21.86 -32.23
C VAL D 726 -85.22 -21.27 -31.02
N ALA D 727 -85.95 -20.87 -29.98
CA ALA D 727 -85.50 -19.89 -29.00
C ALA D 727 -84.31 -20.38 -28.18
N GLY D 728 -83.43 -19.45 -27.85
CA GLY D 728 -82.19 -19.76 -27.17
C GLY D 728 -81.05 -20.16 -28.07
N ASP D 729 -81.25 -20.13 -29.39
CA ASP D 729 -80.25 -20.56 -30.36
C ASP D 729 -80.03 -19.45 -31.38
N ALA D 730 -78.91 -18.74 -31.20
CA ALA D 730 -78.63 -17.52 -31.96
C ALA D 730 -78.50 -17.79 -33.45
N GLU D 731 -77.81 -18.86 -33.83
CA GLU D 731 -77.65 -19.16 -35.24
C GLU D 731 -78.93 -19.72 -35.84
N ALA D 732 -79.74 -20.44 -35.05
CA ALA D 732 -80.99 -20.96 -35.55
C ALA D 732 -82.02 -19.86 -35.77
N VAL D 733 -81.91 -18.75 -35.04
CA VAL D 733 -82.75 -17.59 -35.30
C VAL D 733 -82.51 -17.05 -36.71
N ALA D 734 -81.24 -16.77 -37.04
CA ALA D 734 -80.91 -16.27 -38.36
C ALA D 734 -81.08 -17.33 -39.44
N GLU D 735 -81.12 -18.60 -39.06
CA GLU D 735 -81.41 -19.66 -40.03
C GLU D 735 -82.86 -19.57 -40.48
N ARG D 736 -83.81 -19.69 -39.55
CA ARG D 736 -85.23 -19.69 -39.89
C ARG D 736 -85.87 -18.35 -39.60
N ARG D 737 -85.17 -17.24 -39.90
CA ARG D 737 -85.67 -15.91 -39.62
C ARG D 737 -87.00 -15.60 -40.32
N ASP D 738 -87.10 -15.91 -41.62
CA ASP D 738 -88.27 -15.49 -42.39
C ASP D 738 -89.53 -16.29 -42.03
N GLU D 739 -89.35 -17.54 -41.61
CA GLU D 739 -90.48 -18.33 -41.14
C GLU D 739 -91.08 -17.73 -39.87
N ILE D 740 -90.21 -17.22 -38.99
CA ILE D 740 -90.65 -16.55 -37.77
C ILE D 740 -91.42 -15.28 -38.10
N ILE D 741 -90.96 -14.54 -39.12
CA ILE D 741 -91.64 -13.32 -39.52
C ILE D 741 -93.02 -13.63 -40.09
N ALA D 742 -93.12 -14.71 -40.86
CA ALA D 742 -94.42 -15.10 -41.41
C ALA D 742 -95.38 -15.53 -40.32
N ALA D 743 -94.90 -16.29 -39.33
CA ALA D 743 -95.76 -16.74 -38.25
C ALA D 743 -96.19 -15.57 -37.36
N MET D 744 -95.29 -14.62 -37.14
CA MET D 744 -95.68 -13.47 -36.32
C MET D 744 -96.62 -12.53 -37.05
N ALA D 745 -96.47 -12.41 -38.37
CA ALA D 745 -97.45 -11.64 -39.12
C ALA D 745 -98.79 -12.34 -39.15
N LYS D 746 -98.79 -13.66 -39.02
CA LYS D 746 -100.05 -14.38 -38.86
C LYS D 746 -100.69 -14.07 -37.51
N THR D 747 -99.91 -14.09 -36.43
CA THR D 747 -100.49 -13.93 -35.10
C THR D 747 -100.78 -12.46 -34.82
N ALA D 748 -101.38 -12.19 -33.66
CA ALA D 748 -101.82 -10.85 -33.29
C ALA D 748 -100.84 -10.13 -32.38
N LYS D 749 -99.54 -10.40 -32.54
CA LYS D 749 -98.50 -9.57 -31.93
C LYS D 749 -97.32 -9.57 -32.89
N PRO D 750 -97.41 -8.84 -33.99
CA PRO D 750 -96.51 -9.04 -35.11
C PRO D 750 -95.19 -8.31 -34.92
N TYR D 751 -94.33 -8.48 -35.90
CA TYR D 751 -93.06 -7.79 -36.01
C TYR D 751 -93.24 -6.54 -36.86
N PHE D 752 -92.24 -5.66 -36.83
CA PHE D 752 -92.13 -4.51 -37.71
C PHE D 752 -91.73 -4.90 -39.12
N GLY D 753 -91.24 -3.94 -39.88
CA GLY D 753 -90.32 -4.20 -40.97
C GLY D 753 -88.92 -4.23 -40.42
N ASP D 754 -87.95 -4.09 -41.31
CA ASP D 754 -86.60 -3.81 -40.85
C ASP D 754 -86.55 -2.35 -40.44
N VAL D 755 -86.31 -2.11 -39.15
CA VAL D 755 -86.49 -0.77 -38.62
C VAL D 755 -85.35 0.16 -39.05
N ALA D 756 -84.19 -0.39 -39.41
CA ALA D 756 -83.11 0.46 -39.89
C ALA D 756 -83.33 0.94 -41.31
N ASP D 757 -84.37 0.48 -42.00
CA ASP D 757 -84.70 0.91 -43.34
C ASP D 757 -85.92 1.80 -43.38
N MET D 758 -86.52 2.09 -42.24
CA MET D 758 -87.76 2.83 -42.23
C MET D 758 -87.53 4.32 -42.34
N THR D 759 -88.52 4.98 -42.90
CA THR D 759 -88.60 6.43 -42.92
C THR D 759 -89.29 6.86 -41.63
N TYR D 760 -89.02 8.09 -41.19
CA TYR D 760 -89.59 8.61 -39.95
C TYR D 760 -91.11 8.62 -39.98
N LEU D 761 -91.67 9.09 -41.08
CA LEU D 761 -93.12 9.05 -41.29
C LEU D 761 -93.63 7.62 -41.26
N GLN D 762 -92.90 6.71 -41.92
CA GLN D 762 -93.27 5.30 -41.96
C GLN D 762 -93.14 4.68 -40.57
N TRP D 763 -92.16 5.13 -39.80
CA TRP D 763 -91.92 4.64 -38.45
C TRP D 763 -93.07 5.00 -37.52
N LEU D 764 -93.46 6.27 -37.53
CA LEU D 764 -94.53 6.74 -36.66
C LEU D 764 -95.88 6.15 -37.08
N ARG D 765 -96.12 6.02 -38.39
CA ARG D 765 -97.38 5.46 -38.84
C ARG D 765 -97.47 3.98 -38.52
N ARG D 766 -96.35 3.26 -38.55
CA ARG D 766 -96.38 1.85 -38.17
C ARG D 766 -96.62 1.68 -36.68
N TYR D 767 -96.03 2.57 -35.85
CA TYR D 767 -96.29 2.51 -34.41
C TYR D 767 -97.74 2.78 -34.09
N VAL D 768 -98.33 3.80 -34.73
CA VAL D 768 -99.73 4.11 -34.45
C VAL D 768 -100.64 3.01 -34.98
N GLU D 769 -100.27 2.38 -36.10
CA GLU D 769 -101.05 1.26 -36.62
C GLU D 769 -101.02 0.08 -35.67
N LEU D 770 -99.89 -0.16 -35.02
CA LEU D 770 -99.82 -1.27 -34.07
C LEU D 770 -100.55 -0.96 -32.78
N ALA D 771 -100.33 0.23 -32.22
CA ALA D 771 -100.92 0.53 -30.92
C ALA D 771 -102.41 0.86 -31.04
N ILE D 772 -102.74 1.94 -31.75
CA ILE D 772 -104.13 2.36 -31.83
C ILE D 772 -104.88 1.52 -32.85
N GLY D 773 -104.41 1.53 -34.09
CA GLY D 773 -105.08 0.76 -35.12
C GLY D 773 -106.33 1.44 -35.61
N GLU D 774 -107.48 0.93 -35.19
CA GLU D 774 -108.76 1.49 -35.61
C GLU D 774 -109.47 2.27 -34.53
N GLY D 775 -108.94 2.29 -33.31
CA GLY D 775 -109.69 2.80 -32.18
C GLY D 775 -110.84 1.86 -31.92
N ASN D 776 -110.51 0.57 -31.84
CA ASN D 776 -111.50 -0.49 -31.88
C ASN D 776 -111.46 -1.34 -30.61
N SER D 777 -110.54 -1.07 -29.70
CA SER D 777 -110.35 -1.97 -28.56
C SER D 777 -111.47 -1.82 -27.53
N THR D 778 -111.80 -2.93 -26.90
CA THR D 778 -112.79 -2.98 -25.82
C THR D 778 -112.22 -3.60 -24.55
N ALA D 779 -111.00 -3.24 -24.17
CA ALA D 779 -110.37 -3.82 -22.99
C ALA D 779 -109.56 -2.75 -22.27
N ASP D 780 -109.81 -2.61 -20.96
CA ASP D 780 -109.05 -1.93 -19.91
C ASP D 780 -108.29 -0.67 -20.33
N THR D 781 -109.00 0.27 -20.96
CA THR D 781 -108.41 1.54 -21.36
C THR D 781 -108.07 2.37 -20.12
N ALA D 782 -107.18 3.34 -20.31
CA ALA D 782 -106.80 4.20 -19.20
C ALA D 782 -107.94 5.14 -18.80
N SER D 783 -108.71 5.59 -19.79
CA SER D 783 -109.90 6.39 -19.55
C SER D 783 -110.81 6.26 -20.75
N VAL D 784 -111.87 7.06 -20.77
CA VAL D 784 -112.72 7.20 -21.93
C VAL D 784 -112.30 8.46 -22.66
N GLY D 785 -112.06 8.36 -23.96
CA GLY D 785 -111.59 9.46 -24.76
C GLY D 785 -110.11 9.49 -24.98
N SER D 786 -109.34 8.71 -24.22
CA SER D 786 -107.91 8.56 -24.46
C SER D 786 -107.68 7.21 -25.11
N PRO D 787 -107.30 7.15 -26.38
CA PRO D 787 -107.17 5.85 -27.06
C PRO D 787 -105.95 5.07 -26.63
N TRP D 788 -105.01 5.68 -25.94
CA TRP D 788 -103.83 4.96 -25.46
C TRP D 788 -104.22 4.05 -24.31
N LEU D 789 -103.76 2.80 -24.36
CA LEU D 789 -104.01 1.90 -23.26
C LEU D 789 -103.07 2.12 -22.08
N ALA D 790 -102.04 2.95 -22.23
CA ALA D 790 -101.10 3.14 -21.14
C ALA D 790 -100.38 4.48 -21.29
N ASP D 791 -100.11 5.09 -20.14
CA ASP D 791 -99.32 6.31 -20.09
C ASP D 791 -97.91 6.09 -20.61
N THR D 792 -97.36 4.89 -20.40
CA THR D 792 -96.09 4.56 -21.01
C THR D 792 -96.18 4.50 -22.53
N TRP D 793 -97.34 4.15 -23.08
CA TRP D 793 -97.48 4.18 -24.52
C TRP D 793 -97.59 5.61 -25.04
N ARG D 794 -98.29 6.48 -24.32
CA ARG D 794 -98.39 7.84 -24.86
C ARG D 794 -97.08 8.61 -24.72
N ASP D 795 -96.30 8.39 -23.66
CA ASP D 795 -95.04 9.14 -23.64
C ASP D 795 -93.95 8.46 -24.45
N ARG D 796 -94.11 7.16 -24.71
CA ARG D 796 -93.38 6.48 -25.78
C ARG D 796 -93.55 7.23 -27.10
N PHE D 797 -94.81 7.51 -27.45
CA PHE D 797 -95.09 8.20 -28.70
C PHE D 797 -94.59 9.64 -28.70
N GLU D 798 -94.64 10.32 -27.55
CA GLU D 798 -94.15 11.69 -27.57
C GLU D 798 -92.63 11.74 -27.62
N GLN D 799 -91.94 10.74 -27.07
CA GLN D 799 -90.48 10.77 -27.19
C GLN D 799 -90.03 10.42 -28.60
N MET D 800 -90.78 9.56 -29.30
CA MET D 800 -90.46 9.35 -30.71
C MET D 800 -90.71 10.60 -31.54
N LEU D 801 -91.79 11.33 -31.25
CA LEU D 801 -92.05 12.59 -31.96
C LEU D 801 -90.97 13.62 -31.70
N GLN D 802 -90.51 13.72 -30.45
CA GLN D 802 -89.49 14.71 -30.14
C GLN D 802 -88.13 14.35 -30.73
N ARG D 803 -87.81 13.05 -30.82
CA ARG D 803 -86.56 12.73 -31.49
C ARG D 803 -86.67 12.93 -32.99
N ALA D 804 -87.87 12.75 -33.56
CA ALA D 804 -88.05 13.08 -34.98
C ALA D 804 -87.85 14.57 -35.23
N GLU D 805 -88.38 15.41 -34.34
CA GLU D 805 -88.14 16.86 -34.39
C GLU D 805 -86.65 17.18 -34.32
N ALA D 806 -86.00 16.78 -33.23
CA ALA D 806 -84.62 17.13 -32.96
C ALA D 806 -83.64 16.52 -33.95
N ARG D 807 -84.05 15.46 -34.65
CA ARG D 807 -83.18 14.84 -35.62
C ARG D 807 -83.35 15.46 -36.99
N LEU D 808 -84.59 15.73 -37.42
CA LEU D 808 -84.80 16.30 -38.74
C LEU D 808 -84.57 17.80 -38.79
N HIS D 809 -84.42 18.48 -37.66
CA HIS D 809 -84.21 19.91 -37.86
C HIS D 809 -82.76 20.19 -38.26
N PRO D 810 -82.54 21.10 -39.21
CA PRO D 810 -81.17 21.45 -39.64
C PRO D 810 -80.42 22.33 -38.65
N GLN D 811 -80.05 21.73 -37.51
CA GLN D 811 -79.24 22.35 -36.49
C GLN D 811 -78.70 21.23 -35.62
N ASP D 812 -77.53 21.43 -35.04
CA ASP D 812 -76.91 20.42 -34.21
C ASP D 812 -76.56 20.89 -32.81
N PHE D 813 -76.82 22.14 -32.46
CA PHE D 813 -76.34 22.69 -31.20
C PHE D 813 -77.47 23.04 -30.24
N GLY D 814 -78.37 23.93 -30.64
CA GLY D 814 -79.10 24.73 -29.69
C GLY D 814 -80.45 24.18 -29.30
N PRO D 815 -80.95 24.62 -28.15
CA PRO D 815 -82.35 24.35 -27.81
C PRO D 815 -83.27 25.05 -28.80
N ILE D 816 -84.20 24.28 -29.34
CA ILE D 816 -85.13 24.78 -30.34
C ILE D 816 -86.55 24.63 -29.80
N GLN D 817 -87.39 25.62 -30.09
CA GLN D 817 -88.82 25.56 -29.84
C GLN D 817 -89.45 24.39 -30.57
N THR D 818 -90.01 23.45 -29.83
CA THR D 818 -90.66 22.29 -30.41
C THR D 818 -92.18 22.47 -30.44
N LEU D 819 -92.85 21.51 -31.06
CA LEU D 819 -94.30 21.43 -31.01
C LEU D 819 -94.69 20.52 -29.86
N PHE D 820 -95.96 20.09 -29.84
CA PHE D 820 -96.48 19.03 -28.99
C PHE D 820 -96.37 19.37 -27.51
N THR D 821 -97.07 20.43 -27.12
CA THR D 821 -97.06 20.87 -25.72
C THR D 821 -98.16 20.20 -24.91
N ASP D 822 -98.19 18.87 -25.01
CA ASP D 822 -98.95 17.95 -24.15
C ASP D 822 -100.46 18.26 -24.17
N ALA D 823 -101.04 18.07 -25.35
CA ALA D 823 -102.42 18.47 -25.53
C ALA D 823 -103.26 17.40 -26.21
N GLY D 824 -104.48 17.77 -26.61
CA GLY D 824 -105.29 16.92 -27.46
C GLY D 824 -104.68 16.71 -28.83
N LEU D 825 -103.78 17.60 -29.25
CA LEU D 825 -103.00 17.37 -30.45
C LEU D 825 -102.08 16.17 -30.29
N LEU D 826 -101.64 15.89 -29.06
CA LEU D 826 -100.92 14.65 -28.78
C LEU D 826 -101.86 13.49 -28.50
N ASP D 827 -103.06 13.79 -28.00
CA ASP D 827 -104.01 12.72 -27.74
C ASP D 827 -104.59 12.16 -29.04
N ASN D 828 -104.65 12.97 -30.09
CA ASN D 828 -105.04 12.50 -31.40
C ASN D 828 -103.78 12.20 -32.19
N PRO D 829 -103.48 10.94 -32.48
CA PRO D 829 -102.21 10.62 -33.13
C PRO D 829 -102.16 10.98 -34.60
N GLN D 830 -103.32 10.98 -35.27
CA GLN D 830 -103.34 11.28 -36.70
C GLN D 830 -103.03 12.74 -36.97
N GLN D 831 -103.62 13.64 -36.17
CA GLN D 831 -103.29 15.05 -36.32
C GLN D 831 -101.90 15.37 -35.77
N ALA D 832 -101.37 14.53 -34.90
CA ALA D 832 -100.00 14.72 -34.42
C ALA D 832 -98.99 14.46 -35.53
N ILE D 833 -99.23 13.41 -36.32
CA ILE D 833 -98.31 13.09 -37.40
C ILE D 833 -98.42 14.11 -38.52
N ALA D 834 -99.65 14.49 -38.88
CA ALA D 834 -99.85 15.46 -39.95
C ALA D 834 -99.34 16.85 -39.59
N ALA D 835 -99.22 17.17 -38.30
CA ALA D 835 -98.59 18.42 -37.92
C ALA D 835 -97.08 18.33 -38.03
N LEU D 836 -96.51 17.13 -37.97
CA LEU D 836 -95.08 16.98 -38.19
C LEU D 836 -94.74 17.13 -39.66
N LEU D 837 -95.49 16.45 -40.53
CA LEU D 837 -95.20 16.46 -41.96
C LEU D 837 -95.47 17.82 -42.59
N ALA D 838 -96.32 18.64 -41.97
CA ALA D 838 -96.57 19.97 -42.49
C ALA D 838 -95.34 20.87 -42.31
N ARG D 839 -94.59 20.69 -41.22
CA ARG D 839 -93.40 21.48 -41.04
C ARG D 839 -92.20 20.88 -41.76
N TYR D 840 -91.99 19.57 -41.60
CA TYR D 840 -90.84 18.89 -42.18
C TYR D 840 -91.28 18.03 -43.34
N PRO D 841 -91.13 18.48 -44.59
CA PRO D 841 -91.56 17.65 -45.71
C PRO D 841 -90.65 16.49 -46.00
N ASP D 842 -89.40 16.54 -45.56
CA ASP D 842 -88.45 15.47 -45.80
C ASP D 842 -88.56 14.31 -44.81
N ALA D 843 -89.56 14.35 -43.93
CA ALA D 843 -89.87 13.19 -43.11
C ALA D 843 -90.45 12.05 -43.91
N GLU D 844 -90.93 12.31 -45.12
CA GLU D 844 -91.44 11.27 -46.00
C GLU D 844 -90.33 10.54 -46.74
N THR D 845 -89.15 11.15 -46.85
CA THR D 845 -88.07 10.59 -47.66
C THR D 845 -86.84 10.17 -46.88
N VAL D 846 -86.47 10.91 -45.84
CA VAL D 846 -85.19 10.68 -45.17
C VAL D 846 -85.30 9.48 -44.25
N GLN D 847 -84.44 8.49 -44.45
CA GLN D 847 -84.53 7.28 -43.66
C GLN D 847 -83.93 7.47 -42.28
N LEU D 848 -84.06 6.45 -41.46
CA LEU D 848 -83.77 6.55 -40.04
C LEU D 848 -82.27 6.54 -39.79
N HIS D 849 -81.84 7.33 -38.80
CA HIS D 849 -80.44 7.38 -38.44
C HIS D 849 -80.02 6.06 -37.80
N PRO D 850 -78.79 5.61 -38.04
CA PRO D 850 -78.38 4.30 -37.51
C PRO D 850 -78.23 4.24 -36.00
N ALA D 851 -78.24 5.36 -35.31
CA ALA D 851 -78.17 5.36 -33.86
C ALA D 851 -79.54 5.51 -33.20
N ASP D 852 -80.61 5.53 -33.98
CA ASP D 852 -81.94 5.58 -33.41
C ASP D 852 -82.58 4.20 -33.29
N VAL D 853 -82.01 3.19 -33.92
CA VAL D 853 -82.47 1.81 -33.75
C VAL D 853 -82.18 1.29 -32.35
N PRO D 854 -80.97 1.43 -31.75
CA PRO D 854 -80.85 1.01 -30.35
C PRO D 854 -81.61 1.90 -29.39
N PHE D 855 -81.81 3.17 -29.76
CA PHE D 855 -82.73 4.03 -29.05
C PHE D 855 -84.13 3.43 -29.02
N PHE D 856 -84.60 2.93 -30.15
CA PHE D 856 -85.95 2.40 -30.21
C PHE D 856 -86.09 1.08 -29.46
N VAL D 857 -85.05 0.25 -29.50
CA VAL D 857 -85.08 -1.01 -28.77
C VAL D 857 -85.08 -0.77 -27.26
N THR D 858 -84.11 0.01 -26.77
CA THR D 858 -84.10 0.30 -25.35
C THR D 858 -85.19 1.26 -24.92
N LEU D 859 -85.90 1.85 -25.87
CA LEU D 859 -87.10 2.59 -25.53
C LEU D 859 -88.27 1.64 -25.30
N CYS D 860 -88.39 0.61 -26.14
CA CYS D 860 -89.45 -0.37 -25.95
C CYS D 860 -89.18 -1.31 -24.80
N LYS D 861 -87.94 -1.39 -24.33
CA LYS D 861 -87.57 -2.37 -23.32
C LYS D 861 -88.09 -2.04 -21.92
N THR D 862 -88.37 -0.78 -21.62
CA THR D 862 -88.44 -0.32 -20.22
C THR D 862 -89.84 -0.36 -19.62
N LEU D 863 -90.00 -1.21 -18.60
CA LEU D 863 -90.66 -0.95 -17.31
C LEU D 863 -92.01 -0.22 -17.46
N GLY D 864 -92.98 -0.96 -17.96
CA GLY D 864 -94.34 -0.46 -17.98
C GLY D 864 -95.31 -1.56 -18.32
N LYS D 865 -96.32 -1.25 -19.08
CA LYS D 865 -97.07 -2.31 -19.72
C LYS D 865 -96.29 -2.78 -20.94
N PRO D 866 -96.13 -4.08 -21.14
CA PRO D 866 -95.35 -4.55 -22.28
C PRO D 866 -96.03 -4.23 -23.59
N VAL D 867 -95.21 -4.08 -24.61
CA VAL D 867 -95.64 -3.37 -25.81
C VAL D 867 -96.42 -4.35 -26.68
N ASN D 868 -97.14 -3.84 -27.66
CA ASN D 868 -98.02 -4.63 -28.49
C ASN D 868 -97.34 -5.21 -29.73
N PHE D 869 -96.01 -5.28 -29.76
CA PHE D 869 -95.32 -5.85 -30.91
C PHE D 869 -94.06 -6.57 -30.45
N VAL D 870 -93.23 -6.97 -31.42
CA VAL D 870 -91.92 -7.54 -31.19
C VAL D 870 -90.92 -6.65 -31.90
N PRO D 871 -90.02 -5.99 -31.21
CA PRO D 871 -89.12 -5.03 -31.85
C PRO D 871 -88.04 -5.66 -32.70
N VAL D 872 -87.36 -6.70 -32.22
CA VAL D 872 -86.26 -7.31 -32.94
C VAL D 872 -86.43 -8.82 -32.94
N ILE D 873 -85.72 -9.46 -33.86
CA ILE D 873 -85.65 -10.91 -33.95
C ILE D 873 -84.27 -11.33 -33.46
N ASP D 874 -84.22 -12.03 -32.33
CA ASP D 874 -82.98 -12.17 -31.59
C ASP D 874 -83.08 -13.47 -30.79
N GLN D 875 -82.17 -13.65 -29.83
CA GLN D 875 -82.21 -14.85 -29.00
C GLN D 875 -83.36 -14.80 -28.02
N ASP D 876 -83.78 -13.61 -27.61
CA ASP D 876 -84.84 -13.45 -26.62
C ASP D 876 -86.21 -13.33 -27.26
N VAL D 877 -86.39 -13.92 -28.44
CA VAL D 877 -87.59 -13.67 -29.23
C VAL D 877 -88.81 -14.34 -28.59
N ARG D 878 -88.61 -15.43 -27.86
CA ARG D 878 -89.73 -16.02 -27.14
C ARG D 878 -90.15 -15.15 -25.97
N ARG D 879 -89.18 -14.51 -25.32
CA ARG D 879 -89.50 -13.59 -24.25
C ARG D 879 -90.26 -12.37 -24.75
N TRP D 880 -89.82 -11.80 -25.88
CA TRP D 880 -90.52 -10.66 -26.47
C TRP D 880 -91.92 -11.03 -26.91
N TRP D 881 -92.09 -12.24 -27.47
CA TRP D 881 -93.41 -12.56 -28.00
C TRP D 881 -94.36 -13.03 -26.91
N ARG D 882 -93.88 -13.74 -25.91
CA ARG D 882 -94.74 -14.24 -24.86
C ARG D 882 -94.89 -13.29 -23.69
N SER D 883 -94.23 -12.13 -23.73
CA SER D 883 -94.36 -11.15 -22.66
C SER D 883 -95.77 -10.58 -22.64
N ASP D 884 -96.56 -11.00 -21.65
CA ASP D 884 -97.89 -10.47 -21.33
C ASP D 884 -98.85 -10.63 -22.52
N SER D 885 -99.13 -11.90 -22.83
CA SER D 885 -99.82 -12.27 -24.05
C SER D 885 -101.22 -12.80 -23.79
N LEU D 886 -101.88 -12.35 -22.72
CA LEU D 886 -103.15 -12.95 -22.33
C LEU D 886 -104.34 -12.01 -22.37
N TRP D 887 -104.12 -10.70 -22.30
CA TRP D 887 -105.23 -9.77 -22.30
C TRP D 887 -105.88 -9.62 -23.67
N GLN D 888 -105.16 -9.96 -24.75
CA GLN D 888 -105.66 -9.77 -26.11
C GLN D 888 -106.88 -10.62 -26.42
N ALA D 889 -107.23 -11.59 -25.59
CA ALA D 889 -108.44 -12.37 -25.79
C ALA D 889 -109.67 -11.67 -25.28
N HIS D 890 -109.55 -10.44 -24.77
CA HIS D 890 -110.70 -9.76 -24.20
C HIS D 890 -111.14 -8.51 -24.94
N ASP D 891 -110.55 -8.20 -26.09
CA ASP D 891 -111.02 -7.08 -26.89
C ASP D 891 -111.42 -7.57 -28.28
N ALA D 892 -112.39 -6.88 -28.86
CA ALA D 892 -112.99 -7.32 -30.12
C ALA D 892 -112.16 -6.95 -31.34
N ARG D 893 -111.04 -6.24 -31.17
CA ARG D 893 -110.29 -5.85 -32.35
C ARG D 893 -109.40 -6.95 -32.89
N TYR D 894 -109.37 -8.13 -32.26
CA TYR D 894 -108.56 -9.23 -32.74
C TYR D 894 -109.44 -10.42 -33.07
N ASP D 895 -109.03 -11.15 -34.11
CA ASP D 895 -109.73 -12.38 -34.46
C ASP D 895 -109.39 -13.47 -33.45
N ALA D 896 -110.28 -14.45 -33.34
CA ALA D 896 -110.07 -15.54 -32.41
C ALA D 896 -108.95 -16.48 -32.84
N ASP D 897 -108.53 -16.42 -34.11
CA ASP D 897 -107.46 -17.28 -34.56
C ASP D 897 -106.12 -16.84 -34.01
N ALA D 898 -105.83 -15.54 -34.05
CA ALA D 898 -104.48 -15.05 -33.86
C ALA D 898 -104.15 -14.74 -32.42
N VAL D 899 -104.94 -15.21 -31.46
CA VAL D 899 -104.82 -14.77 -30.07
C VAL D 899 -104.66 -15.98 -29.15
N CYS D 900 -103.82 -15.84 -28.12
CA CYS D 900 -103.59 -16.91 -27.16
C CYS D 900 -104.80 -17.11 -26.27
N ILE D 901 -105.36 -18.31 -26.28
CA ILE D 901 -106.45 -18.70 -25.40
C ILE D 901 -105.96 -19.89 -24.59
N ILE D 902 -106.19 -19.87 -23.28
CA ILE D 902 -105.62 -20.91 -22.42
C ILE D 902 -106.64 -21.72 -21.61
N PRO D 903 -107.44 -22.60 -22.23
CA PRO D 903 -108.40 -23.36 -21.44
C PRO D 903 -107.85 -24.70 -20.95
N GLY D 904 -108.67 -25.49 -20.29
CA GLY D 904 -108.33 -26.84 -19.91
C GLY D 904 -108.51 -27.82 -21.06
N THR D 905 -108.44 -29.11 -20.73
CA THR D 905 -108.48 -30.12 -21.78
C THR D 905 -109.72 -30.98 -21.78
N ALA D 906 -110.39 -31.18 -20.65
CA ALA D 906 -111.64 -31.93 -20.64
C ALA D 906 -112.86 -31.03 -20.53
N SER D 907 -112.71 -29.90 -19.86
CA SER D 907 -113.79 -28.95 -19.73
C SER D 907 -114.14 -28.25 -21.05
N VAL D 908 -113.22 -28.21 -22.01
CA VAL D 908 -113.55 -27.68 -23.33
C VAL D 908 -114.55 -28.58 -24.03
N ALA D 909 -114.40 -29.90 -23.90
CA ALA D 909 -115.43 -30.81 -24.35
C ALA D 909 -116.66 -30.72 -23.47
N GLY D 910 -116.47 -30.31 -22.22
CA GLY D 910 -117.61 -30.14 -21.32
C GLY D 910 -118.55 -29.02 -21.74
N ILE D 911 -118.03 -27.89 -22.17
CA ILE D 911 -118.89 -26.74 -22.47
C ILE D 911 -119.60 -26.97 -23.79
N THR D 912 -120.76 -26.36 -23.92
CA THR D 912 -121.60 -26.69 -25.07
C THR D 912 -122.11 -25.47 -25.82
N ARG D 913 -122.50 -24.40 -25.14
CA ARG D 913 -123.19 -23.32 -25.83
C ARG D 913 -122.68 -21.98 -25.32
N MET D 914 -123.38 -20.92 -25.72
CA MET D 914 -122.93 -19.54 -25.62
C MET D 914 -123.63 -18.81 -24.48
N ASP D 915 -122.98 -17.72 -24.05
CA ASP D 915 -123.49 -16.56 -23.28
C ASP D 915 -124.56 -16.89 -22.24
N GLU D 916 -124.31 -17.84 -21.52
CA GLU D 916 -125.13 -18.45 -20.49
C GLU D 916 -124.87 -17.78 -19.15
N PRO D 917 -125.85 -17.63 -18.26
CA PRO D 917 -125.57 -16.94 -16.98
C PRO D 917 -124.94 -17.83 -15.91
N VAL D 918 -124.05 -17.20 -15.14
CA VAL D 918 -123.19 -17.91 -14.20
C VAL D 918 -123.98 -18.51 -13.05
N GLY D 919 -125.04 -17.85 -12.60
CA GLY D 919 -125.86 -18.40 -11.55
C GLY D 919 -126.57 -19.67 -11.98
N GLU D 920 -127.08 -19.69 -13.22
CA GLU D 920 -127.73 -20.88 -13.73
C GLU D 920 -126.73 -22.00 -13.95
N LEU D 921 -125.50 -21.66 -14.35
CA LEU D 921 -124.47 -22.69 -14.56
C LEU D 921 -124.09 -23.36 -13.25
N LEU D 922 -123.81 -22.56 -12.23
CA LEU D 922 -123.39 -23.14 -10.96
C LEU D 922 -124.55 -23.83 -10.24
N ASP D 923 -125.78 -23.32 -10.40
CA ASP D 923 -126.92 -24.03 -9.84
C ASP D 923 -127.18 -25.34 -10.56
N ARG D 924 -126.86 -25.43 -11.85
CA ARG D 924 -127.00 -26.70 -12.54
C ARG D 924 -125.98 -27.71 -12.06
N PHE D 925 -124.74 -27.26 -11.84
CA PHE D 925 -123.71 -28.14 -11.26
C PHE D 925 -124.07 -28.61 -9.86
N GLU D 926 -124.76 -27.78 -9.09
CA GLU D 926 -125.20 -28.26 -7.78
C GLU D 926 -126.42 -29.18 -7.91
N GLN D 927 -127.32 -28.87 -8.83
CA GLN D 927 -128.60 -29.56 -8.94
C GLN D 927 -128.42 -31.00 -9.39
N ALA D 928 -127.38 -31.28 -10.18
CA ALA D 928 -127.12 -32.67 -10.55
C ALA D 928 -126.76 -33.53 -9.34
N ALA D 929 -125.90 -33.01 -8.46
CA ALA D 929 -125.54 -33.77 -7.26
C ALA D 929 -126.70 -33.86 -6.29
N ILE D 930 -127.53 -32.81 -6.22
CA ILE D 930 -128.76 -32.87 -5.41
C ILE D 930 -129.69 -33.95 -5.90
N ASP D 931 -129.81 -34.08 -7.23
CA ASP D 931 -130.60 -35.16 -7.81
C ASP D 931 -130.02 -36.52 -7.48
N GLU D 932 -128.70 -36.66 -7.58
CA GLU D 932 -128.06 -37.95 -7.37
C GLU D 932 -128.17 -38.41 -5.92
N VAL D 933 -128.19 -37.48 -4.96
CA VAL D 933 -128.37 -37.88 -3.57
C VAL D 933 -129.84 -37.96 -3.17
N LEU D 934 -130.72 -37.22 -3.84
CA LEU D 934 -132.14 -37.31 -3.56
C LEU D 934 -132.74 -38.58 -4.15
N GLY D 935 -132.06 -39.21 -5.11
CA GLY D 935 -132.48 -40.50 -5.60
C GLY D 935 -132.45 -41.60 -4.56
N ALA D 936 -131.69 -41.43 -3.49
CA ALA D 936 -131.69 -42.41 -2.40
C ALA D 936 -132.91 -42.28 -1.51
N GLY D 937 -133.69 -41.21 -1.64
CA GLY D 937 -134.91 -41.07 -0.87
C GLY D 937 -134.70 -40.52 0.52
N VAL D 938 -133.91 -39.47 0.65
CA VAL D 938 -133.62 -38.85 1.93
C VAL D 938 -134.51 -37.63 2.10
N GLU D 939 -135.27 -37.58 3.17
CA GLU D 939 -136.10 -36.42 3.46
C GLU D 939 -135.22 -35.28 3.96
N PRO D 940 -135.22 -34.13 3.30
CA PRO D 940 -134.38 -33.02 3.77
C PRO D 940 -134.96 -32.36 5.01
N LYS D 941 -134.07 -32.04 5.95
CA LYS D 941 -134.47 -31.41 7.19
C LYS D 941 -134.34 -29.90 7.06
N ASP D 942 -135.30 -29.19 7.66
CA ASP D 942 -135.34 -27.74 7.54
C ASP D 942 -134.24 -27.10 8.38
N VAL D 943 -133.42 -26.27 7.74
CA VAL D 943 -132.33 -25.55 8.39
C VAL D 943 -132.56 -24.07 8.14
N ALA D 944 -132.38 -23.25 9.17
CA ALA D 944 -132.71 -21.83 9.09
C ALA D 944 -131.72 -21.06 8.23
N SER D 945 -130.55 -21.63 7.96
CA SER D 945 -129.55 -20.96 7.13
C SER D 945 -128.79 -22.03 6.36
N ARG D 946 -127.62 -21.66 5.88
CA ARG D 946 -126.75 -22.66 5.29
C ARG D 946 -125.53 -22.94 6.17
N ARG D 947 -125.11 -21.98 7.00
CA ARG D 947 -123.90 -22.12 7.80
C ARG D 947 -123.95 -23.25 8.82
N LEU D 948 -124.79 -23.13 9.86
CA LEU D 948 -124.98 -24.16 10.89
C LEU D 948 -123.65 -24.54 11.54
N GLY D 949 -123.09 -23.57 12.24
CA GLY D 949 -121.78 -23.73 12.84
C GLY D 949 -121.78 -24.47 14.16
N ARG D 950 -122.48 -23.93 15.16
CA ARG D 950 -122.39 -24.47 16.52
C ARG D 950 -123.16 -25.78 16.67
N ALA D 951 -124.30 -25.89 15.98
CA ALA D 951 -125.06 -27.14 15.81
C ALA D 951 -125.62 -27.69 17.13
N ASP D 952 -126.10 -26.79 17.98
CA ASP D 952 -126.99 -27.21 19.06
C ASP D 952 -128.16 -26.27 19.27
N VAL D 953 -128.15 -25.08 18.67
CA VAL D 953 -129.25 -24.14 18.73
C VAL D 953 -129.64 -23.80 17.30
N ALA D 954 -130.91 -23.48 17.09
CA ALA D 954 -131.38 -23.12 15.76
C ALA D 954 -132.28 -21.90 15.87
N GLY D 955 -132.33 -21.12 14.79
CA GLY D 955 -133.12 -19.92 14.76
C GLY D 955 -132.32 -18.73 14.29
N PRO D 956 -132.78 -17.53 14.63
CA PRO D 956 -132.02 -16.33 14.23
C PRO D 956 -130.70 -16.17 14.96
N LEU D 957 -130.64 -16.51 16.25
CA LEU D 957 -129.36 -16.35 16.93
C LEU D 957 -128.35 -17.39 16.51
N ALA D 958 -128.78 -18.49 15.89
CA ALA D 958 -127.82 -19.40 15.26
C ALA D 958 -127.06 -18.68 14.16
N VAL D 959 -127.78 -17.93 13.33
CA VAL D 959 -127.18 -17.16 12.24
C VAL D 959 -126.29 -16.06 12.81
N VAL D 960 -126.76 -15.40 13.87
CA VAL D 960 -126.00 -14.32 14.49
C VAL D 960 -124.73 -14.83 15.14
N LEU D 961 -124.78 -16.00 15.79
CA LEU D 961 -123.57 -16.57 16.38
C LEU D 961 -122.56 -17.00 15.34
N ASP D 962 -122.98 -17.72 14.31
CA ASP D 962 -121.97 -18.27 13.42
C ASP D 962 -121.58 -17.32 12.29
N ALA D 963 -122.21 -16.15 12.18
CA ALA D 963 -121.80 -15.20 11.16
C ALA D 963 -120.49 -14.52 11.57
N PRO D 964 -119.46 -14.53 10.72
CA PRO D 964 -118.20 -13.88 11.09
C PRO D 964 -118.14 -12.40 10.78
N ASP D 965 -118.88 -11.94 9.77
CA ASP D 965 -118.87 -10.54 9.38
C ASP D 965 -120.29 -9.99 9.36
N VAL D 966 -120.42 -8.73 9.74
CA VAL D 966 -121.70 -8.03 9.63
C VAL D 966 -121.49 -6.77 8.81
N ARG D 967 -122.58 -6.21 8.32
CA ARG D 967 -122.56 -4.92 7.65
C ARG D 967 -123.07 -3.86 8.62
N TRP D 968 -122.16 -3.02 9.10
CA TRP D 968 -122.44 -2.09 10.19
C TRP D 968 -122.36 -0.68 9.64
N ALA D 969 -123.52 -0.17 9.20
CA ALA D 969 -123.68 1.15 8.58
C ALA D 969 -122.77 1.31 7.37
N GLY D 970 -123.02 0.49 6.35
CA GLY D 970 -122.35 0.62 5.08
C GLY D 970 -121.03 -0.11 4.97
N ARG D 971 -120.45 -0.54 6.09
CA ARG D 971 -119.10 -1.08 6.11
C ARG D 971 -119.13 -2.49 6.67
N THR D 972 -118.18 -3.32 6.26
CA THR D 972 -118.10 -4.70 6.73
C THR D 972 -117.11 -4.77 7.87
N VAL D 973 -117.65 -4.66 9.08
CA VAL D 973 -116.89 -4.85 10.31
C VAL D 973 -117.15 -6.27 10.77
N THR D 974 -116.16 -6.89 11.41
CA THR D 974 -116.36 -8.22 11.96
C THR D 974 -117.40 -8.20 13.06
N ASN D 975 -118.05 -9.33 13.23
CA ASN D 975 -119.24 -9.46 14.07
C ASN D 975 -118.86 -9.22 15.52
N PRO D 976 -119.48 -8.26 16.21
CA PRO D 976 -119.08 -7.97 17.59
C PRO D 976 -119.39 -9.09 18.57
N VAL D 977 -120.48 -9.82 18.36
CA VAL D 977 -120.76 -10.97 19.22
C VAL D 977 -119.74 -12.07 18.99
N HIS D 978 -119.20 -12.15 17.77
CA HIS D 978 -118.08 -13.04 17.50
C HIS D 978 -116.82 -12.50 18.16
N ARG D 979 -116.66 -11.18 18.18
CA ARG D 979 -115.44 -10.51 18.60
C ARG D 979 -115.23 -10.57 20.10
N ILE D 980 -116.30 -10.54 20.89
CA ILE D 980 -116.17 -10.62 22.34
C ILE D 980 -115.58 -11.96 22.77
N ALA D 981 -116.05 -13.05 22.17
CA ALA D 981 -115.47 -14.37 22.39
C ALA D 981 -115.64 -15.15 21.11
N ASP D 982 -114.56 -15.25 20.31
CA ASP D 982 -114.57 -15.59 18.89
C ASP D 982 -115.25 -16.94 18.62
N PRO D 983 -114.78 -18.16 19.06
CA PRO D 983 -115.69 -19.29 18.89
C PRO D 983 -116.48 -19.62 20.14
N ALA D 984 -117.74 -20.01 19.97
CA ALA D 984 -118.36 -21.08 20.74
C ALA D 984 -118.28 -21.05 22.27
N GLU D 985 -117.87 -19.94 22.88
CA GLU D 985 -117.77 -19.87 24.32
C GLU D 985 -118.98 -19.22 24.95
N TRP D 986 -120.04 -19.05 24.17
CA TRP D 986 -121.29 -18.53 24.68
C TRP D 986 -122.14 -19.68 25.19
N GLN D 987 -122.80 -19.49 26.30
CA GLN D 987 -123.66 -20.52 26.87
C GLN D 987 -125.10 -20.29 26.45
N VAL D 988 -125.76 -21.35 26.07
CA VAL D 988 -127.10 -21.28 25.51
C VAL D 988 -128.13 -21.65 26.56
N HIS D 989 -129.34 -21.13 26.40
CA HIS D 989 -130.45 -21.42 27.29
C HIS D 989 -131.72 -21.45 26.46
N ASP D 990 -132.44 -22.57 26.52
CA ASP D 990 -133.68 -22.79 25.78
C ASP D 990 -134.71 -23.45 26.70
N GLY D 991 -134.92 -22.86 27.87
CA GLY D 991 -135.81 -23.41 28.85
C GLY D 991 -137.28 -23.35 28.45
N PRO D 992 -137.86 -22.14 28.43
CA PRO D 992 -139.26 -22.00 28.00
C PRO D 992 -139.42 -21.84 26.50
N GLU D 993 -138.41 -22.27 25.75
CA GLU D 993 -138.30 -22.14 24.29
C GLU D 993 -138.27 -20.67 23.87
N ASN D 994 -137.34 -19.92 24.47
CA ASN D 994 -136.75 -18.77 23.82
C ASN D 994 -135.25 -18.90 23.93
N PRO D 995 -134.53 -19.05 22.83
CA PRO D 995 -133.08 -19.22 22.92
C PRO D 995 -132.43 -17.91 23.32
N ARG D 996 -131.51 -18.00 24.27
CA ARG D 996 -130.72 -16.86 24.67
C ARG D 996 -129.32 -17.32 24.99
N ALA D 997 -128.35 -16.46 24.74
CA ALA D 997 -126.96 -16.82 24.96
C ALA D 997 -126.32 -15.78 25.84
N THR D 998 -125.52 -16.24 26.80
CA THR D 998 -124.84 -15.37 27.72
C THR D 998 -123.34 -15.66 27.68
N HIS D 999 -122.56 -14.63 28.01
CA HIS D 999 -121.13 -14.77 28.21
C HIS D 999 -120.83 -14.51 29.68
N SER D 1000 -120.17 -15.47 30.32
CA SER D 1000 -120.05 -15.41 31.77
C SER D 1000 -119.03 -14.37 32.23
N SER D 1001 -117.88 -14.28 31.55
CA SER D 1001 -116.79 -13.47 32.04
C SER D 1001 -116.99 -11.98 31.81
N THR D 1002 -117.94 -11.57 30.98
CA THR D 1002 -118.23 -10.16 30.77
C THR D 1002 -119.66 -9.78 31.11
N GLY D 1003 -120.62 -10.65 30.86
CA GLY D 1003 -122.00 -10.39 31.14
C GLY D 1003 -122.87 -10.07 29.94
N ALA D 1004 -122.39 -10.30 28.73
CA ALA D 1004 -123.13 -9.96 27.53
C ALA D 1004 -124.25 -10.96 27.27
N ARG D 1005 -125.33 -10.47 26.69
CA ARG D 1005 -126.52 -11.27 26.42
C ARG D 1005 -126.94 -11.14 24.96
N LEU D 1006 -127.66 -12.15 24.49
CA LEU D 1006 -128.14 -12.24 23.11
C LEU D 1006 -129.65 -12.47 23.07
N GLN D 1007 -130.41 -11.55 23.66
CA GLN D 1007 -131.85 -11.72 23.76
C GLN D 1007 -132.51 -11.68 22.38
N THR D 1008 -133.67 -12.31 22.28
CA THR D 1008 -134.40 -12.40 21.02
C THR D 1008 -135.74 -11.69 21.17
N HIS D 1009 -135.82 -10.48 20.65
CA HIS D 1009 -137.07 -9.72 20.65
C HIS D 1009 -137.91 -10.19 19.47
N GLY D 1010 -138.68 -11.24 19.70
CA GLY D 1010 -139.49 -11.83 18.64
C GLY D 1010 -138.63 -12.56 17.63
N ASP D 1011 -138.61 -12.07 16.39
CA ASP D 1011 -137.68 -12.55 15.38
C ASP D 1011 -136.74 -11.39 15.06
N ASP D 1012 -135.76 -11.20 15.95
CA ASP D 1012 -134.82 -10.09 15.95
C ASP D 1012 -133.82 -10.37 17.05
N VAL D 1013 -132.57 -9.95 16.90
CA VAL D 1013 -131.52 -10.30 17.84
C VAL D 1013 -130.97 -9.01 18.47
N ALA D 1014 -130.86 -9.00 19.79
CA ALA D 1014 -130.35 -7.86 20.54
C ALA D 1014 -129.15 -8.32 21.36
N LEU D 1015 -127.98 -7.76 21.05
CA LEU D 1015 -126.78 -7.95 21.84
C LEU D 1015 -126.71 -6.85 22.89
N SER D 1016 -126.71 -7.22 24.16
CA SER D 1016 -126.65 -6.26 25.24
C SER D 1016 -125.37 -6.47 26.03
N VAL D 1017 -124.58 -5.40 26.17
CA VAL D 1017 -123.28 -5.46 26.82
C VAL D 1017 -123.32 -4.55 28.02
N PRO D 1018 -122.97 -5.01 29.22
CA PRO D 1018 -122.77 -4.10 30.35
C PRO D 1018 -121.38 -3.49 30.28
N VAL D 1019 -121.34 -2.19 29.98
CA VAL D 1019 -120.04 -1.55 29.77
C VAL D 1019 -119.46 -1.10 31.10
N SER D 1020 -120.12 -0.15 31.75
CA SER D 1020 -119.68 0.26 33.08
C SER D 1020 -120.92 0.74 33.82
N GLY D 1021 -121.57 -0.19 34.52
CA GLY D 1021 -122.78 0.13 35.25
C GLY D 1021 -124.04 0.09 34.40
N THR D 1022 -123.97 0.56 33.16
CA THR D 1022 -125.11 0.66 32.28
C THR D 1022 -124.95 -0.26 31.07
N TRP D 1023 -126.02 -0.35 30.30
CA TRP D 1023 -126.13 -1.32 29.22
C TRP D 1023 -126.04 -0.63 27.87
N VAL D 1024 -125.50 -1.34 26.89
CA VAL D 1024 -125.47 -0.90 25.50
C VAL D 1024 -126.15 -1.97 24.67
N ASP D 1025 -127.17 -1.57 23.91
CA ASP D 1025 -127.96 -2.46 23.09
C ASP D 1025 -127.61 -2.26 21.62
N ILE D 1026 -127.27 -3.35 20.94
CA ILE D 1026 -127.00 -3.36 19.51
C ILE D 1026 -128.00 -4.29 18.86
N ARG D 1027 -128.74 -3.80 17.88
CA ARG D 1027 -129.85 -4.52 17.29
C ARG D 1027 -129.48 -5.01 15.90
N PHE D 1028 -129.67 -6.30 15.66
CA PHE D 1028 -129.31 -6.92 14.39
C PHE D 1028 -130.58 -7.15 13.58
N THR D 1029 -130.51 -6.89 12.28
CA THR D 1029 -131.61 -7.18 11.37
C THR D 1029 -131.14 -8.18 10.33
N LEU D 1030 -132.01 -9.12 10.00
CA LEU D 1030 -131.68 -10.23 9.12
C LEU D 1030 -132.59 -10.21 7.90
N PRO D 1031 -132.11 -9.78 6.74
CA PRO D 1031 -132.91 -9.87 5.52
C PRO D 1031 -132.93 -11.30 4.99
N ALA D 1032 -133.56 -11.45 3.82
CA ALA D 1032 -133.58 -12.76 3.18
C ALA D 1032 -132.25 -13.08 2.51
N ASN D 1033 -131.35 -12.12 2.44
CA ASN D 1033 -130.01 -12.33 1.89
C ASN D 1033 -129.21 -13.28 2.76
N THR D 1034 -129.49 -13.32 4.06
CA THR D 1034 -128.72 -14.09 5.03
C THR D 1034 -129.09 -15.56 5.05
N VAL D 1035 -129.90 -16.04 4.11
CA VAL D 1035 -130.17 -17.47 4.04
C VAL D 1035 -128.95 -18.21 3.52
N ASP D 1036 -128.35 -17.69 2.44
CA ASP D 1036 -127.19 -18.32 1.81
C ASP D 1036 -126.00 -17.36 1.83
N GLY D 1037 -125.26 -17.39 2.94
CA GLY D 1037 -124.00 -16.68 3.01
C GLY D 1037 -124.10 -15.18 3.10
N GLY D 1038 -125.27 -14.63 3.41
CA GLY D 1038 -125.42 -13.20 3.53
C GLY D 1038 -125.07 -12.73 4.93
N THR D 1039 -124.37 -11.62 5.00
CA THR D 1039 -124.00 -11.06 6.29
C THR D 1039 -125.18 -10.35 6.92
N PRO D 1040 -125.29 -10.38 8.25
CA PRO D 1040 -126.30 -9.56 8.92
C PRO D 1040 -125.99 -8.09 8.77
N VAL D 1041 -127.04 -7.28 8.74
CA VAL D 1041 -126.90 -5.85 8.60
C VAL D 1041 -127.32 -5.19 9.91
N ILE D 1042 -126.59 -4.14 10.29
CA ILE D 1042 -126.91 -3.35 11.46
C ILE D 1042 -127.34 -1.99 10.97
N ALA D 1043 -128.59 -1.63 11.25
CA ALA D 1043 -129.15 -0.39 10.74
C ALA D 1043 -128.46 0.82 11.36
N THR D 1044 -128.36 1.87 10.55
CA THR D 1044 -127.58 3.04 10.95
C THR D 1044 -128.21 3.76 12.12
N GLU D 1045 -129.53 3.72 12.27
CA GLU D 1045 -130.15 4.39 13.42
C GLU D 1045 -130.00 3.59 14.71
N ASP D 1046 -129.97 2.25 14.61
CA ASP D 1046 -129.61 1.44 15.77
C ASP D 1046 -128.19 1.72 16.20
N ALA D 1047 -127.29 1.91 15.23
CA ALA D 1047 -125.92 2.26 15.59
C ALA D 1047 -125.82 3.68 16.13
N THR D 1048 -126.69 4.61 15.69
CA THR D 1048 -126.74 5.93 16.33
C THR D 1048 -127.11 5.81 17.79
N SER D 1049 -128.13 5.00 18.11
CA SER D 1049 -128.57 4.86 19.49
C SER D 1049 -127.49 4.25 20.36
N ALA D 1050 -126.82 3.21 19.85
CA ALA D 1050 -125.74 2.57 20.60
C ALA D 1050 -124.57 3.52 20.83
N MET D 1051 -124.20 4.29 19.81
CA MET D 1051 -123.06 5.17 20.02
C MET D 1051 -123.42 6.42 20.82
N ARG D 1052 -124.68 6.85 20.81
CA ARG D 1052 -125.01 7.98 21.68
C ARG D 1052 -125.09 7.55 23.14
N THR D 1053 -125.51 6.30 23.41
CA THR D 1053 -125.45 5.92 24.82
C THR D 1053 -124.02 5.63 25.28
N VAL D 1054 -123.13 5.18 24.39
CA VAL D 1054 -121.74 5.09 24.85
C VAL D 1054 -121.08 6.47 24.88
N LEU D 1055 -121.60 7.46 24.15
CA LEU D 1055 -121.13 8.83 24.29
C LEU D 1055 -121.54 9.39 25.65
N ALA D 1056 -122.72 9.02 26.11
CA ALA D 1056 -123.14 9.37 27.47
C ALA D 1056 -122.23 8.75 28.51
N ILE D 1057 -121.91 7.45 28.33
CA ILE D 1057 -121.00 6.79 29.26
C ILE D 1057 -119.62 7.43 29.25
N ALA D 1058 -119.20 7.96 28.11
CA ALA D 1058 -117.92 8.67 28.04
C ALA D 1058 -117.96 10.01 28.76
N ALA D 1059 -119.02 10.80 28.55
CA ALA D 1059 -119.02 12.17 29.06
C ALA D 1059 -119.82 12.36 30.34
N GLY D 1060 -121.12 12.10 30.31
CA GLY D 1060 -121.98 12.51 31.42
C GLY D 1060 -123.28 11.76 31.39
N VAL D 1061 -124.01 11.86 32.52
CA VAL D 1061 -124.84 10.81 33.10
C VAL D 1061 -125.69 10.00 32.14
N ASP D 1062 -126.54 10.66 31.36
CA ASP D 1062 -127.45 9.97 30.46
C ASP D 1062 -127.48 10.69 29.12
N SER D 1063 -127.73 9.93 28.07
CA SER D 1063 -127.76 10.51 26.73
C SER D 1063 -128.96 11.40 26.43
N PRO D 1064 -130.24 11.14 26.90
CA PRO D 1064 -131.26 12.14 26.60
C PRO D 1064 -131.11 13.39 27.46
N GLU D 1065 -130.54 14.43 26.82
CA GLU D 1065 -130.48 15.80 27.32
C GLU D 1065 -129.81 15.89 28.70
N PHE D 1066 -128.59 15.39 28.79
CA PHE D 1066 -127.75 15.74 29.93
C PHE D 1066 -126.37 16.14 29.45
N LEU D 1067 -125.97 15.62 28.29
CA LEU D 1067 -124.87 16.23 27.56
C LEU D 1067 -125.31 17.63 27.11
N PRO D 1068 -124.38 18.59 27.06
CA PRO D 1068 -124.77 19.98 26.81
C PRO D 1068 -125.27 20.19 25.38
N ALA D 1069 -126.17 21.15 25.24
CA ALA D 1069 -126.85 21.37 23.97
C ALA D 1069 -125.90 21.97 22.94
N VAL D 1070 -126.15 21.61 21.68
CA VAL D 1070 -125.36 22.10 20.56
C VAL D 1070 -126.10 23.31 20.01
N ALA D 1071 -125.38 24.42 19.86
CA ALA D 1071 -125.91 25.61 19.24
C ALA D 1071 -125.90 25.48 17.72
N ASN D 1072 -125.99 26.63 17.05
CA ASN D 1072 -125.87 26.72 15.60
C ASN D 1072 -124.59 26.07 15.10
N GLY D 1073 -123.47 26.35 15.76
CA GLY D 1073 -122.25 25.61 15.49
C GLY D 1073 -121.55 25.09 16.72
N THR D 1074 -121.85 25.68 17.87
CA THR D 1074 -120.99 25.58 19.05
C THR D 1074 -121.65 24.70 20.11
N ALA D 1075 -120.87 24.44 21.16
CA ALA D 1075 -121.39 23.86 22.39
C ALA D 1075 -120.71 24.55 23.55
N THR D 1076 -121.50 25.07 24.49
CA THR D 1076 -120.98 25.94 25.54
C THR D 1076 -121.21 25.34 26.91
N LEU D 1077 -120.29 25.64 27.83
CA LEU D 1077 -120.42 25.24 29.22
C LEU D 1077 -119.90 26.36 30.12
N THR D 1078 -120.41 26.40 31.34
CA THR D 1078 -119.90 27.26 32.41
C THR D 1078 -119.55 26.38 33.60
N VAL D 1079 -118.28 26.37 33.97
CA VAL D 1079 -117.80 25.49 35.02
C VAL D 1079 -117.12 26.28 36.12
N ASP D 1080 -117.15 25.70 37.32
CA ASP D 1080 -116.52 26.29 38.50
C ASP D 1080 -115.09 25.78 38.59
N TRP D 1081 -114.13 26.70 38.67
CA TRP D 1081 -112.72 26.35 38.68
C TRP D 1081 -112.13 26.67 40.04
N HIS D 1082 -111.39 25.71 40.60
CA HIS D 1082 -110.67 25.83 41.84
C HIS D 1082 -109.20 25.48 41.63
N PRO D 1083 -108.28 26.22 42.25
CA PRO D 1083 -106.85 25.98 41.98
C PRO D 1083 -106.28 24.74 42.64
N GLU D 1084 -106.91 24.21 43.70
CA GLU D 1084 -106.40 23.03 44.37
C GLU D 1084 -106.68 21.75 43.59
N ARG D 1085 -107.63 21.80 42.67
CA ARG D 1085 -107.84 20.67 41.77
C ARG D 1085 -106.65 20.49 40.83
N VAL D 1086 -105.92 21.57 40.54
CA VAL D 1086 -104.69 21.44 39.77
C VAL D 1086 -103.65 20.69 40.59
N ALA D 1087 -103.64 20.90 41.91
CA ALA D 1087 -102.68 20.23 42.78
C ALA D 1087 -102.95 18.74 42.84
N ASP D 1088 -104.22 18.34 43.05
CA ASP D 1088 -104.43 16.90 43.07
C ASP D 1088 -104.51 16.28 41.68
N HIS D 1089 -104.52 17.11 40.63
CA HIS D 1089 -104.24 16.62 39.27
C HIS D 1089 -102.78 16.24 39.13
N THR D 1090 -101.88 17.15 39.52
CA THR D 1090 -100.45 16.89 39.40
C THR D 1090 -100.01 15.76 40.31
N GLY D 1091 -100.69 15.58 41.44
CA GLY D 1091 -100.39 14.46 42.31
C GLY D 1091 -100.70 13.11 41.69
N VAL D 1092 -101.65 13.06 40.76
CA VAL D 1092 -101.94 11.82 40.06
C VAL D 1092 -101.03 11.66 38.87
N THR D 1093 -100.78 12.74 38.13
CA THR D 1093 -99.99 12.64 36.91
C THR D 1093 -98.51 12.43 37.20
N ALA D 1094 -97.88 13.36 37.91
CA ALA D 1094 -96.44 13.37 38.06
C ALA D 1094 -96.03 12.31 39.08
N THR D 1095 -95.55 11.18 38.58
CA THR D 1095 -95.06 10.07 39.40
C THR D 1095 -93.63 9.76 39.02
N PHE D 1096 -92.81 10.79 38.99
CA PHE D 1096 -91.47 10.74 38.41
C PHE D 1096 -90.50 10.05 39.37
N GLY D 1097 -89.20 10.16 39.06
CA GLY D 1097 -88.16 9.52 39.85
C GLY D 1097 -87.82 10.29 41.12
N GLU D 1098 -86.58 10.14 41.56
CA GLU D 1098 -86.13 10.84 42.76
C GLU D 1098 -85.76 12.31 42.57
N PRO D 1099 -84.80 12.69 41.69
CA PRO D 1099 -84.16 14.01 41.88
C PRO D 1099 -85.03 15.20 41.51
N LEU D 1100 -86.11 14.99 40.75
CA LEU D 1100 -86.87 16.10 40.21
C LEU D 1100 -87.86 16.60 41.26
N ALA D 1101 -88.67 17.59 40.86
CA ALA D 1101 -89.71 18.14 41.70
C ALA D 1101 -90.71 18.83 40.78
N PRO D 1102 -92.00 18.78 41.06
CA PRO D 1102 -92.97 19.46 40.20
C PRO D 1102 -92.86 20.97 40.32
N SER D 1103 -93.38 21.65 39.31
CA SER D 1103 -93.28 23.10 39.26
C SER D 1103 -94.25 23.74 40.24
N LEU D 1104 -94.10 25.05 40.41
CA LEU D 1104 -94.98 25.82 41.27
C LEU D 1104 -96.11 26.48 40.51
N THR D 1105 -95.85 26.90 39.27
CA THR D 1105 -96.91 27.45 38.45
C THR D 1105 -97.77 26.32 37.90
N ASN D 1106 -98.94 26.69 37.42
CA ASN D 1106 -99.87 25.69 36.92
C ASN D 1106 -99.50 25.29 35.51
N VAL D 1107 -99.86 24.07 35.14
CA VAL D 1107 -99.44 23.46 33.88
C VAL D 1107 -100.60 23.69 32.92
N PRO D 1108 -100.37 23.84 31.61
CA PRO D 1108 -101.51 24.11 30.70
C PRO D 1108 -102.42 22.92 30.47
N ASP D 1109 -102.03 21.71 30.86
CA ASP D 1109 -102.96 20.58 30.82
C ASP D 1109 -103.71 20.44 32.13
N ALA D 1110 -104.34 21.54 32.56
CA ALA D 1110 -105.30 21.50 33.64
C ALA D 1110 -106.61 22.12 33.25
N LEU D 1111 -106.64 22.99 32.24
CA LEU D 1111 -107.89 23.51 31.71
C LEU D 1111 -108.64 22.48 30.86
N VAL D 1112 -107.95 21.44 30.39
CA VAL D 1112 -108.60 20.39 29.62
C VAL D 1112 -109.51 19.50 30.46
N GLY D 1113 -109.41 19.61 31.77
CA GLY D 1113 -110.23 18.86 32.68
C GLY D 1113 -111.72 19.16 32.57
N PRO D 1114 -112.14 20.36 32.95
CA PRO D 1114 -113.58 20.65 33.01
C PRO D 1114 -114.24 20.87 31.67
N CYS D 1115 -113.55 20.73 30.54
CA CYS D 1115 -114.14 21.00 29.24
C CYS D 1115 -114.42 19.74 28.44
N TRP D 1116 -114.49 18.58 29.09
CA TRP D 1116 -114.81 17.37 28.33
C TRP D 1116 -116.25 17.27 27.83
N PRO D 1117 -117.32 17.62 28.56
CA PRO D 1117 -118.66 17.48 27.96
C PRO D 1117 -118.90 18.39 26.77
N ALA D 1118 -118.18 19.51 26.66
CA ALA D 1118 -118.31 20.36 25.48
C ALA D 1118 -117.77 19.67 24.24
N VAL D 1119 -116.59 19.05 24.36
CA VAL D 1119 -116.00 18.46 23.16
C VAL D 1119 -116.70 17.13 22.79
N PHE D 1120 -117.24 16.40 23.77
CA PHE D 1120 -118.01 15.21 23.39
C PHE D 1120 -119.37 15.59 22.82
N ALA D 1121 -119.96 16.69 23.29
CA ALA D 1121 -121.18 17.15 22.63
C ALA D 1121 -120.90 17.69 21.24
N ALA D 1122 -119.69 18.21 21.00
CA ALA D 1122 -119.32 18.63 19.66
C ALA D 1122 -119.11 17.44 18.73
N ILE D 1123 -118.53 16.35 19.25
CA ILE D 1123 -118.42 15.11 18.47
C ILE D 1123 -119.80 14.54 18.17
N GLY D 1124 -120.71 14.62 19.14
CA GLY D 1124 -122.05 14.07 18.98
C GLY D 1124 -122.91 14.76 17.93
N SER D 1125 -122.46 15.89 17.38
CA SER D 1125 -123.17 16.51 16.28
C SER D 1125 -122.24 16.90 15.14
N ALA D 1126 -120.96 16.55 15.20
CA ALA D 1126 -120.05 16.85 14.11
C ALA D 1126 -120.39 16.00 12.90
N VAL D 1127 -120.39 16.62 11.72
CA VAL D 1127 -120.70 15.93 10.48
C VAL D 1127 -119.55 16.12 9.50
N THR D 1128 -119.43 15.17 8.57
CA THR D 1128 -118.54 15.33 7.44
C THR D 1128 -119.25 16.13 6.36
N ASP D 1129 -118.68 16.11 5.16
CA ASP D 1129 -119.40 16.61 3.99
C ASP D 1129 -120.48 15.58 3.66
N THR D 1130 -121.70 15.85 4.13
CA THR D 1130 -122.89 15.01 3.95
C THR D 1130 -122.70 13.61 4.54
N GLY D 1131 -122.57 13.58 5.87
CA GLY D 1131 -122.46 12.34 6.63
C GLY D 1131 -121.94 12.63 8.02
N GLU D 1132 -122.27 11.80 9.02
CA GLU D 1132 -121.94 12.16 10.40
C GLU D 1132 -121.05 11.14 11.10
N PRO D 1133 -119.86 11.55 11.58
CA PRO D 1133 -119.08 10.68 12.47
C PRO D 1133 -119.50 10.81 13.92
N VAL D 1134 -120.64 10.22 14.25
CA VAL D 1134 -121.03 9.99 15.64
C VAL D 1134 -121.16 8.51 15.92
N VAL D 1135 -121.22 7.73 14.86
CA VAL D 1135 -121.94 6.47 14.78
C VAL D 1135 -120.96 5.39 14.37
N GLU D 1136 -120.35 5.60 13.22
CA GLU D 1136 -119.50 4.59 12.65
C GLU D 1136 -118.16 4.49 13.35
N GLY D 1137 -117.80 5.44 14.21
CA GLY D 1137 -116.49 5.33 14.79
C GLY D 1137 -116.28 5.79 16.21
N LEU D 1138 -117.32 5.80 17.04
CA LEU D 1138 -117.09 6.28 18.39
C LEU D 1138 -116.32 5.24 19.21
N LEU D 1139 -116.57 3.95 18.96
CA LEU D 1139 -115.68 2.95 19.52
C LEU D 1139 -114.35 2.88 18.79
N SER D 1140 -114.21 3.50 17.62
CA SER D 1140 -112.93 3.58 16.94
C SER D 1140 -112.32 4.97 17.02
N LEU D 1141 -112.59 5.67 18.11
CA LEU D 1141 -112.14 7.05 18.28
C LEU D 1141 -110.78 7.08 18.95
N VAL D 1142 -109.85 7.84 18.37
CA VAL D 1142 -108.52 8.02 18.93
C VAL D 1142 -108.23 9.51 18.99
N HIS D 1143 -107.72 9.98 20.12
CA HIS D 1143 -107.25 11.36 20.21
C HIS D 1143 -105.94 11.47 19.43
N LEU D 1144 -105.98 12.12 18.27
CA LEU D 1144 -104.83 12.11 17.36
C LEU D 1144 -103.73 13.03 17.84
N ASP D 1145 -104.03 14.32 18.01
CA ASP D 1145 -103.04 15.27 18.49
C ASP D 1145 -103.73 16.45 19.15
N HIS D 1146 -102.96 17.15 19.97
CA HIS D 1146 -103.46 18.18 20.88
C HIS D 1146 -102.58 19.41 20.77
N ALA D 1147 -103.18 20.59 20.91
CA ALA D 1147 -102.42 21.82 20.83
C ALA D 1147 -103.04 22.88 21.73
N ALA D 1148 -102.19 23.58 22.46
CA ALA D 1148 -102.59 24.54 23.48
C ALA D 1148 -101.88 25.87 23.24
N ARG D 1149 -102.63 26.95 23.46
CA ARG D 1149 -102.11 28.31 23.35
C ARG D 1149 -102.71 29.12 24.48
N VAL D 1150 -101.87 29.61 25.39
CA VAL D 1150 -102.36 30.36 26.54
C VAL D 1150 -102.12 31.85 26.31
N VAL D 1151 -103.07 32.64 26.76
CA VAL D 1151 -102.85 34.07 26.97
C VAL D 1151 -102.24 34.21 28.35
N GLY D 1152 -101.58 35.35 28.62
CA GLY D 1152 -100.78 35.55 29.82
C GLY D 1152 -101.53 35.43 31.14
N GLN D 1153 -102.86 35.57 31.11
CA GLN D 1153 -103.65 35.35 32.32
C GLN D 1153 -103.81 33.87 32.57
N LEU D 1154 -103.97 33.51 33.84
CA LEU D 1154 -104.25 32.17 34.27
C LEU D 1154 -104.79 32.43 35.67
N PRO D 1155 -105.98 31.94 36.00
CA PRO D 1155 -106.59 32.29 37.29
C PRO D 1155 -105.88 31.59 38.45
N THR D 1156 -106.03 32.17 39.63
CA THR D 1156 -105.49 31.60 40.86
C THR D 1156 -106.47 31.75 42.02
N VAL D 1157 -107.67 32.25 41.76
CA VAL D 1157 -108.70 32.41 42.77
C VAL D 1157 -109.82 31.46 42.38
N PRO D 1158 -110.67 31.02 43.32
CA PRO D 1158 -111.83 30.21 42.92
C PRO D 1158 -112.82 31.03 42.13
N ALA D 1159 -113.07 30.61 40.89
CA ALA D 1159 -113.82 31.43 39.95
C ALA D 1159 -114.84 30.57 39.21
N GLN D 1160 -115.57 31.20 38.31
CA GLN D 1160 -116.53 30.52 37.45
C GLN D 1160 -116.29 30.97 36.02
N LEU D 1161 -115.71 30.09 35.21
CA LEU D 1161 -115.34 30.44 33.84
C LEU D 1161 -116.20 29.65 32.86
N THR D 1162 -115.95 29.84 31.57
CA THR D 1162 -116.78 29.22 30.56
C THR D 1162 -115.94 28.78 29.38
N VAL D 1163 -116.44 27.76 28.68
CA VAL D 1163 -115.76 27.15 27.54
C VAL D 1163 -116.75 27.05 26.38
N THR D 1164 -116.20 27.10 25.17
CA THR D 1164 -117.01 27.01 23.96
C THR D 1164 -116.25 26.22 22.92
N ALA D 1165 -116.83 25.11 22.47
CA ALA D 1165 -116.17 24.19 21.56
C ALA D 1165 -116.93 24.13 20.24
N THR D 1166 -116.19 24.22 19.14
CA THR D 1166 -116.74 24.14 17.79
C THR D 1166 -116.09 22.97 17.08
N ALA D 1167 -116.90 22.15 16.42
CA ALA D 1167 -116.40 21.02 15.66
C ALA D 1167 -116.45 21.36 14.18
N ALA D 1168 -115.31 21.30 13.51
CA ALA D 1168 -115.29 21.65 12.09
C ALA D 1168 -115.83 20.49 11.27
N ASN D 1169 -115.99 20.74 9.96
CA ASN D 1169 -116.48 19.71 9.06
C ASN D 1169 -115.39 18.65 8.87
N ALA D 1170 -115.71 17.43 9.24
CA ALA D 1170 -114.72 16.37 9.29
C ALA D 1170 -114.38 15.87 7.89
N THR D 1171 -113.11 15.58 7.68
CA THR D 1171 -112.66 15.00 6.42
C THR D 1171 -112.23 13.57 6.69
N ASP D 1172 -111.75 12.89 5.66
CA ASP D 1172 -111.28 11.52 5.83
C ASP D 1172 -110.02 11.30 4.99
N THR D 1173 -108.87 11.32 5.67
CA THR D 1173 -107.59 11.19 5.03
C THR D 1173 -107.13 9.75 5.04
N ASP D 1174 -105.91 9.53 4.54
CA ASP D 1174 -105.37 8.20 4.28
C ASP D 1174 -105.05 7.40 5.53
N MET D 1175 -105.27 7.93 6.73
CA MET D 1175 -105.20 7.14 7.93
C MET D 1175 -106.53 7.03 8.67
N GLY D 1176 -107.53 7.79 8.28
CA GLY D 1176 -108.81 7.72 8.95
C GLY D 1176 -109.56 9.02 8.81
N ARG D 1177 -110.75 9.03 9.38
CA ARG D 1177 -111.62 10.20 9.32
C ARG D 1177 -111.25 11.18 10.41
N VAL D 1178 -110.70 12.32 10.02
CA VAL D 1178 -110.21 13.33 10.95
C VAL D 1178 -111.34 14.31 11.24
N VAL D 1179 -111.66 14.43 12.53
CA VAL D 1179 -112.61 15.40 13.08
C VAL D 1179 -111.80 16.43 13.86
N PRO D 1180 -111.61 17.64 13.35
CA PRO D 1180 -110.96 18.68 14.15
C PRO D 1180 -111.97 19.43 15.01
N VAL D 1181 -111.54 19.80 16.20
CA VAL D 1181 -112.41 20.51 17.13
C VAL D 1181 -111.58 21.53 17.91
N SER D 1182 -112.09 22.75 17.99
CA SER D 1182 -111.39 23.87 18.59
C SER D 1182 -112.26 24.45 19.71
N VAL D 1183 -111.70 24.53 20.91
CA VAL D 1183 -112.41 25.06 22.06
C VAL D 1183 -111.63 26.26 22.59
N VAL D 1184 -112.36 27.26 23.07
CA VAL D 1184 -111.76 28.44 23.66
C VAL D 1184 -112.35 28.61 25.06
N VAL D 1185 -111.51 29.04 26.00
CA VAL D 1185 -111.92 29.19 27.39
C VAL D 1185 -111.77 30.63 27.80
N THR D 1186 -112.85 31.23 28.31
CA THR D 1186 -112.84 32.63 28.73
C THR D 1186 -113.34 32.73 30.16
N GLY D 1187 -112.79 33.69 30.89
CA GLY D 1187 -113.16 33.92 32.26
C GLY D 1187 -114.48 34.65 32.41
N ALA D 1188 -114.66 35.28 33.57
CA ALA D 1188 -115.91 35.98 33.85
C ALA D 1188 -115.94 37.35 33.19
N ASP D 1189 -114.78 37.99 33.05
CA ASP D 1189 -114.68 39.33 32.48
C ASP D 1189 -114.65 39.33 30.96
N GLY D 1190 -114.91 38.20 30.31
CA GLY D 1190 -114.84 38.15 28.86
C GLY D 1190 -113.44 38.06 28.31
N ALA D 1191 -112.42 37.96 29.15
CA ALA D 1191 -111.05 37.85 28.68
C ALA D 1191 -110.77 36.41 28.27
N VAL D 1192 -110.12 36.24 27.12
CA VAL D 1192 -109.77 34.92 26.64
C VAL D 1192 -108.60 34.38 27.47
N ILE D 1193 -108.82 33.25 28.12
CA ILE D 1193 -107.75 32.65 28.92
C ILE D 1193 -106.85 31.80 28.04
N ALA D 1194 -107.42 30.82 27.34
CA ALA D 1194 -106.61 29.93 26.52
C ALA D 1194 -107.44 29.40 25.35
N THR D 1195 -106.74 28.75 24.42
CA THR D 1195 -107.32 28.25 23.19
C THR D 1195 -106.71 26.88 22.91
N LEU D 1196 -107.57 25.87 22.79
CA LEU D 1196 -107.13 24.50 22.56
C LEU D 1196 -107.67 24.07 21.22
N GLU D 1197 -106.85 23.34 20.46
CA GLU D 1197 -107.27 22.75 19.20
C GLU D 1197 -106.78 21.32 19.15
N GLU D 1198 -107.68 20.38 18.88
CA GLU D 1198 -107.28 18.99 18.87
C GLU D 1198 -108.02 18.24 17.78
N ARG D 1199 -107.36 17.22 17.26
CA ARG D 1199 -107.94 16.43 16.21
C ARG D 1199 -108.21 15.02 16.71
N PHE D 1200 -109.24 14.41 16.13
CA PHE D 1200 -109.68 13.08 16.49
C PHE D 1200 -109.67 12.21 15.24
N ALA D 1201 -109.06 11.05 15.35
CA ALA D 1201 -108.98 10.10 14.25
C ALA D 1201 -110.02 9.01 14.47
N ILE D 1202 -110.93 8.90 13.53
CA ILE D 1202 -111.81 7.74 13.42
C ILE D 1202 -111.06 6.72 12.59
N LEU D 1203 -110.71 5.58 13.19
CA LEU D 1203 -109.60 4.81 12.64
C LEU D 1203 -110.02 3.92 11.49
N GLY D 1204 -111.27 3.49 11.45
CA GLY D 1204 -111.69 2.50 10.47
C GLY D 1204 -111.74 2.97 9.04
N ARG D 1205 -112.63 3.90 8.76
CA ARG D 1205 -112.92 4.32 7.40
C ARG D 1205 -112.05 5.49 6.99
N THR D 1206 -111.69 5.52 5.71
CA THR D 1206 -110.71 6.44 5.19
C THR D 1206 -111.15 6.96 3.84
N GLY D 1207 -110.36 7.88 3.30
CA GLY D 1207 -110.58 8.41 1.97
C GLY D 1207 -109.27 8.88 1.39
N SER D 1208 -109.32 9.67 0.32
CA SER D 1208 -108.12 10.21 -0.32
C SER D 1208 -108.17 11.73 -0.20
N ALA D 1209 -107.68 12.23 0.93
CA ALA D 1209 -107.52 13.65 1.14
C ALA D 1209 -106.22 13.87 1.88
N GLU D 1210 -105.59 15.01 1.67
CA GLU D 1210 -104.29 15.27 2.25
C GLU D 1210 -104.46 15.68 3.70
N LEU D 1211 -103.64 15.08 4.58
CA LEU D 1211 -103.67 15.38 6.00
C LEU D 1211 -102.78 16.57 6.26
N ALA D 1212 -103.40 17.70 6.60
CA ALA D 1212 -102.64 18.91 6.91
C ALA D 1212 -101.92 18.76 8.25
N ASP D 1213 -100.68 19.18 8.30
CA ASP D 1213 -99.90 19.10 9.52
C ASP D 1213 -100.32 20.21 10.48
N PRO D 1214 -100.42 19.93 11.78
CA PRO D 1214 -100.84 20.96 12.74
C PRO D 1214 -99.77 21.99 12.99
N ALA D 1215 -100.17 23.04 13.72
CA ALA D 1215 -99.28 24.16 13.97
C ALA D 1215 -98.24 23.79 15.01
N ARG D 1216 -97.00 24.17 14.76
CA ARG D 1216 -95.91 23.82 15.65
C ARG D 1216 -95.92 24.72 16.86
N ALA D 1217 -95.75 24.11 18.04
CA ALA D 1217 -95.71 24.78 19.34
C ALA D 1217 -96.97 25.59 19.61
N GLY D 1218 -98.11 25.06 19.21
CA GLY D 1218 -99.39 25.68 19.53
C GLY D 1218 -99.69 26.98 18.84
N GLY D 1219 -98.89 27.39 17.87
CA GLY D 1219 -99.09 28.66 17.21
C GLY D 1219 -98.46 29.85 17.88
N ALA D 1220 -97.51 29.64 18.78
CA ALA D 1220 -96.88 30.73 19.51
C ALA D 1220 -95.49 31.04 19.00
N VAL D 1221 -95.06 30.45 17.89
CA VAL D 1221 -93.79 30.84 17.28
C VAL D 1221 -93.96 32.20 16.62
N SER D 1222 -93.09 33.13 16.98
CA SER D 1222 -93.21 34.53 16.56
C SER D 1222 -92.55 34.81 15.22
N ALA D 1223 -92.33 33.77 14.40
CA ALA D 1223 -91.75 33.86 13.05
C ALA D 1223 -90.36 34.47 13.04
N ASN D 1224 -89.65 34.40 14.18
CA ASN D 1224 -88.26 34.82 14.27
C ASN D 1224 -87.55 33.71 15.05
N ALA D 1225 -87.14 32.67 14.35
CA ALA D 1225 -86.62 31.50 15.01
C ALA D 1225 -85.42 31.00 14.24
N THR D 1226 -84.33 30.74 14.95
CA THR D 1226 -83.11 30.25 14.35
C THR D 1226 -82.85 28.84 14.83
N ASP D 1227 -82.37 27.98 13.93
CA ASP D 1227 -82.07 26.59 14.26
C ASP D 1227 -80.72 26.54 14.95
N THR D 1228 -80.73 26.87 16.23
CA THR D 1228 -79.54 26.64 17.06
C THR D 1228 -79.35 25.13 17.25
N PRO D 1229 -78.11 24.67 17.37
CA PRO D 1229 -77.87 23.22 17.51
C PRO D 1229 -78.45 22.66 18.80
N ARG D 1230 -78.71 21.34 18.76
CA ARG D 1230 -79.44 20.68 19.81
C ARG D 1230 -78.59 20.54 21.06
N ARG D 1231 -79.21 20.79 22.21
CA ARG D 1231 -78.59 20.54 23.51
C ARG D 1231 -79.59 19.80 24.39
N ARG D 1232 -79.10 18.77 25.06
CA ARG D 1232 -79.92 17.95 25.93
C ARG D 1232 -80.31 18.73 27.18
N ARG D 1233 -81.52 18.54 27.67
CA ARG D 1233 -81.92 19.10 28.95
C ARG D 1233 -82.11 18.04 30.02
N ARG D 1234 -82.89 16.99 29.74
CA ARG D 1234 -83.24 16.05 30.78
C ARG D 1234 -83.70 14.74 30.14
N ASP D 1235 -83.52 13.65 30.89
CA ASP D 1235 -83.95 12.32 30.50
C ASP D 1235 -84.70 11.71 31.67
N VAL D 1236 -86.01 11.49 31.52
CA VAL D 1236 -86.87 11.08 32.62
C VAL D 1236 -87.66 9.84 32.23
N THR D 1237 -87.56 8.80 33.05
CA THR D 1237 -88.33 7.56 32.84
C THR D 1237 -89.54 7.55 33.75
N ILE D 1238 -90.73 7.43 33.16
CA ILE D 1238 -92.00 7.39 33.88
C ILE D 1238 -92.73 6.13 33.47
N THR D 1239 -93.18 5.36 34.46
CA THR D 1239 -93.97 4.17 34.18
C THR D 1239 -95.44 4.51 34.13
N ALA D 1240 -96.14 3.96 33.15
CA ALA D 1240 -97.57 4.16 33.05
C ALA D 1240 -98.28 3.40 34.16
N PRO D 1241 -99.32 3.97 34.75
CA PRO D 1241 -99.96 3.31 35.89
C PRO D 1241 -100.79 2.12 35.45
N VAL D 1242 -101.24 1.34 36.42
CA VAL D 1242 -101.92 0.08 36.13
C VAL D 1242 -103.38 0.32 35.76
N ASP D 1243 -104.07 1.17 36.49
CA ASP D 1243 -105.49 1.39 36.27
C ASP D 1243 -105.74 2.86 35.93
N MET D 1244 -106.71 3.09 35.05
CA MET D 1244 -106.97 4.41 34.50
C MET D 1244 -108.11 5.15 35.20
N ARG D 1245 -108.82 4.51 36.12
CA ARG D 1245 -109.89 5.20 36.82
C ARG D 1245 -109.47 6.39 37.68
N PRO D 1246 -108.30 6.42 38.36
CA PRO D 1246 -107.89 7.69 39.02
C PRO D 1246 -107.72 8.85 38.05
N PHE D 1247 -106.99 8.66 36.95
CA PHE D 1247 -106.84 9.75 35.99
C PHE D 1247 -108.16 10.06 35.30
N ALA D 1248 -109.05 9.07 35.19
CA ALA D 1248 -110.36 9.31 34.60
C ALA D 1248 -111.20 10.22 35.47
N VAL D 1249 -111.23 9.96 36.77
CA VAL D 1249 -112.03 10.78 37.68
C VAL D 1249 -111.41 12.16 37.84
N VAL D 1250 -110.08 12.25 37.79
CA VAL D 1250 -109.40 13.55 37.90
C VAL D 1250 -109.65 14.39 36.65
N SER D 1251 -109.38 13.82 35.47
CA SER D 1251 -109.49 14.59 34.24
C SER D 1251 -110.94 14.83 33.85
N GLY D 1252 -111.72 13.77 33.66
CA GLY D 1252 -113.14 13.89 33.38
C GLY D 1252 -113.65 12.92 32.33
N ASP D 1253 -112.80 12.53 31.39
CA ASP D 1253 -113.25 11.65 30.31
C ASP D 1253 -113.41 10.23 30.83
N HIS D 1254 -114.65 9.76 30.86
CA HIS D 1254 -114.97 8.39 31.25
C HIS D 1254 -115.14 7.52 30.02
N ASN D 1255 -114.32 7.78 29.01
CA ASN D 1255 -114.29 7.02 27.77
C ASN D 1255 -113.98 5.56 28.09
N PRO D 1256 -114.89 4.63 27.82
CA PRO D 1256 -114.74 3.26 28.35
C PRO D 1256 -113.61 2.48 27.73
N ILE D 1257 -113.03 2.97 26.64
CA ILE D 1257 -111.92 2.31 25.97
C ILE D 1257 -110.68 2.29 26.85
N HIS D 1258 -110.58 3.16 27.84
CA HIS D 1258 -109.42 3.20 28.71
C HIS D 1258 -109.58 2.38 29.98
N THR D 1259 -110.80 2.10 30.42
CA THR D 1259 -111.03 1.40 31.67
C THR D 1259 -111.63 0.02 31.48
N ASP D 1260 -112.70 -0.08 30.70
CA ASP D 1260 -113.47 -1.32 30.60
C ASP D 1260 -112.74 -2.36 29.78
N ARG D 1261 -112.93 -3.62 30.16
CA ARG D 1261 -112.42 -4.71 29.34
C ARG D 1261 -113.38 -5.08 28.24
N ALA D 1262 -114.69 -5.02 28.53
CA ALA D 1262 -115.68 -5.37 27.52
C ALA D 1262 -115.73 -4.35 26.40
N ALA D 1263 -115.54 -3.06 26.72
CA ALA D 1263 -115.52 -2.05 25.67
C ALA D 1263 -114.25 -2.12 24.84
N ALA D 1264 -113.12 -2.51 25.44
CA ALA D 1264 -111.89 -2.67 24.66
C ALA D 1264 -112.01 -3.87 23.72
N LEU D 1265 -112.58 -4.96 24.21
CA LEU D 1265 -112.84 -6.11 23.33
C LEU D 1265 -113.87 -5.77 22.27
N LEU D 1266 -114.82 -4.89 22.57
CA LEU D 1266 -115.84 -4.51 21.61
C LEU D 1266 -115.28 -3.60 20.54
N ALA D 1267 -114.29 -2.78 20.89
CA ALA D 1267 -113.59 -1.95 19.93
C ALA D 1267 -112.47 -2.70 19.23
N GLY D 1268 -112.18 -3.92 19.63
CA GLY D 1268 -111.22 -4.70 18.91
C GLY D 1268 -109.81 -4.40 19.36
N LEU D 1269 -109.62 -4.38 20.67
CA LEU D 1269 -108.32 -4.25 21.29
C LEU D 1269 -108.14 -5.39 22.28
N GLU D 1270 -106.88 -5.79 22.48
CA GLU D 1270 -106.60 -6.88 23.41
C GLU D 1270 -106.85 -6.45 24.84
N SER D 1271 -106.54 -5.20 25.15
CA SER D 1271 -106.58 -4.66 26.50
C SER D 1271 -106.66 -3.15 26.39
N PRO D 1272 -107.18 -2.45 27.41
CA PRO D 1272 -107.37 -1.00 27.29
C PRO D 1272 -106.08 -0.22 27.14
N ILE D 1273 -106.23 1.05 26.78
CA ILE D 1273 -105.13 1.94 26.46
C ILE D 1273 -105.14 3.13 27.41
N VAL D 1274 -103.97 3.72 27.60
CA VAL D 1274 -103.83 4.86 28.51
C VAL D 1274 -104.25 6.13 27.80
N HIS D 1275 -104.43 7.20 28.55
CA HIS D 1275 -104.96 8.43 28.00
C HIS D 1275 -103.86 9.22 27.30
N GLY D 1276 -104.21 9.71 26.10
CA GLY D 1276 -103.35 10.66 25.42
C GLY D 1276 -103.09 11.89 26.25
N MET D 1277 -104.11 12.37 26.96
CA MET D 1277 -103.89 13.50 27.84
C MET D 1277 -103.07 13.13 29.06
N TRP D 1278 -103.05 11.85 29.46
CA TRP D 1278 -102.14 11.43 30.52
C TRP D 1278 -100.70 11.59 30.11
N LEU D 1279 -100.32 11.01 28.96
CA LEU D 1279 -98.91 11.17 28.62
C LEU D 1279 -98.58 12.58 28.12
N SER D 1280 -99.59 13.32 27.67
CA SER D 1280 -99.47 14.77 27.47
C SER D 1280 -99.03 15.50 28.74
N ALA D 1281 -99.76 15.28 29.83
CA ALA D 1281 -99.44 15.97 31.07
C ALA D 1281 -98.13 15.46 31.67
N ALA D 1282 -97.81 14.19 31.45
CA ALA D 1282 -96.50 13.68 31.88
C ALA D 1282 -95.37 14.34 31.13
N ALA D 1283 -95.55 14.59 29.83
CA ALA D 1283 -94.53 15.28 29.05
C ALA D 1283 -94.38 16.73 29.49
N GLN D 1284 -95.50 17.39 29.81
CA GLN D 1284 -95.41 18.77 30.28
C GLN D 1284 -94.71 18.87 31.63
N HIS D 1285 -94.95 17.91 32.52
CA HIS D 1285 -94.24 17.94 33.79
C HIS D 1285 -92.78 17.56 33.64
N ALA D 1286 -92.45 16.70 32.68
CA ALA D 1286 -91.05 16.40 32.41
C ALA D 1286 -90.33 17.61 31.84
N VAL D 1287 -91.06 18.48 31.13
CA VAL D 1287 -90.48 19.76 30.72
C VAL D 1287 -90.28 20.66 31.92
N THR D 1288 -91.35 20.91 32.68
CA THR D 1288 -91.36 21.97 33.67
C THR D 1288 -90.91 21.54 35.05
N ALA D 1289 -90.33 20.36 35.20
CA ALA D 1289 -89.87 19.98 36.53
C ALA D 1289 -88.54 20.65 36.85
N THR D 1290 -88.24 20.72 38.15
CA THR D 1290 -87.02 21.37 38.63
C THR D 1290 -86.21 20.39 39.46
N ASP D 1291 -84.89 20.62 39.49
CA ASP D 1291 -84.01 19.85 40.35
C ASP D 1291 -82.96 20.72 41.02
N GLY D 1292 -83.25 21.99 41.21
CA GLY D 1292 -82.45 22.86 42.05
C GLY D 1292 -81.21 23.47 41.42
N GLN D 1293 -80.66 22.86 40.38
CA GLN D 1293 -79.41 23.37 39.83
C GLN D 1293 -79.67 24.60 38.95
N ALA D 1294 -78.58 25.18 38.44
CA ALA D 1294 -78.59 26.54 37.90
C ALA D 1294 -79.23 26.59 36.51
N ARG D 1295 -80.55 26.51 36.51
CA ARG D 1295 -81.39 26.77 35.35
C ARG D 1295 -82.65 27.48 35.81
N PRO D 1296 -83.23 28.33 34.97
CA PRO D 1296 -84.52 28.92 35.31
C PRO D 1296 -85.62 27.87 35.24
N PRO D 1297 -86.75 28.10 35.91
CA PRO D 1297 -87.90 27.22 35.73
C PRO D 1297 -88.51 27.39 34.35
N ALA D 1298 -89.43 26.49 34.03
CA ALA D 1298 -90.11 26.49 32.75
C ALA D 1298 -91.57 26.87 32.93
N ARG D 1299 -92.03 27.82 32.12
CA ARG D 1299 -93.43 28.22 32.08
C ARG D 1299 -93.85 28.22 30.62
N LEU D 1300 -94.80 27.36 30.27
CA LEU D 1300 -95.15 27.14 28.88
C LEU D 1300 -96.08 28.24 28.37
N VAL D 1301 -95.93 28.55 27.09
CA VAL D 1301 -96.78 29.53 26.43
C VAL D 1301 -97.54 28.85 25.30
N GLY D 1302 -96.82 28.24 24.37
CA GLY D 1302 -97.43 27.51 23.29
C GLY D 1302 -96.96 26.07 23.30
N TRP D 1303 -97.84 25.17 22.91
CA TRP D 1303 -97.51 23.76 23.07
C TRP D 1303 -98.30 22.94 22.09
N THR D 1304 -97.70 21.87 21.58
CA THR D 1304 -98.45 20.89 20.80
C THR D 1304 -97.82 19.52 21.00
N ALA D 1305 -98.64 18.49 20.77
CA ALA D 1305 -98.19 17.12 20.96
C ALA D 1305 -98.91 16.22 19.99
N ARG D 1306 -98.15 15.42 19.26
CA ARG D 1306 -98.66 14.48 18.28
C ARG D 1306 -98.55 13.08 18.84
N PHE D 1307 -99.65 12.35 18.87
CA PHE D 1307 -99.66 10.98 19.36
C PHE D 1307 -99.49 10.04 18.18
N LEU D 1308 -98.70 8.97 18.38
CA LEU D 1308 -98.35 8.10 17.28
C LEU D 1308 -98.78 6.66 17.50
N GLY D 1309 -98.49 6.08 18.67
CA GLY D 1309 -98.79 4.69 18.91
C GLY D 1309 -99.58 4.51 20.20
N MET D 1310 -100.07 3.30 20.40
CA MET D 1310 -100.81 2.96 21.59
C MET D 1310 -99.86 2.57 22.71
N VAL D 1311 -100.22 2.93 23.94
CA VAL D 1311 -99.45 2.60 25.13
C VAL D 1311 -100.35 1.84 26.08
N ARG D 1312 -100.01 0.58 26.32
CA ARG D 1312 -100.76 -0.22 27.27
C ARG D 1312 -100.40 0.20 28.70
N PRO D 1313 -101.29 -0.01 29.67
CA PRO D 1313 -100.95 0.35 31.05
C PRO D 1313 -99.85 -0.54 31.61
N GLY D 1314 -98.78 0.11 32.07
CA GLY D 1314 -97.66 -0.61 32.64
C GLY D 1314 -96.47 -0.65 31.71
N ASP D 1315 -96.24 0.42 30.96
CA ASP D 1315 -95.11 0.51 30.05
C ASP D 1315 -94.19 1.63 30.50
N GLU D 1316 -92.89 1.46 30.29
CA GLU D 1316 -91.90 2.39 30.81
C GLU D 1316 -91.57 3.42 29.76
N VAL D 1317 -92.30 4.53 29.76
CA VAL D 1317 -92.04 5.63 28.85
C VAL D 1317 -90.77 6.35 29.30
N ASP D 1318 -89.99 6.86 28.36
CA ASP D 1318 -88.90 7.76 28.73
C ASP D 1318 -88.88 8.97 27.81
N PHE D 1319 -88.77 10.14 28.43
CA PHE D 1319 -88.75 11.42 27.73
C PHE D 1319 -87.30 11.90 27.65
N ARG D 1320 -86.92 12.42 26.49
CA ARG D 1320 -85.57 12.93 26.23
C ARG D 1320 -85.70 14.32 25.66
N VAL D 1321 -85.73 15.33 26.54
CA VAL D 1321 -86.11 16.69 26.16
C VAL D 1321 -84.86 17.44 25.69
N GLU D 1322 -84.99 18.16 24.58
CA GLU D 1322 -83.86 18.85 23.97
C GLU D 1322 -84.26 20.29 23.66
N ARG D 1323 -83.28 21.06 23.19
CA ARG D 1323 -83.47 22.44 22.81
C ARG D 1323 -83.38 22.55 21.30
N VAL D 1324 -84.24 23.38 20.70
CA VAL D 1324 -84.34 23.45 19.24
C VAL D 1324 -83.99 24.82 18.71
N GLY D 1325 -84.69 25.85 19.20
CA GLY D 1325 -84.58 27.18 18.62
C GLY D 1325 -84.57 28.25 19.70
N ILE D 1326 -84.59 29.50 19.23
CA ILE D 1326 -84.64 30.67 20.10
C ILE D 1326 -85.55 31.69 19.44
N ASP D 1327 -86.28 32.44 20.27
CA ASP D 1327 -87.27 33.39 19.77
C ASP D 1327 -87.40 34.52 20.77
N GLN D 1328 -86.67 35.62 20.52
CA GLN D 1328 -86.67 36.83 21.36
C GLN D 1328 -86.37 36.51 22.81
N GLY D 1329 -85.30 35.76 23.04
CA GLY D 1329 -84.91 35.35 24.37
C GLY D 1329 -85.56 34.07 24.86
N ALA D 1330 -86.77 33.75 24.40
CA ALA D 1330 -87.43 32.50 24.75
C ALA D 1330 -86.99 31.42 23.77
N GLU D 1331 -86.92 30.19 24.27
CA GLU D 1331 -86.38 29.09 23.49
C GLU D 1331 -87.46 28.08 23.12
N ILE D 1332 -87.22 27.36 22.02
CA ILE D 1332 -88.14 26.37 21.49
C ILE D 1332 -87.61 25.00 21.91
N VAL D 1333 -88.47 24.20 22.51
CA VAL D 1333 -88.07 22.97 23.21
C VAL D 1333 -89.02 21.85 22.83
N ASP D 1334 -88.47 20.71 22.39
CA ASP D 1334 -89.28 19.57 22.01
C ASP D 1334 -89.01 18.36 22.91
N VAL D 1335 -89.97 17.45 22.97
CA VAL D 1335 -89.76 16.16 23.62
C VAL D 1335 -90.15 15.05 22.66
N ALA D 1336 -89.64 13.86 22.96
CA ALA D 1336 -89.97 12.65 22.22
C ALA D 1336 -90.02 11.50 23.21
N ALA D 1337 -91.14 10.80 23.24
CA ALA D 1337 -91.37 9.74 24.22
C ALA D 1337 -91.24 8.38 23.55
N ARG D 1338 -90.55 7.46 24.21
CA ARG D 1338 -90.26 6.16 23.66
C ARG D 1338 -90.70 5.06 24.61
N VAL D 1339 -91.10 3.93 24.06
CA VAL D 1339 -91.40 2.72 24.83
C VAL D 1339 -90.58 1.62 24.17
N GLY D 1340 -89.38 1.39 24.67
CA GLY D 1340 -88.52 0.45 24.01
C GLY D 1340 -87.70 1.10 22.91
N SER D 1341 -88.17 0.99 21.67
CA SER D 1341 -87.40 1.53 20.55
C SER D 1341 -88.24 2.22 19.50
N ASP D 1342 -89.49 2.57 19.77
CA ASP D 1342 -90.32 3.33 18.85
C ASP D 1342 -90.76 4.62 19.52
N LEU D 1343 -91.51 5.44 18.78
CA LEU D 1343 -92.06 6.67 19.32
C LEU D 1343 -93.53 6.49 19.65
N VAL D 1344 -93.98 7.17 20.69
CA VAL D 1344 -95.39 7.17 21.05
C VAL D 1344 -95.94 8.59 21.02
N MET D 1345 -95.08 9.60 21.22
CA MET D 1345 -95.47 10.95 20.86
C MET D 1345 -94.27 11.70 20.31
N SER D 1346 -94.57 12.87 19.76
CA SER D 1346 -93.56 13.89 19.47
C SER D 1346 -94.21 15.22 19.79
N ALA D 1347 -93.60 15.99 20.68
CA ALA D 1347 -94.24 17.20 21.14
C ALA D 1347 -93.28 18.37 21.04
N SER D 1348 -93.84 19.55 20.83
CA SER D 1348 -93.06 20.78 20.70
C SER D 1348 -93.64 21.84 21.62
N ALA D 1349 -92.80 22.80 22.01
CA ALA D 1349 -93.23 23.80 22.97
C ALA D 1349 -92.42 25.07 22.79
N ARG D 1350 -93.06 26.20 23.04
CA ARG D 1350 -92.39 27.48 23.23
C ARG D 1350 -92.75 27.93 24.64
N LEU D 1351 -91.76 27.96 25.51
CA LEU D 1351 -91.92 28.40 26.89
C LEU D 1351 -91.54 29.86 27.03
N ALA D 1352 -91.96 30.47 28.13
CA ALA D 1352 -91.79 31.90 28.30
C ALA D 1352 -90.35 32.27 28.60
N ALA D 1353 -90.01 33.51 28.30
CA ALA D 1353 -88.68 34.01 28.63
C ALA D 1353 -88.61 34.34 30.12
N PRO D 1354 -87.50 34.05 30.78
CA PRO D 1354 -87.41 34.31 32.22
C PRO D 1354 -87.21 35.78 32.51
N LYS D 1355 -87.55 36.16 33.74
CA LYS D 1355 -87.36 37.53 34.20
C LYS D 1355 -85.88 37.71 34.52
N THR D 1356 -85.20 38.54 33.74
CA THR D 1356 -83.75 38.68 33.87
C THR D 1356 -83.38 40.07 34.31
N VAL D 1357 -82.09 40.22 34.65
CA VAL D 1357 -81.51 41.48 35.10
C VAL D 1357 -80.28 41.75 34.26
N TYR D 1358 -80.19 42.95 33.71
CA TYR D 1358 -79.00 43.40 32.99
C TYR D 1358 -78.30 44.41 33.87
N ALA D 1359 -77.15 44.03 34.43
CA ALA D 1359 -76.40 44.89 35.33
C ALA D 1359 -75.10 45.31 34.67
N PHE D 1360 -74.75 46.59 34.82
CA PHE D 1360 -73.64 47.14 34.07
C PHE D 1360 -72.51 47.57 34.99
N PRO D 1361 -71.25 47.29 34.62
CA PRO D 1361 -70.14 47.40 35.57
C PRO D 1361 -69.66 48.82 35.82
N GLY D 1362 -68.56 48.93 36.58
CA GLY D 1362 -67.96 50.20 36.94
C GLY D 1362 -66.55 50.37 36.43
N GLN D 1363 -65.75 51.18 37.13
CA GLN D 1363 -64.36 51.40 36.73
C GLN D 1363 -63.53 50.14 36.94
N GLY D 1364 -62.29 50.21 36.47
CA GLY D 1364 -61.37 49.10 36.56
C GLY D 1364 -61.58 48.02 35.53
N ILE D 1365 -62.62 48.12 34.71
CA ILE D 1365 -62.87 47.13 33.67
C ILE D 1365 -62.11 47.46 32.39
N GLN D 1366 -61.61 48.69 32.26
CA GLN D 1366 -61.07 49.16 31.01
C GLN D 1366 -59.67 48.60 30.75
N HIS D 1367 -59.38 48.40 29.47
CA HIS D 1367 -58.06 48.03 28.98
C HIS D 1367 -58.03 48.35 27.49
N LYS D 1368 -56.88 48.15 26.88
CA LYS D 1368 -56.75 48.42 25.45
C LYS D 1368 -57.38 47.30 24.64
N GLY D 1369 -58.30 47.66 23.75
CA GLY D 1369 -58.93 46.68 22.91
C GLY D 1369 -60.14 46.00 23.51
N MET D 1370 -61.15 46.78 23.91
CA MET D 1370 -62.38 46.23 24.47
C MET D 1370 -63.41 46.05 23.37
N GLY D 1371 -63.86 44.81 23.17
CA GLY D 1371 -64.94 44.56 22.24
C GLY D 1371 -64.56 44.69 20.78
N MET D 1372 -63.27 44.68 20.46
CA MET D 1372 -62.86 44.74 19.07
C MET D 1372 -63.21 43.46 18.34
N GLU D 1373 -63.25 42.34 19.04
CA GLU D 1373 -63.74 41.11 18.43
C GLU D 1373 -65.25 41.17 18.18
N VAL D 1374 -65.99 41.91 18.99
CA VAL D 1374 -67.42 42.10 18.75
C VAL D 1374 -67.62 42.97 17.53
N ARG D 1375 -66.80 44.02 17.41
CA ARG D 1375 -66.81 44.87 16.21
C ARG D 1375 -66.42 44.09 14.96
N ALA D 1376 -65.53 43.10 15.12
CA ALA D 1376 -65.16 42.27 13.98
C ALA D 1376 -66.27 41.27 13.62
N ARG D 1377 -66.99 40.77 14.62
CA ARG D 1377 -68.03 39.78 14.34
C ARG D 1377 -69.26 40.42 13.70
N SER D 1378 -69.88 41.36 14.41
CA SER D 1378 -71.21 41.80 14.02
C SER D 1378 -71.17 42.81 12.88
N LYS D 1379 -72.36 43.30 12.51
CA LYS D 1379 -72.51 44.41 11.59
C LYS D 1379 -73.32 45.55 12.19
N ALA D 1380 -74.32 45.24 13.01
CA ALA D 1380 -75.02 46.29 13.75
C ALA D 1380 -74.12 46.90 14.81
N ALA D 1381 -73.24 46.09 15.41
CA ALA D 1381 -72.24 46.65 16.31
C ALA D 1381 -71.25 47.52 15.56
N ARG D 1382 -70.90 47.14 14.33
CA ARG D 1382 -70.05 47.99 13.51
C ARG D 1382 -70.74 49.29 13.17
N LYS D 1383 -72.05 49.25 12.95
CA LYS D 1383 -72.82 50.46 12.70
C LYS D 1383 -72.85 51.36 13.92
N VAL D 1384 -72.97 50.78 15.11
CA VAL D 1384 -73.06 51.65 16.28
C VAL D 1384 -71.68 52.17 16.70
N TRP D 1385 -70.60 51.43 16.40
CA TRP D 1385 -69.25 52.00 16.53
C TRP D 1385 -69.07 53.16 15.57
N ASP D 1386 -69.59 53.05 14.35
CA ASP D 1386 -69.44 54.11 13.37
C ASP D 1386 -70.22 55.36 13.77
N THR D 1387 -71.45 55.19 14.25
CA THR D 1387 -72.21 56.35 14.73
C THR D 1387 -71.57 56.95 15.97
N ALA D 1388 -70.97 56.13 16.83
CA ALA D 1388 -70.35 56.64 18.05
C ALA D 1388 -69.12 57.47 17.74
N ASP D 1389 -68.18 56.94 16.96
CA ASP D 1389 -66.98 57.73 16.72
C ASP D 1389 -67.22 58.88 15.74
N LYS D 1390 -68.22 58.77 14.87
CA LYS D 1390 -68.63 59.92 14.06
C LYS D 1390 -69.17 61.04 14.95
N PHE D 1391 -70.04 60.70 15.91
CA PHE D 1391 -70.59 61.70 16.81
C PHE D 1391 -69.50 62.35 17.67
N THR D 1392 -68.57 61.55 18.19
CA THR D 1392 -67.60 62.18 19.06
C THR D 1392 -66.50 62.93 18.30
N ARG D 1393 -66.20 62.57 17.04
CA ARG D 1393 -65.29 63.41 16.29
C ARG D 1393 -65.97 64.64 15.72
N ASP D 1394 -67.30 64.62 15.60
CA ASP D 1394 -68.00 65.81 15.16
C ASP D 1394 -68.34 66.76 16.30
N THR D 1395 -68.45 66.27 17.53
CA THR D 1395 -68.81 67.12 18.65
C THR D 1395 -67.65 67.33 19.62
N LEU D 1396 -67.07 66.26 20.17
CA LEU D 1396 -66.09 66.44 21.24
C LEU D 1396 -64.72 66.79 20.68
N GLY D 1397 -64.26 66.06 19.67
CA GLY D 1397 -63.00 66.41 19.04
C GLY D 1397 -61.94 65.34 19.14
N PHE D 1398 -62.35 64.10 19.29
CA PHE D 1398 -61.42 62.98 19.29
C PHE D 1398 -62.12 61.76 18.71
N SER D 1399 -61.33 60.72 18.47
CA SER D 1399 -61.82 59.48 17.88
C SER D 1399 -61.84 58.41 18.97
N VAL D 1400 -63.05 58.07 19.44
CA VAL D 1400 -63.17 57.09 20.51
C VAL D 1400 -62.76 55.70 20.01
N LEU D 1401 -62.89 55.45 18.71
CA LEU D 1401 -62.37 54.23 18.12
C LEU D 1401 -60.86 54.16 18.26
N HIS D 1402 -60.18 55.29 18.04
CA HIS D 1402 -58.73 55.28 18.22
C HIS D 1402 -58.35 55.18 19.69
N VAL D 1403 -59.11 55.83 20.58
CA VAL D 1403 -58.83 55.81 22.01
C VAL D 1403 -59.00 54.40 22.58
N VAL D 1404 -59.90 53.60 22.01
CA VAL D 1404 -60.03 52.23 22.49
C VAL D 1404 -59.07 51.29 21.75
N ARG D 1405 -58.93 51.46 20.43
CA ARG D 1405 -58.17 50.51 19.62
C ARG D 1405 -56.67 50.62 19.87
N ASP D 1406 -56.18 51.83 20.09
CA ASP D 1406 -54.81 52.04 20.53
C ASP D 1406 -54.88 52.82 21.83
N ASN D 1407 -53.80 52.84 22.59
CA ASN D 1407 -53.74 53.61 23.83
C ASN D 1407 -52.61 54.62 23.68
N PRO D 1408 -52.87 55.77 23.06
CA PRO D 1408 -51.81 56.77 22.88
C PRO D 1408 -51.48 57.45 24.18
N THR D 1409 -50.36 58.18 24.17
CA THR D 1409 -49.89 58.81 25.39
C THR D 1409 -50.69 60.06 25.71
N SER D 1410 -50.86 60.95 24.74
CA SER D 1410 -51.57 62.19 24.98
C SER D 1410 -52.22 62.67 23.69
N ILE D 1411 -53.52 62.95 23.74
CA ILE D 1411 -54.26 63.47 22.60
C ILE D 1411 -54.68 64.89 22.91
N ILE D 1412 -55.08 65.60 21.86
CA ILE D 1412 -55.61 66.95 21.98
C ILE D 1412 -57.10 66.90 21.73
N ALA D 1413 -57.87 67.48 22.65
CA ALA D 1413 -59.31 67.66 22.51
C ALA D 1413 -59.62 68.85 21.63
N SER D 1414 -60.85 69.36 21.73
CA SER D 1414 -61.22 70.60 21.04
C SER D 1414 -60.30 71.75 21.42
N GLY D 1415 -60.30 72.12 22.70
CA GLY D 1415 -59.41 73.17 23.15
C GLY D 1415 -58.04 72.71 23.63
N VAL D 1416 -58.03 71.84 24.64
CA VAL D 1416 -56.84 71.55 25.42
C VAL D 1416 -56.37 70.14 25.08
N HIS D 1417 -55.20 69.79 25.61
CA HIS D 1417 -54.68 68.43 25.49
C HIS D 1417 -54.66 67.74 26.85
N TYR D 1418 -55.00 66.47 26.84
CA TYR D 1418 -55.04 65.65 28.03
C TYR D 1418 -53.86 64.69 28.03
N HIS D 1419 -53.30 64.46 29.20
CA HIS D 1419 -52.10 63.65 29.31
C HIS D 1419 -52.21 62.72 30.52
N HIS D 1420 -51.78 61.49 30.33
CA HIS D 1420 -51.77 60.48 31.39
C HIS D 1420 -50.71 59.46 30.99
N PRO D 1421 -49.61 59.34 31.74
CA PRO D 1421 -48.42 58.66 31.22
C PRO D 1421 -48.54 57.15 31.10
N ASP D 1422 -49.43 56.52 31.87
CA ASP D 1422 -49.67 55.09 31.69
C ASP D 1422 -50.49 54.82 30.44
N GLY D 1423 -51.26 55.81 29.99
CA GLY D 1423 -52.12 55.66 28.84
C GLY D 1423 -53.31 56.58 28.95
N VAL D 1424 -53.73 57.17 27.83
CA VAL D 1424 -54.85 58.10 27.86
C VAL D 1424 -56.18 57.37 27.92
N LEU D 1425 -56.17 56.04 27.77
CA LEU D 1425 -57.39 55.28 27.95
C LEU D 1425 -57.83 55.27 29.41
N TYR D 1426 -56.90 55.43 30.34
CA TYR D 1426 -57.15 55.13 31.74
C TYR D 1426 -57.69 56.29 32.56
N LEU D 1427 -57.73 57.51 32.03
CA LEU D 1427 -58.30 58.57 32.85
C LEU D 1427 -59.79 58.71 32.59
N THR D 1428 -60.39 59.66 33.31
CA THR D 1428 -61.79 59.61 33.74
C THR D 1428 -62.76 59.62 32.57
N GLN D 1429 -62.72 60.68 31.75
CA GLN D 1429 -63.71 60.88 30.71
C GLN D 1429 -63.61 59.79 29.66
N PHE D 1430 -62.39 59.36 29.37
CA PHE D 1430 -62.15 58.41 28.30
C PHE D 1430 -62.52 57.00 28.74
N THR D 1431 -62.28 56.66 30.02
CA THR D 1431 -62.79 55.42 30.59
C THR D 1431 -64.30 55.35 30.48
N GLN D 1432 -64.98 56.45 30.84
CA GLN D 1432 -66.44 56.39 30.83
C GLN D 1432 -67.02 56.33 29.43
N VAL D 1433 -66.47 57.08 28.47
CA VAL D 1433 -67.03 56.99 27.13
C VAL D 1433 -66.67 55.66 26.47
N ALA D 1434 -65.53 55.06 26.84
CA ALA D 1434 -65.19 53.74 26.31
C ALA D 1434 -66.12 52.68 26.86
N MET D 1435 -66.43 52.73 28.16
CA MET D 1435 -67.40 51.80 28.74
C MET D 1435 -68.78 51.99 28.14
N ALA D 1436 -69.15 53.24 27.84
CA ALA D 1436 -70.44 53.54 27.25
C ALA D 1436 -70.57 52.92 25.86
N THR D 1437 -69.57 53.14 25.00
CA THR D 1437 -69.68 52.60 23.65
C THR D 1437 -69.52 51.07 23.63
N VAL D 1438 -68.77 50.49 24.56
CA VAL D 1438 -68.66 49.03 24.59
C VAL D 1438 -69.97 48.39 25.04
N ALA D 1439 -70.61 48.96 26.07
CA ALA D 1439 -71.88 48.43 26.53
C ALA D 1439 -72.97 48.58 25.47
N ALA D 1440 -72.99 49.72 24.77
CA ALA D 1440 -73.99 49.93 23.74
C ALA D 1440 -73.78 48.98 22.55
N ALA D 1441 -72.52 48.77 22.16
CA ALA D 1441 -72.24 47.87 21.04
C ALA D 1441 -72.60 46.43 21.39
N GLN D 1442 -72.28 46.01 22.62
CA GLN D 1442 -72.58 44.64 23.01
C GLN D 1442 -74.08 44.41 23.11
N VAL D 1443 -74.83 45.37 23.65
CA VAL D 1443 -76.26 45.13 23.77
C VAL D 1443 -76.95 45.23 22.42
N ALA D 1444 -76.41 46.02 21.47
CA ALA D 1444 -77.01 46.06 20.13
C ALA D 1444 -76.75 44.76 19.39
N GLU D 1445 -75.58 44.17 19.58
CA GLU D 1445 -75.29 42.88 18.96
C GLU D 1445 -76.16 41.78 19.56
N MET D 1446 -76.28 41.72 20.88
CA MET D 1446 -77.07 40.66 21.45
C MET D 1446 -78.56 40.94 21.43
N ARG D 1447 -79.00 42.10 20.92
CA ARG D 1447 -80.41 42.23 20.60
C ARG D 1447 -80.72 42.03 19.13
N GLU D 1448 -79.74 42.21 18.24
CA GLU D 1448 -79.99 41.80 16.87
C GLU D 1448 -79.80 40.30 16.68
N GLN D 1449 -79.14 39.62 17.61
CA GLN D 1449 -79.10 38.17 17.56
C GLN D 1449 -80.30 37.50 18.22
N GLY D 1450 -81.27 38.27 18.69
CA GLY D 1450 -82.49 37.68 19.21
C GLY D 1450 -82.39 37.08 20.60
N ALA D 1451 -81.26 37.23 21.29
CA ALA D 1451 -81.10 36.70 22.62
C ALA D 1451 -81.25 37.78 23.69
N PHE D 1452 -82.10 38.77 23.45
CA PHE D 1452 -82.33 39.86 24.38
C PHE D 1452 -83.81 39.94 24.68
N VAL D 1453 -84.18 39.67 25.93
CA VAL D 1453 -85.58 39.74 26.35
C VAL D 1453 -85.98 41.20 26.45
N GLU D 1454 -87.28 41.46 26.54
CA GLU D 1454 -87.79 42.82 26.36
C GLU D 1454 -88.06 43.53 27.69
N GLY D 1455 -88.90 42.95 28.53
CA GLY D 1455 -89.33 43.65 29.73
C GLY D 1455 -88.43 43.42 30.93
N ALA D 1456 -87.16 43.14 30.68
CA ALA D 1456 -86.21 42.94 31.77
C ALA D 1456 -85.91 44.25 32.46
N ILE D 1457 -85.65 44.18 33.75
CA ILE D 1457 -85.44 45.38 34.54
C ILE D 1457 -84.01 45.87 34.39
N ALA D 1458 -83.74 47.10 34.81
CA ALA D 1458 -82.47 47.79 34.55
C ALA D 1458 -81.75 48.06 35.85
N CYS D 1459 -80.63 47.38 36.06
CA CYS D 1459 -79.73 47.65 37.17
C CYS D 1459 -78.37 48.04 36.62
N GLY D 1460 -77.44 48.31 37.53
CA GLY D 1460 -76.09 48.58 37.13
C GLY D 1460 -75.36 49.30 38.23
N HIS D 1461 -74.04 49.35 38.08
CA HIS D 1461 -73.24 50.14 38.99
C HIS D 1461 -73.47 51.62 38.67
N SER D 1462 -73.10 52.48 39.62
CA SER D 1462 -73.52 53.88 39.57
C SER D 1462 -72.88 54.70 38.46
N VAL D 1463 -71.98 54.13 37.68
CA VAL D 1463 -71.39 54.86 36.58
C VAL D 1463 -71.83 54.21 35.27
N GLY D 1464 -72.18 52.93 35.33
CA GLY D 1464 -72.81 52.26 34.22
C GLY D 1464 -74.31 52.38 34.22
N GLU D 1465 -74.83 53.06 35.25
CA GLU D 1465 -76.25 53.32 35.38
C GLU D 1465 -76.79 54.14 34.21
N TYR D 1466 -75.98 55.05 33.68
CA TYR D 1466 -76.38 55.84 32.53
C TYR D 1466 -76.59 54.95 31.30
N THR D 1467 -75.69 53.99 31.11
CA THR D 1467 -75.88 53.01 30.05
C THR D 1467 -77.03 52.08 30.34
N ALA D 1468 -77.37 51.86 31.62
CA ALA D 1468 -78.55 51.08 31.94
C ALA D 1468 -79.83 51.81 31.59
N LEU D 1469 -79.82 53.14 31.69
CA LEU D 1469 -80.96 53.89 31.19
C LEU D 1469 -81.02 53.82 29.67
N ALA D 1470 -79.88 54.04 29.01
CA ALA D 1470 -79.92 54.24 27.56
C ALA D 1470 -80.13 52.95 26.79
N CYS D 1471 -79.56 51.85 27.26
CA CYS D 1471 -79.54 50.64 26.43
C CYS D 1471 -80.85 49.87 26.50
N VAL D 1472 -81.21 49.37 27.68
CA VAL D 1472 -82.28 48.40 27.80
C VAL D 1472 -83.65 49.04 27.96
N THR D 1473 -83.73 50.36 28.08
CA THR D 1473 -85.01 51.03 28.13
C THR D 1473 -85.24 52.00 26.98
N GLY D 1474 -84.20 52.64 26.49
CA GLY D 1474 -84.36 53.57 25.40
C GLY D 1474 -85.08 54.86 25.77
N ILE D 1475 -84.94 55.29 27.03
CA ILE D 1475 -85.54 56.55 27.44
C ILE D 1475 -84.80 57.73 26.81
N TYR D 1476 -83.54 57.56 26.45
CA TYR D 1476 -82.83 58.49 25.58
C TYR D 1476 -81.89 57.69 24.70
N GLN D 1477 -81.03 58.37 23.96
CA GLN D 1477 -80.22 57.73 22.95
C GLN D 1477 -78.74 57.94 23.24
N LEU D 1478 -77.90 57.28 22.43
CA LEU D 1478 -76.50 57.17 22.78
C LEU D 1478 -75.72 58.44 22.50
N GLU D 1479 -76.20 59.33 21.63
CA GLU D 1479 -75.51 60.61 21.42
C GLU D 1479 -75.60 61.48 22.66
N ALA D 1480 -76.81 61.65 23.19
CA ALA D 1480 -76.99 62.37 24.44
C ALA D 1480 -76.37 61.62 25.62
N LEU D 1481 -76.30 60.29 25.53
CA LEU D 1481 -75.63 59.50 26.56
C LEU D 1481 -74.14 59.81 26.61
N LEU D 1482 -73.46 59.75 25.47
CA LEU D 1482 -72.02 60.04 25.41
C LEU D 1482 -71.73 61.49 25.77
N GLU D 1483 -72.60 62.41 25.37
CA GLU D 1483 -72.42 63.81 25.74
C GLU D 1483 -72.52 64.01 27.25
N MET D 1484 -73.56 63.43 27.86
CA MET D 1484 -73.78 63.51 29.30
C MET D 1484 -72.63 62.88 30.07
N VAL D 1485 -72.13 61.76 29.57
CA VAL D 1485 -71.02 61.04 30.19
C VAL D 1485 -69.75 61.87 30.14
N PHE D 1486 -69.44 62.49 29.00
CA PHE D 1486 -68.23 63.30 28.93
C PHE D 1486 -68.33 64.56 29.79
N HIS D 1487 -69.52 65.16 29.87
CA HIS D 1487 -69.68 66.33 30.73
C HIS D 1487 -69.56 65.98 32.20
N ARG D 1488 -70.09 64.82 32.61
CA ARG D 1488 -69.96 64.48 34.03
C ARG D 1488 -68.54 64.07 34.38
N GLY D 1489 -67.79 63.50 33.42
CA GLY D 1489 -66.38 63.25 33.68
C GLY D 1489 -65.57 64.53 33.82
N SER D 1490 -65.75 65.46 32.87
CA SER D 1490 -65.01 66.71 32.91
C SER D 1490 -65.45 67.61 34.06
N LYS D 1491 -66.66 67.43 34.58
CA LYS D 1491 -67.12 68.20 35.72
C LYS D 1491 -66.77 67.53 37.04
N MET D 1492 -66.61 66.21 37.07
CA MET D 1492 -66.05 65.54 38.24
C MET D 1492 -64.59 65.90 38.42
N HIS D 1493 -63.86 66.06 37.32
CA HIS D 1493 -62.41 66.28 37.40
C HIS D 1493 -62.02 67.60 38.04
N ASP D 1494 -62.90 68.60 38.10
CA ASP D 1494 -62.50 69.94 38.52
C ASP D 1494 -63.39 70.45 39.66
N ILE D 1495 -63.59 69.64 40.70
CA ILE D 1495 -64.35 70.11 41.86
C ILE D 1495 -63.61 69.80 43.16
N VAL D 1496 -62.34 69.41 43.08
CA VAL D 1496 -61.54 69.12 44.25
C VAL D 1496 -60.27 69.98 44.18
N PRO D 1497 -59.98 70.79 45.20
CA PRO D 1497 -58.67 71.46 45.23
C PRO D 1497 -57.55 70.49 45.53
N ARG D 1498 -56.76 70.17 44.52
CA ARG D 1498 -55.71 69.18 44.61
C ARG D 1498 -54.35 69.86 44.55
N ASP D 1499 -53.31 69.05 44.69
CA ASP D 1499 -51.95 69.55 44.51
C ASP D 1499 -51.70 69.81 43.03
N GLU D 1500 -50.81 70.76 42.76
CA GLU D 1500 -50.45 71.11 41.39
C GLU D 1500 -49.57 70.06 40.72
N LEU D 1501 -49.05 69.10 41.47
CA LEU D 1501 -48.34 67.96 40.90
C LEU D 1501 -49.25 66.74 40.77
N GLY D 1502 -50.56 66.94 40.78
CA GLY D 1502 -51.52 65.88 40.56
C GLY D 1502 -52.02 65.19 41.81
N ARG D 1503 -51.29 65.30 42.92
CA ARG D 1503 -51.66 64.58 44.13
C ARG D 1503 -52.85 65.24 44.82
N SER D 1504 -53.36 64.56 45.84
CA SER D 1504 -54.46 65.07 46.64
C SER D 1504 -54.30 64.56 48.07
N ASN D 1505 -55.28 64.89 48.90
CA ASN D 1505 -55.37 64.36 50.26
C ASN D 1505 -56.56 63.42 50.38
N TYR D 1506 -56.80 62.59 49.36
CA TYR D 1506 -57.97 61.72 49.31
C TYR D 1506 -57.62 60.44 48.57
N ARG D 1507 -57.65 59.32 49.26
CA ARG D 1507 -57.60 58.00 48.65
C ARG D 1507 -58.74 57.16 49.19
N LEU D 1508 -58.96 56.00 48.60
CA LEU D 1508 -59.95 55.06 49.09
C LEU D 1508 -59.36 53.66 49.14
N ALA D 1509 -60.09 52.74 49.74
CA ALA D 1509 -59.55 51.41 49.97
C ALA D 1509 -60.67 50.40 50.11
N ALA D 1510 -60.41 49.21 49.60
CA ALA D 1510 -61.26 48.06 49.82
C ALA D 1510 -60.90 47.45 51.17
N ILE D 1511 -61.86 47.44 52.08
CA ILE D 1511 -61.71 46.83 53.38
C ILE D 1511 -62.49 45.53 53.38
N ARG D 1512 -61.99 44.55 54.13
CA ARG D 1512 -62.56 43.21 54.15
C ARG D 1512 -62.86 42.82 55.57
N PRO D 1513 -64.08 43.02 56.04
CA PRO D 1513 -64.46 42.51 57.37
C PRO D 1513 -64.58 40.99 57.40
N SER D 1514 -63.45 40.30 57.32
CA SER D 1514 -63.41 38.85 57.35
C SER D 1514 -62.62 38.42 58.58
N GLN D 1515 -63.26 37.64 59.44
CA GLN D 1515 -62.79 37.12 60.73
C GLN D 1515 -62.44 38.21 61.74
N ILE D 1516 -62.75 39.47 61.46
CA ILE D 1516 -62.49 40.56 62.38
C ILE D 1516 -63.77 41.03 63.06
N ASP D 1517 -64.87 40.30 62.88
CA ASP D 1517 -66.14 40.46 63.60
C ASP D 1517 -66.78 41.82 63.35
N LEU D 1518 -67.10 42.08 62.09
CA LEU D 1518 -67.88 43.22 61.68
C LEU D 1518 -69.06 42.77 60.83
N ASP D 1519 -70.14 43.52 60.88
CA ASP D 1519 -71.30 43.24 60.03
C ASP D 1519 -72.01 44.55 59.73
N ASP D 1520 -73.27 44.45 59.27
CA ASP D 1520 -74.03 45.62 58.86
C ASP D 1520 -74.35 46.52 60.04
N ALA D 1521 -74.55 45.95 61.23
CA ALA D 1521 -74.84 46.75 62.41
C ALA D 1521 -73.58 47.31 63.07
N ASP D 1522 -72.40 46.92 62.60
CA ASP D 1522 -71.17 47.31 63.28
C ASP D 1522 -70.24 48.17 62.44
N VAL D 1523 -70.25 48.01 61.12
CA VAL D 1523 -69.35 48.75 60.23
C VAL D 1523 -69.57 50.26 60.21
N PRO D 1524 -70.79 50.84 60.05
CA PRO D 1524 -70.87 52.31 60.06
C PRO D 1524 -70.54 52.94 61.40
N ALA D 1525 -70.86 52.26 62.51
CA ALA D 1525 -70.42 52.73 63.81
C ALA D 1525 -68.90 52.65 63.95
N PHE D 1526 -68.29 51.62 63.36
CA PHE D 1526 -66.84 51.48 63.37
C PHE D 1526 -66.17 52.61 62.60
N VAL D 1527 -66.72 52.95 61.43
CA VAL D 1527 -66.18 54.03 60.61
C VAL D 1527 -66.36 55.37 61.29
N ALA D 1528 -67.53 55.59 61.91
CA ALA D 1528 -67.73 56.84 62.64
C ALA D 1528 -66.84 56.95 63.86
N GLY D 1529 -66.56 55.83 64.53
CA GLY D 1529 -65.70 55.85 65.69
C GLY D 1529 -64.25 56.13 65.33
N ILE D 1530 -63.75 55.51 64.26
CA ILE D 1530 -62.38 55.82 63.85
C ILE D 1530 -62.31 57.21 63.21
N ALA D 1531 -63.42 57.72 62.67
CA ALA D 1531 -63.44 59.09 62.16
C ALA D 1531 -63.37 60.10 63.31
N GLU D 1532 -64.05 59.82 64.42
CA GLU D 1532 -63.94 60.68 65.59
C GLU D 1532 -62.58 60.54 66.27
N SER D 1533 -61.97 59.35 66.18
CA SER D 1533 -60.65 59.15 66.78
C SER D 1533 -59.57 59.87 65.98
N THR D 1534 -59.67 59.87 64.67
CA THR D 1534 -58.64 60.50 63.85
C THR D 1534 -58.89 62.00 63.71
N GLY D 1535 -60.15 62.41 63.61
CA GLY D 1535 -60.49 63.79 63.33
C GLY D 1535 -60.65 64.11 61.87
N GLU D 1536 -61.01 63.13 61.05
CA GLU D 1536 -61.03 63.27 59.60
C GLU D 1536 -62.40 62.84 59.08
N PHE D 1537 -62.57 62.97 57.76
CA PHE D 1537 -63.78 62.49 57.09
C PHE D 1537 -63.52 61.10 56.52
N LEU D 1538 -64.25 60.11 57.04
CA LEU D 1538 -64.17 58.74 56.54
C LEU D 1538 -65.58 58.29 56.21
N GLU D 1539 -65.78 57.75 55.01
CA GLU D 1539 -67.12 57.40 54.56
C GLU D 1539 -67.12 56.03 53.89
N ILE D 1540 -68.25 55.35 54.01
CA ILE D 1540 -68.57 54.26 53.11
C ILE D 1540 -68.92 54.84 51.75
N VAL D 1541 -68.51 54.16 50.68
CA VAL D 1541 -68.91 54.63 49.36
C VAL D 1541 -69.61 53.52 48.59
N ASN D 1542 -69.08 52.30 48.62
CA ASN D 1542 -69.63 51.21 47.83
C ASN D 1542 -69.94 50.03 48.72
N PHE D 1543 -71.22 49.78 48.96
CA PHE D 1543 -71.68 48.56 49.60
C PHE D 1543 -71.62 47.44 48.57
N ASN D 1544 -70.44 46.86 48.41
CA ASN D 1544 -70.24 45.91 47.32
C ASN D 1544 -70.79 44.53 47.67
N LEU D 1545 -70.23 43.89 48.69
CA LEU D 1545 -70.62 42.55 49.08
C LEU D 1545 -71.01 42.54 50.55
N ARG D 1546 -71.99 41.69 50.89
CA ARG D 1546 -72.48 41.60 52.26
C ARG D 1546 -71.39 41.16 53.24
N GLY D 1547 -70.56 40.22 52.83
CA GLY D 1547 -69.62 39.65 53.78
C GLY D 1547 -68.26 40.32 53.83
N SER D 1548 -67.56 40.40 52.70
CA SER D 1548 -66.13 40.62 52.76
C SER D 1548 -65.63 41.60 51.71
N GLN D 1549 -66.41 42.61 51.37
CA GLN D 1549 -65.96 43.60 50.37
C GLN D 1549 -66.71 44.91 50.62
N TYR D 1550 -66.07 45.85 51.30
CA TYR D 1550 -66.59 47.19 51.46
C TYR D 1550 -65.57 48.19 50.92
N ALA D 1551 -66.03 49.41 50.66
CA ALA D 1551 -65.16 50.43 50.12
C ALA D 1551 -65.25 51.68 50.98
N ILE D 1552 -64.10 52.15 51.46
CA ILE D 1552 -64.02 53.27 52.38
C ILE D 1552 -63.21 54.37 51.72
N ALA D 1553 -63.78 55.56 51.62
CA ALA D 1553 -63.12 56.71 51.04
C ALA D 1553 -62.91 57.78 52.11
N GLY D 1554 -61.70 58.34 52.14
CA GLY D 1554 -61.41 59.38 53.11
C GLY D 1554 -60.08 60.04 52.85
N THR D 1555 -59.60 60.76 53.86
CA THR D 1555 -58.30 61.40 53.80
C THR D 1555 -57.21 60.42 54.22
N VAL D 1556 -55.97 60.79 53.92
CA VAL D 1556 -54.85 59.86 54.00
C VAL D 1556 -54.54 59.49 55.45
N ARG D 1557 -54.73 60.44 56.37
CA ARG D 1557 -54.48 60.17 57.78
C ARG D 1557 -55.47 59.15 58.35
N GLY D 1558 -56.75 59.32 58.01
CA GLY D 1558 -57.73 58.32 58.35
C GLY D 1558 -57.49 56.99 57.67
N LEU D 1559 -56.89 57.02 56.47
CA LEU D 1559 -56.53 55.78 55.80
C LEU D 1559 -55.44 55.02 56.55
N GLU D 1560 -54.43 55.71 57.07
CA GLU D 1560 -53.41 54.97 57.82
C GLU D 1560 -53.95 54.54 59.18
N ALA D 1561 -54.90 55.28 59.76
CA ALA D 1561 -55.56 54.81 60.99
C ALA D 1561 -56.38 53.55 60.73
N LEU D 1562 -57.11 53.51 59.60
CA LEU D 1562 -57.85 52.32 59.20
C LEU D 1562 -56.93 51.13 59.03
N GLU D 1563 -55.83 51.29 58.29
CA GLU D 1563 -54.96 50.14 58.09
C GLU D 1563 -54.22 49.76 59.37
N ALA D 1564 -54.01 50.69 60.30
CA ALA D 1564 -53.43 50.33 61.59
C ALA D 1564 -54.35 49.40 62.38
N GLU D 1565 -55.63 49.78 62.51
CA GLU D 1565 -56.57 48.94 63.25
C GLU D 1565 -56.84 47.62 62.52
N VAL D 1566 -56.88 47.65 61.18
CA VAL D 1566 -57.13 46.43 60.42
C VAL D 1566 -55.94 45.47 60.52
N GLU D 1567 -54.71 45.99 60.45
CA GLU D 1567 -53.56 45.10 60.55
C GLU D 1567 -53.38 44.56 61.97
N ARG D 1568 -53.74 45.33 63.00
CA ARG D 1568 -53.62 44.76 64.34
C ARG D 1568 -54.71 43.73 64.62
N ARG D 1569 -55.92 43.93 64.10
CA ARG D 1569 -56.93 42.86 64.22
C ARG D 1569 -56.58 41.67 63.32
N ARG D 1570 -55.86 41.91 62.23
CA ARG D 1570 -55.39 40.84 61.37
C ARG D 1570 -54.38 39.97 62.09
N GLU D 1571 -53.39 40.58 62.74
CA GLU D 1571 -52.43 39.78 63.49
C GLU D 1571 -53.02 39.20 64.76
N LEU D 1572 -54.16 39.73 65.22
CA LEU D 1572 -54.93 39.00 66.24
C LEU D 1572 -55.52 37.72 65.67
N THR D 1573 -56.39 37.83 64.66
CA THR D 1573 -57.26 36.72 64.29
C THR D 1573 -56.71 35.81 63.21
N GLY D 1574 -55.61 36.17 62.57
CA GLY D 1574 -55.10 35.37 61.46
C GLY D 1574 -54.97 36.14 60.17
N GLY D 1575 -54.07 35.71 59.30
CA GLY D 1575 -53.79 36.42 58.06
C GLY D 1575 -54.91 36.35 57.04
N ARG D 1576 -55.36 37.52 56.59
CA ARG D 1576 -56.47 37.60 55.65
C ARG D 1576 -56.23 38.60 54.52
N ARG D 1577 -55.26 39.51 54.68
CA ARG D 1577 -55.06 40.68 53.80
C ARG D 1577 -56.35 41.48 53.67
N SER D 1578 -56.81 41.98 54.81
CA SER D 1578 -58.11 42.60 54.92
C SER D 1578 -58.13 44.07 54.49
N PHE D 1579 -57.02 44.60 53.97
CA PHE D 1579 -56.95 46.00 53.60
C PHE D 1579 -56.18 46.10 52.29
N ILE D 1580 -56.81 46.65 51.25
CA ILE D 1580 -56.15 46.90 49.98
C ILE D 1580 -56.49 48.32 49.55
N LEU D 1581 -55.49 49.18 49.47
CA LEU D 1581 -55.72 50.54 48.99
C LEU D 1581 -56.02 50.51 47.49
N VAL D 1582 -56.77 51.50 47.02
CA VAL D 1582 -57.33 51.53 45.67
C VAL D 1582 -56.19 51.65 44.64
N PRO D 1583 -56.32 51.07 43.46
CA PRO D 1583 -55.33 51.33 42.40
C PRO D 1583 -55.54 52.68 41.73
N GLY D 1584 -54.66 53.62 42.04
CA GLY D 1584 -54.51 54.81 41.23
C GLY D 1584 -55.43 55.98 41.52
N ILE D 1585 -56.74 55.73 41.64
CA ILE D 1585 -57.70 56.83 41.58
C ILE D 1585 -57.74 57.56 42.92
N ASP D 1586 -58.07 58.84 42.88
CA ASP D 1586 -57.79 59.71 44.01
C ASP D 1586 -58.87 60.76 44.29
N VAL D 1587 -60.14 60.45 44.05
CA VAL D 1587 -61.24 61.39 44.29
C VAL D 1587 -62.23 60.70 45.21
N PRO D 1588 -62.70 61.34 46.28
CA PRO D 1588 -63.66 60.68 47.18
C PRO D 1588 -65.06 60.64 46.60
N PHE D 1589 -65.35 59.63 45.79
CA PHE D 1589 -66.63 59.53 45.09
C PHE D 1589 -67.80 59.36 46.04
N HIS D 1590 -68.95 59.87 45.61
CA HIS D 1590 -70.26 59.62 46.22
C HIS D 1590 -70.32 60.09 47.67
N SER D 1591 -69.55 61.11 48.01
CA SER D 1591 -69.46 61.62 49.36
C SER D 1591 -70.08 63.01 49.43
N ARG D 1592 -70.00 63.62 50.62
CA ARG D 1592 -70.66 64.89 50.86
C ARG D 1592 -69.91 66.05 50.21
N VAL D 1593 -68.65 65.87 49.84
CA VAL D 1593 -67.82 66.97 49.40
C VAL D 1593 -67.98 67.25 47.90
N LEU D 1594 -68.98 66.63 47.28
CA LEU D 1594 -69.24 66.80 45.86
C LEU D 1594 -70.58 67.50 45.59
N ARG D 1595 -70.96 68.46 46.42
CA ARG D 1595 -72.32 68.98 46.39
C ARG D 1595 -72.43 70.38 45.81
N VAL D 1596 -71.60 70.70 44.81
CA VAL D 1596 -71.79 71.86 43.94
C VAL D 1596 -71.89 71.44 42.47
N GLY D 1597 -71.02 70.52 42.07
CA GLY D 1597 -71.11 69.88 40.78
C GLY D 1597 -72.40 69.14 40.54
N VAL D 1598 -73.13 68.76 41.59
CA VAL D 1598 -74.45 68.16 41.39
C VAL D 1598 -75.44 69.20 40.88
N ALA D 1599 -75.34 70.45 41.33
CA ALA D 1599 -76.25 71.47 40.83
C ALA D 1599 -75.87 71.90 39.42
N GLU D 1600 -74.56 72.02 39.18
CA GLU D 1600 -74.12 72.35 37.81
C GLU D 1600 -74.41 71.20 36.85
N PHE D 1601 -74.33 69.96 37.33
CA PHE D 1601 -74.67 68.79 36.54
C PHE D 1601 -76.18 68.67 36.34
N ARG D 1602 -76.98 69.18 37.28
CA ARG D 1602 -78.42 69.28 37.05
C ARG D 1602 -78.73 70.25 35.92
N ARG D 1603 -77.99 71.36 35.88
CA ARG D 1603 -78.17 72.32 34.77
C ARG D 1603 -77.77 71.70 33.43
N SER D 1604 -76.65 70.99 33.40
CA SER D 1604 -76.23 70.33 32.16
C SER D 1604 -77.18 69.18 31.79
N LEU D 1605 -77.76 68.53 32.79
CA LEU D 1605 -78.70 67.44 32.55
C LEU D 1605 -80.00 67.96 31.94
N ASP D 1606 -80.48 69.11 32.45
CA ASP D 1606 -81.65 69.75 31.86
C ASP D 1606 -81.33 70.27 30.45
N ARG D 1607 -80.07 70.64 30.20
CA ARG D 1607 -79.67 70.98 28.85
C ARG D 1607 -79.74 69.77 27.92
N VAL D 1608 -79.23 68.61 28.38
CA VAL D 1608 -79.02 67.49 27.48
C VAL D 1608 -80.29 66.68 27.26
N MET D 1609 -80.98 66.29 28.33
CA MET D 1609 -82.02 65.28 28.25
C MET D 1609 -83.26 65.84 27.56
N PRO D 1610 -83.92 65.07 26.67
CA PRO D 1610 -85.06 65.62 25.93
C PRO D 1610 -86.28 65.89 26.80
N ARG D 1611 -87.24 66.59 26.19
CA ARG D 1611 -88.39 67.13 26.92
C ARG D 1611 -89.37 66.04 27.33
N ASP D 1612 -89.97 65.38 26.34
CA ASP D 1612 -91.05 64.44 26.60
C ASP D 1612 -90.49 63.10 27.04
N ALA D 1613 -90.90 62.65 28.22
CA ALA D 1613 -90.46 61.38 28.77
C ALA D 1613 -91.64 60.42 28.82
N ASP D 1614 -91.35 59.15 28.61
CA ASP D 1614 -92.34 58.10 28.77
C ASP D 1614 -92.08 57.42 30.09
N PRO D 1615 -92.89 57.67 31.13
CA PRO D 1615 -92.59 57.10 32.44
C PRO D 1615 -92.76 55.59 32.50
N ASP D 1616 -93.65 55.02 31.68
CA ASP D 1616 -93.84 53.58 31.67
C ASP D 1616 -92.65 52.82 31.09
N LEU D 1617 -91.71 53.51 30.45
CA LEU D 1617 -90.49 52.86 30.01
C LEU D 1617 -89.50 52.62 31.14
N ILE D 1618 -89.74 53.16 32.34
CA ILE D 1618 -88.85 52.94 33.47
C ILE D 1618 -89.60 52.54 34.73
N ILE D 1619 -90.92 52.73 34.75
CA ILE D 1619 -91.71 52.31 35.92
C ILE D 1619 -91.75 50.79 35.97
N GLY D 1620 -91.34 50.23 37.11
CA GLY D 1620 -91.26 48.79 37.25
C GLY D 1620 -90.11 48.17 36.50
N ARG D 1621 -89.15 48.96 36.06
CA ARG D 1621 -88.04 48.46 35.26
C ARG D 1621 -86.71 49.04 35.70
N TYR D 1622 -86.69 50.05 36.55
CA TYR D 1622 -85.46 50.75 36.88
C TYR D 1622 -85.13 50.64 38.36
N ILE D 1623 -83.87 50.35 38.65
CA ILE D 1623 -83.33 50.31 40.00
C ILE D 1623 -82.20 51.34 40.07
N PRO D 1624 -82.39 52.44 40.79
CA PRO D 1624 -81.27 53.37 41.00
C PRO D 1624 -80.34 52.89 42.10
N ASN D 1625 -79.35 53.70 42.44
CA ASN D 1625 -78.33 53.29 43.40
C ASN D 1625 -78.39 54.04 44.72
N LEU D 1626 -78.91 55.27 44.74
CA LEU D 1626 -79.05 55.96 46.01
C LEU D 1626 -80.22 55.40 46.82
N VAL D 1627 -81.29 54.99 46.15
CA VAL D 1627 -82.37 54.23 46.75
C VAL D 1627 -82.47 52.91 46.00
N PRO D 1628 -82.41 51.78 46.67
CA PRO D 1628 -82.35 50.49 45.98
C PRO D 1628 -83.70 49.91 45.60
N ARG D 1629 -84.76 50.71 45.65
CA ARG D 1629 -86.09 50.22 45.37
C ARG D 1629 -86.47 50.56 43.92
N LEU D 1630 -87.50 49.88 43.41
CA LEU D 1630 -88.02 50.14 42.07
C LEU D 1630 -88.47 51.58 41.89
N PHE D 1631 -88.22 52.13 40.71
CA PHE D 1631 -88.71 53.46 40.38
C PHE D 1631 -90.22 53.42 40.24
N THR D 1632 -90.92 53.97 41.23
CA THR D 1632 -92.37 53.94 41.24
C THR D 1632 -92.87 55.32 41.65
N LEU D 1633 -93.92 55.78 41.00
CA LEU D 1633 -94.50 57.09 41.30
C LEU D 1633 -95.22 57.00 42.64
N ASP D 1634 -94.51 57.24 43.73
CA ASP D 1634 -95.05 57.09 45.07
C ASP D 1634 -94.70 58.29 45.93
N ARG D 1635 -95.66 58.67 46.79
CA ARG D 1635 -95.39 59.68 47.82
C ARG D 1635 -94.30 59.19 48.76
N ASP D 1636 -94.30 57.89 49.09
CA ASP D 1636 -93.24 57.34 49.92
C ASP D 1636 -91.89 57.37 49.20
N PHE D 1637 -91.88 57.18 47.88
CA PHE D 1637 -90.64 57.19 47.13
C PHE D 1637 -90.04 58.59 47.06
N ILE D 1638 -90.88 59.59 46.75
CA ILE D 1638 -90.36 60.95 46.69
C ILE D 1638 -90.03 61.47 48.08
N GLN D 1639 -90.75 61.04 49.12
CA GLN D 1639 -90.41 61.42 50.48
C GLN D 1639 -89.11 60.76 50.93
N GLU D 1640 -88.85 59.54 50.45
CA GLU D 1640 -87.64 58.83 50.86
C GLU D 1640 -86.41 59.46 50.22
N ILE D 1641 -86.49 59.83 48.94
CA ILE D 1641 -85.35 60.54 48.36
C ILE D 1641 -85.24 61.94 48.94
N ARG D 1642 -86.37 62.54 49.34
CA ARG D 1642 -86.34 63.90 49.88
C ARG D 1642 -85.68 63.96 51.26
N ASP D 1643 -85.99 63.00 52.14
CA ASP D 1643 -85.34 63.03 53.43
C ASP D 1643 -84.03 62.26 53.45
N LEU D 1644 -83.68 61.55 52.38
CA LEU D 1644 -82.33 61.03 52.28
C LEU D 1644 -81.37 62.14 51.84
N VAL D 1645 -81.72 62.86 50.79
CA VAL D 1645 -80.93 63.99 50.33
C VAL D 1645 -81.87 65.18 50.12
N PRO D 1646 -81.58 66.37 50.67
CA PRO D 1646 -82.45 67.53 50.45
C PRO D 1646 -82.46 67.95 48.99
N ALA D 1647 -83.66 68.00 48.41
CA ALA D 1647 -83.87 68.22 46.99
C ALA D 1647 -84.78 69.43 46.83
N GLU D 1648 -84.17 70.59 46.57
CA GLU D 1648 -84.88 71.86 46.53
C GLU D 1648 -85.96 72.07 45.45
N PRO D 1649 -85.98 71.41 44.28
CA PRO D 1649 -87.19 71.55 43.45
C PRO D 1649 -88.23 70.46 43.67
N LEU D 1650 -87.96 69.50 44.56
CA LEU D 1650 -88.85 68.39 44.81
C LEU D 1650 -89.88 68.69 45.89
N ASP D 1651 -89.66 69.75 46.68
CA ASP D 1651 -90.55 70.09 47.78
C ASP D 1651 -91.95 70.48 47.31
N GLU D 1652 -92.06 71.06 46.11
CA GLU D 1652 -93.39 71.37 45.58
C GLU D 1652 -94.16 70.10 45.23
N ILE D 1653 -93.46 69.05 44.82
CA ILE D 1653 -94.11 67.77 44.55
C ILE D 1653 -94.41 67.05 45.86
N LEU D 1654 -93.52 67.21 46.84
CA LEU D 1654 -93.73 66.70 48.19
C LEU D 1654 -94.95 67.35 48.84
N ALA D 1655 -95.24 68.59 48.49
CA ALA D 1655 -96.45 69.26 48.95
C ALA D 1655 -97.70 68.57 48.40
N ASP D 1656 -97.87 68.59 47.08
CA ASP D 1656 -99.07 68.02 46.47
C ASP D 1656 -98.71 67.23 45.23
N TYR D 1657 -99.40 66.11 45.05
CA TYR D 1657 -99.25 65.27 43.87
C TYR D 1657 -100.56 64.73 43.32
N ASP D 1658 -101.66 64.80 44.08
CA ASP D 1658 -102.92 64.22 43.65
C ASP D 1658 -103.51 64.99 42.48
N THR D 1659 -103.51 66.32 42.58
CA THR D 1659 -103.86 67.14 41.42
C THR D 1659 -102.76 67.09 40.37
N TRP D 1660 -101.52 66.80 40.79
CA TRP D 1660 -100.41 66.78 39.84
C TRP D 1660 -100.26 65.45 39.15
N LEU D 1661 -100.73 64.35 39.75
CA LEU D 1661 -100.92 63.12 38.99
C LEU D 1661 -101.99 63.32 37.93
N ARG D 1662 -103.01 64.12 38.25
CA ARG D 1662 -104.02 64.49 37.26
C ARG D 1662 -103.45 65.42 36.21
N GLU D 1663 -102.51 66.29 36.59
CA GLU D 1663 -102.03 67.34 35.70
C GLU D 1663 -100.72 67.01 35.00
N ARG D 1664 -99.68 66.67 35.75
CA ARG D 1664 -98.31 66.60 35.21
C ARG D 1664 -97.65 65.23 35.45
N PRO D 1665 -98.15 64.14 34.80
CA PRO D 1665 -97.51 62.83 35.00
C PRO D 1665 -96.11 62.74 34.39
N ARG D 1666 -95.99 63.10 33.11
CA ARG D 1666 -94.70 63.06 32.42
C ARG D 1666 -93.74 64.09 33.00
N GLU D 1667 -94.25 65.29 33.30
CA GLU D 1667 -93.43 66.35 33.87
C GLU D 1667 -92.91 65.98 35.25
N MET D 1668 -93.78 65.44 36.10
CA MET D 1668 -93.41 65.10 37.47
C MET D 1668 -92.45 63.91 37.49
N ALA D 1669 -92.69 62.91 36.63
CA ALA D 1669 -91.76 61.80 36.52
C ALA D 1669 -90.43 62.26 35.97
N ARG D 1670 -90.45 63.23 35.05
CA ARG D 1670 -89.21 63.78 34.51
C ARG D 1670 -88.39 64.50 35.57
N THR D 1671 -89.07 65.30 36.41
CA THR D 1671 -88.37 66.04 37.45
C THR D 1671 -87.79 65.11 38.51
N VAL D 1672 -88.56 64.11 38.94
CA VAL D 1672 -88.02 63.20 39.94
C VAL D 1672 -86.93 62.32 39.32
N PHE D 1673 -87.00 62.07 38.02
CA PHE D 1673 -85.97 61.29 37.34
C PHE D 1673 -84.66 62.06 37.25
N ILE D 1674 -84.73 63.34 36.86
CA ILE D 1674 -83.50 64.11 36.75
C ILE D 1674 -82.93 64.41 38.12
N GLU D 1675 -83.79 64.52 39.14
CA GLU D 1675 -83.30 64.76 40.50
C GLU D 1675 -82.57 63.52 41.04
N LEU D 1676 -83.22 62.36 40.95
CA LEU D 1676 -82.61 61.12 41.40
C LEU D 1676 -81.43 60.69 40.53
N LEU D 1677 -81.36 61.14 39.28
CA LEU D 1677 -80.21 60.86 38.46
C LEU D 1677 -79.06 61.82 38.73
N ALA D 1678 -79.36 63.02 39.21
CA ALA D 1678 -78.29 63.95 39.54
C ALA D 1678 -77.68 63.68 40.90
N TRP D 1679 -78.48 63.24 41.88
CA TRP D 1679 -77.92 63.11 43.23
C TRP D 1679 -77.04 61.89 43.44
N GLN D 1680 -77.06 60.91 42.54
CA GLN D 1680 -76.20 59.74 42.71
C GLN D 1680 -74.74 60.03 42.42
N PHE D 1681 -74.44 61.21 41.86
CA PHE D 1681 -73.06 61.66 41.70
C PHE D 1681 -72.39 61.90 43.06
N ALA D 1682 -73.18 62.22 44.09
CA ALA D 1682 -72.64 62.45 45.42
C ALA D 1682 -73.28 61.58 46.50
N SER D 1683 -74.20 60.70 46.13
CA SER D 1683 -74.72 59.83 47.18
C SER D 1683 -74.12 58.43 47.06
N PRO D 1684 -73.88 57.75 48.18
CA PRO D 1684 -73.31 56.39 48.12
C PRO D 1684 -74.32 55.38 47.59
N VAL D 1685 -73.80 54.26 47.13
CA VAL D 1685 -74.64 53.23 46.54
C VAL D 1685 -75.09 52.27 47.64
N ARG D 1686 -76.14 51.51 47.34
CA ARG D 1686 -76.70 50.52 48.24
C ARG D 1686 -76.80 49.17 47.52
N TRP D 1687 -75.68 48.79 46.91
CA TRP D 1687 -75.65 47.67 45.96
C TRP D 1687 -75.90 46.33 46.63
N ILE D 1688 -75.58 46.21 47.92
CA ILE D 1688 -75.95 45.03 48.68
C ILE D 1688 -77.47 44.89 48.75
N GLU D 1689 -78.16 46.00 49.02
CA GLU D 1689 -79.61 45.92 49.09
C GLU D 1689 -80.23 45.80 47.71
N THR D 1690 -79.56 46.27 46.65
CA THR D 1690 -80.05 45.97 45.30
C THR D 1690 -79.97 44.49 45.00
N GLN D 1691 -78.85 43.84 45.36
CA GLN D 1691 -78.73 42.40 45.15
C GLN D 1691 -79.72 41.62 46.01
N ASP D 1692 -80.02 42.08 47.22
CA ASP D 1692 -81.05 41.41 48.01
C ASP D 1692 -82.43 41.59 47.41
N LEU D 1693 -82.72 42.79 46.89
CA LEU D 1693 -83.99 43.05 46.24
C LEU D 1693 -84.13 42.26 44.94
N LEU D 1694 -83.01 41.91 44.31
CA LEU D 1694 -83.05 41.06 43.13
C LEU D 1694 -83.07 39.57 43.44
N PHE D 1695 -82.61 39.16 44.61
CA PHE D 1695 -82.47 37.73 44.85
C PHE D 1695 -83.53 37.16 45.79
N ILE D 1696 -84.15 37.98 46.63
CA ILE D 1696 -85.23 37.49 47.47
C ILE D 1696 -86.50 37.34 46.62
N GLU D 1697 -87.16 36.20 46.76
CA GLU D 1697 -88.20 35.76 45.83
C GLU D 1697 -89.46 36.62 45.94
N GLU D 1698 -90.45 36.27 45.10
CA GLU D 1698 -91.65 37.09 44.96
C GLU D 1698 -92.53 37.01 46.20
N ALA D 1699 -92.81 35.78 46.66
CA ALA D 1699 -93.29 35.62 48.01
C ALA D 1699 -92.19 36.04 48.97
N ALA D 1700 -92.59 36.57 50.14
CA ALA D 1700 -91.73 37.35 51.03
C ALA D 1700 -91.07 38.49 50.26
N GLY D 1701 -91.92 39.46 49.93
CA GLY D 1701 -91.78 40.41 48.83
C GLY D 1701 -90.41 40.97 48.45
N GLY D 1702 -90.09 40.81 47.17
CA GLY D 1702 -88.83 41.19 46.57
C GLY D 1702 -88.86 40.68 45.14
N LEU D 1703 -88.11 41.28 44.24
CA LEU D 1703 -88.17 40.87 42.84
C LEU D 1703 -87.45 39.55 42.65
N GLY D 1704 -88.20 38.50 42.36
CA GLY D 1704 -87.59 37.20 42.14
C GLY D 1704 -87.24 37.00 40.68
N VAL D 1705 -85.95 36.96 40.38
CA VAL D 1705 -85.49 36.86 38.99
C VAL D 1705 -84.83 35.51 38.80
N GLU D 1706 -84.59 35.16 37.54
CA GLU D 1706 -84.01 33.88 37.19
C GLU D 1706 -82.59 33.99 36.66
N ARG D 1707 -82.35 34.78 35.62
CA ARG D 1707 -81.00 34.98 35.14
C ARG D 1707 -80.50 36.36 35.55
N PHE D 1708 -79.23 36.41 35.90
CA PHE D 1708 -78.54 37.65 36.24
C PHE D 1708 -77.35 37.72 35.29
N VAL D 1709 -77.52 38.43 34.18
CA VAL D 1709 -76.46 38.56 33.19
C VAL D 1709 -75.88 39.97 33.26
N GLU D 1710 -74.57 40.05 33.40
CA GLU D 1710 -73.89 41.33 33.41
C GLU D 1710 -73.09 41.49 32.12
N ILE D 1711 -73.09 42.70 31.59
CA ILE D 1711 -72.54 42.97 30.26
C ILE D 1711 -71.24 43.72 30.47
N GLY D 1712 -70.14 42.96 30.51
CA GLY D 1712 -68.82 43.49 30.65
C GLY D 1712 -67.83 42.51 30.07
N VAL D 1713 -66.57 42.90 30.01
CA VAL D 1713 -65.56 42.09 29.34
C VAL D 1713 -65.16 40.92 30.22
N LYS D 1714 -64.48 39.94 29.63
CA LYS D 1714 -64.11 38.74 30.35
C LYS D 1714 -62.77 38.83 31.05
N SER D 1715 -62.03 39.91 30.84
CA SER D 1715 -60.76 40.06 31.54
C SER D 1715 -60.95 40.42 33.01
N SER D 1716 -62.10 40.97 33.39
CA SER D 1716 -62.39 41.29 34.79
C SER D 1716 -63.89 41.32 35.00
N PRO D 1717 -64.51 40.15 35.22
CA PRO D 1717 -65.97 40.12 35.47
C PRO D 1717 -66.31 40.40 36.93
N THR D 1718 -66.25 41.68 37.29
CA THR D 1718 -66.35 42.07 38.70
C THR D 1718 -67.76 41.92 39.24
N VAL D 1719 -68.77 42.37 38.49
CA VAL D 1719 -70.14 42.28 38.97
C VAL D 1719 -70.60 40.82 38.99
N ALA D 1720 -70.11 40.00 38.05
CA ALA D 1720 -70.41 38.57 38.09
C ALA D 1720 -69.74 37.89 39.27
N GLY D 1721 -68.53 38.35 39.63
CA GLY D 1721 -67.87 37.82 40.83
C GLY D 1721 -68.64 38.17 42.09
N LEU D 1722 -69.13 39.41 42.19
CA LEU D 1722 -69.95 39.79 43.33
C LEU D 1722 -71.27 39.02 43.37
N ALA D 1723 -71.84 38.72 42.20
CA ALA D 1723 -73.07 37.94 42.13
C ALA D 1723 -72.86 36.53 42.62
N THR D 1724 -71.79 35.87 42.15
CA THR D 1724 -71.51 34.50 42.61
C THR D 1724 -71.14 34.47 44.08
N ASN D 1725 -70.49 35.50 44.59
CA ASN D 1725 -70.17 35.53 46.02
C ASN D 1725 -71.43 35.71 46.86
N THR D 1726 -72.37 36.54 46.40
CA THR D 1726 -73.62 36.70 47.14
C THR D 1726 -74.47 35.44 47.05
N LEU D 1727 -74.38 34.70 45.94
CA LEU D 1727 -75.09 33.42 45.86
C LEU D 1727 -74.49 32.38 46.80
N LYS D 1728 -73.16 32.28 46.85
CA LYS D 1728 -72.54 31.29 47.72
C LYS D 1728 -72.47 31.74 49.17
N LEU D 1729 -72.94 32.95 49.48
CA LEU D 1729 -73.10 33.35 50.86
C LEU D 1729 -74.17 32.47 51.52
N PRO D 1730 -73.95 32.04 52.77
CA PRO D 1730 -74.80 30.99 53.36
C PRO D 1730 -76.17 31.45 53.85
N GLU D 1731 -76.65 32.64 53.47
CA GLU D 1731 -78.04 32.97 53.77
C GLU D 1731 -78.99 32.14 52.92
N TYR D 1732 -78.53 31.69 51.76
CA TYR D 1732 -79.31 30.87 50.87
C TYR D 1732 -78.36 30.03 50.03
N ALA D 1733 -78.64 28.74 49.92
CA ALA D 1733 -77.83 27.84 49.12
C ALA D 1733 -78.67 27.06 48.12
N HIS D 1734 -79.98 27.31 48.08
CA HIS D 1734 -80.88 26.61 47.19
C HIS D 1734 -81.39 27.46 46.05
N SER D 1735 -81.13 28.77 46.06
CA SER D 1735 -81.64 29.66 45.03
C SER D 1735 -80.91 29.42 43.72
N THR D 1736 -81.64 29.01 42.71
CA THR D 1736 -81.08 28.75 41.38
C THR D 1736 -81.21 30.02 40.54
N VAL D 1737 -80.24 30.91 40.69
CA VAL D 1737 -80.16 32.14 39.91
C VAL D 1737 -78.94 32.02 39.02
N GLU D 1738 -79.16 31.81 37.73
CA GLU D 1738 -78.08 31.57 36.80
C GLU D 1738 -77.39 32.89 36.48
N VAL D 1739 -76.12 33.00 36.83
CA VAL D 1739 -75.37 34.24 36.65
C VAL D 1739 -74.47 34.09 35.43
N LEU D 1740 -74.62 35.01 34.48
CA LEU D 1740 -73.86 34.99 33.26
C LEU D 1740 -73.03 36.26 33.10
N ASN D 1741 -71.86 36.10 32.52
CA ASN D 1741 -71.12 37.20 31.92
C ASN D 1741 -71.44 37.23 30.44
N ALA D 1742 -71.47 38.43 29.86
CA ALA D 1742 -71.71 38.54 28.44
C ALA D 1742 -70.46 38.27 27.60
N GLU D 1743 -69.35 37.91 28.22
CA GLU D 1743 -68.17 37.53 27.45
C GLU D 1743 -67.61 36.18 27.86
N ARG D 1744 -67.68 35.82 29.14
CA ARG D 1744 -67.29 34.46 29.52
C ARG D 1744 -68.31 33.45 29.03
N ASP D 1745 -69.59 33.79 29.14
CA ASP D 1745 -70.69 32.86 28.89
C ASP D 1745 -71.42 33.22 27.60
N ALA D 1746 -70.65 33.59 26.57
CA ALA D 1746 -71.25 34.03 25.32
C ALA D 1746 -71.97 32.90 24.61
N ALA D 1747 -71.43 31.68 24.68
CA ALA D 1747 -72.04 30.55 23.99
C ALA D 1747 -73.38 30.19 24.62
N VAL D 1748 -73.46 30.15 25.95
CA VAL D 1748 -74.72 29.81 26.57
C VAL D 1748 -75.66 31.01 26.60
N LEU D 1749 -75.14 32.22 26.41
CA LEU D 1749 -76.04 33.38 26.30
C LEU D 1749 -76.73 33.41 24.96
N PHE D 1750 -75.97 33.29 23.88
CA PHE D 1750 -76.56 33.24 22.54
C PHE D 1750 -77.11 31.86 22.20
N ALA D 1751 -76.99 30.89 23.11
CA ALA D 1751 -77.59 29.57 23.01
C ALA D 1751 -77.07 28.81 21.79
N THR D 1752 -75.74 28.86 21.61
CA THR D 1752 -75.11 28.20 20.48
C THR D 1752 -74.05 27.22 20.97
N ASP D 1753 -74.40 26.37 21.93
CA ASP D 1753 -73.47 25.43 22.52
C ASP D 1753 -73.99 24.00 22.40
N THR D 1754 -73.08 23.05 22.20
CA THR D 1754 -73.41 21.64 22.11
C THR D 1754 -72.79 20.90 23.29
N ASP D 1755 -72.93 19.57 23.27
CA ASP D 1755 -72.39 18.74 24.33
C ASP D 1755 -71.51 17.64 23.77
N ALA D 1987 -22.99 -9.35 19.67
CA ALA D 1987 -22.20 -9.38 18.45
C ALA D 1987 -22.15 -8.01 17.78
N ALA D 1988 -21.78 -7.00 18.56
CA ALA D 1988 -21.66 -5.63 18.06
C ALA D 1988 -20.41 -5.51 17.20
N ALA D 1989 -20.60 -5.37 15.90
CA ALA D 1989 -19.49 -5.35 14.95
C ALA D 1989 -19.03 -3.94 14.59
N LEU D 1990 -19.65 -2.92 15.20
CA LEU D 1990 -19.40 -1.53 14.83
C LEU D 1990 -17.96 -1.10 15.14
N SER D 1991 -17.34 -1.74 16.14
CA SER D 1991 -15.95 -1.44 16.48
C SER D 1991 -15.01 -1.80 15.33
N GLU D 1992 -15.16 -3.02 14.78
CA GLU D 1992 -14.27 -3.37 13.67
C GLU D 1992 -14.71 -2.71 12.37
N PHE D 1993 -15.99 -2.34 12.23
CA PHE D 1993 -16.38 -1.47 11.11
C PHE D 1993 -15.60 -0.16 11.13
N THR D 1994 -15.59 0.51 12.29
CA THR D 1994 -14.79 1.73 12.43
C THR D 1994 -13.29 1.46 12.30
N ASP D 1995 -12.84 0.26 12.64
CA ASP D 1995 -11.43 -0.09 12.45
C ASP D 1995 -11.07 -0.12 10.97
N GLN D 1996 -11.90 -0.76 10.13
CA GLN D 1996 -11.54 -0.81 8.72
C GLN D 1996 -11.75 0.55 8.06
N ILE D 1997 -12.71 1.34 8.54
CA ILE D 1997 -12.88 2.71 8.03
C ILE D 1997 -11.70 3.58 8.41
N THR D 1998 -11.17 3.41 9.63
CA THR D 1998 -10.03 4.20 10.08
C THR D 1998 -8.75 3.80 9.35
N GLY D 1999 -8.57 2.50 9.08
CA GLY D 1999 -7.42 2.07 8.30
C GLY D 1999 -7.50 2.54 6.85
N ARG D 2000 -8.70 2.53 6.29
CA ARG D 2000 -8.93 3.04 4.93
C ARG D 2000 -8.63 4.54 4.84
N GLU D 2001 -9.14 5.32 5.79
CA GLU D 2001 -8.86 6.75 5.82
C GLU D 2001 -7.40 7.03 6.15
N GLY D 2002 -6.74 6.12 6.85
CA GLY D 2002 -5.31 6.26 7.07
C GLY D 2002 -4.51 6.04 5.80
N VAL D 2003 -4.95 5.11 4.95
CA VAL D 2003 -4.34 4.94 3.63
C VAL D 2003 -4.55 6.20 2.79
N LEU D 2004 -5.75 6.79 2.89
CA LEU D 2004 -6.04 8.07 2.23
C LEU D 2004 -5.09 9.17 2.67
N ALA D 2005 -4.96 9.36 3.99
CA ALA D 2005 -4.08 10.39 4.52
C ALA D 2005 -2.62 10.09 4.28
N SER D 2006 -2.27 8.82 4.10
CA SER D 2006 -0.91 8.46 3.74
C SER D 2006 -0.58 8.93 2.34
N ALA D 2007 -1.48 8.67 1.40
CA ALA D 2007 -1.25 9.09 0.02
C ALA D 2007 -1.28 10.61 -0.11
N ALA D 2008 -2.31 11.24 0.48
CA ALA D 2008 -2.85 12.51 -0.01
C ALA D 2008 -1.86 13.67 0.03
N ARG D 2009 -0.89 13.65 0.95
CA ARG D 2009 0.01 14.77 1.08
C ARG D 2009 1.28 14.65 0.24
N LEU D 2010 1.73 13.44 -0.09
CA LEU D 2010 2.88 13.32 -0.97
C LEU D 2010 2.49 13.07 -2.40
N VAL D 2011 1.25 12.67 -2.67
CA VAL D 2011 0.81 12.55 -4.06
C VAL D 2011 0.57 13.89 -4.73
N LEU D 2012 0.64 14.99 -3.96
CA LEU D 2012 0.37 16.37 -4.40
C LEU D 2012 -0.95 16.50 -5.17
N GLY D 2013 -1.95 15.73 -4.75
CA GLY D 2013 -3.29 15.92 -5.26
C GLY D 2013 -4.00 16.94 -4.38
N GLN D 2014 -4.00 18.19 -4.81
CA GLN D 2014 -4.48 19.28 -3.97
C GLN D 2014 -6.00 19.28 -3.92
N LEU D 2015 -6.54 19.25 -2.70
CA LEU D 2015 -7.97 19.25 -2.48
C LEU D 2015 -8.35 20.47 -1.65
N GLY D 2016 -9.63 20.81 -1.67
CA GLY D 2016 -10.08 22.01 -1.02
C GLY D 2016 -9.71 23.29 -1.72
N LEU D 2017 -9.51 23.24 -3.03
CA LEU D 2017 -9.17 24.41 -3.82
C LEU D 2017 -10.41 25.22 -4.21
N ASP D 2018 -11.60 24.76 -3.84
CA ASP D 2018 -12.84 25.48 -4.08
C ASP D 2018 -13.17 26.37 -2.89
N ASP D 2019 -14.05 27.34 -3.13
CA ASP D 2019 -14.48 28.28 -2.10
C ASP D 2019 -15.95 28.58 -2.34
N PRO D 2020 -16.77 28.65 -1.28
CA PRO D 2020 -18.16 29.11 -1.47
C PRO D 2020 -18.21 30.60 -1.75
N VAL D 2021 -18.46 30.95 -3.01
CA VAL D 2021 -18.41 32.34 -3.43
C VAL D 2021 -19.81 32.95 -3.52
N ASN D 2022 -20.82 32.11 -3.85
CA ASN D 2022 -22.14 32.55 -4.33
C ASN D 2022 -22.90 33.44 -3.35
N ALA D 2023 -22.61 33.34 -2.06
CA ALA D 2023 -23.29 34.20 -1.08
C ALA D 2023 -22.79 35.63 -1.15
N LEU D 2024 -21.58 35.84 -1.66
CA LEU D 2024 -20.99 37.18 -1.67
C LEU D 2024 -21.60 38.12 -2.73
N PRO D 2025 -21.80 37.75 -4.01
CA PRO D 2025 -22.48 38.69 -4.91
C PRO D 2025 -23.99 38.70 -4.76
N ALA D 2026 -24.56 37.73 -4.02
CA ALA D 2026 -26.01 37.67 -3.88
C ALA D 2026 -26.58 38.79 -3.02
N ALA D 2027 -25.76 39.37 -2.15
CA ALA D 2027 -26.22 40.47 -1.30
C ALA D 2027 -26.31 41.83 -2.03
N PRO D 2028 -25.33 42.26 -2.86
CA PRO D 2028 -25.59 43.49 -3.63
C PRO D 2028 -26.64 43.34 -4.70
N ASP D 2029 -26.89 42.12 -5.19
CA ASP D 2029 -28.01 41.89 -6.11
C ASP D 2029 -29.33 42.17 -5.42
N SER D 2030 -29.51 41.59 -4.22
CA SER D 2030 -30.70 41.85 -3.42
C SER D 2030 -30.79 43.32 -3.05
N GLU D 2031 -29.64 43.95 -2.78
CA GLU D 2031 -29.59 45.37 -2.47
C GLU D 2031 -30.07 46.22 -3.63
N LEU D 2032 -29.63 45.90 -4.84
CA LEU D 2032 -30.02 46.74 -5.97
C LEU D 2032 -31.48 46.49 -6.32
N ILE D 2033 -31.95 45.24 -6.22
CA ILE D 2033 -33.33 45.01 -6.63
C ILE D 2033 -34.31 45.55 -5.61
N ASP D 2034 -33.99 45.49 -4.31
CA ASP D 2034 -34.95 46.11 -3.39
C ASP D 2034 -34.74 47.62 -3.30
N LEU D 2035 -33.59 48.13 -3.75
CA LEU D 2035 -33.47 49.56 -4.00
C LEU D 2035 -34.45 50.00 -5.07
N VAL D 2036 -34.48 49.29 -6.19
CA VAL D 2036 -35.41 49.62 -7.27
C VAL D 2036 -36.85 49.35 -6.84
N THR D 2037 -37.06 48.36 -5.97
CA THR D 2037 -38.40 48.09 -5.44
C THR D 2037 -38.88 49.22 -4.55
N ALA D 2038 -37.99 49.77 -3.72
CA ALA D 2038 -38.40 50.87 -2.85
C ALA D 2038 -38.56 52.17 -3.63
N GLU D 2039 -37.71 52.40 -4.63
CA GLU D 2039 -37.77 53.67 -5.34
C GLU D 2039 -38.86 53.68 -6.40
N LEU D 2040 -38.74 52.80 -7.39
CA LEU D 2040 -39.63 52.85 -8.56
C LEU D 2040 -40.87 51.99 -8.37
N GLY D 2041 -40.69 50.70 -8.17
CA GLY D 2041 -41.83 49.80 -8.02
C GLY D 2041 -41.36 48.38 -8.02
N ALA D 2042 -42.29 47.48 -7.70
CA ALA D 2042 -41.96 46.07 -7.67
C ALA D 2042 -41.89 45.50 -9.08
N ASP D 2043 -42.81 45.94 -9.94
CA ASP D 2043 -42.95 45.40 -11.29
C ASP D 2043 -42.25 46.27 -12.34
N TRP D 2044 -41.22 47.00 -11.93
CA TRP D 2044 -40.50 47.88 -12.85
C TRP D 2044 -39.84 47.20 -14.04
N PRO D 2045 -39.09 46.07 -13.91
CA PRO D 2045 -38.49 45.50 -15.11
C PRO D 2045 -39.49 44.96 -16.11
N ARG D 2046 -40.61 44.42 -15.66
CA ARG D 2046 -41.60 43.98 -16.63
C ARG D 2046 -42.42 45.14 -17.18
N LEU D 2047 -42.57 46.24 -16.46
CA LEU D 2047 -43.16 47.42 -17.10
C LEU D 2047 -42.22 48.10 -18.07
N VAL D 2048 -40.91 47.93 -17.93
CA VAL D 2048 -39.98 48.70 -18.75
C VAL D 2048 -39.25 47.83 -19.77
N ALA D 2049 -39.52 46.53 -19.79
CA ALA D 2049 -38.71 45.58 -20.55
C ALA D 2049 -38.84 45.81 -22.06
N PRO D 2050 -37.74 45.69 -22.81
CA PRO D 2050 -37.80 45.98 -24.24
C PRO D 2050 -38.50 44.87 -25.02
N VAL D 2051 -39.29 45.30 -26.00
CA VAL D 2051 -40.07 44.38 -26.82
C VAL D 2051 -39.59 44.34 -28.26
N PHE D 2052 -39.00 45.42 -28.76
CA PHE D 2052 -38.78 45.62 -30.19
C PHE D 2052 -37.74 44.65 -30.74
N ASP D 2053 -38.03 44.12 -31.93
CA ASP D 2053 -37.14 43.24 -32.65
C ASP D 2053 -37.43 43.43 -34.14
N PRO D 2054 -36.40 43.72 -34.95
CA PRO D 2054 -36.65 44.08 -36.35
C PRO D 2054 -37.00 42.91 -37.25
N LYS D 2055 -36.93 41.68 -36.75
CA LYS D 2055 -37.33 40.53 -37.56
C LYS D 2055 -38.84 40.36 -37.61
N LYS D 2056 -39.58 41.04 -36.74
CA LYS D 2056 -41.02 40.84 -36.63
C LYS D 2056 -41.82 41.98 -37.23
N ALA D 2057 -41.22 42.75 -38.14
CA ALA D 2057 -41.94 43.82 -38.79
C ALA D 2057 -42.82 43.25 -39.90
N VAL D 2058 -44.03 43.78 -40.03
CA VAL D 2058 -45.01 43.26 -40.96
C VAL D 2058 -45.37 44.33 -41.98
N VAL D 2059 -45.29 43.99 -43.26
CA VAL D 2059 -45.56 44.89 -44.38
C VAL D 2059 -46.89 44.51 -45.01
N PHE D 2060 -47.73 45.51 -45.32
CA PHE D 2060 -49.05 45.26 -45.86
C PHE D 2060 -49.28 46.05 -47.15
N ASP D 2061 -48.42 45.92 -48.15
CA ASP D 2061 -48.52 46.74 -49.36
C ASP D 2061 -49.10 46.02 -50.57
N ASP D 2062 -50.08 45.13 -50.38
CA ASP D 2062 -50.74 44.47 -51.50
C ASP D 2062 -52.13 45.05 -51.71
N ARG D 2063 -52.30 45.81 -52.78
CA ARG D 2063 -53.62 46.33 -53.06
C ARG D 2063 -54.22 45.79 -54.35
N TRP D 2064 -53.39 45.43 -55.33
CA TRP D 2064 -53.91 44.92 -56.60
C TRP D 2064 -54.63 43.59 -56.40
N ALA D 2065 -54.14 42.74 -55.50
CA ALA D 2065 -54.74 41.43 -55.30
C ALA D 2065 -56.10 41.55 -54.62
N SER D 2066 -56.16 42.36 -53.57
CA SER D 2066 -57.43 42.58 -52.90
C SER D 2066 -58.41 43.34 -53.79
N ALA D 2067 -57.90 44.13 -54.73
CA ALA D 2067 -58.77 44.80 -55.69
C ALA D 2067 -59.44 43.80 -56.61
N ARG D 2068 -58.68 42.81 -57.09
CA ARG D 2068 -59.26 41.79 -57.96
C ARG D 2068 -60.29 40.95 -57.23
N GLU D 2069 -60.00 40.59 -55.98
CA GLU D 2069 -60.97 39.82 -55.20
C GLU D 2069 -62.22 40.64 -54.89
N ASP D 2070 -62.08 41.95 -54.69
CA ASP D 2070 -63.26 42.77 -54.46
C ASP D 2070 -64.09 42.93 -55.73
N LEU D 2071 -63.43 42.95 -56.89
CA LEU D 2071 -64.17 42.91 -58.15
C LEU D 2071 -65.01 41.64 -58.27
N VAL D 2072 -64.49 40.53 -57.76
CA VAL D 2072 -65.27 39.30 -57.79
C VAL D 2072 -66.47 39.38 -56.86
N LYS D 2073 -66.25 39.81 -55.62
CA LYS D 2073 -67.38 39.80 -54.69
C LYS D 2073 -68.39 40.92 -54.95
N LEU D 2074 -68.04 41.94 -55.75
CA LEU D 2074 -69.08 42.82 -56.27
C LEU D 2074 -70.00 42.10 -57.25
N TRP D 2075 -69.48 41.15 -58.01
CA TRP D 2075 -70.38 40.35 -58.84
C TRP D 2075 -71.21 39.42 -57.99
N LEU D 2076 -70.64 38.90 -56.89
CA LEU D 2076 -71.42 37.99 -56.06
C LEU D 2076 -72.52 38.70 -55.28
N THR D 2077 -72.30 39.94 -54.86
CA THR D 2077 -73.39 40.64 -54.17
C THR D 2077 -74.46 41.05 -55.18
N ASP D 2078 -75.70 41.08 -54.74
CA ASP D 2078 -76.81 41.31 -55.64
C ASP D 2078 -76.89 42.78 -56.03
N GLU D 2079 -77.75 43.06 -57.02
CA GLU D 2079 -77.86 44.42 -57.54
C GLU D 2079 -78.66 45.34 -56.64
N GLY D 2080 -79.39 44.79 -55.66
CA GLY D 2080 -80.20 45.63 -54.80
C GLY D 2080 -79.40 46.45 -53.81
N ASP D 2081 -78.20 45.98 -53.46
CA ASP D 2081 -77.39 46.63 -52.45
C ASP D 2081 -76.22 47.40 -53.04
N ILE D 2082 -76.29 47.74 -54.32
CA ILE D 2082 -75.23 48.50 -54.94
C ILE D 2082 -75.48 50.00 -54.79
N ASP D 2083 -76.74 50.41 -54.86
CA ASP D 2083 -77.10 51.82 -54.73
C ASP D 2083 -76.88 52.33 -53.30
N ALA D 2084 -76.84 51.44 -52.31
CA ALA D 2084 -76.54 51.87 -50.95
C ALA D 2084 -75.10 52.33 -50.78
N ASP D 2085 -74.20 51.88 -51.65
CA ASP D 2085 -72.79 52.23 -51.56
C ASP D 2085 -72.24 52.69 -52.91
N TRP D 2086 -73.12 53.21 -53.78
CA TRP D 2086 -72.73 53.59 -55.14
C TRP D 2086 -71.58 54.61 -55.26
N PRO D 2087 -71.46 55.67 -54.43
CA PRO D 2087 -70.24 56.48 -54.56
C PRO D 2087 -69.01 55.81 -53.98
N ARG D 2088 -69.20 55.12 -52.84
CA ARG D 2088 -68.09 54.52 -52.12
C ARG D 2088 -67.46 53.39 -52.92
N LEU D 2089 -68.30 52.53 -53.51
CA LEU D 2089 -67.78 51.46 -54.34
C LEU D 2089 -67.19 51.99 -55.64
N ALA D 2090 -67.64 53.17 -56.08
CA ALA D 2090 -67.03 53.79 -57.24
C ALA D 2090 -65.67 54.37 -56.91
N GLU D 2091 -65.45 54.75 -55.66
CA GLU D 2091 -64.22 55.46 -55.31
C GLU D 2091 -63.20 54.59 -54.59
N ARG D 2092 -63.54 53.35 -54.22
CA ARG D 2092 -62.52 52.48 -53.64
C ARG D 2092 -61.45 52.12 -54.65
N PHE D 2093 -61.85 51.89 -55.90
CA PHE D 2093 -60.89 51.43 -56.91
C PHE D 2093 -60.28 52.58 -57.67
N GLU D 2094 -59.80 53.61 -57.00
CA GLU D 2094 -59.27 54.75 -57.74
C GLU D 2094 -57.82 54.51 -58.09
N GLY D 2095 -56.99 54.29 -57.07
CA GLY D 2095 -55.64 53.90 -57.35
C GLY D 2095 -55.53 52.40 -57.45
N ALA D 2096 -55.53 51.89 -58.68
CA ALA D 2096 -55.27 50.49 -58.93
C ALA D 2096 -54.54 50.41 -60.26
N GLY D 2097 -54.42 49.21 -60.80
CA GLY D 2097 -53.55 49.00 -61.93
C GLY D 2097 -54.25 48.87 -63.26
N HIS D 2098 -53.41 48.76 -64.29
CA HIS D 2098 -53.87 48.47 -65.64
C HIS D 2098 -54.57 47.12 -65.69
N VAL D 2099 -54.10 46.16 -64.89
CA VAL D 2099 -54.70 44.84 -64.83
C VAL D 2099 -56.10 44.92 -64.25
N VAL D 2100 -56.27 45.70 -63.19
CA VAL D 2100 -57.58 45.87 -62.57
C VAL D 2100 -58.52 46.61 -63.52
N ALA D 2101 -57.98 47.51 -64.33
CA ALA D 2101 -58.79 48.17 -65.36
C ALA D 2101 -59.29 47.18 -66.40
N THR D 2102 -58.40 46.30 -66.90
CA THR D 2102 -58.82 45.36 -67.93
C THR D 2102 -59.78 44.32 -67.40
N GLN D 2103 -59.59 43.89 -66.16
CA GLN D 2103 -60.52 42.93 -65.58
C GLN D 2103 -61.86 43.59 -65.27
N ALA D 2104 -61.85 44.89 -64.96
CA ALA D 2104 -63.10 45.61 -64.80
C ALA D 2104 -63.85 45.71 -66.11
N THR D 2105 -63.14 45.88 -67.22
CA THR D 2105 -63.80 45.87 -68.52
C THR D 2105 -64.34 44.49 -68.87
N TRP D 2106 -63.64 43.42 -68.46
CA TRP D 2106 -64.16 42.08 -68.69
C TRP D 2106 -65.46 41.84 -67.91
N TRP D 2107 -65.48 42.25 -66.65
CA TRP D 2107 -66.71 42.11 -65.87
C TRP D 2107 -67.81 43.01 -66.39
N GLN D 2108 -67.45 44.16 -66.97
CA GLN D 2108 -68.46 45.01 -67.61
C GLN D 2108 -69.09 44.32 -68.81
N GLY D 2109 -68.26 43.69 -69.64
CA GLY D 2109 -68.77 42.96 -70.79
C GLY D 2109 -69.66 41.80 -70.39
N LYS D 2110 -69.27 41.06 -69.35
CA LYS D 2110 -70.11 39.97 -68.90
C LYS D 2110 -71.39 40.47 -68.24
N SER D 2111 -71.34 41.62 -67.59
CA SER D 2111 -72.56 42.18 -67.01
C SER D 2111 -73.51 42.69 -68.08
N LEU D 2112 -72.97 43.23 -69.19
CA LEU D 2112 -73.82 43.59 -70.30
C LEU D 2112 -74.46 42.38 -70.95
N ALA D 2113 -73.71 41.28 -71.06
CA ALA D 2113 -74.26 40.06 -71.64
C ALA D 2113 -75.33 39.46 -70.75
N ALA D 2114 -75.14 39.51 -69.43
CA ALA D 2114 -76.12 38.93 -68.53
C ALA D 2114 -77.33 39.84 -68.33
N GLY D 2115 -77.15 41.14 -68.45
CA GLY D 2115 -78.27 42.05 -68.27
C GLY D 2115 -78.35 42.62 -66.88
N ARG D 2116 -77.21 43.02 -66.31
CA ARG D 2116 -77.16 43.70 -65.03
C ARG D 2116 -76.72 45.14 -65.30
N GLN D 2117 -77.70 46.03 -65.47
CA GLN D 2117 -77.42 47.37 -65.94
C GLN D 2117 -76.73 48.23 -64.90
N ILE D 2118 -77.00 47.97 -63.62
CA ILE D 2118 -76.31 48.69 -62.56
C ILE D 2118 -74.86 48.27 -62.49
N HIS D 2119 -74.63 46.95 -62.53
CA HIS D 2119 -73.28 46.41 -62.47
C HIS D 2119 -72.43 46.84 -63.65
N ALA D 2120 -73.02 46.95 -64.84
CA ALA D 2120 -72.27 47.32 -66.03
C ALA D 2120 -71.71 48.73 -65.92
N SER D 2121 -72.55 49.68 -65.50
CA SER D 2121 -72.10 51.04 -65.28
C SER D 2121 -71.12 51.12 -64.12
N LEU D 2122 -71.30 50.26 -63.10
CA LEU D 2122 -70.39 50.26 -61.97
C LEU D 2122 -69.00 49.82 -62.39
N TYR D 2123 -68.90 48.75 -63.18
CA TYR D 2123 -67.57 48.29 -63.60
C TYR D 2123 -66.95 49.25 -64.60
N GLY D 2124 -67.76 49.92 -65.42
CA GLY D 2124 -67.20 50.96 -66.28
C GLY D 2124 -66.62 52.12 -65.49
N ARG D 2125 -67.32 52.52 -64.42
CA ARG D 2125 -66.83 53.56 -63.52
C ARG D 2125 -65.55 53.12 -62.83
N ILE D 2126 -65.49 51.85 -62.42
CA ILE D 2126 -64.31 51.32 -61.73
C ILE D 2126 -63.10 51.31 -62.65
N ALA D 2127 -63.29 50.92 -63.91
CA ALA D 2127 -62.18 50.92 -64.86
C ALA D 2127 -61.69 52.33 -65.14
N ALA D 2128 -62.62 53.25 -65.36
CA ALA D 2128 -62.26 54.65 -65.62
C ALA D 2128 -61.54 55.27 -64.43
N GLY D 2129 -61.93 54.92 -63.21
CA GLY D 2129 -61.26 55.43 -62.04
C GLY D 2129 -59.89 54.81 -61.83
N ALA D 2130 -59.78 53.51 -62.07
CA ALA D 2130 -58.53 52.79 -61.82
C ALA D 2130 -57.46 53.11 -62.83
N GLU D 2131 -57.84 53.66 -63.99
CA GLU D 2131 -56.82 54.11 -64.94
C GLU D 2131 -55.98 55.28 -64.42
N ASN D 2132 -56.51 56.10 -63.51
CA ASN D 2132 -55.95 57.41 -63.23
C ASN D 2132 -54.63 57.32 -62.45
N PRO D 2133 -53.57 58.00 -62.90
CA PRO D 2133 -52.23 57.77 -62.34
C PRO D 2133 -51.81 58.70 -61.21
N GLU D 2134 -52.59 59.73 -60.89
CA GLU D 2134 -52.08 60.83 -60.07
C GLU D 2134 -51.99 60.43 -58.60
N PRO D 2135 -50.94 60.88 -57.90
CA PRO D 2135 -50.81 60.56 -56.47
C PRO D 2135 -51.75 61.41 -55.63
N GLY D 2136 -52.12 60.86 -54.48
CA GLY D 2136 -53.24 61.37 -53.71
C GLY D 2136 -52.98 62.62 -52.90
N ARG D 2137 -53.84 62.82 -51.91
CA ARG D 2137 -53.64 63.86 -50.92
C ARG D 2137 -52.33 63.68 -50.20
N TYR D 2138 -52.15 62.52 -49.59
CA TYR D 2138 -51.03 62.27 -48.70
C TYR D 2138 -50.02 61.45 -49.48
N GLY D 2139 -49.35 62.11 -50.42
CA GLY D 2139 -48.36 61.46 -51.25
C GLY D 2139 -46.99 61.61 -50.63
N GLY D 2140 -46.40 60.47 -50.28
CA GLY D 2140 -45.05 60.49 -49.73
C GLY D 2140 -44.95 60.96 -48.31
N GLU D 2141 -46.07 61.18 -47.62
CA GLU D 2141 -46.05 61.61 -46.24
C GLU D 2141 -45.85 60.37 -45.38
N VAL D 2142 -44.59 60.07 -45.09
CA VAL D 2142 -44.27 58.94 -44.22
C VAL D 2142 -44.68 59.30 -42.81
N ALA D 2143 -45.77 58.73 -42.35
CA ALA D 2143 -46.31 59.05 -41.05
C ALA D 2143 -45.95 57.97 -40.05
N VAL D 2144 -45.86 58.34 -38.78
CA VAL D 2144 -45.60 57.39 -37.70
C VAL D 2144 -46.69 57.57 -36.66
N VAL D 2145 -47.51 56.55 -36.47
CA VAL D 2145 -48.64 56.63 -35.56
C VAL D 2145 -48.43 55.62 -34.44
N THR D 2146 -48.51 56.09 -33.20
CA THR D 2146 -48.29 55.21 -32.06
C THR D 2146 -49.58 55.02 -31.28
N GLY D 2147 -49.87 53.78 -30.93
CA GLY D 2147 -51.03 53.49 -30.11
C GLY D 2147 -52.33 53.51 -30.89
N ALA D 2148 -52.44 52.65 -31.89
CA ALA D 2148 -53.66 52.52 -32.69
C ALA D 2148 -54.27 51.16 -32.38
N SER D 2149 -55.28 51.15 -31.53
CA SER D 2149 -55.96 49.91 -31.18
C SER D 2149 -57.33 49.89 -31.85
N LYS D 2150 -58.09 48.84 -31.56
CA LYS D 2150 -59.38 48.65 -32.20
C LYS D 2150 -60.39 49.66 -31.67
N GLY D 2151 -61.02 50.40 -32.58
CA GLY D 2151 -61.99 51.40 -32.20
C GLY D 2151 -61.34 52.56 -31.49
N SER D 2152 -60.50 53.31 -32.20
CA SER D 2152 -59.77 54.39 -31.56
C SER D 2152 -59.51 55.49 -32.58
N ILE D 2153 -59.22 56.67 -32.04
CA ILE D 2153 -58.99 57.85 -32.87
C ILE D 2153 -57.72 57.69 -33.69
N ALA D 2154 -56.70 57.03 -33.13
CA ALA D 2154 -55.49 56.79 -33.90
C ALA D 2154 -55.73 55.80 -35.01
N ALA D 2155 -56.61 54.83 -34.79
CA ALA D 2155 -56.99 53.90 -35.86
C ALA D 2155 -57.71 54.63 -36.98
N SER D 2156 -58.58 55.59 -36.63
CA SER D 2156 -59.25 56.34 -37.67
C SER D 2156 -58.30 57.25 -38.42
N VAL D 2157 -57.27 57.77 -37.75
CA VAL D 2157 -56.25 58.56 -38.43
C VAL D 2157 -55.44 57.70 -39.39
N VAL D 2158 -55.11 56.47 -38.97
CA VAL D 2158 -54.40 55.54 -39.85
C VAL D 2158 -55.27 55.19 -41.05
N ALA D 2159 -56.57 55.04 -40.84
CA ALA D 2159 -57.48 54.72 -41.93
C ALA D 2159 -57.56 55.87 -42.93
N ARG D 2160 -57.63 57.10 -42.45
CA ARG D 2160 -57.71 58.21 -43.39
C ARG D 2160 -56.39 58.46 -44.09
N LEU D 2161 -55.26 58.19 -43.43
CA LEU D 2161 -53.96 58.33 -44.10
C LEU D 2161 -53.79 57.29 -45.20
N LEU D 2162 -54.20 56.04 -44.93
CA LEU D 2162 -54.16 55.03 -45.97
C LEU D 2162 -55.15 55.33 -47.09
N ASP D 2163 -56.26 55.98 -46.74
CA ASP D 2163 -57.22 56.38 -47.76
C ASP D 2163 -56.66 57.46 -48.65
N GLY D 2164 -55.84 58.34 -48.09
CA GLY D 2164 -55.14 59.32 -48.90
C GLY D 2164 -54.03 58.70 -49.72
N GLY D 2165 -53.42 57.64 -49.22
CA GLY D 2165 -52.36 57.00 -49.96
C GLY D 2165 -50.99 57.21 -49.39
N ALA D 2166 -50.88 57.16 -48.07
CA ALA D 2166 -49.64 57.47 -47.38
C ALA D 2166 -48.86 56.21 -47.06
N THR D 2167 -47.74 56.39 -46.40
CA THR D 2167 -46.92 55.31 -45.90
C THR D 2167 -46.95 55.42 -44.39
N VAL D 2168 -47.77 54.60 -43.77
CA VAL D 2168 -48.01 54.68 -42.34
C VAL D 2168 -47.12 53.65 -41.66
N ILE D 2169 -46.51 54.03 -40.54
CA ILE D 2169 -45.78 53.11 -39.70
C ILE D 2169 -46.46 53.11 -38.34
N ALA D 2170 -47.15 52.03 -38.03
CA ALA D 2170 -47.92 51.94 -36.80
C ALA D 2170 -47.18 51.09 -35.79
N THR D 2171 -47.10 51.57 -34.57
CA THR D 2171 -46.52 50.78 -33.51
C THR D 2171 -47.61 50.19 -32.64
N THR D 2172 -47.33 49.03 -32.05
CA THR D 2172 -48.30 48.39 -31.18
C THR D 2172 -47.57 47.58 -30.12
N SER D 2173 -48.32 47.14 -29.12
CA SER D 2173 -47.70 46.53 -27.95
C SER D 2173 -47.30 45.07 -28.22
N LYS D 2174 -48.27 44.21 -28.48
CA LYS D 2174 -48.01 42.81 -28.76
C LYS D 2174 -48.65 42.47 -30.09
N LEU D 2175 -47.95 41.68 -30.89
CA LEU D 2175 -48.38 41.38 -32.26
C LEU D 2175 -48.76 39.91 -32.32
N ASP D 2176 -50.07 39.63 -32.36
CA ASP D 2176 -50.56 38.26 -32.41
C ASP D 2176 -51.61 38.09 -33.52
N GLU D 2177 -52.33 36.97 -33.49
CA GLU D 2177 -53.24 36.61 -34.57
C GLU D 2177 -54.42 37.57 -34.67
N GLU D 2178 -54.98 37.96 -33.51
CA GLU D 2178 -56.15 38.85 -33.51
C GLU D 2178 -55.80 40.21 -34.08
N ARG D 2179 -54.72 40.81 -33.59
CA ARG D 2179 -54.34 42.12 -34.08
C ARG D 2179 -53.82 42.05 -35.50
N LEU D 2180 -53.20 40.95 -35.90
CA LEU D 2180 -52.74 40.82 -37.27
C LEU D 2180 -53.92 40.77 -38.22
N ALA D 2181 -54.97 40.04 -37.86
CA ALA D 2181 -56.18 40.03 -38.66
C ALA D 2181 -56.85 41.40 -38.68
N PHE D 2182 -56.80 42.11 -37.55
CA PHE D 2182 -57.40 43.44 -37.48
C PHE D 2182 -56.72 44.42 -38.41
N TYR D 2183 -55.40 44.50 -38.36
CA TYR D 2183 -54.68 45.45 -39.20
C TYR D 2183 -54.74 45.04 -40.67
N ARG D 2184 -54.80 43.74 -40.96
CA ARG D 2184 -54.92 43.33 -42.35
C ARG D 2184 -56.28 43.71 -42.94
N THR D 2185 -57.36 43.51 -42.18
CA THR D 2185 -58.66 43.95 -42.67
C THR D 2185 -58.78 45.46 -42.73
N LEU D 2186 -58.09 46.17 -41.82
CA LEU D 2186 -58.05 47.62 -41.88
C LEU D 2186 -57.40 48.11 -43.17
N TYR D 2187 -56.28 47.50 -43.56
CA TYR D 2187 -55.63 47.88 -44.81
C TYR D 2187 -56.51 47.55 -46.01
N ARG D 2188 -57.09 46.35 -46.05
CA ARG D 2188 -57.83 45.98 -47.25
C ARG D 2188 -59.17 46.70 -47.34
N ASP D 2189 -59.65 47.26 -46.24
CA ASP D 2189 -60.82 48.12 -46.35
C ASP D 2189 -60.44 49.51 -46.83
N HIS D 2190 -59.50 50.17 -46.14
CA HIS D 2190 -59.33 51.60 -46.34
C HIS D 2190 -58.16 51.96 -47.24
N ALA D 2191 -57.53 51.02 -47.91
CA ALA D 2191 -56.37 51.36 -48.71
C ALA D 2191 -56.76 52.01 -50.02
N ARG D 2192 -55.87 52.85 -50.51
CA ARG D 2192 -55.91 53.43 -51.86
C ARG D 2192 -54.50 53.64 -52.35
N TYR D 2193 -54.33 54.61 -53.23
CA TYR D 2193 -53.53 54.63 -54.45
C TYR D 2193 -52.20 53.89 -54.38
N GLY D 2194 -51.32 54.28 -53.49
CA GLY D 2194 -50.04 53.62 -53.37
C GLY D 2194 -49.70 53.41 -51.91
N ALA D 2195 -50.74 53.21 -51.12
CA ALA D 2195 -50.60 53.25 -49.66
C ALA D 2195 -49.90 52.02 -49.15
N ALA D 2196 -49.12 52.19 -48.10
CA ALA D 2196 -48.43 51.09 -47.47
C ALA D 2196 -48.52 51.21 -45.96
N LEU D 2197 -48.67 50.09 -45.29
CA LEU D 2197 -48.81 50.05 -43.84
C LEU D 2197 -47.75 49.11 -43.29
N TRP D 2198 -46.87 49.64 -42.45
CA TRP D 2198 -45.88 48.83 -41.77
C TRP D 2198 -46.24 48.78 -40.31
N LEU D 2199 -45.98 47.64 -39.68
CA LEU D 2199 -46.54 47.35 -38.38
C LEU D 2199 -45.46 46.73 -37.53
N VAL D 2200 -45.12 47.40 -36.42
CA VAL D 2200 -44.05 46.92 -35.55
C VAL D 2200 -44.55 46.81 -34.12
N ALA D 2201 -43.88 45.95 -33.37
CA ALA D 2201 -44.18 45.76 -31.96
C ALA D 2201 -43.11 46.47 -31.14
N ALA D 2202 -43.49 47.59 -30.53
CA ALA D 2202 -42.52 48.41 -29.82
C ALA D 2202 -43.14 48.93 -28.54
N ASN D 2203 -42.44 48.76 -27.43
CA ASN D 2203 -42.89 49.32 -26.17
C ASN D 2203 -42.62 50.82 -26.17
N MET D 2204 -43.65 51.60 -25.86
CA MET D 2204 -43.52 53.05 -25.78
C MET D 2204 -43.20 53.53 -24.38
N ALA D 2205 -42.49 52.72 -23.60
CA ALA D 2205 -41.98 53.13 -22.30
C ALA D 2205 -40.56 52.64 -22.13
N SER D 2206 -39.81 52.57 -23.22
CA SER D 2206 -38.42 52.12 -23.17
C SER D 2206 -37.59 52.93 -24.14
N TYR D 2207 -36.55 53.59 -23.62
CA TYR D 2207 -35.70 54.41 -24.45
C TYR D 2207 -34.88 53.56 -25.41
N SER D 2208 -34.58 52.32 -25.01
CA SER D 2208 -33.92 51.38 -25.91
C SER D 2208 -34.80 51.09 -27.11
N ASP D 2209 -36.11 50.92 -26.88
CA ASP D 2209 -37.01 50.65 -27.98
C ASP D 2209 -37.23 51.86 -28.86
N VAL D 2210 -37.23 53.06 -28.26
CA VAL D 2210 -37.38 54.27 -29.07
C VAL D 2210 -36.15 54.50 -29.93
N ASP D 2211 -34.95 54.24 -29.39
CA ASP D 2211 -33.73 54.38 -30.17
C ASP D 2211 -33.64 53.32 -31.25
N ALA D 2212 -34.04 52.09 -30.95
CA ALA D 2212 -34.02 51.04 -31.95
C ALA D 2212 -35.05 51.30 -33.04
N LEU D 2213 -36.19 51.89 -32.67
CA LEU D 2213 -37.23 52.18 -33.63
C LEU D 2213 -36.81 53.31 -34.56
N VAL D 2214 -36.11 54.32 -34.04
CA VAL D 2214 -35.68 55.38 -34.94
C VAL D 2214 -34.51 54.92 -35.80
N GLU D 2215 -33.66 54.00 -35.31
CA GLU D 2215 -32.64 53.44 -36.19
C GLU D 2215 -33.24 52.59 -37.28
N TRP D 2216 -34.31 51.87 -36.96
CA TRP D 2216 -34.97 51.03 -37.95
C TRP D 2216 -35.65 51.87 -39.03
N ILE D 2217 -36.37 52.91 -38.63
CA ILE D 2217 -36.95 53.83 -39.62
C ILE D 2217 -35.87 54.60 -40.37
N GLY D 2218 -34.68 54.69 -39.81
CA GLY D 2218 -33.60 55.41 -40.46
C GLY D 2218 -32.94 54.46 -41.43
N THR D 2219 -31.86 53.81 -41.01
CA THR D 2219 -31.12 52.94 -41.92
C THR D 2219 -31.97 51.75 -42.37
N GLU D 2220 -31.59 51.16 -43.49
CA GLU D 2220 -32.39 50.12 -44.11
C GLU D 2220 -32.34 48.83 -43.31
N GLN D 2221 -33.14 47.87 -43.75
CA GLN D 2221 -33.08 46.51 -43.23
C GLN D 2221 -32.98 45.56 -44.41
N THR D 2222 -31.82 44.95 -44.57
CA THR D 2222 -31.59 43.93 -45.59
C THR D 2222 -31.33 42.61 -44.89
N GLU D 2223 -32.25 41.67 -45.04
CA GLU D 2223 -32.08 40.33 -44.50
C GLU D 2223 -31.32 39.50 -45.51
N SER D 2224 -30.39 38.69 -45.02
CA SER D 2224 -29.62 37.78 -45.86
C SER D 2224 -29.78 36.37 -45.34
N LEU D 2225 -30.18 35.46 -46.21
CA LEU D 2225 -30.09 34.03 -45.93
C LEU D 2225 -28.71 33.55 -46.33
N GLY D 2226 -28.53 32.24 -46.44
CA GLY D 2226 -27.28 31.62 -46.82
C GLY D 2226 -26.67 32.07 -48.13
N PRO D 2227 -27.30 31.70 -49.27
CA PRO D 2227 -26.68 32.01 -50.56
C PRO D 2227 -26.81 33.46 -51.00
N GLN D 2228 -27.87 34.16 -50.61
CA GLN D 2228 -28.12 35.47 -51.19
C GLN D 2228 -28.76 36.37 -50.13
N SER D 2229 -29.18 37.56 -50.56
CA SER D 2229 -29.74 38.58 -49.69
C SER D 2229 -31.14 38.94 -50.17
N ILE D 2230 -31.91 39.57 -49.29
CA ILE D 2230 -33.27 40.00 -49.57
C ILE D 2230 -33.40 41.47 -49.20
N HIS D 2231 -33.83 42.29 -50.15
CA HIS D 2231 -34.08 43.70 -49.90
C HIS D 2231 -35.50 43.90 -49.37
N ILE D 2232 -35.61 44.53 -48.21
CA ILE D 2232 -36.88 44.66 -47.50
C ILE D 2232 -37.32 46.11 -47.42
N LYS D 2233 -36.53 46.96 -46.75
CA LYS D 2233 -36.91 48.32 -46.44
C LYS D 2233 -35.91 49.24 -47.10
N ASP D 2234 -36.41 50.20 -47.89
CA ASP D 2234 -35.49 51.01 -48.68
C ASP D 2234 -34.63 51.94 -47.84
N ALA D 2235 -35.24 53.03 -47.35
CA ALA D 2235 -34.79 53.97 -46.33
C ALA D 2235 -35.92 54.96 -46.20
N GLN D 2236 -36.21 55.49 -45.03
CA GLN D 2236 -37.36 56.35 -44.90
C GLN D 2236 -37.07 57.55 -44.02
N THR D 2237 -37.56 58.72 -44.43
CA THR D 2237 -37.49 59.95 -43.67
C THR D 2237 -38.92 60.44 -43.45
N PRO D 2238 -39.38 60.59 -42.22
CA PRO D 2238 -40.79 60.87 -41.99
C PRO D 2238 -41.14 62.34 -42.21
N THR D 2239 -42.42 62.59 -42.21
CA THR D 2239 -42.99 63.93 -42.33
C THR D 2239 -44.02 64.21 -41.25
N LEU D 2240 -44.85 63.24 -40.90
CA LEU D 2240 -45.84 63.40 -39.85
C LEU D 2240 -45.39 62.66 -38.60
N LEU D 2241 -46.17 62.81 -37.54
CA LEU D 2241 -45.94 62.12 -36.27
C LEU D 2241 -47.21 62.22 -35.45
N PHE D 2242 -47.69 61.12 -34.91
CA PHE D 2242 -48.96 61.10 -34.18
C PHE D 2242 -48.80 60.28 -32.91
N PRO D 2243 -48.46 60.92 -31.80
CA PRO D 2243 -48.24 60.23 -30.53
C PRO D 2243 -49.50 60.10 -29.67
N PHE D 2244 -50.33 59.11 -30.03
CA PHE D 2244 -51.55 58.84 -29.30
C PHE D 2244 -51.39 57.68 -28.34
N ALA D 2245 -50.22 57.54 -27.73
CA ALA D 2245 -49.86 56.34 -26.98
C ALA D 2245 -50.66 56.25 -25.69
N ALA D 2246 -51.58 55.29 -25.64
CA ALA D 2246 -52.27 55.00 -24.39
C ALA D 2246 -51.28 54.37 -23.42
N PRO D 2247 -51.19 54.86 -22.17
CA PRO D 2247 -50.11 54.42 -21.26
C PRO D 2247 -50.20 52.95 -20.85
N ARG D 2248 -51.29 52.57 -20.20
CA ARG D 2248 -51.46 51.23 -19.64
C ARG D 2248 -52.89 51.09 -19.17
N VAL D 2249 -53.47 49.92 -19.38
CA VAL D 2249 -54.76 49.56 -18.80
C VAL D 2249 -54.52 48.39 -17.85
N VAL D 2250 -54.16 48.72 -16.60
CA VAL D 2250 -53.99 47.78 -15.50
C VAL D 2250 -54.53 48.49 -14.27
N GLY D 2251 -55.42 47.83 -13.51
CA GLY D 2251 -55.96 48.44 -12.31
C GLY D 2251 -56.08 47.51 -11.13
N ASP D 2252 -55.50 46.31 -11.23
CA ASP D 2252 -55.64 45.28 -10.21
C ASP D 2252 -54.37 45.11 -9.38
N LEU D 2253 -53.70 46.21 -9.05
CA LEU D 2253 -52.44 46.12 -8.33
C LEU D 2253 -52.31 47.11 -7.17
N SER D 2254 -53.19 48.11 -7.08
CA SER D 2254 -53.05 49.27 -6.17
C SER D 2254 -51.69 49.95 -6.37
N GLU D 2255 -51.56 50.50 -7.58
CA GLU D 2255 -50.29 50.86 -8.19
C GLU D 2255 -50.12 52.36 -8.36
N ALA D 2256 -51.03 53.17 -7.78
CA ALA D 2256 -51.25 54.54 -8.24
C ALA D 2256 -50.06 55.46 -7.97
N GLY D 2257 -49.27 55.18 -6.94
CA GLY D 2257 -48.15 56.04 -6.62
C GLY D 2257 -47.04 55.97 -7.66
N SER D 2258 -46.66 54.76 -8.05
CA SER D 2258 -45.71 54.59 -9.14
C SER D 2258 -46.33 54.87 -10.49
N ARG D 2259 -47.62 54.58 -10.64
CA ARG D 2259 -48.29 54.79 -11.92
C ARG D 2259 -48.38 56.27 -12.27
N ALA D 2260 -48.58 57.13 -11.26
CA ALA D 2260 -48.74 58.56 -11.50
C ALA D 2260 -47.48 59.24 -12.00
N GLU D 2261 -46.32 58.59 -11.88
CA GLU D 2261 -45.13 59.08 -12.54
C GLU D 2261 -44.76 58.28 -13.76
N MET D 2262 -45.10 56.99 -13.80
CA MET D 2262 -44.75 56.17 -14.95
C MET D 2262 -45.55 56.58 -16.18
N GLU D 2263 -46.83 56.92 -16.01
CA GLU D 2263 -47.60 57.40 -17.15
C GLU D 2263 -47.13 58.78 -17.60
N MET D 2264 -46.62 59.57 -16.67
CA MET D 2264 -46.14 60.89 -17.05
C MET D 2264 -44.83 60.78 -17.80
N LYS D 2265 -44.03 59.75 -17.49
CA LYS D 2265 -42.92 59.36 -18.34
C LYS D 2265 -43.41 59.01 -19.75
N VAL D 2266 -44.37 58.07 -19.80
CA VAL D 2266 -44.90 57.51 -21.06
C VAL D 2266 -45.43 58.60 -21.98
N LEU D 2267 -46.01 59.64 -21.40
CA LEU D 2267 -46.32 60.79 -22.24
C LEU D 2267 -45.06 61.59 -22.55
N LEU D 2268 -44.48 62.25 -21.55
CA LEU D 2268 -43.58 63.38 -21.83
C LEU D 2268 -42.26 62.94 -22.42
N TRP D 2269 -41.52 62.09 -21.71
CA TRP D 2269 -40.15 61.94 -22.13
C TRP D 2269 -40.04 60.93 -23.25
N ALA D 2270 -41.00 60.01 -23.33
CA ALA D 2270 -41.12 59.16 -24.50
C ALA D 2270 -41.39 59.96 -25.76
N VAL D 2271 -42.34 60.92 -25.71
CA VAL D 2271 -42.61 61.60 -26.97
C VAL D 2271 -41.54 62.61 -27.31
N GLN D 2272 -40.84 63.19 -26.34
CA GLN D 2272 -39.84 64.15 -26.80
C GLN D 2272 -38.54 63.48 -27.20
N ARG D 2273 -38.24 62.32 -26.60
CA ARG D 2273 -37.18 61.47 -27.11
C ARG D 2273 -37.49 60.99 -28.53
N LEU D 2274 -38.77 60.69 -28.78
CA LEU D 2274 -39.21 60.24 -30.09
C LEU D 2274 -39.06 61.33 -31.13
N ILE D 2275 -39.50 62.55 -30.81
CA ILE D 2275 -39.41 63.65 -31.77
C ILE D 2275 -37.96 64.02 -32.01
N GLY D 2276 -37.11 63.91 -30.98
CA GLY D 2276 -35.68 64.11 -31.18
C GLY D 2276 -35.08 63.11 -32.15
N GLY D 2277 -35.39 61.82 -31.97
CA GLY D 2277 -34.85 60.81 -32.86
C GLY D 2277 -35.36 60.93 -34.29
N LEU D 2278 -36.68 61.12 -34.45
CA LEU D 2278 -37.24 61.23 -35.80
C LEU D 2278 -36.80 62.50 -36.50
N SER D 2279 -36.52 63.57 -35.75
CA SER D 2279 -35.95 64.75 -36.37
C SER D 2279 -34.48 64.54 -36.71
N THR D 2280 -33.81 63.66 -35.96
CA THR D 2280 -32.39 63.43 -36.18
C THR D 2280 -32.14 62.59 -37.43
N ILE D 2281 -32.99 61.60 -37.69
CA ILE D 2281 -32.64 60.58 -38.70
C ILE D 2281 -32.61 61.11 -40.13
N GLY D 2282 -33.27 62.23 -40.43
CA GLY D 2282 -33.22 62.76 -41.77
C GLY D 2282 -32.59 64.13 -41.81
N ALA D 2283 -31.53 64.33 -41.00
CA ALA D 2283 -31.02 65.67 -40.79
C ALA D 2283 -30.07 66.10 -41.90
N GLU D 2284 -28.95 65.43 -42.02
CA GLU D 2284 -27.89 65.88 -42.92
C GLU D 2284 -28.14 65.48 -44.35
N ARG D 2285 -29.01 64.51 -44.59
CA ARG D 2285 -29.32 64.13 -45.96
C ARG D 2285 -30.22 65.15 -46.62
N ASP D 2286 -31.31 65.52 -45.95
CA ASP D 2286 -32.35 66.35 -46.53
C ASP D 2286 -32.52 67.58 -45.64
N ILE D 2287 -31.74 68.62 -45.89
CA ILE D 2287 -31.98 69.87 -45.19
C ILE D 2287 -33.19 70.55 -45.83
N ALA D 2288 -33.77 71.50 -45.06
CA ALA D 2288 -35.06 72.14 -45.37
C ALA D 2288 -36.18 71.11 -45.54
N SER D 2289 -36.12 70.05 -44.74
CA SER D 2289 -37.14 69.01 -44.73
C SER D 2289 -37.55 68.85 -43.26
N ARG D 2290 -38.71 69.39 -42.92
CA ARG D 2290 -39.07 69.61 -41.52
C ARG D 2290 -40.16 68.65 -41.09
N LEU D 2291 -39.91 67.95 -40.00
CA LEU D 2291 -40.87 67.06 -39.38
C LEU D 2291 -42.02 67.89 -38.80
N HIS D 2292 -43.19 67.25 -38.67
CA HIS D 2292 -44.39 67.95 -38.24
C HIS D 2292 -45.13 67.08 -37.23
N VAL D 2293 -45.47 67.66 -36.08
CA VAL D 2293 -46.04 66.89 -34.98
C VAL D 2293 -47.43 67.43 -34.70
N VAL D 2294 -48.36 66.53 -34.38
CA VAL D 2294 -49.69 66.90 -33.92
C VAL D 2294 -49.91 66.31 -32.54
N LEU D 2295 -50.10 67.18 -31.55
CA LEU D 2295 -50.26 66.77 -30.18
C LEU D 2295 -51.72 66.67 -29.81
N PRO D 2296 -52.13 65.62 -29.12
CA PRO D 2296 -53.49 65.57 -28.61
C PRO D 2296 -53.60 66.10 -27.18
N GLY D 2297 -54.66 66.84 -26.89
CA GLY D 2297 -54.93 67.18 -25.51
C GLY D 2297 -56.29 66.72 -25.07
N SER D 2298 -56.34 65.72 -24.20
CA SER D 2298 -57.59 65.09 -23.79
C SER D 2298 -58.02 65.47 -22.39
N ASP D 2307 -62.14 68.80 -17.51
CA ASP D 2307 -61.44 70.00 -17.08
C ASP D 2307 -60.08 69.64 -16.53
N GLY D 2308 -60.06 68.72 -15.56
CA GLY D 2308 -58.81 68.32 -14.96
C GLY D 2308 -57.92 67.53 -15.90
N ALA D 2309 -58.54 66.73 -16.78
CA ALA D 2309 -57.79 66.04 -17.81
C ALA D 2309 -57.22 67.02 -18.83
N TYR D 2310 -57.95 68.11 -19.10
CA TYR D 2310 -57.43 69.15 -19.98
C TYR D 2310 -56.31 69.92 -19.32
N GLY D 2311 -56.36 70.08 -17.99
CA GLY D 2311 -55.26 70.71 -17.28
C GLY D 2311 -54.02 69.85 -17.28
N GLU D 2312 -54.19 68.53 -17.09
CA GLU D 2312 -53.08 67.58 -17.22
C GLU D 2312 -52.51 67.60 -18.62
N ALA D 2313 -53.37 67.74 -19.63
CA ALA D 2313 -52.93 67.81 -21.01
C ALA D 2313 -52.15 69.09 -21.28
N LYS D 2314 -52.59 70.21 -20.73
CA LYS D 2314 -51.88 71.47 -20.95
C LYS D 2314 -50.56 71.48 -20.20
N SER D 2315 -50.50 70.83 -19.04
CA SER D 2315 -49.23 70.66 -18.34
C SER D 2315 -48.29 69.76 -19.13
N ALA D 2316 -48.83 68.76 -19.82
CA ALA D 2316 -48.03 67.94 -20.72
C ALA D 2316 -47.57 68.75 -21.92
N LEU D 2317 -48.38 69.72 -22.34
CA LEU D 2317 -48.03 70.58 -23.47
C LEU D 2317 -46.87 71.49 -23.13
N ASP D 2318 -46.99 72.27 -22.08
CA ASP D 2318 -46.04 73.36 -21.87
C ASP D 2318 -44.78 72.87 -21.16
N ALA D 2319 -44.24 71.78 -21.65
CA ALA D 2319 -42.87 71.34 -21.53
C ALA D 2319 -42.24 71.16 -22.90
N VAL D 2320 -42.99 70.57 -23.84
CA VAL D 2320 -42.53 70.45 -25.21
C VAL D 2320 -42.50 71.81 -25.88
N VAL D 2321 -43.50 72.64 -25.63
CA VAL D 2321 -43.55 73.97 -26.22
C VAL D 2321 -42.48 74.86 -25.60
N SER D 2322 -42.22 74.67 -24.30
CA SER D 2322 -41.17 75.44 -23.64
C SER D 2322 -39.80 75.04 -24.14
N ARG D 2323 -39.57 73.74 -24.31
CA ARG D 2323 -38.33 73.27 -24.91
C ARG D 2323 -38.20 73.67 -26.37
N TRP D 2324 -39.32 73.78 -27.09
CA TRP D 2324 -39.35 74.32 -28.44
C TRP D 2324 -38.85 75.76 -28.49
N HIS D 2325 -39.40 76.61 -27.63
CA HIS D 2325 -38.92 77.99 -27.61
C HIS D 2325 -37.53 78.11 -27.02
N ALA D 2326 -37.10 77.15 -26.21
CA ALA D 2326 -35.79 77.25 -25.59
C ALA D 2326 -34.68 76.80 -26.53
N GLU D 2327 -34.68 75.52 -26.91
CA GLU D 2327 -33.59 74.95 -27.70
C GLU D 2327 -33.80 75.24 -29.18
N SER D 2328 -32.72 75.67 -29.84
CA SER D 2328 -32.77 76.07 -31.25
C SER D 2328 -32.44 74.94 -32.21
N SER D 2329 -31.98 73.79 -31.72
CA SER D 2329 -31.75 72.66 -32.63
C SER D 2329 -33.07 72.06 -33.09
N TRP D 2330 -34.12 72.21 -32.28
CA TRP D 2330 -35.44 71.75 -32.67
C TRP D 2330 -36.03 72.65 -33.75
N ALA D 2331 -35.64 73.92 -33.78
CA ALA D 2331 -36.35 74.91 -34.58
C ALA D 2331 -36.17 74.70 -36.08
N ALA D 2332 -35.07 74.09 -36.49
CA ALA D 2332 -34.83 73.87 -37.91
C ALA D 2332 -35.40 72.54 -38.40
N ARG D 2333 -35.87 71.68 -37.49
CA ARG D 2333 -36.30 70.34 -37.85
C ARG D 2333 -37.76 70.05 -37.56
N VAL D 2334 -38.31 70.64 -36.52
CA VAL D 2334 -39.62 70.26 -36.02
C VAL D 2334 -40.61 71.36 -36.38
N SER D 2335 -41.89 71.00 -36.46
CA SER D 2335 -42.97 71.98 -36.57
C SER D 2335 -44.11 71.48 -35.70
N LEU D 2336 -44.31 72.11 -34.56
CA LEU D 2336 -45.32 71.69 -33.61
C LEU D 2336 -46.70 72.13 -34.06
N ALA D 2337 -47.70 71.35 -33.67
CA ALA D 2337 -49.08 71.80 -33.69
C ALA D 2337 -49.80 71.03 -32.61
N HIS D 2338 -50.71 71.68 -31.90
CA HIS D 2338 -51.48 71.03 -30.85
C HIS D 2338 -52.97 71.21 -31.09
N ALA D 2339 -53.73 70.15 -30.84
CA ALA D 2339 -55.18 70.22 -30.85
C ALA D 2339 -55.71 69.75 -29.50
N LEU D 2340 -56.52 70.58 -28.86
CA LEU D 2340 -57.33 70.14 -27.74
C LEU D 2340 -58.51 69.36 -28.28
N ILE D 2341 -58.54 68.05 -28.01
CA ILE D 2341 -59.60 67.22 -28.57
C ILE D 2341 -60.86 67.34 -27.71
N GLY D 2342 -62.00 67.05 -28.33
CA GLY D 2342 -63.27 67.17 -27.64
C GLY D 2342 -63.70 65.91 -26.94
N TRP D 2343 -64.91 65.45 -27.24
CA TRP D 2343 -65.49 64.27 -26.62
C TRP D 2343 -65.94 63.32 -27.72
N THR D 2344 -65.32 62.15 -27.80
CA THR D 2344 -65.64 61.16 -28.81
C THR D 2344 -66.40 60.01 -28.16
N ARG D 2345 -67.45 59.55 -28.85
CA ARG D 2345 -68.36 58.57 -28.29
C ARG D 2345 -67.87 57.13 -28.42
N GLY D 2346 -66.64 56.93 -28.86
CA GLY D 2346 -66.06 55.60 -28.90
C GLY D 2346 -64.89 55.46 -27.95
N THR D 2347 -65.08 54.65 -26.90
CA THR D 2347 -64.14 54.46 -25.78
C THR D 2347 -63.68 55.77 -25.15
N ASN D 2353 -71.75 54.23 -21.36
CA ASN D 2353 -71.19 54.97 -22.47
C ASN D 2353 -72.31 55.73 -23.19
N ASP D 2354 -73.38 55.00 -23.51
CA ASP D 2354 -74.53 55.62 -24.15
C ASP D 2354 -75.24 56.57 -23.19
N ALA D 2355 -75.25 56.23 -21.90
CA ALA D 2355 -75.78 57.15 -20.90
C ALA D 2355 -74.89 58.39 -20.75
N ILE D 2356 -73.58 58.22 -20.93
CA ILE D 2356 -72.67 59.36 -20.93
C ILE D 2356 -72.96 60.27 -22.11
N VAL D 2357 -73.17 59.69 -23.29
CA VAL D 2357 -73.48 60.48 -24.49
C VAL D 2357 -74.82 61.19 -24.34
N ALA D 2358 -75.81 60.51 -23.75
CA ALA D 2358 -77.11 61.14 -23.51
C ALA D 2358 -76.99 62.28 -22.50
N ALA D 2359 -76.16 62.10 -21.47
CA ALA D 2359 -75.98 63.15 -20.47
C ALA D 2359 -75.27 64.37 -21.06
N VAL D 2360 -74.25 64.15 -21.89
CA VAL D 2360 -73.53 65.31 -22.42
C VAL D 2360 -74.31 65.97 -23.55
N GLU D 2361 -75.18 65.25 -24.26
CA GLU D 2361 -76.01 65.94 -25.24
C GLU D 2361 -77.19 66.63 -24.59
N GLU D 2362 -77.60 66.20 -23.39
CA GLU D 2362 -78.52 67.02 -22.61
C GLU D 2362 -77.81 68.23 -22.02
N ALA D 2363 -76.51 68.10 -21.75
CA ALA D 2363 -75.73 69.25 -21.29
C ALA D 2363 -75.56 70.27 -22.41
N GLY D 2364 -75.40 69.81 -23.64
CA GLY D 2364 -75.35 70.69 -24.80
C GLY D 2364 -74.04 70.67 -25.56
N VAL D 2365 -73.01 70.02 -25.06
CA VAL D 2365 -71.73 69.92 -25.75
C VAL D 2365 -71.88 68.97 -26.94
N THR D 2366 -71.38 69.40 -28.09
CA THR D 2366 -71.46 68.60 -29.31
C THR D 2366 -70.36 67.53 -29.29
N THR D 2367 -70.76 66.28 -29.39
CA THR D 2367 -69.83 65.17 -29.41
C THR D 2367 -69.36 64.91 -30.83
N TYR D 2368 -68.53 63.88 -30.99
CA TYR D 2368 -68.04 63.51 -32.30
C TYR D 2368 -67.89 62.00 -32.37
N SER D 2369 -67.88 61.48 -33.59
CA SER D 2369 -67.44 60.12 -33.82
C SER D 2369 -65.94 60.14 -34.09
N THR D 2370 -65.35 58.94 -34.15
CA THR D 2370 -63.91 58.85 -34.33
C THR D 2370 -63.49 59.31 -35.72
N ASP D 2371 -64.31 59.05 -36.74
CA ASP D 2371 -63.97 59.49 -38.08
C ASP D 2371 -64.11 61.00 -38.23
N GLU D 2372 -65.17 61.56 -37.63
CA GLU D 2372 -65.33 63.02 -37.62
C GLU D 2372 -64.18 63.69 -36.91
N MET D 2373 -63.77 63.13 -35.77
CA MET D 2373 -62.67 63.70 -35.02
C MET D 2373 -61.36 63.54 -35.76
N ALA D 2374 -61.19 62.44 -36.50
CA ALA D 2374 -59.97 62.23 -37.26
C ALA D 2374 -59.87 63.18 -38.43
N ALA D 2375 -61.00 63.48 -39.09
CA ALA D 2375 -60.98 64.45 -40.18
C ALA D 2375 -60.73 65.86 -39.66
N LEU D 2376 -61.45 66.26 -38.61
CA LEU D 2376 -61.26 67.56 -37.99
C LEU D 2376 -59.97 67.69 -37.22
N LEU D 2377 -59.20 66.60 -37.09
CA LEU D 2377 -57.84 66.63 -36.58
C LEU D 2377 -56.79 66.66 -37.67
N LEU D 2378 -56.95 65.82 -38.69
CA LEU D 2378 -55.97 65.69 -39.75
C LEU D 2378 -56.04 66.84 -40.74
N ASP D 2379 -57.09 67.67 -40.68
CA ASP D 2379 -57.12 68.90 -41.46
C ASP D 2379 -56.03 69.90 -41.07
N LEU D 2380 -55.43 69.75 -39.89
CA LEU D 2380 -54.29 70.54 -39.43
C LEU D 2380 -52.98 70.16 -40.10
N CYS D 2381 -52.99 69.28 -41.09
CA CYS D 2381 -51.75 68.76 -41.66
C CYS D 2381 -51.58 69.17 -43.12
N ASP D 2382 -52.44 70.04 -43.64
CA ASP D 2382 -52.30 70.52 -45.01
C ASP D 2382 -51.17 71.54 -45.09
N ALA D 2383 -51.00 72.11 -46.29
CA ALA D 2383 -49.83 72.95 -46.55
C ALA D 2383 -49.92 74.27 -45.82
N GLU D 2384 -51.12 74.85 -45.71
CA GLU D 2384 -51.30 76.13 -45.03
C GLU D 2384 -50.97 76.03 -43.56
N SER D 2385 -51.46 74.97 -42.91
CA SER D 2385 -51.22 74.82 -41.48
C SER D 2385 -49.77 74.49 -41.18
N LYS D 2386 -49.07 73.79 -42.08
CA LYS D 2386 -47.67 73.52 -41.77
C LYS D 2386 -46.77 74.72 -42.08
N VAL D 2387 -47.11 75.54 -43.09
CA VAL D 2387 -46.37 76.78 -43.27
C VAL D 2387 -46.63 77.73 -42.10
N ALA D 2388 -47.87 77.74 -41.59
CA ALA D 2388 -48.17 78.57 -40.43
C ALA D 2388 -47.49 78.05 -39.17
N ALA D 2389 -47.43 76.74 -38.99
CA ALA D 2389 -46.79 76.16 -37.83
C ALA D 2389 -45.28 76.14 -37.92
N ALA D 2390 -44.72 76.44 -39.10
CA ALA D 2390 -43.28 76.60 -39.21
C ALA D 2390 -42.78 77.78 -38.37
N ARG D 2391 -43.60 78.82 -38.23
CA ARG D 2391 -43.21 79.97 -37.42
C ARG D 2391 -43.45 79.73 -35.95
N SER D 2392 -44.70 79.49 -35.57
CA SER D 2392 -45.12 79.39 -34.18
C SER D 2392 -45.98 78.15 -33.99
N PRO D 2393 -45.99 77.57 -32.78
CA PRO D 2393 -46.86 76.42 -32.51
C PRO D 2393 -48.33 76.81 -32.56
N ILE D 2394 -49.06 76.22 -33.50
CA ILE D 2394 -50.50 76.40 -33.57
C ILE D 2394 -51.14 75.70 -32.38
N LYS D 2395 -52.08 76.38 -31.73
CA LYS D 2395 -52.74 75.88 -30.54
C LYS D 2395 -54.24 75.91 -30.83
N ALA D 2396 -54.74 74.86 -31.45
CA ALA D 2396 -56.11 74.83 -31.92
C ALA D 2396 -57.01 74.10 -30.94
N ASP D 2397 -58.26 74.53 -30.89
CA ASP D 2397 -59.28 73.90 -30.07
C ASP D 2397 -60.26 73.19 -31.00
N LEU D 2398 -60.59 71.94 -30.67
CA LEU D 2398 -61.59 71.19 -31.40
C LEU D 2398 -62.71 70.74 -30.48
N THR D 2399 -62.70 71.20 -29.23
CA THR D 2399 -63.70 70.78 -28.26
C THR D 2399 -65.00 71.53 -28.51
N GLY D 2400 -66.08 70.78 -28.68
CA GLY D 2400 -67.36 71.37 -29.04
C GLY D 2400 -68.24 71.76 -27.86
N GLY D 2401 -67.65 72.33 -26.82
CA GLY D 2401 -68.40 72.86 -25.70
C GLY D 2401 -67.98 72.35 -24.34
N LEU D 2402 -67.06 71.40 -24.24
CA LEU D 2402 -66.56 70.96 -22.95
C LEU D 2402 -65.36 71.80 -22.50
N ALA D 2403 -64.97 72.80 -23.29
CA ALA D 2403 -63.95 73.76 -22.86
C ALA D 2403 -64.43 74.57 -21.66
N GLU D 2404 -65.72 74.87 -21.61
CA GLU D 2404 -66.32 75.42 -20.39
C GLU D 2404 -66.67 74.26 -19.45
N ALA D 2405 -66.24 74.37 -18.19
CA ALA D 2405 -66.40 73.27 -17.23
C ALA D 2405 -67.75 73.41 -16.53
N ASN D 2406 -68.81 73.08 -17.26
CA ASN D 2406 -70.14 73.10 -16.67
C ASN D 2406 -70.34 71.87 -15.78
N LEU D 2407 -69.98 70.70 -16.29
CA LEU D 2407 -70.14 69.44 -15.57
C LEU D 2407 -68.79 68.75 -15.47
N ASP D 2408 -68.58 67.99 -14.41
CA ASP D 2408 -67.29 67.36 -14.16
C ASP D 2408 -67.36 65.85 -14.34
N MET D 2409 -66.17 65.24 -14.41
CA MET D 2409 -66.06 63.84 -14.82
C MET D 2409 -66.59 62.91 -13.74
N ALA D 2410 -66.24 63.16 -12.47
CA ALA D 2410 -66.78 62.34 -11.39
C ALA D 2410 -68.25 62.63 -11.15
N GLU D 2411 -68.68 63.86 -11.44
CA GLU D 2411 -70.09 64.22 -11.38
C GLU D 2411 -70.92 63.41 -12.38
N LEU D 2412 -70.35 63.16 -13.56
CA LEU D 2412 -70.99 62.23 -14.48
C LEU D 2412 -70.75 60.77 -14.12
N ALA D 2413 -69.64 60.48 -13.44
CA ALA D 2413 -69.28 59.09 -13.19
C ALA D 2413 -70.17 58.46 -12.12
N ALA D 2414 -70.54 59.24 -11.10
CA ALA D 2414 -71.49 58.74 -10.11
C ALA D 2414 -72.86 58.49 -10.73
N LYS D 2415 -73.26 59.37 -11.65
CA LYS D 2415 -74.52 59.19 -12.38
C LYS D 2415 -74.48 57.95 -13.26
N ALA D 2416 -73.38 57.77 -14.00
CA ALA D 2416 -73.23 56.59 -14.85
C ALA D 2416 -73.17 55.32 -14.04
N ARG D 2417 -72.62 55.39 -12.82
CA ARG D 2417 -72.65 54.24 -11.91
C ARG D 2417 -74.07 53.90 -11.52
N GLU D 2418 -74.86 54.90 -11.13
CA GLU D 2418 -76.21 54.61 -10.64
C GLU D 2418 -77.23 54.31 -11.73
N GLN D 2419 -76.99 54.72 -12.99
CA GLN D 2419 -77.84 54.19 -14.07
C GLN D 2419 -77.16 53.08 -14.87
N MET D 2420 -75.99 52.62 -14.46
CA MET D 2420 -75.42 51.40 -15.00
C MET D 2420 -75.71 50.20 -14.12
N SER D 2421 -75.85 50.41 -12.82
CA SER D 2421 -76.16 49.31 -11.90
C SER D 2421 -77.57 48.75 -12.13
N ALA D 2422 -78.47 49.58 -12.66
CA ALA D 2422 -79.88 49.20 -12.72
C ALA D 2422 -80.19 48.28 -13.90
N ALA D 2423 -79.70 48.63 -15.10
CA ALA D 2423 -80.13 47.90 -16.29
C ALA D 2423 -79.40 46.57 -16.42
N ALA D 2424 -78.12 46.52 -16.01
CA ALA D 2424 -77.32 45.32 -16.24
C ALA D 2424 -77.64 44.21 -15.26
N ALA D 2425 -78.01 44.55 -14.02
CA ALA D 2425 -78.20 43.53 -12.99
C ALA D 2425 -79.58 42.89 -13.08
N VAL D 2426 -80.60 43.68 -13.42
CA VAL D 2426 -81.98 43.21 -13.44
C VAL D 2426 -82.41 42.87 -14.87
N ASP D 2427 -81.45 42.55 -15.74
CA ASP D 2427 -81.78 42.02 -17.07
C ASP D 2427 -82.44 40.67 -16.92
N GLU D 2428 -83.73 40.61 -17.25
CA GLU D 2428 -84.55 39.43 -17.02
C GLU D 2428 -84.15 38.28 -17.95
N ASP D 2429 -84.51 37.07 -17.55
CA ASP D 2429 -84.19 35.86 -18.30
C ASP D 2429 -85.47 35.29 -18.87
N ALA D 2430 -85.45 34.94 -20.16
CA ALA D 2430 -86.62 34.42 -20.85
C ALA D 2430 -86.23 33.12 -21.56
N GLU D 2431 -86.72 32.00 -21.05
CA GLU D 2431 -86.46 30.69 -21.62
C GLU D 2431 -87.75 30.12 -22.22
N ALA D 2432 -87.61 29.46 -23.35
CA ALA D 2432 -88.76 28.95 -24.08
C ALA D 2432 -89.34 27.73 -23.38
N PRO D 2433 -90.67 27.58 -23.35
CA PRO D 2433 -91.26 26.41 -22.67
C PRO D 2433 -91.08 25.10 -23.42
N GLY D 2434 -90.95 25.12 -24.74
CA GLY D 2434 -90.70 23.88 -25.46
C GLY D 2434 -89.30 23.36 -25.22
N ALA D 2435 -88.31 24.03 -25.82
CA ALA D 2435 -86.88 23.89 -25.50
C ALA D 2435 -86.39 22.44 -25.60
N ILE D 2436 -86.44 21.89 -26.80
CA ILE D 2436 -85.96 20.54 -27.02
C ILE D 2436 -84.55 20.63 -27.60
N ALA D 2437 -83.76 19.58 -27.42
CA ALA D 2437 -82.37 19.62 -27.81
C ALA D 2437 -82.21 19.54 -29.32
N ALA D 2438 -80.97 19.61 -29.77
CA ALA D 2438 -80.63 19.47 -31.18
C ALA D 2438 -79.72 18.28 -31.37
N LEU D 2439 -80.02 17.46 -32.38
CA LEU D 2439 -79.29 16.24 -32.59
C LEU D 2439 -78.63 16.25 -33.96
N PRO D 2440 -77.51 15.54 -34.13
CA PRO D 2440 -76.85 15.51 -35.45
C PRO D 2440 -77.72 14.84 -36.49
N SER D 2441 -77.80 15.49 -37.65
CA SER D 2441 -78.79 15.15 -38.65
C SER D 2441 -78.50 13.78 -39.28
N PRO D 2442 -79.52 13.08 -39.73
CA PRO D 2442 -79.31 11.78 -40.36
C PRO D 2442 -78.69 11.97 -41.72
N PRO D 2443 -78.03 10.93 -42.28
CA PRO D 2443 -77.34 11.13 -43.55
C PRO D 2443 -78.26 11.33 -44.72
N ARG D 2444 -78.34 12.57 -45.17
CA ARG D 2444 -79.06 12.97 -46.37
C ARG D 2444 -78.07 13.15 -47.50
N GLY D 2445 -78.59 13.19 -48.72
CA GLY D 2445 -77.74 13.23 -49.89
C GLY D 2445 -76.98 14.55 -50.03
N PHE D 2446 -76.06 14.55 -50.98
CA PHE D 2446 -75.26 15.74 -51.24
C PHE D 2446 -76.12 16.81 -51.90
N THR D 2447 -75.81 18.06 -51.60
CA THR D 2447 -76.45 19.17 -52.29
C THR D 2447 -75.40 19.89 -53.12
N PRO D 2448 -75.31 19.60 -54.41
CA PRO D 2448 -74.33 20.28 -55.26
C PRO D 2448 -74.85 21.65 -55.67
N ALA D 2449 -73.99 22.38 -56.37
CA ALA D 2449 -74.41 23.64 -56.97
C ALA D 2449 -75.38 23.37 -58.11
N PRO D 2450 -76.20 24.35 -58.48
CA PRO D 2450 -76.97 24.25 -59.70
C PRO D 2450 -76.05 24.18 -60.91
N PRO D 2451 -76.09 23.08 -61.66
CA PRO D 2451 -75.05 22.80 -62.64
C PRO D 2451 -75.13 23.75 -63.82
N PRO D 2452 -74.04 23.91 -64.58
CA PRO D 2452 -74.06 24.86 -65.70
C PRO D 2452 -74.89 24.37 -66.87
N GLN D 2453 -74.80 25.06 -68.00
CA GLN D 2453 -75.61 24.72 -69.15
C GLN D 2453 -74.73 24.73 -70.38
N TRP D 2454 -74.57 23.56 -70.99
CA TRP D 2454 -74.09 23.53 -72.36
C TRP D 2454 -74.77 22.40 -73.11
N ASP D 2455 -74.52 22.37 -74.41
CA ASP D 2455 -75.33 21.60 -75.34
C ASP D 2455 -74.97 20.12 -75.29
N ASP D 2456 -75.68 19.34 -76.08
CA ASP D 2456 -75.38 17.93 -76.21
C ASP D 2456 -74.05 17.75 -76.93
N LEU D 2457 -73.28 16.77 -76.50
CA LEU D 2457 -71.98 16.50 -77.08
C LEU D 2457 -72.08 15.36 -78.06
N ASP D 2458 -71.34 15.47 -79.17
CA ASP D 2458 -71.29 14.40 -80.14
C ASP D 2458 -70.31 13.30 -79.77
N VAL D 2459 -69.63 13.45 -78.64
CA VAL D 2459 -68.70 12.43 -78.18
C VAL D 2459 -69.48 11.27 -77.60
N ASP D 2460 -69.18 10.09 -78.05
CA ASP D 2460 -69.75 8.87 -77.51
C ASP D 2460 -69.12 8.59 -76.15
N PRO D 2461 -69.87 8.04 -75.19
CA PRO D 2461 -69.27 7.76 -73.88
C PRO D 2461 -68.33 6.57 -73.82
N ALA D 2462 -67.94 6.02 -74.97
CA ALA D 2462 -66.82 5.10 -75.01
C ALA D 2462 -65.48 5.81 -75.02
N ASP D 2463 -65.48 7.10 -75.34
CA ASP D 2463 -64.25 7.87 -75.46
C ASP D 2463 -64.11 8.88 -74.34
N LEU D 2464 -64.52 8.50 -73.14
CA LEU D 2464 -64.41 9.36 -71.97
C LEU D 2464 -63.79 8.59 -70.82
N VAL D 2465 -62.85 9.21 -70.15
CA VAL D 2465 -62.27 8.67 -68.93
C VAL D 2465 -62.76 9.53 -67.78
N VAL D 2466 -63.47 8.92 -66.84
CA VAL D 2466 -64.09 9.65 -65.76
C VAL D 2466 -63.44 9.23 -64.45
N ILE D 2467 -63.55 10.10 -63.45
CA ILE D 2467 -63.12 9.79 -62.10
C ILE D 2467 -64.35 9.40 -61.32
N VAL D 2468 -64.42 8.14 -60.90
CA VAL D 2468 -65.61 7.61 -60.27
C VAL D 2468 -65.50 7.63 -58.75
N GLY D 2469 -64.40 7.12 -58.22
CA GLY D 2469 -64.20 7.12 -56.80
C GLY D 2469 -63.13 8.09 -56.36
N GLY D 2470 -62.59 7.85 -55.19
CA GLY D 2470 -61.54 8.68 -54.67
C GLY D 2470 -61.62 8.82 -53.16
N ALA D 2471 -60.48 8.67 -52.50
CA ALA D 2471 -60.38 8.93 -51.08
C ALA D 2471 -58.94 9.23 -50.75
N GLU D 2472 -58.73 9.88 -49.62
CA GLU D 2472 -57.41 10.31 -49.23
C GLU D 2472 -57.24 10.10 -47.74
N ILE D 2473 -56.00 10.23 -47.30
CA ILE D 2473 -55.66 10.23 -45.89
C ILE D 2473 -54.47 11.14 -45.70
N GLY D 2474 -54.62 12.13 -44.84
CA GLY D 2474 -53.61 13.15 -44.68
C GLY D 2474 -53.70 13.80 -43.33
N PRO D 2475 -53.27 15.06 -43.24
CA PRO D 2475 -53.22 15.74 -41.94
C PRO D 2475 -54.57 16.02 -41.32
N TYR D 2476 -55.66 15.92 -42.08
CA TYR D 2476 -56.99 16.11 -41.53
C TYR D 2476 -57.81 14.83 -41.58
N GLY D 2477 -57.20 13.72 -41.96
CA GLY D 2477 -57.95 12.47 -42.06
C GLY D 2477 -58.55 12.32 -43.43
N SER D 2478 -59.84 12.03 -43.47
CA SER D 2478 -60.50 11.76 -44.73
C SER D 2478 -60.76 13.05 -45.50
N SER D 2479 -61.14 12.88 -46.77
CA SER D 2479 -61.34 14.02 -47.64
C SER D 2479 -62.55 14.83 -47.23
N ARG D 2480 -63.52 14.21 -46.57
CA ARG D 2480 -64.69 14.91 -46.09
C ARG D 2480 -64.31 15.94 -45.03
N THR D 2481 -63.59 15.52 -44.00
CA THR D 2481 -63.21 16.45 -42.94
C THR D 2481 -62.16 17.43 -43.43
N ARG D 2482 -61.30 17.01 -44.35
CA ARG D 2482 -60.31 17.93 -44.89
C ARG D 2482 -60.97 19.04 -45.68
N PHE D 2483 -61.98 18.72 -46.47
CA PHE D 2483 -62.65 19.76 -47.23
C PHE D 2483 -63.52 20.64 -46.34
N GLU D 2484 -64.09 20.07 -45.28
CA GLU D 2484 -64.91 20.88 -44.40
C GLU D 2484 -64.07 21.88 -43.62
N MET D 2485 -62.92 21.45 -43.10
CA MET D 2485 -62.02 22.38 -42.44
C MET D 2485 -61.38 23.32 -43.45
N GLU D 2486 -61.28 22.90 -44.72
CA GLU D 2486 -60.75 23.79 -45.74
C GLU D 2486 -61.68 24.94 -46.04
N VAL D 2487 -62.97 24.65 -46.16
CA VAL D 2487 -63.91 25.71 -46.52
C VAL D 2487 -64.30 26.51 -45.29
N GLU D 2488 -64.99 25.87 -44.34
CA GLU D 2488 -65.71 26.66 -43.35
C GLU D 2488 -64.95 26.79 -42.04
N ASN D 2489 -63.68 26.39 -42.00
CA ASN D 2489 -62.74 26.59 -40.89
C ASN D 2489 -63.20 25.90 -39.59
N GLU D 2490 -64.16 24.99 -39.68
CA GLU D 2490 -64.69 24.31 -38.50
C GLU D 2490 -65.39 23.06 -38.96
N LEU D 2491 -65.55 22.12 -38.04
CA LEU D 2491 -66.13 20.83 -38.36
C LEU D 2491 -67.62 20.83 -38.13
N SER D 2492 -68.29 19.99 -38.90
CA SER D 2492 -69.68 19.67 -38.64
C SER D 2492 -69.75 18.59 -37.57
N ALA D 2493 -70.96 18.25 -37.15
CA ALA D 2493 -71.13 17.24 -36.12
C ALA D 2493 -70.71 15.87 -36.63
N ALA D 2494 -70.96 15.61 -37.91
CA ALA D 2494 -70.54 14.34 -38.49
C ALA D 2494 -69.02 14.25 -38.59
N GLY D 2495 -68.36 15.37 -38.88
CA GLY D 2495 -66.92 15.37 -38.93
C GLY D 2495 -66.28 15.21 -37.56
N VAL D 2496 -66.90 15.80 -36.53
CA VAL D 2496 -66.43 15.61 -35.16
C VAL D 2496 -66.60 14.17 -34.74
N LEU D 2497 -67.74 13.57 -35.10
CA LEU D 2497 -67.98 12.17 -34.77
C LEU D 2497 -67.00 11.25 -35.49
N GLU D 2498 -66.69 11.54 -36.74
CA GLU D 2498 -65.75 10.73 -37.50
C GLU D 2498 -64.33 10.83 -36.94
N LEU D 2499 -63.88 12.04 -36.63
CA LEU D 2499 -62.51 12.15 -36.10
C LEU D 2499 -62.40 11.63 -34.68
N ALA D 2500 -63.44 11.77 -33.87
CA ALA D 2500 -63.39 11.22 -32.53
C ALA D 2500 -63.48 9.70 -32.53
N TRP D 2501 -64.19 9.14 -33.50
CA TRP D 2501 -64.18 7.69 -33.71
C TRP D 2501 -62.83 7.22 -34.17
N THR D 2502 -62.20 7.98 -35.05
CA THR D 2502 -60.98 7.51 -35.70
C THR D 2502 -59.78 7.63 -34.78
N THR D 2503 -59.69 8.70 -34.00
CA THR D 2503 -58.57 8.92 -33.11
C THR D 2503 -58.74 8.26 -31.75
N GLY D 2504 -59.72 7.38 -31.61
CA GLY D 2504 -59.83 6.59 -30.40
C GLY D 2504 -60.41 7.30 -29.21
N LEU D 2505 -60.97 8.49 -29.38
CA LEU D 2505 -61.59 9.16 -28.24
C LEU D 2505 -62.94 8.57 -27.88
N ILE D 2506 -63.56 7.82 -28.77
CA ILE D 2506 -64.93 7.34 -28.57
C ILE D 2506 -65.03 5.91 -29.09
N ARG D 2507 -65.60 5.03 -28.28
CA ARG D 2507 -65.95 3.69 -28.72
C ARG D 2507 -67.46 3.50 -28.66
N TRP D 2508 -67.93 2.50 -29.38
CA TRP D 2508 -69.32 2.05 -29.28
C TRP D 2508 -69.34 0.76 -28.48
N GLU D 2509 -70.02 0.79 -27.35
CA GLU D 2509 -70.26 -0.42 -26.59
C GLU D 2509 -71.75 -0.49 -26.27
N ASP D 2510 -72.20 -1.68 -25.93
CA ASP D 2510 -73.61 -1.88 -25.66
C ASP D 2510 -73.89 -2.74 -24.43
N ASP D 2511 -72.90 -3.00 -23.60
CA ASP D 2511 -73.12 -3.88 -22.46
C ASP D 2511 -73.89 -3.19 -21.33
N PRO D 2512 -73.55 -1.97 -20.88
CA PRO D 2512 -74.50 -1.33 -19.96
C PRO D 2512 -75.73 -0.82 -20.67
N GLN D 2513 -75.54 -0.23 -21.84
CA GLN D 2513 -76.55 0.44 -22.63
C GLN D 2513 -75.91 0.72 -23.99
N PRO D 2514 -76.61 0.54 -25.10
CA PRO D 2514 -76.02 0.84 -26.40
C PRO D 2514 -75.88 2.34 -26.60
N GLY D 2515 -74.68 2.76 -26.93
CA GLY D 2515 -74.36 4.18 -27.06
C GLY D 2515 -72.87 4.33 -27.19
N TRP D 2516 -72.46 5.54 -27.54
CA TRP D 2516 -71.03 5.83 -27.60
C TRP D 2516 -70.50 6.08 -26.21
N TYR D 2517 -69.36 5.50 -25.88
CA TYR D 2517 -68.73 5.71 -24.60
C TYR D 2517 -67.41 6.44 -24.78
N ASP D 2518 -67.01 7.17 -23.74
CA ASP D 2518 -65.70 7.78 -23.70
C ASP D 2518 -64.64 6.70 -23.52
N THR D 2519 -63.44 6.99 -24.01
CA THR D 2519 -62.37 6.00 -23.92
C THR D 2519 -61.78 5.96 -22.51
N GLU D 2520 -61.30 7.10 -22.03
CA GLU D 2520 -60.57 7.09 -20.77
C GLU D 2520 -61.49 7.01 -19.56
N SER D 2521 -62.70 7.56 -19.64
CA SER D 2521 -63.56 7.62 -18.48
C SER D 2521 -64.82 6.77 -18.59
N GLY D 2522 -65.30 6.49 -19.80
CA GLY D 2522 -66.37 5.53 -19.98
C GLY D 2522 -67.74 5.97 -19.52
N GLU D 2523 -68.36 6.92 -20.21
CA GLU D 2523 -69.70 7.37 -19.89
C GLU D 2523 -70.53 7.47 -21.14
N MET D 2524 -71.85 7.38 -20.96
CA MET D 2524 -72.80 7.60 -22.04
C MET D 2524 -72.75 9.07 -22.44
N VAL D 2525 -72.14 9.35 -23.57
CA VAL D 2525 -72.12 10.71 -24.09
C VAL D 2525 -73.46 11.00 -24.75
N ASP D 2526 -73.85 12.26 -24.73
CA ASP D 2526 -75.05 12.68 -25.44
C ASP D 2526 -74.68 13.17 -26.82
N GLU D 2527 -75.55 12.90 -27.79
CA GLU D 2527 -75.33 13.37 -29.15
C GLU D 2527 -75.44 14.89 -29.23
N SER D 2528 -76.18 15.52 -28.32
CA SER D 2528 -76.26 16.97 -28.31
C SER D 2528 -74.98 17.63 -27.82
N GLU D 2529 -74.14 16.88 -27.12
CA GLU D 2529 -72.95 17.43 -26.49
C GLU D 2529 -71.66 17.13 -27.25
N LEU D 2530 -71.76 16.51 -28.44
CA LEU D 2530 -70.58 15.99 -29.13
C LEU D 2530 -69.63 17.08 -29.55
N VAL D 2531 -70.14 18.10 -30.25
CA VAL D 2531 -69.27 19.15 -30.74
C VAL D 2531 -68.75 19.98 -29.58
N GLN D 2532 -69.64 20.34 -28.66
CA GLN D 2532 -69.26 21.22 -27.56
C GLN D 2532 -68.38 20.54 -26.53
N ARG D 2533 -68.24 19.21 -26.57
CA ARG D 2533 -67.30 18.55 -25.70
C ARG D 2533 -66.10 17.94 -26.41
N TYR D 2534 -66.11 17.86 -27.74
CA TYR D 2534 -65.03 17.18 -28.44
C TYR D 2534 -64.45 17.97 -29.60
N HIS D 2535 -64.86 19.22 -29.79
CA HIS D 2535 -64.33 19.98 -30.91
C HIS D 2535 -62.88 20.39 -30.67
N ASP D 2536 -62.59 20.90 -29.48
CA ASP D 2536 -61.27 21.42 -29.19
C ASP D 2536 -60.22 20.32 -29.12
N ALA D 2537 -60.62 19.13 -28.68
CA ALA D 2537 -59.67 18.01 -28.60
C ALA D 2537 -59.24 17.57 -29.99
N VAL D 2538 -60.18 17.44 -30.93
CA VAL D 2538 -59.78 16.99 -32.26
C VAL D 2538 -59.09 18.12 -33.02
N VAL D 2539 -59.41 19.38 -32.72
CA VAL D 2539 -58.67 20.47 -33.34
C VAL D 2539 -57.23 20.51 -32.84
N GLN D 2540 -57.01 20.13 -31.57
CA GLN D 2540 -55.63 19.98 -31.09
C GLN D 2540 -54.94 18.80 -31.75
N ARG D 2541 -55.63 17.69 -31.92
CA ARG D 2541 -54.98 16.49 -32.43
C ARG D 2541 -54.79 16.51 -33.94
N VAL D 2542 -55.44 17.40 -34.66
CA VAL D 2542 -55.51 17.35 -36.11
C VAL D 2542 -55.02 18.66 -36.69
N GLY D 2543 -54.02 18.59 -37.57
CA GLY D 2543 -53.54 19.77 -38.26
C GLY D 2543 -52.04 19.81 -38.40
N ILE D 2544 -51.56 20.87 -39.04
CA ILE D 2544 -50.13 21.17 -39.06
C ILE D 2544 -49.70 21.57 -37.67
N ARG D 2545 -48.73 20.86 -37.12
CA ARG D 2545 -48.41 20.97 -35.70
C ARG D 2545 -47.01 20.44 -35.47
N GLU D 2546 -46.58 20.49 -34.22
CA GLU D 2546 -45.25 20.04 -33.84
C GLU D 2546 -45.18 18.52 -33.92
N PHE D 2547 -44.00 18.01 -34.29
CA PHE D 2547 -43.74 16.58 -34.41
C PHE D 2547 -43.98 15.86 -33.09
N VAL D 2548 -44.94 14.95 -33.07
CA VAL D 2548 -45.25 14.14 -31.91
C VAL D 2548 -44.93 12.70 -32.26
N ASP D 2549 -44.16 12.04 -31.40
CA ASP D 2549 -43.69 10.69 -31.68
C ASP D 2549 -44.83 9.69 -31.48
N ASP D 2550 -45.00 8.80 -32.45
CA ASP D 2550 -46.01 7.75 -32.41
C ASP D 2550 -45.39 6.42 -32.80
N GLY D 2551 -44.24 6.11 -32.22
CA GLY D 2551 -43.57 4.86 -32.49
C GLY D 2551 -43.34 4.04 -31.24
N ALA D 2552 -43.60 4.67 -30.07
CA ALA D 2552 -43.47 4.07 -28.74
C ALA D 2552 -42.06 3.54 -28.46
N ILE D 2553 -41.05 4.20 -29.02
CA ILE D 2553 -39.66 3.83 -28.87
C ILE D 2553 -38.89 5.02 -28.32
N ASP D 2554 -37.58 4.83 -28.15
CA ASP D 2554 -36.72 5.92 -27.69
C ASP D 2554 -36.31 6.79 -28.88
N PRO D 2555 -36.31 8.12 -28.71
CA PRO D 2555 -35.86 9.01 -29.79
C PRO D 2555 -34.35 9.16 -29.90
N ASP D 2556 -33.57 8.42 -29.11
CA ASP D 2556 -32.11 8.55 -29.05
C ASP D 2556 -31.41 7.42 -29.79
N HIS D 2557 -31.92 7.03 -30.95
CA HIS D 2557 -31.30 5.98 -31.75
C HIS D 2557 -30.85 6.42 -33.14
N ALA D 2558 -31.52 7.40 -33.75
CA ALA D 2558 -31.27 7.76 -35.14
C ALA D 2558 -30.94 9.24 -35.24
N SER D 2559 -29.64 9.57 -35.15
CA SER D 2559 -29.15 10.92 -35.37
C SER D 2559 -27.66 10.83 -35.67
N PRO D 2560 -27.15 11.57 -36.66
CA PRO D 2560 -25.71 11.55 -36.94
C PRO D 2560 -24.92 12.33 -35.89
N LEU D 2561 -23.85 11.72 -35.39
CA LEU D 2561 -23.02 12.36 -34.39
C LEU D 2561 -21.62 11.74 -34.44
N LEU D 2562 -20.61 12.54 -34.12
CA LEU D 2562 -19.22 12.16 -34.24
C LEU D 2562 -18.66 11.83 -32.87
N VAL D 2563 -18.18 10.60 -32.70
CA VAL D 2563 -17.40 10.20 -31.53
C VAL D 2563 -16.16 9.45 -31.99
N SER D 2564 -15.02 9.78 -31.38
CA SER D 2564 -13.77 9.08 -31.63
C SER D 2564 -12.94 9.16 -30.36
N VAL D 2565 -13.02 8.13 -29.53
CA VAL D 2565 -12.21 8.03 -28.33
C VAL D 2565 -11.36 6.76 -28.47
N PHE D 2566 -10.16 6.79 -27.87
CA PHE D 2566 -9.24 5.67 -27.94
C PHE D 2566 -9.03 5.11 -26.53
N LEU D 2567 -9.09 3.79 -26.41
CA LEU D 2567 -9.21 3.13 -25.13
C LEU D 2567 -8.05 2.17 -24.94
N GLU D 2568 -7.46 2.18 -23.74
CA GLU D 2568 -6.23 1.45 -23.46
C GLU D 2568 -6.38 0.54 -22.24
N LYS D 2569 -7.61 0.24 -21.84
CA LYS D 2569 -7.88 -0.21 -20.49
C LYS D 2569 -8.61 -1.56 -20.42
N ASP D 2570 -9.09 -1.89 -19.23
CA ASP D 2570 -9.64 -3.20 -18.92
C ASP D 2570 -10.99 -3.40 -19.61
N PHE D 2571 -11.24 -4.64 -20.01
CA PHE D 2571 -12.47 -5.04 -20.68
C PHE D 2571 -13.20 -6.05 -19.80
N ALA D 2572 -14.24 -5.59 -19.10
CA ALA D 2572 -15.06 -6.49 -18.30
C ALA D 2572 -16.13 -7.13 -19.18
N PHE D 2573 -16.35 -8.44 -19.00
CA PHE D 2573 -17.11 -9.20 -19.98
C PHE D 2573 -18.28 -9.99 -19.42
N VAL D 2574 -18.86 -10.82 -20.29
CA VAL D 2574 -20.08 -11.58 -20.03
C VAL D 2574 -19.74 -13.06 -20.28
N VAL D 2575 -20.61 -13.93 -19.79
CA VAL D 2575 -20.43 -15.37 -19.95
C VAL D 2575 -20.74 -15.73 -21.39
N SER D 2576 -19.69 -15.98 -22.18
CA SER D 2576 -19.82 -16.50 -23.53
C SER D 2576 -19.13 -17.86 -23.60
N SER D 2577 -19.34 -18.56 -24.71
CA SER D 2577 -18.66 -19.82 -24.91
C SER D 2577 -17.23 -19.57 -25.37
N GLU D 2578 -16.44 -20.64 -25.37
CA GLU D 2578 -15.08 -20.55 -25.90
C GLU D 2578 -15.09 -20.28 -27.40
N ALA D 2579 -16.04 -20.89 -28.12
CA ALA D 2579 -16.15 -20.66 -29.55
C ALA D 2579 -16.64 -19.25 -29.86
N ASP D 2580 -17.57 -18.73 -29.06
CA ASP D 2580 -18.03 -17.36 -29.26
C ASP D 2580 -16.95 -16.35 -28.92
N ALA D 2581 -16.16 -16.64 -27.87
CA ALA D 2581 -15.02 -15.80 -27.54
C ALA D 2581 -13.97 -15.83 -28.64
N ARG D 2582 -13.71 -17.01 -29.21
CA ARG D 2582 -12.76 -17.12 -30.31
C ARG D 2582 -13.26 -16.38 -31.56
N ALA D 2583 -14.56 -16.49 -31.86
CA ALA D 2583 -15.12 -15.76 -32.99
C ALA D 2583 -15.14 -14.25 -32.76
N PHE D 2584 -15.21 -13.82 -31.50
CA PHE D 2584 -15.06 -12.40 -31.20
C PHE D 2584 -13.62 -11.94 -31.43
N VAL D 2585 -12.65 -12.75 -31.00
CA VAL D 2585 -11.24 -12.36 -31.07
C VAL D 2585 -10.60 -12.78 -32.40
N GLU D 2586 -11.40 -13.27 -33.36
CA GLU D 2586 -10.89 -13.53 -34.72
C GLU D 2586 -10.30 -12.29 -35.38
N PHE D 2587 -10.98 -11.14 -35.28
CA PHE D 2587 -10.41 -9.91 -35.82
C PHE D 2587 -9.37 -9.31 -34.90
N ASP D 2588 -9.40 -9.64 -33.62
CA ASP D 2588 -8.57 -8.99 -32.62
C ASP D 2588 -7.07 -9.31 -32.55
N PRO D 2589 -6.57 -10.54 -32.82
CA PRO D 2589 -5.43 -11.05 -32.03
C PRO D 2589 -4.09 -10.37 -32.28
N GLU D 2590 -4.01 -9.45 -33.24
CA GLU D 2590 -2.79 -8.68 -33.44
C GLU D 2590 -2.78 -7.36 -32.66
N HIS D 2591 -3.91 -6.95 -32.08
CA HIS D 2591 -3.99 -5.71 -31.33
C HIS D 2591 -4.35 -5.94 -29.87
N THR D 2592 -4.11 -7.13 -29.33
CA THR D 2592 -4.68 -7.43 -28.02
C THR D 2592 -3.88 -8.52 -27.30
N VAL D 2593 -4.35 -8.81 -26.08
CA VAL D 2593 -3.90 -9.92 -25.26
C VAL D 2593 -5.13 -10.74 -24.88
N ILE D 2594 -5.01 -12.07 -24.96
CA ILE D 2594 -6.09 -13.00 -24.64
C ILE D 2594 -5.81 -13.63 -23.29
N ARG D 2595 -6.82 -13.63 -22.41
CA ARG D 2595 -6.67 -14.37 -21.14
C ARG D 2595 -7.90 -15.23 -20.88
N PRO D 2596 -7.73 -16.54 -20.70
CA PRO D 2596 -8.88 -17.40 -20.44
C PRO D 2596 -9.38 -17.28 -19.00
N VAL D 2597 -10.70 -17.32 -18.86
CA VAL D 2597 -11.35 -17.35 -17.56
C VAL D 2597 -12.19 -18.62 -17.48
N PRO D 2598 -11.75 -19.62 -16.71
CA PRO D 2598 -12.57 -20.84 -16.55
C PRO D 2598 -13.78 -20.64 -15.66
N ASP D 2599 -13.77 -19.65 -14.78
CA ASP D 2599 -14.92 -19.41 -13.91
C ASP D 2599 -16.12 -18.90 -14.69
N SER D 2600 -15.88 -18.19 -15.79
CA SER D 2600 -16.93 -17.78 -16.71
C SER D 2600 -16.93 -18.62 -17.99
N THR D 2601 -16.00 -19.58 -18.11
CA THR D 2601 -15.85 -20.49 -19.26
C THR D 2601 -15.73 -19.72 -20.58
N ASP D 2602 -14.86 -18.71 -20.58
CA ASP D 2602 -14.70 -17.88 -21.76
C ASP D 2602 -13.26 -17.42 -21.86
N TRP D 2603 -13.02 -16.47 -22.76
CA TRP D 2603 -11.78 -15.71 -22.80
C TRP D 2603 -12.09 -14.25 -22.51
N GLN D 2604 -11.02 -13.47 -22.38
CA GLN D 2604 -11.11 -12.03 -22.23
C GLN D 2604 -10.10 -11.40 -23.17
N VAL D 2605 -10.58 -10.56 -24.07
CA VAL D 2605 -9.74 -9.77 -24.94
C VAL D 2605 -9.40 -8.49 -24.17
N ILE D 2606 -8.16 -8.01 -24.31
CA ILE D 2606 -7.75 -6.73 -23.73
C ILE D 2606 -6.92 -6.02 -24.79
N ARG D 2607 -7.42 -4.91 -25.31
CA ARG D 2607 -6.81 -4.31 -26.47
C ARG D 2607 -5.95 -3.11 -26.07
N LYS D 2608 -4.88 -2.90 -26.84
CA LYS D 2608 -3.86 -1.89 -26.53
C LYS D 2608 -4.27 -0.51 -26.98
N ALA D 2609 -3.30 0.41 -27.02
CA ALA D 2609 -3.53 1.76 -27.51
C ALA D 2609 -3.84 1.75 -29.00
N GLY D 2610 -4.48 2.83 -29.46
CA GLY D 2610 -4.99 2.92 -30.80
C GLY D 2610 -6.35 2.27 -30.99
N THR D 2611 -6.82 1.51 -30.01
CA THR D 2611 -8.13 0.85 -30.08
C THR D 2611 -9.22 1.88 -29.81
N GLU D 2612 -10.06 2.11 -30.80
CA GLU D 2612 -11.21 2.98 -30.65
C GLU D 2612 -12.46 2.14 -30.43
N ILE D 2613 -13.37 2.66 -29.61
CA ILE D 2613 -14.66 2.04 -29.41
C ILE D 2613 -15.74 3.04 -29.78
N ARG D 2614 -16.79 2.55 -30.44
CA ARG D 2614 -17.92 3.40 -30.77
C ARG D 2614 -18.69 3.73 -29.50
N VAL D 2615 -18.82 5.01 -29.20
CA VAL D 2615 -19.56 5.44 -28.02
C VAL D 2615 -20.72 6.33 -28.48
N PRO D 2616 -21.83 5.73 -28.92
CA PRO D 2616 -22.86 6.50 -29.65
C PRO D 2616 -23.65 7.46 -28.77
N ARG D 2617 -23.33 8.74 -28.89
CA ARG D 2617 -24.18 9.78 -28.34
C ARG D 2617 -25.15 10.20 -29.43
N LYS D 2618 -26.42 10.33 -29.07
CA LYS D 2618 -27.45 10.65 -30.04
C LYS D 2618 -28.05 12.01 -29.68
N THR D 2619 -27.82 12.99 -30.56
CA THR D 2619 -28.28 14.35 -30.33
C THR D 2619 -29.80 14.46 -30.52
N LYS D 2620 -30.30 15.67 -30.32
CA LYS D 2620 -31.74 15.92 -30.42
C LYS D 2620 -31.95 17.33 -30.95
N LEU D 2621 -32.34 17.44 -32.21
CA LEU D 2621 -32.88 18.70 -32.74
C LEU D 2621 -34.38 18.67 -32.50
N SER D 2622 -34.84 19.57 -31.64
CA SER D 2622 -36.23 19.55 -31.21
C SER D 2622 -37.09 20.49 -32.03
N ARG D 2623 -38.40 20.30 -31.90
CA ARG D 2623 -39.45 21.13 -32.49
C ARG D 2623 -39.32 21.18 -34.01
N VAL D 2624 -39.57 20.04 -34.61
CA VAL D 2624 -39.86 19.96 -36.04
C VAL D 2624 -41.37 20.12 -36.20
N VAL D 2625 -41.77 21.00 -37.09
CA VAL D 2625 -43.20 21.17 -37.37
C VAL D 2625 -43.51 20.42 -38.64
N GLY D 2626 -44.67 19.77 -38.67
CA GLY D 2626 -45.00 18.95 -39.81
C GLY D 2626 -46.48 18.72 -39.98
N GLY D 2627 -46.84 17.84 -40.89
CA GLY D 2627 -48.21 17.59 -41.29
C GLY D 2627 -48.66 16.18 -41.01
N GLN D 2628 -48.41 15.67 -39.81
CA GLN D 2628 -48.66 14.27 -39.49
C GLN D 2628 -50.14 13.88 -39.65
N ILE D 2629 -50.33 12.57 -39.72
CA ILE D 2629 -51.61 11.86 -39.56
C ILE D 2629 -52.17 12.23 -38.18
N PRO D 2630 -53.48 12.28 -37.99
CA PRO D 2630 -54.04 12.56 -36.66
C PRO D 2630 -53.52 11.65 -35.55
N THR D 2631 -53.15 12.28 -34.43
CA THR D 2631 -52.49 11.58 -33.34
C THR D 2631 -53.45 10.61 -32.68
N GLY D 2632 -53.05 9.34 -32.64
CA GLY D 2632 -53.94 8.30 -32.21
C GLY D 2632 -54.75 7.70 -33.33
N PHE D 2633 -54.27 7.79 -34.57
CA PHE D 2633 -54.94 7.14 -35.68
C PHE D 2633 -54.84 5.64 -35.52
N ASP D 2634 -55.97 4.99 -35.27
CA ASP D 2634 -56.03 3.54 -35.08
C ASP D 2634 -56.69 2.95 -36.31
N PRO D 2635 -55.93 2.38 -37.24
CA PRO D 2635 -56.55 1.78 -38.42
C PRO D 2635 -57.27 0.48 -38.17
N THR D 2636 -57.20 -0.06 -36.94
CA THR D 2636 -57.93 -1.27 -36.64
C THR D 2636 -59.42 -1.01 -36.50
N VAL D 2637 -59.81 0.25 -36.28
CA VAL D 2637 -61.22 0.56 -36.07
C VAL D 2637 -61.97 0.48 -37.39
N TRP D 2638 -61.26 0.63 -38.51
CA TRP D 2638 -61.85 0.34 -39.81
C TRP D 2638 -62.21 -1.12 -39.94
N GLY D 2639 -61.31 -2.02 -39.52
CA GLY D 2639 -61.56 -3.44 -39.67
C GLY D 2639 -60.30 -4.23 -39.94
N ILE D 2640 -59.19 -3.53 -40.16
CA ILE D 2640 -57.90 -4.20 -40.35
C ILE D 2640 -57.45 -4.83 -39.05
N SER D 2641 -57.08 -6.11 -39.11
CA SER D 2641 -56.76 -6.86 -37.90
C SER D 2641 -55.41 -6.43 -37.33
N ALA D 2642 -55.19 -6.81 -36.06
CA ALA D 2642 -54.04 -6.33 -35.31
C ALA D 2642 -52.75 -6.97 -35.80
N ASP D 2643 -52.79 -8.25 -36.18
CA ASP D 2643 -51.61 -8.89 -36.74
C ASP D 2643 -51.26 -8.34 -38.11
N MET D 2644 -52.28 -7.97 -38.89
CA MET D 2644 -52.07 -7.27 -40.15
C MET D 2644 -51.36 -5.94 -39.92
N ALA D 2645 -51.84 -5.17 -38.93
CA ALA D 2645 -51.23 -3.89 -38.61
C ALA D 2645 -49.82 -4.05 -38.05
N GLY D 2646 -49.55 -5.15 -37.35
CA GLY D 2646 -48.23 -5.35 -36.77
C GLY D 2646 -47.20 -5.79 -37.80
N SER D 2647 -47.56 -6.78 -38.63
CA SER D 2647 -46.60 -7.33 -39.58
C SER D 2647 -46.41 -6.42 -40.78
N ILE D 2648 -47.51 -5.94 -41.36
CA ILE D 2648 -47.45 -5.23 -42.63
C ILE D 2648 -46.99 -3.79 -42.38
N ASP D 2649 -46.28 -3.22 -43.35
CA ASP D 2649 -45.83 -1.83 -43.27
C ASP D 2649 -47.01 -0.87 -43.22
N ARG D 2650 -46.82 0.24 -42.52
CA ARG D 2650 -47.91 1.16 -42.28
C ARG D 2650 -48.31 1.94 -43.52
N LEU D 2651 -47.42 2.05 -44.52
CA LEU D 2651 -47.84 2.60 -45.81
C LEU D 2651 -48.86 1.68 -46.47
N ALA D 2652 -48.65 0.38 -46.39
CA ALA D 2652 -49.63 -0.54 -46.94
C ALA D 2652 -50.90 -0.57 -46.10
N VAL D 2653 -50.77 -0.34 -44.80
CA VAL D 2653 -51.96 -0.22 -43.95
C VAL D 2653 -52.80 0.98 -44.38
N TRP D 2654 -52.15 2.13 -44.57
CA TRP D 2654 -52.83 3.33 -45.01
C TRP D 2654 -53.42 3.15 -46.40
N ASN D 2655 -52.74 2.39 -47.26
CA ASN D 2655 -53.26 2.15 -48.59
C ASN D 2655 -54.52 1.31 -48.55
N MET D 2656 -54.57 0.31 -47.66
CA MET D 2656 -55.78 -0.48 -47.49
C MET D 2656 -56.92 0.38 -46.98
N VAL D 2657 -56.61 1.30 -46.04
CA VAL D 2657 -57.63 2.19 -45.49
C VAL D 2657 -58.19 3.11 -46.57
N ALA D 2658 -57.30 3.70 -47.37
CA ALA D 2658 -57.73 4.64 -48.42
C ALA D 2658 -58.52 3.93 -49.51
N THR D 2659 -58.12 2.71 -49.86
CA THR D 2659 -58.81 2.00 -50.93
C THR D 2659 -60.21 1.56 -50.51
N VAL D 2660 -60.34 1.04 -49.29
CA VAL D 2660 -61.67 0.64 -48.84
C VAL D 2660 -62.55 1.88 -48.61
N ASP D 2661 -61.92 3.01 -48.27
CA ASP D 2661 -62.66 4.27 -48.16
C ASP D 2661 -63.20 4.72 -49.51
N ALA D 2662 -62.39 4.60 -50.57
CA ALA D 2662 -62.82 5.05 -51.90
C ALA D 2662 -63.96 4.19 -52.43
N PHE D 2663 -63.83 2.86 -52.29
CA PHE D 2663 -64.87 1.97 -52.78
C PHE D 2663 -66.16 2.12 -51.99
N LEU D 2664 -66.07 2.22 -50.67
CA LEU D 2664 -67.30 2.33 -49.90
C LEU D 2664 -67.78 3.77 -49.76
N SER D 2665 -67.09 4.73 -50.34
CA SER D 2665 -67.64 6.07 -50.46
C SER D 2665 -68.34 6.28 -51.78
N SER D 2666 -67.89 5.62 -52.85
CA SER D 2666 -68.67 5.66 -54.07
C SER D 2666 -69.63 4.50 -54.19
N GLY D 2667 -69.70 3.63 -53.20
CA GLY D 2667 -70.72 2.60 -53.19
C GLY D 2667 -70.43 1.43 -54.11
N PHE D 2668 -69.24 0.85 -54.01
CA PHE D 2668 -68.96 -0.36 -54.76
C PHE D 2668 -68.77 -1.52 -53.81
N SER D 2669 -68.45 -2.66 -54.41
CA SER D 2669 -67.46 -3.61 -53.98
C SER D 2669 -66.73 -3.92 -55.27
N PRO D 2670 -65.50 -4.44 -55.21
CA PRO D 2670 -64.89 -4.96 -56.44
C PRO D 2670 -65.61 -6.19 -56.99
N ALA D 2671 -66.46 -6.84 -56.18
CA ALA D 2671 -67.25 -7.97 -56.65
C ALA D 2671 -68.21 -7.58 -57.74
N GLU D 2672 -68.82 -6.38 -57.66
CA GLU D 2672 -69.72 -5.95 -58.72
C GLU D 2672 -68.96 -5.65 -60.01
N VAL D 2673 -67.74 -5.13 -59.89
CA VAL D 2673 -66.89 -4.92 -61.04
C VAL D 2673 -66.54 -6.25 -61.68
N MET D 2674 -66.29 -7.27 -60.86
CA MET D 2674 -66.02 -8.59 -61.40
C MET D 2674 -67.26 -9.22 -62.01
N ARG D 2675 -68.45 -8.83 -61.55
CA ARG D 2675 -69.67 -9.28 -62.21
C ARG D 2675 -69.79 -8.67 -63.60
N TYR D 2676 -69.42 -7.42 -63.76
CA TYR D 2676 -69.72 -6.76 -65.01
C TYR D 2676 -68.59 -6.79 -66.04
N VAL D 2677 -67.33 -6.93 -65.62
CA VAL D 2677 -66.22 -7.11 -66.56
C VAL D 2677 -65.33 -8.25 -66.07
N HIS D 2678 -64.46 -8.69 -66.97
CA HIS D 2678 -63.50 -9.76 -66.76
C HIS D 2678 -62.34 -9.26 -65.90
N PRO D 2679 -61.76 -10.10 -65.03
CA PRO D 2679 -60.72 -9.63 -64.11
C PRO D 2679 -59.40 -9.23 -64.75
N SER D 2680 -59.21 -9.40 -66.05
CA SER D 2680 -57.99 -8.92 -66.67
C SER D 2680 -58.14 -7.51 -67.22
N LEU D 2681 -59.31 -6.91 -67.07
CA LEU D 2681 -59.54 -5.54 -67.51
C LEU D 2681 -59.56 -4.57 -66.34
N VAL D 2682 -59.18 -5.01 -65.15
CA VAL D 2682 -59.05 -4.16 -63.98
C VAL D 2682 -57.59 -4.13 -63.61
N ALA D 2683 -57.03 -2.94 -63.44
CA ALA D 2683 -55.62 -2.79 -63.14
C ALA D 2683 -55.44 -2.18 -61.76
N ASN D 2684 -54.18 -1.91 -61.42
CA ASN D 2684 -53.83 -1.24 -60.17
C ASN D 2684 -52.46 -0.61 -60.38
N THR D 2685 -52.41 0.71 -60.48
CA THR D 2685 -51.16 1.38 -60.77
C THR D 2685 -50.73 2.28 -59.63
N GLN D 2686 -50.97 1.86 -58.40
CA GLN D 2686 -50.60 2.67 -57.24
C GLN D 2686 -49.10 2.60 -57.05
N GLY D 2687 -48.40 3.59 -57.60
CA GLY D 2687 -46.97 3.69 -57.39
C GLY D 2687 -46.65 4.46 -56.13
N THR D 2688 -46.33 3.75 -55.06
CA THR D 2688 -45.98 4.40 -53.80
C THR D 2688 -44.63 5.10 -53.94
N GLY D 2689 -44.51 6.26 -53.29
CA GLY D 2689 -43.49 7.25 -53.59
C GLY D 2689 -42.05 6.82 -53.43
N MET D 2690 -41.63 6.57 -52.19
CA MET D 2690 -40.29 6.04 -51.95
C MET D 2690 -40.34 4.57 -51.61
N GLY D 2691 -41.21 4.19 -50.68
CA GLY D 2691 -41.43 2.80 -50.33
C GLY D 2691 -40.71 2.43 -49.06
N GLY D 2692 -41.43 2.51 -47.94
CA GLY D 2692 -40.96 2.15 -46.61
C GLY D 2692 -39.63 2.73 -46.15
N GLY D 2693 -39.53 4.06 -46.02
CA GLY D 2693 -38.36 4.62 -45.36
C GLY D 2693 -38.32 4.26 -43.89
N THR D 2694 -39.46 4.38 -43.21
CA THR D 2694 -39.59 3.92 -41.84
C THR D 2694 -39.38 2.41 -41.74
N SER D 2695 -39.84 1.67 -42.75
CA SER D 2695 -39.67 0.22 -42.74
C SER D 2695 -38.21 -0.17 -42.90
N MET D 2696 -37.48 0.54 -43.76
CA MET D 2696 -36.07 0.21 -43.97
C MET D 2696 -35.21 0.60 -42.78
N GLN D 2697 -35.47 1.77 -42.16
CA GLN D 2697 -34.72 2.11 -40.96
C GLN D 2697 -35.12 1.23 -39.79
N THR D 2698 -36.36 0.70 -39.80
CA THR D 2698 -36.78 -0.27 -38.80
C THR D 2698 -36.05 -1.59 -38.98
N MET D 2699 -35.88 -2.03 -40.24
CA MET D 2699 -35.07 -3.22 -40.53
C MET D 2699 -33.64 -3.06 -40.04
N TYR D 2700 -33.01 -1.91 -40.32
CA TYR D 2700 -31.61 -1.77 -39.96
C TYR D 2700 -31.43 -1.58 -38.45
N HIS D 2701 -32.37 -0.90 -37.79
CA HIS D 2701 -32.28 -0.76 -36.34
C HIS D 2701 -32.56 -2.08 -35.62
N GLY D 2702 -33.47 -2.91 -36.16
CA GLY D 2702 -33.64 -4.25 -35.63
C GLY D 2702 -32.42 -5.12 -35.87
N ASN D 2703 -31.75 -4.92 -37.00
CA ASN D 2703 -30.53 -5.66 -37.29
C ASN D 2703 -29.39 -5.27 -36.34
N LEU D 2704 -29.27 -3.99 -36.01
CA LEU D 2704 -28.24 -3.59 -35.04
C LEU D 2704 -28.60 -4.03 -33.63
N LEU D 2705 -29.79 -3.67 -33.14
CA LEU D 2705 -30.16 -3.92 -31.76
C LEU D 2705 -30.53 -5.38 -31.48
N GLY D 2706 -30.63 -6.22 -32.51
CA GLY D 2706 -30.97 -7.61 -32.27
C GLY D 2706 -32.44 -7.87 -32.08
N ARG D 2707 -33.30 -6.94 -32.45
CA ARG D 2707 -34.74 -7.18 -32.42
C ARG D 2707 -35.11 -8.26 -33.42
N ASN D 2708 -36.00 -9.16 -33.02
CA ASN D 2708 -36.38 -10.30 -33.86
C ASN D 2708 -37.31 -9.83 -34.98
N LYS D 2709 -36.70 -9.18 -35.97
CA LYS D 2709 -37.43 -8.79 -37.16
C LYS D 2709 -37.75 -10.03 -38.00
N PRO D 2710 -38.84 -10.02 -38.77
CA PRO D 2710 -39.13 -11.16 -39.63
C PRO D 2710 -38.10 -11.31 -40.73
N ASN D 2711 -37.87 -12.56 -41.13
CA ASN D 2711 -36.82 -12.89 -42.08
C ASN D 2711 -37.31 -12.82 -43.53
N ASP D 2712 -38.45 -12.18 -43.78
CA ASP D 2712 -38.96 -11.95 -45.12
C ASP D 2712 -39.28 -10.48 -45.35
N ILE D 2713 -38.95 -9.60 -44.41
CA ILE D 2713 -39.25 -8.18 -44.59
C ILE D 2713 -38.31 -7.55 -45.62
N PHE D 2714 -37.13 -8.15 -45.84
CA PHE D 2714 -36.27 -7.72 -46.94
C PHE D 2714 -36.88 -8.07 -48.29
N GLN D 2715 -37.62 -9.17 -48.35
CA GLN D 2715 -38.39 -9.49 -49.54
C GLN D 2715 -39.55 -8.51 -49.72
N GLU D 2716 -40.47 -8.47 -48.75
CA GLU D 2716 -41.70 -7.71 -48.86
C GLU D 2716 -41.59 -6.29 -48.32
N VAL D 2717 -40.41 -5.66 -48.41
CA VAL D 2717 -40.26 -4.25 -48.12
C VAL D 2717 -40.39 -3.39 -49.38
N LEU D 2718 -40.50 -4.01 -50.54
CA LEU D 2718 -40.40 -3.30 -51.81
C LEU D 2718 -41.65 -2.45 -52.07
N PRO D 2719 -41.51 -1.35 -52.84
CA PRO D 2719 -42.65 -0.44 -53.03
C PRO D 2719 -43.78 -1.01 -53.88
N ASN D 2720 -43.48 -1.89 -54.84
CA ASN D 2720 -44.55 -2.56 -55.58
C ASN D 2720 -45.36 -3.48 -54.68
N ILE D 2721 -44.73 -4.03 -53.64
CA ILE D 2721 -45.36 -5.05 -52.80
C ILE D 2721 -46.47 -4.44 -51.93
N ILE D 2722 -46.51 -3.12 -51.76
CA ILE D 2722 -47.63 -2.46 -51.09
C ILE D 2722 -48.93 -2.69 -51.86
N ALA D 2723 -48.98 -2.26 -53.12
CA ALA D 2723 -50.18 -2.53 -53.90
C ALA D 2723 -50.27 -3.98 -54.35
N ALA D 2724 -49.18 -4.74 -54.24
CA ALA D 2724 -49.32 -6.19 -54.43
C ALA D 2724 -50.02 -6.84 -53.25
N HIS D 2725 -49.83 -6.32 -52.03
CA HIS D 2725 -50.68 -6.72 -50.90
C HIS D 2725 -52.12 -6.33 -51.16
N VAL D 2726 -52.33 -5.15 -51.74
CA VAL D 2726 -53.69 -4.70 -52.05
C VAL D 2726 -54.34 -5.61 -53.09
N VAL D 2727 -53.58 -6.08 -54.07
CA VAL D 2727 -54.13 -6.97 -55.08
C VAL D 2727 -54.33 -8.38 -54.51
N GLN D 2728 -53.35 -8.91 -53.79
CA GLN D 2728 -53.46 -10.27 -53.28
C GLN D 2728 -54.46 -10.39 -52.15
N SER D 2729 -54.87 -9.28 -51.53
CA SER D 2729 -55.90 -9.32 -50.52
C SER D 2729 -57.25 -8.88 -51.05
N TYR D 2730 -57.34 -7.66 -51.57
CA TYR D 2730 -58.62 -6.97 -51.70
C TYR D 2730 -59.21 -7.07 -53.11
N VAL D 2731 -58.51 -6.58 -54.12
CA VAL D 2731 -59.17 -6.41 -55.41
C VAL D 2731 -59.09 -7.69 -56.26
N GLY D 2732 -57.99 -8.45 -56.16
CA GLY D 2732 -57.89 -9.70 -56.91
C GLY D 2732 -57.78 -9.55 -58.41
N SER D 2733 -57.37 -8.39 -58.89
CA SER D 2733 -57.30 -8.13 -60.33
C SER D 2733 -56.04 -8.74 -60.93
N TYR D 2734 -56.19 -9.31 -62.13
CA TYR D 2734 -55.06 -9.92 -62.83
C TYR D 2734 -54.34 -8.93 -63.73
N GLY D 2735 -54.77 -7.67 -63.74
CA GLY D 2735 -54.40 -6.74 -64.77
C GLY D 2735 -53.09 -6.02 -64.53
N ALA D 2736 -52.82 -5.04 -65.40
CA ALA D 2736 -51.49 -4.49 -65.59
C ALA D 2736 -51.08 -3.59 -64.43
N MET D 2737 -50.20 -4.10 -63.57
CA MET D 2737 -49.72 -3.40 -62.39
C MET D 2737 -48.40 -2.69 -62.70
N ILE D 2738 -48.44 -1.36 -62.73
CA ILE D 2738 -47.30 -0.50 -63.04
C ILE D 2738 -47.14 0.46 -61.87
N HIS D 2739 -45.98 0.44 -61.22
CA HIS D 2739 -45.80 1.27 -60.02
C HIS D 2739 -44.70 2.30 -60.24
N PRO D 2740 -45.03 3.56 -60.52
CA PRO D 2740 -44.01 4.56 -60.81
C PRO D 2740 -43.47 5.33 -59.61
N VAL D 2741 -42.23 5.79 -59.76
CA VAL D 2741 -41.54 6.59 -58.74
C VAL D 2741 -40.98 7.83 -59.41
N ALA D 2742 -41.52 8.99 -59.05
CA ALA D 2742 -40.90 10.27 -59.34
C ALA D 2742 -40.75 11.11 -58.09
N ALA D 2743 -41.29 10.63 -56.97
CA ALA D 2743 -41.06 11.04 -55.58
C ALA D 2743 -41.61 12.41 -55.23
N CYS D 2744 -42.10 13.17 -56.21
CA CYS D 2744 -43.06 14.23 -55.93
C CYS D 2744 -44.15 14.35 -57.00
N ALA D 2745 -44.21 13.42 -57.95
CA ALA D 2745 -45.34 13.38 -58.86
C ALA D 2745 -45.77 11.94 -59.13
N THR D 2746 -45.61 11.04 -58.17
CA THR D 2746 -45.97 9.63 -58.37
C THR D 2746 -47.45 9.47 -58.63
N ALA D 2747 -48.28 10.21 -57.89
CA ALA D 2747 -49.72 10.15 -58.12
C ALA D 2747 -50.09 10.70 -59.49
N ALA D 2748 -49.40 11.75 -59.92
CA ALA D 2748 -49.69 12.35 -61.22
C ALA D 2748 -49.31 11.42 -62.37
N VAL D 2749 -48.16 10.78 -62.27
CA VAL D 2749 -47.76 9.90 -63.36
C VAL D 2749 -48.54 8.60 -63.31
N SER D 2750 -48.98 8.16 -62.13
CA SER D 2750 -49.85 6.99 -62.06
C SER D 2750 -51.21 7.28 -62.66
N VAL D 2751 -51.71 8.50 -62.48
CA VAL D 2751 -52.99 8.87 -63.08
C VAL D 2751 -52.86 8.96 -64.58
N GLU D 2752 -51.77 9.52 -65.10
CA GLU D 2752 -51.71 9.61 -66.55
C GLU D 2752 -51.42 8.25 -67.19
N GLU D 2753 -50.73 7.35 -66.49
CA GLU D 2753 -50.60 6.03 -67.09
C GLU D 2753 -51.89 5.22 -66.98
N GLY D 2754 -52.70 5.44 -65.94
CA GLY D 2754 -54.00 4.80 -65.89
C GLY D 2754 -54.92 5.30 -66.99
N VAL D 2755 -54.86 6.61 -67.29
CA VAL D 2755 -55.77 7.09 -68.30
C VAL D 2755 -55.31 6.71 -69.69
N ASP D 2756 -54.00 6.60 -69.98
CA ASP D 2756 -53.71 6.17 -71.33
C ASP D 2756 -53.78 4.64 -71.48
N LYS D 2757 -53.75 3.88 -70.39
CA LYS D 2757 -54.17 2.48 -70.49
C LYS D 2757 -55.64 2.36 -70.84
N ILE D 2758 -56.49 3.21 -70.26
CA ILE D 2758 -57.89 3.19 -70.64
C ILE D 2758 -58.08 3.71 -72.08
N ARG D 2759 -57.23 4.63 -72.52
CA ARG D 2759 -57.31 5.08 -73.91
C ARG D 2759 -56.87 3.99 -74.88
N LEU D 2760 -55.96 3.10 -74.47
CA LEU D 2760 -55.66 1.92 -75.27
C LEU D 2760 -56.85 0.97 -75.31
N GLY D 2761 -57.27 0.50 -74.16
CA GLY D 2761 -58.26 -0.55 -74.12
C GLY D 2761 -57.70 -1.71 -73.32
N LYS D 2762 -56.54 -1.49 -72.73
CA LYS D 2762 -55.92 -2.50 -71.89
C LYS D 2762 -56.66 -2.71 -70.59
N ALA D 2763 -57.49 -1.76 -70.18
CA ALA D 2763 -58.22 -1.87 -68.93
C ALA D 2763 -59.49 -1.06 -69.03
N GLN D 2764 -60.38 -1.26 -68.06
CA GLN D 2764 -61.59 -0.47 -67.95
C GLN D 2764 -61.86 0.05 -66.56
N LEU D 2765 -61.04 -0.30 -65.57
CA LEU D 2765 -61.13 0.32 -64.26
C LEU D 2765 -59.75 0.26 -63.64
N VAL D 2766 -59.16 1.42 -63.39
CA VAL D 2766 -57.79 1.50 -62.91
C VAL D 2766 -57.80 2.14 -61.54
N VAL D 2767 -57.08 1.54 -60.60
CA VAL D 2767 -56.96 2.09 -59.26
C VAL D 2767 -55.62 2.80 -59.17
N ALA D 2768 -55.61 4.13 -59.19
CA ALA D 2768 -54.36 4.87 -59.17
C ALA D 2768 -54.22 5.63 -57.86
N GLY D 2769 -53.05 6.17 -57.62
CA GLY D 2769 -52.84 6.91 -56.39
C GLY D 2769 -51.37 6.89 -55.97
N GLY D 2770 -51.16 7.01 -54.67
CA GLY D 2770 -49.82 7.00 -54.13
C GLY D 2770 -49.82 7.48 -52.71
N LEU D 2771 -48.73 7.16 -52.00
CA LEU D 2771 -48.60 7.50 -50.60
C LEU D 2771 -47.17 7.93 -50.28
N ASP D 2772 -47.01 8.56 -49.13
CA ASP D 2772 -45.74 9.09 -48.67
C ASP D 2772 -45.59 8.91 -47.18
N ASP D 2773 -44.40 9.24 -46.70
CA ASP D 2773 -44.09 9.24 -45.27
C ASP D 2773 -42.86 10.10 -45.04
N LEU D 2774 -42.87 10.84 -43.95
CA LEU D 2774 -41.67 11.50 -43.46
C LEU D 2774 -41.06 10.65 -42.36
N THR D 2775 -39.75 10.49 -42.40
CA THR D 2775 -39.02 9.75 -41.36
C THR D 2775 -38.15 10.73 -40.59
N LEU D 2776 -37.53 10.22 -39.53
CA LEU D 2776 -36.43 10.95 -38.89
C LEU D 2776 -35.30 11.15 -39.87
N GLU D 2777 -35.00 10.12 -40.67
CA GLU D 2777 -34.02 10.24 -41.75
C GLU D 2777 -34.50 11.25 -42.79
N GLY D 2778 -35.81 11.28 -43.06
CA GLY D 2778 -36.35 12.23 -44.01
C GLY D 2778 -36.19 13.67 -43.57
N ILE D 2779 -36.52 13.96 -42.31
CA ILE D 2779 -36.41 15.34 -41.82
C ILE D 2779 -34.96 15.74 -41.62
N ILE D 2780 -34.09 14.82 -41.24
CA ILE D 2780 -32.67 15.14 -41.09
C ILE D 2780 -32.03 15.40 -42.46
N GLY D 2781 -32.38 14.59 -43.46
CA GLY D 2781 -31.84 14.81 -44.79
C GLY D 2781 -32.38 16.07 -45.45
N PHE D 2782 -33.65 16.38 -45.22
CA PHE D 2782 -34.20 17.61 -45.77
C PHE D 2782 -33.70 18.84 -45.02
N GLY D 2783 -33.35 18.70 -43.73
CA GLY D 2783 -32.71 19.80 -43.02
C GLY D 2783 -31.29 20.03 -43.47
N ASP D 2784 -30.57 18.95 -43.81
CA ASP D 2784 -29.26 19.12 -44.42
C ASP D 2784 -29.35 19.70 -45.83
N MET D 2785 -30.44 19.40 -46.54
CA MET D 2785 -30.64 19.93 -47.89
C MET D 2785 -31.03 21.40 -47.87
N ALA D 2786 -31.80 21.81 -46.85
CA ALA D 2786 -32.16 23.21 -46.56
C ALA D 2786 -32.96 23.85 -47.70
N ALA D 2787 -34.11 23.24 -48.00
CA ALA D 2787 -35.18 23.92 -48.70
C ALA D 2787 -36.49 23.82 -47.94
N THR D 2788 -36.47 23.34 -46.71
CA THR D 2788 -37.64 23.26 -45.86
C THR D 2788 -37.66 24.43 -44.88
N ALA D 2789 -38.77 24.56 -44.17
CA ALA D 2789 -38.97 25.68 -43.27
C ALA D 2789 -38.18 25.45 -41.98
N ASP D 2790 -37.20 26.31 -41.72
CA ASP D 2790 -36.48 26.25 -40.46
C ASP D 2790 -37.34 26.81 -39.34
N THR D 2791 -37.53 26.00 -38.31
CA THR D 2791 -38.39 26.39 -37.18
C THR D 2791 -37.80 27.57 -36.43
N SER D 2792 -36.47 27.60 -36.27
CA SER D 2792 -35.82 28.71 -35.59
C SER D 2792 -35.96 30.01 -36.39
N MET D 2793 -35.82 29.93 -37.72
CA MET D 2793 -35.96 31.12 -38.55
C MET D 2793 -37.39 31.65 -38.54
N MET D 2794 -38.36 30.75 -38.62
CA MET D 2794 -39.74 31.22 -38.65
C MET D 2794 -40.20 31.71 -37.28
N CYS D 2795 -39.74 31.12 -36.19
CA CYS D 2795 -40.07 31.70 -34.89
C CYS D 2795 -39.29 32.96 -34.61
N GLY D 2796 -38.14 33.15 -35.28
CA GLY D 2796 -37.50 34.46 -35.24
C GLY D 2796 -38.31 35.50 -35.96
N ARG D 2797 -38.96 35.12 -37.06
CA ARG D 2797 -39.87 36.03 -37.73
C ARG D 2797 -41.23 36.13 -37.06
N GLY D 2798 -41.52 35.28 -36.09
CA GLY D 2798 -42.74 35.44 -35.32
C GLY D 2798 -43.96 34.95 -36.04
N ILE D 2799 -43.94 33.70 -36.47
CA ILE D 2799 -45.07 33.06 -37.15
C ILE D 2799 -45.50 31.87 -36.31
N HIS D 2800 -46.81 31.73 -36.10
CA HIS D 2800 -47.34 30.71 -35.20
C HIS D 2800 -47.19 29.31 -35.81
N ASP D 2801 -47.70 28.32 -35.06
CA ASP D 2801 -47.44 26.93 -35.41
C ASP D 2801 -48.22 26.47 -36.62
N SER D 2802 -49.41 27.01 -36.83
CA SER D 2802 -50.27 26.48 -37.87
C SER D 2802 -50.14 27.23 -39.19
N LYS D 2803 -49.17 28.13 -39.33
CA LYS D 2803 -49.11 28.96 -40.53
C LYS D 2803 -47.69 29.05 -41.07
N PHE D 2804 -46.93 27.96 -40.97
CA PHE D 2804 -45.62 27.95 -41.62
C PHE D 2804 -45.75 27.88 -43.13
N SER D 2805 -46.64 27.06 -43.63
CA SER D 2805 -46.84 26.90 -45.07
C SER D 2805 -47.62 28.10 -45.58
N ARG D 2806 -46.94 28.98 -46.32
CA ARG D 2806 -47.55 30.22 -46.80
C ARG D 2806 -47.19 30.49 -48.25
N PRO D 2807 -47.84 29.80 -49.18
CA PRO D 2807 -47.54 30.03 -50.59
C PRO D 2807 -48.08 31.36 -51.06
N ASN D 2808 -47.32 31.99 -51.98
CA ASN D 2808 -47.57 33.34 -52.49
C ASN D 2808 -47.64 34.35 -51.35
N ASP D 2809 -46.56 34.41 -50.58
CA ASP D 2809 -46.47 35.31 -49.45
C ASP D 2809 -45.06 35.86 -49.42
N ARG D 2810 -44.89 37.03 -48.81
CA ARG D 2810 -43.57 37.65 -48.84
C ARG D 2810 -42.63 37.02 -47.82
N ARG D 2811 -43.15 36.41 -46.77
CA ARG D 2811 -42.32 35.83 -45.73
C ARG D 2811 -42.21 34.31 -45.84
N ARG D 2812 -42.13 33.77 -47.05
CA ARG D 2812 -42.02 32.33 -47.24
C ARG D 2812 -40.54 31.93 -47.27
N LEU D 2813 -40.22 30.82 -46.60
CA LEU D 2813 -38.83 30.39 -46.57
C LEU D 2813 -38.75 28.86 -46.59
N GLY D 2814 -39.54 28.20 -47.42
CA GLY D 2814 -39.45 26.76 -47.59
C GLY D 2814 -40.74 26.05 -47.25
N PHE D 2815 -40.78 24.77 -47.62
CA PHE D 2815 -42.01 24.00 -47.53
C PHE D 2815 -42.10 23.21 -46.24
N VAL D 2816 -43.32 22.86 -45.89
CA VAL D 2816 -43.61 22.04 -44.73
C VAL D 2816 -43.95 20.64 -45.21
N GLU D 2817 -43.32 19.64 -44.62
CA GLU D 2817 -43.47 18.27 -45.05
C GLU D 2817 -44.64 17.62 -44.33
N ALA D 2818 -45.40 16.82 -45.06
CA ALA D 2818 -46.54 16.13 -44.48
C ALA D 2818 -46.54 14.69 -44.98
N GLN D 2819 -47.35 13.85 -44.34
CA GLN D 2819 -47.39 12.44 -44.66
C GLN D 2819 -48.82 12.02 -44.99
N GLY D 2820 -48.96 11.18 -46.00
CA GLY D 2820 -50.26 10.77 -46.45
C GLY D 2820 -50.33 10.55 -47.95
N GLY D 2821 -51.51 10.78 -48.52
CA GLY D 2821 -51.73 10.52 -49.93
C GLY D 2821 -53.10 9.91 -50.11
N GLY D 2822 -53.27 8.98 -51.06
CA GLY D 2822 -54.54 8.31 -51.18
C GLY D 2822 -54.66 7.59 -52.51
N THR D 2823 -55.92 7.41 -52.93
CA THR D 2823 -56.20 6.71 -54.16
C THR D 2823 -57.40 7.34 -54.87
N ILE D 2824 -57.36 7.28 -56.20
CA ILE D 2824 -58.50 7.65 -57.03
C ILE D 2824 -58.81 6.48 -57.95
N LEU D 2825 -60.03 6.46 -58.46
CA LEU D 2825 -60.53 5.32 -59.22
C LEU D 2825 -60.97 5.81 -60.59
N LEU D 2826 -60.19 5.49 -61.61
CA LEU D 2826 -60.51 5.85 -62.97
C LEU D 2826 -61.32 4.74 -63.60
N ALA D 2827 -62.25 5.10 -64.48
CA ALA D 2827 -63.07 4.10 -65.14
C ALA D 2827 -63.49 4.65 -66.48
N ARG D 2828 -63.83 3.75 -67.38
CA ARG D 2828 -64.28 4.20 -68.69
C ARG D 2828 -65.76 4.54 -68.62
N GLY D 2829 -66.17 5.49 -69.47
CA GLY D 2829 -67.54 5.96 -69.48
C GLY D 2829 -68.57 4.90 -69.79
N ASP D 2830 -68.17 3.83 -70.48
CA ASP D 2830 -69.08 2.73 -70.74
C ASP D 2830 -69.43 1.98 -69.47
N LEU D 2831 -68.43 1.67 -68.63
CA LEU D 2831 -68.72 1.11 -67.32
C LEU D 2831 -69.51 2.08 -66.45
N ALA D 2832 -69.20 3.37 -66.54
CA ALA D 2832 -69.92 4.34 -65.73
C ALA D 2832 -71.40 4.38 -66.10
N LEU D 2833 -71.71 4.29 -67.39
CA LEU D 2833 -73.09 4.27 -67.83
C LEU D 2833 -73.76 2.93 -67.53
N ARG D 2834 -73.04 1.83 -67.70
CA ARG D 2834 -73.66 0.53 -67.59
C ARG D 2834 -73.90 0.14 -66.14
N MET D 2835 -73.03 0.59 -65.23
CA MET D 2835 -73.23 0.30 -63.82
C MET D 2835 -73.94 1.44 -63.11
N GLY D 2836 -74.02 2.62 -63.70
CA GLY D 2836 -74.55 3.76 -63.00
C GLY D 2836 -73.59 4.23 -61.93
N LEU D 2837 -72.49 4.80 -62.32
CA LEU D 2837 -71.55 5.12 -61.27
C LEU D 2837 -71.47 6.62 -61.04
N PRO D 2838 -71.16 7.05 -59.83
CA PRO D 2838 -71.07 8.49 -59.57
C PRO D 2838 -69.82 9.08 -60.21
N VAL D 2839 -70.01 9.78 -61.32
CA VAL D 2839 -68.89 10.47 -61.96
C VAL D 2839 -68.59 11.72 -61.17
N LEU D 2840 -67.36 11.86 -60.70
CA LEU D 2840 -66.96 13.04 -59.97
C LEU D 2840 -66.32 14.10 -60.85
N ALA D 2841 -65.67 13.70 -61.94
CA ALA D 2841 -65.09 14.63 -62.90
C ALA D 2841 -64.89 13.87 -64.19
N VAL D 2842 -64.53 14.60 -65.23
CA VAL D 2842 -64.20 14.01 -66.52
C VAL D 2842 -62.77 14.42 -66.85
N VAL D 2843 -61.89 13.45 -66.99
CA VAL D 2843 -60.49 13.76 -67.26
C VAL D 2843 -60.33 14.04 -68.75
N ALA D 2844 -59.91 15.26 -69.07
CA ALA D 2844 -59.76 15.66 -70.45
C ALA D 2844 -58.34 15.57 -70.95
N PHE D 2845 -57.35 15.64 -70.05
CA PHE D 2845 -55.96 15.70 -70.46
C PHE D 2845 -55.10 15.37 -69.27
N ALA D 2846 -54.19 14.42 -69.45
CA ALA D 2846 -53.23 14.07 -68.41
C ALA D 2846 -51.91 13.77 -69.07
N GLN D 2847 -50.83 14.34 -68.57
CA GLN D 2847 -49.58 14.36 -69.31
C GLN D 2847 -48.45 14.69 -68.37
N SER D 2848 -47.29 14.07 -68.58
CA SER D 2848 -46.09 14.39 -67.85
C SER D 2848 -45.02 14.92 -68.80
N PHE D 2849 -43.99 15.53 -68.23
CA PHE D 2849 -42.97 16.20 -69.00
C PHE D 2849 -41.65 16.15 -68.26
N GLY D 2850 -40.56 16.30 -69.03
CA GLY D 2850 -39.26 16.59 -68.50
C GLY D 2850 -38.94 18.07 -68.60
N ASP D 2851 -37.68 18.40 -68.34
CA ASP D 2851 -37.28 19.80 -68.34
C ASP D 2851 -36.12 20.12 -69.25
N GLY D 2852 -35.26 19.16 -69.57
CA GLY D 2852 -34.15 19.39 -70.47
C GLY D 2852 -32.85 19.68 -69.74
N VAL D 2853 -31.87 20.20 -70.49
CA VAL D 2853 -30.52 20.41 -69.97
C VAL D 2853 -30.53 21.60 -69.02
N HIS D 2854 -30.24 21.33 -67.75
CA HIS D 2854 -29.95 22.35 -66.74
C HIS D 2854 -28.93 21.70 -65.79
N THR D 2855 -27.64 21.94 -66.07
CA THR D 2855 -26.58 21.37 -65.24
C THR D 2855 -26.56 22.02 -63.86
N SER D 2856 -26.83 23.32 -63.80
CA SER D 2856 -26.98 24.02 -62.53
C SER D 2856 -28.34 23.67 -61.95
N ILE D 2857 -28.35 22.85 -60.90
CA ILE D 2857 -29.57 22.42 -60.21
C ILE D 2857 -30.42 23.50 -59.52
N PRO D 2858 -29.96 24.69 -59.13
CA PRO D 2858 -30.94 25.70 -58.72
C PRO D 2858 -31.70 26.37 -59.86
N ALA D 2859 -31.42 26.01 -61.12
CA ALA D 2859 -32.22 26.48 -62.24
C ALA D 2859 -33.46 25.61 -62.35
N PRO D 2860 -34.66 26.17 -62.19
CA PRO D 2860 -35.88 25.35 -62.14
C PRO D 2860 -36.42 25.04 -63.53
N GLY D 2861 -37.44 24.19 -63.56
CA GLY D 2861 -38.00 23.74 -64.81
C GLY D 2861 -39.20 24.57 -65.26
N LEU D 2862 -39.38 24.62 -66.58
CA LEU D 2862 -40.47 25.38 -67.18
C LEU D 2862 -41.15 24.62 -68.31
N GLY D 2863 -40.60 23.51 -68.79
CA GLY D 2863 -41.06 22.88 -70.01
C GLY D 2863 -42.35 22.08 -69.96
N ALA D 2864 -43.25 22.41 -69.04
CA ALA D 2864 -44.57 21.81 -69.03
C ALA D 2864 -45.55 22.55 -69.94
N LEU D 2865 -45.08 23.53 -70.70
CA LEU D 2865 -45.92 24.26 -71.63
C LEU D 2865 -45.93 23.61 -73.00
N GLY D 2866 -45.34 22.43 -73.14
CA GLY D 2866 -45.41 21.70 -74.40
C GLY D 2866 -46.79 21.17 -74.70
N ALA D 2867 -47.67 21.16 -73.71
CA ALA D 2867 -49.07 20.84 -73.94
C ALA D 2867 -49.79 21.92 -74.73
N GLY D 2868 -49.22 23.12 -74.81
CA GLY D 2868 -49.88 24.21 -75.51
C GLY D 2868 -49.09 24.73 -76.69
N ARG D 2869 -48.51 23.84 -77.50
CA ARG D 2869 -47.85 24.27 -78.72
C ARG D 2869 -48.85 24.25 -79.87
N GLY D 2870 -48.96 25.38 -80.58
CA GLY D 2870 -49.85 25.48 -81.72
C GLY D 2870 -51.09 26.28 -81.48
N GLY D 2871 -51.31 26.76 -80.25
CA GLY D 2871 -52.50 27.54 -79.96
C GLY D 2871 -53.74 26.67 -79.93
N LYS D 2872 -54.65 26.90 -80.87
CA LYS D 2872 -55.84 26.08 -80.95
C LYS D 2872 -55.57 24.70 -81.52
N ASP D 2873 -54.40 24.49 -82.14
CA ASP D 2873 -54.06 23.17 -82.63
C ASP D 2873 -53.36 22.32 -81.59
N SER D 2874 -53.16 22.85 -80.39
CA SER D 2874 -52.52 22.09 -79.32
C SER D 2874 -53.44 20.98 -78.85
N PRO D 2875 -52.88 19.87 -78.35
CA PRO D 2875 -53.74 18.76 -77.90
C PRO D 2875 -54.57 19.09 -76.68
N LEU D 2876 -54.09 19.96 -75.79
CA LEU D 2876 -54.89 20.40 -74.65
C LEU D 2876 -56.14 21.14 -75.09
N ALA D 2877 -55.97 22.14 -75.96
CA ALA D 2877 -57.10 22.89 -76.48
C ALA D 2877 -58.02 22.01 -77.31
N ARG D 2878 -57.45 21.02 -78.00
CA ARG D 2878 -58.27 20.16 -78.84
C ARG D 2878 -59.13 19.22 -77.99
N ALA D 2879 -58.57 18.72 -76.88
CA ALA D 2879 -59.35 17.87 -75.98
C ALA D 2879 -60.45 18.66 -75.28
N LEU D 2880 -60.13 19.88 -74.83
CA LEU D 2880 -61.16 20.72 -74.22
C LEU D 2880 -62.24 21.10 -75.22
N ALA D 2881 -61.88 21.31 -76.48
CA ALA D 2881 -62.88 21.62 -77.48
C ALA D 2881 -63.71 20.39 -77.84
N LYS D 2882 -63.15 19.19 -77.74
CA LYS D 2882 -63.95 17.98 -77.89
C LYS D 2882 -64.99 17.87 -76.79
N LEU D 2883 -64.61 18.21 -75.56
CA LEU D 2883 -65.61 18.22 -74.51
C LEU D 2883 -66.48 19.46 -74.50
N GLY D 2884 -66.20 20.45 -75.35
CA GLY D 2884 -67.05 21.62 -75.42
C GLY D 2884 -66.71 22.62 -74.34
N VAL D 2885 -65.42 22.81 -74.13
CA VAL D 2885 -64.90 23.75 -73.14
C VAL D 2885 -63.99 24.71 -73.89
N ALA D 2886 -64.39 25.97 -73.97
CA ALA D 2886 -63.60 26.95 -74.68
C ALA D 2886 -62.40 27.37 -73.82
N ALA D 2887 -61.61 28.31 -74.34
CA ALA D 2887 -60.40 28.72 -73.64
C ALA D 2887 -60.71 29.54 -72.41
N ASP D 2888 -61.75 30.38 -72.47
CA ASP D 2888 -62.11 31.20 -71.32
C ASP D 2888 -62.87 30.43 -70.25
N ASP D 2889 -63.27 29.19 -70.52
CA ASP D 2889 -64.08 28.46 -69.56
C ASP D 2889 -63.25 27.82 -68.46
N VAL D 2890 -61.94 27.69 -68.66
CA VAL D 2890 -61.04 27.25 -67.60
C VAL D 2890 -61.04 28.32 -66.52
N ALA D 2891 -61.50 27.95 -65.32
CA ALA D 2891 -61.77 28.94 -64.28
C ALA D 2891 -60.82 28.87 -63.11
N VAL D 2892 -60.43 27.67 -62.68
CA VAL D 2892 -59.73 27.49 -61.42
C VAL D 2892 -58.42 26.74 -61.66
N ILE D 2893 -57.34 27.29 -61.11
CA ILE D 2893 -56.02 26.69 -61.20
C ILE D 2893 -55.63 26.23 -59.81
N SER D 2894 -55.50 24.92 -59.62
CA SER D 2894 -55.05 24.40 -58.34
C SER D 2894 -53.54 24.25 -58.44
N LYS D 2895 -52.83 25.31 -58.07
CA LYS D 2895 -51.40 25.39 -58.34
C LYS D 2895 -50.61 24.46 -57.43
N HIS D 2896 -49.34 24.26 -57.80
CA HIS D 2896 -48.47 23.40 -57.01
C HIS D 2896 -48.09 24.10 -55.72
N ASP D 2897 -47.35 25.21 -55.81
CA ASP D 2897 -47.18 26.22 -54.75
C ASP D 2897 -46.72 25.64 -53.42
N THR D 2898 -45.49 25.14 -53.39
CA THR D 2898 -44.98 24.55 -52.17
C THR D 2898 -44.54 25.56 -51.13
N SER D 2899 -44.69 26.86 -51.37
CA SER D 2899 -44.24 27.94 -50.48
C SER D 2899 -42.73 27.94 -50.28
N THR D 2900 -42.01 27.85 -51.38
CA THR D 2900 -40.57 28.13 -51.39
C THR D 2900 -40.33 29.44 -52.12
N LEU D 2901 -39.10 29.93 -52.04
CA LEU D 2901 -38.76 31.17 -52.72
C LEU D 2901 -38.66 30.98 -54.22
N ALA D 2902 -38.51 29.76 -54.70
CA ALA D 2902 -38.24 29.56 -56.12
C ALA D 2902 -39.51 29.24 -56.90
N ASN D 2903 -40.29 28.27 -56.45
CA ASN D 2903 -41.28 27.69 -57.36
C ASN D 2903 -42.58 28.46 -57.44
N ASP D 2904 -42.74 29.57 -56.74
CA ASP D 2904 -43.98 30.32 -56.93
C ASP D 2904 -43.99 31.24 -58.16
N PRO D 2905 -43.03 32.17 -58.37
CA PRO D 2905 -43.19 33.07 -59.51
C PRO D 2905 -42.97 32.43 -60.86
N ASN D 2906 -42.14 31.38 -60.95
CA ASN D 2906 -41.97 30.73 -62.24
C ASN D 2906 -43.18 29.88 -62.60
N GLU D 2907 -43.86 29.31 -61.61
CA GLU D 2907 -45.10 28.61 -61.92
C GLU D 2907 -46.21 29.57 -62.29
N THR D 2908 -46.22 30.75 -61.68
CA THR D 2908 -47.08 31.83 -62.15
C THR D 2908 -46.79 32.18 -63.60
N GLU D 2909 -45.51 32.24 -63.96
CA GLU D 2909 -45.11 32.48 -65.34
C GLU D 2909 -45.57 31.36 -66.25
N LEU D 2910 -45.53 30.12 -65.76
CA LEU D 2910 -45.91 28.97 -66.57
C LEU D 2910 -47.39 28.97 -66.89
N HIS D 2911 -48.22 29.26 -65.90
CA HIS D 2911 -49.65 29.32 -66.18
C HIS D 2911 -50.01 30.54 -66.99
N GLU D 2912 -49.24 31.63 -66.86
CA GLU D 2912 -49.44 32.77 -67.75
C GLU D 2912 -49.13 32.41 -69.21
N ARG D 2913 -48.05 31.65 -69.41
CA ARG D 2913 -47.69 31.23 -70.76
C ARG D 2913 -48.70 30.26 -71.35
N LEU D 2914 -49.22 29.34 -70.53
CA LEU D 2914 -50.27 28.45 -71.03
C LEU D 2914 -51.56 29.21 -71.33
N ALA D 2915 -51.87 30.24 -70.55
CA ALA D 2915 -53.09 31.00 -70.81
C ALA D 2915 -53.00 31.76 -72.13
N ASP D 2916 -51.91 32.50 -72.34
CA ASP D 2916 -51.87 33.21 -73.61
C ASP D 2916 -51.36 32.35 -74.75
N ALA D 2917 -51.02 31.09 -74.50
CA ALA D 2917 -50.83 30.15 -75.60
C ALA D 2917 -52.15 29.53 -76.03
N LEU D 2918 -53.03 29.23 -75.07
CA LEU D 2918 -54.37 28.78 -75.43
C LEU D 2918 -55.24 29.91 -75.95
N GLY D 2919 -54.82 31.15 -75.78
CA GLY D 2919 -55.57 32.23 -76.36
C GLY D 2919 -56.68 32.66 -75.44
N ARG D 2920 -56.31 32.89 -74.21
CA ARG D 2920 -57.22 33.41 -73.21
C ARG D 2920 -57.57 34.85 -73.55
N SER D 2921 -58.85 35.20 -73.40
CA SER D 2921 -59.25 36.59 -73.60
C SER D 2921 -58.65 37.45 -72.52
N GLU D 2922 -58.36 38.70 -72.87
CA GLU D 2922 -57.54 39.54 -72.01
C GLU D 2922 -58.31 39.95 -70.77
N GLY D 2923 -57.79 39.58 -69.60
CA GLY D 2923 -58.46 39.95 -68.39
C GLY D 2923 -59.55 39.00 -67.94
N ALA D 2924 -59.51 37.78 -68.35
CA ALA D 2924 -60.42 36.86 -67.70
C ALA D 2924 -59.76 36.27 -66.47
N PRO D 2925 -60.45 36.20 -65.35
CA PRO D 2925 -59.81 35.80 -64.10
C PRO D 2925 -59.62 34.30 -63.97
N LEU D 2926 -58.56 33.95 -63.23
CA LEU D 2926 -58.29 32.58 -62.83
C LEU D 2926 -58.22 32.52 -61.32
N PHE D 2927 -59.07 31.71 -60.73
CA PHE D 2927 -59.09 31.58 -59.27
C PHE D 2927 -57.91 30.71 -58.86
N VAL D 2928 -56.99 31.27 -58.09
CA VAL D 2928 -55.83 30.49 -57.66
C VAL D 2928 -56.20 29.75 -56.38
N VAL D 2929 -56.17 28.43 -56.43
CA VAL D 2929 -56.39 27.60 -55.25
C VAL D 2929 -55.09 26.89 -54.94
N SER D 2930 -54.69 26.93 -53.67
CA SER D 2930 -53.42 26.37 -53.23
C SER D 2930 -53.61 25.84 -51.81
N GLN D 2931 -53.89 24.56 -51.68
CA GLN D 2931 -54.20 24.00 -50.37
C GLN D 2931 -52.99 23.38 -49.71
N LYS D 2932 -51.79 23.62 -50.23
CA LYS D 2932 -50.58 23.20 -49.52
C LYS D 2932 -50.39 24.01 -48.26
N SER D 2933 -50.93 25.22 -48.21
CA SER D 2933 -51.03 25.98 -46.97
C SER D 2933 -51.84 25.26 -45.93
N LEU D 2934 -52.81 24.49 -46.36
CA LEU D 2934 -53.68 23.77 -45.44
C LEU D 2934 -53.07 22.45 -45.02
N THR D 2935 -52.67 21.62 -45.98
CA THR D 2935 -52.16 20.30 -45.66
C THR D 2935 -50.66 20.32 -45.42
N GLY D 2936 -49.89 20.72 -46.42
CA GLY D 2936 -48.47 20.53 -46.42
C GLY D 2936 -48.01 19.73 -47.63
N HIS D 2937 -46.70 19.70 -47.80
CA HIS D 2937 -46.13 19.09 -49.00
C HIS D 2937 -45.87 17.61 -48.71
N ALA D 2938 -46.93 16.82 -48.75
CA ALA D 2938 -46.76 15.39 -48.93
C ALA D 2938 -46.17 15.17 -50.30
N LYS D 2939 -45.12 14.37 -50.40
CA LYS D 2939 -44.19 14.53 -51.51
C LYS D 2939 -44.78 13.95 -52.80
N GLY D 2940 -44.89 12.64 -52.89
CA GLY D 2940 -45.45 12.00 -54.04
C GLY D 2940 -46.93 11.73 -53.95
N GLY D 2941 -47.55 12.06 -52.83
CA GLY D 2941 -48.99 11.91 -52.71
C GLY D 2941 -49.71 13.23 -52.63
N ALA D 2942 -49.28 14.20 -53.43
CA ALA D 2942 -49.93 15.52 -53.39
C ALA D 2942 -50.98 15.66 -54.47
N ALA D 2943 -50.81 14.95 -55.58
CA ALA D 2943 -51.75 15.08 -56.68
C ALA D 2943 -53.10 14.47 -56.34
N VAL D 2944 -53.13 13.50 -55.42
CA VAL D 2944 -54.41 12.96 -54.96
C VAL D 2944 -55.13 13.98 -54.06
N PHE D 2945 -54.38 14.74 -53.25
CA PHE D 2945 -54.97 15.86 -52.52
C PHE D 2945 -55.54 16.90 -53.46
N GLN D 2946 -54.79 17.22 -54.52
CA GLN D 2946 -55.24 18.25 -55.45
C GLN D 2946 -56.45 17.79 -56.24
N MET D 2947 -56.51 16.52 -56.63
CA MET D 2947 -57.65 16.04 -57.40
C MET D 2947 -58.90 15.93 -56.55
N MET D 2948 -58.78 15.51 -55.29
CA MET D 2948 -59.95 15.47 -54.44
C MET D 2948 -60.44 16.88 -54.12
N GLY D 2949 -59.50 17.82 -53.95
CA GLY D 2949 -59.88 19.21 -53.75
C GLY D 2949 -60.57 19.82 -54.96
N LEU D 2950 -60.06 19.55 -56.15
CA LEU D 2950 -60.65 20.16 -57.34
C LEU D 2950 -61.97 19.51 -57.71
N CYS D 2951 -62.12 18.21 -57.49
CA CYS D 2951 -63.43 17.58 -57.68
C CYS D 2951 -64.46 18.15 -56.73
N GLN D 2952 -64.07 18.38 -55.48
CA GLN D 2952 -65.04 18.93 -54.53
C GLN D 2952 -65.34 20.40 -54.81
N ILE D 2953 -64.38 21.16 -55.33
CA ILE D 2953 -64.65 22.53 -55.75
C ILE D 2953 -65.63 22.55 -56.91
N LEU D 2954 -65.43 21.69 -57.91
CA LEU D 2954 -66.35 21.64 -59.04
C LEU D 2954 -67.73 21.13 -58.64
N ARG D 2955 -67.81 20.33 -57.57
CA ARG D 2955 -69.12 19.95 -57.06
C ARG D 2955 -69.83 21.14 -56.42
N ASP D 2956 -69.20 21.74 -55.40
CA ASP D 2956 -69.94 22.64 -54.54
C ASP D 2956 -69.97 24.09 -55.01
N GLY D 2957 -69.03 24.49 -55.85
CA GLY D 2957 -68.99 25.86 -56.30
C GLY D 2957 -68.18 26.79 -55.43
N VAL D 2958 -67.86 26.41 -54.21
CA VAL D 2958 -67.12 27.30 -53.33
C VAL D 2958 -65.67 27.37 -53.76
N ILE D 2959 -64.99 28.42 -53.32
CA ILE D 2959 -63.56 28.60 -53.53
C ILE D 2959 -62.93 28.76 -52.14
N PRO D 2960 -61.98 27.92 -51.77
CA PRO D 2960 -61.42 27.99 -50.43
C PRO D 2960 -60.46 29.15 -50.31
N PRO D 2961 -60.20 29.62 -49.10
CA PRO D 2961 -59.24 30.71 -48.92
C PRO D 2961 -57.83 30.20 -48.63
N ASN D 2962 -56.88 31.09 -48.81
CA ASN D 2962 -55.50 30.86 -48.40
C ASN D 2962 -55.33 31.57 -47.07
N ARG D 2963 -55.59 30.87 -45.99
CA ARG D 2963 -55.67 31.49 -44.68
C ARG D 2963 -54.33 31.86 -44.11
N SER D 2964 -53.23 31.38 -44.68
CA SER D 2964 -51.90 31.72 -44.17
C SER D 2964 -51.21 32.74 -45.08
N LEU D 2965 -51.99 33.54 -45.80
CA LEU D 2965 -51.43 34.59 -46.64
C LEU D 2965 -51.71 35.92 -45.97
N ASP D 2966 -50.70 36.78 -45.93
CA ASP D 2966 -50.86 38.15 -45.44
C ASP D 2966 -50.61 39.17 -46.52
N CYS D 2967 -49.44 39.13 -47.15
CA CYS D 2967 -49.07 40.07 -48.20
C CYS D 2967 -48.62 39.28 -49.41
N VAL D 2968 -49.25 39.51 -50.55
CA VAL D 2968 -48.83 38.86 -51.78
C VAL D 2968 -47.47 39.40 -52.19
N ASP D 2969 -46.58 38.51 -52.62
CA ASP D 2969 -45.24 38.91 -53.03
C ASP D 2969 -45.30 39.81 -54.25
N ASP D 2970 -44.27 40.64 -54.39
CA ASP D 2970 -44.33 41.77 -55.31
C ASP D 2970 -44.22 41.32 -56.76
N GLU D 2971 -43.27 40.43 -57.07
CA GLU D 2971 -43.00 40.09 -58.46
C GLU D 2971 -44.05 39.18 -59.07
N LEU D 2972 -45.05 38.76 -58.32
CA LEU D 2972 -46.22 38.13 -58.91
C LEU D 2972 -47.13 39.12 -59.61
N ALA D 2973 -46.95 40.42 -59.35
CA ALA D 2973 -47.86 41.46 -59.81
C ALA D 2973 -47.89 41.63 -61.32
N GLY D 2974 -46.94 41.05 -62.06
CA GLY D 2974 -47.02 41.09 -63.50
C GLY D 2974 -48.07 40.16 -64.09
N SER D 2975 -48.59 39.22 -63.30
CA SER D 2975 -49.55 38.27 -63.82
C SER D 2975 -50.88 38.96 -64.10
N ALA D 2976 -51.31 38.92 -65.35
CA ALA D 2976 -52.47 39.68 -65.78
C ALA D 2976 -53.79 38.95 -65.58
N HIS D 2977 -53.78 37.77 -64.98
CA HIS D 2977 -54.95 36.91 -64.97
C HIS D 2977 -55.35 36.37 -63.62
N PHE D 2978 -54.45 36.29 -62.65
CA PHE D 2978 -54.75 35.56 -61.42
C PHE D 2978 -55.62 36.35 -60.46
N VAL D 2979 -56.34 35.63 -59.62
CA VAL D 2979 -57.11 36.18 -58.52
C VAL D 2979 -56.74 35.35 -57.29
N TRP D 2980 -56.03 35.98 -56.35
CA TRP D 2980 -55.65 35.32 -55.11
C TRP D 2980 -56.74 35.56 -54.09
N VAL D 2981 -57.34 34.49 -53.60
CA VAL D 2981 -58.57 34.56 -52.83
C VAL D 2981 -58.22 34.43 -51.35
N ARG D 2982 -58.91 35.20 -50.51
CA ARG D 2982 -58.67 35.20 -49.08
C ARG D 2982 -59.91 34.87 -48.26
N ASP D 2983 -61.07 34.73 -48.87
CA ASP D 2983 -62.32 34.44 -48.18
C ASP D 2983 -63.17 33.50 -49.03
N THR D 2984 -64.02 32.73 -48.38
CA THR D 2984 -64.75 31.66 -49.05
C THR D 2984 -65.80 32.23 -49.99
N LEU D 2985 -65.47 32.31 -51.26
CA LEU D 2985 -66.39 32.79 -52.28
C LEU D 2985 -67.41 31.69 -52.52
N ARG D 2986 -68.67 31.97 -52.23
CA ARG D 2986 -69.72 30.98 -52.41
C ARG D 2986 -70.44 31.24 -53.73
N LEU D 2987 -70.02 30.53 -54.77
CA LEU D 2987 -70.53 30.69 -56.12
C LEU D 2987 -71.69 29.70 -56.28
N GLY D 2988 -72.92 30.19 -56.18
CA GLY D 2988 -74.04 29.30 -56.33
C GLY D 2988 -74.41 29.21 -57.78
N GLY D 2989 -75.58 29.73 -58.15
CA GLY D 2989 -75.92 29.88 -59.55
C GLY D 2989 -75.50 31.23 -60.09
N LYS D 2990 -74.49 31.83 -59.48
CA LYS D 2990 -74.05 33.16 -59.83
C LYS D 2990 -72.88 33.16 -60.80
N PHE D 2991 -72.04 32.13 -60.75
CA PHE D 2991 -70.87 32.06 -61.59
C PHE D 2991 -70.48 30.59 -61.74
N PRO D 2992 -70.86 29.94 -62.83
CA PRO D 2992 -70.64 28.49 -62.92
C PRO D 2992 -69.20 28.17 -63.28
N LEU D 2993 -68.69 27.11 -62.65
CA LEU D 2993 -67.34 26.62 -62.87
C LEU D 2993 -67.40 25.41 -63.80
N LYS D 2994 -66.59 25.42 -64.85
CA LYS D 2994 -66.68 24.37 -65.84
C LYS D 2994 -65.42 23.56 -66.05
N ALA D 2995 -64.27 24.02 -65.59
CA ALA D 2995 -63.03 23.28 -65.79
C ALA D 2995 -62.05 23.63 -64.70
N GLY D 2996 -60.94 22.91 -64.68
CA GLY D 2996 -59.91 23.16 -63.69
C GLY D 2996 -58.61 22.55 -64.13
N MET D 2997 -57.51 23.13 -63.68
CA MET D 2997 -56.19 22.71 -64.12
C MET D 2997 -55.31 22.43 -62.92
N LEU D 2998 -54.66 21.27 -62.89
CA LEU D 2998 -53.65 21.02 -61.87
C LEU D 2998 -52.28 21.24 -62.48
N THR D 2999 -51.28 21.37 -61.63
CA THR D 2999 -49.91 21.08 -61.99
C THR D 2999 -49.24 20.34 -60.85
N SER D 3000 -48.17 19.64 -61.19
CA SER D 3000 -47.30 19.07 -60.17
C SER D 3000 -45.89 19.14 -60.75
N LEU D 3001 -45.06 20.00 -60.15
CA LEU D 3001 -43.66 20.13 -60.57
C LEU D 3001 -42.84 19.28 -59.60
N GLY D 3002 -42.64 18.02 -59.96
CA GLY D 3002 -42.07 17.04 -59.05
C GLY D 3002 -40.58 17.20 -58.82
N PHE D 3003 -40.05 16.29 -58.00
CA PHE D 3003 -38.62 16.28 -57.71
C PHE D 3003 -37.82 15.80 -58.91
N GLY D 3004 -36.81 16.59 -59.27
CA GLY D 3004 -35.82 16.17 -60.24
C GLY D 3004 -36.34 16.06 -61.65
N HIS D 3005 -36.68 17.22 -62.24
CA HIS D 3005 -36.95 17.37 -63.67
C HIS D 3005 -38.14 16.52 -64.13
N VAL D 3006 -39.29 16.76 -63.52
CA VAL D 3006 -40.52 16.12 -63.95
C VAL D 3006 -41.67 17.07 -63.65
N SER D 3007 -42.62 17.14 -64.58
CA SER D 3007 -43.76 18.02 -64.50
C SER D 3007 -45.01 17.24 -64.90
N GLY D 3008 -46.16 17.69 -64.44
CA GLY D 3008 -47.38 17.02 -64.81
C GLY D 3008 -48.61 17.90 -64.84
N LEU D 3009 -49.31 17.91 -65.97
CA LEU D 3009 -50.60 18.58 -66.14
C LEU D 3009 -51.73 17.57 -66.15
N VAL D 3010 -52.86 17.98 -65.58
CA VAL D 3010 -54.11 17.26 -65.73
C VAL D 3010 -55.27 18.23 -65.60
N ALA D 3011 -56.13 18.24 -66.62
CA ALA D 3011 -57.34 19.04 -66.61
C ALA D 3011 -58.50 18.21 -66.09
N LEU D 3012 -59.52 18.89 -65.61
CA LEU D 3012 -60.74 18.23 -65.13
C LEU D 3012 -61.93 19.07 -65.56
N VAL D 3013 -63.01 18.39 -65.94
CA VAL D 3013 -64.22 19.02 -66.42
C VAL D 3013 -65.37 18.55 -65.53
N HIS D 3014 -66.34 19.44 -65.30
CA HIS D 3014 -67.52 19.18 -64.49
C HIS D 3014 -68.29 17.96 -65.02
N PRO D 3015 -68.92 17.16 -64.15
CA PRO D 3015 -69.57 15.92 -64.60
C PRO D 3015 -70.78 16.10 -65.51
N GLN D 3016 -71.22 17.33 -65.74
CA GLN D 3016 -72.30 17.48 -66.68
C GLN D 3016 -71.83 17.31 -68.11
N ALA D 3017 -70.53 17.28 -68.38
CA ALA D 3017 -70.05 16.82 -69.67
C ALA D 3017 -70.40 15.36 -69.89
N PHE D 3018 -70.22 14.53 -68.86
CA PHE D 3018 -70.64 13.15 -68.97
C PHE D 3018 -72.15 13.04 -69.07
N ILE D 3019 -72.88 13.88 -68.36
CA ILE D 3019 -74.34 13.82 -68.45
C ILE D 3019 -74.83 14.38 -69.79
N ALA D 3020 -74.07 15.24 -70.44
CA ALA D 3020 -74.44 15.77 -71.73
C ALA D 3020 -74.01 14.91 -72.89
N SER D 3021 -73.11 13.94 -72.66
CA SER D 3021 -72.72 13.06 -73.75
C SER D 3021 -73.81 12.09 -74.15
N LEU D 3022 -74.61 11.62 -73.20
CA LEU D 3022 -75.50 10.50 -73.47
C LEU D 3022 -76.91 10.97 -73.83
N ASP D 3023 -77.78 9.99 -74.07
CA ASP D 3023 -79.10 10.22 -74.61
C ASP D 3023 -80.15 10.47 -73.51
N PRO D 3024 -81.17 11.29 -73.80
CA PRO D 3024 -81.98 11.88 -72.73
C PRO D 3024 -82.97 10.96 -72.02
N ALA D 3025 -82.93 9.65 -72.19
CA ALA D 3025 -83.67 8.79 -71.27
C ALA D 3025 -82.72 8.09 -70.31
N GLN D 3026 -81.59 7.63 -70.86
CA GLN D 3026 -80.56 7.02 -70.07
C GLN D 3026 -79.95 8.02 -69.09
N ARG D 3027 -79.99 9.33 -69.41
CA ARG D 3027 -79.47 10.28 -68.43
C ARG D 3027 -80.35 10.37 -67.19
N ALA D 3028 -81.67 10.24 -67.33
CA ALA D 3028 -82.54 10.28 -66.16
C ALA D 3028 -82.37 9.02 -65.31
N ASP D 3029 -82.32 7.86 -65.96
CA ASP D 3029 -82.12 6.63 -65.20
C ASP D 3029 -80.74 6.57 -64.55
N TYR D 3030 -79.74 7.13 -65.23
CA TYR D 3030 -78.40 7.20 -64.68
C TYR D 3030 -78.33 8.08 -63.45
N GLN D 3031 -79.01 9.23 -63.47
CA GLN D 3031 -78.99 10.11 -62.31
C GLN D 3031 -79.67 9.46 -61.11
N ARG D 3032 -80.76 8.71 -61.37
CA ARG D 3032 -81.40 7.94 -60.30
C ARG D 3032 -80.43 6.97 -59.64
N ARG D 3033 -79.77 6.13 -60.45
CA ARG D 3033 -78.93 5.08 -59.89
C ARG D 3033 -77.69 5.65 -59.20
N ALA D 3034 -77.12 6.73 -59.75
CA ALA D 3034 -75.92 7.29 -59.17
C ALA D 3034 -76.20 7.99 -57.84
N ASP D 3035 -77.32 8.71 -57.75
CA ASP D 3035 -77.69 9.33 -56.48
C ASP D 3035 -77.99 8.28 -55.42
N ALA D 3036 -78.60 7.16 -55.84
CA ALA D 3036 -78.88 6.07 -54.91
C ALA D 3036 -77.58 5.46 -54.37
N ARG D 3037 -76.58 5.33 -55.22
CA ARG D 3037 -75.33 4.72 -54.76
C ARG D 3037 -74.55 5.64 -53.84
N LEU D 3038 -74.56 6.95 -54.11
CA LEU D 3038 -73.88 7.88 -53.19
C LEU D 3038 -74.54 7.91 -51.82
N LEU D 3039 -75.88 7.98 -51.80
CA LEU D 3039 -76.60 7.97 -50.53
C LEU D 3039 -76.37 6.68 -49.76
N ALA D 3040 -76.39 5.55 -50.45
CA ALA D 3040 -76.15 4.27 -49.80
C ALA D 3040 -74.74 4.17 -49.24
N GLY D 3041 -73.76 4.76 -49.93
CA GLY D 3041 -72.40 4.75 -49.42
C GLY D 3041 -72.25 5.55 -48.13
N GLN D 3042 -72.83 6.74 -48.09
CA GLN D 3042 -72.62 7.50 -46.85
C GLN D 3042 -73.48 6.99 -45.71
N ARG D 3043 -74.64 6.40 -45.98
CA ARG D 3043 -75.35 5.85 -44.84
C ARG D 3043 -74.78 4.49 -44.42
N ARG D 3044 -74.02 3.83 -45.30
CA ARG D 3044 -73.26 2.67 -44.84
C ARG D 3044 -72.11 3.10 -43.94
N LEU D 3045 -71.49 4.24 -44.25
CA LEU D 3045 -70.51 4.80 -43.32
C LEU D 3045 -71.14 5.18 -41.99
N ALA D 3046 -72.38 5.67 -42.02
CA ALA D 3046 -73.06 6.00 -40.77
C ALA D 3046 -73.39 4.74 -39.96
N SER D 3047 -73.75 3.65 -40.65
CA SER D 3047 -73.98 2.39 -39.94
C SER D 3047 -72.70 1.86 -39.33
N ALA D 3048 -71.58 2.00 -40.03
CA ALA D 3048 -70.30 1.58 -39.48
C ALA D 3048 -69.84 2.50 -38.35
N ILE D 3049 -70.23 3.77 -38.40
CA ILE D 3049 -69.80 4.70 -37.36
C ILE D 3049 -70.61 4.45 -36.10
N ALA D 3050 -71.85 3.99 -36.24
CA ALA D 3050 -72.63 3.80 -35.03
C ALA D 3050 -72.63 2.35 -34.57
N GLY D 3051 -73.25 1.47 -35.34
CA GLY D 3051 -73.54 0.17 -34.79
C GLY D 3051 -72.41 -0.82 -34.84
N GLY D 3052 -72.02 -1.17 -36.04
CA GLY D 3052 -71.10 -2.26 -36.27
C GLY D 3052 -71.17 -2.65 -37.72
N ALA D 3053 -71.06 -3.96 -38.01
CA ALA D 3053 -70.88 -4.54 -39.33
C ALA D 3053 -69.75 -3.80 -40.03
N PRO D 3054 -68.51 -3.99 -39.60
CA PRO D 3054 -67.45 -3.06 -39.96
C PRO D 3054 -67.03 -3.23 -41.41
N MET D 3055 -66.37 -2.20 -41.91
CA MET D 3055 -65.82 -2.24 -43.24
C MET D 3055 -64.60 -3.17 -43.27
N TYR D 3056 -64.22 -3.58 -44.48
CA TYR D 3056 -63.12 -4.50 -44.74
C TYR D 3056 -63.33 -5.83 -44.00
N GLN D 3057 -64.33 -6.56 -44.46
CA GLN D 3057 -64.54 -7.93 -44.00
C GLN D 3057 -63.75 -8.88 -44.90
N ARG D 3058 -62.93 -9.72 -44.29
CA ARG D 3058 -62.06 -10.65 -45.01
C ARG D 3058 -62.59 -12.06 -44.92
N PRO D 3059 -62.99 -12.68 -46.04
CA PRO D 3059 -63.42 -14.08 -46.04
C PRO D 3059 -62.23 -15.03 -46.02
N HIS E 46 -96.19 -20.57 80.72
CA HIS E 46 -96.01 -19.21 80.21
C HIS E 46 -96.06 -18.23 81.37
N ALA E 47 -94.93 -18.08 82.07
CA ALA E 47 -94.91 -17.44 83.39
C ALA E 47 -95.27 -15.97 83.35
N LEU E 48 -95.01 -15.29 82.22
CA LEU E 48 -95.34 -13.87 82.13
C LEU E 48 -96.84 -13.66 82.11
N VAL E 49 -97.55 -14.37 81.23
CA VAL E 49 -98.99 -14.22 81.24
C VAL E 49 -99.61 -14.94 82.43
N ASP E 50 -98.88 -15.86 83.06
CA ASP E 50 -99.32 -16.39 84.36
C ASP E 50 -99.40 -15.29 85.39
N ARG E 51 -98.35 -14.47 85.48
CA ARG E 51 -98.36 -13.35 86.42
C ARG E 51 -99.39 -12.30 86.02
N LEU E 52 -99.53 -12.03 84.72
CA LEU E 52 -100.46 -10.99 84.30
C LEU E 52 -101.92 -11.42 84.39
N MET E 53 -102.23 -12.70 84.19
CA MET E 53 -103.59 -13.18 84.37
C MET E 53 -103.91 -13.48 85.82
N ALA E 54 -102.90 -13.74 86.65
CA ALA E 54 -103.12 -13.74 88.10
C ALA E 54 -103.32 -12.31 88.61
N GLY E 55 -102.78 -11.33 87.88
CA GLY E 55 -103.03 -9.94 88.18
C GLY E 55 -101.79 -9.20 88.63
N GLU E 56 -101.17 -8.51 87.69
CA GLU E 56 -100.15 -7.52 87.92
C GLU E 56 -100.50 -6.31 87.07
N PRO E 57 -100.20 -5.09 87.54
CA PRO E 57 -100.57 -3.90 86.76
C PRO E 57 -99.75 -3.79 85.49
N TYR E 58 -100.43 -3.90 84.36
CA TYR E 58 -99.81 -3.73 83.05
C TYR E 58 -100.62 -2.71 82.26
N ALA E 59 -99.91 -1.92 81.47
CA ALA E 59 -100.51 -0.98 80.56
C ALA E 59 -100.32 -1.50 79.15
N VAL E 60 -101.12 -0.98 78.23
CA VAL E 60 -101.00 -1.34 76.82
C VAL E 60 -100.82 -0.07 76.01
N ALA E 61 -99.81 -0.07 75.15
CA ALA E 61 -99.47 1.06 74.33
C ALA E 61 -99.68 0.71 72.87
N PHE E 62 -100.11 1.71 72.10
CA PHE E 62 -100.38 1.53 70.68
C PHE E 62 -99.42 2.35 69.85
N GLY E 63 -98.93 1.74 68.77
CA GLY E 63 -97.84 2.29 68.00
C GLY E 63 -98.23 3.49 67.14
N GLY E 64 -97.25 3.95 66.39
CA GLY E 64 -97.42 5.16 65.60
C GLY E 64 -97.21 4.95 64.12
N GLN E 65 -96.69 5.97 63.45
CA GLN E 65 -96.61 6.00 62.01
C GLN E 65 -95.18 5.79 61.54
N GLY E 66 -95.03 5.44 60.26
CA GLY E 66 -93.74 5.18 59.67
C GLY E 66 -93.10 3.93 60.22
N SER E 67 -93.70 2.76 59.96
CA SER E 67 -93.24 1.56 60.63
C SER E 67 -93.21 0.30 59.76
N ALA E 68 -93.56 0.39 58.47
CA ALA E 68 -93.58 -0.73 57.52
C ALA E 68 -94.46 -1.88 58.02
N TRP E 69 -95.76 -1.58 58.08
CA TRP E 69 -96.75 -2.44 58.72
C TRP E 69 -97.01 -3.73 57.96
N LEU E 70 -96.67 -3.78 56.67
CA LEU E 70 -97.13 -4.86 55.81
C LEU E 70 -96.47 -6.18 56.16
N GLU E 71 -95.15 -6.19 56.37
CA GLU E 71 -94.46 -7.44 56.60
C GLU E 71 -94.76 -8.01 57.98
N THR E 72 -94.95 -7.15 58.99
CA THR E 72 -95.31 -7.68 60.30
C THR E 72 -96.76 -8.15 60.33
N LEU E 73 -97.66 -7.52 59.56
CA LEU E 73 -99.00 -8.06 59.47
C LEU E 73 -99.03 -9.37 58.71
N GLU E 74 -98.17 -9.50 57.69
CA GLU E 74 -98.07 -10.75 56.96
C GLU E 74 -97.55 -11.87 57.85
N GLU E 75 -96.53 -11.59 58.66
CA GLU E 75 -96.00 -12.60 59.57
C GLU E 75 -97.02 -12.98 60.62
N LEU E 76 -97.80 -12.01 61.11
CA LEU E 76 -98.79 -12.32 62.14
C LEU E 76 -99.95 -13.14 61.59
N VAL E 77 -100.40 -12.84 60.36
CA VAL E 77 -101.45 -13.63 59.73
C VAL E 77 -100.96 -15.03 59.41
N SER E 78 -99.71 -15.15 58.93
CA SER E 78 -99.15 -16.46 58.62
C SER E 78 -98.91 -17.28 59.88
N ALA E 79 -98.71 -16.63 61.02
CA ALA E 79 -98.55 -17.36 62.27
C ALA E 79 -99.89 -17.82 62.83
N THR E 80 -100.91 -16.96 62.79
CA THR E 80 -102.17 -17.28 63.45
C THR E 80 -103.18 -17.96 62.53
N GLY E 81 -103.54 -17.33 61.41
CA GLY E 81 -104.60 -17.85 60.57
C GLY E 81 -105.95 -17.23 60.90
N ILE E 82 -106.01 -15.90 60.89
CA ILE E 82 -107.23 -15.16 61.18
C ILE E 82 -107.71 -14.43 59.92
N GLU E 83 -107.28 -14.96 58.76
CA GLU E 83 -107.50 -14.32 57.48
C GLU E 83 -108.99 -14.25 57.12
N THR E 84 -109.77 -15.22 57.57
CA THR E 84 -111.21 -15.20 57.30
C THR E 84 -111.91 -14.07 58.06
N GLU E 85 -111.53 -13.87 59.32
CA GLU E 85 -112.13 -12.80 60.11
C GLU E 85 -111.68 -11.44 59.59
N LEU E 86 -110.42 -11.33 59.17
CA LEU E 86 -109.95 -10.09 58.57
C LEU E 86 -110.64 -9.82 57.24
N ALA E 87 -110.92 -10.88 56.47
CA ALA E 87 -111.56 -10.72 55.17
C ALA E 87 -113.00 -10.26 55.33
N THR E 88 -113.74 -10.84 56.28
CA THR E 88 -115.11 -10.36 56.46
C THR E 88 -115.14 -8.98 57.11
N LEU E 89 -114.11 -8.64 57.89
CA LEU E 89 -113.97 -7.28 58.42
C LEU E 89 -113.83 -6.25 57.30
N VAL E 90 -112.85 -6.48 56.41
CA VAL E 90 -112.63 -5.59 55.27
C VAL E 90 -113.83 -5.59 54.33
N GLY E 91 -114.51 -6.73 54.21
CA GLY E 91 -115.66 -6.82 53.32
C GLY E 91 -116.83 -5.98 53.77
N GLU E 92 -117.18 -6.07 55.05
CA GLU E 92 -118.28 -5.22 55.51
C GLU E 92 -117.85 -3.77 55.69
N ALA E 93 -116.56 -3.52 55.85
CA ALA E 93 -116.08 -2.13 55.86
C ALA E 93 -116.26 -1.48 54.50
N GLU E 94 -115.81 -2.15 53.43
CA GLU E 94 -115.99 -1.58 52.09
C GLU E 94 -117.45 -1.64 51.65
N LEU E 95 -118.26 -2.53 52.23
CA LEU E 95 -119.69 -2.46 52.01
C LEU E 95 -120.28 -1.20 52.63
N LEU E 96 -119.77 -0.81 53.80
CA LEU E 96 -120.21 0.44 54.42
C LEU E 96 -119.70 1.65 53.63
N LEU E 97 -118.55 1.51 52.97
CA LEU E 97 -117.97 2.61 52.20
C LEU E 97 -118.43 2.64 50.75
N ASP E 98 -119.65 2.19 50.47
CA ASP E 98 -120.14 2.14 49.09
C ASP E 98 -120.32 3.49 48.40
N PRO E 99 -120.96 4.53 48.98
CA PRO E 99 -121.25 5.73 48.15
C PRO E 99 -120.06 6.60 47.82
N VAL E 100 -118.97 6.56 48.59
CA VAL E 100 -117.96 7.61 48.45
C VAL E 100 -116.71 6.99 47.84
N THR E 101 -116.90 5.94 47.02
CA THR E 101 -115.76 5.26 46.41
C THR E 101 -115.04 6.15 45.41
N ASP E 102 -115.77 7.05 44.73
CA ASP E 102 -115.15 7.93 43.75
C ASP E 102 -114.23 8.94 44.42
N GLU E 103 -114.74 9.65 45.42
CA GLU E 103 -113.94 10.62 46.15
C GLU E 103 -112.83 9.95 46.94
N LEU E 104 -113.03 8.70 47.33
CA LEU E 104 -111.96 7.94 47.95
C LEU E 104 -110.87 7.55 46.96
N ILE E 105 -111.26 7.21 45.72
CA ILE E 105 -110.31 6.70 44.75
C ILE E 105 -109.65 7.82 43.95
N VAL E 106 -110.04 9.07 44.20
CA VAL E 106 -109.24 10.21 43.73
C VAL E 106 -107.80 10.08 44.19
N VAL E 107 -107.60 9.70 45.45
CA VAL E 107 -106.28 9.75 46.06
C VAL E 107 -105.49 8.47 45.78
N ARG E 108 -106.05 7.32 46.15
CA ARG E 108 -105.29 6.09 46.20
C ARG E 108 -104.92 5.58 44.81
N PRO E 109 -103.64 5.33 44.54
CA PRO E 109 -103.25 4.91 43.20
C PRO E 109 -103.54 3.46 42.93
N ILE E 110 -103.35 2.60 43.91
CA ILE E 110 -103.58 1.17 43.72
C ILE E 110 -104.99 0.78 44.11
N GLY E 111 -105.40 1.06 45.33
CA GLY E 111 -106.78 0.83 45.68
C GLY E 111 -107.04 0.17 47.01
N PHE E 112 -105.96 -0.13 47.74
CA PHE E 112 -106.01 -0.66 49.11
C PHE E 112 -106.77 -1.99 49.20
N GLU E 113 -106.14 -3.02 48.64
CA GLU E 113 -106.53 -4.39 48.99
C GLU E 113 -105.40 -5.03 49.78
N PRO E 114 -105.44 -4.97 51.10
CA PRO E 114 -104.27 -5.38 51.90
C PRO E 114 -104.10 -6.87 52.05
N LEU E 115 -105.20 -7.63 52.14
CA LEU E 115 -105.07 -9.05 52.43
C LEU E 115 -104.56 -9.83 51.23
N GLN E 116 -104.87 -9.38 50.02
CA GLN E 116 -104.28 -10.01 48.86
C GLN E 116 -102.80 -9.66 48.72
N TRP E 117 -102.41 -8.48 49.21
CA TRP E 117 -100.98 -8.15 49.30
C TRP E 117 -100.29 -9.07 50.30
N VAL E 118 -100.98 -9.41 51.39
CA VAL E 118 -100.46 -10.36 52.38
C VAL E 118 -100.28 -11.74 51.75
N ARG E 119 -101.29 -12.17 50.97
CA ARG E 119 -101.19 -13.43 50.25
C ARG E 119 -100.04 -13.42 49.25
N ALA E 120 -99.82 -12.27 48.60
CA ALA E 120 -98.74 -12.14 47.64
C ALA E 120 -97.38 -12.22 48.31
N LEU E 121 -97.23 -11.56 49.46
CA LEU E 121 -95.96 -11.62 50.18
C LEU E 121 -95.73 -12.99 50.79
N ALA E 122 -96.80 -13.68 51.17
CA ALA E 122 -96.65 -15.04 51.68
C ALA E 122 -96.23 -16.00 50.58
N ALA E 123 -96.84 -15.89 49.40
CA ALA E 123 -96.53 -16.76 48.28
C ALA E 123 -95.36 -16.28 47.45
N GLU E 124 -94.67 -15.21 47.89
CA GLU E 124 -93.51 -14.61 47.23
C GLU E 124 -93.89 -14.16 45.82
N ASP E 125 -94.76 -13.17 45.80
CA ASP E 125 -95.20 -12.51 44.57
C ASP E 125 -94.64 -11.10 44.62
N PRO E 126 -94.66 -10.32 43.54
CA PRO E 126 -94.24 -8.92 43.65
C PRO E 126 -95.16 -8.11 44.54
N VAL E 127 -94.56 -7.17 45.25
CA VAL E 127 -95.20 -6.42 46.33
C VAL E 127 -95.41 -4.99 45.82
N PRO E 128 -96.44 -4.28 46.26
CA PRO E 128 -96.53 -2.85 45.95
C PRO E 128 -95.36 -2.08 46.54
N SER E 129 -94.98 -1.01 45.84
CA SER E 129 -93.74 -0.31 46.15
C SER E 129 -93.87 0.53 47.42
N ASP E 130 -92.74 1.11 47.82
CA ASP E 130 -92.65 1.74 49.13
C ASP E 130 -93.44 3.03 49.21
N LYS E 131 -93.45 3.82 48.13
CA LYS E 131 -94.25 5.04 48.12
C LYS E 131 -95.74 4.73 48.21
N HIS E 132 -96.20 3.78 47.40
CA HIS E 132 -97.59 3.36 47.40
C HIS E 132 -97.97 2.60 48.66
N LEU E 133 -97.01 2.18 49.47
CA LEU E 133 -97.34 1.68 50.80
C LEU E 133 -97.32 2.76 51.87
N THR E 134 -96.41 3.73 51.75
CA THR E 134 -96.24 4.70 52.82
C THR E 134 -97.13 5.91 52.69
N SER E 135 -97.88 6.03 51.58
CA SER E 135 -98.89 7.07 51.50
C SER E 135 -99.96 6.87 52.56
N ALA E 136 -100.59 7.98 52.98
CA ALA E 136 -101.39 7.97 54.21
C ALA E 136 -102.66 7.17 54.07
N ALA E 137 -103.32 7.26 52.91
CA ALA E 137 -104.61 6.62 52.69
C ALA E 137 -104.54 5.10 52.72
N VAL E 138 -103.35 4.52 52.54
CA VAL E 138 -103.17 3.11 52.72
C VAL E 138 -102.35 2.78 53.96
N SER E 139 -101.63 3.74 54.54
CA SER E 139 -100.86 3.43 55.73
C SER E 139 -101.74 3.45 56.97
N VAL E 140 -102.43 4.57 57.20
CA VAL E 140 -103.22 4.74 58.41
C VAL E 140 -104.40 3.75 58.53
N PRO E 141 -104.94 3.10 57.47
CA PRO E 141 -105.74 1.91 57.76
C PRO E 141 -104.92 0.65 57.93
N GLY E 142 -103.73 0.58 57.30
CA GLY E 142 -102.93 -0.61 57.40
C GLY E 142 -102.39 -0.84 58.80
N VAL E 143 -101.95 0.22 59.47
CA VAL E 143 -101.49 0.07 60.85
C VAL E 143 -102.64 -0.24 61.78
N LEU E 144 -103.84 0.30 61.51
CA LEU E 144 -104.99 -0.02 62.34
C LEU E 144 -105.38 -1.49 62.19
N LEU E 145 -105.38 -1.99 60.96
CA LEU E 145 -105.66 -3.40 60.74
C LEU E 145 -104.58 -4.27 61.36
N THR E 146 -103.33 -3.80 61.35
CA THR E 146 -102.24 -4.53 62.01
C THR E 146 -102.45 -4.62 63.51
N GLN E 147 -102.87 -3.51 64.12
CA GLN E 147 -103.04 -3.50 65.58
C GLN E 147 -104.26 -4.30 66.01
N ILE E 148 -105.36 -4.22 65.25
CA ILE E 148 -106.55 -5.02 65.56
C ILE E 148 -106.26 -6.50 65.39
N ALA E 149 -105.54 -6.85 64.32
CA ALA E 149 -105.14 -8.25 64.12
C ALA E 149 -104.17 -8.71 65.19
N ALA E 150 -103.32 -7.82 65.70
CA ALA E 150 -102.42 -8.22 66.76
C ALA E 150 -103.15 -8.47 68.07
N THR E 151 -104.13 -7.63 68.39
CA THR E 151 -104.94 -7.84 69.59
C THR E 151 -105.73 -9.12 69.51
N ARG E 152 -106.36 -9.38 68.36
CA ARG E 152 -107.11 -10.62 68.20
C ARG E 152 -106.19 -11.83 68.14
N ALA E 153 -104.95 -11.64 67.65
CA ALA E 153 -103.99 -12.72 67.62
C ALA E 153 -103.58 -13.13 69.03
N LEU E 154 -103.26 -12.16 69.88
CA LEU E 154 -102.91 -12.48 71.26
C LEU E 154 -104.11 -12.98 72.05
N ALA E 155 -105.32 -12.53 71.71
CA ALA E 155 -106.52 -13.08 72.33
C ALA E 155 -106.73 -14.54 71.94
N ARG E 156 -106.38 -14.91 70.71
CA ARG E 156 -106.41 -16.33 70.34
C ARG E 156 -105.29 -17.09 71.02
N GLN E 157 -104.13 -16.44 71.20
CA GLN E 157 -103.00 -17.07 71.86
C GLN E 157 -103.24 -17.31 73.34
N GLY E 158 -104.14 -16.55 73.96
CA GLY E 158 -104.55 -16.90 75.31
C GLY E 158 -104.41 -15.81 76.35
N MET E 159 -104.36 -14.55 75.93
CA MET E 159 -104.36 -13.42 76.85
C MET E 159 -105.59 -12.58 76.54
N ASP E 160 -106.54 -12.57 77.46
CA ASP E 160 -107.83 -11.94 77.23
C ASP E 160 -107.89 -10.61 77.97
N LEU E 161 -107.99 -9.53 77.22
CA LEU E 161 -108.01 -8.20 77.81
C LEU E 161 -109.32 -7.88 78.49
N VAL E 162 -110.42 -8.54 78.11
CA VAL E 162 -111.66 -8.35 78.84
C VAL E 162 -111.71 -9.21 80.10
N ALA E 163 -110.93 -10.30 80.14
CA ALA E 163 -110.82 -11.07 81.37
C ALA E 163 -109.92 -10.38 82.39
N THR E 164 -108.77 -9.89 81.93
CA THR E 164 -107.90 -9.06 82.77
C THR E 164 -107.70 -7.71 82.08
N PRO E 165 -108.34 -6.65 82.56
CA PRO E 165 -108.18 -5.34 81.94
C PRO E 165 -106.81 -4.77 82.22
N PRO E 166 -106.21 -4.09 81.25
CA PRO E 166 -105.00 -3.33 81.52
C PRO E 166 -105.32 -2.11 82.37
N VAL E 167 -104.29 -1.60 83.04
CA VAL E 167 -104.48 -0.47 83.92
C VAL E 167 -104.52 0.82 83.13
N ALA E 168 -103.56 1.02 82.23
CA ALA E 168 -103.46 2.26 81.47
C ALA E 168 -103.44 2.00 79.98
N MET E 169 -103.92 3.01 79.25
CA MET E 169 -104.20 2.94 77.82
C MET E 169 -103.37 4.04 77.15
N ALA E 170 -102.24 3.67 76.56
CA ALA E 170 -101.34 4.65 75.99
C ALA E 170 -101.57 4.77 74.49
N GLY E 171 -101.96 5.96 74.06
CA GLY E 171 -102.16 6.22 72.65
C GLY E 171 -101.21 7.26 72.09
N HIS E 172 -100.44 6.86 71.08
CA HIS E 172 -99.50 7.73 70.41
C HIS E 172 -100.29 8.54 69.35
N SER E 173 -99.56 9.15 68.42
CA SER E 173 -100.07 9.84 67.24
C SER E 173 -101.20 9.13 66.51
N GLN E 174 -100.91 7.94 66.00
CA GLN E 174 -101.90 7.24 65.21
C GLN E 174 -102.89 6.49 66.08
N GLY E 175 -102.44 5.95 67.21
CA GLY E 175 -103.21 4.99 67.96
C GLY E 175 -104.36 5.51 68.77
N VAL E 176 -104.84 6.73 68.52
CA VAL E 176 -105.99 7.24 69.25
C VAL E 176 -107.25 6.50 68.84
N LEU E 177 -107.42 6.27 67.53
CA LEU E 177 -108.55 5.48 67.06
C LEU E 177 -108.46 4.02 67.51
N ALA E 178 -107.26 3.47 67.58
CA ALA E 178 -107.12 2.10 68.05
C ALA E 178 -107.39 1.99 69.54
N VAL E 179 -107.00 2.99 70.31
CA VAL E 179 -107.27 2.92 71.73
C VAL E 179 -108.74 3.24 72.03
N GLU E 180 -109.42 3.97 71.14
CA GLU E 180 -110.88 4.03 71.24
C GLU E 180 -111.51 2.68 70.93
N ALA E 181 -110.95 1.97 69.94
CA ALA E 181 -111.48 0.67 69.56
C ALA E 181 -111.31 -0.37 70.66
N LEU E 182 -110.24 -0.28 71.44
CA LEU E 182 -110.11 -1.20 72.56
C LEU E 182 -110.66 -0.67 73.88
N LYS E 183 -110.91 0.64 73.98
CA LYS E 183 -111.64 1.14 75.14
C LYS E 183 -113.10 0.72 75.05
N ALA E 184 -113.68 0.78 73.86
CA ALA E 184 -114.93 0.07 73.64
C ALA E 184 -114.62 -1.41 73.42
N GLY E 185 -115.68 -2.20 73.29
CA GLY E 185 -115.51 -3.61 73.03
C GLY E 185 -115.06 -3.88 71.61
N GLY E 186 -115.07 -5.17 71.25
CA GLY E 186 -114.80 -5.56 69.88
C GLY E 186 -116.03 -5.45 68.98
N ALA E 187 -116.68 -4.29 68.98
CA ALA E 187 -117.96 -4.13 68.29
C ALA E 187 -118.07 -2.82 67.52
N ARG E 188 -117.07 -1.94 67.56
CA ARG E 188 -117.07 -0.73 66.76
C ARG E 188 -115.88 -0.69 65.81
N ASP E 189 -115.25 -1.85 65.61
CA ASP E 189 -114.08 -1.95 64.76
C ASP E 189 -114.38 -1.63 63.31
N VAL E 190 -115.58 -1.98 62.82
CA VAL E 190 -115.93 -1.69 61.44
C VAL E 190 -116.09 -0.20 61.22
N GLU E 191 -116.75 0.49 62.15
CA GLU E 191 -116.96 1.92 62.00
C GLU E 191 -115.65 2.68 62.15
N LEU E 192 -114.78 2.22 63.04
CA LEU E 192 -113.50 2.90 63.18
C LEU E 192 -112.55 2.56 62.03
N PHE E 193 -112.68 1.39 61.43
CA PHE E 193 -111.86 1.06 60.27
C PHE E 193 -112.25 1.91 59.08
N ALA E 194 -113.56 2.05 58.84
CA ALA E 194 -114.03 2.94 57.78
C ALA E 194 -113.68 4.39 58.08
N LEU E 195 -113.66 4.77 59.36
CA LEU E 195 -113.32 6.13 59.71
C LEU E 195 -111.86 6.43 59.45
N ALA E 196 -110.96 5.51 59.81
CA ALA E 196 -109.54 5.69 59.52
C ALA E 196 -109.27 5.67 58.03
N GLN E 197 -110.02 4.86 57.28
CA GLN E 197 -109.85 4.82 55.84
C GLN E 197 -110.35 6.10 55.19
N LEU E 198 -111.28 6.81 55.83
CA LEU E 198 -111.59 8.17 55.40
C LEU E 198 -110.49 9.16 55.78
N ILE E 199 -109.94 9.00 56.99
CA ILE E 199 -108.95 9.94 57.54
C ILE E 199 -107.71 10.01 56.66
N GLY E 200 -107.24 8.86 56.18
CA GLY E 200 -106.03 8.85 55.38
C GLY E 200 -106.18 9.53 54.03
N ALA E 201 -107.32 9.28 53.37
CA ALA E 201 -107.58 9.92 52.08
C ALA E 201 -107.74 11.43 52.24
N ALA E 202 -108.45 11.86 53.29
CA ALA E 202 -108.60 13.29 53.52
C ALA E 202 -107.27 13.94 53.89
N GLY E 203 -106.42 13.22 54.62
CA GLY E 203 -105.12 13.76 54.97
C GLY E 203 -104.23 13.95 53.77
N THR E 204 -104.18 12.95 52.89
CA THR E 204 -103.34 13.06 51.70
C THR E 204 -103.88 14.14 50.76
N LEU E 205 -105.20 14.25 50.67
CA LEU E 205 -105.82 15.23 49.79
C LEU E 205 -105.54 16.66 50.26
N VAL E 206 -105.78 16.94 51.55
CA VAL E 206 -105.58 18.29 52.06
C VAL E 206 -104.08 18.62 52.11
N ALA E 207 -103.22 17.63 52.36
CA ALA E 207 -101.79 17.90 52.40
C ALA E 207 -101.22 18.11 51.00
N ARG E 208 -101.82 17.53 49.97
CA ARG E 208 -101.38 17.86 48.63
C ARG E 208 -101.91 19.22 48.20
N ARG E 209 -103.10 19.59 48.68
CA ARG E 209 -103.63 20.93 48.39
C ARG E 209 -102.76 22.00 49.05
N ARG E 210 -102.24 21.72 50.23
CA ARG E 210 -101.26 22.57 50.87
C ARG E 210 -99.87 22.06 50.46
N GLY E 211 -98.82 22.51 51.15
CA GLY E 211 -97.49 22.08 50.78
C GLY E 211 -96.82 21.16 51.78
N ILE E 212 -97.61 20.34 52.47
CA ILE E 212 -97.09 19.62 53.63
C ILE E 212 -96.90 18.16 53.25
N SER E 213 -96.64 17.90 51.97
CA SER E 213 -96.35 16.54 51.52
C SER E 213 -94.91 16.45 51.07
N VAL E 214 -94.46 15.22 50.87
CA VAL E 214 -93.09 14.97 50.43
C VAL E 214 -92.94 15.41 48.98
N LEU E 215 -91.87 16.16 48.69
CA LEU E 215 -91.63 16.61 47.33
C LEU E 215 -90.76 15.63 46.57
N GLY E 216 -89.53 15.43 47.03
CA GLY E 216 -88.65 14.44 46.43
C GLY E 216 -88.36 13.33 47.41
N ASP E 217 -87.18 13.38 48.02
CA ASP E 217 -86.86 12.50 49.14
C ASP E 217 -87.05 13.18 50.48
N ARG E 218 -87.01 14.50 50.51
CA ARG E 218 -87.14 15.24 51.76
C ARG E 218 -88.56 15.15 52.33
N PRO E 219 -88.74 14.65 53.54
CA PRO E 219 -90.07 14.37 54.05
C PRO E 219 -90.61 15.55 54.84
N PRO E 220 -91.90 15.57 55.17
CA PRO E 220 -92.45 16.68 55.94
C PRO E 220 -92.18 16.63 57.43
N MET E 221 -91.52 15.60 57.96
CA MET E 221 -91.23 15.53 59.39
C MET E 221 -89.75 15.28 59.62
N VAL E 222 -89.14 16.13 60.45
CA VAL E 222 -87.74 15.97 60.82
C VAL E 222 -87.66 15.86 62.33
N SER E 223 -87.04 14.79 62.81
CA SER E 223 -86.89 14.54 64.24
C SER E 223 -85.61 15.18 64.75
N VAL E 224 -85.75 15.98 65.81
CA VAL E 224 -84.64 16.63 66.49
C VAL E 224 -84.37 15.85 67.76
N THR E 225 -83.18 15.26 67.85
CA THR E 225 -82.73 14.62 69.07
C THR E 225 -81.55 15.40 69.64
N ASN E 226 -81.28 15.15 70.93
CA ASN E 226 -80.17 15.74 71.68
C ASN E 226 -80.29 17.26 71.71
N ALA E 227 -81.43 17.75 72.19
CA ALA E 227 -81.67 19.18 72.29
C ALA E 227 -82.76 19.42 73.32
N ASP E 228 -82.73 20.63 73.87
CA ASP E 228 -83.70 21.02 74.89
C ASP E 228 -84.98 21.48 74.20
N PRO E 229 -86.14 20.88 74.48
CA PRO E 229 -87.37 21.24 73.76
C PRO E 229 -87.83 22.68 73.97
N GLU E 230 -87.60 23.26 75.14
CA GLU E 230 -87.95 24.66 75.35
C GLU E 230 -87.04 25.58 74.52
N ARG E 231 -85.76 25.24 74.41
CA ARG E 231 -84.87 26.00 73.55
C ARG E 231 -85.24 25.85 72.08
N ILE E 232 -85.68 24.65 71.70
CA ILE E 232 -86.13 24.43 70.32
C ILE E 232 -87.37 25.27 70.03
N GLY E 233 -88.28 25.37 71.00
CA GLY E 233 -89.44 26.24 70.81
C GLY E 233 -89.06 27.71 70.72
N ARG E 234 -88.07 28.13 71.52
CA ARG E 234 -87.56 29.51 71.46
C ARG E 234 -86.99 29.83 70.10
N LEU E 235 -86.09 29.00 69.59
CA LEU E 235 -85.49 29.42 68.33
C LEU E 235 -86.35 29.06 67.13
N LEU E 236 -87.37 28.20 67.27
CA LEU E 236 -88.42 28.13 66.25
C LEU E 236 -89.20 29.42 66.18
N ASP E 237 -89.53 30.01 67.33
CA ASP E 237 -90.21 31.30 67.30
C ASP E 237 -89.30 32.40 66.72
N GLU E 238 -88.00 32.34 67.04
CA GLU E 238 -87.06 33.31 66.50
C GLU E 238 -86.87 33.14 65.00
N PHE E 239 -86.84 31.90 64.52
CA PHE E 239 -86.82 31.62 63.09
C PHE E 239 -88.13 31.98 62.42
N ALA E 240 -89.22 32.05 63.17
CA ALA E 240 -90.47 32.52 62.60
C ALA E 240 -90.52 34.03 62.48
N GLN E 241 -89.89 34.76 63.41
CA GLN E 241 -90.09 36.20 63.49
C GLN E 241 -89.52 37.01 62.33
N ASP E 242 -88.59 36.47 61.55
CA ASP E 242 -88.05 37.26 60.45
C ASP E 242 -89.00 37.22 59.25
N VAL E 243 -88.83 38.20 58.37
CA VAL E 243 -89.76 38.39 57.26
C VAL E 243 -89.57 37.34 56.17
N ARG E 244 -88.34 36.88 55.95
CA ARG E 244 -88.00 36.16 54.73
C ARG E 244 -88.59 34.75 54.68
N THR E 245 -89.05 34.21 55.81
CA THR E 245 -89.85 33.00 55.79
C THR E 245 -91.32 33.34 55.70
N VAL E 246 -92.07 32.50 55.00
CA VAL E 246 -93.50 32.76 54.81
C VAL E 246 -94.34 31.83 55.67
N LEU E 247 -93.96 30.55 55.73
CA LEU E 247 -94.66 29.57 56.54
C LEU E 247 -93.74 29.08 57.64
N PRO E 248 -93.98 29.44 58.90
CA PRO E 248 -93.11 28.95 59.98
C PRO E 248 -93.36 27.49 60.27
N PRO E 249 -92.32 26.66 60.30
CA PRO E 249 -92.49 25.28 60.73
C PRO E 249 -92.76 25.22 62.22
N VAL E 250 -93.59 24.28 62.61
CA VAL E 250 -94.07 24.22 63.99
C VAL E 250 -93.62 22.93 64.64
N LEU E 251 -93.47 22.98 65.96
CA LEU E 251 -93.21 21.80 66.75
C LEU E 251 -94.51 21.06 66.98
N SER E 252 -94.49 19.74 66.77
CA SER E 252 -95.71 18.96 66.86
C SER E 252 -95.72 18.00 68.03
N ILE E 253 -94.77 17.07 68.12
CA ILE E 253 -94.88 16.04 69.14
C ILE E 253 -93.70 16.18 70.09
N ARG E 254 -93.64 15.31 71.10
CA ARG E 254 -92.59 15.38 72.10
C ARG E 254 -92.35 13.96 72.60
N ASN E 255 -91.35 13.29 72.03
CA ASN E 255 -91.11 11.89 72.37
C ASN E 255 -90.51 11.76 73.77
N GLY E 256 -89.32 12.28 73.95
CA GLY E 256 -88.62 12.19 75.21
C GLY E 256 -88.40 13.56 75.83
N ARG E 257 -87.41 13.62 76.71
CA ARG E 257 -86.99 14.89 77.26
C ARG E 257 -85.91 15.55 76.43
N ARG E 258 -85.44 14.87 75.38
CA ARG E 258 -84.41 15.41 74.49
C ARG E 258 -84.74 15.17 73.03
N ALA E 259 -86.01 15.00 72.68
CA ALA E 259 -86.37 14.68 71.30
C ALA E 259 -87.77 15.16 70.99
N VAL E 260 -87.90 15.91 69.89
CA VAL E 260 -89.19 16.29 69.31
C VAL E 260 -89.11 16.02 67.81
N VAL E 261 -90.21 16.28 67.09
CA VAL E 261 -90.12 16.37 65.64
C VAL E 261 -90.79 17.66 65.20
N ILE E 262 -90.44 18.12 64.01
CA ILE E 262 -90.93 19.35 63.43
C ILE E 262 -91.61 19.01 62.12
N THR E 263 -92.82 19.53 61.93
CA THR E 263 -93.64 19.26 60.76
C THR E 263 -93.87 20.54 59.98
N GLY E 264 -93.56 20.51 58.68
CA GLY E 264 -93.78 21.69 57.86
C GLY E 264 -93.30 21.46 56.44
N THR E 265 -93.20 22.56 55.72
CA THR E 265 -92.77 22.55 54.33
C THR E 265 -91.30 22.13 54.26
N PRO E 266 -90.93 21.26 53.30
CA PRO E 266 -89.56 20.69 53.31
C PRO E 266 -88.43 21.69 53.12
N GLU E 267 -88.59 22.71 52.26
CA GLU E 267 -87.50 23.67 52.17
C GLU E 267 -87.44 24.58 53.40
N GLN E 268 -88.57 24.77 54.08
CA GLN E 268 -88.56 25.45 55.36
C GLN E 268 -87.78 24.64 56.40
N LEU E 269 -87.95 23.32 56.36
CA LEU E 269 -87.21 22.45 57.27
C LEU E 269 -85.71 22.49 56.99
N SER E 270 -85.33 22.50 55.71
CA SER E 270 -83.91 22.57 55.36
C SER E 270 -83.31 23.92 55.74
N ARG E 271 -84.09 25.00 55.59
CA ARG E 271 -83.61 26.32 56.00
C ARG E 271 -83.43 26.40 57.51
N PHE E 272 -84.36 25.83 58.28
CA PHE E 272 -84.22 25.78 59.73
C PHE E 272 -83.04 24.94 60.16
N GLU E 273 -82.75 23.86 59.42
CA GLU E 273 -81.56 23.07 59.71
C GLU E 273 -80.28 23.86 59.47
N LEU E 274 -80.26 24.68 58.40
CA LEU E 274 -79.11 25.57 58.16
C LEU E 274 -78.95 26.58 59.29
N TYR E 275 -80.06 27.11 59.80
CA TYR E 275 -80.05 28.07 60.89
C TYR E 275 -79.46 27.48 62.17
N CYS E 276 -79.92 26.27 62.53
CA CYS E 276 -79.40 25.59 63.70
C CYS E 276 -77.94 25.18 63.53
N ARG E 277 -77.54 24.83 62.29
CA ARG E 277 -76.14 24.50 62.04
C ARG E 277 -75.24 25.72 62.21
N GLN E 278 -75.73 26.90 61.83
CA GLN E 278 -74.96 28.12 62.02
C GLN E 278 -74.77 28.44 63.50
N ILE E 279 -75.83 28.29 64.30
CA ILE E 279 -75.71 28.53 65.74
C ILE E 279 -74.79 27.49 66.39
N SER E 280 -74.84 26.25 65.90
CA SER E 280 -73.95 25.20 66.40
C SER E 280 -72.49 25.50 66.11
N GLU E 281 -72.19 26.00 64.92
CA GLU E 281 -70.82 26.36 64.59
C GLU E 281 -70.35 27.57 65.39
N LYS E 282 -71.27 28.48 65.71
CA LYS E 282 -70.94 29.61 66.58
C LYS E 282 -70.49 29.15 67.96
N GLU E 283 -71.29 28.28 68.60
CA GLU E 283 -70.91 27.82 69.93
C GLU E 283 -69.71 26.89 69.90
N GLU E 284 -69.50 26.16 68.80
CA GLU E 284 -68.32 25.30 68.71
C GLU E 284 -67.05 26.13 68.58
N ALA E 285 -67.10 27.23 67.82
CA ALA E 285 -65.94 28.13 67.78
C ALA E 285 -65.73 28.82 69.12
N ASP E 286 -66.81 29.12 69.84
CA ASP E 286 -66.68 29.70 71.17
C ASP E 286 -66.05 28.73 72.16
N ARG E 287 -66.26 27.43 71.99
CA ARG E 287 -65.53 26.46 72.80
C ARG E 287 -64.08 26.37 72.36
N LYS E 288 -63.82 26.26 71.05
CA LYS E 288 -62.48 25.99 70.56
C LYS E 288 -61.52 27.14 70.82
N ASN E 289 -62.01 28.38 70.89
CA ASN E 289 -61.17 29.49 71.26
C ASN E 289 -61.05 29.68 72.78
N LYS E 290 -61.32 28.63 73.56
CA LYS E 290 -61.06 28.53 74.99
C LYS E 290 -61.83 29.60 75.78
N VAL E 291 -63.14 29.53 75.65
CA VAL E 291 -64.10 30.32 76.42
C VAL E 291 -64.96 29.20 76.98
N ARG E 292 -66.14 29.52 77.55
CA ARG E 292 -66.91 28.80 78.57
C ARG E 292 -66.78 27.28 78.58
N GLY E 293 -67.05 26.64 77.47
CA GLY E 293 -66.80 25.21 77.36
C GLY E 293 -67.72 24.33 78.19
N GLY E 294 -68.89 24.83 78.58
CA GLY E 294 -69.82 24.02 79.34
C GLY E 294 -70.44 22.92 78.50
N ASP E 295 -71.28 23.31 77.54
CA ASP E 295 -71.88 22.37 76.60
C ASP E 295 -71.89 23.00 75.22
N VAL E 296 -72.36 22.25 74.23
CA VAL E 296 -72.48 22.72 72.86
C VAL E 296 -73.87 22.38 72.34
N PHE E 297 -74.54 23.39 71.76
CA PHE E 297 -75.82 23.15 71.13
C PHE E 297 -75.59 22.43 69.82
N SER E 298 -75.66 21.11 69.82
CA SER E 298 -75.47 20.31 68.61
C SER E 298 -76.60 19.29 68.53
N PRO E 299 -77.78 19.69 68.06
CA PRO E 299 -78.86 18.72 67.87
C PRO E 299 -78.58 17.85 66.66
N VAL E 300 -79.29 16.73 66.61
CA VAL E 300 -79.15 15.76 65.52
C VAL E 300 -80.49 15.66 64.82
N PHE E 301 -80.48 15.86 63.50
CA PHE E 301 -81.67 15.82 62.67
C PHE E 301 -81.75 14.47 61.96
N GLU E 302 -82.92 13.86 61.98
CA GLU E 302 -83.16 12.65 61.21
C GLU E 302 -84.49 12.76 60.47
N PRO E 303 -84.59 12.28 59.24
CA PRO E 303 -85.87 12.33 58.53
C PRO E 303 -86.82 11.27 59.07
N VAL E 304 -88.10 11.58 59.03
CA VAL E 304 -89.09 10.58 59.39
C VAL E 304 -89.64 10.00 58.11
N GLN E 305 -89.98 8.71 58.11
CA GLN E 305 -90.41 8.01 56.91
C GLN E 305 -91.91 8.12 56.64
N VAL E 306 -92.53 9.20 57.06
CA VAL E 306 -93.93 9.43 56.73
C VAL E 306 -93.99 10.18 55.40
N GLU E 307 -95.12 10.07 54.73
CA GLU E 307 -95.35 10.76 53.47
C GLU E 307 -95.94 12.14 53.67
N VAL E 308 -96.56 12.40 54.82
CA VAL E 308 -97.44 13.54 55.01
C VAL E 308 -97.22 14.11 56.41
N GLY E 309 -97.10 15.43 56.50
CA GLY E 309 -97.04 16.06 57.81
C GLY E 309 -98.36 15.95 58.55
N PHE E 310 -98.27 15.66 59.84
CA PHE E 310 -99.42 15.58 60.72
C PHE E 310 -99.29 16.61 61.82
N HIS E 311 -100.37 16.75 62.58
CA HIS E 311 -100.42 17.53 63.83
C HIS E 311 -100.08 19.00 63.64
N THR E 312 -100.42 19.55 62.50
CA THR E 312 -100.26 20.97 62.35
C THR E 312 -101.64 21.65 62.31
N PRO E 313 -101.73 22.93 62.65
CA PRO E 313 -103.00 23.64 62.46
C PRO E 313 -103.31 23.97 61.01
N ARG E 314 -102.38 23.75 60.09
CA ARG E 314 -102.59 24.04 58.68
C ARG E 314 -103.49 23.01 57.99
N LEU E 315 -103.85 21.92 58.66
CA LEU E 315 -104.77 20.94 58.12
C LEU E 315 -106.18 21.15 58.64
N SER E 316 -106.59 22.41 58.81
CA SER E 316 -107.86 22.73 59.42
C SER E 316 -109.06 22.43 58.54
N ASP E 317 -108.86 22.20 57.24
CA ASP E 317 -109.98 21.89 56.37
C ASP E 317 -110.30 20.40 56.34
N GLY E 318 -109.33 19.57 56.74
CA GLY E 318 -109.51 18.13 56.67
C GLY E 318 -110.60 17.63 57.60
N ILE E 319 -110.83 18.32 58.71
CA ILE E 319 -111.88 17.91 59.62
C ILE E 319 -113.26 18.16 59.01
N ASP E 320 -113.41 19.22 58.23
CA ASP E 320 -114.67 19.46 57.54
C ASP E 320 -114.85 18.49 56.37
N ILE E 321 -113.75 18.12 55.71
CA ILE E 321 -113.84 17.10 54.66
C ILE E 321 -114.27 15.76 55.23
N VAL E 322 -113.72 15.39 56.38
CA VAL E 322 -114.12 14.14 57.05
C VAL E 322 -115.55 14.23 57.55
N ALA E 323 -115.99 15.41 58.00
CA ALA E 323 -117.38 15.57 58.42
C ALA E 323 -118.35 15.40 57.24
N GLY E 324 -118.00 15.98 56.08
CA GLY E 324 -118.84 15.82 54.91
C GLY E 324 -118.89 14.39 54.41
N TRP E 325 -117.74 13.70 54.42
CA TRP E 325 -117.75 12.31 54.00
C TRP E 325 -118.43 11.41 55.01
N ALA E 326 -118.38 11.78 56.29
CA ALA E 326 -119.07 10.99 57.31
C ALA E 326 -120.58 11.13 57.19
N GLU E 327 -121.07 12.35 56.92
CA GLU E 327 -122.50 12.50 56.75
C GLU E 327 -122.98 12.00 55.39
N LYS E 328 -122.09 11.89 54.40
CA LYS E 328 -122.48 11.19 53.17
C LYS E 328 -122.47 9.68 53.36
N ALA E 329 -121.64 9.17 54.25
CA ALA E 329 -121.65 7.76 54.58
C ALA E 329 -122.67 7.51 55.69
N GLY E 330 -122.74 6.27 56.17
CA GLY E 330 -123.74 5.87 57.14
C GLY E 330 -123.34 6.00 58.59
N LEU E 331 -122.17 6.55 58.88
CA LEU E 331 -121.70 6.63 60.26
C LEU E 331 -121.86 8.06 60.81
N ASP E 332 -121.56 8.21 62.09
CA ASP E 332 -121.85 9.45 62.81
C ASP E 332 -120.87 10.55 62.43
N VAL E 333 -121.06 11.73 63.03
CA VAL E 333 -120.25 12.89 62.71
C VAL E 333 -119.43 13.37 63.89
N ALA E 334 -119.88 13.15 65.13
CA ALA E 334 -119.25 13.76 66.29
C ALA E 334 -117.91 13.10 66.61
N LEU E 335 -117.91 11.78 66.75
CA LEU E 335 -116.67 11.07 67.03
C LEU E 335 -115.73 11.09 65.84
N ALA E 336 -116.30 11.19 64.63
CA ALA E 336 -115.50 11.36 63.42
C ALA E 336 -114.72 12.67 63.45
N ARG E 337 -115.41 13.77 63.73
CA ARG E 337 -114.77 15.08 63.82
C ARG E 337 -113.79 15.14 64.98
N GLU E 338 -114.10 14.45 66.08
CA GLU E 338 -113.23 14.41 67.24
C GLU E 338 -111.92 13.69 66.95
N LEU E 339 -112.00 12.51 66.33
CA LEU E 339 -110.79 11.77 65.99
C LEU E 339 -109.99 12.45 64.88
N ALA E 340 -110.68 13.15 63.98
CA ALA E 340 -109.97 13.94 62.97
C ALA E 340 -109.20 15.09 63.60
N ASP E 341 -109.80 15.74 64.61
CA ASP E 341 -109.07 16.73 65.40
C ASP E 341 -107.88 16.12 66.11
N ALA E 342 -108.07 14.93 66.67
CA ALA E 342 -107.05 14.32 67.50
C ALA E 342 -105.87 13.80 66.69
N ILE E 343 -106.07 13.47 65.42
CA ILE E 343 -104.99 12.90 64.63
C ILE E 343 -104.48 13.85 63.55
N LEU E 344 -105.18 14.95 63.27
CA LEU E 344 -104.72 15.86 62.24
C LEU E 344 -104.19 17.18 62.76
N ILE E 345 -104.74 17.71 63.86
CA ILE E 345 -104.43 19.06 64.32
C ILE E 345 -103.85 19.05 65.74
N ARG E 346 -104.57 18.44 66.68
CA ARG E 346 -104.22 18.50 68.10
C ARG E 346 -102.96 17.69 68.36
N LYS E 347 -101.96 18.33 68.97
CA LYS E 347 -100.66 17.72 69.18
C LYS E 347 -100.72 16.68 70.30
N VAL E 348 -99.61 15.97 70.48
CA VAL E 348 -99.53 14.90 71.46
C VAL E 348 -98.30 15.15 72.33
N ASP E 349 -98.29 14.51 73.50
CA ASP E 349 -97.23 14.71 74.48
C ASP E 349 -96.93 13.36 75.14
N TRP E 350 -95.93 12.68 74.62
CA TRP E 350 -95.69 11.30 74.99
C TRP E 350 -95.10 11.18 76.39
N VAL E 351 -94.39 12.22 76.84
CA VAL E 351 -93.75 12.17 78.15
C VAL E 351 -94.80 12.21 79.25
N ASP E 352 -95.71 13.18 79.22
CA ASP E 352 -96.69 13.17 80.29
C ASP E 352 -97.76 12.10 80.08
N GLU E 353 -97.89 11.57 78.85
CA GLU E 353 -98.69 10.36 78.67
C GLU E 353 -98.11 9.18 79.44
N ILE E 354 -96.81 8.93 79.32
CA ILE E 354 -96.27 7.77 80.01
C ILE E 354 -96.12 8.03 81.50
N THR E 355 -95.99 9.29 81.93
CA THR E 355 -96.01 9.51 83.37
C THR E 355 -97.41 9.41 83.93
N ARG E 356 -98.45 9.65 83.11
CA ARG E 356 -99.80 9.32 83.53
C ARG E 356 -99.98 7.82 83.67
N VAL E 357 -99.33 7.06 82.78
CA VAL E 357 -99.30 5.60 82.89
C VAL E 357 -98.65 5.17 84.20
N HIS E 358 -97.50 5.76 84.52
CA HIS E 358 -96.78 5.36 85.73
C HIS E 358 -97.48 5.86 87.00
N ALA E 359 -98.21 6.96 86.92
CA ALA E 359 -99.02 7.39 88.04
C ALA E 359 -100.22 6.50 88.24
N ALA E 360 -100.73 5.91 87.15
CA ALA E 360 -101.70 4.83 87.30
C ALA E 360 -101.05 3.60 87.93
N GLY E 361 -99.77 3.39 87.66
CA GLY E 361 -99.00 2.42 88.39
C GLY E 361 -98.79 1.08 87.72
N ALA E 362 -98.68 1.05 86.40
CA ALA E 362 -98.48 -0.21 85.69
C ALA E 362 -97.03 -0.65 85.82
N ARG E 363 -96.83 -1.81 86.41
CA ARG E 363 -95.47 -2.34 86.56
C ARG E 363 -95.01 -3.12 85.34
N TRP E 364 -95.85 -3.28 84.33
CA TRP E 364 -95.43 -3.81 83.05
C TRP E 364 -96.12 -3.02 81.95
N ILE E 365 -95.52 -3.02 80.76
CA ILE E 365 -96.11 -2.30 79.65
C ILE E 365 -95.96 -3.09 78.36
N LEU E 366 -97.08 -3.61 77.86
CA LEU E 366 -97.16 -4.16 76.52
C LEU E 366 -97.18 -3.02 75.52
N ASP E 367 -96.62 -3.25 74.33
CA ASP E 367 -97.07 -2.45 73.21
C ASP E 367 -97.45 -3.38 72.07
N LEU E 368 -98.42 -2.92 71.29
CA LEU E 368 -99.04 -3.72 70.26
C LEU E 368 -98.77 -3.20 68.86
N GLY E 369 -98.12 -2.04 68.74
CA GLY E 369 -97.96 -1.38 67.47
C GLY E 369 -97.07 -2.12 66.49
N PRO E 370 -97.02 -1.64 65.26
CA PRO E 370 -96.22 -2.32 64.24
C PRO E 370 -94.74 -2.12 64.49
N GLY E 371 -93.98 -3.21 64.39
CA GLY E 371 -92.56 -3.16 64.61
C GLY E 371 -92.20 -2.93 66.07
N ASP E 372 -91.00 -2.42 66.27
CA ASP E 372 -90.46 -2.13 67.59
C ASP E 372 -90.07 -0.67 67.76
N ILE E 373 -90.65 0.22 66.93
CA ILE E 373 -90.34 1.64 67.04
C ILE E 373 -90.87 2.20 68.34
N LEU E 374 -91.97 1.66 68.86
CA LEU E 374 -92.51 2.19 70.10
C LEU E 374 -91.69 1.72 71.29
N THR E 375 -91.12 0.52 71.23
CA THR E 375 -90.16 0.09 72.26
C THR E 375 -88.91 0.96 72.22
N ARG E 376 -88.36 1.17 71.02
CA ARG E 376 -87.15 1.97 70.89
C ARG E 376 -87.38 3.45 71.13
N LEU E 377 -88.63 3.89 71.18
CA LEU E 377 -88.96 5.25 71.57
C LEU E 377 -89.33 5.38 73.04
N THR E 378 -89.87 4.32 73.65
CA THR E 378 -90.23 4.40 75.06
C THR E 378 -89.11 4.03 76.00
N ALA E 379 -88.08 3.35 75.51
CA ALA E 379 -86.98 2.97 76.41
C ALA E 379 -86.25 4.14 77.07
N PRO E 380 -85.86 5.23 76.38
CA PRO E 380 -85.21 6.33 77.10
C PRO E 380 -86.14 7.14 77.99
N VAL E 381 -87.45 6.93 77.95
CA VAL E 381 -88.36 7.76 78.73
C VAL E 381 -88.87 7.03 79.98
N ILE E 382 -88.91 5.70 80.00
CA ILE E 382 -89.06 4.95 81.23
C ILE E 382 -87.76 4.26 81.60
N ARG E 383 -86.64 4.82 81.12
CA ARG E 383 -85.31 4.31 81.40
C ARG E 383 -85.02 4.20 82.89
N GLY E 384 -85.42 5.19 83.67
CA GLY E 384 -85.10 5.17 85.08
C GLY E 384 -86.27 5.01 86.01
N LEU E 385 -87.21 4.13 85.66
CA LEU E 385 -88.40 3.97 86.48
C LEU E 385 -88.66 2.55 86.91
N GLY E 386 -88.00 1.56 86.31
CA GLY E 386 -88.22 0.19 86.71
C GLY E 386 -89.47 -0.44 86.15
N ILE E 387 -89.80 -0.14 84.90
CA ILE E 387 -90.97 -0.70 84.22
C ILE E 387 -90.46 -1.47 83.01
N GLY E 388 -91.04 -2.65 82.77
CA GLY E 388 -90.59 -3.52 81.71
C GLY E 388 -91.48 -3.46 80.48
N ILE E 389 -90.88 -3.13 79.34
CA ILE E 389 -91.60 -3.14 78.08
C ILE E 389 -91.59 -4.55 77.50
N VAL E 390 -92.66 -4.89 76.78
CA VAL E 390 -92.72 -6.12 76.01
C VAL E 390 -93.33 -5.86 74.64
N PRO E 391 -92.64 -6.22 73.56
CA PRO E 391 -93.21 -6.06 72.22
C PRO E 391 -94.22 -7.15 71.91
N ALA E 392 -95.24 -6.78 71.16
CA ALA E 392 -96.06 -7.74 70.47
C ALA E 392 -95.70 -7.71 68.99
N ALA E 393 -96.41 -8.52 68.19
CA ALA E 393 -96.31 -8.56 66.73
C ALA E 393 -94.89 -8.84 66.24
N THR E 394 -94.12 -9.58 67.04
CA THR E 394 -92.73 -9.87 66.74
C THR E 394 -92.48 -11.28 67.24
N ARG E 395 -91.65 -12.04 66.53
CA ARG E 395 -91.31 -13.39 67.01
C ARG E 395 -90.52 -13.32 68.30
N GLY E 396 -89.60 -12.36 68.40
CA GLY E 396 -88.89 -12.15 69.65
C GLY E 396 -89.81 -11.69 70.78
N GLY E 397 -90.79 -10.86 70.43
CA GLY E 397 -91.75 -10.43 71.43
C GLY E 397 -92.65 -11.55 71.90
N GLN E 398 -93.02 -12.45 70.98
CA GLN E 398 -93.87 -13.57 71.37
C GLN E 398 -93.10 -14.60 72.18
N ARG E 399 -91.81 -14.83 71.87
CA ARG E 399 -91.07 -15.78 72.68
C ARG E 399 -90.71 -15.18 74.04
N ASN E 400 -90.50 -13.86 74.13
CA ASN E 400 -90.32 -13.23 75.43
C ASN E 400 -91.62 -13.14 76.20
N LEU E 401 -92.75 -13.17 75.51
CA LEU E 401 -94.05 -13.06 76.15
C LEU E 401 -94.58 -14.42 76.57
N PHE E 402 -94.07 -15.50 75.97
CA PHE E 402 -94.61 -16.83 76.17
C PHE E 402 -93.65 -17.82 76.83
N THR E 403 -92.35 -17.75 76.56
CA THR E 403 -91.43 -18.72 77.12
C THR E 403 -91.21 -18.41 78.60
N VAL E 404 -91.24 -19.46 79.44
CA VAL E 404 -91.05 -19.27 80.88
C VAL E 404 -89.62 -18.85 81.18
N GLY E 405 -88.65 -19.50 80.55
CA GLY E 405 -87.25 -19.16 80.78
C GLY E 405 -86.78 -17.89 80.10
N ALA E 406 -87.61 -17.28 79.25
CA ALA E 406 -87.25 -16.09 78.51
C ALA E 406 -88.24 -14.98 78.86
N THR E 407 -87.92 -14.23 79.91
CA THR E 407 -88.65 -13.04 80.33
C THR E 407 -87.68 -11.86 80.36
N PRO E 408 -88.13 -10.65 80.06
CA PRO E 408 -87.20 -9.52 80.02
C PRO E 408 -86.73 -9.12 81.40
N GLU E 409 -85.51 -8.59 81.46
CA GLU E 409 -84.88 -8.25 82.73
C GLU E 409 -85.10 -6.77 83.02
N VAL E 410 -85.97 -6.47 83.96
CA VAL E 410 -86.28 -5.10 84.33
C VAL E 410 -85.14 -4.56 85.19
N ALA E 411 -84.57 -3.44 84.77
CA ALA E 411 -83.50 -2.82 85.54
C ALA E 411 -84.06 -2.20 86.82
N ARG E 412 -83.17 -1.92 87.75
CA ARG E 412 -83.58 -1.46 89.06
C ARG E 412 -83.94 0.02 89.04
N ALA E 413 -84.81 0.42 89.96
CA ALA E 413 -85.18 1.81 90.09
C ALA E 413 -84.08 2.58 90.81
N TRP E 414 -84.25 3.90 90.95
CA TRP E 414 -83.21 4.75 91.49
C TRP E 414 -83.50 5.21 92.92
N SER E 415 -84.77 5.18 93.31
CA SER E 415 -85.12 5.30 94.72
C SER E 415 -84.58 4.14 95.54
N SER E 416 -84.27 3.01 94.91
CA SER E 416 -83.55 1.95 95.61
C SER E 416 -82.10 2.36 95.86
N TYR E 417 -81.49 3.10 94.93
CA TYR E 417 -80.11 3.53 95.13
C TYR E 417 -80.00 4.70 96.08
N ALA E 418 -81.11 5.33 96.43
CA ALA E 418 -81.12 6.36 97.49
C ALA E 418 -80.55 5.80 98.79
N PRO E 419 -79.74 6.59 99.52
CA PRO E 419 -78.94 6.02 100.63
C PRO E 419 -79.76 5.76 101.89
N THR E 420 -79.10 5.17 102.89
CA THR E 420 -79.80 4.70 104.07
C THR E 420 -78.98 5.09 105.31
N VAL E 421 -79.56 4.90 106.50
CA VAL E 421 -78.96 5.29 107.77
C VAL E 421 -78.75 4.04 108.61
N VAL E 422 -77.59 3.91 109.25
CA VAL E 422 -77.33 2.80 110.14
C VAL E 422 -76.84 3.34 111.48
N ARG E 423 -76.89 2.48 112.50
CA ARG E 423 -76.39 2.81 113.83
C ARG E 423 -75.32 1.80 114.22
N LEU E 424 -74.12 2.30 114.47
CA LEU E 424 -73.00 1.49 114.91
C LEU E 424 -73.20 1.08 116.37
N PRO E 425 -72.57 -0.03 116.81
CA PRO E 425 -72.85 -0.53 118.17
C PRO E 425 -72.26 0.27 119.32
N ASP E 426 -71.71 1.44 119.07
CA ASP E 426 -71.36 2.37 120.13
C ASP E 426 -72.35 3.51 120.27
N GLY E 427 -73.43 3.48 119.50
CA GLY E 427 -74.42 4.54 119.53
C GLY E 427 -74.24 5.61 118.49
N ARG E 428 -73.17 5.55 117.69
CA ARG E 428 -72.99 6.52 116.62
C ARG E 428 -73.94 6.20 115.46
N VAL E 429 -74.34 7.24 114.74
CA VAL E 429 -75.31 7.13 113.67
C VAL E 429 -74.63 7.58 112.38
N LYS E 430 -74.50 6.66 111.43
CA LYS E 430 -73.69 6.91 110.25
C LYS E 430 -74.49 6.62 108.98
N LEU E 431 -73.94 7.09 107.87
CA LEU E 431 -74.57 6.97 106.57
C LEU E 431 -74.11 5.70 105.88
N SER E 432 -75.01 5.06 105.14
CA SER E 432 -74.69 3.84 104.42
C SER E 432 -75.09 4.03 102.97
N THR E 433 -74.08 4.09 102.11
CA THR E 433 -74.21 3.96 100.67
C THR E 433 -73.48 2.71 100.24
N LYS E 434 -73.56 2.37 98.96
CA LYS E 434 -72.90 1.15 98.53
C LYS E 434 -71.39 1.30 98.42
N PHE E 435 -70.87 2.53 98.41
CA PHE E 435 -69.43 2.70 98.58
C PHE E 435 -69.00 2.30 99.98
N THR E 436 -69.77 2.71 101.00
CA THR E 436 -69.47 2.30 102.36
C THR E 436 -69.65 0.80 102.51
N ARG E 437 -70.65 0.24 101.81
CA ARG E 437 -70.84 -1.20 101.83
C ARG E 437 -69.67 -1.93 101.18
N LEU E 438 -69.09 -1.36 100.14
CA LEU E 438 -67.97 -2.00 99.47
C LEU E 438 -66.71 -1.90 100.33
N THR E 439 -66.26 -0.69 100.62
CA THR E 439 -65.02 -0.52 101.35
C THR E 439 -65.19 -0.76 102.85
N GLY E 440 -65.99 0.06 103.50
CA GLY E 440 -66.11 0.00 104.94
C GLY E 440 -65.76 1.33 105.55
N ARG E 441 -65.70 2.37 104.71
CA ARG E 441 -65.27 3.68 105.13
C ARG E 441 -66.31 4.71 104.72
N SER E 442 -66.15 5.93 105.22
CA SER E 442 -67.15 6.98 105.11
C SER E 442 -67.23 7.48 103.66
N PRO E 443 -68.41 7.88 103.19
CA PRO E 443 -68.56 8.25 101.78
C PRO E 443 -67.93 9.58 101.41
N ILE E 444 -67.40 10.32 102.36
CA ILE E 444 -66.61 11.50 102.04
C ILE E 444 -65.17 11.05 101.88
N LEU E 445 -64.54 11.44 100.78
CA LEU E 445 -63.22 10.91 100.46
C LEU E 445 -62.18 12.00 100.70
N LEU E 446 -60.94 11.70 100.35
CA LEU E 446 -59.86 12.67 100.43
C LEU E 446 -58.93 12.35 99.27
N ALA E 447 -58.96 13.21 98.26
CA ALA E 447 -58.35 12.89 96.98
C ALA E 447 -56.83 12.99 97.04
N GLY E 448 -56.18 12.38 96.05
CA GLY E 448 -54.74 12.50 95.91
C GLY E 448 -54.39 13.83 95.29
N MET E 449 -53.56 14.61 95.98
CA MET E 449 -53.25 15.97 95.58
C MET E 449 -51.74 16.15 95.67
N THR E 450 -51.09 16.52 94.57
CA THR E 450 -49.63 16.48 94.54
C THR E 450 -48.90 17.49 95.44
N PRO E 451 -49.38 18.72 95.67
CA PRO E 451 -48.72 19.48 96.73
C PRO E 451 -49.24 19.11 98.11
N THR E 452 -50.54 18.85 98.23
CA THR E 452 -51.15 18.82 99.56
C THR E 452 -51.06 17.46 100.23
N THR E 453 -51.56 16.41 99.58
CA THR E 453 -51.57 15.08 100.16
C THR E 453 -50.34 14.28 99.80
N VAL E 454 -49.20 14.95 99.59
CA VAL E 454 -47.93 14.26 99.46
C VAL E 454 -47.31 14.00 100.81
N ASP E 455 -48.00 14.32 101.89
CA ASP E 455 -47.40 14.27 103.22
C ASP E 455 -48.12 13.29 104.14
N ALA E 456 -47.29 12.61 104.93
CA ALA E 456 -47.73 11.52 105.78
C ALA E 456 -48.65 11.98 106.88
N LYS E 457 -48.49 13.23 107.34
CA LYS E 457 -49.29 13.74 108.45
C LYS E 457 -50.75 13.83 108.08
N ILE E 458 -51.06 14.49 106.96
CA ILE E 458 -52.46 14.65 106.57
C ILE E 458 -53.04 13.33 106.09
N VAL E 459 -52.25 12.50 105.37
CA VAL E 459 -52.89 11.28 104.89
C VAL E 459 -53.08 10.26 106.02
N ALA E 460 -52.21 10.26 107.02
CA ALA E 460 -52.40 9.39 108.16
C ALA E 460 -53.50 9.88 109.09
N ALA E 461 -53.65 11.19 109.26
CA ALA E 461 -54.74 11.68 110.09
C ALA E 461 -56.10 11.42 109.44
N ALA E 462 -56.19 11.59 108.13
CA ALA E 462 -57.44 11.30 107.44
C ALA E 462 -57.73 9.81 107.42
N ALA E 463 -56.70 8.96 107.42
CA ALA E 463 -56.96 7.53 107.51
C ALA E 463 -57.32 7.09 108.92
N ASN E 464 -56.77 7.75 109.95
CA ASN E 464 -57.11 7.39 111.32
C ASN E 464 -58.50 7.90 111.68
N ALA E 465 -58.98 8.93 110.99
CA ALA E 465 -60.35 9.38 111.24
C ALA E 465 -61.40 8.43 110.69
N GLY E 466 -61.00 7.46 109.86
CA GLY E 466 -61.95 6.53 109.29
C GLY E 466 -62.46 6.99 107.95
N HIS E 467 -61.57 7.37 107.05
CA HIS E 467 -61.96 7.91 105.77
C HIS E 467 -61.02 7.41 104.69
N TRP E 468 -61.47 7.55 103.45
CA TRP E 468 -60.65 7.20 102.30
C TRP E 468 -59.56 8.24 102.13
N ALA E 469 -58.41 8.00 102.73
CA ALA E 469 -57.25 8.87 102.58
C ALA E 469 -56.39 8.33 101.45
N GLU E 470 -55.66 9.22 100.79
CA GLU E 470 -55.00 8.87 99.53
C GLU E 470 -53.68 9.61 99.43
N LEU E 471 -52.58 8.89 99.65
CA LEU E 471 -51.26 9.45 99.51
C LEU E 471 -50.97 9.77 98.06
N ALA E 472 -50.47 10.97 97.79
CA ALA E 472 -50.23 11.38 96.43
C ALA E 472 -49.03 10.65 95.85
N GLY E 473 -48.95 10.63 94.54
CA GLY E 473 -47.90 9.89 93.88
C GLY E 473 -46.97 10.77 93.10
N GLY E 474 -47.38 12.00 92.88
CA GLY E 474 -46.57 12.92 92.11
C GLY E 474 -45.45 13.61 92.84
N GLY E 475 -45.12 13.18 94.05
CA GLY E 475 -44.02 13.78 94.78
C GLY E 475 -42.96 12.78 95.19
N GLN E 476 -43.33 11.50 95.24
CA GLN E 476 -42.39 10.44 95.58
C GLN E 476 -41.63 10.13 94.30
N VAL E 477 -40.57 10.90 94.06
CA VAL E 477 -39.85 10.82 92.80
C VAL E 477 -38.67 9.86 92.83
N THR E 478 -38.18 9.50 94.01
CA THR E 478 -37.05 8.58 94.12
C THR E 478 -37.33 7.49 95.14
N GLU E 479 -36.50 6.45 95.09
CA GLU E 479 -36.69 5.28 95.93
C GLU E 479 -36.47 5.60 97.39
N GLU E 480 -35.54 6.49 97.70
CA GLU E 480 -35.26 6.84 99.09
C GLU E 480 -36.43 7.60 99.70
N ILE E 481 -36.99 8.55 98.95
CA ILE E 481 -38.15 9.30 99.42
C ILE E 481 -39.35 8.39 99.57
N PHE E 482 -39.50 7.43 98.65
CA PHE E 482 -40.62 6.50 98.71
C PHE E 482 -40.54 5.61 99.94
N GLY E 483 -39.38 4.99 100.17
CA GLY E 483 -39.19 4.17 101.36
C GLY E 483 -39.31 4.95 102.65
N ASN E 484 -38.85 6.20 102.66
CA ASN E 484 -38.99 7.03 103.86
C ASN E 484 -40.44 7.36 104.15
N ARG E 485 -41.25 7.59 103.10
CA ARG E 485 -42.64 7.90 103.38
C ARG E 485 -43.43 6.67 103.80
N ILE E 486 -43.08 5.50 103.26
CA ILE E 486 -43.70 4.26 103.75
C ILE E 486 -43.36 4.03 105.22
N GLU E 487 -42.11 4.34 105.59
CA GLU E 487 -41.70 4.23 106.99
C GLU E 487 -42.45 5.22 107.89
N GLN E 488 -42.64 6.44 107.40
CA GLN E 488 -43.39 7.44 108.18
C GLN E 488 -44.84 7.02 108.38
N MET E 489 -45.47 6.48 107.34
CA MET E 489 -46.87 6.07 107.45
C MET E 489 -47.03 4.90 108.41
N ALA E 490 -46.09 3.94 108.35
CA ALA E 490 -46.11 2.84 109.30
C ALA E 490 -45.88 3.33 110.72
N GLY E 491 -45.12 4.41 110.89
CA GLY E 491 -44.98 4.99 112.21
C GLY E 491 -46.24 5.70 112.69
N LEU E 492 -46.93 6.38 111.79
CA LEU E 492 -48.02 7.26 112.19
C LEU E 492 -49.35 6.57 112.38
N LEU E 493 -49.64 5.50 111.65
CA LEU E 493 -50.96 4.89 111.80
C LEU E 493 -51.05 4.10 113.10
N GLU E 494 -52.26 4.00 113.64
CA GLU E 494 -52.51 3.06 114.72
C GLU E 494 -52.71 1.67 114.13
N PRO E 495 -52.63 0.61 114.95
CA PRO E 495 -52.94 -0.74 114.44
C PRO E 495 -54.35 -0.87 113.90
N GLY E 496 -54.44 -1.41 112.68
CA GLY E 496 -55.70 -1.72 112.04
C GLY E 496 -55.99 -0.84 110.83
N ARG E 497 -55.64 0.44 110.90
CA ARG E 497 -56.03 1.36 109.84
C ARG E 497 -55.15 1.18 108.62
N THR E 498 -55.73 1.47 107.45
CA THR E 498 -55.07 1.34 106.16
C THR E 498 -55.15 2.67 105.43
N TYR E 499 -54.38 2.79 104.36
CA TYR E 499 -54.41 3.96 103.51
C TYR E 499 -54.29 3.53 102.06
N GLN E 500 -54.41 4.48 101.16
CA GLN E 500 -54.47 4.18 99.73
C GLN E 500 -53.32 4.87 99.03
N PHE E 501 -53.31 4.82 97.71
CA PHE E 501 -52.21 5.36 96.95
C PHE E 501 -52.71 5.86 95.61
N ASN E 502 -52.15 6.96 95.14
CA ASN E 502 -52.51 7.56 93.86
C ASN E 502 -51.33 7.38 92.92
N ALA E 503 -51.61 7.06 91.66
CA ALA E 503 -50.55 6.82 90.70
C ALA E 503 -50.88 7.57 89.42
N LEU E 504 -50.02 8.51 89.03
CA LEU E 504 -50.21 9.19 87.76
C LEU E 504 -49.83 8.25 86.63
N PHE E 505 -50.68 8.17 85.62
CA PHE E 505 -50.47 7.18 84.56
C PHE E 505 -49.65 7.71 83.40
N LEU E 506 -49.97 8.89 82.88
CA LEU E 506 -49.29 9.41 81.70
C LEU E 506 -48.02 10.16 82.02
N ASP E 507 -47.57 10.14 83.28
CA ASP E 507 -46.23 10.59 83.62
C ASP E 507 -45.33 9.37 83.49
N PRO E 508 -44.49 9.29 82.45
CA PRO E 508 -43.84 8.01 82.12
C PRO E 508 -42.79 7.53 83.10
N TYR E 509 -41.86 8.40 83.50
CA TYR E 509 -40.82 8.01 84.45
C TYR E 509 -41.41 7.70 85.81
N LEU E 510 -42.37 8.50 86.25
CA LEU E 510 -43.00 8.28 87.53
C LEU E 510 -43.83 7.01 87.51
N TRP E 511 -44.48 6.70 86.39
CA TRP E 511 -45.27 5.48 86.30
C TRP E 511 -44.39 4.24 86.29
N LYS E 512 -43.26 4.30 85.59
CA LYS E 512 -42.33 3.17 85.60
C LYS E 512 -41.69 2.99 86.96
N LEU E 513 -41.51 4.06 87.71
CA LEU E 513 -40.95 3.89 89.04
C LEU E 513 -41.99 3.39 90.04
N GLN E 514 -43.22 3.88 89.96
CA GLN E 514 -44.21 3.48 90.94
C GLN E 514 -44.75 2.09 90.66
N VAL E 515 -45.27 1.85 89.46
CA VAL E 515 -46.06 0.66 89.16
C VAL E 515 -45.40 -0.20 88.08
N GLY E 516 -45.10 0.38 86.94
CA GLY E 516 -44.71 -0.39 85.78
C GLY E 516 -43.35 -1.06 85.81
N GLY E 517 -42.27 -0.29 85.73
CA GLY E 517 -40.95 -0.89 85.57
C GLY E 517 -40.42 -1.51 86.84
N LYS E 518 -40.05 -0.69 87.81
CA LYS E 518 -39.96 -1.21 89.16
C LYS E 518 -41.35 -1.29 89.73
N ARG E 519 -41.53 -2.17 90.72
CA ARG E 519 -42.85 -2.34 91.28
C ARG E 519 -42.75 -1.96 92.74
N LEU E 520 -42.76 -0.66 93.01
CA LEU E 520 -42.48 -0.23 94.37
C LEU E 520 -43.71 -0.35 95.25
N VAL E 521 -44.89 -0.07 94.70
CA VAL E 521 -46.12 -0.25 95.43
C VAL E 521 -46.37 -1.72 95.72
N GLN E 522 -46.09 -2.58 94.73
CA GLN E 522 -46.24 -4.01 94.91
C GLN E 522 -45.25 -4.56 95.92
N LYS E 523 -43.99 -4.08 95.90
CA LYS E 523 -43.02 -4.55 96.87
C LYS E 523 -43.34 -4.07 98.27
N ALA E 524 -43.88 -2.86 98.40
CA ALA E 524 -44.30 -2.38 99.72
C ALA E 524 -45.48 -3.18 100.24
N ARG E 525 -46.39 -3.56 99.35
CA ARG E 525 -47.53 -4.36 99.79
C ARG E 525 -47.11 -5.77 100.17
N GLN E 526 -46.19 -6.37 99.41
CA GLN E 526 -45.69 -7.69 99.76
C GLN E 526 -44.84 -7.66 101.02
N SER E 527 -44.18 -6.54 101.30
CA SER E 527 -43.50 -6.41 102.57
C SER E 527 -44.47 -6.24 103.72
N GLY E 528 -45.63 -5.66 103.46
CA GLY E 528 -46.65 -5.63 104.49
C GLY E 528 -47.12 -4.24 104.86
N ALA E 529 -46.97 -3.29 103.94
CA ALA E 529 -47.55 -1.97 104.17
C ALA E 529 -49.06 -2.05 104.03
N ALA E 530 -49.74 -1.01 104.51
CA ALA E 530 -51.19 -1.03 104.64
C ALA E 530 -51.89 -0.47 103.42
N ILE E 531 -51.33 -0.64 102.23
CA ILE E 531 -51.95 -0.11 101.02
C ILE E 531 -53.04 -1.09 100.57
N ASP E 532 -54.29 -0.65 100.57
CA ASP E 532 -55.37 -1.46 100.04
C ASP E 532 -56.11 -0.77 98.90
N GLY E 533 -55.41 0.04 98.12
CA GLY E 533 -56.07 0.72 97.04
C GLY E 533 -55.13 1.52 96.18
N VAL E 534 -55.25 1.39 94.87
CA VAL E 534 -54.48 2.16 93.91
C VAL E 534 -55.45 2.91 93.01
N VAL E 535 -55.23 4.21 92.89
CA VAL E 535 -56.08 5.09 92.11
C VAL E 535 -55.33 5.44 90.83
N ILE E 536 -55.88 5.08 89.68
CA ILE E 536 -55.26 5.43 88.42
C ILE E 536 -55.85 6.74 87.93
N SER E 537 -54.98 7.74 87.83
CA SER E 537 -55.33 9.10 87.48
C SER E 537 -54.70 9.50 86.16
N ALA E 538 -55.35 10.47 85.50
CA ALA E 538 -54.88 11.11 84.27
C ALA E 538 -54.69 10.10 83.14
N GLY E 539 -55.80 9.51 82.73
CA GLY E 539 -55.79 8.59 81.61
C GLY E 539 -56.33 7.22 81.96
N ILE E 540 -56.87 6.51 80.98
CA ILE E 540 -57.40 5.16 81.16
C ILE E 540 -56.65 4.24 80.22
N PRO E 541 -56.12 3.12 80.71
CA PRO E 541 -55.45 2.17 79.81
C PRO E 541 -56.46 1.45 78.93
N ASP E 542 -55.93 0.74 77.94
CA ASP E 542 -56.77 -0.05 77.05
C ASP E 542 -57.20 -1.35 77.74
N LEU E 543 -57.92 -2.19 77.00
CA LEU E 543 -58.67 -3.30 77.57
C LEU E 543 -57.75 -4.35 78.18
N ASP E 544 -56.83 -4.89 77.38
CA ASP E 544 -56.06 -6.04 77.82
C ASP E 544 -55.07 -5.67 78.93
N GLU E 545 -54.37 -4.53 78.80
CA GLU E 545 -53.45 -4.18 79.87
C GLU E 545 -54.18 -3.66 81.10
N ALA E 546 -55.40 -3.15 80.96
CA ALA E 546 -56.17 -2.78 82.12
C ALA E 546 -56.61 -4.02 82.90
N VAL E 547 -57.10 -5.05 82.20
CA VAL E 547 -57.51 -6.28 82.87
C VAL E 547 -56.29 -6.97 83.48
N GLU E 548 -55.14 -6.92 82.80
CA GLU E 548 -53.91 -7.43 83.38
C GLU E 548 -53.51 -6.66 84.63
N LEU E 549 -53.80 -5.36 84.67
CA LEU E 549 -53.42 -4.58 85.85
C LEU E 549 -54.33 -4.91 87.03
N ILE E 550 -55.64 -5.04 86.77
CA ILE E 550 -56.57 -5.47 87.82
C ILE E 550 -56.19 -6.85 88.36
N ASP E 551 -55.80 -7.76 87.47
CA ASP E 551 -55.46 -9.11 87.96
C ASP E 551 -54.10 -9.13 88.65
N GLU E 552 -53.16 -8.29 88.21
CA GLU E 552 -51.86 -8.21 88.86
C GLU E 552 -51.99 -7.66 90.27
N LEU E 553 -52.81 -6.63 90.45
CA LEU E 553 -52.95 -6.09 91.80
C LEU E 553 -53.84 -6.96 92.68
N GLY E 554 -54.85 -7.62 92.11
CA GLY E 554 -55.64 -8.56 92.88
C GLY E 554 -54.87 -9.82 93.26
N ASP E 555 -53.80 -10.12 92.54
CA ASP E 555 -52.92 -11.21 92.96
C ASP E 555 -52.31 -10.93 94.33
N ILE E 556 -51.60 -9.80 94.46
CA ILE E 556 -50.95 -9.49 95.73
C ILE E 556 -51.96 -9.02 96.77
N GLY E 557 -53.15 -8.60 96.37
CA GLY E 557 -54.18 -8.30 97.34
C GLY E 557 -54.42 -6.82 97.58
N ILE E 558 -54.38 -6.03 96.50
CA ILE E 558 -54.70 -4.62 96.63
C ILE E 558 -56.20 -4.43 96.77
N SER E 559 -56.97 -5.07 95.91
CA SER E 559 -58.43 -5.25 95.98
C SER E 559 -59.24 -3.98 95.82
N HIS E 560 -58.61 -2.83 95.53
CA HIS E 560 -59.35 -1.63 95.14
C HIS E 560 -58.53 -0.91 94.08
N VAL E 561 -58.76 -1.25 92.82
CA VAL E 561 -58.10 -0.59 91.71
C VAL E 561 -59.13 0.32 91.09
N VAL E 562 -59.02 1.62 91.32
CA VAL E 562 -60.08 2.52 90.90
C VAL E 562 -59.55 3.36 89.76
N PHE E 563 -60.48 3.90 88.97
CA PHE E 563 -60.12 4.74 87.83
C PHE E 563 -60.73 6.12 88.02
N LYS E 564 -60.10 7.15 87.47
CA LYS E 564 -60.81 8.42 87.32
C LYS E 564 -60.77 8.87 85.88
N PRO E 565 -61.93 8.99 85.22
CA PRO E 565 -61.96 9.41 83.82
C PRO E 565 -62.21 10.90 83.66
N GLY E 566 -61.86 11.44 82.50
CA GLY E 566 -62.07 12.85 82.24
C GLY E 566 -63.34 13.18 81.48
N THR E 567 -63.53 12.54 80.33
CA THR E 567 -64.62 12.86 79.41
C THR E 567 -65.59 11.69 79.31
N ILE E 568 -66.57 11.84 78.41
CA ILE E 568 -67.64 10.86 78.29
C ILE E 568 -67.13 9.56 77.67
N GLU E 569 -66.24 9.68 76.68
CA GLU E 569 -65.66 8.47 76.09
C GLU E 569 -64.71 7.79 77.05
N GLN E 570 -64.02 8.58 77.88
CA GLN E 570 -63.23 8.05 78.98
C GLN E 570 -64.11 7.29 79.97
N ILE E 571 -65.35 7.74 80.17
CA ILE E 571 -66.26 7.01 81.04
C ILE E 571 -66.71 5.70 80.40
N ARG E 572 -67.11 5.76 79.12
CA ARG E 572 -67.63 4.56 78.44
C ARG E 572 -66.55 3.49 78.27
N SER E 573 -65.28 3.90 78.22
CA SER E 573 -64.21 2.91 78.21
C SER E 573 -64.16 2.13 79.51
N VAL E 574 -64.43 2.78 80.64
CA VAL E 574 -64.38 2.05 81.89
C VAL E 574 -65.66 1.21 82.06
N ILE E 575 -66.76 1.65 81.46
CA ILE E 575 -67.94 0.77 81.36
C ILE E 575 -67.60 -0.49 80.57
N ARG E 576 -66.82 -0.37 79.50
CA ARG E 576 -66.38 -1.55 78.77
C ARG E 576 -65.46 -2.43 79.62
N ILE E 577 -64.62 -1.81 80.45
CA ILE E 577 -63.76 -2.56 81.37
C ILE E 577 -64.59 -3.36 82.36
N ALA E 578 -65.58 -2.71 82.97
CA ALA E 578 -66.38 -3.39 83.98
C ALA E 578 -67.37 -4.37 83.36
N THR E 579 -67.64 -4.27 82.07
CA THR E 579 -68.40 -5.30 81.40
C THR E 579 -67.54 -6.51 81.10
N GLU E 580 -66.32 -6.28 80.58
CA GLU E 580 -65.45 -7.41 80.28
C GLU E 580 -64.81 -8.04 81.51
N VAL E 581 -64.96 -7.43 82.68
CA VAL E 581 -64.63 -8.07 83.95
C VAL E 581 -65.90 -8.12 84.78
N PRO E 582 -66.62 -9.24 84.76
CA PRO E 582 -67.98 -9.24 85.35
C PRO E 582 -67.99 -9.26 86.87
N THR E 583 -67.14 -10.07 87.50
CA THR E 583 -67.31 -10.33 88.93
C THR E 583 -66.59 -9.32 89.81
N LYS E 584 -65.51 -8.73 89.34
CA LYS E 584 -64.76 -7.82 90.20
C LYS E 584 -65.46 -6.47 90.26
N PRO E 585 -65.42 -5.80 91.41
CA PRO E 585 -66.02 -4.46 91.50
C PRO E 585 -65.05 -3.35 91.13
N VAL E 586 -65.57 -2.39 90.36
CA VAL E 586 -64.78 -1.31 89.79
C VAL E 586 -65.33 0.01 90.29
N ILE E 587 -64.44 0.94 90.65
CA ILE E 587 -64.82 2.22 91.24
C ILE E 587 -64.42 3.34 90.30
N MET E 588 -65.34 4.26 90.06
CA MET E 588 -65.21 5.44 89.24
C MET E 588 -65.00 6.65 90.13
N HIS E 589 -64.17 7.58 89.68
CA HIS E 589 -64.14 8.92 90.24
C HIS E 589 -64.39 9.88 89.10
N VAL E 590 -65.65 10.23 88.88
CA VAL E 590 -65.99 11.19 87.83
C VAL E 590 -65.60 12.57 88.33
N GLU E 591 -64.53 13.14 87.79
CA GLU E 591 -64.09 14.46 88.20
C GLU E 591 -64.42 15.46 87.10
N GLY E 592 -64.96 16.61 87.50
CA GLY E 592 -65.48 17.59 86.57
C GLY E 592 -64.40 18.52 86.06
N GLY E 593 -64.83 19.72 85.69
CA GLY E 593 -63.90 20.70 85.19
C GLY E 593 -63.60 21.83 86.14
N ARG E 594 -64.35 21.92 87.24
CA ARG E 594 -64.13 22.96 88.22
C ARG E 594 -63.11 22.57 89.26
N ALA E 595 -62.41 21.46 89.07
CA ALA E 595 -61.41 21.02 90.02
C ALA E 595 -60.15 21.87 89.88
N GLY E 596 -59.35 21.87 90.95
CA GLY E 596 -58.07 22.51 90.91
C GLY E 596 -57.05 21.68 90.18
N GLY E 597 -55.83 22.19 90.14
CA GLY E 597 -54.79 21.49 89.41
C GLY E 597 -55.03 21.60 87.93
N HIS E 598 -54.84 20.49 87.21
CA HIS E 598 -55.15 20.49 85.79
C HIS E 598 -56.64 20.57 85.55
N HIS E 599 -56.99 21.13 84.40
CA HIS E 599 -58.27 21.77 84.17
C HIS E 599 -58.93 21.11 82.97
N SER E 600 -59.79 20.13 83.22
CA SER E 600 -60.61 19.61 82.14
C SER E 600 -61.67 20.65 81.78
N TRP E 601 -62.10 20.62 80.52
CA TRP E 601 -63.10 21.59 80.09
C TRP E 601 -64.52 21.08 80.20
N GLU E 602 -64.72 19.79 80.39
CA GLU E 602 -66.06 19.24 80.47
C GLU E 602 -66.72 19.64 81.79
N ASP E 603 -68.03 19.54 81.83
CA ASP E 603 -68.78 19.89 83.02
C ASP E 603 -69.43 18.64 83.60
N LEU E 604 -69.56 18.65 84.93
CA LEU E 604 -69.83 17.44 85.69
C LEU E 604 -71.22 16.90 85.41
N ASP E 605 -72.20 17.80 85.42
CA ASP E 605 -73.58 17.41 85.19
C ASP E 605 -73.79 16.89 83.78
N ASP E 606 -73.08 17.50 82.81
CA ASP E 606 -73.14 17.03 81.43
C ASP E 606 -72.55 15.64 81.29
N LEU E 607 -71.41 15.39 81.95
CA LEU E 607 -70.78 14.08 81.96
C LEU E 607 -71.72 13.00 82.50
N LEU E 608 -72.24 13.21 83.69
CA LEU E 608 -72.93 12.06 84.24
C LEU E 608 -74.41 12.03 83.83
N LEU E 609 -74.97 13.11 83.29
CA LEU E 609 -76.21 12.97 82.54
C LEU E 609 -76.02 12.19 81.26
N ALA E 610 -74.84 12.25 80.66
CA ALA E 610 -74.61 11.41 79.50
C ALA E 610 -74.47 9.94 79.92
N THR E 611 -73.89 9.68 81.08
CA THR E 611 -73.47 8.30 81.37
C THR E 611 -74.12 7.64 82.58
N TYR E 612 -75.17 8.22 83.18
CA TYR E 612 -75.65 7.67 84.45
C TYR E 612 -76.39 6.35 84.26
N SER E 613 -77.13 6.22 83.17
CA SER E 613 -77.87 4.99 82.92
C SER E 613 -76.93 3.84 82.58
N GLU E 614 -75.87 4.13 81.84
CA GLU E 614 -74.86 3.11 81.56
C GLU E 614 -74.09 2.74 82.81
N LEU E 615 -73.92 3.67 83.74
CA LEU E 615 -73.33 3.31 85.03
C LEU E 615 -74.24 2.41 85.85
N ARG E 616 -75.54 2.68 85.86
CA ARG E 616 -76.43 1.85 86.66
C ARG E 616 -76.84 0.57 85.97
N SER E 617 -76.56 0.43 84.67
CA SER E 617 -76.86 -0.83 83.99
C SER E 617 -75.94 -1.95 84.42
N ARG E 618 -74.71 -1.65 84.79
CA ARG E 618 -73.83 -2.65 85.38
C ARG E 618 -74.13 -2.75 86.87
N ALA E 619 -73.65 -3.83 87.47
CA ALA E 619 -73.98 -4.11 88.86
C ALA E 619 -72.76 -4.06 89.78
N ASN E 620 -71.58 -3.79 89.24
CA ASN E 620 -70.37 -3.81 90.03
C ASN E 620 -69.62 -2.48 90.00
N ILE E 621 -70.26 -1.40 89.58
CA ILE E 621 -69.61 -0.10 89.45
C ILE E 621 -70.09 0.79 90.59
N THR E 622 -69.14 1.31 91.36
CA THR E 622 -69.39 2.33 92.36
C THR E 622 -68.92 3.66 91.79
N VAL E 623 -69.72 4.71 91.94
CA VAL E 623 -69.51 5.96 91.17
C VAL E 623 -69.33 7.11 92.15
N CYS E 624 -68.10 7.43 92.51
CA CYS E 624 -67.85 8.64 93.29
C CYS E 624 -67.66 9.82 92.35
N VAL E 625 -67.98 11.01 92.83
CA VAL E 625 -67.99 12.19 91.98
C VAL E 625 -67.21 13.30 92.66
N GLY E 626 -66.67 14.22 91.87
CA GLY E 626 -65.87 15.28 92.44
C GLY E 626 -65.64 16.41 91.47
N GLY E 627 -65.32 17.56 92.02
CA GLY E 627 -65.12 18.76 91.23
C GLY E 627 -66.11 19.84 91.59
N GLY E 628 -65.66 20.86 92.29
CA GLY E 628 -66.55 21.94 92.68
C GLY E 628 -67.53 21.59 93.78
N ILE E 629 -67.08 20.85 94.79
CA ILE E 629 -67.92 20.47 95.91
C ILE E 629 -67.50 21.29 97.11
N GLY E 630 -68.34 22.23 97.51
CA GLY E 630 -67.99 23.17 98.56
C GLY E 630 -68.65 22.90 99.89
N THR E 631 -69.75 23.59 100.13
CA THR E 631 -70.49 23.46 101.38
C THR E 631 -71.06 22.04 101.53
N PRO E 632 -71.19 21.56 102.76
CA PRO E 632 -71.79 20.24 102.97
C PRO E 632 -73.24 20.15 102.54
N ARG E 633 -73.94 21.28 102.43
CA ARG E 633 -75.26 21.30 101.80
C ARG E 633 -75.16 20.90 100.34
N ARG E 634 -74.14 21.41 99.64
CA ARG E 634 -73.93 21.05 98.25
C ARG E 634 -73.51 19.59 98.13
N ALA E 635 -72.72 19.12 99.08
CA ALA E 635 -72.37 17.70 99.11
C ALA E 635 -73.60 16.82 99.30
N ALA E 636 -74.53 17.26 100.15
CA ALA E 636 -75.75 16.49 100.37
C ALA E 636 -76.67 16.54 99.16
N GLU E 637 -76.72 17.68 98.47
CA GLU E 637 -77.60 17.74 97.31
C GLU E 637 -77.01 17.03 96.08
N TYR E 638 -75.69 16.82 96.05
CA TYR E 638 -75.18 15.89 95.04
C TYR E 638 -75.33 14.44 95.47
N LEU E 639 -75.31 14.16 96.77
CA LEU E 639 -75.38 12.77 97.20
C LEU E 639 -76.79 12.23 97.17
N SER E 640 -77.78 13.06 97.47
CA SER E 640 -79.16 12.61 97.56
C SER E 640 -79.84 12.48 96.20
N GLY E 641 -79.23 12.98 95.14
CA GLY E 641 -79.90 13.00 93.86
C GLY E 641 -80.84 14.16 93.66
N ARG E 642 -80.95 15.07 94.62
CA ARG E 642 -81.83 16.22 94.49
C ARG E 642 -81.32 17.25 93.49
N TRP E 643 -80.12 17.09 92.99
CA TRP E 643 -79.53 18.03 92.06
C TRP E 643 -80.12 17.91 90.66
N ALA E 644 -80.82 16.82 90.35
CA ALA E 644 -81.31 16.61 88.99
C ALA E 644 -82.61 17.34 88.70
N GLN E 645 -83.36 17.76 89.73
CA GLN E 645 -84.59 18.50 89.50
C GLN E 645 -84.36 19.88 88.91
N ALA E 646 -83.13 20.41 88.97
CA ALA E 646 -82.82 21.61 88.20
C ALA E 646 -82.80 21.35 86.71
N TYR E 647 -82.66 20.09 86.29
CA TYR E 647 -82.73 19.73 84.89
C TYR E 647 -84.01 19.00 84.54
N GLY E 648 -84.80 18.60 85.52
CA GLY E 648 -86.09 17.98 85.24
C GLY E 648 -86.03 16.48 85.04
N PHE E 649 -85.20 15.80 85.82
CA PHE E 649 -85.03 14.36 85.79
C PHE E 649 -85.51 13.77 87.11
N PRO E 650 -85.59 12.42 87.22
CA PRO E 650 -85.81 11.84 88.56
C PRO E 650 -84.62 12.00 89.49
N LEU E 651 -84.74 11.50 90.72
CA LEU E 651 -83.59 11.46 91.61
C LEU E 651 -82.55 10.50 91.04
N MET E 652 -81.33 10.99 90.86
CA MET E 652 -80.20 10.16 90.43
C MET E 652 -79.17 10.17 91.55
N PRO E 653 -79.31 9.30 92.54
CA PRO E 653 -78.38 9.32 93.67
C PRO E 653 -77.04 8.71 93.29
N ILE E 654 -76.05 9.07 94.07
CA ILE E 654 -74.71 8.51 93.98
C ILE E 654 -74.33 8.03 95.37
N ASP E 655 -73.09 7.60 95.53
CA ASP E 655 -72.70 6.83 96.70
C ASP E 655 -71.40 7.29 97.35
N GLY E 656 -70.73 8.30 96.80
CA GLY E 656 -69.58 8.89 97.44
C GLY E 656 -69.19 10.17 96.74
N ILE E 657 -68.63 11.14 97.47
CA ILE E 657 -68.12 12.37 96.86
C ILE E 657 -66.72 12.60 97.40
N LEU E 658 -65.81 13.03 96.52
CA LEU E 658 -64.42 13.21 96.94
C LEU E 658 -64.10 14.70 97.03
N VAL E 659 -63.32 15.04 98.06
CA VAL E 659 -63.09 16.41 98.48
C VAL E 659 -61.60 16.65 98.44
N GLY E 660 -61.15 17.41 97.45
CA GLY E 660 -59.74 17.76 97.45
C GLY E 660 -59.44 19.13 98.01
N THR E 661 -60.08 20.15 97.45
CA THR E 661 -59.62 21.52 97.66
C THR E 661 -60.07 22.05 99.01
N ALA E 662 -61.20 21.58 99.53
CA ALA E 662 -61.66 22.06 100.83
C ALA E 662 -60.83 21.55 101.98
N ALA E 663 -59.86 20.67 101.74
CA ALA E 663 -58.96 20.19 102.77
C ALA E 663 -57.59 20.83 102.68
N MET E 664 -57.42 21.90 101.90
CA MET E 664 -56.11 22.50 101.76
C MET E 664 -55.72 23.36 102.94
N ALA E 665 -56.68 23.86 103.70
CA ALA E 665 -56.42 24.80 104.77
C ALA E 665 -56.62 24.16 106.13
N THR E 666 -56.33 22.87 106.23
CA THR E 666 -56.55 22.16 107.46
C THR E 666 -55.35 22.27 108.38
N LYS E 667 -55.45 21.62 109.54
CA LYS E 667 -54.39 21.71 110.53
C LYS E 667 -53.19 20.87 110.12
N GLU E 668 -53.42 19.61 109.75
CA GLU E 668 -52.32 18.71 109.43
C GLU E 668 -51.68 19.02 108.09
N SER E 669 -52.35 19.78 107.24
CA SER E 669 -51.77 20.16 105.97
C SER E 669 -50.59 21.10 106.19
N THR E 670 -49.60 20.98 105.33
CA THR E 670 -48.33 21.68 105.51
C THR E 670 -48.11 22.71 104.43
N THR E 671 -49.14 23.46 104.09
CA THR E 671 -48.91 24.69 103.36
C THR E 671 -48.40 25.76 104.32
N SER E 672 -47.92 26.86 103.76
CA SER E 672 -47.47 27.96 104.60
C SER E 672 -48.67 28.63 105.25
N PRO E 673 -48.50 29.17 106.46
CA PRO E 673 -49.62 29.88 107.11
C PRO E 673 -50.05 31.13 106.37
N SER E 674 -49.12 31.80 105.69
CA SER E 674 -49.52 32.92 104.84
C SER E 674 -50.31 32.45 103.63
N VAL E 675 -49.97 31.27 103.09
CA VAL E 675 -50.73 30.69 102.00
C VAL E 675 -52.13 30.30 102.47
N LYS E 676 -52.22 29.77 103.69
CA LYS E 676 -53.53 29.48 104.28
C LYS E 676 -54.36 30.74 104.47
N ARG E 677 -53.70 31.84 104.84
CA ARG E 677 -54.40 33.10 105.03
C ARG E 677 -54.91 33.65 103.71
N MET E 678 -54.08 33.63 102.67
CA MET E 678 -54.53 34.06 101.34
C MET E 678 -55.62 33.15 100.80
N LEU E 679 -55.54 31.87 101.11
CA LEU E 679 -56.53 30.92 100.60
C LEU E 679 -57.87 31.08 101.31
N VAL E 680 -57.84 31.49 102.58
CA VAL E 680 -59.08 31.89 103.25
C VAL E 680 -59.63 33.17 102.63
N ASP E 681 -58.77 34.18 102.48
CA ASP E 681 -59.21 35.50 102.10
C ASP E 681 -59.69 35.60 100.65
N THR E 682 -59.26 34.70 99.79
CA THR E 682 -59.78 34.73 98.43
C THR E 682 -61.16 34.09 98.38
N GLN E 683 -61.91 34.46 97.35
CA GLN E 683 -63.20 33.86 97.08
C GLN E 683 -63.36 33.76 95.57
N GLY E 684 -63.90 32.63 95.12
CA GLY E 684 -63.88 32.27 93.72
C GLY E 684 -65.27 32.28 93.12
N THR E 685 -65.34 32.45 91.81
CA THR E 685 -66.61 32.55 91.11
C THR E 685 -67.22 31.17 90.91
N ASP E 686 -68.46 31.18 90.44
CA ASP E 686 -69.15 29.95 90.07
C ASP E 686 -69.18 29.72 88.57
N GLN E 687 -68.85 30.72 87.78
CA GLN E 687 -68.90 30.59 86.34
C GLN E 687 -67.55 30.14 85.80
N TRP E 688 -67.49 29.98 84.49
CA TRP E 688 -66.25 29.57 83.84
C TRP E 688 -65.30 30.74 83.73
N ILE E 689 -64.01 30.43 83.70
CA ILE E 689 -62.97 31.41 83.50
C ILE E 689 -62.25 31.08 82.20
N SER E 690 -62.33 31.98 81.23
CA SER E 690 -61.69 31.75 79.94
C SER E 690 -60.18 31.76 80.09
N ALA E 691 -59.51 31.11 79.15
CA ALA E 691 -58.09 30.84 79.28
C ALA E 691 -57.27 32.12 79.15
N GLY E 692 -56.32 32.30 80.06
CA GLY E 692 -55.51 33.49 80.07
C GLY E 692 -56.16 34.69 80.70
N LYS E 693 -57.25 34.52 81.43
CA LYS E 693 -57.91 35.63 82.11
C LYS E 693 -58.16 35.27 83.55
N ALA E 694 -58.76 36.20 84.29
CA ALA E 694 -58.96 36.06 85.72
C ALA E 694 -60.23 36.79 86.12
N GLN E 695 -61.11 36.11 86.84
CA GLN E 695 -62.39 36.67 87.23
C GLN E 695 -62.61 36.39 88.71
N GLY E 696 -62.44 37.40 89.55
CA GLY E 696 -62.78 37.28 90.95
C GLY E 696 -61.87 36.37 91.75
N GLY E 697 -60.64 36.80 91.97
CA GLY E 697 -59.76 36.08 92.86
C GLY E 697 -58.97 34.96 92.23
N MET E 698 -59.63 34.14 91.42
CA MET E 698 -58.99 33.01 90.76
C MET E 698 -58.57 33.41 89.36
N ALA E 699 -58.04 32.43 88.63
CA ALA E 699 -57.49 32.60 87.30
C ALA E 699 -57.28 31.23 86.70
N SER E 700 -57.23 31.18 85.37
CA SER E 700 -56.87 29.95 84.67
C SER E 700 -55.81 30.29 83.64
N SER E 701 -54.69 29.57 83.68
CA SER E 701 -53.59 29.87 82.79
C SER E 701 -53.03 28.55 82.26
N ARG E 702 -51.90 28.64 81.58
CA ARG E 702 -51.31 27.51 80.88
C ARG E 702 -50.18 26.94 81.71
N SER E 703 -49.73 25.76 81.32
CA SER E 703 -48.74 25.02 82.09
C SER E 703 -47.46 24.87 81.28
N GLN E 704 -46.56 24.03 81.81
CA GLN E 704 -45.27 23.79 81.18
C GLN E 704 -45.42 23.16 79.80
N LEU E 705 -46.35 22.23 79.66
CA LEU E 705 -46.55 21.53 78.41
C LEU E 705 -47.65 22.14 77.56
N GLY E 706 -48.35 23.14 78.08
CA GLY E 706 -49.46 23.73 77.37
C GLY E 706 -50.82 23.38 77.93
N ALA E 707 -50.89 22.52 78.95
CA ALA E 707 -52.15 22.16 79.54
C ALA E 707 -52.67 23.31 80.40
N ASP E 708 -53.93 23.22 80.80
CA ASP E 708 -54.61 24.29 81.52
C ASP E 708 -54.61 23.99 83.00
N ILE E 709 -54.38 25.03 83.81
CA ILE E 709 -54.43 24.91 85.27
C ILE E 709 -55.13 26.13 85.86
N HIS E 710 -55.57 25.98 87.11
CA HIS E 710 -56.19 27.05 87.88
C HIS E 710 -55.19 27.59 88.88
N GLU E 711 -55.21 28.90 89.08
CA GLU E 711 -54.30 29.56 90.01
C GLU E 711 -55.03 30.67 90.75
N ILE E 712 -54.51 31.02 91.91
CA ILE E 712 -54.95 32.23 92.58
C ILE E 712 -54.30 33.41 91.89
N ASP E 713 -55.09 34.45 91.63
CA ASP E 713 -54.62 35.61 90.89
C ASP E 713 -53.65 36.39 91.76
N ASN E 714 -52.36 36.13 91.59
CA ASN E 714 -51.35 36.89 92.31
C ASN E 714 -50.11 36.99 91.42
N SER E 715 -48.99 37.35 92.03
CA SER E 715 -47.75 37.65 91.32
C SER E 715 -47.19 36.44 90.60
N ALA E 716 -47.59 35.23 90.99
CA ALA E 716 -47.27 34.06 90.18
C ALA E 716 -48.10 34.04 88.90
N SER E 717 -49.38 34.36 89.00
CA SER E 717 -50.28 34.20 87.88
C SER E 717 -50.08 35.28 86.84
N ARG E 718 -49.75 36.51 87.28
CA ARG E 718 -49.45 37.60 86.35
C ARG E 718 -48.25 37.24 85.48
N CYS E 719 -47.18 36.77 86.13
CA CYS E 719 -46.00 36.34 85.39
C CYS E 719 -46.27 35.12 84.54
N GLY E 720 -47.18 34.24 84.99
CA GLY E 720 -47.52 33.07 84.22
C GLY E 720 -48.21 33.40 82.91
N ARG E 721 -49.21 34.28 82.97
CA ARG E 721 -49.89 34.63 81.72
C ARG E 721 -49.03 35.55 80.86
N LEU E 722 -48.10 36.29 81.45
CA LEU E 722 -47.17 37.08 80.64
C LEU E 722 -46.24 36.18 79.85
N LEU E 723 -45.70 35.14 80.49
CA LEU E 723 -44.90 34.17 79.75
C LEU E 723 -45.74 33.34 78.80
N ASP E 724 -47.04 33.19 79.07
CA ASP E 724 -47.92 32.55 78.10
C ASP E 724 -48.08 33.39 76.84
N GLU E 725 -48.11 34.72 77.01
CA GLU E 725 -48.17 35.59 75.83
C GLU E 725 -46.85 35.57 75.06
N VAL E 726 -45.73 35.55 75.78
CA VAL E 726 -44.44 35.73 75.12
C VAL E 726 -43.93 34.43 74.51
N ALA E 727 -44.10 33.31 75.22
CA ALA E 727 -43.31 32.11 75.04
C ALA E 727 -43.48 31.46 73.67
N GLY E 728 -42.40 30.90 73.15
CA GLY E 728 -42.37 30.35 71.82
C GLY E 728 -42.06 31.34 70.73
N ASP E 729 -41.80 32.60 71.08
CA ASP E 729 -41.57 33.66 70.09
C ASP E 729 -40.24 34.34 70.42
N ALA E 730 -39.22 33.99 69.63
CA ALA E 730 -37.84 34.41 69.90
C ALA E 730 -37.67 35.92 69.84
N GLU E 731 -38.29 36.57 68.86
CA GLU E 731 -38.14 38.02 68.77
C GLU E 731 -38.98 38.73 69.82
N ALA E 732 -40.12 38.15 70.21
CA ALA E 732 -40.94 38.76 71.24
C ALA E 732 -40.29 38.67 72.61
N VAL E 733 -39.44 37.66 72.83
CA VAL E 733 -38.66 37.59 74.06
C VAL E 733 -37.74 38.80 74.19
N ALA E 734 -36.93 39.06 73.17
CA ALA E 734 -36.03 40.20 73.19
C ALA E 734 -36.78 41.53 73.08
N GLU E 735 -38.03 41.50 72.60
CA GLU E 735 -38.84 42.71 72.61
C GLU E 735 -39.21 43.11 74.03
N ARG E 736 -39.90 42.23 74.75
CA ARG E 736 -40.35 42.53 76.11
C ARG E 736 -39.48 41.90 77.16
N ARG E 737 -38.16 41.90 76.95
CA ARG E 737 -37.22 41.26 77.87
C ARG E 737 -37.29 41.83 79.28
N ASP E 738 -37.28 43.16 79.40
CA ASP E 738 -37.16 43.77 80.73
C ASP E 738 -38.44 43.63 81.56
N GLU E 739 -39.59 43.57 80.90
CA GLU E 739 -40.84 43.31 81.61
C GLU E 739 -40.84 41.92 82.23
N ILE E 740 -40.27 40.95 81.51
CA ILE E 740 -40.15 39.60 82.01
C ILE E 740 -39.22 39.56 83.22
N ILE E 741 -38.15 40.35 83.19
CA ILE E 741 -37.21 40.38 84.31
C ILE E 741 -37.87 41.01 85.54
N ALA E 742 -38.70 42.04 85.33
CA ALA E 742 -39.39 42.65 86.44
C ALA E 742 -40.42 41.71 87.06
N ALA E 743 -41.15 40.97 86.22
CA ALA E 743 -42.14 40.04 86.73
C ALA E 743 -41.49 38.86 87.45
N MET E 744 -40.34 38.39 86.95
CA MET E 744 -39.67 37.29 87.62
C MET E 744 -39.02 37.74 88.92
N ALA E 745 -38.52 38.97 88.98
CA ALA E 745 -38.02 39.48 90.25
C ALA E 745 -39.15 39.67 91.24
N LYS E 746 -40.36 39.91 90.74
CA LYS E 746 -41.52 39.93 91.62
C LYS E 746 -41.82 38.54 92.18
N THR E 747 -41.80 37.51 91.31
CA THR E 747 -42.21 36.19 91.77
C THR E 747 -41.07 35.51 92.54
N ALA E 748 -41.36 34.31 93.05
CA ALA E 748 -40.41 33.59 93.91
C ALA E 748 -39.63 32.54 93.15
N LYS E 749 -39.32 32.78 91.89
CA LYS E 749 -38.34 31.98 91.14
C LYS E 749 -37.65 32.92 90.17
N PRO E 750 -36.77 33.78 90.65
CA PRO E 750 -36.33 34.93 89.87
C PRO E 750 -35.22 34.57 88.89
N TYR E 751 -34.81 35.58 88.15
CA TYR E 751 -33.68 35.51 87.23
C TYR E 751 -32.43 35.98 87.95
N PHE E 752 -31.27 35.73 87.34
CA PHE E 752 -29.99 36.27 87.77
C PHE E 752 -29.83 37.74 87.41
N GLY E 753 -28.61 38.22 87.40
CA GLY E 753 -28.24 39.35 86.58
C GLY E 753 -27.84 38.84 85.20
N ASP E 754 -27.15 39.67 84.45
CA ASP E 754 -26.49 39.18 83.26
C ASP E 754 -25.27 38.38 83.70
N VAL E 755 -25.27 37.08 83.42
CA VAL E 755 -24.27 36.20 84.01
C VAL E 755 -22.91 36.38 83.35
N ALA E 756 -22.87 36.89 82.12
CA ALA E 756 -21.59 37.14 81.48
C ALA E 756 -20.89 38.38 82.02
N ASP E 757 -21.54 39.15 82.89
CA ASP E 757 -20.95 40.32 83.50
C ASP E 757 -20.61 40.10 84.96
N MET E 758 -20.87 38.92 85.49
CA MET E 758 -20.68 38.70 86.91
C MET E 758 -19.23 38.41 87.25
N THR E 759 -18.87 38.76 88.46
CA THR E 759 -17.62 38.38 89.07
C THR E 759 -17.81 37.02 89.73
N TYR E 760 -16.71 36.26 89.88
CA TYR E 760 -16.78 34.92 90.45
C TYR E 760 -17.34 34.93 91.86
N LEU E 761 -16.86 35.86 92.68
CA LEU E 761 -17.41 36.04 94.02
C LEU E 761 -18.88 36.41 93.97
N GLN E 762 -19.25 37.29 93.04
CA GLN E 762 -20.64 37.69 92.87
C GLN E 762 -21.48 36.54 92.38
N TRP E 763 -20.89 35.68 91.54
CA TRP E 763 -21.57 34.52 90.98
C TRP E 763 -21.91 33.51 92.07
N LEU E 764 -20.93 33.17 92.90
CA LEU E 764 -21.14 32.20 93.95
C LEU E 764 -22.06 32.74 95.03
N ARG E 765 -21.94 34.04 95.36
CA ARG E 765 -22.83 34.59 96.37
C ARG E 765 -24.26 34.69 95.88
N ARG E 766 -24.46 34.93 94.59
CA ARG E 766 -25.83 34.94 94.06
C ARG E 766 -26.43 33.54 94.05
N TYR E 767 -25.63 32.52 93.73
CA TYR E 767 -26.12 31.15 93.78
C TYR E 767 -26.51 30.75 95.20
N VAL E 768 -25.67 31.08 96.18
CA VAL E 768 -26.00 30.71 97.56
C VAL E 768 -27.19 31.50 98.06
N GLU E 769 -27.35 32.76 97.62
CA GLU E 769 -28.50 33.56 97.98
C GLU E 769 -29.78 32.95 97.42
N LEU E 770 -29.72 32.41 96.20
CA LEU E 770 -30.93 31.80 95.64
C LEU E 770 -31.24 30.45 96.28
N ALA E 771 -30.23 29.60 96.45
CA ALA E 771 -30.50 28.26 96.95
C ALA E 771 -30.75 28.26 98.45
N ILE E 772 -29.74 28.65 99.23
CA ILE E 772 -29.87 28.61 100.69
C ILE E 772 -30.66 29.80 101.19
N GLY E 773 -30.16 31.00 100.90
CA GLY E 773 -30.86 32.19 101.36
C GLY E 773 -30.61 32.47 102.82
N GLU E 774 -31.60 32.18 103.65
CA GLU E 774 -31.50 32.42 105.08
C GLU E 774 -31.33 31.15 105.90
N GLY E 775 -31.40 29.98 105.28
CA GLY E 775 -31.52 28.75 106.03
C GLY E 775 -32.86 28.73 106.72
N ASN E 776 -33.91 29.02 105.93
CA ASN E 776 -35.21 29.33 106.47
C ASN E 776 -36.27 28.33 105.98
N SER E 777 -35.91 27.39 105.12
CA SER E 777 -36.91 26.54 104.49
C SER E 777 -37.44 25.50 105.45
N THR E 778 -38.73 25.18 105.28
CA THR E 778 -39.41 24.15 106.06
C THR E 778 -40.05 23.09 105.17
N ALA E 779 -39.37 22.65 104.12
CA ALA E 779 -39.91 21.67 103.20
C ALA E 779 -38.83 20.70 102.76
N ASP E 780 -39.13 19.40 102.89
CA ASP E 780 -38.48 18.20 102.32
C ASP E 780 -36.97 18.28 102.12
N THR E 781 -36.25 18.64 103.18
CA THR E 781 -34.79 18.68 103.14
C THR E 781 -34.22 17.27 102.99
N ALA E 782 -32.97 17.21 102.55
CA ALA E 782 -32.33 15.90 102.38
C ALA E 782 -32.03 15.26 103.73
N SER E 783 -31.68 16.07 104.72
CA SER E 783 -31.48 15.62 106.09
C SER E 783 -31.65 16.80 107.02
N VAL E 784 -31.34 16.58 108.29
CA VAL E 784 -31.25 17.65 109.26
C VAL E 784 -29.79 18.02 109.42
N GLY E 785 -29.48 19.32 109.31
CA GLY E 785 -28.11 19.78 109.36
C GLY E 785 -27.48 20.01 108.02
N SER E 786 -28.06 19.50 106.95
CA SER E 786 -27.59 19.79 105.59
C SER E 786 -28.55 20.78 104.96
N PRO E 787 -28.15 22.02 104.75
CA PRO E 787 -29.08 23.02 104.22
C PRO E 787 -29.43 22.85 102.76
N TRP E 788 -28.69 22.02 102.03
CA TRP E 788 -29.00 21.77 100.64
C TRP E 788 -30.24 20.90 100.53
N LEU E 789 -31.16 21.29 99.66
CA LEU E 789 -32.34 20.46 99.43
C LEU E 789 -32.06 19.29 98.52
N ALA E 790 -30.90 19.23 97.88
CA ALA E 790 -30.63 18.14 96.96
C ALA E 790 -29.14 17.93 96.79
N ASP E 791 -28.76 16.66 96.62
CA ASP E 791 -27.38 16.29 96.34
C ASP E 791 -26.92 16.87 95.01
N THR E 792 -27.84 17.01 94.05
CA THR E 792 -27.49 17.69 92.82
C THR E 792 -27.21 19.17 93.06
N TRP E 793 -27.83 19.77 94.07
CA TRP E 793 -27.50 21.17 94.36
C TRP E 793 -26.15 21.28 95.05
N ARG E 794 -25.81 20.33 95.93
CA ARG E 794 -24.50 20.49 96.58
C ARG E 794 -23.35 20.16 95.63
N ASP E 795 -23.51 19.21 94.71
CA ASP E 795 -22.36 19.00 93.83
C ASP E 795 -22.36 19.98 92.66
N ARG E 796 -23.52 20.58 92.35
CA ARG E 796 -23.58 21.81 91.57
C ARG E 796 -22.65 22.87 92.14
N PHE E 797 -22.79 23.11 93.44
CA PHE E 797 -21.99 24.13 94.11
C PHE E 797 -20.51 23.74 94.16
N GLU E 798 -20.21 22.45 94.33
CA GLU E 798 -18.79 22.11 94.37
C GLU E 798 -18.15 22.16 92.99
N GLN E 799 -18.91 21.92 91.92
CA GLN E 799 -18.31 22.04 90.60
C GLN E 799 -18.10 23.50 90.22
N MET E 800 -18.98 24.39 90.68
CA MET E 800 -18.70 25.81 90.48
C MET E 800 -17.49 26.27 91.25
N LEU E 801 -17.31 25.78 92.49
CA LEU E 801 -16.11 26.13 93.25
C LEU E 801 -14.85 25.61 92.59
N GLN E 802 -14.89 24.39 92.06
CA GLN E 802 -13.69 23.83 91.45
C GLN E 802 -13.36 24.51 90.13
N ARG E 803 -14.36 24.96 89.38
CA ARG E 803 -14.01 25.70 88.18
C ARG E 803 -13.51 27.09 88.53
N ALA E 804 -13.99 27.68 89.63
CA ALA E 804 -13.42 28.95 90.09
C ALA E 804 -11.95 28.79 90.47
N GLU E 805 -11.62 27.70 91.17
CA GLU E 805 -10.23 27.36 91.47
C GLU E 805 -9.39 27.24 90.20
N ALA E 806 -9.77 26.30 89.34
CA ALA E 806 -8.98 25.96 88.15
C ALA E 806 -8.93 27.09 87.15
N ARG E 807 -9.85 28.04 87.22
CA ARG E 807 -9.84 29.15 86.29
C ARG E 807 -9.02 30.31 86.84
N LEU E 808 -9.14 30.63 88.13
CA LEU E 808 -8.38 31.75 88.68
C LEU E 808 -6.94 31.40 89.02
N HIS E 809 -6.56 30.12 89.00
CA HIS E 809 -5.16 29.93 89.35
C HIS E 809 -4.26 30.26 88.16
N PRO E 810 -3.13 30.94 88.39
CA PRO E 810 -2.19 31.27 87.30
C PRO E 810 -1.37 30.09 86.81
N GLN E 811 -2.04 29.16 86.13
CA GLN E 811 -1.43 28.02 85.48
C GLN E 811 -2.43 27.49 84.48
N ASP E 812 -1.94 26.88 83.41
CA ASP E 812 -2.82 26.37 82.36
C ASP E 812 -2.60 24.91 82.06
N PHE E 813 -1.66 24.23 82.72
CA PHE E 813 -1.30 22.87 82.33
C PHE E 813 -1.66 21.83 83.39
N GLY E 814 -1.12 21.97 84.59
CA GLY E 814 -0.91 20.84 85.45
C GLY E 814 -2.01 20.59 86.45
N PRO E 815 -2.09 19.35 86.93
CA PRO E 815 -2.94 19.09 88.09
C PRO E 815 -2.43 19.83 89.31
N ILE E 816 -3.34 20.55 89.95
CA ILE E 816 -3.00 21.37 91.11
C ILE E 816 -3.81 20.87 92.31
N GLN E 817 -3.18 20.88 93.48
CA GLN E 817 -3.83 20.63 94.74
C GLN E 817 -4.94 21.65 94.99
N THR E 818 -6.18 21.17 95.08
CA THR E 818 -7.31 22.04 95.32
C THR E 818 -7.72 22.00 96.79
N LEU E 819 -8.68 22.84 97.14
CA LEU E 819 -9.32 22.81 98.45
C LEU E 819 -10.57 21.93 98.35
N PHE E 820 -11.43 22.02 99.36
CA PHE E 820 -12.79 21.47 99.36
C PHE E 820 -12.80 19.95 99.21
N THR E 821 -12.22 19.29 100.20
CA THR E 821 -12.16 17.83 100.19
C THR E 821 -13.39 17.20 100.86
N ASP E 822 -14.57 17.66 100.42
CA ASP E 822 -15.88 17.07 100.70
C ASP E 822 -16.17 16.99 102.20
N ALA E 823 -16.27 18.17 102.81
CA ALA E 823 -16.40 18.21 104.26
C ALA E 823 -17.50 19.15 104.71
N GLY E 824 -17.54 19.41 106.02
CA GLY E 824 -18.40 20.45 106.55
C GLY E 824 -18.02 21.84 106.08
N LEU E 825 -16.78 22.02 105.62
CA LEU E 825 -16.39 23.25 104.95
C LEU E 825 -17.15 23.42 103.64
N LEU E 826 -17.54 22.32 102.99
CA LEU E 826 -18.43 22.40 101.84
C LEU E 826 -19.89 22.43 102.26
N ASP E 827 -20.21 21.84 103.42
CA ASP E 827 -21.59 21.87 103.88
C ASP E 827 -21.99 23.26 104.36
N ASN E 828 -21.03 24.05 104.83
CA ASN E 828 -21.29 25.44 105.17
C ASN E 828 -20.88 26.31 103.99
N PRO E 829 -21.82 26.92 103.29
CA PRO E 829 -21.46 27.65 102.06
C PRO E 829 -20.76 28.97 102.33
N GLN E 830 -21.04 29.61 103.47
CA GLN E 830 -20.43 30.90 103.76
C GLN E 830 -18.95 30.76 104.04
N GLN E 831 -18.55 29.75 104.81
CA GLN E 831 -17.15 29.51 105.04
C GLN E 831 -16.46 28.92 103.83
N ALA E 832 -17.23 28.32 102.91
CA ALA E 832 -16.65 27.82 101.66
C ALA E 832 -16.22 28.97 100.77
N ILE E 833 -17.05 30.01 100.68
CA ILE E 833 -16.73 31.15 99.85
C ILE E 833 -15.59 31.96 100.44
N ALA E 834 -15.62 32.18 101.77
CA ALA E 834 -14.58 32.94 102.42
C ALA E 834 -13.23 32.23 102.42
N ALA E 835 -13.22 30.91 102.28
CA ALA E 835 -11.96 30.21 102.11
C ALA E 835 -11.43 30.36 100.69
N LEU E 836 -12.31 30.64 99.73
CA LEU E 836 -11.85 30.91 98.37
C LEU E 836 -11.21 32.29 98.26
N LEU E 837 -11.89 33.29 98.82
CA LEU E 837 -11.42 34.67 98.72
C LEU E 837 -10.16 34.90 99.53
N ALA E 838 -9.91 34.09 100.55
CA ALA E 838 -8.68 34.21 101.32
C ALA E 838 -7.47 33.82 100.50
N ARG E 839 -7.61 32.83 99.62
CA ARG E 839 -6.48 32.46 98.77
C ARG E 839 -6.39 33.33 97.53
N TYR E 840 -7.51 33.53 96.85
CA TYR E 840 -7.54 34.28 95.60
C TYR E 840 -8.20 35.63 95.83
N PRO E 841 -7.43 36.71 95.98
CA PRO E 841 -8.05 38.02 96.22
C PRO E 841 -8.67 38.62 94.98
N ASP E 842 -8.27 38.19 93.80
CA ASP E 842 -8.80 38.72 92.55
C ASP E 842 -10.11 38.08 92.14
N ALA E 843 -10.68 37.21 92.97
CA ALA E 843 -12.03 36.72 92.74
C ALA E 843 -13.07 37.80 92.94
N GLU E 844 -12.72 38.89 93.63
CA GLU E 844 -13.63 40.00 93.81
C GLU E 844 -13.67 40.93 92.60
N THR E 845 -12.65 40.89 91.75
CA THR E 845 -12.54 41.84 90.65
C THR E 845 -12.63 41.21 89.27
N VAL E 846 -12.09 40.02 89.07
CA VAL E 846 -11.97 39.45 87.73
C VAL E 846 -13.31 38.88 87.29
N GLN E 847 -13.82 39.35 86.16
CA GLN E 847 -15.13 38.92 85.71
C GLN E 847 -15.06 37.54 85.07
N LEU E 848 -16.23 37.03 84.72
CA LEU E 848 -16.38 35.63 84.34
C LEU E 848 -15.87 35.42 82.92
N HIS E 849 -15.25 34.26 82.69
CA HIS E 849 -14.74 33.91 81.37
C HIS E 849 -15.93 33.66 80.44
N PRO E 850 -15.80 34.03 79.15
CA PRO E 850 -16.93 33.88 78.23
C PRO E 850 -17.31 32.44 77.90
N ALA E 851 -16.48 31.47 78.24
CA ALA E 851 -16.81 30.08 78.01
C ALA E 851 -17.36 29.39 79.26
N ASP E 852 -17.56 30.12 80.35
CA ASP E 852 -18.16 29.54 81.53
C ASP E 852 -19.66 29.78 81.60
N VAL E 853 -20.19 30.68 80.78
CA VAL E 853 -21.64 30.88 80.68
C VAL E 853 -22.34 29.66 80.06
N PRO E 854 -21.89 29.07 78.93
CA PRO E 854 -22.57 27.84 78.50
C PRO E 854 -22.30 26.67 79.43
N PHE E 855 -21.15 26.68 80.11
CA PHE E 855 -20.92 25.75 81.20
C PHE E 855 -21.99 25.86 82.27
N PHE E 856 -22.33 27.08 82.65
CA PHE E 856 -23.30 27.25 83.72
C PHE E 856 -24.71 26.89 83.27
N VAL E 857 -25.04 27.16 82.01
CA VAL E 857 -26.36 26.80 81.50
C VAL E 857 -26.52 25.29 81.41
N THR E 858 -25.57 24.62 80.75
CA THR E 858 -25.66 23.16 80.68
C THR E 858 -25.33 22.49 82.00
N LEU E 859 -24.84 23.22 82.98
CA LEU E 859 -24.72 22.69 84.31
C LEU E 859 -26.06 22.71 85.02
N CYS E 860 -26.82 23.80 84.84
CA CYS E 860 -28.15 23.86 85.45
C CYS E 860 -29.17 23.01 84.72
N LYS E 861 -28.87 22.60 83.49
CA LYS E 861 -29.87 21.90 82.69
C LYS E 861 -30.10 20.45 83.13
N THR E 862 -29.16 19.81 83.82
CA THR E 862 -29.12 18.36 83.89
C THR E 862 -29.84 17.76 85.10
N LEU E 863 -30.91 17.00 84.81
CA LEU E 863 -31.23 15.68 85.38
C LEU E 863 -31.07 15.60 86.89
N GLY E 864 -31.98 16.29 87.59
CA GLY E 864 -32.05 16.14 89.03
C GLY E 864 -33.31 16.75 89.56
N LYS E 865 -33.23 17.39 90.70
CA LYS E 865 -34.31 18.30 91.08
C LYS E 865 -34.12 19.60 90.33
N PRO E 866 -35.17 20.14 89.73
CA PRO E 866 -35.03 21.38 88.95
C PRO E 866 -34.67 22.54 89.86
N VAL E 867 -33.98 23.50 89.28
CA VAL E 867 -33.22 24.45 90.07
C VAL E 867 -34.18 25.54 90.53
N ASN E 868 -33.75 26.35 91.49
CA ASN E 868 -34.59 27.34 92.12
C ASN E 868 -34.54 28.70 91.42
N PHE E 869 -34.10 28.76 90.16
CA PHE E 869 -34.07 30.04 89.45
C PHE E 869 -34.34 29.81 87.97
N VAL E 870 -34.13 30.85 87.18
CA VAL E 870 -34.20 30.80 85.73
C VAL E 870 -32.85 31.27 85.21
N PRO E 871 -32.09 30.42 84.53
CA PRO E 871 -30.74 30.80 84.13
C PRO E 871 -30.68 31.81 82.99
N VAL E 872 -31.46 31.62 81.94
CA VAL E 872 -31.42 32.51 80.78
C VAL E 872 -32.82 32.91 80.38
N ILE E 873 -32.90 33.98 79.60
CA ILE E 873 -34.15 34.46 79.02
C ILE E 873 -34.11 34.11 77.54
N ASP E 874 -34.99 33.21 77.11
CA ASP E 874 -34.82 32.56 75.83
C ASP E 874 -36.21 32.13 75.35
N GLN E 875 -36.27 31.28 74.33
CA GLN E 875 -37.55 30.79 73.84
C GLN E 875 -38.19 29.81 74.80
N ASP E 876 -37.39 29.10 75.58
CA ASP E 876 -37.88 28.09 76.51
C ASP E 876 -38.14 28.65 77.89
N VAL E 877 -38.46 29.95 77.98
CA VAL E 877 -38.49 30.62 79.26
C VAL E 877 -39.71 30.18 80.08
N ARG E 878 -40.80 29.76 79.42
CA ARG E 878 -41.92 29.22 80.15
C ARG E 878 -41.59 27.85 80.72
N ARG E 879 -40.80 27.07 79.99
CA ARG E 879 -40.36 25.78 80.49
C ARG E 879 -39.45 25.94 81.70
N TRP E 880 -38.50 26.86 81.63
CA TRP E 880 -37.60 27.12 82.76
C TRP E 880 -38.37 27.63 83.97
N TRP E 881 -39.37 28.49 83.75
CA TRP E 881 -40.03 29.06 84.91
C TRP E 881 -41.06 28.13 85.50
N ARG E 882 -41.77 27.36 84.68
CA ARG E 882 -42.81 26.48 85.17
C ARG E 882 -42.29 25.09 85.52
N SER E 883 -41.00 24.83 85.34
CA SER E 883 -40.44 23.53 85.69
C SER E 883 -40.47 23.35 87.20
N ASP E 884 -41.39 22.49 87.67
CA ASP E 884 -41.50 22.04 89.06
C ASP E 884 -41.72 23.21 90.01
N SER E 885 -42.88 23.84 89.85
CA SER E 885 -43.17 25.11 90.49
C SER E 885 -44.25 24.97 91.56
N LEU E 886 -44.36 23.83 92.21
CA LEU E 886 -45.47 23.60 93.12
C LEU E 886 -45.07 23.36 94.56
N TRP E 887 -43.85 22.94 94.83
CA TRP E 887 -43.44 22.68 96.20
C TRP E 887 -43.22 23.94 97.01
N GLN E 888 -42.98 25.08 96.34
CA GLN E 888 -42.68 26.33 97.04
C GLN E 888 -43.82 26.86 97.89
N ALA E 889 -45.02 26.32 97.76
CA ALA E 889 -46.13 26.70 98.62
C ALA E 889 -46.09 26.00 99.96
N HIS E 890 -45.07 25.18 100.23
CA HIS E 890 -45.05 24.43 101.48
C HIS E 890 -43.93 24.81 102.43
N ASP E 891 -43.14 25.84 102.13
CA ASP E 891 -42.13 26.31 103.06
C ASP E 891 -42.37 27.76 103.41
N ALA E 892 -41.98 28.13 104.63
CA ALA E 892 -42.30 29.45 105.15
C ALA E 892 -41.36 30.53 104.67
N ARG E 893 -40.35 30.19 103.87
CA ARG E 893 -39.42 31.23 103.45
C ARG E 893 -39.94 32.06 102.29
N TYR E 894 -41.12 31.77 101.77
CA TYR E 894 -41.68 32.54 100.67
C TYR E 894 -42.99 33.18 101.08
N ASP E 895 -43.23 34.38 100.56
CA ASP E 895 -44.50 35.03 100.80
C ASP E 895 -45.60 34.36 99.97
N ALA E 896 -46.84 34.51 100.42
CA ALA E 896 -47.96 33.91 99.73
C ALA E 896 -48.25 34.59 98.40
N ASP E 897 -47.74 35.79 98.18
CA ASP E 897 -48.00 36.49 96.93
C ASP E 897 -47.21 35.85 95.78
N ALA E 898 -45.94 35.55 96.00
CA ALA E 898 -45.03 35.24 94.91
C ALA E 898 -44.98 33.77 94.54
N VAL E 899 -45.94 32.96 94.99
CA VAL E 899 -45.84 31.51 94.89
C VAL E 899 -47.08 30.95 94.20
N CYS E 900 -46.88 29.94 93.36
CA CYS E 900 -47.99 29.30 92.63
C CYS E 900 -48.84 28.48 93.59
N ILE E 901 -50.13 28.81 93.66
CA ILE E 901 -51.11 28.05 94.42
C ILE E 901 -52.19 27.60 93.46
N ILE E 902 -52.58 26.33 93.53
CA ILE E 902 -53.48 25.78 92.51
C ILE E 902 -54.80 25.21 93.07
N PRO E 903 -55.73 26.04 93.56
CA PRO E 903 -56.97 25.47 94.08
C PRO E 903 -58.07 25.37 93.03
N GLY E 904 -59.26 24.93 93.44
CA GLY E 904 -60.42 24.93 92.57
C GLY E 904 -61.08 26.29 92.51
N THR E 905 -62.28 26.34 91.95
CA THR E 905 -62.95 27.61 91.73
C THR E 905 -64.19 27.84 92.58
N ALA E 906 -64.90 26.79 93.00
CA ALA E 906 -66.04 26.97 93.87
C ALA E 906 -65.73 26.60 95.32
N SER E 907 -64.83 25.65 95.51
CA SER E 907 -64.43 25.26 96.84
C SER E 907 -63.62 26.33 97.56
N VAL E 908 -63.00 27.27 96.83
CA VAL E 908 -62.33 28.39 97.49
C VAL E 908 -63.34 29.29 98.17
N ALA E 909 -64.49 29.52 97.53
CA ALA E 909 -65.58 30.19 98.21
C ALA E 909 -66.20 29.30 99.27
N GLY E 910 -66.06 27.99 99.11
CA GLY E 910 -66.56 27.07 100.13
C GLY E 910 -65.82 27.15 101.45
N ILE E 911 -64.50 27.27 101.41
CA ILE E 911 -63.73 27.24 102.66
C ILE E 911 -63.89 28.56 103.39
N THR E 912 -63.76 28.51 104.71
CA THR E 912 -64.08 29.69 105.49
C THR E 912 -63.01 30.09 106.49
N ARG E 913 -62.37 29.13 107.17
CA ARG E 913 -61.50 29.49 108.27
C ARG E 913 -60.24 28.64 108.24
N MET E 914 -59.47 28.74 109.31
CA MET E 914 -58.09 28.28 109.40
C MET E 914 -57.98 26.97 110.17
N ASP E 915 -56.86 26.27 109.91
CA ASP E 915 -56.20 25.22 110.72
C ASP E 915 -57.16 24.29 111.48
N GLU E 916 -58.10 23.86 110.81
CA GLU E 916 -59.21 23.02 111.24
C GLU E 916 -58.84 21.55 111.09
N PRO E 917 -59.29 20.64 111.94
CA PRO E 917 -58.89 19.23 111.79
C PRO E 917 -59.70 18.45 110.76
N VAL E 918 -58.98 17.54 110.07
CA VAL E 918 -59.52 16.84 108.92
C VAL E 918 -60.64 15.89 109.30
N GLY E 919 -60.56 15.27 110.47
CA GLY E 919 -61.63 14.39 110.91
C GLY E 919 -62.92 15.13 111.14
N GLU E 920 -62.83 16.32 111.75
CA GLU E 920 -64.02 17.12 111.97
C GLU E 920 -64.58 17.66 110.67
N LEU E 921 -63.71 17.97 109.71
CA LEU E 921 -64.18 18.45 108.40
C LEU E 921 -64.95 17.38 107.66
N LEU E 922 -64.39 16.18 107.58
CA LEU E 922 -65.05 15.12 106.82
C LEU E 922 -66.28 14.61 107.56
N ASP E 923 -66.26 14.61 108.90
CA ASP E 923 -67.46 14.24 109.63
C ASP E 923 -68.56 15.28 109.49
N ARG E 924 -68.20 16.55 109.31
CA ARG E 924 -69.21 17.57 109.06
C ARG E 924 -69.85 17.38 107.69
N PHE E 925 -69.02 17.07 106.68
CA PHE E 925 -69.55 16.76 105.34
C PHE E 925 -70.45 15.53 105.34
N GLU E 926 -70.17 14.55 106.19
CA GLU E 926 -71.09 13.43 106.28
C GLU E 926 -72.34 13.77 107.09
N GLN E 927 -72.18 14.57 108.13
CA GLN E 927 -73.25 14.85 109.07
C GLN E 927 -74.36 15.67 108.44
N ALA E 928 -74.02 16.52 107.46
CA ALA E 928 -75.08 17.25 106.77
C ALA E 928 -75.99 16.32 105.97
N ALA E 929 -75.42 15.34 105.27
CA ALA E 929 -76.25 14.40 104.53
C ALA E 929 -77.02 13.48 105.46
N ILE E 930 -76.42 13.12 106.60
CA ILE E 930 -77.12 12.33 107.62
C ILE E 930 -78.33 13.10 108.13
N ASP E 931 -78.17 14.40 108.35
CA ASP E 931 -79.28 15.24 108.76
C ASP E 931 -80.37 15.30 107.70
N GLU E 932 -79.95 15.45 106.43
CA GLU E 932 -80.92 15.60 105.34
C GLU E 932 -81.72 14.32 105.11
N VAL E 933 -81.13 13.15 105.35
CA VAL E 933 -81.90 11.92 105.21
C VAL E 933 -82.63 11.53 106.51
N LEU E 934 -82.14 11.97 107.67
CA LEU E 934 -82.83 11.71 108.93
C LEU E 934 -84.05 12.60 109.08
N GLY E 935 -84.10 13.71 108.33
CA GLY E 935 -85.30 14.53 108.30
C GLY E 935 -86.54 13.82 107.76
N ALA E 936 -86.35 12.75 106.99
CA ALA E 936 -87.49 11.96 106.52
C ALA E 936 -88.06 11.06 107.59
N GLY E 937 -87.37 10.89 108.72
CA GLY E 937 -87.90 10.09 109.80
C GLY E 937 -87.67 8.61 109.65
N VAL E 938 -86.46 8.21 109.28
CA VAL E 938 -86.11 6.81 109.09
C VAL E 938 -85.40 6.32 110.35
N GLU E 939 -85.91 5.25 110.94
CA GLU E 939 -85.27 4.65 112.09
C GLU E 939 -84.03 3.87 111.64
N PRO E 940 -82.84 4.20 112.14
CA PRO E 940 -81.65 3.46 111.71
C PRO E 940 -81.58 2.09 112.34
N LYS E 941 -81.19 1.12 111.53
CA LYS E 941 -81.08 -0.26 111.99
C LYS E 941 -79.66 -0.56 112.43
N ASP E 942 -79.53 -1.33 113.50
CA ASP E 942 -78.22 -1.60 114.09
C ASP E 942 -77.44 -2.56 113.20
N VAL E 943 -76.23 -2.16 112.82
CA VAL E 943 -75.35 -2.97 112.01
C VAL E 943 -74.05 -3.13 112.79
N ALA E 944 -73.50 -4.35 112.80
CA ALA E 944 -72.34 -4.65 113.64
C ALA E 944 -71.06 -4.02 113.11
N SER E 945 -71.05 -3.59 111.85
CA SER E 945 -69.88 -2.95 111.26
C SER E 945 -70.36 -1.92 110.25
N ARG E 946 -69.46 -1.54 109.36
CA ARG E 946 -69.88 -0.70 108.25
C ARG E 946 -69.88 -1.44 106.93
N ARG E 947 -69.07 -2.50 106.79
CA ARG E 947 -68.92 -3.21 105.53
C ARG E 947 -70.20 -3.90 105.06
N LEU E 948 -70.66 -4.93 105.75
CA LEU E 948 -71.91 -5.66 105.44
C LEU E 948 -71.90 -6.16 103.99
N GLY E 949 -70.99 -7.10 103.75
CA GLY E 949 -70.78 -7.62 102.41
C GLY E 949 -71.77 -8.68 102.00
N ARG E 950 -71.80 -9.80 102.72
CA ARG E 950 -72.57 -10.96 102.29
C ARG E 950 -74.07 -10.77 102.50
N ALA E 951 -74.44 -10.09 103.59
CA ALA E 951 -75.80 -9.59 103.87
C ALA E 951 -76.81 -10.72 104.04
N ASP E 952 -76.41 -11.80 104.70
CA ASP E 952 -77.38 -12.73 105.25
C ASP E 952 -77.04 -13.21 106.66
N VAL E 953 -75.84 -12.95 107.14
CA VAL E 953 -75.43 -13.26 108.50
C VAL E 953 -74.92 -11.98 109.14
N ALA E 954 -75.07 -11.88 110.46
CA ALA E 954 -74.62 -10.71 111.18
C ALA E 954 -73.89 -11.15 112.44
N GLY E 955 -72.95 -10.33 112.89
CA GLY E 955 -72.18 -10.63 114.06
C GLY E 955 -70.69 -10.49 113.81
N PRO E 956 -69.88 -11.14 114.63
CA PRO E 956 -68.43 -11.08 114.41
C PRO E 956 -67.96 -11.80 113.16
N LEU E 957 -68.55 -12.95 112.84
CA LEU E 957 -68.09 -13.63 111.65
C LEU E 957 -68.53 -12.94 110.37
N ALA E 958 -69.52 -12.05 110.43
CA ALA E 958 -69.81 -11.20 109.30
C ALA E 958 -68.61 -10.31 108.97
N VAL E 959 -68.02 -9.72 110.01
CA VAL E 959 -66.82 -8.88 109.86
C VAL E 959 -65.66 -9.71 109.37
N VAL E 960 -65.51 -10.91 109.93
CA VAL E 960 -64.40 -11.80 109.55
C VAL E 960 -64.53 -12.26 108.11
N LEU E 961 -65.74 -12.57 107.66
CA LEU E 961 -65.94 -12.97 106.27
C LEU E 961 -65.69 -11.83 105.30
N ASP E 962 -66.24 -10.66 105.54
CA ASP E 962 -66.13 -9.64 104.51
C ASP E 962 -64.85 -8.81 104.61
N ALA E 963 -64.02 -9.02 105.64
CA ALA E 963 -62.76 -8.28 105.73
C ALA E 963 -61.77 -8.85 104.71
N PRO E 964 -61.18 -8.02 103.85
CA PRO E 964 -60.21 -8.54 102.88
C PRO E 964 -58.78 -8.63 103.41
N ASP E 965 -58.41 -7.79 104.37
CA ASP E 965 -57.06 -7.80 104.91
C ASP E 965 -57.11 -7.94 106.42
N VAL E 966 -56.13 -8.65 106.97
CA VAL E 966 -55.97 -8.75 108.41
C VAL E 966 -54.56 -8.30 108.77
N ARG E 967 -54.37 -7.99 110.05
CA ARG E 967 -53.04 -7.70 110.56
C ARG E 967 -52.53 -8.91 111.32
N TRP E 968 -51.56 -9.59 110.73
CA TRP E 968 -51.09 -10.89 111.19
C TRP E 968 -49.67 -10.75 111.70
N ALA E 969 -49.55 -10.47 113.01
CA ALA E 969 -48.28 -10.24 113.71
C ALA E 969 -47.49 -9.10 113.07
N GLY E 970 -48.07 -7.91 113.11
CA GLY E 970 -47.39 -6.71 112.68
C GLY E 970 -47.51 -6.39 111.21
N ARG E 971 -47.95 -7.33 110.39
CA ARG E 971 -47.91 -7.20 108.95
C ARG E 971 -49.32 -7.36 108.40
N THR E 972 -49.60 -6.72 107.26
CA THR E 972 -50.91 -6.80 106.64
C THR E 972 -50.88 -7.89 105.56
N VAL E 973 -51.29 -9.08 105.96
CA VAL E 973 -51.46 -10.21 105.06
C VAL E 973 -52.94 -10.27 104.73
N THR E 974 -53.27 -10.70 103.51
CA THR E 974 -54.67 -10.87 103.14
C THR E 974 -55.31 -11.95 103.99
N ASN E 975 -56.61 -11.82 104.16
CA ASN E 975 -57.38 -12.60 105.12
C ASN E 975 -57.38 -14.06 104.69
N PRO E 976 -56.93 -14.99 105.54
CA PRO E 976 -56.86 -16.40 105.11
C PRO E 976 -58.21 -17.04 104.87
N VAL E 977 -59.23 -16.66 105.63
CA VAL E 977 -60.58 -17.18 105.39
C VAL E 977 -61.10 -16.64 104.07
N HIS E 978 -60.68 -15.45 103.67
CA HIS E 978 -60.98 -14.95 102.35
C HIS E 978 -60.18 -15.70 101.30
N ARG E 979 -58.94 -16.07 101.65
CA ARG E 979 -57.98 -16.64 100.70
C ARG E 979 -58.32 -18.07 100.31
N ILE E 980 -58.90 -18.84 101.22
CA ILE E 980 -59.28 -20.23 100.91
C ILE E 980 -60.35 -20.27 99.83
N ALA E 981 -61.36 -19.41 99.94
CA ALA E 981 -62.36 -19.26 98.89
C ALA E 981 -62.81 -17.80 98.92
N ASP E 982 -62.29 -17.00 97.97
CA ASP E 982 -62.25 -15.54 98.02
C ASP E 982 -63.65 -14.93 98.19
N PRO E 983 -64.67 -15.01 97.26
CA PRO E 983 -65.97 -14.54 97.71
C PRO E 983 -66.87 -15.69 98.17
N ALA E 984 -67.66 -15.43 99.21
CA ALA E 984 -69.05 -15.89 99.32
C ALA E 984 -69.36 -17.37 99.06
N GLU E 985 -68.37 -18.24 99.03
CA GLU E 985 -68.61 -19.65 98.80
C GLU E 985 -68.65 -20.45 100.08
N TRP E 986 -68.71 -19.77 101.21
CA TRP E 986 -68.85 -20.41 102.50
C TRP E 986 -70.33 -20.60 102.80
N GLN E 987 -70.67 -21.74 103.36
CA GLN E 987 -72.06 -22.00 103.71
C GLN E 987 -72.30 -21.69 105.17
N VAL E 988 -73.42 -21.04 105.45
CA VAL E 988 -73.71 -20.54 106.78
C VAL E 988 -74.70 -21.47 107.47
N HIS E 989 -74.65 -21.46 108.80
CA HIS E 989 -75.55 -22.27 109.62
C HIS E 989 -75.87 -21.48 110.88
N ASP E 990 -77.15 -21.23 111.12
CA ASP E 990 -77.64 -20.48 112.28
C ASP E 990 -78.84 -21.19 112.89
N GLY E 991 -78.68 -22.49 113.15
CA GLY E 991 -79.76 -23.30 113.67
C GLY E 991 -80.16 -22.96 115.09
N PRO E 992 -79.30 -23.26 116.07
CA PRO E 992 -79.61 -22.91 117.46
C PRO E 992 -79.15 -21.51 117.85
N GLU E 993 -78.97 -20.64 116.84
CA GLU E 993 -78.46 -19.28 116.96
C GLU E 993 -77.04 -19.26 117.51
N ASN E 994 -76.16 -20.03 116.85
CA ASN E 994 -74.74 -19.71 116.80
C ASN E 994 -74.32 -19.77 115.35
N PRO E 995 -73.91 -18.65 114.76
CA PRO E 995 -73.53 -18.67 113.35
C PRO E 995 -72.21 -19.41 113.17
N ARG E 996 -72.17 -20.29 112.18
CA ARG E 996 -70.95 -20.97 111.83
C ARG E 996 -70.91 -21.13 110.32
N ALA E 997 -69.70 -21.11 109.78
CA ALA E 997 -69.55 -21.21 108.33
C ALA E 997 -68.60 -22.33 108.02
N THR E 998 -68.94 -23.12 107.01
CA THR E 998 -68.13 -24.23 106.58
C THR E 998 -67.80 -24.11 105.10
N HIS E 999 -66.67 -24.68 104.72
CA HIS E 999 -66.30 -24.81 103.32
C HIS E 999 -66.32 -26.29 102.97
N SER E 1000 -67.07 -26.65 101.93
CA SER E 1000 -67.32 -28.07 101.68
C SER E 1000 -66.12 -28.76 101.06
N SER E 1001 -65.44 -28.12 100.12
CA SER E 1001 -64.42 -28.80 99.34
C SER E 1001 -63.10 -28.98 100.09
N THR E 1002 -62.91 -28.30 101.23
CA THR E 1002 -61.70 -28.48 102.02
C THR E 1002 -61.99 -28.94 103.44
N GLY E 1003 -63.08 -28.47 104.04
CA GLY E 1003 -63.43 -28.83 105.38
C GLY E 1003 -63.19 -27.77 106.43
N ALA E 1004 -62.92 -26.54 106.04
CA ALA E 1004 -62.61 -25.49 107.00
C ALA E 1004 -63.87 -24.98 107.69
N ARG E 1005 -63.70 -24.56 108.94
CA ARG E 1005 -64.80 -24.10 109.78
C ARG E 1005 -64.48 -22.74 110.38
N LEU E 1006 -65.54 -22.02 110.73
CA LEU E 1006 -65.47 -20.67 111.31
C LEU E 1006 -66.23 -20.60 112.62
N GLN E 1007 -65.85 -21.43 113.58
CA GLN E 1007 -66.58 -21.48 114.84
C GLN E 1007 -66.46 -20.18 115.62
N THR E 1008 -67.44 -19.93 116.49
CA THR E 1008 -67.49 -18.70 117.28
C THR E 1008 -67.40 -19.06 118.75
N HIS E 1009 -66.22 -18.88 119.32
CA HIS E 1009 -66.02 -19.10 120.75
C HIS E 1009 -66.47 -17.85 121.49
N GLY E 1010 -67.77 -17.80 121.80
CA GLY E 1010 -68.34 -16.63 122.44
C GLY E 1010 -68.41 -15.45 121.50
N ASP E 1011 -67.67 -14.39 121.81
CA ASP E 1011 -67.49 -13.28 120.89
C ASP E 1011 -66.02 -13.27 120.48
N ASP E 1012 -65.70 -14.16 119.55
CA ASP E 1012 -64.35 -14.44 119.07
C ASP E 1012 -64.49 -15.42 117.91
N VAL E 1013 -63.59 -15.38 116.93
CA VAL E 1013 -63.73 -16.18 115.73
C VAL E 1013 -62.54 -17.11 115.63
N ALA E 1014 -62.81 -18.39 115.36
CA ALA E 1014 -61.78 -19.41 115.22
C ALA E 1014 -61.93 -20.06 113.86
N LEU E 1015 -60.91 -19.90 113.02
CA LEU E 1015 -60.81 -20.59 111.75
C LEU E 1015 -60.05 -21.90 111.97
N SER E 1016 -60.70 -23.02 111.69
CA SER E 1016 -60.08 -24.32 111.86
C SER E 1016 -59.98 -25.01 110.51
N VAL E 1017 -58.77 -25.42 110.15
CA VAL E 1017 -58.48 -26.01 108.85
C VAL E 1017 -57.97 -27.42 109.08
N PRO E 1018 -58.55 -28.44 108.46
CA PRO E 1018 -57.94 -29.77 108.47
C PRO E 1018 -56.84 -29.86 107.42
N VAL E 1019 -55.59 -29.91 107.88
CA VAL E 1019 -54.48 -29.86 106.94
C VAL E 1019 -54.18 -31.26 106.42
N SER E 1020 -53.73 -32.16 107.30
CA SER E 1020 -53.53 -33.55 106.90
C SER E 1020 -53.76 -34.40 108.14
N GLY E 1021 -55.00 -34.83 108.31
CA GLY E 1021 -55.35 -35.63 109.47
C GLY E 1021 -55.66 -34.82 110.72
N THR E 1022 -54.92 -33.74 110.95
CA THR E 1022 -55.05 -32.94 112.15
C THR E 1022 -55.51 -31.54 111.81
N TRP E 1023 -55.82 -30.77 112.85
CA TRP E 1023 -56.46 -29.48 112.72
C TRP E 1023 -55.48 -28.36 113.04
N VAL E 1024 -55.67 -27.23 112.39
CA VAL E 1024 -54.93 -26.00 112.68
C VAL E 1024 -55.93 -24.92 113.03
N ASP E 1025 -55.77 -24.31 114.20
CA ASP E 1025 -56.68 -23.29 114.69
C ASP E 1025 -56.01 -21.92 114.61
N ILE E 1026 -56.68 -20.97 113.97
CA ILE E 1026 -56.23 -19.59 113.89
C ILE E 1026 -57.30 -18.73 114.55
N ARG E 1027 -56.89 -17.93 115.53
CA ARG E 1027 -57.82 -17.18 116.36
C ARG E 1027 -57.77 -15.70 115.99
N PHE E 1028 -58.93 -15.12 115.72
CA PHE E 1028 -59.05 -13.73 115.32
C PHE E 1028 -59.53 -12.90 116.50
N THR E 1029 -58.95 -11.72 116.67
CA THR E 1029 -59.41 -10.79 117.68
C THR E 1029 -59.87 -9.51 117.01
N LEU E 1030 -60.97 -8.95 117.51
CA LEU E 1030 -61.61 -7.79 116.90
C LEU E 1030 -61.64 -6.64 117.89
N PRO E 1031 -60.78 -5.63 117.74
CA PRO E 1031 -60.88 -4.44 118.58
C PRO E 1031 -62.02 -3.54 118.13
N ALA E 1032 -62.12 -2.39 118.79
CA ALA E 1032 -63.13 -1.41 118.42
C ALA E 1032 -62.75 -0.66 117.15
N ASN E 1033 -61.53 -0.84 116.67
CA ASN E 1033 -61.08 -0.25 115.42
C ASN E 1033 -61.83 -0.81 114.23
N THR E 1034 -62.29 -2.07 114.32
CA THR E 1034 -62.92 -2.78 113.22
C THR E 1034 -64.39 -2.41 113.03
N VAL E 1035 -64.89 -1.37 113.71
CA VAL E 1035 -66.25 -0.94 113.44
C VAL E 1035 -66.31 -0.21 112.10
N ASP E 1036 -65.36 0.68 111.87
CA ASP E 1036 -65.32 1.49 110.64
C ASP E 1036 -64.03 1.22 109.88
N GLY E 1037 -64.04 0.17 109.07
CA GLY E 1037 -62.94 -0.07 108.15
C GLY E 1037 -61.66 -0.57 108.77
N GLY E 1038 -61.70 -1.03 110.02
CA GLY E 1038 -60.51 -1.53 110.67
C GLY E 1038 -60.29 -3.00 110.36
N THR E 1039 -59.06 -3.36 110.10
CA THR E 1039 -58.73 -4.74 109.82
C THR E 1039 -58.70 -5.56 111.10
N PRO E 1040 -59.09 -6.83 111.04
CA PRO E 1040 -58.91 -7.71 112.19
C PRO E 1040 -57.45 -7.95 112.46
N VAL E 1041 -57.12 -8.16 113.72
CA VAL E 1041 -55.75 -8.42 114.14
C VAL E 1041 -55.64 -9.85 114.62
N ILE E 1042 -54.54 -10.49 114.28
CA ILE E 1042 -54.22 -11.85 114.73
C ILE E 1042 -53.06 -11.73 115.68
N ALA E 1043 -53.28 -12.12 116.93
CA ALA E 1043 -52.27 -11.97 117.96
C ALA E 1043 -51.08 -12.87 117.69
N THR E 1044 -49.89 -12.38 118.08
CA THR E 1044 -48.66 -13.07 117.73
C THR E 1044 -48.54 -14.41 118.43
N GLU E 1045 -49.12 -14.57 119.63
CA GLU E 1045 -49.04 -15.85 120.31
C GLU E 1045 -50.01 -16.88 119.73
N ASP E 1046 -51.16 -16.43 119.24
CA ASP E 1046 -52.04 -17.31 118.48
C ASP E 1046 -51.35 -17.78 117.21
N ALA E 1047 -50.61 -16.89 116.56
CA ALA E 1047 -49.87 -17.32 115.38
C ALA E 1047 -48.68 -18.21 115.74
N THR E 1048 -48.08 -18.06 116.94
CA THR E 1048 -47.08 -19.02 117.40
C THR E 1048 -47.69 -20.41 117.52
N SER E 1049 -48.88 -20.50 118.13
CA SER E 1049 -49.49 -21.80 118.34
C SER E 1049 -49.86 -22.46 117.02
N ALA E 1050 -50.39 -21.68 116.07
CA ALA E 1050 -50.74 -22.22 114.75
C ALA E 1050 -49.50 -22.67 113.99
N MET E 1051 -48.42 -21.90 114.06
CA MET E 1051 -47.25 -22.32 113.30
C MET E 1051 -46.47 -23.43 114.00
N ARG E 1052 -46.56 -23.57 115.32
CA ARG E 1052 -45.90 -24.70 115.93
C ARG E 1052 -46.67 -25.99 115.68
N THR E 1053 -48.01 -25.93 115.58
CA THR E 1053 -48.68 -27.18 115.23
C THR E 1053 -48.50 -27.53 113.75
N VAL E 1054 -48.33 -26.54 112.86
CA VAL E 1054 -48.00 -26.94 111.49
C VAL E 1054 -46.52 -27.35 111.38
N LEU E 1055 -45.67 -26.90 112.31
CA LEU E 1055 -44.30 -27.40 112.35
C LEU E 1055 -44.27 -28.86 112.77
N ALA E 1056 -45.17 -29.23 113.69
CA ALA E 1056 -45.35 -30.63 114.05
C ALA E 1056 -45.82 -31.45 112.86
N ILE E 1057 -46.81 -30.94 112.11
CA ILE E 1057 -47.29 -31.64 110.92
C ILE E 1057 -46.18 -31.78 109.88
N ALA E 1058 -45.26 -30.82 109.82
CA ALA E 1058 -44.14 -30.92 108.90
C ALA E 1058 -43.14 -31.99 109.35
N ALA E 1059 -42.77 -32.01 110.64
CA ALA E 1059 -41.68 -32.86 111.07
C ALA E 1059 -42.12 -34.17 111.74
N GLY E 1060 -42.84 -34.08 112.85
CA GLY E 1060 -43.08 -35.26 113.66
C GLY E 1060 -44.24 -35.05 114.61
N VAL E 1061 -44.71 -36.18 115.17
CA VAL E 1061 -46.10 -36.47 115.50
C VAL E 1061 -46.91 -35.33 116.10
N ASP E 1062 -46.45 -34.78 117.22
CA ASP E 1062 -47.19 -33.73 117.90
C ASP E 1062 -46.24 -32.63 118.35
N SER E 1063 -46.76 -31.42 118.42
CA SER E 1063 -45.93 -30.29 118.81
C SER E 1063 -45.52 -30.25 120.29
N PRO E 1064 -46.35 -30.64 121.31
CA PRO E 1064 -45.78 -30.66 122.66
C PRO E 1064 -44.81 -31.80 122.88
N GLU E 1065 -43.52 -31.46 122.80
CA GLU E 1065 -42.39 -32.32 123.19
C GLU E 1065 -42.39 -33.66 122.45
N PHE E 1066 -42.38 -33.59 121.12
CA PHE E 1066 -42.04 -34.78 120.34
C PHE E 1066 -41.04 -34.41 119.26
N LEU E 1067 -41.07 -33.14 118.85
CA LEU E 1067 -39.93 -32.58 118.14
C LEU E 1067 -38.73 -32.54 119.09
N PRO E 1068 -37.51 -32.73 118.60
CA PRO E 1068 -36.36 -32.88 119.50
C PRO E 1068 -36.01 -31.57 120.19
N ALA E 1069 -35.46 -31.70 121.40
CA ALA E 1069 -35.22 -30.54 122.24
C ALA E 1069 -34.07 -29.70 121.70
N VAL E 1070 -34.17 -28.39 121.94
CA VAL E 1070 -33.17 -27.44 121.52
C VAL E 1070 -32.24 -27.24 122.71
N ALA E 1071 -30.95 -27.38 122.46
CA ALA E 1071 -29.92 -27.12 123.46
C ALA E 1071 -29.67 -25.62 123.57
N ASN E 1072 -28.51 -25.29 124.15
CA ASN E 1072 -28.03 -23.91 124.24
C ASN E 1072 -28.00 -23.23 122.87
N GLY E 1073 -27.48 -23.93 121.86
CA GLY E 1073 -27.62 -23.45 120.50
C GLY E 1073 -28.11 -24.50 119.53
N THR E 1074 -27.98 -25.76 119.88
CA THR E 1074 -28.03 -26.86 118.93
C THR E 1074 -29.33 -27.65 119.08
N ALA E 1075 -29.52 -28.60 118.16
CA ALA E 1075 -30.54 -29.62 118.29
C ALA E 1075 -29.94 -30.92 117.77
N THR E 1076 -30.00 -31.97 118.58
CA THR E 1076 -29.29 -33.20 118.30
C THR E 1076 -30.25 -34.37 118.13
N LEU E 1077 -29.86 -35.32 117.30
CA LEU E 1077 -30.60 -36.57 117.11
C LEU E 1077 -29.63 -37.72 116.93
N THR E 1078 -30.09 -38.91 117.28
CA THR E 1078 -29.38 -40.16 117.01
C THR E 1078 -30.32 -41.07 116.22
N VAL E 1079 -29.93 -41.42 115.01
CA VAL E 1079 -30.80 -42.17 114.12
C VAL E 1079 -30.10 -43.45 113.65
N ASP E 1080 -30.92 -44.44 113.34
CA ASP E 1080 -30.44 -45.72 112.83
C ASP E 1080 -30.37 -45.66 111.31
N TRP E 1081 -29.21 -45.97 110.75
CA TRP E 1081 -28.99 -45.87 109.32
C TRP E 1081 -28.81 -47.26 108.72
N HIS E 1082 -29.53 -47.52 107.63
CA HIS E 1082 -29.45 -48.75 106.86
C HIS E 1082 -29.14 -48.43 105.42
N PRO E 1083 -28.28 -49.22 104.76
CA PRO E 1083 -27.89 -48.88 103.38
C PRO E 1083 -28.95 -49.16 102.33
N GLU E 1084 -29.91 -50.05 102.60
CA GLU E 1084 -30.93 -50.38 101.62
C GLU E 1084 -31.99 -49.29 101.49
N ARG E 1085 -32.08 -48.42 102.49
CA ARG E 1085 -32.95 -47.25 102.38
C ARG E 1085 -32.43 -46.28 101.34
N VAL E 1086 -31.12 -46.28 101.09
CA VAL E 1086 -30.57 -45.50 99.98
C VAL E 1086 -31.05 -46.07 98.65
N ALA E 1087 -31.17 -47.40 98.58
CA ALA E 1087 -31.62 -48.04 97.34
C ALA E 1087 -33.08 -47.70 97.04
N ASP E 1088 -33.95 -47.81 98.04
CA ASP E 1088 -35.33 -47.44 97.70
C ASP E 1088 -35.57 -45.94 97.72
N HIS E 1089 -34.58 -45.14 98.16
CA HIS E 1089 -34.57 -43.72 97.87
C HIS E 1089 -34.32 -43.45 96.40
N THR E 1090 -33.27 -44.06 95.85
CA THR E 1090 -32.92 -43.86 94.44
C THR E 1090 -33.98 -44.43 93.53
N GLY E 1091 -34.68 -45.47 93.96
CA GLY E 1091 -35.78 -46.00 93.17
C GLY E 1091 -36.94 -45.04 93.04
N VAL E 1092 -37.12 -44.16 94.01
CA VAL E 1092 -38.17 -43.15 93.91
C VAL E 1092 -37.67 -41.94 93.14
N THR E 1093 -36.43 -41.52 93.39
CA THR E 1093 -35.93 -40.31 92.76
C THR E 1093 -35.63 -40.51 91.28
N ALA E 1094 -34.71 -41.43 90.97
CA ALA E 1094 -34.21 -41.57 89.60
C ALA E 1094 -35.25 -42.26 88.74
N THR E 1095 -35.95 -41.47 87.93
CA THR E 1095 -36.95 -41.94 86.99
C THR E 1095 -36.59 -41.48 85.59
N PHE E 1096 -35.34 -41.72 85.21
CA PHE E 1096 -34.74 -41.14 84.03
C PHE E 1096 -35.20 -41.85 82.77
N GLY E 1097 -34.55 -41.57 81.65
CA GLY E 1097 -34.91 -42.15 80.36
C GLY E 1097 -34.42 -43.57 80.18
N GLU E 1098 -34.18 -43.94 78.93
CA GLU E 1098 -33.68 -45.28 78.62
C GLU E 1098 -32.18 -45.49 78.85
N PRO E 1099 -31.26 -44.74 78.19
CA PRO E 1099 -29.88 -45.27 78.07
C PRO E 1099 -29.07 -45.23 79.34
N LEU E 1100 -29.48 -44.46 80.34
CA LEU E 1100 -28.65 -44.26 81.51
C LEU E 1100 -28.84 -45.41 82.50
N ALA E 1101 -28.17 -45.30 83.64
CA ALA E 1101 -28.27 -46.28 84.72
C ALA E 1101 -27.81 -45.58 85.99
N PRO E 1102 -28.42 -45.86 87.14
CA PRO E 1102 -27.98 -45.23 88.38
C PRO E 1102 -26.61 -45.75 88.81
N SER E 1103 -25.96 -44.96 89.65
CA SER E 1103 -24.62 -45.30 90.10
C SER E 1103 -24.65 -46.44 91.12
N LEU E 1104 -23.47 -46.94 91.44
CA LEU E 1104 -23.33 -48.00 92.42
C LEU E 1104 -22.99 -47.45 93.80
N THR E 1105 -22.20 -46.38 93.85
CA THR E 1105 -21.92 -45.74 95.12
C THR E 1105 -23.12 -44.91 95.57
N ASN E 1106 -23.14 -44.57 96.85
CA ASN E 1106 -24.25 -43.84 97.40
C ASN E 1106 -24.12 -42.35 97.07
N VAL E 1107 -25.26 -41.68 97.01
CA VAL E 1107 -25.33 -40.30 96.54
C VAL E 1107 -25.34 -39.45 97.80
N PRO E 1108 -24.79 -38.22 97.80
CA PRO E 1108 -24.77 -37.45 99.05
C PRO E 1108 -26.12 -36.91 99.49
N ASP E 1109 -27.14 -36.95 98.64
CA ASP E 1109 -28.49 -36.62 99.10
C ASP E 1109 -29.23 -37.85 99.59
N ALA E 1110 -28.59 -38.57 100.51
CA ALA E 1110 -29.25 -39.61 101.27
C ALA E 1110 -29.11 -39.42 102.76
N LEU E 1111 -28.10 -38.68 103.22
CA LEU E 1111 -27.98 -38.33 104.62
C LEU E 1111 -28.97 -37.25 105.02
N VAL E 1112 -29.52 -36.51 104.07
CA VAL E 1112 -30.52 -35.48 104.37
C VAL E 1112 -31.86 -36.07 104.79
N GLY E 1113 -32.04 -37.37 104.59
CA GLY E 1113 -33.26 -38.05 104.98
C GLY E 1113 -33.52 -38.03 106.47
N PRO E 1114 -32.72 -38.74 107.26
CA PRO E 1114 -33.01 -38.89 108.68
C PRO E 1114 -32.74 -37.66 109.53
N CYS E 1115 -32.33 -36.52 108.96
CA CYS E 1115 -32.00 -35.36 109.76
C CYS E 1115 -33.04 -34.25 109.64
N TRP E 1116 -34.25 -34.56 109.21
CA TRP E 1116 -35.26 -33.51 109.16
C TRP E 1116 -35.78 -33.01 110.51
N PRO E 1117 -36.06 -33.84 111.54
CA PRO E 1117 -36.54 -33.23 112.80
C PRO E 1117 -35.53 -32.34 113.49
N ALA E 1118 -34.24 -32.52 113.25
CA ALA E 1118 -33.23 -31.62 113.81
C ALA E 1118 -33.35 -30.24 113.19
N VAL E 1119 -33.48 -30.15 111.87
CA VAL E 1119 -33.48 -28.84 111.25
C VAL E 1119 -34.84 -28.15 111.45
N PHE E 1120 -35.94 -28.89 111.57
CA PHE E 1120 -37.20 -28.21 111.90
C PHE E 1120 -37.24 -27.78 113.35
N ALA E 1121 -36.61 -28.54 114.25
CA ALA E 1121 -36.49 -28.05 115.62
C ALA E 1121 -35.56 -26.85 115.72
N ALA E 1122 -34.58 -26.74 114.81
CA ALA E 1122 -33.74 -25.55 114.77
C ALA E 1122 -34.50 -24.34 114.26
N ILE E 1123 -35.38 -24.55 113.27
CA ILE E 1123 -36.24 -23.46 112.81
C ILE E 1123 -37.19 -23.03 113.91
N GLY E 1124 -37.72 -23.99 114.67
CA GLY E 1124 -38.68 -23.71 115.72
C GLY E 1124 -38.14 -22.90 116.88
N SER E 1125 -36.83 -22.66 116.94
CA SER E 1125 -36.26 -21.79 117.95
C SER E 1125 -35.29 -20.77 117.37
N ALA E 1126 -35.13 -20.73 116.05
CA ALA E 1126 -34.25 -19.74 115.44
C ALA E 1126 -34.84 -18.35 115.59
N VAL E 1127 -34.00 -17.38 115.94
CA VAL E 1127 -34.43 -16.01 116.11
C VAL E 1127 -33.59 -15.10 115.23
N THR E 1128 -34.16 -13.96 114.89
CA THR E 1128 -33.40 -12.89 114.25
C THR E 1128 -32.69 -12.07 115.31
N ASP E 1129 -32.20 -10.90 114.93
CA ASP E 1129 -31.74 -9.93 115.90
C ASP E 1129 -32.98 -9.34 116.56
N THR E 1130 -33.33 -9.88 117.74
CA THR E 1130 -34.49 -9.50 118.56
C THR E 1130 -35.81 -9.69 117.80
N GLY E 1131 -36.12 -10.96 117.52
CA GLY E 1131 -37.36 -11.36 116.87
C GLY E 1131 -37.24 -12.77 116.34
N GLU E 1132 -38.35 -13.51 116.22
CA GLU E 1132 -38.25 -14.93 115.90
C GLU E 1132 -38.98 -15.32 114.62
N PRO E 1133 -38.29 -15.88 113.62
CA PRO E 1133 -38.98 -16.49 112.49
C PRO E 1133 -39.37 -17.93 112.75
N VAL E 1134 -40.42 -18.11 113.56
CA VAL E 1134 -41.11 -19.38 113.67
C VAL E 1134 -42.54 -19.26 113.22
N VAL E 1135 -43.01 -18.02 113.12
CA VAL E 1135 -44.38 -17.62 113.33
C VAL E 1135 -44.87 -16.91 112.08
N GLU E 1136 -44.18 -15.86 111.73
CA GLU E 1136 -44.61 -15.02 110.63
C GLU E 1136 -44.36 -15.66 109.27
N GLY E 1137 -43.59 -16.73 109.20
CA GLY E 1137 -43.33 -17.24 107.88
C GLY E 1137 -43.18 -18.73 107.69
N LEU E 1138 -43.78 -19.55 108.56
CA LEU E 1138 -43.59 -20.98 108.36
C LEU E 1138 -44.43 -21.48 107.19
N LEU E 1139 -45.60 -20.89 106.97
CA LEU E 1139 -46.30 -21.16 105.72
C LEU E 1139 -45.68 -20.41 104.55
N SER E 1140 -44.79 -19.46 104.78
CA SER E 1140 -44.07 -18.80 103.70
C SER E 1140 -42.61 -19.25 103.64
N LEU E 1141 -42.35 -20.50 104.01
CA LEU E 1141 -40.99 -21.02 104.09
C LEU E 1141 -40.60 -21.66 102.76
N VAL E 1142 -39.44 -21.29 102.24
CA VAL E 1142 -38.90 -21.86 101.01
C VAL E 1142 -37.48 -22.31 101.28
N HIS E 1143 -37.15 -23.52 100.86
CA HIS E 1143 -35.76 -23.97 100.90
C HIS E 1143 -34.98 -23.23 99.83
N LEU E 1144 -34.12 -22.30 100.23
CA LEU E 1144 -33.48 -21.40 99.27
C LEU E 1144 -32.34 -22.09 98.54
N ASP E 1145 -31.35 -22.61 99.26
CA ASP E 1145 -30.25 -23.32 98.64
C ASP E 1145 -29.62 -24.28 99.63
N HIS E 1146 -28.89 -25.25 99.08
CA HIS E 1146 -28.39 -26.41 99.81
C HIS E 1146 -26.93 -26.62 99.46
N ALA E 1147 -26.15 -27.09 100.43
CA ALA E 1147 -24.73 -27.32 100.18
C ALA E 1147 -24.25 -28.48 101.04
N ALA E 1148 -23.47 -29.37 100.42
CA ALA E 1148 -23.02 -30.61 101.03
C ALA E 1148 -21.51 -30.74 100.89
N ARG E 1149 -20.88 -31.24 101.95
CA ARG E 1149 -19.45 -31.50 101.97
C ARG E 1149 -19.23 -32.82 102.69
N VAL E 1150 -18.70 -33.81 101.99
CA VAL E 1150 -18.50 -35.12 102.59
C VAL E 1150 -17.03 -35.31 102.92
N VAL E 1151 -16.78 -35.97 104.04
CA VAL E 1151 -15.48 -36.55 104.35
C VAL E 1151 -15.45 -37.91 103.68
N GLY E 1152 -14.26 -38.46 103.44
CA GLY E 1152 -14.08 -39.67 102.64
C GLY E 1152 -14.79 -40.90 103.14
N GLN E 1153 -15.16 -40.94 104.42
CA GLN E 1153 -15.95 -42.05 104.93
C GLN E 1153 -17.40 -41.89 104.52
N LEU E 1154 -18.08 -43.03 104.39
CA LEU E 1154 -19.49 -43.09 104.11
C LEU E 1154 -19.81 -44.51 104.53
N PRO E 1155 -20.78 -44.71 105.42
CA PRO E 1155 -21.02 -46.05 105.96
C PRO E 1155 -21.65 -46.96 104.93
N THR E 1156 -21.48 -48.26 105.15
CA THR E 1156 -22.09 -49.29 104.30
C THR E 1156 -22.60 -50.46 105.12
N VAL E 1157 -22.55 -50.35 106.44
CA VAL E 1157 -23.05 -51.39 107.34
C VAL E 1157 -24.23 -50.77 108.07
N PRO E 1158 -25.18 -51.57 108.60
CA PRO E 1158 -26.24 -50.98 109.41
C PRO E 1158 -25.69 -50.45 110.72
N ALA E 1159 -25.87 -49.15 110.95
CA ALA E 1159 -25.19 -48.47 112.04
C ALA E 1159 -26.17 -47.54 112.74
N GLN E 1160 -25.66 -46.85 113.75
CA GLN E 1160 -26.42 -45.85 114.50
C GLN E 1160 -25.57 -44.60 114.59
N LEU E 1161 -25.94 -43.58 113.83
CA LEU E 1161 -25.16 -42.35 113.77
C LEU E 1161 -25.95 -41.20 114.40
N THR E 1162 -25.37 -40.01 114.38
CA THR E 1162 -25.99 -38.87 115.05
C THR E 1162 -25.78 -37.61 114.24
N VAL E 1163 -26.71 -36.67 114.40
CA VAL E 1163 -26.72 -35.40 113.69
C VAL E 1163 -26.90 -34.26 114.69
N THR E 1164 -26.35 -33.11 114.35
CA THR E 1164 -26.43 -31.93 115.21
C THR E 1164 -26.59 -30.71 114.32
N ALA E 1165 -27.70 -29.98 114.52
CA ALA E 1165 -28.05 -28.84 113.67
C ALA E 1165 -28.06 -27.56 114.50
N THR E 1166 -27.43 -26.51 113.98
CA THR E 1166 -27.38 -25.21 114.61
C THR E 1166 -28.01 -24.19 113.67
N ALA E 1167 -28.89 -23.35 114.19
CA ALA E 1167 -29.52 -22.31 113.40
C ALA E 1167 -28.87 -20.98 113.75
N ALA E 1168 -28.33 -20.30 112.74
CA ALA E 1168 -27.67 -19.04 113.02
C ALA E 1168 -28.70 -17.92 113.19
N ASN E 1169 -28.22 -16.74 113.58
CA ASN E 1169 -29.10 -15.60 113.74
C ASN E 1169 -29.58 -15.12 112.39
N ALA E 1170 -30.89 -15.16 112.18
CA ALA E 1170 -31.47 -14.90 110.88
C ALA E 1170 -31.45 -13.41 110.55
N THR E 1171 -31.15 -13.11 109.29
CA THR E 1171 -31.21 -11.75 108.81
C THR E 1171 -32.38 -11.62 107.87
N ASP E 1172 -32.55 -10.43 107.29
CA ASP E 1172 -33.64 -10.22 106.32
C ASP E 1172 -33.14 -9.35 105.18
N THR E 1173 -32.86 -9.99 104.06
CA THR E 1173 -32.31 -9.32 102.89
C THR E 1173 -33.44 -8.94 101.94
N ASP E 1174 -33.05 -8.38 100.79
CA ASP E 1174 -33.96 -7.77 99.84
C ASP E 1174 -34.87 -8.75 99.11
N MET E 1175 -34.76 -10.04 99.37
CA MET E 1175 -35.73 -11.00 98.88
C MET E 1175 -36.52 -11.68 99.98
N GLY E 1176 -36.13 -11.52 101.23
CA GLY E 1176 -36.85 -12.17 102.31
C GLY E 1176 -35.94 -12.40 103.49
N ARG E 1177 -36.52 -12.97 104.53
CA ARG E 1177 -35.80 -13.23 105.77
C ARG E 1177 -35.04 -14.54 105.66
N VAL E 1178 -33.72 -14.47 105.61
CA VAL E 1178 -32.86 -15.63 105.42
C VAL E 1178 -32.49 -16.19 106.78
N VAL E 1179 -32.81 -17.46 106.98
CA VAL E 1179 -32.45 -18.26 108.15
C VAL E 1179 -31.42 -19.29 107.69
N PRO E 1180 -30.14 -19.12 108.02
CA PRO E 1180 -29.17 -20.16 107.70
C PRO E 1180 -29.10 -21.19 108.80
N VAL E 1181 -28.87 -22.45 108.40
CA VAL E 1181 -28.81 -23.54 109.37
C VAL E 1181 -27.78 -24.56 108.87
N SER E 1182 -26.90 -24.97 109.79
CA SER E 1182 -25.79 -25.84 109.47
C SER E 1182 -25.86 -27.08 110.36
N VAL E 1183 -25.88 -28.25 109.73
CA VAL E 1183 -25.97 -29.52 110.45
C VAL E 1183 -24.73 -30.33 110.11
N VAL E 1184 -24.22 -31.08 111.09
CA VAL E 1184 -23.09 -31.96 110.90
C VAL E 1184 -23.50 -33.35 111.34
N VAL E 1185 -23.02 -34.36 110.62
CA VAL E 1185 -23.40 -35.74 110.90
C VAL E 1185 -22.15 -36.54 111.23
N THR E 1186 -22.14 -37.20 112.39
CA THR E 1186 -21.01 -37.98 112.84
C THR E 1186 -21.46 -39.39 113.19
N GLY E 1187 -20.57 -40.35 112.94
CA GLY E 1187 -20.83 -41.74 113.21
C GLY E 1187 -20.72 -42.09 114.69
N ALA E 1188 -20.52 -43.38 114.94
CA ALA E 1188 -20.44 -43.85 116.32
C ALA E 1188 -19.06 -43.59 116.92
N ASP E 1189 -18.02 -43.61 116.10
CA ASP E 1189 -16.65 -43.42 116.56
C ASP E 1189 -16.26 -41.96 116.71
N GLY E 1190 -17.21 -41.03 116.62
CA GLY E 1190 -16.88 -39.62 116.69
C GLY E 1190 -16.29 -39.04 115.43
N ALA E 1191 -16.20 -39.82 114.36
CA ALA E 1191 -15.66 -39.31 113.10
C ALA E 1191 -16.73 -38.53 112.36
N VAL E 1192 -16.35 -37.38 111.83
CA VAL E 1192 -17.28 -36.55 111.07
C VAL E 1192 -17.52 -37.19 109.71
N ILE E 1193 -18.77 -37.51 109.43
CA ILE E 1193 -19.09 -38.10 108.13
C ILE E 1193 -19.29 -37.01 107.09
N ALA E 1194 -20.21 -36.09 107.33
CA ALA E 1194 -20.49 -35.04 106.36
C ALA E 1194 -20.99 -33.79 107.07
N THR E 1195 -21.08 -32.71 106.30
CA THR E 1195 -21.46 -31.39 106.78
C THR E 1195 -22.37 -30.76 105.76
N LEU E 1196 -23.57 -30.37 106.18
CA LEU E 1196 -24.57 -29.79 105.32
C LEU E 1196 -24.83 -28.37 105.80
N GLU E 1197 -24.98 -27.44 104.88
CA GLU E 1197 -25.36 -26.07 105.20
C GLU E 1197 -26.43 -25.63 104.23
N GLU E 1198 -27.55 -25.14 104.75
CA GLU E 1198 -28.64 -24.75 103.87
C GLU E 1198 -29.31 -23.50 104.41
N ARG E 1199 -29.85 -22.72 103.49
CA ARG E 1199 -30.53 -21.49 103.85
C ARG E 1199 -32.00 -21.60 103.54
N PHE E 1200 -32.79 -20.89 104.32
CA PHE E 1200 -34.23 -20.89 104.21
C PHE E 1200 -34.71 -19.46 104.02
N ALA E 1201 -35.53 -19.23 103.02
CA ALA E 1201 -36.08 -17.93 102.74
C ALA E 1201 -37.50 -17.85 103.27
N ILE E 1202 -37.73 -16.92 104.19
CA ILE E 1202 -39.06 -16.52 104.58
C ILE E 1202 -39.49 -15.44 103.61
N LEU E 1203 -40.51 -15.70 102.80
CA LEU E 1203 -40.64 -14.96 101.56
C LEU E 1203 -41.32 -13.61 101.76
N GLY E 1204 -42.17 -13.47 102.77
CA GLY E 1204 -42.97 -12.27 102.90
C GLY E 1204 -42.22 -11.01 103.28
N ARG E 1205 -41.66 -11.01 104.47
CA ARG E 1205 -41.07 -9.81 105.05
C ARG E 1205 -39.59 -9.72 104.72
N THR E 1206 -39.12 -8.49 104.55
CA THR E 1206 -37.79 -8.23 104.03
C THR E 1206 -37.16 -7.07 104.78
N GLY E 1207 -35.91 -6.79 104.45
CA GLY E 1207 -35.20 -5.66 105.00
C GLY E 1207 -34.13 -5.21 104.02
N SER E 1208 -33.19 -4.39 104.48
CA SER E 1208 -32.10 -3.92 103.64
C SER E 1208 -30.80 -4.43 104.22
N ALA E 1209 -30.43 -5.65 103.83
CA ALA E 1209 -29.16 -6.24 104.18
C ALA E 1209 -28.65 -6.99 102.96
N GLU E 1210 -27.34 -7.08 102.83
CA GLU E 1210 -26.76 -7.70 101.65
C GLU E 1210 -26.81 -9.21 101.78
N LEU E 1211 -27.24 -9.87 100.71
CA LEU E 1211 -27.34 -11.33 100.69
C LEU E 1211 -25.99 -11.89 100.27
N ALA E 1212 -25.30 -12.52 101.21
CA ALA E 1212 -24.01 -13.14 100.91
C ALA E 1212 -24.21 -14.38 100.04
N ASP E 1213 -23.36 -14.53 99.04
CA ASP E 1213 -23.44 -15.68 98.15
C ASP E 1213 -22.84 -16.91 98.84
N PRO E 1214 -23.45 -18.08 98.68
CA PRO E 1214 -22.93 -19.29 99.33
C PRO E 1214 -21.66 -19.79 98.69
N ALA E 1215 -21.06 -20.78 99.36
CA ALA E 1215 -19.77 -21.31 98.91
C ALA E 1215 -19.98 -22.20 97.70
N ARG E 1216 -19.09 -22.05 96.72
CA ARG E 1216 -19.21 -22.79 95.47
C ARG E 1216 -18.70 -24.21 95.68
N ALA E 1217 -19.47 -25.17 95.17
CA ALA E 1217 -19.17 -26.60 95.22
C ALA E 1217 -18.99 -27.10 96.65
N GLY E 1218 -19.81 -26.58 97.57
CA GLY E 1218 -19.83 -27.08 98.94
C GLY E 1218 -18.61 -26.78 99.77
N GLY E 1219 -17.69 -25.94 99.28
CA GLY E 1219 -16.48 -25.63 100.01
C GLY E 1219 -15.35 -26.60 99.78
N ALA E 1220 -15.40 -27.40 98.72
CA ALA E 1220 -14.35 -28.38 98.46
C ALA E 1220 -13.43 -27.96 97.34
N VAL E 1221 -13.52 -26.72 96.86
CA VAL E 1221 -12.54 -26.23 95.89
C VAL E 1221 -11.23 -25.97 96.62
N SER E 1222 -10.15 -26.55 96.10
CA SER E 1222 -8.86 -26.52 96.79
C SER E 1222 -8.03 -25.30 96.43
N ALA E 1223 -8.66 -24.22 95.95
CA ALA E 1223 -8.04 -22.94 95.60
C ALA E 1223 -6.95 -23.08 94.53
N ASN E 1224 -7.03 -24.15 93.72
CA ASN E 1224 -6.14 -24.33 92.58
C ASN E 1224 -7.05 -24.78 91.43
N ALA E 1225 -7.66 -23.81 90.76
CA ALA E 1225 -8.66 -24.12 89.76
C ALA E 1225 -8.46 -23.24 88.56
N THR E 1226 -8.45 -23.84 87.37
CA THR E 1226 -8.28 -23.11 86.14
C THR E 1226 -9.57 -23.20 85.32
N ASP E 1227 -9.91 -22.09 84.67
CA ASP E 1227 -11.12 -22.02 83.86
C ASP E 1227 -10.82 -22.66 82.50
N THR E 1228 -10.84 -23.98 82.49
CA THR E 1228 -10.79 -24.70 81.22
C THR E 1228 -12.12 -24.48 80.47
N PRO E 1229 -12.09 -24.45 79.14
CA PRO E 1229 -13.32 -24.20 78.38
C PRO E 1229 -14.36 -25.30 78.56
N ARG E 1230 -15.61 -24.90 78.32
CA ARG E 1230 -16.75 -25.74 78.64
C ARG E 1230 -16.86 -26.91 77.67
N ARG E 1231 -17.15 -28.09 78.20
CA ARG E 1231 -17.45 -29.25 77.39
C ARG E 1231 -18.70 -29.92 77.94
N ARG E 1232 -19.61 -30.28 77.03
CA ARG E 1232 -20.86 -30.92 77.40
C ARG E 1232 -20.61 -32.33 77.89
N ARG E 1233 -21.38 -32.77 78.90
CA ARG E 1233 -21.33 -34.16 79.32
C ARG E 1233 -22.61 -34.90 78.98
N ARG E 1234 -23.77 -34.36 79.35
CA ARG E 1234 -25.00 -35.12 79.22
C ARG E 1234 -26.19 -34.15 79.24
N ASP E 1235 -27.28 -34.57 78.59
CA ASP E 1235 -28.54 -33.84 78.55
C ASP E 1235 -29.65 -34.82 78.89
N VAL E 1236 -30.30 -34.63 80.03
CA VAL E 1236 -31.27 -35.59 80.56
C VAL E 1236 -32.58 -34.90 80.87
N THR E 1237 -33.68 -35.39 80.32
CA THR E 1237 -35.01 -34.87 80.60
C THR E 1237 -35.71 -35.77 81.61
N ILE E 1238 -36.12 -35.17 82.74
CA ILE E 1238 -36.81 -35.88 83.81
C ILE E 1238 -38.12 -35.16 84.07
N THR E 1239 -39.22 -35.90 84.11
CA THR E 1239 -40.51 -35.31 84.43
C THR E 1239 -40.75 -35.39 85.92
N ALA E 1240 -41.28 -34.30 86.47
CA ALA E 1240 -41.61 -34.28 87.88
C ALA E 1240 -42.84 -35.15 88.13
N PRO E 1241 -42.87 -35.89 89.23
CA PRO E 1241 -43.98 -36.80 89.46
C PRO E 1241 -45.26 -36.09 89.84
N VAL E 1242 -46.36 -36.81 89.86
CA VAL E 1242 -47.67 -36.19 90.07
C VAL E 1242 -47.93 -35.93 91.54
N ASP E 1243 -47.60 -36.87 92.41
CA ASP E 1243 -47.89 -36.74 93.82
C ASP E 1243 -46.60 -36.80 94.63
N MET E 1244 -46.55 -36.03 95.71
CA MET E 1244 -45.34 -35.88 96.49
C MET E 1244 -45.28 -36.75 97.73
N ARG E 1245 -46.35 -37.47 98.06
CA ARG E 1245 -46.31 -38.35 99.21
C ARG E 1245 -45.29 -39.49 99.15
N PRO E 1246 -45.00 -40.14 98.01
CA PRO E 1246 -43.87 -41.10 98.02
C PRO E 1246 -42.53 -40.49 98.40
N PHE E 1247 -42.16 -39.37 97.78
CA PHE E 1247 -40.89 -38.74 98.15
C PHE E 1247 -40.95 -38.16 99.56
N ALA E 1248 -42.14 -37.80 100.03
CA ALA E 1248 -42.28 -37.31 101.40
C ALA E 1248 -42.00 -38.41 102.40
N VAL E 1249 -42.57 -39.60 102.19
CA VAL E 1249 -42.36 -40.69 103.13
C VAL E 1249 -40.93 -41.22 103.03
N VAL E 1250 -40.34 -41.19 101.84
CA VAL E 1250 -38.95 -41.63 101.68
C VAL E 1250 -37.99 -40.66 102.35
N SER E 1251 -38.10 -39.36 102.03
CA SER E 1251 -37.15 -38.38 102.56
C SER E 1251 -37.40 -38.10 104.04
N GLY E 1252 -38.60 -37.63 104.39
CA GLY E 1252 -38.98 -37.42 105.78
C GLY E 1252 -39.76 -36.15 106.02
N ASP E 1253 -39.56 -35.12 105.19
CA ASP E 1253 -40.25 -33.85 105.41
C ASP E 1253 -41.71 -33.97 104.98
N HIS E 1254 -42.61 -33.90 105.95
CA HIS E 1254 -44.05 -33.90 105.70
C HIS E 1254 -44.59 -32.49 105.69
N ASN E 1255 -43.80 -31.57 105.14
CA ASN E 1255 -44.16 -30.17 104.98
C ASN E 1255 -45.41 -30.08 104.12
N PRO E 1256 -46.54 -29.59 104.65
CA PRO E 1256 -47.82 -29.72 103.96
C PRO E 1256 -47.94 -28.90 102.71
N ILE E 1257 -47.02 -27.98 102.47
CA ILE E 1257 -47.02 -27.15 101.28
C ILE E 1257 -46.78 -27.97 100.02
N HIS E 1258 -46.20 -29.16 100.13
CA HIS E 1258 -45.94 -29.99 98.98
C HIS E 1258 -47.04 -31.00 98.67
N THR E 1259 -47.86 -31.36 99.67
CA THR E 1259 -48.87 -32.38 99.47
C THR E 1259 -50.29 -31.83 99.55
N ASP E 1260 -50.60 -31.06 100.58
CA ASP E 1260 -51.96 -30.64 100.86
C ASP E 1260 -52.42 -29.57 99.90
N ARG E 1261 -53.71 -29.58 99.57
CA ARG E 1261 -54.30 -28.50 98.79
C ARG E 1261 -54.72 -27.35 99.68
N ALA E 1262 -55.23 -27.67 100.87
CA ALA E 1262 -55.68 -26.62 101.79
C ALA E 1262 -54.50 -25.81 102.32
N ALA E 1263 -53.37 -26.46 102.58
CA ALA E 1263 -52.20 -25.72 103.04
C ALA E 1263 -51.57 -24.89 101.95
N ALA E 1264 -51.63 -25.35 100.70
CA ALA E 1264 -51.13 -24.55 99.59
C ALA E 1264 -52.00 -23.32 99.37
N LEU E 1265 -53.32 -23.49 99.44
CA LEU E 1265 -54.22 -22.35 99.37
C LEU E 1265 -54.05 -21.43 100.56
N LEU E 1266 -53.71 -21.97 101.73
CA LEU E 1266 -53.52 -21.16 102.91
C LEU E 1266 -52.23 -20.37 102.84
N ALA E 1267 -51.21 -20.92 102.19
CA ALA E 1267 -49.97 -20.20 101.96
C ALA E 1267 -50.03 -19.31 100.73
N GLY E 1268 -51.11 -19.38 99.98
CA GLY E 1268 -51.26 -18.45 98.88
C GLY E 1268 -50.57 -18.95 97.64
N LEU E 1269 -50.81 -20.21 97.32
CA LEU E 1269 -50.35 -20.82 96.09
C LEU E 1269 -51.53 -21.47 95.39
N GLU E 1270 -51.46 -21.54 94.06
CA GLU E 1270 -52.55 -22.13 93.31
C GLU E 1270 -52.62 -23.63 93.53
N SER E 1271 -51.46 -24.27 93.67
CA SER E 1271 -51.32 -25.71 93.74
C SER E 1271 -49.97 -26.01 94.37
N PRO E 1272 -49.80 -27.19 94.99
CA PRO E 1272 -48.55 -27.47 95.72
C PRO E 1272 -47.33 -27.50 94.82
N ILE E 1273 -46.16 -27.51 95.47
CA ILE E 1273 -44.88 -27.43 94.80
C ILE E 1273 -44.04 -28.66 95.14
N VAL E 1274 -43.12 -29.00 94.25
CA VAL E 1274 -42.28 -30.18 94.44
C VAL E 1274 -41.13 -29.83 95.37
N HIS E 1275 -40.43 -30.85 95.84
CA HIS E 1275 -39.40 -30.66 96.84
C HIS E 1275 -38.10 -30.17 96.19
N GLY E 1276 -37.51 -29.16 96.83
CA GLY E 1276 -36.17 -28.75 96.46
C GLY E 1276 -35.17 -29.88 96.57
N MET E 1277 -35.31 -30.71 97.61
CA MET E 1277 -34.43 -31.86 97.71
C MET E 1277 -34.75 -32.93 96.68
N TRP E 1278 -35.97 -32.96 96.15
CA TRP E 1278 -36.27 -33.86 95.04
C TRP E 1278 -35.47 -33.48 93.81
N LEU E 1279 -35.56 -32.21 93.39
CA LEU E 1279 -34.80 -31.91 92.17
C LEU E 1279 -33.29 -31.80 92.44
N SER E 1280 -32.91 -31.59 93.69
CA SER E 1280 -31.52 -31.79 94.12
C SER E 1280 -31.02 -33.20 93.85
N ALA E 1281 -31.76 -34.20 94.31
CA ALA E 1281 -31.32 -35.59 94.12
C ALA E 1281 -31.42 -36.01 92.67
N ALA E 1282 -32.38 -35.45 91.93
CA ALA E 1282 -32.44 -35.70 90.49
C ALA E 1282 -31.23 -35.13 89.76
N ALA E 1283 -30.77 -33.96 90.17
CA ALA E 1283 -29.57 -33.39 89.57
C ALA E 1283 -28.32 -34.20 89.91
N GLN E 1284 -28.25 -34.69 91.15
CA GLN E 1284 -27.09 -35.52 91.52
C GLN E 1284 -27.07 -36.83 90.75
N HIS E 1285 -28.24 -37.44 90.52
CA HIS E 1285 -28.24 -38.66 89.73
C HIS E 1285 -27.99 -38.39 88.25
N ALA E 1286 -28.41 -37.23 87.76
CA ALA E 1286 -28.06 -36.88 86.38
C ALA E 1286 -26.57 -36.63 86.22
N VAL E 1287 -25.90 -36.21 87.29
CA VAL E 1287 -24.44 -36.14 87.27
C VAL E 1287 -23.85 -37.54 87.28
N THR E 1288 -24.22 -38.35 88.27
CA THR E 1288 -23.52 -39.59 88.55
C THR E 1288 -24.08 -40.80 87.82
N ALA E 1289 -24.94 -40.62 86.83
CA ALA E 1289 -25.44 -41.78 86.12
C ALA E 1289 -24.40 -42.26 85.09
N THR E 1290 -24.53 -43.52 84.69
CA THR E 1290 -23.62 -44.16 83.76
C THR E 1290 -24.38 -44.68 82.55
N ASP E 1291 -23.68 -44.75 81.41
CA ASP E 1291 -24.25 -45.36 80.21
C ASP E 1291 -23.23 -46.22 79.48
N GLY E 1292 -22.25 -46.75 80.20
CA GLY E 1292 -21.38 -47.79 79.68
C GLY E 1292 -20.22 -47.32 78.83
N GLN E 1293 -20.29 -46.15 78.21
CA GLN E 1293 -19.22 -45.75 77.31
C GLN E 1293 -18.02 -45.24 78.09
N ALA E 1294 -16.95 -44.89 77.36
CA ALA E 1294 -15.61 -44.73 77.92
C ALA E 1294 -15.48 -43.42 78.69
N ARG E 1295 -16.06 -43.41 79.89
CA ARG E 1295 -15.85 -42.37 80.89
C ARG E 1295 -15.81 -43.02 82.26
N PRO E 1296 -15.07 -42.45 83.20
CA PRO E 1296 -15.13 -42.95 84.57
C PRO E 1296 -16.46 -42.63 85.21
N PRO E 1297 -16.84 -43.34 86.26
CA PRO E 1297 -18.03 -42.94 87.03
C PRO E 1297 -17.78 -41.67 87.81
N ALA E 1298 -18.85 -41.14 88.38
CA ALA E 1298 -18.79 -39.90 89.14
C ALA E 1298 -19.05 -40.20 90.61
N ARG E 1299 -18.18 -39.69 91.47
CA ARG E 1299 -18.36 -39.77 92.92
C ARG E 1299 -18.16 -38.37 93.48
N LEU E 1300 -19.20 -37.82 94.08
CA LEU E 1300 -19.19 -36.42 94.48
C LEU E 1300 -18.44 -36.24 95.80
N VAL E 1301 -17.79 -35.09 95.91
CA VAL E 1301 -17.07 -34.72 97.14
C VAL E 1301 -17.70 -33.47 97.72
N GLY E 1302 -17.74 -32.40 96.93
CA GLY E 1302 -18.37 -31.17 97.36
C GLY E 1302 -19.47 -30.78 96.40
N TRP E 1303 -20.52 -30.17 96.93
CA TRP E 1303 -21.69 -29.94 96.09
C TRP E 1303 -22.48 -28.78 96.64
N THR E 1304 -23.08 -28.00 95.75
CA THR E 1304 -24.05 -27.00 96.18
C THR E 1304 -25.08 -26.82 95.08
N ALA E 1305 -26.25 -26.33 95.48
CA ALA E 1305 -27.35 -26.14 94.54
C ALA E 1305 -28.20 -24.96 95.00
N ARG E 1306 -28.44 -24.03 94.09
CA ARG E 1306 -29.22 -22.84 94.33
C ARG E 1306 -30.57 -23.01 93.64
N PHE E 1307 -31.65 -22.86 94.40
CA PHE E 1307 -32.99 -22.95 93.86
C PHE E 1307 -33.48 -21.57 93.49
N LEU E 1308 -34.17 -21.46 92.35
CA LEU E 1308 -34.55 -20.16 91.82
C LEU E 1308 -36.05 -19.99 91.67
N GLY E 1309 -36.74 -20.96 91.07
CA GLY E 1309 -38.16 -20.82 90.81
C GLY E 1309 -38.93 -22.03 91.33
N MET E 1310 -40.26 -21.89 91.32
CA MET E 1310 -41.13 -22.97 91.75
C MET E 1310 -41.39 -23.92 90.59
N VAL E 1311 -41.50 -25.21 90.92
CA VAL E 1311 -41.79 -26.25 89.95
C VAL E 1311 -43.05 -26.98 90.39
N ARG E 1312 -44.10 -26.87 89.61
CA ARG E 1312 -45.33 -27.57 89.89
C ARG E 1312 -45.16 -29.05 89.55
N PRO E 1313 -45.93 -29.94 90.18
CA PRO E 1313 -45.82 -31.37 89.84
C PRO E 1313 -46.32 -31.66 88.45
N GLY E 1314 -45.45 -32.25 87.63
CA GLY E 1314 -45.80 -32.59 86.27
C GLY E 1314 -45.17 -31.67 85.26
N ASP E 1315 -43.94 -31.24 85.53
CA ASP E 1315 -43.20 -30.37 84.62
C ASP E 1315 -41.97 -31.11 84.13
N GLU E 1316 -41.57 -30.83 82.88
CA GLU E 1316 -40.49 -31.57 82.25
C GLU E 1316 -39.18 -30.83 82.43
N VAL E 1317 -38.48 -31.14 83.52
CA VAL E 1317 -37.18 -30.55 83.78
C VAL E 1317 -36.16 -31.17 82.82
N ASP E 1318 -35.18 -30.39 82.39
CA ASP E 1318 -34.05 -30.97 81.66
C ASP E 1318 -32.73 -30.42 82.20
N PHE E 1319 -31.80 -31.32 82.45
CA PHE E 1319 -30.49 -31.00 82.97
C PHE E 1319 -29.49 -31.03 81.82
N ARG E 1320 -28.60 -30.04 81.78
CA ARG E 1320 -27.57 -29.91 80.75
C ARG E 1320 -26.23 -29.75 81.45
N VAL E 1321 -25.56 -30.86 81.74
CA VAL E 1321 -24.40 -30.86 82.62
C VAL E 1321 -23.14 -30.61 81.80
N GLU E 1322 -22.27 -29.73 82.32
CA GLU E 1322 -21.08 -29.31 81.60
C GLU E 1322 -19.87 -29.42 82.51
N ARG E 1323 -18.70 -29.16 81.94
CA ARG E 1323 -17.44 -29.16 82.67
C ARG E 1323 -16.94 -27.73 82.80
N VAL E 1324 -16.39 -27.39 83.96
CA VAL E 1324 -16.01 -26.01 84.24
C VAL E 1324 -14.52 -25.85 84.49
N GLY E 1325 -13.98 -26.61 85.45
CA GLY E 1325 -12.62 -26.42 85.89
C GLY E 1325 -11.92 -27.74 86.16
N ILE E 1326 -10.71 -27.62 86.67
CA ILE E 1326 -9.90 -28.79 87.05
C ILE E 1326 -9.17 -28.44 88.34
N ASP E 1327 -8.98 -29.44 89.19
CA ASP E 1327 -8.40 -29.23 90.52
C ASP E 1327 -7.68 -30.51 90.93
N GLN E 1328 -6.36 -30.55 90.68
CA GLN E 1328 -5.48 -31.68 91.03
C GLN E 1328 -6.01 -32.99 90.46
N GLY E 1329 -6.32 -32.99 89.18
CA GLY E 1329 -6.86 -34.15 88.52
C GLY E 1329 -8.37 -34.29 88.60
N ALA E 1330 -9.01 -33.79 89.65
CA ALA E 1330 -10.45 -33.79 89.77
C ALA E 1330 -11.02 -32.56 89.08
N GLU E 1331 -12.21 -32.70 88.51
CA GLU E 1331 -12.79 -31.64 87.70
C GLU E 1331 -14.02 -31.02 88.38
N ILE E 1332 -14.29 -29.78 88.01
CA ILE E 1332 -15.40 -29.01 88.56
C ILE E 1332 -16.52 -29.02 87.53
N VAL E 1333 -17.72 -29.41 87.95
CA VAL E 1333 -18.82 -29.76 87.06
C VAL E 1333 -20.09 -29.09 87.58
N ASP E 1334 -20.79 -28.36 86.71
CA ASP E 1334 -22.03 -27.69 87.08
C ASP E 1334 -23.21 -28.23 86.30
N VAL E 1335 -24.41 -28.05 86.83
CA VAL E 1335 -25.64 -28.33 86.11
C VAL E 1335 -26.54 -27.11 86.17
N ALA E 1336 -27.49 -27.07 85.23
CA ALA E 1336 -28.50 -26.04 85.17
C ALA E 1336 -29.79 -26.68 84.69
N ALA E 1337 -30.86 -26.54 85.48
CA ALA E 1337 -32.12 -27.20 85.19
C ALA E 1337 -33.11 -26.19 84.65
N ARG E 1338 -33.84 -26.57 83.60
CA ARG E 1338 -34.76 -25.68 82.92
C ARG E 1338 -36.14 -26.31 82.81
N VAL E 1339 -37.17 -25.47 82.84
CA VAL E 1339 -38.54 -25.89 82.59
C VAL E 1339 -39.04 -24.96 81.51
N GLY E 1340 -38.92 -25.37 80.25
CA GLY E 1340 -39.27 -24.46 79.18
C GLY E 1340 -38.11 -23.57 78.80
N SER E 1341 -38.08 -22.34 79.33
CA SER E 1341 -37.04 -21.41 78.94
C SER E 1341 -36.48 -20.58 80.10
N ASP E 1342 -36.72 -20.97 81.34
CA ASP E 1342 -36.13 -20.28 82.49
C ASP E 1342 -35.31 -21.28 83.30
N LEU E 1343 -34.68 -20.81 84.37
CA LEU E 1343 -33.93 -21.66 85.26
C LEU E 1343 -34.73 -21.94 86.52
N VAL E 1344 -34.54 -23.15 87.07
CA VAL E 1344 -35.17 -23.50 88.33
C VAL E 1344 -34.11 -23.86 89.36
N MET E 1345 -32.93 -24.31 88.90
CA MET E 1345 -31.79 -24.35 89.79
C MET E 1345 -30.53 -23.99 89.03
N SER E 1346 -29.46 -23.78 89.79
CA SER E 1346 -28.10 -23.77 89.26
C SER E 1346 -27.24 -24.44 90.31
N ALA E 1347 -26.53 -25.50 89.92
CA ALA E 1347 -25.81 -26.27 90.91
C ALA E 1347 -24.38 -26.49 90.46
N SER E 1348 -23.48 -26.61 91.42
CA SER E 1348 -22.07 -26.81 91.16
C SER E 1348 -21.57 -27.99 91.99
N ALA E 1349 -20.49 -28.61 91.52
CA ALA E 1349 -19.99 -29.80 92.16
C ALA E 1349 -18.51 -29.96 91.90
N ARG E 1350 -17.80 -30.52 92.86
CA ARG E 1350 -16.46 -31.04 92.69
C ARG E 1350 -16.53 -32.52 93.03
N LEU E 1351 -16.34 -33.36 92.02
CA LEU E 1351 -16.35 -34.80 92.19
C LEU E 1351 -14.93 -35.32 92.34
N ALA E 1352 -14.82 -36.55 92.83
CA ALA E 1352 -13.52 -37.11 93.18
C ALA E 1352 -12.72 -37.46 91.94
N ALA E 1353 -11.41 -37.51 92.12
CA ALA E 1353 -10.54 -37.94 91.03
C ALA E 1353 -10.59 -39.46 90.92
N PRO E 1354 -10.58 -40.01 89.71
CA PRO E 1354 -10.67 -41.46 89.55
C PRO E 1354 -9.35 -42.14 89.87
N LYS E 1355 -9.44 -43.44 90.18
CA LYS E 1355 -8.26 -44.25 90.45
C LYS E 1355 -7.61 -44.58 89.11
N THR E 1356 -6.42 -44.04 88.87
CA THR E 1356 -5.78 -44.18 87.58
C THR E 1356 -4.50 -44.99 87.69
N VAL E 1357 -3.96 -45.34 86.52
CA VAL E 1357 -2.73 -46.10 86.39
C VAL E 1357 -1.81 -45.34 85.44
N TYR E 1358 -0.57 -45.13 85.86
CA TYR E 1358 0.45 -44.54 85.00
C TYR E 1358 1.42 -45.66 84.62
N ALA E 1359 1.37 -46.08 83.36
CA ALA E 1359 2.21 -47.17 82.86
C ALA E 1359 3.25 -46.63 81.89
N PHE E 1360 4.48 -47.12 82.02
CA PHE E 1360 5.58 -46.53 81.28
C PHE E 1360 6.17 -47.52 80.28
N PRO E 1361 6.48 -47.07 79.07
CA PRO E 1361 6.77 -48.01 77.97
C PRO E 1361 8.16 -48.63 78.01
N GLY E 1362 8.48 -49.36 76.95
CA GLY E 1362 9.76 -50.03 76.82
C GLY E 1362 10.58 -49.58 75.63
N GLN E 1363 11.44 -50.46 75.11
CA GLN E 1363 12.26 -50.13 73.95
C GLN E 1363 11.41 -49.98 72.70
N GLY E 1364 12.06 -49.51 71.63
CA GLY E 1364 11.39 -49.30 70.37
C GLY E 1364 10.59 -48.02 70.29
N ILE E 1365 10.49 -47.26 71.39
CA ILE E 1365 9.77 -46.00 71.38
C ILE E 1365 10.67 -44.85 70.94
N GLN E 1366 11.98 -45.05 70.94
CA GLN E 1366 12.92 -43.97 70.75
C GLN E 1366 13.02 -43.55 69.29
N HIS E 1367 13.26 -42.26 69.09
CA HIS E 1367 13.55 -41.67 67.79
C HIS E 1367 14.21 -40.32 68.05
N LYS E 1368 14.62 -39.66 66.98
CA LYS E 1368 15.26 -38.37 67.12
C LYS E 1368 14.22 -37.29 67.38
N GLY E 1369 14.40 -36.55 68.47
CA GLY E 1369 13.50 -35.46 68.80
C GLY E 1369 12.28 -35.89 69.60
N MET E 1370 12.49 -36.48 70.77
CA MET E 1370 11.40 -36.89 71.63
C MET E 1370 11.11 -35.81 72.65
N GLY E 1371 9.89 -35.29 72.64
CA GLY E 1371 9.49 -34.33 73.65
C GLY E 1371 10.10 -32.95 73.52
N MET E 1372 10.66 -32.63 72.36
CA MET E 1372 11.22 -31.30 72.16
C MET E 1372 10.11 -30.25 72.11
N GLU E 1373 8.92 -30.63 71.65
CA GLU E 1373 7.80 -29.72 71.73
C GLU E 1373 7.34 -29.51 73.16
N VAL E 1374 7.51 -30.51 74.02
CA VAL E 1374 7.20 -30.34 75.44
C VAL E 1374 8.20 -29.40 76.08
N ARG E 1375 9.48 -29.56 75.73
CA ARG E 1375 10.51 -28.63 76.18
C ARG E 1375 10.28 -27.21 75.68
N ALA E 1376 9.70 -27.08 74.47
CA ALA E 1376 9.37 -25.76 73.97
C ALA E 1376 8.15 -25.16 74.66
N ARG E 1377 7.17 -25.99 75.04
CA ARG E 1377 5.96 -25.47 75.67
C ARG E 1377 6.23 -25.06 77.11
N SER E 1378 6.66 -26.00 77.95
CA SER E 1378 6.63 -25.75 79.39
C SER E 1378 7.83 -24.92 79.84
N LYS E 1379 7.91 -24.72 81.15
CA LYS E 1379 9.06 -24.14 81.82
C LYS E 1379 9.62 -25.03 82.90
N ALA E 1380 8.76 -25.75 83.63
CA ALA E 1380 9.25 -26.75 84.57
C ALA E 1380 9.89 -27.93 83.84
N ALA E 1381 9.35 -28.28 82.67
CA ALA E 1381 10.01 -29.28 81.84
C ALA E 1381 11.35 -28.78 81.33
N ARG E 1382 11.44 -27.49 81.00
CA ARG E 1382 12.72 -26.91 80.61
C ARG E 1382 13.71 -26.95 81.76
N LYS E 1383 13.22 -26.73 82.99
CA LYS E 1383 14.07 -26.83 84.18
C LYS E 1383 14.57 -28.25 84.39
N VAL E 1384 13.70 -29.25 84.15
CA VAL E 1384 14.16 -30.60 84.42
C VAL E 1384 15.04 -31.13 83.28
N TRP E 1385 14.87 -30.63 82.04
CA TRP E 1385 15.87 -30.90 81.00
C TRP E 1385 17.21 -30.29 81.36
N ASP E 1386 17.20 -29.08 81.94
CA ASP E 1386 18.45 -28.42 82.31
C ASP E 1386 19.17 -29.15 83.43
N THR E 1387 18.43 -29.58 84.45
CA THR E 1387 19.05 -30.37 85.51
C THR E 1387 19.54 -31.71 85.01
N ALA E 1388 18.82 -32.32 84.06
CA ALA E 1388 19.21 -33.62 83.53
C ALA E 1388 20.50 -33.53 82.73
N ASP E 1389 20.58 -32.62 81.75
CA ASP E 1389 21.79 -32.59 80.96
C ASP E 1389 22.96 -31.96 81.71
N LYS E 1390 22.70 -31.10 82.70
CA LYS E 1390 23.75 -30.65 83.59
C LYS E 1390 24.34 -31.81 84.39
N PHE E 1391 23.47 -32.66 84.96
CA PHE E 1391 23.94 -33.80 85.73
C PHE E 1391 24.72 -34.78 84.87
N THR E 1392 24.24 -35.05 83.66
CA THR E 1392 24.96 -36.05 82.88
C THR E 1392 26.23 -35.50 82.23
N ARG E 1393 26.33 -34.20 81.97
CA ARG E 1393 27.61 -33.68 81.51
C ARG E 1393 28.58 -33.47 82.65
N ASP E 1394 28.09 -33.38 83.90
CA ASP E 1394 28.99 -33.28 85.04
C ASP E 1394 29.43 -34.63 85.55
N THR E 1395 28.65 -35.69 85.34
CA THR E 1395 28.99 -37.01 85.85
C THR E 1395 29.39 -37.98 84.75
N LEU E 1396 28.52 -38.21 83.75
CA LEU E 1396 28.80 -39.27 82.79
C LEU E 1396 29.77 -38.82 81.72
N GLY E 1397 29.54 -37.65 81.14
CA GLY E 1397 30.49 -37.11 80.18
C GLY E 1397 29.91 -36.92 78.80
N PHE E 1398 28.61 -36.73 78.71
CA PHE E 1398 27.97 -36.40 77.44
C PHE E 1398 26.76 -35.53 77.71
N SER E 1399 26.18 -35.01 76.63
CA SER E 1399 25.03 -34.11 76.69
C SER E 1399 23.81 -34.87 76.20
N VAL E 1400 22.93 -35.25 77.13
CA VAL E 1400 21.75 -36.02 76.77
C VAL E 1400 20.79 -35.17 75.95
N LEU E 1401 20.83 -33.84 76.12
CA LEU E 1401 20.09 -32.94 75.27
C LEU E 1401 20.57 -33.03 73.83
N HIS E 1402 21.89 -33.12 73.63
CA HIS E 1402 22.39 -33.28 72.27
C HIS E 1402 22.09 -34.67 71.71
N VAL E 1403 22.16 -35.70 72.56
CA VAL E 1403 21.89 -37.07 72.12
C VAL E 1403 20.43 -37.24 71.71
N VAL E 1404 19.52 -36.49 72.31
CA VAL E 1404 18.12 -36.57 71.87
C VAL E 1404 17.84 -35.60 70.73
N ARG E 1405 18.37 -34.38 70.81
CA ARG E 1405 18.01 -33.33 69.85
C ARG E 1405 18.61 -33.58 68.49
N ASP E 1406 19.82 -34.10 68.44
CA ASP E 1406 20.43 -34.57 67.20
C ASP E 1406 20.79 -36.04 67.42
N ASN E 1407 21.02 -36.76 66.32
CA ASN E 1407 21.44 -38.15 66.41
C ASN E 1407 22.80 -38.27 65.76
N PRO E 1408 23.88 -37.99 66.49
CA PRO E 1408 25.21 -38.06 65.89
C PRO E 1408 25.63 -39.51 65.68
N THR E 1409 26.71 -39.68 64.92
CA THR E 1409 27.15 -41.01 64.57
C THR E 1409 27.89 -41.67 65.72
N SER E 1410 28.85 -40.98 66.32
CA SER E 1410 29.63 -41.55 67.41
C SER E 1410 30.12 -40.44 68.32
N ILE E 1411 29.87 -40.59 69.61
CA ILE E 1411 30.32 -39.64 70.61
C ILE E 1411 31.36 -40.32 71.50
N ILE E 1412 32.10 -39.50 72.24
CA ILE E 1412 33.07 -40.00 73.20
C ILE E 1412 32.50 -39.76 74.60
N ALA E 1413 32.51 -40.81 75.41
CA ALA E 1413 32.15 -40.75 76.82
C ALA E 1413 33.32 -40.22 77.65
N SER E 1414 33.28 -40.47 78.96
CA SER E 1414 34.41 -40.14 79.82
C SER E 1414 35.69 -40.81 79.35
N GLY E 1415 35.71 -42.14 79.33
CA GLY E 1415 36.88 -42.85 78.85
C GLY E 1415 36.86 -43.16 77.37
N VAL E 1416 35.85 -43.90 76.92
CA VAL E 1416 35.85 -44.55 75.63
C VAL E 1416 34.87 -43.85 74.71
N HIS E 1417 34.86 -44.25 73.44
CA HIS E 1417 33.89 -43.75 72.49
C HIS E 1417 32.96 -44.88 72.06
N TYR E 1418 31.68 -44.54 71.91
CA TYR E 1418 30.64 -45.47 71.52
C TYR E 1418 30.24 -45.19 70.07
N HIS E 1419 29.97 -46.25 69.33
CA HIS E 1419 29.67 -46.12 67.92
C HIS E 1419 28.51 -47.03 67.56
N HIS E 1420 27.61 -46.52 66.72
CA HIS E 1420 26.47 -47.26 66.23
C HIS E 1420 26.04 -46.59 64.92
N PRO E 1421 26.19 -47.28 63.78
CA PRO E 1421 26.16 -46.56 62.49
C PRO E 1421 24.79 -46.05 62.06
N ASP E 1422 23.71 -46.63 62.56
CA ASP E 1422 22.39 -46.07 62.29
C ASP E 1422 22.13 -44.80 63.09
N GLY E 1423 22.83 -44.66 64.21
CA GLY E 1423 22.65 -43.52 65.08
C GLY E 1423 22.99 -43.89 66.51
N VAL E 1424 23.63 -42.97 67.24
CA VAL E 1424 24.03 -43.25 68.62
C VAL E 1424 22.85 -43.14 69.57
N LEU E 1425 21.71 -42.64 69.10
CA LEU E 1425 20.52 -42.63 69.93
C LEU E 1425 19.98 -44.03 70.16
N TYR E 1426 20.27 -44.96 69.26
CA TYR E 1426 19.56 -46.24 69.22
C TYR E 1426 20.18 -47.34 70.05
N LEU E 1427 21.39 -47.15 70.59
CA LEU E 1427 21.91 -48.24 71.41
C LEU E 1427 21.54 -48.05 72.87
N THR E 1428 21.98 -49.00 73.68
CA THR E 1428 21.29 -49.42 74.90
C THR E 1428 21.21 -48.31 75.94
N GLN E 1429 22.38 -47.80 76.38
CA GLN E 1429 22.44 -46.87 77.49
C GLN E 1429 21.76 -45.56 77.12
N PHE E 1430 21.91 -45.15 75.87
CA PHE E 1430 21.42 -43.87 75.43
C PHE E 1430 19.92 -43.91 75.20
N THR E 1431 19.40 -45.05 74.71
CA THR E 1431 17.94 -45.27 74.67
C THR E 1431 17.33 -45.17 76.06
N GLN E 1432 17.96 -45.81 77.04
CA GLN E 1432 17.35 -45.82 78.37
C GLN E 1432 17.43 -44.45 79.04
N VAL E 1433 18.54 -43.73 78.91
CA VAL E 1433 18.57 -42.40 79.55
C VAL E 1433 17.69 -41.41 78.81
N ALA E 1434 17.50 -41.59 77.50
CA ALA E 1434 16.58 -40.73 76.76
C ALA E 1434 15.13 -40.98 77.17
N MET E 1435 14.75 -42.25 77.33
CA MET E 1435 13.41 -42.57 77.82
C MET E 1435 13.20 -42.06 79.23
N ALA E 1436 14.25 -42.12 80.06
CA ALA E 1436 14.17 -41.64 81.44
C ALA E 1436 13.91 -40.15 81.49
N THR E 1437 14.69 -39.36 80.74
CA THR E 1437 14.50 -37.91 80.79
C THR E 1437 13.21 -37.49 80.11
N VAL E 1438 12.74 -38.22 79.09
CA VAL E 1438 11.48 -37.85 78.45
C VAL E 1438 10.30 -38.12 79.37
N ALA E 1439 10.31 -39.28 80.06
CA ALA E 1439 9.23 -39.59 80.98
C ALA E 1439 9.22 -38.64 82.17
N ALA E 1440 10.40 -38.27 82.68
CA ALA E 1440 10.46 -37.34 83.80
C ALA E 1440 9.98 -35.94 83.40
N ALA E 1441 10.37 -35.48 82.20
CA ALA E 1441 9.94 -34.17 81.74
C ALA E 1441 8.44 -34.12 81.51
N GLN E 1442 7.89 -35.17 80.92
CA GLN E 1442 6.46 -35.19 80.65
C GLN E 1442 5.65 -35.24 81.94
N VAL E 1443 6.09 -36.04 82.93
CA VAL E 1443 5.30 -36.11 84.15
C VAL E 1443 5.45 -34.83 84.98
N ALA E 1444 6.59 -34.13 84.88
CA ALA E 1444 6.73 -32.87 85.59
C ALA E 1444 5.85 -31.79 84.98
N GLU E 1445 5.73 -31.79 83.65
CA GLU E 1445 4.84 -30.85 82.99
C GLU E 1445 3.37 -31.13 83.31
N MET E 1446 2.96 -32.40 83.25
CA MET E 1446 1.57 -32.68 83.53
C MET E 1446 1.26 -32.75 85.02
N ARG E 1447 2.24 -32.58 85.91
CA ARG E 1447 1.91 -32.33 87.30
C ARG E 1447 1.97 -30.86 87.67
N GLU E 1448 2.72 -30.03 86.93
CA GLU E 1448 2.59 -28.61 87.17
C GLU E 1448 1.38 -28.02 86.47
N GLN E 1449 0.79 -28.72 85.51
CA GLN E 1449 -0.48 -28.28 84.95
C GLN E 1449 -1.69 -28.75 85.74
N GLY E 1450 -1.49 -29.43 86.86
CA GLY E 1450 -2.60 -29.80 87.72
C GLY E 1450 -3.44 -30.96 87.25
N ALA E 1451 -3.04 -31.65 86.18
CA ALA E 1451 -3.78 -32.80 85.68
C ALA E 1451 -3.13 -34.11 86.09
N PHE E 1452 -2.52 -34.15 87.27
CA PHE E 1452 -1.86 -35.35 87.77
C PHE E 1452 -2.43 -35.68 89.14
N VAL E 1453 -3.11 -36.82 89.24
CA VAL E 1453 -3.69 -37.26 90.50
C VAL E 1453 -2.56 -37.75 91.39
N GLU E 1454 -2.84 -37.92 92.69
CA GLU E 1454 -1.79 -38.13 93.66
C GLU E 1454 -1.58 -39.59 94.03
N GLY E 1455 -2.63 -40.26 94.51
CA GLY E 1455 -2.47 -41.61 95.01
C GLY E 1455 -2.62 -42.70 93.96
N ALA E 1456 -2.32 -42.36 92.71
CA ALA E 1456 -2.41 -43.35 91.64
C ALA E 1456 -1.29 -44.36 91.76
N ILE E 1457 -1.57 -45.58 91.34
CA ILE E 1457 -0.61 -46.67 91.50
C ILE E 1457 0.41 -46.63 90.37
N ALA E 1458 1.51 -47.36 90.52
CA ALA E 1458 2.67 -47.27 89.63
C ALA E 1458 2.87 -48.59 88.92
N CYS E 1459 2.64 -48.60 87.60
CA CYS E 1459 2.96 -49.73 86.74
C CYS E 1459 3.95 -49.29 85.68
N GLY E 1460 4.32 -50.22 84.83
CA GLY E 1460 5.18 -49.90 83.72
C GLY E 1460 5.83 -51.14 83.17
N HIS E 1461 6.41 -50.99 81.99
CA HIS E 1461 7.20 -52.07 81.44
C HIS E 1461 8.51 -52.17 82.22
N SER E 1462 9.19 -53.31 82.10
CA SER E 1462 10.29 -53.64 83.00
C SER E 1462 11.53 -52.78 82.83
N VAL E 1463 11.56 -51.87 81.88
CA VAL E 1463 12.70 -50.99 81.73
C VAL E 1463 12.27 -49.57 82.05
N GLY E 1464 10.98 -49.28 81.90
CA GLY E 1464 10.42 -48.04 82.36
C GLY E 1464 9.95 -48.10 83.79
N GLU E 1465 10.12 -49.27 84.41
CA GLU E 1465 9.77 -49.49 85.80
C GLU E 1465 10.58 -48.59 86.72
N TYR E 1466 11.83 -48.32 86.37
CA TYR E 1466 12.67 -47.42 87.16
C TYR E 1466 12.09 -46.01 87.17
N THR E 1467 11.62 -45.55 86.01
CA THR E 1467 10.93 -44.27 85.94
C THR E 1467 9.59 -44.32 86.65
N ALA E 1468 8.96 -45.49 86.72
CA ALA E 1468 7.73 -45.61 87.50
C ALA E 1468 8.00 -45.47 88.99
N LEU E 1469 9.14 -45.94 89.46
CA LEU E 1469 9.51 -45.67 90.84
C LEU E 1469 9.79 -44.19 91.05
N ALA E 1470 10.59 -43.59 90.14
CA ALA E 1470 11.11 -42.26 90.41
C ALA E 1470 10.05 -41.17 90.23
N CYS E 1471 9.17 -41.31 89.25
CA CYS E 1471 8.31 -40.19 88.89
C CYS E 1471 7.11 -40.07 89.80
N VAL E 1472 6.24 -41.08 89.82
CA VAL E 1472 4.93 -40.94 90.44
C VAL E 1472 4.94 -41.28 91.92
N THR E 1473 6.06 -41.76 92.46
CA THR E 1473 6.15 -42.01 93.89
C THR E 1473 7.21 -41.16 94.59
N GLY E 1474 8.31 -40.85 93.91
CA GLY E 1474 9.35 -40.05 94.52
C GLY E 1474 10.12 -40.77 95.60
N ILE E 1475 10.26 -42.09 95.50
CA ILE E 1475 11.05 -42.83 96.47
C ILE E 1475 12.54 -42.54 96.28
N TYR E 1476 12.96 -42.13 95.09
CA TYR E 1476 14.27 -41.53 94.88
C TYR E 1476 14.12 -40.45 93.82
N GLN E 1477 15.24 -39.92 93.36
CA GLN E 1477 15.22 -38.76 92.48
C GLN E 1477 15.90 -39.06 91.17
N LEU E 1478 15.83 -38.10 90.25
CA LEU E 1478 16.19 -38.39 88.86
C LEU E 1478 17.69 -38.46 88.64
N GLU E 1479 18.51 -37.86 89.51
CA GLU E 1479 19.96 -37.99 89.35
C GLU E 1479 20.40 -39.43 89.62
N ALA E 1480 19.96 -40.00 90.74
CA ALA E 1480 20.23 -41.40 91.02
C ALA E 1480 19.51 -42.32 90.03
N LEU E 1481 18.37 -41.88 89.51
CA LEU E 1481 17.67 -42.65 88.48
C LEU E 1481 18.51 -42.77 87.21
N LEU E 1482 18.99 -41.64 86.69
CA LEU E 1482 19.80 -41.65 85.47
C LEU E 1482 21.12 -42.38 85.68
N GLU E 1483 21.71 -42.26 86.88
CA GLU E 1483 22.94 -42.99 87.17
C GLU E 1483 22.71 -44.50 87.17
N MET E 1484 21.64 -44.94 87.85
CA MET E 1484 21.29 -46.35 87.92
C MET E 1484 20.97 -46.91 86.54
N VAL E 1485 20.28 -46.12 85.72
CA VAL E 1485 19.92 -46.50 84.37
C VAL E 1485 21.16 -46.67 83.49
N PHE E 1486 22.10 -45.73 83.57
CA PHE E 1486 23.31 -45.86 82.76
C PHE E 1486 24.17 -47.02 83.21
N HIS E 1487 24.24 -47.29 84.52
CA HIS E 1487 25.02 -48.43 84.99
C HIS E 1487 24.38 -49.76 84.58
N ARG E 1488 23.04 -49.85 84.60
CA ARG E 1488 22.44 -51.11 84.20
C ARG E 1488 22.53 -51.32 82.70
N GLY E 1489 22.56 -50.24 81.90
CA GLY E 1489 22.80 -50.40 80.48
C GLY E 1489 24.21 -50.87 80.19
N SER E 1490 25.20 -50.21 80.79
CA SER E 1490 26.60 -50.57 80.56
C SER E 1490 26.95 -51.94 81.17
N LYS E 1491 26.20 -52.40 82.16
CA LYS E 1491 26.43 -53.71 82.73
C LYS E 1491 25.64 -54.80 82.02
N MET E 1492 24.52 -54.46 81.38
CA MET E 1492 23.85 -55.41 80.50
C MET E 1492 24.69 -55.65 79.25
N HIS E 1493 25.38 -54.63 78.76
CA HIS E 1493 26.10 -54.74 77.49
C HIS E 1493 27.28 -55.72 77.53
N ASP E 1494 27.81 -56.05 78.70
CA ASP E 1494 29.06 -56.81 78.78
C ASP E 1494 28.89 -58.06 79.65
N ILE E 1495 27.84 -58.85 79.43
CA ILE E 1495 27.69 -60.10 80.16
C ILE E 1495 27.38 -61.26 79.23
N VAL E 1496 27.53 -61.06 77.92
CA VAL E 1496 27.30 -62.11 76.93
C VAL E 1496 28.55 -62.26 76.08
N PRO E 1497 29.15 -63.44 76.00
CA PRO E 1497 30.24 -63.64 75.02
C PRO E 1497 29.73 -63.65 73.60
N ARG E 1498 30.00 -62.57 72.87
CA ARG E 1498 29.48 -62.39 71.53
C ARG E 1498 30.63 -62.49 70.53
N ASP E 1499 30.27 -62.40 69.25
CA ASP E 1499 31.27 -62.35 68.20
C ASP E 1499 31.97 -60.99 68.23
N GLU E 1500 33.22 -60.96 67.78
CA GLU E 1500 34.00 -59.74 67.74
C GLU E 1500 33.57 -58.80 66.62
N LEU E 1501 32.72 -59.25 65.71
CA LEU E 1501 32.11 -58.39 64.69
C LEU E 1501 30.71 -57.95 65.10
N GLY E 1502 30.38 -58.03 66.40
CA GLY E 1502 29.13 -57.55 66.91
C GLY E 1502 28.02 -58.56 66.98
N ARG E 1503 28.12 -59.65 66.23
CA ARG E 1503 27.04 -60.64 66.17
C ARG E 1503 27.01 -61.50 67.43
N SER E 1504 25.96 -62.30 67.54
CA SER E 1504 25.80 -63.23 68.65
C SER E 1504 25.06 -64.45 68.15
N ASN E 1505 24.77 -65.36 69.08
CA ASN E 1505 23.94 -66.52 68.82
C ASN E 1505 22.61 -66.40 69.56
N TYR E 1506 22.04 -65.20 69.59
CA TYR E 1506 20.82 -64.94 70.36
C TYR E 1506 20.00 -63.87 69.67
N ARG E 1507 18.82 -64.24 69.21
CA ARG E 1507 17.81 -63.29 68.74
C ARG E 1507 16.50 -63.61 69.43
N LEU E 1508 15.52 -62.72 69.29
CA LEU E 1508 14.18 -62.96 69.80
C LEU E 1508 13.15 -62.61 68.73
N ALA E 1509 11.90 -62.96 69.02
CA ALA E 1509 10.87 -62.81 68.00
C ALA E 1509 9.50 -62.69 68.65
N ALA E 1510 8.66 -61.88 68.04
CA ALA E 1510 7.26 -61.79 68.38
C ALA E 1510 6.52 -62.90 67.67
N ILE E 1511 5.93 -63.80 68.45
CA ILE E 1511 5.13 -64.89 67.94
C ILE E 1511 3.66 -64.55 68.18
N ARG E 1512 2.81 -65.00 67.29
CA ARG E 1512 1.39 -64.66 67.32
C ARG E 1512 0.57 -65.94 67.30
N PRO E 1513 0.17 -66.45 68.44
CA PRO E 1513 -0.75 -67.59 68.46
C PRO E 1513 -2.16 -67.23 68.01
N SER E 1514 -2.31 -66.95 66.72
CA SER E 1514 -3.61 -66.58 66.14
C SER E 1514 -3.99 -67.64 65.12
N GLN E 1515 -5.15 -68.27 65.34
CA GLN E 1515 -5.73 -69.36 64.56
C GLN E 1515 -4.88 -70.62 64.52
N ILE E 1516 -3.81 -70.70 65.31
CA ILE E 1516 -2.96 -71.88 65.36
C ILE E 1516 -3.20 -72.68 66.63
N ASP E 1517 -4.23 -72.31 67.40
CA ASP E 1517 -4.74 -73.06 68.55
C ASP E 1517 -3.71 -73.21 69.67
N LEU E 1518 -3.30 -72.06 70.20
CA LEU E 1518 -2.47 -71.99 71.39
C LEU E 1518 -3.12 -71.06 72.40
N ASP E 1519 -2.87 -71.32 73.68
CA ASP E 1519 -3.36 -70.44 74.74
C ASP E 1519 -2.39 -70.53 75.91
N ASP E 1520 -2.84 -70.07 77.08
CA ASP E 1520 -1.99 -70.00 78.26
C ASP E 1520 -1.59 -71.39 78.75
N ALA E 1521 -2.47 -72.37 78.59
CA ALA E 1521 -2.16 -73.73 79.02
C ALA E 1521 -1.35 -74.50 77.99
N ASP E 1522 -1.13 -73.93 76.80
CA ASP E 1522 -0.47 -74.68 75.73
C ASP E 1522 0.86 -74.07 75.28
N VAL E 1523 1.03 -72.76 75.38
CA VAL E 1523 2.25 -72.09 74.92
C VAL E 1523 3.52 -72.49 75.67
N PRO E 1524 3.61 -72.51 77.03
CA PRO E 1524 4.89 -72.91 77.64
C PRO E 1524 5.25 -74.37 77.41
N ALA E 1525 4.25 -75.26 77.33
CA ALA E 1525 4.51 -76.65 76.95
C ALA E 1525 4.99 -76.74 75.50
N PHE E 1526 4.44 -75.88 74.63
CA PHE E 1526 4.88 -75.82 73.23
C PHE E 1526 6.32 -75.38 73.12
N VAL E 1527 6.70 -74.35 73.89
CA VAL E 1527 8.07 -73.84 73.86
C VAL E 1527 9.04 -74.86 74.45
N ALA E 1528 8.64 -75.54 75.53
CA ALA E 1528 9.49 -76.58 76.11
C ALA E 1528 9.63 -77.78 75.17
N GLY E 1529 8.57 -78.11 74.43
CA GLY E 1529 8.64 -79.23 73.50
C GLY E 1529 9.54 -78.94 72.31
N ILE E 1530 9.44 -77.73 71.74
CA ILE E 1530 10.33 -77.40 70.65
C ILE E 1530 11.75 -77.16 71.15
N ALA E 1531 11.91 -76.79 72.43
CA ALA E 1531 13.25 -76.68 73.00
C ALA E 1531 13.91 -78.05 73.16
N GLU E 1532 13.12 -79.05 73.56
CA GLU E 1532 13.64 -80.40 73.64
C GLU E 1532 13.87 -80.99 72.26
N SER E 1533 13.07 -80.59 71.28
CA SER E 1533 13.25 -81.10 69.92
C SER E 1533 14.49 -80.51 69.26
N THR E 1534 14.77 -79.24 69.51
CA THR E 1534 15.93 -78.61 68.88
C THR E 1534 17.21 -78.89 69.67
N GLY E 1535 17.11 -78.92 71.01
CA GLY E 1535 18.28 -79.03 71.84
C GLY E 1535 18.87 -77.71 72.27
N GLU E 1536 18.05 -76.65 72.35
CA GLU E 1536 18.52 -75.30 72.59
C GLU E 1536 17.75 -74.70 73.76
N PHE E 1537 18.10 -73.47 74.11
CA PHE E 1537 17.40 -72.70 75.13
C PHE E 1537 16.39 -71.79 74.46
N LEU E 1538 15.10 -72.02 74.70
CA LEU E 1538 14.05 -71.17 74.19
C LEU E 1538 13.18 -70.75 75.37
N GLU E 1539 12.91 -69.45 75.49
CA GLU E 1539 12.21 -68.94 76.66
C GLU E 1539 11.15 -67.93 76.23
N ILE E 1540 10.08 -67.88 77.01
CA ILE E 1540 9.20 -66.71 77.01
C ILE E 1540 9.92 -65.57 77.70
N VAL E 1541 9.72 -64.35 77.20
CA VAL E 1541 10.32 -63.21 77.89
C VAL E 1541 9.25 -62.18 78.23
N ASN E 1542 8.36 -61.87 77.29
CA ASN E 1542 7.37 -60.82 77.48
C ASN E 1542 5.97 -61.38 77.24
N PHE E 1543 5.22 -61.55 78.32
CA PHE E 1543 3.79 -61.84 78.22
C PHE E 1543 3.07 -60.55 77.88
N ASN E 1544 3.04 -60.23 76.59
CA ASN E 1544 2.53 -58.92 76.18
C ASN E 1544 1.01 -58.89 76.15
N LEU E 1545 0.40 -59.69 75.28
CA LEU E 1545 -1.04 -59.71 75.11
C LEU E 1545 -1.55 -61.13 75.29
N ARG E 1546 -2.76 -61.24 75.86
CA ARG E 1546 -3.37 -62.54 76.12
C ARG E 1546 -3.58 -63.34 74.84
N GLY E 1547 -4.02 -62.69 73.78
CA GLY E 1547 -4.38 -63.44 72.60
C GLY E 1547 -3.29 -63.66 71.57
N SER E 1548 -2.67 -62.58 71.10
CA SER E 1548 -1.94 -62.68 69.84
C SER E 1548 -0.62 -61.92 69.85
N GLN E 1549 0.08 -61.88 70.98
CA GLN E 1549 1.36 -61.18 71.04
C GLN E 1549 2.18 -61.77 72.17
N TYR E 1550 3.10 -62.68 71.85
CA TYR E 1550 4.06 -63.20 72.81
C TYR E 1550 5.46 -62.93 72.29
N ALA E 1551 6.44 -63.01 73.18
CA ALA E 1551 7.82 -62.77 72.81
C ALA E 1551 8.70 -63.93 73.26
N ILE E 1552 9.42 -64.51 72.31
CA ILE E 1552 10.23 -65.70 72.53
C ILE E 1552 11.69 -65.34 72.25
N ALA E 1553 12.55 -65.57 73.24
CA ALA E 1553 13.98 -65.32 73.10
C ALA E 1553 14.74 -66.64 73.18
N GLY E 1554 15.69 -66.80 72.27
CA GLY E 1554 16.49 -68.01 72.26
C GLY E 1554 17.66 -67.92 71.30
N THR E 1555 18.23 -69.08 71.01
CA THR E 1555 19.32 -69.17 70.05
C THR E 1555 18.75 -69.30 68.64
N VAL E 1556 19.63 -69.09 67.65
CA VAL E 1556 19.21 -68.91 66.26
C VAL E 1556 18.64 -70.20 65.69
N ARG E 1557 19.19 -71.35 66.10
CA ARG E 1557 18.70 -72.63 65.60
C ARG E 1557 17.29 -72.91 66.09
N GLY E 1558 17.02 -72.64 67.37
CA GLY E 1558 15.67 -72.72 67.88
C GLY E 1558 14.75 -71.70 67.24
N LEU E 1559 15.30 -70.55 66.83
CA LEU E 1559 14.49 -69.56 66.14
C LEU E 1559 14.04 -70.07 64.77
N GLU E 1560 14.93 -70.74 64.02
CA GLU E 1560 14.46 -71.25 62.74
C GLU E 1560 13.54 -72.45 62.91
N ALA E 1561 13.70 -73.22 64.00
CA ALA E 1561 12.73 -74.28 64.29
C ALA E 1561 11.35 -73.70 64.62
N LEU E 1562 11.32 -72.62 65.42
CA LEU E 1562 10.07 -71.92 65.71
C LEU E 1562 9.40 -71.42 64.44
N GLU E 1563 10.14 -70.75 63.57
CA GLU E 1563 9.50 -70.23 62.36
C GLU E 1563 9.13 -71.34 61.40
N ALA E 1564 9.81 -72.49 61.44
CA ALA E 1564 9.40 -73.64 60.62
C ALA E 1564 8.03 -74.15 61.05
N GLU E 1565 7.84 -74.39 62.36
CA GLU E 1565 6.55 -74.90 62.83
C GLU E 1565 5.46 -73.84 62.69
N VAL E 1566 5.79 -72.56 62.89
CA VAL E 1566 4.80 -71.50 62.76
C VAL E 1566 4.38 -71.32 61.31
N GLU E 1567 5.32 -71.37 60.37
CA GLU E 1567 4.94 -71.23 58.96
C GLU E 1567 4.18 -72.43 58.43
N ARG E 1568 4.48 -73.64 58.93
CA ARG E 1568 3.69 -74.78 58.45
C ARG E 1568 2.29 -74.78 59.06
N ARG E 1569 2.12 -74.36 60.32
CA ARG E 1569 0.76 -74.19 60.83
C ARG E 1569 0.05 -73.01 60.19
N ARG E 1570 0.81 -72.01 59.73
CA ARG E 1570 0.24 -70.88 59.01
C ARG E 1570 -0.32 -71.33 57.67
N GLU E 1571 0.44 -72.12 56.91
CA GLU E 1571 -0.09 -72.60 55.64
C GLU E 1571 -1.15 -73.69 55.84
N LEU E 1572 -1.23 -74.29 57.02
CA LEU E 1572 -2.41 -75.08 57.36
C LEU E 1572 -3.64 -74.19 57.50
N THR E 1573 -3.62 -73.26 58.46
CA THR E 1573 -4.86 -72.62 58.91
C THR E 1573 -5.20 -71.33 58.18
N GLY E 1574 -4.30 -70.78 57.37
CA GLY E 1574 -4.55 -69.50 56.73
C GLY E 1574 -3.49 -68.47 57.05
N GLY E 1575 -3.32 -67.49 56.15
CA GLY E 1575 -2.28 -66.49 56.29
C GLY E 1575 -2.52 -65.51 57.42
N ARG E 1576 -1.54 -65.39 58.32
CA ARG E 1576 -1.66 -64.52 59.48
C ARG E 1576 -0.41 -63.70 59.75
N ARG E 1577 0.74 -64.08 59.18
CA ARG E 1577 2.08 -63.55 59.50
C ARG E 1577 2.33 -63.66 61.00
N SER E 1578 2.33 -64.89 61.48
CA SER E 1578 2.36 -65.19 62.90
C SER E 1578 3.76 -65.17 63.49
N PHE E 1579 4.78 -64.80 62.72
CA PHE E 1579 6.15 -64.81 63.21
C PHE E 1579 6.85 -63.57 62.69
N ILE E 1580 7.35 -62.73 63.58
CA ILE E 1580 8.14 -61.56 63.22
C ILE E 1580 9.38 -61.53 64.10
N LEU E 1581 10.55 -61.67 63.49
CA LEU E 1581 11.79 -61.59 64.26
C LEU E 1581 12.01 -60.13 64.69
N VAL E 1582 12.72 -59.96 65.80
CA VAL E 1582 12.88 -58.67 66.48
C VAL E 1582 13.66 -57.71 65.59
N PRO E 1583 13.39 -56.41 65.64
CA PRO E 1583 14.24 -55.45 64.93
C PRO E 1583 15.54 -55.18 65.70
N GLY E 1584 16.64 -55.72 65.19
CA GLY E 1584 17.95 -55.26 65.58
C GLY E 1584 18.58 -55.85 66.83
N ILE E 1585 17.83 -55.92 67.93
CA ILE E 1585 18.44 -56.17 69.22
C ILE E 1585 18.75 -57.65 69.37
N ASP E 1586 19.79 -57.97 70.15
CA ASP E 1586 20.40 -59.29 70.08
C ASP E 1586 20.85 -59.85 71.43
N VAL E 1587 20.16 -59.56 72.52
CA VAL E 1587 20.51 -60.05 73.84
C VAL E 1587 19.28 -60.76 74.40
N PRO E 1588 19.42 -61.98 74.94
CA PRO E 1588 18.25 -62.67 75.49
C PRO E 1588 17.82 -62.12 76.84
N PHE E 1589 17.00 -61.07 76.83
CA PHE E 1589 16.60 -60.39 78.06
C PHE E 1589 15.77 -61.28 78.96
N HIS E 1590 15.90 -61.01 80.27
CA HIS E 1590 15.02 -61.55 81.31
C HIS E 1590 15.07 -63.07 81.38
N SER E 1591 16.19 -63.66 81.00
CA SER E 1591 16.34 -65.10 80.95
C SER E 1591 17.32 -65.55 82.02
N ARG E 1592 17.61 -66.86 82.03
CA ARG E 1592 18.44 -67.44 83.08
C ARG E 1592 19.92 -67.12 82.88
N VAL E 1593 20.32 -66.70 81.68
CA VAL E 1593 21.74 -66.56 81.37
C VAL E 1593 22.28 -65.20 81.78
N LEU E 1594 21.50 -64.44 82.57
CA LEU E 1594 21.89 -63.12 83.04
C LEU E 1594 22.08 -63.06 84.54
N ARG E 1595 22.58 -64.13 85.16
CA ARG E 1595 22.53 -64.25 86.61
C ARG E 1595 23.89 -64.08 87.28
N VAL E 1596 24.73 -63.19 86.76
CA VAL E 1596 25.90 -62.67 87.45
C VAL E 1596 25.86 -61.15 87.56
N GLY E 1597 25.46 -60.50 86.46
CA GLY E 1597 25.18 -59.08 86.46
C GLY E 1597 24.08 -58.66 87.41
N VAL E 1598 23.21 -59.58 87.82
CA VAL E 1598 22.22 -59.25 88.85
C VAL E 1598 22.88 -59.06 90.20
N ALA E 1599 23.94 -59.83 90.51
CA ALA E 1599 24.63 -59.63 91.79
C ALA E 1599 25.49 -58.37 91.74
N GLU E 1600 26.16 -58.16 90.60
CA GLU E 1600 26.95 -56.93 90.47
C GLU E 1600 26.05 -55.69 90.44
N PHE E 1601 24.86 -55.82 89.86
CA PHE E 1601 23.88 -54.75 89.84
C PHE E 1601 23.26 -54.55 91.21
N ARG E 1602 23.17 -55.60 92.03
CA ARG E 1602 22.76 -55.43 93.42
C ARG E 1602 23.79 -54.60 94.19
N ARG E 1603 25.07 -54.84 93.92
CA ARG E 1603 26.12 -54.05 94.56
C ARG E 1603 26.05 -52.58 94.12
N SER E 1604 25.86 -52.35 92.82
CA SER E 1604 25.72 -50.97 92.35
C SER E 1604 24.44 -50.32 92.84
N LEU E 1605 23.38 -51.10 93.02
CA LEU E 1605 22.11 -50.59 93.53
C LEU E 1605 22.24 -50.17 94.99
N ASP E 1606 22.95 -50.98 95.79
CA ASP E 1606 23.23 -50.59 97.16
C ASP E 1606 24.15 -49.38 97.23
N ARG E 1607 25.01 -49.22 96.22
CA ARG E 1607 25.81 -47.99 96.13
C ARG E 1607 24.92 -46.78 95.85
N VAL E 1608 23.99 -46.91 94.92
CA VAL E 1608 23.28 -45.74 94.41
C VAL E 1608 22.13 -45.31 95.32
N MET E 1609 21.26 -46.26 95.69
CA MET E 1609 19.98 -45.91 96.29
C MET E 1609 20.18 -45.41 97.73
N PRO E 1610 19.46 -44.37 98.16
CA PRO E 1610 19.69 -43.81 99.49
C PRO E 1610 19.25 -44.75 100.61
N ARG E 1611 19.66 -44.35 101.83
CA ARG E 1611 19.53 -45.21 103.01
C ARG E 1611 18.07 -45.32 103.47
N ASP E 1612 17.50 -44.20 103.90
CA ASP E 1612 16.19 -44.22 104.53
C ASP E 1612 15.10 -44.27 103.47
N ALA E 1613 14.25 -45.30 103.55
CA ALA E 1613 13.16 -45.48 102.62
C ALA E 1613 11.83 -45.29 103.35
N ASP E 1614 10.86 -44.73 102.65
CA ASP E 1614 9.52 -44.62 103.17
C ASP E 1614 8.68 -45.70 102.52
N PRO E 1615 8.34 -46.78 103.24
CA PRO E 1615 7.62 -47.89 102.61
C PRO E 1615 6.21 -47.54 102.21
N ASP E 1616 5.56 -46.61 102.91
CA ASP E 1616 4.20 -46.21 102.58
C ASP E 1616 4.12 -45.43 101.26
N LEU E 1617 5.24 -44.98 100.72
CA LEU E 1617 5.25 -44.37 99.41
C LEU E 1617 5.14 -45.38 98.28
N ILE E 1618 5.22 -46.68 98.57
CA ILE E 1618 5.10 -47.70 97.52
C ILE E 1618 4.14 -48.83 97.92
N ILE E 1619 3.80 -48.91 99.21
CA ILE E 1619 2.85 -49.93 99.65
C ILE E 1619 1.46 -49.58 99.14
N GLY E 1620 0.84 -50.52 98.43
CA GLY E 1620 -0.45 -50.26 97.81
C GLY E 1620 -0.39 -49.36 96.60
N ARG E 1621 0.81 -49.14 96.06
CA ARG E 1621 0.97 -48.21 94.94
C ARG E 1621 1.89 -48.78 93.87
N TYR E 1622 2.59 -49.87 94.12
CA TYR E 1622 3.61 -50.36 93.21
C TYR E 1622 3.27 -51.75 92.69
N ILE E 1623 3.42 -51.94 91.38
CA ILE E 1623 3.27 -53.22 90.72
C ILE E 1623 4.58 -53.55 90.04
N PRO E 1624 5.33 -54.54 90.53
CA PRO E 1624 6.53 -54.98 89.81
C PRO E 1624 6.18 -55.90 88.65
N ASN E 1625 7.21 -56.43 87.99
CA ASN E 1625 6.99 -57.23 86.79
C ASN E 1625 7.32 -58.71 86.97
N LEU E 1626 8.20 -59.06 87.89
CA LEU E 1626 8.45 -60.48 88.14
C LEU E 1626 7.31 -61.12 88.91
N VAL E 1627 6.71 -60.38 89.84
CA VAL E 1627 5.47 -60.77 90.49
C VAL E 1627 4.43 -59.69 90.18
N PRO E 1628 3.28 -60.03 89.64
CA PRO E 1628 2.33 -59.01 89.19
C PRO E 1628 1.39 -58.51 90.28
N ARG E 1629 1.69 -58.79 91.54
CA ARG E 1629 0.81 -58.39 92.63
C ARG E 1629 1.33 -57.11 93.27
N LEU E 1630 0.46 -56.44 94.03
CA LEU E 1630 0.82 -55.22 94.75
C LEU E 1630 1.96 -55.45 95.72
N PHE E 1631 2.83 -54.46 95.83
CA PHE E 1631 3.92 -54.50 96.80
C PHE E 1631 3.34 -54.38 98.19
N THR E 1632 3.32 -55.48 98.92
CA THR E 1632 2.74 -55.51 100.26
C THR E 1632 3.68 -56.29 101.17
N LEU E 1633 3.86 -55.79 102.39
CA LEU E 1633 4.73 -56.44 103.36
C LEU E 1633 4.04 -57.71 103.84
N ASP E 1634 4.27 -58.82 103.15
CA ASP E 1634 3.59 -60.08 103.44
C ASP E 1634 4.59 -61.22 103.46
N ARG E 1635 4.35 -62.17 104.37
CA ARG E 1635 5.10 -63.42 104.38
C ARG E 1635 4.86 -64.19 103.10
N ASP E 1636 3.62 -64.15 102.58
CA ASP E 1636 3.32 -64.78 101.30
C ASP E 1636 4.04 -64.09 100.16
N PHE E 1637 4.20 -62.77 100.22
CA PHE E 1637 4.87 -62.03 99.16
C PHE E 1637 6.36 -62.33 99.13
N ILE E 1638 7.01 -62.31 100.30
CA ILE E 1638 8.43 -62.61 100.33
C ILE E 1638 8.68 -64.10 100.05
N GLN E 1639 7.77 -64.98 100.44
CA GLN E 1639 7.91 -66.39 100.10
C GLN E 1639 7.70 -66.63 98.61
N GLU E 1640 6.83 -65.84 97.99
CA GLU E 1640 6.56 -66.03 96.57
C GLU E 1640 7.74 -65.56 95.73
N ILE E 1641 8.35 -64.43 96.09
CA ILE E 1641 9.55 -64.05 95.36
C ILE E 1641 10.71 -64.99 95.69
N ARG E 1642 10.73 -65.56 96.91
CA ARG E 1642 11.81 -66.43 97.32
C ARG E 1642 11.77 -67.76 96.58
N ASP E 1643 10.59 -68.35 96.41
CA ASP E 1643 10.55 -69.61 95.67
C ASP E 1643 10.36 -69.41 94.17
N LEU E 1644 10.12 -68.17 93.72
CA LEU E 1644 10.20 -67.92 92.29
C LEU E 1644 11.65 -67.78 91.87
N VAL E 1645 12.43 -66.96 92.57
CA VAL E 1645 13.85 -66.83 92.30
C VAL E 1645 14.60 -66.95 93.62
N PRO E 1646 15.63 -67.80 93.73
CA PRO E 1646 16.39 -67.90 94.97
C PRO E 1646 17.12 -66.62 95.31
N ALA E 1647 16.84 -66.09 96.50
CA ALA E 1647 17.31 -64.78 96.94
C ALA E 1647 18.09 -64.97 98.24
N GLU E 1648 19.41 -65.02 98.13
CA GLU E 1648 20.28 -65.33 99.26
C GLU E 1648 20.32 -64.36 100.44
N PRO E 1649 20.02 -63.06 100.36
CA PRO E 1649 19.88 -62.31 101.62
C PRO E 1649 18.46 -62.25 102.16
N LEU E 1650 17.50 -62.84 101.46
CA LEU E 1650 16.10 -62.79 101.86
C LEU E 1650 15.71 -63.93 102.78
N ASP E 1651 16.54 -64.96 102.88
CA ASP E 1651 16.23 -66.13 103.70
C ASP E 1651 16.18 -65.80 105.19
N GLU E 1652 16.93 -64.80 105.65
CA GLU E 1652 16.83 -64.40 107.05
C GLU E 1652 15.50 -63.71 107.34
N ILE E 1653 14.92 -63.03 106.35
CA ILE E 1653 13.60 -62.44 106.51
C ILE E 1653 12.53 -63.51 106.38
N LEU E 1654 12.78 -64.49 105.51
CA LEU E 1654 11.90 -65.65 105.36
C LEU E 1654 11.85 -66.47 106.65
N ALA E 1655 12.95 -66.47 107.41
CA ALA E 1655 12.96 -67.11 108.73
C ALA E 1655 12.01 -66.41 109.70
N ASP E 1656 12.28 -65.14 110.01
CA ASP E 1656 11.47 -64.42 110.98
C ASP E 1656 11.20 -63.00 110.50
N TYR E 1657 9.98 -62.54 110.75
CA TYR E 1657 9.58 -61.17 110.44
C TYR E 1657 8.73 -60.52 111.52
N ASP E 1658 8.18 -61.28 112.46
CA ASP E 1658 7.29 -60.73 113.48
C ASP E 1658 8.05 -59.82 114.44
N THR E 1659 9.21 -60.27 114.90
CA THR E 1659 10.09 -59.38 115.65
C THR E 1659 10.72 -58.34 114.75
N TRP E 1660 10.84 -58.64 113.45
CA TRP E 1660 11.47 -57.73 112.52
C TRP E 1660 10.51 -56.68 111.97
N LEU E 1661 9.20 -56.98 111.94
CA LEU E 1661 8.22 -55.92 111.76
C LEU E 1661 8.25 -54.97 112.94
N ARG E 1662 8.49 -55.50 114.14
CA ARG E 1662 8.68 -54.67 115.32
C ARG E 1662 9.98 -53.90 115.25
N GLU E 1663 11.02 -54.48 114.65
CA GLU E 1663 12.36 -53.91 114.70
C GLU E 1663 12.73 -53.12 113.44
N ARG E 1664 12.65 -53.74 112.26
CA ARG E 1664 13.23 -53.19 111.05
C ARG E 1664 12.21 -53.03 109.91
N PRO E 1665 11.21 -52.12 110.05
CA PRO E 1665 10.24 -51.96 108.95
C PRO E 1665 10.84 -51.33 107.70
N ARG E 1666 11.53 -50.19 107.86
CA ARG E 1666 12.14 -49.50 106.74
C ARG E 1666 13.28 -50.33 106.15
N GLU E 1667 14.09 -50.95 107.02
CA GLU E 1667 15.21 -51.76 106.59
C GLU E 1667 14.74 -52.99 105.81
N MET E 1668 13.71 -53.67 106.34
CA MET E 1668 13.22 -54.89 105.71
C MET E 1668 12.52 -54.58 104.38
N ALA E 1669 11.74 -53.49 104.34
CA ALA E 1669 11.14 -53.06 103.09
C ALA E 1669 12.20 -52.64 102.08
N ARG E 1670 13.28 -52.02 102.56
CA ARG E 1670 14.37 -51.63 101.68
C ARG E 1670 15.06 -52.84 101.07
N THR E 1671 15.31 -53.87 101.89
CA THR E 1671 15.99 -55.07 101.40
C THR E 1671 15.12 -55.83 100.40
N VAL E 1672 13.82 -55.98 100.70
CA VAL E 1672 12.98 -56.70 99.74
C VAL E 1672 12.75 -55.85 98.50
N PHE E 1673 12.83 -54.52 98.62
CA PHE E 1673 12.70 -53.65 97.46
C PHE E 1673 13.90 -53.75 96.55
N ILE E 1674 15.11 -53.72 97.11
CA ILE E 1674 16.29 -53.81 96.27
C ILE E 1674 16.44 -55.21 95.70
N GLU E 1675 15.96 -56.23 96.41
CA GLU E 1675 16.02 -57.59 95.89
C GLU E 1675 15.07 -57.77 94.71
N LEU E 1676 13.81 -57.38 94.89
CA LEU E 1676 12.82 -57.46 93.83
C LEU E 1676 13.10 -56.50 92.68
N LEU E 1677 13.84 -55.42 92.93
CA LEU E 1677 14.23 -54.53 91.84
C LEU E 1677 15.45 -55.04 91.10
N ALA E 1678 16.30 -55.83 91.76
CA ALA E 1678 17.46 -56.39 91.08
C ALA E 1678 17.11 -57.62 90.25
N TRP E 1679 16.18 -58.45 90.72
CA TRP E 1679 15.95 -59.71 90.01
C TRP E 1679 15.14 -59.56 88.72
N GLN E 1680 14.48 -58.44 88.49
CA GLN E 1680 13.73 -58.28 87.26
C GLN E 1680 14.61 -58.06 86.04
N PHE E 1681 15.90 -57.84 86.25
CA PHE E 1681 16.87 -57.79 85.17
C PHE E 1681 17.00 -59.15 84.48
N ALA E 1682 16.75 -60.24 85.20
CA ALA E 1682 16.83 -61.58 84.63
C ALA E 1682 15.55 -62.39 84.79
N SER E 1683 14.50 -61.81 85.36
CA SER E 1683 13.27 -62.59 85.39
C SER E 1683 12.28 -62.09 84.36
N PRO E 1684 11.49 -62.98 83.75
CA PRO E 1684 10.52 -62.55 82.75
C PRO E 1684 9.36 -61.78 83.37
N VAL E 1685 8.67 -61.03 82.54
CA VAL E 1685 7.57 -60.20 83.00
C VAL E 1685 6.28 -61.00 82.95
N ARG E 1686 5.28 -60.51 83.67
CA ARG E 1686 3.95 -61.13 83.73
C ARG E 1686 2.90 -60.07 83.41
N TRP E 1687 3.12 -59.37 82.30
CA TRP E 1687 2.38 -58.15 81.98
C TRP E 1687 0.92 -58.44 81.65
N ILE E 1688 0.62 -59.65 81.16
CA ILE E 1688 -0.77 -60.06 80.99
C ILE E 1688 -1.48 -60.11 82.33
N GLU E 1689 -0.82 -60.68 83.34
CA GLU E 1689 -1.45 -60.75 84.65
C GLU E 1689 -1.47 -59.38 85.33
N THR E 1690 -0.53 -58.49 85.00
CA THR E 1690 -0.65 -57.11 85.50
C THR E 1690 -1.88 -56.42 84.92
N GLN E 1691 -2.11 -56.58 83.61
CA GLN E 1691 -3.29 -56.00 83.00
C GLN E 1691 -4.59 -56.61 83.54
N ASP E 1692 -4.58 -57.92 83.85
CA ASP E 1692 -5.76 -58.51 84.46
C ASP E 1692 -5.98 -58.00 85.87
N LEU E 1693 -4.90 -57.82 86.63
CA LEU E 1693 -4.99 -57.28 87.98
C LEU E 1693 -5.43 -55.82 87.96
N LEU E 1694 -5.17 -55.10 86.87
CA LEU E 1694 -5.65 -53.74 86.74
C LEU E 1694 -7.05 -53.63 86.17
N PHE E 1695 -7.53 -54.64 85.47
CA PHE E 1695 -8.82 -54.49 84.79
C PHE E 1695 -9.96 -55.25 85.45
N ILE E 1696 -9.67 -56.28 86.24
CA ILE E 1696 -10.73 -56.97 86.96
C ILE E 1696 -11.13 -56.14 88.16
N GLU E 1697 -12.44 -55.98 88.36
CA GLU E 1697 -13.00 -54.97 89.26
C GLU E 1697 -12.74 -55.32 90.73
N GLU E 1698 -13.22 -54.44 91.60
CA GLU E 1698 -12.91 -54.54 93.03
C GLU E 1698 -13.63 -55.72 93.67
N ALA E 1699 -14.93 -55.83 93.44
CA ALA E 1699 -15.60 -57.11 93.66
C ALA E 1699 -15.03 -58.13 92.69
N ALA E 1700 -15.00 -59.40 93.13
CA ALA E 1700 -14.20 -60.45 92.51
C ALA E 1700 -12.74 -60.01 92.40
N GLY E 1701 -12.11 -59.96 93.58
CA GLY E 1701 -10.94 -59.16 93.91
C GLY E 1701 -9.83 -58.93 92.90
N GLY E 1702 -9.55 -57.64 92.70
CA GLY E 1702 -8.58 -57.16 91.74
C GLY E 1702 -8.70 -55.65 91.74
N LEU E 1703 -7.64 -54.93 91.37
CA LEU E 1703 -7.70 -53.48 91.45
C LEU E 1703 -8.56 -52.93 90.31
N GLY E 1704 -9.71 -52.38 90.65
CA GLY E 1704 -10.57 -51.81 89.64
C GLY E 1704 -10.26 -50.34 89.41
N VAL E 1705 -9.73 -50.01 88.24
CA VAL E 1705 -9.31 -48.66 87.93
C VAL E 1705 -10.22 -48.10 86.85
N GLU E 1706 -10.13 -46.78 86.66
CA GLU E 1706 -10.97 -46.09 85.68
C GLU E 1706 -10.20 -45.60 84.47
N ARG E 1707 -9.15 -44.81 84.66
CA ARG E 1707 -8.33 -44.38 83.54
C ARG E 1707 -7.02 -45.13 83.53
N PHE E 1708 -6.57 -45.47 82.33
CA PHE E 1708 -5.29 -46.12 82.11
C PHE E 1708 -4.54 -45.21 81.14
N VAL E 1709 -3.69 -44.34 81.68
CA VAL E 1709 -2.94 -43.40 80.86
C VAL E 1709 -1.48 -43.85 80.84
N GLU E 1710 -0.94 -43.98 79.64
CA GLU E 1710 0.47 -44.33 79.47
C GLU E 1710 1.23 -43.12 78.94
N ILE E 1711 2.43 -42.93 79.44
CA ILE E 1711 3.21 -41.73 79.19
C ILE E 1711 4.32 -42.11 78.23
N GLY E 1712 4.04 -41.94 76.94
CA GLY E 1712 5.01 -42.20 75.89
C GLY E 1712 4.63 -41.36 74.69
N VAL E 1713 5.48 -41.39 73.67
CA VAL E 1713 5.32 -40.51 72.52
C VAL E 1713 4.20 -41.04 71.63
N LYS E 1714 3.73 -40.20 70.71
CA LYS E 1714 2.62 -40.56 69.84
C LYS E 1714 3.05 -41.24 68.56
N SER E 1715 4.35 -41.33 68.29
CA SER E 1715 4.79 -42.02 67.09
C SER E 1715 4.68 -43.53 67.23
N SER E 1716 4.64 -44.07 68.44
CA SER E 1716 4.47 -45.50 68.67
C SER E 1716 3.87 -45.74 70.05
N PRO E 1717 2.54 -45.63 70.17
CA PRO E 1717 1.89 -45.89 71.48
C PRO E 1717 1.66 -47.38 71.72
N THR E 1718 2.73 -48.07 72.10
CA THR E 1718 2.71 -49.52 72.17
C THR E 1718 1.89 -50.02 73.35
N VAL E 1719 2.09 -49.44 74.54
CA VAL E 1719 1.37 -49.89 75.72
C VAL E 1719 -0.10 -49.53 75.61
N ALA E 1720 -0.41 -48.40 74.97
CA ALA E 1720 -1.81 -48.05 74.72
C ALA E 1720 -2.45 -49.00 73.71
N GLY E 1721 -1.67 -49.46 72.72
CA GLY E 1721 -2.18 -50.45 71.80
C GLY E 1721 -2.48 -51.77 72.48
N LEU E 1722 -1.59 -52.21 73.37
CA LEU E 1722 -1.84 -53.42 74.15
C LEU E 1722 -3.04 -53.27 75.07
N ALA E 1723 -3.23 -52.06 75.62
CA ALA E 1723 -4.38 -51.81 76.49
C ALA E 1723 -5.69 -51.90 75.72
N THR E 1724 -5.75 -51.26 74.55
CA THR E 1724 -6.96 -51.32 73.74
C THR E 1724 -7.23 -52.72 73.22
N ASN E 1725 -6.18 -53.50 72.93
CA ASN E 1725 -6.38 -54.86 72.49
C ASN E 1725 -6.91 -55.74 73.62
N THR E 1726 -6.41 -55.54 74.85
CA THR E 1726 -6.91 -56.30 75.98
C THR E 1726 -8.35 -55.89 76.31
N LEU E 1727 -8.71 -54.62 76.08
CA LEU E 1727 -10.09 -54.20 76.28
C LEU E 1727 -11.02 -54.82 75.25
N LYS E 1728 -10.61 -54.83 73.97
CA LYS E 1728 -11.46 -55.39 72.94
C LYS E 1728 -11.40 -56.91 72.88
N LEU E 1729 -10.58 -57.54 73.71
CA LEU E 1729 -10.62 -58.98 73.85
C LEU E 1729 -11.97 -59.40 74.44
N PRO E 1730 -12.59 -60.47 73.94
CA PRO E 1730 -13.99 -60.77 74.28
C PRO E 1730 -14.21 -61.38 75.65
N GLU E 1731 -13.24 -61.34 76.58
CA GLU E 1731 -13.55 -61.75 77.95
C GLU E 1731 -14.44 -60.71 78.62
N TYR E 1732 -14.38 -59.46 78.16
CA TYR E 1732 -15.21 -58.39 78.69
C TYR E 1732 -15.38 -57.35 77.60
N ALA E 1733 -16.61 -56.90 77.41
CA ALA E 1733 -16.92 -55.87 76.42
C ALA E 1733 -17.68 -54.71 77.02
N HIS E 1734 -17.94 -54.75 78.32
CA HIS E 1734 -18.70 -53.72 79.00
C HIS E 1734 -17.85 -52.86 79.93
N SER E 1735 -16.59 -53.22 80.15
CA SER E 1735 -15.74 -52.48 81.07
C SER E 1735 -15.34 -51.15 80.45
N THR E 1736 -15.76 -50.06 81.10
CA THR E 1736 -15.45 -48.71 80.64
C THR E 1736 -14.15 -48.25 81.31
N VAL E 1737 -13.03 -48.62 80.72
CA VAL E 1737 -11.72 -48.20 81.18
C VAL E 1737 -11.13 -47.30 80.12
N GLU E 1738 -11.10 -46.00 80.40
CA GLU E 1738 -10.66 -45.02 79.40
C GLU E 1738 -9.15 -45.05 79.29
N VAL E 1739 -8.65 -45.42 78.11
CA VAL E 1739 -7.21 -45.57 77.88
C VAL E 1739 -6.72 -44.34 77.15
N LEU E 1740 -5.72 -43.68 77.73
CA LEU E 1740 -5.14 -42.47 77.15
C LEU E 1740 -3.66 -42.67 76.88
N ASN E 1741 -3.21 -42.04 75.80
CA ASN E 1741 -1.80 -41.75 75.58
C ASN E 1741 -1.53 -40.34 76.06
N ALA E 1742 -0.33 -40.11 76.59
CA ALA E 1742 0.03 -38.76 77.02
C ALA E 1742 0.46 -37.87 75.86
N GLU E 1743 0.42 -38.35 74.63
CA GLU E 1743 0.71 -37.50 73.49
C GLU E 1743 -0.38 -37.51 72.43
N ARG E 1744 -1.04 -38.65 72.21
CA ARG E 1744 -2.19 -38.66 71.31
C ARG E 1744 -3.36 -37.92 71.95
N ASP E 1745 -3.58 -38.13 73.24
CA ASP E 1745 -4.76 -37.66 73.94
C ASP E 1745 -4.41 -36.52 74.90
N ALA E 1746 -3.54 -35.62 74.45
CA ALA E 1746 -3.06 -34.54 75.30
C ALA E 1746 -4.17 -33.56 75.64
N ALA E 1747 -5.07 -33.30 74.68
CA ALA E 1747 -6.14 -32.34 74.91
C ALA E 1747 -7.13 -32.86 75.95
N VAL E 1748 -7.52 -34.12 75.87
CA VAL E 1748 -8.46 -34.65 76.84
C VAL E 1748 -7.75 -35.02 78.13
N LEU E 1749 -6.43 -35.15 78.12
CA LEU E 1749 -5.72 -35.38 79.38
C LEU E 1749 -5.62 -34.09 80.18
N PHE E 1750 -5.17 -33.01 79.55
CA PHE E 1750 -5.12 -31.72 80.24
C PHE E 1750 -6.47 -31.02 80.29
N ALA E 1751 -7.51 -31.64 79.72
CA ALA E 1751 -8.90 -31.19 79.80
C ALA E 1751 -9.07 -29.82 79.18
N THR E 1752 -8.49 -29.63 78.00
CA THR E 1752 -8.55 -28.36 77.29
C THR E 1752 -9.14 -28.55 75.90
N ASP E 1753 -10.27 -29.25 75.80
CA ASP E 1753 -10.90 -29.57 74.54
C ASP E 1753 -12.35 -29.06 74.53
N THR E 1754 -12.79 -28.60 73.36
CA THR E 1754 -14.15 -28.15 73.15
C THR E 1754 -14.86 -29.07 72.18
N ASP E 1755 -16.09 -28.70 71.83
CA ASP E 1755 -16.89 -29.50 70.90
C ASP E 1755 -17.41 -28.64 69.75
N ALA E 1987 -21.97 -16.79 15.55
CA ALA E 1987 -21.39 -15.60 14.94
C ALA E 1987 -19.99 -15.33 15.48
N ALA E 1988 -19.14 -16.35 15.40
CA ALA E 1988 -17.75 -16.23 15.85
C ALA E 1988 -16.96 -15.42 14.84
N ALA E 1989 -16.58 -14.20 15.21
CA ALA E 1989 -15.91 -13.28 14.30
C ALA E 1989 -14.39 -13.33 14.43
N LEU E 1990 -13.87 -14.19 15.31
CA LEU E 1990 -12.44 -14.21 15.62
C LEU E 1990 -11.59 -14.60 14.41
N SER E 1991 -12.16 -15.38 13.49
CA SER E 1991 -11.45 -15.77 12.28
C SER E 1991 -11.14 -14.55 11.42
N GLU E 1992 -12.14 -13.70 11.16
CA GLU E 1992 -11.85 -12.53 10.34
C GLU E 1992 -11.10 -11.45 11.14
N PHE E 1993 -11.22 -11.43 12.47
CA PHE E 1993 -10.33 -10.59 13.28
C PHE E 1993 -8.87 -10.96 13.04
N THR E 1994 -8.54 -12.25 13.13
CA THR E 1994 -7.19 -12.71 12.82
C THR E 1994 -6.84 -12.49 11.36
N ASP E 1995 -7.82 -12.49 10.46
CA ASP E 1995 -7.54 -12.19 9.05
C ASP E 1995 -7.07 -10.75 8.87
N GLN E 1996 -7.76 -9.79 9.50
CA GLN E 1996 -7.31 -8.41 9.32
C GLN E 1996 -6.02 -8.14 10.08
N ILE E 1997 -5.79 -8.83 11.21
CA ILE E 1997 -4.51 -8.71 11.91
C ILE E 1997 -3.37 -9.30 11.09
N THR E 1998 -3.63 -10.42 10.41
CA THR E 1998 -2.60 -11.05 9.60
C THR E 1998 -2.29 -10.23 8.35
N GLY E 1999 -3.31 -9.61 7.74
CA GLY E 1999 -3.07 -8.72 6.61
C GLY E 1999 -2.32 -7.47 7.02
N ARG E 2000 -2.66 -6.93 8.19
CA ARG E 2000 -1.96 -5.77 8.74
C ARG E 2000 -0.49 -6.07 9.02
N GLU E 2001 -0.22 -7.22 9.66
CA GLU E 2001 1.16 -7.61 9.93
C GLU E 2001 1.89 -7.99 8.64
N GLY E 2002 1.15 -8.42 7.61
CA GLY E 2002 1.77 -8.64 6.32
C GLY E 2002 2.19 -7.35 5.65
N VAL E 2003 1.39 -6.30 5.81
CA VAL E 2003 1.81 -4.97 5.34
C VAL E 2003 3.05 -4.50 6.09
N LEU E 2004 3.10 -4.76 7.40
CA LEU E 2004 4.29 -4.47 8.20
C LEU E 2004 5.53 -5.20 7.67
N ALA E 2005 5.42 -6.51 7.48
CA ALA E 2005 6.55 -7.28 6.99
C ALA E 2005 6.89 -6.96 5.54
N SER E 2006 5.94 -6.43 4.78
CA SER E 2006 6.22 -5.98 3.43
C SER E 2006 7.11 -4.75 3.46
N ALA E 2007 6.77 -3.79 4.31
CA ALA E 2007 7.57 -2.57 4.39
C ALA E 2007 8.93 -2.85 5.00
N ALA E 2008 8.96 -3.61 6.11
CA ALA E 2008 10.01 -3.49 7.13
C ALA E 2008 11.41 -3.82 6.63
N ARG E 2009 11.53 -4.68 5.62
CA ARG E 2009 12.85 -5.10 5.18
C ARG E 2009 13.43 -4.25 4.06
N LEU E 2010 12.60 -3.59 3.25
CA LEU E 2010 13.16 -2.71 2.23
C LEU E 2010 13.14 -1.25 2.67
N VAL E 2011 12.36 -0.90 3.69
CA VAL E 2011 12.44 0.46 4.22
C VAL E 2011 13.70 0.73 5.01
N LEU E 2012 14.52 -0.29 5.26
CA LEU E 2012 15.75 -0.25 6.06
C LEU E 2012 15.55 0.44 7.42
N GLY E 2013 14.38 0.23 8.01
CA GLY E 2013 14.17 0.64 9.38
C GLY E 2013 14.59 -0.48 10.30
N GLN E 2014 15.81 -0.41 10.81
CA GLN E 2014 16.39 -1.52 11.55
C GLN E 2014 15.80 -1.59 12.95
N LEU E 2015 15.27 -2.75 13.31
CA LEU E 2015 14.67 -2.99 14.60
C LEU E 2015 15.40 -4.12 15.29
N GLY E 2016 15.23 -4.20 16.61
CA GLY E 2016 15.97 -5.18 17.39
C GLY E 2016 17.42 -4.83 17.59
N LEU E 2017 17.77 -3.54 17.53
CA LEU E 2017 19.14 -3.09 17.74
C LEU E 2017 19.49 -2.96 19.23
N ASP E 2018 18.53 -3.20 20.11
CA ASP E 2018 18.76 -3.19 21.55
C ASP E 2018 19.14 -4.58 22.04
N ASP E 2019 19.73 -4.61 23.24
CA ASP E 2019 20.15 -5.85 23.86
C ASP E 2019 19.91 -5.73 25.36
N PRO E 2020 19.41 -6.77 26.02
CA PRO E 2020 19.33 -6.74 27.48
C PRO E 2020 20.71 -6.88 28.11
N VAL E 2021 21.23 -5.76 28.61
CA VAL E 2021 22.60 -5.73 29.13
C VAL E 2021 22.62 -5.83 30.65
N ASN E 2022 21.58 -5.29 31.32
CA ASN E 2022 21.59 -4.97 32.74
C ASN E 2022 21.84 -6.16 33.66
N ALA E 2023 21.55 -7.38 33.21
CA ALA E 2023 21.82 -8.54 34.05
C ALA E 2023 23.31 -8.87 34.11
N LEU E 2024 24.08 -8.42 33.13
CA LEU E 2024 25.50 -8.75 33.06
C LEU E 2024 26.36 -8.00 34.10
N PRO E 2025 26.27 -6.66 34.29
CA PRO E 2025 27.07 -6.07 35.37
C PRO E 2025 26.46 -6.23 36.75
N ALA E 2026 25.21 -6.69 36.84
CA ALA E 2026 24.56 -6.82 38.14
C ALA E 2026 25.13 -7.96 38.97
N ALA E 2027 25.75 -8.95 38.33
CA ALA E 2027 26.35 -10.07 39.07
C ALA E 2027 27.70 -9.73 39.71
N PRO E 2028 28.67 -9.03 39.07
CA PRO E 2028 29.85 -8.62 39.84
C PRO E 2028 29.58 -7.56 40.88
N ASP E 2029 28.51 -6.77 40.73
CA ASP E 2029 28.12 -5.85 41.77
C ASP E 2029 27.68 -6.60 43.02
N SER E 2030 26.81 -7.59 42.84
CA SER E 2030 26.39 -8.45 43.94
C SER E 2030 27.57 -9.21 44.52
N GLU E 2031 28.51 -9.62 43.65
CA GLU E 2031 29.72 -10.31 44.09
C GLU E 2031 30.58 -9.42 44.98
N LEU E 2032 30.77 -8.17 44.60
CA LEU E 2032 31.62 -7.31 45.39
C LEU E 2032 30.94 -6.92 46.69
N ILE E 2033 29.62 -6.68 46.66
CA ILE E 2033 28.99 -6.24 47.89
C ILE E 2033 28.84 -7.39 48.88
N ASP E 2034 28.60 -8.62 48.41
CA ASP E 2034 28.57 -9.68 49.42
C ASP E 2034 29.96 -10.18 49.76
N LEU E 2035 30.97 -9.87 48.94
CA LEU E 2035 32.35 -10.01 49.37
C LEU E 2035 32.63 -9.10 50.57
N VAL E 2036 32.26 -7.83 50.45
CA VAL E 2036 32.46 -6.90 51.56
C VAL E 2036 31.57 -7.27 52.75
N THR E 2037 30.39 -7.83 52.49
CA THR E 2037 29.50 -8.29 53.55
C THR E 2037 30.11 -9.46 54.31
N ALA E 2038 30.75 -10.39 53.60
CA ALA E 2038 31.36 -11.53 54.28
C ALA E 2038 32.64 -11.14 54.98
N GLU E 2039 33.42 -10.22 54.40
CA GLU E 2039 34.70 -9.88 54.99
C GLU E 2039 34.55 -8.87 56.12
N LEU E 2040 34.06 -7.68 55.82
CA LEU E 2040 34.05 -6.59 56.79
C LEU E 2040 32.75 -6.55 57.60
N GLY E 2041 31.62 -6.40 56.94
CA GLY E 2041 30.37 -6.32 57.65
C GLY E 2041 29.26 -5.92 56.69
N ALA E 2042 28.03 -6.01 57.20
CA ALA E 2042 26.90 -5.64 56.38
C ALA E 2042 26.76 -4.13 56.27
N ASP E 2043 27.01 -3.43 57.36
CA ASP E 2043 26.81 -1.99 57.45
C ASP E 2043 28.10 -1.21 57.24
N TRP E 2044 29.05 -1.78 56.50
CA TRP E 2044 30.33 -1.13 56.27
C TRP E 2044 30.26 0.21 55.55
N PRO E 2045 29.51 0.39 54.44
CA PRO E 2045 29.53 1.72 53.81
C PRO E 2045 28.90 2.82 54.65
N ARG E 2046 27.89 2.51 55.44
CA ARG E 2046 27.35 3.55 56.30
C ARG E 2046 28.21 3.77 57.55
N LEU E 2047 28.96 2.76 58.00
CA LEU E 2047 29.94 3.06 59.04
C LEU E 2047 31.14 3.82 58.54
N VAL E 2048 31.47 3.75 57.25
CA VAL E 2048 32.70 4.34 56.76
C VAL E 2048 32.46 5.57 55.88
N ALA E 2049 31.19 5.94 55.66
CA ALA E 2049 30.85 6.94 54.65
C ALA E 2049 31.38 8.32 55.04
N PRO E 2050 31.86 9.09 54.06
CA PRO E 2050 32.45 10.39 54.39
C PRO E 2050 31.39 11.43 54.72
N VAL E 2051 31.70 12.26 55.71
CA VAL E 2051 30.79 13.27 56.20
C VAL E 2051 31.29 14.68 55.89
N PHE E 2052 32.60 14.88 55.81
CA PHE E 2052 33.20 16.20 55.83
C PHE E 2052 32.87 17.01 54.58
N ASP E 2053 32.59 18.29 54.79
CA ASP E 2053 32.31 19.23 53.74
C ASP E 2053 32.74 20.61 54.23
N PRO E 2054 33.58 21.33 53.50
CA PRO E 2054 34.15 22.58 54.02
C PRO E 2054 33.19 23.76 54.01
N LYS E 2055 32.00 23.61 53.44
CA LYS E 2055 31.03 24.69 53.49
C LYS E 2055 30.31 24.77 54.83
N LYS E 2056 30.42 23.74 55.65
CA LYS E 2056 29.66 23.66 56.89
C LYS E 2056 30.52 23.93 58.12
N ALA E 2057 31.66 24.60 57.95
CA ALA E 2057 32.50 24.93 59.09
C ALA E 2057 31.93 26.14 59.82
N VAL E 2058 31.97 26.10 61.14
CA VAL E 2058 31.36 27.14 61.95
C VAL E 2058 32.43 27.82 62.80
N VAL E 2059 32.46 29.15 62.76
CA VAL E 2059 33.44 29.97 63.45
C VAL E 2059 32.75 30.67 64.62
N PHE E 2060 33.39 30.69 65.79
CA PHE E 2060 32.81 31.27 66.99
C PHE E 2060 33.74 32.28 67.63
N ASP E 2061 34.20 33.29 66.90
CA ASP E 2061 35.17 34.23 67.44
C ASP E 2061 34.61 35.58 67.85
N ASP E 2062 33.40 35.64 68.40
CA ASP E 2062 32.83 36.89 68.89
C ASP E 2062 32.87 36.92 70.42
N ARG E 2063 33.75 37.74 70.98
CA ARG E 2063 33.77 37.85 72.42
C ARG E 2063 33.37 39.23 72.93
N TRP E 2064 33.63 40.28 72.14
CA TRP E 2064 33.26 41.63 72.57
C TRP E 2064 31.75 41.79 72.74
N ALA E 2065 30.97 41.16 71.87
CA ALA E 2065 29.53 41.31 71.93
C ALA E 2065 28.95 40.61 73.15
N SER E 2066 29.39 39.37 73.39
CA SER E 2066 28.93 38.65 74.57
C SER E 2066 29.47 39.29 75.84
N ALA E 2067 30.60 39.99 75.77
CA ALA E 2067 31.08 40.72 76.93
C ALA E 2067 30.17 41.87 77.29
N ARG E 2068 29.69 42.61 76.27
CA ARG E 2068 28.77 43.71 76.54
C ARG E 2068 27.46 43.22 77.11
N GLU E 2069 26.93 42.12 76.57
CA GLU E 2069 25.69 41.57 77.09
C GLU E 2069 25.86 41.03 78.52
N ASP E 2070 27.04 40.48 78.84
CA ASP E 2070 27.27 40.03 80.19
C ASP E 2070 27.41 41.19 81.17
N LEU E 2071 27.96 42.32 80.71
CA LEU E 2071 27.94 43.54 81.51
C LEU E 2071 26.53 43.97 81.83
N VAL E 2072 25.61 43.80 80.90
CA VAL E 2072 24.21 44.15 81.17
C VAL E 2072 23.60 43.20 82.20
N LYS E 2073 23.77 41.90 82.02
CA LYS E 2073 23.11 41.00 82.95
C LYS E 2073 23.78 40.93 84.32
N LEU E 2074 25.01 41.44 84.46
CA LEU E 2074 25.53 41.68 85.81
C LEU E 2074 24.78 42.80 86.50
N TRP E 2075 24.31 43.80 85.76
CA TRP E 2075 23.46 44.81 86.40
C TRP E 2075 22.10 44.23 86.73
N LEU E 2076 21.60 43.33 85.89
CA LEU E 2076 20.29 42.76 86.19
C LEU E 2076 20.31 41.80 87.37
N THR E 2077 21.39 41.05 87.58
CA THR E 2077 21.44 40.20 88.76
C THR E 2077 21.64 41.05 90.00
N ASP E 2078 21.07 40.59 91.11
CA ASP E 2078 21.09 41.38 92.32
C ASP E 2078 22.47 41.37 92.98
N GLU E 2079 22.63 42.23 93.99
CA GLU E 2079 23.92 42.36 94.64
C GLU E 2079 24.21 41.23 95.61
N GLY E 2080 23.21 40.43 95.98
CA GLY E 2080 23.44 39.37 96.94
C GLY E 2080 24.24 38.21 96.38
N ASP E 2081 24.19 38.01 95.06
CA ASP E 2081 24.83 36.87 94.43
C ASP E 2081 26.10 37.25 93.70
N ILE E 2082 26.70 38.39 94.05
CA ILE E 2082 27.94 38.80 93.40
C ILE E 2082 29.14 38.25 94.16
N ASP E 2083 29.04 38.19 95.49
CA ASP E 2083 30.13 37.67 96.31
C ASP E 2083 30.31 36.16 96.13
N ALA E 2084 29.30 35.45 95.66
CA ALA E 2084 29.45 34.03 95.38
C ALA E 2084 30.37 33.77 94.21
N ASP E 2085 30.53 34.73 93.30
CA ASP E 2085 31.36 34.57 92.12
C ASP E 2085 32.31 35.75 91.93
N TRP E 2086 32.64 36.44 93.03
CA TRP E 2086 33.47 37.64 92.96
C TRP E 2086 34.84 37.51 92.29
N PRO E 2087 35.63 36.43 92.47
CA PRO E 2087 36.86 36.35 91.65
C PRO E 2087 36.58 35.97 90.20
N ARG E 2088 35.62 35.07 90.00
CA ARG E 2088 35.33 34.56 88.66
C ARG E 2088 34.75 35.64 87.77
N LEU E 2089 33.81 36.42 88.30
CA LEU E 2089 33.26 37.53 87.53
C LEU E 2089 34.28 38.63 87.32
N ALA E 2090 35.26 38.73 88.21
CA ALA E 2090 36.33 39.69 88.01
C ALA E 2090 37.29 39.23 86.92
N GLU E 2091 37.41 37.93 86.72
CA GLU E 2091 38.41 37.42 85.79
C GLU E 2091 37.86 36.98 84.46
N ARG E 2092 36.54 36.94 84.28
CA ARG E 2092 36.01 36.63 82.96
C ARG E 2092 36.34 37.72 81.95
N PHE E 2093 36.28 38.99 82.37
CA PHE E 2093 36.48 40.09 81.43
C PHE E 2093 37.93 40.52 81.38
N GLU E 2094 38.87 39.59 81.24
CA GLU E 2094 40.27 40.02 81.25
C GLU E 2094 40.70 40.43 79.85
N GLY E 2095 40.56 39.52 78.90
CA GLY E 2095 40.80 39.91 77.53
C GLY E 2095 39.53 40.42 76.90
N ALA E 2096 39.38 41.73 76.85
CA ALA E 2096 38.28 42.35 76.13
C ALA E 2096 38.82 43.67 75.58
N GLY E 2097 37.94 44.51 75.09
CA GLY E 2097 38.34 45.66 74.33
C GLY E 2097 38.28 46.98 75.09
N HIS E 2098 38.77 48.01 74.39
CA HIS E 2098 38.66 49.38 74.87
C HIS E 2098 37.20 49.79 75.03
N VAL E 2099 36.33 49.27 74.16
CA VAL E 2099 34.91 49.57 74.22
C VAL E 2099 34.30 48.97 75.47
N VAL E 2100 34.67 47.74 75.80
CA VAL E 2100 34.18 47.09 77.00
C VAL E 2100 34.70 47.79 78.24
N ALA E 2101 35.93 48.33 78.17
CA ALA E 2101 36.46 49.12 79.27
C ALA E 2101 35.63 50.39 79.49
N THR E 2102 35.31 51.11 78.42
CA THR E 2102 34.57 52.36 78.57
C THR E 2102 33.13 52.11 79.02
N GLN E 2103 32.52 51.04 78.54
CA GLN E 2103 31.17 50.73 78.99
C GLN E 2103 31.17 50.25 80.44
N ALA E 2104 32.26 49.60 80.86
CA ALA E 2104 32.38 49.22 82.26
C ALA E 2104 32.51 50.46 83.14
N THR E 2105 33.21 51.48 82.67
CA THR E 2105 33.26 52.72 83.44
C THR E 2105 31.91 53.44 83.47
N TRP E 2106 31.13 53.32 82.39
CA TRP E 2106 29.78 53.91 82.40
C TRP E 2106 28.89 53.21 83.42
N TRP E 2107 28.93 51.88 83.45
CA TRP E 2107 28.15 51.14 84.45
C TRP E 2107 28.66 51.40 85.85
N GLN E 2108 29.96 51.66 86.01
CA GLN E 2108 30.49 52.02 87.32
C GLN E 2108 29.93 53.35 87.79
N GLY E 2109 29.90 54.34 86.88
CA GLY E 2109 29.32 55.63 87.24
C GLY E 2109 27.85 55.56 87.58
N LYS E 2110 27.09 54.75 86.83
CA LYS E 2110 25.68 54.60 87.16
C LYS E 2110 25.48 53.82 88.45
N SER E 2111 26.37 52.87 88.75
CA SER E 2111 26.27 52.15 90.01
C SER E 2111 26.62 53.03 91.19
N LEU E 2112 27.56 53.96 91.02
CA LEU E 2112 27.85 54.92 92.07
C LEU E 2112 26.68 55.87 92.28
N ALA E 2113 26.02 56.27 91.21
CA ALA E 2113 24.86 57.15 91.34
C ALA E 2113 23.69 56.44 92.01
N ALA E 2114 23.49 55.17 91.70
CA ALA E 2114 22.38 54.44 92.29
C ALA E 2114 22.67 54.00 93.71
N GLY E 2115 23.94 53.77 94.04
CA GLY E 2115 24.27 53.33 95.38
C GLY E 2115 24.42 51.83 95.50
N ARG E 2116 25.06 51.21 94.53
CA ARG E 2116 25.38 49.78 94.60
C ARG E 2116 26.89 49.65 94.73
N GLN E 2117 27.36 49.57 95.98
CA GLN E 2117 28.78 49.67 96.28
C GLN E 2117 29.55 48.44 95.82
N ILE E 2118 28.90 47.28 95.83
CA ILE E 2118 29.55 46.07 95.34
C ILE E 2118 29.70 46.14 93.84
N HIS E 2119 28.64 46.53 93.15
CA HIS E 2119 28.65 46.63 91.70
C HIS E 2119 29.64 47.67 91.21
N ALA E 2120 29.81 48.77 91.93
CA ALA E 2120 30.72 49.83 91.50
C ALA E 2120 32.16 49.35 91.48
N SER E 2121 32.58 48.68 92.56
CA SER E 2121 33.92 48.11 92.61
C SER E 2121 34.07 46.98 91.61
N LEU E 2122 32.99 46.23 91.35
CA LEU E 2122 33.06 45.15 90.37
C LEU E 2122 33.30 45.69 88.97
N TYR E 2123 32.58 46.75 88.57
CA TYR E 2123 32.78 47.29 87.23
C TYR E 2123 34.12 48.01 87.12
N GLY E 2124 34.61 48.61 88.20
CA GLY E 2124 35.95 49.15 88.17
C GLY E 2124 37.02 48.09 87.97
N ARG E 2125 36.84 46.95 88.64
CA ARG E 2125 37.74 45.81 88.45
C ARG E 2125 37.66 45.26 87.03
N ILE E 2126 36.45 45.22 86.47
CA ILE E 2126 36.26 44.71 85.11
C ILE E 2126 36.94 45.62 84.09
N ALA E 2127 36.83 46.93 84.27
CA ALA E 2127 37.48 47.86 83.35
C ALA E 2127 39.00 47.76 83.44
N ALA E 2128 39.52 47.70 84.67
CA ALA E 2128 40.96 47.58 84.87
C ALA E 2128 41.51 46.29 84.29
N GLY E 2129 40.73 45.20 84.39
CA GLY E 2129 41.17 43.95 83.82
C GLY E 2129 41.09 43.93 82.31
N ALA E 2130 40.02 44.51 81.76
CA ALA E 2130 39.80 44.47 80.31
C ALA E 2130 40.74 45.38 79.56
N GLU E 2131 41.37 46.34 80.23
CA GLU E 2131 42.39 47.15 79.57
C GLU E 2131 43.62 46.34 79.15
N ASN E 2132 43.93 45.24 79.85
CA ASN E 2132 45.26 44.62 79.76
C ASN E 2132 45.48 43.91 78.43
N PRO E 2133 46.60 44.18 77.74
CA PRO E 2133 46.77 43.72 76.37
C PRO E 2133 47.49 42.39 76.18
N GLU E 2134 48.02 41.79 77.24
CA GLU E 2134 49.00 40.72 77.07
C GLU E 2134 48.32 39.41 76.67
N PRO E 2135 48.94 38.62 75.79
CA PRO E 2135 48.36 37.34 75.40
C PRO E 2135 48.56 36.28 76.47
N GLY E 2136 47.65 35.32 76.48
CA GLY E 2136 47.49 34.43 77.62
C GLY E 2136 48.50 33.31 77.73
N ARG E 2137 48.10 32.29 78.49
CA ARG E 2137 48.87 31.06 78.58
C ARG E 2137 49.04 30.43 77.21
N TYR E 2138 47.92 30.16 76.56
CA TYR E 2138 47.90 29.38 75.33
C TYR E 2138 47.75 30.38 74.19
N GLY E 2139 48.83 31.12 73.92
CA GLY E 2139 48.82 32.10 72.86
C GLY E 2139 49.33 31.46 71.58
N GLY E 2140 48.46 31.45 70.57
CA GLY E 2140 48.85 30.93 69.28
C GLY E 2140 48.96 29.43 69.19
N GLU E 2141 48.57 28.72 70.23
CA GLU E 2141 48.61 27.26 70.21
C GLU E 2141 47.38 26.77 69.48
N VAL E 2142 47.51 26.58 68.17
CA VAL E 2142 46.42 26.07 67.36
C VAL E 2142 46.24 24.60 67.71
N ALA E 2143 45.19 24.30 68.47
CA ALA E 2143 44.97 22.94 68.92
C ALA E 2143 43.89 22.28 68.08
N VAL E 2144 43.95 20.96 68.00
CA VAL E 2144 42.94 20.18 67.28
C VAL E 2144 42.43 19.12 68.24
N VAL E 2145 41.17 19.20 68.60
CA VAL E 2145 40.58 18.28 69.57
C VAL E 2145 39.49 17.48 68.88
N THR E 2146 39.56 16.17 68.98
CA THR E 2146 38.60 15.30 68.33
C THR E 2146 37.74 14.59 69.37
N GLY E 2147 36.44 14.57 69.14
CA GLY E 2147 35.53 13.86 70.01
C GLY E 2147 35.25 14.58 71.31
N ALA E 2148 34.68 15.78 71.23
CA ALA E 2148 34.30 16.55 72.39
C ALA E 2148 32.78 16.63 72.42
N SER E 2149 32.17 15.79 73.25
CA SER E 2149 30.73 15.78 73.39
C SER E 2149 30.34 16.41 74.72
N LYS E 2150 29.05 16.41 75.02
CA LYS E 2150 28.55 17.06 76.22
C LYS E 2150 28.93 16.27 77.45
N GLY E 2151 29.57 16.93 78.40
CA GLY E 2151 30.01 16.29 79.62
C GLY E 2151 31.12 15.30 79.36
N SER E 2152 32.28 15.78 78.94
CA SER E 2152 33.37 14.90 78.59
C SER E 2152 34.69 15.58 78.85
N ILE E 2153 35.72 14.74 78.96
CA ILE E 2153 37.06 15.23 79.28
C ILE E 2153 37.61 16.08 78.13
N ALA E 2154 37.27 15.73 76.90
CA ALA E 2154 37.71 16.55 75.76
C ALA E 2154 37.01 17.89 75.76
N ALA E 2155 35.75 17.92 76.19
CA ALA E 2155 35.04 19.19 76.33
C ALA E 2155 35.68 20.06 77.39
N SER E 2156 36.12 19.47 78.50
CA SER E 2156 36.79 20.26 79.52
C SER E 2156 38.16 20.76 79.05
N VAL E 2157 38.84 19.97 78.22
CA VAL E 2157 40.10 20.42 77.64
C VAL E 2157 39.88 21.60 76.68
N VAL E 2158 38.81 21.52 75.88
CA VAL E 2158 38.46 22.63 74.99
C VAL E 2158 38.11 23.88 75.80
N ALA E 2159 37.42 23.69 76.92
CA ALA E 2159 37.06 24.81 77.78
C ALA E 2159 38.29 25.47 78.38
N ARG E 2160 39.26 24.67 78.83
CA ARG E 2160 40.44 25.28 79.43
C ARG E 2160 41.35 25.91 78.37
N LEU E 2161 41.37 25.36 77.15
CA LEU E 2161 42.15 25.98 76.09
C LEU E 2161 41.56 27.32 75.66
N LEU E 2162 40.23 27.40 75.57
CA LEU E 2162 39.58 28.67 75.28
C LEU E 2162 39.76 29.65 76.42
N ASP E 2163 39.83 29.14 77.65
CA ASP E 2163 40.06 29.98 78.81
C ASP E 2163 41.46 30.57 78.78
N GLY E 2164 42.42 29.80 78.29
CA GLY E 2164 43.76 30.32 78.08
C GLY E 2164 43.83 31.29 76.93
N GLY E 2165 42.98 31.10 75.91
CA GLY E 2165 43.00 32.01 74.79
C GLY E 2165 43.58 31.41 73.53
N ALA E 2166 43.25 30.17 73.26
CA ALA E 2166 43.83 29.44 72.16
C ALA E 2166 42.93 29.47 70.94
N THR E 2167 43.37 28.80 69.89
CA THR E 2167 42.58 28.63 68.68
C THR E 2167 42.30 27.14 68.58
N VAL E 2168 41.11 26.75 68.96
CA VAL E 2168 40.73 25.35 69.05
C VAL E 2168 40.00 24.98 67.78
N ILE E 2169 40.29 23.81 67.23
CA ILE E 2169 39.55 23.25 66.11
C ILE E 2169 38.96 21.94 66.59
N ALA E 2170 37.65 21.92 66.80
CA ALA E 2170 36.98 20.76 67.34
C ALA E 2170 36.25 20.02 66.23
N THR E 2171 36.41 18.71 66.20
CA THR E 2171 35.67 17.92 65.24
C THR E 2171 34.51 17.22 65.94
N THR E 2172 33.44 16.98 65.19
CA THR E 2172 32.29 16.29 65.76
C THR E 2172 31.59 15.50 64.66
N SER E 2173 30.66 14.65 65.08
CA SER E 2173 30.06 13.69 64.16
C SER E 2173 29.00 14.34 63.29
N LYS E 2174 27.92 14.81 63.90
CA LYS E 2174 26.83 15.46 63.19
C LYS E 2174 26.61 16.83 63.80
N LEU E 2175 26.38 17.83 62.96
CA LEU E 2175 26.27 19.21 63.40
C LEU E 2175 24.83 19.67 63.23
N ASP E 2176 24.10 19.76 64.34
CA ASP E 2176 22.70 20.18 64.30
C ASP E 2176 22.42 21.26 65.33
N GLU E 2177 21.13 21.54 65.58
CA GLU E 2177 20.73 22.66 66.42
C GLU E 2177 21.15 22.48 67.87
N GLU E 2178 21.01 21.26 68.41
CA GLU E 2178 21.37 21.00 69.81
C GLU E 2178 22.85 21.19 70.05
N ARG E 2179 23.67 20.57 69.21
CA ARG E 2179 25.11 20.69 69.39
C ARG E 2179 25.60 22.09 69.05
N LEU E 2180 24.95 22.77 68.11
CA LEU E 2180 25.33 24.13 67.81
C LEU E 2180 25.08 25.06 68.98
N ALA E 2181 23.94 24.89 69.65
CA ALA E 2181 23.66 25.64 70.86
C ALA E 2181 24.63 25.28 71.97
N PHE E 2182 25.00 24.01 72.06
CA PHE E 2182 25.94 23.57 73.08
C PHE E 2182 27.31 24.20 72.92
N TYR E 2183 27.87 24.15 71.71
CA TYR E 2183 29.19 24.73 71.50
C TYR E 2183 29.17 26.25 71.57
N ARG E 2184 28.06 26.88 71.20
CA ARG E 2184 27.98 28.33 71.31
C ARG E 2184 27.94 28.78 72.77
N THR E 2185 27.17 28.08 73.61
CA THR E 2185 27.18 28.42 75.03
C THR E 2185 28.51 28.06 75.69
N LEU E 2186 29.18 27.01 75.22
CA LEU E 2186 30.50 26.67 75.71
C LEU E 2186 31.50 27.79 75.45
N TYR E 2187 31.48 28.35 74.23
CA TYR E 2187 32.37 29.45 73.91
C TYR E 2187 32.04 30.68 74.73
N ARG E 2188 30.76 31.04 74.84
CA ARG E 2188 30.44 32.29 75.52
C ARG E 2188 30.59 32.16 77.03
N ASP E 2189 30.64 30.95 77.56
CA ASP E 2189 30.99 30.81 78.96
C ASP E 2189 32.49 30.90 79.18
N HIS E 2190 33.27 30.08 78.47
CA HIS E 2190 34.66 29.88 78.85
C HIS E 2190 35.65 30.66 78.01
N ALA E 2191 35.20 31.58 77.15
CA ALA E 2191 36.15 32.26 76.29
C ALA E 2191 36.89 33.34 77.05
N ARG E 2192 38.11 33.61 76.58
CA ARG E 2192 38.93 34.74 76.99
C ARG E 2192 39.77 35.19 75.81
N TYR E 2193 40.93 35.76 76.11
CA TYR E 2193 41.55 36.95 75.52
C TYR E 2193 41.37 37.11 74.01
N GLY E 2194 41.85 36.14 73.24
CA GLY E 2194 41.71 36.23 71.80
C GLY E 2194 41.30 34.88 71.25
N ALA E 2195 40.53 34.15 72.05
CA ALA E 2195 40.27 32.75 71.77
C ALA E 2195 39.30 32.60 70.62
N ALA E 2196 39.51 31.55 69.82
CA ALA E 2196 38.62 31.25 68.71
C ALA E 2196 38.34 29.77 68.67
N LEU E 2197 37.11 29.41 68.33
CA LEU E 2197 36.67 28.03 68.27
C LEU E 2197 36.10 27.76 66.90
N TRP E 2198 36.72 26.82 66.18
CA TRP E 2198 36.19 26.39 64.90
C TRP E 2198 35.64 24.99 65.03
N LEU E 2199 34.58 24.71 64.31
CA LEU E 2199 33.79 23.53 64.57
C LEU E 2199 33.46 22.88 63.24
N VAL E 2200 33.90 21.64 63.06
CA VAL E 2200 33.67 20.95 61.80
C VAL E 2200 33.03 19.60 62.05
N ALA E 2201 32.34 19.11 61.04
CA ALA E 2201 31.70 17.80 61.07
C ALA E 2201 32.55 16.84 60.26
N ALA E 2202 33.26 15.93 60.95
CA ALA E 2202 34.17 15.04 60.26
C ALA E 2202 34.10 13.66 60.89
N ASN E 2203 33.94 12.64 60.04
CA ASN E 2203 33.96 11.28 60.53
C ASN E 2203 35.40 10.88 60.82
N MET E 2204 35.63 10.37 62.02
CA MET E 2204 36.95 9.90 62.42
C MET E 2204 37.15 8.42 62.14
N ALA E 2205 36.52 7.90 61.10
CA ALA E 2205 36.75 6.55 60.63
C ALA E 2205 36.83 6.53 59.11
N SER E 2206 37.31 7.61 58.51
CA SER E 2206 37.43 7.70 57.06
C SER E 2206 38.71 8.42 56.71
N TYR E 2207 39.55 7.76 55.93
CA TYR E 2207 40.82 8.35 55.53
C TYR E 2207 40.61 9.51 54.58
N SER E 2208 39.52 9.47 53.80
CA SER E 2208 39.16 10.59 52.96
C SER E 2208 38.85 11.82 53.79
N ASP E 2209 38.15 11.62 54.92
CA ASP E 2209 37.83 12.74 55.78
C ASP E 2209 39.04 13.26 56.52
N VAL E 2210 39.96 12.36 56.89
CA VAL E 2210 41.18 12.82 57.56
C VAL E 2210 42.06 13.60 56.60
N ASP E 2211 42.17 13.15 55.35
CA ASP E 2211 42.94 13.90 54.36
C ASP E 2211 42.29 15.22 54.00
N ALA E 2212 40.97 15.25 53.89
CA ALA E 2212 40.29 16.50 53.61
C ALA E 2212 40.39 17.47 54.78
N LEU E 2213 40.39 16.94 56.00
CA LEU E 2213 40.49 17.76 57.18
C LEU E 2213 41.88 18.36 57.32
N VAL E 2214 42.92 17.60 56.96
CA VAL E 2214 44.25 18.19 57.07
C VAL E 2214 44.51 19.16 55.91
N GLU E 2215 43.90 18.94 54.74
CA GLU E 2215 43.99 19.95 53.69
C GLU E 2215 43.26 21.23 54.06
N TRP E 2216 42.13 21.10 54.75
CA TRP E 2216 41.38 22.28 55.17
C TRP E 2216 42.13 23.08 56.22
N ILE E 2217 42.70 22.40 57.22
CA ILE E 2217 43.53 23.09 58.21
C ILE E 2217 44.81 23.63 57.58
N GLY E 2218 45.22 23.07 56.45
CA GLY E 2218 46.41 23.52 55.79
C GLY E 2218 46.07 24.72 54.94
N THR E 2219 45.79 24.51 53.65
CA THR E 2219 45.52 25.62 52.75
C THR E 2219 44.24 26.36 53.17
N GLU E 2220 44.14 27.61 52.72
CA GLU E 2220 43.06 28.48 53.16
C GLU E 2220 41.74 28.06 52.55
N GLN E 2221 40.67 28.73 52.98
CA GLN E 2221 39.36 28.59 52.39
C GLN E 2221 38.85 29.99 52.08
N THR E 2222 38.77 30.33 50.79
CA THR E 2222 38.20 31.58 50.33
C THR E 2222 36.96 31.27 49.53
N GLU E 2223 35.81 31.65 50.06
CA GLU E 2223 34.55 31.49 49.35
C GLU E 2223 34.34 32.70 48.46
N SER E 2224 33.85 32.46 47.25
CA SER E 2224 33.54 33.52 46.31
C SER E 2224 32.10 33.39 45.88
N LEU E 2225 31.34 34.48 46.01
CA LEU E 2225 30.04 34.59 45.39
C LEU E 2225 30.23 35.13 43.97
N GLY E 2226 29.15 35.59 43.35
CA GLY E 2226 29.18 36.13 42.01
C GLY E 2226 30.13 37.29 41.76
N PRO E 2227 29.83 38.46 42.33
CA PRO E 2227 30.66 39.64 42.02
C PRO E 2227 32.01 39.67 42.72
N GLN E 2228 32.15 39.09 43.91
CA GLN E 2228 33.36 39.29 44.69
C GLN E 2228 33.66 38.03 45.48
N SER E 2229 34.66 38.11 46.36
CA SER E 2229 35.13 36.99 47.14
C SER E 2229 35.05 37.33 48.62
N ILE E 2230 35.10 36.31 49.46
CA ILE E 2230 35.03 36.45 50.91
C ILE E 2230 36.20 35.70 51.53
N HIS E 2231 36.99 36.39 52.33
CA HIS E 2231 38.10 35.76 53.05
C HIS E 2231 37.61 35.19 54.36
N ILE E 2232 37.85 33.89 54.56
CA ILE E 2232 37.31 33.16 55.71
C ILE E 2232 38.42 32.68 56.64
N LYS E 2233 39.30 31.82 56.14
CA LYS E 2233 40.30 31.14 56.94
C LYS E 2233 41.67 31.55 56.43
N ASP E 2234 42.52 32.05 57.32
CA ASP E 2234 43.79 32.60 56.87
C ASP E 2234 44.74 31.55 56.31
N ALA E 2235 45.35 30.78 57.22
CA ALA E 2235 46.12 29.55 57.02
C ALA E 2235 46.54 29.14 58.42
N GLN E 2236 46.61 27.86 58.74
CA GLN E 2236 46.92 27.49 60.11
C GLN E 2236 47.88 26.33 60.18
N THR E 2237 48.83 26.42 61.10
CA THR E 2237 49.77 25.34 61.40
C THR E 2237 49.61 24.98 62.87
N PRO E 2238 49.26 23.75 63.21
CA PRO E 2238 48.92 23.42 64.59
C PRO E 2238 50.15 23.25 65.47
N THR E 2239 49.89 23.16 66.76
CA THR E 2239 50.89 22.90 67.78
C THR E 2239 50.50 21.78 68.71
N LEU E 2240 49.23 21.69 69.07
CA LEU E 2240 48.73 20.63 69.94
C LEU E 2240 47.94 19.63 69.11
N LEU E 2241 47.52 18.55 69.77
CA LEU E 2241 46.67 17.52 69.16
C LEU E 2241 46.08 16.69 70.27
N PHE E 2242 44.78 16.45 70.26
CA PHE E 2242 44.09 15.75 71.34
C PHE E 2242 43.12 14.74 70.74
N PRO E 2243 43.56 13.51 70.54
CA PRO E 2243 42.71 12.47 69.93
C PRO E 2243 41.90 11.67 70.95
N PHE E 2244 40.80 12.27 71.41
CA PHE E 2244 39.91 11.62 72.35
C PHE E 2244 38.69 11.01 71.68
N ALA E 2245 38.87 10.48 70.47
CA ALA E 2245 37.76 10.09 69.61
C ALA E 2245 37.06 8.85 70.17
N ALA E 2246 35.85 9.05 70.67
CA ALA E 2246 35.00 7.92 71.05
C ALA E 2246 34.58 7.16 69.80
N PRO E 2247 34.76 5.83 69.76
CA PRO E 2247 34.55 5.09 68.49
C PRO E 2247 33.12 5.08 68.00
N ARG E 2248 32.20 4.55 68.80
CA ARG E 2248 30.80 4.37 68.40
C ARG E 2248 30.01 3.94 69.62
N VAL E 2249 28.79 4.46 69.75
CA VAL E 2249 27.85 3.97 70.75
C VAL E 2249 26.66 3.37 69.99
N VAL E 2250 26.78 2.10 69.63
CA VAL E 2250 25.74 1.28 69.02
C VAL E 2250 25.87 -0.10 69.62
N GLY E 2251 24.77 -0.66 70.12
CA GLY E 2251 24.81 -1.99 70.69
C GLY E 2251 23.64 -2.88 70.33
N ASP E 2252 22.81 -2.46 69.38
CA ASP E 2252 21.59 -3.15 69.02
C ASP E 2252 21.72 -3.89 67.69
N LEU E 2253 22.88 -4.49 67.42
CA LEU E 2253 23.11 -5.15 66.15
C LEU E 2253 23.75 -6.54 66.26
N SER E 2254 24.29 -6.91 67.43
CA SER E 2254 25.15 -8.09 67.61
C SER E 2254 26.32 -8.06 66.62
N GLU E 2255 27.16 -7.04 66.84
CA GLU E 2255 28.12 -6.54 65.87
C GLU E 2255 29.56 -6.78 66.28
N ALA E 2256 29.79 -7.55 67.35
CA ALA E 2256 31.05 -7.49 68.10
C ALA E 2256 32.25 -7.98 67.31
N GLY E 2257 32.04 -8.89 66.36
CA GLY E 2257 33.18 -9.42 65.60
C GLY E 2257 33.78 -8.38 64.67
N SER E 2258 32.95 -7.67 63.93
CA SER E 2258 33.43 -6.58 63.10
C SER E 2258 33.77 -5.35 63.93
N ARG E 2259 33.06 -5.15 65.04
CA ARG E 2259 33.29 -3.98 65.89
C ARG E 2259 34.66 -4.05 66.54
N ALA E 2260 35.11 -5.25 66.93
CA ALA E 2260 36.38 -5.40 67.62
C ALA E 2260 37.59 -5.10 66.76
N GLU E 2261 37.43 -5.02 65.44
CA GLU E 2261 38.48 -4.50 64.58
C GLU E 2261 38.21 -3.10 64.10
N MET E 2262 36.93 -2.72 63.96
CA MET E 2262 36.62 -1.39 63.46
C MET E 2262 36.97 -0.33 64.49
N GLU E 2263 36.75 -0.61 65.78
CA GLU E 2263 37.16 0.36 66.78
C GLU E 2263 38.67 0.42 66.91
N MET E 2264 39.36 -0.68 66.62
CA MET E 2264 40.81 -0.66 66.70
C MET E 2264 41.39 0.12 65.54
N LYS E 2265 40.70 0.10 64.39
CA LYS E 2265 41.00 1.05 63.32
C LYS E 2265 40.82 2.48 63.79
N VAL E 2266 39.64 2.78 64.35
CA VAL E 2266 39.24 4.14 64.77
C VAL E 2266 40.25 4.71 65.77
N LEU E 2267 40.80 3.87 66.63
CA LEU E 2267 41.92 4.37 67.43
C LEU E 2267 43.19 4.48 66.58
N LEU E 2268 43.76 3.33 66.17
CA LEU E 2268 45.16 3.31 65.79
C LEU E 2268 45.43 4.01 64.47
N TRP E 2269 44.78 3.56 63.40
CA TRP E 2269 45.27 4.03 62.12
C TRP E 2269 44.69 5.38 61.78
N ALA E 2270 43.52 5.69 62.34
CA ALA E 2270 43.00 7.04 62.28
C ALA E 2270 43.92 8.04 62.96
N VAL E 2271 44.39 7.73 64.19
CA VAL E 2271 45.20 8.76 64.83
C VAL E 2271 46.61 8.82 64.24
N GLN E 2272 47.15 7.74 63.69
CA GLN E 2272 48.51 7.94 63.18
C GLN E 2272 48.49 8.51 61.76
N ARG E 2273 47.43 8.26 61.00
CA ARG E 2273 47.20 8.99 59.77
C ARG E 2273 46.99 10.48 60.06
N LEU E 2274 46.31 10.78 61.16
CA LEU E 2274 46.05 12.17 61.54
C LEU E 2274 47.35 12.87 61.92
N ILE E 2275 48.18 12.23 62.74
CA ILE E 2275 49.42 12.86 63.15
C ILE E 2275 50.37 13.01 61.98
N GLY E 2276 50.34 12.06 61.04
CA GLY E 2276 51.12 12.22 59.82
C GLY E 2276 50.70 13.42 58.99
N GLY E 2277 49.38 13.59 58.81
CA GLY E 2277 48.90 14.74 58.04
C GLY E 2277 49.15 16.07 58.71
N LEU E 2278 48.88 16.16 60.03
CA LEU E 2278 49.09 17.42 60.74
C LEU E 2278 50.56 17.76 60.87
N SER E 2279 51.43 16.75 60.92
CA SER E 2279 52.86 17.03 60.89
C SER E 2279 53.31 17.43 59.50
N THR E 2280 52.61 16.96 58.47
CA THR E 2280 53.00 17.25 57.10
C THR E 2280 52.65 18.68 56.69
N ILE E 2281 51.49 19.20 57.14
CA ILE E 2281 50.98 20.45 56.58
C ILE E 2281 51.80 21.69 56.91
N GLY E 2282 52.62 21.66 57.95
CA GLY E 2282 53.44 22.81 58.25
C GLY E 2282 54.91 22.48 58.17
N ALA E 2283 55.29 21.67 57.18
CA ALA E 2283 56.63 21.11 57.17
C ALA E 2283 57.66 22.07 56.58
N GLU E 2284 57.51 22.39 55.30
CA GLU E 2284 58.53 23.14 54.60
C GLU E 2284 58.43 24.63 54.84
N ARG E 2285 57.29 25.11 55.32
CA ARG E 2285 57.17 26.53 55.63
C ARG E 2285 57.90 26.87 56.91
N ASP E 2286 57.65 26.12 57.97
CA ASP E 2286 58.14 26.43 59.31
C ASP E 2286 58.94 25.25 59.80
N ILE E 2287 60.23 25.22 59.49
CA ILE E 2287 61.09 24.21 60.09
C ILE E 2287 61.39 24.61 61.54
N ALA E 2288 61.83 23.63 62.32
CA ALA E 2288 61.99 23.72 63.78
C ALA E 2288 60.69 24.16 64.46
N SER E 2289 59.57 23.68 63.93
CA SER E 2289 58.24 23.92 64.49
C SER E 2289 57.58 22.55 64.65
N ARG E 2290 57.54 22.06 65.88
CA ARG E 2290 57.26 20.66 66.12
C ARG E 2290 55.88 20.48 66.74
N LEU E 2291 55.09 19.61 66.13
CA LEU E 2291 53.78 19.25 66.63
C LEU E 2291 53.94 18.46 67.93
N HIS E 2292 52.89 18.48 68.76
CA HIS E 2292 52.94 17.87 70.08
C HIS E 2292 51.65 17.12 70.32
N VAL E 2293 51.74 15.85 70.71
CA VAL E 2293 50.58 14.99 70.83
C VAL E 2293 50.46 14.55 72.28
N VAL E 2294 49.22 14.48 72.78
CA VAL E 2294 48.93 13.92 74.10
C VAL E 2294 47.99 12.75 73.93
N LEU E 2295 48.45 11.56 74.30
CA LEU E 2295 47.69 10.35 74.14
C LEU E 2295 46.95 10.00 75.42
N PRO E 2296 45.69 9.62 75.33
CA PRO E 2296 45.00 9.12 76.51
C PRO E 2296 45.08 7.60 76.65
N GLY E 2297 45.26 7.11 77.86
CA GLY E 2297 45.13 5.69 78.08
C GLY E 2297 44.10 5.36 79.13
N SER E 2298 42.97 4.79 78.69
CA SER E 2298 41.84 4.56 79.58
C SER E 2298 41.66 3.09 79.95
N ASP E 2307 41.87 -2.54 84.43
CA ASP E 2307 43.11 -3.27 84.17
C ASP E 2307 43.17 -3.69 82.70
N GLY E 2308 42.12 -4.38 82.25
CA GLY E 2308 42.09 -4.84 80.87
C GLY E 2308 41.96 -3.70 79.88
N ALA E 2309 41.22 -2.65 80.26
CA ALA E 2309 41.15 -1.46 79.43
C ALA E 2309 42.48 -0.74 79.38
N TYR E 2310 43.24 -0.78 80.48
CA TYR E 2310 44.59 -0.20 80.47
C TYR E 2310 45.55 -1.04 79.64
N GLY E 2311 45.34 -2.36 79.60
CA GLY E 2311 46.14 -3.19 78.73
C GLY E 2311 45.84 -2.95 77.26
N GLU E 2312 44.56 -2.79 76.93
CA GLU E 2312 44.17 -2.38 75.57
C GLU E 2312 44.75 -1.03 75.21
N ALA E 2313 44.78 -0.10 76.18
CA ALA E 2313 45.36 1.20 75.94
C ALA E 2313 46.86 1.14 75.72
N LYS E 2314 47.56 0.30 76.48
CA LYS E 2314 49.01 0.17 76.30
C LYS E 2314 49.34 -0.54 74.99
N SER E 2315 48.49 -1.47 74.58
CA SER E 2315 48.65 -2.08 73.26
C SER E 2315 48.40 -1.08 72.15
N ALA E 2316 47.47 -0.14 72.37
CA ALA E 2316 47.27 0.95 71.43
C ALA E 2316 48.46 1.90 71.44
N LEU E 2317 49.12 2.03 72.59
CA LEU E 2317 50.29 2.89 72.70
C LEU E 2317 51.46 2.35 71.93
N ASP E 2318 51.86 1.11 72.20
CA ASP E 2318 53.14 0.63 71.69
C ASP E 2318 53.01 0.09 70.27
N ALA E 2319 52.37 0.87 69.44
CA ALA E 2319 52.48 0.89 67.99
C ALA E 2319 52.87 2.26 67.51
N VAL E 2320 52.30 3.31 68.08
CA VAL E 2320 52.69 4.68 67.77
C VAL E 2320 54.08 4.96 68.31
N VAL E 2321 54.39 4.47 69.52
CA VAL E 2321 55.70 4.69 70.11
C VAL E 2321 56.74 3.86 69.38
N SER E 2322 56.37 2.67 68.92
CA SER E 2322 57.28 1.83 68.17
C SER E 2322 57.58 2.45 66.79
N ARG E 2323 56.55 2.96 66.13
CA ARG E 2323 56.73 3.68 64.88
C ARG E 2323 57.51 4.98 65.08
N TRP E 2324 57.36 5.63 66.23
CA TRP E 2324 58.15 6.78 66.61
C TRP E 2324 59.63 6.45 66.68
N HIS E 2325 59.98 5.39 67.40
CA HIS E 2325 61.39 5.00 67.46
C HIS E 2325 61.88 4.42 66.15
N ALA E 2326 60.99 3.90 65.31
CA ALA E 2326 61.43 3.29 64.05
C ALA E 2326 61.68 4.33 62.97
N GLU E 2327 60.64 5.05 62.56
CA GLU E 2327 60.74 5.97 61.43
C GLU E 2327 61.28 7.32 61.89
N SER E 2328 62.22 7.85 61.13
CA SER E 2328 62.91 9.09 61.48
C SER E 2328 62.27 10.33 60.87
N SER E 2329 61.29 10.18 59.97
CA SER E 2329 60.60 11.35 59.46
C SER E 2329 59.67 11.95 60.51
N TRP E 2330 59.20 11.12 61.44
CA TRP E 2330 58.39 11.60 62.54
C TRP E 2330 59.22 12.39 63.54
N ALA E 2331 60.52 12.09 63.64
CA ALA E 2331 61.33 12.58 64.75
C ALA E 2331 61.57 14.08 64.68
N ALA E 2332 61.55 14.66 63.49
CA ALA E 2332 61.78 16.08 63.36
C ALA E 2332 60.51 16.90 63.44
N ARG E 2333 59.34 16.25 63.47
CA ARG E 2333 58.07 16.95 63.41
C ARG E 2333 57.19 16.74 64.63
N VAL E 2334 57.25 15.57 65.24
CA VAL E 2334 56.28 15.17 66.24
C VAL E 2334 56.98 15.21 67.60
N SER E 2335 56.19 15.37 68.67
CA SER E 2335 56.67 15.20 70.03
C SER E 2335 55.58 14.48 70.80
N LEU E 2336 55.79 13.20 71.09
CA LEU E 2336 54.80 12.39 71.76
C LEU E 2336 54.77 12.68 73.25
N ALA E 2337 53.60 12.51 73.84
CA ALA E 2337 53.48 12.38 75.28
C ALA E 2337 52.26 11.54 75.54
N HIS E 2338 52.32 10.68 76.55
CA HIS E 2338 51.19 9.83 76.90
C HIS E 2338 50.84 10.00 78.37
N ALA E 2339 49.54 10.03 78.66
CA ALA E 2339 49.05 10.00 80.03
C ALA E 2339 48.10 8.83 80.19
N LEU E 2340 48.38 7.98 81.17
CA LEU E 2340 47.41 7.00 81.62
C LEU E 2340 46.39 7.73 82.50
N ILE E 2341 45.14 7.81 82.02
CA ILE E 2341 44.14 8.56 82.76
C ILE E 2341 43.56 7.69 83.87
N GLY E 2342 43.00 8.35 84.88
CA GLY E 2342 42.47 7.63 86.02
C GLY E 2342 41.00 7.29 85.89
N TRP E 2343 40.21 7.68 86.88
CA TRP E 2343 38.78 7.40 86.90
C TRP E 2343 38.04 8.72 87.10
N THR E 2344 37.25 9.11 86.11
CA THR E 2344 36.48 10.34 86.17
C THR E 2344 35.01 10.03 86.38
N ARG E 2345 34.37 10.79 87.25
CA ARG E 2345 33.01 10.51 87.68
C ARG E 2345 31.95 11.03 86.71
N GLY E 2346 32.35 11.53 85.56
CA GLY E 2346 31.39 11.93 84.54
C GLY E 2346 31.48 11.06 83.31
N THR E 2347 30.44 10.27 83.07
CA THR E 2347 30.34 9.26 81.99
C THR E 2347 31.53 8.30 81.97
N ASN E 2353 26.15 4.96 88.44
CA ASN E 2353 27.30 5.83 88.32
C ASN E 2353 27.73 6.32 89.71
N ASP E 2354 26.76 6.81 90.47
CA ASP E 2354 27.03 7.23 91.84
C ASP E 2354 27.36 6.05 92.73
N ALA E 2355 26.74 4.89 92.47
CA ALA E 2355 27.12 3.67 93.18
C ALA E 2355 28.52 3.21 92.79
N ILE E 2356 28.91 3.45 91.53
CA ILE E 2356 30.28 3.16 91.10
C ILE E 2356 31.27 4.04 91.84
N VAL E 2357 30.96 5.33 91.97
CA VAL E 2357 31.82 6.27 92.67
C VAL E 2357 31.93 5.92 94.15
N ALA E 2358 30.80 5.52 94.76
CA ALA E 2358 30.80 5.10 96.15
C ALA E 2358 31.62 3.83 96.34
N ALA E 2359 31.52 2.89 95.41
CA ALA E 2359 32.28 1.64 95.50
C ALA E 2359 33.78 1.90 95.35
N VAL E 2360 34.18 2.77 94.42
CA VAL E 2360 35.61 2.98 94.25
C VAL E 2360 36.19 3.87 95.34
N GLU E 2361 35.38 4.74 95.95
CA GLU E 2361 35.91 5.49 97.09
C GLU E 2361 35.93 4.66 98.35
N GLU E 2362 35.09 3.62 98.44
CA GLU E 2362 35.28 2.63 99.50
C GLU E 2362 36.49 1.75 99.21
N ALA E 2363 36.81 1.54 97.94
CA ALA E 2363 38.02 0.80 97.58
C ALA E 2363 39.27 1.60 97.92
N GLY E 2364 39.21 2.91 97.75
CA GLY E 2364 40.30 3.80 98.15
C GLY E 2364 40.97 4.54 97.02
N VAL E 2365 40.65 4.25 95.77
CA VAL E 2365 41.22 4.96 94.63
C VAL E 2365 40.61 6.36 94.55
N THR E 2366 41.47 7.36 94.38
CA THR E 2366 41.03 8.75 94.30
C THR E 2366 40.49 9.03 92.91
N THR E 2367 39.24 9.46 92.83
CA THR E 2367 38.61 9.78 91.56
C THR E 2367 38.91 11.23 91.20
N TYR E 2368 38.34 11.68 90.08
CA TYR E 2368 38.52 13.04 89.63
C TYR E 2368 37.24 13.52 88.96
N SER E 2369 37.09 14.84 88.90
CA SER E 2369 36.11 15.42 88.02
C SER E 2369 36.76 15.70 86.67
N THR E 2370 35.93 16.08 85.70
CA THR E 2370 36.43 16.31 84.35
C THR E 2370 37.35 17.52 84.29
N ASP E 2371 37.04 18.56 85.07
CA ASP E 2371 37.90 19.75 85.08
C ASP E 2371 39.23 19.48 85.77
N GLU E 2372 39.19 18.74 86.88
CA GLU E 2372 40.41 18.33 87.56
C GLU E 2372 41.28 17.49 86.67
N MET E 2373 40.66 16.54 85.96
CA MET E 2373 41.40 15.67 85.05
C MET E 2373 41.94 16.46 83.87
N ALA E 2374 41.21 17.46 83.40
CA ALA E 2374 41.67 18.26 82.28
C ALA E 2374 42.84 19.15 82.67
N ALA E 2375 42.84 19.67 83.89
CA ALA E 2375 43.97 20.47 84.35
C ALA E 2375 45.21 19.59 84.56
N LEU E 2376 45.02 18.46 85.27
CA LEU E 2376 46.11 17.52 85.50
C LEU E 2376 46.53 16.76 84.25
N LEU E 2377 45.82 16.93 83.14
CA LEU E 2377 46.23 16.45 81.83
C LEU E 2377 46.93 17.51 81.00
N LEU E 2378 46.37 18.71 80.96
CA LEU E 2378 46.89 19.79 80.13
C LEU E 2378 48.13 20.44 80.72
N ASP E 2379 48.45 20.13 81.99
CA ASP E 2379 49.74 20.56 82.55
C ASP E 2379 50.94 19.92 81.86
N LEU E 2380 50.74 18.83 81.10
CA LEU E 2380 51.77 18.19 80.30
C LEU E 2380 52.10 18.96 79.03
N CYS E 2381 51.55 20.14 78.82
CA CYS E 2381 51.70 20.85 77.56
C CYS E 2381 52.49 22.15 77.71
N ASP E 2382 53.06 22.40 78.88
CA ASP E 2382 53.87 23.59 79.08
C ASP E 2382 55.24 23.42 78.42
N ALA E 2383 56.11 24.42 78.61
CA ALA E 2383 57.36 24.46 77.87
C ALA E 2383 58.34 23.39 78.35
N GLU E 2384 58.35 23.12 79.65
CA GLU E 2384 59.27 22.12 80.21
C GLU E 2384 58.94 20.73 79.71
N SER E 2385 57.65 20.37 79.69
CA SER E 2385 57.26 19.05 79.25
C SER E 2385 57.45 18.87 77.76
N LYS E 2386 57.32 19.93 76.96
CA LYS E 2386 57.53 19.73 75.53
C LYS E 2386 59.02 19.72 75.16
N VAL E 2387 59.86 20.46 75.89
CA VAL E 2387 61.30 20.31 75.69
C VAL E 2387 61.76 18.94 76.14
N ALA E 2388 61.17 18.41 77.23
CA ALA E 2388 61.52 17.07 77.68
C ALA E 2388 61.00 16.00 76.72
N ALA E 2389 59.82 16.19 76.16
CA ALA E 2389 59.24 15.23 75.23
C ALA E 2389 59.83 15.35 73.84
N ALA E 2390 60.60 16.40 73.57
CA ALA E 2390 61.32 16.49 72.30
C ALA E 2390 62.36 15.38 72.18
N ARG E 2391 62.94 14.94 73.30
CA ARG E 2391 63.92 13.86 73.26
C ARG E 2391 63.25 12.49 73.22
N SER E 2392 62.47 12.18 74.24
CA SER E 2392 61.87 10.87 74.44
C SER E 2392 60.40 11.01 74.76
N PRO E 2393 59.58 10.00 74.43
CA PRO E 2393 58.15 10.05 74.78
C PRO E 2393 57.95 9.96 76.28
N ILE E 2394 57.39 11.02 76.86
CA ILE E 2394 57.02 11.02 78.27
C ILE E 2394 55.85 10.06 78.46
N LYS E 2395 55.94 9.23 79.50
CA LYS E 2395 54.96 8.21 79.80
C LYS E 2395 54.48 8.45 81.22
N ALA E 2396 53.51 9.33 81.38
CA ALA E 2396 53.08 9.78 82.69
C ALA E 2396 51.83 9.03 83.14
N ASP E 2397 51.73 8.84 84.44
CA ASP E 2397 50.57 8.21 85.07
C ASP E 2397 49.80 9.29 85.81
N LEU E 2398 48.48 9.30 85.64
CA LEU E 2398 47.61 10.19 86.37
C LEU E 2398 46.56 9.41 87.14
N THR E 2399 46.66 8.09 87.15
CA THR E 2399 45.67 7.26 87.82
C THR E 2399 45.90 7.27 89.32
N GLY E 2400 44.86 7.63 90.06
CA GLY E 2400 44.99 7.79 91.49
C GLY E 2400 44.71 6.55 92.32
N GLY E 2401 45.21 5.40 91.87
CA GLY E 2401 45.11 4.17 92.63
C GLY E 2401 44.48 3.00 91.90
N LEU E 2402 43.97 3.17 90.68
CA LEU E 2402 43.44 2.05 89.91
C LEU E 2402 44.54 1.41 89.06
N ALA E 2403 45.78 1.90 89.15
CA ALA E 2403 46.91 1.24 88.51
C ALA E 2403 47.16 -0.13 89.11
N GLU E 2404 46.92 -0.29 90.40
CA GLU E 2404 46.89 -1.61 91.02
C GLU E 2404 45.49 -2.20 90.82
N ALA E 2405 45.44 -3.44 90.32
CA ALA E 2405 44.17 -4.07 89.96
C ALA E 2405 43.60 -4.81 91.16
N ASN E 2406 43.09 -4.03 92.12
CA ASN E 2406 42.44 -4.61 93.28
C ASN E 2406 41.05 -5.14 92.93
N LEU E 2407 40.27 -4.33 92.22
CA LEU E 2407 38.92 -4.69 91.83
C LEU E 2407 38.80 -4.58 90.31
N ASP E 2408 37.93 -5.40 89.73
CA ASP E 2408 37.81 -5.46 88.28
C ASP E 2408 36.48 -4.88 87.81
N MET E 2409 36.40 -4.62 86.50
CA MET E 2409 35.30 -3.86 85.94
C MET E 2409 34.00 -4.65 85.96
N ALA E 2410 34.05 -5.94 85.58
CA ALA E 2410 32.85 -6.76 85.66
C ALA E 2410 32.48 -7.08 87.10
N GLU E 2411 33.49 -7.15 87.98
CA GLU E 2411 33.26 -7.32 89.41
C GLU E 2411 32.48 -6.15 89.98
N LEU E 2412 32.75 -4.93 89.50
CA LEU E 2412 31.90 -3.81 89.86
C LEU E 2412 30.61 -3.76 89.07
N ALA E 2413 30.59 -4.32 87.86
CA ALA E 2413 29.43 -4.19 87.00
C ALA E 2413 28.28 -5.06 87.46
N ALA E 2414 28.58 -6.25 87.97
CA ALA E 2414 27.53 -7.08 88.56
C ALA E 2414 26.94 -6.44 89.80
N LYS E 2415 27.79 -5.79 90.60
CA LYS E 2415 27.33 -5.06 91.78
C LYS E 2415 26.46 -3.88 91.40
N ALA E 2416 26.90 -3.10 90.40
CA ALA E 2416 26.11 -1.96 89.92
C ALA E 2416 24.80 -2.40 89.31
N ARG E 2417 24.78 -3.58 88.69
CA ARG E 2417 23.53 -4.15 88.20
C ARG E 2417 22.57 -4.46 89.34
N GLU E 2418 23.08 -5.11 90.40
CA GLU E 2418 22.18 -5.52 91.48
C GLU E 2418 21.78 -4.39 92.43
N GLN E 2419 22.55 -3.30 92.51
CA GLN E 2419 22.02 -2.13 93.23
C GLN E 2419 21.49 -1.05 92.29
N MET E 2420 21.43 -1.31 90.99
CA MET E 2420 20.68 -0.45 90.08
C MET E 2420 19.29 -0.97 89.81
N SER E 2421 19.10 -2.29 89.86
CA SER E 2421 17.78 -2.88 89.64
C SER E 2421 16.81 -2.52 90.77
N ALA E 2422 17.33 -2.25 91.97
CA ALA E 2422 16.46 -2.11 93.13
C ALA E 2422 15.82 -0.73 93.22
N ALA E 2423 16.60 0.34 93.04
CA ALA E 2423 16.08 1.68 93.29
C ALA E 2423 15.21 2.18 92.15
N ALA E 2424 15.55 1.81 90.92
CA ALA E 2424 14.84 2.37 89.76
C ALA E 2424 13.48 1.71 89.54
N ALA E 2425 13.35 0.42 89.87
CA ALA E 2425 12.12 -0.29 89.55
C ALA E 2425 11.04 -0.06 90.61
N VAL E 2426 11.44 0.05 91.87
CA VAL E 2426 10.50 0.17 92.98
C VAL E 2426 10.39 1.64 93.42
N ASP E 2427 10.67 2.58 92.52
CA ASP E 2427 10.40 3.99 92.78
C ASP E 2427 8.90 4.21 92.88
N GLU E 2428 8.44 4.52 94.09
CA GLU E 2428 7.03 4.61 94.39
C GLU E 2428 6.39 5.82 93.71
N ASP E 2429 5.07 5.76 93.56
CA ASP E 2429 4.29 6.80 92.90
C ASP E 2429 3.43 7.49 93.95
N ALA E 2430 3.44 8.82 93.94
CA ALA E 2430 2.70 9.63 94.91
C ALA E 2430 1.86 10.65 94.17
N GLU E 2431 0.55 10.46 94.16
CA GLU E 2431 -0.37 11.37 93.50
C GLU E 2431 -1.22 12.07 94.55
N ALA E 2432 -1.49 13.35 94.31
CA ALA E 2432 -2.20 14.17 95.28
C ALA E 2432 -3.69 13.82 95.28
N PRO E 2433 -4.33 13.81 96.46
CA PRO E 2433 -5.76 13.47 96.50
C PRO E 2433 -6.67 14.54 95.95
N GLY E 2434 -6.29 15.82 95.98
CA GLY E 2434 -7.12 16.85 95.38
C GLY E 2434 -7.11 16.77 93.87
N ALA E 2435 -6.00 17.18 93.26
CA ALA E 2435 -5.65 16.93 91.86
C ALA E 2435 -6.72 17.41 90.88
N ILE E 2436 -6.94 18.72 90.87
CA ILE E 2436 -7.91 19.31 89.95
C ILE E 2436 -7.15 19.85 88.76
N ALA E 2437 -7.84 19.97 87.63
CA ALA E 2437 -7.17 20.35 86.39
C ALA E 2437 -6.81 21.84 86.39
N ALA E 2438 -6.17 22.27 85.31
CA ALA E 2438 -5.81 23.66 85.12
C ALA E 2438 -6.49 24.19 83.86
N LEU E 2439 -7.08 25.37 83.97
CA LEU E 2439 -7.84 25.92 82.87
C LEU E 2439 -7.24 27.24 82.42
N PRO E 2440 -7.41 27.61 81.15
CA PRO E 2440 -6.87 28.88 80.67
C PRO E 2440 -7.54 30.07 81.33
N SER E 2441 -6.71 31.00 81.79
CA SER E 2441 -7.14 32.05 82.70
C SER E 2441 -8.09 33.02 82.00
N PRO E 2442 -9.01 33.63 82.75
CA PRO E 2442 -9.92 34.58 82.14
C PRO E 2442 -9.19 35.87 81.80
N PRO E 2443 -9.72 36.69 80.88
CA PRO E 2443 -8.98 37.87 80.44
C PRO E 2443 -8.87 38.94 81.51
N ARG E 2444 -7.67 39.02 82.08
CA ARG E 2444 -7.30 40.05 83.03
C ARG E 2444 -6.49 41.12 82.31
N GLY E 2445 -6.36 42.28 82.95
CA GLY E 2445 -5.71 43.40 82.32
C GLY E 2445 -4.22 43.20 82.11
N PHE E 2446 -3.63 44.12 81.36
CA PHE E 2446 -2.20 44.06 81.09
C PHE E 2446 -1.41 44.39 82.34
N THR E 2447 -0.25 43.77 82.48
CA THR E 2447 0.67 44.13 83.55
C THR E 2447 1.90 44.75 82.94
N PRO E 2448 2.01 46.06 82.90
CA PRO E 2448 3.19 46.70 82.34
C PRO E 2448 4.32 46.73 83.36
N ALA E 2449 5.47 47.23 82.92
CA ALA E 2449 6.57 47.46 83.82
C ALA E 2449 6.25 48.61 84.76
N PRO E 2450 6.89 48.69 85.91
CA PRO E 2450 6.80 49.90 86.73
C PRO E 2450 7.39 51.08 85.99
N PRO E 2451 6.58 52.10 85.72
CA PRO E 2451 6.96 53.13 84.76
C PRO E 2451 8.07 54.01 85.31
N PRO E 2452 8.81 54.71 84.45
CA PRO E 2452 9.92 55.54 84.95
C PRO E 2452 9.46 56.79 85.66
N GLN E 2453 10.39 57.69 85.96
CA GLN E 2453 10.05 58.87 86.73
C GLN E 2453 10.69 60.07 86.05
N TRP E 2454 9.87 60.98 85.54
CA TRP E 2454 10.36 62.31 85.25
C TRP E 2454 9.27 63.32 85.55
N ASP E 2455 9.65 64.59 85.46
CA ASP E 2455 8.90 65.69 86.03
C ASP E 2455 7.69 66.04 85.15
N ASP E 2456 6.92 67.00 85.61
CA ASP E 2456 5.81 67.51 84.84
C ASP E 2456 6.34 68.27 83.63
N LEU E 2457 5.65 68.12 82.51
CA LEU E 2457 6.06 68.78 81.27
C LEU E 2457 5.22 70.02 81.06
N ASP E 2458 5.88 71.07 80.55
CA ASP E 2458 5.18 72.31 80.23
C ASP E 2458 4.48 72.24 78.88
N VAL E 2459 4.61 71.13 78.17
CA VAL E 2459 3.93 70.98 76.89
C VAL E 2459 2.46 70.71 77.12
N ASP E 2460 1.64 71.48 76.47
CA ASP E 2460 0.20 71.27 76.49
C ASP E 2460 -0.14 70.05 75.64
N PRO E 2461 -1.16 69.26 76.02
CA PRO E 2461 -1.50 68.07 75.22
C PRO E 2461 -2.21 68.37 73.91
N ALA E 2462 -2.27 69.62 73.49
CA ALA E 2462 -2.66 69.93 72.12
C ALA E 2462 -1.52 69.75 71.15
N ASP E 2463 -0.28 69.71 71.64
CA ASP E 2463 0.90 69.64 70.80
C ASP E 2463 1.58 68.28 70.91
N LEU E 2464 0.80 67.22 71.03
CA LEU E 2464 1.33 65.88 71.11
C LEU E 2464 0.59 64.98 70.13
N VAL E 2465 1.34 64.18 69.39
CA VAL E 2465 0.78 63.16 68.52
C VAL E 2465 1.07 61.82 69.15
N VAL E 2466 0.03 61.07 69.48
CA VAL E 2466 0.18 59.82 70.20
C VAL E 2466 -0.27 58.69 69.30
N ILE E 2467 0.22 57.49 69.59
CA ILE E 2467 -0.23 56.28 68.93
C ILE E 2467 -1.23 55.61 69.84
N VAL E 2468 -2.48 55.53 69.40
CA VAL E 2468 -3.56 55.06 70.23
C VAL E 2468 -3.87 53.60 69.97
N GLY E 2469 -4.04 53.23 68.71
CA GLY E 2469 -4.31 51.87 68.34
C GLY E 2469 -3.13 51.20 67.67
N GLY E 2470 -3.43 50.14 66.95
CA GLY E 2470 -2.42 49.43 66.21
C GLY E 2470 -2.69 47.95 66.17
N ALA E 2471 -2.56 47.36 65.00
CA ALA E 2471 -2.64 45.92 64.84
C ALA E 2471 -1.90 45.55 63.57
N GLU E 2472 -1.52 44.28 63.49
CA GLU E 2472 -0.73 43.82 62.38
C GLU E 2472 -1.21 42.44 61.97
N ILE E 2473 -0.73 41.99 60.82
CA ILE E 2473 -0.94 40.64 60.35
C ILE E 2473 0.28 40.23 59.56
N GLY E 2474 0.89 39.13 59.96
CA GLY E 2474 2.14 38.72 59.38
C GLY E 2474 2.36 37.24 59.55
N PRO E 2475 3.62 36.82 59.59
CA PRO E 2475 3.93 35.39 59.65
C PRO E 2475 3.52 34.70 60.93
N TYR E 2476 3.21 35.45 61.99
CA TYR E 2476 2.72 34.84 63.22
C TYR E 2476 1.28 35.22 63.52
N GLY E 2477 0.62 35.89 62.61
CA GLY E 2477 -0.75 36.32 62.84
C GLY E 2477 -0.78 37.67 63.50
N SER E 2478 -1.52 37.77 64.60
CA SER E 2478 -1.71 39.05 65.25
C SER E 2478 -0.47 39.43 66.04
N SER E 2479 -0.46 40.70 66.47
CA SER E 2479 0.70 41.23 67.18
C SER E 2479 0.87 40.61 68.55
N ARG E 2480 -0.23 40.13 69.14
CA ARG E 2480 -0.17 39.45 70.42
C ARG E 2480 0.65 38.16 70.33
N THR E 2481 0.28 37.28 69.40
CA THR E 2481 1.00 36.03 69.26
C THR E 2481 2.40 36.24 68.70
N ARG E 2482 2.58 37.26 67.86
CA ARG E 2482 3.91 37.53 67.33
C ARG E 2482 4.84 37.99 68.44
N PHE E 2483 4.36 38.83 69.35
CA PHE E 2483 5.22 39.28 70.44
C PHE E 2483 5.45 38.17 71.45
N GLU E 2484 4.47 37.29 71.65
CA GLU E 2484 4.66 36.21 72.61
C GLU E 2484 5.68 35.21 72.11
N MET E 2485 5.60 34.83 70.83
CA MET E 2485 6.62 33.96 70.26
C MET E 2485 7.96 34.69 70.12
N GLU E 2486 7.92 36.02 70.04
CA GLU E 2486 9.17 36.78 69.97
C GLU E 2486 9.91 36.75 71.29
N VAL E 2487 9.20 36.92 72.39
CA VAL E 2487 9.87 36.97 73.68
C VAL E 2487 10.13 35.57 74.20
N GLU E 2488 9.06 34.81 74.49
CA GLU E 2488 9.25 33.64 75.32
C GLU E 2488 9.34 32.35 74.53
N ASN E 2489 9.45 32.44 73.20
CA ASN E 2489 9.72 31.32 72.28
C ASN E 2489 8.62 30.26 72.30
N GLU E 2490 7.47 30.57 72.87
CA GLU E 2490 6.37 29.62 72.98
C GLU E 2490 5.09 30.38 73.23
N LEU E 2491 3.97 29.75 72.92
CA LEU E 2491 2.68 30.40 73.02
C LEU E 2491 2.05 30.16 74.38
N SER E 2492 1.23 31.12 74.78
CA SER E 2492 0.36 30.93 75.92
C SER E 2492 -0.89 30.20 75.46
N ALA E 2493 -1.76 29.87 76.42
CA ALA E 2493 -2.98 29.15 76.10
C ALA E 2493 -3.92 30.01 75.26
N ALA E 2494 -3.94 31.32 75.53
CA ALA E 2494 -4.76 32.22 74.75
C ALA E 2494 -4.23 32.35 73.34
N GLY E 2495 -2.91 32.33 73.17
CA GLY E 2495 -2.35 32.40 71.83
C GLY E 2495 -2.59 31.15 71.04
N VAL E 2496 -2.54 29.98 71.70
CA VAL E 2496 -2.86 28.73 71.04
C VAL E 2496 -4.33 28.71 70.63
N LEU E 2497 -5.21 29.20 71.49
CA LEU E 2497 -6.63 29.25 71.17
C LEU E 2497 -6.90 30.20 70.02
N GLU E 2498 -6.21 31.34 69.98
CA GLU E 2498 -6.40 32.30 68.90
C GLU E 2498 -5.90 31.75 67.57
N LEU E 2499 -4.72 31.13 67.54
CA LEU E 2499 -4.23 30.61 66.27
C LEU E 2499 -5.01 29.39 65.81
N ALA E 2500 -5.48 28.55 66.73
CA ALA E 2500 -6.27 27.40 66.32
C ALA E 2500 -7.66 27.81 65.87
N TRP E 2501 -8.19 28.89 66.43
CA TRP E 2501 -9.43 29.48 65.92
C TRP E 2501 -9.22 30.07 64.54
N THR E 2502 -8.08 30.72 64.34
CA THR E 2502 -7.88 31.49 63.12
C THR E 2502 -7.54 30.59 61.94
N THR E 2503 -6.75 29.55 62.16
CA THR E 2503 -6.33 28.65 61.11
C THR E 2503 -7.33 27.52 60.87
N GLY E 2504 -8.52 27.60 61.44
CA GLY E 2504 -9.56 26.65 61.11
C GLY E 2504 -9.44 25.31 61.77
N LEU E 2505 -8.56 25.14 62.74
CA LEU E 2505 -8.47 23.86 63.43
C LEU E 2505 -9.59 23.64 64.42
N ILE E 2506 -10.29 24.70 64.83
CA ILE E 2506 -11.29 24.62 65.89
C ILE E 2506 -12.47 25.51 65.52
N ARG E 2507 -13.68 24.95 65.63
CA ARG E 2507 -14.89 25.73 65.52
C ARG E 2507 -15.66 25.70 66.84
N TRP E 2508 -16.55 26.67 67.00
CA TRP E 2508 -17.50 26.68 68.11
C TRP E 2508 -18.85 26.25 67.57
N GLU E 2509 -19.37 25.14 68.07
CA GLU E 2509 -20.73 24.73 67.77
C GLU E 2509 -21.43 24.43 69.08
N ASP E 2510 -22.75 24.42 69.02
CA ASP E 2510 -23.53 24.19 70.23
C ASP E 2510 -24.71 23.25 70.03
N ASP E 2511 -24.75 22.51 68.92
CA ASP E 2511 -25.91 21.66 68.68
C ASP E 2511 -25.86 20.37 69.51
N PRO E 2512 -24.76 19.62 69.60
CA PRO E 2512 -24.76 18.53 70.60
C PRO E 2512 -24.60 19.07 72.00
N GLN E 2513 -23.72 20.04 72.17
CA GLN E 2513 -23.32 20.62 73.44
C GLN E 2513 -22.48 21.84 73.11
N PRO E 2514 -22.66 22.95 73.82
CA PRO E 2514 -21.84 24.13 73.53
C PRO E 2514 -20.40 23.93 73.98
N GLY E 2515 -19.48 24.15 73.05
CA GLY E 2515 -18.08 23.90 73.28
C GLY E 2515 -17.34 24.00 71.97
N TRP E 2516 -16.01 24.01 72.08
CA TRP E 2516 -15.20 24.01 70.88
C TRP E 2516 -15.11 22.61 70.32
N TYR E 2517 -15.28 22.48 69.01
CA TYR E 2517 -15.15 21.19 68.36
C TYR E 2517 -13.96 21.18 67.43
N ASP E 2518 -13.41 19.99 67.21
CA ASP E 2518 -12.38 19.81 66.21
C ASP E 2518 -12.98 19.94 64.82
N THR E 2519 -12.15 20.35 63.86
CA THR E 2519 -12.64 20.54 62.51
C THR E 2519 -12.80 19.21 61.78
N GLU E 2520 -11.72 18.44 61.70
CA GLU E 2520 -11.75 17.24 60.88
C GLU E 2520 -12.47 16.08 61.56
N SER E 2521 -12.42 16.00 62.89
CA SER E 2521 -12.98 14.85 63.58
C SER E 2521 -14.19 15.17 64.45
N GLY E 2522 -14.32 16.40 64.92
CA GLY E 2522 -15.55 16.82 65.59
C GLY E 2522 -15.79 16.23 66.96
N GLU E 2523 -15.01 16.64 67.95
CA GLU E 2523 -15.21 16.19 69.32
C GLU E 2523 -15.11 17.36 70.27
N MET E 2524 -15.75 17.20 71.42
CA MET E 2524 -15.64 18.17 72.51
C MET E 2524 -14.22 18.15 73.04
N VAL E 2525 -13.46 19.18 72.72
CA VAL E 2525 -12.12 19.30 73.26
C VAL E 2525 -12.21 19.85 74.68
N ASP E 2526 -11.24 19.49 75.50
CA ASP E 2526 -11.14 20.03 76.84
C ASP E 2526 -10.23 21.25 76.83
N GLU E 2527 -10.57 22.23 77.64
CA GLU E 2527 -9.73 23.42 77.77
C GLU E 2527 -8.40 23.09 78.43
N SER E 2528 -8.34 22.04 79.24
CA SER E 2528 -7.08 21.64 79.85
C SER E 2528 -6.14 21.00 78.84
N GLU E 2529 -6.64 20.54 77.70
CA GLU E 2529 -5.85 19.80 76.74
C GLU E 2529 -5.44 20.62 75.53
N LEU E 2530 -5.75 21.93 75.53
CA LEU E 2530 -5.59 22.75 74.33
C LEU E 2530 -4.15 22.88 73.90
N VAL E 2531 -3.28 23.28 74.82
CA VAL E 2531 -1.88 23.48 74.46
C VAL E 2531 -1.22 22.14 74.14
N GLN E 2532 -1.47 21.14 74.98
CA GLN E 2532 -0.80 19.86 74.84
C GLN E 2532 -1.32 19.06 73.64
N ARG E 2533 -2.45 19.45 73.05
CA ARG E 2533 -2.89 18.80 71.82
C ARG E 2533 -2.81 19.67 70.59
N TYR E 2534 -2.56 20.98 70.72
CA TYR E 2534 -2.59 21.84 69.56
C TYR E 2534 -1.38 22.76 69.44
N HIS E 2535 -0.37 22.59 70.29
CA HIS E 2535 0.79 23.47 70.20
C HIS E 2535 1.64 23.15 69.00
N ASP E 2536 1.91 21.87 68.77
CA ASP E 2536 2.82 21.47 67.70
C ASP E 2536 2.21 21.72 66.32
N ALA E 2537 0.90 21.60 66.20
CA ALA E 2537 0.24 21.85 64.92
C ALA E 2537 0.36 23.31 64.51
N VAL E 2538 0.11 24.24 65.44
CA VAL E 2538 0.19 25.63 65.06
C VAL E 2538 1.63 26.08 64.93
N VAL E 2539 2.57 25.45 65.64
CA VAL E 2539 3.97 25.77 65.42
C VAL E 2539 4.43 25.28 64.05
N GLN E 2540 3.88 24.16 63.56
CA GLN E 2540 4.15 23.76 62.18
C GLN E 2540 3.52 24.72 61.19
N ARG E 2541 2.30 25.18 61.45
CA ARG E 2541 1.62 26.00 60.46
C ARG E 2541 2.06 27.45 60.46
N VAL E 2542 2.79 27.90 61.48
CA VAL E 2542 3.07 29.31 61.69
C VAL E 2542 4.57 29.52 61.77
N GLY E 2543 5.11 30.40 60.93
CA GLY E 2543 6.51 30.75 60.99
C GLY E 2543 7.15 30.90 59.63
N ILE E 2544 8.44 31.23 59.65
CA ILE E 2544 9.25 31.19 58.44
C ILE E 2544 9.43 29.74 58.03
N ARG E 2545 9.03 29.41 56.81
CA ARG E 2545 8.90 28.03 56.40
C ARG E 2545 8.91 27.96 54.88
N GLU E 2546 8.81 26.75 54.36
CA GLU E 2546 8.83 26.53 52.93
C GLU E 2546 7.52 27.02 52.31
N PHE E 2547 7.61 27.52 51.08
CA PHE E 2547 6.46 28.02 50.33
C PHE E 2547 5.40 26.95 50.15
N VAL E 2548 4.22 27.17 50.70
CA VAL E 2548 3.10 26.25 50.56
C VAL E 2548 2.01 26.98 49.78
N ASP E 2549 1.51 26.35 48.72
CA ASP E 2549 0.56 26.99 47.84
C ASP E 2549 -0.81 27.05 48.50
N ASP E 2550 -1.44 28.23 48.44
CA ASP E 2550 -2.77 28.45 49.00
C ASP E 2550 -3.63 29.20 47.98
N GLY E 2551 -3.61 28.73 46.73
CA GLY E 2551 -4.40 29.34 45.69
C GLY E 2551 -5.35 28.35 45.03
N ALA E 2552 -5.17 27.07 45.37
CA ALA E 2552 -5.98 25.94 44.89
C ALA E 2552 -5.98 25.83 43.36
N ILE E 2553 -4.87 26.20 42.73
CA ILE E 2553 -4.72 26.18 41.29
C ILE E 2553 -3.49 25.33 40.95
N ASP E 2554 -3.20 25.24 39.64
CA ASP E 2554 -2.02 24.52 39.20
C ASP E 2554 -0.79 25.43 39.27
N PRO E 2555 0.35 24.92 39.73
CA PRO E 2555 1.58 25.72 39.77
C PRO E 2555 2.32 25.80 38.44
N ASP E 2556 1.76 25.25 37.36
CA ASP E 2556 2.42 25.18 36.06
C ASP E 2556 1.87 26.19 35.07
N HIS E 2557 1.61 27.42 35.53
CA HIS E 2557 1.10 28.48 34.67
C HIS E 2557 2.00 29.70 34.58
N ALA E 2558 2.76 30.02 35.62
CA ALA E 2558 3.52 31.27 35.68
C ALA E 2558 4.99 30.97 35.93
N SER E 2559 5.76 30.80 34.83
CA SER E 2559 7.21 30.66 34.90
C SER E 2559 7.78 30.99 33.53
N PRO E 2560 8.87 31.75 33.44
CA PRO E 2560 9.46 32.05 32.12
C PRO E 2560 10.21 30.84 31.56
N LEU E 2561 9.95 30.54 30.29
CA LEU E 2561 10.59 29.41 29.63
C LEU E 2561 10.58 29.64 28.14
N LEU E 2562 11.60 29.13 27.46
CA LEU E 2562 11.83 29.37 26.04
C LEU E 2562 11.40 28.14 25.25
N VAL E 2563 10.45 28.32 24.33
CA VAL E 2563 10.11 27.30 23.34
C VAL E 2563 10.02 27.97 21.97
N SER E 2564 10.60 27.30 20.96
CA SER E 2564 10.51 27.76 19.58
C SER E 2564 10.60 26.52 18.69
N VAL E 2565 9.45 25.99 18.30
CA VAL E 2565 9.36 24.87 17.37
C VAL E 2565 8.61 25.36 16.14
N PHE E 2566 8.94 24.80 14.98
CA PHE E 2566 8.29 25.17 13.73
C PHE E 2566 7.54 23.98 13.17
N LEU E 2567 6.30 24.21 12.74
CA LEU E 2567 5.36 23.14 12.46
C LEU E 2567 4.90 23.25 11.02
N GLU E 2568 4.85 22.10 10.33
CA GLU E 2568 4.59 22.03 8.90
C GLU E 2568 3.43 21.11 8.57
N LYS E 2569 2.59 20.78 9.55
CA LYS E 2569 1.75 19.59 9.48
C LYS E 2569 0.26 19.89 9.66
N ASP E 2570 -0.51 18.82 9.84
CA ASP E 2570 -1.96 18.88 9.85
C ASP E 2570 -2.49 19.58 11.09
N PHE E 2571 -3.60 20.29 10.92
CA PHE E 2571 -4.26 21.02 11.99
C PHE E 2571 -5.65 20.44 12.20
N ALA E 2572 -5.81 19.63 13.25
CA ALA E 2572 -7.12 19.09 13.59
C ALA E 2572 -7.88 20.10 14.44
N PHE E 2573 -9.17 20.27 14.15
CA PHE E 2573 -9.91 21.41 14.68
C PHE E 2573 -11.19 21.08 15.42
N VAL E 2574 -11.94 22.13 15.75
CA VAL E 2574 -13.15 22.07 16.56
C VAL E 2574 -14.27 22.70 15.76
N VAL E 2575 -15.50 22.45 16.18
CA VAL E 2575 -16.68 23.01 15.50
C VAL E 2575 -16.76 24.49 15.82
N SER E 2576 -16.40 25.33 14.86
CA SER E 2576 -16.58 26.77 14.94
C SER E 2576 -17.51 27.21 13.82
N SER E 2577 -17.94 28.46 13.89
CA SER E 2577 -18.76 29.00 12.82
C SER E 2577 -17.88 29.40 11.65
N GLU E 2578 -18.53 29.69 10.52
CA GLU E 2578 -17.80 30.21 9.35
C GLU E 2578 -17.21 31.57 9.63
N ALA E 2579 -17.93 32.42 10.38
CA ALA E 2579 -17.41 33.73 10.72
C ALA E 2579 -16.27 33.65 11.71
N ASP E 2580 -16.35 32.71 12.68
CA ASP E 2580 -15.26 32.54 13.63
C ASP E 2580 -14.03 31.94 12.95
N ALA E 2581 -14.25 31.03 12.00
CA ALA E 2581 -13.14 30.51 11.21
C ALA E 2581 -12.50 31.59 10.36
N ARG E 2582 -13.31 32.45 9.76
CA ARG E 2582 -12.78 33.56 8.96
C ARG E 2582 -12.01 34.54 9.83
N ALA E 2583 -12.52 34.84 11.03
CA ALA E 2583 -11.81 35.74 11.95
C ALA E 2583 -10.54 35.11 12.48
N PHE E 2584 -10.48 33.77 12.56
CA PHE E 2584 -9.23 33.11 12.91
C PHE E 2584 -8.21 33.23 11.78
N VAL E 2585 -8.67 33.04 10.53
CA VAL E 2585 -7.77 33.02 9.37
C VAL E 2585 -7.58 34.42 8.78
N GLU E 2586 -8.09 35.47 9.45
CA GLU E 2586 -7.78 36.85 9.04
C GLU E 2586 -6.30 37.16 9.03
N PHE E 2587 -5.56 36.75 10.06
CA PHE E 2587 -4.11 36.95 10.04
C PHE E 2587 -3.40 35.91 9.19
N ASP E 2588 -4.02 34.77 8.96
CA ASP E 2588 -3.38 33.64 8.31
C ASP E 2588 -3.10 33.67 6.79
N PRO E 2589 -3.95 34.27 5.93
CA PRO E 2589 -4.15 33.68 4.59
C PRO E 2589 -2.97 33.74 3.64
N GLU E 2590 -1.88 34.41 4.00
CA GLU E 2590 -0.69 34.41 3.17
C GLU E 2590 0.29 33.32 3.56
N HIS E 2591 0.09 32.64 4.68
CA HIS E 2591 0.98 31.58 5.14
C HIS E 2591 0.29 30.22 5.21
N THR E 2592 -0.81 30.02 4.49
CA THR E 2592 -1.62 28.84 4.75
C THR E 2592 -2.46 28.45 3.54
N VAL E 2593 -3.19 27.34 3.73
CA VAL E 2593 -4.21 26.86 2.81
C VAL E 2593 -5.51 26.70 3.61
N ILE E 2594 -6.63 27.14 3.03
CA ILE E 2594 -7.95 27.07 3.64
C ILE E 2594 -8.74 25.93 3.00
N ARG E 2595 -9.34 25.08 3.83
CA ARG E 2595 -10.24 24.07 3.29
C ARG E 2595 -11.55 24.02 4.08
N PRO E 2596 -12.69 24.20 3.43
CA PRO E 2596 -13.96 24.17 4.15
C PRO E 2596 -14.40 22.75 4.49
N VAL E 2597 -14.97 22.61 5.68
CA VAL E 2597 -15.57 21.35 6.12
C VAL E 2597 -17.04 21.60 6.42
N PRO E 2598 -17.96 21.15 5.56
CA PRO E 2598 -19.38 21.31 5.86
C PRO E 2598 -19.90 20.38 6.95
N ASP E 2599 -19.21 19.26 7.20
CA ASP E 2599 -19.65 18.34 8.25
C ASP E 2599 -19.45 18.95 9.64
N SER E 2600 -18.47 19.82 9.80
CA SER E 2600 -18.28 20.58 11.02
C SER E 2600 -18.72 22.04 10.87
N THR E 2601 -19.18 22.42 9.67
CA THR E 2601 -19.66 23.78 9.34
C THR E 2601 -18.62 24.84 9.64
N ASP E 2602 -17.38 24.59 9.22
CA ASP E 2602 -16.28 25.49 9.51
C ASP E 2602 -15.29 25.48 8.35
N TRP E 2603 -14.15 26.10 8.58
CA TRP E 2603 -12.98 25.95 7.72
C TRP E 2603 -11.87 25.27 8.50
N GLN E 2604 -10.80 24.95 7.78
CA GLN E 2604 -9.59 24.42 8.37
C GLN E 2604 -8.41 25.17 7.77
N VAL E 2605 -7.63 25.80 8.62
CA VAL E 2605 -6.38 26.43 8.23
C VAL E 2605 -5.31 25.36 8.29
N ILE E 2606 -4.37 25.38 7.35
CA ILE E 2606 -3.22 24.47 7.36
C ILE E 2606 -2.00 25.32 6.97
N ARG E 2607 -1.09 25.52 7.90
CA ARG E 2607 -0.02 26.48 7.69
C ARG E 2607 1.28 25.78 7.29
N LYS E 2608 2.05 26.48 6.45
CA LYS E 2608 3.25 25.93 5.85
C LYS E 2608 4.46 25.98 6.78
N ALA E 2609 5.65 25.78 6.22
CA ALA E 2609 6.89 25.88 6.98
C ALA E 2609 7.12 27.32 7.44
N GLY E 2610 7.96 27.45 8.46
CA GLY E 2610 8.16 28.72 9.13
C GLY E 2610 7.12 29.06 10.17
N THR E 2611 6.02 28.32 10.22
CA THR E 2611 4.96 28.55 11.19
C THR E 2611 5.38 28.00 12.54
N GLU E 2612 5.52 28.88 13.52
CA GLU E 2612 5.82 28.48 14.89
C GLU E 2612 4.54 28.48 15.70
N ILE E 2613 4.45 27.54 16.64
CA ILE E 2613 3.35 27.49 17.59
C ILE E 2613 3.93 27.58 19.00
N ARG E 2614 3.26 28.32 19.86
CA ARG E 2614 3.66 28.40 21.26
C ARG E 2614 3.35 27.08 21.94
N VAL E 2615 4.36 26.44 22.49
CA VAL E 2615 4.19 25.18 23.20
C VAL E 2615 4.64 25.36 24.64
N PRO E 2616 3.79 25.95 25.51
CA PRO E 2616 4.27 26.43 26.82
C PRO E 2616 4.60 25.31 27.79
N ARG E 2617 5.90 25.08 27.98
CA ARG E 2617 6.37 24.27 29.08
C ARG E 2617 6.63 25.19 30.26
N LYS E 2618 6.19 24.78 31.44
CA LYS E 2618 6.31 25.62 32.63
C LYS E 2618 7.21 24.90 33.61
N THR E 2619 8.38 25.49 33.88
CA THR E 2619 9.36 24.89 34.77
C THR E 2619 8.93 25.02 36.22
N LYS E 2620 9.76 24.51 37.11
CA LYS E 2620 9.48 24.51 38.55
C LYS E 2620 10.78 24.64 39.31
N LEU E 2621 11.03 25.82 39.86
CA LEU E 2621 12.08 25.99 40.87
C LEU E 2621 11.43 25.74 42.22
N SER E 2622 11.83 24.67 42.88
CA SER E 2622 11.18 24.23 44.10
C SER E 2622 11.90 24.77 45.34
N ARG E 2623 11.20 24.68 46.46
CA ARG E 2623 11.68 25.01 47.81
C ARG E 2623 12.15 26.46 47.87
N VAL E 2624 11.18 27.35 47.75
CA VAL E 2624 11.35 28.73 48.16
C VAL E 2624 10.95 28.83 49.62
N VAL E 2625 11.80 29.44 50.43
CA VAL E 2625 11.48 29.64 51.84
C VAL E 2625 11.00 31.08 52.01
N GLY E 2626 9.99 31.27 52.84
CA GLY E 2626 9.40 32.57 52.97
C GLY E 2626 8.68 32.77 54.29
N GLY E 2627 7.98 33.90 54.39
CA GLY E 2627 7.34 34.31 55.61
C GLY E 2627 5.84 34.44 55.49
N GLN E 2628 5.18 33.42 54.94
CA GLN E 2628 3.77 33.47 54.62
C GLN E 2628 2.89 33.71 55.85
N ILE E 2629 1.66 34.14 55.58
CA ILE E 2629 0.51 34.16 56.48
C ILE E 2629 0.29 32.73 56.96
N PRO E 2630 -0.22 32.51 58.19
CA PRO E 2630 -0.51 31.14 58.65
C PRO E 2630 -1.38 30.33 57.71
N THR E 2631 -0.96 29.08 57.48
CA THR E 2631 -1.60 28.23 56.49
C THR E 2631 -2.99 27.84 56.93
N GLY E 2632 -3.97 28.16 56.10
CA GLY E 2632 -5.35 28.01 56.50
C GLY E 2632 -5.93 29.24 57.15
N PHE E 2633 -5.35 30.41 56.89
CA PHE E 2633 -5.92 31.64 57.39
C PHE E 2633 -7.26 31.91 56.73
N ASP E 2634 -8.33 31.82 57.51
CA ASP E 2634 -9.68 32.03 57.03
C ASP E 2634 -10.17 33.36 57.56
N PRO E 2635 -10.16 34.42 56.76
CA PRO E 2635 -10.63 35.72 57.25
C PRO E 2635 -12.14 35.81 57.40
N THR E 2636 -12.89 34.77 57.00
CA THR E 2636 -14.33 34.80 57.22
C THR E 2636 -14.69 34.58 58.66
N VAL E 2637 -13.78 34.03 59.46
CA VAL E 2637 -14.08 33.72 60.84
C VAL E 2637 -14.12 35.00 61.67
N TRP E 2638 -13.44 36.05 61.20
CA TRP E 2638 -13.61 37.37 61.77
C TRP E 2638 -15.02 37.88 61.59
N GLY E 2639 -15.57 37.73 60.39
CA GLY E 2639 -16.90 38.25 60.12
C GLY E 2639 -17.06 38.74 58.70
N ILE E 2640 -15.97 38.78 57.94
CA ILE E 2640 -16.01 39.16 56.53
C ILE E 2640 -16.73 38.09 55.74
N SER E 2641 -17.71 38.49 54.94
CA SER E 2641 -18.55 37.53 54.24
C SER E 2641 -17.80 36.89 53.08
N ALA E 2642 -18.36 35.77 52.60
CA ALA E 2642 -17.67 34.94 51.61
C ALA E 2642 -17.63 35.60 50.24
N ASP E 2643 -18.70 36.31 49.87
CA ASP E 2643 -18.69 37.03 48.60
C ASP E 2643 -17.72 38.21 48.64
N MET E 2644 -17.59 38.84 49.80
CA MET E 2644 -16.58 39.88 50.00
C MET E 2644 -15.18 39.30 49.81
N ALA E 2645 -14.92 38.14 50.42
CA ALA E 2645 -13.62 37.49 50.29
C ALA E 2645 -13.36 37.01 48.86
N GLY E 2646 -14.42 36.63 48.13
CA GLY E 2646 -14.23 36.16 46.77
C GLY E 2646 -13.98 37.28 45.79
N SER E 2647 -14.79 38.33 45.84
CA SER E 2647 -14.69 39.40 44.87
C SER E 2647 -13.52 40.32 45.16
N ILE E 2648 -13.36 40.74 46.41
CA ILE E 2648 -12.39 41.77 46.76
C ILE E 2648 -11.00 41.14 46.83
N ASP E 2649 -9.98 41.93 46.51
CA ASP E 2649 -8.60 41.48 46.57
C ASP E 2649 -8.20 41.17 48.01
N ARG E 2650 -7.30 40.19 48.15
CA ARG E 2650 -6.97 39.71 49.48
C ARG E 2650 -6.11 40.69 50.26
N LEU E 2651 -5.43 41.62 49.60
CA LEU E 2651 -4.79 42.71 50.33
C LEU E 2651 -5.83 43.58 51.01
N ALA E 2652 -6.93 43.86 50.33
CA ALA E 2652 -8.00 44.63 50.97
C ALA E 2652 -8.70 43.82 52.04
N VAL E 2653 -8.77 42.50 51.87
CA VAL E 2653 -9.33 41.64 52.91
C VAL E 2653 -8.47 41.71 54.17
N TRP E 2654 -7.15 41.58 54.00
CA TRP E 2654 -6.22 41.69 55.12
C TRP E 2654 -6.27 43.07 55.76
N ASN E 2655 -6.49 44.11 54.95
CA ASN E 2655 -6.57 45.45 55.50
C ASN E 2655 -7.82 45.61 56.36
N MET E 2656 -8.94 45.03 55.93
CA MET E 2656 -10.15 45.06 56.75
C MET E 2656 -9.93 44.32 58.05
N VAL E 2657 -9.24 43.18 58.00
CA VAL E 2657 -8.97 42.39 59.20
C VAL E 2657 -8.09 43.19 60.18
N ALA E 2658 -7.03 43.81 59.66
CA ALA E 2658 -6.10 44.55 60.51
C ALA E 2658 -6.77 45.79 61.11
N THR E 2659 -7.62 46.46 60.34
CA THR E 2659 -8.24 47.67 60.84
C THR E 2659 -9.28 47.37 61.92
N VAL E 2660 -10.09 46.32 61.73
CA VAL E 2660 -11.07 45.98 62.76
C VAL E 2660 -10.35 45.42 63.98
N ASP E 2661 -9.18 44.80 63.79
CA ASP E 2661 -8.38 44.34 64.91
C ASP E 2661 -7.85 45.52 65.73
N ALA E 2662 -7.38 46.57 65.06
CA ALA E 2662 -6.83 47.72 65.77
C ALA E 2662 -7.90 48.45 66.57
N PHE E 2663 -9.06 48.68 65.95
CA PHE E 2663 -10.13 49.39 66.65
C PHE E 2663 -10.68 48.56 67.80
N LEU E 2664 -10.89 47.27 67.60
CA LEU E 2664 -11.44 46.49 68.69
C LEU E 2664 -10.38 45.96 69.65
N SER E 2665 -9.11 46.26 69.42
CA SER E 2665 -8.10 46.01 70.43
C SER E 2665 -7.87 47.22 71.31
N SER E 2666 -8.02 48.42 70.77
CA SER E 2666 -7.98 49.58 71.65
C SER E 2666 -9.35 50.01 72.13
N GLY E 2667 -10.39 49.27 71.76
CA GLY E 2667 -11.71 49.53 72.32
C GLY E 2667 -12.41 50.74 71.74
N PHE E 2668 -12.51 50.82 70.42
CA PHE E 2668 -13.29 51.86 69.81
C PHE E 2668 -14.48 51.26 69.10
N SER E 2669 -15.23 52.15 68.45
CA SER E 2669 -15.80 52.00 67.14
C SER E 2669 -15.49 53.34 66.50
N PRO E 2670 -15.50 53.44 65.17
CA PRO E 2670 -15.44 54.78 64.56
C PRO E 2670 -16.67 55.62 64.83
N ALA E 2671 -17.77 55.00 65.29
CA ALA E 2671 -18.96 55.75 65.66
C ALA E 2671 -18.71 56.69 66.83
N GLU E 2672 -17.89 56.27 67.80
CA GLU E 2672 -17.60 57.18 68.91
C GLU E 2672 -16.73 58.35 68.47
N VAL E 2673 -15.83 58.09 67.52
CA VAL E 2673 -15.03 59.17 66.95
C VAL E 2673 -15.93 60.14 66.21
N MET E 2674 -16.94 59.63 65.51
CA MET E 2674 -17.88 60.52 64.84
C MET E 2674 -18.76 61.26 65.84
N ARG E 2675 -18.98 60.69 67.01
CA ARG E 2675 -19.68 61.43 68.07
C ARG E 2675 -18.86 62.61 68.55
N TYR E 2676 -17.55 62.42 68.68
CA TYR E 2676 -16.77 63.45 69.35
C TYR E 2676 -16.13 64.46 68.40
N VAL E 2677 -15.87 64.11 67.14
CA VAL E 2677 -15.38 65.07 66.16
C VAL E 2677 -16.17 64.93 64.87
N HIS E 2678 -16.02 65.92 64.01
CA HIS E 2678 -16.66 66.02 62.70
C HIS E 2678 -15.98 65.07 61.71
N PRO E 2679 -16.72 64.48 60.78
CA PRO E 2679 -16.13 63.47 59.88
C PRO E 2679 -15.11 64.00 58.88
N SER E 2680 -14.88 65.31 58.78
CA SER E 2680 -13.82 65.78 57.90
C SER E 2680 -12.50 65.93 58.62
N LEU E 2681 -12.44 65.60 59.91
CA LEU E 2681 -11.21 65.65 60.67
C LEU E 2681 -10.62 64.28 60.91
N VAL E 2682 -11.16 63.25 60.26
CA VAL E 2682 -10.65 61.89 60.31
C VAL E 2682 -10.14 61.54 58.93
N ALA E 2683 -8.92 61.07 58.83
CA ALA E 2683 -8.33 60.75 57.54
C ALA E 2683 -8.05 59.26 57.44
N ASN E 2684 -7.41 58.88 56.34
CA ASN E 2684 -6.98 57.50 56.11
C ASN E 2684 -5.86 57.55 55.11
N THR E 2685 -4.63 57.30 55.54
CA THR E 2685 -3.48 57.41 54.67
C THR E 2685 -2.79 56.07 54.45
N GLN E 2686 -3.56 55.00 54.40
CA GLN E 2686 -2.98 53.67 54.22
C GLN E 2686 -2.51 53.52 52.78
N GLY E 2687 -1.24 53.81 52.55
CA GLY E 2687 -0.66 53.58 51.24
C GLY E 2687 -0.15 52.17 51.09
N THR E 2688 -0.93 51.33 50.41
CA THR E 2688 -0.51 49.96 50.19
C THR E 2688 0.65 49.91 49.21
N GLY E 2689 1.57 48.98 49.44
CA GLY E 2689 2.92 49.01 48.89
C GLY E 2689 3.04 48.98 47.39
N MET E 2690 2.69 47.87 46.77
CA MET E 2690 2.66 47.80 45.31
C MET E 2690 1.24 47.87 44.77
N GLY E 2691 0.35 47.06 45.34
CA GLY E 2691 -1.06 47.09 44.99
C GLY E 2691 -1.43 45.98 44.05
N GLY E 2692 -1.91 44.88 44.62
CA GLY E 2692 -2.36 43.70 43.90
C GLY E 2692 -1.45 43.12 42.84
N GLY E 2693 -0.26 42.63 43.21
CA GLY E 2693 0.52 41.86 42.26
C GLY E 2693 -0.14 40.54 41.91
N THR E 2694 -0.64 39.84 42.94
CA THR E 2694 -1.43 38.64 42.74
C THR E 2694 -2.72 38.96 41.98
N SER E 2695 -3.32 40.12 42.26
CA SER E 2695 -4.55 40.51 41.57
C SER E 2695 -4.30 40.79 40.10
N MET E 2696 -3.17 41.43 39.77
CA MET E 2696 -2.86 41.74 38.37
C MET E 2696 -2.50 40.50 37.58
N GLN E 2697 -1.70 39.59 38.18
CA GLN E 2697 -1.41 38.35 37.47
C GLN E 2697 -2.64 37.45 37.39
N THR E 2698 -3.57 37.59 38.35
CA THR E 2698 -4.83 36.88 38.27
C THR E 2698 -5.70 37.42 37.13
N MET E 2699 -5.71 38.75 36.96
CA MET E 2699 -6.39 39.37 35.81
C MET E 2699 -5.83 38.86 34.50
N TYR E 2700 -4.50 38.84 34.36
CA TYR E 2700 -3.93 38.46 33.07
C TYR E 2700 -4.06 36.97 32.80
N HIS E 2701 -3.97 36.13 33.85
CA HIS E 2701 -4.17 34.70 33.65
C HIS E 2701 -5.63 34.37 33.35
N GLY E 2702 -6.57 35.09 33.96
CA GLY E 2702 -7.96 34.93 33.55
C GLY E 2702 -8.21 35.42 32.14
N ASN E 2703 -7.49 36.47 31.72
CA ASN E 2703 -7.62 36.97 30.35
C ASN E 2703 -7.09 35.96 29.34
N LEU E 2704 -5.98 35.29 29.65
CA LEU E 2704 -5.47 34.27 28.74
C LEU E 2704 -6.34 33.02 28.74
N LEU E 2705 -6.59 32.43 29.93
CA LEU E 2705 -7.29 31.17 30.01
C LEU E 2705 -8.80 31.29 29.79
N GLY E 2706 -9.34 32.50 29.70
CA GLY E 2706 -10.76 32.64 29.48
C GLY E 2706 -11.61 32.51 30.71
N ARG E 2707 -11.02 32.61 31.90
CA ARG E 2707 -11.78 32.61 33.13
C ARG E 2707 -12.63 33.88 33.20
N ASN E 2708 -13.88 33.72 33.65
CA ASN E 2708 -14.84 34.83 33.68
C ASN E 2708 -14.50 35.77 34.84
N LYS E 2709 -13.45 36.56 34.63
CA LYS E 2709 -13.08 37.60 35.58
C LYS E 2709 -14.11 38.73 35.52
N PRO E 2710 -14.32 39.45 36.62
CA PRO E 2710 -15.25 40.58 36.57
C PRO E 2710 -14.72 41.70 35.69
N ASN E 2711 -15.65 42.42 35.07
CA ASN E 2711 -15.31 43.45 34.09
C ASN E 2711 -15.06 44.81 34.72
N ASP E 2712 -14.88 44.86 36.05
CA ASP E 2712 -14.55 46.09 36.75
C ASP E 2712 -13.29 45.91 37.61
N ILE E 2713 -12.62 44.76 37.52
CA ILE E 2713 -11.43 44.55 38.33
C ILE E 2713 -10.26 45.39 37.81
N PHE E 2714 -10.29 45.78 36.53
CA PHE E 2714 -9.30 46.73 36.01
C PHE E 2714 -9.51 48.12 36.59
N GLN E 2715 -10.76 48.47 36.89
CA GLN E 2715 -11.04 49.69 37.63
C GLN E 2715 -10.58 49.58 39.07
N GLU E 2716 -11.13 48.62 39.83
CA GLU E 2716 -10.90 48.51 41.25
C GLU E 2716 -9.71 47.61 41.61
N VAL E 2717 -8.69 47.54 40.75
CA VAL E 2717 -7.44 46.88 41.10
C VAL E 2717 -6.41 47.86 41.68
N LEU E 2718 -6.72 49.16 41.68
CA LEU E 2718 -5.75 50.19 42.00
C LEU E 2718 -5.39 50.18 43.48
N PRO E 2719 -4.17 50.63 43.85
CA PRO E 2719 -3.75 50.55 45.26
C PRO E 2719 -4.48 51.51 46.18
N ASN E 2720 -4.92 52.68 45.70
CA ASN E 2720 -5.74 53.55 46.54
C ASN E 2720 -7.10 52.93 46.85
N ILE E 2721 -7.60 52.09 45.94
CA ILE E 2721 -8.95 51.55 46.06
C ILE E 2721 -9.05 50.52 47.20
N ILE E 2722 -7.92 50.01 47.70
CA ILE E 2722 -7.92 49.17 48.90
C ILE E 2722 -8.45 49.95 50.11
N ALA E 2723 -7.77 51.05 50.45
CA ALA E 2723 -8.27 51.85 51.55
C ALA E 2723 -9.49 52.68 51.16
N ALA E 2724 -9.79 52.81 49.86
CA ALA E 2724 -11.08 53.36 49.49
C ALA E 2724 -12.22 52.39 49.77
N HIS E 2725 -11.98 51.08 49.63
CA HIS E 2725 -12.94 50.09 50.14
C HIS E 2725 -13.07 50.22 51.65
N VAL E 2726 -11.95 50.45 52.34
CA VAL E 2726 -11.99 50.63 53.80
C VAL E 2726 -12.80 51.85 54.19
N VAL E 2727 -12.69 52.93 53.42
CA VAL E 2727 -13.46 54.15 53.72
C VAL E 2727 -14.92 53.97 53.34
N GLN E 2728 -15.20 53.44 52.14
CA GLN E 2728 -16.58 53.31 51.69
C GLN E 2728 -17.34 52.23 52.45
N SER E 2729 -16.66 51.34 53.16
CA SER E 2729 -17.34 50.36 53.99
C SER E 2729 -17.33 50.74 55.45
N TYR E 2730 -16.15 50.90 56.05
CA TYR E 2730 -16.00 50.84 57.48
C TYR E 2730 -15.96 52.19 58.16
N VAL E 2731 -15.01 53.06 57.81
CA VAL E 2731 -14.79 54.25 58.62
C VAL E 2731 -15.69 55.41 58.18
N GLY E 2732 -15.98 55.54 56.88
CA GLY E 2732 -16.87 56.59 56.41
C GLY E 2732 -16.33 58.00 56.53
N SER E 2733 -15.02 58.16 56.63
CA SER E 2733 -14.41 59.47 56.83
C SER E 2733 -14.33 60.23 55.51
N TYR E 2734 -14.60 61.53 55.58
CA TYR E 2734 -14.54 62.39 54.40
C TYR E 2734 -13.17 63.00 54.19
N GLY E 2735 -12.21 62.66 55.05
CA GLY E 2735 -10.98 63.41 55.16
C GLY E 2735 -9.90 63.00 54.18
N ALA E 2736 -8.72 63.58 54.40
CA ALA E 2736 -7.67 63.63 53.38
C ALA E 2736 -6.99 62.27 53.21
N MET E 2737 -7.31 61.60 52.10
CA MET E 2737 -6.79 60.28 51.79
C MET E 2737 -5.59 60.40 50.86
N ILE E 2738 -4.41 60.07 51.38
CA ILE E 2738 -3.14 60.15 50.67
C ILE E 2738 -2.50 58.77 50.74
N HIS E 2739 -2.24 58.16 49.59
CA HIS E 2739 -1.72 56.79 49.60
C HIS E 2739 -0.33 56.73 48.97
N PRO E 2740 0.73 56.65 49.77
CA PRO E 2740 2.10 56.69 49.22
C PRO E 2740 2.69 55.33 48.86
N VAL E 2741 3.60 55.36 47.90
CA VAL E 2741 4.33 54.18 47.44
C VAL E 2741 5.82 54.49 47.44
N ALA E 2742 6.56 53.84 48.33
CA ALA E 2742 8.01 53.77 48.26
C ALA E 2742 8.51 52.34 48.29
N ALA E 2743 7.60 51.38 48.47
CA ALA E 2743 7.71 49.94 48.24
C ALA E 2743 8.64 49.22 49.22
N CYS E 2744 9.37 49.95 50.07
CA CYS E 2744 9.88 49.40 51.31
C CYS E 2744 9.84 50.37 52.47
N ALA E 2745 9.22 51.53 52.30
CA ALA E 2745 8.96 52.42 53.43
C ALA E 2745 7.59 53.06 53.35
N THR E 2746 6.60 52.38 52.75
CA THR E 2746 5.26 52.94 52.60
C THR E 2746 4.62 53.21 53.94
N ALA E 2747 4.78 52.30 54.90
CA ALA E 2747 4.22 52.51 56.22
C ALA E 2747 4.92 53.68 56.91
N ALA E 2748 6.23 53.82 56.72
CA ALA E 2748 6.96 54.91 57.36
C ALA E 2748 6.56 56.27 56.80
N VAL E 2749 6.41 56.35 55.47
CA VAL E 2749 6.04 57.65 54.91
C VAL E 2749 4.57 57.95 55.16
N SER E 2750 3.72 56.92 55.28
CA SER E 2750 2.33 57.16 55.64
C SER E 2750 2.22 57.63 57.08
N VAL E 2751 3.08 57.12 57.96
CA VAL E 2751 3.06 57.59 59.34
C VAL E 2751 3.56 59.02 59.44
N GLU E 2752 4.60 59.37 58.69
CA GLU E 2752 5.05 60.75 58.83
C GLU E 2752 4.12 61.75 58.14
N GLU E 2753 3.39 61.32 57.09
CA GLU E 2753 2.42 62.25 56.56
C GLU E 2753 1.18 62.34 57.44
N GLY E 2754 0.82 61.28 58.16
CA GLY E 2754 -0.27 61.38 59.12
C GLY E 2754 0.10 62.29 60.28
N VAL E 2755 1.35 62.23 60.73
CA VAL E 2755 1.69 63.06 61.86
C VAL E 2755 1.86 64.52 61.45
N ASP E 2756 2.33 64.83 60.24
CA ASP E 2756 2.39 66.26 59.97
C ASP E 2756 1.04 66.82 59.50
N LYS E 2757 0.10 65.97 59.08
CA LYS E 2757 -1.27 66.44 58.96
C LYS E 2757 -1.86 66.79 60.31
N ILE E 2758 -1.56 65.98 61.34
CA ILE E 2758 -2.03 66.35 62.67
C ILE E 2758 -1.28 67.58 63.20
N ARG E 2759 -0.02 67.77 62.80
CA ARG E 2759 0.68 68.99 63.19
C ARG E 2759 0.11 70.23 62.51
N LEU E 2760 -0.42 70.07 61.29
CA LEU E 2760 -1.18 71.18 60.68
C LEU E 2760 -2.46 71.45 61.44
N GLY E 2761 -3.33 70.46 61.52
CA GLY E 2761 -4.66 70.69 62.04
C GLY E 2761 -5.66 70.26 61.02
N LYS E 2762 -5.17 69.63 59.96
CA LYS E 2762 -6.04 69.11 58.91
C LYS E 2762 -6.83 67.90 59.38
N ALA E 2763 -6.40 67.24 60.45
CA ALA E 2763 -7.08 66.06 60.94
C ALA E 2763 -6.81 65.91 62.42
N GLN E 2764 -7.57 65.02 63.06
CA GLN E 2764 -7.36 64.70 64.46
C GLN E 2764 -7.33 63.20 64.73
N LEU E 2765 -7.57 62.36 63.74
CA LEU E 2765 -7.38 60.93 63.90
C LEU E 2765 -7.05 60.37 62.53
N VAL E 2766 -5.86 59.82 62.37
CA VAL E 2766 -5.38 59.35 61.09
C VAL E 2766 -5.15 57.85 61.17
N VAL E 2767 -5.63 57.13 60.18
CA VAL E 2767 -5.42 55.69 60.12
C VAL E 2767 -4.31 55.43 59.12
N ALA E 2768 -3.12 55.09 59.60
CA ALA E 2768 -1.98 54.89 58.71
C ALA E 2768 -1.58 53.43 58.72
N GLY E 2769 -0.70 53.06 57.79
CA GLY E 2769 -0.25 51.68 57.73
C GLY E 2769 0.17 51.31 56.32
N GLY E 2770 0.04 50.02 56.03
CA GLY E 2770 0.41 49.52 54.72
C GLY E 2770 0.49 48.01 54.72
N LEU E 2771 0.45 47.45 53.52
CA LEU E 2771 0.47 45.99 53.37
C LEU E 2771 1.31 45.60 52.17
N ASP E 2772 1.65 44.31 52.12
CA ASP E 2772 2.50 43.75 51.08
C ASP E 2772 2.03 42.36 50.70
N ASP E 2773 2.66 41.82 49.66
CA ASP E 2773 2.43 40.46 49.23
C ASP E 2773 3.60 40.02 48.37
N LEU E 2774 4.00 38.76 48.52
CA LEU E 2774 4.92 38.13 47.60
C LEU E 2774 4.13 37.31 46.60
N THR E 2775 4.50 37.41 45.33
CA THR E 2775 3.88 36.62 44.28
C THR E 2775 4.88 35.62 43.74
N LEU E 2776 4.39 34.75 42.86
CA LEU E 2776 5.32 33.96 42.05
C LEU E 2776 6.17 34.85 41.17
N GLU E 2777 5.56 35.90 40.61
CA GLU E 2777 6.31 36.92 39.88
C GLU E 2777 7.27 37.66 40.81
N GLY E 2778 6.87 37.88 42.06
CA GLY E 2778 7.74 38.54 43.02
C GLY E 2778 8.98 37.72 43.34
N ILE E 2779 8.80 36.43 43.61
CA ILE E 2779 9.95 35.60 43.96
C ILE E 2779 10.82 35.31 42.74
N ILE E 2780 10.23 35.20 41.54
CA ILE E 2780 11.02 34.99 40.33
C ILE E 2780 11.83 36.24 40.00
N GLY E 2781 11.22 37.42 40.13
CA GLY E 2781 11.95 38.65 39.87
C GLY E 2781 13.04 38.94 40.90
N PHE E 2782 12.76 38.62 42.17
CA PHE E 2782 13.79 38.80 43.19
C PHE E 2782 14.89 37.76 43.08
N GLY E 2783 14.59 36.57 42.57
CA GLY E 2783 15.63 35.59 42.29
C GLY E 2783 16.49 35.98 41.11
N ASP E 2784 15.89 36.62 40.10
CA ASP E 2784 16.69 37.16 39.01
C ASP E 2784 17.51 38.37 39.47
N MET E 2785 17.00 39.12 40.45
CA MET E 2785 17.73 40.26 40.97
C MET E 2785 18.89 39.85 41.87
N ALA E 2786 18.71 38.75 42.61
CA ALA E 2786 19.75 38.09 43.43
C ALA E 2786 20.30 39.00 44.52
N ALA E 2787 19.39 39.44 45.40
CA ALA E 2787 19.76 39.92 46.73
C ALA E 2787 18.99 39.19 47.81
N THR E 2788 18.27 38.14 47.47
CA THR E 2788 17.54 37.33 48.44
C THR E 2788 18.33 36.07 48.75
N ALA E 2789 17.86 35.35 49.76
CA ALA E 2789 18.55 34.16 50.24
C ALA E 2789 18.33 33.00 49.29
N ASP E 2790 19.42 32.53 48.67
CA ASP E 2790 19.32 31.34 47.83
C ASP E 2790 19.23 30.11 48.70
N THR E 2791 18.17 29.31 48.48
CA THR E 2791 17.92 28.13 49.27
C THR E 2791 19.01 27.08 49.07
N SER E 2792 19.50 26.94 47.84
CA SER E 2792 20.58 26.00 47.56
C SER E 2792 21.87 26.42 48.25
N MET E 2793 22.18 27.72 48.25
CA MET E 2793 23.40 28.20 48.91
C MET E 2793 23.32 28.03 50.41
N MET E 2794 22.17 28.34 51.01
CA MET E 2794 22.06 28.22 52.44
C MET E 2794 22.00 26.76 52.90
N CYS E 2795 21.38 25.87 52.13
CA CYS E 2795 21.45 24.47 52.49
C CYS E 2795 22.81 23.87 52.20
N GLY E 2796 23.58 24.47 51.29
CA GLY E 2796 24.98 24.09 51.17
C GLY E 2796 25.78 24.50 52.38
N ARG E 2797 25.45 25.65 52.97
CA ARG E 2797 26.09 26.04 54.21
C ARG E 2797 25.49 25.35 55.42
N GLY E 2798 24.39 24.63 55.28
CA GLY E 2798 23.87 23.84 56.37
C GLY E 2798 23.15 24.65 57.41
N ILE E 2799 22.15 25.40 56.99
CA ILE E 2799 21.31 26.21 57.87
C ILE E 2799 19.88 25.71 57.75
N HIS E 2800 19.20 25.54 58.87
CA HIS E 2800 17.88 24.94 58.89
C HIS E 2800 16.83 25.90 58.31
N ASP E 2801 15.57 25.44 58.34
CA ASP E 2801 14.52 26.15 57.62
C ASP E 2801 14.11 27.44 58.33
N SER E 2802 14.18 27.47 59.65
CA SER E 2802 13.65 28.61 60.37
C SER E 2802 14.68 29.68 60.68
N LYS E 2803 15.89 29.58 60.13
CA LYS E 2803 16.94 30.52 60.50
C LYS E 2803 17.69 31.03 59.29
N PHE E 2804 17.00 31.24 58.17
CA PHE E 2804 17.64 31.88 57.03
C PHE E 2804 17.90 33.35 57.29
N SER E 2805 16.95 34.05 57.88
CA SER E 2805 17.08 35.47 58.16
C SER E 2805 17.98 35.63 59.38
N ARG E 2806 19.20 36.12 59.17
CA ARG E 2806 20.20 36.23 60.23
C ARG E 2806 20.93 37.56 60.17
N PRO E 2807 20.30 38.63 60.62
CA PRO E 2807 20.95 39.94 60.59
C PRO E 2807 22.05 40.03 61.62
N ASN E 2808 23.12 40.74 61.26
CA ASN E 2808 24.35 40.87 62.03
C ASN E 2808 24.95 39.50 62.34
N ASP E 2809 25.23 38.77 61.27
CA ASP E 2809 25.79 37.43 61.39
C ASP E 2809 26.82 37.26 60.28
N ARG E 2810 27.77 36.36 60.48
CA ARG E 2810 28.83 36.25 59.49
C ARG E 2810 28.38 35.45 58.28
N ARG E 2811 27.39 34.59 58.41
CA ARG E 2811 26.93 33.75 57.31
C ARG E 2811 25.65 34.27 56.68
N ARG E 2812 25.49 35.58 56.55
CA ARG E 2812 24.30 36.16 55.94
C ARG E 2812 24.50 36.32 54.44
N LEU E 2813 23.48 35.97 53.66
CA LEU E 2813 23.61 36.09 52.21
C LEU E 2813 22.28 36.51 51.57
N GLY E 2814 21.59 37.48 52.17
CA GLY E 2814 20.39 38.03 51.57
C GLY E 2814 19.18 37.87 52.47
N PHE E 2815 18.12 38.57 52.08
CA PHE E 2815 16.93 38.69 52.92
C PHE E 2815 15.88 37.65 52.58
N VAL E 2816 15.02 37.39 53.55
CA VAL E 2816 13.89 36.49 53.38
C VAL E 2816 12.63 37.34 53.24
N GLU E 2817 11.84 37.04 52.23
CA GLU E 2817 10.67 37.82 51.91
C GLU E 2817 9.47 37.29 52.68
N ALA E 2818 8.63 38.19 53.18
CA ALA E 2818 7.44 37.81 53.91
C ALA E 2818 6.29 38.67 53.43
N GLN E 2819 5.08 38.28 53.81
CA GLN E 2819 3.88 38.96 53.37
C GLN E 2819 3.04 39.37 54.57
N GLY E 2820 2.48 40.57 54.51
CA GLY E 2820 1.73 41.10 55.62
C GLY E 2820 1.88 42.60 55.78
N GLY E 2821 1.77 43.08 57.01
CA GLY E 2821 1.81 44.51 57.29
C GLY E 2821 0.78 44.83 58.35
N GLY E 2822 0.12 45.98 58.27
CA GLY E 2822 -0.93 46.26 59.22
C GLY E 2822 -1.30 47.73 59.22
N THR E 2823 -1.83 48.17 60.36
CA THR E 2823 -2.28 49.55 60.51
C THR E 2823 -1.99 50.05 61.93
N ILE E 2824 -1.71 51.34 62.03
CA ILE E 2824 -1.62 52.02 63.31
C ILE E 2824 -2.55 53.22 63.27
N LEU E 2825 -2.90 53.71 64.45
CA LEU E 2825 -3.91 54.74 64.58
C LEU E 2825 -3.31 55.92 65.32
N LEU E 2826 -3.06 57.00 64.61
CA LEU E 2826 -2.52 58.21 65.18
C LEU E 2826 -3.67 59.10 65.60
N ALA E 2827 -3.48 59.83 66.70
CA ALA E 2827 -4.53 60.73 67.16
C ALA E 2827 -3.88 61.88 67.91
N ARG E 2828 -4.59 62.98 68.00
CA ARG E 2828 -4.04 64.11 68.72
C ARG E 2828 -4.31 63.93 70.21
N GLY E 2829 -3.42 64.49 71.03
CA GLY E 2829 -3.52 64.35 72.47
C GLY E 2829 -4.78 64.93 73.07
N ASP E 2830 -5.41 65.88 72.39
CA ASP E 2830 -6.68 66.42 72.86
C ASP E 2830 -7.79 65.39 72.76
N LEU E 2831 -7.88 64.68 71.63
CA LEU E 2831 -8.81 63.56 71.54
C LEU E 2831 -8.47 62.46 72.53
N ALA E 2832 -7.17 62.20 72.72
CA ALA E 2832 -6.78 61.15 73.66
C ALA E 2832 -7.22 61.47 75.08
N LEU E 2833 -7.10 62.74 75.47
CA LEU E 2833 -7.55 63.14 76.80
C LEU E 2833 -9.06 63.20 76.89
N ARG E 2834 -9.72 63.69 75.85
CA ARG E 2834 -11.16 63.91 75.94
C ARG E 2834 -11.94 62.63 75.85
N MET E 2835 -11.44 61.64 75.11
CA MET E 2835 -12.10 60.36 75.03
C MET E 2835 -11.55 59.35 76.01
N GLY E 2836 -10.37 59.61 76.59
CA GLY E 2836 -9.74 58.61 77.41
C GLY E 2836 -9.21 57.47 76.57
N LEU E 2837 -8.19 57.71 75.80
CA LEU E 2837 -7.80 56.62 74.93
C LEU E 2837 -6.48 56.00 75.37
N PRO E 2838 -6.28 54.72 75.11
CA PRO E 2838 -5.02 54.08 75.53
C PRO E 2838 -3.87 54.56 74.66
N VAL E 2839 -3.05 55.43 75.20
CA VAL E 2839 -1.86 55.87 74.50
C VAL E 2839 -0.81 54.78 74.59
N LEU E 2840 -0.34 54.32 73.45
CA LEU E 2840 0.69 53.30 73.43
C LEU E 2840 2.09 53.87 73.32
N ALA E 2841 2.24 55.03 72.70
CA ALA E 2841 3.53 55.70 72.60
C ALA E 2841 3.25 57.16 72.29
N VAL E 2842 4.29 57.97 72.34
CA VAL E 2842 4.21 59.38 71.96
C VAL E 2842 5.20 59.61 70.84
N VAL E 2843 4.71 60.02 69.68
CA VAL E 2843 5.59 60.21 68.54
C VAL E 2843 6.27 61.56 68.66
N ALA E 2844 7.58 61.55 68.75
CA ALA E 2844 8.33 62.78 68.91
C ALA E 2844 8.91 63.30 67.63
N PHE E 2845 9.14 62.43 66.65
CA PHE E 2845 9.82 62.83 65.42
C PHE E 2845 9.56 61.78 64.36
N ALA E 2846 9.11 62.21 63.20
CA ALA E 2846 8.91 61.32 62.07
C ALA E 2846 9.31 62.06 60.82
N GLN E 2847 10.10 61.43 59.97
CA GLN E 2847 10.77 62.16 58.91
C GLN E 2847 11.27 61.17 57.87
N SER E 2848 11.21 61.57 56.61
CA SER E 2848 11.78 60.79 55.52
C SER E 2848 12.89 61.58 54.84
N PHE E 2849 13.70 60.87 54.04
CA PHE E 2849 14.88 61.45 53.43
C PHE E 2849 15.14 60.77 52.10
N GLY E 2850 15.88 61.48 51.24
CA GLY E 2850 16.51 60.90 50.08
C GLY E 2850 17.97 60.61 50.34
N ASP E 2851 18.68 60.30 49.26
CA ASP E 2851 20.08 59.91 49.41
C ASP E 2851 21.03 60.72 48.54
N GLY E 2852 20.59 61.29 47.44
CA GLY E 2852 21.43 62.11 46.60
C GLY E 2852 22.00 61.34 45.42
N VAL E 2853 23.01 61.95 44.80
CA VAL E 2853 23.61 61.41 43.57
C VAL E 2853 24.42 60.18 43.90
N HIS E 2854 23.99 59.03 43.39
CA HIS E 2854 24.76 57.78 43.37
C HIS E 2854 24.34 57.05 42.08
N THR E 2855 25.11 57.28 41.01
CA THR E 2855 24.81 56.64 39.73
C THR E 2855 25.05 55.14 39.80
N SER E 2856 26.10 54.73 40.51
CA SER E 2856 26.35 53.32 40.76
C SER E 2856 25.37 52.83 41.82
N ILE E 2857 24.39 52.04 41.41
CA ILE E 2857 23.37 51.48 42.30
C ILE E 2857 23.84 50.51 43.41
N PRO E 2858 24.98 49.81 43.37
CA PRO E 2858 25.41 49.14 44.60
C PRO E 2858 26.00 50.05 45.67
N ALA E 2859 26.09 51.37 45.43
CA ALA E 2859 26.48 52.30 46.47
C ALA E 2859 25.25 52.63 47.31
N PRO E 2860 25.25 52.32 48.60
CA PRO E 2860 24.05 52.46 49.42
C PRO E 2860 23.91 53.88 49.97
N GLY E 2861 22.77 54.12 50.60
CA GLY E 2861 22.45 55.44 51.11
C GLY E 2861 22.85 55.64 52.56
N LEU E 2862 23.15 56.89 52.89
CA LEU E 2862 23.56 57.25 54.24
C LEU E 2862 22.90 58.53 54.74
N GLY E 2863 22.24 59.30 53.87
CA GLY E 2863 21.80 60.64 54.21
C GLY E 2863 20.58 60.79 55.11
N ALA E 2864 20.30 59.80 55.95
CA ALA E 2864 19.26 59.95 56.96
C ALA E 2864 19.76 60.62 58.23
N LEU E 2865 21.01 61.07 58.25
CA LEU E 2865 21.57 61.78 59.39
C LEU E 2865 21.32 63.26 59.32
N GLY E 2866 20.53 63.73 58.35
CA GLY E 2866 20.16 65.13 58.29
C GLY E 2866 19.23 65.55 59.42
N ALA E 2867 18.65 64.58 60.13
CA ALA E 2867 17.89 64.88 61.32
C ALA E 2867 18.77 65.34 62.48
N GLY E 2868 20.06 65.10 62.39
CA GLY E 2868 20.96 65.47 63.46
C GLY E 2868 22.02 66.48 63.07
N ARG E 2869 21.64 67.50 62.31
CA ARG E 2869 22.58 68.58 61.99
C ARG E 2869 22.46 69.67 63.04
N GLY E 2870 23.59 70.05 63.63
CA GLY E 2870 23.62 71.11 64.61
C GLY E 2870 23.80 70.64 66.04
N GLY E 2871 23.85 69.34 66.27
CA GLY E 2871 24.01 68.83 67.61
C GLY E 2871 22.77 69.02 68.44
N LYS E 2872 22.86 69.84 69.47
CA LYS E 2872 21.68 70.13 70.29
C LYS E 2872 20.70 71.06 69.60
N ASP E 2873 21.10 71.72 68.52
CA ASP E 2873 20.18 72.56 67.77
C ASP E 2873 19.44 71.79 66.69
N SER E 2874 19.68 70.49 66.57
CA SER E 2874 19.00 69.68 65.58
C SER E 2874 17.53 69.51 65.97
N PRO E 2875 16.64 69.33 64.99
CA PRO E 2875 15.21 69.19 65.32
C PRO E 2875 14.89 67.91 66.08
N LEU E 2876 15.64 66.83 65.86
CA LEU E 2876 15.45 65.60 66.61
C LEU E 2876 15.73 65.82 68.10
N ALA E 2877 16.90 66.39 68.40
CA ALA E 2877 17.26 66.67 69.78
C ALA E 2877 16.34 67.69 70.40
N ARG E 2878 15.84 68.64 69.60
CA ARG E 2878 14.95 69.66 70.13
C ARG E 2878 13.59 69.08 70.49
N ALA E 2879 13.09 68.15 69.67
CA ALA E 2879 11.82 67.51 69.98
C ALA E 2879 11.93 66.61 71.20
N LEU E 2880 13.03 65.85 71.30
CA LEU E 2880 13.23 65.02 72.49
C LEU E 2880 13.40 65.87 73.74
N ALA E 2881 14.04 67.03 73.61
CA ALA E 2881 14.18 67.90 74.78
C ALA E 2881 12.86 68.56 75.14
N LYS E 2882 11.97 68.80 74.16
CA LYS E 2882 10.63 69.26 74.48
C LYS E 2882 9.87 68.21 75.28
N LEU E 2883 10.01 66.94 74.91
CA LEU E 2883 9.38 65.91 75.71
C LEU E 2883 10.16 65.57 76.98
N GLY E 2884 11.34 66.11 77.17
CA GLY E 2884 12.08 65.86 78.40
C GLY E 2884 12.84 64.56 78.32
N VAL E 2885 13.44 64.31 77.17
CA VAL E 2885 14.24 63.12 76.92
C VAL E 2885 15.62 63.59 76.52
N ALA E 2886 16.62 63.32 77.36
CA ALA E 2886 17.97 63.75 77.05
C ALA E 2886 18.60 62.83 76.01
N ALA E 2887 19.86 63.10 75.67
CA ALA E 2887 20.51 62.32 74.63
C ALA E 2887 20.83 60.90 75.08
N ASP E 2888 21.19 60.73 76.34
CA ASP E 2888 21.50 59.40 76.85
C ASP E 2888 20.27 58.57 77.14
N ASP E 2889 19.08 59.15 77.10
CA ASP E 2889 17.87 58.42 77.46
C ASP E 2889 17.36 57.54 76.34
N VAL E 2890 17.80 57.77 75.12
CA VAL E 2890 17.49 56.89 74.00
C VAL E 2890 18.17 55.55 74.27
N ALA E 2891 17.38 54.50 74.41
CA ALA E 2891 17.90 53.24 74.91
C ALA E 2891 17.91 52.13 73.86
N VAL E 2892 16.90 52.05 73.02
CA VAL E 2892 16.70 50.89 72.16
C VAL E 2892 16.59 51.34 70.71
N ILE E 2893 17.34 50.68 69.85
CA ILE E 2893 17.34 50.94 68.42
C ILE E 2893 16.73 49.73 67.73
N SER E 2894 15.58 49.90 67.12
CA SER E 2894 14.97 48.82 66.36
C SER E 2894 15.43 48.97 64.93
N LYS E 2895 16.56 48.34 64.61
CA LYS E 2895 17.24 48.60 63.36
C LYS E 2895 16.49 47.99 62.18
N HIS E 2896 16.89 48.41 60.98
CA HIS E 2896 16.26 47.89 59.77
C HIS E 2896 16.71 46.46 59.52
N ASP E 2897 18.01 46.26 59.25
CA ASP E 2897 18.71 44.97 59.33
C ASP E 2897 18.05 43.85 58.55
N THR E 2898 18.07 43.98 57.24
CA THR E 2898 17.42 42.97 56.41
C THR E 2898 18.24 41.70 56.25
N SER E 2899 19.41 41.58 56.88
CA SER E 2899 20.31 40.43 56.76
C SER E 2899 20.85 40.26 55.35
N THR E 2900 21.31 41.35 54.76
CA THR E 2900 22.11 41.31 53.55
C THR E 2900 23.55 41.66 53.89
N LEU E 2901 24.43 41.47 52.91
CA LEU E 2901 25.83 41.80 53.12
C LEU E 2901 26.09 43.29 53.14
N ALA E 2902 25.16 44.09 52.61
CA ALA E 2902 25.42 45.50 52.45
C ALA E 2902 24.86 46.33 53.60
N ASN E 2903 23.57 46.16 53.91
CA ASN E 2903 22.91 47.17 54.72
C ASN E 2903 23.12 47.02 56.21
N ASP E 2904 23.88 46.05 56.69
CA ASP E 2904 24.12 46.02 58.13
C ASP E 2904 25.24 46.94 58.61
N PRO E 2905 26.48 46.91 58.08
CA PRO E 2905 27.52 47.77 58.69
C PRO E 2905 27.34 49.24 58.40
N ASN E 2906 26.76 49.61 57.27
CA ASN E 2906 26.55 51.04 57.02
C ASN E 2906 25.42 51.60 57.87
N GLU E 2907 24.41 50.79 58.19
CA GLU E 2907 23.38 51.26 59.11
C GLU E 2907 23.91 51.34 60.52
N THR E 2908 24.82 50.43 60.90
CA THR E 2908 25.55 50.58 62.14
C THR E 2908 26.34 51.90 62.16
N GLU E 2909 26.97 52.24 61.04
CA GLU E 2909 27.68 53.50 60.92
C GLU E 2909 26.72 54.68 61.03
N LEU E 2910 25.51 54.54 60.49
CA LEU E 2910 24.53 55.63 60.50
C LEU E 2910 24.05 55.92 61.91
N HIS E 2911 23.74 54.88 62.68
CA HIS E 2911 23.33 55.11 64.06
C HIS E 2911 24.48 55.56 64.93
N GLU E 2912 25.70 55.16 64.60
CA GLU E 2912 26.87 55.70 65.30
C GLU E 2912 27.01 57.19 65.04
N ARG E 2913 26.80 57.62 63.80
CA ARG E 2913 26.90 59.03 63.46
C ARG E 2913 25.79 59.85 64.10
N LEU E 2914 24.57 59.30 64.17
CA LEU E 2914 23.49 60.00 64.87
C LEU E 2914 23.76 60.08 66.36
N ALA E 2915 24.36 59.05 66.95
CA ALA E 2915 24.64 59.08 68.38
C ALA E 2915 25.67 60.13 68.72
N ASP E 2916 26.80 60.15 68.02
CA ASP E 2916 27.77 61.18 68.37
C ASP E 2916 27.47 62.54 67.72
N ALA E 2917 26.41 62.63 66.91
CA ALA E 2917 25.92 63.95 66.53
C ALA E 2917 24.96 64.51 67.57
N LEU E 2918 24.12 63.66 68.17
CA LEU E 2918 23.30 64.10 69.28
C LEU E 2918 24.10 64.29 70.55
N GLY E 2919 25.33 63.80 70.59
CA GLY E 2919 26.16 64.07 71.75
C GLY E 2919 25.89 63.05 72.83
N ARG E 2920 25.93 61.79 72.43
CA ARG E 2920 25.80 60.69 73.35
C ARG E 2920 27.03 60.63 74.24
N SER E 2921 26.83 60.37 75.52
CA SER E 2921 27.95 60.19 76.43
C SER E 2921 28.69 58.91 76.06
N GLU E 2922 30.00 58.91 76.29
CA GLU E 2922 30.85 57.87 75.73
C GLU E 2922 30.63 56.56 76.46
N GLY E 2923 30.21 55.55 75.71
CA GLY E 2923 29.98 54.26 76.33
C GLY E 2923 28.62 54.07 76.93
N ALA E 2924 27.64 54.80 76.49
CA ALA E 2924 26.30 54.41 76.93
C ALA E 2924 25.74 53.39 75.96
N PRO E 2925 25.14 52.32 76.45
CA PRO E 2925 24.72 51.23 75.58
C PRO E 2925 23.43 51.51 74.83
N LEU E 2926 23.33 50.91 73.65
CA LEU E 2926 22.13 50.90 72.84
C LEU E 2926 21.72 49.47 72.59
N PHE E 2927 20.53 49.10 73.01
CA PHE E 2927 20.06 47.73 72.82
C PHE E 2927 19.63 47.58 71.37
N VAL E 2928 20.29 46.71 70.63
CA VAL E 2928 19.93 46.51 69.22
C VAL E 2928 18.82 45.48 69.15
N VAL E 2929 17.66 45.88 68.65
CA VAL E 2929 16.55 44.97 68.43
C VAL E 2929 16.34 44.87 66.92
N SER E 2930 16.22 43.64 66.42
CA SER E 2930 16.09 43.39 64.99
C SER E 2930 15.21 42.16 64.82
N GLN E 2931 13.92 42.38 64.60
CA GLN E 2931 12.98 41.27 64.53
C GLN E 2931 12.73 40.81 63.10
N LYS E 2932 13.54 41.25 62.14
CA LYS E 2932 13.45 40.71 60.80
C LYS E 2932 13.93 39.28 60.76
N SER E 2933 14.79 38.89 61.71
CA SER E 2933 15.14 37.49 61.92
C SER E 2933 13.91 36.67 62.29
N LEU E 2934 12.96 37.28 62.96
CA LEU E 2934 11.78 36.58 63.40
C LEU E 2934 10.72 36.54 62.31
N THR E 2935 10.37 37.70 61.75
CA THR E 2935 9.30 37.75 60.75
C THR E 2935 9.85 37.54 59.34
N GLY E 2936 10.73 38.40 58.90
CA GLY E 2936 11.12 38.47 57.51
C GLY E 2936 10.87 39.85 56.94
N HIS E 2937 11.38 40.04 55.73
CA HIS E 2937 11.34 41.37 55.12
C HIS E 2937 10.07 41.49 54.31
N ALA E 2938 8.96 41.73 55.00
CA ALA E 2938 7.79 42.29 54.35
C ALA E 2938 8.16 43.68 53.88
N LYS E 2939 7.86 44.00 52.62
CA LYS E 2939 8.63 45.05 51.96
C LYS E 2939 8.22 46.43 52.44
N GLY E 2940 7.02 46.86 52.06
CA GLY E 2940 6.50 48.15 52.49
C GLY E 2940 5.69 48.11 53.75
N GLY E 2941 5.47 46.94 54.31
CA GLY E 2941 4.76 46.84 55.57
C GLY E 2941 5.65 46.40 56.71
N ALA E 2942 6.88 46.90 56.76
CA ALA E 2942 7.78 46.51 57.83
C ALA E 2942 7.77 47.50 58.98
N ALA E 2943 7.48 48.76 58.68
CA ALA E 2943 7.50 49.78 59.73
C ALA E 2943 6.36 49.59 60.72
N VAL E 2944 5.25 48.97 60.29
CA VAL E 2944 4.19 48.65 61.22
C VAL E 2944 4.59 47.50 62.15
N PHE E 2945 5.37 46.54 61.65
CA PHE E 2945 5.96 45.51 62.52
C PHE E 2945 6.90 46.14 63.52
N GLN E 2946 7.73 47.07 63.08
CA GLN E 2946 8.70 47.69 63.97
C GLN E 2946 8.02 48.57 65.02
N MET E 2947 6.96 49.27 64.65
CA MET E 2947 6.30 50.13 65.62
C MET E 2947 5.51 49.33 66.65
N MET E 2948 4.86 48.23 66.22
CA MET E 2948 4.18 47.42 67.21
C MET E 2948 5.18 46.72 68.13
N GLY E 2949 6.32 46.31 67.58
CA GLY E 2949 7.36 45.73 68.42
C GLY E 2949 7.94 46.73 69.41
N LEU E 2950 8.20 47.96 68.98
CA LEU E 2950 8.81 48.92 69.88
C LEU E 2950 7.82 49.45 70.91
N CYS E 2951 6.54 49.58 70.55
CA CYS E 2951 5.53 49.92 71.55
C CYS E 2951 5.41 48.83 72.60
N GLN E 2952 5.46 47.57 72.19
CA GLN E 2952 5.35 46.50 73.17
C GLN E 2952 6.61 46.36 74.02
N ILE E 2953 7.78 46.68 73.46
CA ILE E 2953 9.01 46.71 74.26
C ILE E 2953 8.93 47.81 75.32
N LEU E 2954 8.49 49.01 74.93
CA LEU E 2954 8.38 50.09 75.89
C LEU E 2954 7.29 49.83 76.92
N ARG E 2955 6.28 49.02 76.59
CA ARG E 2955 5.33 48.60 77.60
C ARG E 2955 5.95 47.66 78.61
N ASP E 2956 6.48 46.53 78.14
CA ASP E 2956 6.79 45.44 79.06
C ASP E 2956 8.18 45.51 79.65
N GLY E 2957 9.11 46.22 79.03
CA GLY E 2957 10.45 46.28 79.54
C GLY E 2957 11.38 45.20 79.04
N VAL E 2958 10.87 44.13 78.47
CA VAL E 2958 11.72 43.06 78.01
C VAL E 2958 12.45 43.47 76.75
N ILE E 2959 13.53 42.78 76.44
CA ILE E 2959 14.29 42.94 75.21
C ILE E 2959 14.34 41.58 74.53
N PRO E 2960 13.86 41.46 73.29
CA PRO E 2960 13.80 40.16 72.66
C PRO E 2960 15.18 39.74 72.18
N PRO E 2961 15.40 38.45 71.97
CA PRO E 2961 16.69 38.00 71.46
C PRO E 2961 16.71 37.87 69.94
N ASN E 2962 17.91 37.81 69.41
CA ASN E 2962 18.12 37.51 68.00
C ASN E 2962 18.51 36.03 67.95
N ARG E 2963 17.50 35.18 67.81
CA ARG E 2963 17.72 33.75 67.96
C ARG E 2963 18.41 33.11 66.78
N SER E 2964 18.54 33.80 65.66
CA SER E 2964 19.23 33.25 64.50
C SER E 2964 20.62 33.85 64.34
N LEU E 2965 21.22 34.31 65.42
CA LEU E 2965 22.57 34.85 65.39
C LEU E 2965 23.48 33.84 66.06
N ASP E 2966 24.64 33.59 65.44
CA ASP E 2966 25.67 32.74 66.02
C ASP E 2966 26.94 33.53 66.28
N CYS E 2967 27.50 34.15 65.27
CA CYS E 2967 28.73 34.91 65.39
C CYS E 2967 28.50 36.29 64.81
N VAL E 2968 28.74 37.33 65.61
CA VAL E 2968 28.62 38.69 65.13
C VAL E 2968 29.72 38.95 64.12
N ASP E 2969 29.38 39.62 63.02
CA ASP E 2969 30.34 39.92 61.97
C ASP E 2969 31.42 40.85 62.49
N ASP E 2970 32.59 40.78 61.85
CA ASP E 2970 33.79 41.36 62.44
C ASP E 2970 33.79 42.88 62.34
N GLU E 2971 33.44 43.42 61.18
CA GLU E 2971 33.58 44.86 60.95
C GLU E 2971 32.52 45.68 61.66
N LEU E 2972 31.57 45.06 62.35
CA LEU E 2972 30.71 45.78 63.26
C LEU E 2972 31.42 46.19 64.54
N ALA E 2973 32.58 45.58 64.83
CA ALA E 2973 33.29 45.73 66.09
C ALA E 2973 33.80 47.14 66.36
N GLY E 2974 33.81 48.01 65.36
CA GLY E 2974 34.17 49.39 65.61
C GLY E 2974 33.09 50.19 66.30
N SER E 2975 31.86 49.68 66.35
CA SER E 2975 30.76 50.44 66.95
C SER E 2975 30.94 50.50 68.47
N ALA E 2976 31.05 51.70 69.00
CA ALA E 2976 31.39 51.90 70.39
C ALA E 2976 30.19 51.90 71.32
N HIS E 2977 28.99 51.63 70.80
CA HIS E 2977 27.78 51.83 71.58
C HIS E 2977 26.81 50.67 71.60
N PHE E 2978 26.84 49.77 70.64
CA PHE E 2978 25.78 48.79 70.50
C PHE E 2978 25.92 47.64 71.49
N VAL E 2979 24.79 47.01 71.79
CA VAL E 2979 24.72 45.79 72.58
C VAL E 2979 23.83 44.84 71.79
N TRP E 2980 24.42 43.77 71.26
CA TRP E 2980 23.69 42.76 70.53
C TRP E 2980 23.24 41.70 71.51
N VAL E 2981 21.94 41.51 71.60
CA VAL E 2981 21.33 40.74 72.68
C VAL E 2981 20.99 39.35 72.15
N ARG E 2982 21.21 38.33 72.97
CA ARG E 2982 20.95 36.95 72.60
C ARG E 2982 19.99 36.23 73.51
N ASP E 2983 19.56 36.85 74.61
CA ASP E 2983 18.66 36.24 75.58
C ASP E 2983 17.71 37.30 76.11
N THR E 2984 16.53 36.86 76.55
CA THR E 2984 15.48 37.79 76.91
C THR E 2984 15.81 38.53 78.20
N LEU E 2985 16.32 39.75 78.06
CA LEU E 2985 16.64 40.58 79.22
C LEU E 2985 15.34 41.10 79.78
N ARG E 2986 15.03 40.72 81.01
CA ARG E 2986 13.79 41.15 81.64
C ARG E 2986 14.07 42.34 82.55
N LEU E 2987 13.85 43.54 82.02
CA LEU E 2987 14.12 44.79 82.71
C LEU E 2987 12.85 45.20 83.44
N GLY E 2988 12.80 44.95 84.74
CA GLY E 2988 11.61 45.31 85.48
C GLY E 2988 11.74 46.74 85.95
N GLY E 2989 11.84 46.94 87.26
CA GLY E 2989 12.19 48.24 87.79
C GLY E 2989 13.68 48.40 87.95
N LYS E 2990 14.46 47.66 87.16
CA LYS E 2990 15.90 47.65 87.29
C LYS E 2990 16.58 48.60 86.31
N PHE E 2991 15.97 48.84 85.16
CA PHE E 2991 16.56 49.69 84.14
C PHE E 2991 15.43 50.22 83.27
N PRO E 2992 14.97 51.44 83.50
CA PRO E 2992 13.80 51.93 82.78
C PRO E 2992 14.14 52.38 81.37
N LEU E 2993 13.23 52.06 80.44
CA LEU E 2993 13.36 52.43 79.05
C LEU E 2993 12.49 53.64 78.77
N LYS E 2994 13.06 54.67 78.15
CA LYS E 2994 12.34 55.91 77.97
C LYS E 2994 12.14 56.34 76.52
N ALA E 2995 12.89 55.79 75.57
CA ALA E 2995 12.75 56.20 74.18
C ALA E 2995 13.16 55.06 73.28
N GLY E 2996 12.95 55.24 71.99
CA GLY E 2996 13.32 54.25 71.02
C GLY E 2996 13.37 54.85 69.63
N MET E 2997 14.21 54.27 68.78
CA MET E 2997 14.43 54.82 67.46
C MET E 2997 14.23 53.76 66.40
N LEU E 2998 13.43 54.04 65.38
CA LEU E 2998 13.35 53.15 64.24
C LEU E 2998 14.21 53.70 63.12
N THR E 2999 14.50 52.85 62.15
CA THR E 2999 14.86 53.29 60.81
C THR E 2999 14.17 52.41 59.80
N SER E 3000 14.03 52.93 58.60
CA SER E 3000 13.62 52.13 57.47
C SER E 3000 14.36 52.67 56.25
N LEU E 3001 15.29 51.88 55.73
CA LEU E 3001 16.04 52.25 54.53
C LEU E 3001 15.36 51.57 53.36
N GLY E 3002 14.41 52.26 52.76
CA GLY E 3002 13.52 51.65 51.78
C GLY E 3002 14.18 51.41 50.43
N PHE E 3003 13.37 50.87 49.51
CA PHE E 3003 13.83 50.61 48.15
C PHE E 3003 14.01 51.90 47.37
N GLY E 3004 15.19 52.06 46.77
CA GLY E 3004 15.42 53.11 45.80
C GLY E 3004 15.48 54.49 46.42
N HIS E 3005 16.52 54.74 47.21
CA HIS E 3005 16.91 56.07 47.69
C HIS E 3005 15.81 56.73 48.51
N VAL E 3006 15.42 56.07 49.60
CA VAL E 3006 14.48 56.64 50.56
C VAL E 3006 14.83 56.08 51.94
N SER E 3007 14.76 56.95 52.94
CA SER E 3007 15.08 56.60 54.32
C SER E 3007 14.02 57.19 55.22
N GLY E 3008 13.86 56.60 56.40
CA GLY E 3008 12.89 57.15 57.33
C GLY E 3008 13.22 56.91 58.79
N LEU E 3009 13.23 57.99 59.57
CA LEU E 3009 13.38 57.96 61.02
C LEU E 3009 12.05 58.21 61.70
N VAL E 3010 11.85 57.55 62.83
CA VAL E 3010 10.76 57.87 63.74
C VAL E 3010 11.16 57.47 65.16
N ALA E 3011 11.09 58.44 66.06
CA ALA E 3011 11.33 58.19 67.48
C ALA E 3011 10.03 57.90 68.18
N LEU E 3012 10.12 57.24 69.33
CA LEU E 3012 8.96 56.95 70.15
C LEU E 3012 9.36 57.12 71.60
N VAL E 3013 8.43 57.65 72.40
CA VAL E 3013 8.65 57.94 73.81
C VAL E 3013 7.57 57.19 74.60
N HIS E 3014 7.94 56.71 75.79
CA HIS E 3014 7.05 55.98 76.69
C HIS E 3014 5.81 56.81 77.01
N PRO E 3015 4.64 56.19 77.21
CA PRO E 3015 3.40 56.95 77.41
C PRO E 3015 3.32 57.76 78.70
N GLN E 3016 4.30 57.64 79.57
CA GLN E 3016 4.26 58.49 80.75
C GLN E 3016 4.63 59.93 80.42
N ALA E 3017 5.17 60.19 79.23
CA ALA E 3017 5.26 61.57 78.76
C ALA E 3017 3.88 62.19 78.58
N PHE E 3018 2.96 61.41 78.00
CA PHE E 3018 1.58 61.88 77.90
C PHE E 3018 0.93 62.00 79.25
N ILE E 3019 1.24 61.07 80.17
CA ILE E 3019 0.65 61.16 81.50
C ILE E 3019 1.28 62.30 82.31
N ALA E 3020 2.50 62.70 81.99
CA ALA E 3020 3.16 63.79 82.68
C ALA E 3020 2.83 65.14 82.09
N SER E 3021 2.26 65.20 80.89
CA SER E 3021 1.89 66.49 80.32
C SER E 3021 0.70 67.12 81.04
N LEU E 3022 -0.26 66.32 81.49
CA LEU E 3022 -1.53 66.87 81.94
C LEU E 3022 -1.55 67.07 83.44
N ASP E 3023 -2.71 67.55 83.93
CA ASP E 3023 -2.88 68.00 85.29
C ASP E 3023 -3.31 66.86 86.22
N PRO E 3024 -2.91 66.90 87.50
CA PRO E 3024 -2.95 65.70 88.34
C PRO E 3024 -4.32 65.26 88.84
N ALA E 3025 -5.43 65.78 88.35
CA ALA E 3025 -6.70 65.11 88.61
C ALA E 3025 -7.21 64.38 87.37
N GLN E 3026 -7.05 65.06 86.22
CA GLN E 3026 -7.39 64.46 84.95
C GLN E 3026 -6.50 63.27 84.65
N ARG E 3027 -5.28 63.22 85.20
CA ARG E 3027 -4.47 62.03 84.95
C ARG E 3027 -5.02 60.79 85.66
N ALA E 3028 -5.61 60.95 86.84
CA ALA E 3028 -6.20 59.80 87.53
C ALA E 3028 -7.46 59.33 86.81
N ASP E 3029 -8.32 60.27 86.42
CA ASP E 3029 -9.52 59.87 85.71
C ASP E 3029 -9.20 59.28 84.33
N TYR E 3030 -8.16 59.79 83.69
CA TYR E 3030 -7.72 59.26 82.40
C TYR E 3030 -7.22 57.83 82.53
N GLN E 3031 -6.43 57.54 83.57
CA GLN E 3031 -5.93 56.18 83.75
C GLN E 3031 -7.06 55.20 84.01
N ARG E 3032 -8.09 55.63 84.77
CA ARG E 3032 -9.28 54.80 84.96
C ARG E 3032 -9.94 54.44 83.63
N ARG E 3033 -10.23 55.46 82.82
CA ARG E 3033 -10.98 55.21 81.58
C ARG E 3033 -10.17 54.41 80.57
N ALA E 3034 -8.86 54.65 80.50
CA ALA E 3034 -8.04 53.96 79.52
C ALA E 3034 -7.87 52.49 79.89
N ASP E 3035 -7.66 52.19 81.17
CA ASP E 3035 -7.56 50.80 81.59
C ASP E 3035 -8.86 50.06 81.37
N ALA E 3036 -9.99 50.75 81.58
CA ALA E 3036 -11.29 50.14 81.33
C ALA E 3036 -11.47 49.81 79.85
N ARG E 3037 -11.01 50.68 78.96
CA ARG E 3037 -11.19 50.41 77.53
C ARG E 3037 -10.29 49.29 77.04
N LEU E 3038 -9.06 49.19 77.56
CA LEU E 3038 -8.20 48.08 77.17
C LEU E 3038 -8.76 46.74 77.64
N LEU E 3039 -9.22 46.68 78.90
CA LEU E 3039 -9.81 45.45 79.42
C LEU E 3039 -11.05 45.06 78.64
N ALA E 3040 -11.91 46.04 78.32
CA ALA E 3040 -13.12 45.74 77.56
C ALA E 3040 -12.80 45.26 76.16
N GLY E 3041 -11.74 45.78 75.55
CA GLY E 3041 -11.35 45.30 74.23
C GLY E 3041 -10.90 43.85 74.24
N GLN E 3042 -10.06 43.47 75.20
CA GLN E 3042 -9.61 42.09 75.14
C GLN E 3042 -10.67 41.11 75.62
N ARG E 3043 -11.57 41.51 76.51
CA ARG E 3043 -12.62 40.55 76.83
C ARG E 3043 -13.71 40.54 75.77
N ARG E 3044 -13.79 41.56 74.92
CA ARG E 3044 -14.65 41.44 73.74
C ARG E 3044 -14.05 40.47 72.74
N LEU E 3045 -12.72 40.47 72.61
CA LEU E 3045 -12.07 39.44 71.79
C LEU E 3045 -12.29 38.05 72.37
N ALA E 3046 -12.33 37.93 73.71
CA ALA E 3046 -12.60 36.63 74.31
C ALA E 3046 -14.04 36.18 74.07
N SER E 3047 -14.99 37.13 74.07
CA SER E 3047 -16.37 36.78 73.76
C SER E 3047 -16.50 36.35 72.30
N ALA E 3048 -15.78 37.01 71.40
CA ALA E 3048 -15.80 36.60 70.01
C ALA E 3048 -15.09 35.28 69.79
N ILE E 3049 -14.08 34.98 70.62
CA ILE E 3049 -13.35 33.74 70.43
C ILE E 3049 -14.19 32.58 70.94
N ALA E 3050 -15.04 32.81 71.95
CA ALA E 3050 -15.81 31.70 72.46
C ALA E 3050 -17.20 31.65 71.88
N GLY E 3051 -18.04 32.61 72.22
CA GLY E 3051 -19.45 32.42 71.95
C GLY E 3051 -19.89 32.76 70.55
N GLY E 3052 -19.75 34.02 70.20
CA GLY E 3052 -20.32 34.54 68.98
C GLY E 3052 -20.34 36.05 69.07
N ALA E 3053 -21.39 36.67 68.52
CA ALA E 3053 -21.51 38.11 68.30
C ALA E 3053 -20.25 38.59 67.60
N PRO E 3054 -20.06 38.24 66.34
CA PRO E 3054 -18.74 38.37 65.74
C PRO E 3054 -18.38 39.81 65.44
N MET E 3055 -17.08 40.02 65.27
CA MET E 3055 -16.58 41.32 64.90
C MET E 3055 -16.93 41.61 63.44
N TYR E 3056 -16.86 42.89 63.07
CA TYR E 3056 -17.20 43.40 61.75
C TYR E 3056 -18.65 43.04 61.37
N GLN E 3057 -19.57 43.67 62.09
CA GLN E 3057 -20.98 43.60 61.73
C GLN E 3057 -21.31 44.73 60.77
N ARG E 3058 -21.90 44.38 59.62
CA ARG E 3058 -22.21 45.34 58.57
C ARG E 3058 -23.70 45.62 58.53
N PRO E 3059 -24.13 46.86 58.81
CA PRO E 3059 -25.54 47.24 58.70
C PRO E 3059 -25.94 47.49 57.25
N HIS F 46 -74.79 -73.20 72.04
CA HIS F 46 -73.40 -73.06 72.42
C HIS F 46 -72.81 -74.44 72.70
N ALA F 47 -72.42 -75.14 71.63
CA ALA F 47 -72.16 -76.58 71.71
C ALA F 47 -70.98 -76.93 72.60
N LEU F 48 -70.00 -76.03 72.72
CA LEU F 48 -68.84 -76.31 73.55
C LEU F 48 -69.22 -76.36 75.03
N VAL F 49 -69.91 -75.33 75.52
CA VAL F 49 -70.34 -75.39 76.90
C VAL F 49 -71.50 -76.35 77.07
N ASP F 50 -72.20 -76.71 75.99
CA ASP F 50 -73.16 -77.82 76.07
C ASP F 50 -72.44 -79.11 76.44
N ARG F 51 -71.34 -79.41 75.77
CA ARG F 51 -70.57 -80.61 76.09
C ARG F 51 -69.93 -80.50 77.47
N LEU F 52 -69.43 -79.32 77.84
CA LEU F 52 -68.75 -79.19 79.12
C LEU F 52 -69.72 -79.18 80.30
N MET F 53 -70.94 -78.66 80.14
CA MET F 53 -71.93 -78.70 81.20
C MET F 53 -72.66 -80.04 81.23
N ALA F 54 -72.72 -80.76 80.11
CA ALA F 54 -73.13 -82.15 80.16
C ALA F 54 -72.07 -83.02 80.81
N GLY F 55 -70.82 -82.58 80.76
CA GLY F 55 -69.75 -83.23 81.47
C GLY F 55 -68.71 -83.86 80.55
N GLU F 56 -67.64 -83.12 80.33
CA GLU F 56 -66.41 -83.61 79.73
C GLU F 56 -65.27 -83.11 80.59
N PRO F 57 -64.18 -83.87 80.71
CA PRO F 57 -63.08 -83.44 81.57
C PRO F 57 -62.34 -82.24 80.99
N TYR F 58 -62.44 -81.12 81.70
CA TYR F 58 -61.74 -79.91 81.33
C TYR F 58 -60.94 -79.41 82.54
N ALA F 59 -59.78 -78.86 82.26
CA ALA F 59 -58.95 -78.22 83.26
C ALA F 59 -58.99 -76.72 83.04
N VAL F 60 -58.62 -75.98 84.07
CA VAL F 60 -58.56 -74.53 83.98
C VAL F 60 -57.16 -74.08 84.37
N ALA F 61 -56.57 -73.24 83.52
CA ALA F 61 -55.22 -72.75 83.71
C ALA F 61 -55.27 -71.25 83.94
N PHE F 62 -54.36 -70.77 84.78
CA PHE F 62 -54.28 -69.36 85.13
C PHE F 62 -52.98 -68.76 84.62
N GLY F 63 -53.08 -67.56 84.06
CA GLY F 63 -51.99 -66.95 83.34
C GLY F 63 -50.86 -66.45 84.23
N GLY F 64 -49.89 -65.84 83.57
CA GLY F 64 -48.68 -65.40 84.25
C GLY F 64 -48.45 -63.91 84.15
N GLN F 65 -47.17 -63.53 84.12
CA GLN F 65 -46.77 -62.14 84.20
C GLN F 65 -46.29 -61.63 82.85
N GLY F 66 -46.24 -60.31 82.73
CA GLY F 66 -45.84 -59.65 81.50
C GLY F 66 -46.83 -59.86 80.39
N SER F 67 -48.03 -59.31 80.54
CA SER F 67 -49.10 -59.62 79.60
C SER F 67 -49.99 -58.45 79.20
N ALA F 68 -49.74 -57.23 79.70
CA ALA F 68 -50.52 -56.01 79.41
C ALA F 68 -52.00 -56.21 79.74
N TRP F 69 -52.25 -56.36 81.05
CA TRP F 69 -53.55 -56.75 81.57
C TRP F 69 -54.62 -55.67 81.42
N LEU F 70 -54.22 -54.42 81.22
CA LEU F 70 -55.15 -53.31 81.35
C LEU F 70 -56.17 -53.30 80.21
N GLU F 71 -55.71 -53.48 78.97
CA GLU F 71 -56.62 -53.37 77.85
C GLU F 71 -57.57 -54.56 77.76
N THR F 72 -57.12 -55.75 78.15
CA THR F 72 -58.04 -56.88 78.15
C THR F 72 -59.03 -56.80 79.31
N LEU F 73 -58.63 -56.22 80.45
CA LEU F 73 -59.60 -56.01 81.51
C LEU F 73 -60.60 -54.93 81.13
N GLU F 74 -60.15 -53.91 80.40
CA GLU F 74 -61.04 -52.87 79.91
C GLU F 74 -62.06 -53.43 78.93
N GLU F 75 -61.61 -54.27 78.01
CA GLU F 75 -62.52 -54.88 77.05
C GLU F 75 -63.51 -55.81 77.75
N LEU F 76 -63.06 -56.54 78.77
CA LEU F 76 -63.95 -57.46 79.45
C LEU F 76 -65.00 -56.71 80.28
N VAL F 77 -64.61 -55.62 80.94
CA VAL F 77 -65.57 -54.81 81.69
C VAL F 77 -66.55 -54.13 80.74
N SER F 78 -66.07 -53.62 79.61
CA SER F 78 -66.95 -52.97 78.64
C SER F 78 -67.89 -53.97 77.97
N ALA F 79 -67.50 -55.24 77.91
CA ALA F 79 -68.40 -56.25 77.35
C ALA F 79 -69.45 -56.68 78.37
N THR F 80 -69.07 -56.88 79.63
CA THR F 80 -70.00 -57.43 80.60
C THR F 80 -70.77 -56.38 81.39
N GLY F 81 -70.07 -55.47 82.07
CA GLY F 81 -70.74 -54.54 82.95
C GLY F 81 -70.79 -55.02 84.39
N ILE F 82 -69.63 -55.36 84.93
CA ILE F 82 -69.51 -55.84 86.30
C ILE F 82 -68.74 -54.82 87.14
N GLU F 83 -68.76 -53.56 86.68
CA GLU F 83 -67.96 -52.49 87.26
C GLU F 83 -68.39 -52.18 88.69
N THR F 84 -69.67 -52.36 89.01
CA THR F 84 -70.12 -52.11 90.38
C THR F 84 -69.56 -53.13 91.36
N GLU F 85 -69.56 -54.41 90.95
CA GLU F 85 -69.01 -55.46 91.81
C GLU F 85 -67.51 -55.31 91.95
N LEU F 86 -66.83 -54.93 90.87
CA LEU F 86 -65.39 -54.67 90.97
C LEU F 86 -65.10 -53.46 91.84
N ALA F 87 -65.96 -52.45 91.79
CA ALA F 87 -65.75 -51.24 92.58
C ALA F 87 -65.94 -51.52 94.06
N THR F 88 -66.96 -52.28 94.43
CA THR F 88 -67.12 -52.60 95.84
C THR F 88 -66.04 -53.59 96.32
N LEU F 89 -65.53 -54.43 95.42
CA LEU F 89 -64.39 -55.29 95.72
C LEU F 89 -63.17 -54.47 96.10
N VAL F 90 -62.77 -53.56 95.21
CA VAL F 90 -61.61 -52.68 95.44
C VAL F 90 -61.84 -51.79 96.65
N GLY F 91 -63.10 -51.37 96.87
CA GLY F 91 -63.40 -50.50 98.00
C GLY F 91 -63.21 -51.17 99.34
N GLU F 92 -63.74 -52.38 99.50
CA GLU F 92 -63.52 -53.05 100.78
C GLU F 92 -62.10 -53.60 100.89
N ALA F 93 -61.41 -53.83 99.77
CA ALA F 93 -60.00 -54.19 99.83
C ALA F 93 -59.16 -53.05 100.39
N GLU F 94 -59.33 -51.84 99.85
CA GLU F 94 -58.57 -50.71 100.37
C GLU F 94 -59.07 -50.27 101.73
N LEU F 95 -60.30 -50.60 102.10
CA LEU F 95 -60.75 -50.41 103.47
C LEU F 95 -60.00 -51.35 104.41
N LEU F 96 -59.74 -52.58 103.96
CA LEU F 96 -58.94 -53.49 104.77
C LEU F 96 -57.48 -53.07 104.82
N LEU F 97 -57.00 -52.38 103.77
CA LEU F 97 -55.62 -51.92 103.72
C LEU F 97 -55.41 -50.53 104.32
N ASP F 98 -56.22 -50.15 105.31
CA ASP F 98 -56.12 -48.81 105.88
C ASP F 98 -54.81 -48.50 106.62
N PRO F 99 -54.27 -49.34 107.54
CA PRO F 99 -53.13 -48.86 108.34
C PRO F 99 -51.80 -48.77 107.60
N VAL F 100 -51.60 -49.48 106.49
CA VAL F 100 -50.25 -49.63 105.96
C VAL F 100 -50.18 -48.86 104.64
N THR F 101 -50.99 -47.80 104.52
CA THR F 101 -51.01 -47.02 103.29
C THR F 101 -49.70 -46.28 103.05
N ASP F 102 -49.02 -45.87 104.13
CA ASP F 102 -47.76 -45.15 103.99
C ASP F 102 -46.65 -46.06 103.44
N GLU F 103 -46.46 -47.22 104.07
CA GLU F 103 -45.47 -48.17 103.60
C GLU F 103 -45.83 -48.75 102.25
N LEU F 104 -47.12 -48.80 101.93
CA LEU F 104 -47.53 -49.20 100.59
C LEU F 104 -47.22 -48.13 99.56
N ILE F 105 -47.37 -46.84 99.91
CA ILE F 105 -47.24 -45.76 98.94
C ILE F 105 -45.79 -45.28 98.84
N VAL F 106 -44.88 -45.86 99.63
CA VAL F 106 -43.44 -45.70 99.37
C VAL F 106 -43.12 -46.10 97.94
N VAL F 107 -43.69 -47.22 97.48
CA VAL F 107 -43.29 -47.81 96.21
C VAL F 107 -44.05 -47.19 95.04
N ARG F 108 -45.37 -47.25 95.11
CA ARG F 108 -46.21 -46.98 93.93
C ARG F 108 -46.18 -45.49 93.55
N PRO F 109 -45.85 -45.16 92.32
CA PRO F 109 -45.75 -43.76 91.94
C PRO F 109 -47.10 -43.11 91.71
N ILE F 110 -48.02 -43.83 91.10
CA ILE F 110 -49.33 -43.27 90.81
C ILE F 110 -50.32 -43.55 91.93
N GLY F 111 -50.51 -44.81 92.28
CA GLY F 111 -51.34 -45.09 93.43
C GLY F 111 -52.34 -46.21 93.28
N PHE F 112 -52.38 -46.83 92.10
CA PHE F 112 -53.20 -48.01 91.81
C PHE F 112 -54.69 -47.74 92.01
N GLU F 113 -55.24 -46.93 91.12
CA GLU F 113 -56.69 -46.91 90.92
C GLU F 113 -57.02 -47.50 89.55
N PRO F 114 -57.31 -48.79 89.48
CA PRO F 114 -57.40 -49.45 88.16
C PRO F 114 -58.71 -49.19 87.44
N LEU F 115 -59.83 -49.09 88.16
CA LEU F 115 -61.11 -49.00 87.48
C LEU F 115 -61.33 -47.63 86.86
N GLN F 116 -60.75 -46.58 87.45
CA GLN F 116 -60.81 -45.28 86.79
C GLN F 116 -59.90 -45.24 85.57
N TRP F 117 -58.81 -46.02 85.58
CA TRP F 117 -58.01 -46.19 84.38
C TRP F 117 -58.79 -46.90 83.30
N VAL F 118 -59.62 -47.87 83.69
CA VAL F 118 -60.50 -48.56 82.75
C VAL F 118 -61.51 -47.60 82.15
N ARG F 119 -62.09 -46.74 83.00
CA ARG F 119 -63.01 -45.71 82.53
C ARG F 119 -62.32 -44.74 81.57
N ALA F 120 -61.06 -44.42 81.86
CA ALA F 120 -60.29 -43.51 81.02
C ALA F 120 -60.01 -44.14 79.65
N LEU F 121 -59.64 -45.42 79.64
CA LEU F 121 -59.37 -46.09 78.38
C LEU F 121 -60.65 -46.32 77.58
N ALA F 122 -61.78 -46.51 78.28
CA ALA F 122 -63.05 -46.64 77.59
C ALA F 122 -63.48 -45.32 76.97
N ALA F 123 -63.32 -44.22 77.69
CA ALA F 123 -63.72 -42.90 77.21
C ALA F 123 -62.64 -42.23 76.39
N GLU F 124 -61.53 -42.92 76.10
CA GLU F 124 -60.39 -42.44 75.33
C GLU F 124 -59.79 -41.20 75.99
N ASP F 125 -59.23 -41.44 77.16
CA ASP F 125 -58.53 -40.43 77.94
C ASP F 125 -57.06 -40.86 77.94
N PRO F 126 -56.11 -40.02 78.36
CA PRO F 126 -54.73 -40.49 78.47
C PRO F 126 -54.58 -41.56 79.53
N VAL F 127 -53.67 -42.50 79.25
CA VAL F 127 -53.51 -43.73 79.99
C VAL F 127 -52.20 -43.62 80.77
N PRO F 128 -52.07 -44.25 81.95
CA PRO F 128 -50.75 -44.32 82.58
C PRO F 128 -49.76 -45.09 81.72
N SER F 129 -48.49 -44.70 81.84
CA SER F 129 -47.46 -45.17 80.92
C SER F 129 -47.08 -46.61 81.21
N ASP F 130 -46.21 -47.14 80.34
CA ASP F 130 -45.94 -48.58 80.35
C ASP F 130 -45.10 -48.99 81.55
N LYS F 131 -44.16 -48.16 81.96
CA LYS F 131 -43.37 -48.48 83.15
C LYS F 131 -44.24 -48.49 84.40
N HIS F 132 -45.06 -47.46 84.57
CA HIS F 132 -45.97 -47.37 85.70
C HIS F 132 -47.10 -48.38 85.63
N LEU F 133 -47.30 -49.05 84.50
CA LEU F 133 -48.20 -50.20 84.48
C LEU F 133 -47.47 -51.51 84.75
N THR F 134 -46.24 -51.65 84.28
CA THR F 134 -45.57 -52.94 84.36
C THR F 134 -44.79 -53.13 85.65
N SER F 135 -44.71 -52.10 86.51
CA SER F 135 -44.14 -52.30 87.83
C SER F 135 -45.00 -53.28 88.63
N ALA F 136 -44.36 -53.97 89.57
CA ALA F 136 -44.96 -55.16 90.16
C ALA F 136 -46.14 -54.83 91.07
N ALA F 137 -46.02 -53.74 91.83
CA ALA F 137 -47.04 -53.37 92.81
C ALA F 137 -48.36 -53.00 92.18
N VAL F 138 -48.38 -52.66 90.90
CA VAL F 138 -49.62 -52.47 90.18
C VAL F 138 -49.90 -53.58 89.18
N SER F 139 -48.90 -54.38 88.81
CA SER F 139 -49.17 -55.44 87.85
C SER F 139 -49.79 -56.64 88.54
N VAL F 140 -49.11 -57.17 89.56
CA VAL F 140 -49.56 -58.39 90.23
C VAL F 140 -50.92 -58.23 90.94
N PRO F 141 -51.46 -57.05 91.30
CA PRO F 141 -52.89 -57.02 91.58
C PRO F 141 -53.73 -56.85 90.35
N GLY F 142 -53.19 -56.23 89.29
CA GLY F 142 -53.97 -56.00 88.09
C GLY F 142 -54.31 -57.28 87.36
N VAL F 143 -53.35 -58.21 87.28
CA VAL F 143 -53.64 -59.49 86.65
C VAL F 143 -54.58 -60.33 87.50
N LEU F 144 -54.50 -60.20 88.83
CA LEU F 144 -55.43 -60.92 89.69
C LEU F 144 -56.85 -60.40 89.53
N LEU F 145 -57.00 -59.07 89.47
CA LEU F 145 -58.32 -58.50 89.23
C LEU F 145 -58.82 -58.87 87.85
N THR F 146 -57.92 -58.97 86.88
CA THR F 146 -58.31 -59.40 85.53
C THR F 146 -58.83 -60.83 85.53
N GLN F 147 -58.16 -61.71 86.25
CA GLN F 147 -58.55 -63.12 86.26
C GLN F 147 -59.84 -63.34 87.04
N ILE F 148 -60.00 -62.63 88.17
CA ILE F 148 -61.25 -62.74 88.94
C ILE F 148 -62.42 -62.17 88.15
N ALA F 149 -62.20 -61.04 87.46
CA ALA F 149 -63.25 -60.48 86.61
C ALA F 149 -63.55 -61.38 85.42
N ALA F 150 -62.56 -62.11 84.92
CA ALA F 150 -62.82 -63.02 83.81
C ALA F 150 -63.63 -64.23 84.27
N THR F 151 -63.33 -64.76 85.45
CA THR F 151 -64.12 -65.86 85.98
C THR F 151 -65.55 -65.45 86.26
N ARG F 152 -65.74 -64.28 86.87
CA ARG F 152 -67.10 -63.81 87.12
C ARG F 152 -67.80 -63.42 85.83
N ALA F 153 -67.05 -62.99 84.81
CA ALA F 153 -67.64 -62.68 83.52
C ALA F 153 -68.18 -63.93 82.85
N LEU F 154 -67.39 -65.00 82.82
CA LEU F 154 -67.89 -66.24 82.23
C LEU F 154 -68.99 -66.89 83.07
N ALA F 155 -68.96 -66.68 84.39
CA ALA F 155 -70.06 -67.14 85.22
C ALA F 155 -71.35 -66.38 84.93
N ARG F 156 -71.25 -65.09 84.59
CA ARG F 156 -72.43 -64.37 84.14
C ARG F 156 -72.84 -64.81 82.74
N GLN F 157 -71.86 -65.15 81.90
CA GLN F 157 -72.15 -65.61 80.55
C GLN F 157 -72.81 -66.98 80.52
N GLY F 158 -72.63 -67.79 81.57
CA GLY F 158 -73.42 -69.00 81.68
C GLY F 158 -72.66 -70.29 81.85
N MET F 159 -71.41 -70.21 82.30
CA MET F 159 -70.62 -71.39 82.63
C MET F 159 -70.27 -71.32 84.11
N ASP F 160 -70.85 -72.23 84.89
CA ASP F 160 -70.73 -72.17 86.33
C ASP F 160 -69.75 -73.23 86.79
N LEU F 161 -68.63 -72.80 87.38
CA LEU F 161 -67.60 -73.72 87.81
C LEU F 161 -67.99 -74.46 89.07
N VAL F 162 -68.90 -73.93 89.87
CA VAL F 162 -69.38 -74.69 91.02
C VAL F 162 -70.47 -75.67 90.61
N ALA F 163 -71.15 -75.44 89.49
CA ALA F 163 -72.10 -76.42 88.98
C ALA F 163 -71.38 -77.56 88.29
N THR F 164 -70.39 -77.25 87.45
CA THR F 164 -69.52 -78.27 86.88
C THR F 164 -68.09 -77.97 87.25
N PRO F 165 -67.50 -78.72 88.19
CA PRO F 165 -66.12 -78.46 88.59
C PRO F 165 -65.15 -78.87 87.50
N PRO F 166 -64.08 -78.11 87.31
CA PRO F 166 -63.00 -78.56 86.44
C PRO F 166 -62.24 -79.70 87.09
N VAL F 167 -61.55 -80.48 86.25
CA VAL F 167 -60.82 -81.63 86.76
C VAL F 167 -59.50 -81.20 87.35
N ALA F 168 -58.74 -80.38 86.63
CA ALA F 168 -57.41 -79.98 87.08
C ALA F 168 -57.28 -78.47 87.13
N MET F 169 -56.38 -78.03 88.02
CA MET F 169 -56.21 -76.63 88.40
C MET F 169 -54.76 -76.28 88.11
N ALA F 170 -54.51 -75.61 86.99
CA ALA F 170 -53.15 -75.30 86.58
C ALA F 170 -52.77 -73.89 87.00
N GLY F 171 -51.75 -73.80 87.84
CA GLY F 171 -51.26 -72.50 88.28
C GLY F 171 -49.84 -72.23 87.84
N HIS F 172 -49.66 -71.15 87.09
CA HIS F 172 -48.35 -70.72 86.63
C HIS F 172 -47.68 -69.92 87.75
N SER F 173 -46.63 -69.17 87.41
CA SER F 173 -45.93 -68.22 88.26
C SER F 173 -46.82 -67.34 89.11
N GLN F 174 -47.64 -66.53 88.46
CA GLN F 174 -48.46 -65.59 89.21
C GLN F 174 -49.72 -66.24 89.75
N GLY F 175 -50.30 -67.18 89.01
CA GLY F 175 -51.63 -67.66 89.29
C GLY F 175 -51.80 -68.58 90.47
N VAL F 176 -50.84 -68.67 91.38
CA VAL F 176 -51.00 -69.52 92.55
C VAL F 176 -52.04 -68.93 93.49
N LEU F 177 -52.00 -67.62 93.70
CA LEU F 177 -53.02 -66.96 94.50
C LEU F 177 -54.40 -67.00 93.83
N ALA F 178 -54.44 -66.92 92.50
CA ALA F 178 -55.74 -67.01 91.82
C ALA F 178 -56.29 -68.41 91.88
N VAL F 179 -55.43 -69.43 91.81
CA VAL F 179 -55.94 -70.78 91.88
C VAL F 179 -56.29 -71.15 93.31
N GLU F 180 -55.69 -70.50 94.31
CA GLU F 180 -56.22 -70.62 95.67
C GLU F 180 -57.58 -69.97 95.79
N ALA F 181 -57.76 -68.82 95.12
CA ALA F 181 -59.04 -68.11 95.15
C ALA F 181 -60.17 -68.91 94.51
N LEU F 182 -59.86 -69.68 93.47
CA LEU F 182 -60.91 -70.51 92.88
C LEU F 182 -60.95 -71.92 93.45
N LYS F 183 -59.92 -72.37 94.16
CA LYS F 183 -60.03 -73.62 94.90
C LYS F 183 -60.94 -73.45 96.10
N ALA F 184 -60.82 -72.31 96.79
CA ALA F 184 -61.87 -71.91 97.69
C ALA F 184 -63.03 -71.32 96.89
N GLY F 185 -64.11 -70.99 97.59
CA GLY F 185 -65.23 -70.36 96.94
C GLY F 185 -64.97 -68.92 96.58
N GLY F 186 -66.03 -68.23 96.16
CA GLY F 186 -65.94 -66.80 95.91
C GLY F 186 -66.10 -65.98 97.17
N ALA F 187 -65.32 -66.28 98.21
CA ALA F 187 -65.49 -65.66 99.51
C ALA F 187 -64.18 -65.26 100.18
N ARG F 188 -63.03 -65.54 99.58
CA ARG F 188 -61.75 -65.09 100.12
C ARG F 188 -61.03 -64.17 99.13
N ASP F 189 -61.78 -63.66 98.14
CA ASP F 189 -61.21 -62.81 97.11
C ASP F 189 -60.70 -61.49 97.67
N VAL F 190 -61.35 -60.95 98.70
CA VAL F 190 -60.90 -59.69 99.27
C VAL F 190 -59.57 -59.87 100.00
N GLU F 191 -59.44 -60.96 100.76
CA GLU F 191 -58.20 -61.20 101.49
C GLU F 191 -57.06 -61.52 100.54
N LEU F 192 -57.36 -62.27 99.47
CA LEU F 192 -56.29 -62.57 98.52
C LEU F 192 -55.94 -61.37 97.66
N PHE F 193 -56.90 -60.47 97.40
CA PHE F 193 -56.59 -59.26 96.65
C PHE F 193 -55.70 -58.34 97.45
N ALA F 194 -56.02 -58.15 98.75
CA ALA F 194 -55.16 -57.37 99.62
C ALA F 194 -53.80 -58.04 99.79
N LEU F 195 -53.76 -59.37 99.78
CA LEU F 195 -52.50 -60.07 99.93
C LEU F 195 -51.61 -59.88 98.71
N ALA F 196 -52.18 -59.97 97.51
CA ALA F 196 -51.40 -59.74 96.31
C ALA F 196 -50.95 -58.30 96.19
N GLN F 197 -51.78 -57.37 96.68
CA GLN F 197 -51.41 -55.96 96.66
C GLN F 197 -50.29 -55.68 97.66
N LEU F 198 -50.17 -56.49 98.70
CA LEU F 198 -48.98 -56.43 99.54
C LEU F 198 -47.77 -57.05 98.85
N ILE F 199 -47.99 -58.18 98.15
CA ILE F 199 -46.91 -58.95 97.53
C ILE F 199 -46.16 -58.11 96.50
N GLY F 200 -46.90 -57.34 95.71
CA GLY F 200 -46.24 -56.56 94.66
C GLY F 200 -45.37 -55.44 95.19
N ALA F 201 -45.86 -54.74 96.22
CA ALA F 201 -45.08 -53.68 96.84
C ALA F 201 -43.84 -54.23 97.51
N ALA F 202 -43.98 -55.35 98.23
CA ALA F 202 -42.81 -55.96 98.87
C ALA F 202 -41.82 -56.48 97.84
N GLY F 203 -42.31 -56.98 96.71
CA GLY F 203 -41.41 -57.45 95.68
C GLY F 203 -40.61 -56.34 95.05
N THR F 204 -41.28 -55.22 94.72
CA THR F 204 -40.56 -54.09 94.12
C THR F 204 -39.58 -53.48 95.11
N LEU F 205 -39.97 -53.43 96.39
CA LEU F 205 -39.12 -52.85 97.41
C LEU F 205 -37.85 -53.68 97.63
N VAL F 206 -38.00 -54.99 97.82
CA VAL F 206 -36.85 -55.84 98.07
C VAL F 206 -35.99 -55.97 96.81
N ALA F 207 -36.61 -55.95 95.62
CA ALA F 207 -35.82 -56.03 94.40
C ALA F 207 -35.08 -54.75 94.10
N ARG F 208 -35.59 -53.60 94.54
CA ARG F 208 -34.79 -52.40 94.40
C ARG F 208 -33.69 -52.34 95.45
N ARG F 209 -33.93 -52.90 96.63
CA ARG F 209 -32.86 -52.98 97.63
C ARG F 209 -31.74 -53.89 97.16
N ARG F 210 -32.07 -54.97 96.46
CA ARG F 210 -31.09 -55.79 95.79
C ARG F 210 -30.91 -55.26 94.37
N GLY F 211 -30.28 -56.03 93.49
CA GLY F 211 -30.06 -55.54 92.14
C GLY F 211 -30.86 -56.27 91.08
N ILE F 212 -32.06 -56.73 91.42
CA ILE F 212 -32.78 -57.66 90.56
C ILE F 212 -33.93 -56.90 89.89
N SER F 213 -33.75 -55.60 89.68
CA SER F 213 -34.73 -54.80 88.97
C SER F 213 -34.16 -54.33 87.65
N VAL F 214 -35.04 -53.81 86.80
CA VAL F 214 -34.63 -53.32 85.49
C VAL F 214 -33.83 -52.03 85.67
N LEU F 215 -32.68 -51.95 84.99
CA LEU F 215 -31.86 -50.75 85.08
C LEU F 215 -32.21 -49.75 83.99
N GLY F 216 -32.03 -50.14 82.73
CA GLY F 216 -32.43 -49.30 81.63
C GLY F 216 -33.54 -49.94 80.84
N ASP F 217 -33.19 -50.54 79.71
CA ASP F 217 -34.13 -51.37 78.97
C ASP F 217 -33.91 -52.85 79.25
N ARG F 218 -32.74 -53.24 79.70
CA ARG F 218 -32.42 -54.64 79.96
C ARG F 218 -33.18 -55.16 81.17
N PRO F 219 -33.99 -56.20 81.03
CA PRO F 219 -34.88 -56.63 82.10
C PRO F 219 -34.22 -57.71 82.94
N PRO F 220 -34.77 -58.03 84.11
CA PRO F 220 -34.17 -59.08 84.95
C PRO F 220 -34.48 -60.50 84.51
N MET F 221 -35.28 -60.74 83.47
CA MET F 221 -35.57 -62.09 83.03
C MET F 221 -35.27 -62.24 81.55
N VAL F 222 -34.49 -63.26 81.21
CA VAL F 222 -34.19 -63.57 79.81
C VAL F 222 -34.62 -65.00 79.53
N SER F 223 -35.45 -65.18 78.52
CA SER F 223 -35.96 -66.49 78.15
C SER F 223 -35.01 -67.14 77.14
N VAL F 224 -34.62 -68.37 77.45
CA VAL F 224 -33.78 -69.19 76.59
C VAL F 224 -34.67 -70.22 75.91
N THR F 225 -34.76 -70.15 74.59
CA THR F 225 -35.45 -71.15 73.80
C THR F 225 -34.45 -71.89 72.95
N ASN F 226 -34.88 -73.07 72.47
CA ASN F 226 -34.11 -73.94 71.58
C ASN F 226 -32.79 -74.37 72.25
N ALA F 227 -32.92 -74.97 73.43
CA ALA F 227 -31.76 -75.45 74.18
C ALA F 227 -32.20 -76.51 75.16
N ASP F 228 -31.26 -77.36 75.52
CA ASP F 228 -31.52 -78.45 76.45
C ASP F 228 -31.43 -77.91 77.87
N PRO F 229 -32.49 -78.03 78.69
CA PRO F 229 -32.44 -77.44 80.03
C PRO F 229 -31.40 -78.02 80.96
N GLU F 230 -31.08 -79.31 80.84
CA GLU F 230 -30.02 -79.87 81.66
C GLU F 230 -28.65 -79.31 81.26
N ARG F 231 -28.45 -79.10 79.96
CA ARG F 231 -27.20 -78.48 79.50
C ARG F 231 -27.13 -77.03 79.95
N ILE F 232 -28.28 -76.34 79.95
CA ILE F 232 -28.31 -74.96 80.44
C ILE F 232 -27.98 -74.89 81.92
N GLY F 233 -28.47 -75.86 82.70
CA GLY F 233 -28.09 -75.93 84.11
C GLY F 233 -26.61 -76.22 84.30
N ARG F 234 -26.05 -77.10 83.46
CA ARG F 234 -24.62 -77.40 83.51
C ARG F 234 -23.77 -76.17 83.25
N LEU F 235 -24.05 -75.45 82.16
CA LEU F 235 -23.14 -74.34 81.90
C LEU F 235 -23.51 -73.09 82.68
N LEU F 236 -24.69 -73.02 83.29
CA LEU F 236 -24.91 -72.02 84.33
C LEU F 236 -24.04 -72.29 85.55
N ASP F 237 -23.91 -73.56 85.95
CA ASP F 237 -23.02 -73.88 87.05
C ASP F 237 -21.57 -73.61 86.67
N GLU F 238 -21.20 -73.88 85.43
CA GLU F 238 -19.84 -73.61 84.97
C GLU F 238 -19.56 -72.12 84.90
N PHE F 239 -20.54 -71.32 84.46
CA PHE F 239 -20.42 -69.88 84.48
C PHE F 239 -20.44 -69.33 85.90
N ALA F 240 -20.98 -70.08 86.85
CA ALA F 240 -20.91 -69.67 88.24
C ALA F 240 -19.54 -69.94 88.86
N GLN F 241 -18.88 -71.02 88.45
CA GLN F 241 -17.69 -71.50 89.16
C GLN F 241 -16.47 -70.58 89.05
N ASP F 242 -16.41 -69.68 88.07
CA ASP F 242 -15.24 -68.82 87.99
C ASP F 242 -15.35 -67.66 88.97
N VAL F 243 -14.19 -67.06 89.28
CA VAL F 243 -14.11 -66.05 90.32
C VAL F 243 -14.72 -64.72 89.88
N ARG F 244 -14.61 -64.39 88.59
CA ARG F 244 -14.82 -63.01 88.14
C ARG F 244 -16.29 -62.60 88.17
N THR F 245 -17.21 -63.55 88.28
CA THR F 245 -18.60 -63.22 88.57
C THR F 245 -18.84 -63.23 90.08
N VAL F 246 -19.71 -62.34 90.54
CA VAL F 246 -19.98 -62.23 91.96
C VAL F 246 -21.33 -62.82 92.30
N LEU F 247 -22.34 -62.54 91.48
CA LEU F 247 -23.69 -63.07 91.68
C LEU F 247 -24.03 -64.00 90.52
N PRO F 248 -24.10 -65.30 90.74
CA PRO F 248 -24.47 -66.21 89.65
C PRO F 248 -25.94 -66.10 89.31
N PRO F 249 -26.28 -65.92 88.03
CA PRO F 249 -27.68 -65.96 87.63
C PRO F 249 -28.19 -67.38 87.71
N VAL F 250 -29.46 -67.53 88.09
CA VAL F 250 -30.03 -68.84 88.37
C VAL F 250 -31.16 -69.13 87.39
N LEU F 251 -31.37 -70.41 87.15
CA LEU F 251 -32.51 -70.86 86.38
C LEU F 251 -33.73 -70.89 87.29
N SER F 252 -34.85 -70.35 86.80
CA SER F 252 -36.03 -70.22 87.63
C SER F 252 -37.18 -71.11 87.16
N ILE F 253 -37.66 -70.95 85.94
CA ILE F 253 -38.87 -71.66 85.55
C ILE F 253 -38.52 -72.61 84.41
N ARG F 254 -39.52 -73.35 83.93
CA ARG F 254 -39.29 -74.33 82.87
C ARG F 254 -40.58 -74.44 82.08
N ASN F 255 -40.67 -73.70 80.97
CA ASN F 255 -41.90 -73.66 80.20
C ASN F 255 -42.12 -74.96 79.45
N GLY F 256 -41.24 -75.28 78.50
CA GLY F 256 -41.36 -76.46 77.70
C GLY F 256 -40.21 -77.42 77.93
N ARG F 257 -39.99 -78.27 76.95
CA ARG F 257 -38.83 -79.14 76.97
C ARG F 257 -37.62 -78.50 76.31
N ARG F 258 -37.79 -77.31 75.73
CA ARG F 258 -36.70 -76.59 75.08
C ARG F 258 -36.69 -75.11 75.45
N ALA F 259 -37.25 -74.75 76.60
CA ALA F 259 -37.33 -73.33 76.95
C ALA F 259 -37.37 -73.16 78.46
N VAL F 260 -36.50 -72.30 78.98
CA VAL F 260 -36.51 -71.85 80.37
C VAL F 260 -36.36 -70.33 80.36
N VAL F 261 -36.37 -69.71 81.54
CA VAL F 261 -35.90 -68.34 81.65
C VAL F 261 -34.91 -68.26 82.79
N ILE F 262 -34.08 -67.22 82.76
CA ILE F 262 -33.02 -67.00 83.72
C ILE F 262 -33.28 -65.64 84.37
N THR F 263 -33.23 -65.60 85.70
CA THR F 263 -33.50 -64.41 86.48
C THR F 263 -32.26 -64.00 87.25
N GLY F 264 -31.85 -62.74 87.09
CA GLY F 264 -30.69 -62.25 87.81
C GLY F 264 -30.37 -60.82 87.44
N THR F 265 -29.18 -60.42 87.84
CA THR F 265 -28.68 -59.07 87.58
C THR F 265 -28.47 -58.88 86.07
N PRO F 266 -28.89 -57.73 85.51
CA PRO F 266 -28.87 -57.57 84.04
C PRO F 266 -27.49 -57.65 83.38
N GLU F 267 -26.45 -57.10 83.99
CA GLU F 267 -25.14 -57.24 83.36
C GLU F 267 -24.61 -58.67 83.50
N GLN F 268 -25.03 -59.39 84.55
CA GLN F 268 -24.73 -60.81 84.64
C GLN F 268 -25.41 -61.58 83.52
N LEU F 269 -26.64 -61.21 83.19
CA LEU F 269 -27.35 -61.85 82.08
C LEU F 269 -26.67 -61.58 80.75
N SER F 270 -26.20 -60.34 80.54
CA SER F 270 -25.51 -60.02 79.29
C SER F 270 -24.17 -60.74 79.19
N ARG F 271 -23.47 -60.89 80.32
CA ARG F 271 -22.21 -61.62 80.33
C ARG F 271 -22.43 -63.10 80.03
N PHE F 272 -23.49 -63.69 80.59
CA PHE F 272 -23.82 -65.08 80.30
C PHE F 272 -24.23 -65.26 78.85
N GLU F 273 -24.89 -64.27 78.26
CA GLU F 273 -25.22 -64.33 76.83
C GLU F 273 -23.96 -64.29 75.98
N LEU F 274 -22.97 -63.49 76.37
CA LEU F 274 -21.69 -63.48 75.67
C LEU F 274 -20.98 -64.84 75.77
N TYR F 275 -21.07 -65.47 76.94
CA TYR F 275 -20.46 -66.78 77.17
C TYR F 275 -21.08 -67.84 76.26
N CYS F 276 -22.41 -67.88 76.21
CA CYS F 276 -23.10 -68.84 75.34
C CYS F 276 -22.87 -68.54 73.86
N ARG F 277 -22.73 -67.25 73.50
CA ARG F 277 -22.43 -66.93 72.12
C ARG F 277 -21.04 -67.40 71.72
N GLN F 278 -20.08 -67.35 72.65
CA GLN F 278 -18.74 -67.84 72.35
C GLN F 278 -18.74 -69.35 72.15
N ILE F 279 -19.47 -70.09 72.99
CA ILE F 279 -19.56 -71.54 72.81
C ILE F 279 -20.29 -71.90 71.51
N SER F 280 -21.30 -71.10 71.14
CA SER F 280 -22.01 -71.30 69.89
C SER F 280 -21.11 -71.10 68.68
N GLU F 281 -20.26 -70.06 68.72
CA GLU F 281 -19.35 -69.84 67.61
C GLU F 281 -18.27 -70.92 67.53
N LYS F 282 -17.88 -71.48 68.69
CA LYS F 282 -16.97 -72.62 68.71
C LYS F 282 -17.54 -73.81 67.98
N GLU F 283 -18.77 -74.21 68.33
CA GLU F 283 -19.35 -75.38 67.66
C GLU F 283 -19.73 -75.09 66.21
N GLU F 284 -20.02 -73.84 65.87
CA GLU F 284 -20.31 -73.51 64.48
C GLU F 284 -19.06 -73.60 63.62
N ALA F 285 -17.91 -73.16 64.16
CA ALA F 285 -16.66 -73.35 63.42
C ALA F 285 -16.29 -74.82 63.34
N ASP F 286 -16.61 -75.60 64.37
CA ASP F 286 -16.36 -77.04 64.32
C ASP F 286 -17.22 -77.73 63.27
N ARG F 287 -18.42 -77.22 63.02
CA ARG F 287 -19.19 -77.75 61.90
C ARG F 287 -18.61 -77.29 60.56
N LYS F 288 -18.30 -76.00 60.43
CA LYS F 288 -17.91 -75.44 59.14
C LYS F 288 -16.58 -76.00 58.65
N ASN F 289 -15.69 -76.39 59.55
CA ASN F 289 -14.45 -77.04 59.14
C ASN F 289 -14.61 -78.55 58.94
N LYS F 290 -15.84 -79.02 58.72
CA LYS F 290 -16.17 -80.39 58.30
C LYS F 290 -15.70 -81.43 59.31
N VAL F 291 -16.22 -81.30 60.52
CA VAL F 291 -16.07 -82.25 61.60
C VAL F 291 -17.55 -82.50 61.94
N ARG F 292 -17.85 -83.14 63.08
CA ARG F 292 -19.04 -83.95 63.40
C ARG F 292 -20.34 -83.56 62.74
N GLY F 293 -20.75 -82.30 62.86
CA GLY F 293 -21.90 -81.83 62.13
C GLY F 293 -23.23 -82.40 62.55
N GLY F 294 -23.33 -82.92 63.77
CA GLY F 294 -24.60 -83.44 64.25
C GLY F 294 -25.61 -82.35 64.52
N ASP F 295 -25.36 -81.53 65.54
CA ASP F 295 -26.20 -80.37 65.83
C ASP F 295 -25.30 -79.20 66.23
N VAL F 296 -25.92 -78.07 66.50
CA VAL F 296 -25.22 -76.87 66.92
C VAL F 296 -25.92 -76.28 68.14
N PHE F 297 -25.14 -75.99 69.19
CA PHE F 297 -25.70 -75.33 70.35
C PHE F 297 -25.94 -73.87 70.01
N SER F 298 -27.14 -73.54 69.59
CA SER F 298 -27.49 -72.16 69.26
C SER F 298 -28.81 -71.81 69.93
N PRO F 299 -28.79 -71.47 71.21
CA PRO F 299 -30.03 -71.04 71.87
C PRO F 299 -30.41 -69.64 71.42
N VAL F 300 -31.66 -69.30 71.67
CA VAL F 300 -32.21 -68.00 71.30
C VAL F 300 -32.64 -67.29 72.58
N PHE F 301 -32.14 -66.08 72.78
CA PHE F 301 -32.44 -65.28 73.96
C PHE F 301 -33.49 -64.24 73.61
N GLU F 302 -34.50 -64.10 74.47
CA GLU F 302 -35.48 -63.04 74.32
C GLU F 302 -35.72 -62.36 75.67
N PRO F 303 -35.89 -61.06 75.70
CA PRO F 303 -36.16 -60.39 76.99
C PRO F 303 -37.59 -60.64 77.42
N VAL F 304 -37.80 -60.70 78.72
CA VAL F 304 -39.17 -60.78 79.23
C VAL F 304 -39.59 -59.39 79.66
N GLN F 305 -40.87 -59.06 79.50
CA GLN F 305 -41.36 -57.71 79.75
C GLN F 305 -41.78 -57.50 81.21
N VAL F 306 -41.15 -58.19 82.15
CA VAL F 306 -41.40 -57.94 83.55
C VAL F 306 -40.43 -56.86 84.03
N GLU F 307 -40.81 -56.19 85.11
CA GLU F 307 -39.99 -55.16 85.71
C GLU F 307 -39.02 -55.71 86.74
N VAL F 308 -39.30 -56.89 87.29
CA VAL F 308 -38.67 -57.38 88.50
C VAL F 308 -38.42 -58.88 88.35
N GLY F 309 -37.22 -59.32 88.73
CA GLY F 309 -36.94 -60.75 88.75
C GLY F 309 -37.73 -61.44 89.85
N PHE F 310 -38.27 -62.60 89.53
CA PHE F 310 -39.00 -63.44 90.46
C PHE F 310 -38.28 -64.78 90.60
N HIS F 311 -38.76 -65.56 91.58
CA HIS F 311 -38.39 -66.97 91.78
C HIS F 311 -36.90 -67.17 92.03
N THR F 312 -36.27 -66.21 92.67
CA THR F 312 -34.89 -66.44 93.06
C THR F 312 -34.82 -66.58 94.58
N PRO F 313 -33.79 -67.26 95.10
CA PRO F 313 -33.60 -67.26 96.57
C PRO F 313 -33.08 -65.96 97.13
N ARG F 314 -32.70 -65.00 96.27
CA ARG F 314 -32.17 -63.72 96.73
C ARG F 314 -33.26 -62.79 97.26
N LEU F 315 -34.53 -63.15 97.12
CA LEU F 315 -35.64 -62.38 97.66
C LEU F 315 -36.12 -62.94 98.98
N SER F 316 -35.19 -63.43 99.81
CA SER F 316 -35.55 -64.13 101.04
C SER F 316 -36.05 -63.19 102.13
N ASP F 317 -35.86 -61.89 102.00
CA ASP F 317 -36.37 -60.97 103.01
C ASP F 317 -37.81 -60.56 102.75
N GLY F 318 -38.27 -60.71 101.52
CA GLY F 318 -39.61 -60.27 101.16
C GLY F 318 -40.70 -61.04 101.88
N ILE F 319 -40.43 -62.30 102.22
CA ILE F 319 -41.43 -63.07 102.96
C ILE F 319 -41.59 -62.56 104.37
N ASP F 320 -40.50 -62.09 105.00
CA ASP F 320 -40.62 -61.49 106.32
C ASP F 320 -41.26 -60.11 106.25
N ILE F 321 -41.02 -59.37 105.17
CA ILE F 321 -41.70 -58.07 104.98
C ILE F 321 -43.21 -58.28 104.83
N VAL F 322 -43.60 -59.30 104.06
CA VAL F 322 -45.02 -59.62 103.90
C VAL F 322 -45.61 -60.13 105.21
N ALA F 323 -44.83 -60.87 106.00
CA ALA F 323 -45.33 -61.33 107.30
C ALA F 323 -45.56 -60.16 108.25
N GLY F 324 -44.64 -59.20 108.27
CA GLY F 324 -44.83 -58.02 109.11
C GLY F 324 -46.00 -57.16 108.67
N TRP F 325 -46.18 -56.98 107.37
CA TRP F 325 -47.31 -56.20 106.90
C TRP F 325 -48.63 -56.96 107.09
N ALA F 326 -48.60 -58.29 107.05
CA ALA F 326 -49.80 -59.07 107.29
C ALA F 326 -50.22 -59.00 108.74
N GLU F 327 -49.26 -59.06 109.67
CA GLU F 327 -49.63 -58.94 111.07
C GLU F 327 -49.94 -57.51 111.48
N LYS F 328 -49.45 -56.51 110.72
CA LYS F 328 -49.93 -55.16 110.95
C LYS F 328 -51.32 -54.94 110.36
N ALA F 329 -51.67 -55.66 109.31
CA ALA F 329 -53.01 -55.59 108.77
C ALA F 329 -53.89 -56.61 109.50
N GLY F 330 -55.14 -56.75 109.06
CA GLY F 330 -56.10 -57.59 109.73
C GLY F 330 -56.19 -59.02 109.26
N LEU F 331 -55.33 -59.44 108.34
CA LEU F 331 -55.40 -60.77 107.79
C LEU F 331 -54.33 -61.68 108.41
N ASP F 332 -54.38 -62.96 108.05
CA ASP F 332 -53.56 -63.97 108.70
C ASP F 332 -52.11 -63.89 108.24
N VAL F 333 -51.28 -64.78 108.79
CA VAL F 333 -49.86 -64.77 108.49
C VAL F 333 -49.40 -66.04 107.79
N ALA F 334 -50.07 -67.18 108.00
CA ALA F 334 -49.56 -68.46 107.52
C ALA F 334 -49.71 -68.59 106.00
N LEU F 335 -50.92 -68.38 105.49
CA LEU F 335 -51.15 -68.45 104.06
C LEU F 335 -50.49 -67.30 103.33
N ALA F 336 -50.31 -66.17 104.02
CA ALA F 336 -49.57 -65.04 103.48
C ALA F 336 -48.11 -65.41 103.24
N ARG F 337 -47.46 -65.98 104.25
CA ARG F 337 -46.07 -66.40 104.13
C ARG F 337 -45.91 -67.53 103.11
N GLU F 338 -46.92 -68.40 103.04
CA GLU F 338 -46.89 -69.51 102.09
C GLU F 338 -46.97 -69.02 100.65
N LEU F 339 -47.90 -68.12 100.36
CA LEU F 339 -48.02 -67.59 99.00
C LEU F 339 -46.83 -66.71 98.64
N ALA F 340 -46.25 -66.01 99.62
CA ALA F 340 -45.04 -65.24 99.37
C ALA F 340 -43.87 -66.15 99.01
N ASP F 341 -43.77 -67.31 99.69
CA ASP F 341 -42.79 -68.32 99.31
C ASP F 341 -43.06 -68.83 97.91
N ALA F 342 -44.32 -69.07 97.59
CA ALA F 342 -44.67 -69.70 96.32
C ALA F 342 -44.49 -68.77 95.14
N ILE F 343 -44.55 -67.46 95.32
CA ILE F 343 -44.47 -66.53 94.21
C ILE F 343 -43.15 -65.75 94.20
N LEU F 344 -42.37 -65.77 95.28
CA LEU F 344 -41.14 -65.02 95.31
C LEU F 344 -39.88 -65.87 95.24
N ILE F 345 -39.88 -67.07 95.83
CA ILE F 345 -38.68 -67.87 95.99
C ILE F 345 -38.81 -69.22 95.31
N ARG F 346 -39.86 -69.97 95.64
CA ARG F 346 -40.01 -71.35 95.18
C ARG F 346 -40.31 -71.40 93.70
N LYS F 347 -39.50 -72.14 92.95
CA LYS F 347 -39.59 -72.18 91.50
C LYS F 347 -40.81 -72.97 91.05
N VAL F 348 -41.06 -72.96 89.74
CA VAL F 348 -42.23 -73.62 89.17
C VAL F 348 -41.75 -74.53 88.04
N ASP F 349 -42.59 -75.49 87.66
CA ASP F 349 -42.25 -76.48 86.65
C ASP F 349 -43.50 -76.75 85.82
N TRP F 350 -43.59 -76.05 84.68
CA TRP F 350 -44.82 -76.05 83.92
C TRP F 350 -45.03 -77.37 83.19
N VAL F 351 -43.94 -78.07 82.86
CA VAL F 351 -44.05 -79.32 82.12
C VAL F 351 -44.69 -80.40 82.97
N ASP F 352 -44.16 -80.63 84.19
CA ASP F 352 -44.81 -81.66 84.98
C ASP F 352 -46.12 -81.19 85.59
N GLU F 353 -46.35 -79.87 85.64
CA GLU F 353 -47.69 -79.38 85.96
C GLU F 353 -48.71 -79.81 84.91
N ILE F 354 -48.40 -79.61 83.62
CA ILE F 354 -49.40 -79.97 82.63
C ILE F 354 -49.47 -81.48 82.43
N THR F 355 -48.38 -82.22 82.73
CA THR F 355 -48.54 -83.67 82.67
C THR F 355 -49.32 -84.19 83.87
N ARG F 356 -49.29 -83.47 85.00
CA ARG F 356 -50.21 -83.81 86.08
C ARG F 356 -51.66 -83.54 85.67
N VAL F 357 -51.87 -82.47 84.89
CA VAL F 357 -53.19 -82.20 84.31
C VAL F 357 -53.64 -83.35 83.41
N HIS F 358 -52.74 -83.81 82.54
CA HIS F 358 -53.11 -84.86 81.60
C HIS F 358 -53.24 -86.21 82.29
N ALA F 359 -52.52 -86.43 83.38
CA ALA F 359 -52.72 -87.64 84.16
C ALA F 359 -54.03 -87.60 84.93
N ALA F 360 -54.48 -86.40 85.30
CA ALA F 360 -55.85 -86.27 85.78
C ALA F 360 -56.85 -86.54 84.66
N GLY F 361 -56.49 -86.22 83.42
CA GLY F 361 -57.23 -86.66 82.28
C GLY F 361 -58.18 -85.66 81.66
N ALA F 362 -57.85 -84.38 81.69
CA ALA F 362 -58.72 -83.36 81.12
C ALA F 362 -58.59 -83.37 79.60
N ARG F 363 -59.69 -83.63 78.91
CA ARG F 363 -59.69 -83.62 77.47
C ARG F 363 -59.90 -82.24 76.88
N TRP F 364 -60.13 -81.23 77.71
CA TRP F 364 -60.13 -79.85 77.25
C TRP F 364 -59.42 -79.01 78.29
N ILE F 365 -58.91 -77.85 77.88
CA ILE F 365 -58.22 -76.97 78.81
C ILE F 365 -58.56 -75.51 78.51
N LEU F 366 -59.32 -74.91 79.41
CA LEU F 366 -59.52 -73.47 79.42
C LEU F 366 -58.28 -72.81 79.97
N ASP F 367 -57.98 -71.61 79.49
CA ASP F 367 -57.18 -70.73 80.32
C ASP F 367 -57.88 -69.39 80.45
N LEU F 368 -57.64 -68.77 81.61
CA LEU F 368 -58.34 -67.56 81.99
C LEU F 368 -57.45 -66.34 82.08
N GLY F 369 -56.13 -66.52 81.92
CA GLY F 369 -55.17 -65.48 82.15
C GLY F 369 -55.25 -64.34 81.15
N PRO F 370 -54.52 -63.27 81.43
CA PRO F 370 -54.56 -62.10 80.54
C PRO F 370 -53.89 -62.39 79.22
N GLY F 371 -54.54 -62.00 78.13
CA GLY F 371 -54.00 -62.22 76.81
C GLY F 371 -54.02 -63.68 76.41
N ASP F 372 -53.14 -64.00 75.46
CA ASP F 372 -53.01 -65.35 74.94
C ASP F 372 -51.58 -65.89 75.10
N ILE F 373 -50.82 -65.33 76.04
CA ILE F 373 -49.46 -65.81 76.27
C ILE F 373 -49.48 -67.22 76.83
N LEU F 374 -50.51 -67.58 77.60
CA LEU F 374 -50.53 -68.91 78.15
C LEU F 374 -50.92 -69.94 77.09
N THR F 375 -51.76 -69.56 76.13
CA THR F 375 -52.02 -70.43 74.99
C THR F 375 -50.76 -70.62 74.14
N ARG F 376 -50.08 -69.52 73.85
CA ARG F 376 -48.87 -69.60 73.03
C ARG F 376 -47.70 -70.21 73.77
N LEU F 377 -47.79 -70.39 75.09
CA LEU F 377 -46.80 -71.12 75.84
C LEU F 377 -47.18 -72.57 76.08
N THR F 378 -48.48 -72.90 76.11
CA THR F 378 -48.89 -74.27 76.34
C THR F 378 -49.01 -75.07 75.06
N ALA F 379 -49.10 -74.42 73.90
CA ALA F 379 -49.25 -75.18 72.66
C ALA F 379 -48.08 -76.12 72.35
N PRO F 380 -46.79 -75.73 72.46
CA PRO F 380 -45.73 -76.73 72.19
C PRO F 380 -45.57 -77.80 73.26
N VAL F 381 -46.26 -77.70 74.40
CA VAL F 381 -46.06 -78.69 75.45
C VAL F 381 -47.20 -79.70 75.52
N ILE F 382 -48.41 -79.37 75.06
CA ILE F 382 -49.43 -80.37 74.80
C ILE F 382 -49.64 -80.54 73.30
N ARG F 383 -48.60 -80.21 72.53
CA ARG F 383 -48.61 -80.33 71.08
C ARG F 383 -48.95 -81.75 70.61
N GLY F 384 -48.40 -82.76 71.27
CA GLY F 384 -48.64 -84.11 70.80
C GLY F 384 -49.46 -84.98 71.72
N LEU F 385 -50.52 -84.42 72.32
CA LEU F 385 -51.32 -85.16 73.28
C LEU F 385 -52.79 -85.20 72.94
N GLY F 386 -53.28 -84.37 72.02
CA GLY F 386 -54.68 -84.39 71.67
C GLY F 386 -55.58 -83.69 72.67
N ILE F 387 -55.13 -82.57 73.22
CA ILE F 387 -55.93 -81.77 74.16
C ILE F 387 -56.13 -80.40 73.54
N GLY F 388 -57.34 -79.86 73.66
CA GLY F 388 -57.68 -78.61 73.04
C GLY F 388 -57.68 -77.45 74.01
N ILE F 389 -56.88 -76.42 73.70
CA ILE F 389 -56.86 -75.21 74.50
C ILE F 389 -57.97 -74.28 74.03
N VAL F 390 -58.51 -73.50 74.96
CA VAL F 390 -59.46 -72.43 74.66
C VAL F 390 -59.12 -71.18 75.46
N PRO F 391 -58.92 -70.05 74.80
CA PRO F 391 -58.67 -68.80 75.53
C PRO F 391 -59.96 -68.21 76.09
N ALA F 392 -59.84 -67.60 77.26
CA ALA F 392 -60.85 -66.68 77.73
C ALA F 392 -60.31 -65.26 77.57
N ALA F 393 -61.12 -64.29 78.01
CA ALA F 393 -60.76 -62.87 78.05
C ALA F 393 -60.35 -62.31 76.69
N THR F 394 -60.91 -62.88 75.62
CA THR F 394 -60.56 -62.51 74.27
C THR F 394 -61.85 -62.62 73.46
N ARG F 395 -62.04 -61.72 72.49
CA ARG F 395 -63.22 -61.83 71.63
C ARG F 395 -63.17 -63.08 70.78
N GLY F 396 -61.98 -63.44 70.28
CA GLY F 396 -61.82 -64.69 69.57
C GLY F 396 -62.04 -65.89 70.46
N GLY F 397 -61.60 -65.79 71.72
CA GLY F 397 -61.82 -66.87 72.66
C GLY F 397 -63.28 -67.04 73.02
N GLN F 398 -63.99 -65.93 73.14
CA GLN F 398 -65.41 -66.00 73.46
C GLN F 398 -66.23 -66.52 72.28
N ARG F 399 -65.87 -66.14 71.06
CA ARG F 399 -66.62 -66.68 69.93
C ARG F 399 -66.29 -68.14 69.67
N ASN F 400 -65.05 -68.57 69.94
CA ASN F 400 -64.73 -69.99 69.88
C ASN F 400 -65.33 -70.76 71.04
N LEU F 401 -65.62 -70.09 72.14
CA LEU F 401 -66.18 -70.75 73.31
C LEU F 401 -67.70 -70.80 73.25
N PHE F 402 -68.31 -69.94 72.45
CA PHE F 402 -69.76 -69.78 72.44
C PHE F 402 -70.43 -70.16 71.11
N THR F 403 -69.80 -69.90 69.97
CA THR F 403 -70.45 -70.19 68.70
C THR F 403 -70.45 -71.69 68.44
N VAL F 404 -71.60 -72.23 68.01
CA VAL F 404 -71.71 -73.66 67.75
C VAL F 404 -70.86 -74.05 66.55
N GLY F 405 -70.92 -73.27 65.47
CA GLY F 405 -70.13 -73.57 64.30
C GLY F 405 -68.65 -73.25 64.40
N ALA F 406 -68.22 -72.58 65.47
CA ALA F 406 -66.83 -72.18 65.66
C ALA F 406 -66.31 -72.82 66.95
N THR F 407 -65.78 -74.04 66.83
CA THR F 407 -65.10 -74.75 67.88
C THR F 407 -63.68 -75.08 67.42
N PRO F 408 -62.71 -75.13 68.32
CA PRO F 408 -61.33 -75.37 67.88
C PRO F 408 -61.12 -76.82 67.44
N GLU F 409 -60.20 -77.00 66.50
CA GLU F 409 -59.96 -78.30 65.92
C GLU F 409 -58.79 -78.97 66.62
N VAL F 410 -59.09 -79.98 67.44
CA VAL F 410 -58.08 -80.69 68.20
C VAL F 410 -57.37 -81.66 67.26
N ALA F 411 -56.04 -81.54 67.18
CA ALA F 411 -55.26 -82.44 66.34
C ALA F 411 -55.23 -83.84 66.96
N ARG F 412 -54.88 -84.82 66.13
CA ARG F 412 -54.93 -86.21 66.55
C ARG F 412 -53.74 -86.57 67.42
N ALA F 413 -53.94 -87.56 68.27
CA ALA F 413 -52.88 -88.07 69.12
C ALA F 413 -51.95 -88.96 68.30
N TRP F 414 -50.87 -89.43 68.93
CA TRP F 414 -49.83 -90.17 68.22
C TRP F 414 -49.89 -91.67 68.50
N SER F 415 -50.48 -92.05 69.63
CA SER F 415 -50.85 -93.44 69.84
C SER F 415 -51.89 -93.93 68.84
N SER F 416 -52.63 -93.02 68.20
CA SER F 416 -53.45 -93.41 67.07
C SER F 416 -52.59 -93.75 65.85
N TYR F 417 -51.48 -93.03 65.66
CA TYR F 417 -50.61 -93.34 64.53
C TYR F 417 -49.75 -94.57 64.76
N ALA F 418 -49.70 -95.07 65.98
CA ALA F 418 -49.05 -96.36 66.24
C ALA F 418 -49.64 -97.47 65.37
N PRO F 419 -48.82 -98.39 64.84
CA PRO F 419 -49.26 -99.30 63.78
C PRO F 419 -50.13 -100.44 64.31
N THR F 420 -50.63 -101.26 63.37
CA THR F 420 -51.61 -102.28 63.72
C THR F 420 -51.24 -103.58 62.97
N VAL F 421 -51.92 -104.67 63.32
CA VAL F 421 -51.65 -105.99 62.77
C VAL F 421 -52.89 -106.48 62.03
N VAL F 422 -52.71 -107.05 60.83
CA VAL F 422 -53.81 -107.62 60.08
C VAL F 422 -53.47 -109.04 59.70
N ARG F 423 -54.50 -109.80 59.32
CA ARG F 423 -54.35 -111.16 58.83
C ARG F 423 -54.92 -111.27 57.43
N LEU F 424 -54.07 -111.64 56.47
CA LEU F 424 -54.47 -111.85 55.10
C LEU F 424 -55.27 -113.14 54.98
N PRO F 425 -56.12 -113.28 53.94
CA PRO F 425 -57.01 -114.45 53.87
C PRO F 425 -56.35 -115.77 53.50
N ASP F 426 -55.02 -115.83 53.44
CA ASP F 426 -54.32 -117.10 53.34
C ASP F 426 -53.71 -117.54 54.67
N GLY F 427 -53.97 -116.79 55.75
CA GLY F 427 -53.41 -117.11 57.05
C GLY F 427 -52.13 -116.38 57.39
N ARG F 428 -51.59 -115.59 56.46
CA ARG F 428 -50.40 -114.81 56.77
C ARG F 428 -50.77 -113.62 57.64
N VAL F 429 -49.83 -113.21 58.48
CA VAL F 429 -50.03 -112.15 59.45
C VAL F 429 -49.06 -111.02 59.12
N LYS F 430 -49.60 -109.86 58.76
CA LYS F 430 -48.79 -108.77 58.24
C LYS F 430 -49.04 -107.48 58.99
N LEU F 431 -48.15 -106.53 58.78
CA LEU F 431 -48.17 -105.25 59.46
C LEU F 431 -48.97 -104.25 58.63
N SER F 432 -49.71 -103.38 59.31
CA SER F 432 -50.50 -102.35 58.64
C SER F 432 -50.13 -101.01 59.23
N THR F 433 -49.49 -100.18 58.43
CA THR F 433 -49.30 -98.76 58.65
C THR F 433 -50.04 -98.02 57.55
N LYS F 434 -50.06 -96.69 57.64
CA LYS F 434 -50.79 -95.95 56.62
C LYS F 434 -50.05 -95.88 55.30
N PHE F 435 -48.75 -96.19 55.27
CA PHE F 435 -48.09 -96.39 53.99
C PHE F 435 -48.62 -97.63 53.29
N THR F 436 -48.79 -98.72 54.04
CA THR F 436 -49.37 -99.92 53.47
C THR F 436 -50.82 -99.68 53.07
N ARG F 437 -51.53 -98.87 53.86
CA ARG F 437 -52.89 -98.50 53.50
C ARG F 437 -52.94 -97.68 52.23
N LEU F 438 -51.95 -96.81 52.01
CA LEU F 438 -51.94 -96.00 50.80
C LEU F 438 -51.58 -96.84 49.59
N THR F 439 -50.39 -97.45 49.60
CA THR F 439 -49.94 -98.18 48.43
C THR F 439 -50.58 -99.56 48.34
N GLY F 440 -50.31 -100.42 49.32
CA GLY F 440 -50.76 -101.79 49.24
C GLY F 440 -49.58 -102.73 49.36
N ARG F 441 -48.43 -102.19 49.77
CA ARG F 441 -47.19 -102.93 49.81
C ARG F 441 -46.58 -102.82 51.20
N SER F 442 -45.55 -103.62 51.44
CA SER F 442 -44.98 -103.79 52.76
C SER F 442 -44.21 -102.53 53.17
N PRO F 443 -44.18 -102.20 54.47
CA PRO F 443 -43.58 -100.93 54.88
C PRO F 443 -42.07 -100.92 54.84
N ILE F 444 -41.42 -102.02 54.52
CA ILE F 444 -39.99 -102.03 54.26
C ILE F 444 -39.80 -101.74 52.78
N LEU F 445 -38.95 -100.78 52.46
CA LEU F 445 -38.84 -100.33 51.09
C LEU F 445 -37.52 -100.83 50.50
N LEU F 446 -37.24 -100.42 49.27
CA LEU F 446 -35.98 -100.74 48.62
C LEU F 446 -35.62 -99.53 47.78
N ALA F 447 -34.63 -98.77 48.22
CA ALA F 447 -34.37 -97.45 47.68
C ALA F 447 -33.71 -97.53 46.31
N GLY F 448 -33.76 -96.41 45.59
CA GLY F 448 -33.08 -96.30 44.33
C GLY F 448 -31.61 -96.04 44.54
N MET F 449 -30.76 -96.91 44.00
CA MET F 449 -29.32 -96.89 44.25
C MET F 449 -28.62 -97.02 42.91
N THR F 450 -27.78 -96.04 42.57
CA THR F 450 -27.24 -95.99 41.21
C THR F 450 -26.28 -97.12 40.82
N PRO F 451 -25.41 -97.68 41.69
CA PRO F 451 -24.75 -98.89 41.25
C PRO F 451 -25.61 -100.12 41.44
N THR F 452 -26.37 -100.19 42.53
CA THR F 452 -26.95 -101.46 42.95
C THR F 452 -28.29 -101.75 42.28
N THR F 453 -29.25 -100.84 42.43
CA THR F 453 -30.58 -101.06 41.89
C THR F 453 -30.73 -100.49 40.51
N VAL F 454 -29.65 -100.46 39.72
CA VAL F 454 -29.75 -100.14 38.31
C VAL F 454 -30.07 -101.37 37.49
N ASP F 455 -30.32 -102.51 38.13
CA ASP F 455 -30.44 -103.77 37.42
C ASP F 455 -31.82 -104.41 37.62
N ALA F 456 -32.29 -104.97 36.51
CA ALA F 456 -33.64 -105.52 36.42
C ALA F 456 -33.84 -106.71 37.34
N LYS F 457 -32.78 -107.48 37.60
CA LYS F 457 -32.90 -108.68 38.40
C LYS F 457 -33.29 -108.37 39.83
N ILE F 458 -32.55 -107.46 40.49
CA ILE F 458 -32.85 -107.14 41.87
C ILE F 458 -34.15 -106.33 41.97
N VAL F 459 -34.41 -105.42 41.01
CA VAL F 459 -35.62 -104.62 41.21
C VAL F 459 -36.87 -105.46 40.89
N ALA F 460 -36.77 -106.42 39.97
CA ALA F 460 -37.90 -107.29 39.70
C ALA F 460 -38.11 -108.31 40.80
N ALA F 461 -37.05 -108.83 41.41
CA ALA F 461 -37.22 -109.76 42.52
C ALA F 461 -37.82 -109.08 43.73
N ALA F 462 -37.39 -107.85 44.02
CA ALA F 462 -37.96 -107.12 45.14
C ALA F 462 -39.39 -106.71 44.86
N ALA F 463 -39.76 -106.49 43.60
CA ALA F 463 -41.16 -106.19 43.31
C ALA F 463 -42.02 -107.45 43.32
N ASN F 464 -41.47 -108.61 42.94
CA ASN F 464 -42.25 -109.83 42.99
C ASN F 464 -42.42 -110.32 44.41
N ALA F 465 -41.52 -109.94 45.31
CA ALA F 465 -41.70 -110.31 46.71
C ALA F 465 -42.82 -109.52 47.38
N GLY F 466 -43.33 -108.47 46.76
CA GLY F 466 -44.39 -107.68 47.35
C GLY F 466 -43.85 -106.51 48.14
N HIS F 467 -42.95 -105.73 47.54
CA HIS F 467 -42.31 -104.65 48.25
C HIS F 467 -42.14 -103.47 47.32
N TRP F 468 -41.89 -102.30 47.91
CA TRP F 468 -41.61 -101.10 47.15
C TRP F 468 -40.22 -101.21 46.54
N ALA F 469 -40.14 -101.72 45.32
CA ALA F 469 -38.89 -101.79 44.59
C ALA F 469 -38.76 -100.55 43.72
N GLU F 470 -37.53 -100.15 43.45
CA GLU F 470 -37.28 -98.84 42.84
C GLU F 470 -36.09 -98.92 41.90
N LEU F 471 -36.37 -98.95 40.60
CA LEU F 471 -35.32 -98.95 39.59
C LEU F 471 -34.59 -97.62 39.60
N ALA F 472 -33.26 -97.68 39.61
CA ALA F 472 -32.47 -96.48 39.69
C ALA F 472 -32.53 -95.72 38.38
N GLY F 473 -32.19 -94.44 38.43
CA GLY F 473 -32.30 -93.61 37.26
C GLY F 473 -30.96 -93.09 36.80
N GLY F 474 -29.96 -93.21 37.66
CA GLY F 474 -28.65 -92.69 37.34
C GLY F 474 -27.78 -93.58 36.49
N GLY F 475 -28.34 -94.62 35.88
CA GLY F 475 -27.55 -95.47 35.02
C GLY F 475 -28.14 -95.61 33.63
N GLN F 476 -29.43 -95.32 33.49
CA GLN F 476 -30.10 -95.36 32.20
C GLN F 476 -29.76 -94.04 31.51
N VAL F 477 -28.62 -94.00 30.84
CA VAL F 477 -28.12 -92.76 30.29
C VAL F 477 -28.53 -92.53 28.83
N THR F 478 -28.94 -93.57 28.12
CA THR F 478 -29.34 -93.43 26.73
C THR F 478 -30.67 -94.14 26.48
N GLU F 479 -31.27 -93.80 25.34
CA GLU F 479 -32.59 -94.30 24.98
C GLU F 479 -32.59 -95.80 24.74
N GLU F 480 -31.49 -96.32 24.17
CA GLU F 480 -31.42 -97.75 23.91
C GLU F 480 -31.33 -98.54 25.20
N ILE F 481 -30.52 -98.08 26.15
CA ILE F 481 -30.41 -98.74 27.44
C ILE F 481 -31.73 -98.65 28.20
N PHE F 482 -32.41 -97.51 28.09
CA PHE F 482 -33.69 -97.33 28.77
C PHE F 482 -34.75 -98.28 28.24
N GLY F 483 -34.90 -98.34 26.92
CA GLY F 483 -35.84 -99.27 26.31
C GLY F 483 -35.52 -100.72 26.57
N ASN F 484 -34.22 -101.06 26.61
CA ASN F 484 -33.83 -102.43 26.91
C ASN F 484 -34.16 -102.80 28.35
N ARG F 485 -34.02 -101.87 29.28
CA ARG F 485 -34.34 -102.22 30.66
C ARG F 485 -35.84 -102.30 30.89
N ILE F 486 -36.62 -101.48 30.19
CA ILE F 486 -38.07 -101.62 30.25
C ILE F 486 -38.50 -102.97 29.70
N GLU F 487 -37.84 -103.41 28.62
CA GLU F 487 -38.13 -104.73 28.05
C GLU F 487 -37.75 -105.86 29.02
N GLN F 488 -36.61 -105.73 29.70
CA GLN F 488 -36.19 -106.73 30.67
C GLN F 488 -37.16 -106.83 31.83
N MET F 489 -37.64 -105.69 32.32
CA MET F 489 -38.56 -105.69 33.45
C MET F 489 -39.91 -106.31 33.07
N ALA F 490 -40.38 -106.00 31.86
CA ALA F 490 -41.60 -106.62 31.37
C ALA F 490 -41.42 -108.13 31.18
N GLY F 491 -40.21 -108.57 30.86
CA GLY F 491 -39.95 -109.99 30.80
C GLY F 491 -39.92 -110.64 32.17
N LEU F 492 -39.36 -109.95 33.16
CA LEU F 492 -39.09 -110.58 34.45
C LEU F 492 -40.27 -110.60 35.40
N LEU F 493 -41.15 -109.60 35.36
CA LEU F 493 -42.24 -109.60 36.32
C LEU F 493 -43.29 -110.64 35.99
N GLU F 494 -43.98 -111.14 37.01
CA GLU F 494 -45.17 -111.94 36.77
C GLU F 494 -46.34 -111.01 36.51
N PRO F 495 -47.45 -111.52 35.96
CA PRO F 495 -48.65 -110.68 35.80
C PRO F 495 -49.18 -110.13 37.11
N GLY F 496 -49.41 -108.81 37.13
CA GLY F 496 -50.00 -108.12 38.25
C GLY F 496 -49.05 -107.18 38.97
N ARG F 497 -47.79 -107.58 39.11
CA ARG F 497 -46.85 -106.82 39.91
C ARG F 497 -46.39 -105.57 39.17
N THR F 498 -46.07 -104.54 39.94
CA THR F 498 -45.63 -103.26 39.42
C THR F 498 -44.29 -102.89 40.07
N TYR F 499 -43.63 -101.88 39.51
CA TYR F 499 -42.39 -101.38 40.07
C TYR F 499 -42.39 -99.87 39.94
N GLN F 500 -41.36 -99.24 40.51
CA GLN F 500 -41.31 -97.79 40.60
C GLN F 500 -40.08 -97.30 39.87
N PHE F 501 -39.81 -96.01 39.98
CA PHE F 501 -38.72 -95.40 39.24
C PHE F 501 -38.15 -94.24 40.03
N ASN F 502 -36.84 -94.08 39.97
CA ASN F 502 -36.13 -93.01 40.65
C ASN F 502 -35.61 -92.04 39.61
N ALA F 503 -35.71 -90.75 39.88
CA ALA F 503 -35.27 -89.75 38.91
C ALA F 503 -34.43 -88.72 39.63
N LEU F 504 -33.16 -88.59 39.23
CA LEU F 504 -32.32 -87.54 39.78
C LEU F 504 -32.75 -86.20 39.21
N PHE F 505 -32.90 -85.21 40.07
CA PHE F 505 -33.44 -83.93 39.63
C PHE F 505 -32.38 -82.93 39.19
N LEU F 506 -31.32 -82.76 39.98
CA LEU F 506 -30.32 -81.75 39.67
C LEU F 506 -29.24 -82.25 38.73
N ASP F 507 -29.39 -83.45 38.18
CA ASP F 507 -28.56 -83.89 37.06
C ASP F 507 -29.26 -83.43 35.80
N PRO F 508 -28.76 -82.41 35.10
CA PRO F 508 -29.58 -81.75 34.07
C PRO F 508 -29.84 -82.58 32.82
N TYR F 509 -28.80 -83.17 32.23
CA TYR F 509 -28.98 -83.98 31.03
C TYR F 509 -29.81 -85.21 31.31
N LEU F 510 -29.56 -85.85 32.45
CA LEU F 510 -30.31 -87.03 32.82
C LEU F 510 -31.76 -86.70 33.12
N TRP F 511 -32.02 -85.52 33.72
CA TRP F 511 -33.39 -85.12 34.00
C TRP F 511 -34.16 -84.78 32.74
N LYS F 512 -33.50 -84.11 31.80
CA LYS F 512 -34.15 -83.82 30.53
C LYS F 512 -34.40 -85.08 29.72
N LEU F 513 -33.55 -86.09 29.87
CA LEU F 513 -33.80 -87.33 29.14
C LEU F 513 -34.89 -88.15 29.81
N GLN F 514 -34.90 -88.21 31.14
CA GLN F 514 -35.89 -89.07 31.81
C GLN F 514 -37.26 -88.44 31.81
N VAL F 515 -37.39 -87.21 32.34
CA VAL F 515 -38.68 -86.62 32.66
C VAL F 515 -38.94 -85.36 31.85
N GLY F 516 -38.02 -84.39 31.92
CA GLY F 516 -38.28 -83.07 31.38
C GLY F 516 -38.36 -82.91 29.88
N GLY F 517 -37.24 -83.03 29.17
CA GLY F 517 -37.23 -82.71 27.76
C GLY F 517 -37.89 -83.77 26.90
N LYS F 518 -37.25 -84.93 26.76
CA LYS F 518 -38.00 -86.09 26.33
C LYS F 518 -38.76 -86.62 27.53
N ARG F 519 -39.83 -87.34 27.27
CA ARG F 519 -40.64 -87.85 28.37
C ARG F 519 -40.60 -89.35 28.26
N LEU F 520 -39.51 -89.96 28.72
CA LEU F 520 -39.36 -91.38 28.47
C LEU F 520 -40.14 -92.21 29.46
N VAL F 521 -40.21 -91.75 30.72
CA VAL F 521 -41.02 -92.43 31.73
C VAL F 521 -42.50 -92.32 31.37
N GLN F 522 -42.91 -91.14 30.90
CA GLN F 522 -44.30 -90.92 30.49
C GLN F 522 -44.65 -91.76 29.26
N LYS F 523 -43.73 -91.86 28.29
CA LYS F 523 -44.01 -92.66 27.11
C LYS F 523 -44.05 -94.15 27.44
N ALA F 524 -43.20 -94.60 28.37
CA ALA F 524 -43.26 -95.98 28.79
C ALA F 524 -44.54 -96.30 29.53
N ARG F 525 -45.03 -95.34 30.33
CA ARG F 525 -46.28 -95.56 31.03
C ARG F 525 -47.47 -95.55 30.09
N GLN F 526 -47.45 -94.66 29.09
CA GLN F 526 -48.53 -94.64 28.11
C GLN F 526 -48.48 -95.85 27.21
N SER F 527 -47.29 -96.42 26.98
CA SER F 527 -47.23 -97.67 26.25
C SER F 527 -47.72 -98.84 27.09
N GLY F 528 -47.59 -98.74 28.41
CA GLY F 528 -48.19 -99.75 29.25
C GLY F 528 -47.24 -100.48 30.16
N ALA F 529 -46.11 -99.84 30.47
CA ALA F 529 -45.21 -100.41 31.46
C ALA F 529 -45.83 -100.27 32.86
N ALA F 530 -45.28 -101.01 33.81
CA ALA F 530 -45.88 -101.13 35.12
C ALA F 530 -45.36 -100.11 36.11
N ILE F 531 -44.99 -98.92 35.66
CA ILE F 531 -44.49 -97.88 36.55
C ILE F 531 -45.66 -97.21 37.24
N ASP F 532 -45.74 -97.33 38.56
CA ASP F 532 -46.77 -96.61 39.32
C ASP F 532 -46.15 -95.70 40.37
N GLY F 533 -44.97 -95.16 40.10
CA GLY F 533 -44.36 -94.29 41.09
C GLY F 533 -43.07 -93.67 40.61
N VAL F 534 -42.92 -92.37 40.81
CA VAL F 534 -41.71 -91.65 40.48
C VAL F 534 -41.20 -90.98 41.75
N VAL F 535 -39.92 -91.21 42.05
CA VAL F 535 -39.27 -90.69 43.23
C VAL F 535 -38.37 -89.55 42.80
N ILE F 536 -38.63 -88.35 43.30
CA ILE F 536 -37.77 -87.21 43.00
C ILE F 536 -36.71 -87.09 44.07
N SER F 537 -35.46 -87.24 43.65
CA SER F 537 -34.30 -87.27 44.51
C SER F 537 -33.39 -86.10 44.22
N ALA F 538 -32.61 -85.72 45.24
CA ALA F 538 -31.56 -84.71 45.18
C ALA F 538 -32.12 -83.35 44.74
N GLY F 539 -32.97 -82.81 45.60
CA GLY F 539 -33.52 -81.48 45.37
C GLY F 539 -35.03 -81.46 45.34
N ILE F 540 -35.63 -80.32 45.68
CA ILE F 540 -37.08 -80.15 45.65
C ILE F 540 -37.40 -79.00 44.71
N PRO F 541 -38.30 -79.17 43.76
CA PRO F 541 -38.68 -78.05 42.89
C PRO F 541 -39.50 -77.02 43.64
N ASP F 542 -39.69 -75.87 43.00
CA ASP F 542 -40.50 -74.81 43.58
C ASP F 542 -41.99 -75.15 43.43
N LEU F 543 -42.83 -74.21 43.86
CA LEU F 543 -44.26 -74.47 44.08
C LEU F 543 -44.98 -74.77 42.78
N ASP F 544 -44.92 -73.85 41.82
CA ASP F 544 -45.75 -73.98 40.64
C ASP F 544 -45.30 -75.14 39.75
N GLU F 545 -43.99 -75.30 39.53
CA GLU F 545 -43.58 -76.42 38.69
C GLU F 545 -43.71 -77.75 39.42
N ALA F 546 -43.68 -77.75 40.75
CA ALA F 546 -43.93 -78.99 41.49
C ALA F 546 -45.39 -79.41 41.35
N VAL F 547 -46.32 -78.47 41.49
CA VAL F 547 -47.73 -78.79 41.34
C VAL F 547 -48.05 -79.19 39.91
N GLU F 548 -47.40 -78.54 38.93
CA GLU F 548 -47.50 -78.96 37.54
C GLU F 548 -46.96 -80.37 37.32
N LEU F 549 -45.93 -80.76 38.07
CA LEU F 549 -45.38 -82.09 37.89
C LEU F 549 -46.30 -83.15 38.48
N ILE F 550 -46.86 -82.87 39.66
CA ILE F 550 -47.85 -83.78 40.25
C ILE F 550 -49.06 -83.93 39.34
N ASP F 551 -49.52 -82.83 38.73
CA ASP F 551 -50.70 -82.94 37.86
C ASP F 551 -50.36 -83.60 36.54
N GLU F 552 -49.15 -83.38 36.02
CA GLU F 552 -48.73 -84.03 34.78
C GLU F 552 -48.63 -85.53 34.96
N LEU F 553 -48.07 -85.99 36.07
CA LEU F 553 -47.97 -87.43 36.26
C LEU F 553 -49.30 -88.05 36.67
N GLY F 554 -50.14 -87.33 37.41
CA GLY F 554 -51.46 -87.83 37.70
C GLY F 554 -52.38 -87.87 36.51
N ASP F 555 -52.07 -87.09 35.47
CA ASP F 555 -52.80 -87.19 34.21
C ASP F 555 -52.64 -88.58 33.60
N ILE F 556 -51.40 -89.00 33.36
CA ILE F 556 -51.19 -90.31 32.74
C ILE F 556 -51.40 -91.45 33.73
N GLY F 557 -51.39 -91.17 35.03
CA GLY F 557 -51.76 -92.20 35.99
C GLY F 557 -50.58 -92.81 36.72
N ILE F 558 -49.61 -91.99 37.10
CA ILE F 558 -48.49 -92.48 37.90
C ILE F 558 -48.93 -92.68 39.34
N SER F 559 -49.60 -91.68 39.91
CA SER F 559 -50.33 -91.72 41.18
C SER F 559 -49.47 -91.91 42.41
N HIS F 560 -48.14 -91.92 42.28
CA HIS F 560 -47.25 -91.86 43.45
C HIS F 560 -46.04 -91.03 43.07
N VAL F 561 -46.14 -89.73 43.30
CA VAL F 561 -45.02 -88.82 43.05
C VAL F 561 -44.46 -88.47 44.41
N VAL F 562 -43.31 -89.04 44.75
CA VAL F 562 -42.82 -88.87 46.11
C VAL F 562 -41.59 -87.99 46.05
N PHE F 563 -41.26 -87.38 47.19
CA PHE F 563 -40.12 -86.50 47.29
C PHE F 563 -39.17 -87.05 48.34
N LYS F 564 -37.87 -86.79 48.19
CA LYS F 564 -36.98 -86.97 49.33
C LYS F 564 -36.21 -85.70 49.63
N PRO F 565 -36.38 -85.11 50.81
CA PRO F 565 -35.69 -83.87 51.14
C PRO F 565 -34.41 -84.11 51.92
N GLY F 566 -33.52 -83.12 51.94
CA GLY F 566 -32.29 -83.24 52.69
C GLY F 566 -32.29 -82.61 54.05
N THR F 567 -32.66 -81.33 54.12
CA THR F 567 -32.57 -80.54 55.33
C THR F 567 -33.96 -80.13 55.80
N ILE F 568 -33.98 -79.32 56.87
CA ILE F 568 -35.24 -78.95 57.51
C ILE F 568 -36.04 -78.00 56.63
N GLU F 569 -35.38 -77.07 55.96
CA GLU F 569 -36.08 -76.18 55.05
C GLU F 569 -36.55 -76.93 53.81
N GLN F 570 -35.78 -77.93 53.37
CA GLN F 570 -36.23 -78.85 52.33
C GLN F 570 -37.48 -79.60 52.75
N ILE F 571 -37.60 -79.93 54.05
CA ILE F 571 -38.81 -80.58 54.53
C ILE F 571 -39.99 -79.61 54.53
N ARG F 572 -39.78 -78.40 55.05
CA ARG F 572 -40.89 -77.44 55.16
C ARG F 572 -41.39 -76.99 53.79
N SER F 573 -40.53 -77.03 52.78
CA SER F 573 -40.99 -76.76 51.42
C SER F 573 -41.98 -77.81 50.94
N VAL F 574 -41.77 -79.07 51.30
CA VAL F 574 -42.73 -80.08 50.87
C VAL F 574 -43.98 -80.03 51.71
N ILE F 575 -43.87 -79.57 52.97
CA ILE F 575 -45.08 -79.26 53.74
C ILE F 575 -45.90 -78.17 53.06
N ARG F 576 -45.23 -77.15 52.49
CA ARG F 576 -45.94 -76.14 51.71
C ARG F 576 -46.57 -76.72 50.45
N ILE F 577 -45.89 -77.69 49.81
CA ILE F 577 -46.46 -78.37 48.64
C ILE F 577 -47.73 -79.12 49.02
N ALA F 578 -47.68 -79.89 50.10
CA ALA F 578 -48.84 -80.68 50.49
C ALA F 578 -49.94 -79.84 51.10
N THR F 579 -49.63 -78.61 51.53
CA THR F 579 -50.69 -77.70 51.93
C THR F 579 -51.36 -77.08 50.71
N GLU F 580 -50.58 -76.65 49.72
CA GLU F 580 -51.16 -76.04 48.54
C GLU F 580 -51.78 -77.06 47.59
N VAL F 581 -51.57 -78.35 47.83
CA VAL F 581 -52.33 -79.40 47.15
C VAL F 581 -53.07 -80.21 48.21
N PRO F 582 -54.34 -79.89 48.47
CA PRO F 582 -54.99 -80.47 49.65
C PRO F 582 -55.38 -81.92 49.49
N THR F 583 -55.93 -82.32 48.35
CA THR F 583 -56.56 -83.63 48.26
C THR F 583 -55.60 -84.75 47.87
N LYS F 584 -54.55 -84.44 47.15
CA LYS F 584 -53.67 -85.50 46.70
C LYS F 584 -52.74 -85.93 47.83
N PRO F 585 -52.40 -87.22 47.92
CA PRO F 585 -51.47 -87.65 48.95
C PRO F 585 -50.01 -87.57 48.51
N VAL F 586 -49.17 -87.09 49.42
CA VAL F 586 -47.76 -86.82 49.15
C VAL F 586 -46.92 -87.67 50.10
N ILE F 587 -45.83 -88.24 49.58
CA ILE F 587 -44.99 -89.14 50.34
C ILE F 587 -43.59 -88.53 50.48
N MET F 588 -43.08 -88.56 51.69
CA MET F 588 -41.78 -88.07 52.10
C MET F 588 -40.82 -89.25 52.26
N HIS F 589 -39.58 -89.05 51.87
CA HIS F 589 -38.50 -89.95 52.29
C HIS F 589 -37.46 -89.10 53.00
N VAL F 590 -37.59 -88.99 54.31
CA VAL F 590 -36.62 -88.23 55.09
C VAL F 590 -35.35 -89.08 55.19
N GLU F 591 -34.30 -88.70 54.46
CA GLU F 591 -33.05 -89.43 54.50
C GLU F 591 -32.02 -88.64 55.30
N GLY F 592 -31.31 -89.33 56.17
CA GLY F 592 -30.41 -88.71 57.11
C GLY F 592 -29.05 -88.44 56.51
N GLY F 593 -28.05 -88.40 57.38
CA GLY F 593 -26.69 -88.18 56.94
C GLY F 593 -25.81 -89.39 56.98
N ARG F 594 -26.27 -90.47 57.59
CA ARG F 594 -25.49 -91.69 57.67
C ARG F 594 -25.71 -92.59 56.47
N ALA F 595 -26.38 -92.11 55.44
CA ALA F 595 -26.61 -92.90 54.24
C ALA F 595 -25.36 -92.98 53.41
N GLY F 596 -25.30 -94.01 52.57
CA GLY F 596 -24.22 -94.14 51.61
C GLY F 596 -24.40 -93.20 50.44
N GLY F 597 -23.46 -93.29 49.51
CA GLY F 597 -23.52 -92.39 48.36
C GLY F 597 -23.15 -91.00 48.79
N HIS F 598 -23.90 -90.02 48.29
CA HIS F 598 -23.67 -88.65 48.71
C HIS F 598 -24.11 -88.44 50.15
N HIS F 599 -23.47 -87.48 50.80
CA HIS F 599 -23.34 -87.43 52.25
C HIS F 599 -23.89 -86.11 52.74
N SER F 600 -25.15 -86.10 53.14
CA SER F 600 -25.67 -84.93 53.84
C SER F 600 -25.07 -84.85 55.23
N TRP F 601 -24.95 -83.64 55.75
CA TRP F 601 -24.37 -83.49 57.08
C TRP F 601 -25.39 -83.46 58.19
N GLU F 602 -26.67 -83.31 57.88
CA GLU F 602 -27.70 -83.26 58.91
C GLU F 602 -27.90 -84.63 59.52
N ASP F 603 -28.51 -84.65 60.70
CA ASP F 603 -28.76 -85.90 61.38
C ASP F 603 -30.26 -86.13 61.46
N LEU F 604 -30.63 -87.42 61.44
CA LEU F 604 -32.00 -87.84 61.17
C LEU F 604 -32.94 -87.44 62.29
N ASP F 605 -32.52 -87.68 63.53
CA ASP F 605 -33.35 -87.37 64.68
C ASP F 605 -33.54 -85.87 64.82
N ASP F 606 -32.50 -85.09 64.50
CA ASP F 606 -32.61 -83.64 64.53
C ASP F 606 -33.60 -83.13 63.48
N LEU F 607 -33.53 -83.69 62.27
CA LEU F 607 -34.46 -83.35 61.20
C LEU F 607 -35.92 -83.59 61.62
N LEU F 608 -36.21 -84.80 62.04
CA LEU F 608 -37.64 -85.04 62.21
C LEU F 608 -38.13 -84.65 63.60
N LEU F 609 -37.25 -84.41 64.57
CA LEU F 609 -37.66 -83.66 65.74
C LEU F 609 -37.98 -82.22 65.41
N ALA F 610 -37.33 -81.65 64.41
CA ALA F 610 -37.72 -80.31 64.01
C ALA F 610 -39.08 -80.32 63.30
N THR F 611 -39.37 -81.37 62.54
CA THR F 611 -40.50 -81.28 61.62
C THR F 611 -41.63 -82.28 61.85
N TYR F 612 -41.67 -83.02 62.96
CA TYR F 612 -42.65 -84.10 63.07
C TYR F 612 -44.06 -83.58 63.29
N SER F 613 -44.20 -82.49 64.05
CA SER F 613 -45.52 -81.94 64.29
C SER F 613 -46.09 -81.31 63.05
N GLU F 614 -45.25 -80.65 62.25
CA GLU F 614 -45.71 -80.12 60.98
C GLU F 614 -46.05 -81.22 59.99
N LEU F 615 -45.37 -82.36 60.07
CA LEU F 615 -45.77 -83.50 59.26
C LEU F 615 -47.12 -84.05 59.68
N ARG F 616 -47.38 -84.15 60.98
CA ARG F 616 -48.66 -84.71 61.40
C ARG F 616 -49.80 -83.70 61.39
N SER F 617 -49.50 -82.41 61.22
CA SER F 617 -50.56 -81.42 61.10
C SER F 617 -51.33 -81.54 59.80
N ARG F 618 -50.67 -81.97 58.73
CA ARG F 618 -51.36 -82.27 57.49
C ARG F 618 -51.94 -83.68 57.58
N ALA F 619 -52.85 -83.98 56.67
CA ALA F 619 -53.57 -85.25 56.71
C ALA F 619 -53.27 -86.14 55.51
N ASN F 620 -52.45 -85.68 54.58
CA ASN F 620 -52.19 -86.43 53.36
C ASN F 620 -50.71 -86.75 53.17
N ILE F 621 -49.89 -86.62 54.21
CA ILE F 621 -48.46 -86.84 54.10
C ILE F 621 -48.13 -88.18 54.74
N THR F 622 -47.48 -89.05 53.98
CA THR F 622 -46.91 -90.29 54.48
C THR F 622 -45.41 -90.09 54.60
N VAL F 623 -44.80 -90.51 55.71
CA VAL F 623 -43.44 -90.10 56.05
C VAL F 623 -42.57 -91.34 56.21
N CYS F 624 -41.90 -91.77 55.15
CA CYS F 624 -40.92 -92.83 55.29
C CYS F 624 -39.56 -92.24 55.64
N VAL F 625 -38.74 -93.02 56.34
CA VAL F 625 -37.48 -92.50 56.86
C VAL F 625 -36.37 -93.46 56.48
N GLY F 626 -35.15 -92.93 56.40
CA GLY F 626 -34.03 -93.75 56.00
C GLY F 626 -32.70 -93.11 56.30
N GLY F 627 -31.68 -93.95 56.38
CA GLY F 627 -30.35 -93.51 56.70
C GLY F 627 -29.86 -94.14 57.99
N GLY F 628 -28.93 -95.08 57.87
CA GLY F 628 -28.41 -95.74 59.05
C GLY F 628 -29.37 -96.70 59.70
N ILE F 629 -30.09 -97.49 58.92
CA ILE F 629 -31.03 -98.48 59.43
C ILE F 629 -30.42 -99.85 59.21
N GLY F 630 -30.01 -100.50 60.28
CA GLY F 630 -29.28 -101.74 60.21
C GLY F 630 -30.10 -102.95 60.57
N THR F 631 -29.96 -103.39 61.82
CA THR F 631 -30.67 -104.56 62.33
C THR F 631 -32.18 -104.33 62.31
N PRO F 632 -32.96 -105.40 62.11
CA PRO F 632 -34.42 -105.25 62.17
C PRO F 632 -34.96 -104.82 63.53
N ARG F 633 -34.18 -105.03 64.60
CA ARG F 633 -34.52 -104.44 65.89
C ARG F 633 -34.48 -102.91 65.81
N ARG F 634 -33.47 -102.37 65.13
CA ARG F 634 -33.38 -100.92 64.95
C ARG F 634 -34.49 -100.43 64.03
N ALA F 635 -34.84 -101.22 63.02
CA ALA F 635 -35.97 -100.87 62.17
C ALA F 635 -37.27 -100.83 62.96
N ALA F 636 -37.44 -101.77 63.89
CA ALA F 636 -38.65 -101.78 64.72
C ALA F 636 -38.66 -100.64 65.72
N GLU F 637 -37.51 -100.26 66.26
CA GLU F 637 -37.52 -99.17 67.22
C GLU F 637 -37.62 -97.81 66.54
N TYR F 638 -37.30 -97.70 65.25
CA TYR F 638 -37.69 -96.49 64.53
C TYR F 638 -39.14 -96.52 64.10
N LEU F 639 -39.69 -97.69 63.83
CA LEU F 639 -41.06 -97.75 63.33
C LEU F 639 -42.08 -97.59 64.45
N SER F 640 -41.79 -98.09 65.65
CA SER F 640 -42.75 -98.06 66.75
C SER F 640 -42.80 -96.73 67.46
N GLY F 641 -41.85 -95.83 67.20
CA GLY F 641 -41.78 -94.61 67.95
C GLY F 641 -41.07 -94.72 69.28
N ARG F 642 -40.53 -95.89 69.62
CA ARG F 642 -39.81 -96.08 70.86
C ARG F 642 -38.45 -95.38 70.88
N TRP F 643 -38.01 -94.85 69.75
CA TRP F 643 -36.72 -94.19 69.67
C TRP F 643 -36.71 -92.82 70.31
N ALA F 644 -37.89 -92.24 70.59
CA ALA F 644 -37.95 -90.87 71.11
C ALA F 644 -37.72 -90.80 72.61
N GLN F 645 -37.88 -91.90 73.34
CA GLN F 645 -37.63 -91.88 74.78
C GLN F 645 -36.17 -91.67 75.14
N ALA F 646 -35.25 -91.86 74.20
CA ALA F 646 -33.87 -91.44 74.44
C ALA F 646 -33.73 -89.94 74.48
N TYR F 647 -34.70 -89.19 73.93
CA TYR F 647 -34.71 -87.75 74.01
C TYR F 647 -35.77 -87.22 74.96
N GLY F 648 -36.67 -88.07 75.44
CA GLY F 648 -37.64 -87.65 76.43
C GLY F 648 -38.91 -87.06 75.84
N PHE F 649 -39.38 -87.61 74.75
CA PHE F 649 -40.60 -87.22 74.06
C PHE F 649 -41.63 -88.34 74.15
N PRO F 650 -42.89 -88.10 73.71
CA PRO F 650 -43.81 -89.22 73.55
C PRO F 650 -43.43 -90.16 72.41
N LEU F 651 -44.23 -91.21 72.21
CA LEU F 651 -44.03 -92.06 71.04
C LEU F 651 -44.35 -91.26 69.78
N MET F 652 -43.40 -91.20 68.85
CA MET F 652 -43.60 -90.57 67.56
C MET F 652 -43.47 -91.64 66.49
N PRO F 653 -44.55 -92.36 66.19
CA PRO F 653 -44.44 -93.44 65.22
C PRO F 653 -44.37 -92.91 63.81
N ILE F 654 -43.86 -93.76 62.93
CA ILE F 654 -43.83 -93.52 61.50
C ILE F 654 -44.44 -94.72 60.82
N ASP F 655 -44.39 -94.75 59.50
CA ASP F 655 -45.20 -95.68 58.74
C ASP F 655 -44.45 -96.42 57.63
N GLY F 656 -43.17 -96.15 57.44
CA GLY F 656 -42.35 -96.92 56.52
C GLY F 656 -40.89 -96.58 56.72
N ILE F 657 -39.99 -97.53 56.48
CA ILE F 657 -38.56 -97.26 56.53
C ILE F 657 -37.94 -97.84 55.27
N LEU F 658 -37.00 -97.10 54.67
CA LEU F 658 -36.41 -97.53 53.42
C LEU F 658 -34.98 -98.02 53.65
N VAL F 659 -34.63 -99.09 52.95
CA VAL F 659 -33.41 -99.86 53.21
C VAL F 659 -32.61 -99.87 51.92
N GLY F 660 -31.52 -99.13 51.88
CA GLY F 660 -30.68 -99.20 50.72
C GLY F 660 -29.48 -100.10 50.89
N THR F 661 -28.67 -99.83 51.91
CA THR F 661 -27.34 -100.39 51.97
C THR F 661 -27.35 -101.85 52.44
N ALA F 662 -28.33 -102.22 53.25
CA ALA F 662 -28.40 -103.60 53.71
C ALA F 662 -28.82 -104.58 52.63
N ALA F 663 -29.17 -104.11 51.44
CA ALA F 663 -29.49 -104.97 50.32
C ALA F 663 -28.38 -105.04 49.29
N MET F 664 -27.18 -104.57 49.62
CA MET F 664 -26.09 -104.58 48.65
C MET F 664 -25.46 -105.95 48.48
N ALA F 665 -25.58 -106.82 49.47
CA ALA F 665 -24.89 -108.10 49.46
C ALA F 665 -25.87 -109.24 49.27
N THR F 666 -26.92 -109.00 48.51
CA THR F 666 -27.95 -110.00 48.32
C THR F 666 -27.60 -110.91 47.16
N LYS F 667 -28.50 -111.85 46.88
CA LYS F 667 -28.26 -112.82 45.83
C LYS F 667 -28.45 -112.20 44.46
N GLU F 668 -29.56 -111.52 44.25
CA GLU F 668 -29.87 -110.97 42.94
C GLU F 668 -29.03 -109.75 42.60
N SER F 669 -28.41 -109.13 43.59
CA SER F 669 -27.53 -108.00 43.33
C SER F 669 -26.30 -108.46 42.56
N THR F 670 -25.81 -107.59 41.69
CA THR F 670 -24.75 -107.94 40.76
C THR F 670 -23.49 -107.16 41.05
N THR F 671 -23.12 -107.04 42.31
CA THR F 671 -21.76 -106.66 42.64
C THR F 671 -20.85 -107.87 42.45
N SER F 672 -19.55 -107.62 42.48
CA SER F 672 -18.60 -108.71 42.38
C SER F 672 -18.62 -109.53 43.67
N PRO F 673 -18.36 -110.83 43.58
CA PRO F 673 -18.32 -111.64 44.81
C PRO F 673 -17.19 -111.26 45.74
N SER F 674 -16.07 -110.78 45.21
CA SER F 674 -15.02 -110.26 46.07
C SER F 674 -15.46 -108.97 46.75
N VAL F 675 -16.24 -108.15 46.07
CA VAL F 675 -16.78 -106.94 46.67
C VAL F 675 -17.78 -107.30 47.77
N LYS F 676 -18.59 -108.34 47.54
CA LYS F 676 -19.49 -108.84 48.57
C LYS F 676 -18.73 -109.36 49.77
N ARG F 677 -17.58 -110.00 49.53
CA ARG F 677 -16.78 -110.53 50.63
C ARG F 677 -16.16 -109.40 51.45
N MET F 678 -15.61 -108.38 50.78
CA MET F 678 -15.08 -107.21 51.49
C MET F 678 -16.18 -106.46 52.22
N LEU F 679 -17.37 -106.42 51.64
CA LEU F 679 -18.47 -105.69 52.26
C LEU F 679 -19.01 -106.43 53.47
N VAL F 680 -18.94 -107.76 53.47
CA VAL F 680 -19.23 -108.51 54.69
C VAL F 680 -18.15 -108.27 55.73
N ASP F 681 -16.88 -108.37 55.32
CA ASP F 681 -15.76 -108.36 56.27
C ASP F 681 -15.53 -106.99 56.91
N THR F 682 -15.95 -105.92 56.25
CA THR F 682 -15.79 -104.62 56.89
C THR F 682 -16.88 -104.41 57.93
N GLN F 683 -16.59 -103.52 58.88
CA GLN F 683 -17.56 -103.11 59.88
C GLN F 683 -17.35 -101.62 60.15
N GLY F 684 -18.45 -100.89 60.28
CA GLY F 684 -18.42 -99.45 60.28
C GLY F 684 -18.82 -98.88 61.64
N THR F 685 -18.36 -97.66 61.89
CA THR F 685 -18.60 -97.03 63.18
C THR F 685 -20.01 -96.47 63.26
N ASP F 686 -20.37 -96.03 64.46
CA ASP F 686 -21.63 -95.36 64.68
C ASP F 686 -21.50 -93.85 64.78
N GLN F 687 -20.29 -93.35 64.93
CA GLN F 687 -20.08 -91.92 65.09
C GLN F 687 -19.83 -91.27 63.74
N TRP F 688 -19.63 -89.97 63.75
CA TRP F 688 -19.37 -89.23 62.53
C TRP F 688 -17.93 -89.42 62.09
N ILE F 689 -17.70 -89.30 60.80
CA ILE F 689 -16.38 -89.36 60.21
C ILE F 689 -16.10 -88.01 59.57
N SER F 690 -15.08 -87.31 60.07
CA SER F 690 -14.73 -86.01 59.54
C SER F 690 -14.18 -86.15 58.13
N ALA F 691 -14.27 -85.06 57.37
CA ALA F 691 -14.00 -85.11 55.94
C ALA F 691 -12.52 -85.32 55.67
N GLY F 692 -12.21 -86.22 54.76
CA GLY F 692 -10.84 -86.55 54.45
C GLY F 692 -10.17 -87.48 55.43
N LYS F 693 -10.91 -88.15 56.29
CA LYS F 693 -10.34 -89.10 57.24
C LYS F 693 -11.11 -90.40 57.19
N ALA F 694 -10.69 -91.36 58.02
CA ALA F 694 -11.24 -92.71 57.99
C ALA F 694 -11.16 -93.29 59.39
N GLN F 695 -12.29 -93.81 59.87
CA GLN F 695 -12.37 -94.35 61.22
C GLN F 695 -13.07 -95.69 61.16
N GLY F 696 -12.29 -96.77 61.28
CA GLY F 696 -12.87 -98.09 61.40
C GLY F 696 -13.53 -98.62 60.15
N GLY F 697 -12.73 -98.94 59.14
CA GLY F 697 -13.25 -99.60 57.97
C GLY F 697 -13.79 -98.69 56.89
N MET F 698 -14.58 -97.70 57.29
CA MET F 698 -15.18 -96.77 56.36
C MET F 698 -14.32 -95.51 56.26
N ALA F 699 -14.82 -94.55 55.49
CA ALA F 699 -14.13 -93.31 55.18
C ALA F 699 -15.14 -92.36 54.55
N SER F 700 -14.84 -91.07 54.62
CA SER F 700 -15.62 -90.07 53.92
C SER F 700 -14.67 -89.15 53.17
N SER F 701 -14.89 -89.01 51.87
CA SER F 701 -13.99 -88.21 51.05
C SER F 701 -14.82 -87.35 50.11
N ARG F 702 -14.15 -86.71 49.17
CA ARG F 702 -14.76 -85.74 48.29
C ARG F 702 -15.04 -86.38 46.94
N SER F 703 -15.82 -85.69 46.14
CA SER F 703 -16.28 -86.23 44.86
C SER F 703 -15.73 -85.40 43.71
N GLN F 704 -16.26 -85.68 42.52
CA GLN F 704 -15.83 -85.00 41.31
C GLN F 704 -16.11 -83.51 41.37
N LEU F 705 -17.27 -83.14 41.88
CA LEU F 705 -17.67 -81.74 41.94
C LEU F 705 -17.34 -81.10 43.28
N GLY F 706 -16.85 -81.85 44.24
CA GLY F 706 -16.57 -81.35 45.56
C GLY F 706 -17.55 -81.79 46.63
N ALA F 707 -18.57 -82.54 46.27
CA ALA F 707 -19.53 -83.04 47.24
C ALA F 707 -18.91 -84.17 48.05
N ASP F 708 -19.58 -84.54 49.13
CA ASP F 708 -19.05 -85.52 50.07
C ASP F 708 -19.67 -86.88 49.80
N ILE F 709 -18.86 -87.94 49.90
CA ILE F 709 -19.33 -89.30 49.75
C ILE F 709 -18.66 -90.20 50.78
N HIS F 710 -19.26 -91.36 50.99
CA HIS F 710 -18.72 -92.39 51.87
C HIS F 710 -18.10 -93.50 51.05
N GLU F 711 -16.98 -94.04 51.53
CA GLU F 711 -16.28 -95.10 50.83
C GLU F 711 -15.75 -96.10 51.84
N ILE F 712 -15.52 -97.31 51.36
CA ILE F 712 -14.77 -98.29 52.14
C ILE F 712 -13.30 -97.93 52.05
N ASP F 713 -12.61 -97.95 53.19
CA ASP F 713 -11.21 -97.54 53.26
C ASP F 713 -10.36 -98.59 52.56
N ASN F 714 -10.06 -98.35 51.30
CA ASN F 714 -9.16 -99.22 50.56
C ASN F 714 -8.39 -98.39 49.56
N SER F 715 -7.77 -99.07 48.58
CA SER F 715 -6.87 -98.45 47.62
C SER F 715 -7.56 -97.44 46.72
N ALA F 716 -8.89 -97.49 46.62
CA ALA F 716 -9.60 -96.40 45.97
C ALA F 716 -9.63 -95.18 46.87
N SER F 717 -9.87 -95.36 48.17
CA SER F 717 -10.09 -94.24 49.06
C SER F 717 -8.79 -93.51 49.38
N ARG F 718 -7.68 -94.26 49.48
CA ARG F 718 -6.37 -93.65 49.71
C ARG F 718 -6.01 -92.72 48.55
N CYS F 719 -6.18 -93.20 47.32
CA CYS F 719 -5.93 -92.38 46.15
C CYS F 719 -6.92 -91.24 46.06
N GLY F 720 -8.15 -91.45 46.52
CA GLY F 720 -9.16 -90.39 46.47
C GLY F 720 -8.82 -89.23 47.38
N ARG F 721 -8.42 -89.51 48.62
CA ARG F 721 -8.07 -88.42 49.51
C ARG F 721 -6.71 -87.82 49.15
N LEU F 722 -5.83 -88.58 48.49
CA LEU F 722 -4.57 -88.00 48.02
C LEU F 722 -4.84 -86.99 46.91
N LEU F 723 -5.71 -87.34 45.96
CA LEU F 723 -6.09 -86.37 44.95
C LEU F 723 -6.92 -85.23 45.52
N ASP F 724 -7.61 -85.46 46.63
CA ASP F 724 -8.29 -84.36 47.31
C ASP F 724 -7.30 -83.37 47.90
N GLU F 725 -6.17 -83.87 48.41
CA GLU F 725 -5.13 -82.98 48.90
C GLU F 725 -4.46 -82.23 47.76
N VAL F 726 -4.22 -82.90 46.64
CA VAL F 726 -3.40 -82.30 45.59
C VAL F 726 -4.22 -81.37 44.70
N ALA F 727 -5.46 -81.76 44.38
CA ALA F 727 -6.18 -81.25 43.21
C ALA F 727 -6.50 -79.77 43.29
N GLY F 728 -6.45 -79.12 42.13
CA GLY F 728 -6.61 -77.69 42.05
C GLY F 728 -5.34 -76.89 42.24
N ASP F 729 -4.20 -77.56 42.43
CA ASP F 729 -2.93 -76.89 42.71
C ASP F 729 -1.90 -77.38 41.70
N ALA F 730 -1.63 -76.50 40.71
CA ALA F 730 -0.80 -76.87 39.57
C ALA F 730 0.63 -77.22 39.97
N GLU F 731 1.22 -76.44 40.87
CA GLU F 731 2.58 -76.74 41.29
C GLU F 731 2.64 -77.94 42.21
N ALA F 732 1.60 -78.17 43.01
CA ALA F 732 1.58 -79.33 43.88
C ALA F 732 1.41 -80.62 43.11
N VAL F 733 0.78 -80.57 41.93
CA VAL F 733 0.72 -81.73 41.04
C VAL F 733 2.13 -82.17 40.63
N ALA F 734 2.91 -81.25 40.09
CA ALA F 734 4.28 -81.56 39.68
C ALA F 734 5.19 -81.81 40.87
N GLU F 735 4.81 -81.36 42.06
CA GLU F 735 5.57 -81.69 43.25
C GLU F 735 5.44 -83.16 43.59
N ARG F 736 4.23 -83.63 43.83
CA ARG F 736 3.99 -85.02 44.22
C ARG F 736 3.50 -85.86 43.06
N ARG F 737 4.06 -85.65 41.86
CA ARG F 737 3.63 -86.36 40.66
C ARG F 737 3.78 -87.88 40.79
N ASP F 738 4.93 -88.35 41.26
CA ASP F 738 5.21 -89.79 41.23
C ASP F 738 4.39 -90.56 42.26
N GLU F 739 4.04 -89.91 43.38
CA GLU F 739 3.17 -90.53 44.36
C GLU F 739 1.78 -90.76 43.79
N ILE F 740 1.31 -89.81 42.98
CA ILE F 740 0.03 -89.94 42.31
C ILE F 740 0.06 -91.10 41.32
N ILE F 741 1.17 -91.26 40.61
CA ILE F 741 1.30 -92.35 39.65
C ILE F 741 1.31 -93.69 40.35
N ALA F 742 1.96 -93.78 41.51
CA ALA F 742 1.98 -95.02 42.27
C ALA F 742 0.59 -95.36 42.80
N ALA F 743 -0.14 -94.36 43.30
CA ALA F 743 -1.48 -94.62 43.81
C ALA F 743 -2.46 -95.00 42.69
N MET F 744 -2.31 -94.38 41.52
CA MET F 744 -3.19 -94.74 40.43
C MET F 744 -2.85 -96.10 39.85
N ALA F 745 -1.58 -96.49 39.83
CA ALA F 745 -1.25 -97.84 39.42
C ALA F 745 -1.74 -98.86 40.44
N LYS F 746 -1.88 -98.44 41.70
CA LYS F 746 -2.52 -99.30 42.68
C LYS F 746 -4.01 -99.47 42.38
N THR F 747 -4.70 -98.37 42.09
CA THR F 747 -6.15 -98.47 41.92
C THR F 747 -6.51 -99.02 40.55
N ALA F 748 -7.81 -99.21 40.30
CA ALA F 748 -8.29 -99.82 39.08
C ALA F 748 -8.75 -98.82 38.04
N LYS F 749 -8.11 -97.66 37.99
CA LYS F 749 -8.27 -96.74 36.86
C LYS F 749 -6.93 -96.04 36.68
N PRO F 750 -5.94 -96.72 36.13
CA PRO F 750 -4.56 -96.27 36.22
C PRO F 750 -4.23 -95.22 35.18
N TYR F 751 -2.99 -94.76 35.25
CA TYR F 751 -2.39 -93.86 34.28
C TYR F 751 -1.67 -94.67 33.22
N PHE F 752 -1.30 -94.01 32.13
CA PHE F 752 -0.43 -94.56 31.09
C PHE F 752 1.03 -94.59 31.53
N GLY F 753 1.93 -94.70 30.57
CA GLY F 753 3.27 -94.20 30.73
C GLY F 753 3.31 -92.75 30.33
N ASP F 754 4.50 -92.24 30.07
CA ASP F 754 4.59 -90.95 29.41
C ASP F 754 4.25 -91.16 27.95
N VAL F 755 3.15 -90.54 27.50
CA VAL F 755 2.61 -90.87 26.19
C VAL F 755 3.44 -90.28 25.07
N ALA F 756 4.22 -89.23 25.34
CA ALA F 756 5.09 -88.66 24.32
C ALA F 756 6.32 -89.51 24.07
N ASP F 757 6.56 -90.55 24.86
CA ASP F 757 7.69 -91.45 24.69
C ASP F 757 7.26 -92.80 24.14
N MET F 758 5.98 -93.00 23.89
CA MET F 758 5.51 -94.31 23.49
C MET F 758 5.72 -94.55 22.00
N THR F 759 5.88 -95.82 21.67
CA THR F 759 5.88 -96.29 20.30
C THR F 759 4.44 -96.57 19.91
N TYR F 760 4.15 -96.50 18.60
CA TYR F 760 2.79 -96.69 18.11
C TYR F 760 2.24 -98.07 18.48
N LEU F 761 3.05 -99.10 18.29
CA LEU F 761 2.69 -100.45 18.72
C LEU F 761 2.46 -100.51 20.22
N GLN F 762 3.33 -99.84 20.98
CA GLN F 762 3.20 -99.80 22.44
C GLN F 762 1.96 -99.02 22.84
N TRP F 763 1.63 -97.98 22.07
CA TRP F 763 0.46 -97.14 22.33
C TRP F 763 -0.83 -97.93 22.15
N LEU F 764 -0.95 -98.63 21.03
CA LEU F 764 -2.15 -99.39 20.76
C LEU F 764 -2.28 -100.58 21.70
N ARG F 765 -1.17 -101.24 22.03
CA ARG F 765 -1.25 -102.37 22.95
C ARG F 765 -1.59 -101.93 24.36
N ARG F 766 -1.15 -100.74 24.77
CA ARG F 766 -1.53 -100.24 26.08
C ARG F 766 -3.00 -99.87 26.13
N TYR F 767 -3.53 -99.29 25.04
CA TYR F 767 -4.96 -98.98 24.99
C TYR F 767 -5.81 -100.24 25.05
N VAL F 768 -5.43 -101.27 24.30
CA VAL F 768 -6.20 -102.51 24.31
C VAL F 768 -6.09 -103.20 25.65
N GLU F 769 -4.92 -103.12 26.30
CA GLU F 769 -4.75 -103.69 27.63
C GLU F 769 -5.63 -102.99 28.65
N LEU F 770 -5.80 -101.67 28.53
CA LEU F 770 -6.67 -100.98 29.47
C LEU F 770 -8.14 -101.24 29.19
N ALA F 771 -8.56 -101.17 27.92
CA ALA F 771 -9.98 -101.31 27.63
C ALA F 771 -10.43 -102.76 27.70
N ILE F 772 -9.89 -103.61 26.84
CA ILE F 772 -10.33 -105.00 26.78
C ILE F 772 -9.69 -105.80 27.89
N GLY F 773 -8.36 -105.84 27.92
CA GLY F 773 -7.68 -106.59 28.94
C GLY F 773 -7.69 -108.07 28.66
N GLU F 774 -8.53 -108.81 29.38
CA GLU F 774 -8.61 -110.25 29.22
C GLU F 774 -9.88 -110.70 28.51
N GLY F 775 -10.80 -109.80 28.22
CA GLY F 775 -12.12 -110.20 27.78
C GLY F 775 -12.82 -110.86 28.95
N ASN F 776 -12.77 -110.19 30.10
CA ASN F 776 -13.13 -110.80 31.37
C ASN F 776 -14.30 -110.08 32.03
N SER F 777 -14.79 -108.99 31.44
CA SER F 777 -15.78 -108.16 32.10
C SER F 777 -17.15 -108.83 32.12
N THR F 778 -17.89 -108.58 33.21
CA THR F 778 -19.26 -109.06 33.37
C THR F 778 -20.23 -107.93 33.67
N ALA F 779 -20.11 -106.80 32.99
CA ALA F 779 -20.96 -105.66 33.23
C ALA F 779 -21.31 -104.97 31.92
N ASP F 780 -22.62 -104.76 31.70
CA ASP F 780 -23.30 -103.88 30.73
C ASP F 780 -22.61 -103.70 29.38
N THR F 781 -22.26 -104.82 28.73
CA THR F 781 -21.66 -104.79 27.41
C THR F 781 -22.66 -104.26 26.38
N ALA F 782 -22.14 -103.80 25.24
CA ALA F 782 -23.01 -103.30 24.20
C ALA F 782 -23.78 -104.43 23.53
N SER F 783 -23.17 -105.59 23.40
CA SER F 783 -23.83 -106.79 22.90
C SER F 783 -23.05 -108.01 23.40
N VAL F 784 -23.45 -109.17 22.89
CA VAL F 784 -22.68 -110.40 23.11
C VAL F 784 -21.83 -110.63 21.87
N GLY F 785 -20.55 -110.86 22.08
CA GLY F 785 -19.62 -111.03 20.98
C GLY F 785 -18.84 -109.79 20.62
N SER F 786 -19.26 -108.62 21.09
CA SER F 786 -18.50 -107.39 20.91
C SER F 786 -17.84 -107.06 22.22
N PRO F 787 -16.51 -107.16 22.33
CA PRO F 787 -15.86 -106.93 23.62
C PRO F 787 -15.80 -105.48 24.03
N TRP F 788 -16.08 -104.55 23.12
CA TRP F 788 -16.08 -103.14 23.46
C TRP F 788 -17.30 -102.81 24.30
N LEU F 789 -17.10 -102.08 25.39
CA LEU F 789 -18.23 -101.66 26.19
C LEU F 789 -18.95 -100.46 25.61
N ALA F 790 -18.40 -99.82 24.57
CA ALA F 790 -19.06 -98.64 24.03
C ALA F 790 -18.62 -98.42 22.58
N ASP F 791 -19.58 -97.92 21.79
CA ASP F 791 -19.31 -97.54 20.40
C ASP F 791 -18.29 -96.41 20.34
N THR F 792 -18.30 -95.52 21.34
CA THR F 792 -17.25 -94.51 21.40
C THR F 792 -15.89 -95.13 21.66
N TRP F 793 -15.83 -96.27 22.35
CA TRP F 793 -14.53 -96.92 22.52
C TRP F 793 -14.08 -97.61 21.24
N ARG F 794 -15.00 -98.20 20.48
CA ARG F 794 -14.53 -98.86 19.27
C ARG F 794 -14.14 -97.86 18.19
N ASP F 795 -14.83 -96.71 18.07
CA ASP F 795 -14.35 -95.80 17.03
C ASP F 795 -13.20 -94.93 17.52
N ARG F 796 -13.03 -94.80 18.84
CA ARG F 796 -11.78 -94.37 19.44
C ARG F 796 -10.62 -95.20 18.91
N PHE F 797 -10.77 -96.51 18.99
CA PHE F 797 -9.71 -97.42 18.55
C PHE F 797 -9.50 -97.36 17.05
N GLU F 798 -10.57 -97.18 16.27
CA GLU F 798 -10.35 -97.12 14.83
C GLU F 798 -9.71 -95.80 14.41
N GLN F 799 -9.98 -94.71 15.13
CA GLN F 799 -9.31 -93.46 14.75
C GLN F 799 -7.84 -93.48 15.15
N MET F 800 -7.50 -94.17 16.24
CA MET F 800 -6.08 -94.33 16.53
C MET F 800 -5.38 -95.21 15.49
N LEU F 801 -6.06 -96.26 15.02
CA LEU F 801 -5.48 -97.09 13.96
C LEU F 801 -5.29 -96.31 12.66
N GLN F 802 -6.26 -95.47 12.32
CA GLN F 802 -6.15 -94.73 11.07
C GLN F 802 -5.10 -93.64 11.15
N ARG F 803 -4.91 -93.03 12.32
CA ARG F 803 -3.82 -92.07 12.40
C ARG F 803 -2.47 -92.78 12.41
N ALA F 804 -2.39 -94.00 12.96
CA ALA F 804 -1.16 -94.76 12.85
C ALA F 804 -0.83 -95.08 11.39
N GLU F 805 -1.84 -95.46 10.61
CA GLU F 805 -1.69 -95.65 9.17
C GLU F 805 -1.17 -94.41 8.48
N ALA F 806 -1.94 -93.31 8.58
CA ALA F 806 -1.65 -92.08 7.86
C ALA F 806 -0.39 -91.41 8.32
N ARG F 807 0.09 -91.72 9.52
CA ARG F 807 1.31 -91.13 10.01
C ARG F 807 2.53 -91.96 9.62
N LEU F 808 2.45 -93.29 9.72
CA LEU F 808 3.61 -94.10 9.37
C LEU F 808 3.77 -94.33 7.88
N HIS F 809 2.78 -93.98 7.06
CA HIS F 809 3.07 -94.25 5.65
C HIS F 809 3.99 -93.19 5.08
N PRO F 810 4.98 -93.58 4.25
CA PRO F 810 5.89 -92.61 3.63
C PRO F 810 5.27 -91.82 2.49
N GLN F 811 4.35 -90.93 2.84
CA GLN F 811 3.72 -89.99 1.91
C GLN F 811 3.11 -88.90 2.75
N ASP F 812 3.01 -87.70 2.20
CA ASP F 812 2.47 -86.57 2.93
C ASP F 812 1.31 -85.88 2.23
N PHE F 813 0.92 -86.33 1.04
CA PHE F 813 -0.06 -85.60 0.24
C PHE F 813 -1.38 -86.35 0.08
N GLY F 814 -1.33 -87.54 -0.50
CA GLY F 814 -2.47 -88.07 -1.20
C GLY F 814 -3.36 -88.98 -0.39
N PRO F 815 -4.61 -89.12 -0.82
CA PRO F 815 -5.46 -90.17 -0.26
C PRO F 815 -4.89 -91.54 -0.58
N ILE F 816 -4.74 -92.36 0.44
CA ILE F 816 -4.16 -93.68 0.33
C ILE F 816 -5.21 -94.71 0.76
N GLN F 817 -5.24 -95.84 0.05
CA GLN F 817 -6.02 -97.01 0.43
C GLN F 817 -5.60 -97.51 1.80
N THR F 818 -6.52 -97.49 2.75
CA THR F 818 -6.24 -97.96 4.11
C THR F 818 -6.79 -99.37 4.30
N LEU F 819 -6.49 -99.93 5.46
CA LEU F 819 -7.08 -101.18 5.91
C LEU F 819 -8.31 -100.86 6.74
N PHE F 820 -8.81 -101.87 7.47
CA PHE F 820 -9.81 -101.72 8.52
C PHE F 820 -11.14 -101.18 7.99
N THR F 821 -11.75 -101.96 7.10
CA THR F 821 -13.03 -101.57 6.50
C THR F 821 -14.21 -102.06 7.33
N ASP F 822 -14.16 -101.77 8.64
CA ASP F 822 -15.25 -101.88 9.61
C ASP F 822 -15.80 -103.31 9.68
N ALA F 823 -14.93 -104.21 10.15
CA ALA F 823 -15.29 -105.61 10.13
C ALA F 823 -14.98 -106.31 11.45
N GLY F 824 -15.08 -107.64 11.44
CA GLY F 824 -14.61 -108.43 12.55
C GLY F 824 -13.12 -108.35 12.76
N LEU F 825 -12.37 -107.94 11.73
CA LEU F 825 -10.96 -107.61 11.90
C LEU F 825 -10.79 -106.40 12.81
N LEU F 826 -11.75 -105.48 12.83
CA LEU F 826 -11.75 -104.40 13.81
C LEU F 826 -12.39 -104.83 15.11
N ASP F 827 -13.30 -105.79 15.08
CA ASP F 827 -13.92 -106.25 16.32
C ASP F 827 -12.95 -107.09 17.14
N ASN F 828 -12.00 -107.74 16.51
CA ASN F 828 -10.93 -108.43 17.20
C ASN F 828 -9.72 -107.52 17.28
N PRO F 829 -9.37 -107.01 18.44
CA PRO F 829 -8.28 -106.03 18.52
C PRO F 829 -6.90 -106.61 18.33
N GLN F 830 -6.72 -107.89 18.69
CA GLN F 830 -5.40 -108.50 18.58
C GLN F 830 -5.02 -108.72 17.12
N GLN F 831 -5.96 -109.21 16.31
CA GLN F 831 -5.69 -109.35 14.90
C GLN F 831 -5.66 -108.02 14.19
N ALA F 832 -6.28 -106.99 14.76
CA ALA F 832 -6.20 -105.65 14.18
C ALA F 832 -4.79 -105.09 14.30
N ILE F 833 -4.16 -105.29 15.45
CA ILE F 833 -2.82 -104.77 15.67
C ILE F 833 -1.81 -105.56 14.85
N ALA F 834 -1.94 -106.88 14.82
CA ALA F 834 -1.01 -107.72 14.07
C ALA F 834 -1.13 -107.51 12.57
N ALA F 835 -2.27 -107.04 12.08
CA ALA F 835 -2.37 -106.67 10.68
C ALA F 835 -1.69 -105.34 10.39
N LEU F 836 -1.54 -104.50 11.41
CA LEU F 836 -0.81 -103.25 11.22
C LEU F 836 0.69 -103.52 11.17
N LEU F 837 1.20 -104.32 12.11
CA LEU F 837 2.63 -104.57 12.19
C LEU F 837 3.13 -105.42 11.03
N ALA F 838 2.24 -106.18 10.38
CA ALA F 838 2.65 -106.96 9.21
C ALA F 838 2.96 -106.05 8.02
N ARG F 839 2.24 -104.94 7.89
CA ARG F 839 2.54 -104.02 6.80
C ARG F 839 3.64 -103.05 7.18
N TYR F 840 3.56 -102.45 8.35
CA TYR F 840 4.52 -101.44 8.79
C TYR F 840 5.42 -102.03 9.87
N PRO F 841 6.63 -102.45 9.54
CA PRO F 841 7.50 -103.03 10.58
C PRO F 841 8.09 -102.00 11.50
N ASP F 842 8.15 -100.74 11.10
CA ASP F 842 8.73 -99.68 11.91
C ASP F 842 7.75 -99.11 12.93
N ALA F 843 6.56 -99.70 13.05
CA ALA F 843 5.66 -99.36 14.14
C ALA F 843 6.18 -99.84 15.48
N GLU F 844 7.11 -100.78 15.48
CA GLU F 844 7.72 -101.27 16.71
C GLU F 844 8.81 -100.34 17.23
N THR F 845 9.38 -99.51 16.37
CA THR F 845 10.53 -98.69 16.72
C THR F 845 10.27 -97.19 16.73
N VAL F 846 9.46 -96.68 15.80
CA VAL F 846 9.32 -95.24 15.63
C VAL F 846 8.41 -94.68 16.70
N GLN F 847 8.91 -93.72 17.47
CA GLN F 847 8.13 -93.17 18.57
C GLN F 847 7.08 -92.19 18.06
N LEU F 848 6.26 -91.72 18.99
CA LEU F 848 5.06 -90.98 18.65
C LEU F 848 5.39 -89.55 18.25
N HIS F 849 4.66 -89.03 17.28
CA HIS F 849 4.86 -87.66 16.82
C HIS F 849 4.41 -86.70 17.92
N PRO F 850 5.09 -85.56 18.08
CA PRO F 850 4.75 -84.64 19.17
C PRO F 850 3.41 -83.94 19.02
N ALA F 851 2.77 -84.02 17.86
CA ALA F 851 1.45 -83.43 17.68
C ALA F 851 0.33 -84.45 17.79
N ASP F 852 0.65 -85.70 18.13
CA ASP F 852 -0.39 -86.69 18.36
C ASP F 852 -0.77 -86.82 19.81
N VAL F 853 0.03 -86.28 20.72
CA VAL F 853 -0.32 -86.24 22.15
C VAL F 853 -1.52 -85.33 22.41
N PRO F 854 -1.61 -84.08 21.90
CA PRO F 854 -2.86 -83.35 22.12
C PRO F 854 -4.03 -83.93 21.34
N PHE F 855 -3.75 -84.58 20.22
CA PHE F 855 -4.75 -85.39 19.53
C PHE F 855 -5.32 -86.46 20.45
N PHE F 856 -4.45 -87.15 21.18
CA PHE F 856 -4.93 -88.24 22.03
C PHE F 856 -5.69 -87.72 23.24
N VAL F 857 -5.26 -86.58 23.78
CA VAL F 857 -5.96 -86.00 24.92
C VAL F 857 -7.36 -85.51 24.51
N THR F 858 -7.43 -84.69 23.46
CA THR F 858 -8.75 -84.24 23.02
C THR F 858 -9.54 -85.32 22.32
N LEU F 859 -8.93 -86.46 22.04
CA LEU F 859 -9.68 -87.61 21.59
C LEU F 859 -10.35 -88.30 22.77
N CYS F 860 -9.63 -88.43 23.88
CA CYS F 860 -10.23 -89.04 25.06
C CYS F 860 -11.19 -88.12 25.77
N LYS F 861 -11.16 -86.82 25.48
CA LYS F 861 -11.97 -85.86 26.21
C LYS F 861 -13.46 -85.91 25.86
N THR F 862 -13.83 -86.40 24.68
CA THR F 862 -15.13 -86.08 24.10
C THR F 862 -16.23 -87.10 24.41
N LEU F 863 -17.24 -86.63 25.15
CA LEU F 863 -18.69 -86.84 24.91
C LEU F 863 -19.05 -88.29 24.57
N GLY F 864 -18.96 -89.13 25.58
CA GLY F 864 -19.47 -90.48 25.44
C GLY F 864 -19.53 -91.16 26.78
N LYS F 865 -19.21 -92.44 26.81
CA LYS F 865 -18.91 -93.04 28.10
C LYS F 865 -17.49 -92.65 28.50
N PRO F 866 -17.26 -92.22 29.73
CA PRO F 866 -15.92 -91.81 30.12
C PRO F 866 -14.97 -92.98 30.14
N VAL F 867 -13.71 -92.68 29.91
CA VAL F 867 -12.76 -93.67 29.48
C VAL F 867 -12.26 -94.42 30.71
N ASN F 868 -11.62 -95.55 30.51
CA ASN F 868 -11.20 -96.43 31.59
C ASN F 868 -9.80 -96.11 32.12
N PHE F 869 -9.27 -94.92 31.87
CA PHE F 869 -7.96 -94.56 32.38
C PHE F 869 -7.90 -93.07 32.71
N VAL F 870 -6.70 -92.58 32.99
CA VAL F 870 -6.42 -91.16 33.19
C VAL F 870 -5.37 -90.78 32.16
N PRO F 871 -5.67 -89.90 31.23
CA PRO F 871 -4.72 -89.61 30.15
C PRO F 871 -3.52 -88.77 30.59
N VAL F 872 -3.73 -87.71 31.36
CA VAL F 872 -2.65 -86.83 31.77
C VAL F 872 -2.73 -86.56 33.25
N ILE F 873 -1.62 -86.09 33.80
CA ILE F 873 -1.53 -85.66 35.19
C ILE F 873 -1.46 -84.14 35.19
N ASP F 874 -2.50 -83.50 35.71
CA ASP F 874 -2.72 -82.09 35.46
C ASP F 874 -3.51 -81.51 36.64
N GLN F 875 -4.05 -80.31 36.48
CA GLN F 875 -4.86 -79.73 37.54
C GLN F 875 -6.21 -80.40 37.67
N ASP F 876 -6.72 -80.96 36.58
CA ASP F 876 -8.04 -81.59 36.57
C ASP F 876 -7.97 -83.07 36.87
N VAL F 877 -6.95 -83.49 37.63
CA VAL F 877 -6.68 -84.92 37.78
C VAL F 877 -7.73 -85.59 38.65
N ARG F 878 -8.36 -84.85 39.56
CA ARG F 878 -9.46 -85.43 40.32
C ARG F 878 -10.69 -85.60 39.45
N ARG F 879 -10.90 -84.70 38.51
CA ARG F 879 -12.01 -84.84 37.57
C ARG F 879 -11.81 -86.04 36.67
N TRP F 880 -10.59 -86.20 36.14
CA TRP F 880 -10.30 -87.36 35.28
C TRP F 880 -10.43 -88.66 36.06
N TRP F 881 -9.99 -88.69 37.31
CA TRP F 881 -10.01 -89.96 38.00
C TRP F 881 -11.38 -90.29 38.57
N ARG F 882 -12.14 -89.30 39.02
CA ARG F 882 -13.45 -89.55 39.59
C ARG F 882 -14.56 -89.52 38.58
N SER F 883 -14.26 -89.27 37.30
CA SER F 883 -15.29 -89.25 36.27
C SER F 883 -15.83 -90.67 36.06
N ASP F 884 -17.06 -90.90 36.55
CA ASP F 884 -17.85 -92.12 36.33
C ASP F 884 -17.12 -93.35 36.88
N SER F 885 -16.96 -93.36 38.19
CA SER F 885 -16.10 -94.33 38.86
C SER F 885 -16.89 -95.33 39.69
N LEU F 886 -18.12 -95.64 39.31
CA LEU F 886 -18.95 -96.48 40.15
C LEU F 886 -19.36 -97.80 39.54
N TRP F 887 -19.33 -97.95 38.22
CA TRP F 887 -19.74 -99.19 37.60
C TRP F 887 -18.72 -100.31 37.78
N GLN F 888 -17.45 -99.96 38.05
CA GLN F 888 -16.38 -100.96 38.16
C GLN F 888 -16.56 -101.92 39.31
N ALA F 889 -17.48 -101.66 40.24
CA ALA F 889 -17.76 -102.60 41.30
C ALA F 889 -18.70 -103.72 40.88
N HIS F 890 -19.11 -103.75 39.61
CA HIS F 890 -20.06 -104.75 39.18
C HIS F 890 -19.53 -105.76 38.18
N ASP F 891 -18.24 -105.74 37.86
CA ASP F 891 -17.66 -106.75 37.00
C ASP F 891 -16.53 -107.47 37.72
N ALA F 892 -16.35 -108.75 37.37
CA ALA F 892 -15.43 -109.61 38.09
C ALA F 892 -13.98 -109.42 37.67
N ARG F 893 -13.69 -108.55 36.70
CA ARG F 893 -12.31 -108.41 36.27
C ARG F 893 -11.50 -107.51 37.17
N TYR F 894 -12.08 -106.94 38.22
CA TYR F 894 -11.35 -106.09 39.13
C TYR F 894 -11.38 -106.66 40.54
N ASP F 895 -10.29 -106.48 41.26
CA ASP F 895 -10.24 -106.89 42.65
C ASP F 895 -11.06 -105.92 43.49
N ALA F 896 -11.51 -106.41 44.65
CA ALA F 896 -12.31 -105.58 45.55
C ALA F 896 -11.50 -104.48 46.21
N ASP F 897 -10.17 -104.58 46.20
CA ASP F 897 -9.35 -103.56 46.82
C ASP F 897 -9.35 -102.29 45.99
N ALA F 898 -9.18 -102.40 44.68
CA ALA F 898 -8.84 -101.26 43.85
C ALA F 898 -10.04 -100.52 43.29
N VAL F 899 -11.24 -100.75 43.84
CA VAL F 899 -12.47 -100.27 43.22
C VAL F 899 -13.27 -99.46 44.24
N CYS F 900 -13.90 -98.37 43.76
CA CYS F 900 -14.71 -97.53 44.62
C CYS F 900 -16.01 -98.24 45.01
N ILE F 901 -16.23 -98.40 46.31
CA ILE F 901 -17.47 -98.95 46.85
C ILE F 901 -18.05 -97.89 47.78
N ILE F 902 -19.35 -97.63 47.67
CA ILE F 902 -19.94 -96.52 48.42
C ILE F 902 -21.08 -96.91 49.36
N PRO F 903 -20.82 -97.60 50.47
CA PRO F 903 -21.92 -97.97 51.36
C PRO F 903 -22.19 -96.94 52.45
N GLY F 904 -23.13 -97.22 53.33
CA GLY F 904 -23.37 -96.39 54.50
C GLY F 904 -22.39 -96.70 55.62
N THR F 905 -22.69 -96.17 56.80
CA THR F 905 -21.75 -96.31 57.92
C THR F 905 -22.23 -97.19 59.06
N ALA F 906 -23.53 -97.30 59.28
CA ALA F 906 -24.03 -98.22 60.31
C ALA F 906 -24.58 -99.51 59.73
N SER F 907 -25.13 -99.44 58.53
CA SER F 907 -25.64 -100.63 57.88
C SER F 907 -24.55 -101.60 57.44
N VAL F 908 -23.30 -101.13 57.29
CA VAL F 908 -22.20 -102.06 57.02
C VAL F 908 -21.95 -102.96 58.22
N ALA F 909 -22.03 -102.40 59.43
CA ALA F 909 -22.02 -103.25 60.61
C ALA F 909 -23.31 -104.04 60.73
N GLY F 910 -24.39 -103.54 60.13
CA GLY F 910 -25.64 -104.27 60.16
C GLY F 910 -25.61 -105.57 59.36
N ILE F 911 -24.98 -105.57 58.18
CA ILE F 911 -25.01 -106.75 57.33
C ILE F 911 -24.07 -107.81 57.88
N THR F 912 -24.37 -109.06 57.61
CA THR F 912 -23.64 -110.13 58.27
C THR F 912 -23.12 -111.19 57.31
N ARG F 913 -23.89 -111.58 56.29
CA ARG F 913 -23.51 -112.75 55.51
C ARG F 913 -23.76 -112.48 54.03
N MET F 914 -23.64 -113.53 53.24
CA MET F 914 -23.54 -113.49 51.79
C MET F 914 -24.85 -113.89 51.12
N ASP F 915 -24.98 -113.44 49.87
CA ASP F 915 -25.87 -113.95 48.78
C ASP F 915 -27.24 -114.44 49.24
N GLU F 916 -27.83 -113.69 50.02
CA GLU F 916 -29.10 -113.88 50.69
C GLU F 916 -30.24 -113.35 49.82
N PRO F 917 -31.43 -113.93 49.82
CA PRO F 917 -32.49 -113.42 48.94
C PRO F 917 -33.25 -112.22 49.51
N VAL F 918 -33.62 -111.32 48.59
CA VAL F 918 -34.18 -110.01 48.95
C VAL F 918 -35.55 -110.14 49.59
N GLY F 919 -36.35 -111.12 49.17
CA GLY F 919 -37.65 -111.31 49.77
C GLY F 919 -37.54 -111.75 51.22
N GLU F 920 -36.59 -112.64 51.51
CA GLU F 920 -36.39 -113.08 52.87
C GLU F 920 -35.81 -111.96 53.73
N LEU F 921 -34.96 -111.10 53.15
CA LEU F 921 -34.40 -109.98 53.90
C LEU F 921 -35.48 -108.99 54.30
N LEU F 922 -36.31 -108.58 53.34
CA LEU F 922 -37.32 -107.59 53.65
C LEU F 922 -38.43 -108.16 54.52
N ASP F 923 -38.75 -109.45 54.36
CA ASP F 923 -39.71 -110.08 55.24
C ASP F 923 -39.17 -110.22 56.66
N ARG F 924 -37.86 -110.37 56.81
CA ARG F 924 -37.28 -110.40 58.15
C ARG F 924 -37.36 -109.04 58.81
N PHE F 925 -37.07 -107.97 58.04
CA PHE F 925 -37.23 -106.61 58.56
C PHE F 925 -38.67 -106.30 58.94
N GLU F 926 -39.64 -106.86 58.23
CA GLU F 926 -41.02 -106.65 58.65
C GLU F 926 -41.38 -107.52 59.85
N GLN F 927 -40.86 -108.74 59.88
CA GLN F 927 -41.26 -109.73 60.87
C GLN F 927 -40.80 -109.35 62.27
N ALA F 928 -39.68 -108.62 62.38
CA ALA F 928 -39.26 -108.15 63.69
C ALA F 928 -40.24 -107.15 64.28
N ALA F 929 -40.73 -106.20 63.47
CA ALA F 929 -41.71 -105.25 63.97
C ALA F 929 -43.05 -105.90 64.23
N ILE F 930 -43.42 -106.91 63.43
CA ILE F 930 -44.63 -107.68 63.68
C ILE F 930 -44.54 -108.39 65.02
N ASP F 931 -43.36 -108.95 65.34
CA ASP F 931 -43.14 -109.57 66.63
C ASP F 931 -43.25 -108.56 67.76
N GLU F 932 -42.66 -107.38 67.58
CA GLU F 932 -42.63 -106.37 68.64
C GLU F 932 -44.02 -105.82 68.93
N VAL F 933 -44.90 -105.75 67.93
CA VAL F 933 -46.26 -105.29 68.19
C VAL F 933 -47.19 -106.44 68.58
N LEU F 934 -46.89 -107.68 68.17
CA LEU F 934 -47.69 -108.82 68.58
C LEU F 934 -47.39 -109.22 70.02
N GLY F 935 -46.26 -108.78 70.56
CA GLY F 935 -45.98 -108.98 71.98
C GLY F 935 -46.94 -108.28 72.91
N ALA F 936 -47.65 -107.25 72.42
CA ALA F 936 -48.66 -106.59 73.23
C ALA F 936 -49.96 -107.39 73.31
N GLY F 937 -50.11 -108.43 72.50
CA GLY F 937 -51.28 -109.28 72.57
C GLY F 937 -52.49 -108.73 71.84
N VAL F 938 -52.29 -108.27 70.61
CA VAL F 938 -53.36 -107.72 69.79
C VAL F 938 -53.83 -108.79 68.81
N GLU F 939 -55.11 -109.08 68.83
CA GLU F 939 -55.68 -110.04 67.88
C GLU F 939 -55.79 -109.39 66.52
N PRO F 940 -55.16 -109.94 65.48
CA PRO F 940 -55.26 -109.33 64.16
C PRO F 940 -56.62 -109.57 63.53
N LYS F 941 -57.14 -108.54 62.89
CA LYS F 941 -58.43 -108.62 62.23
C LYS F 941 -58.25 -108.96 60.76
N ASP F 942 -59.16 -109.78 60.24
CA ASP F 942 -59.04 -110.27 58.88
C ASP F 942 -59.39 -109.15 57.89
N VAL F 943 -58.47 -108.89 56.97
CA VAL F 943 -58.65 -107.89 55.92
C VAL F 943 -58.48 -108.58 54.58
N ALA F 944 -59.36 -108.28 53.64
CA ALA F 944 -59.38 -109.00 52.36
C ALA F 944 -58.20 -108.63 51.48
N SER F 945 -57.52 -107.54 51.76
CA SER F 945 -56.36 -107.12 50.97
C SER F 945 -55.38 -106.43 51.90
N ARG F 946 -54.47 -105.67 51.30
CA ARG F 946 -53.62 -104.83 52.13
C ARG F 946 -53.97 -103.35 51.99
N ARG F 947 -54.57 -102.93 50.86
CA ARG F 947 -54.85 -101.52 50.60
C ARG F 947 -55.83 -100.89 51.58
N LEU F 948 -57.10 -101.30 51.55
CA LEU F 948 -58.15 -100.82 52.47
C LEU F 948 -58.24 -99.29 52.43
N GLY F 949 -58.67 -98.81 51.27
CA GLY F 949 -58.73 -97.37 51.03
C GLY F 949 -59.96 -96.69 51.59
N ARG F 950 -61.14 -97.10 51.12
CA ARG F 950 -62.36 -96.39 51.46
C ARG F 950 -62.82 -96.65 52.89
N ALA F 951 -62.61 -97.89 53.37
CA ALA F 951 -62.77 -98.28 54.78
C ALA F 951 -64.21 -98.16 55.28
N ASP F 952 -65.17 -98.51 54.44
CA ASP F 952 -66.51 -98.80 54.94
C ASP F 952 -67.13 -100.03 54.30
N VAL F 953 -66.55 -100.56 53.23
CA VAL F 953 -67.02 -101.79 52.59
C VAL F 953 -65.83 -102.73 52.53
N ALA F 954 -66.12 -104.03 52.55
CA ALA F 954 -65.07 -105.04 52.49
C ALA F 954 -65.49 -106.14 51.52
N GLY F 955 -64.50 -106.78 50.92
CA GLY F 955 -64.76 -107.83 49.96
C GLY F 955 -64.00 -107.61 48.68
N PRO F 956 -64.47 -108.23 47.59
CA PRO F 956 -63.80 -108.02 46.30
C PRO F 956 -63.97 -106.63 45.73
N LEU F 957 -65.14 -106.01 45.89
CA LEU F 957 -65.28 -104.67 45.34
C LEU F 957 -64.53 -103.63 46.14
N ALA F 958 -64.13 -103.94 47.37
CA ALA F 958 -63.20 -103.07 48.09
C ALA F 958 -61.89 -102.98 47.33
N VAL F 959 -61.37 -104.14 46.89
CA VAL F 959 -60.14 -104.20 46.12
C VAL F 959 -60.30 -103.51 44.78
N VAL F 960 -61.45 -103.72 44.14
CA VAL F 960 -61.73 -103.12 42.84
C VAL F 960 -61.84 -101.61 42.93
N LEU F 961 -62.47 -101.10 44.00
CA LEU F 961 -62.59 -99.65 44.17
C LEU F 961 -61.23 -99.01 44.46
N ASP F 962 -60.46 -99.57 45.39
CA ASP F 962 -59.26 -98.84 45.76
C ASP F 962 -58.05 -99.15 44.88
N ALA F 963 -58.17 -100.07 43.93
CA ALA F 963 -57.05 -100.34 43.02
C ALA F 963 -56.93 -99.21 42.00
N PRO F 964 -55.75 -98.60 41.86
CA PRO F 964 -55.61 -97.52 40.88
C PRO F 964 -55.27 -98.00 39.47
N ASP F 965 -54.62 -99.14 39.33
CA ASP F 965 -54.23 -99.66 38.02
C ASP F 965 -54.74 -101.07 37.85
N VAL F 966 -55.12 -101.41 36.63
CA VAL F 966 -55.49 -102.78 36.29
C VAL F 966 -54.64 -103.22 35.12
N ARG F 967 -54.61 -104.54 34.91
CA ARG F 967 -53.96 -105.11 33.74
C ARG F 967 -55.03 -105.51 32.74
N TRP F 968 -55.12 -104.76 31.65
CA TRP F 968 -56.22 -104.87 30.70
C TRP F 968 -55.66 -105.38 29.39
N ALA F 969 -55.68 -106.70 29.24
CA ALA F 969 -55.16 -107.44 28.08
C ALA F 969 -53.69 -107.12 27.83
N GLY F 970 -52.86 -107.48 28.81
CA GLY F 970 -51.42 -107.37 28.67
C GLY F 970 -50.83 -106.03 29.05
N ARG F 971 -51.64 -105.00 29.20
CA ARG F 971 -51.16 -103.64 29.37
C ARG F 971 -51.71 -103.08 30.68
N THR F 972 -50.98 -102.15 31.28
CA THR F 972 -51.41 -101.54 32.53
C THR F 972 -52.09 -100.22 32.22
N VAL F 973 -53.41 -100.29 32.11
CA VAL F 973 -54.26 -99.12 31.96
C VAL F 973 -54.80 -98.79 33.33
N THR F 974 -55.03 -97.52 33.60
CA THR F 974 -55.62 -97.12 34.87
C THR F 974 -57.04 -97.66 34.98
N ASN F 975 -57.47 -97.86 36.21
CA ASN F 975 -58.69 -98.59 36.52
C ASN F 975 -59.89 -97.79 36.04
N PRO F 976 -60.75 -98.35 35.19
CA PRO F 976 -61.87 -97.57 34.65
C PRO F 976 -62.90 -97.18 35.69
N VAL F 977 -63.14 -98.03 36.69
CA VAL F 977 -64.06 -97.66 37.76
C VAL F 977 -63.46 -96.53 38.59
N HIS F 978 -62.14 -96.46 38.67
CA HIS F 978 -61.49 -95.32 39.28
C HIS F 978 -61.60 -94.11 38.38
N ARG F 979 -61.53 -94.33 37.06
CA ARG F 979 -61.46 -93.27 36.06
C ARG F 979 -62.77 -92.51 35.90
N ILE F 980 -63.90 -93.19 36.04
CA ILE F 980 -65.20 -92.53 35.91
C ILE F 980 -65.38 -91.49 37.01
N ALA F 981 -65.02 -91.82 38.24
CA ALA F 981 -65.03 -90.86 39.34
C ALA F 981 -63.90 -91.27 40.29
N ASP F 982 -62.77 -90.57 40.20
CA ASP F 982 -61.46 -90.99 40.70
C ASP F 982 -61.50 -91.33 42.20
N PRO F 983 -61.74 -90.42 43.20
CA PRO F 983 -61.93 -90.98 44.54
C PRO F 983 -63.40 -91.14 44.90
N ALA F 984 -63.73 -92.22 45.60
CA ALA F 984 -64.69 -92.20 46.71
C ALA F 984 -66.07 -91.57 46.48
N GLU F 985 -66.46 -91.29 45.25
CA GLU F 985 -67.76 -90.70 44.97
C GLU F 985 -68.79 -91.73 44.58
N TRP F 986 -68.49 -93.00 44.77
CA TRP F 986 -69.42 -94.08 44.52
C TRP F 986 -70.22 -94.33 45.78
N GLN F 987 -71.51 -94.58 45.62
CA GLN F 987 -72.36 -94.84 46.77
C GLN F 987 -72.52 -96.34 46.95
N VAL F 988 -72.44 -96.79 48.19
CA VAL F 988 -72.42 -98.20 48.51
C VAL F 988 -73.80 -98.63 49.01
N HIS F 989 -74.11 -99.91 48.82
CA HIS F 989 -75.36 -100.50 49.27
C HIS F 989 -75.07 -101.92 49.72
N ASP F 990 -75.41 -102.23 50.97
CA ASP F 990 -75.21 -103.54 51.57
C ASP F 990 -76.45 -103.95 52.35
N GLY F 991 -77.61 -103.87 51.69
CA GLY F 991 -78.87 -104.16 52.34
C GLY F 991 -79.06 -105.63 52.69
N PRO F 992 -79.24 -106.48 51.67
CA PRO F 992 -79.37 -107.92 51.94
C PRO F 992 -78.04 -108.66 51.99
N GLU F 993 -76.96 -107.91 52.25
CA GLU F 993 -75.58 -108.37 52.28
C GLU F 993 -75.15 -108.90 50.90
N ASN F 994 -75.34 -108.08 49.88
CA ASN F 994 -74.50 -108.10 48.69
C ASN F 994 -74.03 -106.67 48.44
N PRO F 995 -72.75 -106.40 48.54
CA PRO F 995 -72.28 -105.03 48.32
C PRO F 995 -72.38 -104.66 46.85
N ARG F 996 -72.91 -103.47 46.60
CA ARG F 996 -72.97 -102.94 45.26
C ARG F 996 -72.74 -101.45 45.32
N ALA F 997 -72.13 -100.92 44.27
CA ALA F 997 -71.80 -99.50 44.25
C ALA F 997 -72.35 -98.89 42.99
N THR F 998 -72.95 -97.71 43.13
CA THR F 998 -73.53 -96.99 42.01
C THR F 998 -72.93 -95.61 41.92
N HIS F 999 -72.92 -95.07 40.70
CA HIS F 999 -72.57 -93.69 40.45
C HIS F 999 -73.80 -92.96 39.96
N SER F 1000 -74.16 -91.87 40.64
CA SER F 1000 -75.46 -91.25 40.38
C SER F 1000 -75.47 -90.46 39.07
N SER F 1001 -74.41 -89.72 38.79
CA SER F 1001 -74.43 -88.79 37.66
C SER F 1001 -74.28 -89.46 36.31
N THR F 1002 -73.86 -90.73 36.25
CA THR F 1002 -73.76 -91.45 34.99
C THR F 1002 -74.62 -92.69 34.94
N GLY F 1003 -74.76 -93.40 36.06
CA GLY F 1003 -75.54 -94.61 36.11
C GLY F 1003 -74.76 -95.89 36.16
N ALA F 1004 -73.46 -95.85 36.41
CA ALA F 1004 -72.64 -97.04 36.41
C ALA F 1004 -72.83 -97.85 37.67
N ARG F 1005 -72.69 -99.17 37.55
CA ARG F 1005 -72.91 -100.09 38.64
C ARG F 1005 -71.72 -101.03 38.78
N LEU F 1006 -71.57 -101.57 40.00
CA LEU F 1006 -70.47 -102.47 40.37
C LEU F 1006 -71.01 -103.77 40.96
N GLN F 1007 -71.84 -104.48 40.19
CA GLN F 1007 -72.48 -105.68 40.71
C GLN F 1007 -71.45 -106.78 41.00
N THR F 1008 -71.82 -107.68 41.90
CA THR F 1008 -70.93 -108.77 42.32
C THR F 1008 -71.57 -110.10 41.95
N HIS F 1009 -71.09 -110.69 40.86
CA HIS F 1009 -71.55 -112.00 40.44
C HIS F 1009 -70.80 -113.05 41.24
N GLY F 1010 -71.32 -113.37 42.42
CA GLY F 1010 -70.65 -114.31 43.31
C GLY F 1010 -69.40 -113.72 43.91
N ASP F 1011 -68.25 -114.28 43.58
CA ASP F 1011 -66.97 -113.67 43.94
C ASP F 1011 -66.30 -113.28 42.62
N ASP F 1012 -66.74 -112.14 42.09
CA ASP F 1012 -66.36 -111.61 40.79
C ASP F 1012 -67.01 -110.24 40.69
N VAL F 1013 -66.39 -109.29 39.99
CA VAL F 1013 -66.87 -107.92 39.95
C VAL F 1013 -67.21 -107.56 38.50
N ALA F 1014 -68.39 -106.98 38.31
CA ALA F 1014 -68.87 -106.58 37.01
C ALA F 1014 -69.20 -105.09 37.04
N LEU F 1015 -68.45 -104.32 36.25
CA LEU F 1015 -68.73 -102.90 36.04
C LEU F 1015 -69.65 -102.76 34.84
N SER F 1016 -70.83 -102.20 35.06
CA SER F 1016 -71.80 -102.03 33.98
C SER F 1016 -72.05 -100.54 33.78
N VAL F 1017 -71.86 -100.08 32.55
CA VAL F 1017 -71.96 -98.67 32.20
C VAL F 1017 -73.08 -98.51 31.18
N PRO F 1018 -74.05 -97.65 31.41
CA PRO F 1018 -75.01 -97.30 30.36
C PRO F 1018 -74.42 -96.27 29.43
N VAL F 1019 -74.10 -96.68 28.21
CA VAL F 1019 -73.40 -95.79 27.29
C VAL F 1019 -74.40 -94.91 26.55
N SER F 1020 -75.24 -95.52 25.72
CA SER F 1020 -76.31 -94.76 25.07
C SER F 1020 -77.46 -95.73 24.83
N GLY F 1021 -78.36 -95.80 25.79
CA GLY F 1021 -79.48 -96.70 25.71
C GLY F 1021 -79.19 -98.13 26.15
N THR F 1022 -78.01 -98.62 25.84
CA THR F 1022 -77.62 -100.00 26.13
C THR F 1022 -76.46 -100.04 27.11
N TRP F 1023 -76.15 -101.24 27.57
CA TRP F 1023 -75.21 -101.47 28.65
C TRP F 1023 -73.91 -102.07 28.11
N VAL F 1024 -72.82 -101.74 28.79
CA VAL F 1024 -71.52 -102.34 28.51
C VAL F 1024 -71.02 -102.96 29.81
N ASP F 1025 -70.69 -104.25 29.76
CA ASP F 1025 -70.25 -105.00 30.92
C ASP F 1025 -68.75 -105.28 30.81
N ILE F 1026 -68.01 -104.93 31.85
CA ILE F 1026 -66.59 -105.21 31.96
C ILE F 1026 -66.38 -106.06 33.19
N ARG F 1027 -65.76 -107.22 33.00
CA ARG F 1027 -65.64 -108.23 34.04
C ARG F 1027 -64.21 -108.26 34.59
N PHE F 1028 -64.08 -108.17 35.90
CA PHE F 1028 -62.79 -108.14 36.56
C PHE F 1028 -62.52 -109.50 37.19
N THR F 1029 -61.29 -109.98 37.06
CA THR F 1029 -60.87 -111.20 37.74
C THR F 1029 -59.74 -110.89 38.70
N LEU F 1030 -59.79 -111.53 39.87
CA LEU F 1030 -58.85 -111.25 40.95
C LEU F 1030 -58.09 -112.50 41.30
N PRO F 1031 -56.82 -112.61 40.90
CA PRO F 1031 -56.00 -113.74 41.32
C PRO F 1031 -55.53 -113.56 42.76
N ALA F 1032 -54.70 -114.50 43.21
CA ALA F 1032 -54.11 -114.40 44.55
C ALA F 1032 -53.00 -113.37 44.60
N ASN F 1033 -52.58 -112.85 43.45
CA ASN F 1033 -51.57 -111.81 43.40
C ASN F 1033 -52.08 -110.51 44.02
N THR F 1034 -53.40 -110.28 43.96
CA THR F 1034 -54.00 -109.03 44.40
C THR F 1034 -54.19 -108.95 45.91
N VAL F 1035 -53.63 -109.87 46.68
CA VAL F 1035 -53.69 -109.75 48.12
C VAL F 1035 -52.75 -108.65 48.59
N ASP F 1036 -51.52 -108.65 48.07
CA ASP F 1036 -50.50 -107.67 48.46
C ASP F 1036 -50.05 -106.87 47.25
N GLY F 1037 -50.81 -105.81 46.96
CA GLY F 1037 -50.38 -104.85 45.95
C GLY F 1037 -50.49 -105.31 44.52
N GLY F 1038 -51.21 -106.39 44.25
CA GLY F 1038 -51.35 -106.87 42.90
C GLY F 1038 -52.51 -106.19 42.20
N THR F 1039 -52.29 -105.85 40.94
CA THR F 1039 -53.33 -105.20 40.17
C THR F 1039 -54.35 -106.22 39.71
N PRO F 1040 -55.62 -105.83 39.61
CA PRO F 1040 -56.62 -106.71 38.99
C PRO F 1040 -56.34 -106.90 37.52
N VAL F 1041 -56.69 -108.06 37.00
CA VAL F 1041 -56.50 -108.37 35.60
C VAL F 1041 -57.86 -108.46 34.93
N ILE F 1042 -57.93 -107.96 33.70
CA ILE F 1042 -59.11 -108.04 32.87
C ILE F 1042 -58.80 -108.98 31.73
N ALA F 1043 -59.53 -110.08 31.66
CA ALA F 1043 -59.25 -111.11 30.67
C ALA F 1043 -59.54 -110.60 29.27
N THR F 1044 -58.74 -111.10 28.32
CA THR F 1044 -58.80 -110.58 26.96
C THR F 1044 -60.12 -110.91 26.27
N GLU F 1045 -60.76 -112.02 26.63
CA GLU F 1045 -62.04 -112.34 26.00
C GLU F 1045 -63.19 -111.51 26.58
N ASP F 1046 -63.12 -111.16 27.87
CA ASP F 1046 -64.06 -110.20 28.43
C ASP F 1046 -63.90 -108.85 27.76
N ALA F 1047 -62.67 -108.46 27.47
CA ALA F 1047 -62.47 -107.21 26.76
C ALA F 1047 -62.91 -107.30 25.29
N THR F 1048 -62.83 -108.49 24.67
CA THR F 1048 -63.42 -108.68 23.34
C THR F 1048 -64.92 -108.44 23.37
N SER F 1049 -65.60 -109.01 24.37
CA SER F 1049 -67.05 -108.86 24.45
C SER F 1049 -67.46 -107.42 24.68
N ALA F 1050 -66.74 -106.71 25.56
CA ALA F 1050 -67.04 -105.32 25.82
C ALA F 1050 -66.79 -104.45 24.59
N MET F 1051 -65.70 -104.70 23.87
CA MET F 1051 -65.44 -103.86 22.72
C MET F 1051 -66.30 -104.22 21.51
N ARG F 1052 -66.76 -105.47 21.41
CA ARG F 1052 -67.68 -105.76 20.32
C ARG F 1052 -69.06 -105.19 20.58
N THR F 1053 -69.49 -105.11 21.84
CA THR F 1053 -70.78 -104.45 22.04
C THR F 1053 -70.66 -102.93 21.90
N VAL F 1054 -69.51 -102.33 22.21
CA VAL F 1054 -69.41 -100.90 21.90
C VAL F 1054 -69.17 -100.68 20.40
N LEU F 1055 -68.67 -101.68 19.67
CA LEU F 1055 -68.61 -101.59 18.21
C LEU F 1055 -70.01 -101.61 17.62
N ALA F 1056 -70.89 -102.40 18.21
CA ALA F 1056 -72.30 -102.38 17.82
C ALA F 1056 -72.92 -101.02 18.08
N ILE F 1057 -72.65 -100.44 19.26
CA ILE F 1057 -73.18 -99.11 19.57
C ILE F 1057 -72.64 -98.06 18.61
N ALA F 1058 -71.41 -98.25 18.12
CA ALA F 1058 -70.86 -97.33 17.14
C ALA F 1058 -71.52 -97.47 15.78
N ALA F 1059 -71.71 -98.71 15.30
CA ALA F 1059 -72.16 -98.90 13.93
C ALA F 1059 -73.65 -99.20 13.79
N GLY F 1060 -74.12 -100.30 14.36
CA GLY F 1060 -75.47 -100.77 14.06
C GLY F 1060 -75.95 -101.74 15.10
N VAL F 1061 -77.26 -102.00 15.07
CA VAL F 1061 -78.14 -102.24 16.21
C VAL F 1061 -77.57 -103.13 17.31
N ASP F 1062 -77.18 -104.35 16.98
CA ASP F 1062 -76.70 -105.30 17.98
C ASP F 1062 -75.47 -106.01 17.45
N SER F 1063 -74.59 -106.40 18.37
CA SER F 1063 -73.36 -107.07 17.98
C SER F 1063 -73.53 -108.50 17.45
N PRO F 1064 -74.45 -109.38 17.97
CA PRO F 1064 -74.56 -110.68 17.29
C PRO F 1064 -75.26 -110.58 15.95
N GLU F 1065 -74.44 -110.60 14.90
CA GLU F 1065 -74.87 -110.73 13.49
C GLU F 1065 -75.88 -109.67 13.08
N PHE F 1066 -75.50 -108.40 13.24
CA PHE F 1066 -76.24 -107.34 12.57
C PHE F 1066 -75.26 -106.38 11.89
N LEU F 1067 -74.05 -106.31 12.42
CA LEU F 1067 -72.94 -105.78 11.65
C LEU F 1067 -72.68 -106.71 10.46
N PRO F 1068 -72.26 -106.16 9.32
CA PRO F 1068 -72.17 -106.99 8.11
C PRO F 1068 -71.03 -108.00 8.20
N ALA F 1069 -71.23 -109.12 7.51
CA ALA F 1069 -70.30 -110.24 7.62
C ALA F 1069 -68.98 -109.94 6.94
N VAL F 1070 -67.92 -110.51 7.48
CA VAL F 1070 -66.58 -110.35 6.95
C VAL F 1070 -66.33 -111.54 6.04
N ALA F 1071 -65.91 -111.25 4.81
CA ALA F 1071 -65.52 -112.29 3.86
C ALA F 1071 -64.11 -112.79 4.17
N ASN F 1072 -63.51 -113.43 3.17
CA ASN F 1072 -62.11 -113.87 3.21
C ASN F 1072 -61.18 -112.73 3.58
N GLY F 1073 -61.35 -111.57 2.96
CA GLY F 1073 -60.64 -110.39 3.40
C GLY F 1073 -61.54 -109.17 3.57
N THR F 1074 -62.70 -109.18 2.94
CA THR F 1074 -63.47 -107.97 2.70
C THR F 1074 -64.71 -107.92 3.59
N ALA F 1075 -65.40 -106.79 3.51
CA ALA F 1075 -66.73 -106.64 4.06
C ALA F 1075 -67.54 -105.79 3.09
N THR F 1076 -68.69 -106.30 2.68
CA THR F 1076 -69.45 -105.71 1.58
C THR F 1076 -70.82 -105.24 2.06
N LEU F 1077 -71.32 -104.18 1.43
CA LEU F 1077 -72.66 -103.67 1.68
C LEU F 1077 -73.28 -103.19 0.39
N THR F 1078 -74.61 -103.21 0.33
CA THR F 1078 -75.38 -102.62 -0.75
C THR F 1078 -76.37 -101.64 -0.14
N VAL F 1079 -76.24 -100.37 -0.49
CA VAL F 1079 -77.02 -99.31 0.13
C VAL F 1079 -77.78 -98.52 -0.94
N ASP F 1080 -78.90 -97.96 -0.53
CA ASP F 1080 -79.75 -97.13 -1.38
C ASP F 1080 -79.29 -95.69 -1.25
N TRP F 1081 -78.99 -95.06 -2.39
CA TRP F 1081 -78.47 -93.70 -2.40
C TRP F 1081 -79.49 -92.76 -3.01
N HIS F 1082 -79.74 -91.64 -2.34
CA HIS F 1082 -80.62 -90.58 -2.77
C HIS F 1082 -79.87 -89.25 -2.79
N PRO F 1083 -80.07 -88.41 -3.80
CA PRO F 1083 -79.30 -87.17 -3.90
C PRO F 1083 -79.70 -86.09 -2.91
N GLU F 1084 -80.92 -86.12 -2.38
CA GLU F 1084 -81.37 -85.09 -1.45
C GLU F 1084 -80.78 -85.27 -0.06
N ARG F 1085 -80.27 -86.47 0.24
CA ARG F 1085 -79.54 -86.67 1.48
C ARG F 1085 -78.23 -85.91 1.47
N VAL F 1086 -77.67 -85.67 0.29
CA VAL F 1086 -76.49 -84.80 0.19
C VAL F 1086 -76.86 -83.37 0.56
N ALA F 1087 -78.08 -82.94 0.20
CA ALA F 1087 -78.52 -81.60 0.51
C ALA F 1087 -78.71 -81.40 2.01
N ASP F 1088 -79.38 -82.35 2.67
CA ASP F 1088 -79.51 -82.12 4.11
C ASP F 1088 -78.26 -82.54 4.89
N HIS F 1089 -77.27 -83.16 4.22
CA HIS F 1089 -75.93 -83.26 4.77
C HIS F 1089 -75.23 -81.91 4.79
N THR F 1090 -75.24 -81.22 3.65
CA THR F 1090 -74.60 -79.90 3.56
C THR F 1090 -75.29 -78.87 4.43
N GLY F 1091 -76.60 -79.03 4.64
CA GLY F 1091 -77.30 -78.13 5.54
C GLY F 1091 -76.86 -78.27 6.98
N VAL F 1092 -76.38 -79.44 7.37
CA VAL F 1092 -75.85 -79.61 8.73
C VAL F 1092 -74.40 -79.18 8.79
N THR F 1093 -73.60 -79.53 7.77
CA THR F 1093 -72.18 -79.24 7.83
C THR F 1093 -71.89 -77.75 7.62
N ALA F 1094 -72.29 -77.20 6.48
CA ALA F 1094 -71.89 -75.85 6.10
C ALA F 1094 -72.69 -74.83 6.91
N THR F 1095 -72.06 -74.27 7.93
CA THR F 1095 -72.64 -73.24 8.78
C THR F 1095 -71.75 -72.01 8.77
N PHE F 1096 -71.40 -71.58 7.57
CA PHE F 1096 -70.35 -70.58 7.34
C PHE F 1096 -70.88 -69.18 7.66
N GLY F 1097 -70.10 -68.17 7.27
CA GLY F 1097 -70.45 -66.78 7.53
C GLY F 1097 -71.48 -66.23 6.57
N GLU F 1098 -71.41 -64.91 6.35
CA GLU F 1098 -72.34 -64.27 5.42
C GLU F 1098 -72.01 -64.42 3.94
N PRO F 1099 -70.83 -63.99 3.42
CA PRO F 1099 -70.75 -63.72 1.97
C PRO F 1099 -70.70 -64.95 1.11
N LEU F 1100 -70.41 -66.12 1.66
CA LEU F 1100 -70.20 -67.30 0.85
C LEU F 1100 -71.53 -67.95 0.49
N ALA F 1101 -71.45 -69.08 -0.21
CA ALA F 1101 -72.62 -69.86 -0.60
C ALA F 1101 -72.14 -71.26 -0.89
N PRO F 1102 -72.89 -72.30 -0.55
CA PRO F 1102 -72.46 -73.66 -0.87
C PRO F 1102 -72.51 -73.94 -2.37
N SER F 1103 -71.75 -74.95 -2.77
CA SER F 1103 -71.65 -75.29 -4.18
C SER F 1103 -72.93 -75.97 -4.67
N LEU F 1104 -73.00 -76.13 -5.99
CA LEU F 1104 -74.12 -76.80 -6.61
C LEU F 1104 -73.83 -78.27 -6.87
N THR F 1105 -72.59 -78.61 -7.21
CA THR F 1105 -72.23 -80.00 -7.37
C THR F 1105 -72.06 -80.65 -6.00
N ASN F 1106 -72.06 -81.98 -6.01
CA ASN F 1106 -71.96 -82.71 -4.75
C ASN F 1106 -70.52 -82.78 -4.30
N VAL F 1107 -70.34 -82.90 -2.99
CA VAL F 1107 -69.02 -82.81 -2.36
C VAL F 1107 -68.57 -84.26 -2.19
N PRO F 1108 -67.27 -84.58 -2.24
CA PRO F 1108 -66.86 -85.99 -2.10
C PRO F 1108 -67.02 -86.55 -0.71
N ASP F 1109 -67.23 -85.74 0.32
CA ASP F 1109 -67.56 -86.28 1.64
C ASP F 1109 -69.07 -86.43 1.80
N ALA F 1110 -69.68 -87.12 0.86
CA ALA F 1110 -71.04 -87.59 1.01
C ALA F 1110 -71.19 -89.07 0.78
N LEU F 1111 -70.25 -89.70 0.07
CA LEU F 1111 -70.22 -91.14 -0.05
C LEU F 1111 -69.75 -91.83 1.21
N VAL F 1112 -69.06 -91.10 2.10
CA VAL F 1112 -68.60 -91.67 3.36
C VAL F 1112 -69.74 -91.93 4.34
N GLY F 1113 -70.92 -91.39 4.07
CA GLY F 1113 -72.08 -91.61 4.89
C GLY F 1113 -72.53 -93.04 4.97
N PRO F 1114 -73.04 -93.61 3.88
CA PRO F 1114 -73.63 -94.95 3.96
C PRO F 1114 -72.63 -96.10 4.07
N CYS F 1115 -71.33 -95.84 4.16
CA CYS F 1115 -70.36 -96.92 4.20
C CYS F 1115 -69.73 -97.10 5.59
N TRP F 1116 -70.38 -96.60 6.63
CA TRP F 1116 -69.82 -96.84 7.96
C TRP F 1116 -69.90 -98.28 8.48
N PRO F 1117 -70.99 -99.06 8.32
CA PRO F 1117 -70.93 -100.43 8.86
C PRO F 1117 -69.91 -101.34 8.18
N ALA F 1118 -69.53 -101.04 6.94
CA ALA F 1118 -68.47 -101.81 6.30
C ALA F 1118 -67.13 -101.58 6.97
N VAL F 1119 -66.79 -100.33 7.27
CA VAL F 1119 -65.47 -100.08 7.83
C VAL F 1119 -65.42 -100.47 9.30
N PHE F 1120 -66.53 -100.39 10.03
CA PHE F 1120 -66.49 -100.88 11.41
C PHE F 1120 -66.48 -102.40 11.46
N ALA F 1121 -67.11 -103.07 10.49
CA ALA F 1121 -66.97 -104.51 10.42
C ALA F 1121 -65.57 -104.92 10.00
N ALA F 1122 -64.88 -104.07 9.23
CA ALA F 1122 -63.49 -104.35 8.89
C ALA F 1122 -62.57 -104.17 10.10
N ILE F 1123 -62.86 -103.17 10.94
CA ILE F 1123 -62.10 -103.01 12.18
C ILE F 1123 -62.35 -104.19 13.11
N GLY F 1124 -63.61 -104.67 13.16
CA GLY F 1124 -63.98 -105.77 14.03
C GLY F 1124 -63.31 -107.10 13.71
N SER F 1125 -62.62 -107.21 12.58
CA SER F 1125 -61.86 -108.41 12.28
C SER F 1125 -60.45 -108.12 11.81
N ALA F 1126 -60.03 -106.85 11.82
CA ALA F 1126 -58.67 -106.52 11.44
C ALA F 1126 -57.68 -107.03 12.48
N VAL F 1127 -56.59 -107.62 12.01
CA VAL F 1127 -55.57 -108.16 12.90
C VAL F 1127 -54.23 -107.54 12.55
N THR F 1128 -53.34 -107.51 13.54
CA THR F 1128 -51.93 -107.17 13.31
C THR F 1128 -51.20 -108.41 12.84
N ASP F 1129 -49.88 -108.33 12.85
CA ASP F 1129 -49.07 -109.54 12.69
C ASP F 1129 -49.18 -110.33 13.98
N THR F 1130 -50.07 -111.33 13.98
CA THR F 1130 -50.38 -112.23 15.10
C THR F 1130 -50.87 -111.45 16.33
N GLY F 1131 -52.05 -110.85 16.17
CA GLY F 1131 -52.72 -110.14 17.25
C GLY F 1131 -53.82 -109.24 16.68
N GLU F 1132 -54.87 -108.95 17.44
CA GLU F 1132 -56.02 -108.25 16.85
C GLU F 1132 -56.34 -106.92 17.53
N PRO F 1133 -56.34 -105.81 16.78
CA PRO F 1133 -56.87 -104.55 17.32
C PRO F 1133 -58.37 -104.43 17.12
N VAL F 1134 -59.12 -105.17 17.94
CA VAL F 1134 -60.54 -104.96 18.10
C VAL F 1134 -60.87 -104.55 19.51
N VAL F 1135 -59.93 -104.78 20.41
CA VAL F 1135 -60.15 -105.11 21.81
C VAL F 1135 -59.41 -104.09 22.65
N GLU F 1136 -58.11 -104.03 22.43
CA GLU F 1136 -57.27 -103.19 23.25
C GLU F 1136 -57.42 -101.71 22.93
N GLY F 1137 -58.06 -101.35 21.84
CA GLY F 1137 -58.10 -99.93 21.54
C GLY F 1137 -59.32 -99.37 20.88
N LEU F 1138 -60.49 -99.99 21.03
CA LEU F 1138 -61.65 -99.42 20.36
C LEU F 1138 -62.13 -98.17 21.07
N LEU F 1139 -62.02 -98.12 22.39
CA LEU F 1139 -62.20 -96.85 23.07
C LEU F 1139 -61.02 -95.90 22.91
N SER F 1140 -59.88 -96.38 22.41
CA SER F 1140 -58.76 -95.51 22.10
C SER F 1140 -58.59 -95.32 20.59
N LEU F 1141 -59.69 -95.35 19.85
CA LEU F 1141 -59.65 -95.27 18.40
C LEU F 1141 -59.75 -93.82 17.95
N VAL F 1142 -58.86 -93.42 17.05
CA VAL F 1142 -58.85 -92.07 16.49
C VAL F 1142 -58.78 -92.20 14.98
N HIS F 1143 -59.63 -91.47 14.27
CA HIS F 1143 -59.51 -91.39 12.82
C HIS F 1143 -58.30 -90.54 12.48
N LEU F 1144 -57.23 -91.18 11.99
CA LEU F 1144 -55.96 -90.48 11.83
C LEU F 1144 -55.95 -89.58 10.60
N ASP F 1145 -56.22 -90.14 9.42
CA ASP F 1145 -56.28 -89.34 8.20
C ASP F 1145 -57.12 -90.04 7.17
N HIS F 1146 -57.58 -89.25 6.20
CA HIS F 1146 -58.59 -89.65 5.23
C HIS F 1146 -58.14 -89.24 3.84
N ALA F 1147 -58.49 -90.05 2.84
CA ALA F 1147 -58.10 -89.75 1.48
C ALA F 1147 -59.16 -90.26 0.51
N ALA F 1148 -59.50 -89.43 -0.47
CA ALA F 1148 -60.58 -89.69 -1.40
C ALA F 1148 -60.07 -89.50 -2.83
N ARG F 1149 -60.54 -90.39 -3.71
CA ARG F 1149 -60.22 -90.33 -5.13
C ARG F 1149 -61.48 -90.68 -5.89
N VAL F 1150 -62.00 -89.74 -6.68
CA VAL F 1150 -63.24 -89.98 -7.41
C VAL F 1150 -62.92 -90.24 -8.88
N VAL F 1151 -63.68 -91.14 -9.46
CA VAL F 1151 -63.77 -91.27 -10.91
C VAL F 1151 -64.82 -90.26 -11.36
N GLY F 1152 -64.79 -89.89 -12.65
CA GLY F 1152 -65.61 -88.80 -13.17
C GLY F 1152 -67.11 -88.96 -13.02
N GLN F 1153 -67.58 -90.19 -12.84
CA GLN F 1153 -69.00 -90.39 -12.57
C GLN F 1153 -69.33 -90.04 -11.12
N LEU F 1154 -70.57 -89.63 -10.90
CA LEU F 1154 -71.08 -89.35 -9.59
C LEU F 1154 -72.58 -89.38 -9.87
N PRO F 1155 -73.34 -90.20 -9.14
CA PRO F 1155 -74.76 -90.37 -9.47
C PRO F 1155 -75.57 -89.13 -9.11
N THR F 1156 -76.71 -89.00 -9.77
CA THR F 1156 -77.65 -87.91 -9.50
C THR F 1156 -79.10 -88.40 -9.54
N VAL F 1157 -79.31 -89.70 -9.69
CA VAL F 1157 -80.63 -90.30 -9.71
C VAL F 1157 -80.72 -91.18 -8.46
N PRO F 1158 -81.91 -91.48 -7.95
CA PRO F 1158 -81.99 -92.42 -6.83
C PRO F 1158 -81.62 -93.83 -7.29
N ALA F 1159 -80.58 -94.38 -6.66
CA ALA F 1159 -79.98 -95.61 -7.16
C ALA F 1159 -79.70 -96.55 -5.99
N GLN F 1160 -79.13 -97.70 -6.31
CA GLN F 1160 -78.71 -98.68 -5.32
C GLN F 1160 -77.30 -99.11 -5.65
N LEU F 1161 -76.33 -98.65 -4.85
CA LEU F 1161 -74.92 -98.90 -5.12
C LEU F 1161 -74.36 -99.81 -4.03
N THR F 1162 -73.07 -100.11 -4.12
CA THR F 1162 -72.46 -101.05 -3.20
C THR F 1162 -71.06 -100.60 -2.84
N VAL F 1163 -70.61 -101.01 -1.66
CA VAL F 1163 -69.31 -100.66 -1.11
C VAL F 1163 -68.62 -101.93 -0.63
N THR F 1164 -67.28 -101.90 -0.68
CA THR F 1164 -66.48 -103.03 -0.24
C THR F 1164 -65.23 -102.51 0.45
N ALA F 1165 -65.05 -102.89 1.71
CA ALA F 1165 -63.97 -102.38 2.54
C ALA F 1165 -63.04 -103.52 2.94
N THR F 1166 -61.74 -103.28 2.79
CA THR F 1166 -60.71 -104.24 3.17
C THR F 1166 -59.82 -103.60 4.22
N ALA F 1167 -59.53 -104.33 5.28
CA ALA F 1167 -58.65 -103.84 6.34
C ALA F 1167 -57.29 -104.53 6.19
N ALA F 1168 -56.24 -103.73 6.05
CA ALA F 1168 -54.93 -104.32 5.88
C ALA F 1168 -54.38 -104.80 7.22
N ASN F 1169 -53.23 -105.47 7.16
CA ASN F 1169 -52.60 -105.94 8.39
C ASN F 1169 -52.02 -104.76 9.15
N ALA F 1170 -52.51 -104.57 10.37
CA ALA F 1170 -52.18 -103.37 11.13
C ALA F 1170 -50.77 -103.46 11.69
N THR F 1171 -50.09 -102.32 11.68
CA THR F 1171 -48.77 -102.21 12.27
C THR F 1171 -48.87 -101.33 13.51
N ASP F 1172 -47.75 -101.10 14.16
CA ASP F 1172 -47.75 -100.24 15.35
C ASP F 1172 -46.50 -99.36 15.33
N THR F 1173 -46.69 -98.09 14.96
CA THR F 1173 -45.61 -97.15 14.83
C THR F 1173 -45.47 -96.34 16.12
N ASP F 1174 -44.55 -95.37 16.07
CA ASP F 1174 -44.11 -94.62 17.24
C ASP F 1174 -45.16 -93.66 17.80
N MET F 1175 -46.34 -93.58 17.20
CA MET F 1175 -47.45 -92.85 17.79
C MET F 1175 -48.63 -93.75 18.15
N GLY F 1176 -48.64 -94.99 17.71
CA GLY F 1176 -49.75 -95.86 18.02
C GLY F 1176 -49.89 -96.94 16.97
N ARG F 1177 -50.87 -97.80 17.19
CA ARG F 1177 -51.13 -98.91 16.30
C ARG F 1177 -51.98 -98.46 15.12
N VAL F 1178 -51.39 -98.42 13.94
CA VAL F 1178 -52.06 -97.93 12.74
C VAL F 1178 -52.74 -99.09 12.05
N VAL F 1179 -54.05 -98.95 11.85
CA VAL F 1179 -54.90 -99.86 11.10
C VAL F 1179 -55.31 -99.15 9.81
N PRO F 1180 -54.74 -99.50 8.66
CA PRO F 1180 -55.22 -98.91 7.41
C PRO F 1180 -56.39 -99.70 6.84
N VAL F 1181 -57.32 -98.99 6.22
CA VAL F 1181 -58.51 -99.63 5.65
C VAL F 1181 -58.89 -98.88 4.39
N SER F 1182 -59.14 -99.64 3.33
CA SER F 1182 -59.43 -99.10 2.00
C SER F 1182 -60.76 -99.63 1.53
N VAL F 1183 -61.66 -98.72 1.17
CA VAL F 1183 -63.00 -99.08 0.71
C VAL F 1183 -63.17 -98.53 -0.70
N VAL F 1184 -63.87 -99.28 -1.53
CA VAL F 1184 -64.18 -98.85 -2.89
C VAL F 1184 -65.69 -98.92 -3.08
N VAL F 1185 -66.24 -97.95 -3.81
CA VAL F 1185 -67.68 -97.86 -4.00
C VAL F 1185 -67.98 -97.96 -5.49
N THR F 1186 -68.84 -98.91 -5.85
CA THR F 1186 -69.21 -99.12 -7.24
C THR F 1186 -70.73 -99.10 -7.38
N GLY F 1187 -71.18 -98.60 -8.53
CA GLY F 1187 -72.59 -98.50 -8.82
C GLY F 1187 -73.22 -99.82 -9.21
N ALA F 1188 -74.35 -99.73 -9.90
CA ALA F 1188 -75.07 -100.94 -10.29
C ALA F 1188 -74.47 -101.57 -11.54
N ASP F 1189 -73.88 -100.77 -12.42
CA ASP F 1189 -73.29 -101.25 -13.66
C ASP F 1189 -71.87 -101.78 -13.50
N GLY F 1190 -71.39 -101.94 -12.27
CA GLY F 1190 -70.03 -102.38 -12.07
C GLY F 1190 -68.98 -101.31 -12.26
N ALA F 1191 -69.37 -100.07 -12.52
CA ALA F 1191 -68.42 -98.99 -12.70
C ALA F 1191 -67.96 -98.49 -11.34
N VAL F 1192 -66.64 -98.28 -11.21
CA VAL F 1192 -66.08 -97.78 -9.97
C VAL F 1192 -66.41 -96.30 -9.84
N ILE F 1193 -67.12 -95.94 -8.78
CA ILE F 1193 -67.45 -94.54 -8.55
C ILE F 1193 -66.30 -93.82 -7.86
N ALA F 1194 -65.90 -94.31 -6.69
CA ALA F 1194 -64.85 -93.64 -5.94
C ALA F 1194 -64.09 -94.66 -5.09
N THR F 1195 -62.98 -94.20 -4.53
CA THR F 1195 -62.06 -95.03 -3.75
C THR F 1195 -61.59 -94.21 -2.56
N LEU F 1196 -61.82 -94.73 -1.37
CA LEU F 1196 -61.46 -94.05 -0.14
C LEU F 1196 -60.43 -94.90 0.58
N GLU F 1197 -59.42 -94.24 1.17
CA GLU F 1197 -58.43 -94.91 1.99
C GLU F 1197 -58.22 -94.10 3.24
N GLU F 1198 -58.33 -94.75 4.40
CA GLU F 1198 -58.19 -94.01 5.64
C GLU F 1198 -57.46 -94.86 6.67
N ARG F 1199 -56.75 -94.17 7.55
CA ARG F 1199 -56.00 -94.85 8.59
C ARG F 1199 -56.60 -94.54 9.94
N PHE F 1200 -56.45 -95.48 10.85
CA PHE F 1200 -56.97 -95.38 12.20
C PHE F 1200 -55.84 -95.59 13.18
N ALA F 1201 -55.71 -94.68 14.13
CA ALA F 1201 -54.69 -94.75 15.15
C ALA F 1201 -55.29 -95.30 16.42
N ILE F 1202 -54.78 -96.43 16.88
CA ILE F 1202 -55.02 -96.92 18.22
C ILE F 1202 -53.98 -96.27 19.12
N LEU F 1203 -54.42 -95.44 20.05
CA LEU F 1203 -53.51 -94.43 20.58
C LEU F 1203 -52.60 -94.99 21.68
N GLY F 1204 -53.06 -95.99 22.41
CA GLY F 1204 -52.32 -96.45 23.58
C GLY F 1204 -51.01 -97.14 23.30
N ARG F 1205 -51.08 -98.29 22.67
CA ARG F 1205 -49.92 -99.15 22.49
C ARG F 1205 -49.20 -98.85 21.20
N THR F 1206 -47.88 -99.01 21.24
CA THR F 1206 -47.02 -98.57 20.16
C THR F 1206 -45.92 -99.59 19.93
N GLY F 1207 -45.11 -99.34 18.90
CA GLY F 1207 -43.96 -100.16 18.62
C GLY F 1207 -42.92 -99.33 17.90
N SER F 1208 -41.94 -99.99 17.28
CA SER F 1208 -40.89 -99.29 16.54
C SER F 1208 -40.99 -99.71 15.08
N ALA F 1209 -41.84 -99.00 14.34
CA ALA F 1209 -41.96 -99.17 12.91
C ALA F 1209 -42.14 -97.81 12.29
N GLU F 1210 -41.68 -97.65 11.06
CA GLU F 1210 -41.73 -96.35 10.42
C GLU F 1210 -43.14 -96.07 9.90
N LEU F 1211 -43.63 -94.87 10.16
CA LEU F 1211 -44.96 -94.46 9.73
C LEU F 1211 -44.84 -93.90 8.32
N ALA F 1212 -45.37 -94.63 7.35
CA ALA F 1212 -45.36 -94.18 5.96
C ALA F 1212 -46.32 -93.02 5.77
N ASP F 1213 -45.89 -92.01 5.05
CA ASP F 1213 -46.73 -90.85 4.79
C ASP F 1213 -47.76 -91.17 3.71
N PRO F 1214 -49.01 -90.71 3.86
CA PRO F 1214 -50.04 -91.03 2.86
C PRO F 1214 -49.85 -90.27 1.57
N ALA F 1215 -50.65 -90.64 0.58
CA ALA F 1215 -50.53 -90.07 -0.75
C ALA F 1215 -51.10 -88.67 -0.76
N ARG F 1216 -50.39 -87.76 -1.42
CA ARG F 1216 -50.80 -86.37 -1.46
C ARG F 1216 -51.92 -86.18 -2.46
N ALA F 1217 -52.96 -85.45 -2.05
CA ALA F 1217 -54.13 -85.12 -2.87
C ALA F 1217 -54.86 -86.36 -3.36
N GLY F 1218 -54.93 -87.39 -2.51
CA GLY F 1218 -55.70 -88.57 -2.83
C GLY F 1218 -55.16 -89.45 -3.93
N GLY F 1219 -53.94 -89.19 -4.42
CA GLY F 1219 -53.39 -89.97 -5.50
C GLY F 1219 -53.76 -89.49 -6.88
N ALA F 1220 -54.23 -88.25 -7.02
CA ALA F 1220 -54.64 -87.74 -8.31
C ALA F 1220 -53.65 -86.76 -8.90
N VAL F 1221 -52.46 -86.63 -8.30
CA VAL F 1221 -51.41 -85.82 -8.92
C VAL F 1221 -50.86 -86.58 -10.11
N SER F 1222 -50.83 -85.93 -11.27
CA SER F 1222 -50.47 -86.58 -12.52
C SER F 1222 -48.98 -86.55 -12.81
N ALA F 1223 -48.15 -86.37 -11.77
CA ALA F 1223 -46.68 -86.37 -11.83
C ALA F 1223 -46.13 -85.30 -12.77
N ASN F 1224 -46.92 -84.24 -13.02
CA ASN F 1224 -46.47 -83.07 -13.78
C ASN F 1224 -46.94 -81.86 -12.98
N ALA F 1225 -46.15 -81.47 -12.00
CA ALA F 1225 -46.58 -80.43 -11.08
C ALA F 1225 -45.42 -79.50 -10.80
N THR F 1226 -45.66 -78.21 -10.91
CA THR F 1226 -44.65 -77.20 -10.66
C THR F 1226 -45.03 -76.40 -9.43
N ASP F 1227 -44.01 -76.08 -8.63
CA ASP F 1227 -44.22 -75.31 -7.40
C ASP F 1227 -44.35 -73.84 -7.77
N THR F 1228 -45.53 -73.47 -8.23
CA THR F 1228 -45.84 -72.06 -8.40
C THR F 1228 -45.97 -71.40 -7.03
N PRO F 1229 -45.62 -70.12 -6.90
CA PRO F 1229 -45.68 -69.47 -5.59
C PRO F 1229 -47.10 -69.35 -5.04
N ARG F 1230 -47.17 -69.24 -3.72
CA ARG F 1230 -48.44 -69.32 -3.01
C ARG F 1230 -49.28 -68.08 -3.24
N ARG F 1231 -50.57 -68.29 -3.46
CA ARG F 1231 -51.53 -67.20 -3.54
C ARG F 1231 -52.73 -67.57 -2.68
N ARG F 1232 -53.19 -66.60 -1.88
CA ARG F 1232 -54.32 -66.80 -1.00
C ARG F 1232 -55.61 -66.90 -1.80
N ARG F 1233 -56.54 -67.75 -1.36
CA ARG F 1233 -57.85 -67.80 -1.96
C ARG F 1233 -58.93 -67.29 -1.02
N ARG F 1234 -58.98 -67.79 0.22
CA ARG F 1234 -60.10 -67.47 1.09
C ARG F 1234 -59.70 -67.75 2.54
N ASP F 1235 -60.34 -67.02 3.45
CA ASP F 1235 -60.16 -67.19 4.89
C ASP F 1235 -61.53 -67.26 5.53
N VAL F 1236 -61.89 -68.42 6.08
CA VAL F 1236 -63.25 -68.67 6.55
C VAL F 1236 -63.21 -69.18 7.99
N THR F 1237 -63.94 -68.51 8.88
CA THR F 1237 -64.04 -68.93 10.27
C THR F 1237 -65.36 -69.68 10.48
N ILE F 1238 -65.26 -70.91 10.96
CA ILE F 1238 -66.40 -71.77 11.23
C ILE F 1238 -66.33 -72.23 12.67
N THR F 1239 -67.43 -72.06 13.41
CA THR F 1239 -67.48 -72.54 14.79
C THR F 1239 -68.00 -73.96 14.82
N ALA F 1240 -67.36 -74.78 15.64
CA ALA F 1240 -67.81 -76.15 15.82
C ALA F 1240 -69.12 -76.17 16.61
N PRO F 1241 -70.04 -77.04 16.23
CA PRO F 1241 -71.36 -77.02 16.90
C PRO F 1241 -71.29 -77.58 18.30
N VAL F 1242 -72.37 -77.42 19.06
CA VAL F 1242 -72.37 -77.79 20.47
C VAL F 1242 -72.58 -79.28 20.65
N ASP F 1243 -73.51 -79.87 19.90
CA ASP F 1243 -73.84 -81.28 20.07
C ASP F 1243 -73.60 -82.03 18.77
N MET F 1244 -73.15 -83.27 18.90
CA MET F 1244 -72.73 -84.06 17.75
C MET F 1244 -73.79 -85.03 17.24
N ARG F 1245 -74.92 -85.16 17.92
CA ARG F 1245 -75.96 -86.05 17.45
C ARG F 1245 -76.58 -85.68 16.09
N PRO F 1246 -76.77 -84.40 15.70
CA PRO F 1246 -77.20 -84.15 14.31
C PRO F 1246 -76.24 -84.67 13.25
N PHE F 1247 -74.94 -84.36 13.38
CA PHE F 1247 -73.98 -84.88 12.42
C PHE F 1247 -73.83 -86.38 12.52
N ALA F 1248 -74.08 -86.94 13.70
CA ALA F 1248 -74.03 -88.39 13.88
C ALA F 1248 -75.15 -89.08 13.10
N VAL F 1249 -76.37 -88.56 13.21
CA VAL F 1249 -77.50 -89.17 12.51
C VAL F 1249 -77.38 -88.94 11.01
N VAL F 1250 -76.84 -87.78 10.60
CA VAL F 1250 -76.66 -87.52 9.17
C VAL F 1250 -75.59 -88.41 8.57
N SER F 1251 -74.41 -88.44 9.19
CA SER F 1251 -73.30 -89.21 8.62
C SER F 1251 -73.49 -90.70 8.80
N GLY F 1252 -73.62 -91.17 10.04
CA GLY F 1252 -73.91 -92.57 10.32
C GLY F 1252 -73.14 -93.14 11.49
N ASP F 1253 -71.95 -92.61 11.77
CA ASP F 1253 -71.13 -93.17 12.85
C ASP F 1253 -71.70 -92.73 14.18
N HIS F 1254 -72.21 -93.69 14.95
CA HIS F 1254 -72.70 -93.46 16.29
C HIS F 1254 -71.64 -93.82 17.32
N ASN F 1255 -70.39 -93.53 16.99
CA ASN F 1255 -69.25 -93.74 17.85
C ASN F 1255 -69.44 -92.95 19.13
N PRO F 1256 -69.56 -93.60 20.29
CA PRO F 1256 -70.01 -92.90 21.51
C PRO F 1256 -69.02 -91.91 22.06
N ILE F 1257 -67.78 -91.92 21.56
CA ILE F 1257 -66.75 -90.98 22.00
C ILE F 1257 -67.09 -89.56 21.62
N HIS F 1258 -67.97 -89.35 20.63
CA HIS F 1258 -68.32 -88.01 20.20
C HIS F 1258 -69.57 -87.46 20.89
N THR F 1259 -70.44 -88.33 21.40
CA THR F 1259 -71.70 -87.88 21.98
C THR F 1259 -71.77 -88.11 23.48
N ASP F 1260 -71.45 -89.31 23.94
CA ASP F 1260 -71.67 -89.69 25.33
C ASP F 1260 -70.65 -89.04 26.25
N ARG F 1261 -71.08 -88.75 27.47
CA ARG F 1261 -70.16 -88.28 28.49
C ARG F 1261 -69.50 -89.45 29.21
N ALA F 1262 -70.26 -90.51 29.44
CA ALA F 1262 -69.73 -91.67 30.15
C ALA F 1262 -68.69 -92.39 29.30
N ALA F 1263 -68.89 -92.46 27.98
CA ALA F 1263 -67.90 -93.10 27.13
C ALA F 1263 -66.65 -92.25 26.97
N ALA F 1264 -66.79 -90.93 26.99
CA ALA F 1264 -65.60 -90.07 26.94
C ALA F 1264 -64.79 -90.18 28.22
N LEU F 1265 -65.47 -90.22 29.37
CA LEU F 1265 -64.78 -90.45 30.63
C LEU F 1265 -64.18 -91.85 30.69
N LEU F 1266 -64.82 -92.82 30.04
CA LEU F 1266 -64.31 -94.18 30.04
C LEU F 1266 -63.09 -94.31 29.14
N ALA F 1267 -63.03 -93.54 28.08
CA ALA F 1267 -61.86 -93.49 27.22
C ALA F 1267 -60.79 -92.55 27.73
N GLY F 1268 -61.08 -91.80 28.80
CA GLY F 1268 -60.05 -90.99 29.39
C GLY F 1268 -59.93 -89.65 28.70
N LEU F 1269 -61.08 -89.02 28.48
CA LEU F 1269 -61.14 -87.67 27.96
C LEU F 1269 -62.00 -86.83 28.90
N GLU F 1270 -61.72 -85.54 28.95
CA GLU F 1270 -62.49 -84.65 29.81
C GLU F 1270 -63.90 -84.47 29.29
N SER F 1271 -64.06 -84.43 27.98
CA SER F 1271 -65.31 -84.12 27.32
C SER F 1271 -65.21 -84.64 25.89
N PRO F 1272 -66.34 -84.94 25.23
CA PRO F 1272 -66.28 -85.55 23.90
C PRO F 1272 -65.63 -84.66 22.85
N ILE F 1273 -65.35 -85.28 21.70
CA ILE F 1273 -64.62 -84.65 20.61
C ILE F 1273 -65.49 -84.66 19.36
N VAL F 1274 -65.21 -83.70 18.47
CA VAL F 1274 -65.99 -83.56 17.24
C VAL F 1274 -65.46 -84.54 16.21
N HIS F 1275 -66.23 -84.72 15.13
CA HIS F 1275 -65.89 -85.72 14.14
C HIS F 1275 -64.81 -85.23 13.20
N GLY F 1276 -63.83 -86.10 12.96
CA GLY F 1276 -62.86 -85.85 11.91
C GLY F 1276 -63.52 -85.65 10.56
N MET F 1277 -64.55 -86.43 10.27
CA MET F 1277 -65.27 -86.24 9.02
C MET F 1277 -66.09 -84.95 9.04
N TRP F 1278 -66.46 -84.43 10.22
CA TRP F 1278 -67.11 -83.13 10.26
C TRP F 1278 -66.17 -82.05 9.81
N LEU F 1279 -64.97 -81.97 10.40
CA LEU F 1279 -64.12 -80.87 9.93
C LEU F 1279 -63.52 -81.15 8.56
N SER F 1280 -63.48 -82.42 8.14
CA SER F 1280 -63.22 -82.77 6.76
C SER F 1280 -64.22 -82.13 5.79
N ALA F 1281 -65.51 -82.31 6.05
CA ALA F 1281 -66.52 -81.77 5.17
C ALA F 1281 -66.59 -80.25 5.26
N ALA F 1282 -66.28 -79.69 6.42
CA ALA F 1282 -66.19 -78.24 6.55
C ALA F 1282 -65.05 -77.68 5.70
N ALA F 1283 -63.91 -78.38 5.67
CA ALA F 1283 -62.80 -77.94 4.84
C ALA F 1283 -63.13 -78.05 3.36
N GLN F 1284 -63.84 -79.12 2.97
CA GLN F 1284 -64.22 -79.24 1.56
C GLN F 1284 -65.20 -78.16 1.14
N HIS F 1285 -66.13 -77.78 2.01
CA HIS F 1285 -67.04 -76.70 1.66
C HIS F 1285 -66.34 -75.35 1.68
N ALA F 1286 -65.35 -75.17 2.54
CA ALA F 1286 -64.57 -73.94 2.50
C ALA F 1286 -63.74 -73.84 1.23
N VAL F 1287 -63.35 -74.98 0.66
CA VAL F 1287 -62.74 -74.96 -0.67
C VAL F 1287 -63.76 -74.60 -1.73
N THR F 1288 -64.86 -75.34 -1.79
CA THR F 1288 -65.76 -75.28 -2.93
C THR F 1288 -66.89 -74.26 -2.78
N ALA F 1289 -66.81 -73.37 -1.81
CA ALA F 1289 -67.87 -72.37 -1.71
C ALA F 1289 -67.65 -71.26 -2.72
N THR F 1290 -68.73 -70.53 -3.02
CA THR F 1290 -68.72 -69.45 -4.00
C THR F 1290 -69.18 -68.16 -3.36
N ASP F 1291 -68.71 -67.05 -3.92
CA ASP F 1291 -69.18 -65.73 -3.49
C ASP F 1291 -69.39 -64.79 -4.67
N GLY F 1292 -69.66 -65.33 -5.85
CA GLY F 1292 -70.12 -64.55 -6.97
C GLY F 1292 -69.05 -63.85 -7.79
N GLN F 1293 -67.89 -63.56 -7.23
CA GLN F 1293 -66.90 -62.79 -7.96
C GLN F 1293 -66.17 -63.67 -8.97
N ALA F 1294 -65.27 -63.05 -9.74
CA ALA F 1294 -64.76 -63.63 -10.99
C ALA F 1294 -63.72 -64.72 -10.71
N ARG F 1295 -64.22 -65.88 -10.30
CA ARG F 1295 -63.45 -67.11 -10.21
C ARG F 1295 -64.35 -68.26 -10.63
N PRO F 1296 -63.79 -69.32 -11.21
CA PRO F 1296 -64.58 -70.51 -11.50
C PRO F 1296 -64.95 -71.23 -10.21
N PRO F 1297 -65.99 -72.05 -10.23
CA PRO F 1297 -66.29 -72.90 -9.07
C PRO F 1297 -65.24 -73.99 -8.92
N ALA F 1298 -65.31 -74.68 -7.79
CA ALA F 1298 -64.37 -75.75 -7.47
C ALA F 1298 -65.09 -77.09 -7.49
N ARG F 1299 -64.51 -78.04 -8.20
CA ARG F 1299 -64.99 -79.42 -8.22
C ARG F 1299 -63.82 -80.33 -7.96
N LEU F 1300 -63.86 -81.05 -6.85
CA LEU F 1300 -62.71 -81.82 -6.39
C LEU F 1300 -62.58 -83.13 -7.15
N VAL F 1301 -61.33 -83.54 -7.35
CA VAL F 1301 -61.02 -84.81 -7.99
C VAL F 1301 -60.28 -85.71 -7.02
N GLY F 1302 -59.16 -85.23 -6.50
CA GLY F 1302 -58.40 -85.97 -5.52
C GLY F 1302 -58.25 -85.15 -4.25
N TRP F 1303 -58.23 -85.84 -3.11
CA TRP F 1303 -58.28 -85.08 -1.87
C TRP F 1303 -57.68 -85.93 -0.76
N THR F 1304 -57.00 -85.28 0.17
CA THR F 1304 -56.59 -85.96 1.39
C THR F 1304 -56.54 -84.95 2.53
N ALA F 1305 -56.66 -85.48 3.74
CA ALA F 1305 -56.68 -84.64 4.93
C ALA F 1305 -56.07 -85.39 6.10
N ARG F 1306 -55.12 -84.76 6.76
CA ARG F 1306 -54.41 -85.31 7.90
C ARG F 1306 -54.92 -84.61 9.15
N PHE F 1307 -55.37 -85.39 10.13
CA PHE F 1307 -55.85 -84.85 11.39
C PHE F 1307 -54.71 -84.86 12.39
N LEU F 1308 -54.60 -83.80 13.18
CA LEU F 1308 -53.47 -83.63 14.08
C LEU F 1308 -53.85 -83.54 15.54
N GLY F 1309 -54.83 -82.70 15.89
CA GLY F 1309 -55.20 -82.50 17.27
C GLY F 1309 -56.69 -82.69 17.48
N MET F 1310 -57.07 -82.72 18.76
CA MET F 1310 -58.47 -82.86 19.13
C MET F 1310 -59.15 -81.50 19.13
N VAL F 1311 -60.42 -81.47 18.73
CA VAL F 1311 -61.22 -80.26 18.71
C VAL F 1311 -62.46 -80.51 19.57
N ARG F 1312 -62.57 -79.78 20.66
CA ARG F 1312 -63.74 -79.88 21.51
C ARG F 1312 -64.91 -79.16 20.84
N PRO F 1313 -66.15 -79.54 21.16
CA PRO F 1313 -67.30 -78.84 20.56
C PRO F 1313 -67.42 -77.42 21.07
N GLY F 1314 -67.41 -76.47 20.13
CA GLY F 1314 -67.52 -75.07 20.48
C GLY F 1314 -66.21 -74.33 20.33
N ASP F 1315 -65.43 -74.70 19.33
CA ASP F 1315 -64.16 -74.05 19.07
C ASP F 1315 -64.22 -73.36 17.71
N GLU F 1316 -63.51 -72.24 17.58
CA GLU F 1316 -63.62 -71.43 16.37
C GLU F 1316 -62.49 -71.79 15.42
N VAL F 1317 -62.76 -72.75 14.54
CA VAL F 1317 -61.80 -73.15 13.53
C VAL F 1317 -61.73 -72.05 12.47
N ASP F 1318 -60.56 -71.84 11.89
CA ASP F 1318 -60.47 -70.99 10.71
C ASP F 1318 -59.60 -71.63 9.64
N PHE F 1319 -60.10 -71.63 8.42
CA PHE F 1319 -59.43 -72.21 7.27
C PHE F 1319 -58.80 -71.09 6.46
N ARG F 1320 -57.57 -71.31 6.01
CA ARG F 1320 -56.82 -70.34 5.22
C ARG F 1320 -56.32 -71.04 3.97
N VAL F 1321 -57.13 -71.03 2.90
CA VAL F 1321 -56.90 -71.86 1.74
C VAL F 1321 -55.99 -71.14 0.75
N GLU F 1322 -54.99 -71.86 0.22
CA GLU F 1322 -53.99 -71.27 -0.65
C GLU F 1322 -53.83 -72.12 -1.90
N ARG F 1323 -53.02 -71.62 -2.82
CA ARG F 1323 -52.72 -72.32 -4.07
C ARG F 1323 -51.27 -72.82 -4.02
N VAL F 1324 -51.04 -74.03 -4.53
CA VAL F 1324 -49.74 -74.66 -4.40
C VAL F 1324 -49.10 -74.92 -5.74
N GLY F 1325 -49.78 -75.65 -6.61
CA GLY F 1325 -49.20 -76.12 -7.86
C GLY F 1325 -50.17 -76.02 -9.01
N ILE F 1326 -49.73 -76.55 -10.15
CA ILE F 1326 -50.54 -76.60 -11.36
C ILE F 1326 -50.27 -77.94 -12.04
N ASP F 1327 -51.30 -78.48 -12.68
CA ASP F 1327 -51.20 -79.81 -13.28
C ASP F 1327 -52.16 -79.88 -14.46
N GLN F 1328 -51.63 -79.62 -15.66
CA GLN F 1328 -52.39 -79.65 -16.93
C GLN F 1328 -53.63 -78.76 -16.87
N GLY F 1329 -53.43 -77.52 -16.44
CA GLY F 1329 -54.53 -76.59 -16.29
C GLY F 1329 -55.24 -76.63 -14.96
N ALA F 1330 -55.29 -77.78 -14.30
CA ALA F 1330 -55.87 -77.91 -12.99
C ALA F 1330 -54.82 -77.57 -11.94
N GLU F 1331 -55.27 -77.00 -10.83
CA GLU F 1331 -54.36 -76.49 -9.81
C GLU F 1331 -54.45 -77.31 -8.53
N ILE F 1332 -53.35 -77.30 -7.78
CA ILE F 1332 -53.22 -78.03 -6.52
C ILE F 1332 -53.42 -77.04 -5.39
N VAL F 1333 -54.32 -77.35 -4.47
CA VAL F 1333 -54.84 -76.42 -3.48
C VAL F 1333 -54.86 -77.09 -2.12
N ASP F 1334 -54.26 -76.45 -1.11
CA ASP F 1334 -54.23 -77.00 0.24
C ASP F 1334 -54.97 -76.10 1.22
N VAL F 1335 -55.41 -76.68 2.34
CA VAL F 1335 -55.95 -75.90 3.44
C VAL F 1335 -55.23 -76.30 4.72
N ALA F 1336 -55.33 -75.41 5.71
CA ALA F 1336 -54.78 -75.63 7.04
C ALA F 1336 -55.73 -75.00 8.04
N ALA F 1337 -56.21 -75.80 8.99
CA ALA F 1337 -57.21 -75.36 9.95
C ALA F 1337 -56.56 -75.11 11.29
N ARG F 1338 -56.92 -74.00 11.92
CA ARG F 1338 -56.31 -73.59 13.18
C ARG F 1338 -57.38 -73.33 14.23
N VAL F 1339 -57.04 -73.58 15.49
CA VAL F 1339 -57.87 -73.24 16.63
C VAL F 1339 -56.98 -72.44 17.56
N GLY F 1340 -56.99 -71.12 17.42
CA GLY F 1340 -56.06 -70.33 18.20
C GLY F 1340 -54.73 -70.19 17.50
N SER F 1341 -53.75 -71.02 17.86
CA SER F 1341 -52.42 -70.89 17.29
C SER F 1341 -51.75 -72.23 16.95
N ASP F 1342 -52.49 -73.32 16.91
CA ASP F 1342 -51.94 -74.60 16.49
C ASP F 1342 -52.70 -75.12 15.27
N LEU F 1343 -52.29 -76.27 14.76
CA LEU F 1343 -52.98 -76.90 13.64
C LEU F 1343 -53.85 -78.05 14.15
N VAL F 1344 -54.98 -78.26 13.48
CA VAL F 1344 -55.84 -79.38 13.79
C VAL F 1344 -56.00 -80.27 12.56
N MET F 1345 -55.84 -79.71 11.36
CA MET F 1345 -55.65 -80.56 10.20
C MET F 1345 -54.67 -79.89 9.25
N SER F 1346 -54.25 -80.68 8.26
CA SER F 1346 -53.59 -80.17 7.07
C SER F 1346 -54.12 -80.99 5.90
N ALA F 1347 -54.69 -80.34 4.90
CA ALA F 1347 -55.34 -81.08 3.85
C ALA F 1347 -54.87 -80.58 2.50
N SER F 1348 -54.87 -81.48 1.52
CA SER F 1348 -54.44 -81.16 0.17
C SER F 1348 -55.49 -81.65 -0.82
N ALA F 1349 -55.52 -81.03 -1.99
CA ALA F 1349 -56.56 -81.33 -2.97
C ALA F 1349 -56.07 -81.01 -4.36
N ARG F 1350 -56.53 -81.80 -5.32
CA ARG F 1350 -56.44 -81.49 -6.74
C ARG F 1350 -57.87 -81.43 -7.25
N LEU F 1351 -58.30 -80.23 -7.62
CA LEU F 1351 -59.62 -80.01 -8.16
C LEU F 1351 -59.58 -80.02 -9.69
N ALA F 1352 -60.75 -80.16 -10.30
CA ALA F 1352 -60.83 -80.34 -11.74
C ALA F 1352 -60.55 -79.05 -12.47
N ALA F 1353 -60.13 -79.19 -13.72
CA ALA F 1353 -59.92 -78.04 -14.56
C ALA F 1353 -61.26 -77.52 -15.07
N PRO F 1354 -61.46 -76.21 -15.15
CA PRO F 1354 -62.75 -75.68 -15.59
C PRO F 1354 -62.93 -75.80 -17.10
N LYS F 1355 -64.18 -75.76 -17.51
CA LYS F 1355 -64.52 -75.79 -18.94
C LYS F 1355 -64.25 -74.42 -19.52
N THR F 1356 -63.25 -74.32 -20.38
CA THR F 1356 -62.82 -73.02 -20.90
C THR F 1356 -63.07 -72.91 -22.39
N VAL F 1357 -62.89 -71.69 -22.89
CA VAL F 1357 -63.07 -71.35 -24.29
C VAL F 1357 -61.82 -70.63 -24.76
N TYR F 1358 -61.25 -71.08 -25.87
CA TYR F 1358 -60.13 -70.41 -26.51
C TYR F 1358 -60.67 -69.73 -27.77
N ALA F 1359 -60.75 -68.41 -27.76
CA ALA F 1359 -61.29 -67.64 -28.86
C ALA F 1359 -60.17 -66.84 -29.52
N PHE F 1360 -60.17 -66.83 -30.85
CA PHE F 1360 -59.04 -66.26 -31.58
C PHE F 1360 -59.46 -65.04 -32.38
N PRO F 1361 -58.64 -63.99 -32.37
CA PRO F 1361 -59.10 -62.68 -32.87
C PRO F 1361 -59.13 -62.54 -34.38
N GLY F 1362 -59.41 -61.33 -34.85
CA GLY F 1362 -59.49 -61.01 -36.26
C GLY F 1362 -58.49 -59.98 -36.72
N GLN F 1363 -58.81 -59.24 -37.78
CA GLN F 1363 -57.92 -58.21 -38.29
C GLN F 1363 -57.81 -57.04 -37.32
N GLY F 1364 -56.89 -56.13 -37.63
CA GLY F 1364 -56.64 -54.97 -36.80
C GLY F 1364 -55.80 -55.24 -35.59
N ILE F 1365 -55.43 -56.50 -35.33
CA ILE F 1365 -54.58 -56.81 -34.20
C ILE F 1365 -53.10 -56.69 -34.55
N GLN F 1366 -52.77 -56.63 -35.84
CA GLN F 1366 -51.40 -56.73 -36.29
C GLN F 1366 -50.65 -55.43 -36.07
N HIS F 1367 -49.35 -55.58 -35.79
CA HIS F 1367 -48.40 -54.48 -35.70
C HIS F 1367 -47.00 -55.08 -35.85
N LYS F 1368 -46.00 -54.22 -35.87
CA LYS F 1368 -44.63 -54.69 -36.00
C LYS F 1368 -44.13 -55.24 -34.67
N GLY F 1369 -43.67 -56.49 -34.68
CA GLY F 1369 -43.13 -57.09 -33.48
C GLY F 1369 -44.16 -57.75 -32.60
N MET F 1370 -44.89 -58.73 -33.14
CA MET F 1370 -45.89 -59.46 -32.38
C MET F 1370 -45.28 -60.73 -31.82
N GLY F 1371 -45.27 -60.86 -30.49
CA GLY F 1371 -44.83 -62.10 -29.88
C GLY F 1371 -43.33 -62.33 -29.92
N MET F 1372 -42.55 -61.29 -30.20
CA MET F 1372 -41.10 -61.45 -30.20
C MET F 1372 -40.58 -61.68 -28.79
N GLU F 1373 -41.27 -61.14 -27.78
CA GLU F 1373 -40.90 -61.46 -26.41
C GLU F 1373 -41.23 -62.91 -26.06
N VAL F 1374 -42.27 -63.47 -26.68
CA VAL F 1374 -42.58 -64.88 -26.48
C VAL F 1374 -41.51 -65.75 -27.13
N ARG F 1375 -41.08 -65.36 -28.33
CA ARG F 1375 -39.96 -66.03 -29.00
C ARG F 1375 -38.67 -65.91 -28.20
N ALA F 1376 -38.48 -64.80 -27.49
CA ALA F 1376 -37.31 -64.66 -26.65
C ALA F 1376 -37.41 -65.49 -25.37
N ARG F 1377 -38.62 -65.63 -24.81
CA ARG F 1377 -38.76 -66.40 -23.58
C ARG F 1377 -38.64 -67.89 -23.83
N SER F 1378 -39.51 -68.45 -24.65
CA SER F 1378 -39.65 -69.90 -24.69
C SER F 1378 -38.57 -70.55 -25.54
N LYS F 1379 -38.67 -71.87 -25.68
CA LYS F 1379 -37.87 -72.66 -26.60
C LYS F 1379 -38.71 -73.46 -27.56
N ALA F 1380 -39.85 -73.99 -27.11
CA ALA F 1380 -40.79 -74.62 -28.03
C ALA F 1380 -41.42 -73.61 -28.97
N ALA F 1381 -41.65 -72.39 -28.48
CA ALA F 1381 -42.10 -71.32 -29.37
C ALA F 1381 -41.01 -70.96 -30.36
N ARG F 1382 -39.75 -70.98 -29.94
CA ARG F 1382 -38.65 -70.75 -30.87
C ARG F 1382 -38.59 -71.84 -31.92
N LYS F 1383 -38.87 -73.08 -31.52
CA LYS F 1383 -38.92 -74.19 -32.47
C LYS F 1383 -40.05 -74.02 -33.47
N VAL F 1384 -41.21 -73.53 -33.02
CA VAL F 1384 -42.31 -73.43 -33.97
C VAL F 1384 -42.16 -72.19 -34.87
N TRP F 1385 -41.49 -71.13 -34.39
CA TRP F 1385 -41.09 -70.05 -35.28
C TRP F 1385 -40.11 -70.54 -36.35
N ASP F 1386 -39.19 -71.42 -35.95
CA ASP F 1386 -38.20 -71.94 -36.90
C ASP F 1386 -38.85 -72.83 -37.95
N THR F 1387 -39.77 -73.71 -37.54
CA THR F 1387 -40.48 -74.52 -38.52
C THR F 1387 -41.37 -73.68 -39.41
N ALA F 1388 -41.96 -72.61 -38.86
CA ALA F 1388 -42.85 -71.75 -39.65
C ALA F 1388 -42.07 -70.99 -40.72
N ASP F 1389 -41.00 -70.29 -40.35
CA ASP F 1389 -40.32 -69.53 -41.38
C ASP F 1389 -39.49 -70.41 -42.31
N LYS F 1390 -39.06 -71.59 -41.86
CA LYS F 1390 -38.47 -72.56 -42.76
C LYS F 1390 -39.46 -73.03 -43.80
N PHE F 1391 -40.68 -73.36 -43.38
CA PHE F 1391 -41.72 -73.80 -44.32
C PHE F 1391 -42.09 -72.70 -45.31
N THR F 1392 -42.22 -71.46 -44.83
CA THR F 1392 -42.64 -70.45 -45.79
C THR F 1392 -41.52 -69.96 -46.68
N ARG F 1393 -40.25 -70.04 -46.27
CA ARG F 1393 -39.19 -69.72 -47.22
C ARG F 1393 -38.90 -70.89 -48.16
N ASP F 1394 -39.30 -72.11 -47.80
CA ASP F 1394 -39.15 -73.23 -48.72
C ASP F 1394 -40.32 -73.37 -49.68
N THR F 1395 -41.50 -72.89 -49.32
CA THR F 1395 -42.67 -73.03 -50.18
C THR F 1395 -43.12 -71.71 -50.79
N LEU F 1396 -43.42 -70.70 -49.97
CA LEU F 1396 -44.03 -69.49 -50.51
C LEU F 1396 -42.98 -68.57 -51.13
N GLY F 1397 -41.89 -68.32 -50.42
CA GLY F 1397 -40.83 -67.53 -50.99
C GLY F 1397 -40.53 -66.25 -50.25
N PHE F 1398 -40.84 -66.22 -48.95
CA PHE F 1398 -40.49 -65.09 -48.11
C PHE F 1398 -40.25 -65.58 -46.70
N SER F 1399 -39.75 -64.68 -45.87
CA SER F 1399 -39.40 -64.99 -44.48
C SER F 1399 -40.43 -64.32 -43.58
N VAL F 1400 -41.32 -65.14 -43.00
CA VAL F 1400 -42.37 -64.58 -42.15
C VAL F 1400 -41.79 -64.02 -40.87
N LEU F 1401 -40.63 -64.54 -40.45
CA LEU F 1401 -39.91 -63.94 -39.33
C LEU F 1401 -39.46 -62.54 -39.65
N HIS F 1402 -38.99 -62.31 -40.88
CA HIS F 1402 -38.61 -60.96 -41.26
C HIS F 1402 -39.82 -60.06 -41.43
N VAL F 1403 -40.92 -60.59 -41.97
CA VAL F 1403 -42.14 -59.82 -42.18
C VAL F 1403 -42.74 -59.38 -40.85
N VAL F 1404 -42.58 -60.17 -39.79
CA VAL F 1404 -43.08 -59.73 -38.49
C VAL F 1404 -42.05 -58.88 -37.75
N ARG F 1405 -40.77 -59.28 -37.79
CA ARG F 1405 -39.75 -58.65 -36.97
C ARG F 1405 -39.41 -57.25 -37.47
N ASP F 1406 -39.41 -57.06 -38.79
CA ASP F 1406 -39.29 -55.75 -39.38
C ASP F 1406 -40.50 -55.56 -40.27
N ASN F 1407 -40.80 -54.31 -40.64
CA ASN F 1407 -41.91 -54.03 -41.55
C ASN F 1407 -41.32 -53.36 -42.78
N PRO F 1408 -40.85 -54.13 -43.75
CA PRO F 1408 -40.25 -53.53 -44.95
C PRO F 1408 -41.33 -52.94 -45.85
N THR F 1409 -40.88 -52.15 -46.82
CA THR F 1409 -41.82 -51.46 -47.69
C THR F 1409 -42.40 -52.40 -48.73
N SER F 1410 -41.55 -53.15 -49.43
CA SER F 1410 -42.04 -54.04 -50.48
C SER F 1410 -41.07 -55.21 -50.62
N ILE F 1411 -41.62 -56.43 -50.57
CA ILE F 1411 -40.84 -57.64 -50.74
C ILE F 1411 -41.26 -58.30 -52.05
N ILE F 1412 -40.42 -59.22 -52.51
CA ILE F 1412 -40.72 -60.03 -53.70
C ILE F 1412 -41.06 -61.43 -53.24
N ALA F 1413 -42.20 -61.94 -53.71
CA ALA F 1413 -42.61 -63.32 -53.50
C ALA F 1413 -41.90 -64.25 -54.48
N SER F 1414 -42.45 -65.45 -54.68
CA SER F 1414 -41.94 -66.37 -55.69
C SER F 1414 -41.93 -65.72 -57.07
N GLY F 1415 -43.11 -65.36 -57.58
CA GLY F 1415 -43.16 -64.69 -58.87
C GLY F 1415 -43.09 -63.18 -58.81
N VAL F 1416 -44.03 -62.56 -58.10
CA VAL F 1416 -44.30 -61.14 -58.21
C VAL F 1416 -43.83 -60.44 -56.94
N HIS F 1417 -43.89 -59.12 -56.95
CA HIS F 1417 -43.59 -58.34 -55.76
C HIS F 1417 -44.84 -57.63 -55.26
N TYR F 1418 -45.00 -57.60 -53.95
CA TYR F 1418 -46.12 -56.96 -53.29
C TYR F 1418 -45.69 -55.66 -52.66
N HIS F 1419 -46.57 -54.66 -52.73
CA HIS F 1419 -46.22 -53.34 -52.26
C HIS F 1419 -47.38 -52.75 -51.47
N HIS F 1420 -47.07 -52.09 -50.37
CA HIS F 1420 -48.05 -51.41 -49.53
C HIS F 1420 -47.31 -50.34 -48.76
N PRO F 1421 -47.57 -49.05 -49.02
CA PRO F 1421 -46.64 -48.00 -48.59
C PRO F 1421 -46.61 -47.73 -47.10
N ASP F 1422 -47.67 -48.06 -46.36
CA ASP F 1422 -47.61 -47.96 -44.91
C ASP F 1422 -46.77 -49.07 -44.29
N GLY F 1423 -46.64 -50.18 -45.01
CA GLY F 1423 -45.91 -51.33 -44.51
C GLY F 1423 -46.44 -52.61 -45.11
N VAL F 1424 -45.56 -53.54 -45.44
CA VAL F 1424 -45.99 -54.79 -46.06
C VAL F 1424 -46.57 -55.75 -45.04
N LEU F 1425 -46.45 -55.44 -43.75
CA LEU F 1425 -47.10 -56.24 -42.73
C LEU F 1425 -48.60 -56.11 -42.77
N TYR F 1426 -49.11 -54.98 -43.28
CA TYR F 1426 -50.51 -54.62 -43.09
C TYR F 1426 -51.45 -55.12 -44.16
N LEU F 1427 -50.96 -55.69 -45.26
CA LEU F 1427 -51.92 -56.18 -46.24
C LEU F 1427 -52.24 -57.64 -45.97
N THR F 1428 -53.12 -58.18 -46.83
CA THR F 1428 -54.05 -59.25 -46.48
C THR F 1428 -53.34 -60.55 -46.10
N GLN F 1429 -52.55 -61.09 -47.04
CA GLN F 1429 -51.96 -62.42 -46.86
C GLN F 1429 -50.96 -62.41 -45.72
N PHE F 1430 -50.24 -61.30 -45.57
CA PHE F 1430 -49.18 -61.22 -44.60
C PHE F 1430 -49.74 -61.00 -43.20
N THR F 1431 -50.84 -60.23 -43.09
CA THR F 1431 -51.58 -60.14 -41.83
C THR F 1431 -52.06 -61.50 -41.37
N GLN F 1432 -52.63 -62.29 -42.30
CA GLN F 1432 -53.18 -63.56 -41.89
C GLN F 1432 -52.10 -64.58 -41.51
N VAL F 1433 -50.99 -64.64 -42.26
CA VAL F 1433 -49.96 -65.60 -41.87
C VAL F 1433 -49.24 -65.15 -40.61
N ALA F 1434 -49.16 -63.84 -40.36
CA ALA F 1434 -48.56 -63.36 -39.11
C ALA F 1434 -49.44 -63.70 -37.92
N MET F 1435 -50.75 -63.52 -38.05
CA MET F 1435 -51.67 -63.92 -36.99
C MET F 1435 -51.64 -65.42 -36.76
N ALA F 1436 -51.49 -66.19 -37.83
CA ALA F 1436 -51.42 -67.65 -37.72
C ALA F 1436 -50.20 -68.10 -36.94
N THR F 1437 -49.02 -67.57 -37.29
CA THR F 1437 -47.82 -68.01 -36.59
C THR F 1437 -47.76 -67.47 -35.17
N VAL F 1438 -48.35 -66.29 -34.89
CA VAL F 1438 -48.35 -65.79 -33.53
C VAL F 1438 -49.28 -66.60 -32.64
N ALA F 1439 -50.46 -66.96 -33.14
CA ALA F 1439 -51.38 -67.79 -32.36
C ALA F 1439 -50.82 -69.18 -32.13
N ALA F 1440 -50.16 -69.75 -33.13
CA ALA F 1440 -49.58 -71.08 -32.97
C ALA F 1440 -48.42 -71.07 -31.97
N ALA F 1441 -47.58 -70.03 -32.02
CA ALA F 1441 -46.45 -69.94 -31.10
C ALA F 1441 -46.92 -69.74 -29.67
N GLN F 1442 -47.94 -68.89 -29.49
CA GLN F 1442 -48.44 -68.64 -28.14
C GLN F 1442 -49.11 -69.87 -27.56
N VAL F 1443 -49.88 -70.62 -28.36
CA VAL F 1443 -50.54 -71.78 -27.79
C VAL F 1443 -49.54 -72.91 -27.55
N ALA F 1444 -48.46 -72.99 -28.34
CA ALA F 1444 -47.46 -74.02 -28.07
C ALA F 1444 -46.68 -73.70 -26.80
N GLU F 1445 -46.41 -72.42 -26.54
CA GLU F 1445 -45.76 -72.04 -25.29
C GLU F 1445 -46.66 -72.30 -24.09
N MET F 1446 -47.91 -71.91 -24.17
CA MET F 1446 -48.77 -72.11 -23.00
C MET F 1446 -49.31 -73.53 -22.91
N ARG F 1447 -49.00 -74.42 -23.85
CA ARG F 1447 -49.23 -75.83 -23.59
C ARG F 1447 -47.99 -76.58 -23.15
N GLU F 1448 -46.79 -76.08 -23.46
CA GLU F 1448 -45.63 -76.68 -22.84
C GLU F 1448 -45.40 -76.17 -21.43
N GLN F 1449 -46.02 -75.07 -21.04
CA GLN F 1449 -45.98 -74.66 -19.65
C GLN F 1449 -47.06 -75.29 -18.79
N GLY F 1450 -47.85 -76.20 -19.34
CA GLY F 1450 -48.81 -76.94 -18.54
C GLY F 1450 -50.06 -76.19 -18.15
N ALA F 1451 -50.26 -74.97 -18.65
CA ALA F 1451 -51.45 -74.19 -18.34
C ALA F 1451 -52.47 -74.24 -19.46
N PHE F 1452 -52.55 -75.34 -20.18
CA PHE F 1452 -53.49 -75.51 -21.28
C PHE F 1452 -54.33 -76.75 -21.03
N VAL F 1453 -55.63 -76.55 -20.82
CA VAL F 1453 -56.55 -77.66 -20.59
C VAL F 1453 -56.78 -78.38 -21.91
N GLU F 1454 -57.34 -79.59 -21.84
CA GLU F 1454 -57.36 -80.47 -23.00
C GLU F 1454 -58.68 -80.43 -23.77
N GLY F 1455 -59.78 -80.73 -23.11
CA GLY F 1455 -61.05 -80.85 -23.81
C GLY F 1455 -61.82 -79.56 -23.95
N ALA F 1456 -61.12 -78.43 -23.97
CA ALA F 1456 -61.77 -77.15 -24.14
C ALA F 1456 -62.27 -76.99 -25.56
N ILE F 1457 -63.36 -76.26 -25.70
CA ILE F 1457 -63.99 -76.12 -27.00
C ILE F 1457 -63.30 -75.03 -27.81
N ALA F 1458 -63.57 -74.99 -29.12
CA ALA F 1458 -62.83 -74.15 -30.05
C ALA F 1458 -63.76 -73.10 -30.65
N CYS F 1459 -63.55 -71.83 -30.30
CA CYS F 1459 -64.22 -70.70 -30.91
C CYS F 1459 -63.18 -69.80 -31.56
N GLY F 1460 -63.67 -68.73 -32.16
CA GLY F 1460 -62.78 -67.73 -32.71
C GLY F 1460 -63.51 -66.88 -33.72
N HIS F 1461 -62.87 -65.78 -34.06
CA HIS F 1461 -63.40 -64.95 -35.14
C HIS F 1461 -63.17 -65.67 -36.46
N SER F 1462 -63.89 -65.24 -37.50
CA SER F 1462 -63.99 -66.02 -38.73
C SER F 1462 -62.70 -66.08 -39.55
N VAL F 1463 -61.64 -65.40 -39.13
CA VAL F 1463 -60.40 -65.48 -39.85
C VAL F 1463 -59.37 -66.16 -38.96
N GLY F 1464 -59.56 -66.10 -37.65
CA GLY F 1464 -58.79 -66.89 -36.72
C GLY F 1464 -59.37 -68.25 -36.47
N GLU F 1465 -60.50 -68.53 -37.12
CA GLU F 1465 -61.16 -69.82 -37.03
C GLU F 1465 -60.27 -70.95 -37.54
N TYR F 1466 -59.46 -70.67 -38.56
CA TYR F 1466 -58.53 -71.65 -39.08
C TYR F 1466 -57.49 -72.04 -38.03
N THR F 1467 -56.99 -71.05 -37.30
CA THR F 1467 -56.09 -71.32 -36.19
C THR F 1467 -56.82 -72.00 -35.04
N ALA F 1468 -58.12 -71.77 -34.90
CA ALA F 1468 -58.89 -72.49 -33.89
C ALA F 1468 -59.03 -73.96 -34.24
N LEU F 1469 -59.11 -74.29 -35.52
CA LEU F 1469 -59.06 -75.69 -35.91
C LEU F 1469 -57.68 -76.27 -35.65
N ALA F 1470 -56.64 -75.55 -36.07
CA ALA F 1470 -55.31 -76.16 -36.08
C ALA F 1470 -54.69 -76.28 -34.69
N CYS F 1471 -54.93 -75.30 -33.82
CA CYS F 1471 -54.17 -75.25 -32.58
C CYS F 1471 -54.75 -76.18 -31.52
N VAL F 1472 -55.98 -75.94 -31.09
CA VAL F 1472 -56.51 -76.58 -29.89
C VAL F 1472 -57.17 -77.92 -30.19
N THR F 1473 -57.30 -78.30 -31.46
CA THR F 1473 -57.82 -79.62 -31.78
C THR F 1473 -56.83 -80.50 -32.52
N GLY F 1474 -55.97 -79.92 -33.35
CA GLY F 1474 -55.01 -80.72 -34.08
C GLY F 1474 -55.61 -81.57 -35.17
N ILE F 1475 -56.71 -81.12 -35.77
CA ILE F 1475 -57.31 -81.85 -36.89
C ILE F 1475 -56.42 -81.75 -38.14
N TYR F 1476 -55.61 -80.70 -38.25
CA TYR F 1476 -54.52 -80.65 -39.21
C TYR F 1476 -53.36 -79.90 -38.57
N GLN F 1477 -52.34 -79.60 -39.35
CA GLN F 1477 -51.10 -79.05 -38.81
C GLN F 1477 -50.81 -77.70 -39.42
N LEU F 1478 -49.75 -77.07 -38.90
CA LEU F 1478 -49.55 -75.66 -39.19
C LEU F 1478 -48.98 -75.41 -40.58
N GLU F 1479 -48.33 -76.41 -41.20
CA GLU F 1479 -47.86 -76.21 -42.57
C GLU F 1479 -49.03 -76.08 -43.54
N ALA F 1480 -49.98 -77.02 -43.46
CA ALA F 1480 -51.20 -76.92 -44.26
C ALA F 1480 -52.05 -75.74 -43.83
N LEU F 1481 -51.97 -75.34 -42.55
CA LEU F 1481 -52.68 -74.15 -42.08
C LEU F 1481 -52.16 -72.89 -42.77
N LEU F 1482 -50.84 -72.68 -42.73
CA LEU F 1482 -50.24 -71.50 -43.37
C LEU F 1482 -50.43 -71.50 -44.87
N GLU F 1483 -50.39 -72.69 -45.50
CA GLU F 1483 -50.63 -72.77 -46.93
C GLU F 1483 -52.07 -72.37 -47.28
N MET F 1484 -53.04 -72.92 -46.53
CA MET F 1484 -54.45 -72.61 -46.73
C MET F 1484 -54.74 -71.14 -46.49
N VAL F 1485 -54.10 -70.57 -45.47
CA VAL F 1485 -54.26 -69.16 -45.15
C VAL F 1485 -53.72 -68.26 -46.25
N PHE F 1486 -52.54 -68.59 -46.79
CA PHE F 1486 -52.00 -67.75 -47.86
C PHE F 1486 -52.81 -67.87 -49.14
N HIS F 1487 -53.34 -69.07 -49.43
CA HIS F 1487 -54.17 -69.22 -50.62
C HIS F 1487 -55.49 -68.48 -50.48
N ARG F 1488 -56.09 -68.49 -49.28
CA ARG F 1488 -57.36 -67.77 -49.15
C ARG F 1488 -57.15 -66.26 -49.15
N GLY F 1489 -55.98 -65.79 -48.70
CA GLY F 1489 -55.69 -64.36 -48.83
C GLY F 1489 -55.50 -63.95 -50.26
N SER F 1490 -54.67 -64.70 -51.00
CA SER F 1490 -54.41 -64.37 -52.40
C SER F 1490 -55.63 -64.59 -53.29
N LYS F 1491 -56.57 -65.44 -52.88
CA LYS F 1491 -57.79 -65.65 -53.62
C LYS F 1491 -58.90 -64.67 -53.24
N MET F 1492 -58.86 -64.16 -52.00
CA MET F 1492 -59.75 -63.06 -51.64
C MET F 1492 -59.36 -61.79 -52.37
N HIS F 1493 -58.05 -61.57 -52.58
CA HIS F 1493 -57.57 -60.32 -53.15
C HIS F 1493 -58.01 -60.09 -54.60
N ASP F 1494 -58.38 -61.14 -55.34
CA ASP F 1494 -58.60 -60.99 -56.78
C ASP F 1494 -59.99 -61.51 -57.19
N ILE F 1495 -61.03 -61.08 -56.48
CA ILE F 1495 -62.38 -61.48 -56.88
C ILE F 1495 -63.32 -60.26 -56.93
N VAL F 1496 -62.77 -59.06 -56.85
CA VAL F 1496 -63.55 -57.83 -56.92
C VAL F 1496 -62.99 -56.97 -58.03
N PRO F 1497 -63.80 -56.56 -59.02
CA PRO F 1497 -63.32 -55.57 -60.00
C PRO F 1497 -63.19 -54.19 -59.37
N ARG F 1498 -61.96 -53.78 -59.14
CA ARG F 1498 -61.65 -52.53 -58.46
C ARG F 1498 -61.07 -51.53 -59.44
N ASP F 1499 -60.82 -50.33 -58.95
CA ASP F 1499 -60.13 -49.32 -59.74
C ASP F 1499 -58.66 -49.71 -59.88
N GLU F 1500 -58.05 -49.27 -60.98
CA GLU F 1500 -56.65 -49.54 -61.25
C GLU F 1500 -55.71 -48.72 -60.38
N LEU F 1501 -56.22 -47.71 -59.67
CA LEU F 1501 -55.44 -46.98 -58.68
C LEU F 1501 -55.68 -47.49 -57.27
N GLY F 1502 -56.18 -48.72 -57.14
CA GLY F 1502 -56.36 -49.37 -55.86
C GLY F 1502 -57.71 -49.16 -55.21
N ARG F 1503 -58.47 -48.14 -55.63
CA ARG F 1503 -59.74 -47.83 -54.99
C ARG F 1503 -60.82 -48.83 -55.41
N SER F 1504 -61.97 -48.72 -54.75
CA SER F 1504 -63.12 -49.55 -55.06
C SER F 1504 -64.38 -48.75 -54.77
N ASN F 1505 -65.52 -49.41 -54.94
CA ASN F 1505 -66.82 -48.86 -54.57
C ASN F 1505 -67.40 -49.63 -53.38
N TYR F 1506 -66.55 -49.96 -52.41
CA TYR F 1506 -66.97 -50.79 -51.28
C TYR F 1506 -66.16 -50.41 -50.05
N ARG F 1507 -66.84 -49.87 -49.04
CA ARG F 1507 -66.26 -49.68 -47.71
C ARG F 1507 -67.21 -50.27 -46.69
N LEU F 1508 -66.76 -50.36 -45.45
CA LEU F 1508 -67.62 -50.81 -44.36
C LEU F 1508 -67.44 -49.88 -43.16
N ALA F 1509 -68.30 -50.07 -42.16
CA ALA F 1509 -68.32 -49.14 -41.05
C ALA F 1509 -68.90 -49.79 -39.82
N ALA F 1510 -68.34 -49.43 -38.67
CA ALA F 1510 -68.88 -49.78 -37.38
C ALA F 1510 -70.00 -48.81 -37.03
N ILE F 1511 -71.20 -49.34 -36.90
CA ILE F 1511 -72.36 -48.56 -36.51
C ILE F 1511 -72.68 -48.90 -35.06
N ARG F 1512 -73.20 -47.91 -34.34
CA ARG F 1512 -73.45 -48.04 -32.89
C ARG F 1512 -74.89 -47.69 -32.62
N PRO F 1513 -75.78 -48.67 -32.56
CA PRO F 1513 -77.16 -48.39 -32.13
C PRO F 1513 -77.26 -48.06 -30.66
N SER F 1514 -76.77 -46.89 -30.26
CA SER F 1514 -76.79 -46.44 -28.88
C SER F 1514 -77.63 -45.17 -28.80
N GLN F 1515 -78.70 -45.23 -27.99
CA GLN F 1515 -79.71 -44.19 -27.76
C GLN F 1515 -80.49 -43.82 -29.01
N ILE F 1516 -80.34 -44.55 -30.12
CA ILE F 1516 -81.08 -44.28 -31.34
C ILE F 1516 -82.18 -45.29 -31.56
N ASP F 1517 -82.44 -46.14 -30.55
CA ASP F 1517 -83.59 -47.06 -30.47
C ASP F 1517 -83.59 -48.09 -31.60
N LEU F 1518 -82.54 -48.90 -31.61
CA LEU F 1518 -82.45 -50.06 -32.47
C LEU F 1518 -82.10 -51.29 -31.64
N ASP F 1519 -82.55 -52.46 -32.10
CA ASP F 1519 -82.21 -53.71 -31.44
C ASP F 1519 -82.19 -54.81 -32.49
N ASP F 1520 -82.24 -56.07 -32.03
CA ASP F 1520 -82.14 -57.22 -32.92
C ASP F 1520 -83.34 -57.32 -33.85
N ALA F 1521 -84.52 -56.90 -33.38
CA ALA F 1521 -85.71 -56.96 -34.22
C ALA F 1521 -85.84 -55.76 -35.14
N ASP F 1522 -84.96 -54.77 -35.01
CA ASP F 1522 -85.11 -53.53 -35.76
C ASP F 1522 -83.97 -53.26 -36.74
N VAL F 1523 -82.75 -53.69 -36.42
CA VAL F 1523 -81.58 -53.41 -37.25
C VAL F 1523 -81.62 -54.03 -38.65
N PRO F 1524 -81.93 -55.33 -38.88
CA PRO F 1524 -81.95 -55.81 -40.28
C PRO F 1524 -83.06 -55.20 -41.12
N ALA F 1525 -84.21 -54.89 -40.52
CA ALA F 1525 -85.25 -54.16 -41.23
C ALA F 1525 -84.80 -52.73 -41.55
N PHE F 1526 -84.04 -52.13 -40.64
CA PHE F 1526 -83.48 -50.79 -40.87
C PHE F 1526 -82.50 -50.79 -42.03
N VAL F 1527 -81.63 -51.79 -42.09
CA VAL F 1527 -80.64 -51.90 -43.16
C VAL F 1527 -81.33 -52.19 -44.49
N ALA F 1528 -82.34 -53.06 -44.49
CA ALA F 1528 -83.08 -53.33 -45.72
C ALA F 1528 -83.87 -52.12 -46.19
N GLY F 1529 -84.40 -51.32 -45.25
CA GLY F 1529 -85.13 -50.13 -45.63
C GLY F 1529 -84.24 -49.05 -46.22
N ILE F 1530 -83.08 -48.82 -45.62
CA ILE F 1530 -82.17 -47.85 -46.21
C ILE F 1530 -81.53 -48.38 -47.49
N ALA F 1531 -81.46 -49.71 -47.64
CA ALA F 1531 -80.97 -50.29 -48.89
C ALA F 1531 -81.99 -50.08 -50.01
N GLU F 1532 -83.28 -50.22 -49.70
CA GLU F 1532 -84.30 -49.93 -50.70
C GLU F 1532 -84.42 -48.43 -50.98
N SER F 1533 -84.12 -47.59 -49.98
CA SER F 1533 -84.18 -46.15 -50.18
C SER F 1533 -83.02 -45.67 -51.05
N THR F 1534 -81.83 -46.24 -50.87
CA THR F 1534 -80.68 -45.78 -51.64
C THR F 1534 -80.63 -46.47 -53.01
N GLY F 1535 -81.01 -47.74 -53.07
CA GLY F 1535 -80.86 -48.53 -54.28
C GLY F 1535 -79.56 -49.28 -54.38
N GLU F 1536 -78.96 -49.63 -53.24
CA GLU F 1536 -77.63 -50.22 -53.20
C GLU F 1536 -77.67 -51.51 -52.40
N PHE F 1537 -76.52 -52.17 -52.31
CA PHE F 1537 -76.36 -53.37 -51.48
C PHE F 1537 -75.77 -52.96 -50.15
N LEU F 1538 -76.52 -53.15 -49.08
CA LEU F 1538 -76.05 -52.89 -47.72
C LEU F 1538 -76.30 -54.13 -46.89
N GLU F 1539 -75.26 -54.59 -46.18
CA GLU F 1539 -75.36 -55.86 -45.46
C GLU F 1539 -74.77 -55.72 -44.08
N ILE F 1540 -75.32 -56.50 -43.15
CA ILE F 1540 -74.61 -56.81 -41.91
C ILE F 1540 -73.48 -57.77 -42.22
N VAL F 1541 -72.35 -57.60 -41.54
CA VAL F 1541 -71.28 -58.57 -41.74
C VAL F 1541 -70.84 -59.18 -40.41
N ASN F 1542 -70.70 -58.36 -39.38
CA ASN F 1542 -70.18 -58.83 -38.09
C ASN F 1542 -71.15 -58.45 -36.99
N PHE F 1543 -71.86 -59.45 -36.46
CA PHE F 1543 -72.64 -59.28 -35.25
C PHE F 1543 -71.68 -59.30 -34.07
N ASN F 1544 -71.09 -58.14 -33.79
CA ASN F 1544 -70.02 -58.10 -32.79
C ASN F 1544 -70.57 -58.09 -31.37
N LEU F 1545 -71.31 -57.05 -31.01
CA LEU F 1545 -71.84 -56.88 -29.66
C LEU F 1545 -73.34 -56.68 -29.74
N ARG F 1546 -74.04 -57.21 -28.72
CA ARG F 1546 -75.50 -57.12 -28.67
C ARG F 1546 -75.99 -55.68 -28.63
N GLY F 1547 -75.32 -54.83 -27.87
CA GLY F 1547 -75.84 -53.49 -27.69
C GLY F 1547 -75.37 -52.45 -28.67
N SER F 1548 -74.06 -52.26 -28.79
CA SER F 1548 -73.56 -51.01 -29.36
C SER F 1548 -72.39 -51.21 -30.31
N GLN F 1549 -72.34 -52.31 -31.05
CA GLN F 1549 -71.25 -52.54 -31.99
C GLN F 1549 -71.74 -53.49 -33.08
N TYR F 1550 -72.12 -52.93 -34.24
CA TYR F 1550 -72.44 -53.71 -35.41
C TYR F 1550 -71.54 -53.27 -36.55
N ALA F 1551 -71.46 -54.10 -37.59
CA ALA F 1551 -70.61 -53.81 -38.73
C ALA F 1551 -71.42 -53.92 -40.01
N ILE F 1552 -71.43 -52.85 -40.79
CA ILE F 1552 -72.23 -52.75 -42.01
C ILE F 1552 -71.29 -52.56 -43.19
N ALA F 1553 -71.41 -53.44 -44.17
CA ALA F 1553 -70.60 -53.38 -45.38
C ALA F 1553 -71.49 -53.09 -46.59
N GLY F 1554 -71.06 -52.17 -47.43
CA GLY F 1554 -71.83 -51.84 -48.62
C GLY F 1554 -71.08 -50.93 -49.55
N THR F 1555 -71.81 -50.34 -50.48
CA THR F 1555 -71.25 -49.38 -51.41
C THR F 1555 -71.24 -47.98 -50.79
N VAL F 1556 -70.47 -47.09 -51.42
CA VAL F 1556 -70.14 -45.80 -50.80
C VAL F 1556 -71.37 -44.90 -50.70
N ARG F 1557 -72.29 -45.00 -51.67
CA ARG F 1557 -73.50 -44.19 -51.63
C ARG F 1557 -74.41 -44.59 -50.48
N GLY F 1558 -74.58 -45.90 -50.29
CA GLY F 1558 -75.29 -46.37 -49.12
C GLY F 1558 -74.58 -46.04 -47.83
N LEU F 1559 -73.24 -45.94 -47.87
CA LEU F 1559 -72.51 -45.53 -46.68
C LEU F 1559 -72.80 -44.08 -46.31
N GLU F 1560 -72.87 -43.18 -47.30
CA GLU F 1560 -73.20 -41.80 -46.91
C GLU F 1560 -74.67 -41.67 -46.52
N ALA F 1561 -75.55 -42.51 -47.07
CA ALA F 1561 -76.94 -42.52 -46.60
C ALA F 1561 -77.05 -43.00 -45.15
N LEU F 1562 -76.28 -44.04 -44.81
CA LEU F 1562 -76.20 -44.53 -43.43
C LEU F 1562 -75.72 -43.44 -42.48
N GLU F 1563 -74.61 -42.78 -42.83
CA GLU F 1563 -74.11 -41.75 -41.92
C GLU F 1563 -75.02 -40.52 -41.88
N ALA F 1564 -75.79 -40.25 -42.94
CA ALA F 1564 -76.76 -39.18 -42.90
C ALA F 1564 -77.85 -39.45 -41.87
N GLU F 1565 -78.45 -40.65 -41.92
CA GLU F 1565 -79.51 -40.99 -40.97
C GLU F 1565 -78.95 -41.13 -39.55
N VAL F 1566 -77.73 -41.66 -39.41
CA VAL F 1566 -77.14 -41.82 -38.09
C VAL F 1566 -76.79 -40.48 -37.47
N GLU F 1567 -76.26 -39.54 -38.26
CA GLU F 1567 -75.92 -38.23 -37.71
C GLU F 1567 -77.17 -37.41 -37.40
N ARG F 1568 -78.25 -37.57 -38.18
CA ARG F 1568 -79.46 -36.81 -37.81
C ARG F 1568 -80.14 -37.41 -36.58
N ARG F 1569 -80.11 -38.73 -36.41
CA ARG F 1569 -80.63 -39.28 -35.15
C ARG F 1569 -79.69 -38.98 -33.98
N ARG F 1570 -78.39 -38.79 -34.27
CA ARG F 1570 -77.43 -38.40 -33.25
C ARG F 1570 -77.72 -36.99 -32.75
N GLU F 1571 -77.94 -36.05 -33.67
CA GLU F 1571 -78.28 -34.70 -33.23
C GLU F 1571 -79.70 -34.61 -32.66
N LEU F 1572 -80.55 -35.60 -32.94
CA LEU F 1572 -81.79 -35.72 -32.17
C LEU F 1572 -81.50 -36.09 -30.73
N THR F 1573 -80.89 -37.27 -30.50
CA THR F 1573 -80.92 -37.87 -29.17
C THR F 1573 -79.71 -37.52 -28.30
N GLY F 1574 -78.69 -36.87 -28.85
CA GLY F 1574 -77.49 -36.60 -28.08
C GLY F 1574 -76.23 -37.17 -28.70
N GLY F 1575 -75.09 -36.55 -28.41
CA GLY F 1575 -73.83 -36.95 -29.01
C GLY F 1575 -73.31 -38.30 -28.55
N ARG F 1576 -73.06 -39.19 -29.51
CA ARG F 1576 -72.61 -40.53 -29.19
C ARG F 1576 -71.46 -41.01 -30.09
N ARG F 1577 -71.22 -40.34 -31.23
CA ARG F 1577 -70.31 -40.79 -32.29
C ARG F 1577 -70.67 -42.21 -32.73
N SER F 1578 -71.89 -42.35 -33.23
CA SER F 1578 -72.48 -43.64 -33.52
C SER F 1578 -72.07 -44.20 -34.87
N PHE F 1579 -71.16 -43.55 -35.60
CA PHE F 1579 -70.76 -44.01 -36.91
C PHE F 1579 -69.26 -43.82 -37.06
N ILE F 1580 -68.53 -44.91 -37.29
CA ILE F 1580 -67.09 -44.86 -37.56
C ILE F 1580 -66.81 -45.71 -38.78
N LEU F 1581 -66.35 -45.09 -39.86
CA LEU F 1581 -65.98 -45.84 -41.05
C LEU F 1581 -64.71 -46.64 -40.77
N VAL F 1582 -64.54 -47.74 -41.47
CA VAL F 1582 -63.50 -48.74 -41.22
C VAL F 1582 -62.13 -48.13 -41.49
N PRO F 1583 -61.08 -48.52 -40.76
CA PRO F 1583 -59.72 -48.10 -41.13
C PRO F 1583 -59.17 -48.89 -42.30
N GLY F 1584 -59.10 -48.25 -43.46
CA GLY F 1584 -58.29 -48.74 -44.54
C GLY F 1584 -58.88 -49.79 -45.48
N ILE F 1585 -59.49 -50.83 -44.93
CA ILE F 1585 -59.79 -52.01 -45.72
C ILE F 1585 -61.03 -51.76 -46.58
N ASP F 1586 -61.10 -52.43 -47.74
CA ASP F 1586 -62.03 -52.00 -48.77
C ASP F 1586 -62.68 -53.15 -49.54
N VAL F 1587 -62.95 -54.29 -48.91
CA VAL F 1587 -63.57 -55.43 -49.55
C VAL F 1587 -64.81 -55.79 -48.75
N PRO F 1588 -65.97 -55.99 -49.38
CA PRO F 1588 -67.17 -56.34 -48.61
C PRO F 1588 -67.17 -57.80 -48.16
N PHE F 1589 -66.55 -58.07 -47.02
CA PHE F 1589 -66.39 -59.43 -46.53
C PHE F 1589 -67.72 -60.07 -46.18
N HIS F 1590 -67.75 -61.40 -46.33
CA HIS F 1590 -68.81 -62.28 -45.83
C HIS F 1590 -70.17 -61.95 -46.45
N SER F 1591 -70.17 -61.41 -47.65
CA SER F 1591 -71.40 -60.99 -48.33
C SER F 1591 -71.67 -61.89 -49.52
N ARG F 1592 -72.73 -61.56 -50.25
CA ARG F 1592 -73.18 -62.40 -51.35
C ARG F 1592 -72.28 -62.29 -52.58
N VAL F 1593 -71.46 -61.24 -52.67
CA VAL F 1593 -70.71 -60.97 -53.89
C VAL F 1593 -69.40 -61.74 -53.93
N LEU F 1594 -69.21 -62.69 -53.02
CA LEU F 1594 -67.99 -63.48 -52.95
C LEU F 1594 -68.24 -64.95 -53.25
N ARG F 1595 -69.14 -65.26 -54.19
CA ARG F 1595 -69.62 -66.63 -54.34
C ARG F 1595 -69.10 -67.32 -55.60
N VAL F 1596 -67.86 -67.04 -55.99
CA VAL F 1596 -67.12 -67.84 -56.95
C VAL F 1596 -65.81 -68.34 -56.36
N GLY F 1597 -65.12 -67.46 -55.64
CA GLY F 1597 -63.96 -67.83 -54.85
C GLY F 1597 -64.24 -68.87 -53.79
N VAL F 1598 -65.49 -69.03 -53.36
CA VAL F 1598 -65.82 -70.10 -52.44
C VAL F 1598 -65.71 -71.47 -53.12
N ALA F 1599 -66.08 -71.56 -54.41
CA ALA F 1599 -65.94 -72.83 -55.11
C ALA F 1599 -64.48 -73.11 -55.45
N GLU F 1600 -63.75 -72.07 -55.87
CA GLU F 1600 -62.33 -72.26 -56.13
C GLU F 1600 -61.56 -72.56 -54.83
N PHE F 1601 -62.00 -71.97 -53.73
CA PHE F 1601 -61.41 -72.24 -52.42
C PHE F 1601 -61.80 -73.62 -51.92
N ARG F 1602 -62.97 -74.13 -52.31
CA ARG F 1602 -63.30 -75.52 -52.03
C ARG F 1602 -62.36 -76.47 -52.74
N ARG F 1603 -62.01 -76.14 -53.99
CA ARG F 1603 -61.06 -76.96 -54.74
C ARG F 1603 -59.68 -76.92 -54.08
N SER F 1604 -59.22 -75.74 -53.68
CA SER F 1604 -57.93 -75.64 -53.00
C SER F 1604 -57.97 -76.29 -51.62
N LEU F 1605 -59.12 -76.27 -50.96
CA LEU F 1605 -59.26 -76.90 -49.66
C LEU F 1605 -59.20 -78.42 -49.77
N ASP F 1606 -59.83 -78.98 -50.80
CA ASP F 1606 -59.71 -80.41 -51.06
C ASP F 1606 -58.30 -80.78 -51.48
N ARG F 1607 -57.57 -79.85 -52.11
CA ARG F 1607 -56.17 -80.08 -52.39
C ARG F 1607 -55.36 -80.14 -51.09
N VAL F 1608 -55.61 -79.21 -50.17
CA VAL F 1608 -54.71 -79.03 -49.03
C VAL F 1608 -55.00 -80.03 -47.91
N MET F 1609 -56.25 -80.14 -47.50
CA MET F 1609 -56.58 -80.81 -46.24
C MET F 1609 -56.41 -82.33 -46.40
N PRO F 1610 -55.86 -83.02 -45.40
CA PRO F 1610 -55.59 -84.46 -45.55
C PRO F 1610 -56.87 -85.30 -45.60
N ARG F 1611 -56.65 -86.58 -45.97
CA ARG F 1611 -57.75 -87.49 -46.29
C ARG F 1611 -58.52 -87.91 -45.03
N ASP F 1612 -57.84 -88.63 -44.14
CA ASP F 1612 -58.51 -89.24 -43.00
C ASP F 1612 -58.73 -88.21 -41.90
N ALA F 1613 -59.98 -88.02 -41.51
CA ALA F 1613 -60.34 -87.08 -40.46
C ALA F 1613 -60.85 -87.85 -39.25
N ASP F 1614 -60.56 -87.31 -38.07
CA ASP F 1614 -61.09 -87.86 -36.84
C ASP F 1614 -62.23 -86.96 -36.40
N PRO F 1615 -63.49 -87.37 -36.56
CA PRO F 1615 -64.60 -86.47 -36.24
C PRO F 1615 -64.74 -86.18 -34.75
N ASP F 1616 -64.33 -87.11 -33.90
CA ASP F 1616 -64.41 -86.90 -32.46
C ASP F 1616 -63.43 -85.84 -31.96
N LEU F 1617 -62.47 -85.43 -32.77
CA LEU F 1617 -61.60 -84.32 -32.41
C LEU F 1617 -62.29 -82.96 -32.56
N ILE F 1618 -63.48 -82.90 -33.15
CA ILE F 1618 -64.19 -81.62 -33.30
C ILE F 1618 -65.64 -81.73 -32.87
N ILE F 1619 -66.17 -82.94 -32.72
CA ILE F 1619 -67.55 -83.11 -32.28
C ILE F 1619 -67.64 -82.71 -30.80
N GLY F 1620 -68.54 -81.78 -30.50
CA GLY F 1620 -68.66 -81.26 -29.16
C GLY F 1620 -67.54 -80.34 -28.74
N ARG F 1621 -66.75 -79.86 -29.70
CA ARG F 1621 -65.60 -79.03 -29.40
C ARG F 1621 -65.49 -77.84 -30.34
N TYR F 1622 -66.25 -77.79 -31.42
CA TYR F 1622 -66.08 -76.77 -32.44
C TYR F 1622 -67.33 -75.91 -32.59
N ILE F 1623 -67.12 -74.61 -32.65
CA ILE F 1623 -68.16 -73.62 -32.91
C ILE F 1623 -67.79 -72.87 -34.19
N PRO F 1624 -68.50 -73.08 -35.28
CA PRO F 1624 -68.26 -72.26 -36.47
C PRO F 1624 -68.93 -70.91 -36.38
N ASN F 1625 -68.86 -70.12 -37.45
CA ASN F 1625 -69.36 -68.75 -37.41
C ASN F 1625 -70.59 -68.54 -38.28
N LEU F 1626 -70.80 -69.33 -39.32
CA LEU F 1626 -72.02 -69.19 -40.11
C LEU F 1626 -73.22 -69.78 -39.37
N VAL F 1627 -73.01 -70.86 -38.63
CA VAL F 1627 -73.99 -71.40 -37.71
C VAL F 1627 -73.36 -71.40 -36.31
N PRO F 1628 -73.98 -70.79 -35.33
CA PRO F 1628 -73.32 -70.63 -34.02
C PRO F 1628 -73.49 -71.81 -33.08
N ARG F 1629 -73.93 -72.95 -33.59
CA ARG F 1629 -74.18 -74.11 -32.75
C ARG F 1629 -72.99 -75.07 -32.82
N LEU F 1630 -72.91 -75.99 -31.86
CA LEU F 1630 -71.86 -77.00 -31.81
C LEU F 1630 -71.85 -77.86 -33.06
N PHE F 1631 -70.67 -78.22 -33.52
CA PHE F 1631 -70.52 -79.14 -34.64
C PHE F 1631 -70.97 -80.52 -34.21
N THR F 1632 -72.14 -80.94 -34.68
CA THR F 1632 -72.70 -82.22 -34.29
C THR F 1632 -73.26 -82.89 -35.55
N LEU F 1633 -73.03 -84.20 -35.66
CA LEU F 1633 -73.52 -84.96 -36.80
C LEU F 1633 -75.03 -85.09 -36.68
N ASP F 1634 -75.76 -84.14 -37.23
CA ASP F 1634 -77.22 -84.09 -37.10
C ASP F 1634 -77.86 -83.80 -38.44
N ARG F 1635 -79.01 -84.44 -38.67
CA ARG F 1635 -79.84 -84.10 -39.83
C ARG F 1635 -80.32 -82.66 -39.74
N ASP F 1636 -80.63 -82.19 -38.54
CA ASP F 1636 -81.00 -80.78 -38.35
C ASP F 1636 -79.83 -79.85 -38.63
N PHE F 1637 -78.61 -80.27 -38.31
CA PHE F 1637 -77.44 -79.43 -38.54
C PHE F 1637 -77.14 -79.31 -40.03
N ILE F 1638 -77.15 -80.44 -40.74
CA ILE F 1638 -76.87 -80.38 -42.17
C ILE F 1638 -78.03 -79.72 -42.91
N GLN F 1639 -79.27 -79.87 -42.44
CA GLN F 1639 -80.39 -79.17 -43.05
C GLN F 1639 -80.31 -77.68 -42.80
N GLU F 1640 -79.81 -77.29 -41.62
CA GLU F 1640 -79.73 -75.87 -41.30
C GLU F 1640 -78.66 -75.18 -42.14
N ILE F 1641 -77.50 -75.82 -42.32
CA ILE F 1641 -76.52 -75.20 -43.22
C ILE F 1641 -76.99 -75.27 -44.66
N ARG F 1642 -77.78 -76.30 -45.01
CA ARG F 1642 -78.25 -76.45 -46.38
C ARG F 1642 -79.28 -75.39 -46.76
N ASP F 1643 -80.22 -75.08 -45.87
CA ASP F 1643 -81.17 -74.03 -46.21
C ASP F 1643 -80.70 -72.64 -45.80
N LEU F 1644 -79.59 -72.53 -45.07
CA LEU F 1644 -78.99 -71.22 -44.90
C LEU F 1644 -78.20 -70.84 -46.15
N VAL F 1645 -77.35 -71.73 -46.64
CA VAL F 1645 -76.62 -71.50 -47.87
C VAL F 1645 -76.76 -72.74 -48.75
N PRO F 1646 -77.14 -72.60 -50.02
CA PRO F 1646 -77.25 -73.78 -50.91
C PRO F 1646 -75.89 -74.43 -51.14
N ALA F 1647 -75.83 -75.72 -50.81
CA ALA F 1647 -74.58 -76.49 -50.81
C ALA F 1647 -74.76 -77.69 -51.74
N GLU F 1648 -74.28 -77.56 -52.96
CA GLU F 1648 -74.49 -78.55 -54.00
C GLU F 1648 -73.90 -79.96 -53.81
N PRO F 1649 -72.83 -80.23 -53.04
CA PRO F 1649 -72.52 -81.64 -52.77
C PRO F 1649 -73.14 -82.19 -51.49
N LEU F 1650 -73.87 -81.36 -50.75
CA LEU F 1650 -74.45 -81.77 -49.48
C LEU F 1650 -75.84 -82.36 -49.64
N ASP F 1651 -76.47 -82.18 -50.80
CA ASP F 1651 -77.83 -82.66 -51.03
C ASP F 1651 -77.92 -84.19 -51.01
N GLU F 1652 -76.85 -84.89 -51.39
CA GLU F 1652 -76.86 -86.34 -51.30
C GLU F 1652 -76.83 -86.81 -49.85
N ILE F 1653 -76.21 -86.04 -48.97
CA ILE F 1653 -76.22 -86.37 -47.54
C ILE F 1653 -77.57 -85.96 -46.93
N LEU F 1654 -78.13 -84.86 -47.42
CA LEU F 1654 -79.47 -84.42 -47.03
C LEU F 1654 -80.52 -85.44 -47.42
N ALA F 1655 -80.28 -86.18 -48.52
CA ALA F 1655 -81.17 -87.27 -48.91
C ALA F 1655 -81.14 -88.39 -47.87
N ASP F 1656 -79.98 -89.03 -47.69
CA ASP F 1656 -79.88 -90.16 -46.78
C ASP F 1656 -78.61 -90.07 -45.96
N TYR F 1657 -78.73 -90.45 -44.67
CA TYR F 1657 -77.59 -90.50 -43.78
C TYR F 1657 -77.59 -91.72 -42.87
N ASP F 1658 -78.71 -92.45 -42.75
CA ASP F 1658 -78.79 -93.57 -41.82
C ASP F 1658 -77.93 -94.73 -42.29
N THR F 1659 -78.00 -95.06 -43.58
CA THR F 1659 -77.05 -96.01 -44.14
C THR F 1659 -75.66 -95.40 -44.24
N TRP F 1660 -75.58 -94.07 -44.33
CA TRP F 1660 -74.28 -93.42 -44.47
C TRP F 1660 -73.59 -93.17 -43.14
N LEU F 1661 -74.36 -93.06 -42.05
CA LEU F 1661 -73.74 -93.17 -40.73
C LEU F 1661 -73.17 -94.57 -40.53
N ARG F 1662 -73.84 -95.58 -41.08
CA ARG F 1662 -73.31 -96.93 -41.06
C ARG F 1662 -72.09 -97.06 -41.98
N GLU F 1663 -72.09 -96.33 -43.09
CA GLU F 1663 -71.06 -96.51 -44.12
C GLU F 1663 -69.93 -95.51 -44.04
N ARG F 1664 -70.23 -94.21 -44.06
CA ARG F 1664 -69.21 -93.18 -44.27
C ARG F 1664 -69.19 -92.13 -43.15
N PRO F 1665 -68.80 -92.52 -41.91
CA PRO F 1665 -68.76 -91.50 -40.83
C PRO F 1665 -67.66 -90.46 -41.02
N ARG F 1666 -66.42 -90.91 -41.25
CA ARG F 1666 -65.31 -90.00 -41.46
C ARG F 1666 -65.46 -89.21 -42.74
N GLU F 1667 -65.91 -89.88 -43.81
CA GLU F 1667 -66.10 -89.24 -45.10
C GLU F 1667 -67.19 -88.18 -45.03
N MET F 1668 -68.32 -88.51 -44.39
CA MET F 1668 -69.44 -87.57 -44.32
C MET F 1668 -69.12 -86.38 -43.42
N ALA F 1669 -68.44 -86.64 -42.30
CA ALA F 1669 -67.99 -85.55 -41.44
C ALA F 1669 -66.96 -84.68 -42.15
N ARG F 1670 -66.11 -85.29 -42.98
CA ARG F 1670 -65.13 -84.55 -43.75
C ARG F 1670 -65.79 -83.63 -44.77
N THR F 1671 -66.82 -84.15 -45.47
CA THR F 1671 -67.51 -83.36 -46.48
C THR F 1671 -68.28 -82.20 -45.85
N VAL F 1672 -68.97 -82.45 -44.74
CA VAL F 1672 -69.71 -81.36 -44.13
C VAL F 1672 -68.75 -80.37 -43.47
N PHE F 1673 -67.56 -80.84 -43.07
CA PHE F 1673 -66.56 -79.96 -42.50
C PHE F 1673 -65.96 -79.04 -43.55
N ILE F 1674 -65.61 -79.58 -44.72
CA ILE F 1674 -65.03 -78.73 -45.75
C ILE F 1674 -66.09 -77.81 -46.34
N GLU F 1675 -67.35 -78.24 -46.36
CA GLU F 1675 -68.41 -77.38 -46.86
C GLU F 1675 -68.65 -76.20 -45.92
N LEU F 1676 -68.83 -76.48 -44.63
CA LEU F 1676 -69.03 -75.44 -43.63
C LEU F 1676 -67.79 -74.59 -43.43
N LEU F 1677 -66.61 -75.10 -43.73
CA LEU F 1677 -65.40 -74.30 -43.64
C LEU F 1677 -65.21 -73.44 -44.88
N ALA F 1678 -65.75 -73.86 -46.02
CA ALA F 1678 -65.63 -73.05 -47.23
C ALA F 1678 -66.66 -71.93 -47.26
N TRP F 1679 -67.88 -72.17 -46.76
CA TRP F 1679 -68.91 -71.15 -46.94
C TRP F 1679 -68.79 -69.95 -46.01
N GLN F 1680 -67.98 -70.02 -44.96
CA GLN F 1680 -67.83 -68.88 -44.07
C GLN F 1680 -67.00 -67.76 -44.68
N PHE F 1681 -66.35 -68.02 -45.82
CA PHE F 1681 -65.68 -66.98 -46.58
C PHE F 1681 -66.67 -65.96 -47.12
N ALA F 1682 -67.92 -66.36 -47.35
CA ALA F 1682 -68.94 -65.47 -47.87
C ALA F 1682 -70.19 -65.41 -47.00
N SER F 1683 -70.22 -66.11 -45.88
CA SER F 1683 -71.40 -65.96 -45.04
C SER F 1683 -71.08 -65.09 -43.83
N PRO F 1684 -72.04 -64.28 -43.37
CA PRO F 1684 -71.78 -63.43 -42.20
C PRO F 1684 -71.69 -64.24 -40.92
N VAL F 1685 -71.08 -63.63 -39.90
CA VAL F 1685 -70.87 -64.31 -38.64
C VAL F 1685 -72.07 -64.05 -37.73
N ARG F 1686 -72.20 -64.88 -36.71
CA ARG F 1686 -73.26 -64.79 -35.71
C ARG F 1686 -72.66 -64.77 -34.31
N TRP F 1687 -71.67 -63.88 -34.15
CA TRP F 1687 -70.80 -63.90 -32.98
C TRP F 1687 -71.53 -63.51 -31.71
N ILE F 1688 -72.60 -62.72 -31.82
CA ILE F 1688 -73.46 -62.46 -30.67
C ILE F 1688 -74.11 -63.74 -30.18
N GLU F 1689 -74.60 -64.57 -31.11
CA GLU F 1689 -75.22 -65.81 -30.68
C GLU F 1689 -74.18 -66.83 -30.24
N THR F 1690 -72.94 -66.75 -30.74
CA THR F 1690 -71.88 -67.58 -30.18
C THR F 1690 -71.59 -67.22 -28.73
N GLN F 1691 -71.50 -65.91 -28.43
CA GLN F 1691 -71.30 -65.49 -27.05
C GLN F 1691 -72.48 -65.85 -26.15
N ASP F 1692 -73.70 -65.81 -26.66
CA ASP F 1692 -74.83 -66.24 -25.86
C ASP F 1692 -74.80 -67.75 -25.62
N LEU F 1693 -74.41 -68.52 -26.64
CA LEU F 1693 -74.29 -69.96 -26.49
C LEU F 1693 -73.16 -70.33 -25.54
N LEU F 1694 -72.15 -69.47 -25.41
CA LEU F 1694 -71.08 -69.69 -24.45
C LEU F 1694 -71.40 -69.19 -23.05
N PHE F 1695 -72.32 -68.25 -22.90
CA PHE F 1695 -72.50 -67.65 -21.59
C PHE F 1695 -73.77 -68.09 -20.89
N ILE F 1696 -74.78 -68.56 -21.62
CA ILE F 1696 -75.98 -69.09 -20.98
C ILE F 1696 -75.68 -70.48 -20.42
N GLU F 1697 -76.08 -70.71 -19.17
CA GLU F 1697 -75.62 -71.86 -18.38
C GLU F 1697 -76.19 -73.18 -18.90
N GLU F 1698 -75.79 -74.26 -18.23
CA GLU F 1698 -76.10 -75.60 -18.71
C GLU F 1698 -77.59 -75.91 -18.55
N ALA F 1699 -78.13 -75.66 -17.37
CA ALA F 1699 -79.58 -75.56 -17.25
C ALA F 1699 -80.04 -74.34 -18.04
N ALA F 1700 -81.26 -74.43 -18.57
CA ALA F 1700 -81.75 -73.55 -19.64
C ALA F 1700 -80.77 -73.55 -20.82
N GLY F 1701 -80.76 -74.70 -21.50
CA GLY F 1701 -79.68 -75.22 -22.33
C GLY F 1701 -78.80 -74.31 -23.15
N GLY F 1702 -77.50 -74.44 -22.93
CA GLY F 1702 -76.46 -73.64 -23.54
C GLY F 1702 -75.16 -74.04 -22.88
N LEU F 1703 -74.03 -73.86 -23.53
CA LEU F 1703 -72.78 -74.33 -22.96
C LEU F 1703 -72.34 -73.38 -21.84
N GLY F 1704 -72.37 -73.86 -20.61
CA GLY F 1704 -71.95 -73.04 -19.50
C GLY F 1704 -70.48 -73.19 -19.22
N VAL F 1705 -69.70 -72.15 -19.46
CA VAL F 1705 -68.25 -72.21 -19.32
C VAL F 1705 -67.83 -71.33 -18.16
N GLU F 1706 -66.58 -71.48 -17.74
CA GLU F 1706 -66.06 -70.74 -16.61
C GLU F 1706 -65.03 -69.69 -17.00
N ARG F 1707 -63.97 -70.07 -17.70
CA ARG F 1707 -63.01 -69.10 -18.18
C ARG F 1707 -63.17 -68.88 -19.67
N PHE F 1708 -63.01 -67.63 -20.08
CA PHE F 1708 -63.05 -67.23 -21.48
C PHE F 1708 -61.72 -66.54 -21.74
N VAL F 1709 -60.74 -67.28 -22.25
CA VAL F 1709 -59.42 -66.74 -22.51
C VAL F 1709 -59.24 -66.59 -24.03
N GLU F 1710 -58.88 -65.39 -24.45
CA GLU F 1710 -58.61 -65.13 -25.85
C GLU F 1710 -57.11 -64.93 -26.05
N ILE F 1711 -56.60 -65.46 -27.15
CA ILE F 1711 -55.17 -65.53 -27.39
C ILE F 1711 -54.85 -64.49 -28.46
N GLY F 1712 -54.49 -63.29 -28.00
CA GLY F 1712 -54.10 -62.20 -28.87
C GLY F 1712 -53.20 -61.27 -28.09
N VAL F 1713 -52.66 -60.27 -28.79
CA VAL F 1713 -51.67 -59.39 -28.19
C VAL F 1713 -52.35 -58.41 -27.25
N LYS F 1714 -51.56 -57.74 -26.41
CA LYS F 1714 -52.10 -56.82 -25.42
C LYS F 1714 -52.23 -55.40 -25.94
N SER F 1715 -51.74 -55.11 -27.14
CA SER F 1715 -51.90 -53.77 -27.67
C SER F 1715 -53.32 -53.50 -28.15
N SER F 1716 -54.10 -54.54 -28.44
CA SER F 1716 -55.50 -54.38 -28.84
C SER F 1716 -56.28 -55.64 -28.51
N PRO F 1717 -56.73 -55.80 -27.26
CA PRO F 1717 -57.52 -57.00 -26.89
C PRO F 1717 -58.99 -56.84 -27.25
N THR F 1718 -59.29 -57.02 -28.54
CA THR F 1718 -60.61 -56.71 -29.06
C THR F 1718 -61.66 -57.73 -28.62
N VAL F 1719 -61.34 -59.01 -28.71
CA VAL F 1719 -62.31 -60.04 -28.34
C VAL F 1719 -62.53 -60.04 -26.83
N ALA F 1720 -61.49 -59.73 -26.06
CA ALA F 1720 -61.65 -59.58 -24.61
C ALA F 1720 -62.50 -58.36 -24.27
N GLY F 1721 -62.37 -57.28 -25.05
CA GLY F 1721 -63.23 -56.13 -24.85
C GLY F 1721 -64.68 -56.43 -25.13
N LEU F 1722 -64.95 -57.18 -26.21
CA LEU F 1722 -66.31 -57.61 -26.51
C LEU F 1722 -66.85 -58.56 -25.44
N ALA F 1723 -65.99 -59.40 -24.89
CA ALA F 1723 -66.41 -60.31 -23.82
C ALA F 1723 -66.80 -59.56 -22.56
N THR F 1724 -65.97 -58.59 -22.15
CA THR F 1724 -66.31 -57.81 -20.96
C THR F 1724 -67.54 -56.94 -21.17
N ASN F 1725 -67.74 -56.46 -22.40
CA ASN F 1725 -68.94 -55.66 -22.67
C ASN F 1725 -70.19 -56.53 -22.62
N THR F 1726 -70.12 -57.76 -23.15
CA THR F 1726 -71.27 -58.65 -23.08
C THR F 1726 -71.53 -59.09 -21.64
N LEU F 1727 -70.48 -59.20 -20.82
CA LEU F 1727 -70.70 -59.52 -19.41
C LEU F 1727 -71.34 -58.36 -18.66
N LYS F 1728 -70.89 -57.13 -18.91
CA LYS F 1728 -71.46 -55.99 -18.22
C LYS F 1728 -72.78 -55.53 -18.82
N LEU F 1729 -73.22 -56.16 -19.91
CA LEU F 1729 -74.57 -55.92 -20.41
C LEU F 1729 -75.59 -56.38 -19.38
N PRO F 1730 -76.67 -55.63 -19.16
CA PRO F 1730 -77.55 -55.88 -18.01
C PRO F 1730 -78.51 -57.05 -18.18
N GLU F 1731 -78.33 -57.94 -19.16
CA GLU F 1731 -79.13 -59.16 -19.16
C GLU F 1731 -78.72 -60.09 -18.03
N TYR F 1732 -77.48 -59.98 -17.58
CA TYR F 1732 -76.96 -60.77 -16.47
C TYR F 1732 -75.84 -59.99 -15.81
N ALA F 1733 -75.86 -59.94 -14.50
CA ALA F 1733 -74.83 -59.26 -13.73
C ALA F 1733 -74.23 -60.14 -12.67
N HIS F 1734 -74.68 -61.39 -12.58
CA HIS F 1734 -74.22 -62.33 -11.56
C HIS F 1734 -73.35 -63.44 -12.13
N SER F 1735 -73.24 -63.54 -13.45
CA SER F 1735 -72.48 -64.62 -14.06
C SER F 1735 -70.99 -64.38 -13.87
N THR F 1736 -70.33 -65.29 -13.15
CA THR F 1736 -68.89 -65.21 -12.90
C THR F 1736 -68.15 -65.96 -13.99
N VAL F 1737 -67.90 -65.29 -15.11
CA VAL F 1737 -67.13 -65.84 -16.21
C VAL F 1737 -65.85 -65.04 -16.29
N GLU F 1738 -64.75 -65.66 -15.89
CA GLU F 1738 -63.47 -64.96 -15.82
C GLU F 1738 -62.90 -64.82 -17.22
N VAL F 1739 -62.74 -63.59 -17.69
CA VAL F 1739 -62.26 -63.32 -19.04
C VAL F 1739 -60.81 -62.93 -18.98
N LEU F 1740 -59.97 -63.66 -19.71
CA LEU F 1740 -58.54 -63.41 -19.75
C LEU F 1740 -58.07 -63.08 -21.16
N ASN F 1741 -57.09 -62.21 -21.23
CA ASN F 1741 -56.24 -62.07 -22.39
C ASN F 1741 -54.99 -62.90 -22.16
N ALA F 1742 -54.45 -63.47 -23.25
CA ALA F 1742 -53.22 -64.22 -23.14
C ALA F 1742 -51.98 -63.34 -23.08
N GLU F 1743 -52.13 -62.03 -23.08
CA GLU F 1743 -50.97 -61.16 -22.92
C GLU F 1743 -51.15 -60.13 -21.81
N ARG F 1744 -52.37 -59.63 -21.60
CA ARG F 1744 -52.60 -58.77 -20.44
C ARG F 1744 -52.55 -59.58 -19.15
N ASP F 1745 -53.13 -60.78 -19.17
CA ASP F 1745 -53.34 -61.59 -17.98
C ASP F 1745 -52.42 -62.80 -17.98
N ALA F 1746 -51.16 -62.60 -18.41
CA ALA F 1746 -50.22 -63.70 -18.54
C ALA F 1746 -49.86 -64.30 -17.19
N ALA F 1747 -49.73 -63.45 -16.16
CA ALA F 1747 -49.35 -63.94 -14.84
C ALA F 1747 -50.44 -64.80 -14.24
N VAL F 1748 -51.70 -64.38 -14.34
CA VAL F 1748 -52.77 -65.19 -13.76
C VAL F 1748 -53.13 -66.34 -14.69
N LEU F 1749 -52.74 -66.29 -15.96
CA LEU F 1749 -52.97 -67.43 -16.84
C LEU F 1749 -51.98 -68.55 -16.54
N PHE F 1750 -50.69 -68.23 -16.49
CA PHE F 1750 -49.69 -69.23 -16.12
C PHE F 1750 -49.60 -69.47 -14.63
N ALA F 1751 -50.41 -68.76 -13.84
CA ALA F 1751 -50.57 -68.97 -12.40
C ALA F 1751 -49.25 -68.73 -11.66
N THR F 1752 -48.58 -67.63 -12.01
CA THR F 1752 -47.30 -67.29 -11.40
C THR F 1752 -47.36 -65.90 -10.78
N ASP F 1753 -48.39 -65.63 -10.00
CA ASP F 1753 -48.61 -64.33 -9.39
C ASP F 1753 -48.71 -64.46 -7.87
N THR F 1754 -48.19 -63.46 -7.16
CA THR F 1754 -48.26 -63.39 -5.71
C THR F 1754 -49.13 -62.21 -5.30
N ASP F 1755 -49.18 -61.97 -3.99
CA ASP F 1755 -49.97 -60.87 -3.44
C ASP F 1755 -49.14 -59.99 -2.53
N ALA F 1987 -27.26 -10.86 11.83
CA ALA F 1987 -25.83 -10.58 11.79
C ALA F 1987 -25.18 -11.16 10.54
N ALA F 1988 -25.74 -10.82 9.38
CA ALA F 1988 -25.21 -11.27 8.11
C ALA F 1988 -23.94 -10.51 7.78
N ALA F 1989 -22.80 -11.18 7.84
CA ALA F 1989 -21.51 -10.54 7.65
C ALA F 1989 -20.99 -10.65 6.22
N LEU F 1990 -21.76 -11.26 5.32
CA LEU F 1990 -21.31 -11.55 3.97
C LEU F 1990 -21.04 -10.28 3.17
N SER F 1991 -21.74 -9.19 3.51
CA SER F 1991 -21.52 -7.91 2.85
C SER F 1991 -20.11 -7.40 3.09
N GLU F 1992 -19.67 -7.38 4.36
CA GLU F 1992 -18.31 -6.91 4.61
C GLU F 1992 -17.26 -7.94 4.23
N PHE F 1993 -17.62 -9.24 4.21
CA PHE F 1993 -16.72 -10.23 3.60
C PHE F 1993 -16.43 -9.89 2.15
N THR F 1994 -17.48 -9.64 1.36
CA THR F 1994 -17.29 -9.21 -0.02
C THR F 1994 -16.60 -7.85 -0.12
N ASP F 1995 -16.76 -6.99 0.89
CA ASP F 1995 -16.05 -5.72 0.89
C ASP F 1995 -14.55 -5.91 1.00
N GLN F 1996 -14.10 -6.78 1.92
CA GLN F 1996 -12.65 -6.96 2.04
C GLN F 1996 -12.10 -7.76 0.87
N ILE F 1997 -12.91 -8.66 0.28
CA ILE F 1997 -12.48 -9.38 -0.93
C ILE F 1997 -12.37 -8.42 -2.10
N THR F 1998 -13.29 -7.47 -2.21
CA THR F 1998 -13.27 -6.51 -3.31
C THR F 1998 -12.11 -5.52 -3.16
N GLY F 1999 -11.82 -5.10 -1.92
CA GLY F 1999 -10.65 -4.25 -1.70
C GLY F 1999 -9.35 -4.96 -1.98
N ARG F 2000 -9.27 -6.24 -1.59
CA ARG F 2000 -8.11 -7.07 -1.86
C ARG F 2000 -7.89 -7.24 -3.37
N GLU F 2001 -8.95 -7.57 -4.10
CA GLU F 2001 -8.85 -7.70 -5.55
C GLU F 2001 -8.60 -6.36 -6.22
N GLY F 2002 -9.00 -5.27 -5.59
CA GLY F 2002 -8.66 -3.95 -6.11
C GLY F 2002 -7.19 -3.65 -5.95
N VAL F 2003 -6.58 -4.08 -4.84
CA VAL F 2003 -5.13 -3.97 -4.68
C VAL F 2003 -4.42 -4.81 -5.74
N LEU F 2004 -4.96 -6.01 -6.03
CA LEU F 2004 -4.43 -6.85 -7.10
C LEU F 2004 -4.47 -6.15 -8.46
N ALA F 2005 -5.64 -5.61 -8.82
CA ALA F 2005 -5.78 -4.92 -10.09
C ALA F 2005 -5.01 -3.61 -10.14
N SER F 2006 -4.73 -3.02 -8.98
CA SER F 2006 -3.88 -1.84 -8.93
C SER F 2006 -2.45 -2.18 -9.30
N ALA F 2007 -1.92 -3.27 -8.72
CA ALA F 2007 -0.56 -3.66 -9.02
C ALA F 2007 -0.43 -4.16 -10.45
N ALA F 2008 -1.36 -5.04 -10.87
CA ALA F 2008 -1.11 -6.04 -11.90
C ALA F 2008 -0.74 -5.46 -13.26
N ARG F 2009 -1.22 -4.26 -13.59
CA ARG F 2009 -0.98 -3.72 -14.92
C ARG F 2009 0.28 -2.86 -15.01
N LEU F 2010 0.73 -2.25 -13.93
CA LEU F 2010 1.99 -1.51 -14.00
C LEU F 2010 3.16 -2.30 -13.49
N VAL F 2011 2.93 -3.40 -12.76
CA VAL F 2011 4.04 -4.26 -12.38
C VAL F 2011 4.59 -5.09 -13.53
N LEU F 2012 3.93 -5.05 -14.70
CA LEU F 2012 4.25 -5.83 -15.90
C LEU F 2012 4.46 -7.32 -15.61
N GLY F 2013 3.68 -7.85 -14.67
CA GLY F 2013 3.64 -9.28 -14.46
C GLY F 2013 2.57 -9.86 -15.36
N GLN F 2014 2.99 -10.37 -16.52
CA GLN F 2014 2.04 -10.79 -17.54
C GLN F 2014 1.42 -12.12 -17.17
N LEU F 2015 0.09 -12.16 -17.16
CA LEU F 2015 -0.66 -13.35 -16.82
C LEU F 2015 -1.56 -13.72 -17.99
N GLY F 2016 -2.01 -14.97 -18.00
CA GLY F 2016 -2.78 -15.45 -19.13
C GLY F 2016 -1.97 -15.73 -20.36
N LEU F 2017 -0.68 -16.01 -20.20
CA LEU F 2017 0.20 -16.34 -21.32
C LEU F 2017 0.10 -17.79 -21.75
N ASP F 2018 -0.70 -18.59 -21.05
CA ASP F 2018 -0.95 -19.98 -21.42
C ASP F 2018 -2.17 -20.09 -22.32
N ASP F 2019 -2.26 -21.23 -23.01
CA ASP F 2019 -3.35 -21.50 -23.92
C ASP F 2019 -3.70 -22.98 -23.82
N PRO F 2020 -4.98 -23.34 -23.81
CA PRO F 2020 -5.33 -24.76 -23.88
C PRO F 2020 -5.07 -25.32 -25.27
N VAL F 2021 -4.00 -26.10 -25.39
CA VAL F 2021 -3.58 -26.59 -26.70
C VAL F 2021 -4.01 -28.04 -26.91
N ASN F 2022 -4.09 -28.83 -25.83
CA ASN F 2022 -4.14 -30.30 -25.87
C ASN F 2022 -5.33 -30.86 -26.65
N ALA F 2023 -6.43 -30.11 -26.77
CA ALA F 2023 -7.57 -30.61 -27.54
C ALA F 2023 -7.30 -30.57 -29.05
N LEU F 2024 -6.36 -29.74 -29.49
CA LEU F 2024 -6.10 -29.58 -30.92
C LEU F 2024 -5.35 -30.76 -31.54
N PRO F 2025 -4.25 -31.30 -30.98
CA PRO F 2025 -3.66 -32.49 -31.62
C PRO F 2025 -4.37 -33.78 -31.26
N ALA F 2026 -5.29 -33.77 -30.29
CA ALA F 2026 -5.97 -34.99 -29.88
C ALA F 2026 -6.97 -35.49 -30.91
N ALA F 2027 -7.46 -34.61 -31.77
CA ALA F 2027 -8.39 -35.02 -32.82
C ALA F 2027 -7.73 -35.71 -34.02
N PRO F 2028 -6.59 -35.28 -34.58
CA PRO F 2028 -5.94 -36.12 -35.61
C PRO F 2028 -5.36 -37.40 -35.07
N ASP F 2029 -5.03 -37.46 -33.78
CA ASP F 2029 -4.61 -38.73 -33.18
C ASP F 2029 -5.74 -39.73 -33.19
N SER F 2030 -6.92 -39.30 -32.74
CA SER F 2030 -8.12 -40.14 -32.79
C SER F 2030 -8.48 -40.50 -34.22
N GLU F 2031 -8.27 -39.55 -35.14
CA GLU F 2031 -8.52 -39.78 -36.56
C GLU F 2031 -7.62 -40.86 -37.12
N LEU F 2032 -6.33 -40.82 -36.79
CA LEU F 2032 -5.43 -41.81 -37.35
C LEU F 2032 -5.66 -43.17 -36.71
N ILE F 2033 -5.96 -43.21 -35.40
CA ILE F 2033 -6.10 -44.52 -34.78
C ILE F 2033 -7.42 -45.17 -35.18
N ASP F 2034 -8.50 -44.39 -35.37
CA ASP F 2034 -9.69 -45.08 -35.83
C ASP F 2034 -9.69 -45.28 -37.34
N LEU F 2035 -8.82 -44.56 -38.06
CA LEU F 2035 -8.52 -44.94 -39.44
C LEU F 2035 -7.90 -46.32 -39.49
N VAL F 2036 -6.88 -46.56 -38.67
CA VAL F 2036 -6.24 -47.87 -38.62
C VAL F 2036 -7.19 -48.92 -38.08
N THR F 2037 -8.08 -48.53 -37.16
CA THR F 2037 -9.08 -49.44 -36.63
C THR F 2037 -10.08 -49.86 -37.71
N ALA F 2038 -10.50 -48.93 -38.55
CA ALA F 2038 -11.44 -49.27 -39.60
C ALA F 2038 -10.76 -50.05 -40.72
N GLU F 2039 -9.52 -49.72 -41.04
CA GLU F 2039 -8.87 -50.38 -42.17
C GLU F 2039 -8.29 -51.74 -41.77
N LEU F 2040 -7.34 -51.76 -40.84
CA LEU F 2040 -6.61 -52.97 -40.53
C LEU F 2040 -7.26 -53.78 -39.42
N GLY F 2041 -7.40 -53.19 -38.25
CA GLY F 2041 -7.99 -53.91 -37.13
C GLY F 2041 -7.82 -53.10 -35.87
N ALA F 2042 -8.50 -53.56 -34.82
CA ALA F 2042 -8.40 -52.87 -33.54
C ALA F 2042 -7.09 -53.17 -32.85
N ASP F 2043 -6.62 -54.41 -32.94
CA ASP F 2043 -5.45 -54.89 -32.24
C ASP F 2043 -4.20 -54.87 -33.12
N TRP F 2044 -4.18 -54.00 -34.12
CA TRP F 2044 -3.04 -53.95 -35.05
C TRP F 2044 -1.70 -53.60 -34.41
N PRO F 2045 -1.55 -52.58 -33.53
CA PRO F 2045 -0.21 -52.32 -32.99
C PRO F 2045 0.31 -53.43 -32.09
N ARG F 2046 -0.54 -54.12 -31.36
CA ARG F 2046 -0.01 -55.23 -30.57
C ARG F 2046 0.21 -56.48 -31.41
N LEU F 2047 -0.51 -56.64 -32.53
CA LEU F 2047 -0.13 -57.72 -33.43
C LEU F 2047 1.14 -57.43 -34.20
N VAL F 2048 1.50 -56.17 -34.39
CA VAL F 2048 2.63 -55.85 -35.26
C VAL F 2048 3.83 -55.33 -34.49
N ALA F 2049 3.74 -55.21 -33.17
CA ALA F 2049 4.74 -54.51 -32.37
C ALA F 2049 6.09 -55.23 -32.40
N PRO F 2050 7.19 -54.49 -32.45
CA PRO F 2050 8.50 -55.15 -32.54
C PRO F 2050 8.94 -55.74 -31.22
N VAL F 2051 9.56 -56.92 -31.32
CA VAL F 2051 10.00 -57.66 -30.14
C VAL F 2051 11.51 -57.74 -30.05
N PHE F 2052 12.21 -57.71 -31.18
CA PHE F 2052 13.62 -58.06 -31.26
C PHE F 2052 14.51 -57.08 -30.52
N ASP F 2053 15.49 -57.62 -29.80
CA ASP F 2053 16.48 -56.86 -29.09
C ASP F 2053 17.76 -57.69 -29.04
N PRO F 2054 18.89 -57.16 -29.47
CA PRO F 2054 20.10 -57.99 -29.59
C PRO F 2054 20.79 -58.29 -28.27
N LYS F 2055 20.33 -57.71 -27.16
CA LYS F 2055 20.91 -58.05 -25.87
C LYS F 2055 20.38 -59.37 -25.33
N LYS F 2056 19.30 -59.90 -25.89
CA LYS F 2056 18.66 -61.08 -25.36
C LYS F 2056 18.92 -62.33 -26.18
N ALA F 2057 20.00 -62.33 -26.96
CA ALA F 2057 20.35 -63.51 -27.74
C ALA F 2057 21.02 -64.54 -26.85
N VAL F 2058 20.69 -65.81 -27.03
CA VAL F 2058 21.19 -66.87 -26.18
C VAL F 2058 22.00 -67.86 -27.00
N VAL F 2059 23.20 -68.16 -26.54
CA VAL F 2059 24.15 -69.05 -27.21
C VAL F 2059 24.22 -70.36 -26.44
N PHE F 2060 24.21 -71.49 -27.15
CA PHE F 2060 24.20 -72.80 -26.53
C PHE F 2060 25.31 -73.69 -27.08
N ASP F 2061 26.56 -73.24 -27.06
CA ASP F 2061 27.65 -74.00 -27.67
C ASP F 2061 28.54 -74.75 -26.69
N ASP F 2062 27.98 -75.31 -25.62
CA ASP F 2062 28.76 -76.12 -24.67
C ASP F 2062 28.44 -77.60 -24.88
N ARG F 2063 29.37 -78.35 -25.43
CA ARG F 2063 29.13 -79.78 -25.57
C ARG F 2063 30.09 -80.62 -24.75
N TRP F 2064 31.31 -80.14 -24.51
CA TRP F 2064 32.27 -80.91 -23.73
C TRP F 2064 31.80 -81.13 -22.30
N ALA F 2065 31.14 -80.12 -21.71
CA ALA F 2065 30.71 -80.23 -20.32
C ALA F 2065 29.57 -81.22 -20.18
N SER F 2066 28.58 -81.13 -21.07
CA SER F 2066 27.48 -82.08 -21.04
C SER F 2066 27.94 -83.48 -21.43
N ALA F 2067 29.02 -83.58 -22.20
CA ALA F 2067 29.58 -84.89 -22.51
C ALA F 2067 30.17 -85.54 -21.27
N ARG F 2068 30.89 -84.77 -20.46
CA ARG F 2068 31.46 -85.31 -19.23
C ARG F 2068 30.37 -85.75 -18.26
N GLU F 2069 29.32 -84.94 -18.13
CA GLU F 2069 28.22 -85.31 -17.23
C GLU F 2069 27.47 -86.53 -17.75
N ASP F 2070 27.36 -86.69 -19.07
CA ASP F 2070 26.72 -87.88 -19.60
C ASP F 2070 27.57 -89.12 -19.40
N LEU F 2071 28.90 -88.97 -19.44
CA LEU F 2071 29.79 -90.06 -19.06
C LEU F 2071 29.54 -90.51 -17.63
N VAL F 2072 29.27 -89.56 -16.75
CA VAL F 2072 28.98 -89.93 -15.36
C VAL F 2072 27.66 -90.68 -15.25
N LYS F 2073 26.61 -90.15 -15.87
CA LYS F 2073 25.32 -90.82 -15.69
C LYS F 2073 25.18 -92.12 -16.48
N LEU F 2074 26.08 -92.38 -17.45
CA LEU F 2074 26.17 -93.74 -17.98
C LEU F 2074 26.71 -94.72 -16.94
N TRP F 2075 27.60 -94.27 -16.07
CA TRP F 2075 28.01 -95.14 -14.98
C TRP F 2075 26.89 -95.32 -13.98
N LEU F 2076 26.11 -94.28 -13.75
CA LEU F 2076 25.02 -94.42 -12.78
C LEU F 2076 23.90 -95.31 -13.28
N THR F 2077 23.59 -95.31 -14.58
CA THR F 2077 22.56 -96.22 -15.05
C THR F 2077 23.09 -97.65 -15.06
N ASP F 2078 22.20 -98.60 -14.83
CA ASP F 2078 22.63 -99.98 -14.67
C ASP F 2078 22.98 -100.60 -16.02
N GLU F 2079 23.57 -101.80 -15.97
CA GLU F 2079 24.03 -102.46 -17.18
C GLU F 2079 22.89 -103.10 -17.97
N GLY F 2080 21.72 -103.24 -17.38
CA GLY F 2080 20.62 -103.89 -18.08
C GLY F 2080 20.02 -103.04 -19.19
N ASP F 2081 20.15 -101.72 -19.08
CA ASP F 2081 19.54 -100.80 -20.02
C ASP F 2081 20.53 -100.18 -20.98
N ILE F 2082 21.70 -100.81 -21.14
CA ILE F 2082 22.70 -100.29 -22.07
C ILE F 2082 22.48 -100.87 -23.46
N ASP F 2083 22.07 -102.14 -23.53
CA ASP F 2083 21.82 -102.79 -24.82
C ASP F 2083 20.60 -102.22 -25.53
N ALA F 2084 19.68 -101.58 -24.81
CA ALA F 2084 18.54 -100.94 -25.44
C ALA F 2084 18.94 -99.73 -26.27
N ASP F 2085 20.08 -99.11 -25.96
CA ASP F 2085 20.54 -97.92 -26.66
C ASP F 2085 22.01 -98.05 -27.07
N TRP F 2086 22.48 -99.28 -27.25
CA TRP F 2086 23.89 -99.53 -27.56
C TRP F 2086 24.45 -98.84 -28.81
N PRO F 2087 23.76 -98.72 -29.95
CA PRO F 2087 24.35 -97.90 -31.02
C PRO F 2087 24.26 -96.41 -30.75
N ARG F 2088 23.14 -95.98 -30.18
CA ARG F 2088 22.88 -94.56 -29.95
C ARG F 2088 23.84 -93.98 -28.93
N LEU F 2089 24.05 -94.71 -27.83
CA LEU F 2089 25.01 -94.26 -26.83
C LEU F 2089 26.43 -94.34 -27.34
N ALA F 2090 26.69 -95.23 -28.31
CA ALA F 2090 28.01 -95.27 -28.91
C ALA F 2090 28.22 -94.09 -29.86
N GLU F 2091 27.16 -93.56 -30.43
CA GLU F 2091 27.31 -92.53 -31.45
C GLU F 2091 27.03 -91.12 -30.95
N ARG F 2092 26.52 -90.95 -29.72
CA ARG F 2092 26.37 -89.59 -29.21
C ARG F 2092 27.72 -88.91 -29.01
N PHE F 2093 28.71 -89.65 -28.53
CA PHE F 2093 29.99 -89.04 -28.21
C PHE F 2093 30.95 -89.09 -29.39
N GLU F 2094 30.52 -88.70 -30.58
CA GLU F 2094 31.43 -88.81 -31.70
C GLU F 2094 32.30 -87.57 -31.82
N GLY F 2095 31.67 -86.42 -31.92
CA GLY F 2095 32.44 -85.20 -31.85
C GLY F 2095 32.55 -84.73 -30.42
N ALA F 2096 33.68 -85.03 -29.79
CA ALA F 2096 33.99 -84.50 -28.48
C ALA F 2096 35.50 -84.32 -28.43
N GLY F 2097 36.03 -84.07 -27.25
CA GLY F 2097 37.40 -83.64 -27.11
C GLY F 2097 38.37 -84.72 -26.65
N HIS F 2098 39.64 -84.32 -26.65
CA HIS F 2098 40.70 -85.13 -26.09
C HIS F 2098 40.46 -85.41 -24.61
N VAL F 2099 39.89 -84.43 -23.92
CA VAL F 2099 39.59 -84.59 -22.50
C VAL F 2099 38.52 -85.64 -22.29
N VAL F 2100 37.48 -85.62 -23.12
CA VAL F 2100 36.42 -86.62 -23.03
C VAL F 2100 36.95 -88.00 -23.40
N ALA F 2101 37.91 -88.06 -24.31
CA ALA F 2101 38.57 -89.32 -24.62
C ALA F 2101 39.32 -89.89 -23.42
N THR F 2102 40.10 -89.03 -22.74
CA THR F 2102 40.89 -89.52 -21.61
C THR F 2102 40.02 -89.90 -20.43
N GLN F 2103 38.93 -89.15 -20.21
CA GLN F 2103 38.04 -89.52 -19.13
C GLN F 2103 37.26 -90.78 -19.47
N ALA F 2104 36.99 -91.01 -20.74
CA ALA F 2104 36.37 -92.27 -21.14
C ALA F 2104 37.30 -93.44 -20.90
N THR F 2105 38.60 -93.25 -21.13
CA THR F 2105 39.55 -94.31 -20.80
C THR F 2105 39.65 -94.54 -19.28
N TRP F 2106 39.52 -93.48 -18.49
CA TRP F 2106 39.51 -93.65 -17.03
C TRP F 2106 38.31 -94.46 -16.58
N TRP F 2107 37.13 -94.14 -17.10
CA TRP F 2107 35.94 -94.90 -16.77
C TRP F 2107 36.01 -96.32 -17.29
N GLN F 2108 36.71 -96.54 -18.42
CA GLN F 2108 36.92 -97.89 -18.90
C GLN F 2108 37.78 -98.70 -17.95
N GLY F 2109 38.87 -98.08 -17.46
CA GLY F 2109 39.71 -98.77 -16.49
C GLY F 2109 39.00 -99.09 -15.20
N LYS F 2110 38.17 -98.16 -14.71
CA LYS F 2110 37.42 -98.45 -13.49
C LYS F 2110 36.33 -99.48 -13.74
N SER F 2111 35.75 -99.52 -14.94
CA SER F 2111 34.77 -100.55 -15.25
C SER F 2111 35.40 -101.92 -15.37
N LEU F 2112 36.64 -101.99 -15.88
CA LEU F 2112 37.36 -103.26 -15.90
C LEU F 2112 37.69 -103.72 -14.49
N ALA F 2113 38.06 -102.79 -13.62
CA ALA F 2113 38.37 -103.16 -12.24
C ALA F 2113 37.13 -103.63 -11.50
N ALA F 2114 35.99 -102.99 -11.75
CA ALA F 2114 34.77 -103.38 -11.05
C ALA F 2114 34.15 -104.63 -11.65
N GLY F 2115 34.35 -104.88 -12.93
CA GLY F 2115 33.76 -106.06 -13.55
C GLY F 2115 32.45 -105.78 -14.24
N ARG F 2116 32.38 -104.67 -14.96
CA ARG F 2116 31.21 -104.35 -15.79
C ARG F 2116 31.65 -104.45 -17.25
N GLN F 2117 31.45 -105.62 -17.84
CA GLN F 2117 32.01 -105.93 -19.15
C GLN F 2117 31.32 -105.16 -20.26
N ILE F 2118 30.03 -104.86 -20.10
CA ILE F 2118 29.32 -104.07 -21.09
C ILE F 2118 29.81 -102.63 -21.05
N HIS F 2119 29.91 -102.08 -19.84
CA HIS F 2119 30.36 -100.70 -19.66
C HIS F 2119 31.78 -100.49 -20.14
N ALA F 2120 32.65 -101.49 -19.97
CA ALA F 2120 34.05 -101.35 -20.37
C ALA F 2120 34.17 -101.20 -21.88
N SER F 2121 33.48 -102.05 -22.62
CA SER F 2121 33.48 -101.94 -24.07
C SER F 2121 32.77 -100.68 -24.53
N LEU F 2122 31.74 -100.24 -23.78
CA LEU F 2122 31.05 -99.02 -24.13
C LEU F 2122 31.96 -97.80 -24.01
N TYR F 2123 32.71 -97.70 -22.92
CA TYR F 2123 33.60 -96.56 -22.75
C TYR F 2123 34.78 -96.62 -23.71
N GLY F 2124 35.24 -97.83 -24.06
CA GLY F 2124 36.26 -97.93 -25.10
C GLY F 2124 35.77 -97.44 -26.45
N ARG F 2125 34.51 -97.79 -26.79
CA ARG F 2125 33.89 -97.31 -28.02
C ARG F 2125 33.72 -95.79 -27.99
N ILE F 2126 33.34 -95.24 -26.83
CA ILE F 2126 33.16 -93.80 -26.69
C ILE F 2126 34.46 -93.06 -26.88
N ALA F 2127 35.56 -93.57 -26.31
CA ALA F 2127 36.85 -92.92 -26.47
C ALA F 2127 37.32 -92.98 -27.92
N ALA F 2128 37.17 -94.14 -28.55
CA ALA F 2128 37.58 -94.30 -29.95
C ALA F 2128 36.76 -93.38 -30.87
N GLY F 2129 35.48 -93.21 -30.57
CA GLY F 2129 34.67 -92.32 -31.38
C GLY F 2129 34.98 -90.86 -31.14
N ALA F 2130 35.22 -90.48 -29.89
CA ALA F 2130 35.45 -89.09 -29.55
C ALA F 2130 36.81 -88.59 -30.00
N GLU F 2131 37.75 -89.49 -30.29
CA GLU F 2131 39.01 -89.06 -30.86
C GLU F 2131 38.86 -88.44 -32.26
N ASN F 2132 37.83 -88.81 -33.01
CA ASN F 2132 37.80 -88.56 -34.47
C ASN F 2132 37.59 -87.09 -34.79
N PRO F 2133 38.42 -86.50 -35.66
CA PRO F 2133 38.40 -85.04 -35.84
C PRO F 2133 37.54 -84.51 -36.97
N GLU F 2134 36.96 -85.36 -37.80
CA GLU F 2134 36.41 -84.92 -39.07
C GLU F 2134 35.08 -84.19 -38.89
N PRO F 2135 34.83 -83.13 -39.66
CA PRO F 2135 33.56 -82.41 -39.55
C PRO F 2135 32.44 -83.17 -40.23
N GLY F 2136 31.23 -82.93 -39.75
CA GLY F 2136 30.10 -83.79 -40.05
C GLY F 2136 29.47 -83.61 -41.41
N ARG F 2137 28.22 -84.06 -41.51
CA ARG F 2137 27.40 -83.84 -42.68
C ARG F 2137 27.22 -82.35 -42.91
N TYR F 2138 26.71 -81.64 -41.91
CA TYR F 2138 26.31 -80.26 -42.06
C TYR F 2138 27.41 -79.42 -41.42
N GLY F 2139 28.54 -79.34 -42.12
CA GLY F 2139 29.67 -78.58 -41.64
C GLY F 2139 29.62 -77.17 -42.20
N GLY F 2140 29.51 -76.21 -41.30
CA GLY F 2140 29.52 -74.82 -41.71
C GLY F 2140 28.23 -74.34 -42.35
N GLU F 2141 27.20 -75.16 -42.36
CA GLU F 2141 25.92 -74.76 -42.94
C GLU F 2141 25.19 -73.93 -41.90
N VAL F 2142 25.39 -72.61 -41.96
CA VAL F 2142 24.71 -71.70 -41.06
C VAL F 2142 23.24 -71.65 -41.47
N ALA F 2143 22.39 -72.31 -40.70
CA ALA F 2143 20.99 -72.40 -41.04
C ALA F 2143 20.19 -71.42 -40.19
N VAL F 2144 19.05 -70.98 -40.72
CA VAL F 2144 18.14 -70.10 -40.01
C VAL F 2144 16.77 -70.74 -40.03
N VAL F 2145 16.26 -71.13 -38.87
CA VAL F 2145 14.99 -71.83 -38.76
C VAL F 2145 14.03 -70.95 -37.98
N THR F 2146 12.84 -70.71 -38.55
CA THR F 2146 11.87 -69.85 -37.90
C THR F 2146 10.66 -70.67 -37.49
N GLY F 2147 10.20 -70.45 -36.27
CA GLY F 2147 9.00 -71.11 -35.78
C GLY F 2147 9.23 -72.56 -35.40
N ALA F 2148 10.09 -72.79 -34.42
CA ALA F 2148 10.37 -74.13 -33.91
C ALA F 2148 9.84 -74.19 -32.49
N SER F 2149 8.66 -74.77 -32.31
CA SER F 2149 8.06 -74.91 -31.00
C SER F 2149 8.16 -76.36 -30.56
N LYS F 2150 7.58 -76.65 -29.39
CA LYS F 2150 7.68 -77.98 -28.81
C LYS F 2150 6.82 -78.97 -29.59
N GLY F 2151 7.44 -80.06 -30.04
CA GLY F 2151 6.74 -81.06 -30.81
C GLY F 2151 6.34 -80.55 -32.18
N SER F 2152 7.33 -80.26 -33.02
CA SER F 2152 7.04 -79.68 -34.31
C SER F 2152 8.08 -80.11 -35.32
N ILE F 2153 7.71 -79.98 -36.58
CA ILE F 2153 8.58 -80.40 -37.67
C ILE F 2153 9.82 -79.52 -37.75
N ALA F 2154 9.69 -78.24 -37.43
CA ALA F 2154 10.85 -77.36 -37.42
C ALA F 2154 11.78 -77.71 -36.27
N ALA F 2155 11.22 -78.15 -35.14
CA ALA F 2155 12.05 -78.61 -34.04
C ALA F 2155 12.82 -79.87 -34.41
N SER F 2156 12.19 -80.77 -35.16
CA SER F 2156 12.90 -81.96 -35.60
C SER F 2156 13.98 -81.64 -36.63
N VAL F 2157 13.74 -80.62 -37.46
CA VAL F 2157 14.77 -80.18 -38.40
C VAL F 2157 15.95 -79.56 -37.66
N VAL F 2158 15.68 -78.78 -36.61
CA VAL F 2158 16.75 -78.21 -35.78
C VAL F 2158 17.53 -79.32 -35.09
N ALA F 2159 16.83 -80.36 -34.63
CA ALA F 2159 17.49 -81.49 -33.99
C ALA F 2159 18.41 -82.22 -34.95
N ARG F 2160 17.95 -82.46 -36.17
CA ARG F 2160 18.80 -83.18 -37.12
C ARG F 2160 19.96 -82.31 -37.60
N LEU F 2161 19.78 -80.99 -37.70
CA LEU F 2161 20.88 -80.13 -38.07
C LEU F 2161 21.96 -80.08 -36.99
N LEU F 2162 21.53 -80.01 -35.72
CA LEU F 2162 22.50 -80.07 -34.62
C LEU F 2162 23.16 -81.44 -34.55
N ASP F 2163 22.43 -82.48 -34.94
CA ASP F 2163 23.00 -83.82 -34.96
C ASP F 2163 24.07 -83.93 -36.03
N GLY F 2164 23.86 -83.24 -37.15
CA GLY F 2164 24.89 -83.19 -38.17
C GLY F 2164 26.07 -82.32 -37.76
N GLY F 2165 25.81 -81.31 -36.94
CA GLY F 2165 26.91 -80.46 -36.50
C GLY F 2165 26.89 -79.08 -37.13
N ALA F 2166 25.72 -78.50 -37.25
CA ALA F 2166 25.56 -77.23 -37.93
C ALA F 2166 25.54 -76.07 -36.95
N THR F 2167 25.36 -74.88 -37.50
CA THR F 2167 25.20 -73.67 -36.72
C THR F 2167 23.78 -73.19 -36.99
N VAL F 2168 22.89 -73.47 -36.07
CA VAL F 2168 21.47 -73.18 -36.25
C VAL F 2168 21.17 -71.86 -35.57
N ILE F 2169 20.37 -71.02 -36.21
CA ILE F 2169 19.86 -69.80 -35.61
C ILE F 2169 18.34 -69.92 -35.60
N ALA F 2170 17.77 -70.12 -34.43
CA ALA F 2170 16.35 -70.34 -34.29
C ALA F 2170 15.68 -69.09 -33.77
N THR F 2171 14.58 -68.71 -34.40
CA THR F 2171 13.82 -67.57 -33.90
C THR F 2171 12.59 -68.08 -33.17
N THR F 2172 12.14 -67.30 -32.20
CA THR F 2172 10.95 -67.67 -31.45
C THR F 2172 10.24 -66.41 -30.97
N SER F 2173 9.02 -66.60 -30.48
CA SER F 2173 8.17 -65.46 -30.17
C SER F 2173 8.54 -64.80 -28.86
N LYS F 2174 8.41 -65.52 -27.76
CA LYS F 2174 8.74 -65.01 -26.44
C LYS F 2174 9.73 -65.96 -25.79
N LEU F 2175 10.73 -65.41 -25.11
CA LEU F 2175 11.81 -66.20 -24.55
C LEU F 2175 11.71 -66.17 -23.03
N ASP F 2176 11.25 -67.26 -22.45
CA ASP F 2176 11.09 -67.36 -21.00
C ASP F 2176 11.70 -68.63 -20.45
N GLU F 2177 11.39 -68.95 -19.19
CA GLU F 2177 12.04 -70.06 -18.49
C GLU F 2177 11.69 -71.41 -19.10
N GLU F 2178 10.42 -71.61 -19.48
CA GLU F 2178 9.98 -72.89 -20.04
C GLU F 2178 10.66 -73.16 -21.37
N ARG F 2179 10.63 -72.18 -22.28
CA ARG F 2179 11.24 -72.37 -23.57
C ARG F 2179 12.76 -72.41 -23.48
N LEU F 2180 13.34 -71.69 -22.52
CA LEU F 2180 14.78 -71.75 -22.35
C LEU F 2180 15.23 -73.13 -21.89
N ALA F 2181 14.47 -73.74 -20.97
CA ALA F 2181 14.75 -75.11 -20.57
C ALA F 2181 14.53 -76.08 -21.71
N PHE F 2182 13.52 -75.82 -22.55
CA PHE F 2182 13.24 -76.70 -23.68
C PHE F 2182 14.38 -76.70 -24.69
N TYR F 2183 14.84 -75.52 -25.09
CA TYR F 2183 15.90 -75.46 -26.08
C TYR F 2183 17.23 -75.92 -25.51
N ARG F 2184 17.46 -75.73 -24.21
CA ARG F 2184 18.69 -76.22 -23.61
C ARG F 2184 18.73 -77.75 -23.57
N THR F 2185 17.61 -78.38 -23.22
CA THR F 2185 17.57 -79.84 -23.24
C THR F 2185 17.60 -80.37 -24.66
N LEU F 2186 17.04 -79.63 -25.62
CA LEU F 2186 17.13 -80.02 -27.03
C LEU F 2186 18.56 -80.05 -27.50
N TYR F 2187 19.35 -79.02 -27.15
CA TYR F 2187 20.76 -79.00 -27.53
C TYR F 2187 21.53 -80.13 -26.86
N ARG F 2188 21.32 -80.33 -25.56
CA ARG F 2188 22.15 -81.32 -24.88
C ARG F 2188 21.74 -82.74 -25.22
N ASP F 2189 20.55 -82.93 -25.77
CA ASP F 2189 20.22 -84.25 -26.29
C ASP F 2189 20.82 -84.46 -27.67
N HIS F 2190 20.56 -83.56 -28.62
CA HIS F 2190 20.82 -83.87 -30.01
C HIS F 2190 22.10 -83.24 -30.54
N ALA F 2191 22.95 -82.67 -29.71
CA ALA F 2191 24.13 -82.02 -30.23
C ALA F 2191 25.21 -83.02 -30.61
N ARG F 2192 26.02 -82.63 -31.58
CA ARG F 2192 27.25 -83.32 -31.97
C ARG F 2192 28.25 -82.29 -32.46
N TYR F 2193 29.13 -82.73 -33.34
CA TYR F 2193 30.56 -82.47 -33.42
C TYR F 2193 31.00 -81.06 -33.04
N GLY F 2194 30.52 -80.06 -33.74
CA GLY F 2194 30.88 -78.69 -33.44
C GLY F 2194 29.66 -77.80 -33.50
N ALA F 2195 28.52 -78.38 -33.14
CA ALA F 2195 27.24 -77.75 -33.38
C ALA F 2195 27.00 -76.61 -32.42
N ALA F 2196 26.34 -75.57 -32.91
CA ALA F 2196 26.01 -74.42 -32.09
C ALA F 2196 24.58 -74.00 -32.37
N LEU F 2197 23.88 -73.58 -31.33
CA LEU F 2197 22.49 -73.16 -31.43
C LEU F 2197 22.36 -71.76 -30.86
N TRP F 2198 21.94 -70.82 -31.69
CA TRP F 2198 21.66 -69.48 -31.22
C TRP F 2198 20.18 -69.24 -31.25
N LEU F 2199 19.69 -68.48 -30.30
CA LEU F 2199 18.27 -68.43 -30.03
C LEU F 2199 17.88 -66.98 -29.82
N VAL F 2200 16.99 -66.46 -30.67
CA VAL F 2200 16.59 -65.07 -30.58
C VAL F 2200 15.08 -64.96 -30.52
N ALA F 2201 14.62 -63.85 -29.95
CA ALA F 2201 13.20 -63.56 -29.85
C ALA F 2201 12.86 -62.51 -30.89
N ALA F 2202 12.17 -62.93 -31.95
CA ALA F 2202 11.89 -62.03 -33.05
C ALA F 2202 10.47 -62.27 -33.56
N ASN F 2203 9.72 -61.19 -33.69
CA ASN F 2203 8.38 -61.29 -34.27
C ASN F 2203 8.52 -61.47 -35.78
N MET F 2204 7.85 -62.49 -36.31
CA MET F 2204 7.84 -62.74 -37.75
C MET F 2204 6.68 -62.08 -38.45
N ALA F 2205 6.22 -60.93 -37.94
CA ALA F 2205 5.22 -60.12 -38.60
C ALA F 2205 5.59 -58.65 -38.51
N SER F 2206 6.89 -58.37 -38.50
CA SER F 2206 7.35 -56.99 -38.43
C SER F 2206 8.59 -56.83 -39.30
N TYR F 2207 8.50 -55.89 -40.24
CA TYR F 2207 9.61 -55.66 -41.16
C TYR F 2207 10.80 -55.05 -40.43
N SER F 2208 10.53 -54.28 -39.36
CA SER F 2208 11.59 -53.78 -38.52
C SER F 2208 12.37 -54.92 -37.87
N ASP F 2209 11.65 -55.95 -37.42
CA ASP F 2209 12.32 -57.08 -36.79
C ASP F 2209 13.06 -57.92 -37.81
N VAL F 2210 12.53 -58.03 -39.03
CA VAL F 2210 13.24 -58.79 -40.05
C VAL F 2210 14.51 -58.07 -40.49
N ASP F 2211 14.45 -56.74 -40.60
CA ASP F 2211 15.65 -55.98 -40.95
C ASP F 2211 16.67 -55.98 -39.81
N ALA F 2212 16.21 -55.90 -38.56
CA ALA F 2212 17.13 -55.96 -37.45
C ALA F 2212 17.76 -57.34 -37.32
N LEU F 2213 16.98 -58.37 -37.64
CA LEU F 2213 17.49 -59.74 -37.56
C LEU F 2213 18.52 -60.01 -38.64
N VAL F 2214 18.32 -59.47 -39.84
CA VAL F 2214 19.34 -59.71 -40.85
C VAL F 2214 20.56 -58.85 -40.62
N GLU F 2215 20.42 -57.67 -40.00
CA GLU F 2215 21.61 -56.92 -39.61
C GLU F 2215 22.38 -57.61 -38.50
N TRP F 2216 21.67 -58.26 -37.58
CA TRP F 2216 22.32 -58.98 -36.50
C TRP F 2216 23.07 -60.20 -37.01
N ILE F 2217 22.44 -60.98 -37.89
CA ILE F 2217 23.15 -62.11 -38.51
C ILE F 2217 24.27 -61.63 -39.42
N GLY F 2218 24.20 -60.39 -39.88
CA GLY F 2218 25.22 -59.88 -40.76
C GLY F 2218 26.36 -59.37 -39.90
N THR F 2219 26.38 -58.08 -39.59
CA THR F 2219 27.48 -57.50 -38.83
C THR F 2219 27.55 -58.11 -37.42
N GLU F 2220 28.73 -58.01 -36.82
CA GLU F 2220 28.98 -58.66 -35.55
C GLU F 2220 28.25 -57.97 -34.41
N GLN F 2221 28.34 -58.58 -33.24
CA GLN F 2221 27.86 -57.96 -32.01
C GLN F 2221 28.98 -58.04 -30.99
N THR F 2222 29.55 -56.89 -30.66
CA THR F 2222 30.57 -56.78 -29.62
C THR F 2222 30.01 -55.93 -28.50
N GLU F 2223 29.78 -56.55 -27.35
CA GLU F 2223 29.32 -55.83 -26.18
C GLU F 2223 30.54 -55.29 -25.44
N SER F 2224 30.43 -54.06 -24.95
CA SER F 2224 31.48 -53.44 -24.17
C SER F 2224 30.91 -53.00 -22.84
N LEU F 2225 31.56 -53.42 -21.75
CA LEU F 2225 31.32 -52.85 -20.44
C LEU F 2225 32.21 -51.63 -20.27
N GLY F 2226 32.35 -51.16 -19.04
CA GLY F 2226 33.17 -50.00 -18.72
C GLY F 2226 34.62 -50.07 -19.14
N PRO F 2227 35.43 -50.92 -18.50
CA PRO F 2227 36.87 -50.93 -18.80
C PRO F 2227 37.25 -51.61 -20.11
N GLN F 2228 36.50 -52.60 -20.58
CA GLN F 2228 36.94 -53.40 -21.70
C GLN F 2228 35.74 -53.83 -22.53
N SER F 2229 35.99 -54.68 -23.52
CA SER F 2229 34.98 -55.15 -24.45
C SER F 2229 34.90 -56.67 -24.41
N ILE F 2230 33.81 -57.21 -24.92
CA ILE F 2230 33.56 -58.64 -24.96
C ILE F 2230 33.19 -59.02 -26.38
N HIS F 2231 33.91 -59.98 -26.95
CA HIS F 2231 33.60 -60.50 -28.28
C HIS F 2231 32.59 -61.61 -28.17
N ILE F 2232 31.47 -61.47 -28.89
CA ILE F 2232 30.33 -62.39 -28.79
C ILE F 2232 30.11 -63.15 -30.08
N LYS F 2233 29.81 -62.44 -31.16
CA LYS F 2233 29.39 -63.03 -32.43
C LYS F 2233 30.40 -62.64 -33.48
N ASP F 2234 30.96 -63.62 -34.18
CA ASP F 2234 32.04 -63.32 -35.10
C ASP F 2234 31.61 -62.50 -36.31
N ALA F 2235 30.94 -63.17 -37.25
CA ALA F 2235 30.18 -62.65 -38.39
C ALA F 2235 29.65 -63.89 -39.08
N GLN F 2236 28.45 -63.86 -39.65
CA GLN F 2236 27.91 -65.08 -40.22
C GLN F 2236 27.23 -64.83 -41.54
N THR F 2237 27.45 -65.74 -42.49
CA THR F 2237 26.77 -65.75 -43.78
C THR F 2237 26.04 -67.06 -43.92
N PRO F 2238 24.73 -67.07 -44.10
CA PRO F 2238 23.97 -68.32 -44.05
C PRO F 2238 24.08 -69.12 -45.34
N THR F 2239 23.59 -70.33 -45.26
CA THR F 2239 23.50 -71.25 -46.40
C THR F 2239 22.12 -71.85 -46.55
N LEU F 2240 21.46 -72.19 -45.44
CA LEU F 2240 20.12 -72.74 -45.47
C LEU F 2240 19.12 -71.69 -45.02
N LEU F 2241 17.84 -72.04 -45.10
CA LEU F 2241 16.76 -71.18 -44.63
C LEU F 2241 15.51 -72.05 -44.51
N PHE F 2242 14.80 -71.98 -43.39
CA PHE F 2242 13.66 -72.84 -43.13
C PHE F 2242 12.53 -72.01 -42.54
N PRO F 2243 11.65 -71.48 -43.38
CA PRO F 2243 10.54 -70.63 -42.92
C PRO F 2243 9.28 -71.41 -42.58
N PHE F 2244 9.27 -72.01 -41.39
CA PHE F 2244 8.12 -72.75 -40.89
C PHE F 2244 7.28 -71.95 -39.92
N ALA F 2245 7.15 -70.64 -40.16
CA ALA F 2245 6.58 -69.72 -39.19
C ALA F 2245 5.09 -69.94 -39.05
N ALA F 2246 4.68 -70.48 -37.91
CA ALA F 2246 3.26 -70.56 -37.59
C ALA F 2246 2.72 -69.15 -37.35
N PRO F 2247 1.61 -68.75 -38.00
CA PRO F 2247 1.17 -67.35 -37.94
C PRO F 2247 0.74 -66.87 -36.57
N ARG F 2248 -0.28 -67.52 -36.00
CA ARG F 2248 -0.88 -67.09 -34.75
C ARG F 2248 -1.86 -68.15 -34.30
N VAL F 2249 -1.91 -68.42 -32.99
CA VAL F 2249 -2.94 -69.26 -32.41
C VAL F 2249 -3.74 -68.39 -31.45
N VAL F 2250 -4.75 -67.71 -32.01
CA VAL F 2250 -5.72 -66.89 -31.27
C VAL F 2250 -7.07 -67.12 -31.96
N GLY F 2251 -8.10 -67.46 -31.20
CA GLY F 2251 -9.40 -67.67 -31.79
C GLY F 2251 -10.56 -67.09 -31.01
N ASP F 2252 -10.26 -66.29 -29.98
CA ASP F 2252 -11.28 -65.76 -29.08
C ASP F 2252 -11.56 -64.29 -29.32
N LEU F 2253 -11.59 -63.86 -30.59
CA LEU F 2253 -11.79 -62.45 -30.90
C LEU F 2253 -12.80 -62.19 -32.02
N SER F 2254 -13.20 -63.22 -32.78
CA SER F 2254 -13.96 -63.09 -34.04
C SER F 2254 -13.25 -62.13 -35.00
N GLU F 2255 -12.08 -62.60 -35.41
CA GLU F 2255 -11.03 -61.79 -36.01
C GLU F 2255 -10.79 -62.12 -37.48
N ALA F 2256 -11.65 -62.94 -38.09
CA ALA F 2256 -11.29 -63.67 -39.31
C ALA F 2256 -11.07 -62.78 -40.52
N GLY F 2257 -11.74 -61.62 -40.56
CA GLY F 2257 -11.60 -60.74 -41.71
C GLY F 2257 -10.22 -60.11 -41.80
N SER F 2258 -9.72 -59.58 -40.68
CA SER F 2258 -8.35 -59.07 -40.64
C SER F 2258 -7.33 -60.20 -40.59
N ARG F 2259 -7.70 -61.32 -39.97
CA ARG F 2259 -6.77 -62.44 -39.85
C ARG F 2259 -6.46 -63.05 -41.21
N ALA F 2260 -7.45 -63.11 -42.10
CA ALA F 2260 -7.27 -63.74 -43.41
C ALA F 2260 -6.32 -62.96 -44.32
N GLU F 2261 -6.00 -61.71 -44.00
CA GLU F 2261 -4.92 -61.02 -44.70
C GLU F 2261 -3.66 -60.93 -43.88
N MET F 2262 -3.78 -60.89 -42.54
CA MET F 2262 -2.60 -60.77 -41.70
C MET F 2262 -1.75 -62.04 -41.75
N GLU F 2263 -2.40 -63.21 -41.79
CA GLU F 2263 -1.63 -64.44 -41.91
C GLU F 2263 -1.02 -64.56 -43.30
N MET F 2264 -1.66 -63.99 -44.32
CA MET F 2264 -1.12 -64.06 -45.66
C MET F 2264 0.09 -63.14 -45.78
N LYS F 2265 0.08 -62.03 -45.03
CA LYS F 2265 1.29 -61.25 -44.84
C LYS F 2265 2.38 -62.08 -44.20
N VAL F 2266 2.07 -62.71 -43.05
CA VAL F 2266 3.01 -63.48 -42.24
C VAL F 2266 3.68 -64.57 -43.06
N LEU F 2267 2.94 -65.19 -43.97
CA LEU F 2267 3.62 -66.08 -44.91
C LEU F 2267 4.40 -65.28 -45.95
N LEU F 2268 3.70 -64.58 -46.84
CA LEU F 2268 4.31 -64.20 -48.12
C LEU F 2268 5.36 -63.11 -47.96
N TRP F 2269 4.96 -61.96 -47.42
CA TRP F 2269 5.87 -60.85 -47.56
C TRP F 2269 6.94 -60.89 -46.48
N ALA F 2270 6.63 -61.51 -45.36
CA ALA F 2270 7.66 -61.81 -44.37
C ALA F 2270 8.73 -62.73 -44.92
N VAL F 2271 8.34 -63.82 -45.60
CA VAL F 2271 9.42 -64.71 -46.05
C VAL F 2271 10.16 -64.15 -47.25
N GLN F 2272 9.53 -63.33 -48.09
CA GLN F 2272 10.35 -62.88 -49.21
C GLN F 2272 11.19 -61.67 -48.84
N ARG F 2273 10.74 -60.87 -47.87
CA ARG F 2273 11.61 -59.88 -47.26
C ARG F 2273 12.79 -60.55 -46.55
N LEU F 2274 12.53 -61.69 -45.92
CA LEU F 2274 13.57 -62.44 -45.22
C LEU F 2274 14.61 -62.98 -46.19
N ILE F 2275 14.16 -63.58 -47.29
CA ILE F 2275 15.09 -64.15 -48.25
C ILE F 2275 15.88 -63.05 -48.95
N GLY F 2276 15.25 -61.89 -49.16
CA GLY F 2276 15.98 -60.75 -49.70
C GLY F 2276 17.09 -60.27 -48.77
N GLY F 2277 16.78 -60.15 -47.48
CA GLY F 2277 17.79 -59.71 -46.53
C GLY F 2277 18.92 -60.72 -46.34
N LEU F 2278 18.58 -62.00 -46.19
CA LEU F 2278 19.62 -63.01 -46.01
C LEU F 2278 20.45 -63.23 -47.25
N SER F 2279 19.87 -63.00 -48.43
CA SER F 2279 20.69 -63.04 -49.63
C SER F 2279 21.55 -61.80 -49.75
N THR F 2280 21.10 -60.69 -49.17
CA THR F 2280 21.84 -59.44 -49.28
C THR F 2280 23.08 -59.43 -48.38
N ILE F 2281 22.99 -60.01 -47.19
CA ILE F 2281 24.04 -59.79 -46.19
C ILE F 2281 25.38 -60.43 -46.53
N GLY F 2282 25.42 -61.43 -47.40
CA GLY F 2282 26.69 -62.01 -47.77
C GLY F 2282 26.98 -61.84 -49.24
N ALA F 2283 26.64 -60.67 -49.79
CA ALA F 2283 26.65 -60.51 -51.23
C ALA F 2283 28.04 -60.18 -51.75
N GLU F 2284 28.58 -59.03 -51.37
CA GLU F 2284 29.80 -58.55 -51.96
C GLU F 2284 31.04 -59.18 -51.35
N ARG F 2285 30.92 -59.77 -50.16
CA ARG F 2285 32.06 -60.44 -49.56
C ARG F 2285 32.35 -61.76 -50.25
N ASP F 2286 31.32 -62.59 -50.41
CA ASP F 2286 31.46 -63.96 -50.89
C ASP F 2286 30.60 -64.11 -52.12
N ILE F 2287 31.14 -63.80 -53.28
CA ILE F 2287 30.42 -64.11 -54.51
C ILE F 2287 30.55 -65.60 -54.80
N ALA F 2288 29.65 -66.11 -55.65
CA ALA F 2288 29.44 -67.54 -55.91
C ALA F 2288 29.17 -68.31 -54.63
N SER F 2289 28.44 -67.68 -53.71
CA SER F 2289 28.01 -68.30 -52.46
C SER F 2289 26.51 -68.09 -52.38
N ARG F 2290 25.75 -69.15 -52.65
CA ARG F 2290 24.34 -69.02 -52.93
C ARG F 2290 23.50 -69.58 -51.79
N LEU F 2291 22.58 -68.76 -51.31
CA LEU F 2291 21.62 -69.15 -50.29
C LEU F 2291 20.67 -70.20 -50.86
N HIS F 2292 20.09 -71.01 -49.97
CA HIS F 2292 19.25 -72.13 -50.38
C HIS F 2292 18.01 -72.17 -49.49
N VAL F 2293 16.83 -72.22 -50.09
CA VAL F 2293 15.59 -72.11 -49.35
C VAL F 2293 14.81 -73.39 -49.55
N VAL F 2294 14.14 -73.86 -48.50
CA VAL F 2294 13.22 -74.99 -48.57
C VAL F 2294 11.85 -74.52 -48.11
N LEU F 2295 10.89 -74.57 -49.02
CA LEU F 2295 9.54 -74.10 -48.75
C LEU F 2295 8.64 -75.24 -48.33
N PRO F 2296 7.84 -75.06 -47.30
CA PRO F 2296 6.84 -76.08 -46.96
C PRO F 2296 5.50 -75.80 -47.61
N GLY F 2297 4.83 -76.84 -48.09
CA GLY F 2297 3.45 -76.69 -48.53
C GLY F 2297 2.51 -77.61 -47.80
N SER F 2298 1.68 -77.05 -46.92
CA SER F 2298 0.83 -77.86 -46.05
C SER F 2298 -0.63 -77.83 -46.47
N ASP F 2307 -6.66 -80.66 -49.22
CA ASP F 2307 -6.77 -80.21 -50.60
C ASP F 2307 -6.77 -78.68 -50.65
N GLY F 2308 -7.68 -78.07 -49.89
CA GLY F 2308 -7.76 -76.62 -49.88
C GLY F 2308 -6.56 -75.97 -49.24
N ALA F 2309 -6.00 -76.61 -48.22
CA ALA F 2309 -4.77 -76.13 -47.62
C ALA F 2309 -3.60 -76.26 -48.58
N TYR F 2310 -3.61 -77.31 -49.41
CA TYR F 2310 -2.58 -77.45 -50.44
C TYR F 2310 -2.76 -76.42 -51.54
N GLY F 2311 -4.00 -76.04 -51.83
CA GLY F 2311 -4.23 -74.96 -52.79
C GLY F 2311 -3.78 -73.61 -52.28
N GLU F 2312 -4.03 -73.34 -50.99
CA GLU F 2312 -3.51 -72.15 -50.35
C GLU F 2312 -1.99 -72.14 -50.34
N ALA F 2313 -1.39 -73.33 -50.13
CA ALA F 2313 0.07 -73.45 -50.15
C ALA F 2313 0.63 -73.19 -51.54
N LYS F 2314 -0.04 -73.71 -52.58
CA LYS F 2314 0.45 -73.49 -53.94
C LYS F 2314 0.27 -72.04 -54.38
N SER F 2315 -0.79 -71.39 -53.88
CA SER F 2315 -0.96 -69.96 -54.12
C SER F 2315 0.11 -69.17 -53.40
N ALA F 2316 0.53 -69.62 -52.22
CA ALA F 2316 1.66 -69.01 -51.54
C ALA F 2316 2.97 -69.26 -52.28
N LEU F 2317 3.05 -70.40 -52.96
CA LEU F 2317 4.24 -70.73 -53.75
C LEU F 2317 4.39 -69.82 -54.95
N ASP F 2318 3.37 -69.77 -55.79
CA ASP F 2318 3.55 -69.14 -57.10
C ASP F 2318 3.37 -67.63 -57.03
N ALA F 2319 4.02 -67.03 -56.06
CA ALA F 2319 4.42 -65.64 -55.99
C ALA F 2319 5.92 -65.53 -55.81
N VAL F 2320 6.49 -66.38 -54.95
CA VAL F 2320 7.93 -66.43 -54.78
C VAL F 2320 8.59 -67.02 -56.02
N VAL F 2321 7.98 -68.05 -56.60
CA VAL F 2321 8.54 -68.66 -57.80
C VAL F 2321 8.39 -67.73 -58.99
N SER F 2322 7.27 -66.98 -59.03
CA SER F 2322 7.07 -66.03 -60.11
C SER F 2322 8.05 -64.87 -60.00
N ARG F 2323 8.28 -64.37 -58.79
CA ARG F 2323 9.30 -63.35 -58.57
C ARG F 2323 10.71 -63.88 -58.82
N TRP F 2324 10.95 -65.16 -58.57
CA TRP F 2324 12.19 -65.83 -58.92
C TRP F 2324 12.45 -65.79 -60.41
N HIS F 2325 11.46 -66.21 -61.20
CA HIS F 2325 11.64 -66.16 -62.65
C HIS F 2325 11.63 -64.74 -63.19
N ALA F 2326 11.03 -63.79 -62.47
CA ALA F 2326 10.95 -62.42 -62.96
C ALA F 2326 12.24 -61.65 -62.69
N GLU F 2327 12.57 -61.45 -61.42
CA GLU F 2327 13.70 -60.61 -61.05
C GLU F 2327 15.00 -61.40 -61.10
N SER F 2328 16.03 -60.80 -61.70
CA SER F 2328 17.31 -61.46 -61.91
C SER F 2328 18.31 -61.20 -60.80
N SER F 2329 18.02 -60.30 -59.86
CA SER F 2329 18.93 -60.13 -58.73
C SER F 2329 18.85 -61.30 -57.76
N TRP F 2330 17.70 -61.98 -57.74
CA TRP F 2330 17.56 -63.17 -56.93
C TRP F 2330 18.34 -64.33 -57.51
N ALA F 2331 18.54 -64.35 -58.83
CA ALA F 2331 19.03 -65.54 -59.52
C ALA F 2331 20.46 -65.87 -59.18
N ALA F 2332 21.27 -64.87 -58.83
CA ALA F 2332 22.65 -65.11 -58.50
C ALA F 2332 22.88 -65.43 -57.02
N ARG F 2333 21.84 -65.28 -56.19
CA ARG F 2333 22.00 -65.42 -54.75
C ARG F 2333 21.17 -66.54 -54.14
N VAL F 2334 20.01 -66.82 -54.70
CA VAL F 2334 19.04 -67.70 -54.06
C VAL F 2334 19.01 -69.02 -54.82
N SER F 2335 18.59 -70.08 -54.15
CA SER F 2335 18.30 -71.35 -54.82
C SER F 2335 17.06 -71.91 -54.15
N LEU F 2336 15.93 -71.86 -54.84
CA LEU F 2336 14.66 -72.30 -54.31
C LEU F 2336 14.56 -73.81 -54.33
N ALA F 2337 13.81 -74.34 -53.37
CA ALA F 2337 13.31 -75.70 -53.46
C ALA F 2337 12.02 -75.73 -52.67
N HIS F 2338 11.03 -76.47 -53.15
CA HIS F 2338 9.77 -76.60 -52.46
C HIS F 2338 9.42 -78.06 -52.24
N ALA F 2339 8.88 -78.36 -51.05
CA ALA F 2339 8.34 -79.67 -50.76
C ALA F 2339 6.89 -79.52 -50.33
N LEU F 2340 6.00 -80.24 -51.01
CA LEU F 2340 4.64 -80.44 -50.51
C LEU F 2340 4.69 -81.47 -49.40
N ILE F 2341 4.40 -81.04 -48.17
CA ILE F 2341 4.51 -81.96 -47.04
C ILE F 2341 3.24 -82.81 -46.94
N GLY F 2342 3.37 -83.96 -46.31
CA GLY F 2342 2.25 -84.87 -46.19
C GLY F 2342 1.42 -84.66 -44.95
N TRP F 2343 1.23 -85.73 -44.18
CA TRP F 2343 0.42 -85.69 -42.96
C TRP F 2343 1.26 -86.23 -41.82
N THR F 2344 1.55 -85.38 -40.84
CA THR F 2344 2.35 -85.77 -39.68
C THR F 2344 1.45 -85.90 -38.46
N ARG F 2345 1.68 -86.94 -37.68
CA ARG F 2345 0.79 -87.30 -36.57
C ARG F 2345 1.09 -86.51 -35.30
N GLY F 2346 1.96 -85.51 -35.35
CA GLY F 2346 2.20 -84.64 -34.22
C GLY F 2346 1.75 -83.22 -34.49
N THR F 2347 0.70 -82.79 -33.79
CA THR F 2347 0.02 -81.49 -33.96
C THR F 2347 -0.37 -81.21 -35.41
N ASN F 2353 -6.97 -86.60 -32.37
CA ASN F 2353 -5.71 -86.71 -33.10
C ASN F 2353 -5.46 -88.18 -33.46
N ASP F 2354 -5.59 -89.05 -32.45
CA ASP F 2354 -5.43 -90.48 -32.69
C ASP F 2354 -6.57 -91.02 -33.55
N ALA F 2355 -7.77 -90.48 -33.36
CA ALA F 2355 -8.89 -90.82 -34.23
C ALA F 2355 -8.67 -90.33 -35.65
N ILE F 2356 -8.00 -89.17 -35.80
CA ILE F 2356 -7.63 -88.67 -37.12
C ILE F 2356 -6.65 -89.61 -37.80
N VAL F 2357 -5.64 -90.07 -37.04
CA VAL F 2357 -4.64 -90.99 -37.58
C VAL F 2357 -5.27 -92.33 -37.95
N ALA F 2358 -6.21 -92.81 -37.12
CA ALA F 2358 -6.91 -94.05 -37.43
C ALA F 2358 -7.79 -93.90 -38.67
N ALA F 2359 -8.44 -92.74 -38.83
CA ALA F 2359 -9.27 -92.50 -40.00
C ALA F 2359 -8.43 -92.42 -41.28
N VAL F 2360 -7.28 -91.74 -41.23
CA VAL F 2360 -6.50 -91.62 -42.45
C VAL F 2360 -5.75 -92.91 -42.77
N GLU F 2361 -5.44 -93.73 -41.77
CA GLU F 2361 -4.83 -95.02 -42.11
C GLU F 2361 -5.88 -96.03 -42.56
N GLU F 2362 -7.14 -95.84 -42.18
CA GLU F 2362 -8.21 -96.60 -42.84
C GLU F 2362 -8.46 -96.08 -44.24
N ALA F 2363 -8.22 -94.80 -44.47
CA ALA F 2363 -8.33 -94.25 -45.83
C ALA F 2363 -7.22 -94.79 -46.72
N GLY F 2364 -6.02 -94.96 -46.17
CA GLY F 2364 -4.92 -95.58 -46.89
C GLY F 2364 -3.72 -94.67 -47.12
N VAL F 2365 -3.81 -93.40 -46.80
CA VAL F 2365 -2.68 -92.49 -46.94
C VAL F 2365 -1.65 -92.78 -45.85
N THR F 2366 -0.38 -92.89 -46.26
CA THR F 2366 0.70 -93.17 -45.34
C THR F 2366 1.08 -91.90 -44.59
N THR F 2367 1.00 -91.94 -43.26
CA THR F 2367 1.36 -90.81 -42.43
C THR F 2367 2.86 -90.83 -42.12
N TYR F 2368 3.30 -89.88 -41.31
CA TYR F 2368 4.70 -89.81 -40.94
C TYR F 2368 4.79 -89.30 -39.51
N SER F 2369 5.92 -89.58 -38.87
CA SER F 2369 6.28 -88.89 -37.65
C SER F 2369 7.09 -87.66 -38.01
N THR F 2370 7.36 -86.84 -37.01
CA THR F 2370 8.08 -85.59 -37.24
C THR F 2370 9.53 -85.85 -37.63
N ASP F 2371 10.15 -86.87 -37.05
CA ASP F 2371 11.54 -87.18 -37.41
C ASP F 2371 11.64 -87.77 -38.80
N GLU F 2372 10.69 -88.65 -39.16
CA GLU F 2372 10.64 -89.20 -40.51
C GLU F 2372 10.42 -88.10 -41.54
N MET F 2373 9.52 -87.17 -41.23
CA MET F 2373 9.26 -86.07 -42.14
C MET F 2373 10.44 -85.13 -42.22
N ALA F 2374 11.17 -84.94 -41.12
CA ALA F 2374 12.32 -84.06 -41.14
C ALA F 2374 13.48 -84.67 -41.93
N ALA F 2375 13.65 -85.98 -41.86
CA ALA F 2375 14.68 -86.63 -42.68
C ALA F 2375 14.31 -86.60 -44.15
N LEU F 2376 13.07 -86.99 -44.47
CA LEU F 2376 12.60 -86.95 -45.86
C LEU F 2376 12.38 -85.55 -46.38
N LEU F 2377 12.53 -84.52 -45.55
CA LEU F 2377 12.57 -83.13 -45.98
C LEU F 2377 13.98 -82.61 -46.13
N LEU F 2378 14.85 -82.88 -45.17
CA LEU F 2378 16.21 -82.36 -45.16
C LEU F 2378 17.12 -83.10 -46.13
N ASP F 2379 16.67 -84.23 -46.68
CA ASP F 2379 17.40 -84.89 -47.76
C ASP F 2379 17.46 -84.05 -49.04
N LEU F 2380 16.59 -83.04 -49.18
CA LEU F 2380 16.61 -82.08 -50.28
C LEU F 2380 17.73 -81.05 -50.16
N CYS F 2381 18.63 -81.17 -49.20
CA CYS F 2381 19.62 -80.14 -48.94
C CYS F 2381 21.04 -80.63 -49.21
N ASP F 2382 21.20 -81.82 -49.77
CA ASP F 2382 22.53 -82.32 -50.10
C ASP F 2382 23.05 -81.63 -51.35
N ALA F 2383 24.23 -82.06 -51.80
CA ALA F 2383 24.93 -81.35 -52.87
C ALA F 2383 24.24 -81.52 -54.21
N GLU F 2384 23.69 -82.71 -54.47
CA GLU F 2384 23.02 -82.98 -55.74
C GLU F 2384 21.77 -82.12 -55.90
N SER F 2385 20.97 -82.03 -54.84
CA SER F 2385 19.74 -81.26 -54.92
C SER F 2385 20.01 -79.76 -54.99
N LYS F 2386 21.10 -79.28 -54.40
CA LYS F 2386 21.34 -77.84 -54.52
C LYS F 2386 21.99 -77.48 -55.86
N VAL F 2387 22.80 -78.37 -56.44
CA VAL F 2387 23.27 -78.13 -57.80
C VAL F 2387 22.11 -78.20 -58.78
N ALA F 2388 21.16 -79.11 -58.55
CA ALA F 2388 19.99 -79.19 -59.41
C ALA F 2388 19.07 -77.99 -59.24
N ALA F 2389 18.91 -77.51 -58.01
CA ALA F 2389 18.07 -76.36 -57.73
C ALA F 2389 18.73 -75.04 -58.09
N ALA F 2390 20.04 -75.05 -58.37
CA ALA F 2390 20.69 -73.85 -58.88
C ALA F 2390 20.12 -73.43 -60.23
N ARG F 2391 19.69 -74.39 -61.05
CA ARG F 2391 19.11 -74.08 -62.35
C ARG F 2391 17.64 -73.68 -62.22
N SER F 2392 16.82 -74.58 -61.72
CA SER F 2392 15.38 -74.43 -61.68
C SER F 2392 14.85 -74.80 -60.31
N PRO F 2393 13.73 -74.20 -59.89
CA PRO F 2393 13.13 -74.57 -58.59
C PRO F 2393 12.62 -76.00 -58.59
N ILE F 2394 13.21 -76.84 -57.73
CA ILE F 2394 12.72 -78.19 -57.55
C ILE F 2394 11.37 -78.14 -56.85
N LYS F 2395 10.42 -78.92 -57.35
CA LYS F 2395 9.05 -78.94 -56.83
C LYS F 2395 8.75 -80.39 -56.47
N ALA F 2396 9.12 -80.78 -55.25
CA ALA F 2396 9.04 -82.16 -54.84
C ALA F 2396 7.79 -82.40 -54.02
N ASP F 2397 7.26 -83.61 -54.13
CA ASP F 2397 6.11 -84.06 -53.36
C ASP F 2397 6.59 -85.06 -52.33
N LEU F 2398 6.14 -84.90 -51.08
CA LEU F 2398 6.42 -85.85 -50.03
C LEU F 2398 5.14 -86.39 -49.43
N THR F 2399 4.00 -86.05 -50.01
CA THR F 2399 2.71 -86.48 -49.48
C THR F 2399 2.46 -87.94 -49.85
N GLY F 2400 2.19 -88.76 -48.83
CA GLY F 2400 2.04 -90.18 -49.04
C GLY F 2400 0.64 -90.65 -49.33
N GLY F 2401 -0.09 -89.91 -50.16
CA GLY F 2401 -1.42 -90.31 -50.61
C GLY F 2401 -2.52 -89.30 -50.38
N LEU F 2402 -2.27 -88.18 -49.72
CA LEU F 2402 -3.28 -87.15 -49.57
C LEU F 2402 -3.23 -86.15 -50.72
N ALA F 2403 -2.33 -86.37 -51.70
CA ALA F 2403 -2.34 -85.57 -52.91
C ALA F 2403 -3.61 -85.78 -53.72
N GLU F 2404 -4.15 -86.99 -53.69
CA GLU F 2404 -5.50 -87.24 -54.21
C GLU F 2404 -6.50 -86.88 -53.12
N ALA F 2405 -7.51 -86.09 -53.47
CA ALA F 2405 -8.47 -85.58 -52.49
C ALA F 2405 -9.64 -86.55 -52.38
N ASN F 2406 -9.37 -87.67 -51.70
CA ASN F 2406 -10.42 -88.65 -51.46
C ASN F 2406 -11.34 -88.19 -50.33
N LEU F 2407 -10.74 -87.72 -49.23
CA LEU F 2407 -11.50 -87.26 -48.08
C LEU F 2407 -11.07 -85.82 -47.76
N ASP F 2408 -11.99 -85.04 -47.20
CA ASP F 2408 -11.75 -83.63 -46.95
C ASP F 2408 -11.62 -83.35 -45.46
N MET F 2409 -11.10 -82.14 -45.16
CA MET F 2409 -10.71 -81.80 -43.79
C MET F 2409 -11.93 -81.63 -42.89
N ALA F 2410 -12.96 -80.93 -43.36
CA ALA F 2410 -14.18 -80.79 -42.57
C ALA F 2410 -14.96 -82.10 -42.51
N GLU F 2411 -14.84 -82.93 -43.56
CA GLU F 2411 -15.43 -84.26 -43.56
C GLU F 2411 -14.82 -85.13 -42.46
N LEU F 2412 -13.52 -84.98 -42.22
CA LEU F 2412 -12.92 -85.64 -41.05
C LEU F 2412 -13.19 -84.89 -39.76
N ALA F 2413 -13.40 -83.58 -39.82
CA ALA F 2413 -13.52 -82.77 -38.61
C ALA F 2413 -14.85 -83.01 -37.91
N ALA F 2414 -15.92 -83.19 -38.69
CA ALA F 2414 -17.20 -83.54 -38.09
C ALA F 2414 -17.16 -84.92 -37.44
N LYS F 2415 -16.45 -85.85 -38.07
CA LYS F 2415 -16.26 -87.18 -37.51
C LYS F 2415 -15.44 -87.13 -36.22
N ALA F 2416 -14.34 -86.36 -36.23
CA ALA F 2416 -13.51 -86.21 -35.04
C ALA F 2416 -14.26 -85.52 -33.92
N ARG F 2417 -15.18 -84.61 -34.27
CA ARG F 2417 -16.04 -83.99 -33.27
C ARG F 2417 -16.96 -85.01 -32.62
N GLU F 2418 -17.60 -85.86 -33.43
CA GLU F 2418 -18.57 -86.79 -32.88
C GLU F 2418 -17.94 -88.02 -32.21
N GLN F 2419 -16.69 -88.38 -32.52
CA GLN F 2419 -16.03 -89.38 -31.68
C GLN F 2419 -15.03 -88.76 -30.68
N MET F 2420 -14.98 -87.44 -30.58
CA MET F 2420 -14.28 -86.79 -29.48
C MET F 2420 -15.22 -86.40 -28.36
N SER F 2421 -16.48 -86.11 -28.67
CA SER F 2421 -17.45 -85.75 -27.65
C SER F 2421 -17.78 -86.94 -26.74
N ALA F 2422 -17.63 -88.17 -27.24
CA ALA F 2422 -18.12 -89.33 -26.52
C ALA F 2422 -17.15 -89.79 -25.43
N ALA F 2423 -15.86 -89.88 -25.74
CA ALA F 2423 -14.93 -90.49 -24.80
C ALA F 2423 -14.55 -89.53 -23.68
N ALA F 2424 -14.45 -88.23 -24.00
CA ALA F 2424 -13.94 -87.26 -23.02
C ALA F 2424 -14.99 -86.90 -21.98
N ALA F 2425 -16.27 -86.87 -22.36
CA ALA F 2425 -17.31 -86.38 -21.45
C ALA F 2425 -17.76 -87.47 -20.49
N VAL F 2426 -17.81 -88.72 -20.95
CA VAL F 2426 -18.34 -89.81 -20.15
C VAL F 2426 -17.17 -90.64 -19.56
N ASP F 2427 -16.02 -90.00 -19.39
CA ASP F 2427 -14.93 -90.63 -18.64
C ASP F 2427 -15.33 -90.80 -17.18
N GLU F 2428 -15.51 -92.06 -16.77
CA GLU F 2428 -16.05 -92.37 -15.46
C GLU F 2428 -15.05 -92.03 -14.36
N ASP F 2429 -15.58 -91.89 -13.14
CA ASP F 2429 -14.78 -91.53 -11.98
C ASP F 2429 -14.76 -92.73 -11.04
N ALA F 2430 -13.56 -93.08 -10.55
CA ALA F 2430 -13.37 -94.22 -9.68
C ALA F 2430 -12.59 -93.78 -8.46
N GLU F 2431 -13.26 -93.72 -7.30
CA GLU F 2431 -12.65 -93.34 -6.05
C GLU F 2431 -12.59 -94.54 -5.11
N ALA F 2432 -11.51 -94.66 -4.37
CA ALA F 2432 -11.28 -95.81 -3.52
C ALA F 2432 -12.17 -95.73 -2.28
N PRO F 2433 -12.70 -96.86 -1.81
CA PRO F 2433 -13.56 -96.83 -0.62
C PRO F 2433 -12.83 -96.58 0.69
N GLY F 2434 -11.54 -96.94 0.79
CA GLY F 2434 -10.80 -96.64 2.00
C GLY F 2434 -10.51 -95.17 2.13
N ALA F 2435 -9.56 -94.67 1.32
CA ALA F 2435 -9.32 -93.25 1.05
C ALA F 2435 -9.06 -92.44 2.32
N ILE F 2436 -7.98 -92.78 3.01
CA ILE F 2436 -7.61 -92.06 4.23
C ILE F 2436 -6.55 -91.04 3.84
N ALA F 2437 -6.43 -89.98 4.64
CA ALA F 2437 -5.53 -88.89 4.30
C ALA F 2437 -4.07 -89.28 4.51
N ALA F 2438 -3.18 -88.35 4.19
CA ALA F 2438 -1.76 -88.53 4.40
C ALA F 2438 -1.25 -87.46 5.36
N LEU F 2439 -0.45 -87.88 6.33
CA LEU F 2439 0.01 -86.96 7.35
C LEU F 2439 1.53 -86.87 7.32
N PRO F 2440 2.11 -85.74 7.76
CA PRO F 2440 3.56 -85.61 7.78
C PRO F 2440 4.20 -86.58 8.76
N SER F 2441 5.25 -87.25 8.29
CA SER F 2441 5.80 -88.41 8.97
C SER F 2441 6.46 -88.00 10.29
N PRO F 2442 6.48 -88.89 11.28
CA PRO F 2442 7.13 -88.55 12.55
C PRO F 2442 8.62 -88.56 12.37
N PRO F 2443 9.38 -87.89 13.27
CA PRO F 2443 10.82 -87.78 13.05
C PRO F 2443 11.55 -89.10 13.24
N ARG F 2444 11.96 -89.66 12.11
CA ARG F 2444 12.79 -90.84 12.04
C ARG F 2444 14.23 -90.41 11.76
N GLY F 2445 15.15 -91.33 11.99
CA GLY F 2445 16.56 -91.02 11.88
C GLY F 2445 16.99 -90.76 10.45
N PHE F 2446 18.23 -90.28 10.33
CA PHE F 2446 18.78 -89.98 9.01
C PHE F 2446 19.08 -91.28 8.28
N THR F 2447 18.94 -91.24 6.95
CA THR F 2447 19.35 -92.37 6.13
C THR F 2447 20.53 -91.93 5.27
N PRO F 2448 21.75 -92.23 5.68
CA PRO F 2448 22.91 -91.85 4.87
C PRO F 2448 23.12 -92.84 3.73
N ALA F 2449 24.11 -92.54 2.91
CA ALA F 2449 24.52 -93.46 1.87
C ALA F 2449 25.20 -94.67 2.50
N PRO F 2450 25.24 -95.81 1.81
CA PRO F 2450 26.08 -96.91 2.25
C PRO F 2450 27.54 -96.50 2.22
N PRO F 2451 28.21 -96.51 3.37
CA PRO F 2451 29.51 -95.87 3.51
C PRO F 2451 30.58 -96.62 2.74
N PRO F 2452 31.69 -95.97 2.40
CA PRO F 2452 32.73 -96.67 1.64
C PRO F 2452 33.51 -97.68 2.46
N GLN F 2453 34.58 -98.21 1.90
CA GLN F 2453 35.33 -99.25 2.56
C GLN F 2453 36.81 -98.91 2.47
N TRP F 2454 37.43 -98.67 3.63
CA TRP F 2454 38.87 -98.73 3.70
C TRP F 2454 39.28 -99.30 5.05
N ASP F 2455 40.58 -99.54 5.17
CA ASP F 2455 41.13 -100.38 6.20
C ASP F 2455 41.19 -99.63 7.53
N ASP F 2456 41.65 -100.34 8.56
CA ASP F 2456 41.86 -99.73 9.86
C ASP F 2456 43.03 -98.76 9.78
N LEU F 2457 42.91 -97.65 10.48
CA LEU F 2457 43.95 -96.63 10.48
C LEU F 2457 44.79 -96.75 11.72
N ASP F 2458 46.10 -96.54 11.56
CA ASP F 2458 47.01 -96.55 12.70
C ASP F 2458 47.01 -95.24 13.46
N VAL F 2459 46.24 -94.26 13.01
CA VAL F 2459 46.15 -92.98 13.71
C VAL F 2459 45.30 -93.16 14.96
N ASP F 2460 45.81 -92.73 16.07
CA ASP F 2460 45.07 -92.70 17.31
C ASP F 2460 44.05 -91.57 17.28
N PRO F 2461 42.88 -91.73 17.88
CA PRO F 2461 41.88 -90.65 17.84
C PRO F 2461 42.17 -89.47 18.75
N ALA F 2462 43.37 -89.39 19.30
CA ALA F 2462 43.83 -88.15 19.93
C ALA F 2462 44.34 -87.16 18.91
N ASP F 2463 44.66 -87.62 17.70
CA ASP F 2463 45.25 -86.78 16.67
C ASP F 2463 44.29 -86.53 15.53
N LEU F 2464 43.01 -86.37 15.86
CA LEU F 2464 41.99 -86.08 14.87
C LEU F 2464 41.15 -84.90 15.32
N VAL F 2465 40.90 -83.98 14.41
CA VAL F 2465 39.99 -82.88 14.64
C VAL F 2465 38.75 -83.13 13.80
N VAL F 2466 37.61 -83.26 14.45
CA VAL F 2466 36.38 -83.62 13.79
C VAL F 2466 35.40 -82.46 13.87
N ILE F 2467 34.45 -82.43 12.95
CA ILE F 2467 33.36 -81.46 12.98
C ILE F 2467 32.17 -82.17 13.57
N VAL F 2468 31.72 -81.73 14.74
CA VAL F 2468 30.69 -82.42 15.48
C VAL F 2468 29.33 -81.79 15.26
N GLY F 2469 29.24 -80.47 15.40
CA GLY F 2469 28.02 -79.77 15.20
C GLY F 2469 28.03 -78.94 13.95
N GLY F 2470 27.14 -77.96 13.90
CA GLY F 2470 27.08 -77.05 12.78
C GLY F 2470 25.66 -76.63 12.49
N ALA F 2471 25.46 -75.33 12.27
CA ALA F 2471 24.19 -74.80 11.83
C ALA F 2471 24.44 -73.48 11.15
N GLU F 2472 23.48 -73.06 10.34
CA GLU F 2472 23.64 -71.86 9.55
C GLU F 2472 22.33 -71.12 9.53
N ILE F 2473 22.40 -69.88 9.06
CA ILE F 2473 21.22 -69.08 8.80
C ILE F 2473 21.51 -68.20 7.60
N GLY F 2474 20.66 -68.29 6.59
CA GLY F 2474 20.92 -67.61 5.35
C GLY F 2474 19.64 -67.38 4.58
N PRO F 2475 19.74 -67.31 3.25
CA PRO F 2475 18.57 -66.98 2.44
C PRO F 2475 17.49 -68.04 2.44
N TYR F 2476 17.78 -69.26 2.88
CA TYR F 2476 16.76 -70.30 2.97
C TYR F 2476 16.48 -70.69 4.41
N GLY F 2477 17.04 -70.00 5.37
CA GLY F 2477 16.84 -70.34 6.76
C GLY F 2477 17.87 -71.33 7.22
N SER F 2478 17.41 -72.41 7.82
CA SER F 2478 18.32 -73.38 8.40
C SER F 2478 18.96 -74.24 7.32
N SER F 2479 19.98 -74.99 7.72
CA SER F 2479 20.73 -75.81 6.78
C SER F 2479 19.91 -76.97 6.24
N ARG F 2480 18.92 -77.41 7.01
CA ARG F 2480 18.02 -78.47 6.57
C ARG F 2480 17.21 -78.04 5.36
N THR F 2481 16.52 -76.91 5.47
CA THR F 2481 15.71 -76.44 4.36
C THR F 2481 16.57 -75.95 3.21
N ARG F 2482 17.75 -75.40 3.51
CA ARG F 2482 18.62 -74.96 2.43
C ARG F 2482 19.12 -76.14 1.62
N PHE F 2483 19.47 -77.25 2.28
CA PHE F 2483 19.93 -78.41 1.53
C PHE F 2483 18.79 -79.10 0.80
N GLU F 2484 17.58 -79.06 1.37
CA GLU F 2484 16.47 -79.71 0.68
C GLU F 2484 16.08 -78.94 -0.58
N MET F 2485 16.03 -77.62 -0.50
CA MET F 2485 15.78 -76.83 -1.70
C MET F 2485 16.97 -76.88 -2.65
N GLU F 2486 18.17 -77.15 -2.12
CA GLU F 2486 19.34 -77.27 -2.99
C GLU F 2486 19.28 -78.53 -3.82
N VAL F 2487 18.89 -79.64 -3.21
CA VAL F 2487 18.88 -80.90 -3.96
C VAL F 2487 17.60 -81.03 -4.76
N GLU F 2488 16.46 -81.12 -4.10
CA GLU F 2488 15.28 -81.61 -4.78
C GLU F 2488 14.36 -80.50 -5.26
N ASN F 2489 14.80 -79.25 -5.20
CA ASN F 2489 14.12 -78.07 -5.76
C ASN F 2489 12.75 -77.81 -5.13
N GLU F 2490 12.45 -78.45 -4.01
CA GLU F 2490 11.15 -78.31 -3.36
C GLU F 2490 11.28 -78.76 -1.92
N LEU F 2491 10.35 -78.31 -1.10
CA LEU F 2491 10.42 -78.58 0.33
C LEU F 2491 9.64 -79.83 0.69
N SER F 2492 10.08 -80.47 1.75
CA SER F 2492 9.31 -81.53 2.36
C SER F 2492 8.28 -80.90 3.29
N ALA F 2493 7.43 -81.74 3.87
CA ALA F 2493 6.40 -81.24 4.77
C ALA F 2493 7.00 -80.68 6.04
N ALA F 2494 8.09 -81.29 6.50
CA ALA F 2494 8.78 -80.78 7.69
C ALA F 2494 9.44 -79.43 7.40
N GLY F 2495 9.96 -79.26 6.19
CA GLY F 2495 10.57 -77.99 5.85
C GLY F 2495 9.54 -76.89 5.69
N VAL F 2496 8.37 -77.23 5.14
CA VAL F 2496 7.28 -76.27 5.05
C VAL F 2496 6.81 -75.87 6.44
N LEU F 2497 6.69 -76.84 7.34
CA LEU F 2497 6.27 -76.55 8.70
C LEU F 2497 7.30 -75.69 9.43
N GLU F 2498 8.58 -75.95 9.21
CA GLU F 2498 9.62 -75.16 9.85
C GLU F 2498 9.65 -73.73 9.33
N LEU F 2499 9.56 -73.53 8.02
CA LEU F 2499 9.59 -72.17 7.52
C LEU F 2499 8.30 -71.41 7.82
N ALA F 2500 7.16 -72.08 7.85
CA ALA F 2500 5.92 -71.38 8.20
C ALA F 2500 5.88 -71.06 9.69
N TRP F 2501 6.50 -71.89 10.52
CA TRP F 2501 6.67 -71.56 11.94
C TRP F 2501 7.61 -70.39 12.11
N THR F 2502 8.68 -70.35 11.31
CA THR F 2502 9.73 -69.38 11.55
C THR F 2502 9.33 -68.01 11.02
N THR F 2503 8.67 -67.94 9.88
CA THR F 2503 8.28 -66.68 9.28
C THR F 2503 6.94 -66.16 9.81
N GLY F 2504 6.43 -66.73 10.88
CA GLY F 2504 5.26 -66.18 11.53
C GLY F 2504 3.94 -66.45 10.84
N LEU F 2505 3.90 -67.35 9.87
CA LEU F 2505 2.63 -67.67 9.24
C LEU F 2505 1.76 -68.58 10.09
N ILE F 2506 2.34 -69.25 11.08
CA ILE F 2506 1.64 -70.26 11.86
C ILE F 2506 2.05 -70.14 13.32
N ARG F 2507 1.08 -70.12 14.22
CA ARG F 2507 1.33 -70.22 15.65
C ARG F 2507 0.68 -71.49 16.19
N TRP F 2508 1.17 -71.91 17.35
CA TRP F 2508 0.55 -72.98 18.12
C TRP F 2508 -0.21 -72.35 19.27
N GLU F 2509 -1.52 -72.55 19.29
CA GLU F 2509 -2.35 -72.16 20.41
C GLU F 2509 -3.19 -73.35 20.81
N ASP F 2510 -3.70 -73.30 22.04
CA ASP F 2510 -4.50 -74.41 22.55
C ASP F 2510 -5.74 -73.97 23.30
N ASP F 2511 -6.14 -72.71 23.19
CA ASP F 2511 -7.29 -72.27 23.97
C ASP F 2511 -8.61 -72.74 23.37
N PRO F 2512 -8.89 -72.61 22.06
CA PRO F 2512 -10.10 -73.29 21.56
C PRO F 2512 -9.89 -74.78 21.46
N GLN F 2513 -8.74 -75.19 20.98
CA GLN F 2513 -8.37 -76.57 20.68
C GLN F 2513 -6.88 -76.56 20.42
N PRO F 2514 -6.12 -77.54 20.90
CA PRO F 2514 -4.69 -77.56 20.61
C PRO F 2514 -4.43 -77.94 19.16
N GLY F 2515 -3.65 -77.10 18.49
CA GLY F 2515 -3.40 -77.25 17.07
C GLY F 2515 -2.71 -76.01 16.57
N TRP F 2516 -2.21 -76.10 15.34
CA TRP F 2516 -1.61 -74.94 14.72
C TRP F 2516 -2.70 -74.03 14.18
N TYR F 2517 -2.56 -72.74 14.42
CA TYR F 2517 -3.51 -71.76 13.90
C TYR F 2517 -2.83 -70.84 12.90
N ASP F 2518 -3.64 -70.32 11.98
CA ASP F 2518 -3.15 -69.31 11.06
C ASP F 2518 -2.93 -68.01 11.81
N THR F 2519 -2.02 -67.19 11.29
CA THR F 2519 -1.71 -65.93 11.97
C THR F 2519 -2.78 -64.89 11.70
N GLU F 2520 -3.04 -64.59 10.42
CA GLU F 2520 -3.92 -63.49 10.10
C GLU F 2520 -5.39 -63.85 10.27
N SER F 2521 -5.77 -65.10 10.05
CA SER F 2521 -7.17 -65.47 10.06
C SER F 2521 -7.56 -66.40 11.20
N GLY F 2522 -6.63 -67.19 11.74
CA GLY F 2522 -6.88 -67.94 12.94
C GLY F 2522 -7.83 -69.11 12.81
N GLU F 2523 -7.41 -70.18 12.13
CA GLU F 2523 -8.22 -71.37 12.01
C GLU F 2523 -7.36 -72.60 12.25
N MET F 2524 -8.03 -73.67 12.66
CA MET F 2524 -7.40 -74.98 12.80
C MET F 2524 -6.98 -75.48 11.42
N VAL F 2525 -5.70 -75.43 11.13
CA VAL F 2525 -5.20 -75.98 9.88
C VAL F 2525 -5.09 -77.49 10.02
N ASP F 2526 -5.24 -78.18 8.90
CA ASP F 2526 -5.05 -79.62 8.87
C ASP F 2526 -3.61 -79.92 8.47
N GLU F 2527 -3.05 -80.97 9.07
CA GLU F 2527 -1.71 -81.39 8.71
C GLU F 2527 -1.64 -81.94 7.29
N SER F 2528 -2.75 -82.44 6.77
CA SER F 2528 -2.78 -82.91 5.39
C SER F 2528 -2.74 -81.77 4.39
N GLU F 2529 -3.07 -80.56 4.81
CA GLU F 2529 -3.20 -79.42 3.91
C GLU F 2529 -2.01 -78.47 3.97
N LEU F 2530 -0.97 -78.82 4.72
CA LEU F 2530 0.12 -77.88 5.02
C LEU F 2530 0.89 -77.49 3.77
N VAL F 2531 1.36 -78.47 3.01
CA VAL F 2531 2.15 -78.16 1.84
C VAL F 2531 1.29 -77.51 0.77
N GLN F 2532 0.10 -78.06 0.54
CA GLN F 2532 -0.75 -77.57 -0.54
C GLN F 2532 -1.38 -76.22 -0.22
N ARG F 2533 -1.32 -75.75 1.03
CA ARG F 2533 -1.77 -74.40 1.33
C ARG F 2533 -0.66 -73.44 1.70
N TYR F 2534 0.57 -73.90 1.94
CA TYR F 2534 1.61 -73.01 2.41
C TYR F 2534 2.91 -73.13 1.65
N HIS F 2535 2.95 -73.90 0.56
CA HIS F 2535 4.20 -74.04 -0.16
C HIS F 2535 4.54 -72.78 -0.95
N ASP F 2536 3.55 -72.23 -1.65
CA ASP F 2536 3.79 -71.09 -2.52
C ASP F 2536 4.11 -69.84 -1.73
N ALA F 2537 3.54 -69.70 -0.54
CA ALA F 2537 3.82 -68.53 0.30
C ALA F 2537 5.26 -68.52 0.77
N VAL F 2538 5.77 -69.66 1.23
CA VAL F 2538 7.14 -69.66 1.73
C VAL F 2538 8.13 -69.63 0.57
N VAL F 2539 7.74 -70.15 -0.61
CA VAL F 2539 8.62 -70.02 -1.76
C VAL F 2539 8.69 -68.56 -2.22
N GLN F 2540 7.59 -67.80 -2.07
CA GLN F 2540 7.67 -66.37 -2.32
C GLN F 2540 8.53 -65.66 -1.28
N ARG F 2541 8.41 -66.04 -0.01
CA ARG F 2541 9.11 -65.32 1.03
C ARG F 2541 10.58 -65.69 1.15
N VAL F 2542 11.02 -66.78 0.53
CA VAL F 2542 12.33 -67.36 0.78
C VAL F 2542 13.07 -67.48 -0.54
N GLY F 2543 14.26 -66.90 -0.61
CA GLY F 2543 15.10 -67.04 -1.80
C GLY F 2543 15.81 -65.77 -2.19
N ILE F 2544 16.60 -65.86 -3.25
CA ILE F 2544 17.16 -64.68 -3.89
C ILE F 2544 16.03 -63.90 -4.55
N ARG F 2545 15.89 -62.64 -4.17
CA ARG F 2545 14.70 -61.88 -4.52
C ARG F 2545 15.02 -60.40 -4.39
N GLU F 2546 14.02 -59.58 -4.70
CA GLU F 2546 14.17 -58.13 -4.63
C GLU F 2546 14.25 -57.68 -3.18
N PHE F 2547 15.03 -56.62 -2.94
CA PHE F 2547 15.22 -56.03 -1.62
C PHE F 2547 13.90 -55.59 -1.02
N VAL F 2548 13.51 -56.18 0.09
CA VAL F 2548 12.30 -55.81 0.82
C VAL F 2548 12.72 -55.25 2.17
N ASP F 2549 12.21 -54.08 2.50
CA ASP F 2549 12.64 -53.40 3.71
C ASP F 2549 12.00 -54.06 4.94
N ASP F 2550 12.83 -54.31 5.95
CA ASP F 2550 12.39 -54.92 7.20
C ASP F 2550 12.97 -54.15 8.38
N GLY F 2551 12.86 -52.82 8.32
CA GLY F 2551 13.34 -51.97 9.39
C GLY F 2551 12.26 -51.09 9.96
N ALA F 2552 11.10 -51.07 9.30
CA ALA F 2552 9.90 -50.31 9.69
C ALA F 2552 10.18 -48.82 9.81
N ILE F 2553 11.09 -48.30 8.98
CA ILE F 2553 11.46 -46.89 8.99
C ILE F 2553 11.27 -46.34 7.59
N ASP F 2554 11.61 -45.06 7.41
CA ASP F 2554 11.53 -44.44 6.10
C ASP F 2554 12.79 -44.73 5.30
N PRO F 2555 12.66 -45.03 4.01
CA PRO F 2555 13.85 -45.27 3.16
C PRO F 2555 14.51 -44.00 2.65
N ASP F 2556 14.07 -42.82 3.08
CA ASP F 2556 14.57 -41.55 2.58
C ASP F 2556 15.50 -40.87 3.58
N HIS F 2557 16.39 -41.64 4.21
CA HIS F 2557 17.34 -41.09 5.17
C HIS F 2557 18.81 -41.31 4.80
N ALA F 2558 19.12 -42.41 4.10
CA ALA F 2558 20.52 -42.78 3.85
C ALA F 2558 20.76 -42.93 2.36
N SER F 2559 21.17 -41.83 1.71
CA SER F 2559 21.58 -41.84 0.30
C SER F 2559 22.42 -40.60 0.05
N PRO F 2560 23.54 -40.71 -0.67
CA PRO F 2560 24.34 -39.52 -0.97
C PRO F 2560 23.69 -38.66 -2.04
N LEU F 2561 23.63 -37.34 -1.78
CA LEU F 2561 23.03 -36.41 -2.72
C LEU F 2561 23.59 -35.02 -2.46
N LEU F 2562 23.69 -34.24 -3.52
CA LEU F 2562 24.34 -32.93 -3.48
C LEU F 2562 23.27 -31.84 -3.47
N VAL F 2563 23.28 -31.01 -2.42
CA VAL F 2563 22.49 -29.79 -2.38
C VAL F 2563 23.38 -28.64 -1.91
N SER F 2564 23.25 -27.49 -2.58
CA SER F 2564 23.95 -26.28 -2.18
C SER F 2564 23.09 -25.09 -2.62
N VAL F 2565 22.28 -24.59 -1.71
CA VAL F 2565 21.47 -23.40 -1.95
C VAL F 2565 21.90 -22.35 -0.94
N PHE F 2566 21.80 -21.08 -1.32
CA PHE F 2566 22.21 -19.97 -0.46
C PHE F 2566 20.98 -19.13 -0.15
N LEU F 2567 20.83 -18.77 1.12
CA LEU F 2567 19.57 -18.23 1.63
C LEU F 2567 19.84 -16.87 2.25
N GLU F 2568 18.96 -15.91 1.95
CA GLU F 2568 19.15 -14.51 2.32
C GLU F 2568 17.96 -13.95 3.08
N LYS F 2569 17.11 -14.82 3.64
CA LYS F 2569 15.74 -14.45 3.98
C LYS F 2569 15.39 -14.71 5.44
N ASP F 2570 14.11 -14.60 5.74
CA ASP F 2570 13.59 -14.64 7.11
C ASP F 2570 13.71 -16.02 7.72
N PHE F 2571 13.97 -16.05 9.03
CA PHE F 2571 14.11 -17.28 9.79
C PHE F 2571 13.01 -17.33 10.83
N ALA F 2572 11.98 -18.13 10.57
CA ALA F 2572 10.91 -18.33 11.54
C ALA F 2572 11.30 -19.43 12.53
N PHE F 2573 11.04 -19.19 13.81
CA PHE F 2573 11.63 -20.01 14.86
C PHE F 2573 10.66 -20.64 15.85
N VAL F 2574 11.24 -21.25 16.88
CA VAL F 2574 10.53 -22.02 17.89
C VAL F 2574 10.85 -21.41 19.25
N VAL F 2575 10.06 -21.76 20.25
CA VAL F 2575 10.26 -21.27 21.61
C VAL F 2575 11.48 -21.97 22.21
N SER F 2576 12.60 -21.25 22.28
CA SER F 2576 13.79 -21.72 22.97
C SER F 2576 14.10 -20.75 24.11
N SER F 2577 15.02 -21.15 24.96
CA SER F 2577 15.46 -20.27 26.03
C SER F 2577 16.44 -19.23 25.49
N GLU F 2578 16.72 -18.23 26.31
CA GLU F 2578 17.73 -17.24 25.95
C GLU F 2578 19.11 -17.86 25.89
N ALA F 2579 19.41 -18.81 26.78
CA ALA F 2579 20.70 -19.48 26.76
C ALA F 2579 20.82 -20.42 25.56
N ASP F 2580 19.73 -21.09 25.20
CA ASP F 2580 19.76 -21.96 24.02
C ASP F 2580 19.86 -21.15 22.74
N ALA F 2581 19.20 -19.98 22.70
CA ALA F 2581 19.34 -19.08 21.56
C ALA F 2581 20.76 -18.54 21.46
N ARG F 2582 21.37 -18.19 22.60
CA ARG F 2582 22.74 -17.71 22.59
C ARG F 2582 23.72 -18.81 22.16
N ALA F 2583 23.49 -20.04 22.62
CA ALA F 2583 24.34 -21.15 22.19
C ALA F 2583 24.13 -21.50 20.72
N PHE F 2584 22.95 -21.23 20.17
CA PHE F 2584 22.76 -21.38 18.73
C PHE F 2584 23.53 -20.31 17.96
N VAL F 2585 23.48 -19.06 18.45
CA VAL F 2585 24.08 -17.94 17.73
C VAL F 2585 25.56 -17.73 18.13
N GLU F 2586 26.13 -18.66 18.91
CA GLU F 2586 27.57 -18.63 19.20
C GLU F 2586 28.43 -18.69 17.93
N PHE F 2587 28.09 -19.56 16.99
CA PHE F 2587 28.83 -19.60 15.73
C PHE F 2587 28.39 -18.49 14.78
N ASP F 2588 27.19 -17.97 14.96
CA ASP F 2588 26.59 -17.04 14.01
C ASP F 2588 27.08 -15.58 13.93
N PRO F 2589 27.50 -14.92 15.03
CA PRO F 2589 27.22 -13.47 15.15
C PRO F 2589 27.96 -12.56 14.18
N GLU F 2590 28.89 -13.08 13.38
CA GLU F 2590 29.55 -12.28 12.36
C GLU F 2590 28.85 -12.35 11.01
N HIS F 2591 27.89 -13.26 10.84
CA HIS F 2591 27.18 -13.41 9.58
C HIS F 2591 25.68 -13.12 9.70
N THR F 2592 25.25 -12.39 10.73
CA THR F 2592 23.83 -12.33 11.01
C THR F 2592 23.45 -11.07 11.77
N VAL F 2593 22.15 -10.97 12.02
CA VAL F 2593 21.54 -9.96 12.88
C VAL F 2593 20.71 -10.70 13.93
N ILE F 2594 20.80 -10.24 15.18
CA ILE F 2594 20.10 -10.85 16.31
C ILE F 2594 18.93 -9.93 16.69
N ARG F 2595 17.73 -10.50 16.84
CA ARG F 2595 16.62 -9.73 17.37
C ARG F 2595 15.90 -10.47 18.47
N PRO F 2596 15.78 -9.90 19.66
CA PRO F 2596 15.08 -10.60 20.74
C PRO F 2596 13.57 -10.56 20.59
N VAL F 2597 12.93 -11.67 20.94
CA VAL F 2597 11.48 -11.77 20.97
C VAL F 2597 11.06 -12.13 22.40
N PRO F 2598 10.50 -11.20 23.17
CA PRO F 2598 10.04 -11.53 24.51
C PRO F 2598 8.76 -12.34 24.53
N ASP F 2599 7.95 -12.28 23.46
CA ASP F 2599 6.72 -13.06 23.41
C ASP F 2599 6.99 -14.56 23.31
N SER F 2600 8.11 -14.93 22.70
CA SER F 2600 8.57 -16.31 22.68
C SER F 2600 9.74 -16.54 23.64
N THR F 2601 10.19 -15.51 24.33
CA THR F 2601 11.29 -15.54 25.31
C THR F 2601 12.58 -16.10 24.70
N ASP F 2602 12.91 -15.62 23.51
CA ASP F 2602 14.08 -16.13 22.81
C ASP F 2602 14.72 -15.01 22.01
N TRP F 2603 15.66 -15.38 21.15
CA TRP F 2603 16.19 -14.51 20.12
C TRP F 2603 15.82 -15.08 18.76
N GLN F 2604 16.11 -14.29 17.73
CA GLN F 2604 15.96 -14.72 16.35
C GLN F 2604 17.23 -14.32 15.60
N VAL F 2605 17.89 -15.30 15.01
CA VAL F 2605 19.02 -15.09 14.14
C VAL F 2605 18.46 -14.86 12.74
N ILE F 2606 19.07 -13.94 11.99
CA ILE F 2606 18.71 -13.71 10.59
C ILE F 2606 20.01 -13.55 9.83
N ARG F 2607 20.32 -14.50 8.95
CA ARG F 2607 21.63 -14.54 8.34
C ARG F 2607 21.61 -13.97 6.93
N LYS F 2608 22.72 -13.34 6.56
CA LYS F 2608 22.84 -12.59 5.31
C LYS F 2608 23.12 -13.50 4.12
N ALA F 2609 23.54 -12.91 3.00
CA ALA F 2609 23.92 -13.66 1.82
C ALA F 2609 25.19 -14.47 2.07
N GLY F 2610 25.38 -15.50 1.25
CA GLY F 2610 26.42 -16.47 1.47
C GLY F 2610 26.08 -17.57 2.44
N THR F 2611 24.98 -17.42 3.18
CA THR F 2611 24.54 -18.43 4.14
C THR F 2611 23.90 -19.58 3.40
N GLU F 2612 24.50 -20.76 3.49
CA GLU F 2612 23.93 -21.98 2.93
C GLU F 2612 23.23 -22.76 4.02
N ILE F 2613 22.14 -23.43 3.65
CA ILE F 2613 21.45 -24.34 4.55
C ILE F 2613 21.41 -25.71 3.89
N ARG F 2614 21.60 -26.74 4.70
CA ARG F 2614 21.49 -28.11 4.21
C ARG F 2614 20.03 -28.43 3.94
N VAL F 2615 19.71 -28.78 2.70
CA VAL F 2615 18.36 -29.14 2.33
C VAL F 2615 18.35 -30.58 1.82
N PRO F 2616 18.33 -31.57 2.72
CA PRO F 2616 18.62 -32.95 2.33
C PRO F 2616 17.53 -33.59 1.50
N ARG F 2617 17.77 -33.71 0.20
CA ARG F 2617 16.96 -34.56 -0.66
C ARG F 2617 17.60 -35.93 -0.68
N LYS F 2618 16.78 -36.97 -0.54
CA LYS F 2618 17.29 -38.33 -0.48
C LYS F 2618 16.76 -39.09 -1.68
N THR F 2619 17.66 -39.48 -2.57
CA THR F 2619 17.30 -40.18 -3.79
C THR F 2619 16.90 -41.63 -3.49
N LYS F 2620 16.53 -42.34 -4.56
CA LYS F 2620 16.08 -43.72 -4.44
C LYS F 2620 16.51 -44.49 -5.69
N LEU F 2621 17.53 -45.33 -5.54
CA LEU F 2621 17.84 -46.34 -6.55
C LEU F 2621 17.05 -47.58 -6.18
N SER F 2622 16.08 -47.95 -7.02
CA SER F 2622 15.15 -49.01 -6.71
C SER F 2622 15.61 -50.32 -7.31
N ARG F 2623 14.98 -51.40 -6.81
CA ARG F 2623 15.14 -52.77 -7.28
C ARG F 2623 16.61 -53.22 -7.18
N VAL F 2624 17.05 -53.35 -5.95
CA VAL F 2624 18.25 -54.10 -5.63
C VAL F 2624 17.84 -55.55 -5.40
N VAL F 2625 18.50 -56.48 -6.03
CA VAL F 2625 18.23 -57.88 -5.82
C VAL F 2625 19.29 -58.43 -4.87
N GLY F 2626 18.86 -59.29 -3.95
CA GLY F 2626 19.77 -59.78 -2.94
C GLY F 2626 19.35 -61.10 -2.34
N GLY F 2627 20.06 -61.49 -1.30
CA GLY F 2627 19.90 -62.79 -0.68
C GLY F 2627 19.46 -62.71 0.76
N GLN F 2628 18.43 -61.92 1.06
CA GLN F 2628 18.02 -61.63 2.42
C GLN F 2628 17.60 -62.89 3.18
N ILE F 2629 17.56 -62.74 4.51
CA ILE F 2629 16.93 -63.63 5.48
C ILE F 2629 15.45 -63.72 5.11
N PRO F 2630 14.77 -64.84 5.37
CA PRO F 2630 13.33 -64.92 5.08
C PRO F 2630 12.49 -63.81 5.69
N THR F 2631 11.60 -63.26 4.87
CA THR F 2631 10.82 -62.08 5.24
C THR F 2631 9.85 -62.42 6.34
N GLY F 2632 9.95 -61.71 7.45
CA GLY F 2632 9.19 -62.06 8.62
C GLY F 2632 9.91 -63.02 9.54
N PHE F 2633 11.24 -63.07 9.47
CA PHE F 2633 12.00 -63.89 10.39
C PHE F 2633 11.87 -63.32 11.80
N ASP F 2634 11.20 -64.06 12.67
CA ASP F 2634 10.98 -63.65 14.05
C ASP F 2634 11.85 -64.52 14.94
N PRO F 2635 13.00 -64.02 15.41
CA PRO F 2635 13.86 -64.85 16.27
C PRO F 2635 13.32 -65.03 17.67
N THR F 2636 12.22 -64.37 18.03
CA THR F 2636 11.64 -64.59 19.35
C THR F 2636 10.94 -65.93 19.44
N VAL F 2637 10.61 -66.55 18.31
CA VAL F 2637 9.89 -67.81 18.33
C VAL F 2637 10.82 -68.93 18.74
N TRP F 2638 12.12 -68.75 18.57
CA TRP F 2638 13.10 -69.67 19.14
C TRP F 2638 13.06 -69.63 20.65
N GLY F 2639 13.00 -68.44 21.24
CA GLY F 2639 13.02 -68.31 22.67
C GLY F 2639 13.74 -67.07 23.16
N ILE F 2640 14.38 -66.35 22.24
CA ILE F 2640 15.04 -65.10 22.58
C ILE F 2640 14.00 -64.05 22.93
N SER F 2641 14.17 -63.40 24.07
CA SER F 2641 13.17 -62.46 24.57
C SER F 2641 13.15 -61.17 23.76
N ALA F 2642 12.06 -60.42 23.91
CA ALA F 2642 11.82 -59.25 23.08
C ALA F 2642 12.76 -58.11 23.42
N ASP F 2643 13.07 -57.93 24.72
CA ASP F 2643 14.02 -56.90 25.11
C ASP F 2643 15.43 -57.24 24.65
N MET F 2644 15.77 -58.53 24.64
CA MET F 2644 17.03 -58.99 24.05
C MET F 2644 17.10 -58.65 22.58
N ALA F 2645 16.02 -58.92 21.85
CA ALA F 2645 15.97 -58.61 20.42
C ALA F 2645 15.98 -57.11 20.16
N GLY F 2646 15.42 -56.32 21.07
CA GLY F 2646 15.40 -54.88 20.87
C GLY F 2646 16.73 -54.21 21.15
N SER F 2647 17.34 -54.56 22.29
CA SER F 2647 18.58 -53.90 22.69
C SER F 2647 19.77 -54.41 21.91
N ILE F 2648 19.90 -55.73 21.80
CA ILE F 2648 21.10 -56.33 21.24
C ILE F 2648 21.06 -56.22 19.72
N ASP F 2649 22.24 -56.12 19.10
CA ASP F 2649 22.36 -56.05 17.65
C ASP F 2649 21.88 -57.36 17.01
N ARG F 2650 21.32 -57.23 15.81
CA ARG F 2650 20.70 -58.38 15.17
C ARG F 2650 21.70 -59.39 14.66
N LEU F 2651 22.96 -58.99 14.45
CA LEU F 2651 24.00 -59.98 14.18
C LEU F 2651 24.21 -60.88 15.39
N ALA F 2652 24.21 -60.29 16.59
CA ALA F 2652 24.33 -61.12 17.78
C ALA F 2652 23.08 -61.95 18.02
N VAL F 2653 21.91 -61.43 17.62
CA VAL F 2653 20.68 -62.21 17.70
C VAL F 2653 20.78 -63.44 16.81
N TRP F 2654 21.21 -63.24 15.57
CA TRP F 2654 21.39 -64.34 14.62
C TRP F 2654 22.44 -65.31 15.11
N ASN F 2655 23.48 -64.81 15.77
CA ASN F 2655 24.51 -65.69 16.29
C ASN F 2655 23.98 -66.58 17.41
N MET F 2656 23.13 -66.02 18.27
CA MET F 2656 22.49 -66.82 19.31
C MET F 2656 21.60 -67.89 18.71
N VAL F 2657 20.87 -67.52 17.64
CA VAL F 2657 19.99 -68.48 16.98
C VAL F 2657 20.79 -69.62 16.35
N ALA F 2658 21.86 -69.28 15.66
CA ALA F 2658 22.69 -70.30 14.99
C ALA F 2658 23.38 -71.20 15.99
N THR F 2659 23.84 -70.65 17.12
CA THR F 2659 24.56 -71.45 18.08
C THR F 2659 23.64 -72.41 18.81
N VAL F 2660 22.45 -71.95 19.20
CA VAL F 2660 21.51 -72.87 19.86
C VAL F 2660 20.99 -73.90 18.86
N ASP F 2661 20.93 -73.54 17.57
CA ASP F 2661 20.56 -74.50 16.54
C ASP F 2661 21.61 -75.59 16.40
N ALA F 2662 22.91 -75.22 16.43
CA ALA F 2662 23.97 -76.21 16.27
C ALA F 2662 24.01 -77.17 17.44
N PHE F 2663 23.92 -76.65 18.66
CA PHE F 2663 23.97 -77.51 19.84
C PHE F 2663 22.75 -78.41 19.92
N LEU F 2664 21.56 -77.88 19.65
CA LEU F 2664 20.39 -78.72 19.75
C LEU F 2664 20.09 -79.50 18.49
N SER F 2665 20.91 -79.35 17.45
CA SER F 2665 20.83 -80.26 16.31
C SER F 2665 21.78 -81.42 16.45
N SER F 2666 22.93 -81.22 17.08
CA SER F 2666 23.77 -82.37 17.38
C SER F 2666 23.51 -82.95 18.76
N GLY F 2667 22.54 -82.42 19.50
CA GLY F 2667 22.13 -83.03 20.74
C GLY F 2667 23.07 -82.79 21.90
N PHE F 2668 23.42 -81.54 22.15
CA PHE F 2668 24.21 -81.23 23.33
C PHE F 2668 23.39 -80.40 24.29
N SER F 2669 24.05 -80.01 25.37
CA SER F 2669 24.01 -78.71 25.99
C SER F 2669 25.48 -78.44 26.26
N PRO F 2670 25.89 -77.18 26.44
CA PRO F 2670 27.25 -76.95 26.94
C PRO F 2670 27.46 -77.45 28.37
N ALA F 2671 26.38 -77.73 29.10
CA ALA F 2671 26.50 -78.29 30.45
C ALA F 2671 27.15 -79.66 30.43
N GLU F 2672 26.86 -80.49 29.42
CA GLU F 2672 27.51 -81.80 29.35
C GLU F 2672 28.98 -81.67 29.04
N VAL F 2673 29.34 -80.68 28.22
CA VAL F 2673 30.74 -80.41 27.93
C VAL F 2673 31.45 -79.96 29.20
N MET F 2674 30.77 -79.15 30.02
CA MET F 2674 31.35 -78.74 31.28
C MET F 2674 31.44 -79.90 32.27
N ARG F 2675 30.56 -80.90 32.14
CA ARG F 2675 30.71 -82.11 32.94
C ARG F 2675 31.95 -82.88 32.56
N TYR F 2676 32.25 -82.95 31.28
CA TYR F 2676 33.31 -83.86 30.87
C TYR F 2676 34.69 -83.22 30.75
N VAL F 2677 34.79 -81.91 30.51
CA VAL F 2677 36.06 -81.20 30.51
C VAL F 2677 35.94 -79.92 31.33
N HIS F 2678 37.09 -79.35 31.65
CA HIS F 2678 37.25 -78.12 32.42
C HIS F 2678 36.90 -76.92 31.54
N PRO F 2679 36.30 -75.87 32.11
CA PRO F 2679 35.86 -74.73 31.29
C PRO F 2679 36.96 -73.90 30.65
N SER F 2680 38.24 -74.15 30.92
CA SER F 2680 39.27 -73.41 30.22
C SER F 2680 39.75 -74.13 28.98
N LEU F 2681 39.18 -75.30 28.67
CA LEU F 2681 39.50 -76.04 27.46
C LEU F 2681 38.44 -75.89 26.39
N VAL F 2682 37.48 -75.01 26.59
CA VAL F 2682 36.45 -74.69 25.60
C VAL F 2682 36.67 -73.26 25.16
N ALA F 2683 36.74 -73.04 23.85
CA ALA F 2683 36.99 -71.71 23.33
C ALA F 2683 35.79 -71.21 22.54
N ASN F 2684 35.96 -70.05 21.93
CA ASN F 2684 34.95 -69.47 21.04
C ASN F 2684 35.67 -68.50 20.13
N THR F 2685 35.81 -68.85 18.86
CA THR F 2685 36.56 -68.02 17.93
C THR F 2685 35.69 -67.47 16.83
N GLN F 2686 34.45 -67.13 17.15
CA GLN F 2686 33.53 -66.60 16.15
C GLN F 2686 33.92 -65.18 15.80
N GLY F 2687 34.72 -65.03 14.75
CA GLY F 2687 35.05 -63.70 14.28
C GLY F 2687 34.04 -63.17 13.31
N THR F 2688 33.15 -62.30 13.78
CA THR F 2688 32.13 -61.72 12.92
C THR F 2688 32.79 -60.76 11.93
N GLY F 2689 32.24 -60.74 10.71
CA GLY F 2689 32.92 -60.21 9.54
C GLY F 2689 33.31 -58.74 9.58
N MET F 2690 32.32 -57.85 9.56
CA MET F 2690 32.60 -56.43 9.71
C MET F 2690 32.26 -55.95 11.11
N GLY F 2691 31.05 -56.27 11.58
CA GLY F 2691 30.63 -55.95 12.92
C GLY F 2691 29.72 -54.75 12.95
N GLY F 2692 28.41 -55.02 12.92
CA GLY F 2692 27.36 -54.02 12.99
C GLY F 2692 27.45 -52.84 12.05
N GLY F 2693 27.37 -53.06 10.74
CA GLY F 2693 27.23 -51.93 9.83
C GLY F 2693 25.88 -51.26 9.99
N THR F 2694 24.82 -52.07 10.08
CA THR F 2694 23.49 -51.56 10.40
C THR F 2694 23.46 -50.92 11.77
N SER F 2695 24.20 -51.50 12.73
CA SER F 2695 24.24 -50.94 14.08
C SER F 2695 24.95 -49.60 14.11
N MET F 2696 26.02 -49.44 13.33
CA MET F 2696 26.76 -48.18 13.33
C MET F 2696 25.98 -47.08 12.61
N GLN F 2697 25.33 -47.42 11.48
CA GLN F 2697 24.51 -46.40 10.82
C GLN F 2697 23.26 -46.10 11.64
N THR F 2698 22.80 -47.06 12.45
CA THR F 2698 21.69 -46.81 13.36
C THR F 2698 22.11 -45.86 14.48
N MET F 2699 23.35 -46.04 15.00
CA MET F 2699 23.90 -45.10 15.97
C MET F 2699 23.99 -43.69 15.41
N TYR F 2700 24.51 -43.56 14.19
CA TYR F 2700 24.71 -42.21 13.66
C TYR F 2700 23.38 -41.56 13.26
N HIS F 2701 22.42 -42.35 12.76
CA HIS F 2701 21.12 -41.77 12.44
C HIS F 2701 20.33 -41.40 13.68
N GLY F 2702 20.47 -42.18 14.77
CA GLY F 2702 19.90 -41.77 16.03
C GLY F 2702 20.57 -40.53 16.60
N ASN F 2703 21.88 -40.39 16.37
CA ASN F 2703 22.60 -39.21 16.82
C ASN F 2703 22.16 -37.96 16.06
N LEU F 2704 21.91 -38.09 14.75
CA LEU F 2704 21.42 -36.93 14.00
C LEU F 2704 19.97 -36.61 14.34
N LEU F 2705 19.07 -37.59 14.24
CA LEU F 2705 17.64 -37.35 14.41
C LEU F 2705 17.23 -37.18 15.86
N GLY F 2706 18.13 -37.41 16.82
CA GLY F 2706 17.76 -37.25 18.20
C GLY F 2706 17.02 -38.42 18.81
N ARG F 2707 17.05 -39.58 18.17
CA ARG F 2707 16.46 -40.78 18.76
C ARG F 2707 17.24 -41.19 20.00
N ASN F 2708 16.52 -41.58 21.05
CA ASN F 2708 17.13 -41.91 22.33
C ASN F 2708 17.82 -43.27 22.24
N LYS F 2709 18.98 -43.27 21.58
CA LYS F 2709 19.81 -44.46 21.53
C LYS F 2709 20.44 -44.70 22.90
N PRO F 2710 20.73 -45.95 23.24
CA PRO F 2710 21.41 -46.22 24.53
C PRO F 2710 22.82 -45.65 24.54
N ASN F 2711 23.26 -45.25 25.73
CA ASN F 2711 24.53 -44.58 25.89
C ASN F 2711 25.68 -45.55 26.11
N ASP F 2712 25.48 -46.83 25.82
CA ASP F 2712 26.54 -47.83 25.88
C ASP F 2712 26.66 -48.60 24.57
N ILE F 2713 25.92 -48.21 23.54
CA ILE F 2713 26.00 -48.93 22.27
C ILE F 2713 27.31 -48.64 21.55
N PHE F 2714 27.96 -47.50 21.86
CA PHE F 2714 29.31 -47.25 21.36
C PHE F 2714 30.32 -48.18 22.01
N GLN F 2715 30.08 -48.57 23.26
CA GLN F 2715 30.88 -49.60 23.89
C GLN F 2715 30.62 -50.96 23.26
N GLU F 2716 29.38 -51.44 23.34
CA GLU F 2716 29.01 -52.79 22.93
C GLU F 2716 28.58 -52.88 21.47
N VAL F 2717 29.12 -52.03 20.58
CA VAL F 2717 28.93 -52.19 19.15
C VAL F 2717 30.05 -52.99 18.51
N LEU F 2718 31.09 -53.35 19.26
CA LEU F 2718 32.30 -53.91 18.71
C LEU F 2718 32.08 -55.35 18.22
N PRO F 2719 32.86 -55.81 17.22
CA PRO F 2719 32.61 -57.14 16.66
C PRO F 2719 32.97 -58.29 17.58
N ASN F 2720 33.95 -58.14 18.47
CA ASN F 2720 34.21 -59.19 19.46
C ASN F 2720 33.07 -59.33 20.45
N ILE F 2721 32.35 -58.23 20.71
CA ILE F 2721 31.31 -58.22 21.73
C ILE F 2721 30.09 -59.04 21.34
N ILE F 2722 29.94 -59.38 20.04
CA ILE F 2722 28.90 -60.32 19.61
C ILE F 2722 29.11 -61.70 20.25
N ALA F 2723 30.26 -62.31 20.00
CA ALA F 2723 30.52 -63.59 20.64
C ALA F 2723 30.88 -63.43 22.11
N ALA F 2724 31.19 -62.22 22.57
CA ALA F 2724 31.29 -62.02 24.01
C ALA F 2724 29.93 -62.03 24.68
N HIS F 2725 28.87 -61.55 23.99
CA HIS F 2725 27.50 -61.79 24.45
C HIS F 2725 27.20 -63.28 24.47
N VAL F 2726 27.67 -64.00 23.44
CA VAL F 2726 27.45 -65.45 23.39
C VAL F 2726 28.15 -66.15 24.55
N VAL F 2727 29.34 -65.69 24.91
CA VAL F 2727 30.05 -66.32 26.04
C VAL F 2727 29.43 -65.91 27.37
N GLN F 2728 29.14 -64.61 27.55
CA GLN F 2728 28.60 -64.16 28.83
C GLN F 2728 27.16 -64.61 29.06
N SER F 2729 26.46 -65.05 28.02
CA SER F 2729 25.13 -65.59 28.20
C SER F 2729 25.11 -67.11 28.18
N TYR F 2730 25.57 -67.72 27.09
CA TYR F 2730 25.22 -69.09 26.76
C TYR F 2730 26.28 -70.10 27.16
N VAL F 2731 27.50 -69.97 26.64
CA VAL F 2731 28.46 -71.08 26.79
C VAL F 2731 29.25 -70.96 28.10
N GLY F 2732 29.56 -69.75 28.55
CA GLY F 2732 30.28 -69.58 29.81
C GLY F 2732 31.71 -70.06 29.81
N SER F 2733 32.33 -70.19 28.65
CA SER F 2733 33.69 -70.72 28.55
C SER F 2733 34.71 -69.65 28.90
N TYR F 2734 35.75 -70.07 29.62
CA TYR F 2734 36.82 -69.15 30.01
C TYR F 2734 37.94 -69.10 28.99
N GLY F 2735 37.80 -69.82 27.88
CA GLY F 2735 38.92 -70.13 27.01
C GLY F 2735 39.20 -69.06 25.97
N ALA F 2736 40.11 -69.42 25.06
CA ALA F 2736 40.81 -68.45 24.23
C ALA F 2736 39.91 -67.92 23.12
N MET F 2737 39.45 -66.68 23.28
CA MET F 2737 38.54 -66.02 22.36
C MET F 2737 39.34 -65.16 21.39
N ILE F 2738 39.36 -65.56 20.12
CA ILE F 2738 40.10 -64.89 19.05
C ILE F 2738 39.10 -64.59 17.95
N HIS F 2739 38.93 -63.32 17.59
CA HIS F 2739 37.90 -62.96 16.61
C HIS F 2739 38.54 -62.33 15.38
N PRO F 2740 38.69 -63.08 14.28
CA PRO F 2740 39.36 -62.54 13.09
C PRO F 2740 38.47 -61.84 12.09
N VAL F 2741 39.08 -60.92 11.35
CA VAL F 2741 38.42 -60.15 10.29
C VAL F 2741 39.27 -60.22 9.03
N ALA F 2742 38.75 -60.91 8.01
CA ALA F 2742 39.27 -60.81 6.66
C ALA F 2742 38.17 -60.46 5.67
N ALA F 2743 36.92 -60.39 6.14
CA ALA F 2743 35.75 -59.79 5.52
C ALA F 2743 35.22 -60.54 4.30
N CYS F 2744 35.96 -61.55 3.81
CA CYS F 2744 35.35 -62.59 2.99
C CYS F 2744 35.92 -63.98 3.27
N ALA F 2745 36.76 -64.11 4.29
CA ALA F 2745 37.18 -65.44 4.73
C ALA F 2745 37.25 -65.54 6.24
N THR F 2746 36.40 -64.78 6.96
CA THR F 2746 36.43 -64.80 8.43
C THR F 2746 36.10 -66.17 8.98
N ALA F 2747 35.11 -66.85 8.40
CA ALA F 2747 34.78 -68.19 8.84
C ALA F 2747 35.91 -69.16 8.55
N ALA F 2748 36.60 -69.00 7.42
CA ALA F 2748 37.69 -69.89 7.08
C ALA F 2748 38.88 -69.71 8.01
N VAL F 2749 39.22 -68.46 8.33
CA VAL F 2749 40.36 -68.27 9.20
C VAL F 2749 40.01 -68.59 10.64
N SER F 2750 38.74 -68.43 11.03
CA SER F 2750 38.33 -68.86 12.36
C SER F 2750 38.37 -70.37 12.48
N VAL F 2751 38.03 -71.08 11.41
CA VAL F 2751 38.11 -72.54 11.45
C VAL F 2751 39.55 -73.00 11.51
N GLU F 2752 40.45 -72.37 10.76
CA GLU F 2752 41.81 -72.87 10.84
C GLU F 2752 42.50 -72.47 12.15
N GLU F 2753 42.10 -71.35 12.76
CA GLU F 2753 42.68 -71.09 14.06
C GLU F 2753 42.08 -71.97 15.16
N GLY F 2754 40.81 -72.38 15.01
CA GLY F 2754 40.27 -73.35 15.95
C GLY F 2754 40.94 -74.70 15.82
N VAL F 2755 41.26 -75.11 14.59
CA VAL F 2755 41.85 -76.43 14.47
C VAL F 2755 43.31 -76.41 14.89
N ASP F 2756 44.06 -75.32 14.69
CA ASP F 2756 45.43 -75.43 15.21
C ASP F 2756 45.52 -75.14 16.70
N LYS F 2757 44.51 -74.51 17.30
CA LYS F 2757 44.42 -74.53 18.77
C LYS F 2757 44.18 -75.94 19.28
N ILE F 2758 43.34 -76.71 18.61
CA ILE F 2758 43.15 -78.10 19.03
C ILE F 2758 44.42 -78.92 18.74
N ARG F 2759 45.17 -78.59 17.69
CA ARG F 2759 46.43 -79.27 17.45
C ARG F 2759 47.48 -78.93 18.49
N LEU F 2760 47.43 -77.73 19.08
CA LEU F 2760 48.27 -77.44 20.23
C LEU F 2760 47.84 -78.25 21.44
N GLY F 2761 46.60 -78.08 21.87
CA GLY F 2761 46.18 -78.64 23.12
C GLY F 2761 45.64 -77.56 24.00
N LYS F 2762 45.53 -76.35 23.43
CA LYS F 2762 44.98 -75.22 24.16
C LYS F 2762 43.49 -75.36 24.39
N ALA F 2763 42.81 -76.20 23.63
CA ALA F 2763 41.38 -76.37 23.77
C ALA F 2763 40.99 -77.77 23.31
N GLN F 2764 39.76 -78.15 23.62
CA GLN F 2764 39.21 -79.41 23.15
C GLN F 2764 37.82 -79.28 22.55
N LEU F 2765 37.22 -78.11 22.56
CA LEU F 2765 35.97 -77.88 21.84
C LEU F 2765 35.93 -76.41 21.48
N VAL F 2766 35.94 -76.11 20.19
CA VAL F 2766 36.02 -74.74 19.71
C VAL F 2766 34.75 -74.43 18.94
N VAL F 2767 34.15 -73.28 19.23
CA VAL F 2767 32.97 -72.84 18.51
C VAL F 2767 33.41 -71.81 17.49
N ALA F 2768 33.46 -72.17 16.22
CA ALA F 2768 33.92 -71.26 15.18
C ALA F 2768 32.77 -70.86 14.28
N GLY F 2769 33.00 -69.87 13.43
CA GLY F 2769 31.95 -69.45 12.52
C GLY F 2769 32.12 -68.00 12.13
N GLY F 2770 31.00 -67.37 11.81
CA GLY F 2770 31.02 -65.97 11.42
C GLY F 2770 29.70 -65.58 10.79
N LEU F 2771 29.46 -64.27 10.74
CA LEU F 2771 28.21 -63.74 10.22
C LEU F 2771 28.47 -62.47 9.42
N ASP F 2772 27.47 -62.08 8.64
CA ASP F 2772 27.55 -60.93 7.75
C ASP F 2772 26.21 -60.21 7.72
N ASP F 2773 26.22 -59.06 7.05
CA ASP F 2773 25.03 -58.27 6.80
C ASP F 2773 25.30 -57.33 5.65
N LEU F 2774 24.29 -57.14 4.81
CA LEU F 2774 24.30 -56.08 3.81
C LEU F 2774 23.51 -54.90 4.35
N THR F 2775 24.05 -53.70 4.19
CA THR F 2775 23.35 -52.49 4.59
C THR F 2775 22.98 -51.70 3.34
N LEU F 2776 22.22 -50.61 3.56
CA LEU F 2776 22.07 -49.61 2.51
C LEU F 2776 23.41 -49.01 2.14
N GLU F 2777 24.24 -48.74 3.15
CA GLU F 2777 25.61 -48.31 2.92
C GLU F 2777 26.41 -49.39 2.20
N GLY F 2778 26.16 -50.66 2.52
CA GLY F 2778 26.85 -51.75 1.85
C GLY F 2778 26.53 -51.84 0.38
N ILE F 2779 25.23 -51.76 0.03
CA ILE F 2779 24.85 -51.86 -1.37
C ILE F 2779 25.22 -50.61 -2.15
N ILE F 2780 25.18 -49.43 -1.52
CA ILE F 2780 25.60 -48.21 -2.20
C ILE F 2780 27.10 -48.20 -2.45
N GLY F 2781 27.89 -48.65 -1.47
CA GLY F 2781 29.32 -48.72 -1.66
C GLY F 2781 29.75 -49.78 -2.67
N PHE F 2782 29.05 -50.92 -2.67
CA PHE F 2782 29.36 -51.94 -3.65
C PHE F 2782 28.88 -51.56 -5.04
N GLY F 2783 27.83 -50.75 -5.14
CA GLY F 2783 27.43 -50.23 -6.44
C GLY F 2783 28.38 -49.18 -6.97
N ASP F 2784 28.97 -48.38 -6.07
CA ASP F 2784 30.03 -47.47 -6.48
C ASP F 2784 31.30 -48.21 -6.85
N MET F 2785 31.54 -49.36 -6.21
CA MET F 2785 32.72 -50.17 -6.52
C MET F 2785 32.57 -50.92 -7.84
N ALA F 2786 31.34 -51.35 -8.16
CA ALA F 2786 30.96 -51.95 -9.44
C ALA F 2786 31.72 -53.25 -9.73
N ALA F 2787 31.56 -54.21 -8.83
CA ALA F 2787 31.79 -55.62 -9.13
C ALA F 2787 30.60 -56.47 -8.80
N THR F 2788 29.45 -55.87 -8.49
CA THR F 2788 28.23 -56.60 -8.22
C THR F 2788 27.34 -56.57 -9.45
N ALA F 2789 26.25 -57.35 -9.38
CA ALA F 2789 25.36 -57.50 -10.52
C ALA F 2789 24.46 -56.27 -10.64
N ASP F 2790 24.61 -55.54 -11.75
CA ASP F 2790 23.72 -54.42 -12.00
C ASP F 2790 22.36 -54.94 -12.47
N THR F 2791 21.32 -54.51 -11.76
CA THR F 2791 19.97 -54.98 -12.06
C THR F 2791 19.50 -54.49 -13.42
N SER F 2792 19.86 -53.28 -13.80
CA SER F 2792 19.50 -52.75 -15.11
C SER F 2792 20.20 -53.51 -16.23
N MET F 2793 21.48 -53.86 -16.04
CA MET F 2793 22.21 -54.61 -17.05
C MET F 2793 21.68 -56.01 -17.20
N MET F 2794 21.37 -56.67 -16.09
CA MET F 2794 20.87 -58.03 -16.18
C MET F 2794 19.44 -58.09 -16.70
N CYS F 2795 18.60 -57.11 -16.38
CA CYS F 2795 17.28 -57.10 -17.00
C CYS F 2795 17.34 -56.64 -18.45
N GLY F 2796 18.39 -55.92 -18.84
CA GLY F 2796 18.62 -55.69 -20.25
C GLY F 2796 18.99 -56.98 -20.98
N ARG F 2797 19.75 -57.83 -20.31
CA ARG F 2797 20.05 -59.14 -20.88
C ARG F 2797 18.91 -60.13 -20.73
N GLY F 2798 17.89 -59.80 -19.95
CA GLY F 2798 16.71 -60.65 -19.88
C GLY F 2798 16.90 -61.89 -19.03
N ILE F 2799 17.30 -61.68 -17.78
CA ILE F 2799 17.48 -62.74 -16.80
C ILE F 2799 16.51 -62.49 -15.66
N HIS F 2800 15.84 -63.55 -15.21
CA HIS F 2800 14.79 -63.42 -14.20
C HIS F 2800 15.38 -63.11 -12.82
N ASP F 2801 14.49 -63.03 -11.84
CA ASP F 2801 14.88 -62.53 -10.52
C ASP F 2801 15.71 -63.55 -9.75
N SER F 2802 15.45 -64.84 -9.95
CA SER F 2802 16.09 -65.83 -9.11
C SER F 2802 17.36 -66.41 -9.70
N LYS F 2803 17.87 -65.84 -10.79
CA LYS F 2803 19.02 -66.44 -11.46
C LYS F 2803 20.05 -65.40 -11.84
N PHE F 2804 20.24 -64.38 -10.99
CA PHE F 2804 21.34 -63.45 -11.23
C PHE F 2804 22.69 -64.09 -10.96
N SER F 2805 22.80 -64.85 -9.88
CA SER F 2805 24.05 -65.49 -9.52
C SER F 2805 24.24 -66.70 -10.41
N ARG F 2806 25.20 -66.62 -11.34
CA ARG F 2806 25.42 -67.67 -12.34
C ARG F 2806 26.90 -67.95 -12.52
N PRO F 2807 27.51 -68.67 -11.58
CA PRO F 2807 28.93 -68.98 -11.71
C PRO F 2807 29.18 -69.99 -12.80
N ASN F 2808 30.32 -69.83 -13.48
CA ASN F 2808 30.72 -70.60 -14.66
C ASN F 2808 29.65 -70.53 -15.74
N ASP F 2809 29.36 -69.31 -16.16
CA ASP F 2809 28.36 -69.06 -17.18
C ASP F 2809 28.88 -67.94 -18.07
N ARG F 2810 28.38 -67.89 -19.31
CA ARG F 2810 28.93 -66.91 -20.22
C ARG F 2810 28.34 -65.53 -19.98
N ARG F 2811 27.15 -65.44 -19.38
CA ARG F 2811 26.51 -64.16 -19.15
C ARG F 2811 26.62 -63.69 -17.71
N ARG F 2812 27.77 -63.91 -17.06
CA ARG F 2812 27.97 -63.48 -15.69
C ARG F 2812 28.55 -62.07 -15.65
N LEU F 2813 28.03 -61.24 -14.76
CA LEU F 2813 28.54 -59.87 -14.69
C LEU F 2813 28.56 -59.38 -13.23
N GLY F 2814 29.01 -60.20 -12.31
CA GLY F 2814 29.19 -59.78 -10.93
C GLY F 2814 28.37 -60.62 -9.96
N PHE F 2815 28.68 -60.44 -8.68
CA PHE F 2815 28.13 -61.29 -7.63
C PHE F 2815 26.87 -60.68 -7.01
N VAL F 2816 26.08 -61.55 -6.42
CA VAL F 2816 24.89 -61.16 -5.68
C VAL F 2816 25.19 -61.25 -4.20
N GLU F 2817 24.87 -60.21 -3.46
CA GLU F 2817 25.19 -60.12 -2.06
C GLU F 2817 24.07 -60.73 -1.24
N ALA F 2818 24.44 -61.45 -0.19
CA ALA F 2818 23.47 -62.06 0.71
C ALA F 2818 23.90 -61.84 2.14
N GLN F 2819 23.00 -62.10 3.06
CA GLN F 2819 23.25 -61.88 4.47
C GLN F 2819 23.01 -63.15 5.27
N GLY F 2820 23.88 -63.40 6.23
CA GLY F 2820 23.80 -64.62 7.01
C GLY F 2820 25.15 -65.16 7.40
N GLY F 2821 25.24 -66.48 7.54
CA GLY F 2821 26.45 -67.13 8.01
C GLY F 2821 26.10 -68.24 8.97
N GLY F 2822 26.88 -68.46 10.00
CA GLY F 2822 26.51 -69.46 10.98
C GLY F 2822 27.67 -69.86 11.87
N THR F 2823 27.59 -71.07 12.40
CA THR F 2823 28.61 -71.59 13.30
C THR F 2823 28.82 -73.07 13.06
N ILE F 2824 30.06 -73.51 13.27
CA ILE F 2824 30.39 -74.93 13.29
C ILE F 2824 31.12 -75.21 14.60
N LEU F 2825 31.13 -76.48 14.99
CA LEU F 2825 31.62 -76.89 16.29
C LEU F 2825 32.73 -77.91 16.09
N LEU F 2826 33.96 -77.50 16.33
CA LEU F 2826 35.11 -78.37 16.22
C LEU F 2826 35.36 -79.02 17.56
N ALA F 2827 35.82 -80.26 17.55
CA ALA F 2827 36.11 -80.96 18.79
C ALA F 2827 37.19 -81.97 18.53
N ARG F 2828 37.90 -82.36 19.59
CA ARG F 2828 38.94 -83.36 19.42
C ARG F 2828 38.31 -84.74 19.44
N GLY F 2829 38.95 -85.67 18.73
CA GLY F 2829 38.45 -87.04 18.63
C GLY F 2829 38.33 -87.76 19.94
N ASP F 2830 39.11 -87.36 20.95
CA ASP F 2830 38.99 -87.97 22.26
C ASP F 2830 37.66 -87.61 22.92
N LEU F 2831 37.27 -86.34 22.87
CA LEU F 2831 35.93 -85.96 23.33
C LEU F 2831 34.85 -86.61 22.49
N ALA F 2832 35.06 -86.73 21.18
CA ALA F 2832 34.05 -87.35 20.33
C ALA F 2832 33.84 -88.81 20.71
N LEU F 2833 34.91 -89.52 21.02
CA LEU F 2833 34.78 -90.91 21.44
C LEU F 2833 34.24 -91.03 22.85
N ARG F 2834 34.66 -90.15 23.75
CA ARG F 2834 34.29 -90.30 25.15
C ARG F 2834 32.87 -89.88 25.41
N MET F 2835 32.36 -88.91 24.66
CA MET F 2835 30.98 -88.50 24.81
C MET F 2835 30.05 -89.18 23.82
N GLY F 2836 30.60 -89.79 22.77
CA GLY F 2836 29.76 -90.32 21.73
C GLY F 2836 29.14 -89.20 20.91
N LEU F 2837 29.93 -88.53 20.13
CA LEU F 2837 29.32 -87.40 19.47
C LEU F 2837 29.16 -87.64 17.98
N PRO F 2838 28.17 -87.06 17.34
CA PRO F 2838 27.98 -87.28 15.91
C PRO F 2838 29.05 -86.56 15.11
N VAL F 2839 30.01 -87.32 14.61
CA VAL F 2839 31.04 -86.74 13.76
C VAL F 2839 30.44 -86.54 12.37
N LEU F 2840 30.48 -85.30 11.89
CA LEU F 2840 29.98 -85.01 10.55
C LEU F 2840 31.04 -85.05 9.49
N ALA F 2841 32.30 -84.76 9.83
CA ALA F 2841 33.41 -84.83 8.91
C ALA F 2841 34.68 -84.92 9.74
N VAL F 2842 35.80 -85.18 9.08
CA VAL F 2842 37.10 -85.18 9.71
C VAL F 2842 37.95 -84.15 9.00
N VAL F 2843 38.41 -83.15 9.73
CA VAL F 2843 39.20 -82.08 9.11
C VAL F 2843 40.63 -82.56 8.97
N ALA F 2844 41.10 -82.63 7.74
CA ALA F 2844 42.44 -83.11 7.48
C ALA F 2844 43.44 -81.99 7.28
N PHE F 2845 42.99 -80.82 6.84
CA PHE F 2845 43.90 -79.75 6.50
C PHE F 2845 43.12 -78.45 6.46
N ALA F 2846 43.62 -77.44 7.17
CA ALA F 2846 43.02 -76.12 7.14
C ALA F 2846 44.13 -75.10 7.18
N GLN F 2847 44.07 -74.11 6.30
CA GLN F 2847 45.25 -73.27 6.06
C GLN F 2847 44.80 -72.02 5.36
N SER F 2848 45.44 -70.89 5.69
CA SER F 2848 45.22 -69.64 4.99
C SER F 2848 46.52 -69.19 4.33
N PHE F 2849 46.39 -68.23 3.41
CA PHE F 2849 47.50 -67.78 2.60
C PHE F 2849 47.33 -66.32 2.24
N GLY F 2850 48.45 -65.68 1.92
CA GLY F 2850 48.45 -64.40 1.25
C GLY F 2850 48.69 -64.56 -0.24
N ASP F 2851 48.93 -63.44 -0.90
CA ASP F 2851 49.09 -63.46 -2.34
C ASP F 2851 50.39 -62.84 -2.84
N GLY F 2852 50.99 -61.93 -2.09
CA GLY F 2852 52.26 -61.33 -2.48
C GLY F 2852 52.07 -59.98 -3.17
N VAL F 2853 53.15 -59.54 -3.82
CA VAL F 2853 53.19 -58.20 -4.43
C VAL F 2853 52.33 -58.20 -5.68
N HIS F 2854 51.25 -57.40 -5.64
CA HIS F 2854 50.44 -57.05 -6.80
C HIS F 2854 49.95 -55.62 -6.56
N THR F 2855 50.70 -54.64 -7.07
CA THR F 2855 50.33 -53.24 -6.88
C THR F 2855 49.06 -52.91 -7.67
N SER F 2856 48.93 -53.47 -8.86
CA SER F 2856 47.71 -53.35 -9.65
C SER F 2856 46.65 -54.25 -9.04
N ILE F 2857 45.65 -53.65 -8.37
CA ILE F 2857 44.55 -54.37 -7.74
C ILE F 2857 43.61 -55.18 -8.63
N PRO F 2858 43.43 -54.95 -9.94
CA PRO F 2858 42.69 -55.96 -10.72
C PRO F 2858 43.47 -57.22 -11.05
N ALA F 2859 44.74 -57.33 -10.61
CA ALA F 2859 45.48 -58.58 -10.75
C ALA F 2859 45.09 -59.49 -9.59
N PRO F 2860 44.51 -60.65 -9.84
CA PRO F 2860 43.98 -61.49 -8.76
C PRO F 2860 45.06 -62.40 -8.17
N GLY F 2861 44.68 -63.08 -7.09
CA GLY F 2861 45.61 -63.92 -6.36
C GLY F 2861 45.60 -65.36 -6.81
N LEU F 2862 46.74 -66.02 -6.66
CA LEU F 2862 46.90 -67.41 -7.05
C LEU F 2862 47.67 -68.23 -6.02
N GLY F 2863 48.30 -67.60 -5.03
CA GLY F 2863 49.25 -68.28 -4.17
C GLY F 2863 48.70 -69.19 -3.09
N ALA F 2864 47.51 -69.74 -3.28
CA ALA F 2864 47.00 -70.76 -2.38
C ALA F 2864 47.48 -72.16 -2.74
N LEU F 2865 48.36 -72.29 -3.72
CA LEU F 2865 48.92 -73.57 -4.10
C LEU F 2865 50.18 -73.90 -3.31
N GLY F 2866 50.51 -73.10 -2.30
CA GLY F 2866 51.65 -73.42 -1.45
C GLY F 2866 51.38 -74.61 -0.54
N ALA F 2867 50.13 -75.04 -0.45
CA ALA F 2867 49.82 -76.28 0.25
C ALA F 2867 50.28 -77.50 -0.53
N GLY F 2868 50.58 -77.35 -1.81
CA GLY F 2868 51.00 -78.48 -2.60
C GLY F 2868 52.40 -78.36 -3.17
N ARG F 2869 53.35 -77.90 -2.37
CA ARG F 2869 54.74 -77.87 -2.80
C ARG F 2869 55.42 -79.17 -2.41
N GLY F 2870 56.05 -79.84 -3.37
CA GLY F 2870 56.78 -81.06 -3.10
C GLY F 2870 56.09 -82.31 -3.60
N GLY F 2871 54.89 -82.19 -4.15
CA GLY F 2871 54.16 -83.35 -4.63
C GLY F 2871 53.66 -84.21 -3.49
N LYS F 2872 54.18 -85.42 -3.39
CA LYS F 2872 53.79 -86.28 -2.29
C LYS F 2872 54.40 -85.87 -0.96
N ASP F 2873 55.41 -85.01 -0.98
CA ASP F 2873 55.99 -84.51 0.26
C ASP F 2873 55.27 -83.28 0.78
N SER F 2874 54.25 -82.80 0.09
CA SER F 2874 53.49 -81.64 0.53
C SER F 2874 52.68 -81.98 1.78
N PRO F 2875 52.42 -80.99 2.64
CA PRO F 2875 51.66 -81.29 3.87
C PRO F 2875 50.23 -81.69 3.62
N LEU F 2876 49.60 -81.19 2.55
CA LEU F 2876 48.25 -81.59 2.20
C LEU F 2876 48.19 -83.08 1.84
N ALA F 2877 49.07 -83.51 0.95
CA ALA F 2877 49.13 -84.92 0.58
C ALA F 2877 49.54 -85.78 1.75
N ARG F 2878 50.38 -85.27 2.63
CA ARG F 2878 50.83 -86.06 3.76
C ARG F 2878 49.71 -86.25 4.78
N ALA F 2879 48.88 -85.23 4.99
CA ALA F 2879 47.75 -85.36 5.89
C ALA F 2879 46.68 -86.30 5.33
N LEU F 2880 46.41 -86.19 4.02
CA LEU F 2880 45.47 -87.11 3.40
C LEU F 2880 45.99 -88.54 3.42
N ALA F 2881 47.29 -88.73 3.28
CA ALA F 2881 47.84 -90.08 3.35
C ALA F 2881 47.83 -90.61 4.77
N LYS F 2882 47.94 -89.74 5.77
CA LYS F 2882 47.76 -90.17 7.15
C LYS F 2882 46.35 -90.67 7.38
N LEU F 2883 45.36 -89.98 6.83
CA LEU F 2883 44.00 -90.50 6.95
C LEU F 2883 43.69 -91.61 5.96
N GLY F 2884 44.59 -91.93 5.05
CA GLY F 2884 44.35 -93.04 4.14
C GLY F 2884 43.50 -92.62 2.97
N VAL F 2885 43.79 -91.44 2.45
CA VAL F 2885 43.09 -90.88 1.29
C VAL F 2885 44.14 -90.61 0.23
N ALA F 2886 44.08 -91.34 -0.86
CA ALA F 2886 45.05 -91.16 -1.93
C ALA F 2886 44.72 -89.91 -2.74
N ALA F 2887 45.52 -89.65 -3.77
CA ALA F 2887 45.34 -88.42 -4.54
C ALA F 2887 44.09 -88.48 -5.40
N ASP F 2888 43.76 -89.66 -5.94
CA ASP F 2888 42.58 -89.79 -6.77
C ASP F 2888 41.29 -89.86 -5.97
N ASP F 2889 41.37 -89.98 -4.66
CA ASP F 2889 40.16 -90.15 -3.85
C ASP F 2889 39.45 -88.84 -3.57
N VAL F 2890 40.12 -87.71 -3.77
CA VAL F 2890 39.48 -86.40 -3.69
C VAL F 2890 38.49 -86.30 -4.83
N ALA F 2891 37.21 -86.18 -4.51
CA ALA F 2891 36.17 -86.32 -5.52
C ALA F 2891 35.43 -85.02 -5.82
N VAL F 2892 35.18 -84.19 -4.81
CA VAL F 2892 34.28 -83.06 -4.96
C VAL F 2892 34.99 -81.78 -4.55
N ILE F 2893 34.89 -80.76 -5.40
CA ILE F 2893 35.47 -79.45 -5.14
C ILE F 2893 34.33 -78.48 -4.96
N SER F 2894 34.18 -77.94 -3.76
CA SER F 2894 33.16 -76.94 -3.52
C SER F 2894 33.82 -75.58 -3.74
N LYS F 2895 33.77 -75.11 -4.98
CA LYS F 2895 34.56 -73.95 -5.37
C LYS F 2895 34.02 -72.66 -4.79
N HIS F 2896 34.83 -71.61 -4.86
CA HIS F 2896 34.42 -70.31 -4.36
C HIS F 2896 33.38 -69.70 -5.26
N ASP F 2897 33.76 -69.37 -6.51
CA ASP F 2897 32.86 -69.11 -7.65
C ASP F 2897 31.79 -68.06 -7.36
N THR F 2898 32.24 -66.83 -7.19
CA THR F 2898 31.28 -65.77 -6.88
C THR F 2898 30.51 -65.27 -8.08
N SER F 2899 30.70 -65.85 -9.28
CA SER F 2899 30.05 -65.43 -10.52
C SER F 2899 30.44 -64.01 -10.93
N THR F 2900 31.74 -63.74 -10.90
CA THR F 2900 32.29 -62.54 -11.52
C THR F 2900 33.08 -62.95 -12.75
N LEU F 2901 33.48 -61.96 -13.53
CA LEU F 2901 34.26 -62.24 -14.73
C LEU F 2901 35.68 -62.65 -14.42
N ALA F 2902 36.17 -62.35 -13.21
CA ALA F 2902 37.57 -62.57 -12.92
C ALA F 2902 37.81 -63.90 -12.21
N ASN F 2903 37.09 -64.16 -11.12
CA ASN F 2903 37.55 -65.21 -10.22
C ASN F 2903 37.12 -66.62 -10.62
N ASP F 2904 36.45 -66.81 -11.73
CA ASP F 2904 36.15 -68.19 -12.12
C ASP F 2904 37.30 -68.90 -12.87
N PRO F 2905 37.88 -68.36 -13.97
CA PRO F 2905 38.88 -69.17 -14.68
C PRO F 2905 40.20 -69.28 -13.94
N ASN F 2906 40.58 -68.30 -13.14
CA ASN F 2906 41.83 -68.43 -12.40
C ASN F 2906 41.69 -69.41 -11.24
N GLU F 2907 40.51 -69.51 -10.64
CA GLU F 2907 40.31 -70.52 -9.61
C GLU F 2907 40.25 -71.92 -10.22
N THR F 2908 39.69 -72.02 -11.44
CA THR F 2908 39.81 -73.26 -12.19
C THR F 2908 41.28 -73.62 -12.44
N GLU F 2909 42.09 -72.62 -12.77
CA GLU F 2909 43.52 -72.83 -12.94
C GLU F 2909 44.19 -73.26 -11.64
N LEU F 2910 43.72 -72.72 -10.52
CA LEU F 2910 44.31 -73.02 -9.21
C LEU F 2910 44.05 -74.46 -8.81
N HIS F 2911 42.82 -74.92 -9.00
CA HIS F 2911 42.53 -76.31 -8.68
C HIS F 2911 43.17 -77.26 -9.67
N GLU F 2912 43.36 -76.83 -10.91
CA GLU F 2912 44.12 -77.64 -11.87
C GLU F 2912 45.57 -77.79 -11.42
N ARG F 2913 46.16 -76.70 -10.92
CA ARG F 2913 47.55 -76.75 -10.46
C ARG F 2913 47.69 -77.59 -9.21
N LEU F 2914 46.72 -77.51 -8.29
CA LEU F 2914 46.76 -78.38 -7.12
C LEU F 2914 46.58 -79.84 -7.49
N ALA F 2915 45.75 -80.13 -8.49
CA ALA F 2915 45.53 -81.51 -8.89
C ALA F 2915 46.79 -82.12 -9.49
N ASP F 2916 47.41 -81.44 -10.45
CA ASP F 2916 48.62 -82.05 -11.00
C ASP F 2916 49.86 -81.77 -10.15
N ALA F 2917 49.74 -81.02 -9.06
CA ALA F 2917 50.80 -81.00 -8.07
C ALA F 2917 50.69 -82.17 -7.10
N LEU F 2918 49.46 -82.52 -6.70
CA LEU F 2918 49.28 -83.72 -5.89
C LEU F 2918 49.45 -84.99 -6.70
N GLY F 2919 49.47 -84.89 -8.03
CA GLY F 2919 49.75 -86.07 -8.81
C GLY F 2919 48.47 -86.85 -9.05
N ARG F 2920 47.47 -86.13 -9.51
CA ARG F 2920 46.21 -86.73 -9.90
C ARG F 2920 46.42 -87.56 -11.15
N SER F 2921 45.80 -88.73 -11.19
CA SER F 2921 45.85 -89.55 -12.40
C SER F 2921 45.08 -88.85 -13.50
N GLU F 2922 45.53 -89.06 -14.74
CA GLU F 2922 45.07 -88.25 -15.86
C GLU F 2922 43.63 -88.61 -16.20
N GLY F 2923 42.75 -87.63 -16.11
CA GLY F 2923 41.37 -87.87 -16.44
C GLY F 2923 40.53 -88.42 -15.31
N ALA F 2924 40.91 -88.20 -14.10
CA ALA F 2924 39.95 -88.53 -13.06
C ALA F 2924 39.06 -87.33 -12.80
N PRO F 2925 37.76 -87.52 -12.70
CA PRO F 2925 36.84 -86.39 -12.62
C PRO F 2925 36.76 -85.75 -11.24
N LEU F 2926 36.48 -84.46 -11.25
CA LEU F 2926 36.20 -83.68 -10.04
C LEU F 2926 34.83 -83.06 -10.18
N PHE F 2927 33.94 -83.38 -9.27
CA PHE F 2927 32.60 -82.84 -9.30
C PHE F 2927 32.64 -81.41 -8.81
N VAL F 2928 32.29 -80.45 -9.67
CA VAL F 2928 32.32 -79.05 -9.27
C VAL F 2928 30.99 -78.71 -8.61
N VAL F 2929 31.02 -78.35 -7.34
CA VAL F 2929 29.84 -77.89 -6.61
C VAL F 2929 30.03 -76.42 -6.29
N SER F 2930 29.01 -75.62 -6.58
CA SER F 2930 29.08 -74.17 -6.42
C SER F 2930 27.69 -73.69 -6.04
N GLN F 2931 27.44 -73.54 -4.74
CA GLN F 2931 26.11 -73.17 -4.28
C GLN F 2931 25.95 -71.69 -4.06
N LYS F 2932 26.89 -70.88 -4.53
CA LYS F 2932 26.69 -69.44 -4.51
C LYS F 2932 25.60 -69.01 -5.48
N SER F 2933 25.36 -69.82 -6.52
CA SER F 2933 24.20 -69.66 -7.38
C SER F 2933 22.91 -69.81 -6.60
N LEU F 2934 22.93 -70.63 -5.56
CA LEU F 2934 21.75 -70.87 -4.77
C LEU F 2934 21.56 -69.81 -3.68
N THR F 2935 22.60 -69.57 -2.88
CA THR F 2935 22.48 -68.63 -1.77
C THR F 2935 22.83 -67.22 -2.20
N GLY F 2936 24.05 -67.02 -2.66
CA GLY F 2936 24.60 -65.68 -2.83
C GLY F 2936 25.87 -65.50 -2.04
N HIS F 2937 26.53 -64.38 -2.31
CA HIS F 2937 27.83 -64.15 -1.72
C HIS F 2937 27.66 -63.41 -0.40
N ALA F 2938 27.27 -64.14 0.63
CA ALA F 2938 27.48 -63.66 1.99
C ALA F 2938 28.98 -63.58 2.21
N LYS F 2939 29.45 -62.45 2.73
CA LYS F 2939 30.84 -62.08 2.47
C LYS F 2939 31.79 -62.90 3.32
N GLY F 2940 31.81 -62.67 4.62
CA GLY F 2940 32.66 -63.43 5.53
C GLY F 2940 32.01 -64.63 6.14
N GLY F 2941 30.74 -64.87 5.84
CA GLY F 2941 30.08 -66.06 6.33
C GLY F 2941 29.75 -67.03 5.22
N ALA F 2942 30.67 -67.22 4.27
CA ALA F 2942 30.40 -68.14 3.17
C ALA F 2942 31.01 -69.50 3.42
N ALA F 2943 32.09 -69.56 4.19
CA ALA F 2943 32.75 -70.84 4.43
C ALA F 2943 31.90 -71.74 5.31
N VAL F 2944 31.04 -71.17 6.14
CA VAL F 2944 30.11 -72.00 6.92
C VAL F 2944 29.03 -72.59 6.02
N PHE F 2945 28.57 -71.84 5.01
CA PHE F 2945 27.68 -72.40 4.00
C PHE F 2945 28.36 -73.53 3.24
N GLN F 2946 29.63 -73.35 2.87
CA GLN F 2946 30.33 -74.37 2.11
C GLN F 2946 30.59 -75.61 2.93
N MET F 2947 30.91 -75.45 4.22
CA MET F 2947 31.18 -76.62 5.05
C MET F 2947 29.92 -77.39 5.38
N MET F 2948 28.80 -76.70 5.61
CA MET F 2948 27.57 -77.44 5.83
C MET F 2948 27.11 -78.14 4.56
N GLY F 2949 27.32 -77.51 3.41
CA GLY F 2949 27.01 -78.15 2.15
C GLY F 2949 27.86 -79.36 1.87
N LEU F 2950 29.16 -79.27 2.14
CA LEU F 2950 30.05 -80.39 1.84
C LEU F 2950 29.88 -81.53 2.83
N CYS F 2951 29.59 -81.22 4.10
CA CYS F 2951 29.27 -82.28 5.05
C CYS F 2951 28.00 -83.02 4.64
N GLN F 2952 27.00 -82.28 4.17
CA GLN F 2952 25.76 -82.95 3.78
C GLN F 2952 25.92 -83.72 2.47
N ILE F 2953 26.78 -83.26 1.57
CA ILE F 2953 27.09 -84.03 0.37
C ILE F 2953 27.79 -85.34 0.73
N LEU F 2954 28.78 -85.28 1.62
CA LEU F 2954 29.47 -86.50 2.03
C LEU F 2954 28.57 -87.43 2.82
N ARG F 2955 27.55 -86.90 3.48
CA ARG F 2955 26.56 -87.77 4.11
C ARG F 2955 25.71 -88.50 3.07
N ASP F 2956 25.02 -87.75 2.22
CA ASP F 2956 23.96 -88.34 1.43
C ASP F 2956 24.40 -88.93 0.11
N GLY F 2957 25.54 -88.50 -0.42
CA GLY F 2957 25.99 -89.01 -1.69
C GLY F 2957 25.51 -88.24 -2.89
N VAL F 2958 24.49 -87.40 -2.75
CA VAL F 2958 23.97 -86.67 -3.89
C VAL F 2958 24.93 -85.55 -4.27
N ILE F 2959 24.79 -85.07 -5.50
CA ILE F 2959 25.53 -83.93 -6.00
C ILE F 2959 24.50 -82.90 -6.47
N PRO F 2960 24.50 -81.69 -5.94
CA PRO F 2960 23.48 -80.73 -6.31
C PRO F 2960 23.74 -80.14 -7.68
N PRO F 2961 22.74 -79.61 -8.34
CA PRO F 2961 22.95 -78.98 -9.64
C PRO F 2961 23.20 -77.49 -9.55
N ASN F 2962 23.74 -76.95 -10.62
CA ASN F 2962 23.89 -75.50 -10.78
C ASN F 2962 22.74 -75.07 -11.66
N ARG F 2963 21.62 -74.72 -11.04
CA ARG F 2963 20.39 -74.49 -11.78
C ARG F 2963 20.38 -73.18 -12.54
N SER F 2964 21.32 -72.27 -12.29
CA SER F 2964 21.37 -71.01 -13.00
C SER F 2964 22.47 -70.99 -14.05
N LEU F 2965 22.86 -72.16 -14.54
CA LEU F 2965 23.87 -72.27 -15.59
C LEU F 2965 23.15 -72.64 -16.87
N ASP F 2966 23.52 -71.97 -17.96
CA ASP F 2966 23.01 -72.30 -19.29
C ASP F 2966 24.14 -72.75 -20.20
N CYS F 2967 25.16 -71.93 -20.39
CA CYS F 2967 26.28 -72.24 -21.25
C CYS F 2967 27.56 -72.05 -20.46
N VAL F 2968 28.39 -73.10 -20.40
CA VAL F 2968 29.67 -72.99 -19.73
C VAL F 2968 30.57 -72.07 -20.54
N ASP F 2969 31.30 -71.19 -19.86
CA ASP F 2969 32.19 -70.25 -20.52
C ASP F 2969 33.30 -71.00 -21.24
N ASP F 2970 33.85 -70.35 -22.27
CA ASP F 2970 34.68 -71.06 -23.23
C ASP F 2970 36.05 -71.37 -22.66
N GLU F 2971 36.69 -70.39 -22.01
CA GLU F 2971 38.07 -70.54 -21.59
C GLU F 2971 38.23 -71.45 -20.38
N LEU F 2972 37.15 -71.96 -19.81
CA LEU F 2972 37.25 -73.04 -18.84
C LEU F 2972 37.57 -74.38 -19.50
N ALA F 2973 37.40 -74.48 -20.81
CA ALA F 2973 37.50 -75.74 -21.55
C ALA F 2973 38.89 -76.37 -21.53
N GLY F 2974 39.92 -75.63 -21.11
CA GLY F 2974 41.22 -76.23 -20.95
C GLY F 2974 41.36 -77.12 -19.74
N SER F 2975 40.41 -77.05 -18.80
CA SER F 2975 40.52 -77.83 -17.58
C SER F 2975 40.28 -79.30 -17.87
N ALA F 2976 41.27 -80.13 -17.59
CA ALA F 2976 41.24 -81.52 -17.98
C ALA F 2976 40.55 -82.43 -16.97
N HIS F 2977 39.97 -81.87 -15.91
CA HIS F 2977 39.51 -82.68 -14.80
C HIS F 2977 38.10 -82.39 -14.32
N PHE F 2978 37.54 -81.22 -14.59
CA PHE F 2978 36.29 -80.84 -13.96
C PHE F 2978 35.08 -81.49 -14.62
N VAL F 2979 34.02 -81.62 -13.84
CA VAL F 2979 32.71 -82.06 -14.30
C VAL F 2979 31.70 -81.06 -13.75
N TRP F 2980 31.11 -80.26 -14.64
CA TRP F 2980 30.10 -79.29 -14.25
C TRP F 2980 28.74 -79.97 -14.33
N VAL F 2981 28.05 -80.01 -13.21
CA VAL F 2981 26.87 -80.86 -13.05
C VAL F 2981 25.64 -79.99 -13.19
N ARG F 2982 24.61 -80.50 -13.87
CA ARG F 2982 23.37 -79.77 -14.09
C ARG F 2982 22.14 -80.48 -13.56
N ASP F 2983 22.26 -81.70 -13.05
CA ASP F 2983 21.14 -82.48 -12.54
C ASP F 2983 21.60 -83.29 -11.34
N THR F 2984 20.65 -83.60 -10.46
CA THR F 2984 20.98 -84.20 -9.17
C THR F 2984 21.46 -85.63 -9.35
N LEU F 2985 22.77 -85.82 -9.36
CA LEU F 2985 23.36 -87.14 -9.47
C LEU F 2985 23.18 -87.84 -8.14
N ARG F 2986 22.44 -88.93 -8.11
CA ARG F 2986 22.20 -89.66 -6.89
C ARG F 2986 23.14 -90.84 -6.80
N LEU F 2987 24.25 -90.65 -6.10
CA LEU F 2987 25.30 -91.65 -5.96
C LEU F 2987 25.01 -92.47 -4.72
N GLY F 2988 24.45 -93.65 -4.90
CA GLY F 2988 24.15 -94.46 -3.74
C GLY F 2988 25.35 -95.30 -3.40
N GLY F 2989 25.26 -96.62 -3.56
CA GLY F 2989 26.42 -97.47 -3.45
C GLY F 2989 27.10 -97.65 -4.78
N LYS F 2990 26.93 -96.70 -5.69
CA LYS F 2990 27.44 -96.80 -7.04
C LYS F 2990 28.77 -96.10 -7.21
N PHE F 2991 29.03 -95.06 -6.44
CA PHE F 2991 30.25 -94.29 -6.56
C PHE F 2991 30.51 -93.60 -5.24
N PRO F 2992 31.38 -94.15 -4.38
CA PRO F 2992 31.53 -93.60 -3.05
C PRO F 2992 32.40 -92.35 -3.04
N LEU F 2993 32.00 -91.39 -2.22
CA LEU F 2993 32.71 -90.12 -2.06
C LEU F 2993 33.51 -90.19 -0.78
N LYS F 2994 34.80 -89.85 -0.86
CA LYS F 2994 35.68 -90.00 0.29
C LYS F 2994 36.33 -88.73 0.78
N ALA F 2995 36.35 -87.66 -0.01
CA ALA F 2995 37.00 -86.44 0.42
C ALA F 2995 36.36 -85.26 -0.29
N GLY F 2996 36.76 -84.07 0.12
CA GLY F 2996 36.24 -82.85 -0.49
C GLY F 2996 37.14 -81.68 -0.17
N MET F 2997 37.14 -80.71 -1.07
CA MET F 2997 38.04 -79.58 -0.92
C MET F 2997 37.27 -78.27 -1.02
N LEU F 2998 37.47 -77.37 -0.06
CA LEU F 2998 36.92 -76.04 -0.21
C LEU F 2998 38.01 -75.09 -0.68
N THR F 2999 37.59 -73.93 -1.15
CA THR F 2999 38.44 -72.76 -1.18
C THR F 2999 37.64 -71.55 -0.76
N SER F 3000 38.35 -70.53 -0.32
CA SER F 3000 37.74 -69.23 -0.11
C SER F 3000 38.80 -68.19 -0.46
N LEU F 3001 38.58 -67.48 -1.56
CA LEU F 3001 39.48 -66.42 -1.98
C LEU F 3001 38.90 -65.11 -1.48
N GLY F 3002 39.29 -64.72 -0.28
CA GLY F 3002 38.65 -63.62 0.41
C GLY F 3002 39.01 -62.24 -0.14
N PHE F 3003 38.44 -61.23 0.50
CA PHE F 3003 38.71 -59.84 0.13
C PHE F 3003 40.12 -59.43 0.53
N GLY F 3004 40.86 -58.88 -0.44
CA GLY F 3004 42.12 -58.23 -0.16
C GLY F 3004 43.23 -59.18 0.23
N HIS F 3005 43.65 -60.01 -0.72
CA HIS F 3005 44.87 -60.81 -0.64
C HIS F 3005 44.84 -61.79 0.53
N VAL F 3006 43.84 -62.67 0.52
CA VAL F 3006 43.76 -63.75 1.49
C VAL F 3006 43.06 -64.93 0.82
N SER F 3007 43.56 -66.13 1.10
CA SER F 3007 43.05 -67.36 0.53
C SER F 3007 42.94 -68.40 1.64
N GLY F 3008 42.08 -69.38 1.43
CA GLY F 3008 41.96 -70.42 2.43
C GLY F 3008 41.53 -71.77 1.89
N LEU F 3009 42.31 -72.80 2.19
CA LEU F 3009 41.98 -74.18 1.89
C LEU F 3009 41.55 -74.93 3.14
N VAL F 3010 40.60 -75.84 2.96
CA VAL F 3010 40.25 -76.81 3.99
C VAL F 3010 39.71 -78.07 3.32
N ALA F 3011 40.32 -79.20 3.64
CA ALA F 3011 39.86 -80.50 3.17
C ALA F 3011 38.92 -81.11 4.20
N LEU F 3012 38.10 -82.04 3.75
CA LEU F 3012 37.19 -82.76 4.62
C LEU F 3012 37.14 -84.21 4.16
N VAL F 3013 37.08 -85.12 5.13
CA VAL F 3013 37.06 -86.55 4.88
C VAL F 3013 35.81 -87.13 5.52
N HIS F 3014 35.23 -88.15 4.87
CA HIS F 3014 34.02 -88.84 5.33
C HIS F 3014 34.21 -89.37 6.75
N PRO F 3015 33.16 -89.40 7.57
CA PRO F 3015 33.31 -89.81 8.99
C PRO F 3015 33.69 -91.25 9.21
N GLN F 3016 33.75 -92.07 8.17
CA GLN F 3016 34.22 -93.42 8.40
C GLN F 3016 35.72 -93.48 8.62
N ALA F 3017 36.45 -92.39 8.36
CA ALA F 3017 37.83 -92.31 8.83
C ALA F 3017 37.88 -92.31 10.34
N PHE F 3018 36.98 -91.55 10.98
CA PHE F 3018 36.90 -91.58 12.43
C PHE F 3018 36.42 -92.93 12.92
N ILE F 3019 35.49 -93.55 12.20
CA ILE F 3019 35.02 -94.88 12.64
C ILE F 3019 36.09 -95.95 12.39
N ALA F 3020 36.99 -95.73 11.45
CA ALA F 3020 38.05 -96.69 11.17
C ALA F 3020 39.28 -96.48 12.03
N SER F 3021 39.38 -95.34 12.70
CA SER F 3021 40.54 -95.13 13.58
C SER F 3021 40.47 -96.00 14.83
N LEU F 3022 39.28 -96.23 15.38
CA LEU F 3022 39.17 -96.82 16.71
C LEU F 3022 38.97 -98.33 16.64
N ASP F 3023 38.85 -98.92 17.83
CA ASP F 3023 38.86 -100.36 18.01
C ASP F 3023 37.45 -100.95 17.90
N PRO F 3024 37.34 -102.20 17.40
CA PRO F 3024 36.04 -102.70 16.90
C PRO F 3024 35.00 -103.07 17.95
N ALA F 3025 35.16 -102.73 19.23
CA ALA F 3025 34.01 -102.81 20.13
C ALA F 3025 33.48 -101.43 20.46
N GLN F 3026 34.41 -100.51 20.67
CA GLN F 3026 34.05 -99.12 20.91
C GLN F 3026 33.41 -98.50 19.68
N ARG F 3027 33.69 -99.01 18.48
CA ARG F 3027 33.01 -98.46 17.32
C ARG F 3027 31.52 -98.82 17.30
N ALA F 3028 31.15 -100.01 17.78
CA ALA F 3028 29.74 -100.37 17.82
C ALA F 3028 29.00 -99.56 18.88
N ASP F 3029 29.60 -99.44 20.06
CA ASP F 3029 28.95 -98.65 21.11
C ASP F 3029 28.88 -97.17 20.74
N TYR F 3030 29.90 -96.67 20.04
CA TYR F 3030 29.90 -95.30 19.57
C TYR F 3030 28.80 -95.04 18.57
N GLN F 3031 28.58 -95.97 17.63
CA GLN F 3031 27.52 -95.77 16.65
C GLN F 3031 26.15 -95.77 17.30
N ARG F 3032 25.96 -96.62 18.32
CA ARG F 3032 24.71 -96.60 19.09
C ARG F 3032 24.45 -95.22 19.71
N ARG F 3033 25.45 -94.70 20.44
CA ARG F 3033 25.24 -93.46 21.18
C ARG F 3033 25.08 -92.26 20.25
N ALA F 3034 25.82 -92.25 19.13
CA ALA F 3034 25.74 -91.11 18.22
C ALA F 3034 24.42 -91.09 17.48
N ASP F 3035 23.92 -92.25 17.05
CA ASP F 3035 22.62 -92.28 16.38
C ASP F 3035 21.51 -91.88 17.35
N ALA F 3036 21.64 -92.27 18.62
CA ALA F 3036 20.66 -91.88 19.63
C ALA F 3036 20.65 -90.37 19.83
N ARG F 3037 21.82 -89.73 19.81
CA ARG F 3037 21.86 -88.29 20.03
C ARG F 3037 21.32 -87.51 18.85
N LEU F 3038 21.58 -87.98 17.61
CA LEU F 3038 21.01 -87.31 16.44
C LEU F 3038 19.48 -87.41 16.42
N LEU F 3039 18.96 -88.61 16.69
CA LEU F 3039 17.51 -88.79 16.72
C LEU F 3039 16.86 -87.95 17.82
N ALA F 3040 17.49 -87.90 18.99
CA ALA F 3040 16.95 -87.10 20.09
C ALA F 3040 16.97 -85.61 19.77
N GLY F 3041 17.99 -85.16 19.04
CA GLY F 3041 18.03 -83.76 18.65
C GLY F 3041 16.91 -83.38 17.70
N GLN F 3042 16.67 -84.20 16.68
CA GLN F 3042 15.62 -83.78 15.76
C GLN F 3042 14.22 -83.99 16.32
N ARG F 3043 14.02 -84.96 17.22
CA ARG F 3043 12.69 -85.03 17.79
C ARG F 3043 12.51 -84.00 18.91
N ARG F 3044 13.59 -83.45 19.45
CA ARG F 3044 13.44 -82.29 20.32
C ARG F 3044 13.05 -81.06 19.52
N LEU F 3045 13.59 -80.93 18.31
CA LEU F 3045 13.12 -79.87 17.41
C LEU F 3045 11.66 -80.06 17.05
N ALA F 3046 11.21 -81.32 16.89
CA ALA F 3046 9.80 -81.55 16.60
C ALA F 3046 8.91 -81.22 17.80
N SER F 3047 9.40 -81.48 19.02
CA SER F 3047 8.62 -81.08 20.20
C SER F 3047 8.54 -79.58 20.32
N ALA F 3048 9.63 -78.88 19.98
CA ALA F 3048 9.59 -77.42 20.01
C ALA F 3048 8.75 -76.85 18.88
N ILE F 3049 8.66 -77.57 17.76
CA ILE F 3049 7.87 -77.06 16.65
C ILE F 3049 6.40 -77.25 16.93
N ALA F 3050 6.04 -78.28 17.70
CA ALA F 3050 4.63 -78.49 17.94
C ALA F 3050 4.18 -77.93 19.27
N GLY F 3051 4.64 -78.51 20.37
CA GLY F 3051 3.99 -78.22 21.63
C GLY F 3051 4.46 -76.95 22.30
N GLY F 3052 5.73 -76.95 22.69
CA GLY F 3052 6.26 -75.91 23.52
C GLY F 3052 7.58 -76.40 24.09
N ALA F 3053 7.87 -76.04 25.34
CA ALA F 3053 9.16 -76.20 26.02
C ALA F 3053 10.24 -75.66 25.11
N PRO F 3054 10.30 -74.34 24.93
CA PRO F 3054 11.06 -73.78 23.81
C PRO F 3054 12.56 -73.87 24.05
N MET F 3055 13.29 -73.76 22.96
CA MET F 3055 14.73 -73.73 23.01
C MET F 3055 15.19 -72.41 23.59
N TYR F 3056 16.46 -72.40 24.04
CA TYR F 3056 17.11 -71.25 24.69
C TYR F 3056 16.32 -70.81 25.93
N GLN F 3057 16.36 -71.66 26.93
CA GLN F 3057 15.84 -71.31 28.24
C GLN F 3057 16.95 -70.68 29.07
N ARG F 3058 16.68 -69.49 29.60
CA ARG F 3058 17.68 -68.73 30.36
C ARG F 3058 17.37 -68.77 31.85
N PRO F 3059 18.24 -69.37 32.67
CA PRO F 3059 18.06 -69.37 34.12
C PRO F 3059 18.48 -68.04 34.74
N1 FMN G . 103.87 -18.83 -21.94
C2 FMN G . 103.19 -17.82 -21.30
O2 FMN G . 102.92 -16.80 -21.91
N3 FMN G . 102.81 -17.93 -20.00
C4 FMN G . 103.10 -19.07 -19.32
O4 FMN G . 102.77 -19.19 -18.15
C4A FMN G . 103.79 -20.09 -19.94
N5 FMN G . 104.07 -21.22 -19.23
C5A FMN G . 104.75 -22.23 -19.84
C6 FMN G . 105.03 -23.36 -19.09
C7 FMN G . 105.70 -24.41 -19.67
C7M FMN G . 106.00 -25.63 -18.85
C8 FMN G . 106.11 -24.32 -21.00
C8M FMN G . 106.84 -25.45 -21.63
C9 FMN G . 105.83 -23.19 -21.75
C9A FMN G . 105.14 -22.13 -21.16
N10 FMN G . 104.87 -21.00 -21.88
C10 FMN G . 104.18 -19.98 -21.27
C1' FMN G . 105.27 -20.87 -23.32
C2' FMN G . 106.62 -20.16 -23.44
O2' FMN G . 106.41 -18.81 -23.13
C3' FMN G . 107.17 -20.25 -24.85
O3' FMN G . 106.28 -19.61 -25.72
C4' FMN G . 107.30 -21.70 -25.28
O4' FMN G . 108.06 -22.41 -24.34
C5' FMN G . 107.95 -21.87 -26.63
O5' FMN G . 107.73 -23.22 -26.97
P FMN G . 108.98 -24.20 -27.07
O1P FMN G . 109.89 -23.85 -25.92
O2P FMN G . 108.52 -25.62 -26.93
O3P FMN G . 109.70 -24.00 -28.38
N1 FMN H . 59.91 89.58 -4.61
C2 FMN H . 59.12 88.93 -5.52
O2 FMN H . 59.63 88.21 -6.37
N3 FMN H . 57.75 89.09 -5.51
C4 FMN H . 57.21 89.90 -4.55
O4 FMN H . 56.01 90.04 -4.53
C4A FMN H . 57.99 90.55 -3.62
N5 FMN H . 57.41 91.36 -2.67
C5A FMN H . 58.21 92.00 -1.75
C6 FMN H . 57.63 92.81 -0.79
C7 FMN H . 58.44 93.46 0.12
C7M FMN H . 57.81 94.34 1.16
C8 FMN H . 59.82 93.29 0.10
C8M FMN H . 60.70 93.96 1.09
C9 FMN H . 60.38 92.48 -0.85
C9A FMN H . 59.58 91.83 -1.78
N10 FMN H . 60.15 91.03 -2.74
C10 FMN H . 59.35 90.39 -3.65
C1' FMN H . 61.64 90.82 -2.78
C2' FMN H . 62.28 91.79 -3.77
O2' FMN H . 61.94 91.33 -5.05
C3' FMN H . 63.78 91.81 -3.66
O3' FMN H . 64.27 90.55 -4.05
C4' FMN H . 64.23 92.07 -2.24
O4' FMN H . 63.64 93.25 -1.76
C5' FMN H . 65.73 92.24 -2.13
O5' FMN H . 65.97 92.26 -0.75
P FMN H . 66.57 93.60 -0.12
O1P FMN H . 65.84 94.73 -0.80
O2P FMN H . 66.29 93.61 1.36
O3P FMN H . 68.05 93.68 -0.38
N1 FMN I . 28.28 27.70 -100.37
C2 FMN I . 28.82 26.84 -99.45
O2 FMN I . 29.78 27.18 -98.78
N3 FMN I . 28.29 25.59 -99.28
C4 FMN I . 27.21 25.23 -100.02
O4 FMN I . 26.73 24.13 -99.87
C4A FMN I . 26.65 26.09 -100.94
N5 FMN I . 25.57 25.71 -101.69
C5A FMN I . 25.04 26.58 -102.61
C6 FMN I . 23.95 26.20 -103.36
C7 FMN I . 23.42 27.08 -104.28
C7M FMN I . 22.23 26.66 -105.09
C8 FMN I . 23.96 28.34 -104.45
C8M FMN I . 23.40 29.32 -105.43
C9 FMN I . 25.05 28.72 -103.69
C9A FMN I . 25.60 27.84 -102.77
N10 FMN I . 26.68 28.22 -102.03
C10 FMN I . 27.20 27.34 -101.12
C1' FMN I . 27.29 29.59 -102.18
C2' FMN I . 28.45 29.54 -103.15
O2' FMN I . 29.50 28.88 -102.49
C3' FMN I . 28.94 30.92 -103.54
O3' FMN I . 29.44 31.54 -102.39
C4' FMN I . 27.80 31.76 -104.08
O4' FMN I . 27.18 31.09 -105.13
C5' FMN I . 28.27 33.09 -104.63
O5' FMN I . 27.08 33.79 -104.87
P FMN I . 26.74 34.18 -106.38
O1P FMN I . 27.08 32.99 -107.21
O2P FMN I . 25.27 34.47 -106.47
O3P FMN I . 27.53 35.39 -106.80
N1 FMN J . -105.23 -21.05 -10.97
C2 FMN J . -104.50 -20.30 -10.09
O2 FMN J . -104.23 -20.76 -9.00
N3 FMN J . -104.05 -19.05 -10.44
C4 FMN J . -104.36 -18.56 -11.68
O4 FMN J . -103.97 -17.46 -11.99
C4A FMN J . -105.10 -19.31 -12.56
N5 FMN J . -105.40 -18.81 -13.80
C5A FMN J . -106.15 -19.57 -14.66
C6 FMN J . -106.45 -19.06 -15.91
C7 FMN J . -107.19 -19.82 -16.79
C7M FMN J . -107.53 -19.26 -18.13
C8 FMN J . -107.63 -21.09 -16.43
C8M FMN J . -108.43 -21.93 -17.38
C9 FMN J . -107.32 -21.59 -15.19
C9A FMN J . -106.58 -20.83 -14.30
N10 FMN J . -106.29 -21.33 -13.07
C10 FMN J . -105.54 -20.56 -12.20
C1' FMN J . -106.73 -22.70 -12.65
C2' FMN J . -108.05 -22.65 -11.88
O2' FMN J . -107.78 -22.08 -10.63
C3' FMN J . -108.61 -24.03 -11.68
O3' FMN J . -107.70 -24.77 -10.93
C4' FMN J . -108.82 -24.72 -13.01
O4' FMN J . -109.60 -23.91 -13.85
C5' FMN J . -109.50 -26.06 -12.91
O5' FMN J . -109.37 -26.61 -14.18
P FMN J . -110.67 -26.84 -15.07
O1P FMN J . -111.51 -25.60 -14.90
O2P FMN J . -110.27 -27.01 -16.51
O3P FMN J . -111.41 -28.05 -14.59
N1 FMN K . -56.28 14.82 90.78
C2 FMN K . -55.53 13.79 90.26
O2 FMN K . -56.10 12.86 89.72
N3 FMN K . -54.17 13.80 90.35
C4 FMN K . -53.55 14.86 90.96
O4 FMN K . -52.33 14.87 91.04
C4A FMN K . -54.29 15.90 91.49
N5 FMN K . -53.66 16.95 92.09
C5A FMN K . -54.41 17.98 92.60
C6 FMN K . -53.78 19.04 93.22
C7 FMN K . -54.52 20.08 93.73
C7M FMN K . -53.82 21.21 94.40
C8 FMN K . -55.90 20.06 93.64
C8M FMN K . -56.72 21.17 94.18
C9 FMN K . -56.54 19.00 93.02
C9A FMN K . -55.79 17.95 92.50
N10 FMN K . -56.42 16.90 91.90
C10 FMN K . -55.66 15.88 91.39
C1' FMN K . -57.91 16.84 91.76
C2' FMN K . -58.54 16.08 92.92
O2' FMN K . -58.23 14.72 92.77
C3' FMN K . -60.05 16.24 92.92
O3' FMN K . -60.55 15.75 91.72
C4' FMN K . -60.41 17.71 93.02
O4' FMN K . -59.80 18.27 94.15
C5' FMN K . -61.90 17.97 93.14
O5' FMN K . -62.02 19.34 92.95
P FMN K . -62.50 20.24 94.16
O1P FMN K . -61.77 19.75 95.38
O2P FMN K . -62.14 21.68 93.90
O3P FMN K . -64.00 20.11 94.35
N1 FMN L . -30.39 -92.10 47.11
C2 FMN L . -30.92 -91.34 46.09
O2 FMN L . -31.85 -90.58 46.34
N3 FMN L . -30.43 -91.42 44.83
C4 FMN L . -29.38 -92.27 44.58
O4 FMN L . -28.95 -92.33 43.45
C4A FMN L . -28.84 -93.04 45.58
N5 FMN L . -27.81 -93.90 45.31
C5A FMN L . -27.27 -94.65 46.32
C6 FMN L . -26.22 -95.51 46.06
C7 FMN L . -25.69 -96.28 47.07
C7M FMN L . -24.56 -97.21 46.78
C8 FMN L . -26.19 -96.19 48.36
C8M FMN L . -25.63 -97.00 49.48
C9 FMN L . -27.24 -95.33 48.62
C9A FMN L . -27.78 -94.56 47.61
N10 FMN L . -28.83 -93.71 47.87
C10 FMN L . -29.34 -92.95 46.86
C1' FMN L . -29.39 -93.59 49.25
C2' FMN L . -30.59 -94.51 49.43
O2' FMN L . -31.64 -93.95 48.69
C3' FMN L . -31.01 -94.60 50.87
O3' FMN L . -31.45 -93.34 51.29
C4' FMN L . -29.85 -95.02 51.75
O4' FMN L . -29.29 -96.22 51.29
C5' FMN L . -30.27 -95.23 53.19
O5' FMN L . -29.06 -95.41 53.88
P FMN L . -28.77 -96.82 54.54
O1P FMN L . -29.22 -97.85 53.55
O2P FMN L . -27.29 -96.95 54.80
O3P FMN L . -29.54 -96.95 55.84
#